data_8BHF
#
_entry.id   8BHF
#
_cell.length_a   1.00
_cell.length_b   1.00
_cell.length_c   1.00
_cell.angle_alpha   90.00
_cell.angle_beta   90.00
_cell.angle_gamma   90.00
#
_symmetry.space_group_name_H-M   'P 1'
#
loop_
_entity.id
_entity.type
_entity.pdbx_description
1 polymer 'Ribosomal protein L15'
2 polymer '60S ribosomal protein L13a'
3 polymer '60S ribosomal protein L17'
4 polymer 'Ribosomal protein L18'
5 polymer 'Ribosomal protein L19'
6 polymer '60S ribosomal protein L18a'
7 polymer '60S ribosomal protein L21'
8 polymer '60S ribosomal protein L22'
9 polymer '60S ribosomal protein L23'
10 polymer 'TRASH domain-containing protein'
11 polymer 'Ribosomal protein L23/L25 N-terminal domain-containing protein'
12 polymer 'Ribosomal protein L26'
13 polymer '60S ribosomal protein L27'
14 polymer '60S ribosomal protein L27a'
15 polymer '60S ribosomal protein L29'
16 polymer '60S ribosomal protein L30'
17 polymer '60S ribosomal protein L31'
18 polymer 'Ribosomal protein L32'
19 polymer '60S ribosomal protein L35a'
20 polymer '60S ribosomal protein L34'
21 polymer '60S ribosomal protein L35'
22 polymer '60S ribosomal protein L36'
23 polymer 'Ribosomal protein L37'
24 polymer '60S ribosomal protein L38'
25 polymer '60S ribosomal protein L39-like'
26 polymer 'Ubiquitin-60S ribosomal protein L40'
27 polymer '60S ribosomal protein L41'
28 polymer 'Ribosomal protein L36a like'
29 polymer '60S ribosomal protein L37a'
30 polymer '60S ribosomal protein L28'
31 polymer '60S acidic ribosomal protein P0'
32 polymer '60S ribosomal protein L12'
33 polymer '60S ribosomal protein L10a'
34 polymer mRNA
35 polymer 'CCR4-NOT transcription complex subunit 3'
36 polymer 'P-site tRNA'
37 polymer 'nascent chain'
38 polymer '28S ribosomal RNA'
39 polymer '5S ribosomal RNA'
40 polymer '5.8S ribosomal RNA'
41 polymer '18S ribosomal RNA'
42 polymer '40S_SA_C domain-containing protein'
43 polymer '40S ribosomal protein S3a'
44 polymer '40S ribosomal protein S2'
45 polymer 'Ribosomal protein S3'
46 polymer '40S ribosomal protein S4'
47 polymer 'Ribosomal protein S5'
48 polymer '40S ribosomal protein S6'
49 polymer '40S ribosomal protein S7'
50 polymer '40S ribosomal protein S8'
51 polymer 'Ribosomal protein S9 (Predicted)'
52 polymer 'Plectin/S10 N-terminal domain-containing protein'
53 polymer '40S ribosomal protein S11'
54 polymer '40S ribosomal protein S12'
55 polymer 'ribosomal protein uS15'
56 polymer 'Ribosomal protein S14'
57 polymer '40S ribosomal protein S15'
58 polymer 'Ribosomal protein S16'
59 polymer '40S ribosomal protein S17'
60 polymer '40S ribosomal protein S18'
61 polymer '40S ribosomal protein S19'
62 polymer 'Ribosomal protein S20'
63 polymer '40S ribosomal protein S21'
64 polymer 'Ribosomal protein S15a'
65 polymer 'Ribosomal protein S23'
66 polymer '40S ribosomal protein S24'
67 polymer '40S ribosomal protein S25'
68 polymer '40S ribosomal protein S26'
69 polymer '40S ribosomal protein S27'
70 polymer 'Ribosomal protein S28'
71 polymer '40S ribosomal protein S29'
72 polymer 'Ubiquitin-like domain-containing protein'
73 polymer 'Ubiquitin-40S ribosomal protein S27a'
74 polymer 'Ribosomal protein RACK1'
75 polymer '60S ribosomal protein L8'
76 polymer 'Ribosomal protein L3'
77 polymer '60S ribosomal protein L4'
78 polymer '60S ribosomal protein L5'
79 polymer '60S ribosomal protein L6'
80 polymer '60S ribosomal protein L7'
81 polymer '60S ribosomal protein L7a'
82 polymer '60S ribosomal protein L9'
83 polymer 'Ribosomal protein L10'
84 polymer '60S ribosomal protein L11'
85 polymer '60S ribosomal protein L13'
86 polymer '60S ribosomal protein L14'
87 non-polymer 'MAGNESIUM ION'
88 non-polymer 'ZINC ION'
#
loop_
_entity_poly.entity_id
_entity_poly.type
_entity_poly.pdbx_seq_one_letter_code
_entity_poly.pdbx_strand_id
1 'polypeptide(L)'
;GAYKYIQELWRKKQSDVMRFLLRVRCWQYRQLSALHRAPRPTRPDKARRLGYKAKQGYVIYRIRVRRGGRKRPVPKGATY
GKPVHHGVNQLKFARSLQSVAEERAGRHCGALRVLNSYWVGEDSTYKFFEVILIDPFHKAIRRNPDTQWITKPVHKHREM
RGLTSAGRKSRGLGKGHKFHHTIGGSRRAAWRRRNTLQLHRYR
;
A1
2 'polypeptide(L)'
;QVLVLDGRGHLLGRLAAIVAKQVLLGRKVVVVRCEGINISGNFYRNKLKYLAFLRKRMNTNPSRGPYHFRAPSRIFWRTV
RGMLPHKTKRGQAALDRLKVFDGIPPPYDKKKRMVVPAALKVVRLKPTRKFAYLGRLAHEVGWKYQAVTATLEEKRKEKA
KIHYRKKKQLMRLRKQAEKNVEKKISKFTDVLKTHGLLV
;
B1
3 'polypeptide(L)'
;VRYSLDPENPTKSCKSRGSNLRVHFKNTRETAQAIKGMHIRKATKYLKDVTLKKQCVPFRRYNGGVGRCAQAKQWGWTQG
RWPKKSAEFLLHMLKNAESNAELKGLDVDSLVIEHIQVNKAPKMRRRTYRAHGRINPYMSSPCHIEMILTEKE
;
C1
4 'polypeptide(L)'
;GVDIRHNKDRKVRRKEPKSQDIYLRLLVKLYRFLARRTNSTFNQVVLKRLFMSRTNRPPLSLSRMIRKMKLPGRENKTAV
VVGTVTDDVRVQEVPKLKVCALRVTSRARSRILKAGGKILTFDQLALDSPKGRGTVLLSGPRKGREVYRHFGKAPGTPHS
HTKPYVRSKGRKFERARGRRASRGYKN
;
D1
5 'polypeptide(L)'
;SMLRLQKRLASSVLRCGKKKVWLDPNETNEIANANSRQQIRKLIKDGLIIRKPVTVHSRARCRKNTLARRKGRHMGIGKR
KGTANARMPEKVTWMRRMRILRRLLRRYRESKKIDRHMYHSLYLKVKGNVFKNKRILMEHIHKLKADKARKKLLADQAEA
RRSKTKEARKRREERLQAKK
;
E1
6 'polypeptide(L)'
;MKASGTLREYKVVGRCLPTPKCRTPPLYRMRIFAPNHVVAKSRFWYFVSQLKKMKKSSGEIVYCGQVFEKSPLRVKNFGI
WLRYDSRSGTHNMYREYRDLTTAGAVTQCYRDMGARHRARAHSIQIMKVEEIAASKCRRPAVKQFHDSKIKFPLPHRVLR
RQHKPRFTTKRPNTFF
;
F1
7 'polypeptide(L)'
;TNTKGKRRGTRYMFSRPFRKHGVVPLATYMRIYKKGDIVDIKGMGTVQKGMPHKCYHGKTGRVYNVTQHAVGIVVNKQVK
GKILAKRINVRIEHIKHSKSRDSFLKRVKENDQKKKEAKEKGTWVQLKRQPAPPREAHFVRTNGKEPELLEPIPYEFMA
;
G1
8 'polypeptide(L)'
;QLLKFTLDCTHPVEDGIMDAANFEQFLQERIKVNGKAGNLGGGVVSLERSKSKITVTSEVPFSKRYLKYLTKKYLKKNNL
RDWLRVVANTKESYELRYF
;
H1
9 'polypeptide(L)'
;SKRGRGGSSGAKFRISLGLPVGAVINCADNTGAKNLYIISVKGIKGRLNRLPAAGVGDMVMATVKKGKPELRKKVHPAVV
IRQRKSYRRKDGVFLYFEDNAGVIVNNKGEMKGSAITGPVAKECADLWPRIASNAGSIA
;
I1
10 'polypeptide(L)'
;MKVELCSFSGYKIYPGHGRRYARTDGKVFQFLNAKCESAFLSKRNPRQINWTVLYRRKHKKGQQRAITGASLADIMAKRN
QKPEVRKAQREQAIRAAKEAKKAKQA
;
J1
11 'polypeptide(L)'
;KIRTSPTFRRPKTLRLRRQPKYPRKSAPRRNKLDHYAIIKFPLTTESAMKKIEDNNTLVFIVDVKANKHQIKQAVKKLYD
IDVAKVNTLIRPDGEKKAYVRLAPDYDALDVANKIGII
;
K1
12 'polypeptide(L)'
;MKFNPFVTSDRSKNRKRHFNAPSHIRRKIMSSPLSKELRQKYNVRSMPIRKDDEVQVVRGHYKGQQIGKVVQVYRKKYVI
YIERVQREKANGTTVHVGIHPSKVVITRLKLDKDRKKILERKAKSRQVGKEKGK
;
L1
13 'polypeptide(L)'
;GKFMKPGKVVLVLAGRYSGRKAVIVKNIDDGTSDRPYSHALVAGIDRYPRKVTAAMGKKKIAKRSKIKSFVKVYNYNHLM
PTRYSVDIPLDKTVVNKDVFRDPALKRKARREAKVKFEERYKTGKNKWFFQKLRF
;
M1
14 'polypeptide(L)'
;PSRLRKTRKLRGHVSHGHGRIGKHRKHPGGRGNAGGMHHHRINFDKYHPGYFGKVGMRHYHLKRNQSFCPTVNLDKLWTL
VSEQTRVNAAKNKTGAAPIIDVVRSGYYKVLGKGKLPKQPVIVKAKFFSRRAEEKIKGVGGACVLVA
;
N1
15 'polypeptide(L)'
;AKSKNHTTHNQSRKWHRNGIKKPRSQRYESLKGVDPKFLRNMRFAKKHNKKGLKKMQANNAKAMAARAEAIKALVKPKEV
KPTIPKGVSRKLHRLAYIAHPKLGRRARARIARGLR
;
O1
16 'polypeptide(L)'
;SLESINSRLQLVMKSGKYVLGYKQSLKMIRQGKAKLVILANNCPALRKSEIEYYAMLAKTGVHHYSGNNIELGTACGKYY
RVCTLSIIDPGDSDIIRS
;
P1
17 'polypeptide(L)'
;NEVVTREYTINIHKRIHGVGFKKRAPRALKEIRKFAMKEMGTPDVRIDTRLNKAVWAKGIRNVPYRIRVRLSRKRNEDED
SPNKLYTLVTYVPVTTFKNLQTVNVDE
;
Q1
18 'polypeptide(L)'
;AALRPLVKPKIVKKRTKKFIRHQSDRYVKIKRNWRKPRGIDNRVRRRFKGQILMPNIGYGSNKKTKHMLPSGFRKFLVHN
VKELEVLLMCNKSYCAEIAHNVSSKNRKAIVERAAQLAIRVTNPNARL
;
R1
19 'polypeptide(L)'
;SGRLWCKAIFAGYKRGLRNQREHTALLKIEGVYARDETEFYLGKRCAYVYKAKNNTVTPGGKPNKTRVIWGKVTRAHGNS
GMVRAKFRSNLPAKAIGHRIRVMLYPSRI
;
S1
20 'polypeptide(L)'
;VQRLTYRRRLSYNTASNKTRLSRTPGNRIVYLYTKKVGKAPKSACGVCPGRLRGVRAVRPKVLMRLSKTKKHVSRAYGGS
MCAKCVRDRIKRAFLIEEQKIVVKVLKAQAQSQK
;
T1
21 'polypeptide(L)'
;AKIKARDLRGKKKEELLKQLDDLKVELSQLRVAKVTGGAASKLSKIRVVRKSIARVLTVINQTQKENLRKFYKGKKYKPL
DLRPKKTRAMRRRLNKHEESLKTKKQQRKERLYPLRKYAVKA
;
U1
22 'polypeptide(L)'
;ALRYPMAVGLNKGHKVTKNVSKPRHSRRRGRLTKHTKFVRDMIREVCGFAPYERRAMELLKVSKDKRALKFIKKRVGTHI
RAKRKREELSSVLAAMRKAAAK
;
V1
23 'polypeptide(L)'
;TKGTSSFGKRRNKTHTLCRRCGSKAYHLQKSTCGKCGYPAKRKRKYNWSAKAKRRNTTGTGRMRHLKIVYRRFRHGFREG
TTPKPK
;
W1
24 'polypeptide(L)' PRKIEEIKDFLLTARRKDAKSVKIKKNKDNVKFKVRCSRYLYTLVITDKEKAEKLKQSLPPGLAVKELK X1
25 'polypeptide(L)' SSHKTFRIKRFLAKKQKQNRPIPQWIWMKTGNKIRYNSKRRHWRRTKLGL Y1
26 'polypeptide(L)' IIEPSLRQLAQKYNCDKMICRKCYARLHPRAVNCRKKKCGHTNNLRPKKKVK Z1
27 'polypeptide(L)' MRAKWRKKRMRRLKRKRRKMRQRSK a1
28 'polypeptide(L)'
;VNVPKTRRTFCKKCGKHQPHKVTQYKKGKDSLYAQGKRRYDRKQSGYGGQTKPIFRKKAKTTKKIVLRLECVEPNCRSKR
MLAIKRCKHFELGGDKKRKGQVIQ
;
b1
29 'polypeptide(L)'
;AKRTKKVGIVGKYGTRYGASLRKMVKKIEISQHAKYTCSFCGKTKMKRRAVGIWHCGSCMKTVAGGAWTYNTTSAVTVKS
AIRRLKELKDQ
;
c1
30 'polypeptide(L)'
;SAHLQWMVVRNCSSFLIKRNKQTYSTEPNNLKARNSFRYNGLIHRKTVGVEPAADGKGVVVVMKRRSGQRKPATSYVRTT
INKNARATLSSIRHMIRKNKYHPDLRMAAIRRASAILRSQKPVM
;
d1
31 'polypeptide(L)'
;DRATWKSNYFLKIIQLLDDYPKCFIVGADNVGSKQMQQIRMSLRGKAVVLMGKNTMMRKAIRGHLENNPALEKLLPHIRG
NVGFVFTKEDLTEIRDMLLANKVPAAARAGAIAPCEVTVPAQNTGLGPEKTSFFQALGITTKISRGTIEILSDVQLIKTG
DKVGASEATLLNMLNISPFSFGLIIQQVFDNGSIYN
;
e1
32 'polypeptide(L)'
;EIKVVYLRCTGGEVGATSALAPKIGPLGLSPKKVGDDIAKATGDWKGLRITVKLTIQNRQAQIEVVPSASALIIKALKEP
PRDRKKQKNIKHSGNITFDEIVNIARQMRHRSLARELSGTIKEILGTAQSVGCNVDGRHPHDIIDDINSGAVE
;
f1
33 'polypeptide(L)'
;VSRDTLYEAVREVLHGNQRKRRKFLETVELQISLKNYDPQKDKRFSGTVRLKSTPRPKFSVCVLGDQQHCDEAKAVDIPH
MDIEALKKLNKNKKLVKKLAKKYDAFLASESLIKQIPRILGPGLNKAGKFPSLLTHNENMVAKVDEVKSTIKFQMKKVLC
LAVAVGHVKMTDDELVYNIHLAVNFLVSLLKKNWQNVRALYIKSTM
;
l1
34 'polyribonucleotide' UUA m1
35 'polypeptide(L)'
;MADKRKLQGEIDRCLKKVSEGVEQFEDIWQKLHNAANANQKEKYEADLKKEIKKLQRLRDQIKTWVASNEIKDKRQLIDN
RKLIETQMERFKVVERETKTKAYSKEGLGLAQKVDPAQKEKEEVGQWLTNTIDTLNMQVDQFESEVESLSVQTRKKKGDK
DKQDRIEGLKRHIEKHRYHVRMLETILRMLDNDSILVDAIRKIKDDVEYYVDSSQDPDFEENEFLYDDLDLEDIPQ
;
n1
36 'polyribonucleotide' ACCAGGAUGGCCUAGUGGUUAAGGCGUUGGACUUAAGAUCCAAUGGACAUGUGUCCGCGUCGGUUUUCGAACCCCA 21
37 'polypeptide(L)' SGLLL 11
38 'polyribonucleotide'
;CGCGACCUCAGAUCAGACGUGGCGACCCGCUGAAUUUAAGCAUAUUAGUCAGCGGAGGAAAAGAAACUAACCAGGAUUCC
CUCAGUAACGGCGAGUGAACAGGGAAGAGCCCAGCGCCGAAUCCCCGCCCCGCGGCGGGGCGCGGGAAAUGUGGCGUACG
GAAGACCCACUCCCCGGCGCCGCUCGUGGGGGGCCCAAGUCCUUCUGAUCGAGGCCCAGCCCGUGGACGGUGUGAGGCCG
GUAGCGGCCCCCGGCGCGCCGGGCCCGGGUCUUCCCGGAGUCGGGUUGCUUGGGAAUGCAGCCCAAAGCGGGUGGUAAAC
UCCAUCUAAGGCUAAAUACCGGCACGAGACCGAUAGUCAACAAGUACCGUAAGGGAAAGUUGAAAAGAACUUUGAAGAGA
GAGUUCAAGAGGGCGUGAAACCGUUAAGAGGUAAACGGGUGGGGUCCGCGCAGUCCGCCCGGAGGAUUCAACCCGGCGGC
GCGGUCCGGCCGUGCCGGCGGCCCGGCGGAUCUUUCCCGCCCCCCGUUCCUCCCGACCCCUCCACCCCCGCUCCCUUCCC
CCGCCGCCCCUCCUCCUCCUCCCCGGAGGGGGCGGGCUCCGGCGGGUGCGGGGGUGGGCGGGCGGGGCCGGGGGUGGGGU
CGGCGGGGGACCGCCCCCCGGCCGGCGACCGGCCGCCGCCGGGCGCAUUUCCACCGCGGCGGUGCGCCGCGACCGGCUCC
GGGACGGCUGGGAAGGCCCCGGCGGGGAAGGUGGCUCGGGGGGCCCCGUCCGUCCGUCCGUCCUCCUCCUCCCCCGUCUC
CGCCCCCCGGCCCCGCGUCCUCCCUCGGGAGGGCGCGCGGGUCGGGGCGGCGGCGGCGGCGGCGGUGGCGGCGGGCCCGG
GGGCGGCGGGACCGAAACCCCCCCCGGGUGUUACAGCCCCGCCCCGGCAGCAGCAGCUCGCCGAAUCCCGGGGCCGAGGG
AGCGAGACCCGUGCGCCGCGCUCUCCCCCCUCCCGGCGCCCACCCCCGCGGGAAUCCCCGCGAGGGGGGUCUCCCCCGGC
GCGGCGCCGGCGUCUCCUCGUGGGGGGGCCGGGCCACCCCUCCCACGGCGCGACCGCUCUCCCACCCCUCCUCCCCGCGC
CCCCGCCCCGGCGACGGGGGGGGUGCCGCGCGCGGGUCGGGGGGCGGGGCGGACUGUCCCCAGUGCGCCCCGGGCGGGUC
GCGCCGUCGGGCCCGGGGGAGGUUCUCUCGGGGCCACGCGCGCGUCCCCCGAAGAGGGGGACGGCGGAGCGAGCGCACGG
GGUCGGCGGCGAUGUCGGCUACCCACCCGACCCGUCUUGAAACACGGACCAAGGAGUCUAACACGUGCGCGAGUCGGGGG
CUCGCACGAAAGCCGCCGUGGCGCAAUGAAGGUGAAGGCCGGCGGCGCGCCGCCGGCCGAGGUGGGAUCCCGAGGCCUCU
CCAGUCCGCCGAGGGCGCACCACCGGCCCGUCUCGCCCGCCGCGCCGGGGAGGUGGAGCACGAGCGCACGUGUUAGGACC
CGAAAGAUGGUGAACUAUGCCUGGGCAGGGCGAAGCCAGAGGAAACUCUGGUGGAGGUCCGUAGCGGUCCUGACGUGCGA
AUCGGUCGUCCGACCUGGGUAUAGGGGCGAAAGACUAAUCGAACCAUCUAGUAGCUGGUUCCCUCCAAAGUUUCCCUCAG
GAUAGCUGGCGCUCUCGCAGACCCGACGCACCCCCGCCACGCAGUUUUAUCCGGUAAAGCGAAUGAUUAGAGGUCUUGGG
GCCGAAACGAUCUCAACCUAUUCUCAAACUUUAAAUGGGUAAGAAGCCCGGCUCGCUGGUGUGGAGCCGGGCGUGGAAUG
CGAGUGCCUAGUGGGCCACUUUUGGUAAGCAGAACUGGCGCUGCGGGAUGAACCGAACGCCGGGUUAAGGCGCCCGAUGC
CGACGCUCAUCAGACCCCAGAAAAGGUGUUGGUUGAUAUAGACAGCAGGAUGGUGGCCAUGGAAGUCGGAAUCCGCUAAG
GAGUGUGUAACAACUCACCUGCCGAAUCAACUAGCCCUGAAAAUGGAUGGCGCUGGAGCGUCGGGCCCAUACCCGGCCGU
CGCUGGCAGUCGGCAGAGCGAGAAAGAGAGUGGCGGGGGCGGCGGCGCGCGCGCGCGUGUGGUGUGCGUCGGAGGGCGGC
GGCGGCGGCGGCGGCGGGGGUGUGGGGUCCUUCCCCCGCCCCCCCCCCCACGCCUCCUCCCCUCCUCCCGCCCACGCCCC
GCUCCCCGCCCCCGGAGCCCCGCGGACGCUACGCCGCGACGAGUAGGAGGGCCGCUGCGGUGAGCCUUGAAGCCUAGGGC
GCGGGCCCGGGUGGAGCCGCCGCAGGUGCAGAUCUUGGUGGUAGUAGCAAAUAUUCAAACGAGAACUUUGAAGGCCGAAG
UGGAGAAGGGUUCCAUGUGAACAGCAGUUGAACAUGGGUCAGUCGGUCCUGAGAGAUGGGCGAGCGCCGUUCCGAAGGGA
CGGGCGAUGGCCUCCGUUGCCCUCAGCCGAUCGAAAGGGAGUCGGGUUCAGAUCCCCGAAUCCGGAGUGGCGGAGAUGGG
CGCCGCGAGGCGUCCAGUGCGGUAACGCGACCGAUCCCGGAGAAGCCGGCGGGAGCCCCGGGGAGAGUUCUCUUUUCUUU
GUGAAGGGCAGGGCGCCCUGGAAUGGGUUCGCCCCGAGAGAGGGGCCCGUGCCUUGGAAAGCGUCGCGGUUCCGGCGGCG
UCCGGUGAGCUCUCGCUGGCCCUUGAAAAUCCGGGGGAGAGGGUGUAAAUCUCGCGCCGGGCCGUACCCAUAUCCGCAGC
AGGUCUCCAAGGUGAACAGCCUCUGGCAUGUUGGAACAAUGUAGGUAAGGGAAGUCGGCAAGCCGGAUCCGUAACUUCGG
GAUAAGGAUUGGCUCUAAGGGCUGGGUCGGUCGGGCUGGGGCGCGAAGCGGGGCUGGGCGCGCGCCGCGGCUGGACGAGG
CGCGCGCCCCCCCCACGCCCGGGGCACCCCCCUCGCGGCCCUCCCCCGCCCCACCCGCGCGCGCCGCUCGCUCCCUCCCC
ACCCCGCGCCCUCUCUCUCUCUCUCUCCCCCGCUCCCCGUCCUCCCCCCUCCCCGGGGGAGCGCCGCGUGGGGGCGCGGC
GGGGGGAGAAGGGUCGGGGCGGCAGGGGCCGCGCGGCGGCCGCCGGGGCGGCCGGCGGGGGCAGGUCCCCGCGAGGGGGG
CCCCGGGGACCCGGGGGGCCGGCGGCGGCGCGGACUCUGGACGCGAGCCGGGCCCUUCCCGUGGAUCGCCCCAGCUGCGG
CGGGCGUCGCGGCCGCCCCCGGGGAGCCCGGCGGCGGCGCGGCGCGCCCCCCACCCCCACCCCACGUCUCGGUCGCGCGC
GCGUCCGCUGGGGGCGGGAGCGGUCGGGCGGCGGCGGUCGGCGGGCGGCGGGGCGGGGCGGUUCGUCCCCCCGCCCUACC
CCCCCGGCCCCGUCCGCCCCCCGUUCCCCCCUCCUCCUCGGCGCGCGGCGGCGGCGGCGGCAGGCGGCGGAGGGGCCGCG
GGCCGGUCCCCCCCGCCGGGUCCGCCCCCGGGGCCGCGGUUCCGCGCGCGCCUCGCCUCGGCCGGCGCCUAGCAGCCGAC
UUAGAACUGGUGCGGACCAGGGGAAUCCGACUGUUUAAUUAAAACAAAGCAUCGCGAAGGCCCGCGGCGGGUGUUGACGC
GAUGUGAUUUCUGCCCAGUGCUCUGAAUGUCAAAGUGAAGAAAUUCAAUGAAGCGCGGGUAAACGGCGGGAGUAACUAUG
ACUCUCUUAAGGUAGCCAAAUGCCUCGUCAUCUAAUUAGUGACGCGCAUGAAUGGAUGAACGAGAUUCCCACUGUCCCUA
CCUACUAUCCAGCGAAACCACAGCCAAGGGAACGGGCUUGGCGGAAUCAGCGGGGAAAGAAGACCCUGUUGAGCUUGACU
CUAGUCUGGCACGGUGAAGAGACAUGAGAGGUGUAGAAUAAGUGGGAGGCCCCCGGCGCCCCCCCGGUGUCCCCGCGAGG
GGCCCGGGGCGGGGUCCGCGGCCCUGCGGGCCGCCGGUGAAAUACCACUACUCUGAUCGUUUUUUCACUGACCCGGUGAG
GCGGGGGGGCGAGCCCGAGGGGCUCUCGCUUCUGGCGCCAAGCGCCCGGCCGGCCGGGCGCGACCCGCUCCGGGGACAGU
GCCAGGUGGGGAGUUUGACUGGGGCGGUACACCUGUCAAACGGUAACGCAGGUGUCCUAAGGCGAGCUCAGGGAGGACAG
AAACCUCCCGUGGAGCAGAAGGGCAAAAGCUCGCUUGAUCUUGAUUUUCAGUACGAAUACAGACCGUGAAAGCGGGGCCU
CACGAUCCUUCUGACCUUUUGGGUUUUAAGCAGGAGGUGUCAGAAAAGUUACCACAGGGAUAACUGGCUUGUGGCGGCCA
AGCGUUCAUAGCGACGUCGCUUUUUGAUCCUUCGAUGUCGGCUCUUCCUAUCAUUGUGAAGCAGAAUUCACCAAGCGUUG
GAUUGUUCACCCACUAAUAGGGAACGUGAGCUGGGUUUAGACCGUCGUGAGACAGGUUAGUUUUACCCUACUGAUGAUGU
GUUGUUGCCAUGGUAAUCCUGCUCAGUACGAGAGGAACCGCAGGUUCAGACAUUUGGUGUAUGUGCUUGGCUGAGGAGCC
AAUGGGGCGAAGCUACCAUCUGUGGGAUUAUGACUGAACGCCUCUAAGUCAGAAUCCCGCCCAGGCGGAACGAUACGGCA
GCGCCGCGGAGCCUCGGUUGGCCUCGGAUAGCCGGUCCCCCGCCUGUCCCCGCCGGCGGGCCGCCCCCCCCUCCACGCGC
CCCGCCGCGGGAGGGCGCGUGCCCCGCCGCGCGCCGGGACCGGGGUCCGGUGCGGAGAGCCCUUCGUCCCGGGAAACGGG
GCGCGGCCGGAAAGGGGGCCGCCCUCUCGCCCGUCACGCACCGCACGUUCGUGGGGAACCUGGCGCUAAACCAUUCGUAG
ACGACCUGCUUCUGGGUCGGGGUUUCGUACGUAGCAGAGCAGCUCCCUCGCUGCGAUCUAUUGAAAGUCAGCCCUCGACA
CAAGGGUUUGU
;
A2
39 'polyribonucleotide'
;GUCUACGGCCAUACCACCCUGAACGCGCCCGAUCUCGUCUGAUCUCGGAAGCUAAGCAGGGUCGGGCCUGGUUAGUACUU
GGAUGGGAGACCGCCUGGGAAUACCGGGUGCUGUAGGCU
;
B2
40 'polyribonucleotide'
;CGACUCUUAGCGGUGGAUCACUCGGCUCGUGCGUCGAUGAAGAACGCAGCUAGCUGCGAGAAUUAAUGUGAAUUGCAGGA
CACAUUGAUCAUCGACACUUCGAACGCACUUGCGGCCCCGGGUUCCUCCCGGGGCUACGCCUGUCUGAGCGUCGCU
;
C2
41 'polyribonucleotide'
;UACCUGGUUGAUCCUGCCAGUAGCAUAUGCUUGUCUCAAAGAUUAAGCCAUGCAUGUCUAAGUACGCACGGCCGGUACAG
UGAAACUGCGAAUGGCUCAUUAAAUCAGUUAUGGUUCCUUUGGUCGCUCGACUUGGAUAACUGUGGUAAUUCUAGAGCUA
AUACAUGCCGACGGGCGCUGACCCCCUUCGCGGGGGGGAUGCGUGCAUUUAUCAGUGGUGACUCUAGAUAACCUCGGGCC
GAUCGCACGCCCGGCGGCGACGACCCAUUCGAACGUCUGCCCUAUCAACUUUCGAUGGUAGUCGCCGUGCCUACCAUGGU
GACCACGGGUGACGGGGAAUCAGGGUUCGAUUCCGGAGAGGGAGCCUGAGAAACGGCUACCACAUCCAAGGAAGGCAGCA
GGCGCGCAAAUUACCCACUCCCGACCCGGGGAGGUAGUGACGAAAAAUAACAAUACAGGACUCUUUCGAGGCCCUGUAAU
UGGAAUGAGUCCACUUUAAAUCCUUUAACGAGGAUCCAUUGGAGGGCAAGUCUGGUGCCAGCAGCCGCGGUAAUUCCAGC
UCCAAUAGCGUAUAUUAAAGUUGCUGCAGUUAAAAAGCUCGUAGUUGGAUCUUGGGAGCGGCCGUCCCCUGCUCGGCGCC
GGCCCGAAGCGUUUACUUUGAAAAAAUUAGAGUGUUCAAAGCAGGCCGCCUGGAUACCGCAGCUAGGAAUAAUGGAAUAG
GACCGCGGUUCUAUUUUGUUGGUUUUCGGAACUGAGGCCAUGAUUAAGAGGGACGGCCGGGGGCAUUCGUAUUGCGCCGC
UAGAGGUGAAAUUCUUGGACCGGCGCAAGACGGACCAGAGCGAAAGCAUUUGCCAAGAAUGUUUUCAUUAAUCAAGAACG
AAAGUCGGAGGUUCGAAGACGAUCAGAUACCGUCGUAGUUCCGACCAUAAACGAUGCCGACCGGCGAUGCGGCGGCGUUA
UUCCCAUGACCCGCCGGGCAGCUUCCGGGAAACCAAAGUCUUUGGGUUCCGGGGGGAGUAUGGUUGCAAAGCUGAAACUU
AAAGGAAUUGACGGAAGGGCACCACCAGGAGUGGAGCCUGCGGCUUAAUUUGACUCAACACGGGAAACCUCACCCGGCCC
GGACACGGACAGGAUUGACAGAUUGAUAGCUCUUUCUCGAUUCCGUGGGUGGUGGUGCAUGGCCGUUCUUAGUUGGUGGA
GCGAUUUGUCUGGUUAAUUCCGAUAACGAACGAGACUCUGGCAUGCUAACUAGUUACGCGACCCCGGUCGGCGUAACUUC
UUAGAGGGACAAGUGGCGUUCAGCCACCCGAGAUUGAGCAAUAACAGGUCUGUGAUGCCCUUAGAUGUCCGGGGCUGCAC
GCGCGCUACACUGACUGGCUCAGCGUGUGCCUACCCUACGCCGGCAGGCGCGGGUAACCCGUUGAACCCCAUUCGUGAUG
GGGAUCGGGGAUUGCAAUUAUUCCCCAUGAACGAGGAAUUCCCAGUAAGUGCGGGUCAUAAGCUUGCGUUGAUUAAGUCC
CUGCCCUUUGUACACACCGCCCGUCGCUACUACCGAUUGGAUGGUUUAGUGAGGCCCUCGGAUCGGCCCCGCCGGGGUGC
CCUGGCGGAGCGCUGAGAAGACGGUCGAACUUGACUAUCUAGAGGAAGUAAAAGUCGUAACAAGGUUUCCGUAGGUGAAC
CUGCGGAAGGAUCAUUA
;
A3
42 'polypeptide(L)'
;SGALDVLQMKEEDVLKFLAAGTHLGGTNLDFQMEQYIYKRKSDGIYIINLKRTWEKLLLAARAIVAIENPADVSVISSRN
TGQRAVLKFAAATGATPIAGRFTPGTFTNQIQTAFREPRLLVVTDPRADHQPLTEASYVNLPTIALCNTDSPLRYVDIAI
PCNNKGAHSVGLMWWMLAREVLRMRGTISREHPWEVMPDLYFYRDPEEIEKEEQAAA
;
B3
43 'polypeptide(L)'
;VVDPFSKKDWYDVKAPAMFNIRNIGKTLVTRTQGTKIASDGLKGRVFEVSLADLQNDEVAFRKFKLITEDVQGKNCLTNF
HGMDLTRDKMCSMVKKWQTMIEAHVDVKTTDGYLLRLFCVGFTKKRNNQIRKTSYAQHQQVRQIRKKMMEIMTREVQTND
LKEVVNKLIPDSIGKDIEKACQSIYPLHDVFVRKVKMLKKPKFELGKLMELHG
;
C3
44 'polypeptide(L)'
;KEWLPVTKLGRLVKDMKIKSLEEIYLFSLPIKESEIIDFFLGASLKDEVLKIMPVQKQTRAGQRTRFKAFVAIGDYNGHV
GLGVKCSKEVATAIRGAIILAKLSIVPVRRGYWGNKIGKPHTVPCKVTGRCGSVLVRLIPAPRGTGIVSAPVPKKLLMMA
GIDDCYTSARGCTATLGNFAKATFDAISKTYSYLTPDLWKETVFTKSPYQEFTDHLVKTHT
;
D3
45 'polypeptide(L)'
;MAVQISKKRKFVADGIFKAELNEFLTRELAEDGYSGVEVRVTPTRTEIIILATRTQNVLGEKGRRIRELTAVVQKRFGFP
EGSVELYAEKVATRGLCAIAQAESLRYKLLGGLAVRRACYGVLRFIMESGAKGCEVVVSGKLRGQRAKSMKFVDGLMIHS
GDPVNYYVDTAVRHVLLRQGVLGIKVKIMLPWDPSGKIGPKKPLPDHVSIVEPKDEILPTTPISEQKG
;
E3
46 'polypeptide(L)'
;ARGPKKHLKRVAAPKHWMLDKLTGVFAPRPSTGPHKLRECLPLIIFLRNRLKYALTGDEVKKICMQRFIKIDGKVRTDIT
YPAGFMDVISIDKTGENFRLIYDTKGRFAVHRITPEEAKYKLCKVRKIFVGTKGIPHLVTHDARTIRYPDPLIKVNDTIQ
IDLETGKITDFIKFDTGNLCMVTGGANLGRIGVITNRERHPGSFDVVHVKDANGNSFATRLSNIFVIGKGNKPWISLPRG
KGIRLTIAEERDKRLAAKQSSG
;
F3
47 'polypeptide(L)'
;TPDIKLFGKWSTDDVQINDISLQDYIAVKEKYAKYLPHSAGRYAAKRFRKAQCPIVERLTNSMMMHGRNNGKKLMTVRIV
KHAFEIIHLLTGENPLQVLVNAIINSGPREDSTRIGRAGTVRRQAVDVSPLRRVNQAIWLLCTGAREAAFRNIKTIAECL
ADELINAAKGSSNSYAIKKKDELERVAKSNR
;
G3
48 'polypeptide(L)'
;MKLNISFPATGCQKLIEVDDERKLRTFYEKRMATEVAADALGEEWKGYVVRISGGNDKQGFPMKQGVLTHGRVRLLLSKG
HSCYRPRRTGERKRKSVRGCIVDANLSVLNLVIVKKGEKDIPGLTDTTVPRRLGPKRASRIRKLFNLSKEDDVRQYVVRK
PLNKEGKKPRTKAPKIQRLVTPRVLQHKRRRIALKKQRTKKNKEEAAEYAKLLAKRMKEAKEKRQEQIAKRRRLSSL
;
H3
49 'polypeptide(L)'
;AKIVKPNGEKPDEFESGISQALLELEMNSDLKAQLRELNITAAKEIEVGGGRKAIIIFVPVPQLKSFQKIQVRLVRELEK
KFSGKHVVFIAQRRILPKPTRKSRTKNKQKRPRSRTLTAVHDAILEDLVFPSEIVGKRIRVKLDGSRLIKVHLDKAQQNN
VEHKVETFSGVYKKLTGKDVNFEFPEFQL
;
I3
50 'polypeptide(L)'
;GISRDNWHKRRKTGGKRKPYHKKRKYELGRPAANTKIGPRRIHTVRVRGGNKKYRALRLDVGNFSWGSECCTRKTRIIDV
VYNASNNELVRTKTLVKNCIVLIDSTPYRQWYESHYALPLGRKKGAKLTPEEEEILNKKRSKKIQKKYDERKKNAKISSL
LEEQFQQGKLLACIASRPGQCGRADGYVLEGKELEFYLRKIKARKG
;
J3
51 'polypeptide(L)'
;PVARSWVCRKTYVTPRRPFEKSRLDQELKLIGEYGLRNKREVWRVKFTLAKIRKAARELLTLDEKDPRRLFEGNALLRRL
VRIGVLDEGKMKLDYILGLKIEDFLERRLQTQVFKLGLAKSIHHARVLIRQRHIRVRKQVVNIPSFIVRLDSQKHIDFSL
RSPYGGGRPGRVKRKNAKKGQGGAG
;
K3
52 'polypeptide(L)'
;MLMPKKNRIAIYELLFKEGVMVAKKDVHMPKHPELADKNVPNLHVMKAMQSLKSRGYVKEQFAWRHFYWYLTNEGIQYLR
DYLHLPPEIVPATLRR
;
L3
53 'polypeptide(L)'
;DIQTERAYQKQPTIFQNKKRVLLGETGKEKLPRYYKNIGLGFKTPKEAIEGTYIDKKCPFTGNVSIRGRILSGVVTKMKM
QRTIVIRRDYLHYIRKYNRFEKRHKNMSVHLSPCFRDVQIGDIVTVGECRPLSKTVRFNVLKVTKAAGTKK
;
M3
54 'polypeptide(L)'
;VNTALQEVLKTALIHDGLARGIREAAKALDKRQAHLCVLASNCDEPMYVKLVEALCAEHQINLIKVDDNKKLGEWVGLCK
IDREGKPRKVVGCSCVVVKDYGKESQAKDVIEEYFKC
;
N3
55 'polypeptide(L)'
;GRMHAPGKGLSQSALPYRRSVPTWLKLTSDDVKEQIYKLAKKGLTPSQIGVILRDSHGVAQVRFVTGNKILRILKSKGLA
PDLPEDLYHLIKKAVAVRKHLERNRKDKDAKFRLILIESRIHRLARYYKTKRVLPPNWKYESSTASALV
;
O3
56 'polypeptide(L)'
;SLGPQVAEGENVFGVCHIFASFNDTFVHVTDLSGKETICRVTGGMKVKADRDESSPYAAMLAAQDVAQRCKELGITALHI
KLRATGGNRTKTPGPGAQSALRALARSGMKIGRIEDVTPIPSDSTRRKGGRRGRRL
;
P3
57 'polypeptide(L)'
;FRKFTYRGVDLDQLLDMSYEQLMQLYSARQRRRLSRGLRRKQHSLLKRLRKAKKEAPPMEKPEVVKTHLRDMIILPEMVG
SMVGVYNGKTFNQVEIKPEMIGHYLGEFSITYKPVKHGRPGIGATHSSR
;
Q3
58 'polypeptide(L)'
;GPLQSVQVFGRKKTATAVAHCKRGNGLIKVNGRPLEMIEPRTLQYKLLEPVLLLGKERFAGVDIRVRVKGGGHVAQIYAI
RQSISKALVAYYQKYVDEASKKEIKDILIQYDRTLLVADPRRCESKKFGGPGARARYQKSYR
;
R3
59 'polypeptide(L)'
;GRVRTKTVKKAARVIIEKYYTRLGNDFHTNKRVCEEIAIIPSKKLRNKIAGYVTHLMKRIQRGPVRGISIKLQEEERERR
DNYVPEVSALDQEIIEVDPDTKEMLKLLDFGSLSNLQVTQPTVGMNFKTPRG
;
S3
60 'polypeptide(L)'
;SLVIPEKFQHILRVLNTNIDGRRKIAFAITAIKGVGRRYAHVVLRKADIDLTKRAGELTEDEVERVITIMQNPRQYKIPD
WFLNRQKDVKDGKYSQVLANGLDNKLREDLERLKKIRAHRGLRHFWGLRVRGQHTKTTGRRGRT
;
T3
61 'polypeptide(L)'
;GVTVKDVNQQEFVRALAAFLKKSGKLKVPEWVDTVKLAKHKELAPYDENWFYTRAASTARHLYLRGGAGVGSMTKIYGGR
QRNGVMPSHFSRGSKSVARRVLQALEGLKMVEKDQDGGRKLTPQGQRDLDRIAGQVAAAKK
;
U3
62 'polypeptide(L)'
;HRIRITLTSRNVKSLEKVCADLIRGAKEKNLKVKGPVRMPTKTLRITTRKTPCGEGSKTWDRFQMRIHKRLIDLHSPSEI
VKQITSISIEPGVEVEVTIA
;
V3
63 'polypeptide(L)'
;MQNDAGEFVDLYVPRKCSASNRIIGAKDHASIQMNVAEVDKVTGRFNGQFKTYAICGAIRRMGESDDSILRLAKADGIVS
KNF
;
W3
64 'polypeptide(L)'
;VRMNVLADALKSINNAEKRGKRQVLIRPCSKVIVRFLTVMMKHGYIGEFEIIDDHRAGKIVVNLTGRLNKCGVISPRFDV
QLKDLEKWQNNLLPSRQFGFIVLTTSAGIMDHEEARRKHTGGKILGFFF
;
X3
65 'polypeptide(L)'
;GKCRGLRTARKLRSHRRDQKWHDKQYKKAHLGTALKANPFGGASHAKGIVLEKVGVEAKQPNSAIRKCVRVQLIKNGKKI
TAFVPNDGCLNFIEENDEVLVAGFGRKGHAVGDIPGVRFKVVKVANVSLLALYKGKKERPR
;
Y3
66 'polypeptide(L)'
;TVTIRTRKFMTNRLLQRKQMVIDVLHPGKATVPKTEIREKLAKMYKTTPDVIFVFGFRTHFGGGKTTGFGMIYDSLDYAK
KNEPKHRLARHGLYEKKKTSRKQRKERKNRMKKVRGTAKANVGA
;
Z3
67 'polypeptide(L)' RDKLNNLVLFDKATYDKLCKEVPNYKLITPAVVSERLKIRGSLARAALQELLSKGLIKLVSKHRAQVIYTRNTKG a3
68 'polypeptide(L)'
;TKKRRNNGRAKKGRGHVQPIRCTNCARCVPKDKAIKKFVIRNIVEAAAVRDISEASVFDAYVLPKLYVKLHYCVSCAIHS
KVVRNRSREARKDRTPPPRFR
;
b3
69 'polypeptide(L)'
;PLAKDLLHPSPEEEKRKHKKKRLVQSPNSYFMDVKCPGCYKITTVFSHAQTVVLCVGCSTVLCQPTGGKARLTEGCSFRR
KQH
;
c3
70 'polypeptide(L)' QPIKLARVTKVLGRTGSQGQCTQVRVEFMDDTSRSIIRNVKGPVREGDVLTLLESEREARRL d3
71 'polypeptide(L)' GHQQLYWSHPRKFGQGSRSCRVCSNRHGLIRKYGLNMCRQCFRQYAKDIGFIKLD e3
72 'polypeptide(L)' HGSLARVGKVRGQTLKVAKQEKKKKRTGRAKRRMQYNRRFVNVVPTFGKKKGPNANS f3
73 'polypeptide(L)' KSYTTPKKNKHKRKKVKLAVLKYYKVDENGKISRLRRECPSDECGAGVFMASHFDRHYCGKCCLTYCF g3
74 'polypeptide(L)'
;TEQMTLRGTLKGHNGWVTQIATTPQFPDMILSASRDKTIIMWKLTRDETNYGIPQRALRGHSHFVSDVVISSDGQFALSG
SWDGTLRLWDLTTGTTTRRFVGHTKDVLSVAFSSDNRQIVSGSRDKTIKLWNTLGVCKYTVQDESHSEWVSCVRFSPNSS
NPIIVSCGWDKLVKVWNLANCKLKTNHIGHTGYLNTVTVSPDGSLCASGGKDGQAMLWDLNEGKHLYTLDGGDIINALCF
SPNRYWLCAATGPSIKIWDLEGKIIVDELKQEVISTSSKAEPPQCTSLAWSADGQTLFAGYTDNLVRVWQVTI
;
h3
75 'polypeptide(L)'
;GRVIRGQRKGAGSVFRAHVKHRKGAARLRAVDFAERHGYIKGIVKDIIHDPGRGAPLAKVVFRDPYRFKKRTELFIAAEG
IHTGQFVYCGKKAQLNIGNVLPVGTMPEGTIVCCLEEKPGDRGKLARASGNYATVISHNPETKKTRVKLPSGSKKVISSA
NRAVVGVVAGGGRIDKPILKAGRAYHKYKAKRNCWPRVRGVAMNPVEHPFGGGNHQHIGKPSTIRRDAPAGRKVGLIAAR
RTGRLRGT
;
j3
76 'polypeptide(L)'
;SHRKFSAPRHGSLGFLPRKRSSRHRGKVKSFPKDDPSKPVHLTAFLGYKAGMTHIVREVDRPGSKVNKKEVVEAVTIVET
PPMVVVGIVGYVETPRGLRTFKTVFAEHISDECKRRFYKNWHKSKKKAFTKYCKKWQDDAGKRQLDKDFSSMKKYCQVIR
VLAHTQMRLLPLRQKKAHLMEIQVNGGTVAEKLDWARERLEQQVPVSQVFGQDEMIDVIGVTKGKGYKGVTSRWHTKKLP
RKTHRGLRKVACIGAWHPARVAFSVARAGQKGYHHRTEINKKIYKIGQGYLIKDGKLIKNNASTDYDLSDKSINPLGGFV
HYGEVTNDFVMLKGCVVGTKKRVLTLRKSLLVQTKRRALEKIDLKFIDTTSKFGHGRFQTVEEKKAFMGPLKKD
;
k3
77 'polypeptide(L)'
;ACARPLISVYSEKGESSGKNVTLPAVFKAPIRPDIVNFVHTNLRKNNRQPYAVSELAGHQTSAESWGTGRAVARIPRVRG
GGTHRSGQGAFGNMCRGGRMFAPTKTWRRWHRRVNTTQKRYAICSALAASALPALVMSKGHRIEEVPELPLVVEDKVEGY
KKTKEAVLLLKKLKAWNDIKKVYASQRMRAGKGKMRNRRRIQRRGPCVIYNEDNGIVKAFRNIPGITLLNVTKLNILKLA
PGGHVGRFCIWTESAFRKLDDLYGTWRKAASLKSNYNLPMHKMLNTDLSRILKSPEIQRALRAPRKKIHRRVLKKNPLKN
LRIMLKLNPYAKTMRRNTILRQARNHKLRVERAAAALAAKSD
;
l3
78 'polypeptide(L)'
;FVKVVKNKAYFKRYQVKFRRRREGKTDYYARKRLVIQDKNKYNTPKYRMIVRVTNRDIICQIAYARIEGDMIVCAAYAHE
LPKYGVKVGLTNYAAAYCTGLLLARRLLNRFGMDKIYEGQVEVTGDEYNVESIDGQPGAFTCYLDAGLARTTTGNKVFGA
LKGAVDGGLSIPHSTKRFPGYDSESKEFNAEVHRKHIMGQNVADYMRYLMEEDEDAYKKQFSQYIKNNVTPDMMEEMYKK
AHAAIRENPVYEKKPKREVKKKRWNRPKMSLAQKKDRVAQKKASFLRAQERAA
;
m3
79 'polypeptide(L)'
;KGKPHCSRNPVLVRGIGRYSRSAMYSRKALYKRKYAAPKSRIERKKKREKVLATVTKPVGGDKNGGTRVVKLRKMPRYYP
TEDVPRKLLSHGKKPFSQHVRKLRASITPGTILIILTGRHRGKRVVFLKQLSSGLLLVTGPLSLNRVPLRRTHQKFVIAT
STKIDISGVKIPKHLTDAYFKKKKLRKPRHQEGEIFDTEKEKYEITEQRKVDQKAVDSQILPKIKAVPQLQGYLRSVFAL
TNGVYPHKLVF
;
n3
80 'polypeptide(L)'
;NFAELKIKRLRKKFAQKMLRKARRKLIYEKAKHYHKEYRQMYRTEIRMARMARKAGNFYVPAEPKLAFVIRIRGINGVSP
KVRKVLQLLRLRQIFNGTFVKLNKASINMLRIVEPYIAWGYPNLKSVNELIYKRGYGKINKKRIALTDNTLIARSLGKYN
IICMEDLIHEIYTVGKHFKEANNFLWPFKLSSPRGGMKKKTTHFVEGGDAGNREDQINRLIRRMN
;
o3
81 'polypeptide(L)'
;VVNPLFEKRPKNFGIGQDIQPKRDLTRFVKWPRYIRLQRQRAILYKRLKVPPAINQFTQVLDRQTATQLLKLAHKYRPET
KQEKKQRLLARAEKKAAGKGDVPTKRPPVLRAGVNTVTTLVENKKAQLVVIAHDVDPIELVVFLPALCRKMGVPYCILKG
KARLGRLVHRKTCTTVAFTQVNSEDKGALAKLVEAIRTNYNDRYDEIRRHWGGNVLGPKSVARIAKLEKAKAKELATKLG
;
p3
82 'polypeptide(L)'
;MKTILSNQTVDIPENVDISLKGRTVIVKGPRGTLRRDFNHINVELSLLGKKKKRLRVDKWWGNRKELATVRTICSHVQNM
IKGVTLGFRYKMRSVYAHFPINVVIQENGSLVEIRNFLGEKYIRRVRMRPGVACSVSQAQKDELVLEGNDIELVSNSAAL
IQQATTVKNKDIRKFLDGIYVSEKGTVQQA
;
q3
83 'polypeptide(L)'
;GRRPARCYRYCKNKPYPKSRFCRGVPDAKIRIFDLGRKKAKVDEFPLCGHMVSDEYEQLSSEALEAARICANKYMVKSCG
KDGFHIRVRLHPFHVIRINKMLSCAGADRLQTGMRGAFGKPQGTVARVHIGQVIMSIRTKLQNKEHVVEALRRAKFKFPG
RQKIHISKKWGFTKFNADEFEDMVAEKRLIPDGCGVKYIPNRGPLDKWRALHS
;
r3
84 'polypeptide(L)'
;KENPMRELRIRKLCLNICVGESGDRLTRAAKVLEQLTGQTPVFSKARYTVRSFGIRRNEKIAVHCTVRGAKAEEILEKGL
KVREYELRKNNFSDTGNFGFGIQEHIDLGIKYDPSIGIYGLDFYVVLGRPGFSIADKKRRTGCIGAKHRISKEEAMRWFQ
QKYDGIILPG
;
s3
85 'polypeptide(L)'
;APSRNGMILKPHFHKDWQRRVATWFNQPARKIRRRKARQARARRIAPRPAAGPIRPIVRCPTVRYHTKVRAGRGFSLEEL
RVAGIHKKVARTIGISVDPRRRNKSTESLQANVQRLKEYRSKLVLFPRKPSAPKKGDSSAEELKLATQLTGPVMPIRNVF
KKEKARVITEEEKNFKAFASLRMARANARLFGIRAKRAKEAAEQDVEKKK
;
t3
86 'polypeptide(L)'
;VFRRFVEVGRVAYVSFGPHAGKLVAIVDVIDQNRALVDGPCTRVRRQAMPFKCMQLTDFILKFPHSARQKYVRKAWEKAD
INTKWAATRWAKKIEARERKAKMTDFDRYKVMKAKKMRNRIIKNEVKKLQRAALLKAS
;
u3
#
loop_
_chem_comp.id
_chem_comp.type
_chem_comp.name
_chem_comp.formula
A RNA linking ADENOSINE-5'-MONOPHOSPHATE 'C10 H14 N5 O7 P'
C RNA linking CYTIDINE-5'-MONOPHOSPHATE 'C9 H14 N3 O8 P'
G RNA linking GUANOSINE-5'-MONOPHOSPHATE 'C10 H14 N5 O8 P'
MG non-polymer 'MAGNESIUM ION' 'Mg 2'
U RNA linking URIDINE-5'-MONOPHOSPHATE 'C9 H13 N2 O9 P'
ZN non-polymer 'ZINC ION' 'Zn 2'
#
# COMPACT_ATOMS: atom_id res chain seq x y z
N GLY A 1 37.58 66.52 68.21
CA GLY A 1 37.96 66.83 66.85
C GLY A 1 36.83 66.68 65.86
N ALA A 2 37.10 67.05 64.62
CA ALA A 2 36.08 66.94 63.58
C ALA A 2 35.91 65.52 63.07
N TYR A 3 36.89 64.65 63.29
CA TYR A 3 36.90 63.34 62.65
C TYR A 3 35.82 62.42 63.20
N LYS A 4 35.44 62.57 64.47
CA LYS A 4 34.33 61.78 64.99
C LYS A 4 32.99 62.23 64.41
N TYR A 5 32.83 63.54 64.18
CA TYR A 5 31.65 64.04 63.49
C TYR A 5 31.58 63.50 62.07
N ILE A 6 32.73 63.48 61.37
CA ILE A 6 32.79 62.95 60.01
C ILE A 6 32.47 61.45 60.00
N GLN A 7 33.00 60.71 60.98
CA GLN A 7 32.81 59.26 61.05
C GLN A 7 31.36 58.91 61.33
N GLU A 8 30.77 59.56 62.34
CA GLU A 8 29.37 59.31 62.63
C GLU A 8 28.46 59.82 61.52
N LEU A 9 28.89 60.82 60.75
CA LEU A 9 28.03 61.22 59.65
C LEU A 9 28.17 60.27 58.46
N TRP A 10 29.34 59.66 58.23
CA TRP A 10 29.45 58.56 57.25
C TRP A 10 28.69 57.32 57.67
N ARG A 11 28.44 57.14 58.95
CA ARG A 11 27.63 56.01 59.36
C ARG A 11 26.15 56.12 59.03
N LYS A 12 25.62 57.31 58.75
CA LYS A 12 24.18 57.45 58.48
C LYS A 12 23.91 57.50 56.98
N LYS A 13 24.17 56.38 56.29
CA LYS A 13 24.16 56.38 54.84
C LYS A 13 22.78 56.52 54.22
N GLN A 14 21.73 56.23 54.94
CA GLN A 14 20.37 56.35 54.42
C GLN A 14 19.79 57.74 54.59
N SER A 15 20.48 58.64 55.28
CA SER A 15 20.01 60.01 55.47
C SER A 15 20.03 60.77 54.15
N ASP A 16 19.35 61.91 54.13
CA ASP A 16 19.17 62.65 52.88
C ASP A 16 20.49 63.24 52.37
N VAL A 17 21.30 63.78 53.29
CA VAL A 17 22.56 64.41 52.93
C VAL A 17 23.53 63.37 52.38
N MET A 18 23.56 62.20 52.99
CA MET A 18 24.44 61.16 52.52
C MET A 18 23.95 60.51 51.24
N ARG A 19 22.64 60.31 51.10
CA ARG A 19 22.11 59.77 49.86
C ARG A 19 22.37 60.70 48.69
N PHE A 20 22.23 62.02 48.90
CA PHE A 20 22.56 62.98 47.85
C PHE A 20 24.03 62.91 47.50
N LEU A 21 24.89 62.88 48.51
CA LEU A 21 26.32 62.93 48.21
C LEU A 21 26.79 61.62 47.59
N LEU A 22 26.25 60.49 48.03
CA LEU A 22 26.60 59.23 47.40
C LEU A 22 26.10 59.13 45.97
N ARG A 23 24.89 59.63 45.69
CA ARG A 23 24.40 59.69 44.32
C ARG A 23 25.22 60.60 43.40
N VAL A 24 25.50 61.83 43.83
CA VAL A 24 26.27 62.79 43.05
C VAL A 24 27.69 62.29 42.78
N ARG A 25 28.38 61.90 43.85
CA ARG A 25 29.74 61.39 43.72
C ARG A 25 29.80 60.08 42.93
N CYS A 26 28.85 59.17 43.12
CA CYS A 26 28.85 57.92 42.38
C CYS A 26 28.65 58.16 40.89
N TRP A 27 27.83 59.14 40.51
CA TRP A 27 27.77 59.57 39.12
C TRP A 27 29.13 60.07 38.65
N GLN A 28 29.82 60.89 39.47
CA GLN A 28 31.13 61.42 39.07
C GLN A 28 32.14 60.32 38.84
N TYR A 29 32.08 59.26 39.62
CA TYR A 29 33.18 58.30 39.56
C TYR A 29 32.89 57.27 38.50
N ARG A 30 31.61 57.10 38.20
CA ARG A 30 31.17 56.39 37.01
C ARG A 30 31.49 57.12 35.71
N GLN A 31 31.59 58.45 35.73
CA GLN A 31 32.01 59.15 34.52
C GLN A 31 33.49 59.01 34.17
N LEU A 32 34.32 58.53 35.09
CA LEU A 32 35.76 58.49 34.89
C LEU A 32 36.21 57.07 34.57
N SER A 33 37.52 56.86 34.52
CA SER A 33 38.09 55.56 34.19
C SER A 33 38.04 54.62 35.39
N ALA A 34 38.21 53.33 35.09
CA ALA A 34 38.10 52.26 36.07
C ALA A 34 39.24 52.28 37.08
N LEU A 35 40.34 52.97 36.79
CA LEU A 35 41.47 53.03 37.71
C LEU A 35 42.08 54.41 37.52
N HIS A 36 41.92 55.30 38.49
CA HIS A 36 42.50 56.62 38.28
C HIS A 36 43.01 57.18 39.60
N ARG A 37 43.98 58.08 39.49
CA ARG A 37 44.58 58.70 40.65
C ARG A 37 43.62 59.68 41.29
N ALA A 38 43.43 59.57 42.59
CA ALA A 38 42.72 60.56 43.37
C ALA A 38 43.72 61.51 44.02
N PRO A 39 43.51 62.82 43.86
CA PRO A 39 44.43 63.81 44.44
C PRO A 39 44.48 63.80 45.95
N ARG A 40 43.43 63.35 46.61
CA ARG A 40 43.40 63.22 48.07
C ARG A 40 42.34 62.18 48.41
N PRO A 41 42.36 61.66 49.64
CA PRO A 41 41.25 60.79 50.05
C PRO A 41 39.92 61.51 50.05
N THR A 42 38.92 60.85 49.47
CA THR A 42 37.54 61.31 49.63
C THR A 42 37.11 61.17 51.08
N ARG A 43 37.50 60.08 51.72
CA ARG A 43 37.18 59.82 53.12
C ARG A 43 38.47 60.00 53.90
N PRO A 44 38.72 61.20 54.45
CA PRO A 44 40.00 61.45 55.11
C PRO A 44 40.16 60.70 56.41
N ASP A 45 39.11 60.70 57.25
CA ASP A 45 39.15 60.01 58.53
C ASP A 45 39.18 58.50 58.35
N LYS A 46 38.50 57.99 57.32
CA LYS A 46 38.55 56.56 57.06
C LYS A 46 39.92 56.16 56.55
N ALA A 47 40.52 56.99 55.68
CA ALA A 47 41.86 56.70 55.19
C ALA A 47 42.89 56.70 56.32
N ARG A 48 42.81 57.68 57.22
CA ARG A 48 43.80 57.75 58.28
C ARG A 48 43.54 56.68 59.34
N ARG A 49 42.30 56.23 59.45
CA ARG A 49 41.98 55.06 60.24
C ARG A 49 42.66 53.83 59.70
N LEU A 50 42.66 53.65 58.39
CA LEU A 50 43.27 52.49 57.78
C LEU A 50 44.77 52.61 57.59
N GLY A 51 45.35 53.79 57.81
CA GLY A 51 46.79 53.91 57.83
C GLY A 51 47.36 55.04 57.00
N TYR A 52 46.52 55.92 56.46
CA TYR A 52 47.00 57.05 55.69
C TYR A 52 47.53 58.14 56.61
N LYS A 53 48.63 58.77 56.19
CA LYS A 53 49.10 60.00 56.78
C LYS A 53 49.32 61.00 55.66
N ALA A 54 48.80 62.21 55.84
CA ALA A 54 48.95 63.24 54.82
C ALA A 54 50.39 63.74 54.82
N LYS A 55 51.21 62.99 54.10
CA LYS A 55 52.61 63.30 53.87
C LYS A 55 53.00 62.71 52.53
N GLN A 56 54.15 63.15 52.04
CA GLN A 56 54.64 62.70 50.75
C GLN A 56 54.99 61.21 50.81
N GLY A 57 54.53 60.46 49.83
CA GLY A 57 54.70 59.03 49.78
C GLY A 57 53.40 58.25 49.76
N TYR A 58 52.34 58.77 50.36
CA TYR A 58 51.03 58.14 50.33
C TYR A 58 50.28 58.67 49.12
N VAL A 59 49.73 57.76 48.31
CA VAL A 59 48.88 58.15 47.20
C VAL A 59 47.58 57.38 47.32
N ILE A 60 46.56 57.89 46.63
CA ILE A 60 45.24 57.28 46.62
C ILE A 60 44.90 56.95 45.18
N TYR A 61 44.61 55.69 44.90
CA TYR A 61 44.12 55.30 43.60
C TYR A 61 42.71 54.75 43.73
N ARG A 62 41.79 55.35 43.00
CA ARG A 62 40.38 55.07 43.13
C ARG A 62 40.02 54.08 42.03
N ILE A 63 39.26 53.05 42.40
CA ILE A 63 39.01 51.88 41.57
C ILE A 63 37.51 51.73 41.41
N ARG A 64 37.10 51.38 40.19
CA ARG A 64 35.75 50.96 39.87
C ARG A 64 35.79 49.47 39.58
N VAL A 65 34.92 48.71 40.24
CA VAL A 65 34.85 47.27 40.04
C VAL A 65 33.42 46.91 39.67
N ARG A 66 33.26 45.85 38.88
CA ARG A 66 31.95 45.39 38.46
C ARG A 66 31.34 44.48 39.52
N ARG A 67 30.07 44.70 39.82
CA ARG A 67 29.41 43.98 40.88
C ARG A 67 28.92 42.61 40.42
N GLY A 68 28.50 41.80 41.38
CA GLY A 68 27.90 40.52 41.11
C GLY A 68 28.83 39.38 41.45
N GLY A 69 28.38 38.18 41.13
CA GLY A 69 29.14 36.98 41.37
C GLY A 69 30.14 36.72 40.26
N ARG A 70 30.67 35.51 40.26
CA ARG A 70 31.65 35.08 39.28
C ARG A 70 31.00 34.03 38.41
N LYS A 71 30.51 34.45 37.23
CA LYS A 71 30.05 33.50 36.23
C LYS A 71 31.21 32.63 35.78
N ARG A 72 31.00 31.33 35.74
CA ARG A 72 32.09 30.42 35.43
C ARG A 72 32.43 30.51 33.95
N PRO A 73 33.66 30.87 33.59
CA PRO A 73 33.97 31.17 32.19
C PRO A 73 34.19 29.93 31.36
N VAL A 74 33.16 29.11 31.19
CA VAL A 74 33.26 27.93 30.34
C VAL A 74 32.52 28.23 29.03
N PRO A 75 32.95 27.67 27.91
CA PRO A 75 32.27 27.96 26.63
C PRO A 75 30.87 27.39 26.60
N LYS A 76 29.88 28.27 26.41
CA LYS A 76 28.46 27.96 26.28
C LYS A 76 27.89 27.26 27.51
N GLY A 77 28.47 27.55 28.68
CA GLY A 77 27.93 27.06 29.93
C GLY A 77 28.05 25.58 30.17
N ALA A 78 29.03 24.91 29.56
CA ALA A 78 29.13 23.45 29.65
C ALA A 78 30.38 23.08 30.42
N THR A 79 30.19 22.69 31.67
CA THR A 79 31.27 22.13 32.47
C THR A 79 31.20 20.60 32.41
N TYR A 80 32.16 20.01 31.73
CA TYR A 80 32.05 18.61 31.28
C TYR A 80 32.38 17.69 32.44
N GLY A 81 31.39 17.44 33.29
CA GLY A 81 31.60 16.58 34.43
C GLY A 81 30.33 16.21 35.13
N LYS A 82 30.46 15.81 36.37
CA LYS A 82 29.36 15.40 37.23
C LYS A 82 28.47 16.59 37.56
N PRO A 83 27.18 16.36 37.81
CA PRO A 83 26.23 17.47 37.96
C PRO A 83 26.45 18.37 39.17
N VAL A 84 27.31 17.98 40.12
CA VAL A 84 27.62 18.86 41.23
C VAL A 84 28.48 20.03 40.78
N HIS A 85 29.18 19.89 39.65
CA HIS A 85 30.00 20.96 39.11
C HIS A 85 29.41 21.57 37.85
N HIS A 86 28.10 21.41 37.64
CA HIS A 86 27.39 22.02 36.52
C HIS A 86 27.01 23.45 36.78
N GLY A 87 27.34 23.99 37.95
CA GLY A 87 26.98 25.37 38.26
C GLY A 87 27.75 26.34 37.38
N VAL A 88 27.04 27.30 36.81
CA VAL A 88 27.64 28.30 35.95
C VAL A 88 27.32 29.68 36.49
N ASN A 89 26.06 29.88 36.85
CA ASN A 89 25.51 31.22 37.01
C ASN A 89 25.63 31.75 38.44
N GLN A 90 25.16 30.99 39.42
CA GLN A 90 25.00 31.54 40.76
C GLN A 90 26.24 31.37 41.63
N LEU A 91 27.40 31.22 41.01
CA LEU A 91 28.63 31.03 41.75
C LEU A 91 29.19 32.36 42.24
N LYS A 92 30.05 32.30 43.24
CA LYS A 92 30.61 33.47 43.87
C LYS A 92 32.12 33.35 43.98
N PHE A 93 32.78 34.51 43.92
CA PHE A 93 34.21 34.61 44.07
C PHE A 93 34.56 34.59 45.55
N ALA A 94 35.64 33.89 45.89
CA ALA A 94 36.00 33.68 47.29
C ALA A 94 36.51 34.95 47.96
N ARG A 95 37.08 35.87 47.20
CA ARG A 95 37.56 37.13 47.75
C ARG A 95 36.53 38.22 47.47
N SER A 96 36.63 39.31 48.21
CA SER A 96 35.65 40.38 48.06
C SER A 96 36.05 41.31 46.92
N LEU A 97 35.06 42.05 46.42
CA LEU A 97 35.28 43.05 45.38
C LEU A 97 36.21 44.16 45.84
N GLN A 98 36.25 44.43 47.15
CA GLN A 98 37.22 45.39 47.66
C GLN A 98 38.65 44.89 47.48
N SER A 99 38.90 43.60 47.76
CA SER A 99 40.22 43.04 47.51
C SER A 99 40.54 42.95 46.03
N VAL A 100 39.52 42.78 45.18
CA VAL A 100 39.73 42.90 43.74
C VAL A 100 40.18 44.31 43.36
N ALA A 101 39.61 45.32 44.01
CA ALA A 101 40.04 46.70 43.77
C ALA A 101 41.49 46.91 44.20
N GLU A 102 41.89 46.36 45.35
CA GLU A 102 43.28 46.48 45.79
C GLU A 102 44.24 45.79 44.83
N GLU A 103 43.89 44.61 44.32
CA GLU A 103 44.83 43.93 43.43
C GLU A 103 44.92 44.59 42.07
N ARG A 104 43.82 45.18 41.57
CA ARG A 104 43.92 45.97 40.34
C ARG A 104 44.78 47.22 40.53
N ALA A 105 44.62 47.93 41.65
CA ALA A 105 45.44 49.11 41.91
C ALA A 105 46.91 48.75 42.06
N GLY A 106 47.23 47.67 42.76
CA GLY A 106 48.61 47.25 42.92
C GLY A 106 49.25 46.77 41.62
N ARG A 107 48.52 46.00 40.83
CA ARG A 107 49.07 45.49 39.58
C ARG A 107 49.22 46.59 38.54
N HIS A 108 48.46 47.67 38.66
CA HIS A 108 48.81 48.82 37.83
C HIS A 108 50.03 49.51 38.38
N CYS A 109 49.96 50.03 39.60
CA CYS A 109 51.10 50.73 40.20
C CYS A 109 51.90 49.70 41.00
N GLY A 110 52.58 48.82 40.28
CA GLY A 110 53.48 47.85 40.86
C GLY A 110 54.69 48.42 41.58
N ALA A 111 55.00 49.69 41.38
CA ALA A 111 56.09 50.32 42.12
C ALA A 111 55.66 50.81 43.48
N LEU A 112 54.39 50.60 43.85
CA LEU A 112 53.82 51.03 45.12
C LEU A 112 53.24 49.84 45.85
N ARG A 113 53.21 49.94 47.17
CA ARG A 113 52.70 48.86 48.02
C ARG A 113 51.28 49.20 48.45
N VAL A 114 50.39 48.22 48.33
CA VAL A 114 49.02 48.41 48.79
C VAL A 114 49.04 48.43 50.31
N LEU A 115 48.55 49.52 50.92
CA LEU A 115 48.40 49.52 52.37
C LEU A 115 47.05 48.94 52.76
N ASN A 116 45.96 49.63 52.44
CA ASN A 116 44.55 49.31 52.76
C ASN A 116 43.66 49.90 51.66
N SER A 117 42.34 49.82 51.84
CA SER A 117 41.36 50.42 50.94
C SER A 117 40.04 50.57 51.66
N TYR A 118 39.11 51.31 51.06
CA TYR A 118 37.81 51.52 51.66
C TYR A 118 36.75 51.82 50.59
N TRP A 119 35.50 51.69 50.99
CA TRP A 119 34.34 51.88 50.13
C TRP A 119 34.01 53.36 50.04
N VAL A 120 33.71 53.85 48.83
CA VAL A 120 33.33 55.25 48.65
C VAL A 120 31.99 55.41 47.94
N GLY A 121 31.46 54.37 47.31
CA GLY A 121 30.15 54.46 46.71
C GLY A 121 29.85 53.26 45.83
N GLU A 122 28.58 53.15 45.46
CA GLU A 122 28.18 52.09 44.54
C GLU A 122 26.90 52.47 43.83
N ASP A 123 26.58 51.69 42.81
CA ASP A 123 25.27 51.64 42.17
C ASP A 123 25.01 50.17 41.87
N SER A 124 24.07 49.87 40.97
CA SER A 124 23.78 48.46 40.69
C SER A 124 24.86 47.78 39.88
N THR A 125 25.65 48.54 39.13
CA THR A 125 26.63 47.96 38.23
C THR A 125 28.07 48.08 38.70
N TYR A 126 28.38 49.05 39.56
CA TYR A 126 29.76 49.23 40.01
C TYR A 126 29.82 49.40 41.51
N LYS A 127 30.94 48.98 42.09
CA LYS A 127 31.37 49.37 43.42
C LYS A 127 32.61 50.23 43.25
N PHE A 128 32.75 51.23 44.10
CA PHE A 128 33.88 52.17 44.01
C PHE A 128 34.68 52.10 45.30
N PHE A 129 35.97 51.84 45.18
CA PHE A 129 36.86 51.71 46.33
C PHE A 129 38.08 52.59 46.17
N GLU A 130 38.45 53.30 47.22
CA GLU A 130 39.68 54.09 47.22
C GLU A 130 40.77 53.27 47.91
N VAL A 131 41.85 53.00 47.20
CA VAL A 131 42.95 52.19 47.71
C VAL A 131 44.08 53.13 48.08
N ILE A 132 44.65 52.91 49.26
CA ILE A 132 45.80 53.68 49.72
C ILE A 132 47.05 52.93 49.30
N LEU A 133 47.88 53.55 48.48
CA LEU A 133 49.15 53.00 48.08
C LEU A 133 50.26 53.83 48.68
N ILE A 134 51.44 53.23 48.76
CA ILE A 134 52.56 53.89 49.40
C ILE A 134 53.81 53.66 48.54
N ASP A 135 54.68 54.67 48.50
CA ASP A 135 55.92 54.55 47.76
C ASP A 135 57.06 54.28 48.74
N PRO A 136 57.60 53.05 48.75
CA PRO A 136 58.58 52.68 49.78
C PRO A 136 59.97 53.25 49.57
N PHE A 137 60.23 53.89 48.44
CA PHE A 137 61.54 54.47 48.15
C PHE A 137 61.56 55.99 48.25
N HIS A 138 60.42 56.61 48.52
CA HIS A 138 60.42 58.01 48.93
C HIS A 138 61.13 58.13 50.26
N LYS A 139 61.82 59.24 50.46
CA LYS A 139 62.66 59.36 51.64
C LYS A 139 61.87 59.63 52.91
N ALA A 140 60.66 60.19 52.81
CA ALA A 140 59.82 60.37 54.00
C ALA A 140 59.44 59.03 54.61
N ILE A 141 58.99 58.10 53.77
CA ILE A 141 58.64 56.76 54.22
C ILE A 141 59.88 55.95 54.54
N ARG A 142 60.95 56.16 53.77
CA ARG A 142 62.20 55.45 53.93
C ARG A 142 62.93 55.88 55.20
N ARG A 143 62.64 57.07 55.73
CA ARG A 143 63.30 57.62 56.90
C ARG A 143 62.36 57.87 58.07
N ASN A 144 61.10 57.44 58.00
CA ASN A 144 60.25 57.43 59.20
C ASN A 144 60.37 56.05 59.83
N PRO A 145 60.86 55.94 61.08
CA PRO A 145 61.00 54.62 61.69
C PRO A 145 59.69 53.94 62.00
N ASP A 146 58.59 54.69 62.03
CA ASP A 146 57.30 54.14 62.36
C ASP A 146 56.58 53.52 61.17
N THR A 147 57.06 53.73 59.95
CA THR A 147 56.33 53.28 58.76
C THR A 147 57.13 52.36 57.86
N GLN A 148 58.34 51.97 58.25
CA GLN A 148 59.19 51.22 57.33
C GLN A 148 59.07 49.70 57.43
N TRP A 149 57.87 49.15 57.70
CA TRP A 149 57.75 47.71 57.48
C TRP A 149 57.60 47.42 55.99
N ILE A 150 56.88 48.28 55.26
CA ILE A 150 56.66 48.18 53.82
C ILE A 150 57.91 48.33 52.97
N THR A 151 58.99 48.92 53.48
CA THR A 151 60.21 49.05 52.70
C THR A 151 60.89 47.72 52.50
N LYS A 152 60.70 46.77 53.40
CA LYS A 152 61.29 45.46 53.38
C LYS A 152 60.73 44.63 52.24
N PRO A 153 61.54 43.75 51.63
CA PRO A 153 61.06 43.01 50.46
C PRO A 153 59.98 41.98 50.74
N VAL A 154 59.70 41.64 52.00
CA VAL A 154 58.64 40.67 52.27
C VAL A 154 57.26 41.26 52.07
N HIS A 155 57.14 42.58 52.02
CA HIS A 155 55.86 43.24 51.79
C HIS A 155 55.67 43.66 50.34
N LYS A 156 56.34 43.00 49.41
CA LYS A 156 56.01 43.18 48.00
C LYS A 156 54.67 42.54 47.70
N HIS A 157 53.74 43.33 47.16
CA HIS A 157 52.43 42.90 46.70
C HIS A 157 51.63 42.22 47.79
N ARG A 158 51.32 42.98 48.85
CA ARG A 158 50.51 42.46 49.95
C ARG A 158 49.12 42.09 49.48
N GLU A 159 48.59 42.87 48.54
CA GLU A 159 47.26 42.69 47.98
C GLU A 159 47.12 41.40 47.18
N MET A 160 48.22 40.78 46.75
CA MET A 160 48.15 39.58 45.95
C MET A 160 48.34 38.34 46.78
N ARG A 161 48.77 38.50 48.02
CA ARG A 161 48.91 37.40 48.93
C ARG A 161 47.89 37.48 50.06
N GLY A 162 47.07 38.53 50.08
CA GLY A 162 46.00 38.60 51.05
C GLY A 162 46.45 39.06 52.42
N LEU A 163 47.50 39.87 52.47
CA LEU A 163 48.00 40.36 53.75
C LEU A 163 47.41 41.71 54.12
N THR A 164 46.61 42.30 53.26
CA THR A 164 45.86 43.50 53.59
C THR A 164 44.62 43.12 54.40
N SER A 165 43.86 44.14 54.82
CA SER A 165 42.69 43.87 55.65
C SER A 165 41.61 43.14 54.88
N ALA A 166 41.25 43.64 53.69
CA ALA A 166 40.23 42.97 52.90
C ALA A 166 40.74 41.68 52.28
N GLY A 167 42.07 41.51 52.24
CA GLY A 167 42.61 40.23 51.80
C GLY A 167 42.59 39.19 52.90
N ARG A 168 42.86 39.60 54.14
CA ARG A 168 42.92 38.63 55.22
C ARG A 168 41.53 38.25 55.71
N LYS A 169 40.52 39.10 55.44
CA LYS A 169 39.16 38.73 55.82
C LYS A 169 38.61 37.56 55.03
N SER A 170 39.17 37.26 53.85
CA SER A 170 38.63 36.22 53.00
C SER A 170 39.27 34.86 53.23
N ARG A 171 40.31 34.77 54.05
CA ARG A 171 41.08 33.55 54.20
C ARG A 171 40.54 32.64 55.30
N GLY A 172 39.53 33.07 56.03
CA GLY A 172 39.03 32.26 57.12
C GLY A 172 39.90 32.32 58.35
N LEU A 173 40.82 33.27 58.42
CA LEU A 173 41.71 33.41 59.55
C LEU A 173 40.96 33.96 60.75
N GLY A 174 41.48 33.67 61.93
CA GLY A 174 40.88 34.18 63.14
C GLY A 174 41.19 33.24 64.29
N LYS A 175 40.76 33.68 65.47
CA LYS A 175 40.96 32.90 66.68
C LYS A 175 39.64 32.23 67.09
N GLY A 176 39.75 30.98 67.51
CA GLY A 176 38.66 30.34 68.21
C GLY A 176 38.02 29.21 67.42
N HIS A 177 36.86 28.78 67.92
CA HIS A 177 36.23 27.57 67.42
C HIS A 177 35.59 27.75 66.06
N LYS A 178 35.46 28.97 65.57
CA LYS A 178 34.95 29.20 64.24
C LYS A 178 36.03 29.05 63.18
N PHE A 179 37.29 29.00 63.58
CA PHE A 179 38.43 29.08 62.67
C PHE A 179 39.41 27.95 62.95
N HIS A 180 38.88 26.74 63.07
CA HIS A 180 39.71 25.57 63.28
C HIS A 180 40.33 25.08 61.99
N HIS A 181 39.85 25.55 60.86
CA HIS A 181 40.36 25.11 59.58
C HIS A 181 41.54 25.95 59.09
N THR A 182 41.95 26.97 59.84
CA THR A 182 43.15 27.75 59.52
C THR A 182 44.18 27.71 60.65
N ILE A 183 44.27 26.60 61.36
CA ILE A 183 45.32 26.45 62.36
C ILE A 183 46.64 26.15 61.65
N GLY A 184 47.67 26.91 61.99
CA GLY A 184 48.82 27.06 61.14
C GLY A 184 48.80 28.49 60.65
N GLY A 185 48.79 28.70 59.35
CA GLY A 185 48.62 30.05 58.87
C GLY A 185 47.50 30.19 57.89
N SER A 186 46.96 29.06 57.44
CA SER A 186 46.06 29.04 56.31
C SER A 186 45.31 27.72 56.28
N ARG A 187 44.29 27.67 55.42
CA ARG A 187 43.70 26.42 54.99
C ARG A 187 44.75 25.47 54.42
N ARG A 188 45.70 26.01 53.65
CA ARG A 188 46.85 25.25 53.15
C ARG A 188 47.63 24.61 54.28
N ALA A 189 48.02 25.41 55.28
CA ALA A 189 48.86 24.92 56.36
C ALA A 189 48.15 23.88 57.20
N ALA A 190 46.87 24.12 57.52
CA ALA A 190 46.09 23.16 58.29
C ALA A 190 45.91 21.86 57.53
N TRP A 191 45.56 21.94 56.24
CA TRP A 191 45.37 20.72 55.46
C TRP A 191 46.66 19.93 55.31
N ARG A 192 47.79 20.62 55.12
CA ARG A 192 49.08 19.94 55.02
C ARG A 192 49.46 19.26 56.32
N ARG A 193 49.28 19.95 57.44
CA ARG A 193 49.68 19.39 58.72
C ARG A 193 48.77 18.25 59.15
N ARG A 194 47.49 18.29 58.78
CA ARG A 194 46.59 17.23 59.18
C ARG A 194 46.60 16.05 58.22
N ASN A 195 46.80 16.30 56.93
CA ASN A 195 46.84 15.23 55.94
C ASN A 195 48.27 14.84 55.63
N THR A 196 49.05 14.60 56.68
CA THR A 196 50.41 14.13 56.53
C THR A 196 50.52 12.84 57.32
N LEU A 197 51.57 12.08 57.07
CA LEU A 197 51.83 10.90 57.88
C LEU A 197 53.18 11.02 58.54
N GLN A 198 53.18 11.16 59.85
CA GLN A 198 54.42 11.22 60.61
C GLN A 198 54.94 9.80 60.79
N LEU A 199 55.81 9.37 59.89
CA LEU A 199 56.47 8.08 60.04
C LEU A 199 57.77 8.33 60.78
N HIS A 200 57.77 7.98 62.07
CA HIS A 200 58.91 8.18 62.92
C HIS A 200 59.96 7.11 62.63
N ARG A 201 61.15 7.30 63.19
CA ARG A 201 62.17 6.25 63.07
C ARG A 201 61.77 5.01 63.84
N TYR A 202 61.42 5.17 65.11
CA TYR A 202 61.18 4.02 65.97
C TYR A 202 59.72 3.69 66.13
N ARG A 203 58.83 4.47 65.50
CA ARG A 203 57.38 4.33 65.58
C ARG A 203 56.86 4.30 67.01
N GLN B 1 72.34 -77.00 8.75
CA GLN B 1 72.11 -75.72 9.41
C GLN B 1 70.85 -75.06 8.88
N VAL B 2 70.45 -75.46 7.69
CA VAL B 2 69.28 -74.91 7.03
C VAL B 2 68.15 -75.91 7.16
N LEU B 3 66.98 -75.41 7.53
CA LEU B 3 65.76 -76.20 7.59
C LEU B 3 65.04 -76.05 6.26
N VAL B 4 65.07 -77.11 5.45
CA VAL B 4 64.43 -77.10 4.14
C VAL B 4 63.10 -77.82 4.27
N LEU B 5 62.02 -77.13 3.98
CA LEU B 5 60.67 -77.66 4.12
C LEU B 5 59.98 -77.75 2.78
N ASP B 6 59.49 -78.95 2.45
CA ASP B 6 58.65 -79.16 1.28
C ASP B 6 57.30 -78.50 1.55
N GLY B 7 56.91 -77.55 0.70
CA GLY B 7 55.70 -76.81 0.96
C GLY B 7 54.43 -77.52 0.53
N ARG B 8 54.54 -78.71 -0.03
CA ARG B 8 53.36 -79.39 -0.54
C ARG B 8 52.53 -79.97 0.59
N GLY B 9 51.23 -79.74 0.54
CA GLY B 9 50.31 -80.32 1.50
C GLY B 9 50.20 -79.57 2.80
N HIS B 10 50.91 -78.46 2.95
CA HIS B 10 50.87 -77.68 4.16
C HIS B 10 49.80 -76.61 4.07
N LEU B 11 49.30 -76.21 5.22
CA LEU B 11 48.40 -75.08 5.29
C LEU B 11 49.23 -73.83 5.50
N LEU B 12 48.81 -72.74 4.84
CA LEU B 12 49.62 -71.53 4.69
C LEU B 12 49.93 -70.89 6.04
N GLY B 13 48.90 -70.65 6.85
CA GLY B 13 49.13 -69.99 8.13
C GLY B 13 49.80 -70.84 9.16
N ARG B 14 49.53 -72.16 9.16
CA ARG B 14 50.15 -73.05 10.13
C ARG B 14 51.64 -73.19 9.86
N LEU B 15 51.99 -73.44 8.60
CA LEU B 15 53.40 -73.48 8.19
C LEU B 15 54.07 -72.14 8.42
N ALA B 16 53.37 -71.04 8.15
CA ALA B 16 53.99 -69.73 8.30
C ALA B 16 54.19 -69.37 9.77
N ALA B 17 53.31 -69.83 10.66
CA ALA B 17 53.53 -69.65 12.10
C ALA B 17 54.76 -70.41 12.58
N ILE B 18 54.89 -71.67 12.16
CA ILE B 18 56.04 -72.46 12.59
C ILE B 18 57.34 -71.93 12.01
N VAL B 19 57.31 -71.49 10.75
CA VAL B 19 58.51 -70.93 10.11
C VAL B 19 58.90 -69.61 10.76
N ALA B 20 57.90 -68.78 11.09
CA ALA B 20 58.17 -67.49 11.74
C ALA B 20 58.80 -67.69 13.11
N LYS B 21 58.32 -68.69 13.87
CA LYS B 21 58.96 -68.98 15.15
C LYS B 21 60.37 -69.51 14.98
N GLN B 22 60.63 -70.33 13.96
CA GLN B 22 61.99 -70.84 13.78
C GLN B 22 62.98 -69.77 13.34
N VAL B 23 62.55 -68.85 12.47
CA VAL B 23 63.46 -67.80 12.06
C VAL B 23 63.59 -66.73 13.13
N LEU B 24 62.67 -66.67 14.10
CA LEU B 24 62.94 -65.84 15.27
C LEU B 24 63.90 -66.51 16.24
N LEU B 25 63.81 -67.83 16.38
CA LEU B 25 64.77 -68.57 17.19
C LEU B 25 66.10 -68.81 16.49
N GLY B 26 66.26 -68.29 15.28
CA GLY B 26 67.58 -68.13 14.72
C GLY B 26 68.02 -69.32 13.89
N ARG B 27 67.14 -69.78 13.03
CA ARG B 27 67.41 -70.93 12.17
C ARG B 27 67.03 -70.54 10.75
N LYS B 28 67.98 -70.65 9.83
CA LYS B 28 67.75 -70.32 8.43
C LYS B 28 66.82 -71.35 7.83
N VAL B 29 65.74 -70.88 7.21
CA VAL B 29 64.66 -71.74 6.73
C VAL B 29 64.49 -71.50 5.23
N VAL B 30 64.44 -72.58 4.46
CA VAL B 30 64.11 -72.53 3.04
C VAL B 30 62.85 -73.36 2.82
N VAL B 31 61.80 -72.71 2.39
CA VAL B 31 60.54 -73.38 2.07
C VAL B 31 60.46 -73.52 0.56
N VAL B 32 60.59 -74.75 0.07
CA VAL B 32 60.54 -75.02 -1.35
C VAL B 32 59.14 -75.49 -1.72
N ARG B 33 58.83 -75.44 -3.00
CA ARG B 33 57.56 -75.84 -3.60
C ARG B 33 56.39 -75.10 -2.94
N CYS B 34 56.36 -73.78 -3.14
CA CYS B 34 55.31 -73.01 -2.48
C CYS B 34 54.00 -73.00 -3.24
N GLU B 35 53.98 -73.45 -4.49
CA GLU B 35 52.71 -73.62 -5.19
C GLU B 35 51.92 -74.82 -4.70
N GLY B 36 52.55 -75.75 -3.99
CA GLY B 36 51.92 -76.90 -3.37
C GLY B 36 51.32 -76.65 -2.01
N ILE B 37 51.45 -75.44 -1.47
CA ILE B 37 50.79 -75.09 -0.22
C ILE B 37 49.29 -75.06 -0.45
N ASN B 38 48.54 -75.58 0.52
CA ASN B 38 47.08 -75.58 0.46
C ASN B 38 46.53 -74.51 1.39
N ILE B 39 45.35 -73.99 1.04
CA ILE B 39 44.63 -73.05 1.88
C ILE B 39 43.25 -73.64 2.13
N SER B 40 42.83 -73.66 3.39
CA SER B 40 41.52 -74.18 3.75
C SER B 40 40.42 -73.26 3.23
N GLY B 41 39.23 -73.83 3.09
CA GLY B 41 38.13 -73.11 2.48
C GLY B 41 38.06 -73.37 0.99
N ASN B 42 36.91 -73.06 0.40
CA ASN B 42 36.74 -73.32 -1.02
C ASN B 42 37.54 -72.32 -1.84
N PHE B 43 37.84 -72.73 -3.07
CA PHE B 43 38.73 -71.96 -3.93
C PHE B 43 38.14 -70.61 -4.28
N TYR B 44 36.84 -70.55 -4.51
CA TYR B 44 36.19 -69.27 -4.81
C TYR B 44 36.28 -68.33 -3.64
N ARG B 45 36.16 -68.86 -2.42
CA ARG B 45 36.31 -68.06 -1.21
C ARG B 45 37.72 -67.51 -1.08
N ASN B 46 38.73 -68.37 -1.29
CA ASN B 46 40.12 -67.92 -1.19
C ASN B 46 40.49 -66.96 -2.32
N LYS B 47 39.95 -67.19 -3.51
CA LYS B 47 40.19 -66.31 -4.64
C LYS B 47 39.61 -64.94 -4.39
N LEU B 48 38.43 -64.86 -3.79
CA LEU B 48 37.86 -63.55 -3.48
C LEU B 48 38.53 -62.90 -2.29
N LYS B 49 39.14 -63.68 -1.40
CA LYS B 49 39.98 -63.09 -0.38
C LYS B 49 41.18 -62.40 -0.99
N TYR B 50 41.84 -63.04 -1.97
CA TYR B 50 42.99 -62.37 -2.55
C TYR B 50 42.53 -61.26 -3.50
N LEU B 51 41.33 -61.36 -4.05
CA LEU B 51 40.79 -60.26 -4.85
C LEU B 51 40.45 -59.06 -3.98
N ALA B 52 39.99 -59.29 -2.76
CA ALA B 52 39.82 -58.19 -1.82
C ALA B 52 41.16 -57.61 -1.39
N PHE B 53 42.19 -58.45 -1.33
CA PHE B 53 43.55 -57.94 -1.13
C PHE B 53 43.97 -57.03 -2.29
N LEU B 54 43.70 -57.45 -3.52
CA LEU B 54 44.02 -56.67 -4.71
C LEU B 54 43.26 -55.36 -4.81
N ARG B 55 42.00 -55.34 -4.36
CA ARG B 55 41.22 -54.11 -4.40
C ARG B 55 41.82 -53.01 -3.53
N LYS B 56 42.58 -53.37 -2.51
CA LYS B 56 43.26 -52.41 -1.67
C LYS B 56 44.51 -51.91 -2.38
N ARG B 57 44.59 -50.60 -2.59
CA ARG B 57 45.78 -49.97 -3.09
C ARG B 57 45.75 -48.53 -2.58
N MET B 58 46.90 -47.87 -2.62
CA MET B 58 46.90 -46.45 -2.30
C MET B 58 46.21 -45.70 -3.43
N ASN B 59 45.18 -44.95 -3.08
CA ASN B 59 44.34 -44.31 -4.09
C ASN B 59 45.09 -43.22 -4.85
N THR B 60 46.03 -42.57 -4.19
CA THR B 60 46.78 -41.50 -4.82
C THR B 60 48.05 -41.96 -5.51
N ASN B 61 48.63 -43.08 -5.09
CA ASN B 61 49.80 -43.63 -5.77
C ASN B 61 49.91 -45.12 -5.52
N PRO B 62 49.37 -45.94 -6.43
CA PRO B 62 49.40 -47.38 -6.22
C PRO B 62 50.79 -47.99 -6.34
N SER B 63 51.73 -47.28 -6.96
CA SER B 63 53.12 -47.73 -6.97
C SER B 63 53.75 -47.63 -5.59
N ARG B 64 53.24 -46.75 -4.74
CA ARG B 64 53.62 -46.75 -3.34
C ARG B 64 52.75 -47.67 -2.51
N GLY B 65 51.55 -47.99 -2.98
CA GLY B 65 50.61 -48.84 -2.25
C GLY B 65 51.06 -50.28 -2.04
N PRO B 66 50.16 -51.10 -1.50
CA PRO B 66 50.53 -52.47 -1.12
C PRO B 66 50.89 -53.32 -2.33
N TYR B 67 52.04 -53.98 -2.24
CA TYR B 67 52.53 -54.78 -3.34
C TYR B 67 51.90 -56.16 -3.28
N HIS B 68 50.99 -56.44 -4.19
CA HIS B 68 50.37 -57.74 -4.29
C HIS B 68 51.24 -58.62 -5.17
N PHE B 69 52.12 -59.36 -4.52
CA PHE B 69 52.94 -60.33 -5.21
C PHE B 69 52.09 -61.50 -5.68
N ARG B 70 52.41 -62.01 -6.87
CA ARG B 70 51.62 -63.09 -7.43
C ARG B 70 52.24 -64.47 -7.29
N ALA B 71 53.54 -64.58 -7.15
CA ALA B 71 54.15 -65.88 -7.02
C ALA B 71 53.77 -66.51 -5.67
N PRO B 72 53.53 -67.82 -5.62
CA PRO B 72 53.19 -68.47 -4.35
C PRO B 72 54.27 -68.36 -3.31
N SER B 73 55.54 -68.36 -3.73
CA SER B 73 56.67 -68.12 -2.85
C SER B 73 56.58 -66.78 -2.17
N ARG B 74 56.28 -65.73 -2.92
CA ARG B 74 56.23 -64.41 -2.33
C ARG B 74 54.96 -64.20 -1.52
N ILE B 75 53.87 -64.90 -1.86
CA ILE B 75 52.66 -64.85 -1.03
C ILE B 75 52.91 -65.51 0.32
N PHE B 76 53.58 -66.67 0.32
CA PHE B 76 53.93 -67.31 1.58
C PHE B 76 54.92 -66.47 2.37
N TRP B 77 55.86 -65.84 1.67
CA TRP B 77 56.80 -64.91 2.28
C TRP B 77 56.07 -63.75 2.95
N ARG B 78 55.03 -63.23 2.31
CA ARG B 78 54.25 -62.15 2.89
C ARG B 78 53.46 -62.60 4.10
N THR B 79 53.01 -63.85 4.14
CA THR B 79 52.33 -64.33 5.33
C THR B 79 53.30 -64.48 6.51
N VAL B 80 54.50 -64.99 6.25
CA VAL B 80 55.50 -65.08 7.31
C VAL B 80 55.90 -63.68 7.77
N ARG B 81 56.02 -62.73 6.84
CA ARG B 81 56.35 -61.37 7.21
C ARG B 81 55.26 -60.72 8.07
N GLY B 82 53.99 -60.96 7.74
CA GLY B 82 52.92 -60.54 8.62
C GLY B 82 52.88 -61.22 9.96
N MET B 83 53.45 -62.42 10.06
CA MET B 83 53.61 -63.11 11.33
C MET B 83 54.89 -62.74 12.07
N LEU B 84 55.76 -61.95 11.45
CA LEU B 84 57.02 -61.52 12.04
C LEU B 84 56.96 -60.05 12.42
N PRO B 85 57.81 -59.59 13.37
CA PRO B 85 57.86 -58.15 13.68
C PRO B 85 58.83 -57.40 12.78
N HIS B 86 58.49 -57.36 11.49
CA HIS B 86 59.41 -56.99 10.42
C HIS B 86 59.83 -55.53 10.43
N LYS B 87 59.23 -54.66 11.23
CA LYS B 87 59.66 -53.27 11.28
C LYS B 87 60.67 -53.00 12.39
N THR B 88 61.40 -54.01 12.86
CA THR B 88 62.53 -53.87 13.76
C THR B 88 63.68 -54.67 13.20
N LYS B 89 64.89 -54.42 13.69
CA LYS B 89 66.08 -55.08 13.14
C LYS B 89 66.07 -56.58 13.38
N ARG B 90 65.55 -57.01 14.53
CA ARG B 90 65.38 -58.43 14.80
C ARG B 90 64.39 -59.06 13.84
N GLY B 91 63.30 -58.36 13.54
CA GLY B 91 62.34 -58.84 12.55
C GLY B 91 62.92 -58.91 11.15
N GLN B 92 63.68 -57.89 10.73
CA GLN B 92 64.28 -57.91 9.40
C GLN B 92 65.32 -59.01 9.27
N ALA B 93 66.12 -59.23 10.31
CA ALA B 93 67.06 -60.35 10.28
C ALA B 93 66.35 -61.70 10.29
N ALA B 94 65.21 -61.79 10.98
CA ALA B 94 64.41 -63.01 10.96
C ALA B 94 63.87 -63.30 9.56
N LEU B 95 63.36 -62.27 8.89
CA LEU B 95 62.93 -62.41 7.51
C LEU B 95 64.08 -62.77 6.57
N ASP B 96 65.25 -62.15 6.76
CA ASP B 96 66.38 -62.43 5.90
C ASP B 96 66.96 -63.81 6.11
N ARG B 97 66.71 -64.43 7.26
CA ARG B 97 67.03 -65.84 7.45
C ARG B 97 66.15 -66.77 6.63
N LEU B 98 65.02 -66.29 6.11
CA LEU B 98 64.05 -67.13 5.43
C LEU B 98 64.15 -66.95 3.92
N LYS B 99 64.26 -68.06 3.21
CA LYS B 99 64.20 -68.08 1.75
C LYS B 99 62.93 -68.81 1.33
N VAL B 100 62.28 -68.33 0.29
CA VAL B 100 61.06 -68.94 -0.24
C VAL B 100 61.28 -69.20 -1.72
N PHE B 101 60.67 -70.25 -2.25
CA PHE B 101 60.92 -70.65 -3.62
C PHE B 101 59.67 -71.19 -4.29
N ASP B 102 59.67 -71.15 -5.61
CA ASP B 102 58.64 -71.78 -6.43
C ASP B 102 59.26 -72.97 -7.15
N GLY B 103 58.66 -74.13 -6.97
CA GLY B 103 59.35 -75.34 -7.38
C GLY B 103 60.45 -75.66 -6.39
N ILE B 104 61.33 -76.56 -6.78
CA ILE B 104 62.46 -76.92 -5.93
C ILE B 104 63.75 -76.62 -6.66
N PRO B 105 64.41 -75.49 -6.35
CA PRO B 105 65.55 -75.02 -7.15
C PRO B 105 66.79 -75.87 -6.96
N PRO B 106 67.79 -75.76 -7.86
CA PRO B 106 68.98 -76.65 -7.84
C PRO B 106 69.81 -76.67 -6.56
N PRO B 107 69.85 -75.63 -5.72
CA PRO B 107 70.45 -75.86 -4.40
C PRO B 107 69.74 -76.90 -3.56
N TYR B 108 68.42 -77.03 -3.69
CA TYR B 108 67.65 -77.83 -2.75
C TYR B 108 66.96 -79.04 -3.36
N ASP B 109 67.17 -79.32 -4.64
CA ASP B 109 66.60 -80.53 -5.22
C ASP B 109 67.47 -81.75 -4.96
N LYS B 110 68.76 -81.57 -4.74
CA LYS B 110 69.59 -82.65 -4.23
C LYS B 110 69.72 -82.56 -2.72
N LYS B 111 68.59 -82.41 -2.04
CA LYS B 111 68.56 -82.30 -0.59
C LYS B 111 67.23 -82.84 -0.09
N LYS B 112 67.25 -83.41 1.10
CA LYS B 112 66.02 -83.90 1.68
C LYS B 112 65.22 -82.74 2.24
N ARG B 113 63.92 -82.76 2.01
CA ARG B 113 63.02 -81.72 2.49
C ARG B 113 62.22 -82.25 3.67
N MET B 114 62.08 -81.41 4.69
CA MET B 114 61.40 -81.75 5.92
C MET B 114 59.91 -81.53 5.74
N VAL B 115 59.09 -82.16 6.58
CA VAL B 115 57.65 -81.97 6.55
C VAL B 115 57.21 -81.70 7.98
N VAL B 116 56.19 -80.85 8.13
CA VAL B 116 55.67 -80.52 9.45
C VAL B 116 54.27 -81.11 9.58
N PRO B 117 54.09 -82.19 10.35
CA PRO B 117 52.74 -82.78 10.48
C PRO B 117 51.73 -81.90 11.17
N ALA B 118 52.16 -80.91 11.95
CA ALA B 118 51.21 -80.00 12.58
C ALA B 118 50.71 -78.92 11.63
N ALA B 119 51.23 -78.86 10.41
CA ALA B 119 50.76 -77.91 9.40
C ALA B 119 50.20 -78.60 8.18
N LEU B 120 50.19 -79.93 8.14
CA LEU B 120 49.75 -80.66 6.96
C LEU B 120 48.24 -80.61 6.79
N LYS B 121 47.80 -80.64 5.53
CA LYS B 121 46.36 -80.62 5.22
C LYS B 121 45.67 -81.88 5.73
N VAL B 122 46.30 -83.04 5.56
CA VAL B 122 45.66 -84.31 5.91
C VAL B 122 45.46 -84.45 7.41
N VAL B 123 46.33 -83.82 8.20
CA VAL B 123 46.24 -83.87 9.63
C VAL B 123 45.30 -82.77 10.11
N ARG B 124 45.49 -81.56 9.59
CA ARG B 124 44.85 -80.36 10.12
C ARG B 124 43.48 -80.04 9.53
N LEU B 125 43.04 -80.76 8.51
CA LEU B 125 41.70 -80.54 7.97
C LEU B 125 40.90 -81.84 7.98
N LYS B 126 39.61 -81.71 8.25
CA LYS B 126 38.70 -82.83 8.07
C LYS B 126 38.67 -83.19 6.59
N PRO B 127 38.61 -84.50 6.25
CA PRO B 127 38.74 -84.90 4.84
C PRO B 127 37.62 -84.41 3.93
N THR B 128 36.48 -84.03 4.47
CA THR B 128 35.36 -83.54 3.67
C THR B 128 35.40 -82.04 3.42
N ARG B 129 36.23 -81.29 4.14
CA ARG B 129 36.31 -79.87 3.90
C ARG B 129 37.12 -79.59 2.64
N LYS B 130 36.63 -78.65 1.83
CA LYS B 130 37.26 -78.34 0.56
C LYS B 130 38.39 -77.35 0.77
N PHE B 131 39.50 -77.60 0.08
CA PHE B 131 40.70 -76.78 0.18
C PHE B 131 40.99 -76.17 -1.18
N ALA B 132 42.05 -75.36 -1.24
CA ALA B 132 42.47 -74.70 -2.46
C ALA B 132 43.96 -74.90 -2.65
N TYR B 133 44.43 -74.63 -3.87
CA TYR B 133 45.85 -74.74 -4.21
C TYR B 133 46.44 -73.35 -4.36
N LEU B 134 47.59 -73.11 -3.72
CA LEU B 134 48.23 -71.81 -3.82
C LEU B 134 48.73 -71.54 -5.23
N GLY B 135 49.18 -72.58 -5.94
CA GLY B 135 49.62 -72.38 -7.31
C GLY B 135 48.49 -72.00 -8.25
N ARG B 136 47.34 -72.66 -8.10
CA ARG B 136 46.20 -72.35 -8.95
C ARG B 136 45.64 -70.98 -8.61
N LEU B 137 45.54 -70.65 -7.32
CA LEU B 137 45.09 -69.33 -6.90
C LEU B 137 46.01 -68.25 -7.44
N ALA B 138 47.33 -68.47 -7.32
CA ALA B 138 48.34 -67.56 -7.81
C ALA B 138 48.27 -67.36 -9.31
N HIS B 139 48.15 -68.46 -10.06
CA HIS B 139 48.05 -68.38 -11.51
C HIS B 139 46.79 -67.64 -11.96
N GLU B 140 45.66 -67.94 -11.35
CA GLU B 140 44.43 -67.26 -11.70
C GLU B 140 44.39 -65.82 -11.21
N VAL B 141 45.29 -65.39 -10.34
CA VAL B 141 45.30 -63.98 -9.97
C VAL B 141 46.45 -63.23 -10.64
N GLY B 142 47.35 -63.92 -11.32
CA GLY B 142 48.28 -63.16 -12.12
C GLY B 142 49.69 -63.69 -12.21
N TRP B 143 49.97 -64.79 -11.53
CA TRP B 143 51.26 -65.46 -11.69
C TRP B 143 51.33 -66.06 -13.08
N LYS B 144 52.44 -65.81 -13.76
CA LYS B 144 52.62 -66.23 -15.14
C LYS B 144 53.43 -67.50 -15.27
N TYR B 145 54.28 -67.78 -14.30
CA TYR B 145 55.20 -68.92 -14.39
C TYR B 145 54.65 -70.15 -13.67
N GLN B 146 53.41 -70.53 -13.96
CA GLN B 146 52.87 -71.75 -13.39
C GLN B 146 53.20 -72.95 -14.27
N ALA B 147 52.96 -72.80 -15.59
CA ALA B 147 53.20 -73.89 -16.52
C ALA B 147 54.68 -74.23 -16.62
N VAL B 148 55.55 -73.23 -16.65
CA VAL B 148 56.98 -73.50 -16.78
C VAL B 148 57.53 -74.08 -15.47
N THR B 149 56.97 -73.66 -14.33
CA THR B 149 57.31 -74.31 -13.06
C THR B 149 56.88 -75.76 -13.04
N ALA B 150 55.70 -76.07 -13.61
CA ALA B 150 55.26 -77.46 -13.72
C ALA B 150 56.16 -78.27 -14.64
N THR B 151 56.59 -77.70 -15.76
CA THR B 151 57.51 -78.41 -16.64
C THR B 151 58.86 -78.64 -16.00
N LEU B 152 59.40 -77.65 -15.29
CA LEU B 152 60.65 -77.85 -14.58
C LEU B 152 60.49 -78.81 -13.41
N GLU B 153 59.30 -78.86 -12.82
CA GLU B 153 59.05 -79.79 -11.74
C GLU B 153 58.95 -81.23 -12.24
N GLU B 154 58.33 -81.47 -13.39
CA GLU B 154 58.34 -82.83 -13.93
C GLU B 154 59.73 -83.22 -14.45
N LYS B 155 60.50 -82.25 -14.97
CA LYS B 155 61.91 -82.46 -15.27
C LYS B 155 62.73 -82.83 -14.04
N ARG B 156 62.47 -82.21 -12.90
CA ARG B 156 63.14 -82.57 -11.67
C ARG B 156 62.70 -83.92 -11.13
N LYS B 157 61.39 -84.22 -11.19
CA LYS B 157 60.83 -85.49 -10.72
C LYS B 157 61.32 -86.68 -11.52
N GLU B 158 61.47 -86.53 -12.84
CA GLU B 158 61.97 -87.65 -13.63
C GLU B 158 63.43 -87.95 -13.38
N LYS B 159 64.22 -86.98 -12.90
CA LYS B 159 65.57 -87.27 -12.45
C LYS B 159 65.60 -87.81 -11.03
N ALA B 160 64.68 -87.33 -10.18
CA ALA B 160 64.50 -87.87 -8.84
C ALA B 160 64.12 -89.34 -8.87
N LYS B 161 63.35 -89.78 -9.86
CA LYS B 161 63.08 -91.19 -10.03
C LYS B 161 64.32 -91.99 -10.40
N ILE B 162 65.21 -91.44 -11.22
CA ILE B 162 66.50 -92.06 -11.49
C ILE B 162 67.32 -92.24 -10.22
N HIS B 163 67.44 -91.16 -9.43
CA HIS B 163 68.15 -91.22 -8.15
C HIS B 163 67.52 -92.24 -7.20
N TYR B 164 66.19 -92.34 -7.21
CA TYR B 164 65.49 -93.30 -6.38
C TYR B 164 65.72 -94.74 -6.80
N ARG B 165 65.71 -95.00 -8.11
CA ARG B 165 65.94 -96.37 -8.60
C ARG B 165 67.36 -96.82 -8.32
N LYS B 166 68.33 -95.91 -8.50
CA LYS B 166 69.69 -96.23 -8.09
C LYS B 166 69.80 -96.46 -6.59
N LYS B 167 69.12 -95.66 -5.75
CA LYS B 167 69.15 -95.86 -4.30
C LYS B 167 68.56 -97.23 -3.91
N LYS B 168 67.47 -97.63 -4.57
CA LYS B 168 66.90 -98.96 -4.34
C LYS B 168 67.83 -100.09 -4.78
N GLN B 169 68.53 -99.92 -5.91
CA GLN B 169 69.52 -100.91 -6.31
C GLN B 169 70.66 -101.02 -5.31
N LEU B 170 71.14 -99.89 -4.79
CA LEU B 170 72.14 -99.90 -3.72
C LEU B 170 71.63 -100.57 -2.45
N MET B 171 70.36 -100.39 -2.10
CA MET B 171 69.87 -100.98 -0.86
C MET B 171 69.60 -102.48 -1.01
N ARG B 172 69.17 -102.94 -2.20
CA ARG B 172 69.08 -104.37 -2.36
C ARG B 172 70.47 -105.00 -2.42
N LEU B 173 71.47 -104.28 -2.97
CA LEU B 173 72.84 -104.76 -2.89
C LEU B 173 73.34 -104.82 -1.45
N ARG B 174 72.91 -103.86 -0.63
CA ARG B 174 73.19 -103.88 0.81
C ARG B 174 72.59 -105.10 1.48
N LYS B 175 71.35 -105.48 1.09
CA LYS B 175 70.71 -106.64 1.72
C LYS B 175 71.35 -107.96 1.31
N GLN B 176 71.69 -108.09 0.02
CA GLN B 176 72.47 -109.24 -0.43
C GLN B 176 73.85 -109.27 0.22
N ALA B 177 74.43 -108.12 0.49
CA ALA B 177 75.73 -108.09 1.15
C ALA B 177 75.63 -108.55 2.61
N GLU B 178 74.58 -108.14 3.32
CA GLU B 178 74.37 -108.65 4.69
C GLU B 178 74.17 -110.15 4.72
N LYS B 179 73.36 -110.70 3.81
CA LYS B 179 73.20 -112.15 3.83
C LYS B 179 74.45 -112.86 3.32
N ASN B 180 75.32 -112.16 2.58
CA ASN B 180 76.60 -112.75 2.22
C ASN B 180 77.54 -112.83 3.41
N VAL B 181 77.66 -111.74 4.17
CA VAL B 181 78.70 -111.64 5.21
C VAL B 181 78.16 -111.96 6.61
N GLU B 182 76.95 -112.52 6.70
CA GLU B 182 76.36 -112.89 7.99
C GLU B 182 77.11 -114.00 8.76
N LYS B 183 78.24 -114.50 8.27
CA LYS B 183 79.14 -115.29 9.11
C LYS B 183 80.17 -114.43 9.83
N LYS B 184 80.74 -113.43 9.14
CA LYS B 184 81.78 -112.62 9.77
C LYS B 184 81.26 -111.31 10.35
N ILE B 185 79.96 -111.02 10.25
CA ILE B 185 79.36 -109.93 11.01
C ILE B 185 78.38 -110.42 12.05
N SER B 186 78.28 -111.73 12.27
CA SER B 186 77.32 -112.27 13.23
C SER B 186 77.73 -111.98 14.67
N LYS B 187 79.04 -111.81 14.92
CA LYS B 187 79.49 -111.50 16.27
C LYS B 187 79.43 -110.01 16.56
N PHE B 188 79.00 -109.21 15.58
CA PHE B 188 78.81 -107.77 15.74
C PHE B 188 77.36 -107.37 15.53
N THR B 189 76.57 -108.22 14.87
CA THR B 189 75.14 -107.99 14.75
C THR B 189 74.44 -108.21 16.07
N ASP B 190 74.94 -109.16 16.88
CA ASP B 190 74.30 -109.45 18.16
C ASP B 190 74.41 -108.30 19.16
N VAL B 191 75.47 -107.50 19.08
CA VAL B 191 75.57 -106.28 19.89
C VAL B 191 74.46 -105.30 19.55
N LEU B 192 74.26 -105.05 18.26
CA LEU B 192 73.23 -104.12 17.80
C LEU B 192 71.83 -104.66 17.99
N LYS B 193 71.68 -105.97 18.12
CA LYS B 193 70.38 -106.55 18.43
C LYS B 193 70.10 -106.59 19.93
N THR B 194 71.12 -106.76 20.77
CA THR B 194 70.88 -106.71 22.21
C THR B 194 70.67 -105.29 22.69
N HIS B 195 71.24 -104.30 22.00
CA HIS B 195 71.02 -102.92 22.40
C HIS B 195 69.94 -102.24 21.57
N GLY B 196 69.21 -103.00 20.76
CA GLY B 196 68.00 -102.51 20.14
C GLY B 196 68.17 -101.55 18.99
N LEU B 197 69.20 -101.74 18.17
CA LEU B 197 69.38 -100.88 17.00
C LEU B 197 68.99 -101.56 15.71
N LEU B 198 68.60 -102.83 15.76
CA LEU B 198 68.34 -103.53 14.51
C LEU B 198 66.89 -103.99 14.33
N VAL B 199 66.39 -104.81 15.26
CA VAL B 199 65.15 -105.54 15.01
C VAL B 199 63.93 -104.69 15.26
N VAL C 1 100.13 -15.96 13.44
CA VAL C 1 99.27 -15.67 14.57
C VAL C 1 99.06 -17.00 15.31
N ARG C 2 97.93 -17.66 15.05
CA ARG C 2 97.62 -18.98 15.58
C ARG C 2 96.48 -19.55 14.75
N TYR C 3 96.72 -20.68 14.11
CA TYR C 3 95.70 -21.19 13.21
C TYR C 3 94.94 -22.31 13.91
N SER C 4 93.88 -22.78 13.25
CA SER C 4 93.06 -23.83 13.83
C SER C 4 93.84 -25.13 13.97
N LEU C 5 94.67 -25.42 12.99
CA LEU C 5 95.53 -26.58 13.06
C LEU C 5 97.00 -26.14 13.06
N ASP C 6 97.79 -26.85 13.80
CA ASP C 6 99.23 -26.71 13.79
C ASP C 6 99.74 -27.66 12.72
N PRO C 7 100.65 -27.22 11.86
CA PRO C 7 101.31 -28.15 10.93
C PRO C 7 102.04 -29.27 11.65
N GLU C 8 101.89 -30.50 11.13
CA GLU C 8 102.49 -31.67 11.78
C GLU C 8 104.00 -31.61 11.72
N ASN C 9 104.53 -31.08 10.63
CA ASN C 9 105.92 -30.64 10.51
C ASN C 9 106.02 -29.13 10.30
N PRO C 10 106.22 -28.34 11.37
CA PRO C 10 106.28 -26.88 11.21
C PRO C 10 107.47 -26.41 10.40
N THR C 11 108.56 -27.20 10.33
CA THR C 11 109.71 -26.84 9.52
C THR C 11 109.46 -26.97 8.03
N LYS C 12 108.58 -27.89 7.62
CA LYS C 12 108.37 -28.15 6.20
C LYS C 12 107.03 -27.58 5.74
N SER C 13 106.62 -26.45 6.29
CA SER C 13 105.28 -25.91 6.05
C SER C 13 105.37 -24.41 5.81
N CYS C 14 104.36 -23.89 5.13
CA CYS C 14 104.18 -22.44 4.99
C CYS C 14 102.73 -22.11 5.26
N LYS C 15 102.48 -20.89 5.70
CA LYS C 15 101.15 -20.48 6.08
C LYS C 15 100.73 -19.26 5.29
N SER C 16 99.41 -19.08 5.17
CA SER C 16 98.87 -17.82 4.68
C SER C 16 97.48 -17.65 5.25
N ARG C 17 97.05 -16.40 5.41
CA ARG C 17 95.69 -16.13 5.83
C ARG C 17 95.29 -14.74 5.39
N GLY C 18 94.01 -14.47 5.54
CA GLY C 18 93.45 -13.16 5.30
C GLY C 18 92.19 -13.04 6.10
N SER C 19 91.86 -11.81 6.48
CA SER C 19 90.71 -11.57 7.33
C SER C 19 89.82 -10.50 6.72
N ASN C 20 88.52 -10.67 6.92
CA ASN C 20 87.47 -9.76 6.45
C ASN C 20 87.49 -9.57 4.94
N LEU C 21 87.83 -10.64 4.21
CA LEU C 21 87.89 -10.58 2.75
C LEU C 21 86.48 -10.60 2.18
N ARG C 22 86.18 -9.66 1.29
CA ARG C 22 84.81 -9.41 0.84
C ARG C 22 84.42 -10.33 -0.33
N VAL C 23 84.38 -11.63 -0.04
CA VAL C 23 83.77 -12.62 -0.92
C VAL C 23 82.80 -13.45 -0.09
N HIS C 24 81.90 -14.14 -0.79
CA HIS C 24 80.88 -14.91 -0.11
C HIS C 24 81.47 -16.12 0.59
N PHE C 25 81.05 -16.31 1.85
CA PHE C 25 81.54 -17.41 2.67
C PHE C 25 81.17 -18.76 2.09
N LYS C 26 79.94 -18.92 1.59
CA LYS C 26 79.47 -20.23 1.13
C LYS C 26 80.18 -20.67 -0.13
N ASN C 27 80.26 -19.78 -1.12
CA ASN C 27 81.01 -20.04 -2.34
C ASN C 27 82.48 -20.31 -2.05
N THR C 28 83.06 -19.51 -1.16
CA THR C 28 84.48 -19.65 -0.85
C THR C 28 84.78 -20.92 -0.08
N ARG C 29 83.86 -21.34 0.80
CA ARG C 29 84.01 -22.61 1.50
C ARG C 29 83.94 -23.78 0.55
N GLU C 30 82.99 -23.74 -0.40
CA GLU C 30 82.87 -24.85 -1.35
C GLU C 30 84.09 -24.96 -2.25
N THR C 31 84.60 -23.83 -2.75
CA THR C 31 85.82 -23.91 -3.54
C THR C 31 87.06 -24.15 -2.71
N ALA C 32 86.96 -23.98 -1.38
CA ALA C 32 88.02 -24.37 -0.46
C ALA C 32 88.09 -25.89 -0.28
N GLN C 33 86.94 -26.51 0.01
CA GLN C 33 86.74 -27.96 0.03
C GLN C 33 87.11 -28.64 -1.28
N ALA C 34 86.91 -27.95 -2.40
CA ALA C 34 87.40 -28.47 -3.67
C ALA C 34 88.92 -28.57 -3.70
N ILE C 35 89.64 -27.57 -3.19
CA ILE C 35 91.08 -27.55 -3.29
C ILE C 35 91.76 -28.04 -2.00
N LYS C 36 91.00 -28.68 -1.10
CA LYS C 36 91.50 -29.01 0.24
C LYS C 36 92.66 -30.00 0.24
N GLY C 37 92.82 -30.79 -0.80
CA GLY C 37 93.89 -31.77 -0.74
C GLY C 37 94.78 -31.75 -1.96
N MET C 38 94.57 -30.76 -2.82
CA MET C 38 95.28 -30.72 -4.09
C MET C 38 96.74 -30.30 -3.92
N HIS C 39 97.51 -30.53 -4.97
CA HIS C 39 98.83 -29.96 -5.10
C HIS C 39 98.71 -28.48 -5.44
N ILE C 40 99.81 -27.73 -5.27
CA ILE C 40 99.79 -26.28 -5.52
C ILE C 40 99.52 -25.97 -7.00
N ARG C 41 100.18 -26.69 -7.92
CA ARG C 41 100.00 -26.39 -9.34
C ARG C 41 98.66 -26.89 -9.85
N LYS C 42 98.25 -28.08 -9.42
CA LYS C 42 96.94 -28.60 -9.79
C LYS C 42 95.82 -27.73 -9.24
N ALA C 43 96.00 -27.20 -8.04
CA ALA C 43 95.02 -26.29 -7.44
C ALA C 43 94.97 -24.94 -8.15
N THR C 44 96.10 -24.37 -8.57
CA THR C 44 96.02 -23.08 -9.24
C THR C 44 95.48 -23.24 -10.66
N LYS C 45 95.79 -24.34 -11.34
CA LYS C 45 95.14 -24.66 -12.61
C LYS C 45 93.65 -24.86 -12.44
N TYR C 46 93.26 -25.53 -11.35
CA TYR C 46 91.85 -25.77 -11.08
C TYR C 46 91.10 -24.48 -10.87
N LEU C 47 91.65 -23.56 -10.07
CA LEU C 47 90.96 -22.30 -9.80
C LEU C 47 90.93 -21.39 -11.02
N LYS C 48 91.99 -21.41 -11.85
CA LYS C 48 91.95 -20.69 -13.11
C LYS C 48 90.89 -21.26 -14.05
N ASP C 49 90.69 -22.56 -14.07
CA ASP C 49 89.66 -23.12 -14.92
C ASP C 49 88.27 -22.92 -14.32
N VAL C 50 88.16 -22.75 -13.00
CA VAL C 50 86.88 -22.33 -12.41
C VAL C 50 86.52 -20.93 -12.89
N THR C 51 87.50 -20.03 -12.93
CA THR C 51 87.26 -18.72 -13.53
C THR C 51 86.97 -18.80 -15.03
N LEU C 52 87.59 -19.73 -15.74
CA LEU C 52 87.40 -19.87 -17.18
C LEU C 52 86.24 -20.79 -17.55
N LYS C 53 85.48 -21.26 -16.55
CA LYS C 53 84.30 -22.12 -16.71
C LYS C 53 84.64 -23.46 -17.37
N LYS C 54 85.85 -23.97 -17.15
CA LYS C 54 86.28 -25.20 -17.80
C LYS C 54 86.39 -26.39 -16.86
N GLN C 55 86.49 -26.16 -15.55
CA GLN C 55 86.21 -27.15 -14.52
C GLN C 55 85.38 -26.44 -13.48
N CYS C 56 84.56 -27.16 -12.75
CA CYS C 56 83.64 -26.47 -11.84
C CYS C 56 83.94 -26.83 -10.39
N VAL C 57 83.20 -26.17 -9.51
CA VAL C 57 83.27 -26.43 -8.07
C VAL C 57 81.99 -27.14 -7.65
N PRO C 58 82.07 -28.33 -7.07
CA PRO C 58 80.87 -29.00 -6.55
C PRO C 58 80.36 -28.27 -5.33
N PHE C 59 79.06 -28.05 -5.29
CA PHE C 59 78.45 -27.40 -4.14
C PHE C 59 77.75 -28.50 -3.37
N ARG C 60 78.34 -28.90 -2.24
CA ARG C 60 77.91 -30.11 -1.57
C ARG C 60 77.08 -29.83 -0.33
N ARG C 61 77.42 -28.81 0.45
CA ARG C 61 76.62 -28.43 1.60
C ARG C 61 75.71 -27.24 1.31
N TYR C 62 76.26 -26.21 0.69
CA TYR C 62 75.51 -25.00 0.39
C TYR C 62 75.06 -25.03 -1.06
N ASN C 63 74.01 -25.80 -1.33
CA ASN C 63 73.62 -26.09 -2.70
C ASN C 63 72.14 -25.84 -2.97
N GLY C 64 71.44 -25.12 -2.09
CA GLY C 64 70.01 -24.93 -2.27
C GLY C 64 69.70 -24.01 -3.41
N GLY C 65 69.17 -24.57 -4.50
CA GLY C 65 68.90 -23.85 -5.70
C GLY C 65 70.07 -23.75 -6.65
N VAL C 66 71.25 -24.23 -6.24
CA VAL C 66 72.40 -24.24 -7.14
C VAL C 66 72.16 -25.22 -8.26
N GLY C 67 72.32 -24.75 -9.49
CA GLY C 67 71.91 -25.51 -10.64
C GLY C 67 72.81 -26.69 -10.94
N ARG C 68 72.31 -27.53 -11.83
CA ARG C 68 73.01 -28.72 -12.27
C ARG C 68 73.96 -28.36 -13.39
N CYS C 69 75.06 -29.08 -13.46
CA CYS C 69 76.08 -28.81 -14.46
C CYS C 69 76.65 -30.12 -14.95
N ALA C 70 77.16 -30.11 -16.17
CA ALA C 70 77.79 -31.30 -16.71
C ALA C 70 79.11 -31.60 -16.05
N GLN C 71 79.83 -30.57 -15.59
CA GLN C 71 81.17 -30.70 -15.06
C GLN C 71 81.20 -31.14 -13.61
N ALA C 72 80.06 -31.16 -12.94
CA ALA C 72 79.98 -31.61 -11.56
C ALA C 72 80.19 -33.11 -11.43
N LYS C 73 80.13 -33.85 -12.54
CA LYS C 73 80.24 -35.30 -12.52
C LYS C 73 81.65 -35.79 -12.28
N GLN C 74 82.64 -34.92 -12.34
CA GLN C 74 83.98 -35.32 -11.94
C GLN C 74 84.12 -35.48 -10.44
N TRP C 75 83.21 -34.89 -9.68
CA TRP C 75 83.25 -34.90 -8.23
C TRP C 75 82.30 -35.90 -7.64
N GLY C 76 81.68 -36.75 -8.46
CA GLY C 76 80.61 -37.59 -7.97
C GLY C 76 79.42 -36.80 -7.54
N TRP C 77 79.13 -35.69 -8.21
CA TRP C 77 78.11 -34.77 -7.77
C TRP C 77 77.33 -34.27 -8.99
N THR C 78 76.21 -33.63 -8.71
CA THR C 78 75.39 -33.05 -9.76
C THR C 78 75.23 -31.55 -9.69
N GLN C 79 75.46 -30.94 -8.53
CA GLN C 79 75.37 -29.50 -8.40
C GLN C 79 76.75 -28.89 -8.37
N GLY C 80 77.02 -28.00 -9.33
CA GLY C 80 78.29 -27.31 -9.38
C GLY C 80 78.11 -25.93 -9.92
N ARG C 81 79.11 -25.08 -9.69
CA ARG C 81 79.09 -23.72 -10.19
C ARG C 81 80.52 -23.28 -10.45
N TRP C 82 80.69 -21.98 -10.68
CA TRP C 82 82.01 -21.42 -10.97
C TRP C 82 82.22 -20.12 -10.21
N PRO C 83 82.44 -20.17 -8.89
CA PRO C 83 82.58 -18.91 -8.14
C PRO C 83 83.89 -18.20 -8.47
N LYS C 84 83.77 -17.15 -9.28
CA LYS C 84 84.91 -16.50 -9.91
C LYS C 84 85.72 -15.70 -8.92
N LYS C 85 85.05 -14.92 -8.07
CA LYS C 85 85.81 -14.12 -7.10
C LYS C 85 86.32 -14.97 -5.95
N SER C 86 85.59 -16.02 -5.56
CA SER C 86 86.11 -16.97 -4.58
C SER C 86 87.36 -17.66 -5.10
N ALA C 87 87.33 -18.07 -6.36
CA ALA C 87 88.51 -18.64 -7.00
C ALA C 87 89.64 -17.64 -7.08
N GLU C 88 89.33 -16.38 -7.36
CA GLU C 88 90.38 -15.38 -7.51
C GLU C 88 91.03 -15.03 -6.18
N PHE C 89 90.22 -14.95 -5.12
CA PHE C 89 90.76 -14.70 -3.79
C PHE C 89 91.62 -15.87 -3.32
N LEU C 90 91.18 -17.11 -3.60
CA LEU C 90 92.04 -18.23 -3.23
C LEU C 90 93.27 -18.33 -4.09
N LEU C 91 93.23 -17.88 -5.34
CA LEU C 91 94.45 -17.77 -6.14
C LEU C 91 95.43 -16.77 -5.55
N HIS C 92 94.94 -15.60 -5.13
CA HIS C 92 95.83 -14.61 -4.55
C HIS C 92 96.41 -15.10 -3.23
N MET C 93 95.64 -15.86 -2.45
CA MET C 93 96.18 -16.35 -1.21
C MET C 93 97.09 -17.55 -1.41
N LEU C 94 96.88 -18.36 -2.46
CA LEU C 94 97.87 -19.36 -2.84
C LEU C 94 99.18 -18.73 -3.27
N LYS C 95 99.11 -17.62 -4.02
CA LYS C 95 100.30 -16.86 -4.36
C LYS C 95 100.98 -16.29 -3.12
N ASN C 96 100.19 -15.83 -2.14
CA ASN C 96 100.75 -15.38 -0.88
C ASN C 96 101.46 -16.49 -0.13
N ALA C 97 100.87 -17.68 -0.05
CA ALA C 97 101.48 -18.82 0.61
C ALA C 97 102.73 -19.31 -0.13
N GLU C 98 102.69 -19.27 -1.46
CA GLU C 98 103.85 -19.54 -2.29
C GLU C 98 104.99 -18.59 -2.00
N SER C 99 104.68 -17.30 -1.85
CA SER C 99 105.72 -16.36 -1.46
C SER C 99 106.26 -16.67 -0.07
N ASN C 100 105.39 -17.02 0.88
CA ASN C 100 105.88 -17.39 2.22
C ASN C 100 106.77 -18.61 2.21
N ALA C 101 106.45 -19.59 1.35
CA ALA C 101 107.27 -20.78 1.21
C ALA C 101 108.64 -20.47 0.63
N GLU C 102 108.70 -19.56 -0.34
CA GLU C 102 110.02 -19.30 -0.90
C GLU C 102 110.88 -18.40 -0.01
N LEU C 103 110.30 -17.72 0.99
CA LEU C 103 111.17 -17.19 2.04
C LEU C 103 111.55 -18.24 3.07
N LYS C 104 110.67 -19.20 3.35
CA LYS C 104 111.06 -20.28 4.26
C LYS C 104 112.00 -21.29 3.61
N GLY C 105 112.25 -21.18 2.31
CA GLY C 105 113.26 -21.98 1.64
C GLY C 105 112.81 -23.39 1.34
N LEU C 106 111.51 -23.57 1.23
CA LEU C 106 110.92 -24.89 0.99
C LEU C 106 110.88 -25.18 -0.50
N ASP C 107 110.51 -26.40 -0.83
CA ASP C 107 110.30 -26.78 -2.22
C ASP C 107 108.92 -26.30 -2.62
N VAL C 108 108.89 -25.26 -3.46
CA VAL C 108 107.64 -24.73 -3.99
C VAL C 108 106.97 -25.75 -4.89
N ASP C 109 107.78 -26.52 -5.62
CA ASP C 109 107.31 -27.51 -6.57
C ASP C 109 106.69 -28.74 -5.92
N SER C 110 106.80 -28.88 -4.59
CA SER C 110 106.29 -30.06 -3.90
C SER C 110 105.35 -29.71 -2.76
N LEU C 111 104.81 -28.49 -2.71
CA LEU C 111 103.79 -28.14 -1.74
C LEU C 111 102.47 -28.80 -2.06
N VAL C 112 101.78 -29.26 -1.02
CA VAL C 112 100.39 -29.70 -1.11
C VAL C 112 99.61 -28.98 -0.04
N ILE C 113 98.36 -28.64 -0.36
CA ILE C 113 97.48 -27.92 0.55
C ILE C 113 97.00 -28.90 1.61
N GLU C 114 97.51 -28.79 2.84
CA GLU C 114 97.09 -29.77 3.84
C GLU C 114 96.14 -29.20 4.86
N HIS C 115 95.97 -27.89 4.91
CA HIS C 115 94.87 -27.36 5.69
C HIS C 115 94.32 -26.15 4.96
N ILE C 116 93.00 -26.06 4.87
CA ILE C 116 92.39 -24.80 4.46
C ILE C 116 91.09 -24.68 5.22
N GLN C 117 90.79 -23.49 5.71
CA GLN C 117 89.61 -23.29 6.54
C GLN C 117 89.07 -21.91 6.25
N VAL C 118 87.77 -21.85 6.01
CA VAL C 118 87.07 -20.61 5.70
C VAL C 118 86.09 -20.34 6.82
N ASN C 119 86.27 -19.23 7.53
CA ASN C 119 85.42 -18.83 8.65
C ASN C 119 84.62 -17.60 8.26
N LYS C 120 83.41 -17.51 8.81
CA LYS C 120 82.61 -16.31 8.65
C LYS C 120 83.29 -15.13 9.36
N ALA C 121 83.22 -13.97 8.74
CA ALA C 121 83.81 -12.75 9.24
C ALA C 121 82.70 -11.87 9.79
N PRO C 122 83.02 -10.75 10.46
CA PRO C 122 81.97 -9.80 10.82
C PRO C 122 81.30 -9.23 9.58
N LYS C 123 79.97 -9.32 9.56
CA LYS C 123 79.19 -8.88 8.42
C LYS C 123 79.22 -7.36 8.31
N MET C 124 79.06 -6.85 7.10
CA MET C 124 78.95 -5.42 6.87
C MET C 124 77.52 -5.06 6.49
N ARG C 125 77.07 -3.91 6.96
CA ARG C 125 75.66 -3.54 6.93
C ARG C 125 75.38 -2.55 5.82
N ARG C 126 74.41 -2.88 4.98
CA ARG C 126 73.82 -1.98 4.01
C ARG C 126 72.32 -2.13 4.09
N ARG C 127 71.60 -1.27 3.38
CA ARG C 127 70.15 -1.24 3.47
C ARG C 127 69.55 -1.49 2.10
N THR C 128 68.36 -2.08 2.09
CA THR C 128 67.54 -2.14 0.90
C THR C 128 66.12 -1.70 1.25
N TYR C 129 65.44 -1.12 0.27
CA TYR C 129 64.16 -0.48 0.48
C TYR C 129 63.06 -1.35 -0.09
N ARG C 130 62.04 -1.63 0.70
CA ARG C 130 61.00 -2.57 0.34
C ARG C 130 59.68 -1.83 0.17
N ALA C 131 58.66 -2.60 -0.17
CA ALA C 131 57.32 -2.05 -0.32
C ALA C 131 56.77 -1.62 1.03
N HIS C 132 55.83 -0.68 0.98
CA HIS C 132 55.10 -0.13 2.13
C HIS C 132 56.03 0.53 3.14
N GLY C 133 57.08 1.19 2.68
CA GLY C 133 57.95 1.96 3.54
C GLY C 133 58.77 1.18 4.52
N ARG C 134 59.25 0.00 4.16
CA ARG C 134 60.09 -0.79 5.04
C ARG C 134 61.54 -0.76 4.57
N ILE C 135 62.45 -0.98 5.50
CA ILE C 135 63.87 -1.09 5.21
C ILE C 135 64.34 -2.43 5.73
N ASN C 136 65.01 -3.18 4.88
CA ASN C 136 65.54 -4.49 5.23
C ASN C 136 67.06 -4.48 5.15
N PRO C 137 67.73 -5.36 5.88
CA PRO C 137 69.18 -5.44 5.79
C PRO C 137 69.66 -6.00 4.46
N TYR C 138 70.90 -5.66 4.11
CA TYR C 138 71.55 -6.08 2.89
C TYR C 138 72.99 -6.49 3.22
N MET C 139 73.11 -7.37 4.21
CA MET C 139 74.34 -7.86 4.80
C MET C 139 75.28 -8.46 3.75
N SER C 140 76.55 -8.13 3.89
CA SER C 140 77.58 -8.91 3.22
C SER C 140 77.98 -10.05 4.14
N SER C 141 78.53 -11.10 3.57
CA SER C 141 78.99 -12.26 4.33
C SER C 141 80.44 -12.54 3.98
N PRO C 142 81.37 -11.77 4.53
CA PRO C 142 82.79 -11.96 4.21
C PRO C 142 83.37 -13.13 4.98
N CYS C 143 84.62 -13.45 4.68
CA CYS C 143 85.24 -14.61 5.29
C CYS C 143 86.68 -14.34 5.64
N HIS C 144 87.09 -14.83 6.79
CA HIS C 144 88.50 -15.10 7.08
C HIS C 144 88.86 -16.39 6.39
N ILE C 145 90.03 -16.45 5.79
CA ILE C 145 90.49 -17.66 5.12
C ILE C 145 91.89 -17.94 5.64
N GLU C 146 92.14 -19.17 6.06
CA GLU C 146 93.49 -19.56 6.43
C GLU C 146 93.85 -20.81 5.65
N MET C 147 95.14 -20.98 5.38
CA MET C 147 95.62 -22.16 4.67
C MET C 147 97.06 -22.47 5.05
N ILE C 148 97.34 -23.77 5.10
CA ILE C 148 98.63 -24.34 5.47
C ILE C 148 99.01 -25.31 4.36
N LEU C 149 100.23 -25.17 3.86
CA LEU C 149 100.75 -26.00 2.78
C LEU C 149 102.05 -26.64 3.24
N THR C 150 102.17 -27.95 3.05
CA THR C 150 103.37 -28.67 3.48
C THR C 150 104.03 -29.31 2.29
N GLU C 151 105.33 -29.52 2.36
CA GLU C 151 106.00 -30.16 1.22
C GLU C 151 106.03 -31.67 1.40
N LYS C 152 105.86 -32.37 0.29
CA LYS C 152 105.70 -33.82 0.26
C LYS C 152 106.63 -34.37 -0.82
N GLU C 153 106.83 -35.69 -0.81
CA GLU C 153 107.55 -36.35 -1.88
C GLU C 153 106.76 -36.28 -3.20
N GLY D 1 48.42 -52.24 49.13
CA GLY D 1 47.26 -51.46 49.46
C GLY D 1 46.63 -51.79 50.79
N VAL D 2 46.57 -50.82 51.68
CA VAL D 2 45.96 -51.00 52.99
C VAL D 2 44.89 -49.93 53.11
N ASP D 3 43.71 -50.26 53.64
CA ASP D 3 42.64 -49.28 53.81
C ASP D 3 42.76 -48.66 55.21
N ILE D 4 43.69 -47.72 55.36
CA ILE D 4 43.88 -46.92 56.58
C ILE D 4 43.99 -45.46 56.14
N ARG D 5 43.44 -44.57 56.97
CA ARG D 5 43.55 -43.13 56.74
C ARG D 5 44.81 -42.60 57.41
N HIS D 6 45.54 -41.73 56.72
CA HIS D 6 46.76 -41.17 57.24
C HIS D 6 46.64 -39.69 57.61
N ASN D 7 45.43 -39.21 57.85
CA ASN D 7 45.26 -37.80 58.15
C ASN D 7 45.76 -37.45 59.55
N LYS D 8 45.62 -38.36 60.50
CA LYS D 8 45.97 -38.07 61.88
C LYS D 8 47.00 -39.03 62.44
N ASP D 9 47.92 -39.51 61.61
CA ASP D 9 49.01 -40.35 62.11
C ASP D 9 49.98 -39.53 62.95
N ARG D 10 50.38 -38.37 62.45
CA ARG D 10 51.33 -37.51 63.14
C ARG D 10 50.63 -36.77 64.27
N LYS D 11 51.05 -37.04 65.51
CA LYS D 11 50.51 -36.29 66.65
C LYS D 11 51.06 -34.88 66.66
N VAL D 12 50.26 -33.93 67.14
CA VAL D 12 50.57 -32.52 66.98
C VAL D 12 50.78 -32.09 68.44
N ARG D 13 51.54 -32.90 69.16
CA ARG D 13 51.92 -32.54 70.52
C ARG D 13 53.42 -32.24 70.56
N ARG D 14 53.78 -31.28 71.41
CA ARG D 14 55.15 -30.78 71.49
C ARG D 14 56.11 -31.83 72.06
N LYS D 15 57.22 -32.02 71.36
CA LYS D 15 58.31 -32.88 71.80
C LYS D 15 59.40 -32.15 72.55
N GLU D 16 59.52 -30.85 72.34
CA GLU D 16 60.56 -30.03 72.96
C GLU D 16 59.99 -28.62 73.13
N PRO D 17 60.59 -27.80 74.00
CA PRO D 17 60.19 -26.38 74.01
C PRO D 17 60.59 -25.71 72.72
N LYS D 18 59.73 -24.84 72.21
CA LYS D 18 60.09 -24.04 71.05
C LYS D 18 61.10 -22.96 71.42
N SER D 19 61.21 -22.64 72.70
CA SER D 19 62.17 -21.67 73.18
C SER D 19 63.59 -22.20 73.07
N GLN D 20 64.49 -21.33 72.61
CA GLN D 20 65.91 -21.59 72.56
C GLN D 20 66.62 -21.13 73.84
N ASP D 21 65.85 -20.80 74.88
CA ASP D 21 66.40 -20.49 76.19
C ASP D 21 67.22 -21.64 76.72
N ILE D 22 68.49 -21.37 77.01
CA ILE D 22 69.36 -22.43 77.47
C ILE D 22 69.09 -22.81 78.92
N TYR D 23 68.56 -21.90 79.72
CA TYR D 23 68.23 -22.23 81.10
C TYR D 23 67.00 -23.15 81.18
N LEU D 24 65.96 -22.80 80.42
CA LEU D 24 64.80 -23.67 80.26
C LEU D 24 65.17 -24.98 79.59
N ARG D 25 66.13 -24.97 78.65
CA ARG D 25 66.56 -26.21 78.05
C ARG D 25 67.37 -27.10 78.97
N LEU D 26 68.16 -26.52 79.88
CA LEU D 26 68.80 -27.33 80.91
C LEU D 26 67.80 -27.88 81.90
N LEU D 27 66.74 -27.12 82.21
CA LEU D 27 65.66 -27.66 83.02
C LEU D 27 64.94 -28.82 82.32
N VAL D 28 64.69 -28.67 81.02
CA VAL D 28 64.09 -29.74 80.22
C VAL D 28 65.02 -30.94 80.14
N LYS D 29 66.34 -30.71 80.09
CA LYS D 29 67.30 -31.81 80.10
C LYS D 29 67.29 -32.55 81.43
N LEU D 30 67.09 -31.83 82.54
CA LEU D 30 66.92 -32.49 83.83
C LEU D 30 65.62 -33.30 83.87
N TYR D 31 64.52 -32.71 83.43
CA TYR D 31 63.23 -33.37 83.64
C TYR D 31 62.88 -34.36 82.55
N ARG D 32 63.61 -34.40 81.44
CA ARG D 32 63.54 -35.53 80.53
C ARG D 32 64.09 -36.78 81.20
N PHE D 33 65.23 -36.65 81.86
CA PHE D 33 65.82 -37.74 82.62
C PHE D 33 64.93 -38.16 83.77
N LEU D 34 64.35 -37.18 84.48
CA LEU D 34 63.49 -37.52 85.61
C LEU D 34 62.19 -38.19 85.15
N ALA D 35 61.54 -37.63 84.12
CA ALA D 35 60.27 -38.17 83.64
C ALA D 35 60.44 -39.51 82.94
N ARG D 36 61.65 -39.81 82.46
CA ARG D 36 61.91 -41.11 81.88
C ARG D 36 62.34 -42.15 82.91
N ARG D 37 63.26 -41.81 83.81
CA ARG D 37 63.88 -42.76 84.70
C ARG D 37 63.24 -42.80 86.07
N THR D 38 62.12 -42.11 86.27
CA THR D 38 61.35 -42.28 87.48
C THR D 38 59.99 -42.86 87.14
N ASN D 39 59.30 -43.37 88.16
CA ASN D 39 57.94 -43.86 88.00
C ASN D 39 56.90 -42.78 88.24
N SER D 40 57.32 -41.55 88.51
CA SER D 40 56.39 -40.48 88.87
C SER D 40 55.78 -39.84 87.63
N THR D 41 54.45 -39.68 87.66
CA THR D 41 53.71 -39.02 86.60
C THR D 41 53.74 -37.50 86.77
N PHE D 42 54.04 -37.03 87.99
CA PHE D 42 54.28 -35.61 88.23
C PHE D 42 55.40 -35.09 87.35
N ASN D 43 56.48 -35.87 87.21
CA ASN D 43 57.61 -35.45 86.40
C ASN D 43 57.23 -35.39 84.93
N GLN D 44 56.32 -36.26 84.49
CA GLN D 44 55.83 -36.20 83.11
C GLN D 44 54.99 -34.96 82.87
N VAL D 45 54.12 -34.62 83.82
CA VAL D 45 53.29 -33.43 83.69
C VAL D 45 54.14 -32.17 83.76
N VAL D 46 55.18 -32.17 84.60
CA VAL D 46 56.13 -31.07 84.66
C VAL D 46 56.88 -30.91 83.35
N LEU D 47 57.34 -32.01 82.75
CA LEU D 47 58.09 -31.91 81.49
C LEU D 47 57.20 -31.44 80.33
N LYS D 48 55.97 -31.96 80.25
CA LYS D 48 55.07 -31.51 79.21
C LYS D 48 54.62 -30.07 79.43
N ARG D 49 54.58 -29.61 80.69
CA ARG D 49 54.27 -28.21 80.94
C ARG D 49 55.46 -27.30 80.69
N LEU D 50 56.68 -27.79 80.88
CA LEU D 50 57.87 -27.07 80.46
C LEU D 50 57.93 -26.90 78.96
N PHE D 51 57.31 -27.81 78.21
CA PHE D 51 57.26 -27.67 76.76
C PHE D 51 56.41 -26.50 76.26
N MET D 52 55.41 -26.05 77.00
CA MET D 52 54.29 -25.35 76.39
C MET D 52 54.63 -23.91 76.05
N SER D 53 53.68 -23.24 75.39
CA SER D 53 53.85 -21.85 75.03
C SER D 53 53.55 -20.98 76.26
N ARG D 54 53.76 -19.67 76.13
CA ARG D 54 53.49 -18.77 77.25
C ARG D 54 52.00 -18.68 77.54
N THR D 55 51.19 -18.78 76.50
CA THR D 55 49.74 -18.74 76.65
C THR D 55 49.19 -19.99 77.32
N ASN D 56 49.81 -21.14 77.08
CA ASN D 56 49.46 -22.38 77.74
C ASN D 56 50.17 -22.55 79.08
N ARG D 57 50.95 -21.55 79.48
CA ARG D 57 51.48 -21.45 80.84
C ARG D 57 51.07 -20.08 81.38
N PRO D 58 49.80 -19.89 81.72
CA PRO D 58 49.37 -18.60 82.23
C PRO D 58 49.89 -18.37 83.64
N PRO D 59 50.12 -17.13 84.04
CA PRO D 59 50.71 -16.86 85.36
C PRO D 59 49.77 -17.22 86.48
N LEU D 60 50.36 -17.52 87.62
CA LEU D 60 49.61 -17.86 88.81
C LEU D 60 49.71 -16.72 89.81
N SER D 61 48.57 -16.14 90.16
CA SER D 61 48.61 -15.04 91.12
C SER D 61 48.75 -15.60 92.54
N LEU D 62 49.20 -14.70 93.43
CA LEU D 62 49.40 -15.08 94.82
C LEU D 62 48.11 -15.53 95.47
N SER D 63 47.00 -14.84 95.22
CA SER D 63 45.76 -15.14 95.92
C SER D 63 45.18 -16.48 95.51
N ARG D 64 45.24 -16.79 94.21
CA ARG D 64 44.86 -18.11 93.73
C ARG D 64 45.71 -19.20 94.34
N MET D 65 47.02 -18.98 94.42
CA MET D 65 47.89 -19.93 95.08
C MET D 65 47.64 -20.02 96.59
N ILE D 66 47.27 -18.91 97.24
CA ILE D 66 46.87 -18.91 98.64
C ILE D 66 45.67 -19.82 98.86
N ARG D 67 44.62 -19.63 98.06
CA ARG D 67 43.41 -20.40 98.28
C ARG D 67 43.54 -21.85 97.85
N LYS D 68 44.37 -22.15 96.86
CA LYS D 68 44.56 -23.54 96.51
C LYS D 68 45.43 -24.29 97.51
N MET D 69 46.39 -23.66 98.17
CA MET D 69 47.04 -24.34 99.29
C MET D 69 46.27 -24.20 100.60
N LYS D 70 45.23 -23.39 100.63
CA LYS D 70 44.43 -23.24 101.83
C LYS D 70 43.51 -24.42 102.10
N LEU D 71 43.29 -25.29 101.11
CA LEU D 71 42.30 -26.36 101.21
C LEU D 71 42.72 -27.38 102.26
N PRO D 72 41.77 -28.05 102.91
CA PRO D 72 42.12 -28.94 104.03
C PRO D 72 42.89 -30.17 103.58
N GLY D 73 44.05 -30.36 104.18
CA GLY D 73 44.93 -31.46 103.86
C GLY D 73 46.16 -31.08 103.07
N ARG D 74 46.42 -29.80 102.83
CA ARG D 74 47.52 -29.37 101.99
C ARG D 74 48.55 -28.54 102.76
N GLU D 75 48.77 -28.86 104.03
CA GLU D 75 49.72 -28.17 104.87
C GLU D 75 51.12 -28.74 104.68
N ASN D 76 52.12 -27.93 105.07
CA ASN D 76 53.58 -28.21 105.00
C ASN D 76 54.02 -28.80 103.66
N LYS D 77 53.58 -28.20 102.56
CA LYS D 77 53.57 -28.85 101.25
C LYS D 77 53.80 -27.81 100.17
N THR D 78 54.45 -28.19 99.07
CA THR D 78 55.05 -27.22 98.16
C THR D 78 54.13 -26.91 96.98
N ALA D 79 53.92 -25.63 96.73
CA ALA D 79 53.17 -25.18 95.56
C ALA D 79 54.12 -25.19 94.39
N VAL D 80 53.75 -25.86 93.30
CA VAL D 80 54.59 -25.93 92.11
C VAL D 80 53.79 -25.39 90.94
N VAL D 81 54.34 -24.39 90.26
CA VAL D 81 53.79 -23.89 89.01
C VAL D 81 54.91 -23.82 87.98
N VAL D 82 54.58 -24.02 86.72
CA VAL D 82 55.56 -24.14 85.65
C VAL D 82 55.35 -22.86 84.83
N GLY D 83 54.99 -21.78 85.54
CA GLY D 83 54.82 -20.49 84.92
C GLY D 83 55.33 -19.37 85.79
N THR D 84 54.58 -18.29 85.86
CA THR D 84 54.96 -17.12 86.63
C THR D 84 54.11 -17.02 87.89
N VAL D 85 54.76 -16.81 89.03
CA VAL D 85 54.07 -16.39 90.25
C VAL D 85 54.07 -14.87 90.24
N THR D 86 52.92 -14.28 90.00
CA THR D 86 52.80 -12.82 90.04
C THR D 86 52.17 -12.38 91.37
N ASP D 87 52.42 -11.12 91.70
CA ASP D 87 51.87 -10.48 92.88
C ASP D 87 50.39 -10.20 92.69
N ASP D 88 49.65 -10.21 93.79
CA ASP D 88 48.27 -9.78 93.79
C ASP D 88 48.09 -8.76 94.91
N VAL D 89 47.67 -7.55 94.54
CA VAL D 89 47.73 -6.42 95.46
C VAL D 89 46.46 -6.34 96.31
N ARG D 90 45.41 -7.05 95.89
CA ARG D 90 44.19 -7.22 96.68
C ARG D 90 44.28 -8.40 97.65
N VAL D 91 45.40 -8.49 98.35
CA VAL D 91 45.72 -9.56 99.29
C VAL D 91 46.33 -8.88 100.49
N GLN D 92 45.74 -9.07 101.67
CA GLN D 92 46.22 -8.33 102.82
C GLN D 92 47.17 -9.16 103.68
N GLU D 93 46.95 -10.46 103.76
CA GLU D 93 47.79 -11.33 104.57
C GLU D 93 48.29 -12.49 103.72
N VAL D 94 49.61 -12.73 103.78
CA VAL D 94 50.27 -13.77 103.01
C VAL D 94 50.85 -14.78 104.02
N PRO D 95 50.31 -15.98 104.10
CA PRO D 95 50.87 -16.98 105.02
C PRO D 95 52.15 -17.61 104.49
N LYS D 96 52.73 -18.53 105.26
CA LYS D 96 54.00 -19.15 104.91
C LYS D 96 53.78 -20.14 103.77
N LEU D 97 54.52 -19.94 102.69
CA LEU D 97 54.43 -20.72 101.45
C LEU D 97 55.79 -21.22 101.02
N LYS D 98 55.84 -22.49 100.65
CA LYS D 98 57.04 -23.07 100.03
C LYS D 98 56.70 -23.22 98.55
N VAL D 99 57.32 -22.42 97.70
CA VAL D 99 56.92 -22.29 96.30
C VAL D 99 58.08 -22.67 95.40
N CYS D 100 57.78 -23.44 94.36
CA CYS D 100 58.70 -23.62 93.24
C CYS D 100 58.04 -23.09 91.97
N ALA D 101 58.80 -22.32 91.20
CA ALA D 101 58.28 -21.73 89.97
C ALA D 101 59.40 -21.45 89.00
N LEU D 102 59.01 -21.21 87.74
CA LEU D 102 59.95 -20.74 86.74
C LEU D 102 60.38 -19.30 87.00
N ARG D 103 59.42 -18.38 87.03
CA ARG D 103 59.68 -16.99 87.38
C ARG D 103 58.77 -16.58 88.51
N VAL D 104 59.32 -15.84 89.47
CA VAL D 104 58.51 -15.15 90.46
C VAL D 104 58.75 -13.67 90.26
N THR D 105 57.66 -12.89 90.21
CA THR D 105 57.79 -11.45 90.07
C THR D 105 58.35 -10.85 91.35
N SER D 106 58.97 -9.68 91.20
CA SER D 106 59.86 -9.14 92.22
C SER D 106 59.11 -8.80 93.50
N ARG D 107 57.91 -8.26 93.40
CA ARG D 107 57.12 -7.98 94.59
C ARG D 107 56.53 -9.23 95.21
N ALA D 108 56.22 -10.24 94.40
CA ALA D 108 55.80 -11.53 94.95
C ALA D 108 56.92 -12.19 95.73
N ARG D 109 58.18 -12.08 95.25
CA ARG D 109 59.31 -12.57 96.03
C ARG D 109 59.44 -11.86 97.35
N SER D 110 59.25 -10.53 97.35
CA SER D 110 59.33 -9.76 98.58
C SER D 110 58.25 -10.16 99.56
N ARG D 111 57.03 -10.37 99.06
CA ARG D 111 55.92 -10.72 99.94
C ARG D 111 56.08 -12.13 100.51
N ILE D 112 56.49 -13.09 99.68
CA ILE D 112 56.66 -14.46 100.16
C ILE D 112 57.84 -14.56 101.12
N LEU D 113 58.95 -13.90 100.81
CA LEU D 113 60.13 -13.98 101.67
C LEU D 113 59.98 -13.18 102.95
N LYS D 114 59.23 -12.08 102.94
CA LYS D 114 58.89 -11.38 104.17
C LYS D 114 57.82 -12.12 104.96
N ALA D 115 57.08 -13.03 104.32
CA ALA D 115 56.13 -13.87 105.01
C ALA D 115 56.78 -15.06 105.69
N GLY D 116 58.08 -15.22 105.57
CA GLY D 116 58.76 -16.36 106.12
C GLY D 116 58.75 -17.59 105.25
N GLY D 117 58.44 -17.42 103.95
CA GLY D 117 58.41 -18.55 103.05
C GLY D 117 59.72 -18.78 102.31
N LYS D 118 59.71 -19.82 101.48
CA LYS D 118 60.86 -20.19 100.66
C LYS D 118 60.43 -20.18 99.19
N ILE D 119 61.29 -19.64 98.33
CA ILE D 119 61.08 -19.72 96.89
C ILE D 119 62.12 -20.67 96.34
N LEU D 120 61.67 -21.74 95.70
CA LEU D 120 62.53 -22.71 95.07
C LEU D 120 62.49 -22.51 93.56
N THR D 121 63.54 -22.95 92.89
CA THR D 121 63.50 -23.18 91.46
C THR D 121 63.49 -24.67 91.18
N PHE D 122 63.28 -25.03 89.92
CA PHE D 122 63.00 -26.42 89.57
C PHE D 122 64.19 -27.35 89.75
N ASP D 123 65.42 -26.87 89.59
CA ASP D 123 66.58 -27.68 89.92
C ASP D 123 66.69 -27.98 91.42
N GLN D 124 66.27 -27.05 92.27
CA GLN D 124 66.15 -27.28 93.71
C GLN D 124 64.98 -28.17 94.04
N LEU D 125 63.88 -28.08 93.29
CA LEU D 125 62.73 -28.96 93.49
C LEU D 125 63.10 -30.40 93.17
N ALA D 126 63.90 -30.60 92.12
CA ALA D 126 64.34 -31.93 91.75
C ALA D 126 65.23 -32.54 92.83
N LEU D 127 66.07 -31.75 93.49
CA LEU D 127 66.89 -32.28 94.57
C LEU D 127 66.13 -32.45 95.87
N ASP D 128 65.07 -31.66 96.08
CA ASP D 128 64.25 -31.82 97.28
C ASP D 128 63.35 -33.04 97.16
N SER D 129 62.46 -33.04 96.16
CA SER D 129 61.58 -34.16 95.86
C SER D 129 61.87 -34.61 94.43
N PRO D 130 62.60 -35.70 94.25
CA PRO D 130 62.88 -36.18 92.88
C PRO D 130 61.68 -36.78 92.18
N LYS D 131 60.62 -37.12 92.89
CA LYS D 131 59.39 -37.62 92.29
C LYS D 131 58.22 -36.67 92.53
N GLY D 132 58.48 -35.49 93.09
CA GLY D 132 57.42 -34.56 93.39
C GLY D 132 56.48 -35.00 94.48
N ARG D 133 57.00 -35.65 95.52
CA ARG D 133 56.19 -35.94 96.69
C ARG D 133 56.02 -34.69 97.53
N GLY D 134 54.86 -34.56 98.16
CA GLY D 134 54.53 -33.37 98.90
C GLY D 134 54.35 -32.14 98.04
N THR D 135 53.80 -32.28 96.83
CA THR D 135 53.61 -31.21 95.88
C THR D 135 52.14 -30.97 95.63
N VAL D 136 51.79 -29.73 95.32
CA VAL D 136 50.51 -29.36 94.72
C VAL D 136 50.84 -28.66 93.43
N LEU D 137 50.63 -29.34 92.31
CA LEU D 137 50.80 -28.70 91.01
C LEU D 137 49.61 -27.80 90.72
N LEU D 138 49.89 -26.57 90.31
CA LEU D 138 48.86 -25.56 90.09
C LEU D 138 49.02 -24.95 88.71
N SER D 139 47.95 -24.35 88.23
CA SER D 139 47.98 -23.61 86.98
C SER D 139 47.24 -22.30 87.13
N GLY D 140 47.60 -21.33 86.30
CA GLY D 140 46.84 -20.12 86.18
C GLY D 140 45.62 -20.36 85.32
N PRO D 141 44.71 -19.38 85.26
CA PRO D 141 43.53 -19.53 84.42
C PRO D 141 43.87 -19.54 82.94
N ARG D 142 43.68 -20.68 82.29
CA ARG D 142 44.10 -20.78 80.90
C ARG D 142 43.12 -20.13 79.93
N LYS D 143 41.93 -19.76 80.41
CA LYS D 143 40.99 -18.95 79.64
C LYS D 143 41.01 -17.50 80.08
N GLY D 144 42.03 -17.11 80.85
CA GLY D 144 42.06 -15.77 81.40
C GLY D 144 42.39 -14.69 80.40
N ARG D 145 43.03 -15.06 79.29
CA ARG D 145 43.35 -14.09 78.25
C ARG D 145 42.06 -13.61 77.58
N GLU D 146 42.11 -12.39 77.06
CA GLU D 146 40.93 -11.76 76.49
C GLU D 146 40.54 -12.31 75.14
N VAL D 147 41.36 -13.19 74.55
CA VAL D 147 41.00 -13.80 73.27
C VAL D 147 39.81 -14.73 73.43
N TYR D 148 39.64 -15.32 74.61
CA TYR D 148 38.58 -16.30 74.77
C TYR D 148 37.21 -15.66 74.89
N ARG D 149 37.13 -14.40 75.28
CA ARG D 149 35.90 -13.65 75.18
C ARG D 149 35.49 -13.43 73.73
N HIS D 150 36.45 -13.33 72.83
CA HIS D 150 36.16 -13.31 71.40
C HIS D 150 35.92 -14.69 70.84
N PHE D 151 36.30 -15.73 71.55
CA PHE D 151 36.14 -17.09 71.06
C PHE D 151 34.81 -17.67 71.51
N GLY D 152 34.19 -18.47 70.63
CA GLY D 152 32.93 -19.13 70.93
C GLY D 152 32.00 -19.10 69.73
N LYS D 153 30.70 -19.05 70.02
CA LYS D 153 29.71 -18.84 68.97
C LYS D 153 29.85 -17.44 68.42
N ALA D 154 29.49 -17.29 67.16
CA ALA D 154 29.63 -16.00 66.51
C ALA D 154 28.65 -14.99 67.11
N PRO D 155 29.10 -13.78 67.43
CA PRO D 155 28.17 -12.77 67.94
C PRO D 155 27.26 -12.26 66.84
N GLY D 156 25.98 -12.53 66.90
CA GLY D 156 25.13 -12.29 65.75
C GLY D 156 24.31 -13.52 65.47
N THR D 157 24.45 -14.49 66.36
CA THR D 157 23.66 -15.69 66.45
C THR D 157 22.96 -15.66 67.81
N PRO D 158 21.81 -16.32 67.95
CA PRO D 158 21.07 -16.26 69.22
C PRO D 158 21.83 -16.89 70.37
N HIS D 159 21.75 -16.22 71.52
CA HIS D 159 22.33 -16.65 72.80
C HIS D 159 23.84 -16.85 72.68
N SER D 160 24.50 -15.84 72.11
CA SER D 160 25.94 -15.84 71.86
C SER D 160 26.53 -14.64 72.56
N HIS D 161 27.10 -14.87 73.75
CA HIS D 161 27.68 -13.78 74.54
C HIS D 161 29.17 -13.62 74.25
N THR D 162 29.47 -13.46 72.98
CA THR D 162 30.82 -13.33 72.50
C THR D 162 31.14 -11.87 72.20
N LYS D 163 32.25 -11.40 72.73
CA LYS D 163 32.69 -10.04 72.46
C LYS D 163 33.08 -9.91 71.00
N PRO D 164 32.55 -8.93 70.29
CA PRO D 164 32.98 -8.69 68.92
C PRO D 164 34.27 -7.88 68.86
N TYR D 165 34.80 -7.80 67.64
CA TYR D 165 35.99 -7.00 67.39
C TYR D 165 35.55 -5.62 66.93
N VAL D 166 35.76 -4.62 67.79
CA VAL D 166 35.41 -3.24 67.53
C VAL D 166 36.67 -2.38 67.57
N ARG D 167 36.73 -1.38 66.70
CA ARG D 167 37.81 -0.42 66.77
C ARG D 167 37.72 0.43 68.02
N SER D 168 36.51 0.81 68.41
CA SER D 168 36.20 1.61 69.59
C SER D 168 34.84 1.17 70.10
N LYS D 169 34.54 1.48 71.35
CA LYS D 169 33.22 1.17 71.88
C LYS D 169 32.50 2.47 72.19
N GLY D 170 31.22 2.51 71.84
CA GLY D 170 30.42 3.72 72.00
C GLY D 170 29.05 3.48 71.41
N ARG D 171 28.24 4.55 71.43
CA ARG D 171 26.85 4.43 70.98
C ARG D 171 26.73 4.24 69.49
N LYS D 172 27.74 4.62 68.68
CA LYS D 172 27.64 4.41 67.26
C LYS D 172 28.57 3.30 66.79
N PHE D 173 29.00 2.44 67.69
CA PHE D 173 29.93 1.36 67.37
C PHE D 173 29.25 0.05 67.74
N GLU D 174 28.59 -0.54 66.74
CA GLU D 174 28.07 -1.89 66.75
C GLU D 174 26.99 -2.05 67.85
N ARG D 175 25.97 -1.21 67.73
CA ARG D 175 24.90 -1.26 68.72
C ARG D 175 23.50 -1.20 68.13
N ALA D 176 23.35 -1.08 66.81
CA ALA D 176 22.07 -0.67 66.25
C ALA D 176 21.25 -1.82 65.68
N ARG D 177 21.65 -2.43 64.57
CA ARG D 177 20.72 -3.25 63.79
C ARG D 177 20.46 -4.61 64.42
N GLY D 178 21.48 -5.42 64.58
CA GLY D 178 21.25 -6.76 65.09
C GLY D 178 21.18 -6.83 66.59
N ARG D 179 21.19 -5.68 67.27
CA ARG D 179 21.28 -5.67 68.72
C ARG D 179 20.11 -4.98 69.41
N ARG D 180 19.21 -4.34 68.69
CA ARG D 180 17.99 -3.80 69.25
C ARG D 180 16.79 -4.33 68.47
N ALA D 181 15.71 -4.62 69.19
CA ALA D 181 14.46 -5.01 68.55
C ALA D 181 13.86 -3.88 67.73
N SER D 182 14.09 -2.63 68.12
CA SER D 182 13.59 -1.50 67.37
C SER D 182 14.28 -1.34 66.02
N ARG D 183 15.56 -1.69 65.91
CA ARG D 183 16.32 -1.47 64.67
C ARG D 183 16.39 -2.75 63.85
N GLY D 184 15.22 -3.28 63.50
CA GLY D 184 15.20 -4.52 62.75
C GLY D 184 15.00 -5.78 63.57
N TYR D 185 16.00 -6.23 64.32
CA TYR D 185 15.88 -7.52 65.03
C TYR D 185 16.88 -7.56 66.18
N LYS D 186 16.60 -8.45 67.13
CA LYS D 186 17.51 -8.68 68.25
C LYS D 186 17.79 -10.17 68.40
N ASN D 187 19.07 -10.50 68.54
CA ASN D 187 19.46 -11.88 68.79
C ASN D 187 19.69 -12.15 70.27
N SER E 1 93.23 11.13 -21.05
CA SER E 1 93.02 11.08 -19.62
C SER E 1 91.53 10.94 -19.29
N MET E 2 90.92 12.06 -18.88
CA MET E 2 89.47 12.20 -18.75
C MET E 2 89.15 13.63 -19.14
N LEU E 3 88.61 13.81 -20.34
CA LEU E 3 88.52 15.12 -20.97
C LEU E 3 87.14 15.76 -20.86
N ARG E 4 86.41 15.46 -19.78
CA ARG E 4 85.08 16.03 -19.61
C ARG E 4 85.16 17.54 -19.39
N LEU E 5 86.15 17.98 -18.62
CA LEU E 5 86.39 19.42 -18.43
C LEU E 5 86.73 20.09 -19.74
N GLN E 6 87.58 19.49 -20.55
CA GLN E 6 87.98 20.08 -21.82
C GLN E 6 86.84 20.13 -22.82
N LYS E 7 85.97 19.12 -22.83
CA LYS E 7 84.78 19.17 -23.68
C LYS E 7 83.81 20.26 -23.23
N ARG E 8 83.60 20.42 -21.93
CA ARG E 8 82.74 21.48 -21.41
C ARG E 8 83.29 22.86 -21.72
N LEU E 9 84.59 23.07 -21.53
CA LEU E 9 85.20 24.36 -21.83
C LEU E 9 85.26 24.61 -23.32
N ALA E 10 85.39 23.56 -24.13
CA ALA E 10 85.37 23.73 -25.58
C ALA E 10 84.00 24.15 -26.07
N SER E 11 82.93 23.56 -25.52
CA SER E 11 81.59 24.01 -25.89
C SER E 11 81.30 25.42 -25.41
N SER E 12 81.78 25.79 -24.21
CA SER E 12 81.58 27.15 -23.72
C SER E 12 82.36 28.18 -24.54
N VAL E 13 83.56 27.83 -25.01
CA VAL E 13 84.30 28.76 -25.85
C VAL E 13 83.69 28.85 -27.24
N LEU E 14 83.41 27.71 -27.86
CA LEU E 14 82.95 27.68 -29.24
C LEU E 14 81.48 28.07 -29.39
N ARG E 15 80.75 28.22 -28.28
CA ARG E 15 79.32 28.61 -28.26
C ARG E 15 78.48 27.60 -29.04
N CYS E 16 78.89 26.34 -28.95
CA CYS E 16 78.24 25.23 -29.62
C CYS E 16 77.89 24.20 -28.55
N GLY E 17 77.48 23.03 -29.00
CA GLY E 17 77.13 21.95 -28.09
C GLY E 17 78.27 20.99 -27.88
N LYS E 18 78.13 20.16 -26.84
CA LYS E 18 79.07 19.06 -26.65
C LYS E 18 78.88 17.98 -27.71
N LYS E 19 77.75 17.99 -28.43
CA LYS E 19 77.63 17.22 -29.66
C LYS E 19 78.67 17.64 -30.68
N LYS E 20 78.86 18.94 -30.87
CA LYS E 20 79.70 19.44 -31.93
C LYS E 20 81.14 19.65 -31.50
N VAL E 21 81.44 19.53 -30.21
CA VAL E 21 82.84 19.52 -29.79
C VAL E 21 83.52 18.26 -30.31
N TRP E 22 84.61 18.43 -31.06
CA TRP E 22 85.46 17.33 -31.50
C TRP E 22 86.83 17.49 -30.89
N LEU E 23 87.14 16.66 -29.89
CA LEU E 23 88.47 16.60 -29.30
C LEU E 23 89.27 15.56 -30.05
N ASP E 24 90.48 15.93 -30.48
CA ASP E 24 91.32 15.04 -31.28
C ASP E 24 91.76 13.84 -30.43
N PRO E 25 91.42 12.61 -30.83
CA PRO E 25 91.81 11.45 -30.01
C PRO E 25 93.28 11.10 -30.12
N ASN E 26 94.00 11.69 -31.07
CA ASN E 26 95.43 11.45 -31.16
C ASN E 26 96.21 12.37 -30.23
N GLU E 27 95.74 13.60 -30.05
CA GLU E 27 96.36 14.51 -29.09
C GLU E 27 95.61 14.51 -27.77
N THR E 28 95.37 13.33 -27.20
CA THR E 28 94.55 13.22 -25.99
C THR E 28 95.27 13.81 -24.79
N ASN E 29 96.55 13.48 -24.61
CA ASN E 29 97.34 14.06 -23.54
C ASN E 29 97.60 15.55 -23.75
N GLU E 30 97.72 16.00 -25.00
CA GLU E 30 97.94 17.41 -25.26
C GLU E 30 96.68 18.24 -25.06
N ILE E 31 95.51 17.60 -25.09
CA ILE E 31 94.28 18.27 -24.65
C ILE E 31 94.13 18.11 -23.13
N ALA E 32 94.71 17.06 -22.55
CA ALA E 32 94.53 16.74 -21.14
C ALA E 32 95.23 17.70 -20.20
N ASN E 33 96.15 18.53 -20.68
CA ASN E 33 96.79 19.52 -19.84
C ASN E 33 96.33 20.95 -20.15
N ALA E 34 95.04 21.11 -20.46
CA ALA E 34 94.51 22.41 -20.86
C ALA E 34 94.11 23.28 -19.69
N ASN E 35 93.18 22.81 -18.84
CA ASN E 35 92.90 23.32 -17.48
C ASN E 35 92.23 24.71 -17.53
N SER E 36 92.22 25.38 -18.69
CA SER E 36 91.75 26.75 -18.76
C SER E 36 91.12 27.01 -20.12
N ARG E 37 90.17 27.95 -20.14
CA ARG E 37 89.55 28.36 -21.40
C ARG E 37 90.53 29.04 -22.34
N GLN E 38 91.55 29.70 -21.79
CA GLN E 38 92.59 30.30 -22.62
C GLN E 38 93.38 29.23 -23.37
N GLN E 39 93.82 28.19 -22.67
CA GLN E 39 94.54 27.12 -23.37
C GLN E 39 93.61 26.28 -24.25
N ILE E 40 92.32 26.19 -23.91
CA ILE E 40 91.34 25.62 -24.84
C ILE E 40 91.26 26.45 -26.13
N ARG E 41 91.37 27.78 -26.01
CA ARG E 41 91.40 28.63 -27.19
C ARG E 41 92.66 28.45 -28.02
N LYS E 42 93.80 28.23 -27.37
CA LYS E 42 95.00 27.89 -28.16
C LYS E 42 94.85 26.56 -28.87
N LEU E 43 94.18 25.58 -28.26
CA LEU E 43 93.95 24.31 -28.94
C LEU E 43 92.94 24.43 -30.08
N ILE E 44 91.94 25.31 -29.95
CA ILE E 44 91.01 25.56 -31.04
C ILE E 44 91.70 26.28 -32.19
N LYS E 45 92.63 27.20 -31.88
CA LYS E 45 93.48 27.79 -32.91
C LYS E 45 94.37 26.75 -33.57
N ASP E 46 94.90 25.81 -32.80
CA ASP E 46 95.77 24.78 -33.35
C ASP E 46 95.00 23.71 -34.10
N GLY E 47 93.68 23.66 -33.93
CA GLY E 47 92.89 22.66 -34.60
C GLY E 47 92.85 21.33 -33.91
N LEU E 48 93.38 21.23 -32.69
CA LEU E 48 93.19 20.03 -31.89
C LEU E 48 91.76 19.89 -31.41
N ILE E 49 91.04 21.01 -31.30
CA ILE E 49 89.62 21.03 -30.99
C ILE E 49 88.91 21.72 -32.15
N ILE E 50 87.92 21.03 -32.73
CA ILE E 50 87.16 21.56 -33.86
C ILE E 50 85.68 21.45 -33.52
N ARG E 51 84.93 22.49 -33.88
CA ARG E 51 83.48 22.46 -33.88
C ARG E 51 83.01 21.59 -35.03
N LYS E 52 82.24 20.53 -34.73
CA LYS E 52 81.67 19.71 -35.78
C LYS E 52 80.53 20.46 -36.46
N PRO E 53 80.36 20.27 -37.77
CA PRO E 53 79.25 20.92 -38.46
C PRO E 53 77.91 20.29 -38.11
N VAL E 54 76.85 20.98 -38.50
CA VAL E 54 75.48 20.57 -38.18
C VAL E 54 75.11 19.35 -39.01
N THR E 55 74.45 18.37 -38.37
CA THR E 55 73.86 17.25 -39.09
C THR E 55 72.84 17.77 -40.08
N VAL E 56 73.00 17.38 -41.35
CA VAL E 56 72.26 18.00 -42.43
C VAL E 56 70.80 17.56 -42.39
N HIS E 57 69.91 18.52 -42.18
CA HIS E 57 68.47 18.33 -42.34
C HIS E 57 68.07 19.12 -43.56
N SER E 58 68.10 18.46 -44.71
CA SER E 58 67.73 19.09 -45.96
C SER E 58 66.23 19.32 -46.00
N ARG E 59 65.82 20.39 -46.68
CA ARG E 59 64.42 20.71 -46.88
C ARG E 59 64.00 20.46 -48.31
N ALA E 60 64.87 19.80 -49.07
CA ALA E 60 64.68 19.65 -50.50
C ALA E 60 63.46 18.79 -50.82
N ARG E 61 63.19 17.76 -49.99
CA ARG E 61 61.98 16.95 -50.13
C ARG E 61 60.71 17.77 -49.94
N CYS E 62 60.72 18.69 -48.96
CA CYS E 62 59.67 19.68 -48.84
C CYS E 62 59.58 20.59 -50.06
N ARG E 63 60.73 20.98 -50.63
CA ARG E 63 60.67 21.90 -51.76
C ARG E 63 60.02 21.26 -52.98
N LYS E 64 60.41 20.01 -53.30
CA LYS E 64 59.73 19.32 -54.40
C LYS E 64 58.27 19.01 -54.10
N ASN E 65 57.93 18.58 -52.88
CA ASN E 65 56.54 18.34 -52.57
C ASN E 65 55.68 19.59 -52.54
N THR E 66 56.22 20.72 -52.09
CA THR E 66 55.48 21.97 -52.16
C THR E 66 55.34 22.49 -53.58
N LEU E 67 56.33 22.23 -54.45
CA LEU E 67 56.13 22.55 -55.85
C LEU E 67 55.04 21.70 -56.48
N ALA E 68 54.99 20.40 -56.14
CA ALA E 68 53.93 19.54 -56.65
C ALA E 68 52.56 19.97 -56.11
N ARG E 69 52.51 20.34 -54.83
CA ARG E 69 51.26 20.84 -54.25
C ARG E 69 50.83 22.16 -54.85
N ARG E 70 51.80 23.01 -55.21
CA ARG E 70 51.50 24.23 -55.94
C ARG E 70 50.90 23.94 -57.30
N LYS E 71 51.40 22.92 -57.99
CA LYS E 71 50.79 22.46 -59.21
C LYS E 71 49.46 21.73 -58.98
N GLY E 72 49.16 21.33 -57.75
CA GLY E 72 47.86 20.81 -57.40
C GLY E 72 47.84 19.38 -56.89
N ARG E 73 48.93 18.65 -57.05
CA ARG E 73 48.97 17.25 -56.67
C ARG E 73 49.06 17.12 -55.15
N HIS E 74 48.78 15.91 -54.66
CA HIS E 74 48.72 15.54 -53.25
C HIS E 74 47.69 16.36 -52.46
N MET E 75 46.67 16.89 -53.14
CA MET E 75 45.68 17.71 -52.47
C MET E 75 44.26 17.24 -52.75
N GLY E 76 44.08 15.98 -53.13
CA GLY E 76 42.76 15.47 -53.46
C GLY E 76 41.97 15.15 -52.22
N ILE E 77 40.85 14.45 -52.44
CA ILE E 77 39.90 14.13 -51.38
C ILE E 77 40.52 13.22 -50.32
N GLY E 78 41.43 12.35 -50.73
CA GLY E 78 42.09 11.45 -49.82
C GLY E 78 43.36 11.97 -49.18
N LYS E 79 43.64 13.27 -49.29
CA LYS E 79 44.76 13.88 -48.59
C LYS E 79 44.30 14.88 -47.54
N ARG E 80 43.07 15.38 -47.64
CA ARG E 80 42.56 16.39 -46.72
C ARG E 80 42.12 15.76 -45.42
N LYS E 81 42.62 16.27 -44.31
CA LYS E 81 42.23 15.78 -42.99
C LYS E 81 41.32 16.72 -42.23
N GLY E 82 41.22 17.97 -42.66
CA GLY E 82 40.39 18.93 -41.99
C GLY E 82 39.22 19.36 -42.83
N THR E 83 38.22 19.90 -42.14
CA THR E 83 37.04 20.51 -42.76
C THR E 83 37.49 21.63 -43.68
N ALA E 84 36.75 21.82 -44.78
CA ALA E 84 37.07 22.88 -45.73
C ALA E 84 37.11 24.24 -45.09
N ASN E 85 36.27 24.49 -44.10
CA ASN E 85 36.35 25.71 -43.29
C ASN E 85 37.57 25.72 -42.38
N ALA E 86 38.03 24.57 -41.90
CA ALA E 86 39.28 24.56 -41.16
C ALA E 86 40.48 24.85 -42.05
N ARG E 87 40.43 24.39 -43.30
CA ARG E 87 41.54 24.58 -44.23
C ARG E 87 41.57 25.99 -44.77
N MET E 88 40.40 26.57 -45.02
CA MET E 88 40.28 27.94 -45.52
C MET E 88 38.91 28.40 -45.04
N PRO E 89 38.83 29.28 -44.04
CA PRO E 89 37.54 29.63 -43.49
C PRO E 89 36.72 30.56 -44.36
N GLU E 90 35.40 30.33 -44.29
CA GLU E 90 34.43 31.11 -45.06
C GLU E 90 34.47 32.58 -44.67
N LYS E 91 34.80 32.87 -43.40
CA LYS E 91 34.91 34.25 -42.96
C LYS E 91 36.00 35.02 -43.69
N VAL E 92 37.17 34.41 -43.88
CA VAL E 92 38.22 35.16 -44.57
C VAL E 92 38.04 35.11 -46.08
N THR E 93 37.35 34.07 -46.62
CA THR E 93 36.98 34.16 -48.04
C THR E 93 36.03 35.33 -48.28
N TRP E 94 35.01 35.45 -47.43
CA TRP E 94 34.08 36.57 -47.48
C TRP E 94 34.79 37.89 -47.27
N MET E 95 35.73 37.94 -46.32
CA MET E 95 36.42 39.17 -45.97
C MET E 95 37.33 39.63 -47.10
N ARG E 96 38.13 38.72 -47.65
CA ARG E 96 39.00 39.05 -48.76
C ARG E 96 38.19 39.50 -49.95
N ARG E 97 37.03 38.86 -50.17
CA ARG E 97 36.13 39.32 -51.22
C ARG E 97 35.57 40.71 -50.92
N MET E 98 35.23 41.00 -49.67
CA MET E 98 34.69 42.33 -49.34
C MET E 98 35.73 43.42 -49.48
N ARG E 99 36.97 43.13 -49.08
CA ARG E 99 38.04 44.10 -49.25
C ARG E 99 38.33 44.35 -50.72
N ILE E 100 38.37 43.27 -51.52
CA ILE E 100 38.62 43.38 -52.95
C ILE E 100 37.52 44.17 -53.65
N LEU E 101 36.27 43.81 -53.38
CA LEU E 101 35.14 44.44 -54.07
C LEU E 101 34.88 45.85 -53.61
N ARG E 102 35.00 46.12 -52.31
CA ARG E 102 34.87 47.47 -51.81
C ARG E 102 35.97 48.39 -52.31
N ARG E 103 37.20 47.89 -52.43
CA ARG E 103 38.27 48.74 -52.94
C ARG E 103 38.16 48.95 -54.44
N LEU E 104 37.68 47.95 -55.18
CA LEU E 104 37.31 48.13 -56.58
C LEU E 104 36.28 49.23 -56.75
N LEU E 105 35.23 49.17 -55.94
CA LEU E 105 34.13 50.11 -56.07
C LEU E 105 34.56 51.50 -55.62
N ARG E 106 35.46 51.58 -54.63
CA ARG E 106 36.06 52.84 -54.22
C ARG E 106 36.90 53.45 -55.32
N ARG E 107 37.71 52.62 -56.01
CA ARG E 107 38.54 53.18 -57.07
C ARG E 107 37.69 53.63 -58.25
N TYR E 108 36.58 52.95 -58.48
CA TYR E 108 35.65 53.40 -59.52
C TYR E 108 35.01 54.73 -59.19
N ARG E 109 34.60 54.94 -57.94
CA ARG E 109 34.13 56.26 -57.51
C ARG E 109 35.21 57.32 -57.58
N GLU E 110 36.46 56.98 -57.23
CA GLU E 110 37.56 57.92 -57.36
C GLU E 110 37.89 58.23 -58.81
N SER E 111 37.76 57.26 -59.69
CA SER E 111 37.99 57.42 -61.12
C SER E 111 36.80 58.05 -61.83
N LYS E 112 35.72 58.33 -61.10
CA LYS E 112 34.46 58.94 -61.58
C LYS E 112 33.79 58.09 -62.65
N LYS E 113 34.06 56.79 -62.67
CA LYS E 113 33.30 55.88 -63.52
C LYS E 113 31.86 55.76 -63.02
N ILE E 114 31.70 55.73 -61.71
CA ILE E 114 30.41 55.66 -61.05
C ILE E 114 30.22 56.93 -60.24
N ASP E 115 28.96 57.27 -59.93
CA ASP E 115 28.69 58.32 -58.97
C ASP E 115 28.43 57.73 -57.59
N ARG E 116 28.26 58.60 -56.59
CA ARG E 116 28.17 58.13 -55.21
C ARG E 116 26.86 57.42 -54.92
N HIS E 117 25.80 57.73 -55.65
CA HIS E 117 24.54 57.04 -55.45
C HIS E 117 24.57 55.60 -55.92
N MET E 118 25.15 55.36 -57.10
CA MET E 118 25.25 53.99 -57.56
C MET E 118 26.41 53.29 -56.85
N TYR E 119 27.36 54.04 -56.32
CA TYR E 119 28.31 53.49 -55.36
C TYR E 119 27.59 52.94 -54.14
N HIS E 120 26.66 53.71 -53.59
CA HIS E 120 25.99 53.30 -52.36
C HIS E 120 25.07 52.10 -52.59
N SER E 121 24.33 52.11 -53.69
CA SER E 121 23.51 50.97 -54.05
C SER E 121 24.35 49.73 -54.33
N LEU E 122 25.46 49.87 -55.03
CA LEU E 122 26.32 48.73 -55.30
C LEU E 122 27.08 48.27 -54.08
N TYR E 123 27.41 49.18 -53.17
CA TYR E 123 28.04 48.85 -51.90
C TYR E 123 27.11 47.98 -51.05
N LEU E 124 25.84 48.36 -50.96
CA LEU E 124 24.91 47.55 -50.21
C LEU E 124 24.58 46.23 -50.91
N LYS E 125 24.57 46.18 -52.24
CA LYS E 125 24.44 44.90 -52.93
C LYS E 125 25.64 44.00 -52.73
N VAL E 126 26.84 44.58 -52.71
CA VAL E 126 28.05 43.83 -52.41
C VAL E 126 27.97 43.24 -51.02
N LYS E 127 27.62 44.05 -50.02
CA LYS E 127 27.39 43.56 -48.66
C LYS E 127 26.27 42.52 -48.59
N GLY E 128 25.28 42.61 -49.45
CA GLY E 128 24.25 41.61 -49.52
C GLY E 128 24.47 40.52 -50.54
N ASN E 129 25.73 40.27 -50.93
CA ASN E 129 26.17 38.98 -51.47
C ASN E 129 25.65 38.77 -52.91
N VAL E 130 25.65 39.85 -53.68
CA VAL E 130 25.15 39.77 -55.06
C VAL E 130 26.24 39.31 -56.02
N PHE E 131 27.47 39.79 -55.85
CA PHE E 131 28.56 39.55 -56.78
C PHE E 131 29.61 38.67 -56.13
N LYS E 132 29.95 37.57 -56.79
CA LYS E 132 30.95 36.69 -56.20
C LYS E 132 32.37 37.05 -56.57
N ASN E 133 32.59 37.90 -57.56
CA ASN E 133 33.96 38.29 -57.91
C ASN E 133 33.99 39.62 -58.63
N LYS E 134 35.22 40.05 -58.85
CA LYS E 134 35.55 41.34 -59.43
C LYS E 134 35.05 41.46 -60.86
N ARG E 135 35.17 40.40 -61.65
CA ARG E 135 34.70 40.46 -63.02
C ARG E 135 33.19 40.61 -63.08
N ILE E 136 32.46 39.92 -62.21
CA ILE E 136 31.00 40.06 -62.17
C ILE E 136 30.60 41.47 -61.75
N LEU E 137 31.34 42.05 -60.80
CA LEU E 137 31.11 43.44 -60.43
C LEU E 137 31.37 44.40 -61.60
N MET E 138 32.45 44.17 -62.35
CA MET E 138 32.73 44.99 -63.54
C MET E 138 31.65 44.90 -64.61
N GLU E 139 31.23 43.68 -64.99
CA GLU E 139 30.19 43.55 -66.00
C GLU E 139 28.87 44.14 -65.54
N HIS E 140 28.56 44.04 -64.25
CA HIS E 140 27.33 44.66 -63.76
C HIS E 140 27.40 46.19 -63.81
N ILE E 141 28.57 46.75 -63.48
CA ILE E 141 28.76 48.20 -63.55
C ILE E 141 28.68 48.67 -65.01
N HIS E 142 29.24 47.90 -65.94
CA HIS E 142 29.15 48.23 -67.36
C HIS E 142 27.72 48.19 -67.86
N LYS E 143 26.95 47.19 -67.43
CA LYS E 143 25.55 47.12 -67.80
C LYS E 143 24.74 48.28 -67.25
N LEU E 144 25.02 48.68 -66.00
CA LEU E 144 24.35 49.83 -65.41
C LEU E 144 24.71 51.13 -66.14
N LYS E 145 25.96 51.27 -66.58
CA LYS E 145 26.34 52.47 -67.31
C LYS E 145 25.72 52.51 -68.70
N ALA E 146 25.59 51.35 -69.35
CA ALA E 146 24.88 51.32 -70.63
C ALA E 146 23.41 51.70 -70.47
N ASP E 147 22.75 51.18 -69.43
CA ASP E 147 21.38 51.56 -69.11
C ASP E 147 21.24 53.04 -68.79
N LYS E 148 22.16 53.57 -67.98
CA LYS E 148 22.12 54.97 -67.60
C LYS E 148 22.43 55.90 -68.76
N ALA E 149 23.34 55.50 -69.65
CA ALA E 149 23.63 56.26 -70.86
C ALA E 149 22.44 56.33 -71.80
N ARG E 150 21.73 55.23 -71.99
CA ARG E 150 20.54 55.28 -72.84
C ARG E 150 19.45 56.11 -72.18
N LYS E 151 19.28 55.99 -70.85
CA LYS E 151 18.27 56.79 -70.15
C LYS E 151 18.59 58.28 -70.24
N LYS E 152 19.87 58.64 -70.16
CA LYS E 152 20.26 60.03 -70.26
C LYS E 152 20.14 60.57 -71.68
N LEU E 153 20.37 59.72 -72.70
CA LEU E 153 20.14 60.14 -74.08
C LEU E 153 18.65 60.42 -74.33
N LEU E 154 17.78 59.55 -73.81
CA LEU E 154 16.35 59.77 -73.97
C LEU E 154 15.87 61.00 -73.20
N ALA E 155 16.40 61.22 -71.99
CA ALA E 155 16.05 62.41 -71.23
C ALA E 155 16.69 63.68 -71.77
N ASP E 156 17.76 63.56 -72.55
CA ASP E 156 18.27 64.69 -73.30
C ASP E 156 17.39 65.06 -74.48
N GLN E 157 16.94 64.06 -75.25
CA GLN E 157 16.02 64.32 -76.35
C GLN E 157 14.69 64.87 -75.87
N ALA E 158 14.15 64.33 -74.77
CA ALA E 158 12.89 64.81 -74.22
C ALA E 158 12.97 66.24 -73.71
N GLU E 159 14.02 66.59 -72.97
CA GLU E 159 14.22 67.96 -72.51
C GLU E 159 14.52 68.91 -73.65
N ALA E 160 15.20 68.45 -74.71
CA ALA E 160 15.46 69.31 -75.86
C ALA E 160 14.18 69.62 -76.63
N ARG E 161 13.33 68.61 -76.84
CA ARG E 161 12.04 68.87 -77.50
C ARG E 161 11.12 69.72 -76.64
N ARG E 162 11.14 69.47 -75.31
CA ARG E 162 10.36 70.28 -74.38
C ARG E 162 10.80 71.73 -74.37
N SER E 163 12.10 72.01 -74.38
CA SER E 163 12.60 73.36 -74.51
C SER E 163 12.27 74.01 -75.86
N LYS E 164 12.51 73.32 -76.97
CA LYS E 164 12.26 73.93 -78.28
C LYS E 164 10.78 74.01 -78.63
N THR E 165 9.89 73.44 -77.82
CA THR E 165 8.51 73.91 -77.93
C THR E 165 8.18 74.98 -76.91
N LYS E 166 8.53 74.77 -75.63
CA LYS E 166 8.10 75.62 -74.53
C LYS E 166 8.64 77.05 -74.63
N GLU E 167 9.84 77.22 -75.17
CA GLU E 167 10.38 78.57 -75.35
C GLU E 167 10.14 79.13 -76.73
N ALA E 168 10.21 78.31 -77.78
CA ALA E 168 10.01 78.78 -79.15
C ALA E 168 8.54 79.01 -79.50
N ARG E 169 7.61 78.60 -78.64
CA ARG E 169 6.23 79.03 -78.75
C ARG E 169 5.90 80.19 -77.83
N LYS E 170 6.56 80.25 -76.67
CA LYS E 170 6.46 81.42 -75.81
C LYS E 170 7.01 82.66 -76.50
N ARG E 171 8.00 82.50 -77.39
CA ARG E 171 8.50 83.61 -78.20
C ARG E 171 7.39 84.21 -79.06
N ARG E 172 6.56 83.36 -79.66
CA ARG E 172 5.38 83.85 -80.34
C ARG E 172 4.32 84.39 -79.38
N GLU E 173 4.29 83.89 -78.14
CA GLU E 173 3.19 84.19 -77.22
C GLU E 173 3.13 85.66 -76.82
N GLU E 174 4.26 86.24 -76.38
CA GLU E 174 4.21 87.67 -76.12
C GLU E 174 4.46 88.52 -77.36
N ARG E 175 4.98 87.94 -78.45
CA ARG E 175 5.05 88.70 -79.69
C ARG E 175 3.67 88.97 -80.26
N LEU E 176 2.75 88.02 -80.15
CA LEU E 176 1.36 88.19 -80.55
C LEU E 176 0.66 89.27 -79.73
N GLN E 177 0.99 89.39 -78.44
CA GLN E 177 0.41 90.39 -77.56
C GLN E 177 1.15 91.73 -77.62
N ALA E 178 2.34 91.75 -78.22
CA ALA E 178 3.05 92.99 -78.48
C ALA E 178 2.80 93.54 -79.87
N LYS E 179 2.27 92.72 -80.77
CA LYS E 179 1.91 93.23 -82.09
C LYS E 179 0.45 93.67 -82.15
N LYS E 180 -0.26 93.63 -81.03
CA LYS E 180 -1.63 94.12 -80.99
C LYS E 180 -1.69 95.49 -80.29
N MET F 1 24.80 -72.95 39.62
CA MET F 1 25.80 -73.99 39.45
C MET F 1 26.68 -73.71 38.23
N LYS F 2 28.00 -73.81 38.40
CA LYS F 2 28.89 -73.95 37.25
C LYS F 2 29.29 -75.42 37.20
N ALA F 3 28.90 -76.11 36.13
CA ALA F 3 29.07 -77.56 36.04
C ALA F 3 30.52 -77.93 35.82
N SER F 4 31.33 -77.79 36.87
CA SER F 4 32.77 -77.96 36.76
C SER F 4 33.16 -79.42 36.94
N GLY F 5 33.92 -79.95 35.98
CA GLY F 5 34.49 -81.28 36.04
C GLY F 5 33.42 -82.35 36.02
N THR F 6 33.80 -83.52 36.53
CA THR F 6 32.84 -84.60 36.73
C THR F 6 31.93 -84.22 37.88
N LEU F 7 30.62 -84.23 37.62
CA LEU F 7 29.68 -84.01 38.71
C LEU F 7 29.64 -85.23 39.62
N ARG F 8 29.14 -85.01 40.82
CA ARG F 8 28.87 -86.08 41.76
C ARG F 8 27.42 -85.97 42.20
N GLU F 9 26.79 -87.12 42.42
CA GLU F 9 25.42 -87.14 42.86
C GLU F 9 25.41 -87.21 44.37
N TYR F 10 24.57 -86.39 44.99
CA TYR F 10 24.47 -86.28 46.43
C TYR F 10 23.03 -86.55 46.86
N LYS F 11 22.88 -87.40 47.85
CA LYS F 11 21.64 -87.50 48.61
C LYS F 11 21.70 -86.39 49.66
N VAL F 12 20.86 -85.38 49.48
CA VAL F 12 20.75 -84.29 50.43
C VAL F 12 19.37 -84.37 51.06
N VAL F 13 19.34 -84.60 52.36
CA VAL F 13 18.10 -84.68 53.13
C VAL F 13 18.04 -83.47 54.03
N GLY F 14 16.92 -82.74 53.97
CA GLY F 14 16.73 -81.55 54.77
C GLY F 14 15.34 -81.50 55.36
N ARG F 15 15.15 -80.54 56.26
CA ARG F 15 13.86 -80.36 56.93
C ARG F 15 13.75 -78.92 57.40
N CYS F 16 12.57 -78.56 57.89
CA CYS F 16 12.41 -77.27 58.55
C CYS F 16 12.98 -77.32 59.96
N LEU F 17 13.12 -76.14 60.53
CA LEU F 17 13.44 -76.09 61.94
C LEU F 17 12.18 -76.36 62.76
N PRO F 18 12.25 -77.23 63.76
CA PRO F 18 11.03 -77.61 64.51
C PRO F 18 10.54 -76.48 65.38
N THR F 19 9.44 -75.86 64.95
CA THR F 19 8.70 -74.83 65.66
C THR F 19 7.84 -75.47 66.75
N PRO F 20 7.29 -74.66 67.67
CA PRO F 20 6.25 -75.21 68.57
C PRO F 20 4.98 -75.65 67.85
N LYS F 21 4.72 -75.14 66.64
CA LYS F 21 3.60 -75.64 65.85
C LYS F 21 3.88 -77.06 65.33
N CYS F 22 4.93 -77.20 64.52
CA CYS F 22 5.33 -78.48 63.96
C CYS F 22 6.51 -79.01 64.78
N ARG F 23 6.22 -79.96 65.68
CA ARG F 23 7.25 -80.46 66.60
C ARG F 23 8.31 -81.30 65.91
N THR F 24 7.95 -82.06 64.89
CA THR F 24 8.94 -82.71 64.01
C THR F 24 8.53 -82.52 62.55
N PRO F 25 9.33 -81.78 61.78
CA PRO F 25 8.98 -81.50 60.40
C PRO F 25 9.21 -82.71 59.53
N PRO F 26 8.51 -82.82 58.41
CA PRO F 26 8.80 -83.91 57.46
C PRO F 26 10.16 -83.71 56.81
N LEU F 27 10.75 -84.83 56.40
CA LEU F 27 12.09 -84.82 55.84
C LEU F 27 12.05 -85.04 54.34
N TYR F 28 12.82 -84.25 53.61
CA TYR F 28 12.81 -84.29 52.16
C TYR F 28 14.19 -84.68 51.62
N ARG F 29 14.17 -85.62 50.69
CA ARG F 29 15.36 -86.17 50.07
C ARG F 29 15.44 -85.72 48.62
N MET F 30 16.61 -85.24 48.22
CA MET F 30 16.81 -84.85 46.84
C MET F 30 18.17 -85.33 46.35
N ARG F 31 18.18 -85.81 45.12
CA ARG F 31 19.41 -86.15 44.41
C ARG F 31 19.89 -84.90 43.69
N ILE F 32 21.05 -84.40 44.07
CA ILE F 32 21.63 -83.21 43.46
C ILE F 32 22.92 -83.61 42.76
N PHE F 33 23.05 -83.25 41.49
CA PHE F 33 24.29 -83.47 40.75
C PHE F 33 25.08 -82.17 40.76
N ALA F 34 26.18 -82.15 41.49
CA ALA F 34 26.92 -80.94 41.77
C ALA F 34 28.41 -81.24 41.80
N PRO F 35 29.26 -80.23 41.57
CA PRO F 35 30.71 -80.44 41.73
C PRO F 35 31.15 -80.85 43.12
N ASN F 36 30.55 -80.28 44.17
CA ASN F 36 30.89 -80.67 45.54
C ASN F 36 29.68 -80.43 46.44
N HIS F 37 29.83 -80.78 47.72
CA HIS F 37 28.71 -80.81 48.65
C HIS F 37 28.20 -79.43 49.03
N VAL F 38 29.06 -78.41 48.98
CA VAL F 38 28.61 -77.04 49.22
C VAL F 38 27.65 -76.58 48.13
N VAL F 39 28.01 -76.83 46.88
CA VAL F 39 27.14 -76.52 45.76
C VAL F 39 25.91 -77.40 45.79
N ALA F 40 26.05 -78.66 46.25
CA ALA F 40 24.91 -79.57 46.36
C ALA F 40 23.89 -79.06 47.36
N LYS F 41 24.36 -78.58 48.52
CA LYS F 41 23.45 -78.07 49.52
C LYS F 41 22.81 -76.76 49.08
N SER F 42 23.54 -75.95 48.31
CA SER F 42 22.94 -74.73 47.77
C SER F 42 21.86 -75.02 46.73
N ARG F 43 22.09 -76.00 45.85
CA ARG F 43 21.04 -76.37 44.91
C ARG F 43 19.88 -77.05 45.59
N PHE F 44 20.13 -77.77 46.67
CA PHE F 44 19.04 -78.34 47.47
C PHE F 44 18.16 -77.24 48.04
N TRP F 45 18.77 -76.17 48.55
CA TRP F 45 17.95 -75.08 49.07
C TRP F 45 17.25 -74.33 47.96
N TYR F 46 17.85 -74.26 46.76
CA TYR F 46 17.16 -73.70 45.60
C TYR F 46 15.90 -74.49 45.28
N PHE F 47 16.03 -75.80 45.13
CA PHE F 47 14.91 -76.61 44.70
C PHE F 47 13.84 -76.76 45.78
N VAL F 48 14.26 -76.89 47.04
CA VAL F 48 13.29 -76.98 48.12
C VAL F 48 12.58 -75.65 48.35
N SER F 49 13.30 -74.52 48.22
CA SER F 49 12.65 -73.23 48.26
C SER F 49 11.70 -73.02 47.09
N GLN F 50 11.97 -73.63 45.95
CA GLN F 50 11.03 -73.53 44.84
C GLN F 50 9.80 -74.41 45.04
N LEU F 51 9.97 -75.60 45.63
CA LEU F 51 8.89 -76.55 45.74
C LEU F 51 8.03 -76.32 46.98
N LYS F 52 8.66 -76.30 48.15
CA LYS F 52 8.00 -75.96 49.40
C LYS F 52 8.33 -74.52 49.78
N LYS F 53 7.71 -74.02 50.85
CA LYS F 53 8.00 -72.69 51.36
C LYS F 53 9.01 -72.85 52.48
N MET F 54 10.24 -73.22 52.11
CA MET F 54 11.26 -73.56 53.08
C MET F 54 12.54 -72.85 52.67
N LYS F 55 13.17 -72.16 53.60
CA LYS F 55 14.38 -71.43 53.29
C LYS F 55 15.55 -72.04 54.05
N LYS F 56 16.75 -71.58 53.73
CA LYS F 56 17.92 -71.99 54.49
C LYS F 56 17.87 -71.48 55.93
N SER F 57 17.38 -70.27 56.14
CA SER F 57 17.22 -69.73 57.48
C SER F 57 16.16 -70.46 58.30
N SER F 58 15.04 -70.82 57.68
CA SER F 58 13.98 -71.52 58.39
C SER F 58 14.18 -73.03 58.40
N GLY F 59 15.18 -73.54 57.67
CA GLY F 59 15.38 -74.96 57.55
C GLY F 59 16.79 -75.36 57.96
N GLU F 60 17.06 -76.65 57.83
CA GLU F 60 18.37 -77.22 58.06
C GLU F 60 18.55 -78.41 57.13
N ILE F 61 19.78 -78.85 56.99
CA ILE F 61 20.10 -80.04 56.19
C ILE F 61 20.68 -81.07 57.14
N VAL F 62 20.01 -82.22 57.22
CA VAL F 62 20.43 -83.25 58.15
C VAL F 62 21.39 -84.24 57.51
N TYR F 63 21.41 -84.33 56.18
CA TYR F 63 22.36 -85.23 55.54
C TYR F 63 22.76 -84.69 54.19
N CYS F 64 24.03 -84.85 53.84
CA CYS F 64 24.51 -84.60 52.48
C CYS F 64 25.64 -85.58 52.23
N GLY F 65 25.39 -86.55 51.35
CA GLY F 65 26.38 -87.58 51.07
C GLY F 65 26.44 -87.93 49.60
N GLN F 66 27.65 -88.17 49.13
CA GLN F 66 27.83 -88.62 47.75
C GLN F 66 27.31 -90.04 47.60
N VAL F 67 26.46 -90.25 46.59
CA VAL F 67 25.88 -91.55 46.33
C VAL F 67 26.66 -92.17 45.20
N PHE F 68 27.40 -93.21 45.53
CA PHE F 68 28.25 -93.91 44.58
C PHE F 68 27.41 -94.78 43.67
N GLU F 69 27.93 -95.03 42.46
CA GLU F 69 27.22 -95.89 41.50
C GLU F 69 27.38 -97.33 41.92
N LYS F 70 26.29 -98.07 41.91
CA LYS F 70 26.34 -99.47 42.28
C LYS F 70 26.92 -100.33 41.16
N SER F 71 26.86 -99.88 39.91
CA SER F 71 27.54 -100.61 38.84
C SER F 71 28.37 -99.67 37.96
N PRO F 72 29.55 -99.23 38.40
CA PRO F 72 30.38 -98.37 37.55
C PRO F 72 31.21 -99.12 36.52
N LEU F 73 31.07 -100.43 36.45
CA LEU F 73 31.73 -101.22 35.42
C LEU F 73 30.75 -101.67 34.35
N ARG F 74 29.45 -101.46 34.55
CA ARG F 74 28.43 -101.93 33.64
C ARG F 74 27.95 -100.77 32.79
N VAL F 75 27.89 -100.98 31.48
CA VAL F 75 27.41 -99.94 30.58
C VAL F 75 25.89 -99.89 30.69
N LYS F 76 25.35 -98.72 30.98
CA LYS F 76 23.93 -98.54 31.14
C LYS F 76 23.46 -97.40 30.27
N ASN F 77 22.16 -97.42 29.99
CA ASN F 77 21.50 -96.34 29.28
C ASN F 77 20.79 -95.49 30.33
N PHE F 78 20.80 -94.19 30.15
CA PHE F 78 20.28 -93.25 31.14
C PHE F 78 19.23 -92.37 30.48
N GLY F 79 18.08 -92.22 31.13
CA GLY F 79 17.07 -91.30 30.70
C GLY F 79 16.99 -90.13 31.67
N ILE F 80 17.16 -88.93 31.11
CA ILE F 80 17.22 -87.70 31.89
C ILE F 80 16.09 -86.80 31.43
N TRP F 81 15.15 -86.51 32.32
CA TRP F 81 14.08 -85.57 32.05
C TRP F 81 14.53 -84.19 32.52
N LEU F 82 14.35 -83.19 31.67
CA LEU F 82 15.03 -81.91 31.67
C LEU F 82 14.05 -80.75 31.61
N ARG F 83 14.40 -79.69 32.31
CA ARG F 83 13.65 -78.44 32.25
C ARG F 83 14.69 -77.36 32.05
N TYR F 84 14.59 -76.58 30.99
CA TYR F 84 15.59 -75.54 30.84
C TYR F 84 14.98 -74.30 30.21
N ASP F 85 15.66 -73.18 30.39
CA ASP F 85 15.25 -71.92 29.81
C ASP F 85 16.13 -71.63 28.59
N SER F 86 15.49 -71.42 27.46
CA SER F 86 16.18 -70.95 26.27
C SER F 86 16.26 -69.43 26.31
N ARG F 87 16.62 -68.79 25.19
CA ARG F 87 16.49 -67.34 25.14
C ARG F 87 15.04 -66.89 25.06
N SER F 88 14.13 -67.77 24.70
CA SER F 88 12.71 -67.45 24.60
C SER F 88 11.94 -68.72 24.95
N GLY F 89 11.38 -68.75 26.15
CA GLY F 89 10.58 -69.88 26.58
C GLY F 89 11.34 -70.83 27.47
N THR F 90 10.59 -71.73 28.09
CA THR F 90 11.13 -72.77 28.94
C THR F 90 10.62 -74.07 28.35
N HIS F 91 11.47 -75.08 28.26
CA HIS F 91 11.13 -76.32 27.59
C HIS F 91 11.39 -77.52 28.49
N ASN F 92 10.45 -78.45 28.45
CA ASN F 92 10.63 -79.82 28.92
C ASN F 92 11.34 -80.60 27.83
N MET F 93 12.36 -81.37 28.21
CA MET F 93 13.00 -82.37 27.37
C MET F 93 13.13 -83.72 28.07
N TYR F 94 13.34 -84.72 27.24
CA TYR F 94 13.83 -86.02 27.69
C TYR F 94 15.00 -86.37 26.79
N ARG F 95 16.14 -86.73 27.39
CA ARG F 95 17.30 -87.12 26.62
C ARG F 95 17.81 -88.46 27.11
N GLU F 96 18.53 -89.15 26.24
CA GLU F 96 19.06 -90.46 26.52
C GLU F 96 20.57 -90.44 26.34
N TYR F 97 21.27 -91.14 27.23
CA TYR F 97 22.72 -91.19 27.20
C TYR F 97 23.18 -92.61 27.50
N ARG F 98 24.47 -92.84 27.31
CA ARG F 98 25.09 -94.13 27.61
C ARG F 98 26.34 -93.90 28.43
N ASP F 99 26.41 -94.48 29.62
CA ASP F 99 27.56 -94.30 30.47
C ASP F 99 27.59 -95.41 31.51
N LEU F 100 28.67 -95.42 32.31
CA LEU F 100 28.82 -96.32 33.44
C LEU F 100 28.36 -95.72 34.76
N THR F 101 28.23 -94.40 34.85
CA THR F 101 27.87 -93.71 36.09
C THR F 101 26.72 -92.74 35.82
N THR F 102 25.81 -92.57 36.79
CA THR F 102 24.72 -91.65 36.51
C THR F 102 25.21 -90.22 36.64
N ALA F 103 26.26 -89.99 37.44
CA ALA F 103 26.89 -88.67 37.50
C ALA F 103 27.61 -88.32 36.21
N GLY F 104 28.29 -89.29 35.60
CA GLY F 104 28.84 -89.10 34.28
C GLY F 104 27.77 -88.86 33.23
N ALA F 105 26.63 -89.52 33.36
CA ALA F 105 25.50 -89.26 32.47
C ALA F 105 24.96 -87.85 32.61
N VAL F 106 24.83 -87.36 33.84
CA VAL F 106 24.30 -86.01 34.03
C VAL F 106 25.29 -84.95 33.56
N THR F 107 26.60 -85.15 33.82
CA THR F 107 27.54 -84.15 33.30
C THR F 107 27.67 -84.24 31.78
N GLN F 108 27.48 -85.43 31.20
CA GLN F 108 27.39 -85.57 29.75
C GLN F 108 26.19 -84.82 29.22
N CYS F 109 25.07 -84.87 29.94
CA CYS F 109 23.89 -84.08 29.61
C CYS F 109 24.14 -82.59 29.70
N TYR F 110 24.88 -82.15 30.71
CA TYR F 110 25.13 -80.72 30.87
C TYR F 110 26.02 -80.19 29.75
N ARG F 111 27.10 -80.89 29.42
CA ARG F 111 27.92 -80.48 28.29
C ARG F 111 27.18 -80.62 26.96
N ASP F 112 26.30 -81.61 26.85
CA ASP F 112 25.52 -81.82 25.63
C ASP F 112 24.52 -80.69 25.41
N MET F 113 23.83 -80.28 26.48
CA MET F 113 22.96 -79.12 26.43
C MET F 113 23.72 -77.84 26.14
N GLY F 114 24.92 -77.68 26.69
CA GLY F 114 25.74 -76.53 26.36
C GLY F 114 26.17 -76.51 24.91
N ALA F 115 26.46 -77.69 24.35
CA ALA F 115 26.81 -77.78 22.94
C ALA F 115 25.62 -77.51 22.02
N ARG F 116 24.58 -78.32 22.14
CA ARG F 116 23.47 -78.31 21.21
C ARG F 116 22.54 -77.13 21.37
N HIS F 117 22.43 -76.57 22.58
CA HIS F 117 21.39 -75.60 22.83
C HIS F 117 21.89 -74.29 23.40
N ARG F 118 23.21 -74.14 23.57
CA ARG F 118 23.86 -72.94 24.11
C ARG F 118 23.30 -72.57 25.48
N ALA F 119 23.04 -73.59 26.29
CA ALA F 119 22.39 -73.42 27.59
C ALA F 119 23.36 -73.75 28.71
N ARG F 120 23.50 -72.83 29.64
CA ARG F 120 24.43 -72.94 30.75
C ARG F 120 23.76 -73.64 31.92
N ALA F 121 24.59 -74.10 32.86
CA ALA F 121 24.13 -75.00 33.92
C ALA F 121 23.17 -74.33 34.90
N HIS F 122 23.22 -73.00 35.00
CA HIS F 122 22.30 -72.28 35.87
C HIS F 122 20.88 -72.28 35.34
N SER F 123 20.70 -72.44 34.04
CA SER F 123 19.38 -72.45 33.44
C SER F 123 18.80 -73.84 33.25
N ILE F 124 19.52 -74.88 33.66
CA ILE F 124 19.11 -76.26 33.43
C ILE F 124 18.69 -76.87 34.77
N GLN F 125 17.51 -77.48 34.80
CA GLN F 125 17.06 -78.24 35.96
C GLN F 125 16.89 -79.69 35.57
N ILE F 126 17.64 -80.58 36.21
CA ILE F 126 17.37 -82.01 36.14
C ILE F 126 16.06 -82.26 36.87
N MET F 127 15.15 -83.04 36.28
CA MET F 127 14.06 -83.46 37.15
C MET F 127 14.15 -84.93 37.55
N LYS F 128 14.47 -85.82 36.62
CA LYS F 128 14.57 -87.23 36.98
C LYS F 128 15.63 -87.91 36.13
N VAL F 129 16.47 -88.75 36.74
CA VAL F 129 17.43 -89.57 36.01
C VAL F 129 17.16 -91.02 36.38
N GLU F 130 16.87 -91.85 35.38
CA GLU F 130 16.58 -93.25 35.61
C GLU F 130 17.38 -94.12 34.64
N GLU F 131 17.95 -95.20 35.14
CA GLU F 131 18.62 -96.16 34.28
C GLU F 131 17.59 -96.96 33.49
N ILE F 132 17.62 -96.82 32.17
CA ILE F 132 16.61 -97.39 31.29
C ILE F 132 17.22 -98.59 30.58
N ALA F 133 16.42 -99.66 30.47
CA ALA F 133 16.82 -100.82 29.68
C ALA F 133 16.83 -100.47 28.20
N ALA F 134 17.53 -101.30 27.41
CA ALA F 134 17.82 -100.94 26.02
C ALA F 134 16.58 -101.01 25.13
N SER F 135 15.55 -101.74 25.54
CA SER F 135 14.33 -101.80 24.74
C SER F 135 13.51 -100.53 24.80
N LYS F 136 13.61 -99.77 25.90
CA LYS F 136 12.77 -98.62 26.14
C LYS F 136 13.46 -97.30 25.80
N CYS F 137 14.41 -97.31 24.88
CA CYS F 137 15.11 -96.10 24.49
C CYS F 137 14.49 -95.51 23.22
N ARG F 138 14.49 -94.19 23.14
CA ARG F 138 13.88 -93.48 22.02
C ARG F 138 14.86 -92.75 21.12
N ARG F 139 16.15 -92.76 21.43
CA ARG F 139 17.11 -91.95 20.68
C ARG F 139 18.02 -92.84 19.86
N PRO F 140 18.05 -92.68 18.53
CA PRO F 140 18.82 -93.61 17.68
C PRO F 140 20.33 -93.56 17.89
N ALA F 141 20.87 -92.41 18.33
CA ALA F 141 22.30 -92.34 18.63
C ALA F 141 22.69 -93.17 19.84
N VAL F 142 21.74 -93.50 20.69
CA VAL F 142 21.95 -94.42 21.80
C VAL F 142 21.61 -95.84 21.32
N LYS F 143 20.54 -95.96 20.52
CA LYS F 143 20.06 -97.26 20.12
C LYS F 143 20.95 -97.97 19.11
N GLN F 144 21.82 -97.24 18.42
CA GLN F 144 22.67 -97.89 17.42
C GLN F 144 23.79 -98.73 18.04
N PHE F 145 24.07 -98.56 19.33
CA PHE F 145 25.04 -99.37 20.05
C PHE F 145 24.40 -100.58 20.70
N HIS F 146 23.10 -100.76 20.52
CA HIS F 146 22.37 -101.92 21.02
C HIS F 146 22.51 -103.09 20.06
N ASP F 147 23.73 -103.57 19.90
CA ASP F 147 24.01 -104.68 19.02
C ASP F 147 25.01 -105.59 19.71
N SER F 148 24.71 -106.89 19.75
CA SER F 148 25.58 -107.82 20.46
C SER F 148 26.91 -108.00 19.76
N LYS F 149 26.89 -108.21 18.44
CA LYS F 149 28.12 -108.32 17.66
C LYS F 149 28.43 -107.00 16.96
N ILE F 150 28.72 -105.98 17.76
CA ILE F 150 28.97 -104.65 17.21
C ILE F 150 30.40 -104.58 16.68
N LYS F 151 30.60 -103.86 15.57
CA LYS F 151 31.83 -103.95 14.81
C LYS F 151 31.98 -102.70 13.96
N PHE F 152 32.97 -101.87 14.29
CA PHE F 152 33.27 -100.70 13.47
C PHE F 152 34.77 -100.48 13.48
N PRO F 153 35.35 -99.92 12.42
CA PRO F 153 36.77 -99.58 12.47
C PRO F 153 36.98 -98.17 12.97
N LEU F 154 38.24 -97.73 13.00
CA LEU F 154 38.55 -96.33 13.26
C LEU F 154 39.17 -95.78 11.98
N PRO F 155 38.37 -95.14 11.13
CA PRO F 155 38.73 -94.99 9.72
C PRO F 155 39.87 -94.05 9.40
N HIS F 156 39.78 -92.81 9.89
CA HIS F 156 40.72 -91.75 9.56
C HIS F 156 41.41 -91.36 10.86
N ARG F 157 42.47 -92.08 11.19
CA ARG F 157 43.17 -91.86 12.45
C ARG F 157 44.05 -90.63 12.34
N VAL F 158 43.59 -89.51 12.88
CA VAL F 158 44.35 -88.28 12.82
C VAL F 158 45.61 -88.40 13.65
N LEU F 159 46.68 -87.79 13.20
CA LEU F 159 47.91 -87.81 13.97
C LEU F 159 47.79 -86.81 15.10
N ARG F 160 47.57 -87.34 16.30
CA ARG F 160 47.94 -86.72 17.55
C ARG F 160 49.44 -86.83 17.70
N ARG F 161 49.99 -86.21 18.75
CA ARG F 161 51.42 -85.84 18.85
C ARG F 161 51.94 -85.23 17.55
N GLN F 162 51.31 -84.10 17.18
CA GLN F 162 51.67 -83.29 16.03
C GLN F 162 53.00 -82.58 16.21
N HIS F 163 53.52 -82.51 17.42
CA HIS F 163 54.77 -81.83 17.70
C HIS F 163 55.79 -82.74 18.38
N LYS F 164 55.75 -84.05 18.09
CA LYS F 164 56.76 -84.89 18.72
C LYS F 164 58.12 -84.64 18.05
N PRO F 165 58.30 -84.72 16.68
CA PRO F 165 59.52 -84.10 16.15
C PRO F 165 59.39 -82.61 15.86
N ARG F 166 58.19 -82.22 15.38
CA ARG F 166 57.76 -80.98 14.74
C ARG F 166 58.38 -80.83 13.35
N PHE F 167 59.42 -81.60 13.02
CA PHE F 167 60.09 -81.54 11.73
C PHE F 167 60.56 -82.96 11.45
N THR F 168 59.73 -83.74 10.79
CA THR F 168 60.07 -85.08 10.36
C THR F 168 60.23 -85.10 8.86
N THR F 169 60.89 -86.15 8.34
CA THR F 169 60.98 -86.37 6.91
C THR F 169 59.73 -87.02 6.33
N LYS F 170 59.19 -88.02 7.00
CA LYS F 170 58.20 -88.89 6.41
C LYS F 170 56.82 -88.33 6.69
N ARG F 171 56.01 -88.21 5.64
CA ARG F 171 54.63 -87.82 5.80
C ARG F 171 53.86 -88.94 6.50
N PRO F 172 52.89 -88.60 7.34
CA PRO F 172 52.30 -89.60 8.23
C PRO F 172 51.37 -90.58 7.54
N ASN F 173 51.24 -91.74 8.16
CA ASN F 173 50.21 -92.72 7.85
C ASN F 173 49.01 -92.43 8.73
N THR F 174 47.81 -92.40 8.14
CA THR F 174 46.59 -92.32 8.91
C THR F 174 45.76 -93.59 8.81
N PHE F 175 46.11 -94.52 7.94
CA PHE F 175 45.48 -95.82 7.88
C PHE F 175 46.21 -96.75 8.84
N PHE F 176 45.47 -97.55 9.59
CA PHE F 176 46.07 -98.51 10.50
C PHE F 176 45.28 -99.82 10.50
N THR G 1 12.16 -26.05 41.65
CA THR G 1 12.33 -26.32 43.07
C THR G 1 11.00 -26.57 43.76
N ASN G 2 11.05 -27.10 44.97
CA ASN G 2 9.86 -27.39 45.73
C ASN G 2 9.42 -26.17 46.52
N THR G 3 8.35 -26.34 47.29
CA THR G 3 7.92 -25.32 48.23
C THR G 3 8.41 -25.69 49.62
N LYS G 4 8.60 -24.67 50.45
CA LYS G 4 9.08 -24.91 51.81
C LYS G 4 7.95 -24.95 52.79
N GLY G 5 6.79 -25.46 52.37
CA GLY G 5 5.62 -25.46 53.22
C GLY G 5 5.76 -26.45 54.36
N LYS G 6 5.01 -26.20 55.42
CA LYS G 6 5.22 -26.93 56.67
C LYS G 6 4.65 -28.34 56.58
N ARG G 7 3.57 -28.52 55.84
CA ARG G 7 2.96 -29.84 55.72
C ARG G 7 3.06 -30.38 54.31
N ARG G 8 4.10 -30.00 53.59
CA ARG G 8 4.29 -30.46 52.21
C ARG G 8 4.69 -31.93 52.21
N GLY G 9 3.93 -32.73 51.47
CA GLY G 9 4.22 -34.15 51.39
C GLY G 9 3.78 -34.94 52.58
N THR G 10 2.83 -34.45 53.37
CA THR G 10 2.35 -35.14 54.55
C THR G 10 0.96 -35.71 54.35
N ARG G 11 0.58 -35.97 53.10
CA ARG G 11 -0.78 -36.34 52.72
C ARG G 11 -1.20 -37.66 53.35
N TYR G 12 -0.31 -38.64 53.39
CA TYR G 12 -0.57 -39.90 54.06
C TYR G 12 -0.02 -39.92 55.48
N MET G 13 1.01 -39.13 55.74
CA MET G 13 1.68 -39.15 57.04
C MET G 13 0.79 -38.58 58.13
N PHE G 14 0.21 -37.41 57.91
CA PHE G 14 -0.64 -36.82 58.94
C PHE G 14 -2.08 -37.27 58.84
N SER G 15 -2.44 -37.98 57.79
CA SER G 15 -3.78 -38.54 57.66
C SER G 15 -4.02 -39.60 58.72
N ARG G 16 -5.26 -39.78 59.05
CA ARG G 16 -5.64 -40.84 59.96
C ARG G 16 -5.61 -42.19 59.26
N PRO G 17 -5.40 -43.28 59.99
CA PRO G 17 -5.55 -44.60 59.39
C PRO G 17 -7.00 -44.88 59.00
N PHE G 18 -7.17 -45.92 58.19
CA PHE G 18 -8.47 -46.25 57.63
C PHE G 18 -9.41 -46.76 58.72
N ARG G 19 -10.64 -46.22 58.71
CA ARG G 19 -11.68 -46.43 59.72
C ARG G 19 -11.18 -46.10 61.13
N LYS G 20 -10.35 -45.07 61.22
CA LYS G 20 -9.78 -44.55 62.45
C LYS G 20 -9.88 -43.04 62.51
N HIS G 21 -10.96 -42.48 61.97
CA HIS G 21 -11.15 -41.04 61.95
C HIS G 21 -12.05 -40.60 63.10
N GLY G 22 -12.10 -39.30 63.33
CA GLY G 22 -13.09 -38.73 64.22
C GLY G 22 -12.55 -38.51 65.61
N VAL G 23 -13.23 -39.09 66.61
CA VAL G 23 -12.94 -38.78 68.00
C VAL G 23 -11.63 -39.43 68.41
N VAL G 24 -10.74 -38.63 68.98
CA VAL G 24 -9.51 -39.17 69.56
C VAL G 24 -9.86 -39.93 70.83
N PRO G 25 -9.42 -41.17 70.98
CA PRO G 25 -9.69 -41.91 72.22
C PRO G 25 -8.96 -41.28 73.39
N LEU G 26 -9.64 -41.21 74.53
CA LEU G 26 -9.25 -40.26 75.57
C LEU G 26 -8.15 -40.77 76.48
N ALA G 27 -7.70 -42.02 76.36
CA ALA G 27 -6.53 -42.40 77.13
C ALA G 27 -5.24 -41.99 76.44
N THR G 28 -5.32 -41.40 75.24
CA THR G 28 -4.19 -40.66 74.69
C THR G 28 -3.82 -39.49 75.60
N TYR G 29 -4.83 -38.80 76.12
CA TYR G 29 -4.63 -37.64 76.97
C TYR G 29 -4.33 -38.00 78.42
N MET G 30 -4.51 -39.25 78.84
CA MET G 30 -4.42 -39.63 80.24
C MET G 30 -3.05 -40.22 80.60
N ARG G 31 -2.09 -40.16 79.70
CA ARG G 31 -0.80 -40.80 79.92
C ARG G 31 0.22 -39.82 80.50
N ILE G 32 0.93 -40.27 81.51
CA ILE G 32 1.80 -39.44 82.31
C ILE G 32 3.17 -39.40 81.65
N TYR G 33 3.62 -38.20 81.30
CA TYR G 33 4.93 -38.00 80.70
C TYR G 33 5.80 -37.24 81.67
N LYS G 34 6.83 -37.89 82.19
CA LYS G 34 7.75 -37.27 83.13
C LYS G 34 8.88 -36.59 82.38
N LYS G 35 9.71 -35.86 83.12
CA LYS G 35 10.99 -35.37 82.60
C LYS G 35 11.86 -36.58 82.31
N GLY G 36 12.60 -36.53 81.21
CA GLY G 36 13.54 -37.58 80.90
C GLY G 36 12.93 -38.80 80.25
N ASP G 37 11.60 -38.88 80.16
CA ASP G 37 10.94 -40.04 79.58
C ASP G 37 11.12 -40.06 78.08
N ILE G 38 11.25 -41.26 77.54
CA ILE G 38 11.55 -41.48 76.14
C ILE G 38 10.25 -41.78 75.42
N VAL G 39 9.93 -40.99 74.40
CA VAL G 39 8.65 -41.08 73.69
C VAL G 39 8.89 -41.04 72.18
N ASP G 40 7.87 -41.47 71.43
CA ASP G 40 7.90 -41.51 69.98
C ASP G 40 6.97 -40.43 69.43
N ILE G 41 7.41 -39.77 68.37
CA ILE G 41 6.67 -38.68 67.74
C ILE G 41 5.93 -39.20 66.52
N LYS G 42 4.62 -38.94 66.47
CA LYS G 42 3.79 -39.34 65.34
C LYS G 42 2.61 -38.36 65.27
N GLY G 43 2.67 -37.46 64.29
CA GLY G 43 1.67 -36.41 64.16
C GLY G 43 0.27 -36.86 63.78
N MET G 44 -0.66 -36.76 64.72
CA MET G 44 -2.08 -36.99 64.48
C MET G 44 -2.67 -35.78 63.77
N GLY G 45 -3.43 -36.02 62.71
CA GLY G 45 -3.98 -34.93 61.95
C GLY G 45 -5.32 -34.42 62.46
N THR G 46 -5.93 -35.11 63.42
CA THR G 46 -7.17 -34.63 64.01
C THR G 46 -6.95 -33.32 64.74
N VAL G 47 -5.83 -33.21 65.45
CA VAL G 47 -5.48 -32.02 66.19
C VAL G 47 -4.44 -31.26 65.39
N GLN G 48 -4.77 -30.05 64.98
CA GLN G 48 -3.89 -29.22 64.19
C GLN G 48 -2.96 -28.37 65.04
N LYS G 49 -3.21 -28.29 66.33
CA LYS G 49 -2.38 -27.53 67.25
C LYS G 49 -1.28 -28.41 67.83
N GLY G 50 -0.14 -27.81 68.11
CA GLY G 50 0.99 -28.52 68.68
C GLY G 50 1.62 -29.53 67.75
N MET G 51 1.38 -29.41 66.45
CA MET G 51 1.77 -30.44 65.51
C MET G 51 3.27 -30.38 65.24
N PRO G 52 3.97 -31.51 65.35
CA PRO G 52 5.40 -31.51 65.03
C PRO G 52 5.61 -31.36 63.54
N HIS G 53 6.78 -30.88 63.18
CA HIS G 53 7.11 -30.80 61.78
C HIS G 53 7.40 -32.20 61.24
N LYS G 54 7.30 -32.35 59.93
CA LYS G 54 7.36 -33.66 59.28
C LYS G 54 8.69 -34.36 59.46
N CYS G 55 9.77 -33.62 59.73
CA CYS G 55 11.06 -34.23 59.99
C CYS G 55 11.16 -34.86 61.37
N TYR G 56 10.18 -34.65 62.25
CA TYR G 56 10.16 -35.29 63.55
C TYR G 56 9.25 -36.49 63.61
N HIS G 57 8.41 -36.69 62.61
CA HIS G 57 7.48 -37.80 62.59
C HIS G 57 8.26 -39.10 62.45
N GLY G 58 8.06 -40.03 63.38
CA GLY G 58 8.85 -41.24 63.42
C GLY G 58 10.21 -41.10 64.05
N LYS G 59 10.48 -40.01 64.76
CA LYS G 59 11.68 -39.88 65.56
C LYS G 59 11.33 -40.08 67.02
N THR G 60 12.33 -40.47 67.79
CA THR G 60 12.16 -40.80 69.19
C THR G 60 13.02 -39.87 70.03
N GLY G 61 12.44 -39.27 71.06
CA GLY G 61 13.19 -38.34 71.85
C GLY G 61 12.97 -38.41 73.35
N ARG G 62 13.58 -37.48 74.07
CA ARG G 62 13.56 -37.44 75.51
C ARG G 62 12.86 -36.17 75.97
N VAL G 63 11.91 -36.33 76.89
CA VAL G 63 11.10 -35.20 77.34
C VAL G 63 11.89 -34.39 78.35
N TYR G 64 12.05 -33.08 78.08
CA TYR G 64 12.79 -32.19 78.95
C TYR G 64 11.91 -31.17 79.66
N ASN G 65 10.68 -30.95 79.19
CA ASN G 65 9.77 -29.96 79.75
C ASN G 65 8.34 -30.50 79.63
N VAL G 66 7.51 -30.26 80.64
CA VAL G 66 6.10 -30.64 80.65
C VAL G 66 5.24 -29.42 80.97
N THR G 67 4.22 -29.19 80.16
CA THR G 67 3.25 -28.13 80.36
C THR G 67 1.85 -28.77 80.42
N GLN G 68 0.82 -27.92 80.33
CA GLN G 68 -0.55 -28.36 80.55
C GLN G 68 -1.02 -29.35 79.49
N HIS G 69 -0.84 -29.01 78.22
CA HIS G 69 -1.32 -29.84 77.13
C HIS G 69 -0.21 -30.37 76.24
N ALA G 70 1.04 -30.10 76.57
CA ALA G 70 2.14 -30.40 75.67
C ALA G 70 3.40 -30.64 76.47
N VAL G 71 4.39 -31.20 75.79
CA VAL G 71 5.69 -31.43 76.39
C VAL G 71 6.77 -30.89 75.48
N GLY G 72 7.93 -30.61 76.07
CA GLY G 72 9.13 -30.33 75.31
C GLY G 72 9.93 -31.61 75.24
N ILE G 73 10.49 -31.87 74.06
CA ILE G 73 11.23 -33.09 73.80
C ILE G 73 12.58 -32.73 73.18
N VAL G 74 13.64 -33.40 73.63
CA VAL G 74 14.95 -33.33 73.00
C VAL G 74 14.98 -34.44 71.96
N VAL G 75 15.12 -34.06 70.70
CA VAL G 75 15.04 -34.99 69.58
C VAL G 75 16.32 -34.90 68.77
N ASN G 76 16.93 -36.02 68.46
CA ASN G 76 18.05 -35.99 67.55
C ASN G 76 17.56 -35.73 66.13
N LYS G 77 18.11 -34.70 65.49
CA LYS G 77 17.76 -34.38 64.12
C LYS G 77 19.05 -34.17 63.33
N GLN G 78 19.22 -34.93 62.26
CA GLN G 78 20.45 -34.86 61.48
C GLN G 78 20.34 -33.73 60.48
N VAL G 79 21.23 -32.75 60.61
CA VAL G 79 21.24 -31.61 59.70
C VAL G 79 22.53 -31.69 58.91
N LYS G 80 22.44 -32.26 57.70
CA LYS G 80 23.57 -32.59 56.83
C LYS G 80 24.62 -33.42 57.57
N GLY G 81 25.71 -32.79 57.99
CA GLY G 81 26.80 -33.50 58.61
C GLY G 81 26.89 -33.42 60.11
N LYS G 82 25.89 -32.83 60.76
CA LYS G 82 25.88 -32.72 62.20
C LYS G 82 24.52 -33.18 62.70
N ILE G 83 24.50 -33.74 63.90
CA ILE G 83 23.26 -34.12 64.55
C ILE G 83 23.01 -33.10 65.66
N LEU G 84 21.87 -32.43 65.59
CA LEU G 84 21.49 -31.47 66.60
C LEU G 84 20.52 -32.11 67.58
N ALA G 85 20.59 -31.67 68.83
CA ALA G 85 19.62 -32.07 69.85
C ALA G 85 18.55 -30.98 69.90
N LYS G 86 17.40 -31.30 69.34
CA LYS G 86 16.28 -30.40 69.20
C LYS G 86 15.55 -30.25 70.52
N ARG G 87 15.11 -29.02 70.76
CA ARG G 87 14.17 -28.67 71.81
C ARG G 87 12.85 -28.33 71.13
N ILE G 88 11.95 -29.30 70.99
CA ILE G 88 10.68 -29.01 70.33
C ILE G 88 9.55 -29.06 71.35
N ASN G 89 8.46 -28.37 71.03
CA ASN G 89 7.25 -28.37 71.83
C ASN G 89 6.16 -29.05 71.02
N VAL G 90 5.58 -30.09 71.58
CA VAL G 90 4.61 -30.90 70.85
C VAL G 90 3.54 -31.38 71.82
N ARG G 91 2.31 -31.37 71.35
CA ARG G 91 1.17 -31.68 72.19
C ARG G 91 1.10 -33.18 72.47
N ILE G 92 0.23 -33.53 73.42
CA ILE G 92 0.12 -34.90 73.91
C ILE G 92 -0.46 -35.84 72.85
N GLU G 93 -1.24 -35.30 71.91
CA GLU G 93 -1.84 -36.12 70.86
C GLU G 93 -0.81 -36.67 69.89
N HIS G 94 0.28 -35.98 69.67
CA HIS G 94 1.23 -36.37 68.65
C HIS G 94 2.38 -37.20 69.19
N ILE G 95 2.32 -37.64 70.45
CA ILE G 95 3.37 -38.46 71.03
C ILE G 95 2.77 -39.71 71.65
N LYS G 96 3.63 -40.68 71.90
CA LYS G 96 3.28 -41.95 72.51
C LYS G 96 4.54 -42.48 73.18
N HIS G 97 4.35 -43.17 74.30
CA HIS G 97 5.48 -43.70 75.06
C HIS G 97 6.23 -44.74 74.26
N SER G 98 7.54 -44.60 74.19
CA SER G 98 8.38 -45.58 73.53
C SER G 98 8.52 -46.82 74.39
N LYS G 99 8.40 -47.98 73.78
CA LYS G 99 8.57 -49.25 74.47
C LYS G 99 9.99 -49.79 74.34
N SER G 100 10.90 -49.02 73.74
CA SER G 100 12.24 -49.51 73.51
C SER G 100 13.05 -49.53 74.80
N ARG G 101 12.72 -48.64 75.73
CA ARG G 101 13.45 -48.56 76.98
C ARG G 101 12.79 -49.41 78.07
N ASP G 102 11.48 -49.66 77.96
CA ASP G 102 10.88 -50.41 79.05
C ASP G 102 11.12 -51.93 78.95
N SER G 103 11.76 -52.43 77.91
CA SER G 103 12.31 -53.77 77.92
C SER G 103 13.72 -53.83 78.50
N PHE G 104 14.50 -52.77 78.34
CA PHE G 104 15.75 -52.63 79.08
C PHE G 104 15.50 -52.44 80.57
N LEU G 105 14.39 -51.82 80.94
CA LEU G 105 14.01 -51.76 82.36
C LEU G 105 13.59 -53.13 82.89
N LYS G 106 12.91 -53.93 82.05
CA LYS G 106 12.62 -55.31 82.42
C LYS G 106 13.90 -56.12 82.55
N ARG G 107 14.88 -55.85 81.69
CA ARG G 107 16.15 -56.55 81.79
C ARG G 107 16.94 -56.14 83.02
N VAL G 108 16.94 -54.86 83.38
CA VAL G 108 17.68 -54.50 84.58
C VAL G 108 16.97 -54.99 85.83
N LYS G 109 15.64 -55.06 85.84
CA LYS G 109 14.98 -55.61 87.01
C LYS G 109 15.23 -57.12 87.13
N GLU G 110 15.27 -57.85 86.01
CA GLU G 110 15.61 -59.26 86.17
C GLU G 110 17.11 -59.50 86.24
N ASN G 111 17.95 -58.48 86.02
CA ASN G 111 19.38 -58.63 86.23
C ASN G 111 19.79 -58.28 87.65
N ASP G 112 19.18 -57.26 88.27
CA ASP G 112 19.45 -57.05 89.68
C ASP G 112 18.73 -58.09 90.53
N GLN G 113 17.55 -58.53 90.08
CA GLN G 113 16.98 -59.71 90.68
C GLN G 113 17.76 -60.94 90.35
N LYS G 114 18.77 -61.03 89.50
CA LYS G 114 19.57 -62.24 89.50
C LYS G 114 20.97 -62.02 90.05
N LYS G 115 21.34 -60.78 90.33
CA LYS G 115 22.52 -60.50 91.14
C LYS G 115 22.23 -60.70 92.62
N LYS G 116 21.08 -60.21 93.11
CA LYS G 116 20.89 -60.13 94.56
C LYS G 116 20.56 -61.51 95.15
N GLU G 117 19.78 -62.32 94.44
CA GLU G 117 19.83 -63.74 94.80
C GLU G 117 20.70 -64.51 93.83
N ALA G 118 20.97 -65.77 94.22
CA ALA G 118 21.99 -66.72 93.76
C ALA G 118 23.39 -66.31 94.22
N LYS G 119 23.52 -65.10 94.80
CA LYS G 119 24.76 -64.71 95.45
C LYS G 119 24.87 -65.41 96.81
N GLU G 120 23.76 -65.52 97.52
CA GLU G 120 23.76 -66.26 98.77
C GLU G 120 23.80 -67.77 98.53
N LYS G 121 23.41 -68.21 97.33
CA LYS G 121 23.56 -69.62 96.97
C LYS G 121 24.90 -69.93 96.31
N GLY G 122 25.68 -68.90 95.97
CA GLY G 122 27.04 -69.11 95.53
C GLY G 122 27.23 -69.34 94.05
N THR G 123 26.18 -69.67 93.30
CA THR G 123 26.35 -69.94 91.89
C THR G 123 26.43 -68.64 91.10
N TRP G 124 26.70 -68.79 89.80
CA TRP G 124 26.98 -67.68 88.90
C TRP G 124 25.94 -67.65 87.81
N VAL G 125 25.28 -66.50 87.63
CA VAL G 125 24.22 -66.33 86.65
C VAL G 125 24.84 -65.56 85.48
N GLN G 126 24.12 -65.51 84.37
CA GLN G 126 24.56 -64.75 83.22
C GLN G 126 23.67 -63.53 83.07
N LEU G 127 24.28 -62.37 82.78
CA LEU G 127 23.56 -61.11 82.65
C LEU G 127 23.74 -60.44 81.27
N LYS G 128 24.92 -60.54 80.68
CA LYS G 128 25.09 -60.09 79.30
C LYS G 128 24.41 -61.04 78.34
N ARG G 129 23.50 -60.55 77.52
CA ARG G 129 22.76 -61.48 76.67
C ARG G 129 23.61 -61.84 75.45
N GLN G 130 23.91 -63.12 75.31
CA GLN G 130 24.68 -63.57 74.17
C GLN G 130 23.82 -63.54 72.92
N PRO G 131 24.41 -63.35 71.74
CA PRO G 131 23.63 -63.46 70.50
C PRO G 131 23.24 -64.89 70.21
N ALA G 132 22.42 -65.07 69.17
CA ALA G 132 21.86 -66.36 68.78
C ALA G 132 22.98 -67.33 68.40
N PRO G 133 23.21 -68.34 69.23
CA PRO G 133 24.38 -69.21 69.05
C PRO G 133 24.20 -70.14 67.88
N PRO G 134 25.27 -70.78 67.42
CA PRO G 134 25.12 -71.90 66.48
C PRO G 134 24.29 -73.02 67.09
N ARG G 135 23.48 -73.67 66.27
CA ARG G 135 22.60 -74.71 66.75
C ARG G 135 23.39 -75.93 67.21
N GLU G 136 22.99 -76.48 68.35
CA GLU G 136 23.68 -77.59 68.96
C GLU G 136 23.52 -78.85 68.14
N ALA G 137 24.46 -79.78 68.34
CA ALA G 137 24.39 -81.06 67.67
C ALA G 137 23.21 -81.87 68.21
N HIS G 138 22.38 -82.37 67.31
CA HIS G 138 21.16 -83.03 67.69
C HIS G 138 20.91 -84.21 66.75
N PHE G 139 20.11 -85.15 67.22
CA PHE G 139 19.71 -86.30 66.45
C PHE G 139 18.34 -86.05 65.84
N VAL G 140 18.15 -86.51 64.60
CA VAL G 140 16.90 -86.37 63.89
C VAL G 140 16.35 -87.77 63.67
N ARG G 141 15.23 -88.07 64.32
CA ARG G 141 14.62 -89.39 64.22
C ARG G 141 13.74 -89.45 62.98
N THR G 142 14.06 -90.34 62.05
CA THR G 142 13.11 -90.78 61.04
C THR G 142 12.53 -92.15 61.40
N ASN G 143 11.54 -92.10 62.28
CA ASN G 143 10.94 -93.30 62.82
C ASN G 143 10.02 -93.98 61.80
N GLY G 144 10.56 -94.98 61.12
CA GLY G 144 9.78 -95.73 60.16
C GLY G 144 9.84 -95.18 58.75
N LYS G 145 9.31 -93.98 58.57
CA LYS G 145 9.16 -93.41 57.23
C LYS G 145 10.52 -92.99 56.67
N GLU G 146 10.69 -93.21 55.43
CA GLU G 146 11.81 -92.75 54.64
C GLU G 146 11.56 -91.30 54.20
N PRO G 147 12.60 -90.46 54.10
CA PRO G 147 12.40 -89.05 53.70
C PRO G 147 11.87 -88.90 52.29
N GLU G 148 10.86 -88.06 52.14
CA GLU G 148 10.04 -88.02 50.92
C GLU G 148 10.84 -87.43 49.76
N LEU G 149 10.76 -88.09 48.60
CA LEU G 149 11.59 -87.69 47.46
C LEU G 149 10.95 -86.56 46.67
N LEU G 150 11.72 -85.51 46.43
CA LEU G 150 11.27 -84.33 45.74
C LEU G 150 11.92 -84.26 44.36
N GLU G 151 11.13 -83.90 43.35
CA GLU G 151 11.65 -83.65 42.01
C GLU G 151 11.18 -82.28 41.56
N PRO G 152 11.96 -81.57 40.75
CA PRO G 152 11.45 -80.35 40.10
C PRO G 152 10.29 -80.67 39.16
N ILE G 153 9.35 -79.75 39.08
CA ILE G 153 8.13 -79.99 38.32
C ILE G 153 8.39 -79.73 36.84
N PRO G 154 7.68 -80.42 35.94
CA PRO G 154 7.78 -80.06 34.52
C PRO G 154 7.16 -78.70 34.26
N TYR G 155 7.74 -77.98 33.31
CA TYR G 155 7.25 -76.64 33.01
C TYR G 155 5.98 -76.73 32.20
N GLU G 156 4.89 -76.26 32.79
CA GLU G 156 3.64 -76.13 32.06
C GLU G 156 3.28 -74.66 32.00
N PHE G 157 2.98 -74.18 30.79
CA PHE G 157 2.62 -72.80 30.58
C PHE G 157 1.25 -72.55 31.19
N MET G 158 1.19 -71.71 32.23
CA MET G 158 0.03 -71.70 33.11
C MET G 158 -1.18 -71.02 32.45
N ALA G 159 -0.96 -69.90 31.78
CA ALA G 159 -2.06 -69.16 31.18
C ALA G 159 -1.61 -68.34 29.98
N GLN H 1 77.24 46.03 -66.96
CA GLN H 1 78.03 45.30 -65.97
C GLN H 1 78.61 44.02 -66.56
N LEU H 2 79.83 43.71 -66.17
CA LEU H 2 80.53 42.52 -66.67
C LEU H 2 80.99 41.72 -65.47
N LEU H 3 80.81 40.41 -65.55
CA LEU H 3 81.29 39.48 -64.54
C LEU H 3 82.47 38.69 -65.11
N LYS H 4 83.54 38.62 -64.33
CA LYS H 4 84.82 38.10 -64.82
C LYS H 4 85.49 37.37 -63.66
N PHE H 5 85.25 36.07 -63.54
CA PHE H 5 85.72 35.30 -62.40
C PHE H 5 86.95 34.50 -62.77
N THR H 6 87.95 34.47 -61.88
CA THR H 6 89.25 33.89 -62.18
C THR H 6 89.50 32.69 -61.29
N LEU H 7 90.13 31.65 -61.84
CA LEU H 7 90.45 30.43 -61.11
C LEU H 7 91.95 30.19 -61.28
N ASP H 8 92.66 30.02 -60.16
CA ASP H 8 94.11 29.94 -60.21
C ASP H 8 94.53 28.55 -59.76
N CYS H 9 94.88 27.71 -60.72
CA CYS H 9 95.53 26.43 -60.47
C CYS H 9 97.02 26.49 -60.82
N THR H 10 97.83 27.18 -60.02
CA THR H 10 99.26 27.08 -60.27
C THR H 10 99.82 25.78 -59.70
N HIS H 11 99.78 25.65 -58.37
CA HIS H 11 100.39 24.53 -57.66
C HIS H 11 99.96 23.13 -58.12
N PRO H 12 98.70 22.86 -58.51
CA PRO H 12 98.45 21.55 -59.13
C PRO H 12 99.00 21.39 -60.53
N VAL H 13 98.92 22.42 -61.38
CA VAL H 13 99.34 22.26 -62.78
C VAL H 13 100.86 22.19 -62.90
N GLU H 14 101.58 22.97 -62.09
CA GLU H 14 103.05 22.96 -62.16
C GLU H 14 103.62 21.64 -61.66
N ASP H 15 102.87 20.93 -60.83
CA ASP H 15 103.18 19.55 -60.49
C ASP H 15 102.50 18.55 -61.43
N GLY H 16 101.62 19.01 -62.31
CA GLY H 16 101.02 18.14 -63.31
C GLY H 16 99.95 17.21 -62.79
N ILE H 17 99.47 17.44 -61.57
CA ILE H 17 98.47 16.55 -60.99
C ILE H 17 97.09 16.83 -61.60
N MET H 18 96.90 17.97 -62.26
CA MET H 18 95.76 18.21 -63.12
C MET H 18 96.24 18.85 -64.42
N ASP H 19 95.30 19.11 -65.33
CA ASP H 19 95.61 19.77 -66.58
C ASP H 19 94.66 20.96 -66.79
N ALA H 20 95.25 22.12 -67.03
CA ALA H 20 94.44 23.32 -67.24
C ALA H 20 93.65 23.27 -68.54
N ALA H 21 94.19 22.59 -69.57
CA ALA H 21 93.51 22.48 -70.85
C ALA H 21 92.25 21.62 -70.74
N ASN H 22 92.33 20.45 -70.13
CA ASN H 22 91.10 19.66 -70.06
C ASN H 22 90.18 20.18 -68.96
N PHE H 23 90.71 20.95 -67.99
CA PHE H 23 89.81 21.66 -67.08
C PHE H 23 88.99 22.73 -67.80
N GLU H 24 89.63 23.50 -68.69
CA GLU H 24 88.84 24.53 -69.37
C GLU H 24 87.92 23.92 -70.42
N GLN H 25 88.29 22.78 -71.01
CA GLN H 25 87.34 22.09 -71.89
C GLN H 25 86.17 21.50 -71.11
N PHE H 26 86.44 21.03 -69.87
CA PHE H 26 85.38 20.56 -68.99
C PHE H 26 84.40 21.69 -68.67
N LEU H 27 84.94 22.87 -68.36
CA LEU H 27 84.07 24.03 -68.11
C LEU H 27 83.29 24.45 -69.35
N GLN H 28 83.91 24.42 -70.53
CA GLN H 28 83.21 24.77 -71.77
C GLN H 28 82.08 23.80 -72.06
N GLU H 29 82.27 22.51 -71.76
CA GLU H 29 81.21 21.54 -72.02
C GLU H 29 80.26 21.35 -70.85
N ARG H 30 80.49 22.01 -69.71
CA ARG H 30 79.63 21.78 -68.56
C ARG H 30 78.97 23.02 -67.97
N ILE H 31 79.30 24.24 -68.40
CA ILE H 31 78.63 25.41 -67.84
C ILE H 31 77.24 25.55 -68.46
N LYS H 32 76.22 25.61 -67.59
CA LYS H 32 74.86 25.86 -68.04
C LYS H 32 74.51 27.34 -67.93
N VAL H 33 74.00 27.89 -69.02
CA VAL H 33 73.36 29.20 -69.00
C VAL H 33 71.91 28.98 -69.43
N ASN H 34 70.98 29.43 -68.58
CA ASN H 34 69.54 29.26 -68.73
C ASN H 34 69.11 27.80 -68.84
N GLY H 35 69.89 26.87 -68.29
CA GLY H 35 69.48 25.48 -68.26
C GLY H 35 70.10 24.56 -69.29
N LYS H 36 70.82 25.08 -70.28
CA LYS H 36 71.46 24.24 -71.29
C LYS H 36 72.97 24.33 -71.10
N ALA H 37 73.61 23.17 -71.01
CA ALA H 37 75.06 23.12 -70.80
C ALA H 37 75.85 23.21 -72.08
N GLY H 38 75.20 23.25 -73.23
CA GLY H 38 75.90 23.28 -74.49
C GLY H 38 76.25 24.70 -74.94
N ASN H 39 77.35 24.77 -75.70
CA ASN H 39 77.78 25.94 -76.50
C ASN H 39 78.19 27.10 -75.55
N LEU H 40 78.41 26.79 -74.26
CA LEU H 40 78.81 27.73 -73.21
C LEU H 40 77.83 28.91 -73.14
N GLY H 41 76.54 28.61 -73.23
CA GLY H 41 75.54 29.65 -73.30
C GLY H 41 75.50 30.40 -74.62
N GLY H 42 76.01 29.79 -75.69
CA GLY H 42 76.10 30.50 -76.96
C GLY H 42 77.32 31.40 -76.99
N GLY H 43 77.13 32.62 -77.50
CA GLY H 43 78.21 33.59 -77.49
C GLY H 43 78.10 34.54 -76.32
N VAL H 44 77.58 34.04 -75.20
CA VAL H 44 77.31 34.88 -74.04
C VAL H 44 78.35 34.74 -72.94
N VAL H 45 78.66 33.53 -72.51
CA VAL H 45 79.77 33.27 -71.59
C VAL H 45 80.92 32.75 -72.44
N SER H 46 82.10 33.30 -72.24
CA SER H 46 83.30 32.75 -72.85
C SER H 46 84.41 32.69 -71.81
N LEU H 47 85.47 31.94 -72.14
CA LEU H 47 86.54 31.77 -71.16
C LEU H 47 87.88 31.62 -71.86
N GLU H 48 88.90 32.21 -71.25
CA GLU H 48 90.25 32.15 -71.75
C GLU H 48 91.14 31.47 -70.72
N ARG H 49 92.36 31.14 -71.14
CA ARG H 49 93.32 30.44 -70.31
C ARG H 49 94.65 31.20 -70.34
N SER H 50 95.06 31.72 -69.19
CA SER H 50 96.41 32.25 -69.04
C SER H 50 97.33 31.11 -68.62
N LYS H 51 98.52 31.45 -68.14
CA LYS H 51 99.45 30.40 -67.75
C LYS H 51 99.04 29.83 -66.41
N SER H 52 98.39 28.65 -66.43
CA SER H 52 97.83 27.95 -65.26
C SER H 52 96.83 28.81 -64.50
N LYS H 53 95.96 29.50 -65.25
CA LYS H 53 95.09 30.53 -64.71
C LYS H 53 93.95 30.67 -65.70
N ILE H 54 92.75 30.26 -65.30
CA ILE H 54 91.62 30.15 -66.22
C ILE H 54 90.55 31.15 -65.84
N THR H 55 90.10 31.93 -66.83
CA THR H 55 89.31 33.13 -66.56
C THR H 55 88.02 33.10 -67.36
N VAL H 56 86.91 33.38 -66.69
CA VAL H 56 85.57 33.25 -67.27
C VAL H 56 84.92 34.63 -67.32
N THR H 57 84.47 35.05 -68.50
CA THR H 57 83.74 36.29 -68.68
C THR H 57 82.29 36.03 -69.10
N SER H 58 81.39 36.86 -68.57
CA SER H 58 79.96 36.79 -68.84
C SER H 58 79.39 38.19 -68.70
N GLU H 59 78.43 38.54 -69.57
CA GLU H 59 77.72 39.81 -69.45
C GLU H 59 76.31 39.62 -68.93
N VAL H 60 75.97 38.41 -68.49
CA VAL H 60 74.69 38.10 -67.87
C VAL H 60 74.98 37.65 -66.44
N PRO H 61 73.96 37.68 -65.51
CA PRO H 61 74.18 37.12 -64.16
C PRO H 61 74.72 35.70 -64.08
N PHE H 62 75.91 35.58 -63.49
CA PHE H 62 76.61 34.30 -63.38
C PHE H 62 77.16 34.22 -61.96
N SER H 63 76.82 33.14 -61.26
CA SER H 63 77.29 32.98 -59.89
C SER H 63 78.77 32.62 -59.85
N LYS H 64 79.50 33.25 -58.94
CA LYS H 64 80.92 32.92 -58.78
C LYS H 64 81.10 31.52 -58.20
N ARG H 65 80.25 31.13 -57.26
CA ARG H 65 80.43 29.82 -56.66
C ARG H 65 79.89 28.68 -57.52
N TYR H 66 79.23 28.99 -58.64
CA TYR H 66 78.98 27.97 -59.65
C TYR H 66 80.31 27.46 -60.22
N LEU H 67 81.28 28.35 -60.42
CA LEU H 67 82.61 27.90 -60.82
C LEU H 67 83.29 27.07 -59.73
N LYS H 68 83.00 27.36 -58.46
CA LYS H 68 83.52 26.54 -57.38
C LYS H 68 82.89 25.15 -57.37
N TYR H 69 81.58 25.08 -57.59
CA TYR H 69 80.87 23.81 -57.67
C TYR H 69 81.35 22.98 -58.86
N LEU H 70 81.59 23.63 -60.01
CA LEU H 70 82.13 22.93 -61.16
C LEU H 70 83.58 22.51 -60.97
N THR H 71 84.38 23.33 -60.25
CA THR H 71 85.76 22.97 -59.95
C THR H 71 85.81 21.77 -59.01
N LYS H 72 84.92 21.73 -58.02
CA LYS H 72 84.86 20.59 -57.10
C LYS H 72 84.37 19.33 -57.81
N LYS H 73 83.43 19.49 -58.75
CA LYS H 73 83.00 18.35 -59.56
C LYS H 73 84.13 17.82 -60.43
N TYR H 74 84.94 18.72 -61.00
CA TYR H 74 86.11 18.32 -61.78
C TYR H 74 87.15 17.62 -60.92
N LEU H 75 87.37 18.11 -59.68
CA LEU H 75 88.30 17.45 -58.78
C LEU H 75 87.80 16.06 -58.36
N LYS H 76 86.49 15.90 -58.16
CA LYS H 76 85.96 14.58 -57.86
C LYS H 76 86.06 13.65 -59.06
N LYS H 77 85.93 14.19 -60.27
CA LYS H 77 86.20 13.40 -61.47
C LYS H 77 87.66 12.95 -61.53
N ASN H 78 88.60 13.83 -61.18
CA ASN H 78 90.02 13.52 -61.30
C ASN H 78 90.63 12.92 -60.04
N ASN H 79 89.79 12.62 -59.03
CA ASN H 79 90.21 12.03 -57.74
C ASN H 79 91.23 12.90 -57.02
N LEU H 80 91.08 14.23 -57.15
CA LEU H 80 91.99 15.17 -56.54
C LEU H 80 91.39 15.89 -55.35
N ARG H 81 90.20 15.49 -54.90
CA ARG H 81 89.44 16.20 -53.89
C ARG H 81 90.12 16.20 -52.52
N ASP H 82 90.94 15.19 -52.23
CA ASP H 82 91.62 15.08 -50.95
C ASP H 82 93.07 15.55 -50.99
N TRP H 83 93.47 16.24 -52.06
CA TRP H 83 94.80 16.81 -52.13
C TRP H 83 94.69 18.32 -52.32
N LEU H 84 93.74 18.74 -53.15
CA LEU H 84 93.50 20.14 -53.44
C LEU H 84 92.31 20.63 -52.62
N ARG H 85 92.11 21.94 -52.67
CA ARG H 85 91.05 22.60 -51.92
C ARG H 85 90.76 23.92 -52.61
N VAL H 86 89.51 24.13 -53.01
CA VAL H 86 89.11 25.37 -53.67
C VAL H 86 88.79 26.39 -52.57
N VAL H 87 89.49 27.52 -52.59
CA VAL H 87 89.25 28.57 -51.60
C VAL H 87 89.08 29.88 -52.33
N ALA H 88 88.39 30.82 -51.69
CA ALA H 88 88.28 32.17 -52.24
C ALA H 88 89.55 32.94 -51.96
N ASN H 89 90.29 33.26 -53.02
CA ASN H 89 91.49 34.08 -52.89
C ASN H 89 91.16 35.48 -52.43
N THR H 90 90.37 36.20 -53.22
CA THR H 90 89.80 37.49 -52.85
C THR H 90 88.34 37.43 -53.25
N LYS H 91 87.70 38.58 -53.32
CA LYS H 91 86.58 38.68 -54.24
C LYS H 91 87.08 38.44 -55.66
N GLU H 92 86.23 37.79 -56.47
CA GLU H 92 86.33 37.58 -57.92
C GLU H 92 87.29 36.43 -58.27
N SER H 93 87.96 35.86 -57.27
CA SER H 93 88.96 34.85 -57.55
C SER H 93 88.78 33.63 -56.67
N TYR H 94 89.10 32.45 -57.22
CA TYR H 94 89.33 31.24 -56.44
C TYR H 94 90.73 30.74 -56.73
N GLU H 95 91.32 30.07 -55.76
CA GLU H 95 92.54 29.33 -56.04
C GLU H 95 92.47 27.93 -55.47
N LEU H 96 93.33 27.09 -56.03
CA LEU H 96 93.36 25.69 -55.65
C LEU H 96 94.62 25.45 -54.83
N ARG H 97 94.44 25.21 -53.53
CA ARG H 97 95.54 25.08 -52.58
C ARG H 97 95.59 23.67 -52.00
N TYR H 98 96.79 23.21 -51.74
CA TYR H 98 96.98 21.96 -51.04
C TYR H 98 96.68 22.14 -49.56
N PHE H 99 96.30 21.05 -48.92
CA PHE H 99 95.99 21.06 -47.50
C PHE H 99 97.22 21.32 -46.64
N SER I 1 22.27 -40.27 -37.34
CA SER I 1 22.23 -39.11 -38.22
C SER I 1 20.93 -39.06 -39.02
N LYS I 2 20.85 -39.91 -40.04
CA LYS I 2 19.66 -39.97 -40.87
C LYS I 2 18.58 -40.85 -40.24
N ARG I 3 18.93 -42.12 -39.99
CA ARG I 3 18.06 -43.14 -39.39
C ARG I 3 16.77 -43.32 -40.18
N GLY I 4 16.93 -43.44 -41.49
CA GLY I 4 15.82 -43.39 -42.42
C GLY I 4 15.55 -44.74 -43.07
N ARG I 5 14.28 -44.95 -43.43
CA ARG I 5 13.87 -46.18 -44.10
C ARG I 5 14.42 -46.26 -45.52
N GLY I 6 14.62 -45.13 -46.18
CA GLY I 6 15.24 -45.14 -47.50
C GLY I 6 16.74 -44.90 -47.45
N GLY I 7 17.52 -45.96 -47.48
CA GLY I 7 18.96 -45.82 -47.33
C GLY I 7 19.79 -46.59 -48.33
N SER I 8 20.91 -46.02 -48.75
CA SER I 8 21.87 -46.68 -49.62
C SER I 8 22.70 -47.68 -48.81
N SER I 9 23.37 -48.57 -49.53
CA SER I 9 24.15 -49.64 -48.88
C SER I 9 25.35 -49.09 -48.12
N GLY I 10 26.04 -48.11 -48.69
CA GLY I 10 27.24 -47.58 -48.09
C GLY I 10 26.98 -46.30 -47.31
N ALA I 11 27.56 -46.23 -46.13
CA ALA I 11 27.34 -45.11 -45.21
C ALA I 11 28.37 -44.00 -45.46
N LYS I 12 28.08 -42.83 -44.90
CA LYS I 12 28.82 -41.63 -45.26
C LYS I 12 30.15 -41.54 -44.53
N PHE I 13 31.14 -41.00 -45.23
CA PHE I 13 32.45 -40.75 -44.65
C PHE I 13 32.42 -39.44 -43.87
N ARG I 14 33.32 -39.34 -42.90
CA ARG I 14 33.33 -38.20 -42.01
C ARG I 14 33.88 -36.98 -42.74
N ILE I 15 33.14 -35.88 -42.68
CA ILE I 15 33.54 -34.62 -43.28
C ILE I 15 33.63 -33.58 -42.19
N SER I 16 34.27 -32.46 -42.52
CA SER I 16 34.43 -31.38 -41.56
C SER I 16 33.10 -30.68 -41.34
N LEU I 17 32.82 -30.37 -40.08
CA LEU I 17 31.56 -29.77 -39.68
C LEU I 17 31.78 -28.28 -39.48
N GLY I 18 31.07 -27.46 -40.24
CA GLY I 18 31.30 -26.05 -40.19
C GLY I 18 30.14 -25.24 -39.69
N LEU I 19 29.04 -25.91 -39.36
CA LEU I 19 27.78 -25.25 -38.99
C LEU I 19 27.35 -25.68 -37.61
N PRO I 20 27.74 -24.95 -36.57
CA PRO I 20 27.28 -25.28 -35.21
C PRO I 20 25.85 -24.82 -34.98
N VAL I 21 25.40 -25.03 -33.74
CA VAL I 21 24.16 -24.43 -33.30
C VAL I 21 24.34 -22.91 -33.25
N GLY I 22 23.34 -22.18 -33.73
CA GLY I 22 23.39 -20.75 -33.84
C GLY I 22 23.69 -20.27 -35.23
N ALA I 23 24.19 -21.13 -36.09
CA ALA I 23 24.53 -20.75 -37.46
C ALA I 23 23.26 -20.48 -38.24
N VAL I 24 23.25 -19.33 -38.91
CA VAL I 24 22.15 -18.95 -39.80
C VAL I 24 22.62 -19.20 -41.21
N ILE I 25 21.96 -20.14 -41.89
CA ILE I 25 22.34 -20.52 -43.23
C ILE I 25 21.22 -20.06 -44.17
N ASN I 26 21.57 -19.93 -45.45
CA ASN I 26 20.63 -19.58 -46.50
C ASN I 26 19.65 -20.73 -46.64
N CYS I 27 18.42 -20.40 -46.96
CA CYS I 27 17.38 -21.37 -47.23
C CYS I 27 17.25 -21.44 -48.74
N ALA I 28 17.83 -22.47 -49.34
CA ALA I 28 18.02 -22.51 -50.78
C ALA I 28 16.89 -23.23 -51.51
N ASP I 29 15.64 -22.85 -51.24
CA ASP I 29 14.48 -23.39 -51.93
C ASP I 29 13.37 -22.35 -51.88
N ASN I 30 12.28 -22.63 -52.61
CA ASN I 30 11.21 -21.66 -52.81
C ASN I 30 10.10 -21.76 -51.77
N THR I 31 10.41 -22.18 -50.54
CA THR I 31 9.41 -22.18 -49.47
C THR I 31 8.98 -20.78 -49.06
N GLY I 32 9.78 -19.76 -49.39
CA GLY I 32 9.58 -18.41 -48.92
C GLY I 32 10.49 -18.05 -47.78
N ALA I 33 11.06 -19.04 -47.11
CA ALA I 33 12.04 -18.80 -46.06
C ALA I 33 13.36 -18.39 -46.68
N LYS I 34 14.01 -17.41 -46.07
CA LYS I 34 15.32 -16.96 -46.52
C LYS I 34 16.44 -17.38 -45.58
N ASN I 35 16.12 -17.78 -44.37
CA ASN I 35 17.11 -18.07 -43.35
C ASN I 35 16.74 -19.35 -42.63
N LEU I 36 17.74 -20.13 -42.29
CA LEU I 36 17.55 -21.29 -41.43
C LEU I 36 18.49 -21.15 -40.23
N TYR I 37 17.92 -20.97 -39.06
CA TYR I 37 18.68 -20.84 -37.82
C TYR I 37 18.74 -22.20 -37.16
N ILE I 38 19.94 -22.77 -37.10
CA ILE I 38 20.15 -24.13 -36.63
C ILE I 38 20.09 -24.14 -35.11
N ILE I 39 19.19 -24.95 -34.54
CA ILE I 39 19.05 -25.04 -33.10
C ILE I 39 19.55 -26.37 -32.53
N SER I 40 19.66 -27.41 -33.36
CA SER I 40 20.41 -28.63 -33.07
C SER I 40 20.50 -29.45 -34.35
N VAL I 41 21.36 -30.46 -34.30
CA VAL I 41 21.68 -31.30 -35.45
C VAL I 41 21.31 -32.73 -35.06
N LYS I 42 20.76 -33.49 -36.00
CA LYS I 42 20.36 -34.86 -35.73
C LYS I 42 21.57 -35.76 -35.55
N GLY I 43 21.41 -36.80 -34.73
CA GLY I 43 22.39 -37.85 -34.62
C GLY I 43 23.52 -37.61 -33.67
N ILE I 44 23.60 -36.44 -33.03
CA ILE I 44 24.74 -36.09 -32.18
C ILE I 44 24.44 -36.42 -30.73
N LYS I 45 25.32 -37.24 -30.16
CA LYS I 45 25.30 -37.48 -28.73
C LYS I 45 26.11 -36.44 -27.97
N GLY I 46 27.28 -36.08 -28.48
CA GLY I 46 27.96 -34.89 -28.00
C GLY I 46 28.88 -35.10 -26.82
N ARG I 47 29.31 -33.98 -26.25
CA ARG I 47 30.34 -33.95 -25.22
C ARG I 47 30.11 -32.67 -24.44
N LEU I 48 30.68 -32.60 -23.24
CA LEU I 48 30.56 -31.41 -22.40
C LEU I 48 31.22 -30.21 -23.07
N ASN I 49 30.44 -29.14 -23.17
CA ASN I 49 30.72 -27.83 -23.75
C ASN I 49 30.84 -27.85 -25.26
N ARG I 50 30.78 -29.00 -25.92
CA ARG I 50 30.92 -29.06 -27.37
C ARG I 50 29.61 -28.68 -28.03
N LEU I 51 29.67 -27.77 -28.98
CA LEU I 51 28.48 -27.46 -29.77
C LEU I 51 28.16 -28.63 -30.70
N PRO I 52 26.89 -29.00 -30.83
CA PRO I 52 26.49 -29.84 -31.98
C PRO I 52 26.77 -29.07 -33.26
N ALA I 53 27.24 -29.79 -34.27
CA ALA I 53 27.68 -29.16 -35.49
C ALA I 53 27.26 -30.01 -36.69
N ALA I 54 27.15 -29.36 -37.84
CA ALA I 54 26.59 -29.98 -39.02
C ALA I 54 27.50 -29.76 -40.22
N GLY I 55 27.57 -30.78 -41.07
CA GLY I 55 28.20 -30.66 -42.36
C GLY I 55 27.12 -30.81 -43.42
N VAL I 56 27.50 -30.98 -44.68
CA VAL I 56 26.49 -31.16 -45.71
C VAL I 56 25.89 -32.56 -45.59
N GLY I 57 24.57 -32.64 -45.79
CA GLY I 57 23.85 -33.88 -45.73
C GLY I 57 23.30 -34.23 -44.36
N ASP I 58 23.82 -33.64 -43.30
CA ASP I 58 23.35 -33.92 -41.97
C ASP I 58 22.07 -33.13 -41.70
N MET I 59 21.11 -33.78 -41.06
CA MET I 59 19.81 -33.17 -40.80
C MET I 59 19.91 -32.37 -39.50
N VAL I 60 19.25 -31.22 -39.48
CA VAL I 60 19.30 -30.25 -38.40
C VAL I 60 17.89 -29.85 -38.05
N MET I 61 17.73 -29.29 -36.87
CA MET I 61 16.50 -28.60 -36.50
C MET I 61 16.76 -27.12 -36.71
N ALA I 62 15.82 -26.43 -37.35
CA ALA I 62 16.05 -25.05 -37.74
C ALA I 62 14.76 -24.28 -37.70
N THR I 63 14.86 -23.06 -37.19
CA THR I 63 13.79 -22.08 -37.26
C THR I 63 14.01 -21.22 -38.49
N VAL I 64 13.03 -20.40 -38.81
CA VAL I 64 13.15 -19.43 -39.89
C VAL I 64 13.20 -18.05 -39.25
N LYS I 65 14.27 -17.31 -39.47
CA LYS I 65 14.37 -15.98 -38.91
C LYS I 65 13.87 -14.91 -39.87
N LYS I 66 13.86 -15.17 -41.17
CA LYS I 66 13.34 -14.20 -42.12
C LYS I 66 12.66 -14.96 -43.25
N GLY I 67 11.42 -14.60 -43.52
CA GLY I 67 10.64 -15.27 -44.53
C GLY I 67 9.17 -14.94 -44.34
N LYS I 68 8.33 -15.81 -44.87
CA LYS I 68 6.89 -15.66 -44.72
C LYS I 68 6.51 -15.90 -43.26
N PRO I 69 5.47 -15.22 -42.74
CA PRO I 69 5.15 -15.32 -41.32
C PRO I 69 4.57 -16.67 -40.90
N GLU I 70 4.04 -17.47 -41.82
CA GLU I 70 3.55 -18.79 -41.46
C GLU I 70 4.66 -19.83 -41.39
N LEU I 71 5.89 -19.45 -41.72
CA LEU I 71 7.03 -20.32 -41.54
C LEU I 71 7.81 -20.04 -40.27
N ARG I 72 7.61 -18.90 -39.65
CA ARG I 72 8.43 -18.54 -38.50
C ARG I 72 7.78 -19.04 -37.21
N LYS I 73 8.50 -18.78 -36.10
CA LYS I 73 8.07 -19.09 -34.73
C LYS I 73 7.79 -20.58 -34.52
N LYS I 74 8.55 -21.43 -35.22
CA LYS I 74 8.38 -22.87 -35.15
C LYS I 74 9.66 -23.53 -35.66
N VAL I 75 9.74 -24.84 -35.45
CA VAL I 75 10.94 -25.63 -35.76
C VAL I 75 10.61 -26.57 -36.90
N HIS I 76 11.53 -26.69 -37.86
CA HIS I 76 11.40 -27.64 -38.95
C HIS I 76 12.69 -28.44 -39.02
N PRO I 77 12.62 -29.70 -39.45
CA PRO I 77 13.84 -30.37 -39.88
C PRO I 77 14.33 -29.74 -41.17
N ALA I 78 15.64 -29.78 -41.36
CA ALA I 78 16.27 -29.22 -42.54
C ALA I 78 17.54 -30.00 -42.81
N VAL I 79 18.01 -29.95 -44.05
CA VAL I 79 19.23 -30.66 -44.43
C VAL I 79 20.19 -29.67 -45.08
N VAL I 80 21.41 -29.59 -44.56
CA VAL I 80 22.43 -28.70 -45.10
C VAL I 80 22.91 -29.22 -46.45
N ILE I 81 22.80 -28.39 -47.48
CA ILE I 81 23.25 -28.76 -48.82
C ILE I 81 24.54 -28.08 -49.23
N ARG I 82 24.96 -27.00 -48.57
CA ARG I 82 26.19 -26.30 -48.92
C ARG I 82 26.85 -25.79 -47.66
N GLN I 83 28.19 -25.72 -47.68
CA GLN I 83 28.90 -25.19 -46.53
C GLN I 83 30.20 -24.49 -46.95
N ARG I 84 30.60 -23.50 -46.16
CA ARG I 84 31.82 -22.74 -46.39
C ARG I 84 33.06 -23.42 -45.84
N LYS I 85 32.89 -24.33 -44.90
CA LYS I 85 34.04 -25.05 -44.36
C LYS I 85 34.49 -26.07 -45.39
N SER I 86 35.79 -26.06 -45.69
CA SER I 86 36.31 -26.99 -46.68
C SER I 86 36.34 -28.38 -46.09
N TYR I 87 35.75 -29.32 -46.80
CA TYR I 87 35.74 -30.70 -46.37
C TYR I 87 36.51 -31.52 -47.40
N ARG I 88 37.12 -32.59 -46.91
CA ARG I 88 37.95 -33.47 -47.72
C ARG I 88 37.13 -34.66 -48.17
N ARG I 89 37.03 -34.84 -49.48
CA ARG I 89 36.44 -36.05 -50.04
C ARG I 89 37.45 -37.18 -49.96
N LYS I 90 36.97 -38.39 -50.20
CA LYS I 90 37.84 -39.55 -50.10
C LYS I 90 38.86 -39.61 -51.23
N ASP I 91 38.69 -38.81 -52.30
CA ASP I 91 39.68 -38.62 -53.35
C ASP I 91 40.80 -37.68 -52.85
N GLY I 92 40.74 -37.22 -51.60
CA GLY I 92 41.70 -36.27 -51.08
C GLY I 92 41.46 -34.86 -51.53
N VAL I 93 40.37 -34.60 -52.25
CA VAL I 93 40.11 -33.29 -52.84
C VAL I 93 39.28 -32.46 -51.88
N PHE I 94 39.63 -31.18 -51.74
CA PHE I 94 39.00 -30.32 -50.75
C PHE I 94 38.01 -29.38 -51.45
N LEU I 95 36.76 -29.43 -51.02
CA LEU I 95 35.71 -28.56 -51.56
C LEU I 95 35.02 -27.76 -50.47
N TYR I 96 34.73 -26.51 -50.80
CA TYR I 96 33.90 -25.64 -50.00
C TYR I 96 33.07 -24.76 -50.92
N PHE I 97 32.03 -24.17 -50.35
CA PHE I 97 31.15 -23.24 -51.04
C PHE I 97 31.36 -21.84 -50.45
N GLU I 98 30.79 -20.82 -51.09
CA GLU I 98 30.91 -19.49 -50.50
C GLU I 98 29.73 -19.15 -49.62
N ASP I 99 28.78 -20.06 -49.49
CA ASP I 99 27.60 -19.83 -48.70
C ASP I 99 27.26 -21.12 -47.97
N ASN I 100 26.72 -20.97 -46.79
CA ASN I 100 26.16 -22.10 -46.05
C ASN I 100 24.68 -22.15 -46.38
N ALA I 101 24.18 -23.30 -46.83
CA ALA I 101 22.80 -23.37 -47.27
C ALA I 101 22.16 -24.70 -46.93
N GLY I 102 20.85 -24.65 -46.68
CA GLY I 102 20.06 -25.82 -46.41
C GLY I 102 18.65 -25.65 -46.92
N VAL I 103 17.89 -26.75 -46.89
CA VAL I 103 16.52 -26.80 -47.38
C VAL I 103 15.63 -27.48 -46.33
N ILE I 104 14.41 -26.96 -46.19
CA ILE I 104 13.47 -27.43 -45.16
C ILE I 104 12.87 -28.76 -45.58
N VAL I 105 12.98 -29.77 -44.71
CA VAL I 105 12.51 -31.11 -44.97
C VAL I 105 11.55 -31.54 -43.86
N ASN I 106 11.03 -32.76 -43.97
CA ASN I 106 10.22 -33.39 -42.93
C ASN I 106 11.00 -34.54 -42.29
N ASN I 107 10.30 -35.29 -41.44
CA ASN I 107 10.91 -36.43 -40.76
C ASN I 107 11.31 -37.53 -41.75
N LYS I 108 10.48 -37.76 -42.77
CA LYS I 108 10.79 -38.80 -43.74
C LYS I 108 11.91 -38.37 -44.67
N GLY I 109 11.98 -37.09 -45.02
CA GLY I 109 13.06 -36.60 -45.86
C GLY I 109 12.62 -35.78 -47.05
N GLU I 110 11.33 -35.47 -47.16
CA GLU I 110 10.80 -34.76 -48.31
C GLU I 110 10.84 -33.27 -48.03
N MET I 111 11.38 -32.52 -48.98
CA MET I 111 11.42 -31.08 -48.85
C MET I 111 10.02 -30.49 -48.96
N LYS I 112 9.78 -29.43 -48.17
CA LYS I 112 8.54 -28.69 -48.29
C LYS I 112 8.47 -27.95 -49.62
N GLY I 113 9.60 -27.42 -50.08
CA GLY I 113 9.68 -26.74 -51.35
C GLY I 113 9.82 -27.71 -52.50
N SER I 114 9.91 -27.17 -53.71
CA SER I 114 9.91 -28.00 -54.89
C SER I 114 10.96 -27.65 -55.94
N ALA I 115 11.91 -26.75 -55.62
CA ALA I 115 13.05 -26.51 -56.47
C ALA I 115 14.15 -25.94 -55.60
N ILE I 116 15.41 -26.22 -55.95
CA ILE I 116 16.57 -25.80 -55.16
C ILE I 116 17.39 -24.84 -56.00
N THR I 117 17.71 -23.68 -55.42
CA THR I 117 18.67 -22.77 -56.03
C THR I 117 20.06 -23.11 -55.54
N GLY I 118 21.05 -22.95 -56.41
CA GLY I 118 22.42 -23.24 -56.05
C GLY I 118 22.73 -24.72 -56.13
N PRO I 119 24.01 -25.07 -56.06
CA PRO I 119 24.39 -26.48 -56.09
C PRO I 119 24.09 -27.18 -54.78
N VAL I 120 24.07 -28.51 -54.86
CA VAL I 120 23.94 -29.39 -53.70
C VAL I 120 25.13 -30.32 -53.70
N ALA I 121 25.78 -30.48 -52.55
CA ALA I 121 26.93 -31.37 -52.44
C ALA I 121 26.53 -32.82 -52.72
N LYS I 122 27.50 -33.60 -53.19
CA LYS I 122 27.29 -35.03 -53.44
C LYS I 122 26.98 -35.78 -52.16
N GLU I 123 27.61 -35.39 -51.05
CA GLU I 123 27.39 -36.01 -49.76
C GLU I 123 25.95 -35.82 -49.29
N CYS I 124 25.36 -34.67 -49.58
CA CYS I 124 23.94 -34.46 -49.34
C CYS I 124 23.06 -35.15 -50.38
N ALA I 125 23.49 -35.17 -51.64
CA ALA I 125 22.66 -35.63 -52.74
C ALA I 125 22.43 -37.14 -52.70
N ASP I 126 23.47 -37.93 -52.45
CA ASP I 126 23.26 -39.38 -52.40
C ASP I 126 22.56 -39.82 -51.13
N LEU I 127 22.78 -39.09 -50.03
CA LEU I 127 22.16 -39.44 -48.76
C LEU I 127 20.68 -39.06 -48.73
N TRP I 128 20.30 -38.01 -49.46
CA TRP I 128 18.92 -37.55 -49.51
C TRP I 128 18.45 -37.51 -50.95
N PRO I 129 17.82 -38.58 -51.44
CA PRO I 129 17.51 -38.67 -52.88
C PRO I 129 16.38 -37.77 -53.32
N ARG I 130 15.51 -37.33 -52.41
CA ARG I 130 14.49 -36.35 -52.78
C ARG I 130 15.06 -34.94 -52.89
N ILE I 131 16.20 -34.67 -52.24
CA ILE I 131 16.90 -33.42 -52.44
C ILE I 131 17.62 -33.42 -53.79
N ALA I 132 18.23 -34.55 -54.15
CA ALA I 132 19.00 -34.62 -55.39
C ALA I 132 18.11 -34.59 -56.62
N SER I 133 16.84 -34.96 -56.46
CA SER I 133 15.90 -34.85 -57.55
C SER I 133 15.61 -33.40 -57.93
N ASN I 134 15.52 -32.50 -56.94
CA ASN I 134 15.26 -31.09 -57.20
C ASN I 134 16.51 -30.24 -57.25
N ALA I 135 17.69 -30.82 -57.02
CA ALA I 135 18.94 -30.12 -57.26
C ALA I 135 19.11 -29.83 -58.74
N GLY I 136 19.61 -28.63 -59.06
CA GLY I 136 19.92 -28.31 -60.45
C GLY I 136 21.34 -28.71 -60.81
N SER I 137 22.30 -28.26 -60.00
CA SER I 137 23.67 -28.68 -60.12
C SER I 137 24.08 -29.44 -58.87
N ILE I 138 25.01 -30.37 -59.04
CA ILE I 138 25.39 -31.29 -57.97
C ILE I 138 26.88 -31.15 -57.69
N ALA I 139 27.22 -30.96 -56.42
CA ALA I 139 28.59 -30.86 -55.89
C ALA I 139 29.40 -29.72 -56.51
N MET J 1 42.26 -41.64 -62.62
CA MET J 1 42.87 -40.42 -62.13
C MET J 1 42.95 -39.35 -63.21
N LYS J 2 42.42 -38.18 -62.89
CA LYS J 2 42.46 -37.04 -63.79
C LYS J 2 43.19 -35.88 -63.12
N VAL J 3 43.91 -35.11 -63.93
CA VAL J 3 44.60 -33.90 -63.51
C VAL J 3 43.85 -32.70 -64.05
N GLU J 4 43.61 -31.72 -63.19
CA GLU J 4 42.93 -30.50 -63.53
C GLU J 4 43.89 -29.33 -63.69
N LEU J 5 43.47 -28.40 -64.53
CA LEU J 5 44.16 -27.14 -64.76
C LEU J 5 43.60 -26.12 -63.78
N CYS J 6 44.51 -25.48 -63.02
CA CYS J 6 44.11 -24.50 -62.01
C CYS J 6 43.39 -23.33 -62.63
N SER J 7 42.25 -22.96 -62.02
CA SER J 7 41.35 -21.96 -62.58
C SER J 7 41.96 -20.57 -62.66
N PHE J 8 42.89 -20.24 -61.77
CA PHE J 8 43.58 -18.97 -61.84
C PHE J 8 44.86 -19.07 -62.66
N SER J 9 45.79 -19.92 -62.27
CA SER J 9 47.12 -19.90 -62.84
C SER J 9 47.24 -20.69 -64.13
N GLY J 10 46.42 -21.74 -64.30
CA GLY J 10 46.60 -22.66 -65.40
C GLY J 10 47.59 -23.77 -65.13
N TYR J 11 48.19 -23.82 -63.94
CA TYR J 11 49.04 -24.94 -63.57
C TYR J 11 48.21 -26.20 -63.37
N LYS J 12 48.81 -27.33 -63.69
CA LYS J 12 48.17 -28.62 -63.47
C LYS J 12 48.10 -28.90 -61.98
N ILE J 13 46.93 -29.37 -61.53
CA ILE J 13 46.73 -29.70 -60.12
C ILE J 13 46.81 -31.20 -59.96
N TYR J 14 47.70 -31.64 -59.11
CA TYR J 14 47.92 -33.05 -58.88
C TYR J 14 47.01 -33.53 -57.76
N PRO J 15 46.58 -34.83 -57.79
CA PRO J 15 45.34 -35.23 -57.11
C PRO J 15 45.22 -35.06 -55.61
N GLY J 16 46.32 -34.87 -54.90
CA GLY J 16 46.20 -34.63 -53.48
C GLY J 16 46.46 -33.21 -53.04
N HIS J 17 46.42 -32.28 -53.98
CA HIS J 17 46.82 -30.90 -53.74
C HIS J 17 45.68 -29.95 -54.07
N GLY J 18 45.71 -28.78 -53.44
CA GLY J 18 44.84 -27.69 -53.84
C GLY J 18 43.44 -27.78 -53.28
N ARG J 19 42.61 -26.85 -53.75
CA ARG J 19 41.23 -26.74 -53.31
C ARG J 19 40.29 -26.61 -54.49
N ARG J 20 39.06 -27.00 -54.27
CA ARG J 20 37.96 -26.74 -55.19
C ARG J 20 37.00 -25.77 -54.52
N TYR J 21 36.39 -24.90 -55.31
CA TYR J 21 35.49 -23.88 -54.79
C TYR J 21 34.31 -23.73 -55.73
N ALA J 22 33.11 -24.05 -55.24
CA ALA J 22 31.92 -24.09 -56.08
C ALA J 22 31.06 -22.87 -55.82
N ARG J 23 30.75 -22.10 -56.86
CA ARG J 23 29.91 -20.94 -56.62
C ARG J 23 28.44 -21.31 -56.59
N THR J 24 27.62 -20.30 -56.28
CA THR J 24 26.19 -20.44 -56.05
C THR J 24 25.38 -20.49 -57.36
N ASP J 25 26.03 -20.37 -58.51
CA ASP J 25 25.39 -20.51 -59.80
C ASP J 25 26.12 -21.60 -60.60
N GLY J 26 26.46 -22.70 -59.92
CA GLY J 26 27.38 -23.64 -60.53
C GLY J 26 28.78 -23.05 -60.48
N LYS J 27 29.53 -23.25 -61.57
CA LYS J 27 30.85 -22.67 -61.79
C LYS J 27 31.84 -23.09 -60.70
N VAL J 28 32.13 -24.38 -60.72
CA VAL J 28 33.10 -24.96 -59.81
C VAL J 28 34.50 -24.65 -60.33
N PHE J 29 35.35 -24.08 -59.47
CA PHE J 29 36.71 -23.72 -59.82
C PHE J 29 37.69 -24.57 -59.02
N GLN J 30 38.92 -24.64 -59.52
CA GLN J 30 39.98 -25.41 -58.89
C GLN J 30 41.24 -24.56 -58.78
N PHE J 31 41.85 -24.57 -57.61
CA PHE J 31 42.98 -23.72 -57.31
C PHE J 31 44.14 -24.57 -56.84
N LEU J 32 45.31 -24.28 -57.39
CA LEU J 32 46.56 -24.98 -57.08
C LEU J 32 47.01 -24.73 -55.65
N ASN J 33 46.93 -23.48 -55.19
CA ASN J 33 47.27 -23.14 -53.81
C ASN J 33 46.54 -21.87 -53.41
N ALA J 34 46.76 -21.47 -52.16
CA ALA J 34 46.04 -20.34 -51.58
C ALA J 34 46.44 -19.02 -52.20
N LYS J 35 47.63 -18.95 -52.82
CA LYS J 35 48.03 -17.79 -53.62
C LYS J 35 47.05 -17.53 -54.76
N CYS J 36 46.84 -18.54 -55.61
CA CYS J 36 45.90 -18.42 -56.72
C CYS J 36 44.46 -18.32 -56.24
N GLU J 37 44.13 -19.01 -55.15
CA GLU J 37 42.77 -18.98 -54.62
C GLU J 37 42.42 -17.59 -54.08
N SER J 38 43.29 -16.99 -53.28
CA SER J 38 43.05 -15.64 -52.80
C SER J 38 43.13 -14.62 -53.94
N ALA J 39 43.88 -14.95 -54.99
CA ALA J 39 43.88 -14.11 -56.16
C ALA J 39 42.52 -14.07 -56.86
N PHE J 40 41.94 -15.24 -57.10
CA PHE J 40 40.66 -15.33 -57.76
C PHE J 40 39.55 -14.76 -56.88
N LEU J 41 39.68 -14.94 -55.57
CA LEU J 41 38.69 -14.39 -54.65
C LEU J 41 38.79 -12.88 -54.52
N SER J 42 39.95 -12.28 -54.79
CA SER J 42 39.96 -10.83 -54.92
C SER J 42 39.79 -10.41 -56.35
N LYS J 43 39.33 -11.31 -57.22
CA LYS J 43 38.69 -10.95 -58.49
C LYS J 43 39.72 -10.50 -59.50
N ARG J 44 40.95 -10.89 -59.25
CA ARG J 44 42.09 -10.47 -60.01
C ARG J 44 42.19 -11.19 -61.35
N ASN J 45 42.60 -10.44 -62.38
CA ASN J 45 42.75 -10.99 -63.71
C ASN J 45 44.02 -11.82 -63.76
N PRO J 46 43.96 -13.09 -64.19
CA PRO J 46 45.19 -13.85 -64.41
C PRO J 46 46.05 -13.26 -65.53
N ARG J 47 45.42 -12.57 -66.47
CA ARG J 47 46.08 -12.03 -67.65
C ARG J 47 46.97 -10.84 -67.34
N GLN J 48 46.95 -10.32 -66.12
CA GLN J 48 47.81 -9.21 -65.71
C GLN J 48 48.77 -9.59 -64.59
N ILE J 49 48.92 -10.88 -64.32
CA ILE J 49 49.78 -11.38 -63.25
C ILE J 49 50.85 -12.26 -63.88
N ASN J 50 52.12 -11.92 -63.64
CA ASN J 50 53.21 -12.31 -64.53
C ASN J 50 53.52 -13.80 -64.50
N TRP J 51 53.07 -14.52 -63.47
CA TRP J 51 53.43 -15.92 -63.37
C TRP J 51 52.32 -16.87 -63.82
N THR J 52 51.29 -16.36 -64.49
CA THR J 52 50.21 -17.25 -64.90
C THR J 52 50.34 -17.63 -66.36
N VAL J 53 49.82 -18.83 -66.67
CA VAL J 53 49.83 -19.37 -68.02
C VAL J 53 49.05 -18.48 -68.96
N LEU J 54 47.93 -17.92 -68.49
CA LEU J 54 47.15 -16.98 -69.30
C LEU J 54 47.95 -15.72 -69.62
N TYR J 55 48.75 -15.23 -68.67
CA TYR J 55 49.63 -14.09 -68.95
C TYR J 55 50.68 -14.43 -69.99
N ARG J 56 51.32 -15.60 -69.85
CA ARG J 56 52.37 -15.94 -70.78
C ARG J 56 51.83 -16.22 -72.18
N ARG J 57 50.61 -16.74 -72.28
CA ARG J 57 50.01 -16.90 -73.60
C ARG J 57 49.52 -15.57 -74.15
N LYS J 58 49.08 -14.66 -73.28
CA LYS J 58 48.66 -13.35 -73.74
C LYS J 58 49.85 -12.54 -74.23
N HIS J 59 50.99 -12.67 -73.57
CA HIS J 59 52.19 -11.90 -73.88
C HIS J 59 53.14 -12.61 -74.82
N LYS J 60 52.81 -13.85 -75.23
CA LYS J 60 53.64 -14.68 -76.10
C LYS J 60 55.02 -14.93 -75.49
N LYS J 61 55.04 -15.19 -74.18
CA LYS J 61 56.27 -15.50 -73.49
C LYS J 61 56.51 -17.00 -73.50
N GLY J 62 57.76 -17.39 -73.34
CA GLY J 62 58.17 -18.74 -73.65
C GLY J 62 58.50 -18.82 -75.12
N GLN J 63 57.58 -19.39 -75.90
CA GLN J 63 57.55 -19.41 -77.38
C GLN J 63 58.87 -19.73 -78.09
N GLN J 64 42.66 -31.16 -111.21
CA GLN J 64 41.96 -31.44 -112.46
C GLN J 64 41.21 -32.78 -112.35
N ARG J 65 39.99 -32.83 -112.89
CA ARG J 65 39.06 -33.90 -112.56
C ARG J 65 38.18 -34.22 -113.76
N ALA J 66 37.91 -35.51 -113.94
CA ALA J 66 37.06 -36.03 -115.01
C ALA J 66 35.62 -35.59 -114.87
N ILE J 67 34.92 -35.57 -116.01
CA ILE J 67 33.54 -35.12 -116.12
C ILE J 67 32.75 -36.31 -116.68
N THR J 68 31.44 -36.35 -116.45
CA THR J 68 30.60 -37.32 -117.16
C THR J 68 30.60 -37.03 -118.66
N GLY J 69 30.30 -38.07 -119.43
CA GLY J 69 30.26 -37.96 -120.87
C GLY J 69 31.63 -37.94 -121.52
N ALA J 70 32.38 -36.87 -121.30
CA ALA J 70 33.75 -36.75 -121.79
C ALA J 70 34.68 -36.95 -120.60
N SER J 71 35.52 -37.98 -120.67
CA SER J 71 36.38 -38.36 -119.55
C SER J 71 37.55 -37.39 -119.42
N LEU J 72 38.41 -37.65 -118.42
CA LEU J 72 39.58 -36.81 -118.19
C LEU J 72 40.56 -36.90 -119.35
N ALA J 73 40.77 -38.11 -119.88
CA ALA J 73 41.68 -38.31 -121.01
C ALA J 73 41.15 -37.66 -122.28
N ASP J 74 39.84 -37.48 -122.39
CA ASP J 74 39.25 -36.83 -123.56
C ASP J 74 39.22 -35.31 -123.42
N ILE J 75 38.94 -34.80 -122.23
CA ILE J 75 38.93 -33.36 -122.04
C ILE J 75 40.35 -32.80 -122.09
N MET J 76 41.36 -33.58 -121.68
CA MET J 76 42.73 -33.16 -121.91
C MET J 76 43.10 -33.19 -123.38
N ALA J 77 42.52 -34.12 -124.16
CA ALA J 77 42.76 -34.15 -125.60
C ALA J 77 42.18 -32.93 -126.29
N LYS J 78 40.95 -32.54 -125.96
CA LYS J 78 40.38 -31.35 -126.60
C LYS J 78 40.81 -30.04 -125.94
N ARG J 79 41.53 -30.08 -124.81
CA ARG J 79 42.11 -28.85 -124.31
C ARG J 79 43.55 -28.68 -124.82
N ASN J 80 44.19 -29.78 -125.20
CA ASN J 80 45.47 -29.75 -125.91
C ASN J 80 45.28 -30.04 -127.39
N GLN J 81 44.07 -29.81 -127.89
CA GLN J 81 43.70 -30.04 -129.28
C GLN J 81 44.54 -29.19 -130.22
N LYS J 82 45.03 -29.81 -131.28
CA LYS J 82 45.89 -29.17 -132.24
C LYS J 82 45.14 -28.08 -133.02
N PRO J 83 45.86 -27.07 -133.53
CA PRO J 83 45.19 -26.06 -134.36
C PRO J 83 44.52 -26.61 -135.61
N GLU J 84 45.09 -27.64 -136.24
CA GLU J 84 44.46 -28.21 -137.42
C GLU J 84 43.24 -29.06 -137.06
N VAL J 85 43.25 -29.66 -135.87
CA VAL J 85 42.07 -30.36 -135.37
C VAL J 85 40.97 -29.36 -135.04
N ARG J 86 41.35 -28.16 -134.60
CA ARG J 86 40.36 -27.08 -134.49
C ARG J 86 39.90 -26.59 -135.86
N LYS J 87 40.78 -26.63 -136.85
CA LYS J 87 40.50 -26.18 -138.22
C LYS J 87 39.70 -27.20 -139.02
N ALA J 88 39.46 -28.38 -138.44
CA ALA J 88 38.65 -29.40 -139.09
C ALA J 88 37.22 -28.94 -139.37
N GLN J 89 36.72 -27.94 -138.63
CA GLN J 89 35.42 -27.36 -138.94
C GLN J 89 35.39 -25.84 -138.85
N ARG J 90 36.49 -25.19 -138.48
CA ARG J 90 36.47 -23.75 -138.26
C ARG J 90 36.44 -22.96 -139.56
N GLU J 91 37.11 -23.44 -140.60
CA GLU J 91 37.05 -22.77 -141.90
C GLU J 91 35.71 -22.96 -142.59
N GLN J 92 34.96 -24.03 -142.28
CA GLN J 92 33.60 -24.14 -142.80
C GLN J 92 32.56 -23.57 -141.85
N ALA J 93 32.97 -23.11 -140.67
CA ALA J 93 32.08 -22.31 -139.83
C ALA J 93 31.66 -20.99 -140.49
N ILE J 94 32.48 -20.44 -141.39
CA ILE J 94 32.08 -19.27 -142.17
C ILE J 94 31.47 -19.64 -143.51
N ARG J 95 31.49 -20.92 -143.89
CA ARG J 95 30.92 -21.38 -145.14
C ARG J 95 29.55 -22.03 -144.97
N ALA J 96 29.21 -22.50 -143.77
CA ALA J 96 27.90 -23.07 -143.51
C ALA J 96 26.81 -22.01 -143.43
N ALA J 97 27.19 -20.75 -143.28
CA ALA J 97 26.26 -19.63 -143.21
C ALA J 97 26.14 -18.88 -144.52
N LYS J 98 26.37 -19.56 -145.65
CA LYS J 98 26.17 -18.96 -146.96
C LYS J 98 25.09 -19.69 -147.76
N GLU J 99 25.27 -21.01 -147.98
CA GLU J 99 24.29 -21.78 -148.71
C GLU J 99 23.03 -22.06 -147.89
N ALA J 100 23.15 -22.17 -146.56
CA ALA J 100 22.00 -22.23 -145.67
C ALA J 100 21.34 -20.87 -145.47
N LYS J 101 22.12 -19.79 -145.57
CA LYS J 101 21.60 -18.43 -145.55
C LYS J 101 20.76 -18.14 -146.79
N LYS J 102 21.21 -18.60 -147.96
CA LYS J 102 20.47 -18.33 -149.19
C LYS J 102 19.20 -19.15 -149.28
N ALA J 103 19.18 -20.36 -148.70
CA ALA J 103 18.06 -21.27 -148.87
C ALA J 103 16.80 -20.83 -148.14
N LYS J 104 16.88 -19.85 -147.24
CA LYS J 104 15.67 -19.31 -146.64
C LYS J 104 15.12 -18.12 -147.42
N GLN J 105 15.79 -17.71 -148.49
CA GLN J 105 15.27 -16.73 -149.44
C GLN J 105 15.48 -17.14 -150.89
N ALA J 106 15.63 -18.44 -151.14
CA ALA J 106 15.85 -18.96 -152.49
C ALA J 106 14.64 -18.77 -153.40
N LYS K 1 38.82 86.96 22.57
CA LYS K 1 39.15 85.69 21.94
C LYS K 1 37.89 84.87 21.67
N ILE K 2 37.94 84.04 20.63
CA ILE K 2 36.84 83.13 20.32
C ILE K 2 37.44 81.77 19.99
N ARG K 3 36.63 80.73 20.12
CA ARG K 3 36.94 79.43 19.55
C ARG K 3 36.27 79.32 18.19
N THR K 4 37.06 79.32 17.13
CA THR K 4 36.53 79.28 15.78
C THR K 4 36.25 77.85 15.31
N SER K 5 36.60 76.86 16.10
CA SER K 5 36.45 75.47 15.73
C SER K 5 35.64 74.74 16.80
N PRO K 6 34.89 73.69 16.42
CA PRO K 6 34.25 72.84 17.42
C PRO K 6 35.19 71.84 18.05
N THR K 7 36.43 71.76 17.60
CA THR K 7 37.42 70.84 18.14
C THR K 7 38.13 71.46 19.33
N PHE K 8 38.53 70.59 20.25
CA PHE K 8 39.53 70.93 21.26
C PHE K 8 40.71 69.99 21.01
N ARG K 9 41.88 70.57 20.83
CA ARG K 9 43.12 69.81 20.81
C ARG K 9 43.97 70.25 21.99
N ARG K 10 44.92 69.40 22.36
CA ARG K 10 45.80 69.70 23.47
C ARG K 10 46.67 70.90 23.13
N PRO K 11 46.76 71.90 24.01
CA PRO K 11 47.57 73.08 23.72
C PRO K 11 49.05 72.76 23.74
N LYS K 12 49.79 73.47 22.89
CA LYS K 12 51.22 73.29 22.75
C LYS K 12 51.93 73.83 24.00
N THR K 13 52.61 72.94 24.73
CA THR K 13 53.30 73.32 25.95
C THR K 13 54.81 73.21 25.77
N LEU K 14 55.53 73.40 26.87
CA LEU K 14 56.97 73.52 26.82
C LEU K 14 57.63 72.19 27.17
N ARG K 15 58.52 71.72 26.31
CA ARG K 15 59.28 70.50 26.55
C ARG K 15 60.74 70.88 26.70
N LEU K 16 61.33 70.55 27.84
CA LEU K 16 62.69 70.96 28.12
C LEU K 16 63.70 69.92 27.68
N ARG K 17 64.87 70.39 27.25
CA ARG K 17 65.98 69.50 27.03
C ARG K 17 66.50 69.00 28.37
N ARG K 18 67.03 67.78 28.36
CA ARG K 18 67.63 67.22 29.56
C ARG K 18 68.88 68.02 29.93
N GLN K 19 68.98 68.36 31.20
CA GLN K 19 70.22 68.87 31.80
C GLN K 19 70.49 67.97 33.00
N PRO K 20 71.05 66.78 32.76
CA PRO K 20 71.10 65.76 33.81
C PRO K 20 72.14 66.08 34.87
N LYS K 21 71.86 65.64 36.09
CA LYS K 21 72.74 65.87 37.21
C LYS K 21 74.00 65.02 37.16
N TYR K 22 73.94 63.90 36.46
CA TYR K 22 75.05 62.98 36.33
C TYR K 22 74.88 62.23 35.02
N PRO K 23 75.97 61.93 34.32
CA PRO K 23 75.86 61.09 33.13
C PRO K 23 75.61 59.65 33.51
N ARG K 24 74.77 58.99 32.72
CA ARG K 24 74.47 57.59 33.00
C ARG K 24 75.64 56.69 32.62
N LYS K 25 76.44 57.12 31.65
CA LYS K 25 77.70 56.47 31.31
C LYS K 25 78.83 57.42 31.66
N SER K 26 79.77 56.94 32.48
CA SER K 26 80.85 57.80 32.97
C SER K 26 81.80 58.17 31.85
N ALA K 27 82.05 57.24 30.95
CA ALA K 27 83.06 57.31 29.91
C ALA K 27 82.43 56.95 28.58
N PRO K 28 82.99 57.41 27.45
CA PRO K 28 82.49 56.92 26.16
C PRO K 28 83.03 55.55 25.75
N ARG K 29 82.15 54.76 25.14
CA ARG K 29 82.52 53.44 24.68
C ARG K 29 83.52 53.57 23.53
N ARG K 30 84.65 52.88 23.66
CA ARG K 30 85.70 53.06 22.68
C ARG K 30 85.35 52.37 21.36
N ASN K 31 85.94 52.87 20.28
CA ASN K 31 85.66 52.39 18.95
C ASN K 31 86.29 51.02 18.75
N LYS K 32 85.48 49.97 18.93
CA LYS K 32 85.95 48.61 18.71
C LYS K 32 86.12 48.29 17.23
N LEU K 33 85.28 48.88 16.37
CA LEU K 33 85.42 48.70 14.94
C LEU K 33 86.29 49.85 14.41
N ASP K 34 87.53 49.86 14.88
CA ASP K 34 88.52 50.81 14.38
C ASP K 34 89.07 50.27 13.08
N HIS K 35 90.05 50.98 12.51
CA HIS K 35 90.53 50.66 11.17
C HIS K 35 91.35 49.38 11.16
N TYR K 36 91.96 49.03 12.30
CA TYR K 36 92.66 47.76 12.40
C TYR K 36 91.71 46.59 12.51
N ALA K 37 90.49 46.81 13.00
CA ALA K 37 89.54 45.72 13.10
C ALA K 37 88.59 45.63 11.91
N ILE K 38 88.48 46.70 11.11
CA ILE K 38 87.76 46.60 9.85
C ILE K 38 88.46 45.63 8.92
N ILE K 39 89.77 45.77 8.77
CA ILE K 39 90.57 44.95 7.87
C ILE K 39 91.26 43.86 8.69
N LYS K 40 90.94 42.61 8.42
CA LYS K 40 91.55 41.49 9.13
C LYS K 40 92.80 40.98 8.42
N PHE K 41 92.66 40.47 7.20
CA PHE K 41 93.79 39.96 6.44
C PHE K 41 93.42 39.93 4.96
N PRO K 42 94.39 40.04 4.06
CA PRO K 42 94.10 39.85 2.64
C PRO K 42 94.02 38.40 2.24
N LEU K 43 93.15 38.10 1.27
CA LEU K 43 93.12 36.76 0.71
C LEU K 43 94.32 36.51 -0.19
N THR K 44 94.86 35.30 -0.07
CA THR K 44 95.95 34.90 -0.95
C THR K 44 95.52 33.81 -1.93
N THR K 45 94.25 33.82 -2.33
CA THR K 45 93.79 32.87 -3.34
C THR K 45 94.24 33.30 -4.72
N GLU K 46 94.11 32.38 -5.68
CA GLU K 46 94.51 32.65 -7.05
C GLU K 46 93.57 33.63 -7.74
N SER K 47 92.30 33.62 -7.35
CA SER K 47 91.38 34.68 -7.75
C SER K 47 91.83 36.03 -7.23
N ALA K 48 92.31 36.10 -5.98
CA ALA K 48 92.83 37.35 -5.44
C ALA K 48 94.09 37.82 -6.17
N MET K 49 95.01 36.91 -6.48
CA MET K 49 96.11 37.22 -7.40
C MET K 49 95.65 37.75 -8.75
N LYS K 50 94.58 37.19 -9.31
CA LYS K 50 94.11 37.68 -10.60
C LYS K 50 93.49 39.07 -10.48
N LYS K 51 92.79 39.35 -9.37
CA LYS K 51 92.25 40.69 -9.18
C LYS K 51 93.34 41.72 -8.94
N ILE K 52 94.43 41.33 -8.27
CA ILE K 52 95.58 42.23 -8.12
C ILE K 52 96.26 42.48 -9.46
N GLU K 53 96.52 41.43 -10.22
CA GLU K 53 97.35 41.55 -11.39
C GLU K 53 96.58 41.96 -12.65
N ASP K 54 95.26 41.94 -12.60
CA ASP K 54 94.46 42.31 -13.77
C ASP K 54 93.58 43.52 -13.52
N ASN K 55 92.78 43.50 -12.46
CA ASN K 55 91.73 44.50 -12.25
C ASN K 55 92.11 45.60 -11.27
N ASN K 56 93.38 45.65 -10.83
CA ASN K 56 93.91 46.66 -9.90
C ASN K 56 93.12 46.71 -8.59
N THR K 57 92.96 45.54 -7.98
CA THR K 57 92.04 45.36 -6.87
C THR K 57 92.68 44.45 -5.84
N LEU K 58 92.73 44.90 -4.60
CA LEU K 58 93.14 44.02 -3.50
C LEU K 58 91.91 43.34 -2.91
N VAL K 59 92.09 42.12 -2.44
CA VAL K 59 90.98 41.35 -1.89
C VAL K 59 91.25 41.13 -0.41
N PHE K 60 90.42 41.70 0.43
CA PHE K 60 90.60 41.63 1.87
C PHE K 60 89.45 40.88 2.51
N ILE K 61 89.73 40.21 3.62
CA ILE K 61 88.69 39.71 4.50
C ILE K 61 88.45 40.76 5.57
N VAL K 62 87.22 41.24 5.64
CA VAL K 62 86.87 42.35 6.50
C VAL K 62 85.91 41.91 7.58
N ASP K 63 85.58 42.81 8.50
CA ASP K 63 84.60 42.50 9.53
C ASP K 63 83.20 42.60 8.93
N VAL K 64 82.31 41.73 9.42
CA VAL K 64 80.99 41.55 8.85
C VAL K 64 80.14 42.80 9.04
N LYS K 65 80.34 43.52 10.14
CA LYS K 65 79.59 44.73 10.43
C LYS K 65 80.14 45.96 9.71
N ALA K 66 81.24 45.83 8.98
CA ALA K 66 81.88 46.99 8.36
C ALA K 66 81.21 47.33 7.03
N ASN K 67 80.91 48.62 6.85
CA ASN K 67 80.29 49.14 5.63
C ASN K 67 81.34 49.35 4.55
N LYS K 68 80.85 49.63 3.33
CA LYS K 68 81.74 49.99 2.23
C LYS K 68 82.50 51.29 2.50
N HIS K 69 81.83 52.27 3.10
CA HIS K 69 82.49 53.50 3.52
C HIS K 69 83.59 53.22 4.53
N GLN K 70 83.32 52.37 5.51
CA GLN K 70 84.30 52.05 6.54
C GLN K 70 85.48 51.27 5.98
N ILE K 71 85.22 50.37 5.03
CA ILE K 71 86.30 49.62 4.38
C ILE K 71 87.18 50.54 3.55
N LYS K 72 86.55 51.50 2.86
CA LYS K 72 87.27 52.52 2.10
C LYS K 72 88.21 53.34 3.00
N GLN K 73 87.69 53.89 4.10
CA GLN K 73 88.54 54.73 4.94
C GLN K 73 89.58 53.92 5.69
N ALA K 74 89.26 52.67 6.04
CA ALA K 74 90.22 51.80 6.70
C ALA K 74 91.40 51.49 5.80
N VAL K 75 91.15 51.15 4.53
CA VAL K 75 92.25 50.86 3.61
C VAL K 75 93.07 52.11 3.31
N LYS K 76 92.39 53.26 3.16
CA LYS K 76 93.09 54.53 2.94
C LYS K 76 93.99 54.90 4.11
N LYS K 77 93.54 54.71 5.34
CA LYS K 77 94.38 55.04 6.48
C LYS K 77 95.47 54.00 6.71
N LEU K 78 95.14 52.70 6.60
CA LEU K 78 96.08 51.64 6.95
C LEU K 78 97.23 51.57 5.96
N TYR K 79 96.95 51.57 4.66
CA TYR K 79 97.98 51.28 3.68
C TYR K 79 98.36 52.49 2.84
N ASP K 80 97.89 53.69 3.22
CA ASP K 80 98.38 54.98 2.74
C ASP K 80 98.11 55.17 1.24
N ILE K 81 96.90 54.80 0.82
CA ILE K 81 96.50 54.79 -0.57
C ILE K 81 95.14 55.44 -0.70
N ASP K 82 94.60 55.44 -1.92
CA ASP K 82 93.29 55.98 -2.23
C ASP K 82 92.59 55.02 -3.17
N VAL K 83 91.35 54.67 -2.86
CA VAL K 83 90.67 53.62 -3.62
C VAL K 83 89.61 54.26 -4.51
N ALA K 84 89.21 53.51 -5.53
CA ALA K 84 88.23 53.98 -6.50
C ALA K 84 86.83 53.52 -6.12
N LYS K 85 86.67 52.23 -5.81
CA LYS K 85 85.40 51.70 -5.35
C LYS K 85 85.64 50.47 -4.51
N VAL K 86 84.64 50.10 -3.73
CA VAL K 86 84.67 48.93 -2.88
C VAL K 86 83.48 48.05 -3.24
N ASN K 87 83.75 46.80 -3.57
CA ASN K 87 82.70 45.79 -3.68
C ASN K 87 82.79 44.95 -2.43
N THR K 88 81.65 44.57 -1.88
CA THR K 88 81.61 43.66 -0.74
C THR K 88 80.68 42.51 -1.05
N LEU K 89 81.07 41.33 -0.62
CA LEU K 89 80.16 40.20 -0.56
C LEU K 89 80.39 39.52 0.78
N ILE K 90 79.43 38.74 1.22
CA ILE K 90 79.63 37.93 2.41
C ILE K 90 79.79 36.49 1.92
N ARG K 91 80.97 35.93 2.15
CA ARG K 91 81.29 34.59 1.69
C ARG K 91 80.46 33.57 2.47
N PRO K 92 80.22 32.38 1.89
CA PRO K 92 79.36 31.40 2.57
C PRO K 92 79.88 30.82 3.87
N ASP K 93 81.13 31.11 4.25
CA ASP K 93 81.64 30.75 5.56
C ASP K 93 81.26 31.79 6.63
N GLY K 94 80.70 32.93 6.21
CA GLY K 94 80.29 33.96 7.14
C GLY K 94 81.21 35.17 7.18
N GLU K 95 82.44 35.02 6.71
CA GLU K 95 83.35 36.14 6.66
C GLU K 95 83.00 37.04 5.50
N LYS K 96 83.11 38.35 5.70
CA LYS K 96 82.85 39.30 4.64
C LYS K 96 84.13 39.53 3.87
N LYS K 97 84.03 39.60 2.55
CA LYS K 97 85.15 39.82 1.66
C LYS K 97 84.92 41.10 0.87
N ALA K 98 85.96 41.92 0.79
CA ALA K 98 85.91 43.21 0.12
C ALA K 98 86.93 43.24 -1.01
N TYR K 99 86.45 43.46 -2.23
CA TYR K 99 87.28 43.76 -3.39
C TYR K 99 87.45 45.27 -3.45
N VAL K 100 88.63 45.77 -3.10
CA VAL K 100 88.86 47.21 -3.09
C VAL K 100 89.68 47.55 -4.34
N ARG K 101 89.09 48.34 -5.23
CA ARG K 101 89.79 48.73 -6.45
C ARG K 101 90.54 50.02 -6.20
N LEU K 102 91.85 49.98 -6.40
CA LEU K 102 92.67 51.14 -6.10
C LEU K 102 92.52 52.18 -7.21
N ALA K 103 92.92 53.40 -6.91
CA ALA K 103 92.88 54.45 -7.91
C ALA K 103 93.93 54.17 -8.97
N PRO K 104 93.73 54.66 -10.22
CA PRO K 104 94.64 54.31 -11.31
C PRO K 104 96.07 54.83 -11.17
N ASP K 105 96.29 55.78 -10.26
CA ASP K 105 97.65 56.27 -10.04
C ASP K 105 98.44 55.32 -9.13
N TYR K 106 97.76 54.36 -8.49
CA TYR K 106 98.43 53.34 -7.69
C TYR K 106 98.53 52.02 -8.44
N ASP K 107 99.59 51.28 -8.13
CA ASP K 107 99.87 49.97 -8.69
C ASP K 107 99.61 48.94 -7.62
N ALA K 108 98.54 48.16 -7.79
CA ALA K 108 98.06 47.27 -6.73
C ALA K 108 99.03 46.11 -6.50
N LEU K 109 99.81 45.73 -7.51
CA LEU K 109 100.85 44.73 -7.31
C LEU K 109 101.96 45.23 -6.40
N ASP K 110 102.38 46.49 -6.57
CA ASP K 110 103.38 47.04 -5.67
C ASP K 110 102.83 47.27 -4.27
N VAL K 111 101.56 47.70 -4.17
CA VAL K 111 100.92 47.82 -2.85
C VAL K 111 100.80 46.46 -2.15
N ALA K 112 100.47 45.40 -2.90
CA ALA K 112 100.38 44.07 -2.34
C ALA K 112 101.76 43.54 -1.92
N ASN K 113 102.81 43.91 -2.67
CA ASN K 113 104.16 43.55 -2.29
C ASN K 113 104.60 44.27 -1.01
N LYS K 114 104.24 45.55 -0.86
CA LYS K 114 104.48 46.27 0.38
C LYS K 114 103.68 45.72 1.55
N ILE K 115 102.48 45.20 1.31
CA ILE K 115 101.74 44.53 2.37
C ILE K 115 102.39 43.21 2.76
N GLY K 116 102.80 42.41 1.78
CA GLY K 116 103.50 41.17 2.06
C GLY K 116 102.93 39.98 1.33
N ILE K 117 102.02 40.23 0.40
CA ILE K 117 101.36 39.19 -0.38
C ILE K 117 101.83 39.28 -1.82
N ILE K 118 102.16 38.13 -2.41
CA ILE K 118 102.64 38.10 -3.79
C ILE K 118 102.40 36.72 -4.39
N MET L 1 93.27 7.46 62.92
CA MET L 1 91.95 7.47 62.31
C MET L 1 91.50 8.91 62.14
N LYS L 2 90.91 9.23 60.99
CA LYS L 2 90.47 10.58 60.69
C LYS L 2 89.20 10.90 61.47
N PHE L 3 89.19 12.07 62.13
CA PHE L 3 88.02 12.54 62.85
C PHE L 3 87.41 13.79 62.26
N ASN L 4 88.06 14.42 61.29
CA ASN L 4 87.57 15.67 60.72
C ASN L 4 86.36 15.40 59.85
N PRO L 5 85.20 16.00 60.14
CA PRO L 5 84.01 15.75 59.32
C PRO L 5 83.97 16.53 58.02
N PHE L 6 85.02 17.28 57.68
CA PHE L 6 85.08 17.98 56.40
C PHE L 6 86.07 17.35 55.43
N VAL L 7 86.98 16.51 55.92
CA VAL L 7 87.90 15.76 55.09
C VAL L 7 87.23 14.44 54.74
N THR L 8 87.10 14.16 53.46
CA THR L 8 86.43 12.94 53.04
C THR L 8 87.43 11.79 52.97
N SER L 9 86.93 10.60 53.24
CA SER L 9 87.68 9.37 53.04
C SER L 9 87.05 8.50 51.95
N ASP L 10 86.09 9.06 51.22
CA ASP L 10 85.40 8.36 50.15
C ASP L 10 86.33 8.08 49.00
N ARG L 11 86.40 6.80 48.58
CA ARG L 11 87.40 6.33 47.63
C ARG L 11 87.28 7.01 46.28
N SER L 12 86.06 7.12 45.77
CA SER L 12 85.83 7.76 44.49
C SER L 12 86.09 9.27 44.55
N LYS L 13 85.73 9.91 45.65
CA LYS L 13 86.06 11.32 45.84
C LYS L 13 87.56 11.56 45.91
N ASN L 14 88.31 10.72 46.65
CA ASN L 14 89.76 10.85 46.69
C ASN L 14 90.39 10.60 45.32
N ARG L 15 89.86 9.65 44.56
CA ARG L 15 90.43 9.35 43.26
C ARG L 15 90.13 10.46 42.25
N LYS L 16 88.91 11.02 42.30
CA LYS L 16 88.57 12.15 41.45
C LYS L 16 89.42 13.36 41.78
N ARG L 17 89.62 13.62 43.07
CA ARG L 17 90.45 14.73 43.52
C ARG L 17 91.92 14.54 43.15
N HIS L 18 92.40 13.31 43.13
CA HIS L 18 93.77 13.03 42.69
C HIS L 18 93.95 13.15 41.18
N PHE L 19 93.03 12.62 40.39
CA PHE L 19 93.20 12.58 38.94
C PHE L 19 92.68 13.81 38.23
N ASN L 20 91.96 14.70 38.93
CA ASN L 20 91.59 15.99 38.36
C ASN L 20 92.24 17.14 39.12
N ALA L 21 93.37 16.88 39.77
CA ALA L 21 94.03 17.92 40.53
C ALA L 21 94.70 18.92 39.58
N PRO L 22 94.61 20.21 39.86
CA PRO L 22 95.33 21.19 39.06
C PRO L 22 96.82 21.15 39.38
N SER L 23 97.60 21.84 38.54
CA SER L 23 99.02 21.59 38.41
C SER L 23 99.83 21.94 39.64
N HIS L 24 99.41 22.96 40.38
CA HIS L 24 100.12 23.30 41.62
C HIS L 24 99.82 22.36 42.77
N ILE L 25 98.76 21.53 42.66
CA ILE L 25 98.48 20.47 43.62
C ILE L 25 99.18 19.22 43.14
N ARG L 26 99.24 19.09 41.81
CA ARG L 26 100.02 18.02 41.21
C ARG L 26 101.48 18.11 41.60
N ARG L 27 102.04 19.33 41.69
CA ARG L 27 103.43 19.48 42.11
C ARG L 27 103.67 18.90 43.50
N LYS L 28 102.71 19.09 44.40
CA LYS L 28 102.84 18.54 45.74
C LYS L 28 102.66 17.02 45.77
N ILE L 29 101.79 16.49 44.90
CA ILE L 29 101.66 15.03 44.79
C ILE L 29 102.94 14.41 44.23
N MET L 30 103.49 15.00 43.16
CA MET L 30 104.77 14.59 42.55
C MET L 30 105.96 14.98 43.41
N SER L 31 105.99 14.42 44.61
CA SER L 31 107.00 14.74 45.58
C SER L 31 107.88 13.53 45.85
N SER L 32 109.18 13.77 45.96
CA SER L 32 110.10 12.67 46.16
C SER L 32 110.78 12.79 47.51
N PRO L 33 111.06 11.65 48.16
CA PRO L 33 111.87 11.68 49.39
C PRO L 33 113.29 12.11 49.10
N LEU L 34 113.89 12.82 50.05
CA LEU L 34 115.30 13.14 49.93
C LEU L 34 116.13 11.95 50.38
N SER L 35 117.43 12.03 50.10
CA SER L 35 118.33 10.96 50.50
C SER L 35 118.54 10.98 52.01
N LYS L 36 119.25 9.98 52.52
CA LYS L 36 119.54 9.95 53.95
C LYS L 36 120.48 11.09 54.34
N GLU L 37 121.47 11.39 53.50
CA GLU L 37 122.36 12.51 53.75
C GLU L 37 121.65 13.84 53.60
N LEU L 38 120.73 13.94 52.64
CA LEU L 38 119.95 15.18 52.47
C LEU L 38 118.94 15.37 53.59
N ARG L 39 118.43 14.28 54.14
CA ARG L 39 117.59 14.34 55.32
C ARG L 39 118.38 14.82 56.54
N GLN L 40 119.58 14.27 56.76
CA GLN L 40 120.36 14.75 57.90
C GLN L 40 120.93 16.14 57.66
N LYS L 41 121.02 16.59 56.41
CA LYS L 41 121.48 17.95 56.18
C LYS L 41 120.37 18.98 56.36
N TYR L 42 119.20 18.78 55.76
CA TYR L 42 118.17 19.80 55.73
C TYR L 42 117.01 19.56 56.68
N ASN L 43 116.99 18.42 57.40
CA ASN L 43 115.90 17.99 58.28
C ASN L 43 114.56 17.99 57.55
N VAL L 44 114.56 17.57 56.29
CA VAL L 44 113.38 17.53 55.46
C VAL L 44 113.25 16.13 54.86
N ARG L 45 112.11 15.49 55.10
CA ARG L 45 111.89 14.15 54.58
C ARG L 45 111.53 14.12 53.11
N SER L 46 110.63 15.00 52.68
CA SER L 46 110.03 14.91 51.36
C SER L 46 110.06 16.27 50.69
N MET L 47 110.18 16.26 49.36
CA MET L 47 110.16 17.53 48.69
C MET L 47 109.50 17.33 47.34
N PRO L 48 108.70 18.29 46.87
CA PRO L 48 108.27 18.30 45.46
C PRO L 48 109.46 18.37 44.52
N ILE L 49 109.37 17.66 43.42
CA ILE L 49 110.50 17.51 42.53
C ILE L 49 110.42 18.57 41.44
N ARG L 50 111.56 18.92 40.86
CA ARG L 50 111.68 19.99 39.88
C ARG L 50 112.41 19.43 38.64
N LYS L 51 112.65 20.27 37.64
CA LYS L 51 113.24 19.89 36.37
C LYS L 51 114.76 19.68 36.46
N ASP L 52 115.38 19.79 37.64
CA ASP L 52 116.83 19.65 37.64
C ASP L 52 117.38 18.84 38.81
N ASP L 53 116.55 18.08 39.53
CA ASP L 53 117.05 17.28 40.63
C ASP L 53 117.79 16.04 40.11
N GLU L 54 118.98 15.80 40.66
CA GLU L 54 119.72 14.57 40.38
C GLU L 54 119.21 13.48 41.33
N VAL L 55 118.61 12.44 40.76
CA VAL L 55 117.84 11.47 41.51
C VAL L 55 118.33 10.06 41.25
N GLN L 56 117.78 9.12 42.02
CA GLN L 56 117.98 7.68 41.86
C GLN L 56 116.63 6.99 41.76
N VAL L 57 116.55 6.02 40.85
CA VAL L 57 115.41 5.11 40.79
C VAL L 57 115.70 3.92 41.68
N VAL L 58 114.77 3.61 42.59
CA VAL L 58 114.97 2.53 43.55
C VAL L 58 113.92 1.42 43.42
N ARG L 59 112.84 1.64 42.66
CA ARG L 59 111.86 0.62 42.39
C ARG L 59 111.55 0.62 40.90
N GLY L 60 111.42 -0.57 40.34
CA GLY L 60 111.14 -0.72 38.92
C GLY L 60 112.21 -1.56 38.23
N HIS L 61 112.15 -1.55 36.91
CA HIS L 61 113.17 -2.22 36.11
C HIS L 61 114.47 -1.41 36.07
N TYR L 62 114.37 -0.09 36.11
CA TYR L 62 115.51 0.80 36.01
C TYR L 62 116.06 1.18 37.38
N LYS L 63 115.79 0.37 38.40
CA LYS L 63 116.34 0.59 39.72
C LYS L 63 117.83 0.28 39.74
N GLY L 64 118.50 0.72 40.78
CA GLY L 64 119.93 0.54 40.90
C GLY L 64 120.57 1.76 41.52
N GLN L 65 121.91 1.70 41.61
CA GLN L 65 122.64 2.77 42.25
C GLN L 65 123.05 3.87 41.29
N GLN L 66 122.62 3.81 40.03
CA GLN L 66 122.96 4.87 39.09
C GLN L 66 122.16 6.14 39.39
N ILE L 67 122.72 7.29 39.02
CA ILE L 67 122.15 8.60 39.33
C ILE L 67 121.92 9.32 38.02
N GLY L 68 120.72 9.88 37.85
CA GLY L 68 120.44 10.72 36.69
C GLY L 68 119.61 11.92 37.08
N LYS L 69 119.79 13.00 36.33
CA LYS L 69 118.99 14.20 36.51
C LYS L 69 117.62 14.01 35.89
N VAL L 70 116.63 14.59 36.54
CA VAL L 70 115.31 14.75 35.96
C VAL L 70 115.39 15.70 34.78
N VAL L 71 114.86 15.30 33.63
CA VAL L 71 114.87 16.15 32.46
C VAL L 71 113.51 16.74 32.15
N GLN L 72 112.44 16.18 32.70
CA GLN L 72 111.09 16.67 32.42
C GLN L 72 110.15 16.17 33.52
N VAL L 73 109.29 17.05 34.02
CA VAL L 73 108.33 16.71 35.05
C VAL L 73 106.96 16.72 34.39
N TYR L 74 106.49 15.56 34.01
CA TYR L 74 105.34 15.54 33.12
C TYR L 74 104.18 15.36 34.12
N ARG L 75 103.55 16.48 34.49
CA ARG L 75 102.56 16.45 35.56
C ARG L 75 101.23 15.83 35.11
N LYS L 76 100.92 15.83 33.80
CA LYS L 76 99.63 15.35 33.31
C LYS L 76 99.42 13.82 33.37
N LYS L 77 100.46 12.98 33.12
CA LYS L 77 100.55 11.55 33.42
C LYS L 77 101.28 11.21 34.70
N TYR L 78 101.51 12.20 35.57
CA TYR L 78 102.04 11.98 36.92
C TYR L 78 103.39 11.28 36.92
N VAL L 79 104.24 11.62 35.96
CA VAL L 79 105.50 10.90 35.78
C VAL L 79 106.63 11.92 35.63
N ILE L 80 107.86 11.46 35.81
CA ILE L 80 109.03 12.27 35.49
C ILE L 80 109.90 11.48 34.54
N TYR L 81 110.78 12.18 33.84
CA TYR L 81 111.76 11.57 32.96
C TYR L 81 113.15 11.86 33.50
N ILE L 82 113.96 10.81 33.60
CA ILE L 82 115.30 10.89 34.14
C ILE L 82 116.24 10.58 32.96
N GLU L 83 117.52 10.94 33.08
CA GLU L 83 118.43 10.97 31.93
C GLU L 83 118.60 9.61 31.26
N ARG L 84 119.20 8.64 31.96
CA ARG L 84 119.48 7.36 31.35
C ARG L 84 118.35 6.36 31.59
N VAL L 85 117.24 6.83 32.14
CA VAL L 85 116.05 6.01 32.30
C VAL L 85 115.23 6.14 31.03
N GLN L 86 115.51 5.25 30.08
CA GLN L 86 114.98 5.34 28.73
C GLN L 86 114.81 3.94 28.18
N ARG L 87 114.02 3.82 27.14
CA ARG L 87 113.98 2.59 26.36
C ARG L 87 113.89 2.92 24.89
N GLU L 88 114.30 1.97 24.07
CA GLU L 88 114.40 2.15 22.64
C GLU L 88 113.12 1.63 21.98
N LYS L 89 112.63 2.37 20.99
CA LYS L 89 111.45 1.92 20.27
C LYS L 89 111.83 0.87 19.23
N ALA L 90 110.87 0.55 18.35
CA ALA L 90 111.15 -0.36 17.25
C ALA L 90 112.16 0.23 16.29
N ASN L 91 112.04 1.52 16.00
CA ASN L 91 112.82 2.13 14.94
C ASN L 91 114.21 2.56 15.39
N GLY L 92 114.57 2.30 16.63
CA GLY L 92 115.90 2.63 17.11
C GLY L 92 116.00 3.94 17.84
N THR L 93 114.94 4.73 17.87
CA THR L 93 114.94 5.98 18.62
C THR L 93 114.60 5.73 20.08
N THR L 94 115.39 6.33 20.97
CA THR L 94 115.13 6.22 22.40
C THR L 94 114.03 7.18 22.81
N VAL L 95 113.19 6.73 23.72
CA VAL L 95 112.16 7.54 24.33
C VAL L 95 112.32 7.40 25.83
N HIS L 96 111.85 8.40 26.57
CA HIS L 96 111.95 8.37 28.01
C HIS L 96 110.73 7.68 28.60
N VAL L 97 110.95 6.82 29.56
CA VAL L 97 109.87 6.09 30.22
C VAL L 97 109.50 6.81 31.51
N GLY L 98 108.21 6.80 31.82
CA GLY L 98 107.73 7.54 32.96
C GLY L 98 107.97 6.82 34.27
N ILE L 99 108.50 7.55 35.24
CA ILE L 99 108.78 7.04 36.57
C ILE L 99 108.00 7.89 37.56
N HIS L 100 107.29 7.23 38.48
CA HIS L 100 106.59 7.99 39.52
C HIS L 100 107.59 8.49 40.57
N PRO L 101 107.43 9.71 41.06
CA PRO L 101 108.42 10.26 41.99
C PRO L 101 108.40 9.65 43.38
N SER L 102 107.38 8.86 43.71
CA SER L 102 107.40 8.18 45.00
C SER L 102 108.43 7.06 45.02
N LYS L 103 108.85 6.57 43.86
CA LYS L 103 109.85 5.52 43.71
C LYS L 103 111.24 6.10 43.46
N VAL L 104 111.42 7.36 43.81
CA VAL L 104 112.56 8.19 43.39
C VAL L 104 113.20 8.81 44.62
N VAL L 105 114.52 8.68 44.73
CA VAL L 105 115.28 9.25 45.84
C VAL L 105 116.11 10.40 45.31
N ILE L 106 115.96 11.58 45.92
CA ILE L 106 116.68 12.78 45.50
C ILE L 106 118.04 12.82 46.19
N THR L 107 119.10 12.89 45.40
CA THR L 107 120.46 12.94 45.92
C THR L 107 121.12 14.31 45.75
N ARG L 108 120.51 15.21 44.98
CA ARG L 108 121.06 16.54 44.76
C ARG L 108 119.92 17.42 44.26
N LEU L 109 119.58 18.46 44.99
CA LEU L 109 118.48 19.32 44.60
C LEU L 109 118.96 20.41 43.67
N LYS L 110 118.03 21.00 42.92
CA LYS L 110 118.23 22.32 42.34
C LYS L 110 117.86 23.29 43.46
N LEU L 111 118.87 23.95 44.04
CA LEU L 111 118.63 24.86 45.15
C LEU L 111 118.42 26.27 44.59
N ASP L 112 117.15 26.62 44.46
CA ASP L 112 116.75 27.98 44.16
C ASP L 112 116.49 28.71 45.48
N LYS L 113 116.24 30.01 45.39
CA LYS L 113 115.87 30.75 46.59
C LYS L 113 114.47 30.37 47.08
N ASP L 114 113.55 30.09 46.15
CA ASP L 114 112.26 29.48 46.49
C ASP L 114 112.44 28.13 47.15
N ARG L 115 113.36 27.31 46.63
CA ARG L 115 113.60 25.99 47.19
C ARG L 115 114.18 26.08 48.59
N LYS L 116 115.12 27.01 48.80
CA LYS L 116 115.66 27.23 50.13
C LYS L 116 114.61 27.75 51.10
N LYS L 117 113.70 28.62 50.65
CA LYS L 117 112.59 29.07 51.49
C LYS L 117 111.67 27.93 51.90
N ILE L 118 111.34 27.04 50.96
CA ILE L 118 110.50 25.89 51.26
C ILE L 118 111.20 24.91 52.21
N LEU L 119 112.50 24.72 52.01
CA LEU L 119 113.28 23.82 52.86
C LEU L 119 113.36 24.34 54.29
N GLU L 120 113.59 25.66 54.44
CA GLU L 120 113.59 26.26 55.78
C GLU L 120 112.22 26.18 56.45
N ARG L 121 111.13 26.37 55.69
CA ARG L 121 109.80 26.29 56.26
C ARG L 121 109.46 24.88 56.75
N LYS L 122 109.78 23.86 55.94
CA LYS L 122 109.54 22.48 56.35
C LYS L 122 110.40 22.08 57.56
N ALA L 123 111.68 22.49 57.57
CA ALA L 123 112.55 22.18 58.69
C ALA L 123 112.08 22.87 59.96
N LYS L 124 111.63 24.12 59.86
CA LYS L 124 111.14 24.83 61.04
C LYS L 124 109.85 24.25 61.58
N SER L 125 108.91 23.84 60.73
CA SER L 125 107.70 23.21 61.25
C SER L 125 107.97 21.85 61.87
N ARG L 126 108.90 21.08 61.30
CA ARG L 126 109.32 19.83 61.92
C ARG L 126 109.94 20.06 63.30
N GLN L 127 110.78 21.08 63.43
CA GLN L 127 111.36 21.39 64.73
C GLN L 127 110.36 21.97 65.72
N VAL L 128 109.33 22.68 65.25
CA VAL L 128 108.25 23.11 66.11
C VAL L 128 107.51 21.91 66.68
N GLY L 129 107.27 20.90 65.84
CA GLY L 129 106.69 19.65 66.33
C GLY L 129 107.58 18.92 67.33
N LYS L 130 108.88 18.88 67.04
CA LYS L 130 109.82 18.16 67.92
C LYS L 130 109.97 18.86 69.27
N GLU L 131 109.91 20.18 69.29
CA GLU L 131 110.01 20.90 70.55
C GLU L 131 108.65 21.18 71.19
N LYS L 132 107.55 20.83 70.51
CA LYS L 132 106.23 20.78 71.15
C LYS L 132 105.99 19.45 71.84
N GLY L 133 106.51 18.36 71.29
CA GLY L 133 106.38 17.04 71.90
C GLY L 133 106.99 16.91 73.28
N LYS L 134 108.00 17.70 73.61
CA LYS L 134 108.57 17.70 74.94
C LYS L 134 108.33 19.07 75.57
N GLY M 1 20.31 94.32 -36.03
CA GLY M 1 21.07 93.67 -37.09
C GLY M 1 22.37 93.06 -36.61
N LYS M 2 23.46 93.38 -37.29
CA LYS M 2 24.79 92.94 -36.89
C LYS M 2 25.18 93.60 -35.58
N PHE M 3 25.98 92.91 -34.77
CA PHE M 3 26.38 93.43 -33.48
C PHE M 3 27.87 93.27 -33.17
N MET M 4 28.68 92.83 -34.13
CA MET M 4 30.11 92.63 -33.89
C MET M 4 30.88 93.86 -34.39
N LYS M 5 30.78 94.92 -33.60
CA LYS M 5 31.18 96.26 -33.94
C LYS M 5 32.43 96.66 -33.15
N PRO M 6 33.17 97.70 -33.60
CA PRO M 6 34.44 98.01 -32.94
C PRO M 6 34.38 98.69 -31.56
N GLY M 7 33.24 98.64 -30.87
CA GLY M 7 33.21 99.06 -29.48
C GLY M 7 32.91 97.91 -28.54
N LYS M 8 32.71 96.73 -29.12
CA LYS M 8 32.13 95.60 -28.41
C LYS M 8 33.17 94.87 -27.57
N VAL M 9 32.75 94.43 -26.39
CA VAL M 9 33.53 93.52 -25.56
C VAL M 9 33.25 92.10 -26.01
N VAL M 10 34.30 91.36 -26.29
CA VAL M 10 34.19 89.94 -26.56
C VAL M 10 34.90 89.18 -25.44
N LEU M 11 34.43 87.97 -25.20
CA LEU M 11 35.17 86.98 -24.44
C LEU M 11 35.94 86.13 -25.43
N VAL M 12 37.22 85.94 -25.19
CA VAL M 12 37.98 85.01 -26.01
C VAL M 12 37.74 83.60 -25.52
N LEU M 13 37.29 82.72 -26.42
CA LEU M 13 36.91 81.36 -26.05
C LEU M 13 38.01 80.34 -26.25
N ALA M 14 38.91 80.54 -27.20
CA ALA M 14 39.88 79.53 -27.56
C ALA M 14 41.27 80.13 -27.53
N GLY M 15 42.26 79.27 -27.34
CA GLY M 15 43.64 79.69 -27.36
C GLY M 15 44.16 80.08 -25.99
N ARG M 16 45.37 80.64 -26.01
CA ARG M 16 46.11 80.98 -24.79
C ARG M 16 45.39 82.02 -23.93
N TYR M 17 44.54 82.84 -24.54
CA TYR M 17 43.82 83.91 -23.85
C TYR M 17 42.37 83.54 -23.59
N SER M 18 42.09 82.26 -23.34
CA SER M 18 40.73 81.84 -23.06
C SER M 18 40.29 82.36 -21.70
N GLY M 19 39.05 82.86 -21.66
CA GLY M 19 38.53 83.47 -20.45
C GLY M 19 38.82 84.93 -20.29
N ARG M 20 39.62 85.53 -21.17
CA ARG M 20 39.95 86.94 -21.09
C ARG M 20 38.96 87.77 -21.89
N LYS M 21 38.82 89.02 -21.48
CA LYS M 21 37.96 89.97 -22.15
C LYS M 21 38.78 90.79 -23.14
N ALA M 22 38.11 91.31 -24.16
CA ALA M 22 38.77 92.07 -25.20
C ALA M 22 37.82 93.09 -25.81
N VAL M 23 38.38 94.12 -26.40
CA VAL M 23 37.63 95.08 -27.20
C VAL M 23 37.90 94.75 -28.66
N ILE M 24 36.83 94.66 -29.45
CA ILE M 24 36.98 94.58 -30.90
C ILE M 24 37.58 95.87 -31.40
N VAL M 25 38.76 95.80 -32.02
CA VAL M 25 39.38 96.93 -32.68
C VAL M 25 38.90 97.06 -34.12
N LYS M 26 38.94 95.96 -34.89
CA LYS M 26 38.47 96.02 -36.27
C LYS M 26 37.83 94.69 -36.64
N ASN M 27 36.56 94.74 -37.06
CA ASN M 27 35.89 93.54 -37.57
C ASN M 27 36.13 93.38 -39.06
N ILE M 28 36.07 92.15 -39.53
CA ILE M 28 36.02 91.82 -40.96
C ILE M 28 34.93 90.78 -41.08
N ASP M 29 33.71 91.24 -41.40
CA ASP M 29 32.54 90.36 -41.41
C ASP M 29 32.50 89.48 -42.64
N ASP M 30 33.21 89.84 -43.69
CA ASP M 30 33.46 89.00 -44.86
C ASP M 30 34.97 88.90 -45.08
N GLY M 31 35.52 87.71 -44.82
CA GLY M 31 36.96 87.56 -44.68
C GLY M 31 37.69 87.80 -45.98
N THR M 32 38.99 88.09 -45.84
CA THR M 32 39.85 88.38 -46.97
C THR M 32 40.27 87.08 -47.64
N SER M 33 41.23 87.19 -48.57
CA SER M 33 41.63 86.02 -49.35
C SER M 33 42.47 85.06 -48.52
N ASP M 34 43.19 85.55 -47.51
CA ASP M 34 43.97 84.68 -46.65
C ASP M 34 43.23 84.24 -45.39
N ARG M 35 42.07 84.81 -45.12
CA ARG M 35 41.23 84.40 -43.99
C ARG M 35 39.81 84.19 -44.50
N PRO M 36 39.48 82.97 -44.91
CA PRO M 36 38.13 82.71 -45.46
C PRO M 36 37.01 82.74 -44.43
N TYR M 37 37.32 82.86 -43.16
CA TYR M 37 36.32 83.01 -42.10
C TYR M 37 36.12 84.49 -41.80
N SER M 38 34.98 84.79 -41.21
CA SER M 38 34.73 86.13 -40.69
C SER M 38 35.40 86.27 -39.33
N HIS M 39 36.13 87.36 -39.14
CA HIS M 39 37.09 87.44 -38.05
C HIS M 39 37.17 88.86 -37.52
N ALA M 40 38.03 89.05 -36.53
CA ALA M 40 38.11 90.33 -35.84
C ALA M 40 39.45 90.48 -35.14
N LEU M 41 40.12 91.58 -35.41
CA LEU M 41 41.25 92.01 -34.60
C LEU M 41 40.70 92.60 -33.32
N VAL M 42 41.14 92.07 -32.18
CA VAL M 42 40.75 92.55 -30.87
C VAL M 42 42.02 92.91 -30.08
N ALA M 43 41.83 93.73 -29.05
CA ALA M 43 42.86 94.05 -28.07
C ALA M 43 42.29 93.75 -26.70
N GLY M 44 42.98 92.90 -25.95
CA GLY M 44 42.40 92.42 -24.71
C GLY M 44 43.32 92.43 -23.51
N ILE M 45 42.80 91.98 -22.38
CA ILE M 45 43.53 91.99 -21.12
C ILE M 45 44.12 90.61 -20.91
N ASP M 46 45.45 90.50 -21.03
CA ASP M 46 46.14 89.25 -20.73
C ASP M 46 46.16 89.06 -19.23
N ARG M 47 46.78 90.00 -18.50
CA ARG M 47 46.89 89.92 -17.05
C ARG M 47 46.03 91.04 -16.47
N TYR M 48 45.01 90.65 -15.72
CA TYR M 48 44.14 91.62 -15.08
C TYR M 48 44.88 92.31 -13.95
N PRO M 49 44.53 93.55 -13.64
CA PRO M 49 45.13 94.22 -12.49
C PRO M 49 44.70 93.55 -11.19
N ARG M 50 45.59 93.57 -10.21
CA ARG M 50 45.31 92.90 -8.96
C ARG M 50 44.35 93.75 -8.13
N LYS M 51 43.78 93.12 -7.11
CA LYS M 51 42.74 93.77 -6.32
C LYS M 51 43.35 94.80 -5.39
N VAL M 52 42.92 96.05 -5.52
CA VAL M 52 43.48 97.16 -4.74
C VAL M 52 42.48 97.56 -3.66
N THR M 53 43.01 97.94 -2.50
CA THR M 53 42.22 98.21 -1.32
C THR M 53 42.75 99.45 -0.61
N ALA M 54 41.97 99.92 0.36
CA ALA M 54 42.49 100.87 1.33
C ALA M 54 43.49 100.16 2.24
N ALA M 55 44.26 100.99 2.98
CA ALA M 55 45.47 100.59 3.69
C ALA M 55 46.47 99.88 2.77
N MET M 56 46.61 100.40 1.56
CA MET M 56 47.65 100.00 0.62
C MET M 56 48.41 101.24 0.19
N GLY M 57 49.73 101.11 0.08
CA GLY M 57 50.55 102.24 -0.31
C GLY M 57 50.33 102.62 -1.76
N LYS M 58 50.75 103.84 -2.10
CA LYS M 58 50.55 104.37 -3.44
C LYS M 58 51.34 103.59 -4.49
N LYS M 59 52.59 103.23 -4.16
CA LYS M 59 53.35 102.37 -5.06
C LYS M 59 52.74 100.97 -5.17
N LYS M 60 52.08 100.47 -4.12
CA LYS M 60 51.45 99.16 -4.20
C LYS M 60 50.19 99.20 -5.05
N ILE M 61 49.43 100.29 -4.97
CA ILE M 61 48.24 100.43 -5.81
C ILE M 61 48.64 100.61 -7.27
N ALA M 62 49.66 101.44 -7.53
CA ALA M 62 50.10 101.66 -8.91
C ALA M 62 50.81 100.43 -9.46
N LYS M 63 51.40 99.61 -8.59
CA LYS M 63 52.03 98.36 -9.01
C LYS M 63 51.00 97.28 -9.29
N ARG M 64 49.95 97.18 -8.47
CA ARG M 64 48.91 96.18 -8.69
C ARG M 64 47.92 96.59 -9.76
N SER M 65 47.94 97.85 -10.17
CA SER M 65 47.09 98.36 -11.24
C SER M 65 47.67 98.12 -12.63
N LYS M 66 48.81 97.44 -12.72
CA LYS M 66 49.48 97.18 -13.98
C LYS M 66 48.71 96.15 -14.79
N ILE M 67 48.45 96.48 -16.05
CA ILE M 67 47.66 95.65 -16.94
C ILE M 67 48.57 95.17 -18.07
N LYS M 68 48.53 93.89 -18.37
CA LYS M 68 49.17 93.37 -19.56
C LYS M 68 48.10 93.12 -20.62
N SER M 69 48.32 93.62 -21.82
CA SER M 69 47.36 93.53 -22.90
C SER M 69 47.92 92.67 -24.02
N PHE M 70 47.01 92.05 -24.78
CA PHE M 70 47.38 91.34 -26.00
C PHE M 70 46.61 91.94 -27.16
N VAL M 71 47.13 91.73 -28.37
CA VAL M 71 46.49 92.17 -29.60
C VAL M 71 46.48 90.99 -30.55
N LYS M 72 45.29 90.57 -30.98
CA LYS M 72 45.20 89.32 -31.72
C LYS M 72 43.96 89.34 -32.61
N VAL M 73 44.13 88.87 -33.82
CA VAL M 73 43.03 88.56 -34.72
C VAL M 73 42.35 87.30 -34.20
N TYR M 74 41.03 87.32 -34.10
CA TYR M 74 40.31 86.17 -33.58
C TYR M 74 39.14 85.80 -34.49
N ASN M 75 38.96 84.50 -34.66
CA ASN M 75 37.78 83.97 -35.34
C ASN M 75 36.53 84.35 -34.56
N TYR M 76 35.43 84.56 -35.29
CA TYR M 76 34.18 84.88 -34.63
C TYR M 76 33.66 83.75 -33.76
N ASN M 77 33.86 82.50 -34.19
CA ASN M 77 33.45 81.36 -33.39
C ASN M 77 34.30 81.19 -32.13
N HIS M 78 35.49 81.79 -32.09
CA HIS M 78 36.32 81.78 -30.90
C HIS M 78 36.13 83.02 -30.05
N LEU M 79 35.12 83.82 -30.36
CA LEU M 79 34.76 84.99 -29.59
C LEU M 79 33.33 84.84 -29.08
N MET M 80 33.13 85.18 -27.81
CA MET M 80 31.78 85.24 -27.25
C MET M 80 31.39 86.69 -27.07
N PRO M 81 30.47 87.22 -27.84
CA PRO M 81 30.09 88.63 -27.68
C PRO M 81 29.24 88.82 -26.44
N THR M 82 29.42 89.96 -25.80
CA THR M 82 28.66 90.36 -24.63
C THR M 82 27.76 91.52 -24.99
N ARG M 83 26.95 91.96 -24.03
CA ARG M 83 26.13 93.16 -24.22
C ARG M 83 26.92 94.43 -23.96
N TYR M 84 28.13 94.32 -23.42
CA TYR M 84 28.90 95.45 -22.96
C TYR M 84 29.65 96.11 -24.10
N SER M 85 29.68 97.44 -24.06
CA SER M 85 30.41 98.23 -25.03
C SER M 85 31.42 99.09 -24.28
N VAL M 86 32.62 99.20 -24.84
CA VAL M 86 33.72 99.93 -24.22
C VAL M 86 34.28 100.94 -25.21
N ASP M 87 34.22 102.21 -24.85
CA ASP M 87 34.62 103.32 -25.72
C ASP M 87 36.00 103.86 -25.34
N ILE M 88 37.02 103.03 -25.51
CA ILE M 88 38.41 103.47 -25.39
C ILE M 88 38.87 103.75 -26.81
N PRO M 89 39.72 104.77 -27.07
CA PRO M 89 40.15 105.07 -28.44
C PRO M 89 40.86 103.95 -29.21
N LEU M 90 42.01 103.45 -28.77
CA LEU M 90 42.79 102.41 -29.47
C LEU M 90 43.08 102.82 -30.93
N ASP M 91 44.01 103.78 -31.05
CA ASP M 91 44.45 104.37 -32.31
C ASP M 91 44.76 103.33 -33.39
N LYS M 92 44.00 103.39 -34.48
CA LYS M 92 44.03 102.39 -35.53
C LYS M 92 45.34 102.40 -36.32
N THR M 93 46.10 103.49 -36.27
CA THR M 93 47.36 103.55 -37.02
C THR M 93 48.42 102.65 -36.39
N VAL M 94 48.45 102.58 -35.07
CA VAL M 94 49.46 101.81 -34.35
C VAL M 94 48.86 100.44 -33.99
N VAL M 95 47.53 100.33 -33.97
CA VAL M 95 46.88 99.03 -33.79
C VAL M 95 46.04 98.69 -35.01
N ASN M 96 46.62 97.93 -35.95
CA ASN M 96 45.90 97.44 -37.11
C ASN M 96 46.28 95.98 -37.34
N LYS M 97 45.85 95.43 -38.48
CA LYS M 97 46.14 94.03 -38.76
C LYS M 97 47.54 93.82 -39.32
N ASP M 98 48.29 94.87 -39.61
CA ASP M 98 49.63 94.74 -40.16
C ASP M 98 50.70 94.71 -39.09
N VAL M 99 50.35 94.33 -37.87
CA VAL M 99 51.32 94.31 -36.77
C VAL M 99 51.99 92.96 -36.59
N PHE M 100 51.43 91.89 -37.16
CA PHE M 100 52.03 90.57 -37.07
C PHE M 100 53.12 90.34 -38.11
N ARG M 101 53.36 91.32 -38.99
CA ARG M 101 54.48 91.22 -39.92
C ARG M 101 55.82 91.26 -39.20
N ASP M 102 55.94 92.15 -38.21
CA ASP M 102 57.20 92.39 -37.51
C ASP M 102 56.91 92.60 -36.04
N PRO M 103 57.76 92.10 -35.13
CA PRO M 103 57.47 92.22 -33.70
C PRO M 103 57.57 93.63 -33.14
N ALA M 104 58.08 94.59 -33.89
CA ALA M 104 58.12 95.97 -33.39
C ALA M 104 56.73 96.59 -33.35
N LEU M 105 55.96 96.43 -34.43
CA LEU M 105 54.65 97.05 -34.52
C LEU M 105 53.63 96.40 -33.61
N LYS M 106 53.72 95.08 -33.39
CA LYS M 106 52.81 94.45 -32.45
C LYS M 106 53.17 94.76 -31.00
N ARG M 107 54.44 94.99 -30.72
CA ARG M 107 54.82 95.50 -29.40
C ARG M 107 54.31 96.92 -29.20
N LYS M 108 54.36 97.75 -30.24
CA LYS M 108 53.77 99.10 -30.15
C LYS M 108 52.27 99.04 -29.95
N ALA M 109 51.59 98.11 -30.63
CA ALA M 109 50.15 97.95 -30.47
C ALA M 109 49.81 97.48 -29.07
N ARG M 110 50.60 96.55 -28.51
CA ARG M 110 50.35 96.08 -27.16
C ARG M 110 50.63 97.16 -26.13
N ARG M 111 51.66 97.97 -26.36
CA ARG M 111 51.94 99.10 -25.47
C ARG M 111 50.82 100.13 -25.51
N GLU M 112 50.29 100.42 -26.71
CA GLU M 112 49.20 101.39 -26.83
C GLU M 112 47.93 100.87 -26.18
N ALA M 113 47.64 99.57 -26.36
CA ALA M 113 46.54 98.93 -25.67
C ALA M 113 46.69 98.96 -24.17
N LYS M 114 47.88 98.68 -23.65
CA LYS M 114 48.17 98.76 -22.23
C LYS M 114 48.02 100.16 -21.66
N VAL M 115 48.52 101.17 -22.39
CA VAL M 115 48.40 102.56 -21.96
C VAL M 115 46.95 102.99 -21.89
N LYS M 116 46.16 102.66 -22.91
CA LYS M 116 44.77 103.10 -22.92
C LYS M 116 43.90 102.30 -21.96
N PHE M 117 44.20 101.01 -21.76
CA PHE M 117 43.49 100.21 -20.77
C PHE M 117 43.78 100.69 -19.35
N GLU M 118 45.05 101.04 -19.05
CA GLU M 118 45.36 101.59 -17.75
C GLU M 118 44.82 102.98 -17.57
N GLU M 119 44.70 103.75 -18.65
CA GLU M 119 44.05 105.06 -18.60
C GLU M 119 42.57 104.95 -18.27
N ARG M 120 41.85 104.00 -18.87
CA ARG M 120 40.44 103.81 -18.54
C ARG M 120 40.22 103.04 -17.24
N TYR M 121 41.23 102.30 -16.76
CA TYR M 121 41.05 101.50 -15.57
C TYR M 121 41.00 102.38 -14.32
N LYS M 122 41.92 103.33 -14.20
CA LYS M 122 42.08 104.07 -12.96
C LYS M 122 40.93 105.06 -12.71
N THR M 123 40.19 105.42 -13.75
CA THR M 123 39.05 106.31 -13.58
C THR M 123 37.84 105.62 -12.96
N GLY M 124 37.74 104.30 -13.06
CA GLY M 124 36.68 103.57 -12.41
C GLY M 124 35.52 103.16 -13.29
N LYS M 125 35.48 103.61 -14.55
CA LYS M 125 34.42 103.19 -15.45
C LYS M 125 34.81 101.92 -16.19
N ASN M 126 33.78 101.25 -16.72
CA ASN M 126 33.88 99.95 -17.41
C ASN M 126 34.55 98.90 -16.51
N LYS M 127 34.01 98.74 -15.30
CA LYS M 127 34.66 97.92 -14.28
C LYS M 127 34.58 96.44 -14.63
N TRP M 128 33.49 96.00 -15.24
CA TRP M 128 33.31 94.59 -15.58
C TRP M 128 34.31 94.13 -16.63
N PHE M 129 34.74 95.04 -17.51
CA PHE M 129 35.78 94.71 -18.47
C PHE M 129 37.13 94.47 -17.79
N PHE M 130 37.45 95.19 -16.73
CA PHE M 130 38.71 95.01 -16.03
C PHE M 130 38.62 93.97 -14.92
N GLN M 131 37.43 93.47 -14.64
CA GLN M 131 37.23 92.44 -13.64
C GLN M 131 37.36 91.07 -14.33
N LYS M 132 37.98 90.12 -13.64
CA LYS M 132 38.36 88.85 -14.25
C LYS M 132 37.24 87.82 -14.15
N LEU M 133 36.88 87.23 -15.29
CA LEU M 133 35.80 86.27 -15.35
C LEU M 133 36.19 85.00 -14.61
N ARG M 134 35.49 84.71 -13.53
CA ARG M 134 35.86 83.54 -12.74
C ARG M 134 35.19 82.30 -13.32
N PHE M 135 36.02 81.36 -13.74
CA PHE M 135 35.50 80.20 -14.44
C PHE M 135 36.35 78.98 -14.12
N PRO N 1 62.34 -10.64 58.24
CA PRO N 1 63.21 -11.53 57.48
C PRO N 1 62.50 -12.08 56.27
N SER N 2 62.98 -11.74 55.07
CA SER N 2 62.33 -12.29 53.88
C SER N 2 62.66 -13.76 53.69
N ARG N 3 63.73 -14.24 54.35
CA ARG N 3 64.15 -15.62 54.18
C ARG N 3 63.32 -16.61 54.98
N LEU N 4 62.51 -16.14 55.93
CA LEU N 4 61.62 -17.01 56.69
C LEU N 4 60.19 -16.95 56.18
N ARG N 5 59.91 -16.04 55.26
CA ARG N 5 58.62 -15.86 54.63
C ARG N 5 58.23 -17.07 53.79
N LYS N 6 56.94 -17.16 53.50
CA LYS N 6 56.41 -18.27 52.72
C LYS N 6 56.81 -18.16 51.25
N THR N 7 57.19 -16.97 50.80
CA THR N 7 57.48 -16.76 49.38
C THR N 7 58.77 -17.42 48.93
N ARG N 8 59.64 -17.84 49.85
CA ARG N 8 60.84 -18.54 49.44
C ARG N 8 60.56 -19.99 49.08
N LYS N 9 59.68 -20.65 49.82
CA LYS N 9 59.26 -22.00 49.50
C LYS N 9 58.32 -22.07 48.31
N LEU N 10 57.73 -20.94 47.90
CA LEU N 10 56.83 -20.91 46.76
C LEU N 10 57.54 -20.63 45.45
N ARG N 11 58.86 -20.67 45.43
CA ARG N 11 59.63 -20.50 44.20
C ARG N 11 59.68 -21.85 43.50
N GLY N 12 59.14 -21.91 42.29
CA GLY N 12 59.06 -23.13 41.52
C GLY N 12 57.65 -23.68 41.39
N HIS N 13 56.70 -23.14 42.13
CA HIS N 13 55.32 -23.54 42.08
C HIS N 13 54.56 -22.47 41.32
N VAL N 14 53.72 -22.88 40.36
CA VAL N 14 53.29 -22.01 39.27
C VAL N 14 52.39 -20.89 39.77
N SER N 15 51.38 -21.22 40.57
CA SER N 15 50.34 -20.27 40.91
C SER N 15 50.61 -19.53 42.21
N HIS N 16 51.74 -19.80 42.87
CA HIS N 16 52.20 -19.08 44.07
C HIS N 16 51.22 -19.15 45.22
N GLY N 17 50.60 -20.31 45.39
CA GLY N 17 49.71 -20.50 46.52
C GLY N 17 48.35 -19.88 46.40
N HIS N 18 47.94 -19.47 45.20
CA HIS N 18 46.66 -18.81 45.02
C HIS N 18 45.74 -19.55 44.06
N GLY N 19 46.11 -20.74 43.60
CA GLY N 19 45.19 -21.58 42.87
C GLY N 19 45.24 -21.36 41.37
N ARG N 20 44.97 -22.42 40.63
CA ARG N 20 44.89 -22.37 39.18
C ARG N 20 43.52 -21.99 38.67
N ILE N 21 42.46 -22.35 39.38
CA ILE N 21 41.10 -22.13 38.90
C ILE N 21 40.66 -20.70 39.18
N GLY N 22 40.55 -20.35 40.47
CA GLY N 22 40.27 -19.00 40.86
C GLY N 22 41.57 -18.35 41.26
N LYS N 23 42.00 -17.40 40.46
CA LYS N 23 43.37 -16.93 40.46
C LYS N 23 43.58 -15.91 41.58
N HIS N 24 44.67 -15.17 41.56
CA HIS N 24 44.80 -14.00 42.42
C HIS N 24 44.46 -12.79 41.55
N ARG N 25 43.18 -12.44 41.52
CA ARG N 25 42.72 -11.29 40.77
C ARG N 25 42.79 -10.05 41.65
N LYS N 26 42.31 -8.93 41.13
CA LYS N 26 42.60 -7.63 41.73
C LYS N 26 41.80 -7.35 43.00
N HIS N 27 40.48 -7.21 42.89
CA HIS N 27 39.61 -7.03 44.04
C HIS N 27 38.29 -7.76 43.81
N PRO N 28 38.29 -9.08 43.97
CA PRO N 28 37.05 -9.86 43.76
C PRO N 28 36.10 -9.78 44.95
N GLY N 29 35.25 -8.77 44.95
CA GLY N 29 34.29 -8.62 46.02
C GLY N 29 34.12 -7.19 46.45
N GLY N 30 34.85 -6.29 45.82
CA GLY N 30 34.82 -4.88 46.16
C GLY N 30 35.94 -4.52 47.12
N ARG N 31 36.13 -3.22 47.25
CA ARG N 31 37.22 -2.68 48.05
C ARG N 31 36.74 -2.34 49.44
N GLY N 32 37.51 -2.71 50.44
CA GLY N 32 37.25 -2.27 51.80
C GLY N 32 36.05 -2.97 52.38
N ASN N 33 35.05 -2.19 52.78
CA ASN N 33 33.82 -2.71 53.34
C ASN N 33 32.66 -2.63 52.35
N ALA N 34 32.94 -2.88 51.08
CA ALA N 34 31.93 -2.88 50.04
C ALA N 34 30.97 -4.05 50.21
N GLY N 35 29.71 -3.79 49.92
CA GLY N 35 28.71 -4.84 49.96
C GLY N 35 28.39 -5.33 51.34
N GLY N 36 28.62 -4.50 52.37
CA GLY N 36 28.34 -4.90 53.73
C GLY N 36 26.88 -5.09 54.02
N MET N 37 26.00 -4.58 53.17
CA MET N 37 24.57 -4.73 53.30
C MET N 37 24.02 -5.57 52.15
N HIS N 38 24.84 -5.90 51.15
CA HIS N 38 24.34 -6.57 49.95
C HIS N 38 24.87 -8.00 49.80
N HIS N 39 26.17 -8.19 49.66
CA HIS N 39 26.69 -9.52 49.37
C HIS N 39 27.70 -9.99 50.39
N HIS N 40 28.14 -9.13 51.31
CA HIS N 40 28.87 -9.53 52.50
C HIS N 40 27.98 -9.44 53.72
N ARG N 41 26.67 -9.46 53.51
CA ARG N 41 25.72 -9.23 54.59
C ARG N 41 25.75 -10.36 55.61
N ILE N 42 26.03 -11.58 55.18
CA ILE N 42 26.05 -12.71 56.10
C ILE N 42 27.21 -12.59 57.07
N ASN N 43 28.40 -12.24 56.56
CA ASN N 43 29.56 -12.00 57.42
C ASN N 43 29.31 -10.82 58.36
N PHE N 44 28.77 -9.73 57.82
CA PHE N 44 28.55 -8.54 58.64
C PHE N 44 27.49 -8.76 59.70
N ASP N 45 26.50 -9.60 59.45
CA ASP N 45 25.49 -9.86 60.48
C ASP N 45 25.93 -10.95 61.43
N LYS N 46 26.75 -11.89 60.96
CA LYS N 46 27.18 -13.00 61.78
C LYS N 46 28.28 -12.61 62.74
N TYR N 47 29.13 -11.65 62.38
CA TYR N 47 30.24 -11.29 63.24
C TYR N 47 30.17 -9.87 63.78
N HIS N 48 29.45 -8.97 63.13
CA HIS N 48 29.34 -7.58 63.56
C HIS N 48 27.88 -7.15 63.67
N PRO N 49 27.12 -7.70 64.63
CA PRO N 49 25.72 -7.29 64.78
C PRO N 49 25.55 -5.89 65.35
N GLY N 50 24.83 -5.05 64.61
CA GLY N 50 24.64 -3.69 65.04
C GLY N 50 25.47 -2.68 64.30
N TYR N 51 26.14 -3.10 63.24
CA TYR N 51 27.03 -2.21 62.51
C TYR N 51 26.26 -1.12 61.77
N PHE N 52 25.11 -1.46 61.20
CA PHE N 52 24.30 -0.52 60.44
C PHE N 52 23.21 0.05 61.31
N GLY N 53 22.87 1.30 61.12
CA GLY N 53 21.81 1.94 61.87
C GLY N 53 22.32 3.06 62.74
N LYS N 54 21.40 3.72 63.43
CA LYS N 54 21.69 4.96 64.11
C LYS N 54 20.94 5.00 65.43
N VAL N 55 21.67 5.06 66.53
CA VAL N 55 21.11 4.88 67.86
C VAL N 55 21.56 6.01 68.77
N GLY N 56 20.62 6.60 69.49
CA GLY N 56 20.94 7.47 70.60
C GLY N 56 21.12 8.91 70.19
N MET N 57 21.30 9.75 71.20
CA MET N 57 21.41 11.18 71.00
C MET N 57 22.78 11.56 70.47
N ARG N 58 22.80 12.63 69.69
CA ARG N 58 24.05 13.26 69.33
C ARG N 58 24.46 14.23 70.43
N HIS N 59 25.77 14.42 70.55
CA HIS N 59 26.32 15.44 71.42
C HIS N 59 27.43 16.10 70.63
N TYR N 60 27.21 17.37 70.28
CA TYR N 60 27.94 17.97 69.15
C TYR N 60 29.39 18.28 69.51
N HIS N 61 29.62 18.87 70.68
CA HIS N 61 30.96 19.32 71.09
C HIS N 61 31.29 18.58 72.36
N LEU N 62 31.81 17.37 72.23
CA LEU N 62 32.07 16.56 73.39
C LEU N 62 33.46 16.85 73.91
N LYS N 63 33.55 17.23 75.17
CA LYS N 63 34.81 17.43 75.85
C LYS N 63 34.99 16.23 76.78
N ARG N 64 35.92 15.34 76.44
CA ARG N 64 36.13 14.13 77.23
C ARG N 64 36.72 14.40 78.59
N ASN N 65 37.28 15.56 78.82
CA ASN N 65 37.73 15.85 80.17
C ASN N 65 36.57 16.21 81.09
N GLN N 66 35.40 16.51 80.54
CA GLN N 66 34.26 16.89 81.36
C GLN N 66 33.72 15.72 82.15
N SER N 67 33.54 14.57 81.49
CA SER N 67 33.04 13.36 82.13
C SER N 67 34.17 12.49 82.66
N PHE N 68 35.33 13.08 82.94
CA PHE N 68 36.47 12.34 83.47
C PHE N 68 36.19 11.94 84.92
N CYS N 69 36.16 10.64 85.16
CA CYS N 69 35.91 10.12 86.49
C CYS N 69 36.55 8.74 86.61
N PRO N 70 37.85 8.66 86.83
CA PRO N 70 38.49 7.35 86.98
C PRO N 70 38.14 6.75 88.33
N THR N 71 37.74 5.49 88.31
CA THR N 71 37.16 4.83 89.46
C THR N 71 38.19 3.90 90.08
N VAL N 72 37.97 3.60 91.35
CA VAL N 72 38.80 2.65 92.07
C VAL N 72 37.87 1.73 92.85
N ASN N 73 38.27 0.47 93.00
CA ASN N 73 37.51 -0.46 93.82
C ASN N 73 38.10 -0.52 95.23
N LEU N 74 37.33 -1.09 96.15
CA LEU N 74 37.79 -1.13 97.53
C LEU N 74 38.86 -2.19 97.79
N ASP N 75 39.07 -3.12 96.87
CA ASP N 75 40.12 -4.11 97.08
C ASP N 75 41.51 -3.53 96.85
N LYS N 76 41.65 -2.49 96.02
CA LYS N 76 42.89 -1.79 95.79
C LYS N 76 42.99 -0.49 96.57
N LEU N 77 42.09 -0.30 97.55
CA LEU N 77 42.04 0.99 98.23
C LEU N 77 43.26 1.20 99.12
N TRP N 78 43.79 0.13 99.71
CA TRP N 78 44.97 0.27 100.55
C TRP N 78 46.27 0.26 99.77
N THR N 79 46.20 0.07 98.45
CA THR N 79 47.41 0.13 97.64
C THR N 79 47.81 1.57 97.34
N LEU N 80 46.91 2.53 97.60
CA LEU N 80 47.24 3.92 97.37
C LEU N 80 48.19 4.45 98.43
N VAL N 81 48.13 3.90 99.64
CA VAL N 81 49.00 4.31 100.72
C VAL N 81 50.09 3.25 100.90
N SER N 82 51.09 3.59 101.71
CA SER N 82 52.21 2.70 101.94
C SER N 82 51.81 1.57 102.89
N GLU N 83 52.72 0.61 103.05
CA GLU N 83 52.44 -0.54 103.90
C GLU N 83 52.53 -0.19 105.38
N GLN N 84 53.44 0.72 105.75
CA GLN N 84 53.53 1.12 107.13
C GLN N 84 52.31 1.93 107.56
N THR N 85 51.63 2.57 106.61
CA THR N 85 50.36 3.23 106.88
C THR N 85 49.31 2.23 107.36
N ARG N 86 49.25 1.05 106.74
CA ARG N 86 48.33 0.03 107.19
C ARG N 86 48.77 -0.65 108.48
N VAL N 87 50.05 -0.95 108.64
CA VAL N 87 50.41 -1.75 109.83
C VAL N 87 50.48 -0.89 111.09
N ASN N 88 50.84 0.40 110.98
CA ASN N 88 50.76 1.27 112.15
C ASN N 88 49.32 1.49 112.58
N ALA N 89 48.41 1.65 111.63
CA ALA N 89 46.99 1.75 111.92
C ALA N 89 46.43 0.46 112.49
N ALA N 90 46.97 -0.68 112.06
CA ALA N 90 46.61 -1.97 112.64
C ALA N 90 47.05 -2.10 114.10
N LYS N 91 48.27 -1.66 114.42
CA LYS N 91 48.78 -1.89 115.77
C LYS N 91 48.36 -0.83 116.78
N ASN N 92 48.01 0.38 116.36
CA ASN N 92 47.65 1.38 117.37
C ASN N 92 46.25 1.16 117.94
N LYS N 93 46.06 1.70 119.15
CA LYS N 93 44.86 1.46 119.93
C LYS N 93 44.02 2.71 120.17
N THR N 94 44.43 3.88 119.68
CA THR N 94 43.63 5.08 119.88
C THR N 94 42.46 5.18 118.91
N GLY N 95 42.37 4.30 117.93
CA GLY N 95 41.40 4.46 116.88
C GLY N 95 41.76 5.51 115.86
N ALA N 96 43.02 5.93 115.82
CA ALA N 96 43.46 6.92 114.85
C ALA N 96 43.51 6.30 113.46
N ALA N 97 42.48 6.55 112.68
CA ALA N 97 42.33 5.93 111.37
C ALA N 97 42.98 6.77 110.29
N PRO N 98 43.76 6.16 109.41
CA PRO N 98 44.39 6.92 108.33
C PRO N 98 43.39 7.34 107.28
N ILE N 99 43.76 8.35 106.53
CA ILE N 99 42.95 8.88 105.46
C ILE N 99 43.52 8.41 104.14
N ILE N 100 42.65 7.97 103.24
CA ILE N 100 43.00 7.72 101.85
C ILE N 100 42.23 8.71 100.98
N ASP N 101 42.93 9.71 100.45
CA ASP N 101 42.39 10.59 99.43
C ASP N 101 42.66 9.95 98.08
N VAL N 102 41.61 9.48 97.41
CA VAL N 102 41.81 8.85 96.12
C VAL N 102 41.99 9.88 95.01
N VAL N 103 41.60 11.13 95.24
CA VAL N 103 41.91 12.19 94.29
C VAL N 103 43.41 12.46 94.27
N ARG N 104 44.05 12.36 95.44
CA ARG N 104 45.49 12.51 95.55
C ARG N 104 46.23 11.46 94.74
N SER N 105 45.76 10.23 94.76
CA SER N 105 46.38 9.17 94.00
C SER N 105 45.95 9.14 92.55
N GLY N 106 44.82 9.73 92.21
CA GLY N 106 44.41 9.89 90.84
C GLY N 106 43.06 9.34 90.44
N TYR N 107 42.16 9.09 91.39
CA TYR N 107 40.84 8.54 91.09
C TYR N 107 39.77 9.49 91.62
N TYR N 108 38.62 9.49 90.98
CA TYR N 108 37.57 10.41 91.38
C TYR N 108 36.43 9.75 92.12
N LYS N 109 36.08 8.51 91.79
CA LYS N 109 34.97 7.81 92.39
C LYS N 109 35.48 6.51 93.02
N VAL N 110 34.85 6.10 94.10
CA VAL N 110 35.14 4.81 94.74
C VAL N 110 33.95 3.90 94.52
N LEU N 111 34.16 2.82 93.79
CA LEU N 111 33.21 1.72 93.73
C LEU N 111 33.66 0.68 94.74
N GLY N 112 32.71 -0.14 95.22
CA GLY N 112 33.17 -1.12 96.18
C GLY N 112 33.13 -2.57 95.81
N LYS N 113 34.24 -3.13 95.33
CA LYS N 113 34.24 -4.50 94.82
C LYS N 113 34.69 -5.50 95.88
N GLY N 114 35.90 -5.37 96.39
CA GLY N 114 36.49 -6.37 97.24
C GLY N 114 36.00 -6.31 98.66
N LYS N 115 36.55 -7.20 99.48
CA LYS N 115 36.41 -7.11 100.91
C LYS N 115 37.46 -6.14 101.43
N LEU N 116 37.10 -5.44 102.46
CA LEU N 116 37.97 -4.41 102.98
C LEU N 116 38.51 -4.88 104.33
N PRO N 117 39.80 -4.71 104.59
CA PRO N 117 40.40 -5.33 105.78
C PRO N 117 39.93 -4.67 107.06
N LYS N 118 39.75 -5.47 108.09
CA LYS N 118 39.04 -5.03 109.29
C LYS N 118 39.88 -4.10 110.14
N GLN N 119 39.80 -2.81 109.81
CA GLN N 119 40.39 -1.68 110.55
C GLN N 119 39.78 -0.38 110.02
N PRO N 120 39.66 0.65 110.84
CA PRO N 120 38.99 1.88 110.40
C PRO N 120 39.78 2.68 109.37
N VAL N 121 39.04 3.48 108.59
CA VAL N 121 39.64 4.28 107.54
C VAL N 121 38.73 5.47 107.21
N ILE N 122 39.35 6.58 106.83
CA ILE N 122 38.62 7.76 106.36
C ILE N 122 38.97 7.95 104.88
N VAL N 123 38.00 7.82 104.00
CA VAL N 123 38.22 7.81 102.56
C VAL N 123 37.63 9.07 101.95
N LYS N 124 38.45 9.84 101.27
CA LYS N 124 38.01 11.06 100.61
C LYS N 124 37.92 10.82 99.11
N ALA N 125 36.77 11.17 98.53
CA ALA N 125 36.56 11.01 97.09
C ALA N 125 35.58 12.08 96.64
N LYS N 126 35.54 12.29 95.33
CA LYS N 126 34.54 13.20 94.78
C LYS N 126 33.16 12.54 94.76
N PHE N 127 33.10 11.26 94.42
CA PHE N 127 31.87 10.51 94.41
C PHE N 127 32.09 9.15 95.06
N PHE N 128 31.01 8.56 95.54
CA PHE N 128 31.06 7.25 96.16
C PHE N 128 29.98 6.38 95.56
N SER N 129 30.26 5.10 95.49
CA SER N 129 29.21 4.13 95.22
C SER N 129 28.49 3.83 96.52
N ARG N 130 27.22 3.43 96.40
CA ARG N 130 26.44 3.04 97.58
C ARG N 130 27.05 1.82 98.25
N ARG N 131 27.45 0.82 97.48
CA ARG N 131 28.06 -0.36 98.07
C ARG N 131 29.42 -0.05 98.66
N ALA N 132 30.15 0.90 98.07
CA ALA N 132 31.43 1.30 98.63
C ALA N 132 31.27 2.01 99.97
N GLU N 133 30.33 2.95 100.06
CA GLU N 133 30.15 3.63 101.33
C GLU N 133 29.59 2.70 102.39
N GLU N 134 28.70 1.76 102.02
CA GLU N 134 28.17 0.88 103.04
C GLU N 134 29.21 -0.14 103.50
N LYS N 135 30.16 -0.51 102.64
CA LYS N 135 31.25 -1.36 103.10
C LYS N 135 32.24 -0.61 103.99
N ILE N 136 32.48 0.67 103.72
CA ILE N 136 33.35 1.45 104.60
C ILE N 136 32.69 1.69 105.96
N LYS N 137 31.38 1.94 105.98
CA LYS N 137 30.67 2.01 107.24
C LYS N 137 30.66 0.66 107.96
N GLY N 138 30.56 -0.43 107.21
CA GLY N 138 30.54 -1.75 107.81
C GLY N 138 31.85 -2.16 108.45
N VAL N 139 32.97 -1.82 107.80
CA VAL N 139 34.27 -2.05 108.40
C VAL N 139 34.54 -1.01 109.49
N GLY N 140 33.79 0.09 109.50
CA GLY N 140 34.04 1.16 110.44
C GLY N 140 34.88 2.16 109.70
N GLY N 141 34.38 3.36 109.52
CA GLY N 141 35.08 4.31 108.68
C GLY N 141 34.15 5.42 108.25
N ALA N 142 34.73 6.34 107.49
CA ALA N 142 33.99 7.51 107.04
C ALA N 142 34.24 7.76 105.56
N CYS N 143 33.22 8.29 104.89
CA CYS N 143 33.33 8.73 103.51
C CYS N 143 33.23 10.24 103.47
N VAL N 144 34.25 10.89 102.92
CA VAL N 144 34.38 12.33 102.89
C VAL N 144 34.37 12.80 101.44
N LEU N 145 33.40 13.66 101.11
CA LEU N 145 33.27 14.20 99.77
C LEU N 145 34.20 15.39 99.61
N VAL N 146 34.93 15.41 98.50
CA VAL N 146 35.83 16.51 98.18
C VAL N 146 35.53 16.99 96.77
N ALA N 147 35.95 18.21 96.49
CA ALA N 147 35.85 18.79 95.16
C ALA N 147 37.14 19.53 94.82
N ALA O 1 24.13 -19.95 28.98
CA ALA O 1 25.06 -20.68 29.83
C ALA O 1 24.33 -21.32 31.01
N LYS O 2 23.66 -22.42 30.76
CA LYS O 2 23.01 -23.15 31.83
C LYS O 2 24.05 -23.93 32.63
N SER O 3 23.64 -24.46 33.77
CA SER O 3 24.56 -25.08 34.71
C SER O 3 23.81 -26.13 35.51
N LYS O 4 24.55 -26.81 36.39
CA LYS O 4 23.95 -27.79 37.27
C LYS O 4 23.21 -27.09 38.41
N ASN O 5 22.00 -27.56 38.70
CA ASN O 5 21.11 -26.86 39.60
C ASN O 5 21.30 -27.26 41.07
N HIS O 6 21.32 -28.55 41.37
CA HIS O 6 21.42 -29.00 42.75
C HIS O 6 21.87 -30.45 42.77
N THR O 7 22.73 -30.81 43.72
CA THR O 7 23.04 -32.20 43.98
C THR O 7 23.41 -32.38 45.44
N THR O 8 23.38 -33.62 45.89
CA THR O 8 23.85 -34.05 47.20
C THR O 8 24.81 -35.22 46.98
N HIS O 9 25.77 -35.01 46.08
CA HIS O 9 26.53 -36.15 45.57
C HIS O 9 27.69 -36.55 46.46
N ASN O 10 28.64 -35.66 46.68
CA ASN O 10 29.81 -35.94 47.51
C ASN O 10 29.54 -35.65 48.99
N GLN O 11 28.31 -35.26 49.30
CA GLN O 11 28.00 -34.72 50.62
C GLN O 11 28.05 -35.78 51.69
N SER O 12 27.60 -36.99 51.41
CA SER O 12 27.67 -38.06 52.40
C SER O 12 29.11 -38.50 52.69
N ARG O 13 30.03 -38.29 51.74
CA ARG O 13 31.44 -38.51 52.01
C ARG O 13 32.02 -37.42 52.88
N LYS O 14 31.66 -36.16 52.58
CA LYS O 14 32.15 -35.03 53.37
C LYS O 14 31.62 -35.04 54.79
N TRP O 15 30.39 -35.52 54.99
CA TRP O 15 29.86 -35.59 56.34
C TRP O 15 30.55 -36.65 57.17
N HIS O 16 31.12 -37.67 56.54
CA HIS O 16 31.70 -38.78 57.25
C HIS O 16 33.22 -38.71 57.36
N ARG O 17 33.86 -37.74 56.69
CA ARG O 17 35.30 -37.56 56.83
C ARG O 17 35.72 -37.24 58.26
N ASN O 18 35.13 -36.22 58.88
CA ASN O 18 35.35 -35.99 60.30
C ASN O 18 34.31 -36.70 61.15
N GLY O 19 33.41 -37.46 60.54
CA GLY O 19 32.43 -38.23 61.26
C GLY O 19 31.14 -37.48 61.45
N ILE O 20 30.03 -38.20 61.54
CA ILE O 20 28.76 -37.61 61.94
C ILE O 20 28.63 -37.90 63.43
N LYS O 21 29.05 -36.94 64.23
CA LYS O 21 29.08 -37.11 65.67
C LYS O 21 27.69 -36.92 66.26
N LYS O 22 27.35 -37.78 67.22
CA LYS O 22 26.16 -37.53 68.02
C LYS O 22 26.41 -36.31 68.91
N PRO O 23 25.38 -35.52 69.22
CA PRO O 23 25.58 -34.34 70.05
C PRO O 23 25.96 -34.72 71.48
N ARG O 24 26.75 -33.86 72.11
CA ARG O 24 27.39 -34.20 73.36
C ARG O 24 26.39 -34.12 74.51
N SER O 25 25.92 -35.28 74.94
CA SER O 25 25.05 -35.38 76.10
C SER O 25 25.92 -35.53 77.35
N GLN O 26 25.87 -34.55 78.24
CA GLN O 26 26.49 -34.66 79.56
C GLN O 26 25.36 -34.51 80.59
N ARG O 27 25.59 -35.01 81.82
CA ARG O 27 24.57 -34.96 82.86
C ARG O 27 24.34 -33.51 83.26
N TYR O 28 23.22 -33.23 83.93
CA TYR O 28 22.82 -31.86 84.31
C TYR O 28 22.70 -31.00 83.09
N GLU O 29 21.67 -31.22 82.30
CA GLU O 29 21.59 -30.44 81.10
C GLU O 29 20.93 -29.09 81.48
N SER O 30 20.99 -28.09 80.60
CA SER O 30 20.51 -26.75 80.89
C SER O 30 18.99 -26.69 80.99
N LEU O 31 18.51 -25.68 81.72
CA LEU O 31 17.10 -25.50 82.01
C LEU O 31 16.45 -24.44 81.14
N LYS O 32 16.99 -24.18 79.96
CA LYS O 32 16.36 -23.23 79.06
C LYS O 32 15.11 -23.87 78.45
N GLY O 33 13.99 -23.16 78.54
CA GLY O 33 12.76 -23.59 77.92
C GLY O 33 11.84 -24.36 78.81
N VAL O 34 12.21 -24.59 80.07
CA VAL O 34 11.36 -25.29 81.02
C VAL O 34 10.31 -24.27 81.45
N ASP O 35 9.21 -24.73 82.06
CA ASP O 35 8.09 -23.88 82.40
C ASP O 35 8.52 -22.85 83.43
N PRO O 36 8.31 -21.55 83.18
CA PRO O 36 8.77 -20.51 84.10
C PRO O 36 8.17 -20.58 85.50
N LYS O 37 6.91 -20.97 85.64
CA LYS O 37 6.33 -21.16 86.97
C LYS O 37 7.01 -22.28 87.73
N PHE O 38 7.26 -23.40 87.05
CA PHE O 38 7.98 -24.53 87.64
C PHE O 38 9.41 -24.15 88.00
N LEU O 39 10.07 -23.38 87.15
CA LEU O 39 11.46 -22.99 87.38
C LEU O 39 11.58 -21.97 88.51
N ARG O 40 10.62 -21.04 88.60
CA ARG O 40 10.59 -20.08 89.70
C ARG O 40 10.36 -20.79 91.03
N ASN O 41 9.48 -21.79 91.06
CA ASN O 41 9.32 -22.55 92.29
C ASN O 41 10.53 -23.42 92.60
N MET O 42 11.18 -23.94 91.56
CA MET O 42 12.40 -24.71 91.75
C MET O 42 13.53 -23.86 92.32
N ARG O 43 13.61 -22.60 91.89
CA ARG O 43 14.57 -21.67 92.47
C ARG O 43 14.22 -21.30 93.90
N PHE O 44 12.93 -21.23 94.24
CA PHE O 44 12.56 -21.05 95.65
C PHE O 44 12.94 -22.25 96.51
N ALA O 45 12.74 -23.46 95.98
CA ALA O 45 13.16 -24.68 96.67
C ALA O 45 14.67 -24.73 96.87
N LYS O 46 15.45 -24.35 95.85
CA LYS O 46 16.90 -24.31 95.97
C LYS O 46 17.34 -23.21 96.91
N LYS O 47 16.60 -22.11 96.94
CA LYS O 47 16.90 -21.01 97.85
C LYS O 47 16.69 -21.41 99.29
N HIS O 48 15.71 -22.27 99.58
CA HIS O 48 15.42 -22.63 100.96
C HIS O 48 15.84 -24.05 101.34
N ASN O 49 16.61 -24.77 100.51
CA ASN O 49 17.12 -26.07 100.98
C ASN O 49 18.05 -25.96 102.19
N LYS O 50 18.66 -24.79 102.41
CA LYS O 50 19.49 -24.60 103.59
C LYS O 50 18.69 -24.47 104.89
N LYS O 51 17.37 -24.27 104.79
CA LYS O 51 16.52 -24.07 105.96
C LYS O 51 16.45 -25.32 106.82
N GLY O 52 16.19 -26.47 106.22
CA GLY O 52 16.12 -27.70 106.97
C GLY O 52 17.45 -28.41 107.04
N LEU O 53 18.54 -27.66 107.26
CA LEU O 53 19.87 -28.24 107.29
C LEU O 53 20.12 -28.99 108.60
N LYS O 54 19.49 -28.53 109.68
CA LYS O 54 19.65 -29.19 110.97
C LYS O 54 18.97 -30.55 110.99
N LYS O 55 17.80 -30.66 110.36
CA LYS O 55 17.13 -31.95 110.24
C LYS O 55 17.97 -32.91 109.43
N MET O 56 18.67 -32.42 108.42
CA MET O 56 19.57 -33.31 107.69
C MET O 56 20.68 -33.84 108.57
N GLN O 57 21.40 -32.97 109.29
CA GLN O 57 22.52 -33.47 110.09
C GLN O 57 22.05 -34.33 111.25
N ALA O 58 20.87 -34.03 111.81
CA ALA O 58 20.28 -34.86 112.86
C ALA O 58 19.95 -36.25 112.35
N ASN O 59 19.20 -36.34 111.25
CA ASN O 59 18.87 -37.64 110.68
C ASN O 59 20.07 -38.35 110.05
N ASN O 60 21.08 -37.63 109.55
CA ASN O 60 22.29 -38.27 109.05
C ASN O 60 23.11 -38.90 110.16
N ALA O 61 23.32 -38.18 111.27
CA ALA O 61 24.07 -38.75 112.38
C ALA O 61 23.28 -39.83 113.09
N LYS O 62 21.94 -39.75 113.04
CA LYS O 62 21.12 -40.81 113.61
C LYS O 62 21.12 -42.05 112.72
N ALA O 63 21.14 -41.88 111.41
CA ALA O 63 21.21 -42.99 110.47
C ALA O 63 22.59 -43.61 110.39
N MET O 64 23.65 -42.87 110.73
CA MET O 64 24.98 -43.44 110.81
C MET O 64 25.06 -44.50 111.90
N ALA O 65 24.55 -44.17 113.09
CA ALA O 65 24.65 -45.07 114.23
C ALA O 65 23.78 -46.31 114.06
N ALA O 66 22.55 -46.13 113.58
CA ALA O 66 21.59 -47.22 113.44
C ALA O 66 21.95 -48.22 112.35
N ARG O 67 22.92 -47.93 111.50
CA ARG O 67 23.38 -48.88 110.48
C ARG O 67 24.82 -49.32 110.73
N ALA O 68 25.68 -48.44 111.24
CA ALA O 68 27.04 -48.83 111.59
C ALA O 68 27.06 -49.76 112.79
N GLU O 69 26.12 -49.60 113.73
CA GLU O 69 25.97 -50.61 114.76
C GLU O 69 25.31 -51.87 114.21
N ALA O 70 24.41 -51.72 113.23
CA ALA O 70 23.67 -52.85 112.70
C ALA O 70 24.51 -53.78 111.85
N ILE O 71 25.62 -53.29 111.29
CA ILE O 71 26.54 -54.15 110.55
C ILE O 71 27.25 -55.14 111.48
N LYS O 72 27.82 -54.68 112.60
CA LYS O 72 28.58 -55.53 113.50
C LYS O 72 27.79 -55.96 114.72
N ALA O 73 26.49 -55.69 114.75
CA ALA O 73 25.63 -56.18 115.82
C ALA O 73 25.39 -57.67 115.74
N LEU O 74 25.24 -58.20 114.52
CA LEU O 74 25.10 -59.64 114.35
C LEU O 74 26.36 -60.27 113.76
N VAL O 75 27.35 -59.45 113.42
CA VAL O 75 28.63 -59.94 112.91
C VAL O 75 29.74 -59.70 113.93
N VAL O 88 40.81 -79.00 87.62
CA VAL O 88 40.07 -79.74 86.60
C VAL O 88 40.67 -81.12 86.40
N SER O 89 41.92 -81.30 86.83
CA SER O 89 42.58 -82.60 86.77
C SER O 89 43.75 -82.60 87.75
N ARG O 90 44.07 -83.78 88.27
CA ARG O 90 45.10 -83.93 89.30
C ARG O 90 46.50 -83.70 88.74
N LYS O 91 46.64 -83.66 87.42
CA LYS O 91 47.91 -83.25 86.83
C LYS O 91 47.96 -81.74 86.59
N LEU O 92 46.98 -81.20 85.86
CA LEU O 92 47.09 -79.82 85.40
C LEU O 92 46.79 -78.79 86.47
N HIS O 93 45.88 -79.07 87.41
CA HIS O 93 45.72 -78.14 88.53
C HIS O 93 46.94 -78.12 89.42
N ARG O 94 47.52 -79.28 89.69
CA ARG O 94 48.68 -79.37 90.57
C ARG O 94 49.91 -78.74 89.95
N LEU O 95 50.13 -78.92 88.63
CA LEU O 95 51.24 -78.24 87.98
C LEU O 95 51.04 -76.73 87.91
N ALA O 96 49.80 -76.27 87.73
CA ALA O 96 49.53 -74.84 87.76
C ALA O 96 49.73 -74.26 89.15
N TYR O 97 49.57 -75.07 90.20
CA TYR O 97 49.92 -74.65 91.55
C TYR O 97 51.42 -74.65 91.81
N ILE O 98 52.15 -75.66 91.32
CA ILE O 98 53.59 -75.72 91.54
C ILE O 98 54.30 -74.62 90.76
N ALA O 99 53.91 -74.39 89.51
CA ALA O 99 54.56 -73.40 88.67
C ALA O 99 54.04 -71.99 88.89
N HIS O 100 53.07 -71.81 89.78
CA HIS O 100 52.73 -70.47 90.24
C HIS O 100 53.91 -69.93 91.04
N PRO O 101 54.39 -68.72 90.73
CA PRO O 101 55.63 -68.22 91.37
C PRO O 101 55.52 -68.02 92.87
N LYS O 102 54.37 -67.59 93.38
CA LYS O 102 54.20 -67.30 94.80
C LYS O 102 53.55 -68.42 95.59
N LEU O 103 52.58 -69.13 95.02
CA LEU O 103 51.94 -70.24 95.72
C LEU O 103 52.83 -71.46 95.83
N GLY O 104 53.49 -71.87 94.75
CA GLY O 104 54.31 -73.06 94.74
C GLY O 104 55.77 -72.88 95.12
N ARG O 105 56.08 -71.95 96.02
CA ARG O 105 57.48 -71.61 96.30
C ARG O 105 58.16 -72.70 97.14
N ARG O 106 57.62 -72.97 98.33
CA ARG O 106 58.16 -74.01 99.20
C ARG O 106 58.00 -75.40 98.60
N ALA O 107 56.89 -75.63 97.88
CA ALA O 107 56.68 -76.92 97.24
C ALA O 107 57.64 -77.11 96.06
N ARG O 108 58.03 -76.02 95.41
CA ARG O 108 59.08 -76.09 94.40
C ARG O 108 60.44 -76.35 95.03
N ALA O 109 60.70 -75.74 96.19
CA ALA O 109 61.96 -75.95 96.90
C ALA O 109 62.08 -77.37 97.45
N ARG O 110 60.94 -78.03 97.71
CA ARG O 110 60.95 -79.42 98.19
C ARG O 110 61.54 -80.37 97.16
N ILE O 111 61.49 -80.03 95.87
CA ILE O 111 62.12 -80.84 94.85
C ILE O 111 63.64 -80.88 95.03
N ALA O 112 64.26 -79.72 95.29
CA ALA O 112 65.70 -79.71 95.55
C ALA O 112 66.02 -80.30 96.93
N ARG O 113 65.15 -80.06 97.92
CA ARG O 113 65.27 -80.65 99.25
C ARG O 113 65.05 -82.18 99.23
N GLY O 114 64.55 -82.75 98.14
CA GLY O 114 64.66 -84.18 97.97
C GLY O 114 65.81 -84.57 97.05
N LEU O 115 66.21 -83.62 96.18
CA LEU O 115 67.16 -83.91 95.12
C LEU O 115 68.60 -83.93 95.62
N ARG O 116 68.88 -83.33 96.77
CA ARG O 116 70.21 -83.48 97.35
C ARG O 116 70.46 -84.92 97.81
N SER P 1 -0.39 76.78 -30.47
CA SER P 1 -0.95 76.14 -31.66
C SER P 1 0.15 75.45 -32.46
N LEU P 2 0.56 74.28 -31.97
CA LEU P 2 1.63 73.53 -32.63
C LEU P 2 1.18 72.99 -33.98
N GLU P 3 -0.12 72.69 -34.12
CA GLU P 3 -0.68 72.21 -35.37
C GLU P 3 -0.70 73.27 -36.45
N SER P 4 -0.50 74.54 -36.08
CA SER P 4 -0.34 75.60 -37.07
C SER P 4 1.10 76.07 -37.20
N ILE P 5 1.92 75.96 -36.15
CA ILE P 5 3.33 76.32 -36.32
C ILE P 5 4.03 75.26 -37.16
N ASN P 6 3.51 74.03 -37.18
CA ASN P 6 4.00 73.03 -38.13
C ASN P 6 3.68 73.44 -39.56
N SER P 7 2.49 74.01 -39.79
CA SER P 7 2.13 74.46 -41.14
C SER P 7 2.97 75.64 -41.59
N ARG P 8 3.19 76.60 -40.69
CA ARG P 8 4.10 77.71 -40.99
C ARG P 8 5.52 77.24 -41.26
N LEU P 9 6.01 76.28 -40.47
CA LEU P 9 7.33 75.72 -40.70
C LEU P 9 7.41 74.97 -42.02
N GLN P 10 6.36 74.23 -42.39
CA GLN P 10 6.35 73.53 -43.68
C GLN P 10 6.34 74.50 -44.85
N LEU P 11 5.60 75.61 -44.73
CA LEU P 11 5.63 76.64 -45.76
C LEU P 11 7.00 77.31 -45.86
N VAL P 12 7.69 77.50 -44.72
CA VAL P 12 9.07 78.01 -44.77
C VAL P 12 10.01 77.01 -45.44
N MET P 13 9.89 75.72 -45.08
CA MET P 13 10.78 74.71 -45.65
C MET P 13 10.56 74.54 -47.15
N LYS P 14 9.35 74.79 -47.62
CA LYS P 14 9.06 74.65 -49.04
C LYS P 14 9.22 75.93 -49.83
N SER P 15 9.25 77.11 -49.18
CA SER P 15 9.27 78.35 -49.92
C SER P 15 10.18 79.44 -49.35
N GLY P 16 10.86 79.20 -48.23
CA GLY P 16 11.70 80.24 -47.66
C GLY P 16 13.14 79.85 -47.48
N LYS P 17 13.92 80.70 -46.82
CA LYS P 17 15.33 80.45 -46.56
C LYS P 17 15.55 80.21 -45.08
N TYR P 18 16.41 79.25 -44.78
CA TYR P 18 16.61 78.78 -43.42
C TYR P 18 17.96 78.10 -43.34
N VAL P 19 18.40 77.86 -42.10
CA VAL P 19 19.52 76.97 -41.85
C VAL P 19 19.13 76.01 -40.73
N LEU P 20 19.52 74.76 -40.89
CA LEU P 20 19.32 73.72 -39.89
C LEU P 20 20.64 73.50 -39.18
N GLY P 21 20.68 73.86 -37.91
CA GLY P 21 21.87 73.60 -37.11
C GLY P 21 22.39 74.79 -36.33
N TYR P 22 23.12 74.47 -35.26
CA TYR P 22 23.56 75.48 -34.30
C TYR P 22 24.68 76.35 -34.85
N LYS P 23 25.63 75.77 -35.59
CA LYS P 23 26.76 76.54 -36.09
C LYS P 23 26.35 77.53 -37.17
N GLN P 24 25.57 77.08 -38.15
CA GLN P 24 24.98 77.98 -39.13
C GLN P 24 23.99 78.95 -38.50
N SER P 25 23.32 78.56 -37.43
CA SER P 25 22.43 79.48 -36.73
C SER P 25 23.20 80.62 -36.07
N LEU P 26 24.33 80.32 -35.43
CA LEU P 26 25.18 81.39 -34.91
C LEU P 26 25.74 82.26 -36.02
N LYS P 27 26.09 81.67 -37.16
CA LYS P 27 26.58 82.50 -38.26
C LYS P 27 25.48 83.43 -38.80
N MET P 28 24.24 82.97 -38.93
CA MET P 28 23.16 83.86 -39.35
C MET P 28 22.77 84.90 -38.31
N ILE P 29 22.76 84.55 -37.03
CA ILE P 29 22.51 85.55 -35.99
C ILE P 29 23.62 86.59 -35.98
N ARG P 30 24.87 86.15 -36.14
CA ARG P 30 26.01 87.05 -36.08
C ARG P 30 26.09 87.93 -37.32
N GLN P 31 25.57 87.46 -38.45
CA GLN P 31 25.41 88.31 -39.61
C GLN P 31 24.11 89.10 -39.61
N GLY P 32 23.24 88.85 -38.65
CA GLY P 32 21.99 89.59 -38.60
C GLY P 32 20.98 89.17 -39.64
N LYS P 33 21.22 88.06 -40.33
CA LYS P 33 20.32 87.57 -41.35
C LYS P 33 19.12 86.81 -40.78
N ALA P 34 19.23 86.30 -39.56
CA ALA P 34 18.19 85.49 -38.95
C ALA P 34 17.05 86.37 -38.48
N LYS P 35 15.84 86.06 -38.94
CA LYS P 35 14.65 86.74 -38.44
C LYS P 35 13.91 85.97 -37.37
N LEU P 36 13.98 84.64 -37.39
CA LEU P 36 13.39 83.87 -36.30
C LEU P 36 14.37 82.77 -35.93
N VAL P 37 14.43 82.40 -34.65
CA VAL P 37 15.23 81.26 -34.23
C VAL P 37 14.37 80.30 -33.42
N ILE P 38 14.31 79.04 -33.85
CA ILE P 38 13.52 78.02 -33.18
C ILE P 38 14.47 77.06 -32.46
N LEU P 39 14.18 76.78 -31.20
CA LEU P 39 14.98 75.86 -30.39
C LEU P 39 14.11 74.71 -29.93
N ALA P 40 14.61 73.48 -30.10
CA ALA P 40 13.98 72.32 -29.51
C ALA P 40 14.05 72.37 -27.99
N ASN P 41 13.09 71.71 -27.33
CA ASN P 41 13.11 71.69 -25.87
C ASN P 41 14.18 70.76 -25.33
N ASN P 42 14.72 69.87 -26.16
CA ASN P 42 15.82 68.99 -25.81
C ASN P 42 17.17 69.61 -26.18
N CYS P 43 17.20 70.92 -26.32
CA CYS P 43 18.46 71.62 -26.50
C CYS P 43 19.29 71.49 -25.23
N PRO P 44 20.61 71.34 -25.33
CA PRO P 44 21.46 71.48 -24.16
C PRO P 44 21.29 72.88 -23.59
N ALA P 45 21.23 72.97 -22.25
CA ALA P 45 20.75 74.19 -21.62
C ALA P 45 21.73 75.34 -21.79
N LEU P 46 23.03 75.02 -21.81
CA LEU P 46 24.05 76.02 -22.16
C LEU P 46 23.86 76.54 -23.57
N ARG P 47 23.59 75.65 -24.52
CA ARG P 47 23.32 76.08 -25.89
C ARG P 47 22.05 76.90 -25.98
N LYS P 48 21.01 76.50 -25.24
CA LYS P 48 19.74 77.23 -25.27
C LYS P 48 19.91 78.65 -24.74
N SER P 49 20.64 78.78 -23.63
CA SER P 49 20.90 80.11 -23.08
C SER P 49 21.83 80.93 -23.96
N GLU P 50 22.79 80.28 -24.62
CA GLU P 50 23.67 81.01 -25.53
C GLU P 50 22.96 81.49 -26.79
N ILE P 51 22.09 80.65 -27.38
CA ILE P 51 21.21 81.09 -28.46
C ILE P 51 20.34 82.26 -28.03
N GLU P 52 19.75 82.18 -26.83
CA GLU P 52 18.93 83.27 -26.35
C GLU P 52 19.74 84.54 -26.10
N TYR P 53 20.98 84.41 -25.67
CA TYR P 53 21.82 85.59 -25.53
C TYR P 53 22.19 86.19 -26.89
N TYR P 54 22.56 85.36 -27.87
CA TYR P 54 22.89 85.85 -29.21
C TYR P 54 21.69 86.50 -29.87
N ALA P 55 20.50 85.97 -29.59
CA ALA P 55 19.27 86.56 -30.09
C ALA P 55 18.91 87.86 -29.37
N MET P 56 19.28 87.99 -28.09
CA MET P 56 19.10 89.27 -27.41
C MET P 56 20.05 90.32 -27.95
N LEU P 57 21.29 89.96 -28.27
CA LEU P 57 22.19 90.93 -28.94
C LEU P 57 21.73 91.29 -30.33
N ALA P 58 21.32 90.32 -31.11
CA ALA P 58 20.87 90.60 -32.46
C ALA P 58 19.47 91.19 -32.50
N LYS P 59 18.77 91.20 -31.36
CA LYS P 59 17.42 91.72 -31.22
C LYS P 59 16.44 91.01 -32.15
N THR P 60 16.47 89.68 -32.10
CA THR P 60 15.59 88.85 -32.90
C THR P 60 14.77 87.94 -31.99
N GLY P 61 13.70 87.39 -32.57
CA GLY P 61 12.78 86.57 -31.80
C GLY P 61 13.18 85.10 -31.76
N VAL P 62 12.88 84.48 -30.63
CA VAL P 62 13.17 83.07 -30.41
C VAL P 62 11.87 82.36 -30.03
N HIS P 63 11.65 81.20 -30.61
CA HIS P 63 10.51 80.35 -30.30
C HIS P 63 11.00 78.98 -29.85
N HIS P 64 10.46 78.50 -28.74
CA HIS P 64 10.82 77.19 -28.22
C HIS P 64 9.78 76.18 -28.71
N TYR P 65 10.21 75.31 -29.62
CA TYR P 65 9.36 74.26 -30.13
C TYR P 65 8.97 73.29 -29.03
N SER P 66 7.73 72.81 -29.10
CA SER P 66 7.20 71.95 -28.03
C SER P 66 7.84 70.58 -28.05
N GLY P 67 8.08 70.03 -29.23
CA GLY P 67 8.77 68.76 -29.35
C GLY P 67 10.27 68.89 -29.27
N ASN P 68 10.92 67.73 -29.31
CA ASN P 68 12.36 67.66 -29.18
C ASN P 68 13.02 67.81 -30.56
N ASN P 69 14.31 67.52 -30.66
CA ASN P 69 15.02 67.66 -31.91
C ASN P 69 14.59 66.67 -33.00
N ILE P 70 14.19 65.44 -32.63
CA ILE P 70 13.62 64.52 -33.62
C ILE P 70 12.30 65.04 -34.17
N GLU P 71 11.42 65.52 -33.28
CA GLU P 71 10.15 66.09 -33.68
C GLU P 71 10.35 67.36 -34.52
N LEU P 72 11.38 68.14 -34.19
CA LEU P 72 11.70 69.32 -34.97
C LEU P 72 12.18 68.94 -36.36
N GLY P 73 12.96 67.86 -36.48
CA GLY P 73 13.37 67.39 -37.79
C GLY P 73 12.22 66.91 -38.65
N THR P 74 11.28 66.19 -38.05
CA THR P 74 10.09 65.78 -38.81
C THR P 74 9.18 66.96 -39.13
N ALA P 75 9.19 68.00 -38.28
CA ALA P 75 8.47 69.22 -38.58
C ALA P 75 9.08 69.95 -39.76
N CYS P 76 10.40 69.96 -39.84
CA CYS P 76 11.12 70.53 -40.97
C CYS P 76 11.11 69.62 -42.20
N GLY P 77 10.61 68.40 -42.06
CA GLY P 77 10.53 67.53 -43.22
C GLY P 77 11.83 66.83 -43.52
N LYS P 78 12.67 66.65 -42.53
CA LYS P 78 13.96 66.02 -42.67
C LYS P 78 13.95 64.69 -41.94
N TYR P 79 14.96 63.87 -42.21
CA TYR P 79 15.03 62.56 -41.61
C TYR P 79 16.14 62.49 -40.58
N TYR P 80 16.74 63.63 -40.27
CA TYR P 80 17.70 63.83 -39.21
C TYR P 80 17.07 64.74 -38.17
N ARG P 81 17.57 64.63 -36.94
CA ARG P 81 17.07 65.46 -35.85
C ARG P 81 17.75 66.83 -35.93
N VAL P 82 16.98 67.88 -35.71
CA VAL P 82 17.43 69.25 -35.79
C VAL P 82 17.20 69.90 -34.44
N CYS P 83 18.26 70.38 -33.81
CA CYS P 83 18.14 70.96 -32.49
C CYS P 83 17.96 72.47 -32.51
N THR P 84 18.65 73.17 -33.40
CA THR P 84 18.50 74.60 -33.57
C THR P 84 18.16 74.88 -35.02
N LEU P 85 17.15 75.71 -35.22
CA LEU P 85 16.70 76.09 -36.54
C LEU P 85 16.76 77.61 -36.61
N SER P 86 17.15 78.16 -37.75
CA SER P 86 17.08 79.59 -37.92
C SER P 86 16.39 79.92 -39.25
N ILE P 87 15.54 80.92 -39.21
CA ILE P 87 14.70 81.30 -40.33
C ILE P 87 15.17 82.66 -40.81
N ILE P 88 15.73 82.70 -42.02
CA ILE P 88 16.28 83.92 -42.61
C ILE P 88 15.19 84.70 -43.35
N ASP P 89 14.37 84.00 -44.11
CA ASP P 89 13.30 84.61 -44.89
C ASP P 89 12.11 83.68 -44.68
N PRO P 90 10.97 84.18 -44.21
CA PRO P 90 9.83 83.30 -43.92
C PRO P 90 9.11 82.79 -45.16
N GLY P 91 9.55 83.14 -46.36
CA GLY P 91 8.88 82.71 -47.56
C GLY P 91 7.53 83.37 -47.72
N ASP P 92 6.47 82.58 -47.52
CA ASP P 92 5.10 83.04 -47.73
C ASP P 92 4.26 82.94 -46.47
N SER P 93 4.79 82.38 -45.40
CA SER P 93 4.06 82.27 -44.14
C SER P 93 4.33 83.49 -43.27
N ASP P 94 3.44 83.72 -42.33
CA ASP P 94 3.57 84.82 -41.37
C ASP P 94 4.06 84.29 -40.04
N ILE P 95 5.02 83.37 -40.11
CA ILE P 95 5.56 82.68 -38.94
C ILE P 95 6.27 83.66 -38.01
N ILE P 96 6.88 84.70 -38.55
CA ILE P 96 7.47 85.75 -37.71
C ILE P 96 6.44 86.70 -37.15
N ARG P 97 5.22 86.69 -37.70
CA ARG P 97 4.13 87.53 -37.22
C ARG P 97 3.23 86.80 -36.23
N SER P 98 3.78 85.81 -35.52
CA SER P 98 3.00 85.01 -34.59
C SER P 98 3.80 84.66 -33.34
N ASN Q 1 104.31 -19.45 -41.79
CA ASN Q 1 102.93 -19.29 -42.25
C ASN Q 1 101.99 -18.87 -41.13
N GLU Q 2 102.51 -18.19 -40.13
CA GLU Q 2 101.72 -17.79 -38.96
C GLU Q 2 101.25 -16.34 -39.04
N VAL Q 3 102.00 -15.46 -39.68
CA VAL Q 3 101.49 -14.15 -40.07
C VAL Q 3 100.84 -14.35 -41.43
N VAL Q 4 99.52 -14.32 -41.47
CA VAL Q 4 98.82 -14.78 -42.67
C VAL Q 4 97.60 -13.91 -42.90
N THR Q 5 97.13 -13.85 -44.14
CA THR Q 5 95.96 -13.05 -44.48
C THR Q 5 95.13 -13.81 -45.52
N ARG Q 6 93.85 -13.95 -45.27
CA ARG Q 6 92.96 -14.64 -46.19
C ARG Q 6 91.66 -13.85 -46.30
N GLU Q 7 90.84 -14.23 -47.27
CA GLU Q 7 89.66 -13.46 -47.66
C GLU Q 7 88.45 -14.38 -47.65
N TYR Q 8 87.38 -13.96 -46.97
CA TYR Q 8 86.26 -14.85 -46.64
C TYR Q 8 84.94 -14.15 -46.90
N THR Q 9 83.92 -14.96 -47.11
CA THR Q 9 82.53 -14.53 -47.00
C THR Q 9 81.98 -15.11 -45.70
N ILE Q 10 81.27 -14.28 -44.94
CA ILE Q 10 80.50 -14.76 -43.80
C ILE Q 10 79.03 -14.57 -44.13
N ASN Q 11 78.27 -15.67 -44.11
CA ASN Q 11 76.83 -15.56 -44.20
C ASN Q 11 76.27 -15.14 -42.85
N ILE Q 12 76.16 -13.83 -42.64
CA ILE Q 12 75.63 -13.33 -41.38
C ILE Q 12 74.19 -13.76 -41.18
N HIS Q 13 73.44 -13.95 -42.27
CA HIS Q 13 72.04 -14.36 -42.19
C HIS Q 13 71.88 -15.73 -41.53
N LYS Q 14 72.75 -16.69 -41.88
CA LYS Q 14 72.72 -17.96 -41.16
C LYS Q 14 73.42 -17.89 -39.81
N ARG Q 15 74.28 -16.91 -39.57
CA ARG Q 15 74.78 -16.80 -38.20
C ARG Q 15 73.77 -16.19 -37.22
N ILE Q 16 72.87 -15.32 -37.67
CA ILE Q 16 71.97 -14.64 -36.73
C ILE Q 16 70.50 -14.92 -37.05
N HIS Q 17 70.20 -15.97 -37.80
CA HIS Q 17 68.80 -16.35 -38.02
C HIS Q 17 68.13 -16.70 -36.69
N GLY Q 18 66.99 -16.08 -36.43
CA GLY Q 18 66.24 -16.31 -35.21
C GLY Q 18 66.56 -15.38 -34.07
N VAL Q 19 67.37 -14.35 -34.29
CA VAL Q 19 67.80 -13.45 -33.24
C VAL Q 19 66.93 -12.21 -33.26
N GLY Q 20 66.54 -11.73 -32.07
CA GLY Q 20 65.64 -10.60 -31.98
C GLY Q 20 66.26 -9.30 -32.48
N PHE Q 21 65.38 -8.32 -32.70
CA PHE Q 21 65.71 -7.13 -33.49
C PHE Q 21 66.82 -6.29 -32.86
N LYS Q 22 66.76 -6.07 -31.55
CA LYS Q 22 67.76 -5.27 -30.86
C LYS Q 22 69.01 -6.06 -30.51
N LYS Q 23 69.16 -7.27 -31.06
CA LYS Q 23 70.34 -8.08 -30.78
C LYS Q 23 70.97 -8.66 -32.04
N ARG Q 24 70.62 -8.19 -33.23
CA ARG Q 24 71.07 -8.89 -34.44
C ARG Q 24 72.46 -8.45 -34.86
N ALA Q 25 72.69 -7.15 -34.95
CA ALA Q 25 74.04 -6.65 -35.16
C ALA Q 25 74.99 -6.89 -33.98
N PRO Q 26 74.60 -6.69 -32.70
CA PRO Q 26 75.51 -7.09 -31.61
C PRO Q 26 75.89 -8.57 -31.60
N ARG Q 27 74.97 -9.47 -31.94
CA ARG Q 27 75.36 -10.87 -32.07
C ARG Q 27 76.16 -11.10 -33.33
N ALA Q 28 75.88 -10.35 -34.39
CA ALA Q 28 76.61 -10.46 -35.65
C ALA Q 28 78.09 -10.17 -35.48
N LEU Q 29 78.45 -9.15 -34.70
CA LEU Q 29 79.86 -8.91 -34.40
C LEU Q 29 80.52 -10.04 -33.63
N LYS Q 30 79.81 -10.64 -32.69
CA LYS Q 30 80.35 -11.76 -31.94
C LYS Q 30 80.48 -13.02 -32.77
N GLU Q 31 79.60 -13.22 -33.76
CA GLU Q 31 79.81 -14.34 -34.68
C GLU Q 31 80.92 -14.06 -35.68
N ILE Q 32 81.18 -12.80 -36.04
CA ILE Q 32 82.39 -12.49 -36.80
C ILE Q 32 83.64 -12.81 -35.98
N ARG Q 33 83.60 -12.44 -34.70
CA ARG Q 33 84.70 -12.76 -33.78
C ARG Q 33 84.87 -14.26 -33.60
N LYS Q 34 83.77 -15.00 -33.48
CA LYS Q 34 83.80 -16.44 -33.34
C LYS Q 34 84.27 -17.13 -34.61
N PHE Q 35 83.89 -16.60 -35.77
CA PHE Q 35 84.43 -17.08 -37.04
C PHE Q 35 85.93 -16.88 -37.12
N ALA Q 36 86.40 -15.71 -36.68
CA ALA Q 36 87.82 -15.40 -36.71
C ALA Q 36 88.60 -16.33 -35.80
N MET Q 37 88.13 -16.52 -34.56
CA MET Q 37 88.74 -17.44 -33.62
C MET Q 37 88.66 -18.89 -34.07
N LYS Q 38 87.60 -19.26 -34.78
CA LYS Q 38 87.43 -20.62 -35.25
C LYS Q 38 88.36 -20.97 -36.40
N GLU Q 39 88.56 -20.07 -37.36
CA GLU Q 39 89.47 -20.47 -38.43
C GLU Q 39 90.92 -20.21 -38.04
N MET Q 40 91.21 -19.03 -37.46
CA MET Q 40 92.55 -18.69 -36.98
C MET Q 40 92.51 -18.76 -35.46
N GLY Q 41 93.23 -19.72 -34.90
CA GLY Q 41 93.12 -19.99 -33.48
C GLY Q 41 93.80 -19.00 -32.55
N THR Q 42 93.39 -17.74 -32.61
CA THR Q 42 93.88 -16.72 -31.70
C THR Q 42 92.73 -16.22 -30.84
N PRO Q 43 92.85 -16.27 -29.52
CA PRO Q 43 91.78 -15.74 -28.66
C PRO Q 43 91.68 -14.22 -28.63
N ASP Q 44 92.62 -13.50 -29.25
CA ASP Q 44 92.53 -12.04 -29.39
C ASP Q 44 92.10 -11.76 -30.82
N VAL Q 45 90.93 -11.15 -30.98
CA VAL Q 45 90.36 -10.79 -32.27
C VAL Q 45 89.90 -9.35 -32.20
N ARG Q 46 90.42 -8.52 -33.10
CA ARG Q 46 90.09 -7.11 -33.14
C ARG Q 46 89.37 -6.78 -34.44
N ILE Q 47 88.14 -6.30 -34.30
CA ILE Q 47 87.30 -5.91 -35.42
C ILE Q 47 87.63 -4.46 -35.76
N ASP Q 48 87.98 -4.24 -37.02
CA ASP Q 48 88.23 -2.91 -37.54
C ASP Q 48 86.97 -2.07 -37.46
N THR Q 49 87.15 -0.77 -37.23
CA THR Q 49 86.02 0.14 -37.10
C THR Q 49 85.23 0.27 -38.39
N ARG Q 50 85.89 0.17 -39.55
CA ARG Q 50 85.20 0.14 -40.83
C ARG Q 50 84.32 -1.10 -40.95
N LEU Q 51 84.77 -2.24 -40.43
CA LEU Q 51 83.94 -3.43 -40.41
C LEU Q 51 82.76 -3.27 -39.48
N ASN Q 52 82.95 -2.63 -38.32
CA ASN Q 52 81.82 -2.34 -37.42
C ASN Q 52 80.81 -1.42 -38.09
N LYS Q 53 81.30 -0.42 -38.83
CA LYS Q 53 80.44 0.46 -39.61
C LYS Q 53 79.68 -0.30 -40.70
N ALA Q 54 80.33 -1.24 -41.38
CA ALA Q 54 79.68 -1.97 -42.46
C ALA Q 54 78.65 -2.96 -41.95
N VAL Q 55 78.87 -3.53 -40.76
CA VAL Q 55 77.83 -4.36 -40.16
C VAL Q 55 76.67 -3.50 -39.68
N TRP Q 56 76.94 -2.38 -39.03
CA TRP Q 56 75.87 -1.53 -38.52
C TRP Q 56 75.31 -0.58 -39.57
N ALA Q 57 75.71 -0.73 -40.84
CA ALA Q 57 75.37 0.25 -41.87
C ALA Q 57 73.89 0.24 -42.27
N LYS Q 58 73.11 -0.74 -41.82
CA LYS Q 58 71.67 -0.70 -42.00
C LYS Q 58 70.94 -0.87 -40.68
N GLY Q 59 71.57 -0.51 -39.57
CA GLY Q 59 70.91 -0.54 -38.29
C GLY Q 59 71.13 -1.82 -37.53
N ILE Q 60 70.41 -1.93 -36.42
CA ILE Q 60 70.63 -3.03 -35.48
C ILE Q 60 69.89 -4.30 -35.88
N ARG Q 61 68.85 -4.22 -36.72
CA ARG Q 61 68.03 -5.38 -37.02
C ARG Q 61 68.24 -5.88 -38.44
N ASN Q 62 68.51 -4.99 -39.39
CA ASN Q 62 68.59 -5.39 -40.79
C ASN Q 62 70.04 -5.51 -41.20
N VAL Q 63 70.74 -6.48 -40.62
CA VAL Q 63 72.15 -6.72 -40.90
C VAL Q 63 72.29 -7.25 -42.32
N PRO Q 64 73.32 -6.87 -43.08
CA PRO Q 64 73.55 -7.46 -44.40
C PRO Q 64 73.74 -8.97 -44.33
N TYR Q 65 73.24 -9.66 -45.35
CA TYR Q 65 73.11 -11.11 -45.31
C TYR Q 65 74.47 -11.80 -45.36
N ARG Q 66 75.36 -11.30 -46.19
CA ARG Q 66 76.73 -11.77 -46.27
C ARG Q 66 77.65 -10.57 -46.16
N ILE Q 67 78.83 -10.80 -45.59
CA ILE Q 67 79.84 -9.75 -45.55
C ILE Q 67 81.18 -10.35 -45.94
N ARG Q 68 81.93 -9.63 -46.75
CA ARG Q 68 83.20 -10.11 -47.25
C ARG Q 68 84.30 -9.49 -46.40
N VAL Q 69 85.03 -10.34 -45.67
CA VAL Q 69 85.99 -9.89 -44.68
C VAL Q 69 87.39 -10.37 -45.06
N ARG Q 70 88.37 -9.80 -44.36
CA ARG Q 70 89.78 -10.11 -44.55
C ARG Q 70 90.37 -10.50 -43.21
N LEU Q 71 90.63 -11.78 -43.00
CA LEU Q 71 91.24 -12.25 -41.76
C LEU Q 71 92.76 -12.12 -41.86
N SER Q 72 93.36 -11.50 -40.86
CA SER Q 72 94.80 -11.30 -40.81
C SER Q 72 95.30 -11.69 -39.42
N ARG Q 73 96.00 -12.81 -39.33
CA ARG Q 73 96.68 -13.17 -38.09
C ARG Q 73 98.06 -12.54 -38.09
N LYS Q 74 98.36 -11.79 -37.04
CA LYS Q 74 99.62 -11.12 -36.84
C LYS Q 74 100.13 -11.41 -35.44
N ARG Q 75 101.40 -11.07 -35.20
CA ARG Q 75 102.05 -11.32 -33.92
C ARG Q 75 101.77 -10.18 -32.95
N ASN Q 76 101.44 -10.53 -31.72
CA ASN Q 76 101.24 -9.53 -30.68
C ASN Q 76 102.59 -8.99 -30.22
N GLU Q 77 102.69 -7.67 -30.15
CA GLU Q 77 103.90 -6.97 -29.73
C GLU Q 77 103.89 -6.78 -28.22
N ASP Q 78 104.65 -5.78 -27.74
CA ASP Q 78 104.61 -5.28 -26.36
C ASP Q 78 103.19 -5.05 -25.86
N GLU Q 79 103.01 -5.11 -24.52
CA GLU Q 79 101.84 -5.62 -23.81
C GLU Q 79 101.70 -7.09 -24.18
N ASP Q 80 102.68 -7.88 -23.75
CA ASP Q 80 102.72 -9.32 -24.00
C ASP Q 80 101.57 -9.98 -23.24
N SER Q 81 100.61 -10.49 -23.99
CA SER Q 81 99.45 -11.18 -23.45
C SER Q 81 99.79 -12.66 -23.38
N PRO Q 82 98.88 -13.53 -22.87
CA PRO Q 82 99.03 -14.97 -23.14
C PRO Q 82 99.02 -15.32 -24.62
N ASN Q 83 98.34 -14.50 -25.41
CA ASN Q 83 98.24 -14.67 -26.85
C ASN Q 83 99.50 -14.08 -27.49
N LYS Q 84 100.36 -14.95 -28.01
CA LYS Q 84 101.48 -14.50 -28.83
C LYS Q 84 100.99 -13.89 -30.13
N LEU Q 85 99.92 -14.44 -30.70
CA LEU Q 85 99.37 -14.01 -31.97
C LEU Q 85 98.05 -13.30 -31.73
N TYR Q 86 97.60 -12.54 -32.72
CA TYR Q 86 96.31 -11.88 -32.65
C TYR Q 86 95.74 -11.79 -34.06
N THR Q 87 94.43 -11.64 -34.15
CA THR Q 87 93.74 -11.55 -35.42
C THR Q 87 93.14 -10.16 -35.56
N LEU Q 88 93.34 -9.54 -36.72
CA LEU Q 88 92.66 -8.29 -37.08
C LEU Q 88 91.71 -8.60 -38.22
N VAL Q 89 90.45 -8.24 -38.05
CA VAL Q 89 89.39 -8.64 -38.96
C VAL Q 89 88.86 -7.38 -39.61
N THR Q 90 89.14 -7.22 -40.90
CA THR Q 90 88.80 -5.99 -41.60
C THR Q 90 87.72 -6.22 -42.65
N TYR Q 91 87.19 -5.13 -43.16
CA TYR Q 91 86.08 -5.12 -44.10
C TYR Q 91 86.61 -4.99 -45.52
N VAL Q 92 86.10 -5.83 -46.41
CA VAL Q 92 86.38 -5.67 -47.84
C VAL Q 92 85.06 -5.36 -48.52
N PRO Q 93 84.90 -4.17 -49.10
CA PRO Q 93 83.68 -3.88 -49.86
C PRO Q 93 83.65 -4.69 -51.15
N VAL Q 94 82.48 -5.23 -51.48
CA VAL Q 94 82.25 -5.94 -52.73
C VAL Q 94 80.95 -5.44 -53.34
N THR Q 95 80.73 -5.81 -54.59
CA THR Q 95 79.46 -5.54 -55.27
C THR Q 95 78.62 -6.80 -55.45
N THR Q 96 79.23 -7.97 -55.36
CA THR Q 96 78.52 -9.23 -55.44
C THR Q 96 79.22 -10.25 -54.56
N PHE Q 97 78.48 -11.29 -54.17
CA PHE Q 97 79.00 -12.36 -53.33
C PHE Q 97 79.09 -13.68 -54.10
N LYS Q 98 78.88 -13.63 -55.40
CA LYS Q 98 78.80 -14.83 -56.23
C LYS Q 98 80.18 -15.18 -56.77
N ASN Q 99 80.48 -16.48 -56.78
CA ASN Q 99 81.76 -17.08 -57.19
C ASN Q 99 82.93 -16.54 -56.40
N LEU Q 100 82.75 -16.26 -55.11
CA LEU Q 100 83.82 -15.78 -54.25
C LEU Q 100 84.23 -16.90 -53.30
N GLN Q 101 85.49 -17.32 -53.39
CA GLN Q 101 86.01 -18.40 -52.59
C GLN Q 101 86.71 -17.82 -51.37
N THR Q 102 87.31 -18.70 -50.57
CA THR Q 102 88.27 -18.26 -49.58
C THR Q 102 89.60 -18.05 -50.27
N VAL Q 103 90.06 -16.81 -50.31
CA VAL Q 103 91.17 -16.42 -51.17
C VAL Q 103 92.35 -16.00 -50.30
N ASN Q 104 93.43 -16.77 -50.38
CA ASN Q 104 94.61 -16.57 -49.53
C ASN Q 104 95.46 -15.46 -50.12
N VAL Q 105 95.39 -14.28 -49.48
CA VAL Q 105 96.01 -13.10 -50.08
C VAL Q 105 97.34 -12.80 -49.40
N ASP Q 106 98.37 -12.56 -50.20
CA ASP Q 106 99.68 -12.23 -49.68
C ASP Q 106 100.33 -11.17 -50.55
N GLU Q 107 101.26 -10.42 -49.96
CA GLU Q 107 102.09 -9.50 -50.70
C GLU Q 107 103.55 -9.68 -50.31
N ALA R 1 100.52 -50.03 50.89
CA ALA R 1 101.11 -48.78 50.42
C ALA R 1 100.15 -47.62 50.67
N ALA R 2 98.92 -47.75 50.18
CA ALA R 2 97.92 -46.74 50.46
C ALA R 2 97.37 -46.91 51.87
N LEU R 3 96.66 -45.90 52.34
CA LEU R 3 96.02 -45.96 53.63
C LEU R 3 94.62 -46.52 53.46
N ARG R 4 94.36 -47.64 54.11
CA ARG R 4 93.12 -48.39 54.10
C ARG R 4 92.10 -47.82 55.10
N PRO R 5 90.81 -48.02 54.88
CA PRO R 5 89.83 -47.69 55.92
C PRO R 5 89.90 -48.66 57.08
N LEU R 6 89.10 -48.38 58.10
CA LEU R 6 88.95 -49.35 59.20
C LEU R 6 88.15 -50.56 58.74
N VAL R 7 87.04 -50.33 58.06
CA VAL R 7 86.22 -51.38 57.48
C VAL R 7 85.92 -51.00 56.04
N LYS R 8 85.68 -52.01 55.20
CA LYS R 8 85.31 -51.79 53.81
C LYS R 8 84.04 -52.59 53.50
N PRO R 9 82.87 -52.01 53.74
CA PRO R 9 81.63 -52.61 53.24
C PRO R 9 81.46 -52.30 51.76
N LYS R 10 80.73 -53.17 51.09
CA LYS R 10 80.41 -52.96 49.68
C LYS R 10 79.41 -51.80 49.58
N ILE R 11 79.77 -50.79 48.80
CA ILE R 11 78.97 -49.57 48.72
C ILE R 11 77.87 -49.80 47.68
N VAL R 12 76.70 -50.21 48.14
CA VAL R 12 75.59 -50.52 47.25
C VAL R 12 74.82 -49.23 46.97
N LYS R 13 74.73 -48.86 45.69
CA LYS R 13 73.99 -47.68 45.28
C LYS R 13 72.79 -48.13 44.47
N LYS R 14 71.61 -47.64 44.83
CA LYS R 14 70.39 -48.03 44.15
C LYS R 14 70.30 -47.44 42.76
N ARG R 15 70.94 -46.30 42.53
CA ARG R 15 71.06 -45.75 41.19
C ARG R 15 72.44 -45.12 41.04
N THR R 16 72.98 -45.18 39.84
CA THR R 16 74.26 -44.56 39.54
C THR R 16 74.16 -43.45 38.51
N LYS R 17 73.25 -43.57 37.55
CA LYS R 17 72.96 -42.48 36.64
C LYS R 17 72.36 -41.30 37.39
N LYS R 18 72.70 -40.10 36.94
CA LYS R 18 72.14 -38.91 37.54
C LYS R 18 70.70 -38.71 37.11
N PHE R 19 69.95 -38.02 37.95
CA PHE R 19 68.53 -37.75 37.68
C PHE R 19 68.46 -36.54 36.76
N ILE R 20 68.30 -36.79 35.48
CA ILE R 20 68.24 -35.76 34.46
C ILE R 20 66.92 -35.01 34.59
N ARG R 21 66.97 -33.69 34.44
CA ARG R 21 65.75 -32.91 34.32
C ARG R 21 65.00 -33.30 33.04
N HIS R 22 63.68 -33.27 33.14
CA HIS R 22 62.81 -33.56 32.00
C HIS R 22 63.04 -32.55 30.88
N GLN R 23 63.19 -33.07 29.66
CA GLN R 23 63.37 -32.32 28.42
C GLN R 23 64.63 -31.47 28.41
N SER R 24 65.68 -31.89 29.11
CA SER R 24 66.93 -31.17 29.07
C SER R 24 67.81 -31.59 27.90
N ASP R 25 67.47 -32.69 27.22
CA ASP R 25 68.17 -33.05 26.01
C ASP R 25 67.67 -32.25 24.81
N ARG R 26 66.42 -31.81 24.82
CA ARG R 26 65.87 -31.10 23.69
C ARG R 26 66.30 -29.65 23.63
N TYR R 27 66.88 -29.12 24.71
CA TYR R 27 67.23 -27.71 24.77
C TYR R 27 68.57 -27.51 25.46
N VAL R 28 69.26 -26.46 25.05
CA VAL R 28 70.46 -26.00 25.76
C VAL R 28 70.09 -25.07 26.92
N LYS R 29 68.99 -24.32 26.78
CA LYS R 29 68.54 -23.44 27.85
C LYS R 29 68.05 -24.20 29.08
N ILE R 30 67.73 -25.49 28.94
CA ILE R 30 67.37 -26.33 30.07
C ILE R 30 68.63 -27.07 30.50
N LYS R 31 69.16 -26.71 31.64
CA LYS R 31 70.35 -27.34 32.18
C LYS R 31 69.96 -28.68 32.80
N ARG R 32 70.94 -29.58 32.94
CA ARG R 32 70.67 -30.95 33.38
C ARG R 32 70.30 -31.05 34.86
N ASN R 33 70.44 -29.98 35.64
CA ASN R 33 70.14 -30.01 37.07
C ASN R 33 68.66 -30.23 37.32
N TRP R 34 68.35 -31.03 38.34
CA TRP R 34 67.00 -31.56 38.51
C TRP R 34 66.02 -30.49 38.98
N ARG R 35 64.85 -30.46 38.34
CA ARG R 35 63.70 -29.71 38.79
C ARG R 35 62.50 -30.65 38.81
N LYS R 36 61.72 -30.60 39.88
CA LYS R 36 60.46 -31.35 39.93
C LYS R 36 59.50 -30.82 38.88
N PRO R 37 59.00 -31.67 37.98
CA PRO R 37 58.01 -31.19 37.01
C PRO R 37 56.68 -30.94 37.70
N ARG R 38 56.11 -29.76 37.45
CA ARG R 38 54.91 -29.32 38.15
C ARG R 38 53.77 -29.00 37.20
N GLY R 39 53.90 -29.34 35.93
CA GLY R 39 52.82 -29.14 34.99
C GLY R 39 51.70 -30.14 35.18
N ILE R 40 50.52 -29.73 34.74
CA ILE R 40 49.32 -30.52 34.99
C ILE R 40 49.31 -31.78 34.13
N ASP R 41 49.75 -31.69 32.87
CA ASP R 41 49.71 -32.80 31.94
C ASP R 41 51.01 -33.58 31.91
N ASN R 42 51.94 -33.30 32.82
CA ASN R 42 53.31 -33.78 32.69
C ASN R 42 53.44 -35.28 32.94
N ARG R 43 53.99 -35.98 31.96
CA ARG R 43 54.11 -37.43 32.03
C ARG R 43 55.10 -37.87 33.10
N VAL R 44 56.16 -37.10 33.30
CA VAL R 44 57.17 -37.45 34.29
C VAL R 44 56.63 -37.30 35.70
N ARG R 45 55.86 -36.23 35.95
CA ARG R 45 55.22 -36.07 37.25
C ARG R 45 54.15 -37.13 37.46
N ARG R 46 53.37 -37.43 36.43
CA ARG R 46 52.36 -38.46 36.53
C ARG R 46 52.92 -39.87 36.57
N ARG R 47 54.24 -40.04 36.36
CA ARG R 47 54.97 -41.30 36.54
C ARG R 47 54.54 -42.34 35.53
N PHE R 48 54.38 -41.93 34.29
CA PHE R 48 54.08 -42.83 33.21
C PHE R 48 55.26 -43.76 32.95
N LYS R 49 54.96 -44.91 32.36
CA LYS R 49 55.94 -45.95 32.15
C LYS R 49 56.88 -45.61 31.01
N GLY R 50 58.16 -45.87 31.21
CA GLY R 50 59.16 -45.56 30.22
C GLY R 50 59.57 -44.11 30.14
N GLN R 51 59.52 -43.37 31.25
CA GLN R 51 59.87 -41.96 31.26
C GLN R 51 61.10 -41.73 32.13
N ILE R 52 61.46 -40.44 32.22
CA ILE R 52 62.53 -40.02 33.12
C ILE R 52 62.07 -40.22 34.55
N LEU R 53 62.93 -40.84 35.36
CA LEU R 53 62.57 -41.14 36.74
C LEU R 53 62.75 -39.92 37.63
N MET R 54 61.81 -39.73 38.55
CA MET R 54 61.92 -38.67 39.53
C MET R 54 62.63 -39.17 40.78
N PRO R 55 63.42 -38.32 41.43
CA PRO R 55 64.11 -38.73 42.65
C PRO R 55 63.14 -38.94 43.81
N ASN R 56 63.35 -40.02 44.54
CA ASN R 56 62.57 -40.38 45.70
C ASN R 56 63.52 -40.57 46.86
N ILE R 57 62.98 -40.57 48.07
CA ILE R 57 63.80 -40.84 49.25
C ILE R 57 64.13 -42.32 49.35
N GLY R 58 63.38 -43.16 48.65
CA GLY R 58 63.67 -44.58 48.63
C GLY R 58 64.98 -44.90 47.94
N TYR R 59 65.43 -44.02 47.04
CA TYR R 59 66.71 -44.12 46.37
C TYR R 59 67.89 -43.79 47.28
N GLY R 60 67.64 -43.35 48.51
CA GLY R 60 68.72 -42.90 49.36
C GLY R 60 69.64 -44.02 49.77
N SER R 61 70.91 -43.67 49.97
CA SER R 61 71.95 -44.64 50.21
C SER R 61 71.85 -45.20 51.60
N ASN R 62 72.49 -46.35 51.81
CA ASN R 62 72.71 -46.90 53.13
C ASN R 62 73.42 -45.89 54.00
N LYS R 63 72.97 -45.76 55.25
CA LYS R 63 73.59 -44.83 56.18
C LYS R 63 74.99 -45.28 56.60
N LYS R 64 75.31 -46.56 56.47
CA LYS R 64 76.67 -46.99 56.77
C LYS R 64 77.65 -46.59 55.68
N THR R 65 77.17 -46.39 54.45
CA THR R 65 78.04 -46.02 53.34
C THR R 65 77.63 -44.70 52.69
N LYS R 66 76.83 -43.88 53.37
CA LYS R 66 76.45 -42.59 52.80
C LYS R 66 77.64 -41.65 52.90
N HIS R 67 77.89 -40.92 51.81
CA HIS R 67 79.01 -40.00 51.57
C HIS R 67 80.36 -40.70 51.50
N MET R 68 80.37 -42.03 51.46
CA MET R 68 81.61 -42.79 51.49
C MET R 68 82.25 -42.76 50.10
N LEU R 69 83.57 -42.56 50.06
CA LEU R 69 84.28 -42.61 48.81
C LEU R 69 84.45 -44.06 48.37
N PRO R 70 84.65 -44.30 47.05
CA PRO R 70 84.94 -45.66 46.58
C PRO R 70 86.20 -46.28 47.14
N SER R 71 87.13 -45.45 47.61
CA SER R 71 88.24 -45.96 48.39
C SER R 71 87.79 -46.48 49.74
N GLY R 72 86.69 -45.96 50.26
CA GLY R 72 86.20 -46.33 51.57
C GLY R 72 86.39 -45.27 52.64
N PHE R 73 86.66 -44.03 52.28
CA PHE R 73 86.78 -42.95 53.26
C PHE R 73 85.67 -41.94 53.05
N ARG R 74 85.63 -40.94 53.91
CA ARG R 74 84.80 -39.79 53.66
C ARG R 74 85.67 -38.55 53.73
N LYS R 75 85.55 -37.71 52.72
CA LYS R 75 86.48 -36.61 52.51
C LYS R 75 86.17 -35.45 53.44
N PHE R 76 87.20 -34.64 53.69
CA PHE R 76 87.06 -33.42 54.47
C PHE R 76 87.94 -32.36 53.82
N LEU R 77 87.34 -31.22 53.48
CA LEU R 77 88.11 -30.14 52.89
C LEU R 77 89.09 -29.54 53.87
N VAL R 78 90.31 -29.38 53.40
CA VAL R 78 91.42 -28.90 54.22
C VAL R 78 92.00 -27.70 53.49
N HIS R 79 92.10 -26.57 54.20
CA HIS R 79 92.64 -25.35 53.62
C HIS R 79 94.07 -25.04 54.04
N ASN R 80 94.57 -25.67 55.11
CA ASN R 80 95.90 -25.36 55.61
C ASN R 80 96.39 -26.51 56.48
N VAL R 81 97.63 -26.38 56.94
CA VAL R 81 98.27 -27.39 57.77
C VAL R 81 97.56 -27.60 59.10
N LYS R 82 96.98 -26.55 59.68
CA LYS R 82 96.30 -26.63 60.96
C LYS R 82 95.01 -27.41 60.89
N GLU R 83 94.30 -27.36 59.77
CA GLU R 83 93.06 -28.09 59.63
C GLU R 83 93.28 -29.53 59.19
N LEU R 84 94.51 -30.04 59.28
CA LEU R 84 94.75 -31.47 59.16
C LEU R 84 94.60 -32.20 60.48
N GLU R 85 94.93 -31.55 61.60
CA GLU R 85 94.98 -32.28 62.86
C GLU R 85 93.61 -32.49 63.50
N VAL R 86 92.54 -32.02 62.86
CA VAL R 86 91.21 -32.47 63.24
C VAL R 86 90.97 -33.89 62.73
N LEU R 87 91.66 -34.29 61.67
CA LEU R 87 91.59 -35.63 61.13
C LEU R 87 92.69 -36.52 61.67
N LEU R 88 93.43 -36.05 62.67
CA LEU R 88 94.50 -36.86 63.28
C LEU R 88 93.91 -38.03 64.03
N MET R 89 92.68 -37.89 64.52
CA MET R 89 91.91 -38.95 65.18
C MET R 89 90.84 -39.60 64.34
N CYS R 90 90.41 -38.96 63.27
CA CYS R 90 89.41 -39.52 62.39
C CYS R 90 90.04 -40.13 61.15
N ASN R 91 91.27 -40.63 61.26
CA ASN R 91 92.08 -40.91 60.09
C ASN R 91 91.72 -42.23 59.44
N LYS R 92 91.16 -43.16 60.21
CA LYS R 92 90.86 -44.49 59.69
C LYS R 92 89.56 -44.54 58.90
N SER R 93 88.78 -43.48 58.91
CA SER R 93 87.56 -43.47 58.14
C SER R 93 87.32 -42.19 57.38
N TYR R 94 88.00 -41.11 57.73
CA TYR R 94 87.83 -39.82 57.08
C TYR R 94 89.18 -39.37 56.53
N CYS R 95 89.19 -38.93 55.28
CA CYS R 95 90.42 -38.54 54.59
C CYS R 95 90.42 -37.05 54.30
N ALA R 96 91.58 -36.54 53.91
CA ALA R 96 91.78 -35.12 53.69
C ALA R 96 91.71 -34.82 52.20
N GLU R 97 91.21 -33.65 51.86
CA GLU R 97 91.29 -33.14 50.50
C GLU R 97 91.66 -31.67 50.53
N ILE R 98 92.83 -31.35 49.99
CA ILE R 98 93.33 -29.98 49.93
C ILE R 98 92.46 -29.19 48.98
N ALA R 99 92.08 -27.98 49.39
CA ALA R 99 91.14 -27.19 48.60
C ALA R 99 91.80 -26.69 47.32
N HIS R 100 90.95 -26.28 46.36
CA HIS R 100 91.42 -26.05 45.01
C HIS R 100 92.20 -24.74 44.90
N ASN R 101 92.07 -23.85 45.88
CA ASN R 101 92.75 -22.57 45.85
C ASN R 101 93.90 -22.50 46.83
N VAL R 102 94.38 -23.63 47.32
CA VAL R 102 95.60 -23.69 48.12
C VAL R 102 96.77 -23.71 47.16
N SER R 103 97.76 -22.86 47.42
CA SER R 103 98.87 -22.69 46.49
C SER R 103 99.79 -23.89 46.49
N SER R 104 100.68 -23.92 45.48
CA SER R 104 101.53 -25.08 45.28
C SER R 104 102.70 -25.12 46.24
N LYS R 105 102.91 -24.05 47.02
CA LYS R 105 103.94 -24.11 48.05
C LYS R 105 103.34 -24.57 49.37
N ASN R 106 102.02 -24.51 49.50
CA ASN R 106 101.35 -24.97 50.71
C ASN R 106 100.75 -26.35 50.55
N ARG R 107 100.46 -26.76 49.32
CA ARG R 107 100.02 -28.13 49.05
C ARG R 107 101.11 -29.12 49.40
N LYS R 108 102.36 -28.76 49.13
CA LYS R 108 103.49 -29.58 49.52
C LYS R 108 103.54 -29.76 51.02
N ALA R 109 103.32 -28.68 51.79
CA ALA R 109 103.34 -28.75 53.24
C ALA R 109 102.21 -29.59 53.81
N ILE R 110 101.01 -29.46 53.24
CA ILE R 110 99.87 -30.25 53.73
C ILE R 110 100.06 -31.72 53.42
N VAL R 111 100.59 -32.04 52.22
CA VAL R 111 100.84 -33.43 51.86
C VAL R 111 101.93 -34.05 52.73
N GLU R 112 103.02 -33.31 52.99
CA GLU R 112 104.12 -33.88 53.76
C GLU R 112 103.75 -33.97 55.23
N ARG R 113 102.79 -33.16 55.68
CA ARG R 113 102.25 -33.30 57.03
C ARG R 113 101.33 -34.50 57.16
N ALA R 114 100.43 -34.70 56.19
CA ALA R 114 99.49 -35.81 56.26
C ALA R 114 100.20 -37.15 56.10
N ALA R 115 101.34 -37.17 55.42
CA ALA R 115 102.14 -38.38 55.39
C ALA R 115 102.70 -38.72 56.77
N GLN R 116 103.00 -37.71 57.59
CA GLN R 116 103.41 -37.98 58.96
C GLN R 116 102.24 -38.45 59.80
N LEU R 117 101.09 -37.82 59.60
CA LEU R 117 99.92 -38.12 60.43
C LEU R 117 99.16 -39.35 59.94
N ALA R 118 99.61 -39.99 58.86
CA ALA R 118 98.98 -41.15 58.24
C ALA R 118 97.54 -40.86 57.82
N ILE R 119 97.28 -39.64 57.41
CA ILE R 119 95.98 -39.26 56.88
C ILE R 119 96.02 -39.45 55.37
N ARG R 120 95.01 -40.11 54.83
CA ARG R 120 94.94 -40.27 53.40
C ARG R 120 94.55 -38.96 52.74
N VAL R 121 95.18 -38.64 51.63
CA VAL R 121 94.88 -37.44 50.87
C VAL R 121 94.27 -37.89 49.56
N THR R 122 93.11 -37.31 49.22
CA THR R 122 92.46 -37.61 47.95
C THR R 122 93.29 -37.15 46.76
N ASN R 123 93.92 -35.97 46.87
CA ASN R 123 94.75 -35.42 45.80
C ASN R 123 96.13 -35.02 46.31
N PRO R 124 97.02 -35.99 46.56
CA PRO R 124 98.37 -35.62 47.03
C PRO R 124 99.24 -34.97 45.95
N ASN R 125 99.21 -35.52 44.75
CA ASN R 125 100.04 -35.02 43.65
C ASN R 125 99.21 -34.12 42.73
N ALA R 126 98.84 -32.96 43.27
CA ALA R 126 97.95 -32.08 42.52
C ALA R 126 98.70 -31.04 41.72
N ARG R 127 99.36 -30.10 42.39
CA ARG R 127 99.88 -28.93 41.69
C ARG R 127 101.34 -29.10 41.31
N LEU R 128 102.19 -29.27 42.33
CA LEU R 128 103.62 -29.60 42.20
C LEU R 128 104.42 -28.61 41.34
N SER S 1 88.06 -83.62 23.64
CA SER S 1 88.25 -83.51 22.21
C SER S 1 86.99 -83.07 21.49
N GLY S 2 85.84 -83.24 22.11
CA GLY S 2 84.58 -82.89 21.48
C GLY S 2 83.74 -81.92 22.28
N ARG S 3 82.54 -81.60 21.79
CA ARG S 3 81.69 -80.61 22.43
C ARG S 3 81.19 -81.12 23.78
N LEU S 4 81.21 -80.24 24.79
CA LEU S 4 80.80 -80.62 26.13
C LEU S 4 79.65 -79.78 26.65
N TRP S 5 79.05 -78.96 25.80
CA TRP S 5 77.94 -78.12 26.23
C TRP S 5 76.72 -78.39 25.37
N CYS S 6 75.56 -78.19 25.96
CA CYS S 6 74.29 -78.26 25.27
C CYS S 6 74.05 -76.96 24.52
N LYS S 7 73.32 -77.05 23.42
CA LYS S 7 73.01 -75.87 22.63
C LYS S 7 71.71 -75.28 23.14
N ALA S 8 71.70 -73.97 23.37
CA ALA S 8 70.50 -73.26 23.72
C ALA S 8 70.45 -71.97 22.95
N ILE S 9 69.27 -71.40 22.87
CA ILE S 9 69.04 -70.17 22.13
C ILE S 9 68.52 -69.13 23.11
N PHE S 10 69.13 -67.95 23.09
CA PHE S 10 68.61 -66.79 23.81
C PHE S 10 67.34 -66.36 23.10
N ALA S 11 66.20 -66.88 23.58
CA ALA S 11 64.94 -66.58 22.93
C ALA S 11 64.38 -65.22 23.32
N GLY S 12 64.81 -64.68 24.45
CA GLY S 12 64.34 -63.38 24.87
C GLY S 12 64.46 -63.25 26.37
N TYR S 13 64.02 -62.10 26.85
CA TYR S 13 63.97 -61.83 28.27
C TYR S 13 62.68 -62.37 28.86
N LYS S 14 62.70 -62.59 30.17
CA LYS S 14 61.46 -62.81 30.89
C LYS S 14 60.57 -61.60 30.75
N ARG S 15 59.37 -61.79 30.22
CA ARG S 15 58.55 -60.65 29.88
C ARG S 15 57.09 -60.99 30.04
N GLY S 16 56.29 -59.96 30.19
CA GLY S 16 54.89 -60.05 29.86
C GLY S 16 54.74 -59.62 28.42
N LEU S 17 53.71 -58.87 28.09
CA LEU S 17 53.64 -58.33 26.75
C LEU S 17 54.35 -56.99 26.62
N ARG S 18 54.13 -56.09 27.55
CA ARG S 18 54.65 -54.73 27.43
C ARG S 18 55.68 -54.40 28.49
N ASN S 19 56.14 -55.39 29.25
CA ASN S 19 57.14 -55.19 30.29
C ASN S 19 58.12 -56.33 30.23
N GLN S 20 59.35 -56.05 29.81
CA GLN S 20 60.37 -57.09 29.79
C GLN S 20 61.32 -56.84 30.95
N ARG S 21 61.64 -57.93 31.64
CA ARG S 21 62.52 -57.92 32.80
C ARG S 21 63.85 -58.44 32.28
N GLU S 22 64.80 -57.54 32.10
CA GLU S 22 66.05 -57.88 31.42
C GLU S 22 66.95 -58.77 32.26
N HIS S 23 66.75 -58.83 33.58
CA HIS S 23 67.64 -59.59 34.44
C HIS S 23 67.45 -61.10 34.32
N THR S 24 66.36 -61.55 33.71
CA THR S 24 66.11 -62.98 33.53
C THR S 24 65.96 -63.25 32.04
N ALA S 25 66.66 -64.27 31.56
CA ALA S 25 66.68 -64.65 30.16
C ALA S 25 65.87 -65.91 29.95
N LEU S 26 65.26 -66.02 28.77
CA LEU S 26 64.55 -67.24 28.38
C LEU S 26 65.41 -68.01 27.41
N LEU S 27 65.79 -69.22 27.80
CA LEU S 27 66.57 -70.14 27.00
C LEU S 27 65.67 -71.17 26.35
N LYS S 28 65.99 -71.54 25.12
CA LYS S 28 65.41 -72.72 24.48
C LYS S 28 66.53 -73.73 24.24
N ILE S 29 66.52 -74.81 24.99
CA ILE S 29 67.55 -75.83 24.88
C ILE S 29 67.13 -76.81 23.81
N GLU S 30 68.07 -77.16 22.93
CA GLU S 30 67.78 -78.11 21.87
C GLU S 30 67.54 -79.48 22.45
N GLY S 31 66.38 -80.06 22.13
CA GLY S 31 65.96 -81.33 22.66
C GLY S 31 64.96 -81.27 23.78
N VAL S 32 64.64 -80.08 24.27
CA VAL S 32 63.75 -79.92 25.40
C VAL S 32 62.50 -79.22 24.91
N TYR S 33 61.41 -79.96 24.78
CA TYR S 33 60.16 -79.41 24.27
C TYR S 33 59.01 -79.75 25.22
N ALA S 34 59.34 -80.19 26.43
CA ALA S 34 58.33 -80.41 27.45
C ALA S 34 58.90 -79.94 28.78
N ARG S 35 58.02 -79.60 29.71
CA ARG S 35 58.46 -79.17 31.03
C ARG S 35 58.98 -80.33 31.88
N ASP S 36 58.57 -81.56 31.57
CA ASP S 36 59.15 -82.72 32.26
C ASP S 36 60.62 -82.93 31.92
N GLU S 37 61.06 -82.61 30.70
CA GLU S 37 62.45 -82.74 30.30
C GLU S 37 63.36 -81.67 30.88
N THR S 38 62.81 -80.59 31.43
CA THR S 38 63.62 -79.49 31.95
C THR S 38 64.35 -79.82 33.24
N GLU S 39 64.03 -80.95 33.90
CA GLU S 39 64.51 -81.17 35.26
C GLU S 39 65.99 -81.47 35.31
N PHE S 40 66.57 -81.94 34.21
CA PHE S 40 68.02 -82.13 34.13
C PHE S 40 68.78 -80.83 34.23
N TYR S 41 68.32 -79.80 33.53
CA TYR S 41 69.08 -78.59 33.31
C TYR S 41 68.93 -77.56 34.41
N LEU S 42 68.00 -77.74 35.34
CA LEU S 42 67.76 -76.74 36.36
C LEU S 42 68.96 -76.65 37.30
N GLY S 43 69.52 -75.45 37.40
CA GLY S 43 70.72 -75.25 38.18
C GLY S 43 72.00 -75.34 37.40
N LYS S 44 71.94 -75.75 36.13
CA LYS S 44 73.15 -75.85 35.34
C LYS S 44 73.64 -74.47 34.96
N ARG S 45 74.92 -74.39 34.65
CA ARG S 45 75.58 -73.13 34.35
C ARG S 45 75.51 -72.88 32.84
N CYS S 46 75.29 -71.63 32.45
CA CYS S 46 75.15 -71.26 31.04
C CYS S 46 76.03 -70.07 30.70
N ALA S 47 76.59 -70.11 29.50
CA ALA S 47 77.62 -69.17 29.05
C ALA S 47 77.24 -68.58 27.71
N TYR S 48 77.28 -67.26 27.62
CA TYR S 48 77.15 -66.55 26.35
C TYR S 48 78.57 -66.18 25.92
N VAL S 49 79.11 -66.94 24.99
CA VAL S 49 80.45 -66.74 24.49
C VAL S 49 80.38 -65.82 23.28
N TYR S 50 81.19 -64.77 23.27
CA TYR S 50 81.18 -63.84 22.16
C TYR S 50 82.58 -63.26 22.00
N LYS S 51 82.85 -62.77 20.80
CA LYS S 51 84.12 -62.15 20.47
C LYS S 51 83.95 -60.65 20.30
N ALA S 52 84.96 -59.92 20.74
CA ALA S 52 85.00 -58.47 20.55
C ALA S 52 86.32 -58.08 19.90
N LYS S 53 86.59 -56.77 19.85
CA LYS S 53 87.77 -56.26 19.15
C LYS S 53 89.03 -56.30 19.98
N ASN S 54 89.05 -55.67 21.17
CA ASN S 54 90.23 -55.71 22.01
C ASN S 54 90.36 -57.06 22.69
N ASN S 55 91.59 -57.48 22.93
CA ASN S 55 91.88 -58.74 23.59
C ASN S 55 91.57 -58.66 25.08
N THR S 56 91.11 -59.77 25.64
CA THR S 56 90.95 -59.93 27.07
C THR S 56 91.61 -61.23 27.51
N VAL S 57 91.94 -61.29 28.80
CA VAL S 57 92.70 -62.43 29.31
C VAL S 57 91.81 -63.66 29.36
N THR S 58 92.41 -64.81 29.06
CA THR S 58 91.72 -66.07 29.11
C THR S 58 92.24 -66.89 30.27
N PRO S 59 91.37 -67.34 31.18
CA PRO S 59 91.81 -68.19 32.31
C PRO S 59 92.46 -69.49 31.87
N GLY S 60 93.69 -69.71 32.32
CA GLY S 60 94.48 -70.82 31.85
C GLY S 60 94.85 -70.65 30.39
N GLY S 61 95.20 -69.43 29.98
CA GLY S 61 95.54 -69.19 28.60
C GLY S 61 96.08 -67.80 28.40
N LYS S 62 96.44 -67.52 27.15
CA LYS S 62 96.96 -66.30 26.54
C LYS S 62 95.80 -65.44 26.05
N PRO S 63 95.93 -64.12 26.08
CA PRO S 63 94.77 -63.25 25.79
C PRO S 63 94.35 -63.32 24.32
N ASN S 64 93.05 -63.44 24.13
CA ASN S 64 92.42 -63.54 22.83
C ASN S 64 91.12 -62.74 22.87
N LYS S 65 90.31 -62.85 21.83
CA LYS S 65 89.18 -61.96 21.65
C LYS S 65 87.88 -62.49 22.25
N THR S 66 87.87 -63.70 22.82
CA THR S 66 86.60 -64.25 23.29
C THR S 66 86.28 -63.78 24.71
N ARG S 67 85.01 -63.45 24.92
CA ARG S 67 84.51 -62.90 26.18
C ARG S 67 83.22 -63.61 26.54
N VAL S 68 83.00 -63.75 27.85
CA VAL S 68 81.93 -64.59 28.40
C VAL S 68 81.14 -63.83 29.44
N ILE S 69 79.83 -63.85 29.27
CA ILE S 69 78.88 -63.55 30.33
C ILE S 69 78.43 -64.88 30.91
N TRP S 70 78.77 -65.13 32.15
CA TRP S 70 78.43 -66.38 32.82
C TRP S 70 77.03 -66.27 33.41
N GLY S 71 76.39 -67.42 33.61
CA GLY S 71 75.09 -67.46 34.23
C GLY S 71 74.73 -68.84 34.72
N LYS S 72 73.53 -68.99 35.26
CA LYS S 72 73.04 -70.32 35.57
C LYS S 72 71.53 -70.39 35.41
N VAL S 73 71.07 -71.61 35.17
CA VAL S 73 69.66 -71.93 35.06
C VAL S 73 68.98 -71.83 36.42
N THR S 74 67.82 -71.17 36.47
CA THR S 74 67.07 -71.06 37.71
C THR S 74 65.81 -71.89 37.75
N ARG S 75 65.00 -71.87 36.69
CA ARG S 75 63.71 -72.55 36.70
C ARG S 75 63.26 -72.75 35.26
N ALA S 76 62.26 -73.61 35.09
CA ALA S 76 61.64 -73.80 33.79
C ALA S 76 60.67 -72.65 33.50
N HIS S 77 60.31 -72.52 32.22
CA HIS S 77 59.41 -71.44 31.79
C HIS S 77 58.40 -72.02 30.80
N GLY S 78 57.19 -72.27 31.26
CA GLY S 78 56.16 -72.80 30.41
C GLY S 78 56.21 -74.31 30.28
N ASN S 79 55.21 -74.83 29.57
CA ASN S 79 55.03 -76.27 29.37
C ASN S 79 55.92 -76.84 28.29
N SER S 80 56.47 -76.00 27.41
CA SER S 80 57.12 -76.45 26.19
C SER S 80 58.64 -76.49 26.29
N GLY S 81 59.18 -76.58 27.50
CA GLY S 81 60.60 -76.80 27.66
C GLY S 81 61.48 -75.57 27.69
N MET S 82 60.92 -74.39 27.48
CA MET S 82 61.69 -73.17 27.66
C MET S 82 62.04 -72.98 29.13
N VAL S 83 63.14 -72.28 29.35
CA VAL S 83 63.82 -72.28 30.64
C VAL S 83 64.15 -70.82 31.00
N ARG S 84 64.11 -70.50 32.29
CA ARG S 84 64.58 -69.21 32.79
C ARG S 84 66.01 -69.34 33.32
N ALA S 85 66.87 -68.42 32.92
CA ALA S 85 68.26 -68.38 33.35
C ALA S 85 68.63 -66.98 33.81
N LYS S 86 69.53 -66.91 34.77
CA LYS S 86 70.03 -65.63 35.29
C LYS S 86 71.51 -65.55 35.06
N PHE S 87 71.96 -64.42 34.54
CA PHE S 87 73.37 -64.22 34.24
C PHE S 87 73.93 -63.15 35.17
N ARG S 88 75.27 -63.10 35.24
CA ARG S 88 75.95 -62.15 36.10
C ARG S 88 75.70 -60.72 35.64
N SER S 89 75.90 -60.46 34.37
CA SER S 89 75.41 -59.25 33.73
C SER S 89 74.23 -59.63 32.86
N ASN S 90 73.29 -58.71 32.74
CA ASN S 90 72.15 -58.94 31.86
C ASN S 90 72.63 -59.07 30.42
N LEU S 91 72.08 -60.05 29.73
CA LEU S 91 72.59 -60.37 28.41
C LEU S 91 72.26 -59.26 27.42
N PRO S 92 73.15 -58.95 26.49
CA PRO S 92 72.84 -57.95 25.50
C PRO S 92 71.77 -58.45 24.54
N ALA S 93 70.92 -57.51 24.13
CA ALA S 93 69.82 -57.82 23.25
C ALA S 93 70.26 -58.13 21.83
N LYS S 94 71.51 -57.85 21.48
CA LYS S 94 72.08 -58.30 20.23
C LYS S 94 72.26 -59.81 20.17
N ALA S 95 72.20 -60.49 21.31
CA ALA S 95 72.38 -61.94 21.40
C ALA S 95 71.08 -62.71 21.29
N ILE S 96 69.94 -62.02 21.10
CA ILE S 96 68.66 -62.70 21.02
C ILE S 96 68.61 -63.56 19.77
N GLY S 97 68.28 -64.83 19.95
CA GLY S 97 68.31 -65.76 18.86
C GLY S 97 69.63 -66.48 18.69
N HIS S 98 70.67 -66.06 19.38
CA HIS S 98 71.99 -66.64 19.21
C HIS S 98 72.23 -67.69 20.28
N ARG S 99 73.42 -68.28 20.21
CA ARG S 99 73.71 -69.49 20.95
C ARG S 99 74.20 -69.19 22.36
N ILE S 100 73.69 -69.97 23.31
CA ILE S 100 74.21 -70.04 24.67
C ILE S 100 74.62 -71.48 24.94
N ARG S 101 75.85 -71.66 25.39
CA ARG S 101 76.33 -72.97 25.79
C ARG S 101 75.77 -73.27 27.17
N VAL S 102 75.16 -74.44 27.33
CA VAL S 102 74.70 -74.89 28.64
C VAL S 102 75.68 -75.97 29.10
N MET S 103 76.50 -75.63 30.08
CA MET S 103 77.51 -76.56 30.58
C MET S 103 76.85 -77.70 31.35
N LEU S 104 77.63 -78.74 31.59
CA LEU S 104 77.11 -79.93 32.25
C LEU S 104 77.49 -80.01 33.71
N TYR S 105 78.11 -78.97 34.29
CA TYR S 105 78.78 -79.30 35.56
C TYR S 105 78.34 -78.54 36.80
N PRO S 106 77.09 -78.24 36.98
CA PRO S 106 76.53 -78.46 38.33
C PRO S 106 75.87 -79.83 38.38
N SER S 107 76.71 -80.87 38.42
CA SER S 107 76.24 -82.25 38.30
C SER S 107 75.44 -82.68 39.52
N ARG S 108 74.31 -83.35 39.26
CA ARG S 108 73.44 -83.88 40.30
C ARG S 108 73.31 -85.38 40.21
N ILE S 109 73.90 -85.99 39.19
CA ILE S 109 73.70 -87.41 38.97
C ILE S 109 74.98 -88.17 39.30
N VAL T 1 66.09 27.52 -34.10
CA VAL T 1 65.93 28.88 -33.63
C VAL T 1 66.55 29.00 -32.22
N GLN T 2 67.15 30.15 -31.92
CA GLN T 2 67.57 30.46 -30.57
C GLN T 2 66.35 30.67 -29.67
N ARG T 3 66.27 29.91 -28.60
CA ARG T 3 65.20 30.04 -27.63
C ARG T 3 65.69 30.89 -26.47
N LEU T 4 64.77 31.57 -25.80
CA LEU T 4 65.17 32.66 -24.92
C LEU T 4 64.95 32.35 -23.45
N THR T 5 65.35 33.33 -22.65
CA THR T 5 65.61 33.16 -21.23
C THR T 5 65.42 34.50 -20.53
N TYR T 6 64.66 34.48 -19.43
CA TYR T 6 64.57 35.62 -18.55
C TYR T 6 65.93 35.96 -17.94
N ARG T 7 66.15 37.27 -17.76
CA ARG T 7 67.41 37.80 -17.28
C ARG T 7 67.39 38.18 -15.81
N ARG T 8 66.22 38.41 -15.25
CA ARG T 8 66.05 38.68 -13.83
C ARG T 8 65.39 37.47 -13.17
N ARG T 9 65.26 37.52 -11.85
CA ARG T 9 64.82 36.35 -11.12
C ARG T 9 63.31 36.16 -11.13
N LEU T 10 62.55 37.09 -11.69
CA LEU T 10 61.11 36.92 -11.80
C LEU T 10 60.80 36.07 -13.01
N SER T 11 60.29 34.86 -12.77
CA SER T 11 60.05 33.87 -13.80
C SER T 11 58.59 33.73 -14.17
N TYR T 12 57.74 34.65 -13.72
CA TYR T 12 56.33 34.63 -14.02
C TYR T 12 56.00 35.78 -14.94
N ASN T 13 54.97 35.60 -15.76
CA ASN T 13 54.62 36.60 -16.77
C ASN T 13 53.69 37.67 -16.17
N THR T 14 54.21 38.38 -15.18
CA THR T 14 53.41 39.41 -14.56
C THR T 14 53.48 40.69 -15.37
N ALA T 15 52.66 41.67 -15.00
CA ALA T 15 52.65 42.96 -15.66
C ALA T 15 53.90 43.76 -15.35
N SER T 16 54.64 43.38 -14.31
CA SER T 16 55.97 43.89 -14.02
C SER T 16 57.07 43.07 -14.67
N ASN T 17 56.74 42.16 -15.58
CA ASN T 17 57.71 41.26 -16.18
C ASN T 17 57.53 41.19 -17.69
N LYS T 18 57.05 42.27 -18.29
CA LYS T 18 56.83 42.28 -19.72
C LYS T 18 58.13 42.61 -20.43
N THR T 19 58.40 41.90 -21.52
CA THR T 19 59.63 42.03 -22.26
C THR T 19 59.31 42.34 -23.72
N ARG T 20 60.36 42.66 -24.47
CA ARG T 20 60.31 42.73 -25.92
C ARG T 20 61.61 42.17 -26.46
N LEU T 21 61.67 42.07 -27.79
CA LEU T 21 62.71 41.29 -28.46
C LEU T 21 63.78 42.25 -28.98
N SER T 22 65.05 41.93 -28.75
CA SER T 22 66.10 42.77 -29.28
C SER T 22 67.24 41.91 -29.81
N ARG T 23 67.75 42.30 -30.97
CA ARG T 23 68.98 41.72 -31.48
C ARG T 23 70.13 42.65 -31.13
N THR T 24 71.19 42.09 -30.59
CA THR T 24 72.33 42.77 -30.02
C THR T 24 73.38 43.05 -31.08
N PRO T 25 74.39 43.87 -30.77
CA PRO T 25 75.60 43.92 -31.60
C PRO T 25 76.35 42.60 -31.71
N GLY T 26 76.17 41.71 -30.74
CA GLY T 26 76.70 40.37 -30.78
C GLY T 26 75.83 39.35 -31.48
N ASN T 27 74.83 39.81 -32.23
CA ASN T 27 74.04 39.00 -33.17
C ASN T 27 73.24 37.92 -32.47
N ARG T 28 72.83 38.20 -31.24
CA ARG T 28 71.97 37.28 -30.51
C ARG T 28 70.74 38.02 -30.04
N ILE T 29 69.69 37.25 -29.78
CA ILE T 29 68.41 37.80 -29.37
C ILE T 29 68.33 37.71 -27.86
N VAL T 30 68.00 38.84 -27.22
CA VAL T 30 67.78 38.89 -25.79
C VAL T 30 66.50 39.65 -25.52
N TYR T 31 65.97 39.44 -24.33
CA TYR T 31 64.83 40.18 -23.82
C TYR T 31 65.28 41.54 -23.34
N LEU T 32 64.61 42.58 -23.80
CA LEU T 32 64.69 43.91 -23.20
C LEU T 32 63.43 44.12 -22.37
N TYR T 33 63.60 44.47 -21.10
CA TYR T 33 62.44 44.59 -20.24
C TYR T 33 61.74 45.92 -20.51
N THR T 34 60.43 45.86 -20.60
CA THR T 34 59.63 46.95 -21.14
C THR T 34 58.99 47.75 -20.00
N LYS T 35 58.99 49.06 -20.16
CA LYS T 35 58.28 49.93 -19.24
C LYS T 35 56.79 49.83 -19.51
N LYS T 36 55.99 50.17 -18.50
CA LYS T 36 54.55 50.16 -18.67
C LYS T 36 54.12 51.30 -19.58
N VAL T 37 53.06 51.04 -20.35
CA VAL T 37 52.56 52.03 -21.29
C VAL T 37 51.85 53.14 -20.53
N GLY T 38 52.42 54.34 -20.57
CA GLY T 38 51.83 55.46 -19.89
C GLY T 38 50.61 55.99 -20.60
N LYS T 39 49.81 56.77 -19.87
CA LYS T 39 48.56 57.27 -20.40
C LYS T 39 48.51 58.79 -20.22
N ALA T 40 47.96 59.44 -21.23
CA ALA T 40 47.69 60.87 -21.17
C ALA T 40 46.56 61.12 -20.18
N PRO T 41 46.52 62.31 -19.58
CA PRO T 41 45.49 62.58 -18.56
C PRO T 41 44.08 62.59 -19.11
N LYS T 42 43.12 62.28 -18.25
CA LYS T 42 41.72 62.54 -18.56
C LYS T 42 41.39 63.98 -18.23
N SER T 43 40.32 64.47 -18.83
CA SER T 43 39.83 65.81 -18.52
C SER T 43 39.22 65.83 -17.12
N ALA T 44 39.34 66.98 -16.45
CA ALA T 44 38.78 67.18 -15.12
C ALA T 44 37.26 67.27 -15.13
N CYS T 45 36.66 67.52 -16.29
CA CYS T 45 35.21 67.59 -16.41
C CYS T 45 34.51 66.27 -16.19
N GLY T 46 35.22 65.16 -16.36
CA GLY T 46 34.65 63.84 -16.07
C GLY T 46 33.54 63.41 -16.98
N VAL T 47 33.43 64.03 -18.16
CA VAL T 47 32.33 63.73 -19.08
C VAL T 47 32.88 63.11 -20.34
N CYS T 48 33.72 63.86 -21.07
CA CYS T 48 34.18 63.39 -22.38
C CYS T 48 35.29 62.36 -22.22
N PRO T 49 35.22 61.23 -22.96
CA PRO T 49 36.04 60.07 -22.62
C PRO T 49 37.47 60.12 -23.09
N GLY T 50 37.81 61.01 -24.02
CA GLY T 50 39.14 61.04 -24.59
C GLY T 50 40.17 61.59 -23.63
N ARG T 51 41.43 61.47 -24.02
CA ARG T 51 42.54 61.99 -23.24
C ARG T 51 42.94 63.35 -23.77
N LEU T 52 43.65 64.10 -22.93
CA LEU T 52 44.04 65.44 -23.31
C LEU T 52 45.21 65.42 -24.26
N ARG T 53 45.17 66.29 -25.27
CA ARG T 53 46.23 66.34 -26.25
C ARG T 53 47.31 67.32 -25.82
N GLY T 54 48.54 67.05 -26.24
CA GLY T 54 49.65 67.94 -25.96
C GLY T 54 50.46 67.61 -24.73
N VAL T 55 50.12 66.53 -24.03
CA VAL T 55 50.85 66.08 -22.85
C VAL T 55 51.43 64.70 -23.14
N ARG T 56 52.69 64.50 -22.77
CA ARG T 56 53.34 63.21 -22.99
C ARG T 56 52.74 62.14 -22.08
N ALA T 57 52.37 61.01 -22.66
CA ALA T 57 51.75 59.91 -21.93
C ALA T 57 52.84 59.07 -21.30
N VAL T 58 53.20 59.38 -20.05
CA VAL T 58 54.27 58.69 -19.36
C VAL T 58 53.76 58.12 -18.05
N ARG T 59 54.62 57.39 -17.36
CA ARG T 59 54.35 56.91 -16.02
C ARG T 59 54.46 58.07 -15.03
N PRO T 60 53.84 57.95 -13.83
CA PRO T 60 53.76 59.13 -12.92
C PRO T 60 55.06 59.77 -12.49
N LYS T 61 56.09 58.99 -12.19
CA LYS T 61 57.32 59.60 -11.73
C LYS T 61 58.23 60.07 -12.86
N VAL T 62 57.88 59.75 -14.11
CA VAL T 62 58.58 60.30 -15.27
C VAL T 62 58.22 61.77 -15.49
N LEU T 63 57.03 62.16 -15.04
CA LEU T 63 56.59 63.55 -15.10
C LEU T 63 57.51 64.48 -14.32
N MET T 64 58.14 63.99 -13.25
CA MET T 64 59.10 64.80 -12.50
C MET T 64 60.38 65.04 -13.29
N ARG T 65 60.78 64.09 -14.14
CA ARG T 65 61.83 64.34 -15.13
C ARG T 65 61.41 65.32 -16.21
N LEU T 66 60.17 65.23 -16.67
CA LEU T 66 59.71 66.05 -17.79
C LEU T 66 59.64 67.52 -17.40
N SER T 67 59.95 68.38 -18.37
CA SER T 67 59.85 69.82 -18.18
C SER T 67 58.40 70.27 -18.26
N LYS T 68 58.18 71.54 -17.92
CA LYS T 68 56.83 72.04 -17.66
C LYS T 68 55.99 72.14 -18.93
N THR T 69 56.61 72.57 -20.04
CA THR T 69 55.88 72.76 -21.30
C THR T 69 55.44 71.43 -21.90
N LYS T 70 56.16 70.35 -21.64
CA LYS T 70 55.79 69.04 -22.11
C LYS T 70 54.63 68.42 -21.33
N LYS T 71 54.26 69.00 -20.19
CA LYS T 71 53.22 68.45 -19.34
C LYS T 71 51.93 69.24 -19.33
N HIS T 72 51.82 70.31 -20.12
CA HIS T 72 50.60 71.10 -20.10
C HIS T 72 50.40 71.74 -21.46
N VAL T 73 49.29 72.47 -21.58
CA VAL T 73 48.91 73.19 -22.79
C VAL T 73 48.79 74.66 -22.42
N SER T 74 49.30 75.52 -23.31
CA SER T 74 49.29 76.97 -23.07
C SER T 74 47.87 77.48 -23.23
N ARG T 75 47.11 77.35 -22.14
CA ARG T 75 45.72 77.76 -22.02
C ARG T 75 45.37 77.72 -20.55
N ALA T 76 44.37 78.53 -20.16
CA ALA T 76 43.75 78.38 -18.86
C ALA T 76 43.13 77.00 -18.74
N TYR T 77 43.37 76.35 -17.59
CA TYR T 77 43.10 74.94 -17.32
C TYR T 77 43.83 74.00 -18.28
N GLY T 78 44.92 74.46 -18.89
CA GLY T 78 45.60 73.69 -19.91
C GLY T 78 46.46 72.60 -19.35
N GLY T 79 46.13 71.35 -19.68
CA GLY T 79 46.79 70.21 -19.11
C GLY T 79 46.00 69.49 -18.05
N SER T 80 45.00 70.12 -17.49
CA SER T 80 44.08 69.51 -16.53
C SER T 80 42.72 69.22 -17.12
N MET T 81 42.19 70.11 -17.96
CA MET T 81 40.83 70.00 -18.45
C MET T 81 40.79 70.36 -19.93
N CYS T 82 39.89 69.70 -20.66
CA CYS T 82 39.86 69.79 -22.12
C CYS T 82 39.35 71.14 -22.61
N ALA T 83 39.77 71.47 -23.83
CA ALA T 83 39.54 72.80 -24.39
C ALA T 83 38.07 73.07 -24.62
N LYS T 84 37.31 72.06 -25.06
CA LYS T 84 35.89 72.29 -25.34
C LYS T 84 35.09 72.44 -24.07
N CYS T 85 35.43 71.70 -23.03
CA CYS T 85 34.78 71.92 -21.74
C CYS T 85 35.24 73.21 -21.05
N VAL T 86 36.46 73.68 -21.33
CA VAL T 86 36.86 75.02 -20.91
C VAL T 86 36.05 76.09 -21.65
N ARG T 87 35.77 75.88 -22.94
CA ARG T 87 34.93 76.82 -23.68
C ARG T 87 33.51 76.86 -23.13
N ASP T 88 32.94 75.69 -22.87
CA ASP T 88 31.63 75.60 -22.23
C ASP T 88 31.60 76.18 -20.83
N ARG T 89 32.70 76.07 -20.08
CA ARG T 89 32.81 76.68 -18.76
C ARG T 89 32.91 78.21 -18.82
N ILE T 90 33.62 78.77 -19.80
CA ILE T 90 33.63 80.21 -20.00
C ILE T 90 32.23 80.71 -20.33
N LYS T 91 31.56 80.00 -21.24
CA LYS T 91 30.21 80.38 -21.64
C LYS T 91 29.22 80.29 -20.48
N ARG T 92 29.33 79.22 -19.68
CA ARG T 92 28.43 79.05 -18.53
C ARG T 92 28.69 80.11 -17.46
N ALA T 93 29.96 80.35 -17.14
CA ALA T 93 30.32 81.32 -16.11
C ALA T 93 30.02 82.75 -16.54
N PHE T 94 29.85 82.98 -17.84
CA PHE T 94 29.39 84.29 -18.27
C PHE T 94 27.88 84.40 -18.28
N LEU T 95 27.20 83.42 -18.88
CA LEU T 95 25.77 83.52 -19.10
C LEU T 95 24.97 83.41 -17.81
N ILE T 96 25.45 82.62 -16.86
CA ILE T 96 24.76 82.51 -15.58
C ILE T 96 24.84 83.82 -14.82
N GLU T 97 26.00 84.48 -14.85
CA GLU T 97 26.12 85.79 -14.23
C GLU T 97 25.29 86.85 -14.92
N GLU T 98 25.15 86.77 -16.24
CA GLU T 98 24.26 87.69 -16.92
C GLU T 98 22.81 87.48 -16.50
N GLN T 99 22.39 86.22 -16.33
CA GLN T 99 21.06 85.93 -15.81
C GLN T 99 20.90 86.41 -14.37
N LYS T 100 21.94 86.35 -13.54
CA LYS T 100 21.86 86.88 -12.19
C LYS T 100 21.70 88.40 -12.18
N ILE T 101 22.39 89.10 -13.08
CA ILE T 101 22.17 90.54 -13.21
C ILE T 101 20.74 90.82 -13.67
N VAL T 102 20.22 90.00 -14.57
CA VAL T 102 18.84 90.15 -15.04
C VAL T 102 17.84 89.97 -13.90
N VAL T 103 18.01 88.93 -13.08
CA VAL T 103 17.05 88.70 -12.01
C VAL T 103 17.23 89.68 -10.86
N LYS T 104 18.44 90.21 -10.65
CA LYS T 104 18.63 91.28 -9.69
C LYS T 104 17.94 92.55 -10.15
N VAL T 105 17.94 92.83 -11.46
CA VAL T 105 17.19 93.95 -12.01
C VAL T 105 15.69 93.73 -11.83
N LEU T 106 15.21 92.52 -12.12
CA LEU T 106 13.78 92.22 -12.06
C LEU T 106 13.24 92.26 -10.63
N LYS T 107 14.01 91.78 -9.65
CA LYS T 107 13.55 91.75 -8.27
C LYS T 107 13.41 93.12 -7.64
N ALA T 108 14.01 94.15 -8.24
CA ALA T 108 13.81 95.51 -7.74
C ALA T 108 12.81 96.28 -8.61
N GLN T 109 12.80 96.02 -9.92
CA GLN T 109 11.89 96.75 -10.78
C GLN T 109 10.47 96.22 -10.69
N ALA T 110 10.30 94.99 -10.18
CA ALA T 110 8.98 94.46 -9.90
C ALA T 110 8.54 94.70 -8.47
N GLN T 111 9.42 95.26 -7.63
CA GLN T 111 9.10 95.60 -6.25
C GLN T 111 8.94 97.10 -6.02
N SER T 112 9.45 97.93 -6.93
CA SER T 112 9.29 99.38 -6.79
C SER T 112 7.85 99.85 -6.85
N GLN T 113 6.96 99.08 -7.50
CA GLN T 113 5.56 99.45 -7.61
C GLN T 113 4.81 99.41 -6.28
N LYS T 114 5.10 98.45 -5.42
CA LYS T 114 4.37 98.29 -4.16
C LYS T 114 4.79 99.36 -3.16
N ALA U 1 111.67 42.68 23.96
CA ALA U 1 111.34 42.70 25.38
C ALA U 1 109.87 42.33 25.60
N LYS U 2 109.60 41.65 26.71
CA LYS U 2 108.23 41.36 27.11
C LYS U 2 107.53 42.64 27.53
N ILE U 3 106.21 42.66 27.37
CA ILE U 3 105.39 43.79 27.80
C ILE U 3 104.67 43.38 29.07
N LYS U 4 104.99 44.04 30.16
CA LYS U 4 104.39 43.77 31.46
C LYS U 4 103.46 44.91 31.86
N ALA U 5 102.49 44.59 32.70
CA ALA U 5 101.58 45.61 33.20
C ALA U 5 102.23 46.54 34.20
N ARG U 6 103.30 46.09 34.87
CA ARG U 6 103.91 46.88 35.93
C ARG U 6 104.63 48.10 35.37
N ASP U 7 105.29 47.95 34.23
CA ASP U 7 106.02 49.06 33.61
C ASP U 7 105.10 49.91 32.73
N LEU U 8 103.83 49.52 32.59
CA LEU U 8 102.85 50.24 31.79
C LEU U 8 102.07 51.30 32.56
N ARG U 9 102.06 51.22 33.90
CA ARG U 9 101.21 52.13 34.67
C ARG U 9 101.85 53.49 34.84
N GLY U 10 103.18 53.57 34.80
CA GLY U 10 103.86 54.84 34.92
C GLY U 10 103.83 55.69 33.66
N LYS U 11 103.34 55.15 32.56
CA LYS U 11 103.33 55.84 31.28
C LYS U 11 102.11 56.76 31.17
N LYS U 12 102.11 57.58 30.13
CA LYS U 12 101.04 58.52 29.84
C LYS U 12 100.13 57.97 28.76
N LYS U 13 99.08 58.71 28.47
CA LYS U 13 98.01 58.20 27.61
C LYS U 13 98.45 58.09 26.15
N GLU U 14 99.12 59.13 25.62
CA GLU U 14 99.48 59.12 24.21
C GLU U 14 100.59 58.12 23.91
N GLU U 15 101.50 57.88 24.84
CA GLU U 15 102.49 56.85 24.61
C GLU U 15 101.93 55.45 24.82
N LEU U 16 100.89 55.31 25.64
CA LEU U 16 100.16 54.05 25.71
C LEU U 16 99.44 53.76 24.39
N LEU U 17 98.82 54.75 23.78
CA LEU U 17 98.22 54.55 22.46
C LEU U 17 99.27 54.28 21.39
N LYS U 18 100.43 54.92 21.49
CA LYS U 18 101.51 54.64 20.55
C LYS U 18 102.04 53.23 20.66
N GLN U 19 102.15 52.70 21.88
CA GLN U 19 102.45 51.28 22.04
C GLN U 19 101.33 50.40 21.50
N LEU U 20 100.08 50.81 21.73
CA LEU U 20 98.93 50.00 21.35
C LEU U 20 98.81 49.84 19.84
N ASP U 21 98.89 50.94 19.09
CA ASP U 21 98.72 50.81 17.64
C ASP U 21 99.95 50.19 16.98
N ASP U 22 101.12 50.28 17.61
CA ASP U 22 102.26 49.49 17.16
C ASP U 22 102.00 48.00 17.31
N LEU U 23 101.40 47.60 18.43
CA LEU U 23 100.99 46.22 18.60
C LEU U 23 99.92 45.81 17.58
N LYS U 24 98.98 46.71 17.28
CA LYS U 24 97.94 46.43 16.28
C LYS U 24 98.51 46.27 14.88
N VAL U 25 99.46 47.11 14.47
CA VAL U 25 100.01 46.98 13.14
C VAL U 25 100.92 45.75 13.04
N GLU U 26 101.62 45.39 14.12
CA GLU U 26 102.40 44.17 14.04
C GLU U 26 101.51 42.93 14.12
N LEU U 27 100.35 43.01 14.78
CA LEU U 27 99.38 41.91 14.72
C LEU U 27 98.80 41.74 13.31
N SER U 28 98.51 42.85 12.63
CA SER U 28 98.06 42.78 11.25
C SER U 28 99.11 42.17 10.33
N GLN U 29 100.38 42.55 10.52
CA GLN U 29 101.46 41.93 9.76
C GLN U 29 101.61 40.45 10.09
N LEU U 30 101.36 40.07 11.34
CA LEU U 30 101.42 38.66 11.72
C LEU U 30 100.30 37.86 11.09
N ARG U 31 99.11 38.44 10.95
CA ARG U 31 98.04 37.74 10.24
C ARG U 31 98.32 37.65 8.74
N VAL U 32 98.96 38.68 8.17
CA VAL U 32 99.43 38.60 6.78
C VAL U 32 100.44 37.46 6.61
N ALA U 33 101.37 37.34 7.56
CA ALA U 33 102.30 36.21 7.56
C ALA U 33 101.59 34.88 7.75
N LYS U 34 100.51 34.86 8.55
CA LYS U 34 99.76 33.64 8.78
C LYS U 34 99.09 33.14 7.51
N VAL U 35 98.54 34.05 6.71
CA VAL U 35 97.86 33.62 5.47
C VAL U 35 98.82 33.49 4.30
N THR U 36 100.05 34.00 4.41
CA THR U 36 101.03 33.77 3.36
C THR U 36 101.93 32.58 3.66
N GLY U 37 101.50 31.69 4.54
CA GLY U 37 102.29 30.51 4.87
C GLY U 37 103.60 30.81 5.59
N GLY U 38 103.56 31.71 6.57
CA GLY U 38 104.77 32.10 7.26
C GLY U 38 105.24 31.04 8.24
N ALA U 39 106.35 31.35 8.91
CA ALA U 39 106.98 30.39 9.79
C ALA U 39 106.25 30.31 11.13
N ALA U 40 106.49 29.18 11.81
CA ALA U 40 105.91 28.97 13.13
C ALA U 40 106.45 29.93 14.17
N SER U 41 107.66 30.49 13.95
CA SER U 41 108.20 31.53 14.81
C SER U 41 107.31 32.76 14.83
N LYS U 42 106.73 33.12 13.69
CA LYS U 42 105.79 34.23 13.61
C LYS U 42 104.37 33.82 13.96
N LEU U 43 103.97 32.59 13.66
CA LEU U 43 102.62 32.15 14.03
C LEU U 43 102.47 31.92 15.54
N SER U 44 103.58 31.73 16.25
CA SER U 44 103.54 31.71 17.70
C SER U 44 103.37 33.09 18.30
N LYS U 45 103.80 34.14 17.60
CA LYS U 45 103.77 35.50 18.14
C LYS U 45 102.39 36.15 18.04
N ILE U 46 101.43 35.50 17.38
CA ILE U 46 100.07 36.01 17.27
C ILE U 46 99.43 36.09 18.66
N ARG U 47 99.56 35.03 19.46
CA ARG U 47 99.06 35.05 20.83
C ARG U 47 99.79 36.06 21.69
N VAL U 48 101.11 36.18 21.49
CA VAL U 48 101.93 37.10 22.28
C VAL U 48 101.50 38.54 22.05
N VAL U 49 101.35 38.93 20.78
CA VAL U 49 100.92 40.28 20.45
C VAL U 49 99.47 40.52 20.86
N ARG U 50 98.59 39.50 20.74
CA ARG U 50 97.20 39.65 21.16
C ARG U 50 97.06 39.89 22.66
N LYS U 51 97.79 39.12 23.48
CA LYS U 51 97.76 39.34 24.91
C LYS U 51 98.50 40.61 25.31
N SER U 52 99.48 41.06 24.51
CA SER U 52 100.08 42.36 24.75
C SER U 52 99.09 43.50 24.52
N ILE U 53 98.28 43.39 23.46
CA ILE U 53 97.19 44.34 23.20
C ILE U 53 96.20 44.32 24.37
N ALA U 54 95.89 43.12 24.85
CA ALA U 54 95.01 42.97 26.01
C ALA U 54 95.57 43.65 27.25
N ARG U 55 96.89 43.53 27.45
CA ARG U 55 97.54 44.17 28.59
C ARG U 55 97.49 45.68 28.49
N VAL U 56 97.79 46.24 27.32
CA VAL U 56 97.83 47.69 27.17
C VAL U 56 96.43 48.29 27.30
N LEU U 57 95.43 47.63 26.71
CA LEU U 57 94.06 48.10 26.79
C LEU U 57 93.51 47.96 28.20
N THR U 58 93.89 46.90 28.92
CA THR U 58 93.49 46.74 30.31
C THR U 58 94.07 47.84 31.18
N VAL U 59 95.35 48.18 30.97
CA VAL U 59 96.00 49.26 31.72
C VAL U 59 95.30 50.59 31.44
N ILE U 60 94.96 50.85 30.17
CA ILE U 60 94.29 52.09 29.79
C ILE U 60 92.92 52.21 30.47
N ASN U 61 92.09 51.16 30.39
CA ASN U 61 90.76 51.23 31.00
C ASN U 61 90.81 51.27 32.53
N GLN U 62 91.76 50.56 33.14
CA GLN U 62 91.90 50.60 34.60
C GLN U 62 92.29 51.98 35.09
N THR U 63 93.30 52.60 34.45
CA THR U 63 93.72 53.95 34.82
C THR U 63 92.62 54.96 34.58
N GLN U 64 91.90 54.83 33.46
CA GLN U 64 90.84 55.78 33.12
C GLN U 64 89.68 55.71 34.11
N LYS U 65 89.27 54.50 34.51
CA LYS U 65 88.18 54.41 35.47
C LYS U 65 88.62 54.79 36.89
N GLU U 66 89.88 54.55 37.26
CA GLU U 66 90.37 55.09 38.52
C GLU U 66 90.38 56.61 38.55
N ASN U 67 90.78 57.26 37.45
CA ASN U 67 90.72 58.72 37.41
C ASN U 67 89.30 59.25 37.45
N LEU U 68 88.37 58.59 36.76
CA LEU U 68 86.97 59.03 36.78
C LEU U 68 86.36 58.85 38.17
N ARG U 69 86.68 57.77 38.86
CA ARG U 69 86.09 57.61 40.17
C ARG U 69 86.83 58.38 41.27
N LYS U 70 88.08 58.79 41.04
CA LYS U 70 88.67 59.83 41.85
C LYS U 70 88.00 61.17 41.66
N PHE U 71 87.57 61.46 40.43
CA PHE U 71 86.78 62.67 40.18
C PHE U 71 85.40 62.62 40.83
N TYR U 72 84.75 61.45 40.83
CA TYR U 72 83.37 61.31 41.25
C TYR U 72 83.21 60.90 42.72
N LYS U 73 84.30 60.92 43.49
CA LYS U 73 84.24 60.35 44.84
C LYS U 73 83.40 61.20 45.79
N GLY U 74 83.48 62.52 45.67
CA GLY U 74 82.78 63.39 46.60
C GLY U 74 81.43 63.91 46.13
N LYS U 75 80.83 63.26 45.13
CA LYS U 75 79.61 63.76 44.52
C LYS U 75 78.40 62.94 44.97
N LYS U 76 77.25 63.62 45.02
CA LYS U 76 76.00 62.99 45.40
C LYS U 76 75.45 62.07 44.32
N TYR U 77 75.84 62.27 43.07
CA TYR U 77 75.32 61.50 41.94
C TYR U 77 76.51 61.05 41.11
N LYS U 78 76.88 59.79 41.22
CA LYS U 78 77.93 59.25 40.39
C LYS U 78 77.33 58.32 39.34
N PRO U 79 78.02 58.10 38.21
CA PRO U 79 77.47 57.24 37.15
C PRO U 79 77.24 55.80 37.55
N LEU U 80 76.33 55.14 36.81
CA LEU U 80 75.84 53.82 37.18
C LEU U 80 76.91 52.74 37.11
N ASP U 81 77.90 52.90 36.24
CA ASP U 81 79.05 52.00 36.23
C ASP U 81 80.02 52.25 37.38
N LEU U 82 79.92 53.40 38.04
CA LEU U 82 80.73 53.68 39.21
C LEU U 82 80.00 53.39 40.51
N ARG U 83 78.69 53.23 40.47
CA ARG U 83 77.97 52.81 41.67
C ARG U 83 78.33 51.37 42.01
N PRO U 84 78.34 51.03 43.31
CA PRO U 84 78.67 49.65 43.71
C PRO U 84 77.64 48.65 43.20
N LYS U 85 78.13 47.56 42.62
CA LYS U 85 77.27 46.57 41.98
C LYS U 85 77.09 45.38 42.93
N LYS U 86 76.23 45.55 43.91
CA LYS U 86 75.83 44.43 44.74
C LYS U 86 74.74 43.66 44.01
N THR U 87 74.00 42.80 44.71
CA THR U 87 72.78 42.34 44.06
C THR U 87 71.77 43.49 44.04
N ARG U 88 70.78 43.34 43.16
CA ARG U 88 69.73 44.35 43.04
C ARG U 88 68.91 44.46 44.31
N ALA U 89 68.71 43.34 45.02
CA ALA U 89 68.02 43.37 46.30
C ALA U 89 68.82 44.12 47.37
N MET U 90 70.13 43.93 47.42
CA MET U 90 70.90 44.67 48.42
C MET U 90 71.07 46.13 48.05
N ARG U 91 70.97 46.48 46.77
CA ARG U 91 70.87 47.88 46.43
C ARG U 91 69.50 48.46 46.75
N ARG U 92 68.46 47.61 46.79
CA ARG U 92 67.11 48.03 47.17
C ARG U 92 66.92 48.10 48.69
N ARG U 93 67.84 47.51 49.45
CA ARG U 93 67.74 47.48 50.90
C ARG U 93 67.89 48.87 51.54
N LEU U 94 67.54 48.92 52.83
CA LEU U 94 67.76 50.10 53.65
C LEU U 94 69.25 50.35 53.82
N ASN U 95 69.60 51.60 54.09
CA ASN U 95 70.98 51.90 54.42
C ASN U 95 71.17 51.92 55.94
N LYS U 96 72.43 52.12 56.36
CA LYS U 96 72.81 51.84 57.74
C LYS U 96 72.23 52.84 58.72
N HIS U 97 72.15 54.12 58.34
CA HIS U 97 71.46 55.12 59.14
C HIS U 97 69.99 54.76 59.30
N GLU U 98 69.37 54.27 58.24
CA GLU U 98 67.94 53.98 58.24
C GLU U 98 67.61 52.69 58.98
N GLU U 99 68.55 51.73 59.04
CA GLU U 99 68.29 50.59 59.92
C GLU U 99 68.63 50.93 61.36
N SER U 100 69.48 51.92 61.61
CA SER U 100 69.73 52.39 62.97
C SER U 100 68.77 53.48 63.42
N LEU U 101 67.84 53.87 62.57
CA LEU U 101 66.88 54.88 62.97
C LEU U 101 65.84 54.31 63.90
N LYS U 102 65.62 54.97 65.03
CA LYS U 102 64.73 54.44 66.05
C LYS U 102 63.66 55.48 66.36
N THR U 103 62.50 54.99 66.76
CA THR U 103 61.41 55.84 67.23
C THR U 103 61.79 56.44 68.58
N LYS U 104 61.45 57.72 68.77
CA LYS U 104 61.70 58.42 70.04
C LYS U 104 60.99 57.73 71.21
N LYS U 105 59.78 57.19 70.97
CA LYS U 105 59.05 56.43 71.99
C LYS U 105 59.83 55.20 72.43
N GLN U 106 60.32 54.42 71.46
CA GLN U 106 61.05 53.22 71.82
C GLN U 106 62.43 53.55 72.40
N GLN U 107 63.06 54.65 71.98
CA GLN U 107 64.31 55.09 72.61
C GLN U 107 64.11 55.46 74.06
N ARG U 108 63.03 56.15 74.38
CA ARG U 108 62.62 56.36 75.76
C ARG U 108 62.41 55.03 76.48
N LYS U 109 61.87 54.03 75.78
CA LYS U 109 61.68 52.73 76.43
C LYS U 109 62.99 52.00 76.75
N GLU U 110 63.98 51.98 75.83
CA GLU U 110 65.23 51.34 76.28
C GLU U 110 66.04 52.20 77.22
N ARG U 111 65.85 53.52 77.24
CA ARG U 111 66.54 54.27 78.28
C ARG U 111 65.91 54.02 79.65
N LEU U 112 64.58 54.00 79.70
CA LEU U 112 63.85 53.80 80.96
C LEU U 112 64.00 52.38 81.48
N TYR U 113 63.86 51.38 80.61
CA TYR U 113 63.86 49.97 81.00
C TYR U 113 64.89 49.21 80.17
N PRO U 114 66.18 49.36 80.48
CA PRO U 114 67.18 48.58 79.75
C PRO U 114 67.17 47.14 80.21
N LEU U 115 67.62 46.26 79.32
CA LEU U 115 67.74 44.84 79.68
C LEU U 115 68.90 44.66 80.64
N ARG U 116 68.57 44.42 81.91
CA ARG U 116 69.57 44.30 82.95
C ARG U 116 70.24 42.93 82.90
N LYS U 117 71.47 42.88 83.40
CA LYS U 117 72.18 41.63 83.59
C LYS U 117 71.95 41.17 85.01
N TYR U 118 71.49 39.94 85.17
CA TYR U 118 71.16 39.42 86.49
C TYR U 118 71.62 37.97 86.56
N ALA U 119 71.48 37.39 87.74
CA ALA U 119 71.71 35.97 87.95
C ALA U 119 70.81 35.50 89.07
N VAL U 120 70.43 34.24 89.03
CA VAL U 120 69.55 33.67 90.04
C VAL U 120 70.32 32.61 90.80
N LYS U 121 70.53 32.86 92.09
CA LYS U 121 71.02 31.82 92.98
C LYS U 121 69.95 30.75 93.13
N ALA U 122 70.36 29.50 93.05
CA ALA U 122 69.43 28.39 93.23
C ALA U 122 69.04 28.27 94.71
N ALA V 1 24.68 21.63 109.34
CA ALA V 1 25.37 20.48 109.90
C ALA V 1 26.73 20.31 109.25
N LEU V 2 27.10 19.06 108.95
CA LEU V 2 28.37 18.78 108.29
C LEU V 2 28.19 18.92 106.78
N ARG V 3 28.90 19.87 106.20
CA ARG V 3 28.78 20.20 104.79
C ARG V 3 30.12 20.01 104.13
N TYR V 4 30.25 18.99 103.33
CA TYR V 4 31.47 18.79 102.58
C TYR V 4 31.39 19.55 101.27
N PRO V 5 32.53 20.00 100.72
CA PRO V 5 32.50 20.65 99.40
C PRO V 5 32.47 19.61 98.28
N MET V 6 31.46 19.73 97.43
CA MET V 6 30.97 18.67 96.58
C MET V 6 31.17 19.00 95.11
N ALA V 7 31.24 17.95 94.28
CA ALA V 7 31.51 18.14 92.87
C ALA V 7 30.25 18.30 92.03
N VAL V 8 29.08 17.97 92.57
CA VAL V 8 27.79 18.19 91.92
C VAL V 8 26.90 18.96 92.89
N GLY V 9 25.75 19.38 92.39
CA GLY V 9 24.77 20.08 93.19
C GLY V 9 24.74 21.56 92.90
N LEU V 10 24.15 22.30 93.83
CA LEU V 10 24.04 23.74 93.68
C LEU V 10 25.29 24.45 94.20
N ASN V 11 25.75 24.06 95.38
CA ASN V 11 26.99 24.57 95.94
C ASN V 11 28.13 23.62 95.55
N LYS V 12 28.48 23.66 94.27
CA LYS V 12 29.50 22.78 93.75
C LYS V 12 30.81 23.53 93.54
N GLY V 13 31.90 22.79 93.55
CA GLY V 13 33.20 23.37 93.28
C GLY V 13 34.08 23.39 94.52
N HIS V 14 35.38 23.41 94.27
CA HIS V 14 36.38 23.58 95.32
C HIS V 14 36.29 24.99 95.88
N LYS V 15 36.43 25.08 97.20
CA LYS V 15 36.19 26.32 97.92
C LYS V 15 37.43 27.19 97.88
N VAL V 16 37.34 28.34 97.21
CA VAL V 16 38.38 29.36 97.21
C VAL V 16 37.75 30.67 97.64
N THR V 17 38.57 31.57 98.17
CA THR V 17 38.10 32.89 98.56
C THR V 17 38.30 33.86 97.40
N LYS V 18 37.22 34.47 96.95
CA LYS V 18 37.29 35.38 95.81
C LYS V 18 37.96 36.70 96.20
N ASN V 19 38.88 37.17 95.37
CA ASN V 19 39.48 38.48 95.53
C ASN V 19 38.66 39.49 94.74
N VAL V 20 38.45 40.66 95.33
CA VAL V 20 37.71 41.73 94.69
C VAL V 20 38.66 42.50 93.77
N SER V 21 38.13 42.99 92.65
CA SER V 21 38.93 43.65 91.64
C SER V 21 38.12 44.76 90.99
N LYS V 22 38.77 45.90 90.80
CA LYS V 22 38.23 46.88 89.88
C LYS V 22 38.39 46.34 88.47
N PRO V 23 37.33 46.33 87.67
CA PRO V 23 37.35 45.56 86.41
C PRO V 23 38.35 46.13 85.41
N ARG V 24 38.92 45.24 84.61
CA ARG V 24 39.86 45.66 83.58
C ARG V 24 39.13 46.47 82.53
N HIS V 25 39.86 47.41 81.94
CA HIS V 25 39.25 48.57 81.29
C HIS V 25 38.59 48.23 79.96
N SER V 26 38.89 47.08 79.36
CA SER V 26 38.29 46.73 78.08
C SER V 26 36.79 46.43 78.21
N ARG V 27 36.32 46.14 79.42
CA ARG V 27 34.91 45.95 79.71
C ARG V 27 34.11 47.24 79.68
N ARG V 28 34.77 48.39 79.59
CA ARG V 28 34.12 49.69 79.45
C ARG V 28 33.78 50.02 78.00
N ARG V 29 34.15 49.16 77.06
CA ARG V 29 33.83 49.39 75.65
C ARG V 29 32.33 49.37 75.45
N GLY V 30 31.85 50.28 74.59
CA GLY V 30 30.43 50.43 74.41
C GLY V 30 29.73 51.28 75.44
N ARG V 31 30.46 51.86 76.39
CA ARG V 31 29.89 52.86 77.28
C ARG V 31 29.70 54.17 76.53
N LEU V 32 28.54 54.78 76.70
CA LEU V 32 28.30 56.08 76.11
C LEU V 32 28.90 57.16 77.00
N THR V 33 29.73 58.01 76.41
CA THR V 33 30.24 59.17 77.13
C THR V 33 29.41 60.40 76.77
N LYS V 34 29.59 61.46 77.56
CA LYS V 34 28.87 62.71 77.35
C LYS V 34 29.21 63.32 75.99
N HIS V 35 30.50 63.35 75.66
CA HIS V 35 30.94 63.91 74.39
C HIS V 35 30.51 63.07 73.20
N THR V 36 30.55 61.74 73.32
CA THR V 36 30.13 60.88 72.21
C THR V 36 28.63 60.95 72.01
N LYS V 37 27.86 61.05 73.09
CA LYS V 37 26.43 61.31 72.97
C LYS V 37 26.16 62.63 72.28
N PHE V 38 26.92 63.67 72.64
CA PHE V 38 26.77 64.99 72.02
C PHE V 38 27.09 64.96 70.52
N VAL V 39 28.16 64.25 70.15
CA VAL V 39 28.53 64.12 68.74
C VAL V 39 27.44 63.38 67.97
N ARG V 40 26.94 62.29 68.53
CA ARG V 40 25.94 61.47 67.84
C ARG V 40 24.61 62.19 67.68
N ASP V 41 24.14 62.94 68.68
CA ASP V 41 22.86 63.58 68.42
C ASP V 41 23.01 64.89 67.66
N MET V 42 24.23 65.48 67.59
CA MET V 42 24.49 66.47 66.56
C MET V 42 24.36 65.89 65.17
N ILE V 43 24.95 64.72 64.96
CA ILE V 43 24.87 64.06 63.66
C ILE V 43 23.42 63.69 63.34
N ARG V 44 22.65 63.31 64.37
CA ARG V 44 21.22 63.06 64.19
C ARG V 44 20.45 64.31 63.79
N GLU V 45 20.76 65.45 64.41
CA GLU V 45 20.12 66.71 64.04
C GLU V 45 20.46 67.16 62.63
N VAL V 46 21.69 66.87 62.17
CA VAL V 46 22.02 67.20 60.80
C VAL V 46 21.35 66.24 59.83
N CYS V 47 21.60 64.94 60.00
CA CYS V 47 21.27 63.93 59.01
C CYS V 47 19.77 63.64 58.93
N GLY V 48 19.11 63.50 60.09
CA GLY V 48 17.72 63.11 60.07
C GLY V 48 17.53 61.62 60.25
N PHE V 49 16.43 61.08 59.72
CA PHE V 49 16.06 59.70 59.93
C PHE V 49 16.08 58.92 58.62
N ALA V 50 16.55 57.67 58.72
CA ALA V 50 16.54 56.73 57.59
C ALA V 50 15.11 56.41 57.19
N PRO V 51 14.86 56.06 55.91
CA PRO V 51 13.47 55.88 55.43
C PRO V 51 12.65 54.83 56.17
N TYR V 52 13.24 53.69 56.51
CA TYR V 52 12.53 52.70 57.30
C TYR V 52 12.31 53.18 58.73
N GLU V 53 13.21 54.01 59.23
CA GLU V 53 13.01 54.60 60.55
C GLU V 53 11.84 55.58 60.54
N ARG V 54 11.70 56.34 59.46
CA ARG V 54 10.54 57.22 59.33
C ARG V 54 9.25 56.42 59.19
N ARG V 55 9.30 55.31 58.45
CA ARG V 55 8.12 54.46 58.32
C ARG V 55 7.77 53.79 59.66
N ALA V 56 8.77 53.47 60.47
CA ALA V 56 8.49 52.85 61.76
C ALA V 56 7.92 53.85 62.76
N MET V 57 8.37 55.10 62.75
CA MET V 57 7.70 56.03 63.65
C MET V 57 6.32 56.40 63.13
N GLU V 58 6.11 56.33 61.80
CA GLU V 58 4.77 56.50 61.26
C GLU V 58 3.83 55.37 61.66
N LEU V 59 4.30 54.14 61.70
CA LEU V 59 3.53 53.04 62.26
C LEU V 59 3.24 53.21 63.75
N LEU V 60 4.23 53.65 64.53
CA LEU V 60 4.03 53.85 65.96
C LEU V 60 3.15 55.05 66.29
N LYS V 61 3.04 56.02 65.39
CA LYS V 61 2.11 57.14 65.58
C LYS V 61 0.67 56.66 65.56
N VAL V 62 0.39 55.65 64.74
CA VAL V 62 -0.95 55.10 64.54
C VAL V 62 -1.08 53.95 65.54
N SER V 63 0.04 53.66 66.22
CA SER V 63 0.16 52.73 67.35
C SER V 63 -0.05 51.28 66.91
N LYS V 64 0.44 50.96 65.72
CA LYS V 64 0.62 49.59 65.29
C LYS V 64 1.98 49.09 65.75
N ASP V 65 2.09 48.89 67.07
CA ASP V 65 3.39 48.63 67.67
C ASP V 65 3.90 47.23 67.36
N LYS V 66 3.01 46.25 67.29
CA LYS V 66 3.44 44.89 66.97
C LYS V 66 3.90 44.76 65.52
N ARG V 67 3.13 45.32 64.58
CA ARG V 67 3.57 45.35 63.20
C ARG V 67 4.79 46.22 62.99
N ALA V 68 4.92 47.31 63.76
CA ALA V 68 6.11 48.15 63.69
C ALA V 68 7.34 47.39 64.14
N LEU V 69 7.23 46.64 65.24
CA LEU V 69 8.33 45.81 65.69
C LEU V 69 8.66 44.71 64.69
N LYS V 70 7.66 44.12 64.05
CA LYS V 70 7.92 43.11 63.02
C LYS V 70 8.62 43.71 61.82
N PHE V 71 8.22 44.89 61.37
CA PHE V 71 8.87 45.59 60.27
C PHE V 71 10.31 45.98 60.61
N ILE V 72 10.53 46.44 61.84
CA ILE V 72 11.89 46.75 62.28
C ILE V 72 12.73 45.49 62.36
N LYS V 73 12.12 44.36 62.75
CA LYS V 73 12.84 43.09 62.74
C LYS V 73 13.22 42.67 61.33
N LYS V 74 12.30 42.84 60.37
CA LYS V 74 12.59 42.54 58.98
C LYS V 74 13.66 43.46 58.40
N ARG V 75 13.77 44.69 58.92
CA ARG V 75 14.80 45.61 58.44
C ARG V 75 16.17 45.34 59.07
N VAL V 76 16.25 45.39 60.41
CA VAL V 76 17.56 45.34 61.06
C VAL V 76 18.01 43.92 61.37
N GLY V 77 17.12 42.94 61.36
CA GLY V 77 17.55 41.58 61.65
C GLY V 77 17.10 41.00 62.98
N THR V 78 18.01 40.99 63.94
CA THR V 78 17.80 40.36 65.23
C THR V 78 16.72 41.10 66.03
N HIS V 79 15.90 40.31 66.73
CA HIS V 79 14.81 40.81 67.57
C HIS V 79 15.28 41.73 68.69
N ILE V 80 16.48 41.52 69.23
CA ILE V 80 16.98 42.38 70.29
C ILE V 80 17.30 43.76 69.75
N ARG V 81 17.97 43.81 68.59
CA ARG V 81 18.21 45.08 67.91
C ARG V 81 16.92 45.74 67.48
N ALA V 82 15.91 44.96 67.09
CA ALA V 82 14.59 45.49 66.77
C ALA V 82 13.91 46.12 67.97
N LYS V 83 13.99 45.47 69.13
CA LYS V 83 13.41 46.02 70.35
C LYS V 83 14.10 47.31 70.76
N ARG V 84 15.43 47.33 70.66
CA ARG V 84 16.20 48.53 70.97
C ARG V 84 15.86 49.67 70.03
N LYS V 85 15.74 49.37 68.73
CA LYS V 85 15.39 50.36 67.73
C LYS V 85 14.00 50.94 67.97
N ARG V 86 13.02 50.07 68.24
CA ARG V 86 11.67 50.53 68.51
C ARG V 86 11.60 51.33 69.80
N GLU V 87 12.40 50.97 70.79
CA GLU V 87 12.43 51.74 72.03
C GLU V 87 13.01 53.13 71.81
N GLU V 88 14.06 53.28 71.01
CA GLU V 88 14.58 54.62 70.82
C GLU V 88 13.73 55.44 69.84
N LEU V 89 12.99 54.77 68.95
CA LEU V 89 11.99 55.50 68.15
C LEU V 89 10.81 55.96 68.99
N SER V 90 10.38 55.15 69.97
CA SER V 90 9.38 55.59 70.92
C SER V 90 9.89 56.76 71.76
N SER V 91 11.18 56.72 72.13
CA SER V 91 11.79 57.82 72.88
C SER V 91 11.83 59.11 72.07
N VAL V 92 12.19 59.05 70.79
CA VAL V 92 12.26 60.28 70.01
C VAL V 92 10.86 60.77 69.64
N LEU V 93 9.90 59.86 69.49
CA LEU V 93 8.52 60.26 69.20
C LEU V 93 7.86 60.87 70.43
N ALA V 94 8.18 60.35 71.61
CA ALA V 94 7.77 60.97 72.86
C ALA V 94 8.45 62.31 73.06
N ALA V 95 9.70 62.46 72.62
CA ALA V 95 10.37 63.77 72.67
C ALA V 95 9.66 64.79 71.79
N MET V 96 9.23 64.40 70.59
CA MET V 96 8.47 65.29 69.73
C MET V 96 7.11 65.64 70.33
N ARG V 97 6.43 64.66 70.94
CA ARG V 97 5.13 64.92 71.56
C ARG V 97 5.26 65.81 72.79
N LYS V 98 6.35 65.67 73.55
CA LYS V 98 6.54 66.52 74.72
C LYS V 98 7.12 67.87 74.34
N ALA V 99 7.65 67.99 73.11
CA ALA V 99 7.96 69.29 72.55
C ALA V 99 6.73 70.01 72.02
N ALA V 100 5.75 69.26 71.50
CA ALA V 100 4.57 69.85 70.87
C ALA V 100 3.66 70.58 71.84
N ALA V 101 3.59 70.16 73.10
CA ALA V 101 2.69 70.79 74.07
C ALA V 101 3.20 72.12 74.58
N LYS V 102 4.46 72.45 74.34
CA LYS V 102 5.03 73.72 74.80
C LYS V 102 5.48 74.58 73.64
N THR W 1 46.41 9.21 -2.47
CA THR W 1 46.56 10.62 -2.79
C THR W 1 46.90 11.40 -1.52
N LYS W 2 46.37 10.94 -0.38
CA LYS W 2 46.58 11.63 0.88
C LYS W 2 47.96 11.37 1.49
N GLY W 3 48.74 10.46 0.92
CA GLY W 3 50.05 10.16 1.47
C GLY W 3 51.22 10.68 0.67
N THR W 4 51.83 9.79 -0.12
CA THR W 4 53.09 10.06 -0.81
C THR W 4 52.97 11.20 -1.79
N SER W 5 51.86 11.25 -2.53
CA SER W 5 51.66 12.32 -3.50
C SER W 5 51.44 13.67 -2.83
N SER W 6 50.77 13.70 -1.68
CA SER W 6 50.52 14.95 -1.00
C SER W 6 51.70 15.41 -0.15
N PHE W 7 52.69 14.56 0.08
CA PHE W 7 53.92 15.07 0.69
C PHE W 7 54.77 15.88 -0.28
N GLY W 8 54.46 15.88 -1.57
CA GLY W 8 55.27 16.56 -2.55
C GLY W 8 55.08 18.06 -2.58
N LYS W 9 53.97 18.53 -2.04
CA LYS W 9 53.64 19.95 -2.06
C LYS W 9 54.22 20.71 -0.87
N ARG W 10 55.01 20.05 -0.04
CA ARG W 10 55.57 20.64 1.17
C ARG W 10 56.77 21.52 0.82
N ARG W 11 56.49 22.78 0.52
CA ARG W 11 57.56 23.73 0.22
C ARG W 11 57.40 25.09 0.88
N ASN W 12 56.34 25.29 1.66
CA ASN W 12 56.20 26.49 2.47
C ASN W 12 56.74 26.20 3.86
N LYS W 13 56.71 27.20 4.73
CA LYS W 13 57.24 27.00 6.07
C LYS W 13 56.33 27.66 7.09
N THR W 14 55.82 26.87 8.02
CA THR W 14 55.03 27.40 9.12
C THR W 14 55.87 28.22 10.11
N HIS W 15 57.03 27.71 10.49
CA HIS W 15 57.82 28.30 11.55
C HIS W 15 59.14 28.85 11.04
N THR W 16 59.82 29.60 11.90
CA THR W 16 61.18 30.06 11.67
C THR W 16 61.90 30.08 13.01
N LEU W 17 63.19 30.40 12.98
CA LEU W 17 63.98 30.48 14.21
C LEU W 17 63.52 31.66 15.06
N CYS W 18 63.39 31.41 16.36
CA CYS W 18 62.88 32.43 17.26
C CYS W 18 63.99 33.41 17.64
N ARG W 19 63.59 34.66 17.85
CA ARG W 19 64.55 35.69 18.24
C ARG W 19 64.81 35.65 19.74
N ARG W 20 64.02 34.91 20.51
CA ARG W 20 64.23 34.79 21.94
C ARG W 20 64.84 33.46 22.34
N CYS W 21 64.18 32.35 22.02
CA CYS W 21 64.62 31.04 22.46
C CYS W 21 65.50 30.33 21.44
N GLY W 22 65.54 30.80 20.21
CA GLY W 22 66.41 30.24 19.20
C GLY W 22 65.92 28.97 18.56
N SER W 23 64.77 28.45 18.99
CA SER W 23 64.24 27.27 18.35
C SER W 23 63.46 27.65 17.09
N LYS W 24 63.29 26.68 16.21
CA LYS W 24 62.46 26.88 15.02
C LYS W 24 60.99 26.65 15.38
N ALA W 25 60.44 27.55 16.18
CA ALA W 25 59.04 27.44 16.58
C ALA W 25 58.31 28.76 16.47
N TYR W 26 58.93 29.78 15.87
CA TYR W 26 58.28 31.07 15.71
C TYR W 26 57.28 30.98 14.56
N HIS W 27 56.01 30.80 14.89
CA HIS W 27 54.94 30.83 13.90
C HIS W 27 54.85 32.21 13.27
N LEU W 28 54.91 32.22 11.93
CA LEU W 28 55.05 33.43 11.14
C LEU W 28 53.74 34.17 10.95
N GLN W 29 52.65 33.44 10.72
CA GLN W 29 51.37 34.12 10.56
C GLN W 29 50.83 34.61 11.89
N LYS W 30 50.95 33.77 12.93
CA LYS W 30 50.56 34.19 14.27
C LYS W 30 51.57 35.14 14.89
N SER W 31 52.79 35.18 14.34
CA SER W 31 53.89 36.06 14.78
C SER W 31 54.28 35.80 16.24
N THR W 32 54.16 34.54 16.65
CA THR W 32 54.43 34.16 18.04
C THR W 32 55.20 32.86 18.08
N CYS W 33 56.05 32.69 19.08
CA CYS W 33 56.82 31.47 19.25
C CYS W 33 55.99 30.43 20.01
N GLY W 34 55.97 29.22 19.50
CA GLY W 34 55.24 28.14 20.14
C GLY W 34 55.98 27.41 21.22
N LYS W 35 57.18 27.83 21.56
CA LYS W 35 57.95 27.23 22.63
C LYS W 35 58.15 28.16 23.81
N CYS W 36 58.49 29.42 23.57
CA CYS W 36 58.73 30.38 24.64
C CYS W 36 57.69 31.50 24.68
N GLY W 37 56.83 31.61 23.68
CA GLY W 37 55.82 32.67 23.62
C GLY W 37 56.45 34.03 23.52
N TYR W 38 57.15 34.31 22.42
CA TYR W 38 58.07 35.45 22.37
C TYR W 38 57.44 36.83 22.56
N PRO W 39 56.34 37.23 21.90
CA PRO W 39 55.86 38.61 22.12
C PRO W 39 55.34 38.87 23.52
N ALA W 40 54.95 37.82 24.24
CA ALA W 40 54.62 37.97 25.65
C ALA W 40 55.88 38.27 26.44
N LYS W 41 55.73 39.05 27.52
CA LYS W 41 56.89 39.37 28.35
C LYS W 41 57.34 38.17 29.15
N ARG W 42 56.43 37.27 29.50
CA ARG W 42 56.76 36.12 30.32
C ARG W 42 57.06 34.91 29.45
N LYS W 43 57.98 34.08 29.94
CA LYS W 43 58.37 32.87 29.24
C LYS W 43 57.29 31.81 29.39
N ARG W 44 57.01 31.11 28.30
CA ARG W 44 56.05 30.02 28.32
C ARG W 44 56.63 28.83 29.08
N LYS W 45 56.00 28.45 30.18
CA LYS W 45 56.40 27.29 30.94
C LYS W 45 55.16 26.64 31.54
N TYR W 46 55.23 25.34 31.79
CA TYR W 46 54.08 24.61 32.28
C TYR W 46 54.57 23.49 33.20
N ASN W 47 53.80 23.23 34.25
CA ASN W 47 54.16 22.17 35.17
C ASN W 47 53.79 20.80 34.66
N TRP W 48 53.07 20.70 33.54
CA TRP W 48 52.77 19.38 33.02
C TRP W 48 53.88 18.82 32.15
N SER W 49 54.99 19.54 31.97
CA SER W 49 56.15 18.98 31.29
C SER W 49 57.39 19.40 32.07
N ALA W 50 57.77 18.59 33.05
CA ALA W 50 58.97 18.84 33.83
C ALA W 50 60.24 18.58 33.02
N LYS W 51 60.19 17.66 32.05
CA LYS W 51 61.31 17.47 31.16
C LYS W 51 61.55 18.69 30.28
N ALA W 52 60.48 19.28 29.74
CA ALA W 52 60.61 20.52 29.00
C ALA W 52 61.05 21.67 29.89
N LYS W 53 60.62 21.67 31.16
CA LYS W 53 61.10 22.67 32.11
C LYS W 53 62.60 22.54 32.37
N ARG W 54 63.11 21.32 32.47
CA ARG W 54 64.54 21.13 32.73
C ARG W 54 65.39 21.13 31.47
N ARG W 55 64.79 21.13 30.29
CA ARG W 55 65.58 21.30 29.08
C ARG W 55 66.12 22.71 28.93
N ASN W 56 65.33 23.74 29.23
CA ASN W 56 65.87 25.09 29.31
C ASN W 56 65.47 25.67 30.66
N THR W 57 66.39 25.58 31.60
CA THR W 57 66.22 26.17 32.92
C THR W 57 67.54 26.83 33.26
N THR W 58 67.72 27.22 34.51
CA THR W 58 68.90 28.01 34.85
C THR W 58 70.16 27.14 34.87
N GLY W 59 70.04 25.84 34.97
CA GLY W 59 71.27 25.06 34.90
C GLY W 59 71.82 24.84 33.51
N THR W 60 70.98 25.03 32.50
CA THR W 60 71.25 24.46 31.19
C THR W 60 72.14 25.33 30.33
N GLY W 61 72.21 26.61 30.61
CA GLY W 61 72.90 27.55 29.75
C GLY W 61 74.26 27.94 30.26
N ARG W 62 74.66 29.15 29.91
CA ARG W 62 76.04 29.61 30.10
C ARG W 62 76.30 30.18 31.48
N MET W 63 75.28 30.77 32.12
CA MET W 63 75.35 31.32 33.48
C MET W 63 76.43 32.39 33.65
N ARG W 64 76.61 33.23 32.63
CA ARG W 64 77.79 34.09 32.59
C ARG W 64 77.77 35.21 33.63
N HIS W 65 76.62 35.49 34.23
CA HIS W 65 76.52 36.37 35.37
C HIS W 65 76.31 35.62 36.68
N LEU W 66 75.61 34.50 36.64
CA LEU W 66 75.21 33.83 37.86
C LEU W 66 76.30 32.94 38.44
N LYS W 67 77.21 32.40 37.61
CA LYS W 67 78.34 31.69 38.19
C LYS W 67 79.35 32.65 38.80
N ILE W 68 79.30 33.92 38.43
CA ILE W 68 80.09 34.94 39.10
C ILE W 68 79.39 35.42 40.35
N VAL W 69 78.05 35.46 40.33
CA VAL W 69 77.28 35.75 41.53
C VAL W 69 77.54 34.73 42.63
N TYR W 70 77.53 33.45 42.24
CA TYR W 70 77.77 32.36 43.17
C TYR W 70 79.17 32.37 43.74
N ARG W 71 80.12 33.00 43.03
CA ARG W 71 81.48 33.13 43.52
C ARG W 71 81.64 34.34 44.43
N ARG W 72 81.03 35.46 44.07
CA ARG W 72 81.12 36.66 44.89
C ARG W 72 80.34 36.55 46.18
N PHE W 73 79.34 35.65 46.22
CA PHE W 73 78.59 35.41 47.45
C PHE W 73 79.48 34.87 48.56
N ARG W 74 80.43 34.00 48.21
CA ARG W 74 81.31 33.35 49.17
C ARG W 74 82.26 34.30 49.86
N HIS W 75 82.49 35.48 49.31
CA HIS W 75 83.15 36.52 50.07
C HIS W 75 82.21 37.68 50.35
N GLY W 76 80.91 37.51 50.11
CA GLY W 76 79.95 38.47 50.58
C GLY W 76 79.92 39.75 49.79
N PHE W 77 80.24 39.66 48.49
CA PHE W 77 80.17 40.76 47.54
C PHE W 77 81.08 41.92 47.96
N ARG W 78 82.32 41.57 48.34
CA ARG W 78 83.31 42.57 48.69
C ARG W 78 83.72 43.33 47.43
N GLU W 79 83.73 44.66 47.49
CA GLU W 79 83.93 45.51 46.31
C GLU W 79 84.67 46.76 46.73
N GLY W 80 85.46 47.29 45.81
CA GLY W 80 86.23 48.49 46.07
C GLY W 80 87.57 48.24 46.69
N THR W 81 87.88 46.97 46.95
CA THR W 81 89.16 46.57 47.53
C THR W 81 89.88 45.62 46.60
N THR W 82 91.19 45.52 46.79
CA THR W 82 92.07 44.60 46.09
C THR W 82 92.77 43.76 47.13
N PRO W 83 93.44 42.69 46.72
CA PRO W 83 94.44 42.09 47.60
C PRO W 83 95.61 43.04 47.83
N LYS W 84 96.33 42.81 48.92
CA LYS W 84 97.43 43.70 49.29
C LYS W 84 98.60 43.51 48.32
N PRO W 85 99.11 44.58 47.72
CA PRO W 85 100.14 44.44 46.69
C PRO W 85 101.48 44.02 47.27
N LYS W 86 102.39 43.64 46.36
CA LYS W 86 103.75 43.30 46.72
C LYS W 86 104.54 44.51 47.19
N PRO X 1 75.29 59.32 -26.52
CA PRO X 1 76.09 60.01 -27.53
C PRO X 1 75.34 61.16 -28.18
N ARG X 2 76.09 62.21 -28.55
CA ARG X 2 75.51 63.37 -29.21
C ARG X 2 76.19 63.59 -30.54
N LYS X 3 75.41 64.06 -31.52
CA LYS X 3 75.94 64.39 -32.83
C LYS X 3 76.07 65.90 -32.96
N ILE X 4 77.19 66.33 -33.48
CA ILE X 4 77.48 67.74 -33.69
C ILE X 4 77.46 68.01 -35.18
N GLU X 5 76.81 69.10 -35.57
CA GLU X 5 76.70 69.46 -36.98
C GLU X 5 77.85 70.32 -37.47
N GLU X 6 78.39 71.23 -36.65
CA GLU X 6 79.21 72.32 -37.15
C GLU X 6 80.59 72.29 -36.53
N ILE X 7 81.57 72.74 -37.32
CA ILE X 7 82.98 72.81 -36.92
C ILE X 7 83.15 73.73 -35.72
N LYS X 8 82.50 74.90 -35.75
CA LYS X 8 82.59 75.83 -34.62
C LYS X 8 81.96 75.27 -33.35
N ASP X 9 80.85 74.53 -33.48
CA ASP X 9 80.25 73.89 -32.30
C ASP X 9 81.13 72.76 -31.76
N PHE X 10 81.76 71.99 -32.65
CA PHE X 10 82.70 70.96 -32.21
C PHE X 10 83.92 71.57 -31.51
N LEU X 11 84.43 72.67 -32.05
CA LEU X 11 85.59 73.33 -31.44
C LEU X 11 85.20 74.05 -30.16
N LEU X 12 83.91 74.36 -30.00
CA LEU X 12 83.44 74.89 -28.73
C LEU X 12 83.33 73.78 -27.70
N THR X 13 82.91 72.59 -28.11
CA THR X 13 82.84 71.47 -27.17
C THR X 13 84.21 70.89 -26.82
N ALA X 14 85.17 70.94 -27.74
CA ALA X 14 86.48 70.34 -27.50
C ALA X 14 87.36 71.16 -26.56
N ARG X 15 87.06 72.44 -26.37
CA ARG X 15 87.85 73.30 -25.52
C ARG X 15 87.29 73.42 -24.10
N ARG X 16 86.26 72.66 -23.75
CA ARG X 16 85.74 72.70 -22.39
C ARG X 16 86.68 72.00 -21.41
N LYS X 17 86.38 72.17 -20.13
CA LYS X 17 87.17 71.55 -19.07
C LYS X 17 86.95 70.04 -19.02
N ASP X 18 85.71 69.59 -19.16
CA ASP X 18 85.37 68.18 -19.00
C ASP X 18 85.76 67.32 -20.20
N ALA X 19 86.21 67.92 -21.30
CA ALA X 19 86.63 67.14 -22.46
C ALA X 19 87.94 66.40 -22.20
N LYS X 20 87.86 65.11 -21.90
CA LYS X 20 89.07 64.33 -21.64
C LYS X 20 89.93 64.09 -22.89
N SER X 21 89.34 63.67 -24.01
CA SER X 21 90.14 63.24 -25.14
C SER X 21 89.35 63.42 -26.43
N VAL X 22 90.05 63.33 -27.55
CA VAL X 22 89.45 63.38 -28.89
C VAL X 22 89.95 62.17 -29.66
N LYS X 23 89.03 61.35 -30.10
CA LYS X 23 89.30 60.23 -30.95
C LYS X 23 88.96 60.59 -32.39
N ILE X 24 89.85 60.27 -33.30
CA ILE X 24 89.65 60.52 -34.72
C ILE X 24 89.53 59.16 -35.39
N LYS X 25 88.32 58.80 -35.79
CA LYS X 25 88.05 57.54 -36.46
C LYS X 25 87.81 57.86 -37.93
N LYS X 26 88.83 57.65 -38.75
CA LYS X 26 88.76 57.96 -40.16
C LYS X 26 88.55 56.68 -40.94
N ASN X 27 87.44 56.59 -41.66
CA ASN X 27 87.18 55.41 -42.47
C ASN X 27 86.66 55.84 -43.83
N LYS X 28 86.10 54.90 -44.58
CA LYS X 28 85.55 55.27 -45.88
C LYS X 28 84.29 56.09 -45.72
N ASP X 29 84.18 57.13 -46.55
CA ASP X 29 83.06 58.05 -46.73
C ASP X 29 82.81 59.02 -45.58
N ASN X 30 83.56 58.92 -44.47
CA ASN X 30 83.52 59.91 -43.39
C ASN X 30 84.74 59.79 -42.47
N VAL X 31 84.97 60.90 -41.76
CA VAL X 31 85.87 60.96 -40.62
C VAL X 31 85.05 61.44 -39.43
N LYS X 32 85.13 60.71 -38.33
CA LYS X 32 84.39 61.03 -37.13
C LYS X 32 85.34 61.55 -36.06
N PHE X 33 84.97 62.68 -35.48
CA PHE X 33 85.73 63.27 -34.40
C PHE X 33 84.88 63.14 -33.14
N LYS X 34 85.30 62.28 -32.23
CA LYS X 34 84.54 61.96 -31.02
C LYS X 34 85.29 62.54 -29.84
N VAL X 35 84.81 63.65 -29.31
CA VAL X 35 85.38 64.21 -28.10
C VAL X 35 84.61 63.68 -26.90
N ARG X 36 85.33 63.15 -25.93
CA ARG X 36 84.73 62.50 -24.77
C ARG X 36 84.59 63.53 -23.67
N CYS X 37 83.36 63.71 -23.21
CA CYS X 37 83.05 64.69 -22.18
C CYS X 37 82.54 63.95 -20.94
N SER X 38 82.03 64.71 -19.97
CA SER X 38 81.57 64.11 -18.73
C SER X 38 80.32 63.27 -18.94
N ARG X 39 79.30 63.84 -19.59
CA ARG X 39 78.06 63.13 -19.82
C ARG X 39 78.01 62.49 -21.20
N TYR X 40 78.43 63.20 -22.24
CA TYR X 40 78.20 62.71 -23.59
C TYR X 40 79.50 62.54 -24.37
N LEU X 41 79.44 61.65 -25.34
CA LEU X 41 80.49 61.51 -26.35
C LEU X 41 79.97 62.26 -27.57
N TYR X 42 80.64 63.36 -27.93
CA TYR X 42 80.20 64.19 -29.02
C TYR X 42 80.95 63.82 -30.30
N THR X 43 80.20 63.37 -31.31
CA THR X 43 80.79 62.99 -32.58
C THR X 43 80.39 64.00 -33.64
N LEU X 44 81.38 64.57 -34.30
CA LEU X 44 81.19 65.37 -35.50
C LEU X 44 81.58 64.51 -36.70
N VAL X 45 80.67 64.39 -37.66
CA VAL X 45 80.84 63.53 -38.82
C VAL X 45 81.14 64.43 -40.01
N ILE X 46 82.38 64.45 -40.45
CA ILE X 46 82.77 65.23 -41.63
C ILE X 46 83.00 64.24 -42.77
N THR X 47 82.22 64.39 -43.84
CA THR X 47 82.40 63.52 -45.00
C THR X 47 83.72 63.80 -45.71
N ASP X 48 84.07 65.07 -45.89
CA ASP X 48 85.24 65.44 -46.67
C ASP X 48 86.52 65.17 -45.88
N LYS X 49 87.62 64.98 -46.62
CA LYS X 49 88.91 64.61 -46.05
C LYS X 49 89.85 65.79 -45.85
N GLU X 50 89.86 66.78 -46.76
CA GLU X 50 90.75 67.92 -46.55
C GLU X 50 90.23 68.85 -45.45
N LYS X 51 88.91 68.91 -45.29
CA LYS X 51 88.33 69.56 -44.12
C LYS X 51 88.72 68.84 -42.84
N ALA X 52 88.79 67.50 -42.90
CA ALA X 52 89.21 66.71 -41.75
C ALA X 52 90.67 66.97 -41.38
N GLU X 53 91.54 67.11 -42.39
CA GLU X 53 92.94 67.39 -42.05
C GLU X 53 93.15 68.84 -41.61
N LYS X 54 92.27 69.78 -42.02
CA LYS X 54 92.29 71.10 -41.40
C LYS X 54 91.91 71.01 -39.92
N LEU X 55 90.86 70.25 -39.61
CA LEU X 55 90.40 70.14 -38.23
C LEU X 55 91.41 69.38 -37.37
N LYS X 56 92.18 68.47 -37.98
CA LYS X 56 93.23 67.74 -37.29
C LYS X 56 94.32 68.66 -36.75
N GLN X 57 94.67 69.72 -37.47
CA GLN X 57 95.62 70.70 -36.97
C GLN X 57 94.96 71.83 -36.21
N SER X 58 93.64 71.99 -36.31
CA SER X 58 92.94 73.04 -35.58
C SER X 58 92.49 72.60 -34.19
N LEU X 59 92.87 71.40 -33.73
CA LEU X 59 92.49 70.96 -32.40
C LEU X 59 93.33 71.67 -31.34
N PRO X 60 92.76 71.92 -30.15
CA PRO X 60 93.55 72.51 -29.05
C PRO X 60 94.61 71.56 -28.55
N PRO X 61 95.76 72.09 -28.09
CA PRO X 61 96.90 71.23 -27.76
C PRO X 61 96.84 70.60 -26.38
N GLY X 62 95.82 70.93 -25.61
CA GLY X 62 95.74 70.40 -24.26
C GLY X 62 95.33 68.94 -24.18
N LEU X 63 94.09 68.65 -24.57
CA LEU X 63 93.53 67.32 -24.38
C LEU X 63 94.12 66.35 -25.39
N ALA X 64 94.14 65.07 -25.01
CA ALA X 64 94.81 64.05 -25.80
C ALA X 64 94.03 63.76 -27.08
N VAL X 65 94.76 63.37 -28.13
CA VAL X 65 94.17 63.02 -29.41
C VAL X 65 94.67 61.64 -29.81
N LYS X 66 93.74 60.75 -30.14
CA LYS X 66 94.07 59.40 -30.58
C LYS X 66 93.40 59.11 -31.91
N GLU X 67 94.21 58.77 -32.92
CA GLU X 67 93.70 58.33 -34.21
C GLU X 67 93.48 56.83 -34.15
N LEU X 68 92.30 56.38 -34.53
CA LEU X 68 91.86 55.00 -34.29
C LEU X 68 92.22 54.10 -35.45
N LYS X 69 93.33 53.38 -35.32
CA LYS X 69 93.74 52.41 -36.33
C LYS X 69 94.53 51.28 -35.67
N SER Y 1 67.09 29.03 -0.42
CA SER Y 1 67.05 29.46 -1.81
C SER Y 1 68.20 30.37 -2.15
N SER Y 2 68.13 30.96 -3.33
CA SER Y 2 69.09 31.99 -3.69
C SER Y 2 68.69 33.34 -3.08
N HIS Y 3 67.45 33.45 -2.64
CA HIS Y 3 67.02 34.58 -1.83
C HIS Y 3 67.13 34.18 -0.37
N LYS Y 4 67.94 34.91 0.39
CA LYS Y 4 68.25 34.49 1.75
C LYS Y 4 68.19 35.65 2.71
N THR Y 5 67.68 35.36 3.89
CA THR Y 5 67.78 36.21 5.07
C THR Y 5 69.22 36.16 5.58
N PHE Y 6 69.71 37.29 6.10
CA PHE Y 6 71.04 37.35 6.71
C PHE Y 6 71.20 36.36 7.87
N ARG Y 7 70.17 36.22 8.71
CA ARG Y 7 70.24 35.26 9.80
C ARG Y 7 70.32 33.83 9.30
N ILE Y 8 69.57 33.52 8.23
CA ILE Y 8 69.62 32.21 7.61
C ILE Y 8 70.99 31.95 7.01
N LYS Y 9 71.56 32.96 6.34
CA LYS Y 9 72.89 32.83 5.78
C LYS Y 9 73.96 32.61 6.83
N ARG Y 10 73.86 33.28 7.96
CA ARG Y 10 74.86 33.12 9.01
C ARG Y 10 74.74 31.78 9.71
N PHE Y 11 73.50 31.29 9.87
CA PHE Y 11 73.27 29.93 10.35
C PHE Y 11 73.88 28.89 9.42
N LEU Y 12 73.66 29.05 8.12
CA LEU Y 12 74.27 28.17 7.13
C LEU Y 12 75.79 28.24 7.15
N ALA Y 13 76.33 29.42 7.41
CA ALA Y 13 77.77 29.60 7.53
C ALA Y 13 78.35 28.81 8.69
N LYS Y 14 77.72 28.90 9.87
CA LYS Y 14 78.18 28.14 11.01
C LYS Y 14 78.08 26.65 10.78
N LYS Y 15 76.96 26.19 10.21
CA LYS Y 15 76.80 24.77 9.98
C LYS Y 15 77.67 24.26 8.85
N GLN Y 16 78.15 25.14 7.98
CA GLN Y 16 79.20 24.74 7.04
C GLN Y 16 80.53 24.58 7.74
N LYS Y 17 80.87 25.50 8.65
CA LYS Y 17 82.18 25.41 9.31
C LYS Y 17 82.25 24.27 10.33
N GLN Y 18 81.13 23.85 10.89
CA GLN Y 18 81.14 22.71 11.81
C GLN Y 18 81.23 21.36 11.11
N ASN Y 19 81.24 21.31 9.79
CA ASN Y 19 81.18 20.04 9.05
C ASN Y 19 82.54 19.64 8.51
N ARG Y 20 83.60 19.78 9.30
CA ARG Y 20 84.91 19.28 8.91
C ARG Y 20 85.33 18.15 9.83
N PRO Y 21 86.17 17.23 9.36
CA PRO Y 21 86.62 16.13 10.22
C PRO Y 21 87.60 16.60 11.29
N ILE Y 22 87.81 15.73 12.28
CA ILE Y 22 88.70 16.02 13.40
C ILE Y 22 90.15 16.00 12.91
N PRO Y 23 90.99 16.94 13.32
CA PRO Y 23 92.42 16.85 13.03
C PRO Y 23 93.06 15.66 13.73
N GLN Y 24 94.13 15.14 13.13
CA GLN Y 24 94.71 13.88 13.59
C GLN Y 24 95.57 14.06 14.83
N TRP Y 25 95.89 15.29 15.21
CA TRP Y 25 96.70 15.50 16.41
C TRP Y 25 95.87 15.48 17.69
N ILE Y 26 94.56 15.54 17.57
CA ILE Y 26 93.68 15.23 18.70
C ILE Y 26 93.88 13.79 19.13
N TRP Y 27 94.04 12.89 18.17
CA TRP Y 27 94.11 11.46 18.39
C TRP Y 27 95.28 11.05 19.27
N MET Y 28 96.32 11.85 19.38
CA MET Y 28 97.47 11.40 20.16
C MET Y 28 97.55 12.14 21.53
N LYS Y 29 96.48 12.85 21.93
CA LYS Y 29 96.36 13.42 23.26
C LYS Y 29 96.28 12.33 24.34
N THR Y 30 96.62 12.71 25.56
CA THR Y 30 96.76 11.75 26.64
C THR Y 30 95.44 11.13 27.09
N GLY Y 31 94.52 11.95 27.54
CA GLY Y 31 93.24 11.42 27.98
C GLY Y 31 92.26 11.38 26.84
N ASN Y 32 92.70 10.98 25.65
CA ASN Y 32 91.83 10.99 24.49
C ASN Y 32 91.02 9.69 24.46
N LYS Y 33 89.76 9.83 24.08
CA LYS Y 33 88.92 8.69 23.69
C LYS Y 33 88.12 9.05 22.46
N ILE Y 34 88.53 10.10 21.77
CA ILE Y 34 87.89 10.63 20.58
C ILE Y 34 88.59 10.19 19.30
N ARG Y 35 87.84 9.48 18.46
CA ARG Y 35 88.41 8.86 17.27
C ARG Y 35 87.98 9.53 15.98
N TYR Y 36 86.68 9.78 15.80
CA TYR Y 36 86.20 10.48 14.62
C TYR Y 36 85.00 11.32 15.01
N ASN Y 37 84.65 12.28 14.16
CA ASN Y 37 83.61 13.26 14.46
C ASN Y 37 82.26 12.60 14.26
N SER Y 38 81.52 12.42 15.35
CA SER Y 38 80.20 11.84 15.29
C SER Y 38 79.12 12.89 15.05
N LYS Y 39 79.53 14.13 14.77
CA LYS Y 39 78.61 15.22 14.52
C LYS Y 39 78.75 15.74 13.10
N ARG Y 40 79.05 14.84 12.16
CA ARG Y 40 79.15 15.20 10.75
C ARG Y 40 77.76 15.10 10.12
N ARG Y 41 77.45 16.08 9.27
CA ARG Y 41 76.17 16.17 8.62
C ARG Y 41 76.36 16.18 7.11
N HIS Y 42 75.71 15.24 6.43
CA HIS Y 42 75.67 15.24 4.98
C HIS Y 42 74.33 15.83 4.53
N TRP Y 43 74.41 16.69 3.51
CA TRP Y 43 73.28 17.46 3.03
C TRP Y 43 72.18 16.60 2.43
N ARG Y 44 72.50 15.42 1.92
CA ARG Y 44 71.49 14.53 1.37
C ARG Y 44 70.84 13.67 2.43
N ARG Y 45 71.51 13.44 3.55
CA ARG Y 45 71.00 12.53 4.58
C ARG Y 45 70.22 13.24 5.68
N THR Y 46 70.79 14.27 6.29
CA THR Y 46 70.14 14.99 7.38
C THR Y 46 70.00 16.47 7.02
N LYS Y 47 68.83 17.04 7.33
CA LYS Y 47 68.34 18.23 6.63
C LYS Y 47 68.23 19.48 7.50
N LEU Y 48 69.07 19.62 8.53
CA LEU Y 48 69.29 20.86 9.26
C LEU Y 48 68.10 21.49 9.98
N GLY Y 49 66.93 20.86 9.91
CA GLY Y 49 65.71 21.55 10.30
C GLY Y 49 65.49 22.72 9.35
N LEU Y 50 65.43 23.92 9.93
CA LEU Y 50 65.37 25.22 9.27
C LEU Y 50 64.10 25.44 8.43
N ILE Z 1 1.10 -76.09 -37.61
CA ILE Z 1 1.79 -75.30 -36.60
C ILE Z 1 2.87 -76.22 -36.02
N ILE Z 2 2.68 -76.63 -34.76
CA ILE Z 2 3.49 -77.68 -34.14
C ILE Z 2 2.53 -78.76 -33.69
N GLU Z 3 2.88 -80.01 -33.98
CA GLU Z 3 2.08 -81.13 -33.53
C GLU Z 3 2.15 -81.23 -32.01
N PRO Z 4 1.04 -81.59 -31.35
CA PRO Z 4 1.03 -81.56 -29.87
C PRO Z 4 1.97 -82.54 -29.20
N SER Z 5 2.40 -83.59 -29.89
CA SER Z 5 3.44 -84.46 -29.34
C SER Z 5 4.76 -83.72 -29.18
N LEU Z 6 5.12 -82.89 -30.16
CA LEU Z 6 6.29 -82.02 -30.02
C LEU Z 6 6.02 -80.81 -29.16
N ARG Z 7 4.78 -80.32 -29.12
CA ARG Z 7 4.44 -79.15 -28.32
C ARG Z 7 4.50 -79.45 -26.83
N GLN Z 8 4.11 -80.65 -26.42
CA GLN Z 8 4.28 -81.03 -25.02
C GLN Z 8 5.74 -81.16 -24.66
N LEU Z 9 6.57 -81.62 -25.61
CA LEU Z 9 8.01 -81.70 -25.38
C LEU Z 9 8.62 -80.32 -25.19
N ALA Z 10 8.23 -79.37 -26.03
CA ALA Z 10 8.72 -78.00 -25.88
C ALA Z 10 8.20 -77.34 -24.61
N GLN Z 11 6.92 -77.57 -24.28
CA GLN Z 11 6.33 -77.00 -23.09
C GLN Z 11 6.89 -77.60 -21.81
N LYS Z 12 7.46 -78.82 -21.89
CA LYS Z 12 8.05 -79.46 -20.72
C LYS Z 12 9.28 -78.69 -20.24
N TYR Z 13 10.14 -78.24 -21.15
CA TYR Z 13 11.31 -77.48 -20.77
C TYR Z 13 11.10 -75.98 -20.83
N ASN Z 14 10.00 -75.50 -21.41
CA ASN Z 14 9.83 -74.06 -21.52
C ASN Z 14 8.86 -73.48 -20.51
N CYS Z 15 7.72 -74.10 -20.24
CA CYS Z 15 6.76 -73.46 -19.33
C CYS Z 15 6.17 -74.37 -18.27
N ASP Z 16 6.54 -75.65 -18.21
CA ASP Z 16 6.07 -76.53 -17.13
C ASP Z 16 6.99 -76.35 -15.92
N LYS Z 17 6.92 -75.17 -15.32
CA LYS Z 17 7.89 -74.77 -14.32
C LYS Z 17 7.17 -74.09 -13.17
N MET Z 18 7.84 -74.04 -12.03
CA MET Z 18 7.38 -73.28 -10.88
C MET Z 18 8.34 -72.12 -10.70
N ILE Z 19 7.81 -70.96 -10.33
CA ILE Z 19 8.60 -69.74 -10.23
C ILE Z 19 8.60 -69.28 -8.78
N CYS Z 20 9.80 -69.01 -8.26
CA CYS Z 20 9.95 -68.39 -6.95
C CYS Z 20 9.38 -66.98 -6.99
N ARG Z 21 8.60 -66.62 -5.97
CA ARG Z 21 8.03 -65.27 -5.97
C ARG Z 21 9.06 -64.23 -5.60
N LYS Z 22 10.07 -64.60 -4.83
CA LYS Z 22 11.04 -63.63 -4.35
C LYS Z 22 12.16 -63.36 -5.34
N CYS Z 23 12.68 -64.39 -6.02
CA CYS Z 23 13.84 -64.22 -6.89
C CYS Z 23 13.60 -64.68 -8.32
N TYR Z 24 12.36 -65.01 -8.69
CA TYR Z 24 11.92 -65.33 -10.06
C TYR Z 24 12.64 -66.51 -10.67
N ALA Z 25 13.20 -67.40 -9.86
CA ALA Z 25 13.94 -68.52 -10.38
C ALA Z 25 13.01 -69.54 -11.02
N ARG Z 26 13.47 -70.12 -12.12
CA ARG Z 26 12.73 -71.10 -12.89
C ARG Z 26 13.03 -72.47 -12.31
N LEU Z 27 12.08 -73.05 -11.58
CA LEU Z 27 12.29 -74.28 -10.82
C LEU Z 27 11.53 -75.44 -11.46
N HIS Z 28 11.90 -76.65 -11.07
CA HIS Z 28 11.27 -77.85 -11.59
C HIS Z 28 9.80 -77.90 -11.15
N PRO Z 29 8.92 -78.59 -11.91
CA PRO Z 29 7.48 -78.49 -11.63
C PRO Z 29 7.03 -79.03 -10.27
N ARG Z 30 7.81 -79.88 -9.62
CA ARG Z 30 7.46 -80.44 -8.33
C ARG Z 30 8.18 -79.74 -7.18
N ALA Z 31 8.67 -78.53 -7.42
CA ALA Z 31 9.46 -77.82 -6.42
C ALA Z 31 8.58 -77.33 -5.28
N VAL Z 32 9.06 -77.55 -4.06
CA VAL Z 32 8.45 -76.95 -2.88
C VAL Z 32 9.24 -75.75 -2.38
N ASN Z 33 10.57 -75.82 -2.39
CA ASN Z 33 11.41 -74.71 -2.01
C ASN Z 33 12.26 -74.28 -3.20
N CYS Z 34 12.58 -72.99 -3.25
CA CYS Z 34 13.49 -72.49 -4.26
C CYS Z 34 14.91 -72.95 -3.98
N ARG Z 35 15.69 -73.09 -5.05
CA ARG Z 35 17.04 -73.60 -4.94
C ARG Z 35 18.06 -72.51 -4.66
N LYS Z 36 17.72 -71.25 -4.90
CA LYS Z 36 18.70 -70.19 -4.80
C LYS Z 36 18.84 -69.73 -3.35
N LYS Z 37 20.09 -69.54 -2.93
CA LYS Z 37 20.37 -69.03 -1.60
C LYS Z 37 19.96 -67.58 -1.42
N LYS Z 38 19.80 -66.82 -2.51
CA LYS Z 38 19.48 -65.41 -2.41
C LYS Z 38 18.07 -65.14 -1.90
N CYS Z 39 17.16 -66.10 -2.07
CA CYS Z 39 15.83 -65.99 -1.50
C CYS Z 39 15.67 -66.78 -0.20
N GLY Z 40 16.76 -67.30 0.37
CA GLY Z 40 16.69 -68.07 1.58
C GLY Z 40 16.01 -69.41 1.43
N HIS Z 41 16.04 -70.00 0.23
CA HIS Z 41 15.41 -71.30 -0.09
C HIS Z 41 13.92 -71.29 0.20
N THR Z 42 13.26 -70.18 -0.15
CA THR Z 42 11.89 -69.93 0.28
C THR Z 42 10.90 -70.86 -0.39
N ASN Z 43 9.74 -71.01 0.24
CA ASN Z 43 8.68 -71.88 -0.24
C ASN Z 43 7.55 -71.09 -0.90
N ASN Z 44 7.73 -69.79 -1.09
CA ASN Z 44 6.74 -68.96 -1.75
C ASN Z 44 6.92 -69.14 -3.25
N LEU Z 45 6.24 -70.15 -3.78
CA LEU Z 45 6.32 -70.50 -5.19
C LEU Z 45 4.95 -70.38 -5.85
N ARG Z 46 4.96 -69.95 -7.10
CA ARG Z 46 3.75 -69.84 -7.90
C ARG Z 46 3.98 -70.68 -9.15
N PRO Z 47 2.92 -71.13 -9.82
CA PRO Z 47 3.13 -71.77 -11.12
C PRO Z 47 3.57 -70.76 -12.15
N LYS Z 48 4.37 -71.22 -13.11
CA LYS Z 48 4.74 -70.36 -14.22
C LYS Z 48 3.52 -70.10 -15.09
N LYS Z 49 3.31 -68.85 -15.46
CA LYS Z 49 2.09 -68.48 -16.17
C LYS Z 49 2.10 -69.02 -17.58
N LYS Z 50 0.92 -69.41 -18.05
CA LYS Z 50 0.79 -70.04 -19.36
C LYS Z 50 0.31 -69.01 -20.38
N VAL Z 51 0.70 -69.22 -21.63
CA VAL Z 51 0.17 -68.39 -22.71
C VAL Z 51 -1.29 -68.73 -22.97
N LYS Z 52 -2.04 -67.71 -23.38
CA LYS Z 52 -3.42 -67.90 -23.83
C LYS Z 52 -3.45 -68.05 -25.36
N MET AA 1 -29.50 13.33 -23.09
CA MET AA 1 -28.86 14.42 -22.37
C MET AA 1 -29.24 15.78 -22.88
N ARG AA 2 -29.01 16.78 -22.03
CA ARG AA 2 -28.89 18.16 -22.46
C ARG AA 2 -27.68 18.26 -23.38
N ALA AA 3 -27.82 19.04 -24.45
CA ALA AA 3 -26.78 19.11 -25.48
C ALA AA 3 -25.47 19.66 -24.95
N LYS AA 4 -25.54 20.59 -23.99
CA LYS AA 4 -24.36 21.09 -23.31
C LYS AA 4 -23.61 20.00 -22.58
N TRP AA 5 -24.33 19.16 -21.83
CA TRP AA 5 -23.65 18.14 -21.06
C TRP AA 5 -23.22 16.95 -21.90
N ARG AA 6 -23.89 16.71 -23.03
CA ARG AA 6 -23.35 15.82 -24.04
C ARG AA 6 -22.04 16.35 -24.62
N LYS AA 7 -21.98 17.65 -24.88
CA LYS AA 7 -20.74 18.28 -25.33
C LYS AA 7 -19.64 18.20 -24.28
N LYS AA 8 -19.99 18.39 -23.01
CA LYS AA 8 -19.02 18.31 -21.93
C LYS AA 8 -18.49 16.90 -21.75
N ARG AA 9 -19.39 15.91 -21.78
CA ARG AA 9 -18.99 14.51 -21.69
C ARG AA 9 -18.12 14.11 -22.86
N MET AA 10 -18.43 14.64 -24.05
CA MET AA 10 -17.63 14.32 -25.21
C MET AA 10 -16.26 14.98 -25.10
N ARG AA 11 -16.18 16.16 -24.47
CA ARG AA 11 -14.88 16.78 -24.26
C ARG AA 11 -14.03 16.01 -23.26
N ARG AA 12 -14.66 15.50 -22.19
CA ARG AA 12 -13.95 14.65 -21.24
C ARG AA 12 -13.49 13.36 -21.90
N LEU AA 13 -14.32 12.80 -22.77
CA LEU AA 13 -13.93 11.62 -23.54
C LEU AA 13 -12.76 11.92 -24.47
N LYS AA 14 -12.80 13.05 -25.18
CA LYS AA 14 -11.71 13.42 -26.09
C LYS AA 14 -10.41 13.65 -25.36
N ARG AA 15 -10.48 14.25 -24.18
CA ARG AA 15 -9.28 14.43 -23.38
C ARG AA 15 -8.72 13.10 -22.89
N LYS AA 16 -9.60 12.18 -22.49
CA LYS AA 16 -9.13 10.86 -22.10
C LYS AA 16 -8.53 10.10 -23.28
N ARG AA 17 -9.09 10.28 -24.48
CA ARG AA 17 -8.51 9.66 -25.67
C ARG AA 17 -7.14 10.26 -26.01
N ARG AA 18 -6.99 11.56 -25.86
CA ARG AA 18 -5.68 12.20 -26.07
C ARG AA 18 -4.65 11.69 -25.07
N LYS AA 19 -5.04 11.59 -23.80
CA LYS AA 19 -4.15 11.04 -22.78
C LYS AA 19 -3.93 9.55 -22.95
N MET AA 20 -4.86 8.86 -23.62
CA MET AA 20 -4.72 7.45 -23.94
C MET AA 20 -3.75 7.21 -25.08
N ARG AA 21 -3.71 8.13 -26.05
CA ARG AA 21 -2.78 8.02 -27.17
C ARG AA 21 -1.38 8.51 -26.84
N GLN AA 22 -1.26 9.51 -25.97
CA GLN AA 22 0.02 10.10 -25.65
C GLN AA 22 0.94 9.14 -24.92
N ARG AA 23 0.40 8.24 -24.10
CA ARG AA 23 1.23 7.23 -23.45
C ARG AA 23 1.75 6.18 -24.40
N SER AA 24 1.18 6.08 -25.60
CA SER AA 24 1.76 5.25 -26.65
C SER AA 24 2.73 6.03 -27.53
N LYS AA 25 2.24 7.06 -28.20
CA LYS AA 25 3.09 7.84 -29.10
C LYS AA 25 3.50 9.16 -28.45
N VAL BA 1 -13.15 -4.67 54.56
CA VAL BA 1 -13.62 -5.16 55.85
C VAL BA 1 -14.46 -4.10 56.54
N ASN BA 2 -15.04 -4.47 57.67
CA ASN BA 2 -15.85 -3.55 58.46
C ASN BA 2 -15.51 -3.78 59.92
N VAL BA 3 -15.08 -2.73 60.61
CA VAL BA 3 -14.88 -2.76 62.06
C VAL BA 3 -15.82 -1.75 62.68
N PRO BA 4 -16.32 -1.96 63.89
CA PRO BA 4 -17.19 -0.97 64.50
C PRO BA 4 -16.38 0.15 65.11
N LYS BA 5 -17.07 1.25 65.44
CA LYS BA 5 -16.43 2.45 65.95
C LYS BA 5 -16.19 2.40 67.46
N THR BA 6 -16.66 1.36 68.15
CA THR BA 6 -16.43 1.24 69.57
C THR BA 6 -15.86 -0.15 69.84
N ARG BA 7 -14.84 -0.22 70.68
CA ARG BA 7 -14.27 -1.51 71.06
C ARG BA 7 -13.86 -1.47 72.51
N ARG BA 8 -14.29 -2.46 73.29
CA ARG BA 8 -13.89 -2.55 74.69
C ARG BA 8 -12.64 -3.40 74.77
N THR BA 9 -11.49 -2.76 75.00
CA THR BA 9 -10.22 -3.46 74.93
C THR BA 9 -9.25 -2.87 75.94
N PHE BA 10 -8.07 -3.49 76.03
CA PHE BA 10 -7.07 -3.15 77.04
C PHE BA 10 -6.50 -1.76 76.84
N CYS BA 11 -6.28 -1.08 77.96
CA CYS BA 11 -5.68 0.25 78.00
C CYS BA 11 -4.44 0.20 78.87
N LYS BA 12 -3.30 0.59 78.31
CA LYS BA 12 -2.04 0.51 79.05
C LYS BA 12 -1.99 1.54 80.17
N LYS BA 13 -2.72 2.64 80.04
CA LYS BA 13 -2.79 3.63 81.10
C LYS BA 13 -3.73 3.20 82.21
N CYS BA 14 -4.88 2.63 81.83
CA CYS BA 14 -5.83 2.14 82.82
C CYS BA 14 -5.38 0.81 83.42
N GLY BA 15 -4.54 0.06 82.73
CA GLY BA 15 -4.18 -1.28 83.15
C GLY BA 15 -5.35 -2.24 83.15
N LYS BA 16 -6.27 -2.08 82.21
CA LYS BA 16 -7.60 -2.66 82.28
C LYS BA 16 -8.30 -2.46 80.94
N HIS BA 17 -9.13 -3.43 80.58
CA HIS BA 17 -10.08 -3.24 79.48
C HIS BA 17 -11.05 -2.12 79.79
N GLN BA 18 -11.10 -1.16 78.88
CA GLN BA 18 -11.96 0.01 78.94
C GLN BA 18 -12.54 0.18 77.54
N PRO BA 19 -13.68 0.84 77.42
CA PRO BA 19 -14.18 1.19 76.08
C PRO BA 19 -13.31 2.23 75.38
N HIS BA 20 -13.13 2.02 74.08
CA HIS BA 20 -12.36 2.88 73.20
C HIS BA 20 -13.22 3.28 72.01
N LYS BA 21 -13.02 4.50 71.53
CA LYS BA 21 -13.51 4.92 70.24
C LYS BA 21 -12.42 4.67 69.21
N VAL BA 22 -12.84 4.23 68.02
CA VAL BA 22 -11.93 3.76 66.99
C VAL BA 22 -12.02 4.70 65.80
N THR BA 23 -10.86 5.19 65.35
CA THR BA 23 -10.77 6.10 64.21
C THR BA 23 -9.69 5.53 63.30
N GLN BA 24 -9.70 5.89 62.02
CA GLN BA 24 -8.64 5.46 61.11
C GLN BA 24 -7.46 6.42 61.23
N TYR BA 25 -6.26 5.87 61.29
CA TYR BA 25 -5.07 6.69 61.44
C TYR BA 25 -4.69 7.34 60.12
N LYS BA 26 -4.53 8.66 60.14
CA LYS BA 26 -4.12 9.43 58.98
C LYS BA 26 -2.65 9.80 59.10
N LYS BA 27 -1.93 9.65 58.00
CA LYS BA 27 -0.55 10.09 57.89
C LYS BA 27 -0.46 11.59 58.12
N GLY BA 28 0.33 11.99 59.11
CA GLY BA 28 0.41 13.39 59.48
C GLY BA 28 1.20 14.20 58.46
N LYS BA 29 1.03 15.51 58.56
CA LYS BA 29 1.73 16.44 57.69
C LYS BA 29 3.21 16.47 58.06
N ASP BA 30 4.07 16.46 57.05
CA ASP BA 30 5.50 16.49 57.29
C ASP BA 30 5.93 17.86 57.78
N SER BA 31 6.59 17.89 58.93
CA SER BA 31 7.17 19.13 59.40
C SER BA 31 8.47 19.40 58.66
N LEU BA 32 8.69 20.67 58.37
CA LEU BA 32 9.86 21.18 57.67
C LEU BA 32 11.11 21.14 58.53
N TYR BA 33 10.96 20.92 59.83
CA TYR BA 33 12.04 21.03 60.78
C TYR BA 33 12.30 19.74 61.52
N ALA BA 34 11.81 18.61 61.00
CA ALA BA 34 12.38 17.33 61.35
C ALA BA 34 13.82 17.27 60.84
N GLN BA 35 14.66 16.53 61.55
CA GLN BA 35 16.09 16.54 61.27
C GLN BA 35 16.40 15.98 59.89
N GLY BA 36 15.72 14.90 59.51
CA GLY BA 36 15.90 14.33 58.19
C GLY BA 36 15.42 15.26 57.10
N LYS BA 37 14.36 16.01 57.36
CA LYS BA 37 13.89 16.99 56.38
C LYS BA 37 14.88 18.15 56.24
N ARG BA 38 15.44 18.63 57.36
CA ARG BA 38 16.43 19.72 57.30
C ARG BA 38 17.70 19.27 56.60
N ARG BA 39 18.15 18.05 56.88
CA ARG BA 39 19.30 17.49 56.20
C ARG BA 39 19.02 17.27 54.72
N TYR BA 40 17.79 16.83 54.39
CA TYR BA 40 17.40 16.66 53.00
C TYR BA 40 17.35 17.99 52.26
N ASP BA 41 16.83 19.02 52.90
CA ASP BA 41 16.73 20.34 52.26
C ASP BA 41 18.11 20.94 52.01
N ARG BA 42 19.01 20.84 52.99
CA ARG BA 42 20.32 21.43 52.78
C ARG BA 42 21.22 20.55 51.92
N LYS BA 43 20.91 19.26 51.79
CA LYS BA 43 21.61 18.44 50.82
C LYS BA 43 21.08 18.68 49.41
N GLN BA 44 19.81 19.03 49.27
CA GLN BA 44 19.23 19.28 47.97
C GLN BA 44 19.45 20.70 47.48
N SER BA 45 19.76 21.63 48.37
CA SER BA 45 20.07 23.00 47.95
C SER BA 45 21.41 23.04 47.24
N GLY BA 46 21.54 23.97 46.30
CA GLY BA 46 22.78 24.14 45.56
C GLY BA 46 22.76 23.38 44.25
N TYR BA 47 23.90 22.86 43.84
CA TYR BA 47 24.00 22.04 42.65
C TYR BA 47 24.27 20.59 43.04
N GLY BA 48 24.05 19.71 42.09
CA GLY BA 48 24.17 18.29 42.34
C GLY BA 48 22.96 17.54 41.87
N GLY BA 49 21.82 18.20 41.87
CA GLY BA 49 20.60 17.58 41.44
C GLY BA 49 19.89 16.86 42.55
N GLN BA 50 19.38 15.67 42.27
CA GLN BA 50 18.71 14.86 43.27
C GLN BA 50 19.75 14.07 44.06
N THR BA 51 19.63 14.09 45.38
CA THR BA 51 20.65 13.53 46.25
C THR BA 51 20.18 12.31 47.03
N LYS BA 52 18.88 12.06 47.07
CA LYS BA 52 18.28 10.90 47.72
C LYS BA 52 17.46 10.12 46.70
N PRO BA 53 17.25 8.83 46.90
CA PRO BA 53 16.43 8.06 45.96
C PRO BA 53 14.97 8.48 45.95
N ILE BA 54 14.34 8.32 44.79
CA ILE BA 54 12.92 8.62 44.59
C ILE BA 54 12.24 7.32 44.21
N PHE BA 55 11.41 6.81 45.11
CA PHE BA 55 10.85 5.48 44.92
C PHE BA 55 9.73 5.49 43.89
N ARG BA 56 9.87 4.65 42.88
CA ARG BA 56 8.92 4.59 41.78
C ARG BA 56 8.26 3.22 41.65
N LYS BA 57 9.03 2.15 41.87
CA LYS BA 57 8.59 0.78 41.58
C LYS BA 57 7.56 0.30 42.60
N LYS BA 58 6.39 0.93 42.55
CA LYS BA 58 5.34 0.67 43.51
C LYS BA 58 4.60 -0.61 43.18
N ALA BA 59 4.51 -1.50 44.14
CA ALA BA 59 3.96 -2.83 43.92
C ALA BA 59 2.75 -3.14 44.76
N LYS BA 60 2.61 -2.58 45.95
CA LYS BA 60 1.45 -2.84 46.79
C LYS BA 60 0.26 -2.05 46.29
N THR BA 61 -0.88 -2.73 46.19
CA THR BA 61 -2.13 -2.06 45.86
C THR BA 61 -2.89 -1.62 47.10
N THR BA 62 -2.36 -1.89 48.29
CA THR BA 62 -3.10 -1.79 49.52
C THR BA 62 -2.18 -1.28 50.63
N LYS BA 63 -2.72 -0.43 51.50
CA LYS BA 63 -2.04 -0.02 52.71
C LYS BA 63 -2.63 -0.75 53.91
N LYS BA 64 -1.77 -1.08 54.87
CA LYS BA 64 -2.21 -1.70 56.11
C LYS BA 64 -3.08 -0.75 56.90
N ILE BA 65 -4.22 -1.25 57.37
CA ILE BA 65 -5.18 -0.41 58.08
C ILE BA 65 -4.71 -0.23 59.51
N VAL BA 66 -4.69 1.01 59.98
CA VAL BA 66 -4.31 1.32 61.35
C VAL BA 66 -5.49 2.00 62.01
N LEU BA 67 -5.87 1.53 63.19
CA LEU BA 67 -6.93 2.14 63.97
C LEU BA 67 -6.34 2.84 65.18
N ARG BA 68 -6.68 4.11 65.33
CA ARG BA 68 -6.44 4.87 66.55
C ARG BA 68 -7.55 4.50 67.53
N LEU BA 69 -7.18 3.73 68.53
CA LEU BA 69 -8.07 3.39 69.62
C LEU BA 69 -7.80 4.37 70.76
N GLU BA 70 -8.83 5.13 71.13
CA GLU BA 70 -8.70 6.15 72.17
C GLU BA 70 -9.68 5.82 73.28
N CYS BA 71 -9.15 5.67 74.49
CA CYS BA 71 -9.92 5.29 75.67
C CYS BA 71 -10.92 6.39 76.01
N VAL BA 72 -12.13 5.99 76.44
CA VAL BA 72 -13.19 6.99 76.56
C VAL BA 72 -13.26 7.60 77.94
N GLU BA 73 -12.53 7.07 78.90
CA GLU BA 73 -12.54 7.58 80.26
C GLU BA 73 -11.90 8.96 80.27
N PRO BA 74 -12.57 9.97 80.84
CA PRO BA 74 -12.07 11.36 80.71
C PRO BA 74 -10.78 11.62 81.43
N ASN BA 75 -10.51 10.88 82.50
CA ASN BA 75 -9.25 11.02 83.20
C ASN BA 75 -8.09 10.47 82.37
N CYS BA 76 -8.36 9.43 81.58
CA CYS BA 76 -7.30 8.76 80.85
C CYS BA 76 -7.18 9.28 79.42
N ARG BA 77 -8.21 9.05 78.60
CA ARG BA 77 -8.29 9.47 77.18
C ARG BA 77 -7.09 9.04 76.35
N SER BA 78 -6.45 7.93 76.71
CA SER BA 78 -5.18 7.57 76.09
C SER BA 78 -5.38 6.98 74.71
N LYS BA 79 -4.50 7.33 73.81
CA LYS BA 79 -4.53 6.85 72.43
C LYS BA 79 -3.43 5.84 72.22
N ARG BA 80 -3.76 4.81 71.44
CA ARG BA 80 -2.75 3.92 70.91
C ARG BA 80 -3.27 3.42 69.58
N MET BA 81 -2.43 2.74 68.81
CA MET BA 81 -2.90 2.26 67.52
C MET BA 81 -2.73 0.76 67.35
N LEU BA 82 -3.69 0.18 66.67
CA LEU BA 82 -3.75 -1.25 66.42
C LEU BA 82 -3.80 -1.45 64.91
N ALA BA 83 -2.87 -2.23 64.39
CA ALA BA 83 -2.80 -2.47 62.96
C ALA BA 83 -3.52 -3.78 62.62
N ILE BA 84 -4.43 -3.70 61.63
CA ILE BA 84 -5.21 -4.84 61.18
C ILE BA 84 -4.61 -5.22 59.82
N LYS BA 85 -5.01 -6.36 59.26
CA LYS BA 85 -4.47 -6.85 58.01
C LYS BA 85 -4.88 -5.96 56.84
N ARG BA 86 -4.16 -6.12 55.72
CA ARG BA 86 -4.42 -5.36 54.52
C ARG BA 86 -5.79 -5.66 53.94
N CYS BA 87 -6.45 -4.60 53.45
CA CYS BA 87 -7.71 -4.76 52.74
C CYS BA 87 -7.89 -3.60 51.77
N LYS BA 88 -8.41 -3.91 50.59
CA LYS BA 88 -8.67 -2.89 49.58
C LYS BA 88 -9.77 -1.93 50.05
N HIS BA 89 -10.91 -2.46 50.46
CA HIS BA 89 -12.02 -1.66 50.94
C HIS BA 89 -12.02 -1.75 52.46
N PHE BA 90 -12.05 -0.59 53.11
CA PHE BA 90 -12.17 -0.50 54.55
C PHE BA 90 -13.37 0.36 54.92
N GLU BA 91 -14.12 -0.10 55.91
CA GLU BA 91 -15.26 0.64 56.41
C GLU BA 91 -15.21 0.65 57.93
N LEU BA 92 -15.55 1.77 58.51
CA LEU BA 92 -15.56 1.95 59.96
C LEU BA 92 -17.02 2.07 60.39
N GLY BA 93 -17.48 1.10 61.17
CA GLY BA 93 -18.81 1.14 61.75
C GLY BA 93 -19.94 1.14 60.76
N GLY BA 94 -19.81 0.42 59.66
CA GLY BA 94 -20.78 0.50 58.57
C GLY BA 94 -22.15 -0.07 58.89
N ASP BA 95 -22.24 -1.39 59.00
CA ASP BA 95 -23.50 -2.08 59.25
C ASP BA 95 -23.20 -3.52 59.64
N LYS BA 96 -23.83 -3.97 60.72
CA LYS BA 96 -23.74 -5.37 61.12
C LYS BA 96 -24.53 -6.19 60.10
N LYS BA 97 -23.90 -7.23 59.57
CA LYS BA 97 -24.54 -8.03 58.51
C LYS BA 97 -25.64 -8.90 59.10
N ARG BA 98 -26.61 -9.24 58.26
CA ARG BA 98 -27.79 -9.98 58.68
C ARG BA 98 -27.87 -11.30 57.93
N LYS BA 99 -28.45 -12.30 58.58
CA LYS BA 99 -28.50 -13.65 58.07
C LYS BA 99 -29.94 -14.04 57.73
N GLY BA 100 -30.10 -14.78 56.64
CA GLY BA 100 -31.40 -15.27 56.22
C GLY BA 100 -32.37 -14.20 55.78
N GLN BA 101 -31.88 -13.13 55.15
CA GLN BA 101 -32.74 -12.07 54.66
C GLN BA 101 -32.85 -12.09 53.16
N VAL BA 102 -33.89 -11.45 52.66
CA VAL BA 102 -34.20 -11.42 51.23
C VAL BA 102 -33.23 -10.45 50.57
N ILE BA 103 -32.74 -10.81 49.41
CA ILE BA 103 -31.93 -9.92 48.60
C ILE BA 103 -32.87 -9.06 47.75
N GLN BA 104 -32.47 -7.82 47.48
CA GLN BA 104 -33.25 -6.94 46.63
C GLN BA 104 -32.48 -6.55 45.39
N ALA CA 1 17.65 35.13 -43.74
CA ALA CA 1 16.43 34.42 -43.39
C ALA CA 1 16.18 34.45 -41.90
N LYS CA 2 14.94 34.18 -41.50
CA LYS CA 2 14.62 33.95 -40.10
C LYS CA 2 15.15 32.58 -39.72
N ARG CA 3 16.08 32.54 -38.77
CA ARG CA 3 16.84 31.34 -38.48
C ARG CA 3 16.15 30.41 -37.49
N THR CA 4 15.43 30.95 -36.51
CA THR CA 4 14.66 30.14 -35.58
C THR CA 4 13.21 30.53 -35.71
N LYS CA 5 12.31 29.56 -35.52
CA LYS CA 5 10.88 29.75 -35.80
C LYS CA 5 10.25 30.78 -34.88
N LYS CA 6 10.43 30.62 -33.58
CA LYS CA 6 9.84 31.58 -32.65
C LYS CA 6 10.77 31.99 -31.52
N VAL CA 7 11.73 31.17 -31.13
CA VAL CA 7 12.69 31.60 -30.13
C VAL CA 7 13.62 32.62 -30.79
N GLY CA 8 13.94 33.65 -30.05
CA GLY CA 8 14.77 34.69 -30.58
C GLY CA 8 16.09 34.69 -29.87
N ILE CA 9 16.19 35.55 -28.86
CA ILE CA 9 17.41 35.77 -28.13
C ILE CA 9 17.78 34.55 -27.31
N VAL CA 10 16.78 33.82 -26.82
CA VAL CA 10 17.03 32.73 -25.90
C VAL CA 10 17.41 31.45 -26.63
N GLY CA 11 17.61 31.50 -27.93
CA GLY CA 11 18.23 30.41 -28.66
C GLY CA 11 19.65 30.11 -28.26
N LYS CA 12 20.32 31.05 -27.60
CA LYS CA 12 21.62 30.81 -27.01
C LYS CA 12 21.56 29.85 -25.82
N TYR CA 13 20.41 29.69 -25.20
CA TYR CA 13 20.25 28.74 -24.11
C TYR CA 13 19.87 27.35 -24.60
N GLY CA 14 19.53 27.22 -25.89
CA GLY CA 14 19.32 25.91 -26.48
C GLY CA 14 18.08 25.23 -25.95
N THR CA 15 18.26 23.98 -25.53
CA THR CA 15 17.18 23.17 -24.98
C THR CA 15 17.11 23.29 -23.47
N ARG CA 16 17.88 24.20 -22.88
CA ARG CA 16 17.98 24.23 -21.44
C ARG CA 16 16.92 25.12 -20.83
N TYR CA 17 16.68 24.93 -19.54
CA TYR CA 17 16.07 25.83 -18.58
C TYR CA 17 14.56 25.95 -18.72
N GLY CA 18 13.92 25.23 -19.64
CA GLY CA 18 12.48 25.27 -19.71
C GLY CA 18 11.96 26.27 -20.71
N ALA CA 19 10.94 25.88 -21.45
CA ALA CA 19 10.41 26.71 -22.52
C ALA CA 19 9.73 27.95 -21.99
N SER CA 20 8.96 27.81 -20.91
CA SER CA 20 8.26 28.97 -20.37
C SER CA 20 9.19 29.92 -19.65
N LEU CA 21 10.21 29.40 -18.96
CA LEU CA 21 11.24 30.27 -18.42
C LEU CA 21 12.03 30.97 -19.50
N ARG CA 22 12.32 30.29 -20.61
CA ARG CA 22 13.00 30.95 -21.73
C ARG CA 22 12.12 31.99 -22.39
N LYS CA 23 10.81 31.76 -22.44
CA LYS CA 23 9.89 32.76 -22.96
C LYS CA 23 9.79 33.97 -22.04
N MET CA 24 9.82 33.75 -20.73
CA MET CA 24 9.84 34.84 -19.77
C MET CA 24 11.12 35.65 -19.87
N VAL CA 25 12.26 34.96 -20.02
CA VAL CA 25 13.55 35.60 -20.19
C VAL CA 25 13.66 36.35 -21.51
N LYS CA 26 12.93 35.92 -22.53
CA LYS CA 26 13.03 36.49 -23.87
C LYS CA 26 12.71 37.98 -23.89
N LYS CA 27 11.64 38.41 -23.23
CA LYS CA 27 11.29 39.83 -23.28
C LYS CA 27 12.26 40.70 -22.46
N ILE CA 28 12.70 40.18 -21.31
CA ILE CA 28 13.71 40.84 -20.49
C ILE CA 28 15.01 40.97 -21.24
N GLU CA 29 15.35 39.96 -22.04
CA GLU CA 29 16.63 39.95 -22.72
C GLU CA 29 16.54 40.65 -24.09
N ILE CA 30 15.32 40.92 -24.58
CA ILE CA 30 15.14 42.05 -25.49
C ILE CA 30 15.52 43.35 -24.80
N SER CA 31 14.94 43.59 -23.63
CA SER CA 31 14.90 44.94 -23.08
C SER CA 31 16.24 45.39 -22.53
N GLN CA 32 16.97 44.49 -21.87
CA GLN CA 32 18.24 44.87 -21.27
C GLN CA 32 19.37 44.97 -22.30
N HIS CA 33 19.17 44.47 -23.50
CA HIS CA 33 20.14 44.61 -24.58
C HIS CA 33 19.66 45.54 -25.67
N ALA CA 34 18.48 46.12 -25.53
CA ALA CA 34 18.02 47.10 -26.48
C ALA CA 34 18.76 48.42 -26.31
N LYS CA 35 18.82 49.19 -27.38
CA LYS CA 35 19.26 50.57 -27.35
C LYS CA 35 18.02 51.45 -27.47
N TYR CA 36 17.82 52.32 -26.50
CA TYR CA 36 16.69 53.24 -26.50
C TYR CA 36 17.14 54.59 -27.03
N THR CA 37 16.18 55.38 -27.48
CA THR CA 37 16.49 56.75 -27.85
C THR CA 37 16.74 57.54 -26.58
N CYS CA 38 17.93 58.11 -26.46
CA CYS CA 38 18.27 58.91 -25.31
C CYS CA 38 17.43 60.18 -25.30
N SER CA 39 16.82 60.47 -24.14
CA SER CA 39 15.90 61.58 -24.03
C SER CA 39 16.61 62.93 -23.96
N PHE CA 40 17.93 62.94 -23.79
CA PHE CA 40 18.70 64.16 -23.63
C PHE CA 40 19.36 64.63 -24.91
N CYS CA 41 19.65 63.74 -25.86
CA CYS CA 41 20.26 64.14 -27.10
C CYS CA 41 19.59 63.59 -28.34
N GLY CA 42 18.64 62.66 -28.21
CA GLY CA 42 17.90 62.17 -29.35
C GLY CA 42 18.60 61.14 -30.21
N LYS CA 43 19.70 60.55 -29.76
CA LYS CA 43 20.27 59.43 -30.48
C LYS CA 43 19.79 58.12 -29.88
N THR CA 44 19.81 57.07 -30.69
CA THR CA 44 19.52 55.72 -30.19
C THR CA 44 20.84 55.13 -29.70
N LYS CA 45 21.29 55.65 -28.56
CA LYS CA 45 22.57 55.30 -27.97
C LYS CA 45 22.47 55.00 -26.49
N MET CA 46 21.27 54.85 -25.95
CA MET CA 46 21.10 54.76 -24.51
C MET CA 46 21.08 53.28 -24.12
N LYS CA 47 22.13 52.83 -23.48
CA LYS CA 47 22.40 51.40 -23.33
C LYS CA 47 22.75 51.11 -21.89
N ARG CA 48 22.35 49.93 -21.42
CA ARG CA 48 22.55 49.55 -20.03
C ARG CA 48 23.98 49.08 -19.80
N ARG CA 49 24.62 49.62 -18.76
CA ARG CA 49 25.94 49.13 -18.34
C ARG CA 49 25.86 48.10 -17.23
N ALA CA 50 25.25 48.47 -16.11
CA ALA CA 50 25.02 47.57 -15.01
C ALA CA 50 23.54 47.58 -14.74
N VAL CA 51 23.11 46.74 -13.79
CA VAL CA 51 21.70 46.59 -13.47
C VAL CA 51 21.16 47.90 -12.89
N GLY CA 52 20.21 48.49 -13.59
CA GLY CA 52 19.64 49.75 -13.25
C GLY CA 52 20.40 50.97 -13.74
N ILE CA 53 21.55 50.77 -14.38
CA ILE CA 53 22.37 51.89 -14.84
C ILE CA 53 22.33 51.93 -16.35
N TRP CA 54 21.86 53.05 -16.90
CA TRP CA 54 21.74 53.26 -18.32
C TRP CA 54 22.61 54.45 -18.66
N HIS CA 55 23.19 54.46 -19.85
CA HIS CA 55 24.20 55.45 -20.22
C HIS CA 55 24.06 55.76 -21.70
N CYS CA 56 24.05 57.04 -22.04
CA CYS CA 56 24.09 57.43 -23.44
C CYS CA 56 25.52 57.37 -23.92
N GLY CA 57 25.74 56.67 -25.03
CA GLY CA 57 27.08 56.53 -25.56
C GLY CA 57 27.67 57.82 -26.10
N SER CA 58 26.82 58.75 -26.56
CA SER CA 58 27.35 59.89 -27.28
C SER CA 58 27.20 61.20 -26.52
N CYS CA 59 26.24 61.30 -25.60
CA CYS CA 59 26.20 62.51 -24.80
C CYS CA 59 26.76 62.28 -23.39
N MET CA 60 27.17 61.05 -23.09
CA MET CA 60 27.81 60.64 -21.84
C MET CA 60 26.99 60.98 -20.60
N LYS CA 61 25.67 60.85 -20.68
CA LYS CA 61 24.82 61.05 -19.52
C LYS CA 61 24.35 59.71 -19.01
N THR CA 62 24.48 59.50 -17.71
CA THR CA 62 24.15 58.25 -17.07
C THR CA 62 22.90 58.44 -16.23
N VAL CA 63 21.91 57.59 -16.44
CA VAL CA 63 20.63 57.64 -15.74
C VAL CA 63 20.48 56.37 -14.91
N ALA CA 64 20.01 56.53 -13.69
CA ALA CA 64 19.59 55.41 -12.86
C ALA CA 64 18.15 55.11 -13.22
N GLY CA 65 17.94 54.07 -14.02
CA GLY CA 65 16.62 53.67 -14.45
C GLY CA 65 16.27 52.27 -14.03
N GLY CA 66 15.48 51.57 -14.84
CA GLY CA 66 15.04 50.24 -14.49
C GLY CA 66 16.12 49.19 -14.66
N ALA CA 67 15.88 48.04 -14.03
CA ALA CA 67 16.87 46.96 -14.03
C ALA CA 67 16.98 46.31 -15.41
N TRP CA 68 15.85 46.12 -16.09
CA TRP CA 68 15.89 45.59 -17.44
C TRP CA 68 15.38 46.56 -18.48
N THR CA 69 14.66 47.59 -18.09
CA THR CA 69 14.16 48.56 -19.04
C THR CA 69 14.69 49.92 -18.69
N TYR CA 70 14.30 50.92 -19.49
CA TYR CA 70 14.74 52.27 -19.24
C TYR CA 70 14.04 52.83 -18.01
N ASN CA 71 12.71 52.95 -18.06
CA ASN CA 71 11.93 53.41 -16.93
C ASN CA 71 10.89 52.36 -16.57
N THR CA 72 10.74 52.13 -15.27
CA THR CA 72 9.71 51.28 -14.73
C THR CA 72 8.35 51.96 -14.88
N THR CA 73 7.34 51.14 -15.21
CA THR CA 73 5.96 51.58 -15.20
C THR CA 73 5.53 52.13 -13.84
N SER CA 74 6.02 51.52 -12.76
CA SER CA 74 5.82 52.09 -11.43
C SER CA 74 6.50 53.44 -11.27
N ALA CA 75 7.70 53.59 -11.82
CA ALA CA 75 8.48 54.81 -11.67
C ALA CA 75 7.86 55.99 -12.42
N VAL CA 76 7.31 55.79 -13.62
CA VAL CA 76 6.66 56.90 -14.29
C VAL CA 76 5.37 57.32 -13.59
N THR CA 77 4.65 56.38 -12.97
CA THR CA 77 3.49 56.73 -12.17
C THR CA 77 3.87 57.47 -10.90
N VAL CA 78 5.00 57.10 -10.30
CA VAL CA 78 5.55 57.87 -9.18
C VAL CA 78 5.89 59.28 -9.61
N LYS CA 79 6.48 59.44 -10.80
CA LYS CA 79 6.88 60.78 -11.27
C LYS CA 79 5.67 61.66 -11.53
N SER CA 80 4.62 61.09 -12.13
CA SER CA 80 3.38 61.82 -12.32
C SER CA 80 2.70 62.17 -10.99
N ALA CA 81 2.73 61.25 -10.02
CA ALA CA 81 2.13 61.51 -8.72
C ALA CA 81 2.90 62.57 -7.94
N ILE CA 82 4.24 62.56 -8.05
CA ILE CA 82 5.06 63.56 -7.39
C ILE CA 82 4.87 64.92 -8.03
N ARG CA 83 4.64 64.97 -9.35
CA ARG CA 83 4.31 66.23 -10.00
C ARG CA 83 2.98 66.79 -9.50
N ARG CA 84 1.96 65.92 -9.38
CA ARG CA 84 0.67 66.37 -8.89
C ARG CA 84 0.73 66.81 -7.43
N LEU CA 85 1.48 66.07 -6.60
CA LEU CA 85 1.61 66.43 -5.20
C LEU CA 85 2.41 67.72 -5.02
N LYS CA 86 3.42 67.94 -5.88
CA LYS CA 86 4.17 69.20 -5.86
C LYS CA 86 3.29 70.39 -6.24
N GLU CA 87 2.43 70.22 -7.24
CA GLU CA 87 1.49 71.30 -7.57
C GLU CA 87 0.48 71.56 -6.46
N LEU CA 88 -0.01 70.54 -5.78
CA LEU CA 88 -0.97 70.79 -4.70
C LEU CA 88 -0.31 71.21 -3.38
N LYS CA 89 1.02 71.08 -3.24
CA LYS CA 89 1.69 71.67 -2.09
C LYS CA 89 1.56 73.19 -2.09
N ASP CA 90 1.96 73.82 -3.19
CA ASP CA 90 1.89 75.27 -3.30
C ASP CA 90 0.53 75.77 -3.75
N GLN CA 91 -0.34 74.88 -4.24
CA GLN CA 91 -1.72 75.15 -4.62
C GLN CA 91 -1.85 76.27 -5.65
N SER DA 1 77.71 -23.04 84.79
CA SER DA 1 78.46 -24.28 84.88
C SER DA 1 78.80 -24.84 83.51
N ALA DA 2 79.36 -26.05 83.50
CA ALA DA 2 79.87 -26.66 82.28
C ALA DA 2 78.78 -26.91 81.26
N HIS DA 3 77.62 -27.38 81.72
CA HIS DA 3 76.47 -27.60 80.84
C HIS DA 3 75.95 -26.29 80.27
N LEU DA 4 76.03 -25.20 81.05
CA LEU DA 4 75.60 -23.89 80.55
C LEU DA 4 76.55 -23.37 79.48
N GLN DA 5 77.85 -23.44 79.75
CA GLN DA 5 78.85 -23.07 78.75
C GLN DA 5 78.75 -23.92 77.51
N TRP DA 6 78.41 -25.20 77.65
CA TRP DA 6 78.14 -26.05 76.51
C TRP DA 6 76.91 -25.61 75.74
N MET DA 7 75.83 -25.24 76.42
CA MET DA 7 74.65 -24.76 75.72
C MET DA 7 74.87 -23.41 75.06
N VAL DA 8 75.90 -22.68 75.45
CA VAL DA 8 76.34 -21.50 74.70
C VAL DA 8 77.18 -21.87 73.50
N VAL DA 9 78.20 -22.73 73.65
CA VAL DA 9 79.20 -22.92 72.61
C VAL DA 9 78.94 -24.08 71.68
N ARG DA 10 77.85 -24.84 71.87
CA ARG DA 10 77.64 -26.07 71.11
C ARG DA 10 77.42 -25.83 69.63
N ASN DA 11 77.01 -24.64 69.25
CA ASN DA 11 76.87 -24.32 67.84
C ASN DA 11 77.53 -22.99 67.48
N CYS DA 12 78.06 -22.25 68.45
CA CYS DA 12 78.58 -20.91 68.20
C CYS DA 12 79.95 -20.73 68.83
N SER DA 13 80.87 -21.64 68.54
CA SER DA 13 82.26 -21.50 68.92
C SER DA 13 83.11 -21.22 67.68
N SER DA 14 84.24 -20.56 67.89
CA SER DA 14 85.18 -20.32 66.82
C SER DA 14 85.97 -21.58 66.44
N PHE DA 15 86.06 -22.56 67.32
CA PHE DA 15 86.71 -23.82 67.04
C PHE DA 15 85.84 -24.79 66.27
N LEU DA 16 84.57 -24.46 66.09
CA LEU DA 16 83.63 -25.26 65.34
C LEU DA 16 83.99 -25.27 63.85
N ILE DA 17 84.16 -26.47 63.29
CA ILE DA 17 84.19 -26.68 61.85
C ILE DA 17 82.98 -27.53 61.50
N LYS DA 18 82.17 -27.08 60.55
CA LYS DA 18 81.03 -27.84 60.08
C LYS DA 18 81.14 -27.96 58.56
N ARG DA 19 81.91 -28.94 58.09
CA ARG DA 19 82.12 -29.16 56.68
C ARG DA 19 81.97 -30.63 56.35
N ASN DA 20 81.41 -30.88 55.17
CA ASN DA 20 81.34 -32.20 54.54
C ASN DA 20 80.59 -33.21 55.41
N LYS DA 21 79.47 -32.76 56.00
CA LYS DA 21 78.58 -33.54 56.85
C LYS DA 21 79.28 -34.10 58.08
N GLN DA 22 80.28 -33.39 58.57
CA GLN DA 22 81.06 -33.73 59.75
C GLN DA 22 81.14 -32.52 60.65
N THR DA 23 81.68 -32.72 61.85
CA THR DA 23 81.84 -31.63 62.80
C THR DA 23 83.08 -31.87 63.65
N TYR DA 24 83.96 -30.87 63.69
CA TYR DA 24 85.21 -30.94 64.41
C TYR DA 24 85.40 -29.70 65.26
N SER DA 25 86.13 -29.87 66.36
CA SER DA 25 86.47 -28.76 67.24
C SER DA 25 87.99 -28.64 67.31
N THR DA 26 88.51 -27.47 66.93
CA THR DA 26 89.95 -27.23 66.84
C THR DA 26 90.55 -26.76 68.15
N GLU DA 27 89.89 -27.08 69.26
CA GLU DA 27 90.28 -26.63 70.59
C GLU DA 27 91.60 -27.29 71.00
N PRO DA 28 92.45 -26.56 71.76
CA PRO DA 28 93.75 -27.10 72.18
C PRO DA 28 93.79 -28.40 72.98
N ASN DA 29 92.83 -28.66 73.88
CA ASN DA 29 92.87 -29.85 74.72
C ASN DA 29 91.72 -30.80 74.42
N ASN DA 30 91.12 -30.66 73.24
CA ASN DA 30 90.04 -31.52 72.79
C ASN DA 30 90.69 -32.79 72.26
N LEU DA 31 90.70 -33.84 73.07
CA LEU DA 31 91.04 -35.16 72.55
C LEU DA 31 89.95 -35.58 71.58
N LYS DA 32 90.37 -36.15 70.46
CA LYS DA 32 89.62 -36.58 69.28
C LYS DA 32 89.16 -35.41 68.41
N ALA DA 33 89.38 -34.16 68.83
CA ALA DA 33 89.00 -32.93 68.10
C ALA DA 33 87.52 -32.90 67.77
N ARG DA 34 86.71 -33.47 68.66
CA ARG DA 34 85.28 -33.66 68.45
C ARG DA 34 84.50 -32.61 69.20
N ASN DA 35 83.61 -31.93 68.50
CA ASN DA 35 82.66 -31.03 69.16
C ASN DA 35 81.66 -31.90 69.91
N SER DA 36 81.90 -32.03 71.20
CA SER DA 36 81.03 -32.78 72.09
C SER DA 36 81.02 -32.09 73.44
N PHE DA 37 80.06 -32.48 74.28
CA PHE DA 37 80.15 -32.04 75.67
C PHE DA 37 81.29 -32.75 76.39
N ARG DA 38 81.46 -34.04 76.12
CA ARG DA 38 82.43 -34.82 76.87
C ARG DA 38 83.86 -34.47 76.46
N TYR DA 39 84.10 -34.29 75.18
CA TYR DA 39 85.47 -34.09 74.72
C TYR DA 39 85.86 -32.63 74.65
N ASN DA 40 84.96 -31.72 75.01
CA ASN DA 40 85.30 -30.30 75.04
C ASN DA 40 86.33 -30.03 76.11
N GLY DA 41 87.34 -29.26 75.72
CA GLY DA 41 88.47 -29.01 76.57
C GLY DA 41 88.50 -27.69 77.27
N LEU DA 42 87.43 -26.90 77.15
CA LEU DA 42 87.37 -25.59 77.75
C LEU DA 42 86.36 -25.48 78.85
N ILE DA 43 85.22 -26.17 78.72
CA ILE DA 43 84.08 -25.94 79.58
C ILE DA 43 84.16 -26.71 80.88
N HIS DA 44 85.07 -27.67 81.00
CA HIS DA 44 85.15 -28.51 82.17
C HIS DA 44 86.09 -27.92 83.22
N ARG DA 45 85.84 -28.30 84.47
CA ARG DA 45 86.79 -28.02 85.54
C ARG DA 45 88.03 -28.89 85.44
N LYS DA 46 87.89 -30.08 84.88
CA LYS DA 46 89.01 -31.01 84.75
C LYS DA 46 89.10 -31.39 83.28
N THR DA 47 90.23 -31.07 82.65
CA THR DA 47 90.50 -31.44 81.27
C THR DA 47 91.87 -32.10 81.13
N VAL DA 48 91.94 -33.08 80.22
CA VAL DA 48 93.17 -33.71 79.76
C VAL DA 48 93.41 -33.31 78.30
N GLY DA 49 94.64 -32.93 77.99
CA GLY DA 49 95.05 -32.74 76.61
C GLY DA 49 96.31 -33.53 76.34
N VAL DA 50 96.50 -33.90 75.07
CA VAL DA 50 97.69 -34.64 74.65
C VAL DA 50 98.11 -34.06 73.31
N GLU DA 51 99.35 -33.61 73.21
CA GLU DA 51 99.85 -33.05 71.96
C GLU DA 51 101.34 -33.33 71.89
N PRO DA 52 101.97 -33.18 70.71
CA PRO DA 52 103.42 -33.37 70.63
C PRO DA 52 104.19 -32.34 71.42
N ALA DA 53 105.40 -32.72 71.82
CA ALA DA 53 106.26 -31.85 72.61
C ALA DA 53 106.76 -30.67 71.77
N ALA DA 54 107.43 -29.73 72.46
CA ALA DA 54 107.98 -28.55 71.80
C ALA DA 54 109.05 -28.93 70.79
N ASP DA 55 110.02 -29.74 71.21
CA ASP DA 55 110.86 -30.43 70.26
C ASP DA 55 110.09 -31.59 69.65
N GLY DA 56 110.61 -32.13 68.56
CA GLY DA 56 109.83 -33.09 67.79
C GLY DA 56 109.69 -34.48 68.38
N LYS DA 57 110.32 -34.74 69.52
CA LYS DA 57 110.27 -36.05 70.14
C LYS DA 57 109.53 -35.96 71.47
N GLY DA 58 108.59 -36.86 71.69
CA GLY DA 58 107.89 -36.95 72.94
C GLY DA 58 106.44 -36.52 72.81
N VAL DA 59 105.72 -36.71 73.91
CA VAL DA 59 104.30 -36.36 74.01
C VAL DA 59 104.09 -35.56 75.28
N VAL DA 60 103.56 -34.36 75.17
CA VAL DA 60 103.24 -33.56 76.34
C VAL DA 60 101.75 -33.75 76.66
N VAL DA 61 101.48 -33.96 77.95
CA VAL DA 61 100.14 -34.16 78.47
C VAL DA 61 99.79 -32.96 79.35
N VAL DA 62 98.56 -32.50 79.25
CA VAL DA 62 98.08 -31.27 79.87
C VAL DA 62 96.98 -31.64 80.84
N MET DA 63 97.10 -31.21 82.09
CA MET DA 63 96.04 -31.39 83.06
C MET DA 63 95.57 -30.03 83.56
N LYS DA 64 94.26 -29.84 83.61
CA LYS DA 64 93.70 -28.60 84.15
C LYS DA 64 93.73 -28.68 85.68
N ARG DA 65 94.10 -27.58 86.33
CA ARG DA 65 94.19 -27.57 87.77
C ARG DA 65 92.88 -27.10 88.40
N ARG DA 66 92.69 -27.45 89.66
CA ARG DA 66 91.41 -27.27 90.33
C ARG DA 66 91.12 -25.83 90.74
N SER DA 67 92.13 -25.08 91.17
CA SER DA 67 91.85 -23.80 91.81
C SER DA 67 91.58 -22.68 90.81
N GLY DA 68 92.59 -22.30 90.03
CA GLY DA 68 92.46 -21.14 89.19
C GLY DA 68 91.73 -21.44 87.90
N GLN DA 69 90.41 -21.58 87.97
CA GLN DA 69 89.63 -21.82 86.76
C GLN DA 69 89.49 -20.56 85.91
N ARG DA 70 89.32 -19.42 86.56
CA ARG DA 70 89.23 -18.13 85.87
C ARG DA 70 90.60 -17.53 85.59
N LYS DA 71 91.68 -18.23 85.93
CA LYS DA 71 93.06 -17.75 85.82
C LYS DA 71 93.79 -18.57 84.77
N PRO DA 72 93.74 -18.21 83.49
CA PRO DA 72 94.30 -19.11 82.46
C PRO DA 72 95.82 -19.21 82.46
N ALA DA 73 96.53 -18.31 83.15
CA ALA DA 73 97.99 -18.35 83.13
C ALA DA 73 98.53 -19.52 83.92
N THR DA 74 97.94 -19.81 85.09
CA THR DA 74 98.40 -20.89 85.93
C THR DA 74 97.46 -22.10 85.88
N SER DA 75 96.54 -22.12 84.93
CA SER DA 75 95.48 -23.13 84.94
C SER DA 75 95.95 -24.50 84.46
N TYR DA 76 96.66 -24.57 83.35
CA TYR DA 76 97.03 -25.84 82.77
C TYR DA 76 98.45 -26.21 83.17
N VAL DA 77 98.66 -27.46 83.54
CA VAL DA 77 99.95 -28.00 83.93
C VAL DA 77 100.40 -28.96 82.84
N ARG DA 78 101.55 -28.68 82.24
CA ARG DA 78 102.06 -29.46 81.12
C ARG DA 78 103.22 -30.33 81.56
N THR DA 79 103.22 -31.57 81.09
CA THR DA 79 104.23 -32.57 81.46
C THR DA 79 104.69 -33.27 80.19
N THR DA 80 105.96 -33.09 79.84
CA THR DA 80 106.52 -33.76 78.68
C THR DA 80 106.95 -35.17 79.05
N ILE DA 81 106.56 -36.14 78.22
CA ILE DA 81 106.91 -37.53 78.40
C ILE DA 81 107.73 -37.93 77.18
N ASN DA 82 109.01 -38.23 77.38
CA ASN DA 82 109.88 -38.78 76.35
C ASN DA 82 110.39 -40.11 76.89
N LYS DA 83 109.58 -41.15 76.71
CA LYS DA 83 109.94 -42.52 77.07
C LYS DA 83 109.66 -43.39 75.85
N ASN DA 84 109.73 -44.72 76.03
CA ASN DA 84 109.22 -45.60 75.01
C ASN DA 84 107.69 -45.60 75.03
N ALA DA 85 107.10 -46.25 74.03
CA ALA DA 85 105.67 -46.14 73.80
C ALA DA 85 104.86 -46.79 74.92
N ARG DA 86 105.28 -47.97 75.37
CA ARG DA 86 104.59 -48.66 76.45
C ARG DA 86 104.65 -47.90 77.77
N ALA DA 87 105.82 -47.34 78.09
CA ALA DA 87 105.98 -46.51 79.27
C ALA DA 87 105.17 -45.22 79.20
N THR DA 88 105.09 -44.62 78.00
CA THR DA 88 104.32 -43.38 77.84
C THR DA 88 102.82 -43.64 78.03
N LEU DA 89 102.32 -44.74 77.46
CA LEU DA 89 100.94 -45.13 77.70
C LEU DA 89 100.70 -45.54 79.14
N SER DA 90 101.67 -46.18 79.80
CA SER DA 90 101.54 -46.48 81.23
C SER DA 90 101.46 -45.21 82.06
N SER DA 91 102.26 -44.20 81.72
CA SER DA 91 102.24 -42.93 82.44
C SER DA 91 100.91 -42.21 82.27
N ILE DA 92 100.38 -42.19 81.04
CA ILE DA 92 99.11 -41.49 80.81
C ILE DA 92 97.95 -42.22 81.46
N ARG DA 93 97.95 -43.56 81.36
CA ARG DA 93 96.92 -44.37 82.00
C ARG DA 93 96.96 -44.26 83.51
N HIS DA 94 98.16 -44.14 84.10
CA HIS DA 94 98.23 -43.95 85.54
C HIS DA 94 97.86 -42.55 85.97
N MET DA 95 98.16 -41.53 85.15
CA MET DA 95 97.74 -40.17 85.46
C MET DA 95 96.23 -40.06 85.43
N ILE DA 96 95.58 -40.75 84.52
CA ILE DA 96 94.13 -40.62 84.41
C ILE DA 96 93.42 -41.53 85.42
N ARG DA 97 93.87 -42.78 85.53
CA ARG DA 97 93.09 -43.73 86.32
C ARG DA 97 93.41 -43.66 87.82
N LYS DA 98 94.68 -43.57 88.19
CA LYS DA 98 95.02 -43.58 89.62
C LYS DA 98 94.63 -42.28 90.31
N ASN DA 99 94.68 -41.15 89.59
CA ASN DA 99 94.16 -39.90 90.12
C ASN DA 99 92.64 -39.81 90.07
N LYS DA 100 91.98 -40.75 89.36
CA LYS DA 100 90.56 -40.69 89.02
C LYS DA 100 90.23 -39.39 88.30
N TYR DA 101 91.16 -38.93 87.46
CA TYR DA 101 91.13 -37.59 86.88
C TYR DA 101 90.42 -37.65 85.55
N HIS DA 102 89.12 -37.39 85.57
CA HIS DA 102 88.25 -37.34 84.40
C HIS DA 102 88.33 -38.64 83.59
N PRO DA 103 87.86 -39.76 84.17
CA PRO DA 103 88.37 -41.08 83.74
C PRO DA 103 87.80 -41.59 82.43
N ASP DA 104 86.80 -40.94 81.86
CA ASP DA 104 86.29 -41.38 80.56
C ASP DA 104 87.16 -40.93 79.40
N LEU DA 105 88.20 -40.14 79.67
CA LEU DA 105 89.14 -39.70 78.63
C LEU DA 105 90.39 -40.56 78.60
N ARG DA 106 90.37 -41.71 79.27
CA ARG DA 106 91.57 -42.54 79.43
C ARG DA 106 92.09 -43.04 78.08
N MET DA 107 91.26 -43.76 77.33
CA MET DA 107 91.83 -44.25 76.08
C MET DA 107 91.71 -43.29 74.93
N ALA DA 108 90.91 -42.23 75.03
CA ALA DA 108 91.10 -41.15 74.08
C ALA DA 108 92.49 -40.55 74.20
N ALA DA 109 92.96 -40.35 75.44
CA ALA DA 109 94.32 -39.86 75.65
C ALA DA 109 95.38 -40.91 75.29
N ILE DA 110 95.11 -42.19 75.59
CA ILE DA 110 96.04 -43.27 75.24
C ILE DA 110 96.18 -43.40 73.72
N ARG DA 111 95.08 -43.36 73.00
CA ARG DA 111 95.11 -43.42 71.54
C ARG DA 111 95.71 -42.16 70.95
N ARG DA 112 95.56 -41.02 71.62
CA ARG DA 112 96.22 -39.83 71.09
C ARG DA 112 97.71 -39.87 71.30
N ALA DA 113 98.15 -40.43 72.44
CA ALA DA 113 99.57 -40.65 72.66
C ALA DA 113 100.14 -41.60 71.63
N SER DA 114 99.41 -42.68 71.32
CA SER DA 114 99.83 -43.61 70.29
C SER DA 114 99.89 -42.98 68.91
N ALA DA 115 98.92 -42.14 68.56
CA ALA DA 115 98.93 -41.44 67.27
C ALA DA 115 100.06 -40.43 67.14
N ILE DA 116 100.34 -39.66 68.19
CA ILE DA 116 101.46 -38.72 68.16
C ILE DA 116 102.79 -39.48 68.09
N LEU DA 117 102.91 -40.58 68.84
CA LEU DA 117 104.15 -41.35 68.80
C LEU DA 117 104.37 -42.01 67.45
N ARG DA 118 103.29 -42.51 66.81
CA ARG DA 118 103.41 -43.05 65.47
C ARG DA 118 103.78 -41.97 64.46
N SER DA 119 103.18 -40.77 64.61
CA SER DA 119 103.53 -39.64 63.75
C SER DA 119 104.96 -39.17 63.96
N GLN DA 120 105.53 -39.40 65.13
CA GLN DA 120 106.92 -39.07 65.41
C GLN DA 120 107.89 -40.15 64.96
N LYS DA 121 107.45 -41.39 64.86
CA LYS DA 121 108.34 -42.34 64.22
C LYS DA 121 108.37 -42.12 62.71
N PRO DA 122 109.56 -41.96 62.13
CA PRO DA 122 109.64 -41.55 60.71
C PRO DA 122 109.26 -42.68 59.75
N VAL DA 123 108.84 -42.26 58.56
CA VAL DA 123 108.53 -43.16 57.45
C VAL DA 123 109.86 -43.48 56.77
N MET DA 124 109.98 -44.66 56.15
CA MET DA 124 111.19 -45.09 55.47
C MET DA 124 111.58 -44.19 54.29
N ASP EA 1 -16.64 -99.05 12.80
CA ASP EA 1 -15.44 -98.31 12.39
C ASP EA 1 -14.27 -99.28 12.29
N ARG EA 2 -13.15 -98.80 11.75
CA ARG EA 2 -12.12 -99.69 11.17
C ARG EA 2 -11.42 -100.60 12.18
N ALA EA 3 -11.32 -100.17 13.44
CA ALA EA 3 -10.55 -100.91 14.44
C ALA EA 3 -11.21 -102.25 14.78
N THR EA 4 -12.52 -102.36 14.53
CA THR EA 4 -13.15 -103.68 14.57
C THR EA 4 -13.29 -104.30 13.18
N TRP EA 5 -13.18 -103.51 12.11
CA TRP EA 5 -13.28 -104.12 10.78
C TRP EA 5 -12.03 -104.90 10.41
N LYS EA 6 -10.90 -104.61 11.05
CA LYS EA 6 -9.72 -105.45 10.87
C LYS EA 6 -9.97 -106.89 11.33
N SER EA 7 -10.42 -107.04 12.58
CA SER EA 7 -10.77 -108.36 13.09
C SER EA 7 -12.05 -108.89 12.47
N ASN EA 8 -12.89 -108.03 11.87
CA ASN EA 8 -14.06 -108.53 11.16
C ASN EA 8 -13.68 -109.12 9.80
N TYR EA 9 -12.66 -108.57 9.14
CA TYR EA 9 -12.10 -109.24 7.96
C TYR EA 9 -11.47 -110.56 8.36
N PHE EA 10 -10.79 -110.59 9.51
CA PHE EA 10 -10.28 -111.85 10.04
C PHE EA 10 -11.42 -112.82 10.33
N LEU EA 11 -12.52 -112.33 10.86
CA LEU EA 11 -13.67 -113.18 11.15
C LEU EA 11 -14.44 -113.56 9.89
N LYS EA 12 -14.29 -112.83 8.79
CA LYS EA 12 -14.81 -113.30 7.50
C LYS EA 12 -13.99 -114.48 6.98
N ILE EA 13 -12.66 -114.39 7.12
CA ILE EA 13 -11.79 -115.55 6.87
C ILE EA 13 -12.17 -116.72 7.78
N ILE EA 14 -12.49 -116.42 9.04
CA ILE EA 14 -13.02 -117.42 9.98
C ILE EA 14 -14.35 -118.01 9.55
N GLN EA 15 -15.26 -117.19 8.99
CA GLN EA 15 -16.53 -117.71 8.48
C GLN EA 15 -16.28 -118.69 7.32
N LEU EA 16 -15.35 -118.36 6.43
CA LEU EA 16 -15.02 -119.34 5.40
C LEU EA 16 -14.32 -120.58 5.93
N LEU EA 17 -13.46 -120.43 6.94
CA LEU EA 17 -12.81 -121.59 7.54
C LEU EA 17 -13.77 -122.48 8.30
N ASP EA 18 -14.82 -121.92 8.90
CA ASP EA 18 -15.77 -122.66 9.71
C ASP EA 18 -16.83 -123.36 8.87
N ASP EA 19 -16.87 -123.10 7.59
CA ASP EA 19 -17.71 -123.89 6.71
C ASP EA 19 -16.90 -124.78 5.80
N TYR EA 20 -15.69 -124.38 5.41
CA TYR EA 20 -15.21 -125.07 4.23
C TYR EA 20 -13.73 -125.42 4.45
N PRO EA 21 -13.38 -126.70 4.77
CA PRO EA 21 -11.97 -127.05 5.02
C PRO EA 21 -11.17 -127.50 3.79
N LYS EA 22 -11.27 -126.73 2.70
CA LYS EA 22 -10.39 -126.92 1.55
C LYS EA 22 -10.30 -125.60 0.79
N CYS EA 23 -9.19 -125.38 0.10
CA CYS EA 23 -8.85 -124.10 -0.48
C CYS EA 23 -8.54 -124.24 -1.96
N PHE EA 24 -9.16 -123.41 -2.78
CA PHE EA 24 -8.72 -123.18 -4.15
C PHE EA 24 -8.09 -121.79 -4.15
N ILE EA 25 -6.77 -121.78 -4.06
CA ILE EA 25 -6.01 -120.53 -3.98
C ILE EA 25 -5.94 -119.94 -5.39
N VAL EA 26 -6.78 -118.95 -5.66
CA VAL EA 26 -6.86 -118.38 -6.99
C VAL EA 26 -5.88 -117.22 -7.06
N GLY EA 27 -5.10 -117.15 -8.14
CA GLY EA 27 -4.28 -115.99 -8.34
C GLY EA 27 -4.79 -115.18 -9.52
N ALA EA 28 -5.49 -114.08 -9.23
CA ALA EA 28 -6.19 -113.34 -10.26
C ALA EA 28 -5.88 -111.86 -10.10
N ASP EA 29 -5.02 -111.34 -10.96
CA ASP EA 29 -4.88 -109.91 -11.15
C ASP EA 29 -5.86 -109.43 -12.20
N ASN EA 30 -6.02 -108.10 -12.25
CA ASN EA 30 -6.86 -107.27 -13.14
C ASN EA 30 -8.19 -107.91 -13.57
N VAL EA 31 -9.01 -108.27 -12.59
CA VAL EA 31 -10.33 -108.82 -12.82
C VAL EA 31 -11.36 -107.68 -12.78
N GLY EA 32 -12.51 -107.93 -13.39
CA GLY EA 32 -13.51 -106.88 -13.52
C GLY EA 32 -14.36 -106.74 -12.27
N SER EA 33 -14.80 -105.50 -12.02
CA SER EA 33 -15.51 -105.16 -10.80
C SER EA 33 -16.90 -105.78 -10.73
N LYS EA 34 -17.76 -105.48 -11.71
CA LYS EA 34 -19.11 -106.01 -11.73
C LYS EA 34 -19.13 -107.52 -11.97
N GLN EA 35 -18.17 -108.05 -12.73
CA GLN EA 35 -18.11 -109.50 -12.89
C GLN EA 35 -17.62 -110.17 -11.61
N MET EA 36 -16.86 -109.45 -10.77
CA MET EA 36 -16.47 -110.01 -9.49
C MET EA 36 -17.62 -109.94 -8.48
N GLN EA 37 -18.47 -108.90 -8.57
CA GLN EA 37 -19.76 -108.93 -7.87
C GLN EA 37 -20.58 -110.15 -8.27
N GLN EA 38 -20.63 -110.43 -9.58
CA GLN EA 38 -21.29 -111.63 -10.11
C GLN EA 38 -20.62 -112.92 -9.67
N ILE EA 39 -19.29 -112.92 -9.49
CA ILE EA 39 -18.56 -114.04 -8.89
C ILE EA 39 -19.09 -114.33 -7.48
N ARG EA 40 -19.31 -113.29 -6.68
CA ARG EA 40 -19.97 -113.49 -5.39
C ARG EA 40 -21.41 -113.99 -5.55
N MET EA 41 -22.14 -113.45 -6.51
CA MET EA 41 -23.58 -113.72 -6.63
C MET EA 41 -23.90 -115.01 -7.41
N SER EA 42 -22.90 -115.71 -7.94
CA SER EA 42 -23.17 -116.86 -8.81
C SER EA 42 -23.35 -118.16 -8.02
N LEU EA 43 -22.38 -118.51 -7.18
CA LEU EA 43 -22.39 -119.74 -6.40
C LEU EA 43 -22.46 -119.43 -4.93
N ARG EA 44 -23.35 -118.48 -4.59
CA ARG EA 44 -23.27 -117.70 -3.35
C ARG EA 44 -23.38 -118.58 -2.10
N GLY EA 45 -24.22 -119.60 -2.14
CA GLY EA 45 -24.35 -120.54 -1.05
C GLY EA 45 -23.13 -121.43 -0.88
N LYS EA 46 -22.49 -121.82 -1.99
CA LYS EA 46 -21.52 -122.90 -1.93
C LYS EA 46 -20.07 -122.44 -2.03
N ALA EA 47 -19.79 -121.28 -2.60
CA ALA EA 47 -18.43 -120.76 -2.65
C ALA EA 47 -18.49 -119.24 -2.77
N VAL EA 48 -17.43 -118.59 -2.32
CA VAL EA 48 -17.30 -117.14 -2.49
C VAL EA 48 -15.81 -116.84 -2.49
N VAL EA 49 -15.42 -115.77 -3.18
CA VAL EA 49 -14.02 -115.38 -3.28
C VAL EA 49 -13.83 -114.07 -2.53
N LEU EA 50 -12.80 -114.03 -1.69
CA LEU EA 50 -12.49 -112.84 -0.91
C LEU EA 50 -11.25 -112.17 -1.49
N MET EA 51 -11.11 -110.88 -1.21
CA MET EA 51 -9.98 -110.15 -1.75
C MET EA 51 -9.25 -109.46 -0.61
N GLY EA 52 -7.91 -109.44 -0.64
CA GLY EA 52 -7.16 -108.80 0.43
C GLY EA 52 -5.67 -109.10 0.47
N LYS EA 53 -5.01 -108.70 1.56
CA LYS EA 53 -3.55 -108.76 1.71
C LYS EA 53 -3.07 -110.11 2.21
N ASN EA 54 -2.24 -110.76 1.38
CA ASN EA 54 -1.78 -112.13 1.54
C ASN EA 54 -1.09 -112.41 2.87
N THR EA 55 -0.43 -111.39 3.42
CA THR EA 55 0.34 -111.57 4.64
C THR EA 55 -0.53 -111.70 5.89
N MET EA 56 -1.76 -111.16 5.87
CA MET EA 56 -2.65 -111.46 6.98
C MET EA 56 -3.14 -112.87 6.99
N MET EA 57 -3.44 -113.41 5.81
CA MET EA 57 -3.85 -114.79 5.79
C MET EA 57 -2.69 -115.73 6.06
N ARG EA 58 -1.45 -115.32 5.75
CA ARG EA 58 -0.32 -116.15 6.15
C ARG EA 58 -0.04 -116.03 7.64
N LYS EA 59 -0.40 -114.90 8.26
CA LYS EA 59 -0.28 -114.79 9.71
C LYS EA 59 -1.42 -115.54 10.41
N ALA EA 60 -2.56 -115.67 9.73
CA ALA EA 60 -3.70 -116.39 10.30
C ALA EA 60 -3.40 -117.88 10.46
N ILE EA 61 -2.44 -118.40 9.70
CA ILE EA 61 -1.99 -119.78 9.89
C ILE EA 61 -1.32 -119.95 11.25
N ARG EA 62 -0.46 -119.00 11.63
CA ARG EA 62 0.15 -119.05 12.95
C ARG EA 62 -0.84 -118.64 14.04
N GLY EA 63 -1.90 -117.91 13.67
CA GLY EA 63 -3.01 -117.72 14.58
C GLY EA 63 -3.81 -119.00 14.79
N HIS EA 64 -3.82 -119.88 13.79
CA HIS EA 64 -4.41 -121.21 13.87
C HIS EA 64 -3.34 -122.30 13.87
N LEU EA 65 -2.24 -122.06 14.59
CA LEU EA 65 -1.09 -122.95 14.65
C LEU EA 65 -1.42 -124.36 15.11
N GLU EA 66 -2.33 -124.49 16.10
CA GLU EA 66 -2.81 -125.81 16.51
C GLU EA 66 -4.31 -125.86 16.79
N ASN EA 67 -5.10 -124.96 16.23
CA ASN EA 67 -6.55 -125.13 16.25
C ASN EA 67 -7.14 -125.42 14.88
N ASN EA 68 -6.45 -125.04 13.81
CA ASN EA 68 -6.75 -125.52 12.45
C ASN EA 68 -5.48 -126.09 11.86
N PRO EA 69 -5.15 -127.35 12.18
CA PRO EA 69 -3.88 -127.93 11.72
C PRO EA 69 -3.87 -128.35 10.26
N ALA EA 70 -4.98 -128.20 9.53
CA ALA EA 70 -4.96 -128.51 8.11
C ALA EA 70 -4.16 -127.47 7.33
N LEU EA 71 -4.35 -126.19 7.64
CA LEU EA 71 -3.85 -125.09 6.84
C LEU EA 71 -2.38 -124.76 7.12
N GLU EA 72 -1.71 -125.56 7.95
CA GLU EA 72 -0.31 -125.36 8.31
C GLU EA 72 0.63 -125.47 7.11
N LYS EA 73 0.29 -126.30 6.13
CA LYS EA 73 1.11 -126.50 4.93
C LYS EA 73 0.75 -125.51 3.82
N LEU EA 74 0.06 -124.42 4.15
CA LEU EA 74 -0.33 -123.42 3.16
C LEU EA 74 0.45 -122.10 3.28
N LEU EA 75 1.51 -122.06 4.09
CA LEU EA 75 2.24 -120.80 4.25
C LEU EA 75 3.16 -120.47 3.07
N PRO EA 76 4.13 -121.36 2.62
CA PRO EA 76 5.08 -120.88 1.59
C PRO EA 76 4.55 -120.96 0.17
N HIS EA 77 3.24 -121.07 -0.01
CA HIS EA 77 2.64 -121.18 -1.33
C HIS EA 77 2.16 -119.85 -1.89
N ILE EA 78 1.78 -118.90 -1.02
CA ILE EA 78 1.00 -117.74 -1.43
C ILE EA 78 1.92 -116.70 -2.06
N ARG EA 79 1.86 -116.58 -3.39
CA ARG EA 79 2.63 -115.58 -4.13
C ARG EA 79 1.73 -115.01 -5.21
N GLY EA 80 1.51 -113.70 -5.19
CA GLY EA 80 0.85 -113.02 -6.28
C GLY EA 80 -0.49 -112.44 -5.87
N ASN EA 81 -1.23 -112.00 -6.89
CA ASN EA 81 -2.51 -111.29 -6.74
C ASN EA 81 -3.57 -112.34 -6.43
N VAL EA 82 -3.67 -112.70 -5.15
CA VAL EA 82 -4.32 -113.93 -4.72
C VAL EA 82 -5.63 -113.66 -3.98
N GLY EA 83 -6.68 -114.35 -4.42
CA GLY EA 83 -7.89 -114.51 -3.64
C GLY EA 83 -8.04 -115.97 -3.18
N PHE EA 84 -8.99 -116.17 -2.27
CA PHE EA 84 -9.23 -117.47 -1.65
C PHE EA 84 -10.58 -117.98 -2.10
N VAL EA 85 -10.66 -119.24 -2.52
CA VAL EA 85 -11.95 -119.86 -2.80
C VAL EA 85 -12.17 -120.99 -1.80
N PHE EA 86 -13.30 -120.96 -1.11
CA PHE EA 86 -13.62 -121.99 -0.13
C PHE EA 86 -14.91 -122.72 -0.54
N THR EA 87 -14.80 -124.03 -0.86
CA THR EA 87 -15.95 -124.82 -1.32
C THR EA 87 -16.00 -126.21 -0.68
N LYS EA 88 -17.20 -126.89 -0.76
CA LYS EA 88 -17.55 -128.19 -0.13
C LYS EA 88 -18.13 -129.10 -1.19
N GLU EA 89 -18.61 -128.50 -2.27
CA GLU EA 89 -19.49 -129.20 -3.20
C GLU EA 89 -18.67 -130.30 -3.87
N ASP EA 90 -17.72 -129.91 -4.73
CA ASP EA 90 -16.85 -130.81 -5.50
C ASP EA 90 -15.56 -130.16 -5.99
N LEU EA 91 -14.87 -130.89 -6.88
CA LEU EA 91 -13.71 -130.42 -7.62
C LEU EA 91 -14.04 -130.08 -9.07
N THR EA 92 -15.31 -130.16 -9.47
CA THR EA 92 -15.69 -130.08 -10.87
C THR EA 92 -16.66 -128.96 -11.19
N GLU EA 93 -17.75 -128.82 -10.43
CA GLU EA 93 -18.86 -127.96 -10.84
C GLU EA 93 -18.52 -126.48 -10.65
N ILE EA 94 -17.98 -126.12 -9.48
CA ILE EA 94 -17.59 -124.74 -9.28
C ILE EA 94 -16.41 -124.39 -10.18
N ARG EA 95 -15.56 -125.37 -10.51
CA ARG EA 95 -14.39 -125.09 -11.32
C ARG EA 95 -14.76 -124.85 -12.77
N ASP EA 96 -15.67 -125.67 -13.32
CA ASP EA 96 -16.04 -125.38 -14.70
C ASP EA 96 -17.13 -124.32 -14.83
N MET EA 97 -17.68 -123.79 -13.74
CA MET EA 97 -18.33 -122.50 -13.88
C MET EA 97 -17.34 -121.33 -13.84
N LEU EA 98 -16.31 -121.38 -12.99
CA LEU EA 98 -15.28 -120.34 -12.99
C LEU EA 98 -14.37 -120.39 -14.21
N LEU EA 99 -14.34 -121.50 -14.95
CA LEU EA 99 -13.54 -121.63 -16.17
C LEU EA 99 -14.03 -120.77 -17.32
N ALA EA 100 -15.34 -120.70 -17.53
CA ALA EA 100 -15.90 -119.94 -18.65
C ALA EA 100 -16.41 -118.57 -18.25
N ASN EA 101 -16.15 -118.14 -17.01
CA ASN EA 101 -16.59 -116.82 -16.56
C ASN EA 101 -15.73 -115.74 -17.20
N LYS EA 102 -16.21 -115.18 -18.31
CA LYS EA 102 -15.40 -114.34 -19.19
C LYS EA 102 -16.12 -113.03 -19.50
N VAL EA 103 -15.33 -112.03 -19.88
CA VAL EA 103 -15.79 -110.73 -20.34
C VAL EA 103 -14.67 -110.09 -21.18
N PRO EA 104 -14.97 -109.54 -22.35
CA PRO EA 104 -13.91 -108.95 -23.18
C PRO EA 104 -13.55 -107.54 -22.73
N ALA EA 105 -12.32 -107.14 -23.06
CA ALA EA 105 -11.82 -105.80 -22.84
C ALA EA 105 -10.68 -105.55 -23.82
N ALA EA 106 -10.50 -104.29 -24.21
CA ALA EA 106 -9.62 -103.94 -25.32
C ALA EA 106 -8.16 -104.21 -24.97
N ALA EA 107 -7.34 -104.43 -26.01
CA ALA EA 107 -6.00 -104.99 -25.86
C ALA EA 107 -5.09 -104.02 -25.11
N ARG EA 108 -4.51 -104.51 -24.00
CA ARG EA 108 -3.84 -103.65 -23.04
C ARG EA 108 -2.46 -103.24 -23.56
N ALA EA 109 -2.15 -101.94 -23.39
CA ALA EA 109 -0.88 -101.37 -23.84
C ALA EA 109 0.08 -101.34 -22.67
N GLY EA 110 0.76 -102.47 -22.44
CA GLY EA 110 1.67 -102.59 -21.32
C GLY EA 110 1.59 -103.93 -20.63
N ALA EA 111 0.68 -104.78 -21.09
CA ALA EA 111 0.46 -106.10 -20.52
C ALA EA 111 0.82 -107.18 -21.56
N ILE EA 112 0.56 -108.44 -21.20
CA ILE EA 112 1.00 -109.60 -21.97
C ILE EA 112 -0.22 -110.45 -22.34
N ALA EA 113 -0.09 -111.23 -23.42
CA ALA EA 113 -1.02 -112.27 -23.82
C ALA EA 113 -0.34 -113.62 -23.77
N PRO EA 114 -0.89 -114.60 -23.06
CA PRO EA 114 -0.14 -115.83 -22.77
C PRO EA 114 -0.19 -116.90 -23.87
N CYS EA 115 -0.78 -116.61 -25.02
CA CYS EA 115 -0.90 -117.60 -26.10
C CYS EA 115 -0.50 -116.94 -27.40
N GLU EA 116 -0.79 -117.60 -28.52
CA GLU EA 116 -0.46 -117.08 -29.85
C GLU EA 116 -1.67 -116.34 -30.39
N VAL EA 117 -1.55 -115.02 -30.50
CA VAL EA 117 -2.67 -114.17 -30.90
C VAL EA 117 -2.62 -113.88 -32.39
N THR EA 118 -3.80 -113.99 -33.02
CA THR EA 118 -4.00 -113.83 -34.45
C THR EA 118 -4.65 -112.48 -34.76
N VAL EA 119 -4.68 -112.13 -36.04
CA VAL EA 119 -5.28 -110.87 -36.49
C VAL EA 119 -6.52 -111.21 -37.30
N PRO EA 120 -7.69 -110.63 -36.99
CA PRO EA 120 -8.88 -110.87 -37.82
C PRO EA 120 -8.81 -110.19 -39.18
N ALA EA 121 -8.77 -110.98 -40.25
CA ALA EA 121 -8.76 -110.46 -41.61
C ALA EA 121 -10.19 -110.24 -42.09
N GLN EA 122 -10.66 -109.01 -42.00
CA GLN EA 122 -12.03 -108.65 -42.38
C GLN EA 122 -11.97 -107.18 -42.78
N ASN EA 123 -13.10 -106.59 -43.13
CA ASN EA 123 -13.17 -105.16 -43.39
C ASN EA 123 -13.45 -104.39 -42.10
N THR EA 124 -13.12 -103.10 -42.10
CA THR EA 124 -13.42 -102.27 -40.94
C THR EA 124 -14.64 -101.40 -41.17
N GLY EA 125 -14.89 -100.99 -42.42
CA GLY EA 125 -16.07 -100.25 -42.76
C GLY EA 125 -15.90 -98.74 -42.80
N LEU EA 126 -14.69 -98.25 -42.55
CA LEU EA 126 -14.41 -96.82 -42.48
C LEU EA 126 -13.35 -96.47 -43.53
N GLY EA 127 -13.40 -95.22 -44.01
CA GLY EA 127 -12.73 -94.81 -45.23
C GLY EA 127 -11.23 -94.61 -45.13
N PRO EA 128 -10.68 -93.81 -46.06
CA PRO EA 128 -9.23 -93.63 -46.12
C PRO EA 128 -8.69 -92.86 -44.91
N GLU EA 129 -7.50 -93.23 -44.48
CA GLU EA 129 -6.91 -92.76 -43.24
C GLU EA 129 -5.40 -93.04 -43.34
N LYS EA 130 -4.65 -92.77 -42.27
CA LYS EA 130 -3.25 -93.16 -42.19
C LYS EA 130 -3.13 -94.69 -42.20
N THR EA 131 -1.97 -95.19 -42.61
CA THR EA 131 -1.85 -96.63 -42.86
C THR EA 131 -0.68 -97.32 -42.16
N SER EA 132 0.51 -96.70 -42.09
CA SER EA 132 1.77 -97.42 -41.88
C SER EA 132 1.95 -98.01 -40.48
N PHE EA 133 1.10 -97.65 -39.52
CA PHE EA 133 1.20 -98.22 -38.17
C PHE EA 133 0.91 -99.72 -38.15
N PHE EA 134 0.20 -100.23 -39.15
CA PHE EA 134 0.03 -101.66 -39.31
C PHE EA 134 1.16 -102.29 -40.12
N GLN EA 135 1.81 -101.51 -41.00
CA GLN EA 135 3.06 -101.90 -41.65
C GLN EA 135 4.29 -101.52 -40.83
N ALA EA 136 4.16 -101.37 -39.52
CA ALA EA 136 5.31 -101.08 -38.67
C ALA EA 136 6.33 -102.22 -38.69
N LEU EA 137 5.89 -103.45 -38.96
CA LEU EA 137 6.80 -104.57 -39.11
C LEU EA 137 6.62 -105.31 -40.42
N GLY EA 138 5.49 -105.12 -41.11
CA GLY EA 138 5.41 -105.69 -42.44
C GLY EA 138 4.05 -106.27 -42.78
N ILE EA 139 3.10 -106.16 -41.85
CA ILE EA 139 1.82 -106.82 -42.06
C ILE EA 139 0.97 -105.96 -42.99
N THR EA 140 0.44 -106.59 -44.03
CA THR EA 140 -0.12 -105.90 -45.19
C THR EA 140 -1.51 -105.31 -44.91
N THR EA 141 -1.84 -104.26 -45.66
CA THR EA 141 -3.18 -103.67 -45.62
C THR EA 141 -3.57 -103.29 -47.04
N LYS EA 142 -4.76 -103.71 -47.46
CA LYS EA 142 -5.26 -103.40 -48.80
C LYS EA 142 -6.48 -102.50 -48.69
N ILE EA 143 -6.22 -101.19 -48.69
CA ILE EA 143 -7.30 -100.21 -48.62
C ILE EA 143 -7.90 -100.05 -50.02
N SER EA 144 -9.12 -100.54 -50.21
CA SER EA 144 -9.84 -100.39 -51.46
C SER EA 144 -11.33 -100.39 -51.18
N ARG EA 145 -12.06 -99.64 -52.02
CA ARG EA 145 -13.51 -99.50 -51.97
C ARG EA 145 -13.98 -98.98 -50.61
N GLY EA 146 -13.22 -98.02 -50.06
CA GLY EA 146 -13.57 -97.41 -48.79
C GLY EA 146 -13.19 -98.22 -47.57
N THR EA 147 -13.70 -99.45 -47.49
CA THR EA 147 -13.46 -100.31 -46.33
C THR EA 147 -12.02 -100.80 -46.30
N ILE EA 148 -11.49 -101.01 -45.08
CA ILE EA 148 -10.09 -101.39 -44.92
C ILE EA 148 -9.98 -102.90 -44.88
N GLU EA 149 -9.43 -103.48 -45.94
CA GLU EA 149 -9.39 -104.91 -46.14
C GLU EA 149 -7.98 -105.42 -45.87
N ILE EA 150 -7.88 -106.51 -45.11
CA ILE EA 150 -6.62 -107.17 -44.82
C ILE EA 150 -6.54 -108.42 -45.70
N LEU EA 151 -5.35 -108.74 -46.19
CA LEU EA 151 -5.19 -109.81 -47.16
C LEU EA 151 -5.31 -111.19 -46.51
N SER EA 152 -4.39 -111.51 -45.61
CA SER EA 152 -4.35 -112.84 -45.00
C SER EA 152 -4.03 -112.74 -43.51
N ASP EA 153 -3.67 -113.87 -42.90
CA ASP EA 153 -3.54 -113.97 -41.45
C ASP EA 153 -2.08 -114.19 -41.08
N VAL EA 154 -1.38 -113.09 -40.77
CA VAL EA 154 -0.04 -113.14 -40.17
C VAL EA 154 -0.23 -112.77 -38.71
N GLN EA 155 0.20 -113.67 -37.82
CA GLN EA 155 -0.28 -113.67 -36.44
C GLN EA 155 0.35 -112.55 -35.62
N LEU EA 156 -0.40 -112.08 -34.63
CA LEU EA 156 0.00 -110.90 -33.86
C LEU EA 156 1.09 -111.23 -32.85
N ILE EA 157 0.79 -112.11 -31.90
CA ILE EA 157 1.64 -112.29 -30.72
C ILE EA 157 2.12 -113.73 -30.63
N LYS EA 158 3.43 -113.90 -30.48
CA LYS EA 158 4.03 -115.19 -30.21
C LYS EA 158 3.97 -115.49 -28.72
N THR EA 159 3.85 -116.77 -28.37
CA THR EA 159 3.76 -117.20 -26.98
C THR EA 159 5.08 -116.96 -26.25
N GLY EA 160 5.01 -116.37 -25.06
CA GLY EA 160 6.17 -115.95 -24.33
C GLY EA 160 6.72 -114.58 -24.70
N ASP EA 161 5.96 -113.78 -25.46
CA ASP EA 161 6.41 -112.47 -25.91
C ASP EA 161 5.38 -111.44 -25.48
N LYS EA 162 5.82 -110.20 -25.29
CA LYS EA 162 4.97 -109.14 -24.76
C LYS EA 162 4.12 -108.51 -25.86
N VAL EA 163 3.07 -107.82 -25.44
CA VAL EA 163 2.18 -107.07 -26.33
C VAL EA 163 2.39 -105.59 -26.01
N GLY EA 164 3.07 -104.89 -26.92
CA GLY EA 164 3.54 -103.54 -26.68
C GLY EA 164 2.46 -102.46 -26.71
N ALA EA 165 2.88 -101.20 -26.79
CA ALA EA 165 1.92 -100.09 -26.76
C ALA EA 165 1.29 -99.80 -28.11
N SER EA 166 2.10 -99.70 -29.18
CA SER EA 166 1.58 -99.32 -30.49
C SER EA 166 0.68 -100.41 -31.06
N GLU EA 167 1.10 -101.68 -30.95
CA GLU EA 167 0.30 -102.77 -31.49
C GLU EA 167 -0.97 -102.99 -30.69
N ALA EA 168 -0.96 -102.67 -29.40
CA ALA EA 168 -2.21 -102.72 -28.64
C ALA EA 168 -3.13 -101.56 -29.02
N THR EA 169 -2.56 -100.38 -29.31
CA THR EA 169 -3.36 -99.25 -29.77
C THR EA 169 -4.00 -99.54 -31.14
N LEU EA 170 -3.30 -100.33 -31.97
CA LEU EA 170 -3.85 -100.83 -33.23
C LEU EA 170 -5.14 -101.61 -33.02
N LEU EA 171 -5.16 -102.47 -32.01
CA LEU EA 171 -6.34 -103.26 -31.69
C LEU EA 171 -7.35 -102.49 -30.84
N ASN EA 172 -6.92 -101.43 -30.16
CA ASN EA 172 -7.84 -100.55 -29.45
C ASN EA 172 -8.67 -99.71 -30.40
N MET EA 173 -8.11 -99.28 -31.52
CA MET EA 173 -8.95 -98.62 -32.52
C MET EA 173 -9.71 -99.63 -33.38
N LEU EA 174 -9.34 -100.91 -33.33
CA LEU EA 174 -9.99 -101.95 -34.12
C LEU EA 174 -11.07 -102.70 -33.35
N ASN EA 175 -11.13 -102.51 -32.02
CA ASN EA 175 -11.99 -103.27 -31.10
C ASN EA 175 -11.77 -104.78 -31.23
N ILE EA 176 -10.49 -105.17 -31.13
CA ILE EA 176 -10.08 -106.57 -31.16
C ILE EA 176 -9.36 -106.86 -29.86
N SER EA 177 -9.74 -107.94 -29.20
CA SER EA 177 -9.12 -108.38 -27.95
C SER EA 177 -8.52 -109.77 -28.11
N PRO EA 178 -7.33 -110.01 -27.53
CA PRO EA 178 -6.72 -111.36 -27.64
C PRO EA 178 -7.53 -112.45 -26.95
N PHE EA 179 -7.79 -112.29 -25.65
CA PHE EA 179 -8.67 -113.19 -24.91
C PHE EA 179 -9.44 -112.35 -23.91
N SER EA 180 -10.30 -113.03 -23.14
CA SER EA 180 -11.16 -112.36 -22.19
C SER EA 180 -10.53 -112.30 -20.80
N PHE EA 181 -11.34 -111.89 -19.83
CA PHE EA 181 -10.89 -111.83 -18.44
C PHE EA 181 -11.03 -113.21 -17.79
N GLY EA 182 -9.90 -113.73 -17.32
CA GLY EA 182 -9.88 -115.07 -16.77
C GLY EA 182 -9.57 -115.05 -15.28
N LEU EA 183 -10.20 -115.97 -14.56
CA LEU EA 183 -9.94 -116.16 -13.14
C LEU EA 183 -8.99 -117.34 -12.97
N ILE EA 184 -7.73 -117.12 -13.36
CA ILE EA 184 -6.77 -118.20 -13.47
C ILE EA 184 -6.29 -118.67 -12.08
N ILE EA 185 -6.06 -119.98 -11.97
CA ILE EA 185 -5.67 -120.66 -10.74
C ILE EA 185 -4.15 -120.72 -10.69
N GLN EA 186 -3.57 -120.74 -9.49
CA GLN EA 186 -2.14 -121.00 -9.35
C GLN EA 186 -1.85 -122.36 -8.71
N GLN EA 187 -2.30 -122.57 -7.47
CA GLN EA 187 -2.09 -123.81 -6.74
C GLN EA 187 -3.33 -124.08 -5.89
N VAL EA 188 -3.57 -125.36 -5.55
CA VAL EA 188 -4.75 -125.75 -4.81
C VAL EA 188 -4.35 -126.57 -3.58
N PHE EA 189 -5.23 -126.57 -2.57
CA PHE EA 189 -5.00 -127.28 -1.31
C PHE EA 189 -6.29 -128.02 -0.96
N ASP EA 190 -6.31 -129.33 -1.23
CA ASP EA 190 -7.55 -130.11 -1.16
C ASP EA 190 -7.51 -131.02 0.08
N ASN EA 191 -8.17 -130.56 1.15
CA ASN EA 191 -8.52 -131.36 2.33
C ASN EA 191 -7.29 -131.93 3.05
N GLY EA 192 -6.20 -131.18 3.07
CA GLY EA 192 -5.00 -131.65 3.71
C GLY EA 192 -4.04 -132.31 2.75
N SER EA 193 -3.96 -131.78 1.54
CA SER EA 193 -3.10 -132.32 0.50
C SER EA 193 -2.81 -131.22 -0.50
N ILE EA 194 -1.54 -131.12 -0.90
CA ILE EA 194 -1.09 -130.01 -1.76
C ILE EA 194 -0.71 -130.56 -3.13
N TYR EA 195 -1.47 -130.16 -4.14
CA TYR EA 195 -1.22 -130.46 -5.54
C TYR EA 195 -1.00 -129.15 -6.29
N ASN EA 196 -0.94 -129.26 -7.61
CA ASN EA 196 -0.93 -128.08 -8.46
C ASN EA 196 -2.17 -128.07 -9.34
N GLU FA 1 -34.44 -104.39 -39.25
CA GLU FA 1 -33.23 -104.62 -38.46
C GLU FA 1 -33.35 -104.00 -37.07
N ILE FA 2 -33.02 -104.81 -36.06
CA ILE FA 2 -33.06 -104.41 -34.66
C ILE FA 2 -31.90 -103.45 -34.38
N LYS FA 3 -32.21 -102.30 -33.79
CA LYS FA 3 -31.20 -101.32 -33.40
C LYS FA 3 -31.33 -101.02 -31.92
N VAL FA 4 -30.19 -100.82 -31.25
CA VAL FA 4 -30.13 -100.41 -29.85
C VAL FA 4 -29.15 -99.25 -29.73
N VAL FA 5 -29.63 -98.12 -29.21
CA VAL FA 5 -28.82 -96.90 -29.13
C VAL FA 5 -29.35 -96.00 -28.02
N TYR FA 6 -28.49 -95.16 -27.46
CA TYR FA 6 -28.88 -94.21 -26.43
C TYR FA 6 -29.80 -93.12 -26.96
N LEU FA 7 -30.69 -92.64 -26.09
CA LEU FA 7 -31.77 -91.74 -26.49
C LEU FA 7 -32.10 -90.85 -25.31
N ARG FA 8 -32.35 -89.55 -25.56
CA ARG FA 8 -32.76 -88.60 -24.52
C ARG FA 8 -33.84 -87.67 -25.07
N CYS FA 9 -35.02 -87.71 -24.44
CA CYS FA 9 -36.15 -86.88 -24.86
C CYS FA 9 -36.58 -86.00 -23.69
N THR FA 10 -37.58 -85.16 -23.96
CA THR FA 10 -38.22 -84.37 -22.92
C THR FA 10 -39.44 -85.06 -22.31
N GLY FA 11 -39.86 -86.20 -22.87
CA GLY FA 11 -41.01 -86.90 -22.36
C GLY FA 11 -42.29 -86.49 -23.06
N GLY FA 12 -43.14 -85.74 -22.37
CA GLY FA 12 -44.41 -85.32 -22.93
C GLY FA 12 -44.51 -83.85 -23.25
N GLU FA 13 -43.86 -83.01 -22.45
CA GLU FA 13 -43.91 -81.56 -22.66
C GLU FA 13 -43.06 -81.18 -23.86
N VAL FA 14 -43.55 -80.22 -24.64
CA VAL FA 14 -42.95 -79.86 -25.92
C VAL FA 14 -41.62 -79.15 -25.69
N GLY FA 15 -40.56 -79.64 -26.33
CA GLY FA 15 -39.28 -78.96 -26.31
C GLY FA 15 -39.09 -78.11 -27.54
N ALA FA 16 -37.97 -77.37 -27.56
CA ALA FA 16 -37.72 -76.43 -28.66
C ALA FA 16 -36.81 -77.05 -29.71
N THR FA 17 -35.84 -77.85 -29.29
CA THR FA 17 -34.83 -78.40 -30.18
C THR FA 17 -34.66 -79.89 -29.87
N SER FA 18 -34.55 -80.69 -30.93
CA SER FA 18 -34.41 -82.14 -30.77
C SER FA 18 -33.06 -82.50 -30.18
N ALA FA 19 -33.04 -83.60 -29.43
CA ALA FA 19 -31.84 -84.11 -28.78
C ALA FA 19 -31.55 -85.54 -29.20
N LEU FA 20 -31.91 -85.89 -30.43
CA LEU FA 20 -31.86 -87.30 -30.81
C LEU FA 20 -31.10 -87.44 -32.12
N ALA FA 21 -31.11 -86.35 -32.92
CA ALA FA 21 -30.71 -86.39 -34.32
C ALA FA 21 -29.28 -86.86 -34.64
N PRO FA 22 -28.17 -86.39 -33.92
CA PRO FA 22 -26.81 -86.69 -34.45
C PRO FA 22 -26.36 -88.15 -34.52
N LYS FA 23 -27.19 -89.10 -34.07
CA LYS FA 23 -26.85 -90.52 -34.22
C LYS FA 23 -27.95 -91.32 -34.90
N ILE FA 24 -29.20 -90.98 -34.64
CA ILE FA 24 -30.33 -91.73 -35.16
C ILE FA 24 -30.95 -91.06 -36.39
N GLY FA 25 -30.40 -89.91 -36.81
CA GLY FA 25 -30.73 -89.29 -38.06
C GLY FA 25 -30.34 -90.10 -39.29
N PRO FA 26 -29.03 -90.48 -39.40
CA PRO FA 26 -28.63 -91.38 -40.50
C PRO FA 26 -29.04 -92.84 -40.34
N LEU FA 27 -29.85 -93.15 -39.32
CA LEU FA 27 -30.31 -94.52 -39.07
C LEU FA 27 -31.50 -94.90 -39.95
N GLY FA 28 -31.95 -94.01 -40.84
CA GLY FA 28 -32.95 -94.37 -41.82
C GLY FA 28 -34.39 -94.08 -41.43
N LEU FA 29 -34.79 -94.50 -40.22
CA LEU FA 29 -36.14 -94.21 -39.75
C LEU FA 29 -36.26 -92.74 -39.38
N SER FA 30 -37.52 -92.29 -39.21
CA SER FA 30 -37.95 -90.91 -39.03
C SER FA 30 -37.27 -90.20 -37.86
N PRO FA 31 -36.39 -89.22 -38.13
CA PRO FA 31 -35.77 -88.45 -37.04
C PRO FA 31 -36.55 -87.20 -36.68
N LYS FA 32 -37.80 -87.11 -37.14
CA LYS FA 32 -38.63 -85.94 -36.89
C LYS FA 32 -39.55 -86.10 -35.70
N LYS FA 33 -40.15 -87.28 -35.53
CA LYS FA 33 -41.12 -87.49 -34.47
C LYS FA 33 -40.48 -87.70 -33.11
N VAL FA 34 -39.15 -87.82 -33.05
CA VAL FA 34 -38.44 -88.30 -31.86
C VAL FA 34 -38.43 -87.32 -30.70
N GLY FA 35 -38.98 -86.11 -30.88
CA GLY FA 35 -39.23 -85.27 -29.73
C GLY FA 35 -40.29 -85.84 -28.81
N ASP FA 36 -41.25 -86.59 -29.38
CA ASP FA 36 -42.21 -87.33 -28.57
C ASP FA 36 -42.49 -88.73 -29.11
N ASP FA 37 -41.64 -89.26 -30.00
CA ASP FA 37 -41.74 -90.67 -30.37
C ASP FA 37 -41.24 -91.59 -29.27
N ILE FA 38 -40.59 -91.04 -28.24
CA ILE FA 38 -40.30 -91.82 -27.03
C ILE FA 38 -41.43 -91.65 -26.02
N ALA FA 39 -42.51 -90.98 -26.42
CA ALA FA 39 -43.73 -90.87 -25.64
C ALA FA 39 -44.88 -91.67 -26.24
N LYS FA 40 -44.60 -92.86 -26.80
CA LYS FA 40 -45.66 -93.68 -27.38
C LYS FA 40 -46.58 -94.26 -26.31
N ALA FA 41 -45.99 -94.86 -25.27
CA ALA FA 41 -46.75 -95.52 -24.21
C ALA FA 41 -46.13 -95.19 -22.84
N THR FA 42 -45.91 -93.89 -22.59
CA THR FA 42 -45.44 -93.44 -21.28
C THR FA 42 -46.43 -93.77 -20.18
N GLY FA 43 -47.63 -93.19 -20.25
CA GLY FA 43 -48.64 -93.45 -19.25
C GLY FA 43 -48.48 -92.64 -17.99
N ASP FA 44 -47.30 -92.67 -17.37
CA ASP FA 44 -47.09 -92.02 -16.09
C ASP FA 44 -46.28 -90.72 -16.17
N TRP FA 45 -45.19 -90.67 -16.97
CA TRP FA 45 -44.29 -89.52 -16.93
C TRP FA 45 -44.94 -88.24 -17.43
N LYS FA 46 -45.15 -88.14 -18.75
CA LYS FA 46 -45.97 -87.13 -19.44
C LYS FA 46 -45.44 -85.70 -19.31
N GLY FA 47 -44.45 -85.45 -18.46
CA GLY FA 47 -43.88 -84.12 -18.32
C GLY FA 47 -42.43 -84.09 -17.92
N LEU FA 48 -41.77 -85.23 -17.91
CA LEU FA 48 -40.41 -85.34 -17.38
C LEU FA 48 -39.46 -85.84 -18.46
N ARG FA 49 -38.24 -85.29 -18.45
CA ARG FA 49 -37.16 -85.76 -19.30
C ARG FA 49 -36.79 -87.15 -18.83
N ILE FA 50 -37.21 -88.17 -19.58
CA ILE FA 50 -36.95 -89.54 -19.20
C ILE FA 50 -35.77 -90.06 -20.00
N THR FA 51 -34.91 -90.80 -19.31
CA THR FA 51 -33.73 -91.40 -19.91
C THR FA 51 -34.03 -92.83 -20.37
N VAL FA 52 -33.92 -93.07 -21.67
CA VAL FA 52 -34.40 -94.32 -22.25
C VAL FA 52 -33.30 -94.95 -23.10
N LYS FA 53 -33.04 -96.25 -22.89
CA LYS FA 53 -32.36 -97.10 -23.86
C LYS FA 53 -33.41 -98.15 -24.25
N LEU FA 54 -33.88 -98.09 -25.49
CA LEU FA 54 -34.90 -99.00 -25.99
C LEU FA 54 -34.41 -99.75 -27.23
N THR FA 55 -35.29 -100.58 -27.78
CA THR FA 55 -35.02 -101.32 -29.00
C THR FA 55 -35.67 -100.64 -30.20
N ILE FA 56 -34.87 -100.33 -31.22
CA ILE FA 56 -35.28 -99.53 -32.36
C ILE FA 56 -35.44 -100.45 -33.56
N GLN FA 57 -36.62 -100.42 -34.17
CA GLN FA 57 -36.85 -101.11 -35.43
C GLN FA 57 -36.72 -100.14 -36.59
N ASN FA 58 -36.55 -100.71 -37.79
CA ASN FA 58 -36.23 -99.93 -38.99
C ASN FA 58 -37.38 -99.03 -39.47
N ARG FA 59 -38.60 -99.26 -38.99
CA ARG FA 59 -39.71 -98.39 -39.38
C ARG FA 59 -39.98 -97.34 -38.31
N GLN FA 60 -40.27 -97.77 -37.08
CA GLN FA 60 -40.33 -96.89 -35.93
C GLN FA 60 -39.97 -97.72 -34.69
N ALA FA 61 -39.93 -97.05 -33.54
CA ALA FA 61 -39.36 -97.63 -32.34
C ALA FA 61 -40.30 -98.67 -31.71
N GLN FA 62 -39.77 -99.38 -30.72
CA GLN FA 62 -40.47 -100.43 -29.99
C GLN FA 62 -40.46 -100.10 -28.51
N ILE FA 63 -41.52 -100.53 -27.81
CA ILE FA 63 -41.75 -100.16 -26.42
C ILE FA 63 -40.75 -100.89 -25.52
N GLU FA 64 -39.76 -100.16 -25.01
CA GLU FA 64 -38.88 -100.63 -23.94
C GLU FA 64 -38.61 -99.46 -23.01
N VAL FA 65 -39.18 -99.52 -21.80
CA VAL FA 65 -39.14 -98.40 -20.86
C VAL FA 65 -38.24 -98.79 -19.70
N VAL FA 66 -37.09 -98.13 -19.59
CA VAL FA 66 -36.19 -98.27 -18.45
C VAL FA 66 -36.05 -96.91 -17.78
N PRO FA 67 -36.51 -96.75 -16.55
CA PRO FA 67 -36.59 -95.40 -15.97
C PRO FA 67 -35.36 -94.97 -15.20
N SER FA 68 -35.42 -93.75 -14.68
CA SER FA 68 -34.60 -93.35 -13.55
C SER FA 68 -35.25 -93.90 -12.29
N ALA FA 69 -34.45 -94.05 -11.23
CA ALA FA 69 -35.03 -94.30 -9.94
C ALA FA 69 -35.69 -93.05 -9.43
N SER FA 70 -35.08 -91.88 -9.71
CA SER FA 70 -35.70 -90.62 -9.35
C SER FA 70 -37.05 -90.49 -10.04
N ALA FA 71 -37.11 -90.77 -11.34
CA ALA FA 71 -38.39 -90.78 -12.06
C ALA FA 71 -39.33 -91.86 -11.54
N LEU FA 72 -38.80 -93.01 -11.12
CA LEU FA 72 -39.61 -94.10 -10.60
C LEU FA 72 -40.30 -93.72 -9.29
N ILE FA 73 -39.62 -92.94 -8.43
CA ILE FA 73 -40.18 -92.53 -7.15
C ILE FA 73 -40.89 -91.17 -7.21
N ILE FA 74 -40.62 -90.35 -8.23
CA ILE FA 74 -41.52 -89.26 -8.58
C ILE FA 74 -42.86 -89.79 -9.04
N LYS FA 75 -42.86 -90.84 -9.85
CA LYS FA 75 -44.11 -91.42 -10.30
C LYS FA 75 -44.56 -92.59 -9.43
N ALA FA 76 -44.10 -92.63 -8.17
CA ALA FA 76 -44.80 -93.41 -7.16
C ALA FA 76 -46.11 -92.74 -6.77
N LEU FA 77 -46.04 -91.51 -6.23
CA LEU FA 77 -47.19 -90.63 -6.08
C LEU FA 77 -47.14 -89.56 -7.15
N LYS FA 78 -48.14 -89.57 -8.04
CA LYS FA 78 -48.09 -88.76 -9.25
C LYS FA 78 -48.25 -87.28 -8.92
N GLU FA 79 -47.35 -86.45 -9.48
CA GLU FA 79 -47.47 -85.01 -9.40
C GLU FA 79 -48.01 -84.45 -10.71
N PRO FA 80 -48.74 -83.34 -10.67
CA PRO FA 80 -49.27 -82.76 -11.90
C PRO FA 80 -48.16 -82.19 -12.76
N PRO FA 81 -48.37 -82.10 -14.07
CA PRO FA 81 -47.36 -81.49 -14.93
C PRO FA 81 -47.46 -79.97 -14.95
N ARG FA 82 -46.39 -79.35 -15.45
CA ARG FA 82 -46.37 -77.92 -15.72
C ARG FA 82 -45.76 -77.71 -17.11
N ASP FA 83 -46.02 -76.55 -17.69
CA ASP FA 83 -45.49 -76.10 -18.97
C ASP FA 83 -44.08 -75.53 -18.74
N ARG FA 84 -43.60 -74.76 -19.73
CA ARG FA 84 -42.26 -74.17 -19.69
C ARG FA 84 -42.09 -73.07 -18.65
N LYS FA 85 -43.12 -72.77 -17.85
CA LYS FA 85 -42.99 -71.80 -16.76
C LYS FA 85 -42.00 -72.26 -15.71
N LYS FA 86 -42.18 -73.48 -15.20
CA LYS FA 86 -41.29 -74.17 -14.25
C LYS FA 86 -41.06 -73.34 -12.98
N GLN FA 87 -42.16 -73.16 -12.25
CA GLN FA 87 -42.14 -72.36 -11.03
C GLN FA 87 -41.51 -73.14 -9.87
N LYS FA 88 -41.37 -72.45 -8.74
CA LYS FA 88 -40.77 -73.00 -7.54
C LYS FA 88 -41.73 -74.02 -6.90
N ASN FA 89 -41.15 -74.89 -6.05
CA ASN FA 89 -41.81 -75.99 -5.34
C ASN FA 89 -42.47 -76.97 -6.33
N ILE FA 90 -41.63 -77.38 -7.29
CA ILE FA 90 -41.89 -78.52 -8.16
C ILE FA 90 -41.14 -79.76 -7.66
N LYS FA 91 -40.25 -79.57 -6.68
CA LYS FA 91 -39.69 -80.67 -5.89
C LYS FA 91 -40.80 -81.48 -5.23
N HIS FA 92 -40.65 -82.80 -5.24
CA HIS FA 92 -41.76 -83.71 -4.94
C HIS FA 92 -42.15 -83.66 -3.48
N SER FA 93 -43.45 -83.53 -3.22
CA SER FA 93 -44.02 -83.55 -1.88
C SER FA 93 -45.16 -84.56 -1.85
N GLY FA 94 -45.19 -85.40 -0.83
CA GLY FA 94 -46.19 -86.44 -0.71
C GLY FA 94 -45.60 -87.69 -0.09
N ASN FA 95 -46.29 -88.25 0.90
CA ASN FA 95 -45.73 -89.32 1.71
C ASN FA 95 -45.86 -90.65 0.96
N ILE FA 96 -44.71 -91.18 0.52
CA ILE FA 96 -44.67 -92.48 -0.15
C ILE FA 96 -45.02 -93.56 0.87
N THR FA 97 -45.68 -94.62 0.41
CA THR FA 97 -46.06 -95.69 1.32
C THR FA 97 -45.12 -96.87 1.20
N PHE FA 98 -45.32 -97.85 2.09
CA PHE FA 98 -44.61 -99.11 1.99
C PHE FA 98 -45.03 -99.90 0.75
N ASP FA 99 -46.30 -99.76 0.35
CA ASP FA 99 -46.76 -100.35 -0.91
C ASP FA 99 -46.03 -99.74 -2.09
N GLU FA 100 -45.81 -98.43 -2.07
CA GLU FA 100 -45.05 -97.79 -3.13
C GLU FA 100 -43.55 -97.97 -2.97
N ILE FA 101 -43.10 -98.53 -1.83
CA ILE FA 101 -41.74 -99.04 -1.76
C ILE FA 101 -41.65 -100.39 -2.49
N VAL FA 102 -42.54 -101.31 -2.14
CA VAL FA 102 -42.39 -102.70 -2.60
C VAL FA 102 -43.01 -102.94 -3.96
N ASN FA 103 -43.66 -101.93 -4.58
CA ASN FA 103 -44.10 -102.13 -5.95
C ASN FA 103 -42.99 -101.79 -6.95
N ILE FA 104 -42.13 -100.83 -6.62
CA ILE FA 104 -41.09 -100.39 -7.53
C ILE FA 104 -39.68 -100.72 -7.04
N ALA FA 105 -39.55 -101.44 -5.92
CA ALA FA 105 -38.32 -102.21 -5.71
C ALA FA 105 -38.26 -103.44 -6.59
N ARG FA 106 -39.38 -103.81 -7.23
CA ARG FA 106 -39.38 -104.86 -8.24
C ARG FA 106 -38.66 -104.43 -9.51
N GLN FA 107 -38.58 -103.11 -9.75
CA GLN FA 107 -37.77 -102.58 -10.84
C GLN FA 107 -36.27 -102.58 -10.52
N MET FA 108 -35.90 -102.92 -9.29
CA MET FA 108 -34.50 -103.08 -8.94
C MET FA 108 -34.05 -104.54 -8.92
N ARG FA 109 -34.99 -105.48 -8.99
CA ARG FA 109 -34.68 -106.89 -9.11
C ARG FA 109 -34.17 -107.25 -10.50
N HIS FA 110 -34.78 -106.68 -11.54
CA HIS FA 110 -34.51 -107.12 -12.91
C HIS FA 110 -33.39 -106.32 -13.59
N ARG FA 111 -32.64 -105.50 -12.84
CA ARG FA 111 -31.32 -105.08 -13.31
C ARG FA 111 -30.25 -106.06 -12.84
N SER FA 112 -30.42 -106.59 -11.62
CA SER FA 112 -29.65 -107.71 -11.06
C SER FA 112 -28.15 -107.40 -10.94
N LEU FA 113 -27.83 -106.18 -10.49
CA LEU FA 113 -26.50 -105.88 -9.98
C LEU FA 113 -26.73 -105.22 -8.62
N ALA FA 114 -26.95 -106.07 -7.62
CA ALA FA 114 -27.29 -105.67 -6.26
C ALA FA 114 -27.25 -106.92 -5.38
N ARG FA 115 -27.78 -106.78 -4.17
CA ARG FA 115 -28.26 -107.90 -3.38
C ARG FA 115 -29.66 -108.26 -3.89
N GLU FA 116 -30.33 -109.17 -3.19
CA GLU FA 116 -31.77 -109.35 -3.37
C GLU FA 116 -32.53 -108.09 -2.94
N LEU FA 117 -33.85 -108.09 -3.11
CA LEU FA 117 -34.71 -106.91 -3.00
C LEU FA 117 -34.70 -106.30 -1.59
N SER FA 118 -34.23 -107.07 -0.61
CA SER FA 118 -33.96 -106.55 0.73
C SER FA 118 -32.91 -105.46 0.70
N GLY FA 119 -31.87 -105.64 -0.11
CA GLY FA 119 -30.88 -104.59 -0.26
C GLY FA 119 -31.36 -103.38 -1.03
N THR FA 120 -32.40 -103.53 -1.87
CA THR FA 120 -32.87 -102.44 -2.70
C THR FA 120 -34.06 -101.68 -2.13
N ILE FA 121 -34.75 -102.23 -1.13
CA ILE FA 121 -35.72 -101.41 -0.40
C ILE FA 121 -35.04 -100.36 0.46
N LYS FA 122 -33.74 -100.53 0.77
CA LYS FA 122 -32.93 -99.40 1.19
C LYS FA 122 -32.43 -98.54 0.04
N GLU FA 123 -32.19 -99.13 -1.15
CA GLU FA 123 -31.63 -98.36 -2.26
C GLU FA 123 -32.62 -97.33 -2.79
N ILE FA 124 -33.85 -97.75 -3.10
CA ILE FA 124 -34.85 -96.79 -3.56
C ILE FA 124 -35.34 -95.87 -2.46
N LEU FA 125 -35.26 -96.29 -1.20
CA LEU FA 125 -35.56 -95.39 -0.09
C LEU FA 125 -34.48 -94.32 0.07
N GLY FA 126 -33.21 -94.69 -0.16
CA GLY FA 126 -32.14 -93.71 -0.18
C GLY FA 126 -32.19 -92.78 -1.38
N THR FA 127 -32.80 -93.23 -2.48
CA THR FA 127 -33.17 -92.28 -3.53
C THR FA 127 -34.34 -91.39 -3.13
N ALA FA 128 -35.27 -91.93 -2.30
CA ALA FA 128 -36.54 -91.26 -2.03
C ALA FA 128 -36.36 -89.97 -1.27
N GLN FA 129 -35.50 -89.97 -0.25
CA GLN FA 129 -35.33 -88.76 0.55
C GLN FA 129 -34.42 -87.77 -0.15
N SER FA 130 -33.58 -88.25 -1.07
CA SER FA 130 -32.81 -87.34 -1.93
C SER FA 130 -33.70 -86.61 -2.93
N VAL FA 131 -34.67 -87.31 -3.52
CA VAL FA 131 -35.60 -86.65 -4.44
C VAL FA 131 -36.69 -85.87 -3.70
N GLY FA 132 -36.94 -86.18 -2.43
CA GLY FA 132 -37.71 -85.27 -1.60
C GLY FA 132 -38.96 -85.83 -0.96
N CYS FA 133 -39.16 -87.14 -1.06
CA CYS FA 133 -40.36 -87.79 -0.57
C CYS FA 133 -40.00 -88.82 0.50
N ASN FA 134 -40.96 -89.14 1.37
CA ASN FA 134 -40.68 -89.88 2.59
C ASN FA 134 -41.67 -91.03 2.76
N VAL FA 135 -41.23 -92.06 3.46
CA VAL FA 135 -42.12 -93.14 3.90
C VAL FA 135 -42.38 -93.06 5.41
N ASP FA 136 -43.46 -92.33 5.76
CA ASP FA 136 -43.90 -92.05 7.14
C ASP FA 136 -42.85 -91.30 7.96
N GLY FA 137 -41.91 -90.64 7.31
CA GLY FA 137 -40.80 -90.00 8.00
C GLY FA 137 -39.53 -90.16 7.21
N ARG FA 138 -38.47 -89.54 7.72
CA ARG FA 138 -37.15 -89.61 7.09
C ARG FA 138 -36.43 -90.85 7.62
N HIS FA 139 -35.11 -90.96 7.32
CA HIS FA 139 -34.34 -92.16 7.64
C HIS FA 139 -34.36 -92.61 9.11
N PRO FA 140 -34.33 -91.72 10.17
CA PRO FA 140 -34.49 -92.25 11.54
C PRO FA 140 -35.89 -92.75 11.89
N HIS FA 141 -36.82 -92.76 10.93
CA HIS FA 141 -38.02 -93.58 11.01
C HIS FA 141 -38.06 -94.69 9.96
N ASP FA 142 -37.38 -94.52 8.83
CA ASP FA 142 -37.41 -95.53 7.77
C ASP FA 142 -36.59 -96.76 8.16
N ILE FA 143 -35.41 -96.53 8.75
CA ILE FA 143 -34.55 -97.63 9.16
C ILE FA 143 -35.16 -98.39 10.33
N ILE FA 144 -36.04 -97.73 11.11
CA ILE FA 144 -36.80 -98.41 12.16
C ILE FA 144 -37.72 -99.48 11.56
N ASP FA 145 -38.42 -99.14 10.48
CA ASP FA 145 -39.22 -100.11 9.76
C ASP FA 145 -38.36 -101.14 9.03
N ASP FA 146 -37.16 -100.73 8.62
CA ASP FA 146 -36.34 -101.59 7.76
C ASP FA 146 -35.56 -102.63 8.57
N ILE FA 147 -35.28 -102.37 9.83
CA ILE FA 147 -34.51 -103.34 10.62
C ILE FA 147 -35.44 -104.48 11.04
N ASN FA 148 -35.11 -105.70 10.61
CA ASN FA 148 -35.74 -106.98 10.97
C ASN FA 148 -37.21 -107.10 10.58
N SER FA 149 -37.80 -106.08 9.94
CA SER FA 149 -39.24 -106.03 9.74
C SER FA 149 -39.64 -105.52 8.37
N GLY FA 150 -38.74 -105.54 7.38
CA GLY FA 150 -39.10 -105.11 6.05
C GLY FA 150 -39.61 -106.25 5.20
N ALA FA 151 -40.86 -106.15 4.76
CA ALA FA 151 -41.46 -107.17 3.92
C ALA FA 151 -40.84 -107.16 2.53
N VAL FA 152 -40.62 -108.35 1.97
CA VAL FA 152 -39.67 -108.52 0.89
C VAL FA 152 -39.93 -109.85 0.18
N GLU FA 153 -39.57 -109.93 -1.11
CA GLU FA 153 -39.41 -111.20 -1.81
C GLU FA 153 -38.45 -112.12 -1.06
N VAL GA 1 3.09 57.31 81.63
CA VAL GA 1 3.28 58.63 81.02
C VAL GA 1 4.55 59.25 81.59
N SER GA 2 5.15 60.18 80.86
CA SER GA 2 6.25 60.96 81.40
C SER GA 2 5.73 62.06 82.30
N ARG GA 3 6.65 62.72 83.00
CA ARG GA 3 6.31 63.68 84.04
C ARG GA 3 6.56 65.13 83.64
N ASP GA 4 7.37 65.37 82.58
CA ASP GA 4 7.68 66.75 82.18
C ASP GA 4 6.45 67.48 81.64
N THR GA 5 5.69 66.85 80.72
CA THR GA 5 4.50 67.51 80.20
C THR GA 5 3.38 67.55 81.23
N LEU GA 6 3.41 66.63 82.20
CA LEU GA 6 2.46 66.71 83.30
C LEU GA 6 2.80 67.87 84.23
N TYR GA 7 4.09 68.16 84.39
CA TYR GA 7 4.49 69.39 85.05
C TYR GA 7 4.02 70.62 84.30
N GLU GA 8 4.13 70.61 82.96
CA GLU GA 8 3.65 71.73 82.15
C GLU GA 8 2.14 71.92 82.31
N ALA GA 9 1.40 70.82 82.34
CA ALA GA 9 -0.06 70.89 82.51
C ALA GA 9 -0.44 71.40 83.90
N VAL GA 10 0.26 70.94 84.94
CA VAL GA 10 -0.12 71.42 86.27
C VAL GA 10 0.32 72.88 86.47
N ARG GA 11 1.43 73.32 85.83
CA ARG GA 11 1.76 74.74 85.88
C ARG GA 11 0.72 75.59 85.15
N GLU GA 12 0.22 75.12 84.00
CA GLU GA 12 -0.76 75.93 83.28
C GLU GA 12 -2.11 75.93 83.99
N VAL GA 13 -2.44 74.93 84.81
CA VAL GA 13 -3.70 75.07 85.54
C VAL GA 13 -3.49 75.73 86.91
N LEU GA 14 -2.29 75.66 87.48
CA LEU GA 14 -1.98 76.49 88.65
C LEU GA 14 -2.01 77.97 88.31
N HIS GA 15 -1.65 78.36 87.09
CA HIS GA 15 -1.87 79.72 86.63
C HIS GA 15 -3.17 79.90 85.85
N GLY GA 16 -3.94 78.83 85.62
CA GLY GA 16 -5.31 78.92 85.19
C GLY GA 16 -6.32 78.99 86.31
N ASN GA 17 -5.85 78.89 87.56
CA ASN GA 17 -6.68 79.27 88.70
C ASN GA 17 -7.13 80.72 88.62
N GLN GA 18 -6.23 81.63 88.21
CA GLN GA 18 -6.57 83.04 88.05
C GLN GA 18 -7.53 83.27 86.89
N ARG GA 19 -7.63 82.32 85.96
CA ARG GA 19 -8.66 82.38 84.94
C ARG GA 19 -10.03 82.12 85.51
N LYS GA 20 -10.13 81.41 86.65
CA LYS GA 20 -11.42 80.98 87.17
C LYS GA 20 -11.76 81.63 88.52
N ARG GA 21 -10.96 81.42 89.58
CA ARG GA 21 -11.24 81.84 90.95
C ARG GA 21 -12.57 81.28 91.46
N ARG GA 22 -12.58 79.97 91.72
CA ARG GA 22 -13.71 79.08 92.01
C ARG GA 22 -14.60 79.40 93.23
N LYS GA 23 -15.94 79.20 93.15
CA LYS GA 23 -16.80 79.33 94.34
C LYS GA 23 -17.81 78.18 94.60
N PHE GA 24 -18.49 77.62 93.60
CA PHE GA 24 -18.80 76.19 93.68
C PHE GA 24 -17.55 75.38 93.96
N LEU GA 25 -17.58 74.71 95.11
CA LEU GA 25 -16.42 74.43 95.98
C LEU GA 25 -15.16 74.05 95.23
N GLU GA 26 -14.07 74.64 95.72
CA GLU GA 26 -12.78 74.58 95.08
C GLU GA 26 -12.29 73.14 95.06
N THR GA 27 -12.38 72.52 93.89
CA THR GA 27 -11.84 71.19 93.61
C THR GA 27 -11.69 71.06 92.10
N VAL GA 28 -10.66 70.31 91.69
CA VAL GA 28 -10.43 70.02 90.28
C VAL GA 28 -10.43 68.50 90.12
N GLU GA 29 -10.39 68.07 88.86
CA GLU GA 29 -10.40 66.67 88.51
C GLU GA 29 -9.59 66.47 87.24
N LEU GA 30 -9.42 65.22 86.86
CA LEU GA 30 -8.80 64.88 85.59
C LEU GA 30 -9.62 63.82 84.88
N GLN GA 31 -9.32 63.64 83.60
CA GLN GA 31 -9.97 62.64 82.77
C GLN GA 31 -8.97 61.58 82.36
N ILE GA 32 -9.47 60.41 82.01
CA ILE GA 32 -8.65 59.42 81.34
C ILE GA 32 -9.45 58.82 80.19
N SER GA 33 -8.78 58.65 79.06
CA SER GA 33 -9.39 58.25 77.80
C SER GA 33 -8.56 57.12 77.18
N LEU GA 34 -9.27 56.16 76.60
CA LEU GA 34 -8.64 54.98 76.02
C LEU GA 34 -9.16 54.79 74.60
N LYS GA 35 -8.40 54.03 73.79
CA LYS GA 35 -8.60 54.15 72.34
C LYS GA 35 -9.31 52.95 71.71
N ASN GA 36 -8.82 51.72 71.90
CA ASN GA 36 -9.38 50.59 71.16
C ASN GA 36 -9.58 49.35 72.03
N TYR GA 37 -10.22 49.50 73.18
CA TYR GA 37 -10.67 48.36 73.96
C TYR GA 37 -12.18 48.29 73.80
N ASP GA 38 -12.72 47.12 73.57
CA ASP GA 38 -14.15 47.07 73.25
C ASP GA 38 -14.98 47.26 74.51
N PRO GA 39 -15.98 48.16 74.51
CA PRO GA 39 -16.72 48.41 75.77
C PRO GA 39 -17.63 47.28 76.21
N GLN GA 40 -17.93 46.35 75.30
CA GLN GA 40 -18.79 45.22 75.62
C GLN GA 40 -18.02 43.92 75.83
N LYS GA 41 -16.70 43.95 75.70
CA LYS GA 41 -15.89 42.73 75.66
C LYS GA 41 -15.19 42.53 77.01
N ASP GA 42 -14.54 41.36 77.16
CA ASP GA 42 -13.96 40.86 78.40
C ASP GA 42 -12.62 41.51 78.73
N LYS GA 43 -11.88 40.87 79.66
CA LYS GA 43 -10.66 41.39 80.29
C LYS GA 43 -10.93 42.74 80.97
N ARG GA 44 -12.06 42.82 81.66
CA ARG GA 44 -12.50 44.06 82.28
C ARG GA 44 -11.66 44.38 83.50
N PHE GA 45 -11.03 45.56 83.49
CA PHE GA 45 -10.19 45.91 84.62
C PHE GA 45 -10.97 46.71 85.66
N SER GA 46 -10.66 46.42 86.91
CA SER GA 46 -11.48 46.81 88.06
C SER GA 46 -10.56 46.88 89.27
N GLY GA 47 -10.15 48.09 89.65
CA GLY GA 47 -9.16 48.24 90.70
C GLY GA 47 -9.36 49.51 91.49
N THR GA 48 -8.65 49.62 92.61
CA THR GA 48 -8.77 50.76 93.52
C THR GA 48 -7.42 51.47 93.65
N VAL GA 49 -7.43 52.79 93.49
CA VAL GA 49 -6.25 53.62 93.69
C VAL GA 49 -6.26 54.14 95.12
N ARG GA 50 -5.30 53.67 95.91
CA ARG GA 50 -5.02 54.30 97.20
C ARG GA 50 -4.38 55.66 96.95
N LEU GA 51 -4.90 56.69 97.61
CA LEU GA 51 -4.36 58.03 97.46
C LEU GA 51 -4.06 58.64 98.82
N LYS GA 52 -2.94 59.34 98.90
CA LYS GA 52 -2.41 59.80 100.19
C LYS GA 52 -2.28 61.31 100.17
N SER GA 53 -3.38 61.99 100.51
CA SER GA 53 -3.59 63.43 100.75
C SER GA 53 -5.09 63.69 100.81
N THR GA 54 -5.84 62.96 99.97
CA THR GA 54 -7.27 63.16 99.68
C THR GA 54 -7.51 64.62 99.30
N PRO GA 55 -7.19 65.03 98.08
CA PRO GA 55 -7.39 66.43 97.68
C PRO GA 55 -8.83 66.70 97.22
N ARG GA 56 -9.79 66.17 97.98
CA ARG GA 56 -11.19 66.40 97.67
C ARG GA 56 -11.81 66.86 98.98
N PRO GA 57 -12.19 68.15 99.10
CA PRO GA 57 -12.46 68.75 100.42
C PRO GA 57 -13.63 68.17 101.21
N LYS GA 58 -14.78 68.01 100.59
CA LYS GA 58 -15.93 67.39 101.25
C LYS GA 58 -16.20 65.99 100.71
N PHE GA 59 -15.45 65.02 101.22
CA PHE GA 59 -15.73 63.62 100.89
C PHE GA 59 -16.85 63.12 101.81
N SER GA 60 -17.90 62.59 101.21
CA SER GA 60 -19.10 62.25 101.98
C SER GA 60 -19.07 60.79 102.41
N VAL GA 61 -19.03 60.57 103.73
CA VAL GA 61 -18.75 59.27 104.32
C VAL GA 61 -19.79 58.99 105.40
N CYS GA 62 -20.25 57.73 105.50
CA CYS GA 62 -20.84 57.27 106.75
C CYS GA 62 -20.37 55.84 107.05
N VAL GA 63 -20.59 55.43 108.29
CA VAL GA 63 -20.21 54.09 108.77
C VAL GA 63 -21.49 53.30 109.06
N LEU GA 64 -21.39 51.99 108.87
CA LEU GA 64 -22.45 51.05 109.20
C LEU GA 64 -21.87 49.93 110.06
N GLY GA 65 -22.06 50.02 111.37
CA GLY GA 65 -21.29 49.18 112.27
C GLY GA 65 -22.05 48.74 113.51
N ASP GA 66 -21.41 47.83 114.23
CA ASP GA 66 -21.89 47.12 115.40
C ASP GA 66 -21.44 47.90 116.65
N GLN GA 67 -21.55 47.29 117.84
CA GLN GA 67 -21.05 47.85 119.08
C GLN GA 67 -19.52 47.94 119.03
N GLN GA 68 -18.98 48.88 119.84
CA GLN GA 68 -17.61 49.39 119.96
C GLN GA 68 -17.28 50.34 118.80
N HIS GA 69 -18.17 50.45 117.81
CA HIS GA 69 -18.14 51.52 116.83
C HIS GA 69 -19.08 52.65 117.23
N CYS GA 70 -19.43 52.75 118.50
CA CYS GA 70 -20.34 53.82 118.95
C CYS GA 70 -19.56 55.02 119.48
N ASP GA 71 -18.82 54.83 120.58
CA ASP GA 71 -18.23 55.95 121.31
C ASP GA 71 -17.11 56.62 120.54
N GLU GA 72 -16.24 55.82 119.92
CA GLU GA 72 -15.16 56.37 119.11
C GLU GA 72 -15.70 57.07 117.86
N ALA GA 73 -16.79 56.55 117.29
CA ALA GA 73 -17.44 57.25 116.18
C ALA GA 73 -18.08 58.56 116.62
N LYS GA 74 -18.70 58.60 117.81
CA LYS GA 74 -19.28 59.86 118.30
C LYS GA 74 -18.19 60.89 118.64
N ALA GA 75 -17.01 60.43 119.04
CA ALA GA 75 -15.90 61.32 119.30
C ALA GA 75 -15.16 61.78 118.05
N VAL GA 76 -15.22 61.04 116.94
CA VAL GA 76 -14.62 61.46 115.67
C VAL GA 76 -15.65 62.18 114.78
N ASP GA 77 -16.94 62.17 115.19
CA ASP GA 77 -18.06 62.83 114.49
C ASP GA 77 -18.30 62.25 113.10
N ILE GA 78 -18.60 60.95 113.05
CA ILE GA 78 -19.17 60.30 111.88
C ILE GA 78 -20.41 59.57 112.37
N PRO GA 79 -21.57 59.70 111.70
CA PRO GA 79 -22.80 59.08 112.20
C PRO GA 79 -22.77 57.56 112.12
N HIS GA 80 -23.23 56.93 113.20
CA HIS GA 80 -23.18 55.48 113.41
C HIS GA 80 -24.60 54.93 113.25
N MET GA 81 -24.71 53.66 112.82
CA MET GA 81 -26.00 53.08 112.49
C MET GA 81 -25.94 51.55 112.62
N ASP GA 82 -26.94 50.96 113.28
CA ASP GA 82 -26.87 49.59 113.75
C ASP GA 82 -27.67 48.66 112.81
N ILE GA 83 -27.67 47.35 113.09
CA ILE GA 83 -28.35 46.35 112.25
C ILE GA 83 -29.86 46.50 112.28
N GLU GA 84 -30.45 46.72 113.47
CA GLU GA 84 -31.89 46.98 113.53
C GLU GA 84 -32.22 48.36 112.98
N ALA GA 85 -31.25 49.27 112.98
CA ALA GA 85 -31.42 50.53 112.27
C ALA GA 85 -31.37 50.31 110.76
N LEU GA 86 -30.65 49.28 110.31
CA LEU GA 86 -30.68 48.97 108.88
C LEU GA 86 -31.99 48.29 108.53
N LYS GA 87 -32.60 47.59 109.49
CA LYS GA 87 -33.97 47.11 109.31
C LYS GA 87 -34.95 48.28 109.19
N LYS GA 88 -34.73 49.33 109.98
CA LYS GA 88 -35.50 50.57 109.85
C LYS GA 88 -35.33 51.19 108.45
N LEU GA 89 -34.10 51.20 107.93
CA LEU GA 89 -33.87 51.64 106.54
C LEU GA 89 -34.53 50.71 105.54
N ASN GA 90 -34.51 49.41 105.81
CA ASN GA 90 -35.08 48.38 104.95
C ASN GA 90 -36.60 48.40 104.95
N LYS GA 91 -37.23 49.12 105.90
CA LYS GA 91 -38.70 49.25 105.91
C LYS GA 91 -39.27 49.93 104.62
N ASN GA 92 -38.48 50.65 103.82
CA ASN GA 92 -38.86 51.05 102.47
C ASN GA 92 -37.62 51.30 101.62
N LYS GA 93 -37.70 51.03 100.32
CA LYS GA 93 -36.64 51.41 99.38
C LYS GA 93 -36.98 52.76 98.76
N LYS GA 94 -37.27 53.70 99.64
CA LYS GA 94 -37.66 55.06 99.28
C LYS GA 94 -36.59 56.01 99.79
N LEU GA 95 -36.31 55.94 101.09
CA LEU GA 95 -35.43 56.90 101.74
C LEU GA 95 -33.99 56.42 101.77
N VAL GA 96 -33.76 55.10 101.77
CA VAL GA 96 -32.42 54.57 101.91
C VAL GA 96 -31.59 54.85 100.66
N LYS GA 97 -32.21 54.77 99.48
CA LYS GA 97 -31.52 55.14 98.25
C LYS GA 97 -31.20 56.63 98.21
N LYS GA 98 -32.06 57.46 98.79
CA LYS GA 98 -31.79 58.90 98.78
C LYS GA 98 -30.68 59.27 99.75
N LEU GA 99 -30.64 58.63 100.92
CA LEU GA 99 -29.53 58.87 101.83
C LEU GA 99 -28.22 58.33 101.26
N ALA GA 100 -28.26 57.19 100.57
CA ALA GA 100 -27.07 56.63 99.94
C ALA GA 100 -26.70 57.35 98.65
N LYS GA 101 -27.61 58.16 98.10
CA LYS GA 101 -27.28 58.94 96.92
C LYS GA 101 -26.79 60.32 97.32
N LYS GA 102 -27.26 60.83 98.46
CA LYS GA 102 -26.67 62.04 99.04
C LYS GA 102 -25.25 61.78 99.53
N TYR GA 103 -25.04 60.72 100.30
CA TYR GA 103 -23.70 60.29 100.67
C TYR GA 103 -23.01 59.73 99.43
N ASP GA 104 -21.69 59.84 99.38
CA ASP GA 104 -20.96 59.30 98.24
C ASP GA 104 -20.63 57.82 98.41
N ALA GA 105 -19.81 57.49 99.40
CA ALA GA 105 -19.33 56.12 99.61
C ALA GA 105 -19.40 55.79 101.08
N PHE GA 106 -19.73 54.53 101.39
CA PHE GA 106 -19.94 54.09 102.76
C PHE GA 106 -18.69 53.37 103.26
N LEU GA 107 -18.73 52.90 104.51
CA LEU GA 107 -17.93 51.75 104.93
C LEU GA 107 -18.67 51.05 106.06
N ALA GA 108 -18.45 49.74 106.18
CA ALA GA 108 -19.25 48.94 107.08
C ALA GA 108 -18.38 47.91 107.80
N SER GA 109 -18.93 47.35 108.87
CA SER GA 109 -18.20 46.42 109.71
C SER GA 109 -18.30 45.00 109.15
N GLU GA 110 -17.87 44.03 109.97
CA GLU GA 110 -17.66 42.67 109.51
C GLU GA 110 -18.98 41.95 109.24
N SER GA 111 -19.93 42.01 110.17
CA SER GA 111 -21.13 41.19 110.10
C SER GA 111 -22.33 41.91 109.49
N LEU GA 112 -22.18 43.16 109.03
CA LEU GA 112 -23.31 43.86 108.44
C LEU GA 112 -23.32 43.77 106.93
N ILE GA 113 -22.19 43.41 106.31
CA ILE GA 113 -22.21 43.00 104.91
C ILE GA 113 -22.80 41.61 104.72
N LYS GA 114 -22.96 40.86 105.82
CA LYS GA 114 -23.76 39.65 105.82
C LYS GA 114 -25.24 39.94 105.68
N GLN GA 115 -25.70 41.05 106.24
CA GLN GA 115 -27.10 41.40 106.33
C GLN GA 115 -27.50 42.45 105.29
N ILE GA 116 -26.55 43.10 104.65
CA ILE GA 116 -26.86 44.00 103.53
C ILE GA 116 -27.40 43.28 102.28
N PRO GA 117 -27.18 41.94 101.99
CA PRO GA 117 -28.03 41.34 100.95
C PRO GA 117 -29.27 40.60 101.46
N ARG GA 118 -30.11 41.23 102.29
CA ARG GA 118 -31.34 40.57 102.72
C ARG GA 118 -32.35 40.50 101.57
N ILE GA 119 -32.85 41.67 101.17
CA ILE GA 119 -33.62 41.86 99.95
C ILE GA 119 -33.10 43.06 99.17
N LEU GA 120 -32.03 43.67 99.68
CA LEU GA 120 -31.54 44.98 99.26
C LEU GA 120 -30.14 44.90 98.65
N GLY GA 121 -29.71 43.72 98.24
CA GLY GA 121 -28.46 43.54 97.53
C GLY GA 121 -28.44 44.25 96.21
N PRO GA 122 -29.31 43.77 95.24
CA PRO GA 122 -29.58 44.51 94.00
C PRO GA 122 -30.16 45.92 94.09
N GLY GA 123 -30.85 46.24 95.21
CA GLY GA 123 -31.20 47.62 95.48
C GLY GA 123 -30.01 48.53 95.78
N LEU GA 124 -29.03 48.03 96.54
CA LEU GA 124 -27.89 48.87 96.90
C LEU GA 124 -26.78 48.95 95.84
N ASN GA 125 -26.51 47.90 95.03
CA ASN GA 125 -25.58 48.10 93.90
C ASN GA 125 -26.23 48.86 92.73
N LYS GA 126 -27.56 49.06 92.75
CA LYS GA 126 -28.18 50.03 91.84
C LYS GA 126 -27.58 51.43 91.99
N ALA GA 127 -27.19 51.80 93.23
CA ALA GA 127 -26.46 53.05 93.43
C ALA GA 127 -24.96 52.83 93.65
N GLY GA 128 -24.44 51.64 93.32
CA GLY GA 128 -23.01 51.40 93.41
C GLY GA 128 -22.47 51.31 94.82
N LYS GA 129 -23.11 50.49 95.66
CA LYS GA 129 -22.71 50.39 97.07
C LYS GA 129 -22.13 49.01 97.36
N PHE GA 130 -20.81 48.96 97.42
CA PHE GA 130 -20.10 47.85 98.04
C PHE GA 130 -19.40 48.40 99.27
N PRO GA 131 -19.95 48.22 100.48
CA PRO GA 131 -19.34 48.82 101.67
C PRO GA 131 -18.08 48.07 102.07
N SER GA 132 -17.03 48.82 102.40
CA SER GA 132 -15.71 48.26 102.65
C SER GA 132 -15.56 47.85 104.11
N LEU GA 133 -14.99 46.67 104.33
CA LEU GA 133 -14.84 46.13 105.68
C LEU GA 133 -13.84 46.93 106.50
N LEU GA 134 -14.05 46.95 107.81
CA LEU GA 134 -13.04 47.43 108.76
C LEU GA 134 -12.13 46.26 109.15
N THR GA 135 -11.36 46.43 110.22
CA THR GA 135 -10.47 45.36 110.66
C THR GA 135 -10.73 45.10 112.15
N HIS GA 136 -9.87 44.27 112.76
CA HIS GA 136 -9.94 43.99 114.19
C HIS GA 136 -9.12 44.98 115.01
N ASN GA 137 -8.35 45.85 114.37
CA ASN GA 137 -7.63 46.90 115.08
C ASN GA 137 -8.58 47.97 115.63
N GLU GA 138 -9.72 48.17 114.94
CA GLU GA 138 -10.82 49.04 115.37
C GLU GA 138 -10.39 50.49 115.55
N ASN GA 139 -9.46 50.94 114.70
CA ASN GA 139 -9.01 52.33 114.65
C ASN GA 139 -9.38 52.89 113.28
N MET GA 140 -10.48 53.62 113.22
CA MET GA 140 -10.84 54.22 111.94
C MET GA 140 -10.39 55.67 111.83
N VAL GA 141 -9.73 56.19 112.86
CA VAL GA 141 -9.31 57.59 112.89
C VAL GA 141 -8.14 57.80 111.92
N ALA GA 142 -8.41 58.56 110.86
CA ALA GA 142 -7.62 58.84 109.65
C ALA GA 142 -7.47 57.62 108.75
N LYS GA 143 -7.89 56.45 109.21
CA LYS GA 143 -7.98 55.32 108.30
C LYS GA 143 -9.19 55.47 107.39
N VAL GA 144 -10.24 56.14 107.88
CA VAL GA 144 -11.32 56.55 106.98
C VAL GA 144 -10.83 57.61 106.01
N ASP GA 145 -9.98 58.53 106.48
CA ASP GA 145 -9.38 59.54 105.60
C ASP GA 145 -8.44 58.93 104.57
N GLU GA 146 -7.93 57.72 104.83
CA GLU GA 146 -7.15 56.96 103.87
C GLU GA 146 -8.01 56.12 102.93
N VAL GA 147 -9.06 55.48 103.45
CA VAL GA 147 -9.98 54.67 102.63
C VAL GA 147 -10.74 55.56 101.63
N LYS GA 148 -11.09 56.77 102.05
CA LYS GA 148 -11.66 57.73 101.11
C LYS GA 148 -10.60 58.16 100.10
N SER GA 149 -11.10 58.57 98.92
CA SER GA 149 -10.36 58.86 97.69
C SER GA 149 -9.52 57.66 97.24
N THR GA 150 -9.99 56.43 97.46
CA THR GA 150 -9.42 55.28 96.77
C THR GA 150 -10.26 55.10 95.52
N ILE GA 151 -9.77 55.66 94.41
CA ILE GA 151 -10.62 55.81 93.23
C ILE GA 151 -10.74 54.49 92.50
N LYS GA 152 -11.99 54.09 92.24
CA LYS GA 152 -12.27 52.84 91.54
C LYS GA 152 -12.15 53.06 90.03
N PHE GA 153 -11.07 52.55 89.45
CA PHE GA 153 -10.97 52.41 87.99
C PHE GA 153 -11.73 51.14 87.60
N GLN GA 154 -12.87 51.31 86.95
CA GLN GA 154 -13.73 50.20 86.60
C GLN GA 154 -14.15 50.35 85.14
N MET GA 155 -14.06 49.26 84.38
CA MET GA 155 -14.59 49.22 83.02
C MET GA 155 -16.09 48.93 82.98
N LYS GA 156 -16.81 49.78 82.26
CA LYS GA 156 -18.24 49.62 81.99
C LYS GA 156 -18.49 49.99 80.53
N LYS GA 157 -19.74 50.26 80.15
CA LYS GA 157 -20.21 50.19 78.76
C LYS GA 157 -19.67 51.26 77.82
N VAL GA 158 -18.70 52.08 78.24
CA VAL GA 158 -17.97 52.93 77.31
C VAL GA 158 -16.56 53.14 77.85
N LEU GA 159 -15.67 53.58 76.99
CA LEU GA 159 -14.22 53.55 77.16
C LEU GA 159 -13.64 54.87 77.64
N CYS GA 160 -14.00 55.31 78.85
CA CYS GA 160 -13.40 56.49 79.47
C CYS GA 160 -13.78 56.54 80.94
N LEU GA 161 -12.96 57.23 81.73
CA LEU GA 161 -13.33 57.54 83.12
C LEU GA 161 -12.84 58.95 83.47
N ALA GA 162 -13.21 59.39 84.66
CA ALA GA 162 -12.75 60.66 85.23
C ALA GA 162 -12.47 60.45 86.70
N VAL GA 163 -11.40 61.09 87.19
CA VAL GA 163 -10.93 60.88 88.55
C VAL GA 163 -10.90 62.20 89.28
N ALA GA 164 -11.51 62.22 90.47
CA ALA GA 164 -11.66 63.43 91.28
C ALA GA 164 -10.40 63.64 92.11
N VAL GA 165 -9.44 64.41 91.58
CA VAL GA 165 -8.19 64.71 92.26
C VAL GA 165 -7.88 66.20 92.13
N GLY GA 166 -7.71 66.88 93.26
CA GLY GA 166 -6.93 68.11 93.26
C GLY GA 166 -7.59 69.41 93.71
N HIS GA 167 -6.81 70.22 94.39
CA HIS GA 167 -7.06 71.65 94.55
C HIS GA 167 -5.72 72.37 94.57
N VAL GA 168 -5.68 73.54 93.95
CA VAL GA 168 -4.43 74.26 93.69
C VAL GA 168 -3.88 74.90 94.95
N LYS GA 169 -4.70 74.98 95.99
CA LYS GA 169 -4.26 75.42 97.31
C LYS GA 169 -3.24 74.47 97.93
N MET GA 170 -3.30 73.19 97.61
CA MET GA 170 -2.37 72.20 98.15
C MET GA 170 -1.03 72.32 97.42
N THR GA 171 -0.05 71.53 97.85
CA THR GA 171 1.30 71.59 97.30
C THR GA 171 1.42 70.80 96.00
N ASP GA 172 2.24 71.35 95.10
CA ASP GA 172 2.32 70.88 93.72
C ASP GA 172 2.95 69.50 93.62
N ASP GA 173 4.00 69.24 94.39
CA ASP GA 173 4.72 67.98 94.25
C ASP GA 173 3.90 66.82 94.81
N GLU GA 174 3.15 67.06 95.88
CA GLU GA 174 2.24 66.01 96.34
C GLU GA 174 1.07 65.84 95.37
N LEU GA 175 0.58 66.92 94.76
CA LEU GA 175 -0.50 66.80 93.78
C LEU GA 175 -0.06 66.00 92.54
N VAL GA 176 1.17 66.22 92.07
CA VAL GA 176 1.66 65.42 90.97
C VAL GA 176 2.02 64.00 91.41
N TYR GA 177 2.32 63.79 92.70
CA TYR GA 177 2.42 62.42 93.21
C TYR GA 177 1.07 61.70 93.16
N ASN GA 178 -0.02 62.41 93.46
CA ASN GA 178 -1.37 61.84 93.34
C ASN GA 178 -1.69 61.45 91.90
N ILE GA 179 -1.44 62.35 90.95
CA ILE GA 179 -1.74 62.04 89.56
C ILE GA 179 -0.80 60.95 89.04
N HIS GA 180 0.42 60.87 89.57
CA HIS GA 180 1.35 59.80 89.24
C HIS GA 180 0.80 58.45 89.68
N LEU GA 181 0.26 58.40 90.91
CA LEU GA 181 -0.37 57.19 91.42
C LEU GA 181 -1.54 56.76 90.55
N ALA GA 182 -2.39 57.71 90.15
CA ALA GA 182 -3.53 57.40 89.30
C ALA GA 182 -3.10 56.85 87.94
N VAL GA 183 -2.14 57.51 87.30
CA VAL GA 183 -1.81 57.12 85.92
C VAL GA 183 -0.99 55.84 85.90
N ASN GA 184 -0.08 55.62 86.87
CA ASN GA 184 0.69 54.38 86.79
C ASN GA 184 -0.14 53.19 87.27
N PHE GA 185 -1.13 53.41 88.15
CA PHE GA 185 -2.04 52.32 88.49
C PHE GA 185 -2.91 51.94 87.30
N LEU GA 186 -3.38 52.92 86.52
CA LEU GA 186 -4.19 52.54 85.37
C LEU GA 186 -3.34 51.95 84.24
N VAL GA 187 -2.11 52.45 84.05
CA VAL GA 187 -1.23 51.90 83.03
C VAL GA 187 -0.83 50.46 83.36
N SER GA 188 -0.62 50.16 84.65
CA SER GA 188 -0.46 48.77 85.06
C SER GA 188 -1.74 47.96 84.94
N LEU GA 189 -2.90 48.59 85.16
CA LEU GA 189 -4.17 47.87 85.17
C LEU GA 189 -4.66 47.58 83.76
N LEU GA 190 -4.19 48.33 82.76
CA LEU GA 190 -4.60 48.15 81.37
C LEU GA 190 -4.04 46.86 80.76
N LYS GA 191 -4.68 46.39 79.69
CA LYS GA 191 -4.27 45.15 79.05
C LYS GA 191 -2.97 45.35 78.27
N LYS GA 192 -2.65 46.60 77.92
CA LYS GA 192 -1.42 46.98 77.26
C LYS GA 192 -0.79 48.15 78.01
N ASN GA 193 0.25 48.74 77.44
CA ASN GA 193 0.98 49.82 78.12
C ASN GA 193 0.30 51.17 77.90
N TRP GA 194 1.01 52.25 78.23
CA TRP GA 194 0.53 53.64 78.14
C TRP GA 194 0.21 54.12 76.62
N GLN GA 195 0.44 53.28 75.61
CA GLN GA 195 0.04 53.57 74.24
C GLN GA 195 -1.48 53.65 74.08
N ASN GA 196 -2.24 53.08 75.02
CA ASN GA 196 -3.69 53.00 74.93
C ASN GA 196 -4.38 54.34 75.18
N VAL GA 197 -3.65 55.35 75.64
CA VAL GA 197 -4.27 56.61 76.04
C VAL GA 197 -4.37 57.52 74.82
N ARG GA 198 -5.23 58.54 74.92
CA ARG GA 198 -5.25 59.63 73.95
C ARG GA 198 -4.55 60.87 74.51
N ALA GA 199 -5.06 61.40 75.63
CA ALA GA 199 -4.50 62.57 76.28
C ALA GA 199 -4.98 62.60 77.73
N LEU GA 200 -4.48 63.58 78.46
CA LEU GA 200 -4.86 63.80 79.85
C LEU GA 200 -5.24 65.26 80.02
N TYR GA 201 -6.45 65.53 80.49
CA TYR GA 201 -6.87 66.89 80.79
C TYR GA 201 -6.99 67.00 82.30
N ILE GA 202 -5.86 67.30 82.95
CA ILE GA 202 -5.84 67.73 84.34
C ILE GA 202 -6.14 69.23 84.36
N LYS GA 203 -7.43 69.54 84.27
CA LYS GA 203 -7.90 70.91 84.15
C LYS GA 203 -8.60 71.35 85.44
N SER GA 204 -9.13 72.55 85.41
CA SER GA 204 -10.06 72.97 86.44
C SER GA 204 -11.41 72.29 86.21
N THR GA 205 -12.20 72.19 87.27
CA THR GA 205 -13.59 71.80 87.08
C THR GA 205 -14.33 72.86 86.27
N MET GA 206 -14.54 74.03 86.84
CA MET GA 206 -15.14 75.14 86.12
C MET GA 206 -14.12 76.16 85.66
N MET IA 1 9.04 2.00 34.34
CA MET IA 1 9.82 1.87 33.12
C MET IA 1 9.10 2.58 31.99
N ALA IA 2 9.67 2.54 30.80
CA ALA IA 2 9.02 3.16 29.64
C ALA IA 2 7.73 2.44 29.29
N ASP IA 3 7.64 1.14 29.60
CA ASP IA 3 6.40 0.39 29.41
C ASP IA 3 5.30 0.90 30.33
N LYS IA 4 5.63 1.11 31.61
CA LYS IA 4 4.65 1.62 32.57
C LYS IA 4 4.27 3.05 32.25
N ARG IA 5 5.26 3.87 31.86
CA ARG IA 5 4.96 5.26 31.54
C ARG IA 5 4.21 5.37 30.23
N LYS IA 6 4.40 4.39 29.33
CA LYS IA 6 3.59 4.32 28.15
C LYS IA 6 2.17 4.08 28.57
N LEU IA 7 1.91 2.98 29.33
CA LEU IA 7 0.57 2.57 29.80
C LEU IA 7 -0.14 3.71 30.51
N GLN IA 8 0.59 4.45 31.35
CA GLN IA 8 0.04 5.60 32.07
C GLN IA 8 -0.35 6.73 31.13
N GLY IA 9 0.47 7.01 30.12
CA GLY IA 9 0.09 7.99 29.13
C GLY IA 9 -1.17 7.63 28.37
N GLU IA 10 -1.36 6.34 28.04
CA GLU IA 10 -2.63 6.01 27.35
C GLU IA 10 -3.80 6.07 28.34
N ILE IA 11 -3.55 5.82 29.64
CA ILE IA 11 -4.61 5.98 30.66
C ILE IA 11 -5.06 7.43 30.73
N ASP IA 12 -4.10 8.35 30.79
CA ASP IA 12 -4.44 9.78 30.91
C ASP IA 12 -5.11 10.30 29.65
N ARG IA 13 -4.65 9.84 28.48
CA ARG IA 13 -5.29 10.21 27.22
C ARG IA 13 -6.71 9.67 27.14
N CYS IA 14 -6.93 8.43 27.58
CA CYS IA 14 -8.26 7.84 27.55
C CYS IA 14 -9.19 8.51 28.54
N LEU IA 15 -8.70 8.84 29.74
CA LEU IA 15 -9.54 9.51 30.73
C LEU IA 15 -9.87 10.92 30.29
N LYS IA 16 -8.94 11.59 29.60
CA LYS IA 16 -9.25 12.86 28.98
C LYS IA 16 -10.35 12.69 27.94
N LYS IA 17 -10.24 11.65 27.11
CA LYS IA 17 -11.22 11.42 26.05
C LYS IA 17 -12.60 11.10 26.64
N VAL IA 18 -12.64 10.39 27.78
CA VAL IA 18 -13.89 10.17 28.51
C VAL IA 18 -14.42 11.48 29.10
N SER IA 19 -13.53 12.37 29.55
CA SER IA 19 -13.97 13.64 30.14
C SER IA 19 -14.71 14.52 29.14
N GLU IA 20 -14.07 14.78 27.98
CA GLU IA 20 -14.80 15.45 26.89
C GLU IA 20 -15.95 14.61 26.34
N GLY IA 21 -15.90 13.28 26.47
CA GLY IA 21 -17.03 12.47 26.02
C GLY IA 21 -18.29 12.68 26.84
N VAL IA 22 -18.15 12.71 28.17
CA VAL IA 22 -19.32 12.96 29.04
C VAL IA 22 -19.78 14.40 28.90
N GLU IA 23 -18.84 15.35 28.73
CA GLU IA 23 -19.25 16.74 28.55
C GLU IA 23 -20.02 16.95 27.25
N GLN IA 24 -19.59 16.33 26.14
CA GLN IA 24 -20.34 16.48 24.90
C GLN IA 24 -21.64 15.67 24.93
N PHE IA 25 -21.66 14.57 25.69
CA PHE IA 25 -22.90 13.83 25.90
C PHE IA 25 -23.93 14.68 26.62
N GLU IA 26 -23.53 15.41 27.67
CA GLU IA 26 -24.48 16.25 28.39
C GLU IA 26 -24.84 17.49 27.56
N ASP IA 27 -23.96 17.89 26.65
CA ASP IA 27 -24.27 18.97 25.71
C ASP IA 27 -25.43 18.57 24.81
N ILE IA 28 -25.27 17.48 24.06
CA ILE IA 28 -26.32 17.00 23.16
C ILE IA 28 -27.57 16.56 23.94
N TRP IA 29 -27.39 16.14 25.20
CA TRP IA 29 -28.49 15.89 26.12
C TRP IA 29 -29.36 17.12 26.30
N GLN IA 30 -28.75 18.25 26.65
CA GLN IA 30 -29.58 19.42 26.91
C GLN IA 30 -30.09 20.04 25.62
N LYS IA 31 -29.41 19.79 24.50
CA LYS IA 31 -29.99 20.19 23.21
C LYS IA 31 -31.24 19.37 22.88
N LEU IA 32 -31.24 18.08 23.21
CA LEU IA 32 -32.44 17.27 22.97
C LEU IA 32 -33.53 17.60 23.99
N HIS IA 33 -33.13 18.03 25.19
CA HIS IA 33 -34.09 18.52 26.16
C HIS IA 33 -34.75 19.81 25.67
N ASN IA 34 -34.01 20.63 24.94
CA ASN IA 34 -34.53 21.86 24.36
C ASN IA 34 -34.99 21.71 22.92
N ALA IA 35 -35.06 20.49 22.40
CA ALA IA 35 -35.34 20.28 20.99
C ALA IA 35 -36.78 20.64 20.63
N ALA IA 36 -36.96 21.24 19.46
CA ALA IA 36 -38.19 21.87 19.05
C ALA IA 36 -39.05 21.01 18.15
N ASN IA 37 -38.49 20.49 17.07
CA ASN IA 37 -39.24 19.71 16.11
C ASN IA 37 -38.86 18.25 16.20
N ALA IA 38 -39.68 17.43 15.54
CA ALA IA 38 -39.45 15.99 15.55
C ALA IA 38 -38.09 15.66 14.97
N ASN IA 39 -37.76 16.26 13.82
CA ASN IA 39 -36.48 16.01 13.15
C ASN IA 39 -35.29 16.37 14.02
N GLN IA 40 -35.43 17.43 14.84
CA GLN IA 40 -34.42 17.72 15.88
C GLN IA 40 -34.33 16.59 16.90
N LYS IA 41 -35.48 16.00 17.29
CA LYS IA 41 -35.45 14.86 18.20
C LYS IA 41 -34.70 13.68 17.62
N GLU IA 42 -34.93 13.34 16.33
CA GLU IA 42 -34.22 12.15 15.85
C GLU IA 42 -32.75 12.48 15.57
N LYS IA 43 -32.42 13.75 15.26
CA LYS IA 43 -31.01 14.07 15.00
C LYS IA 43 -30.17 14.09 16.28
N TYR IA 44 -30.67 14.72 17.35
CA TYR IA 44 -29.90 14.63 18.57
C TYR IA 44 -30.04 13.27 19.22
N GLU IA 45 -31.09 12.50 18.86
CA GLU IA 45 -31.11 11.09 19.16
C GLU IA 45 -29.89 10.40 18.55
N ALA IA 46 -29.67 10.60 17.23
CA ALA IA 46 -28.57 9.96 16.51
C ALA IA 46 -27.21 10.44 17.01
N ASP IA 47 -27.12 11.70 17.45
CA ASP IA 47 -25.86 12.19 18.00
C ASP IA 47 -25.59 11.60 19.38
N LEU IA 48 -26.65 11.35 20.15
CA LEU IA 48 -26.48 10.64 21.41
C LEU IA 48 -26.09 9.17 21.18
N LYS IA 49 -26.61 8.53 20.10
CA LYS IA 49 -26.10 7.21 19.70
C LYS IA 49 -24.61 7.24 19.45
N LYS IA 50 -24.16 8.22 18.67
CA LYS IA 50 -22.73 8.32 18.33
C LYS IA 50 -21.88 8.50 19.57
N GLU IA 51 -22.28 9.42 20.46
CA GLU IA 51 -21.45 9.70 21.63
C GLU IA 51 -21.47 8.56 22.64
N ILE IA 52 -22.64 7.93 22.87
CA ILE IA 52 -22.68 6.85 23.84
C ILE IA 52 -22.01 5.62 23.29
N LYS IA 53 -21.98 5.45 21.97
CA LYS IA 53 -21.28 4.29 21.48
C LYS IA 53 -19.78 4.51 21.56
N LYS IA 54 -19.32 5.76 21.30
CA LYS IA 54 -17.92 6.13 21.54
C LYS IA 54 -17.52 5.90 22.98
N LEU IA 55 -18.45 6.21 23.87
CA LEU IA 55 -18.21 6.11 25.28
C LEU IA 55 -18.18 4.63 25.70
N GLN IA 56 -18.91 3.78 24.97
CA GLN IA 56 -18.94 2.35 25.28
C GLN IA 56 -17.65 1.64 24.85
N ARG IA 57 -17.09 2.02 23.70
CA ARG IA 57 -15.71 1.62 23.34
C ARG IA 57 -14.69 2.11 24.37
N LEU IA 58 -14.83 3.35 24.84
CA LEU IA 58 -13.92 3.83 25.89
C LEU IA 58 -14.04 3.04 27.20
N ARG IA 59 -15.27 2.70 27.63
CA ARG IA 59 -15.43 1.87 28.82
C ARG IA 59 -14.86 0.47 28.61
N ASP IA 60 -14.95 -0.05 27.38
CA ASP IA 60 -14.40 -1.37 27.10
C ASP IA 60 -12.88 -1.38 27.29
N GLN IA 61 -12.20 -0.33 26.83
CA GLN IA 61 -10.76 -0.23 27.09
C GLN IA 61 -10.47 0.02 28.57
N ILE IA 62 -11.33 0.79 29.25
CA ILE IA 62 -11.18 1.00 30.70
C ILE IA 62 -11.34 -0.30 31.47
N LYS IA 63 -12.32 -1.13 31.14
CA LYS IA 63 -12.54 -2.38 31.83
C LYS IA 63 -11.44 -3.39 31.55
N THR IA 64 -10.87 -3.36 30.34
CA THR IA 64 -9.67 -4.15 30.10
C THR IA 64 -8.50 -3.69 30.97
N TRP IA 65 -8.37 -2.37 31.17
CA TRP IA 65 -7.29 -1.88 32.04
C TRP IA 65 -7.58 -2.16 33.53
N VAL IA 66 -8.85 -2.17 33.94
CA VAL IA 66 -9.20 -2.54 35.31
C VAL IA 66 -8.92 -4.02 35.56
N ALA IA 67 -9.18 -4.85 34.55
CA ALA IA 67 -8.85 -6.27 34.65
C ALA IA 67 -7.35 -6.52 34.72
N SER IA 68 -6.54 -5.58 34.23
CA SER IA 68 -5.09 -5.71 34.24
C SER IA 68 -4.52 -5.60 35.66
N ASN IA 69 -3.45 -6.36 35.90
CA ASN IA 69 -2.74 -6.33 37.17
C ASN IA 69 -1.47 -5.50 37.11
N GLU IA 70 -1.34 -4.64 36.10
CA GLU IA 70 -0.22 -3.71 35.97
C GLU IA 70 -0.51 -2.35 36.61
N ILE IA 71 -1.75 -2.11 37.02
CA ILE IA 71 -2.18 -0.83 37.60
C ILE IA 71 -2.45 -1.05 39.07
N LYS IA 72 -1.98 -0.14 39.92
CA LYS IA 72 -2.04 -0.32 41.36
C LYS IA 72 -3.11 0.53 42.03
N ASP IA 73 -3.30 1.77 41.59
CA ASP IA 73 -4.43 2.58 42.06
C ASP IA 73 -5.43 2.70 40.93
N LYS IA 74 -6.63 2.17 41.16
CA LYS IA 74 -7.68 2.12 40.14
C LYS IA 74 -8.89 2.96 40.50
N ARG IA 75 -8.72 3.97 41.36
CA ARG IA 75 -9.89 4.75 41.76
C ARG IA 75 -10.33 5.69 40.64
N GLN IA 76 -9.39 6.21 39.84
CA GLN IA 76 -9.78 7.04 38.70
C GLN IA 76 -10.50 6.21 37.65
N LEU IA 77 -10.00 5.00 37.39
CA LEU IA 77 -10.63 4.12 36.42
C LEU IA 77 -12.02 3.69 36.89
N ILE IA 78 -12.18 3.38 38.17
CA ILE IA 78 -13.48 2.92 38.65
C ILE IA 78 -14.49 4.06 38.64
N ASP IA 79 -14.04 5.29 38.94
CA ASP IA 79 -14.96 6.43 38.93
C ASP IA 79 -15.35 6.80 37.51
N ASN IA 80 -14.40 6.70 36.57
CA ASN IA 80 -14.71 6.99 35.18
C ASN IA 80 -15.65 5.93 34.60
N ARG IA 81 -15.46 4.67 34.99
CA ARG IA 81 -16.35 3.61 34.53
C ARG IA 81 -17.76 3.81 35.09
N LYS IA 82 -17.85 4.26 36.34
CA LYS IA 82 -19.14 4.62 36.93
C LYS IA 82 -19.81 5.76 36.17
N LEU IA 83 -19.04 6.78 35.80
CA LEU IA 83 -19.58 7.91 35.06
C LEU IA 83 -20.09 7.50 33.68
N ILE IA 84 -19.34 6.63 33.01
CA ILE IA 84 -19.77 6.06 31.73
C ILE IA 84 -21.08 5.28 31.90
N GLU IA 85 -21.19 4.48 32.96
CA GLU IA 85 -22.39 3.69 33.20
C GLU IA 85 -23.59 4.58 33.48
N THR IA 86 -23.34 5.68 34.20
CA THR IA 86 -24.39 6.64 34.47
C THR IA 86 -24.93 7.21 33.18
N GLN IA 87 -24.03 7.60 32.26
CA GLN IA 87 -24.46 8.14 30.97
C GLN IA 87 -25.17 7.08 30.13
N MET IA 88 -24.68 5.82 30.19
CA MET IA 88 -25.31 4.72 29.46
C MET IA 88 -26.73 4.45 29.93
N GLU IA 89 -26.94 4.44 31.25
CA GLU IA 89 -28.27 4.16 31.76
C GLU IA 89 -29.22 5.31 31.51
N ARG IA 90 -28.72 6.55 31.55
CA ARG IA 90 -29.55 7.69 31.19
C ARG IA 90 -29.98 7.63 29.73
N PHE IA 91 -29.04 7.27 28.86
CA PHE IA 91 -29.36 7.07 27.45
C PHE IA 91 -30.35 5.93 27.24
N LYS IA 92 -30.24 4.87 28.04
CA LYS IA 92 -31.18 3.76 27.91
C LYS IA 92 -32.59 4.18 28.32
N VAL IA 93 -32.69 5.02 29.36
CA VAL IA 93 -33.98 5.59 29.75
C VAL IA 93 -34.56 6.43 28.63
N VAL IA 94 -33.74 7.26 27.99
CA VAL IA 94 -34.23 8.13 26.91
C VAL IA 94 -34.65 7.33 25.68
N GLU IA 95 -33.88 6.29 25.33
CA GLU IA 95 -34.25 5.51 24.15
C GLU IA 95 -35.49 4.68 24.41
N ARG IA 96 -35.71 4.22 25.65
CA ARG IA 96 -37.00 3.59 25.97
C ARG IA 96 -38.15 4.59 25.83
N GLU IA 97 -38.04 5.76 26.47
CA GLU IA 97 -39.11 6.75 26.49
C GLU IA 97 -39.43 7.31 25.11
N THR IA 98 -38.46 7.29 24.19
CA THR IA 98 -38.72 7.78 22.83
C THR IA 98 -39.13 6.66 21.88
N LYS IA 99 -38.51 5.49 21.94
CA LYS IA 99 -38.79 4.41 21.01
C LYS IA 99 -40.06 3.65 21.33
N THR IA 100 -40.62 3.76 22.54
CA THR IA 100 -41.90 3.10 22.75
C THR IA 100 -43.01 3.88 22.04
N LYS IA 101 -43.75 3.17 21.19
CA LYS IA 101 -44.85 3.79 20.49
C LYS IA 101 -46.05 3.91 21.43
N ALA IA 102 -46.92 4.88 21.13
CA ALA IA 102 -47.98 5.27 22.06
C ALA IA 102 -49.00 4.16 22.25
N TYR IA 103 -49.24 3.34 21.23
CA TYR IA 103 -50.25 2.29 21.27
C TYR IA 103 -49.68 0.92 20.90
N SER IA 104 -48.41 0.67 21.24
CA SER IA 104 -47.83 -0.66 21.17
C SER IA 104 -48.27 -1.49 22.37
N LYS IA 105 -47.62 -2.65 22.52
CA LYS IA 105 -47.93 -3.54 23.64
C LYS IA 105 -47.56 -2.90 24.97
N GLU IA 106 -46.43 -2.18 25.02
CA GLU IA 106 -46.03 -1.49 26.24
C GLU IA 106 -47.00 -0.36 26.59
N GLY IA 107 -47.41 0.42 25.59
CA GLY IA 107 -48.34 1.51 25.84
C GLY IA 107 -49.74 1.04 26.23
N LEU IA 108 -50.20 -0.05 25.62
CA LEU IA 108 -51.50 -0.59 25.98
C LEU IA 108 -51.45 -1.45 27.24
N GLY IA 109 -50.24 -1.81 27.68
CA GLY IA 109 -50.12 -2.52 28.94
C GLY IA 109 -50.05 -1.56 30.12
N LEU IA 110 -49.23 -0.53 30.00
CA LEU IA 110 -49.14 0.49 31.05
C LEU IA 110 -48.77 1.81 30.36
N ALA IA 111 -49.73 2.74 30.34
CA ALA IA 111 -49.49 4.04 29.69
C ALA IA 111 -48.66 4.95 30.59
N GLN IA 112 -49.16 5.24 31.80
CA GLN IA 112 -48.51 6.03 32.84
C GLN IA 112 -48.10 7.43 32.36
N LYS IA 113 -46.78 7.62 32.15
CA LYS IA 113 -46.17 8.91 31.79
C LYS IA 113 -46.55 9.98 32.80
N VAL IA 114 -45.99 9.86 34.02
CA VAL IA 114 -46.44 10.63 35.18
C VAL IA 114 -46.24 12.14 34.97
N ASP IA 115 -45.14 12.54 34.31
CA ASP IA 115 -44.76 13.92 34.00
C ASP IA 115 -44.74 14.79 35.26
N PRO IA 116 -43.64 14.69 36.09
CA PRO IA 116 -43.63 15.14 37.50
C PRO IA 116 -44.29 16.47 37.87
N ALA IA 117 -44.00 17.54 37.13
CA ALA IA 117 -44.63 18.83 37.44
C ALA IA 117 -46.12 18.81 37.17
N GLN IA 118 -46.54 18.17 36.08
CA GLN IA 118 -47.97 18.01 35.79
C GLN IA 118 -48.66 17.13 36.83
N LYS IA 119 -47.97 16.06 37.27
CA LYS IA 119 -48.47 15.21 38.34
C LYS IA 119 -48.66 15.98 39.65
N GLU IA 120 -47.69 16.83 40.00
CA GLU IA 120 -47.76 17.62 41.23
C GLU IA 120 -48.86 18.66 41.16
N LYS IA 121 -48.99 19.35 40.01
CA LYS IA 121 -50.06 20.34 39.83
C LYS IA 121 -51.44 19.70 39.89
N GLU IA 122 -51.59 18.50 39.30
CA GLU IA 122 -52.86 17.78 39.36
C GLU IA 122 -53.18 17.36 40.80
N GLU IA 123 -52.17 16.90 41.54
CA GLU IA 123 -52.40 16.50 42.94
C GLU IA 123 -52.79 17.69 43.81
N VAL IA 124 -52.13 18.84 43.61
CA VAL IA 124 -52.42 20.02 44.40
C VAL IA 124 -53.81 20.57 44.08
N GLY IA 125 -54.18 20.63 42.78
CA GLY IA 125 -55.53 21.05 42.42
C GLY IA 125 -56.61 20.10 42.91
N GLN IA 126 -56.31 18.80 42.91
CA GLN IA 126 -57.23 17.81 43.48
C GLN IA 126 -57.43 18.02 44.97
N TRP IA 127 -56.35 18.34 45.69
CA TRP IA 127 -56.46 18.66 47.11
C TRP IA 127 -57.31 19.90 47.34
N LEU IA 128 -57.16 20.90 46.48
CA LEU IA 128 -57.97 22.11 46.59
C LEU IA 128 -59.45 21.80 46.33
N THR IA 129 -59.72 20.86 45.42
CA THR IA 129 -61.10 20.42 45.18
C THR IA 129 -61.68 19.69 46.40
N ASN IA 130 -60.87 18.87 47.05
CA ASN IA 130 -61.33 18.22 48.29
C ASN IA 130 -61.59 19.24 49.39
N THR IA 131 -60.79 20.30 49.45
CA THR IA 131 -61.04 21.33 50.45
C THR IA 131 -62.31 22.12 50.14
N ILE IA 132 -62.59 22.44 48.87
CA ILE IA 132 -63.82 23.17 48.58
C ILE IA 132 -65.03 22.28 48.85
N ASP IA 133 -64.88 20.96 48.69
CA ASP IA 133 -65.91 20.01 49.10
C ASP IA 133 -66.14 20.05 50.61
N THR IA 134 -65.08 20.01 51.40
CA THR IA 134 -65.26 19.91 52.85
C THR IA 134 -65.74 21.24 53.44
N LEU IA 135 -65.36 22.38 52.84
CA LEU IA 135 -65.92 23.65 53.28
C LEU IA 135 -67.38 23.82 52.84
N ASN IA 136 -67.76 23.25 51.69
CA ASN IA 136 -69.18 23.19 51.33
C ASN IA 136 -69.97 22.42 52.38
N MET IA 137 -69.44 21.26 52.80
CA MET IA 137 -70.10 20.41 53.80
C MET IA 137 -70.23 21.15 55.14
N GLN IA 138 -69.16 21.85 55.54
CA GLN IA 138 -69.16 22.49 56.84
C GLN IA 138 -70.02 23.77 56.84
N VAL IA 139 -70.11 24.44 55.69
CA VAL IA 139 -71.11 25.50 55.49
C VAL IA 139 -72.52 24.94 55.65
N ASP IA 140 -72.76 23.74 55.11
CA ASP IA 140 -74.07 23.10 55.27
C ASP IA 140 -74.38 22.79 56.73
N GLN IA 141 -73.37 22.32 57.47
CA GLN IA 141 -73.55 21.99 58.89
C GLN IA 141 -73.90 23.24 59.71
N PHE IA 142 -73.14 24.32 59.51
CA PHE IA 142 -73.40 25.55 60.26
C PHE IA 142 -74.72 26.18 59.83
N GLU IA 143 -75.08 26.07 58.55
CA GLU IA 143 -76.36 26.57 58.07
C GLU IA 143 -77.52 25.81 58.70
N SER IA 144 -77.37 24.50 58.89
CA SER IA 144 -78.45 23.72 59.47
C SER IA 144 -78.57 23.98 60.97
N GLU IA 145 -77.46 24.25 61.65
CA GLU IA 145 -77.56 24.61 63.06
C GLU IA 145 -78.20 26.00 63.22
N VAL IA 146 -77.88 26.93 62.30
CA VAL IA 146 -78.58 28.22 62.22
C VAL IA 146 -80.06 28.02 61.96
N GLU IA 147 -80.39 27.08 61.06
CA GLU IA 147 -81.76 26.73 60.73
C GLU IA 147 -82.55 26.30 61.97
N SER IA 148 -82.01 25.34 62.73
CA SER IA 148 -82.75 24.81 63.86
C SER IA 148 -82.82 25.79 65.04
N LEU IA 149 -81.76 26.55 65.28
CA LEU IA 149 -81.83 27.57 66.32
C LEU IA 149 -82.77 28.71 65.93
N SER IA 150 -82.89 28.97 64.61
CA SER IA 150 -83.85 29.96 64.15
C SER IA 150 -85.28 29.47 64.32
N VAL IA 151 -85.50 28.15 64.13
CA VAL IA 151 -86.79 27.54 64.47
C VAL IA 151 -87.13 27.80 65.93
N GLN IA 152 -86.15 27.55 66.81
CA GLN IA 152 -86.40 27.68 68.25
C GLN IA 152 -86.65 29.12 68.66
N THR IA 153 -85.91 30.08 68.08
CA THR IA 153 -86.13 31.49 68.41
C THR IA 153 -87.47 32.00 67.87
N ARG IA 154 -87.85 31.58 66.66
CA ARG IA 154 -89.12 32.04 66.11
C ARG IA 154 -90.31 31.40 66.82
N LYS IA 155 -90.16 30.16 67.29
CA LYS IA 155 -91.24 29.56 68.08
C LYS IA 155 -91.35 30.20 69.45
N LYS IA 156 -90.22 30.38 70.14
CA LYS IA 156 -90.17 31.06 71.43
C LYS IA 156 -89.13 32.16 71.31
N LYS IA 157 -89.58 33.39 71.04
CA LYS IA 157 -88.75 34.56 71.25
C LYS IA 157 -88.36 34.65 72.72
N GLY IA 158 -87.10 34.93 72.98
CA GLY IA 158 -86.56 34.92 74.32
C GLY IA 158 -85.27 34.12 74.36
N ASP IA 159 -84.98 33.43 73.26
CA ASP IA 159 -83.74 32.68 73.12
C ASP IA 159 -82.64 33.58 72.55
N LYS IA 160 -82.27 34.58 73.36
CA LYS IA 160 -81.18 35.49 73.02
C LYS IA 160 -79.85 34.75 72.91
N ASP IA 161 -79.62 33.77 73.79
CA ASP IA 161 -78.42 32.94 73.70
C ASP IA 161 -78.38 32.14 72.40
N LYS IA 162 -79.55 31.65 71.95
CA LYS IA 162 -79.61 30.94 70.68
C LYS IA 162 -79.38 31.90 69.50
N GLN IA 163 -79.84 33.14 69.62
CA GLN IA 163 -79.55 34.13 68.59
C GLN IA 163 -78.07 34.49 68.55
N ASP IA 164 -77.42 34.53 69.71
CA ASP IA 164 -75.98 34.75 69.77
C ASP IA 164 -75.21 33.58 69.16
N ARG IA 165 -75.72 32.35 69.37
CA ARG IA 165 -75.11 31.19 68.74
C ARG IA 165 -75.30 31.21 67.23
N ILE IA 166 -76.45 31.71 66.77
CA ILE IA 166 -76.69 31.94 65.34
C ILE IA 166 -75.69 32.96 64.80
N GLU IA 167 -75.41 34.02 65.56
CA GLU IA 167 -74.41 35.01 65.11
C GLU IA 167 -72.99 34.43 65.05
N GLY IA 168 -72.62 33.60 66.02
CA GLY IA 168 -71.31 32.95 65.96
C GLY IA 168 -71.20 31.96 64.81
N LEU IA 169 -72.26 31.21 64.56
CA LEU IA 169 -72.28 30.32 63.40
C LEU IA 169 -72.27 31.11 62.10
N LYS IA 170 -72.86 32.32 62.09
CA LYS IA 170 -72.83 33.16 60.91
C LYS IA 170 -71.44 33.72 60.65
N ARG IA 171 -70.68 34.00 61.72
CA ARG IA 171 -69.26 34.28 61.59
C ARG IA 171 -68.53 33.13 60.91
N HIS IA 172 -68.82 31.90 61.36
CA HIS IA 172 -68.17 30.72 60.78
C HIS IA 172 -68.54 30.54 59.30
N ILE IA 173 -69.81 30.75 58.96
CA ILE IA 173 -70.28 30.66 57.57
C ILE IA 173 -69.60 31.72 56.70
N GLU IA 174 -69.48 32.95 57.22
CA GLU IA 174 -68.86 34.04 56.47
C GLU IA 174 -67.39 33.76 56.18
N LYS IA 175 -66.66 33.25 57.16
CA LYS IA 175 -65.25 33.03 56.89
C LYS IA 175 -65.04 31.79 56.03
N HIS IA 176 -65.90 30.76 56.19
CA HIS IA 176 -65.83 29.60 55.33
C HIS IA 176 -66.14 29.98 53.87
N ARG IA 177 -67.06 30.92 53.66
CA ARG IA 177 -67.34 31.43 52.32
C ARG IA 177 -66.15 32.18 51.74
N TYR IA 178 -65.50 33.03 52.56
CA TYR IA 178 -64.32 33.76 52.13
C TYR IA 178 -63.20 32.81 51.73
N HIS IA 179 -63.00 31.77 52.55
CA HIS IA 179 -61.99 30.75 52.29
C HIS IA 179 -62.29 29.97 51.02
N VAL IA 180 -63.58 29.70 50.75
CA VAL IA 180 -63.97 29.07 49.48
C VAL IA 180 -63.59 29.95 48.29
N ARG IA 181 -63.85 31.26 48.40
CA ARG IA 181 -63.52 32.17 47.30
C ARG IA 181 -62.02 32.26 47.04
N MET IA 182 -61.21 32.29 48.10
CA MET IA 182 -59.76 32.30 47.87
C MET IA 182 -59.22 30.95 47.39
N LEU IA 183 -59.79 29.83 47.84
CA LEU IA 183 -59.40 28.53 47.30
C LEU IA 183 -59.78 28.40 45.82
N GLU IA 184 -60.92 28.98 45.46
CA GLU IA 184 -61.37 29.00 44.07
C GLU IA 184 -60.43 29.84 43.21
N THR IA 185 -59.98 30.99 43.73
CA THR IA 185 -59.02 31.82 43.04
C THR IA 185 -57.69 31.08 42.83
N ILE IA 186 -57.25 30.34 43.87
CA ILE IA 186 -56.05 29.51 43.76
C ILE IA 186 -56.20 28.45 42.68
N LEU IA 187 -57.34 27.77 42.61
CA LEU IA 187 -57.52 26.73 41.60
C LEU IA 187 -57.61 27.30 40.19
N ARG IA 188 -58.28 28.45 40.03
CA ARG IA 188 -58.32 29.13 38.72
C ARG IA 188 -56.91 29.49 38.25
N MET IA 189 -56.13 30.09 39.14
CA MET IA 189 -54.83 30.61 38.74
C MET IA 189 -53.84 29.47 38.56
N LEU IA 190 -54.07 28.36 39.27
CA LEU IA 190 -53.22 27.18 39.15
C LEU IA 190 -53.46 26.46 37.84
N ASP IA 191 -54.73 26.31 37.42
CA ASP IA 191 -54.99 25.72 36.11
C ASP IA 191 -54.58 26.67 34.99
N ASN IA 192 -54.58 27.98 35.26
CA ASN IA 192 -54.03 28.91 34.29
C ASN IA 192 -52.52 29.06 34.40
N ASP IA 193 -51.88 28.33 35.31
CA ASP IA 193 -50.44 28.24 35.54
C ASP IA 193 -49.81 29.55 35.97
N SER IA 194 -50.56 30.44 36.64
CA SER IA 194 -49.95 31.71 36.99
C SER IA 194 -49.37 31.68 38.39
N ILE IA 195 -50.00 30.97 39.32
CA ILE IA 195 -49.59 30.95 40.72
C ILE IA 195 -48.88 29.63 41.02
N LEU IA 196 -47.73 29.76 41.68
CA LEU IA 196 -46.75 28.68 41.81
C LEU IA 196 -47.09 27.68 42.91
N VAL IA 197 -46.78 26.43 42.62
CA VAL IA 197 -47.09 25.31 43.49
C VAL IA 197 -46.23 25.35 44.75
N ASP IA 198 -45.07 26.01 44.69
CA ASP IA 198 -44.26 26.23 45.88
C ASP IA 198 -44.97 27.15 46.88
N ALA IA 199 -45.67 28.18 46.38
CA ALA IA 199 -46.47 29.02 47.27
C ALA IA 199 -47.67 28.24 47.82
N ILE IA 200 -48.30 27.41 46.99
CA ILE IA 200 -49.43 26.63 47.48
C ILE IA 200 -48.97 25.58 48.51
N ARG IA 201 -47.79 25.01 48.35
CA ARG IA 201 -47.23 24.14 49.39
C ARG IA 201 -46.72 24.92 50.60
N LYS IA 202 -46.43 26.21 50.43
CA LYS IA 202 -46.11 27.04 51.58
C LYS IA 202 -47.34 27.32 52.43
N ILE IA 203 -48.52 27.38 51.81
CA ILE IA 203 -49.73 27.70 52.55
C ILE IA 203 -50.61 26.48 52.83
N LYS IA 204 -50.23 25.29 52.33
CA LYS IA 204 -51.09 24.11 52.49
C LYS IA 204 -51.20 23.66 53.94
N ASP IA 205 -50.10 23.80 54.72
CA ASP IA 205 -50.13 23.42 56.13
C ASP IA 205 -51.06 24.33 56.92
N ASP IA 206 -51.04 25.63 56.62
CA ASP IA 206 -51.89 26.55 57.37
C ASP IA 206 -53.36 26.43 56.93
N VAL IA 207 -53.62 26.10 55.66
CA VAL IA 207 -55.01 25.89 55.24
C VAL IA 207 -55.56 24.59 55.84
N GLU IA 208 -54.72 23.55 55.92
CA GLU IA 208 -55.08 22.33 56.67
C GLU IA 208 -55.33 22.65 58.13
N TYR IA 209 -54.52 23.53 58.71
CA TYR IA 209 -54.71 23.96 60.09
C TYR IA 209 -56.02 24.69 60.28
N TYR IA 210 -56.43 25.50 59.29
CA TYR IA 210 -57.72 26.18 59.36
C TYR IA 210 -58.87 25.17 59.31
N VAL IA 211 -58.80 24.23 58.37
CA VAL IA 211 -59.84 23.21 58.22
C VAL IA 211 -59.96 22.36 59.48
N ASP IA 212 -58.83 22.06 60.11
CA ASP IA 212 -58.85 21.28 61.35
C ASP IA 212 -59.29 22.10 62.56
N SER IA 213 -59.01 23.41 62.58
CA SER IA 213 -59.18 24.19 63.80
C SER IA 213 -60.27 25.26 63.71
N SER IA 214 -61.11 25.25 62.67
CA SER IA 214 -62.12 26.30 62.53
C SER IA 214 -63.22 26.17 63.59
N GLN IA 215 -63.53 24.94 64.00
CA GLN IA 215 -64.60 24.68 64.94
C GLN IA 215 -64.18 24.85 66.39
N ASP IA 216 -62.90 25.03 66.63
CA ASP IA 216 -62.42 25.08 68.00
C ASP IA 216 -62.46 26.50 68.55
N PRO IA 217 -62.71 26.66 69.87
CA PRO IA 217 -62.60 27.98 70.50
C PRO IA 217 -61.17 28.49 70.51
N ASP IA 218 -60.21 27.61 70.82
CA ASP IA 218 -58.79 27.93 70.73
C ASP IA 218 -58.43 28.03 69.27
N PHE IA 219 -58.30 29.24 68.77
CA PHE IA 219 -58.07 29.45 67.36
C PHE IA 219 -57.03 30.52 67.12
N GLU IA 220 -55.91 30.11 66.53
CA GLU IA 220 -54.80 31.01 66.21
C GLU IA 220 -54.67 31.00 64.69
N GLU IA 221 -55.48 31.81 64.01
CA GLU IA 221 -55.49 31.81 62.55
C GLU IA 221 -54.44 32.72 61.96
N ASN IA 222 -53.85 32.26 60.88
CA ASN IA 222 -53.04 33.13 60.07
C ASN IA 222 -53.95 34.12 59.33
N GLU IA 223 -53.76 35.40 59.61
CA GLU IA 223 -54.34 36.46 58.79
C GLU IA 223 -53.66 36.54 57.43
N PHE IA 224 -52.43 36.04 57.32
CA PHE IA 224 -51.57 36.30 56.18
C PHE IA 224 -51.51 35.11 55.23
N LEU IA 225 -52.55 34.25 55.31
CA LEU IA 225 -52.72 33.10 54.41
C LEU IA 225 -52.69 33.50 52.95
N TYR IA 226 -53.47 34.51 52.58
CA TYR IA 226 -53.52 34.99 51.21
C TYR IA 226 -52.81 36.33 51.03
N ASP IA 227 -52.46 37.02 52.11
CA ASP IA 227 -51.54 38.15 52.03
C ASP IA 227 -50.11 37.71 51.79
N ASP IA 228 -49.80 36.43 52.03
CA ASP IA 228 -48.51 35.88 51.65
C ASP IA 228 -48.38 35.77 50.13
N LEU IA 229 -49.50 35.65 49.42
CA LEU IA 229 -49.50 35.53 47.97
C LEU IA 229 -50.10 36.74 47.26
N ASP IA 230 -50.58 37.74 48.01
CA ASP IA 230 -51.33 38.89 47.51
C ASP IA 230 -52.58 38.47 46.74
N LEU IA 231 -53.37 37.58 47.33
CA LEU IA 231 -54.61 37.14 46.70
C LEU IA 231 -55.77 38.06 47.03
N GLU IA 232 -55.80 38.59 48.26
CA GLU IA 232 -56.80 39.60 48.60
C GLU IA 232 -56.48 40.92 47.91
N ASP IA 233 -55.21 41.14 47.59
CA ASP IA 233 -54.81 42.32 46.82
C ASP IA 233 -55.38 42.31 45.40
N ILE IA 234 -55.42 41.15 44.75
CA ILE IA 234 -55.87 41.03 43.38
C ILE IA 234 -57.39 40.83 43.40
N PRO IA 235 -58.17 41.70 42.77
CA PRO IA 235 -59.62 41.46 42.69
C PRO IA 235 -59.95 40.33 41.74
N GLN IA 236 -61.22 39.92 41.77
CA GLN IA 236 -61.71 38.86 40.88
C GLN IA 236 -61.79 39.37 39.44
N SER KA 1 38.53 -7.82 3.20
CA SER KA 1 37.31 -8.42 2.65
C SER KA 1 36.25 -8.55 3.73
N GLY KA 2 35.90 -9.80 4.06
CA GLY KA 2 34.96 -10.06 5.13
C GLY KA 2 34.69 -11.55 5.28
N LEU KA 3 34.71 -12.05 6.51
CA LEU KA 3 34.54 -13.48 6.71
C LEU KA 3 33.06 -13.81 6.93
N LEU KA 4 32.81 -15.01 7.45
CA LEU KA 4 31.45 -15.48 7.69
C LEU KA 4 30.73 -14.61 8.72
N LEU KA 5 29.73 -13.87 8.24
CA LEU KA 5 28.83 -13.10 9.09
C LEU KA 5 27.44 -13.73 9.06
N SER PA 1 -73.07 69.59 -60.75
CA SER PA 1 -71.84 69.94 -60.08
C SER PA 1 -71.14 71.11 -60.77
N GLY PA 2 -70.80 70.91 -62.04
CA GLY PA 2 -70.07 71.94 -62.76
C GLY PA 2 -70.55 72.16 -64.18
N ALA PA 3 -69.88 73.09 -64.87
CA ALA PA 3 -70.06 73.50 -66.27
C ALA PA 3 -71.39 74.17 -66.53
N LEU PA 4 -72.19 74.48 -65.52
CA LEU PA 4 -73.42 75.26 -65.67
C LEU PA 4 -73.49 76.27 -64.53
N ASP PA 5 -74.23 77.34 -64.75
CA ASP PA 5 -74.51 78.32 -63.71
C ASP PA 5 -75.70 77.93 -62.84
N VAL PA 6 -76.64 77.13 -63.38
CA VAL PA 6 -77.83 76.76 -62.62
C VAL PA 6 -77.52 75.78 -61.50
N LEU PA 7 -76.45 74.99 -61.63
CA LEU PA 7 -76.05 74.06 -60.58
C LEU PA 7 -75.03 74.65 -59.61
N GLN PA 8 -74.89 75.97 -59.59
CA GLN PA 8 -73.83 76.56 -58.78
C GLN PA 8 -74.30 76.75 -57.33
N MET PA 9 -73.33 76.88 -56.44
CA MET PA 9 -73.63 77.03 -55.02
C MET PA 9 -74.13 78.44 -54.71
N LYS PA 10 -75.24 78.50 -53.98
CA LYS PA 10 -75.94 79.75 -53.76
C LYS PA 10 -75.61 80.37 -52.41
N GLU PA 11 -76.05 81.63 -52.24
CA GLU PA 11 -75.82 82.36 -51.00
C GLU PA 11 -76.55 81.73 -49.83
N GLU PA 12 -77.81 81.34 -50.01
CA GLU PA 12 -78.58 80.68 -48.96
C GLU PA 12 -78.07 79.29 -48.64
N ASP PA 13 -77.17 78.74 -49.44
CA ASP PA 13 -76.45 77.51 -49.15
C ASP PA 13 -75.18 77.77 -48.35
N VAL PA 14 -74.43 78.83 -48.71
CA VAL PA 14 -73.18 79.16 -48.01
C VAL PA 14 -73.44 79.57 -46.57
N LEU PA 15 -74.51 80.34 -46.34
CA LEU PA 15 -74.85 80.79 -44.99
C LEU PA 15 -75.17 79.62 -44.09
N LYS PA 16 -75.87 78.62 -44.64
CA LYS PA 16 -76.20 77.44 -43.86
C LYS PA 16 -74.96 76.60 -43.60
N PHE PA 17 -74.03 76.55 -44.57
CA PHE PA 17 -72.74 75.89 -44.36
C PHE PA 17 -71.96 76.52 -43.21
N LEU PA 18 -71.80 77.84 -43.23
CA LEU PA 18 -71.00 78.50 -42.20
C LEU PA 18 -71.72 78.52 -40.86
N ALA PA 19 -73.05 78.47 -40.86
CA ALA PA 19 -73.79 78.42 -39.61
C ALA PA 19 -73.72 77.03 -38.97
N ALA PA 20 -73.75 75.98 -39.78
CA ALA PA 20 -73.58 74.63 -39.24
C ALA PA 20 -72.12 74.31 -38.95
N GLY PA 21 -71.18 75.11 -39.46
CA GLY PA 21 -69.78 74.89 -39.18
C GLY PA 21 -69.21 73.70 -39.91
N THR PA 22 -69.63 73.46 -41.15
CA THR PA 22 -69.19 72.29 -41.89
C THR PA 22 -67.72 72.39 -42.26
N HIS PA 23 -67.25 73.59 -42.56
CA HIS PA 23 -65.87 73.87 -42.94
C HIS PA 23 -64.85 73.49 -41.87
N LEU PA 24 -65.27 73.39 -40.61
CA LEU PA 24 -64.40 72.99 -39.51
C LEU PA 24 -64.36 71.46 -39.48
N GLY PA 25 -63.25 70.87 -39.92
CA GLY PA 25 -63.13 69.43 -39.90
C GLY PA 25 -62.43 68.94 -38.65
N GLY PA 26 -61.82 67.77 -38.77
CA GLY PA 26 -61.09 67.16 -37.68
C GLY PA 26 -59.70 67.74 -37.55
N THR PA 27 -59.00 67.27 -36.52
CA THR PA 27 -57.64 67.71 -36.24
C THR PA 27 -56.59 66.88 -36.97
N ASN PA 28 -56.83 65.59 -37.15
CA ASN PA 28 -55.98 64.75 -37.97
C ASN PA 28 -56.37 64.94 -39.43
N LEU PA 29 -55.52 64.44 -40.32
CA LEU PA 29 -55.74 64.56 -41.76
C LEU PA 29 -55.43 63.23 -42.44
N ASP PA 30 -56.43 62.63 -43.07
CA ASP PA 30 -56.18 61.50 -43.94
C ASP PA 30 -55.66 62.01 -45.28
N PHE PA 31 -54.83 61.19 -45.93
CA PHE PA 31 -54.15 61.65 -47.13
C PHE PA 31 -55.00 61.54 -48.40
N GLN PA 32 -56.10 60.78 -48.40
CA GLN PA 32 -57.03 60.99 -49.50
C GLN PA 32 -57.88 62.23 -49.32
N MET PA 33 -57.98 62.78 -48.11
CA MET PA 33 -58.81 63.94 -47.84
C MET PA 33 -58.05 65.26 -47.96
N GLU PA 34 -56.77 65.19 -48.32
CA GLU PA 34 -55.91 66.38 -48.43
C GLU PA 34 -56.33 67.31 -49.56
N GLN PA 35 -56.88 66.79 -50.65
CA GLN PA 35 -57.31 67.62 -51.76
C GLN PA 35 -58.60 68.37 -51.48
N TYR PA 36 -59.35 67.97 -50.47
CA TYR PA 36 -60.56 68.67 -50.07
C TYR PA 36 -60.31 69.71 -48.99
N ILE PA 37 -59.05 70.00 -48.67
CA ILE PA 37 -58.69 70.87 -47.57
C ILE PA 37 -58.07 72.16 -48.11
N TYR PA 38 -58.59 73.30 -47.65
CA TYR PA 38 -58.08 74.57 -48.12
C TYR PA 38 -56.76 74.93 -47.45
N LYS PA 39 -56.76 75.11 -46.12
CA LYS PA 39 -55.57 75.46 -45.36
C LYS PA 39 -55.88 75.31 -43.87
N ARG PA 40 -54.94 74.70 -43.15
CA ARG PA 40 -55.08 74.41 -41.73
C ARG PA 40 -55.00 75.68 -40.88
N LYS PA 41 -55.72 75.66 -39.77
CA LYS PA 41 -55.78 76.75 -38.81
C LYS PA 41 -54.63 76.70 -37.81
N SER PA 42 -54.35 77.86 -37.24
CA SER PA 42 -53.92 77.92 -35.85
C SER PA 42 -55.14 77.68 -34.98
N ASP PA 43 -54.94 76.91 -33.89
CA ASP PA 43 -55.83 75.99 -33.15
C ASP PA 43 -55.90 74.63 -33.87
N GLY PA 44 -55.29 74.50 -35.04
CA GLY PA 44 -55.06 73.20 -35.66
C GLY PA 44 -56.30 72.45 -36.11
N ILE PA 45 -57.24 73.17 -36.72
CA ILE PA 45 -58.43 72.56 -37.30
C ILE PA 45 -58.37 72.80 -38.80
N TYR PA 46 -58.46 71.72 -39.57
CA TYR PA 46 -58.45 71.84 -41.01
C TYR PA 46 -59.78 72.42 -41.49
N ILE PA 47 -59.74 73.18 -42.57
CA ILE PA 47 -60.95 73.75 -43.16
C ILE PA 47 -61.18 73.08 -44.50
N ILE PA 48 -62.39 72.56 -44.67
CA ILE PA 48 -62.78 71.87 -45.89
C ILE PA 48 -63.31 72.88 -46.89
N ASN PA 49 -62.82 72.82 -48.12
CA ASN PA 49 -63.16 73.81 -49.15
C ASN PA 49 -64.60 73.61 -49.61
N LEU PA 50 -65.43 74.64 -49.41
CA LEU PA 50 -66.87 74.48 -49.52
C LEU PA 50 -67.33 74.31 -50.97
N LYS PA 51 -66.61 74.88 -51.93
CA LYS PA 51 -66.92 74.63 -53.33
C LYS PA 51 -66.69 73.17 -53.69
N ARG PA 52 -65.64 72.56 -53.12
CA ARG PA 52 -65.37 71.14 -53.28
C ARG PA 52 -66.44 70.30 -52.62
N THR PA 53 -66.93 70.73 -51.45
CA THR PA 53 -68.05 70.06 -50.79
C THR PA 53 -69.30 70.09 -51.67
N TRP PA 54 -69.56 71.23 -52.29
CA TRP PA 54 -70.70 71.36 -53.19
C TRP PA 54 -70.55 70.45 -54.40
N GLU PA 55 -69.35 70.39 -55.00
CA GLU PA 55 -69.13 69.57 -56.18
C GLU PA 55 -69.31 68.09 -55.87
N LYS PA 56 -68.73 67.62 -54.76
CA LYS PA 56 -68.89 66.22 -54.37
C LYS PA 56 -70.31 65.89 -53.92
N LEU PA 57 -71.01 66.83 -53.27
CA LEU PA 57 -72.41 66.65 -52.95
C LEU PA 57 -73.27 66.48 -54.19
N LEU PA 58 -73.04 67.32 -55.21
CA LEU PA 58 -73.89 67.18 -56.38
C LEU PA 58 -73.52 65.97 -57.21
N LEU PA 59 -72.24 65.57 -57.24
CA LEU PA 59 -71.86 64.30 -57.88
C LEU PA 59 -72.52 63.11 -57.20
N ALA PA 60 -72.57 63.15 -55.86
CA ALA PA 60 -73.32 62.17 -55.08
C ALA PA 60 -74.80 62.15 -55.47
N ALA PA 61 -75.39 63.34 -55.62
CA ALA PA 61 -76.81 63.42 -55.91
C ALA PA 61 -77.14 62.92 -57.31
N ARG PA 62 -76.28 63.20 -58.29
CA ARG PA 62 -76.46 62.60 -59.62
C ARG PA 62 -76.32 61.09 -59.58
N ALA PA 63 -75.40 60.55 -58.78
CA ALA PA 63 -75.31 59.11 -58.57
C ALA PA 63 -76.58 58.53 -57.97
N ILE PA 64 -77.21 59.22 -57.02
CA ILE PA 64 -78.48 58.79 -56.46
C ILE PA 64 -79.61 58.86 -57.49
N VAL PA 65 -79.63 59.92 -58.30
CA VAL PA 65 -80.70 60.13 -59.28
C VAL PA 65 -80.65 59.07 -60.37
N ALA PA 66 -79.45 58.62 -60.73
CA ALA PA 66 -79.26 57.61 -61.76
C ALA PA 66 -79.90 56.25 -61.44
N ILE PA 67 -80.20 55.96 -60.18
CA ILE PA 67 -80.94 54.76 -59.82
C ILE PA 67 -82.41 54.99 -60.15
N GLU PA 68 -83.00 54.07 -60.92
CA GLU PA 68 -84.38 54.23 -61.34
C GLU PA 68 -85.36 53.94 -60.21
N ASN PA 69 -85.09 52.91 -59.42
CA ASN PA 69 -85.93 52.59 -58.27
C ASN PA 69 -85.39 53.27 -57.03
N PRO PA 70 -86.10 54.23 -56.44
CA PRO PA 70 -85.60 54.90 -55.24
C PRO PA 70 -85.47 54.01 -54.02
N ALA PA 71 -86.13 52.85 -54.00
CA ALA PA 71 -85.95 51.88 -52.94
C ALA PA 71 -84.65 51.10 -53.08
N ASP PA 72 -83.94 51.21 -54.20
CA ASP PA 72 -82.65 50.57 -54.35
C ASP PA 72 -81.49 51.45 -53.88
N VAL PA 73 -81.79 52.61 -53.32
CA VAL PA 73 -80.80 53.41 -52.62
C VAL PA 73 -81.01 53.19 -51.13
N SER PA 74 -79.95 52.80 -50.43
CA SER PA 74 -80.01 52.57 -48.99
C SER PA 74 -79.14 53.59 -48.28
N VAL PA 75 -79.69 54.19 -47.23
CA VAL PA 75 -79.00 55.19 -46.43
C VAL PA 75 -78.86 54.65 -45.01
N ILE PA 76 -77.70 54.82 -44.41
CA ILE PA 76 -77.37 54.17 -43.15
C ILE PA 76 -76.77 55.17 -42.17
N SER PA 77 -76.90 54.86 -40.89
CA SER PA 77 -76.21 55.57 -39.81
C SER PA 77 -76.29 54.68 -38.59
N SER PA 78 -75.14 54.46 -37.92
CA SER PA 78 -75.16 53.74 -36.65
C SER PA 78 -74.97 54.68 -35.48
N ARG PA 79 -74.28 55.79 -35.69
CA ARG PA 79 -74.19 56.81 -34.66
C ARG PA 79 -75.50 57.58 -34.61
N ASN PA 80 -75.81 58.12 -33.43
CA ASN PA 80 -77.12 58.71 -33.20
C ASN PA 80 -77.30 60.07 -33.87
N THR PA 81 -76.22 60.68 -34.38
CA THR PA 81 -76.33 62.03 -34.93
C THR PA 81 -77.05 62.03 -36.29
N GLY PA 82 -76.90 60.97 -37.07
CA GLY PA 82 -77.48 60.90 -38.39
C GLY PA 82 -78.71 60.04 -38.56
N GLN PA 83 -79.30 59.50 -37.48
CA GLN PA 83 -80.45 58.62 -37.62
C GLN PA 83 -81.70 59.36 -38.07
N ARG PA 84 -82.00 60.50 -37.44
CA ARG PA 84 -83.15 61.30 -37.86
C ARG PA 84 -82.94 61.87 -39.26
N ALA PA 85 -81.69 62.18 -39.60
CA ALA PA 85 -81.36 62.66 -40.93
C ALA PA 85 -81.58 61.59 -41.99
N VAL PA 86 -81.18 60.35 -41.74
CA VAL PA 86 -81.40 59.33 -42.76
C VAL PA 86 -82.87 58.90 -42.81
N LEU PA 87 -83.59 59.02 -41.69
CA LEU PA 87 -85.03 58.78 -41.74
C LEU PA 87 -85.76 59.82 -42.58
N LYS PA 88 -85.42 61.11 -42.42
CA LYS PA 88 -86.05 62.13 -43.22
C LYS PA 88 -85.60 62.07 -44.67
N PHE PA 89 -84.34 61.67 -44.92
CA PHE PA 89 -83.86 61.41 -46.26
C PHE PA 89 -84.64 60.28 -46.93
N ALA PA 90 -84.91 59.20 -46.20
CA ALA PA 90 -85.71 58.11 -46.74
C ALA PA 90 -87.14 58.54 -47.01
N ALA PA 91 -87.73 59.35 -46.11
CA ALA PA 91 -89.08 59.85 -46.31
C ALA PA 91 -89.18 60.75 -47.54
N ALA PA 92 -88.18 61.59 -47.76
CA ALA PA 92 -88.21 62.49 -48.91
C ALA PA 92 -87.92 61.75 -50.22
N THR PA 93 -86.92 60.87 -50.22
CA THR PA 93 -86.38 60.35 -51.46
C THR PA 93 -86.91 58.98 -51.85
N GLY PA 94 -87.60 58.28 -50.95
CA GLY PA 94 -87.97 56.90 -51.21
C GLY PA 94 -86.91 55.88 -50.92
N ALA PA 95 -85.79 56.30 -50.31
CA ALA PA 95 -84.70 55.40 -49.98
C ALA PA 95 -85.10 54.49 -48.81
N THR PA 96 -84.30 53.46 -48.58
CA THR PA 96 -84.57 52.54 -47.48
C THR PA 96 -83.63 52.85 -46.32
N PRO PA 97 -84.15 53.21 -45.15
CA PRO PA 97 -83.29 53.62 -44.04
C PRO PA 97 -82.85 52.46 -43.17
N ILE PA 98 -81.67 52.62 -42.59
CA ILE PA 98 -81.17 51.76 -41.51
C ILE PA 98 -80.65 52.72 -40.44
N ALA PA 99 -81.38 52.84 -39.35
CA ALA PA 99 -81.07 53.83 -38.32
C ALA PA 99 -80.60 53.11 -37.06
N GLY PA 100 -79.30 52.85 -36.99
CA GLY PA 100 -78.72 52.24 -35.81
C GLY PA 100 -78.85 50.72 -35.77
N ARG PA 101 -77.79 50.06 -35.29
CA ARG PA 101 -77.68 48.60 -35.21
C ARG PA 101 -77.86 47.96 -36.60
N PHE PA 102 -76.83 48.16 -37.42
CA PHE PA 102 -76.72 47.42 -38.67
C PHE PA 102 -76.43 45.96 -38.37
N THR PA 103 -77.29 45.07 -38.86
CA THR PA 103 -77.10 43.64 -38.65
C THR PA 103 -76.09 43.11 -39.65
N PRO PA 104 -75.01 42.46 -39.20
CA PRO PA 104 -74.11 41.81 -40.15
C PRO PA 104 -74.76 40.61 -40.80
N GLY PA 105 -74.55 40.49 -42.10
CA GLY PA 105 -75.27 39.55 -42.92
C GLY PA 105 -76.48 40.13 -43.62
N THR PA 106 -76.61 41.45 -43.65
CA THR PA 106 -77.73 42.06 -44.36
C THR PA 106 -77.55 41.92 -45.88
N PHE PA 107 -76.34 42.18 -46.37
CA PHE PA 107 -76.08 42.13 -47.80
C PHE PA 107 -75.72 40.74 -48.31
N THR PA 108 -75.12 39.90 -47.48
CA THR PA 108 -74.60 38.61 -47.92
C THR PA 108 -75.52 37.44 -47.61
N ASN PA 109 -76.12 37.39 -46.43
CA ASN PA 109 -76.94 36.25 -46.01
C ASN PA 109 -78.32 36.41 -46.61
N GLN PA 110 -78.65 35.56 -47.58
CA GLN PA 110 -79.91 35.66 -48.30
C GLN PA 110 -81.11 35.21 -47.48
N ILE PA 111 -80.93 34.36 -46.47
CA ILE PA 111 -82.06 33.77 -45.76
C ILE PA 111 -82.30 34.39 -44.40
N GLN PA 112 -81.61 35.47 -44.06
CA GLN PA 112 -82.00 36.26 -42.91
C GLN PA 112 -83.31 37.01 -43.13
N THR PA 113 -83.78 37.67 -42.07
CA THR PA 113 -85.00 38.46 -42.14
C THR PA 113 -84.78 39.73 -42.96
N ALA PA 114 -83.89 40.59 -42.51
CA ALA PA 114 -83.60 41.86 -43.20
C ALA PA 114 -82.60 41.66 -44.33
N PHE PA 115 -83.02 40.91 -45.35
CA PHE PA 115 -82.20 40.71 -46.53
C PHE PA 115 -82.62 41.71 -47.60
N ARG PA 116 -81.74 42.64 -47.92
CA ARG PA 116 -81.99 43.67 -48.91
C ARG PA 116 -80.85 43.72 -49.90
N GLU PA 117 -81.18 43.91 -51.17
CA GLU PA 117 -80.21 43.97 -52.26
C GLU PA 117 -80.33 45.32 -52.96
N PRO PA 118 -79.74 46.37 -52.40
CA PRO PA 118 -79.85 47.69 -53.02
C PRO PA 118 -78.89 47.83 -54.20
N ARG PA 119 -78.82 49.06 -54.71
CA ARG PA 119 -77.92 49.40 -55.79
C ARG PA 119 -76.98 50.54 -55.46
N LEU PA 120 -77.09 51.13 -54.27
CA LEU PA 120 -76.24 52.23 -53.83
C LEU PA 120 -76.38 52.35 -52.32
N LEU PA 121 -75.26 52.56 -51.64
CA LEU PA 121 -75.22 52.69 -50.19
C LEU PA 121 -74.66 54.06 -49.87
N VAL PA 122 -75.37 54.84 -49.07
CA VAL PA 122 -74.93 56.19 -48.75
C VAL PA 122 -74.79 56.24 -47.23
N VAL PA 123 -73.64 56.70 -46.76
CA VAL PA 123 -73.12 56.43 -45.43
C VAL PA 123 -73.01 57.73 -44.66
N THR PA 124 -73.47 57.73 -43.40
CA THR PA 124 -73.23 58.88 -42.55
C THR PA 124 -71.75 59.05 -42.22
N ASP PA 125 -71.09 57.98 -41.79
CA ASP PA 125 -69.71 58.08 -41.35
C ASP PA 125 -68.92 56.82 -41.70
N PRO PA 126 -67.75 56.96 -42.32
CA PRO PA 126 -66.96 55.78 -42.70
C PRO PA 126 -66.36 55.03 -41.52
N ARG PA 127 -66.01 55.72 -40.44
CA ARG PA 127 -65.47 55.04 -39.27
C ARG PA 127 -66.55 54.29 -38.52
N ALA PA 128 -67.71 54.93 -38.32
CA ALA PA 128 -68.81 54.30 -37.60
C ALA PA 128 -69.44 53.17 -38.40
N ASP PA 129 -69.77 53.44 -39.66
CA ASP PA 129 -70.45 52.46 -40.52
C ASP PA 129 -69.43 51.69 -41.36
N HIS PA 130 -68.45 51.10 -40.69
CA HIS PA 130 -67.45 50.30 -41.40
C HIS PA 130 -68.02 48.96 -41.86
N GLN PA 131 -68.94 48.39 -41.10
CA GLN PA 131 -69.59 47.12 -41.42
C GLN PA 131 -70.37 47.15 -42.74
N PRO PA 132 -71.19 48.17 -43.07
CA PRO PA 132 -71.80 48.15 -44.40
C PRO PA 132 -70.83 48.54 -45.52
N LEU PA 133 -69.82 49.36 -45.22
CA LEU PA 133 -68.72 49.55 -46.17
C LEU PA 133 -68.01 48.25 -46.48
N THR PA 134 -67.75 47.44 -45.45
CA THR PA 134 -67.07 46.17 -45.66
C THR PA 134 -67.97 45.19 -46.41
N GLU PA 135 -69.25 45.11 -46.04
CA GLU PA 135 -70.15 44.15 -46.65
C GLU PA 135 -70.63 44.58 -48.03
N ALA PA 136 -70.44 45.85 -48.39
CA ALA PA 136 -70.77 46.34 -49.72
C ALA PA 136 -69.71 45.99 -50.76
N SER PA 137 -68.68 45.23 -50.38
CA SER PA 137 -67.65 44.77 -51.27
C SER PA 137 -67.79 43.29 -51.63
N TYR PA 138 -68.66 42.57 -50.93
CA TYR PA 138 -69.01 41.20 -51.33
C TYR PA 138 -70.10 41.18 -52.39
N VAL PA 139 -70.91 42.22 -52.45
CA VAL PA 139 -71.77 42.49 -53.58
C VAL PA 139 -71.22 43.74 -54.28
N ASN PA 140 -71.81 44.09 -55.40
CA ASN PA 140 -71.32 45.24 -56.16
C ASN PA 140 -72.13 46.50 -55.82
N LEU PA 141 -71.84 47.05 -54.64
CA LEU PA 141 -72.59 48.19 -54.14
C LEU PA 141 -71.74 49.45 -54.18
N PRO PA 142 -72.01 50.40 -55.08
CA PRO PA 142 -71.33 51.70 -55.02
C PRO PA 142 -71.72 52.45 -53.76
N THR PA 143 -70.78 53.25 -53.28
CA THR PA 143 -70.91 53.84 -51.96
C THR PA 143 -70.59 55.33 -52.00
N ILE PA 144 -71.52 56.13 -51.49
CA ILE PA 144 -71.27 57.51 -51.13
C ILE PA 144 -71.18 57.58 -49.62
N ALA PA 145 -70.23 58.36 -49.11
CA ALA PA 145 -70.08 58.52 -47.67
C ALA PA 145 -69.80 59.97 -47.31
N LEU PA 146 -70.35 60.40 -46.18
CA LEU PA 146 -70.17 61.77 -45.67
C LEU PA 146 -68.92 61.77 -44.79
N CYS PA 147 -67.81 62.27 -45.33
CA CYS PA 147 -66.48 62.01 -44.77
C CYS PA 147 -65.89 63.26 -44.14
N ASN PA 148 -65.24 63.08 -43.00
CA ASN PA 148 -64.51 64.15 -42.32
C ASN PA 148 -63.09 64.21 -42.87
N THR PA 149 -62.23 65.02 -42.24
CA THR PA 149 -60.87 65.18 -42.74
C THR PA 149 -60.03 63.96 -42.43
N ASP PA 150 -60.43 63.17 -41.44
CA ASP PA 150 -59.69 61.99 -41.01
C ASP PA 150 -60.40 60.69 -41.40
N SER PA 151 -61.45 60.76 -42.22
CA SER PA 151 -62.18 59.55 -42.58
C SER PA 151 -61.40 58.72 -43.59
N PRO PA 152 -61.31 57.40 -43.39
CA PRO PA 152 -60.62 56.54 -44.35
C PRO PA 152 -61.51 56.22 -45.54
N LEU PA 153 -60.97 56.34 -46.74
CA LEU PA 153 -61.77 56.17 -47.95
C LEU PA 153 -61.63 54.80 -48.58
N ARG PA 154 -61.38 53.77 -47.77
CA ARG PA 154 -61.48 52.41 -48.25
C ARG PA 154 -62.95 52.09 -48.48
N TYR PA 155 -63.25 51.52 -49.65
CA TYR PA 155 -64.58 51.15 -50.11
C TYR PA 155 -65.53 52.35 -50.24
N VAL PA 156 -65.00 53.54 -50.46
CA VAL PA 156 -65.84 54.72 -50.67
C VAL PA 156 -65.66 55.20 -52.09
N ASP PA 157 -66.73 55.14 -52.87
CA ASP PA 157 -66.69 55.62 -54.26
C ASP PA 157 -66.85 57.12 -54.39
N ILE PA 158 -67.79 57.73 -53.68
CA ILE PA 158 -67.97 59.18 -53.66
C ILE PA 158 -67.84 59.63 -52.21
N ALA PA 159 -66.82 60.43 -51.92
CA ALA PA 159 -66.67 61.06 -50.62
C ALA PA 159 -67.26 62.46 -50.70
N ILE PA 160 -68.24 62.76 -49.85
CA ILE PA 160 -68.71 64.13 -49.64
C ILE PA 160 -67.93 64.68 -48.44
N PRO PA 161 -66.94 65.54 -48.66
CA PRO PA 161 -66.18 66.08 -47.51
C PRO PA 161 -67.03 67.06 -46.72
N CYS PA 162 -67.04 66.87 -45.40
CA CYS PA 162 -67.93 67.63 -44.53
C CYS PA 162 -67.47 67.45 -43.09
N ASN PA 163 -68.21 68.05 -42.18
CA ASN PA 163 -68.05 67.81 -40.74
C ASN PA 163 -69.16 66.84 -40.36
N ASN PA 164 -68.82 65.55 -40.29
CA ASN PA 164 -69.82 64.53 -39.98
C ASN PA 164 -69.90 64.22 -38.48
N LYS PA 165 -69.50 65.16 -37.64
CA LYS PA 165 -69.59 65.00 -36.19
C LYS PA 165 -70.60 65.94 -35.56
N GLY PA 166 -70.80 67.11 -36.13
CA GLY PA 166 -71.77 68.05 -35.58
C GLY PA 166 -73.19 67.65 -35.92
N ALA PA 167 -74.06 67.71 -34.91
CA ALA PA 167 -75.45 67.29 -35.09
C ALA PA 167 -76.20 68.23 -36.03
N HIS PA 168 -75.77 69.49 -36.10
CA HIS PA 168 -76.30 70.40 -37.11
C HIS PA 168 -75.76 70.06 -38.49
N SER PA 169 -74.46 69.78 -38.60
CA SER PA 169 -73.84 69.66 -39.92
C SER PA 169 -74.22 68.37 -40.63
N VAL PA 170 -74.37 67.27 -39.88
CA VAL PA 170 -74.83 66.01 -40.48
C VAL PA 170 -76.21 66.18 -41.08
N GLY PA 171 -77.13 66.77 -40.30
CA GLY PA 171 -78.48 67.01 -40.79
C GLY PA 171 -78.51 67.98 -41.94
N LEU PA 172 -77.60 68.96 -41.93
CA LEU PA 172 -77.50 69.90 -43.04
C LEU PA 172 -77.12 69.21 -44.33
N MET PA 173 -76.07 68.37 -44.31
CA MET PA 173 -75.64 67.69 -45.52
C MET PA 173 -76.67 66.67 -46.02
N TRP PA 174 -77.35 65.98 -45.10
CA TRP PA 174 -78.43 65.11 -45.57
C TRP PA 174 -79.59 65.94 -46.13
N TRP PA 175 -79.77 67.17 -45.64
CA TRP PA 175 -80.85 68.02 -46.17
C TRP PA 175 -80.51 68.58 -47.56
N MET PA 176 -79.26 69.03 -47.77
CA MET PA 176 -78.87 69.47 -49.11
C MET PA 176 -78.90 68.34 -50.10
N LEU PA 177 -78.46 67.14 -49.68
CA LEU PA 177 -78.49 66.00 -50.58
C LEU PA 177 -79.92 65.60 -50.93
N ALA PA 178 -80.85 65.63 -49.97
CA ALA PA 178 -82.25 65.31 -50.27
C ALA PA 178 -82.89 66.35 -51.18
N ARG PA 179 -82.64 67.64 -50.90
CA ARG PA 179 -83.15 68.73 -51.72
C ARG PA 179 -82.63 68.65 -53.15
N GLU PA 180 -81.35 68.39 -53.32
CA GLU PA 180 -80.76 68.32 -54.64
C GLU PA 180 -81.17 67.07 -55.40
N VAL PA 181 -81.34 65.94 -54.71
CA VAL PA 181 -81.84 64.72 -55.36
C VAL PA 181 -83.26 64.92 -55.87
N LEU PA 182 -84.15 65.51 -55.04
CA LEU PA 182 -85.50 65.80 -55.53
C LEU PA 182 -85.55 66.86 -56.61
N ARG PA 183 -84.63 67.83 -56.58
CA ARG PA 183 -84.56 68.84 -57.64
C ARG PA 183 -84.12 68.22 -58.97
N MET PA 184 -83.14 67.33 -58.94
CA MET PA 184 -82.74 66.66 -60.18
C MET PA 184 -83.78 65.65 -60.65
N ARG PA 185 -84.49 65.00 -59.74
CA ARG PA 185 -85.55 64.09 -60.15
C ARG PA 185 -86.71 64.81 -60.82
N GLY PA 186 -87.26 65.85 -60.20
CA GLY PA 186 -88.39 66.50 -60.83
C GLY PA 186 -89.44 67.06 -59.91
N THR PA 187 -89.33 66.85 -58.61
CA THR PA 187 -90.40 67.31 -57.74
C THR PA 187 -90.27 68.78 -57.38
N ILE PA 188 -89.08 69.21 -57.00
CA ILE PA 188 -88.89 70.50 -56.36
C ILE PA 188 -88.31 71.49 -57.38
N SER PA 189 -88.94 72.66 -57.44
CA SER PA 189 -88.56 73.73 -58.35
C SER PA 189 -87.34 74.47 -57.84
N ARG PA 190 -86.48 74.90 -58.76
CA ARG PA 190 -85.25 75.61 -58.45
C ARG PA 190 -85.48 77.09 -58.18
N GLU PA 191 -86.68 77.60 -58.45
CA GLU PA 191 -86.95 79.02 -58.28
C GLU PA 191 -87.09 79.40 -56.81
N HIS PA 192 -87.63 78.51 -56.01
CA HIS PA 192 -87.91 78.77 -54.60
C HIS PA 192 -87.06 77.87 -53.72
N PRO PA 193 -86.84 78.24 -52.46
CA PRO PA 193 -86.27 77.29 -51.51
C PRO PA 193 -87.26 76.21 -51.11
N TRP PA 194 -86.76 75.22 -50.38
CA TRP PA 194 -87.57 74.08 -50.02
C TRP PA 194 -88.43 74.40 -48.80
N GLU PA 195 -89.64 73.84 -48.77
CA GLU PA 195 -90.66 74.31 -47.84
C GLU PA 195 -90.38 73.92 -46.40
N VAL PA 196 -90.28 72.63 -46.12
CA VAL PA 196 -89.98 72.19 -44.77
C VAL PA 196 -88.50 72.38 -44.48
N MET PA 197 -88.20 72.53 -43.22
CA MET PA 197 -87.02 73.17 -42.66
C MET PA 197 -85.86 72.19 -42.58
N PRO PA 198 -84.61 72.68 -42.74
CA PRO PA 198 -83.43 71.83 -42.45
C PRO PA 198 -83.29 71.40 -41.00
N ASP PA 199 -84.04 71.96 -40.06
CA ASP PA 199 -83.99 71.50 -38.68
C ASP PA 199 -84.72 70.19 -38.46
N LEU PA 200 -85.47 69.71 -39.45
CA LEU PA 200 -86.06 68.37 -39.39
C LEU PA 200 -84.99 67.30 -39.35
N TYR PA 201 -83.87 67.52 -40.02
CA TYR PA 201 -82.83 66.51 -40.15
C TYR PA 201 -81.84 66.55 -38.99
N PHE PA 202 -82.01 67.47 -38.03
CA PHE PA 202 -81.04 67.59 -36.96
C PHE PA 202 -81.37 66.62 -35.83
N TYR PA 203 -80.35 65.95 -35.31
CA TYR PA 203 -80.48 65.13 -34.13
C TYR PA 203 -80.70 66.01 -32.90
N ARG PA 204 -81.60 65.58 -32.02
CA ARG PA 204 -81.92 66.31 -30.81
C ARG PA 204 -81.65 65.44 -29.59
N ASP PA 205 -80.87 65.98 -28.64
CA ASP PA 205 -80.54 65.31 -27.39
C ASP PA 205 -81.79 65.23 -26.50
N PRO PA 206 -81.79 64.31 -25.50
CA PRO PA 206 -82.89 64.30 -24.52
C PRO PA 206 -83.07 65.60 -23.74
N GLU PA 207 -81.98 66.31 -23.45
CA GLU PA 207 -82.06 67.60 -22.78
C GLU PA 207 -82.76 68.63 -23.67
N GLU PA 208 -82.35 68.72 -24.94
CA GLU PA 208 -83.02 69.63 -25.86
C GLU PA 208 -84.44 69.19 -26.19
N ILE PA 209 -84.75 67.90 -26.08
CA ILE PA 209 -86.05 67.44 -26.53
C ILE PA 209 -87.09 67.75 -25.43
N GLU PA 210 -86.66 67.72 -24.15
CA GLU PA 210 -87.52 68.20 -23.08
C GLU PA 210 -87.55 69.73 -23.01
N LYS PA 211 -86.44 70.41 -23.33
CA LYS PA 211 -86.43 71.86 -23.42
C LYS PA 211 -87.29 72.40 -24.56
N GLU PA 212 -87.50 71.62 -25.61
CA GLU PA 212 -88.48 71.97 -26.63
C GLU PA 212 -89.90 71.62 -26.24
N GLU PA 213 -90.12 70.49 -25.56
CA GLU PA 213 -91.49 70.24 -25.12
C GLU PA 213 -92.03 71.12 -24.02
N GLN PA 214 -91.18 71.68 -23.18
CA GLN PA 214 -91.72 72.62 -22.22
C GLN PA 214 -92.18 73.91 -22.91
N ALA PA 215 -91.57 74.26 -24.04
CA ALA PA 215 -91.98 75.42 -24.82
C ALA PA 215 -93.07 75.10 -25.83
N ALA PA 216 -93.30 73.82 -26.13
CA ALA PA 216 -94.32 73.43 -27.08
C ALA PA 216 -95.74 73.67 -26.55
N ALA PA 217 -95.97 73.45 -25.27
CA ALA PA 217 -97.26 73.75 -24.66
C ALA PA 217 -97.29 75.18 -24.14
N VAL QA 1 -28.59 44.74 37.78
CA VAL QA 1 -28.33 44.78 39.21
C VAL QA 1 -28.44 46.22 39.67
N VAL QA 2 -27.62 47.07 39.07
CA VAL QA 2 -27.61 48.50 39.32
C VAL QA 2 -28.01 49.20 38.03
N ASP QA 3 -28.94 50.13 38.13
CA ASP QA 3 -29.34 50.95 37.00
C ASP QA 3 -28.19 51.85 36.57
N PRO QA 4 -27.78 51.83 35.30
CA PRO QA 4 -26.87 52.86 34.80
C PRO QA 4 -27.49 54.24 34.75
N PHE QA 5 -28.82 54.33 34.71
CA PHE QA 5 -29.51 55.61 34.60
C PHE QA 5 -29.69 56.32 35.94
N SER QA 6 -29.14 55.77 37.03
CA SER QA 6 -29.00 56.56 38.24
C SER QA 6 -27.72 57.37 38.23
N LYS QA 7 -26.80 57.05 37.33
CA LYS QA 7 -25.50 57.71 37.27
C LYS QA 7 -25.43 58.77 36.18
N LYS QA 8 -26.51 59.04 35.46
CA LYS QA 8 -26.45 59.96 34.34
C LYS QA 8 -26.45 61.41 34.84
N ASP QA 9 -26.11 62.31 33.92
CA ASP QA 9 -26.34 63.73 34.14
C ASP QA 9 -26.95 64.30 32.87
N TRP QA 10 -28.07 65.01 33.01
CA TRP QA 10 -28.77 65.56 31.87
C TRP QA 10 -28.30 66.98 31.57
N TYR QA 11 -28.11 67.26 30.30
CA TYR QA 11 -27.57 68.52 29.81
C TYR QA 11 -28.53 69.09 28.78
N ASP QA 12 -28.50 70.40 28.61
CA ASP QA 12 -29.34 71.08 27.64
C ASP QA 12 -28.48 71.49 26.46
N VAL QA 13 -28.88 71.11 25.25
CA VAL QA 13 -28.05 71.34 24.07
C VAL QA 13 -28.55 72.58 23.35
N LYS QA 14 -27.62 73.45 22.99
CA LYS QA 14 -27.90 74.80 22.53
C LYS QA 14 -27.40 75.00 21.11
N ALA QA 15 -28.19 75.65 20.31
CA ALA QA 15 -27.85 76.06 18.96
C ALA QA 15 -27.21 77.45 18.97
N PRO QA 16 -26.37 77.75 17.98
CA PRO QA 16 -25.84 79.12 17.88
C PRO QA 16 -26.89 80.12 17.42
N ALA QA 17 -26.48 81.40 17.38
CA ALA QA 17 -27.43 82.51 17.30
C ALA QA 17 -27.93 82.80 15.89
N MET QA 18 -27.43 82.09 14.86
CA MET QA 18 -28.00 82.30 13.53
C MET QA 18 -29.36 81.66 13.41
N PHE QA 19 -29.71 80.73 14.30
CA PHE QA 19 -31.03 80.14 14.39
C PHE QA 19 -31.86 80.88 15.42
N ASN QA 20 -33.16 81.01 15.16
CA ASN QA 20 -34.06 81.72 16.06
C ASN QA 20 -34.58 80.86 17.21
N ILE QA 21 -34.33 79.56 17.20
CA ILE QA 21 -34.71 78.68 18.30
C ILE QA 21 -33.43 78.09 18.85
N ARG QA 22 -33.16 78.36 20.12
CA ARG QA 22 -31.87 78.02 20.71
C ARG QA 22 -31.92 76.81 21.63
N ASN QA 23 -33.10 76.21 21.84
CA ASN QA 23 -33.19 74.95 22.59
C ASN QA 23 -33.43 73.77 21.64
N ILE QA 24 -32.34 73.07 21.32
CA ILE QA 24 -32.43 71.83 20.55
C ILE QA 24 -33.14 70.77 21.38
N GLY QA 25 -32.73 70.63 22.64
CA GLY QA 25 -33.33 69.64 23.51
C GLY QA 25 -32.43 69.37 24.68
N LYS QA 26 -32.52 68.15 25.19
CA LYS QA 26 -31.72 67.69 26.32
C LYS QA 26 -31.08 66.36 25.96
N THR QA 27 -29.83 66.18 26.38
CA THR QA 27 -29.12 64.91 26.27
C THR QA 27 -28.70 64.44 27.65
N LEU QA 28 -28.00 63.32 27.68
CA LEU QA 28 -27.58 62.74 28.95
C LEU QA 28 -26.24 62.05 28.77
N VAL QA 29 -25.53 61.94 29.89
CA VAL QA 29 -24.23 61.28 29.94
C VAL QA 29 -23.99 60.93 31.40
N THR QA 30 -23.27 59.84 31.64
CA THR QA 30 -22.84 59.52 32.99
C THR QA 30 -21.87 60.58 33.50
N ARG QA 31 -21.86 60.78 34.82
CA ARG QA 31 -21.01 61.81 35.39
C ARG QA 31 -19.56 61.32 35.48
N THR QA 32 -18.72 62.16 36.05
CA THR QA 32 -17.31 61.84 36.15
C THR QA 32 -17.09 60.80 37.24
N GLN QA 33 -16.59 59.62 36.84
CA GLN QA 33 -16.35 58.51 37.75
C GLN QA 33 -14.94 58.00 37.48
N GLY QA 34 -13.97 58.55 38.20
CA GLY QA 34 -12.58 58.21 37.99
C GLY QA 34 -11.95 59.01 36.88
N THR QA 35 -11.60 58.34 35.79
CA THR QA 35 -10.98 59.00 34.64
C THR QA 35 -11.97 59.32 33.54
N LYS QA 36 -13.15 58.73 33.57
CA LYS QA 36 -14.16 58.98 32.55
C LYS QA 36 -14.92 60.25 32.92
N ILE QA 37 -14.43 61.37 32.42
CA ILE QA 37 -15.04 62.69 32.62
C ILE QA 37 -16.33 62.74 31.83
N ALA QA 38 -17.29 63.55 32.31
CA ALA QA 38 -18.57 63.70 31.64
C ALA QA 38 -18.52 64.69 30.48
N SER QA 39 -17.37 65.25 30.16
CA SER QA 39 -17.29 66.30 29.15
C SER QA 39 -16.79 65.78 27.81
N ASP QA 40 -15.72 64.98 27.82
CA ASP QA 40 -15.12 64.52 26.56
C ASP QA 40 -16.03 63.55 25.82
N GLY QA 41 -16.81 62.75 26.53
CA GLY QA 41 -17.83 61.92 25.92
C GLY QA 41 -19.08 62.67 25.52
N LEU QA 42 -19.16 63.95 25.88
CA LEU QA 42 -20.22 64.84 25.46
C LEU QA 42 -19.79 65.69 24.29
N LYS QA 43 -18.47 65.87 24.09
CA LYS QA 43 -17.91 66.65 22.99
C LYS QA 43 -18.26 66.08 21.62
N GLY QA 44 -18.16 64.77 21.43
CA GLY QA 44 -18.26 64.20 20.09
C GLY QA 44 -19.65 64.03 19.54
N ARG QA 45 -20.67 64.53 20.24
CA ARG QA 45 -22.04 64.29 19.84
C ARG QA 45 -22.46 65.20 18.69
N VAL QA 46 -23.10 64.63 17.68
CA VAL QA 46 -23.58 65.34 16.50
C VAL QA 46 -25.10 65.17 16.44
N PHE QA 47 -25.81 66.26 16.20
CA PHE QA 47 -27.26 66.29 16.21
C PHE QA 47 -27.78 66.60 14.82
N GLU QA 48 -28.72 65.79 14.33
CA GLU QA 48 -29.50 66.14 13.15
C GLU QA 48 -30.78 66.79 13.66
N VAL QA 49 -31.03 68.03 13.25
CA VAL QA 49 -32.24 68.77 13.60
C VAL QA 49 -32.79 69.42 12.33
N SER QA 50 -34.07 69.26 12.10
CA SER QA 50 -34.69 69.85 10.92
C SER QA 50 -34.78 71.36 11.09
N LEU QA 51 -34.90 72.07 9.96
CA LEU QA 51 -34.79 73.53 10.00
C LEU QA 51 -36.03 74.18 10.58
N ALA QA 52 -37.17 73.50 10.54
CA ALA QA 52 -38.33 74.03 11.25
C ALA QA 52 -38.19 73.90 12.76
N ASP QA 53 -37.33 73.00 13.23
CA ASP QA 53 -37.01 72.89 14.65
C ASP QA 53 -35.96 73.91 15.09
N LEU QA 54 -35.41 74.69 14.18
CA LEU QA 54 -34.43 75.72 14.50
C LEU QA 54 -34.89 77.12 14.17
N GLN QA 55 -35.74 77.28 13.16
CA GLN QA 55 -36.31 78.56 12.78
C GLN QA 55 -37.82 78.54 13.05
N ASN QA 56 -38.42 79.73 13.04
CA ASN QA 56 -39.85 79.80 13.33
C ASN QA 56 -40.67 79.41 12.12
N ASP QA 57 -40.51 80.13 11.00
CA ASP QA 57 -41.20 79.81 9.74
C ASP QA 57 -40.15 79.44 8.71
N GLU QA 58 -39.86 78.14 8.60
CA GLU QA 58 -38.93 77.64 7.58
C GLU QA 58 -39.34 76.22 7.21
N VAL QA 59 -38.75 75.71 6.13
CA VAL QA 59 -39.16 74.47 5.48
C VAL QA 59 -38.65 73.27 6.27
N ALA QA 60 -39.48 72.23 6.34
CA ALA QA 60 -39.23 71.09 7.21
C ALA QA 60 -38.46 69.96 6.56
N PHE QA 61 -38.05 70.11 5.30
CA PHE QA 61 -37.27 69.06 4.64
C PHE QA 61 -35.78 69.32 4.66
N ARG QA 62 -35.31 70.30 5.41
CA ARG QA 62 -33.90 70.68 5.46
C ARG QA 62 -33.38 70.41 6.86
N LYS QA 63 -32.32 69.60 6.96
CA LYS QA 63 -31.77 69.20 8.24
C LYS QA 63 -30.35 69.72 8.37
N PHE QA 64 -30.04 70.28 9.54
CA PHE QA 64 -28.70 70.73 9.88
C PHE QA 64 -28.12 69.80 10.94
N LYS QA 65 -26.85 69.46 10.78
CA LYS QA 65 -26.13 68.71 11.81
C LYS QA 65 -25.26 69.68 12.58
N LEU QA 66 -25.41 69.66 13.90
CA LEU QA 66 -24.68 70.54 14.80
C LEU QA 66 -23.83 69.69 15.74
N ILE QA 67 -22.55 70.03 15.86
CA ILE QA 67 -21.60 69.25 16.65
C ILE QA 67 -21.27 70.02 17.92
N THR QA 68 -21.26 69.31 19.05
CA THR QA 68 -20.91 69.89 20.34
C THR QA 68 -19.45 70.31 20.33
N GLU QA 69 -19.14 71.50 20.84
CA GLU QA 69 -17.77 71.97 20.86
C GLU QA 69 -17.30 72.51 22.21
N ASP QA 70 -18.20 72.74 23.17
CA ASP QA 70 -17.80 72.89 24.57
C ASP QA 70 -18.94 72.47 25.47
N VAL QA 71 -18.62 72.32 26.75
CA VAL QA 71 -19.61 72.13 27.80
C VAL QA 71 -19.40 73.23 28.81
N GLN QA 72 -20.39 74.11 28.95
CA GLN QA 72 -20.24 75.19 29.93
C GLN QA 72 -20.59 74.67 31.32
N GLY QA 73 -21.85 74.35 31.52
CA GLY QA 73 -22.34 73.59 32.66
C GLY QA 73 -23.83 73.44 32.44
N LYS QA 74 -24.33 72.20 32.49
CA LYS QA 74 -25.72 71.85 32.11
C LYS QA 74 -26.11 72.33 30.71
N ASN QA 75 -25.12 72.54 29.83
CA ASN QA 75 -25.31 73.11 28.50
C ASN QA 75 -24.21 72.62 27.58
N CYS QA 76 -24.59 72.01 26.46
CA CYS QA 76 -23.68 71.63 25.39
C CYS QA 76 -23.88 72.61 24.24
N LEU QA 77 -22.88 73.44 23.99
CA LEU QA 77 -23.03 74.53 23.05
C LEU QA 77 -22.55 74.07 21.68
N THR QA 78 -23.49 73.74 20.80
CA THR QA 78 -23.16 73.12 19.53
C THR QA 78 -22.69 74.16 18.51
N ASN QA 79 -22.10 73.64 17.44
CA ASN QA 79 -21.68 74.43 16.29
C ASN QA 79 -21.98 73.59 15.05
N PHE QA 80 -22.24 74.28 13.94
CA PHE QA 80 -22.64 73.67 12.68
C PHE QA 80 -21.58 72.68 12.18
N HIS QA 81 -22.05 71.55 11.67
CA HIS QA 81 -21.20 70.42 11.31
C HIS QA 81 -21.44 69.95 9.88
N GLY QA 82 -22.51 70.38 9.23
CA GLY QA 82 -22.89 69.88 7.92
C GLY QA 82 -24.40 69.84 7.87
N MET QA 83 -24.93 69.75 6.66
CA MET QA 83 -26.38 69.70 6.47
C MET QA 83 -26.73 68.72 5.36
N ASP QA 84 -28.00 68.34 5.32
CA ASP QA 84 -28.53 67.43 4.31
C ASP QA 84 -30.03 67.63 4.16
N LEU QA 85 -30.54 67.29 2.97
CA LEU QA 85 -31.97 67.18 2.71
C LEU QA 85 -32.48 65.84 3.20
N THR QA 86 -33.76 65.78 3.54
CA THR QA 86 -34.36 64.52 3.94
C THR QA 86 -34.52 63.61 2.74
N ARG QA 87 -34.56 62.29 3.00
CA ARG QA 87 -34.57 61.33 1.91
C ARG QA 87 -35.88 61.32 1.15
N ASP QA 88 -37.01 61.51 1.83
CA ASP QA 88 -38.28 61.61 1.12
C ASP QA 88 -38.37 62.87 0.27
N LYS QA 89 -37.69 63.95 0.67
CA LYS QA 89 -37.63 65.14 -0.16
C LYS QA 89 -36.79 64.90 -1.40
N MET QA 90 -35.60 64.31 -1.21
CA MET QA 90 -34.71 64.02 -2.33
C MET QA 90 -35.29 63.00 -3.29
N CYS QA 91 -36.01 62.00 -2.79
CA CYS QA 91 -36.57 60.95 -3.64
C CYS QA 91 -37.84 61.38 -4.36
N SER QA 92 -38.46 62.50 -3.97
CA SER QA 92 -39.69 62.96 -4.59
C SER QA 92 -39.44 63.91 -5.75
N MET QA 93 -38.21 64.34 -5.96
CA MET QA 93 -37.90 65.22 -7.07
C MET QA 93 -37.16 64.49 -8.17
N VAL QA 94 -36.50 63.37 -7.84
CA VAL QA 94 -35.87 62.51 -8.85
C VAL QA 94 -36.99 61.71 -9.48
N LYS QA 95 -37.47 62.19 -10.61
CA LYS QA 95 -38.48 61.50 -11.38
C LYS QA 95 -38.04 61.36 -12.83
N LYS QA 96 -38.67 60.42 -13.52
CA LYS QA 96 -38.31 60.09 -14.88
C LYS QA 96 -38.72 61.21 -15.83
N TRP QA 97 -38.08 61.21 -17.00
CA TRP QA 97 -38.29 62.18 -18.09
C TRP QA 97 -38.01 63.60 -17.64
N GLN QA 98 -36.81 63.76 -17.08
CA GLN QA 98 -36.10 65.01 -16.83
C GLN QA 98 -34.69 64.61 -16.45
N THR QA 99 -33.71 65.48 -16.69
CA THR QA 99 -32.38 65.08 -16.27
C THR QA 99 -31.89 65.92 -15.09
N MET QA 100 -30.99 65.30 -14.33
CA MET QA 100 -30.43 65.75 -13.07
C MET QA 100 -29.01 66.25 -13.29
N ILE QA 101 -28.74 67.48 -12.86
CA ILE QA 101 -27.41 68.04 -12.94
C ILE QA 101 -26.90 68.15 -11.50
N GLU QA 102 -25.89 67.37 -11.18
CA GLU QA 102 -25.28 67.39 -9.85
C GLU QA 102 -23.90 68.00 -9.93
N ALA QA 103 -23.61 68.92 -9.01
CA ALA QA 103 -22.29 69.50 -8.91
C ALA QA 103 -21.82 69.38 -7.48
N HIS QA 104 -20.52 69.13 -7.29
CA HIS QA 104 -19.93 69.15 -5.96
C HIS QA 104 -18.71 70.04 -5.99
N VAL QA 105 -18.56 70.85 -4.95
CA VAL QA 105 -17.43 71.78 -4.84
C VAL QA 105 -16.76 71.58 -3.49
N ASP QA 106 -15.45 71.83 -3.49
CA ASP QA 106 -14.56 71.55 -2.37
C ASP QA 106 -13.90 72.88 -2.04
N VAL QA 107 -14.50 73.62 -1.09
CA VAL QA 107 -14.30 75.07 -1.00
C VAL QA 107 -14.07 75.47 0.45
N LYS QA 108 -13.22 76.48 0.65
CA LYS QA 108 -12.84 76.94 1.99
C LYS QA 108 -13.41 78.33 2.26
N THR QA 109 -13.71 78.59 3.54
CA THR QA 109 -14.20 79.89 3.96
C THR QA 109 -13.03 80.82 4.28
N THR QA 110 -13.34 82.01 4.81
CA THR QA 110 -12.29 82.95 5.19
C THR QA 110 -11.51 82.43 6.40
N ASP QA 111 -12.23 82.03 7.45
CA ASP QA 111 -11.66 81.19 8.48
C ASP QA 111 -11.55 79.77 7.97
N GLY QA 112 -10.69 78.97 8.58
CA GLY QA 112 -10.26 77.74 7.96
C GLY QA 112 -11.21 76.55 7.99
N TYR QA 113 -12.48 76.77 7.67
CA TYR QA 113 -13.46 75.69 7.58
C TYR QA 113 -13.48 75.19 6.14
N LEU QA 114 -13.21 73.90 5.96
CA LEU QA 114 -13.23 73.30 4.63
C LEU QA 114 -14.58 72.62 4.45
N LEU QA 115 -15.34 73.09 3.48
CA LEU QA 115 -16.68 72.63 3.19
C LEU QA 115 -16.70 71.87 1.88
N ARG QA 116 -17.59 70.90 1.78
CA ARG QA 116 -17.94 70.26 0.52
C ARG QA 116 -19.42 70.49 0.29
N LEU QA 117 -19.75 71.25 -0.74
CA LEU QA 117 -21.14 71.56 -1.04
C LEU QA 117 -21.59 70.76 -2.25
N PHE QA 118 -22.83 70.27 -2.20
CA PHE QA 118 -23.45 69.56 -3.31
C PHE QA 118 -24.68 70.34 -3.73
N CYS QA 119 -24.82 70.57 -5.03
CA CYS QA 119 -26.05 71.13 -5.56
C CYS QA 119 -26.65 70.18 -6.57
N VAL QA 120 -27.97 70.15 -6.58
CA VAL QA 120 -28.73 69.31 -7.51
C VAL QA 120 -29.74 70.19 -8.24
N GLY QA 121 -29.86 70.00 -9.54
CA GLY QA 121 -30.83 70.72 -10.33
C GLY QA 121 -31.56 69.77 -11.26
N PHE QA 122 -32.82 70.08 -11.52
CA PHE QA 122 -33.70 69.24 -12.30
C PHE QA 122 -34.29 70.00 -13.44
N THR QA 123 -34.19 69.46 -14.65
CA THR QA 123 -34.79 70.13 -15.80
C THR QA 123 -36.31 70.14 -15.74
N LYS QA 124 -36.89 71.27 -16.12
CA LYS QA 124 -38.27 71.59 -15.82
C LYS QA 124 -39.09 71.73 -17.08
N LYS QA 125 -40.24 71.06 -17.09
CA LYS QA 125 -41.20 71.13 -18.18
C LYS QA 125 -41.86 72.51 -18.24
N ARG QA 126 -41.97 73.05 -19.45
CA ARG QA 126 -42.56 74.38 -19.63
C ARG QA 126 -44.09 74.31 -19.51
N ASN QA 127 -44.70 75.48 -19.40
CA ASN QA 127 -46.15 75.55 -19.19
C ASN QA 127 -46.91 75.23 -20.46
N ASN QA 128 -46.29 75.41 -21.62
CA ASN QA 128 -46.93 75.08 -22.88
C ASN QA 128 -46.31 73.83 -23.51
N GLN QA 129 -45.47 73.12 -22.76
CA GLN QA 129 -44.71 72.01 -23.32
C GLN QA 129 -45.61 70.80 -23.54
N ILE QA 130 -45.50 70.20 -24.72
CA ILE QA 130 -46.23 68.98 -25.05
C ILE QA 130 -45.29 67.77 -25.07
N ARG QA 131 -44.02 67.95 -25.45
CA ARG QA 131 -43.02 66.89 -25.39
C ARG QA 131 -42.81 66.42 -23.96
N LYS QA 132 -42.68 65.10 -23.81
CA LYS QA 132 -42.61 64.46 -22.50
C LYS QA 132 -41.22 64.45 -21.92
N THR QA 133 -40.18 64.43 -22.77
CA THR QA 133 -38.82 64.14 -22.32
C THR QA 133 -38.23 65.28 -21.49
N SER QA 134 -38.17 66.48 -22.06
CA SER QA 134 -37.63 67.69 -21.41
C SER QA 134 -36.20 67.50 -20.90
N TYR QA 135 -35.35 66.90 -21.74
CA TYR QA 135 -33.96 66.68 -21.40
C TYR QA 135 -33.11 67.86 -21.82
N ALA QA 136 -31.96 67.98 -21.16
CA ALA QA 136 -30.94 68.93 -21.55
C ALA QA 136 -29.85 68.18 -22.31
N GLN QA 137 -29.20 68.87 -23.23
CA GLN QA 137 -28.07 68.27 -23.92
C GLN QA 137 -26.85 68.28 -23.02
N HIS QA 138 -25.82 67.56 -23.44
CA HIS QA 138 -24.65 67.32 -22.60
C HIS QA 138 -23.83 68.58 -22.38
N GLN QA 139 -23.69 69.43 -23.39
CA GLN QA 139 -23.00 70.70 -23.18
C GLN QA 139 -23.80 71.65 -22.32
N GLN QA 140 -25.13 71.63 -22.42
CA GLN QA 140 -25.96 72.45 -21.55
C GLN QA 140 -25.86 71.99 -20.10
N VAL QA 141 -25.79 70.67 -19.89
CA VAL QA 141 -25.59 70.11 -18.57
C VAL QA 141 -24.23 70.51 -18.02
N ARG QA 142 -23.19 70.46 -18.85
CA ARG QA 142 -21.85 70.89 -18.46
C ARG QA 142 -21.80 72.37 -18.10
N GLN QA 143 -22.48 73.22 -18.88
CA GLN QA 143 -22.57 74.65 -18.60
C GLN QA 143 -23.32 74.95 -17.31
N ILE QA 144 -24.41 74.24 -17.06
CA ILE QA 144 -25.18 74.42 -15.83
C ILE QA 144 -24.37 73.95 -14.63
N ARG QA 145 -23.63 72.85 -14.79
CA ARG QA 145 -22.77 72.36 -13.71
C ARG QA 145 -21.64 73.32 -13.39
N LYS QA 146 -21.03 73.92 -14.43
CA LYS QA 146 -20.00 74.92 -14.20
C LYS QA 146 -20.57 76.20 -13.59
N LYS QA 147 -21.79 76.57 -13.97
CA LYS QA 147 -22.52 77.68 -13.35
C LYS QA 147 -22.77 77.42 -11.87
N MET QA 148 -23.17 76.18 -11.54
CA MET QA 148 -23.35 75.76 -10.14
C MET QA 148 -22.05 75.89 -9.36
N MET QA 149 -20.95 75.38 -9.94
CA MET QA 149 -19.66 75.45 -9.27
C MET QA 149 -19.22 76.88 -9.04
N GLU QA 150 -19.39 77.74 -10.05
CA GLU QA 150 -19.01 79.15 -9.95
C GLU QA 150 -19.81 79.89 -8.88
N ILE QA 151 -21.13 79.68 -8.86
CA ILE QA 151 -21.98 80.39 -7.90
C ILE QA 151 -21.71 79.90 -6.49
N MET QA 152 -21.50 78.60 -6.32
CA MET QA 152 -21.19 78.06 -4.99
C MET QA 152 -19.84 78.55 -4.49
N THR QA 153 -18.82 78.57 -5.35
CA THR QA 153 -17.49 78.97 -4.85
C THR QA 153 -17.45 80.48 -4.60
N ARG QA 154 -18.21 81.28 -5.38
CA ARG QA 154 -18.23 82.71 -5.13
C ARG QA 154 -19.13 83.06 -3.95
N GLU QA 155 -20.05 82.18 -3.56
CA GLU QA 155 -20.86 82.45 -2.39
C GLU QA 155 -20.26 81.87 -1.12
N VAL QA 156 -19.23 81.03 -1.22
CA VAL QA 156 -18.56 80.50 -0.04
C VAL QA 156 -17.23 81.21 0.24
N GLN QA 157 -16.38 81.41 -0.78
CA GLN QA 157 -15.04 81.94 -0.53
C GLN QA 157 -15.03 83.38 -0.03
N THR QA 158 -16.11 84.12 -0.24
CA THR QA 158 -16.21 85.48 0.26
C THR QA 158 -16.34 85.54 1.78
N ASN QA 159 -16.99 84.55 2.38
CA ASN QA 159 -17.55 84.69 3.72
C ASN QA 159 -16.97 83.66 4.67
N ASP QA 160 -17.40 83.76 5.93
CA ASP QA 160 -17.07 82.84 7.00
C ASP QA 160 -18.25 81.91 7.26
N LEU QA 161 -18.15 81.14 8.36
CA LEU QA 161 -19.12 80.07 8.62
C LEU QA 161 -20.50 80.61 8.97
N LYS QA 162 -20.56 81.69 9.75
CA LYS QA 162 -21.85 82.28 10.10
C LYS QA 162 -22.52 82.87 8.86
N GLU QA 163 -21.74 83.43 7.95
CA GLU QA 163 -22.33 84.07 6.78
C GLU QA 163 -22.61 83.08 5.66
N VAL QA 164 -22.05 81.87 5.71
CA VAL QA 164 -22.48 80.87 4.73
C VAL QA 164 -23.67 80.07 5.26
N VAL QA 165 -23.76 79.88 6.58
CA VAL QA 165 -24.95 79.19 7.10
C VAL QA 165 -26.16 80.12 7.02
N ASN QA 166 -25.95 81.44 7.14
CA ASN QA 166 -27.05 82.38 6.95
C ASN QA 166 -27.57 82.40 5.51
N LYS QA 167 -26.73 82.07 4.51
CA LYS QA 167 -27.25 81.94 3.17
C LYS QA 167 -27.65 80.52 2.81
N LEU QA 168 -27.42 79.55 3.72
CA LEU QA 168 -27.98 78.22 3.56
C LEU QA 168 -29.34 78.04 4.21
N ILE QA 169 -29.66 78.81 5.24
CA ILE QA 169 -30.93 78.66 5.96
C ILE QA 169 -32.12 79.03 5.07
N PRO QA 170 -32.15 80.16 4.33
CA PRO QA 170 -32.93 80.13 3.08
C PRO QA 170 -32.02 79.79 1.92
N ASP QA 171 -32.46 78.93 0.99
CA ASP QA 171 -31.54 78.49 -0.04
C ASP QA 171 -31.31 79.56 -1.11
N SER QA 172 -30.58 80.61 -0.74
CA SER QA 172 -30.28 81.67 -1.69
C SER QA 172 -29.24 81.23 -2.71
N ILE QA 173 -28.39 80.26 -2.36
CA ILE QA 173 -27.45 79.70 -3.31
C ILE QA 173 -28.19 78.98 -4.42
N GLY QA 174 -29.16 78.15 -4.08
CA GLY QA 174 -29.99 77.49 -5.07
C GLY QA 174 -30.85 78.44 -5.87
N LYS QA 175 -31.35 79.51 -5.25
CA LYS QA 175 -32.11 80.52 -5.99
C LYS QA 175 -31.23 81.26 -6.99
N ASP QA 176 -29.99 81.60 -6.61
CA ASP QA 176 -29.09 82.27 -7.55
C ASP QA 176 -28.66 81.33 -8.68
N ILE QA 177 -28.49 80.04 -8.38
CA ILE QA 177 -28.19 79.06 -9.43
C ILE QA 177 -29.38 78.92 -10.38
N GLU QA 178 -30.59 78.84 -9.83
CA GLU QA 178 -31.82 78.75 -10.62
C GLU QA 178 -32.04 79.97 -11.49
N LYS QA 179 -31.73 81.15 -10.98
CA LYS QA 179 -31.79 82.37 -11.77
C LYS QA 179 -30.75 82.41 -12.87
N ALA QA 180 -29.52 81.96 -12.60
CA ALA QA 180 -28.45 82.11 -13.59
C ALA QA 180 -28.55 81.05 -14.68
N CYS QA 181 -29.09 79.88 -14.38
CA CYS QA 181 -29.10 78.79 -15.35
C CYS QA 181 -30.23 78.88 -16.37
N GLN QA 182 -31.20 79.78 -16.15
CA GLN QA 182 -32.44 79.86 -16.93
C GLN QA 182 -32.21 80.19 -18.40
N SER QA 183 -31.10 80.83 -18.74
CA SER QA 183 -30.72 81.06 -20.13
C SER QA 183 -29.99 79.88 -20.75
N ILE QA 184 -29.65 78.85 -19.96
CA ILE QA 184 -29.10 77.61 -20.49
C ILE QA 184 -30.18 76.53 -20.59
N TYR QA 185 -30.71 76.09 -19.45
CA TYR QA 185 -31.95 75.32 -19.48
C TYR QA 185 -32.71 75.81 -18.25
N PRO QA 186 -34.02 76.03 -18.33
CA PRO QA 186 -34.76 76.39 -17.12
C PRO QA 186 -34.97 75.19 -16.19
N LEU QA 187 -34.30 75.23 -15.03
CA LEU QA 187 -34.46 74.23 -13.98
C LEU QA 187 -35.46 74.71 -12.93
N HIS QA 188 -35.88 73.81 -12.07
CA HIS QA 188 -36.82 74.26 -11.05
C HIS QA 188 -36.47 73.85 -9.64
N ASP QA 189 -35.95 72.64 -9.44
CA ASP QA 189 -35.76 72.12 -8.09
C ASP QA 189 -34.30 72.20 -7.69
N VAL QA 190 -33.78 73.42 -7.73
CA VAL QA 190 -32.38 73.68 -7.47
C VAL QA 190 -32.19 73.86 -5.96
N PHE QA 191 -31.43 72.94 -5.35
CA PHE QA 191 -31.23 72.92 -3.92
C PHE QA 191 -29.77 72.58 -3.63
N VAL QA 192 -29.31 73.02 -2.45
CA VAL QA 192 -28.04 72.54 -1.92
C VAL QA 192 -28.38 71.38 -1.00
N ARG QA 193 -28.18 70.17 -1.50
CA ARG QA 193 -28.68 68.98 -0.83
C ARG QA 193 -27.79 68.49 0.30
N LYS QA 194 -26.51 68.84 0.30
CA LYS QA 194 -25.59 68.30 1.30
C LYS QA 194 -24.38 69.22 1.44
N VAL QA 195 -23.98 69.47 2.68
CA VAL QA 195 -22.77 70.21 3.00
C VAL QA 195 -22.01 69.41 4.03
N LYS QA 196 -20.73 69.14 3.76
CA LYS QA 196 -19.86 68.32 4.58
C LYS QA 196 -18.74 69.17 5.18
N MET QA 197 -18.37 68.87 6.42
CA MET QA 197 -17.20 69.46 7.08
C MET QA 197 -16.01 68.54 6.92
N LEU QA 198 -15.07 68.94 6.08
CA LEU QA 198 -13.88 68.13 5.85
C LEU QA 198 -12.80 68.46 6.87
N LYS QA 199 -12.40 69.71 6.93
CA LYS QA 199 -11.38 70.17 7.86
C LYS QA 199 -11.87 71.41 8.58
N LYS QA 200 -11.78 71.40 9.88
CA LYS QA 200 -12.07 72.52 10.77
C LYS QA 200 -10.77 73.19 11.19
N PRO QA 201 -10.79 74.48 11.52
CA PRO QA 201 -9.57 75.11 12.06
C PRO QA 201 -9.25 74.70 13.49
N LYS QA 202 -8.23 75.29 14.07
CA LYS QA 202 -7.99 75.10 15.49
C LYS QA 202 -9.14 75.71 16.29
N PHE QA 203 -9.50 75.07 17.39
CA PHE QA 203 -10.69 75.42 18.15
C PHE QA 203 -10.51 76.74 18.87
N GLU QA 204 -11.38 77.71 18.59
CA GLU QA 204 -11.27 79.05 19.14
C GLU QA 204 -12.55 79.37 19.91
N LEU QA 205 -12.42 79.42 21.24
CA LEU QA 205 -13.59 79.53 22.10
C LEU QA 205 -14.22 80.90 22.00
N GLY QA 206 -13.42 81.94 21.80
CA GLY QA 206 -13.97 83.26 21.53
C GLY QA 206 -14.71 83.32 20.22
N LYS QA 207 -14.20 82.64 19.19
CA LYS QA 207 -14.90 82.53 17.92
C LYS QA 207 -16.22 81.76 18.06
N LEU QA 208 -16.28 80.78 18.96
CA LEU QA 208 -17.53 80.08 19.17
C LEU QA 208 -18.52 80.89 20.00
N MET QA 209 -18.04 81.63 21.00
CA MET QA 209 -18.93 82.53 21.73
C MET QA 209 -19.41 83.69 20.88
N GLU QA 210 -18.66 84.07 19.85
CA GLU QA 210 -19.19 85.01 18.86
C GLU QA 210 -20.32 84.40 18.05
N LEU QA 211 -20.30 83.07 17.88
CA LEU QA 211 -21.44 82.42 17.25
C LEU QA 211 -22.61 82.32 18.21
N HIS QA 212 -22.30 82.19 19.49
CA HIS QA 212 -23.29 82.01 20.56
C HIS QA 212 -23.66 83.32 21.23
N GLY QA 213 -23.59 84.43 20.49
CA GLY QA 213 -23.89 85.74 21.05
C GLY QA 213 -22.68 86.44 21.61
N LYS RA 1 -89.32 20.49 -57.76
CA LYS RA 1 -89.31 20.89 -59.16
C LYS RA 1 -89.49 22.39 -59.27
N GLU RA 2 -90.31 22.93 -58.38
CA GLU RA 2 -90.52 24.37 -58.31
C GLU RA 2 -89.37 25.02 -57.53
N TRP RA 3 -88.72 26.00 -58.14
CA TRP RA 3 -87.70 26.80 -57.50
C TRP RA 3 -88.22 28.22 -57.30
N LEU RA 4 -88.31 28.64 -56.04
CA LEU RA 4 -88.72 29.99 -55.70
C LEU RA 4 -87.48 30.78 -55.31
N PRO RA 5 -87.08 31.79 -56.10
CA PRO RA 5 -85.79 32.46 -55.87
C PRO RA 5 -85.86 33.40 -54.67
N VAL RA 6 -84.70 33.62 -54.06
CA VAL RA 6 -84.57 34.64 -53.02
C VAL RA 6 -83.75 35.83 -53.50
N THR RA 7 -82.73 35.60 -54.32
CA THR RA 7 -81.86 36.66 -54.82
C THR RA 7 -82.52 37.44 -55.95
N LYS RA 8 -82.08 38.70 -56.06
CA LYS RA 8 -82.52 39.58 -57.12
C LYS RA 8 -82.13 39.06 -58.50
N LEU RA 9 -80.93 38.50 -58.62
CA LEU RA 9 -80.51 37.86 -59.86
C LEU RA 9 -81.33 36.62 -60.16
N GLY RA 10 -81.61 35.82 -59.13
CA GLY RA 10 -82.37 34.59 -59.31
C GLY RA 10 -83.81 34.84 -59.73
N ARG RA 11 -84.36 36.00 -59.35
CA ARG RA 11 -85.70 36.38 -59.82
C ARG RA 11 -85.76 36.52 -61.33
N LEU RA 12 -84.78 37.20 -61.92
CA LEU RA 12 -84.75 37.40 -63.37
C LEU RA 12 -84.37 36.11 -64.09
N VAL RA 13 -83.51 35.30 -63.48
CA VAL RA 13 -83.13 34.02 -64.07
C VAL RA 13 -84.34 33.08 -64.12
N LYS RA 14 -85.18 33.10 -63.08
CA LYS RA 14 -86.44 32.37 -63.15
C LYS RA 14 -87.39 32.98 -64.18
N ASP RA 15 -87.46 34.31 -64.26
CA ASP RA 15 -88.39 34.95 -65.17
C ASP RA 15 -87.88 35.08 -66.61
N MET RA 16 -86.76 34.43 -66.95
CA MET RA 16 -86.20 34.37 -68.32
C MET RA 16 -85.89 35.75 -68.87
N LYS RA 17 -85.39 36.61 -68.03
CA LYS RA 17 -84.96 37.90 -68.51
C LYS RA 17 -83.46 38.01 -68.74
N ILE RA 18 -82.67 37.03 -68.33
CA ILE RA 18 -81.26 37.01 -68.70
C ILE RA 18 -81.06 35.89 -69.71
N LYS RA 19 -80.41 36.20 -70.84
CA LYS RA 19 -80.36 35.22 -71.93
C LYS RA 19 -79.19 34.25 -71.79
N SER RA 20 -78.16 34.59 -71.00
CA SER RA 20 -77.03 33.69 -70.82
C SER RA 20 -76.34 34.00 -69.51
N LEU RA 21 -75.47 33.06 -69.09
CA LEU RA 21 -74.67 33.24 -67.90
C LEU RA 21 -73.59 34.30 -68.08
N GLU RA 22 -73.22 34.60 -69.32
CA GLU RA 22 -72.17 35.56 -69.59
C GLU RA 22 -72.59 36.99 -69.32
N GLU RA 23 -73.88 37.29 -69.30
CA GLU RA 23 -74.34 38.60 -68.83
C GLU RA 23 -74.08 38.78 -67.34
N ILE RA 24 -74.23 37.74 -66.54
CA ILE RA 24 -73.85 37.78 -65.14
C ILE RA 24 -72.34 37.88 -64.96
N TYR RA 25 -71.59 37.12 -65.77
CA TYR RA 25 -70.14 37.18 -65.70
C TYR RA 25 -69.59 38.52 -66.16
N LEU RA 26 -70.31 39.21 -67.05
CA LEU RA 26 -69.91 40.54 -67.51
C LEU RA 26 -69.93 41.56 -66.38
N PHE RA 27 -70.93 41.50 -65.51
CA PHE RA 27 -71.10 42.46 -64.43
C PHE RA 27 -70.64 41.93 -63.09
N SER RA 28 -70.02 40.75 -63.06
CA SER RA 28 -69.31 40.21 -61.88
C SER RA 28 -70.25 39.98 -60.70
N LEU RA 29 -71.51 39.72 -61.00
CA LEU RA 29 -72.52 39.54 -59.98
C LEU RA 29 -72.29 38.22 -59.25
N PRO RA 30 -72.32 38.22 -57.92
CA PRO RA 30 -72.12 36.97 -57.19
C PRO RA 30 -73.32 36.04 -57.34
N ILE RA 31 -73.04 34.83 -57.79
CA ILE RA 31 -74.05 33.78 -57.87
C ILE RA 31 -74.27 33.30 -56.43
N LYS RA 32 -75.47 33.53 -55.90
CA LYS RA 32 -75.79 33.09 -54.55
C LYS RA 32 -76.79 31.95 -54.52
N GLU RA 33 -77.26 31.49 -55.67
CA GLU RA 33 -78.25 30.42 -55.74
C GLU RA 33 -77.72 29.36 -56.69
N SER RA 34 -77.75 28.11 -56.26
CA SER RA 34 -77.28 27.03 -57.10
C SER RA 34 -78.22 26.70 -58.24
N GLU RA 35 -79.47 27.16 -58.17
CA GLU RA 35 -80.45 26.92 -59.23
C GLU RA 35 -80.30 27.88 -60.40
N ILE RA 36 -79.49 28.92 -60.26
CA ILE RA 36 -79.19 29.79 -61.38
C ILE RA 36 -78.31 29.08 -62.40
N ILE RA 37 -77.34 28.29 -61.92
CA ILE RA 37 -76.30 27.74 -62.78
C ILE RA 37 -76.85 26.64 -63.67
N ASP RA 38 -77.68 25.76 -63.14
CA ASP RA 38 -78.22 24.70 -63.98
C ASP RA 38 -79.40 25.18 -64.82
N PHE RA 39 -79.85 26.42 -64.64
CA PHE RA 39 -80.80 26.99 -65.58
C PHE RA 39 -80.14 27.29 -66.92
N PHE RA 40 -78.83 27.50 -66.92
CA PHE RA 40 -78.08 27.84 -68.12
C PHE RA 40 -77.15 26.75 -68.60
N LEU RA 41 -76.64 25.92 -67.70
CA LEU RA 41 -75.72 24.85 -68.08
C LEU RA 41 -76.23 23.45 -67.76
N GLY RA 42 -77.46 23.32 -67.24
CA GLY RA 42 -77.92 22.06 -66.68
C GLY RA 42 -78.11 20.94 -67.68
N ALA RA 43 -78.10 21.25 -68.97
CA ALA RA 43 -78.09 20.21 -69.99
C ALA RA 43 -76.75 19.48 -70.01
N SER RA 44 -75.66 20.24 -69.95
CA SER RA 44 -74.32 19.69 -70.16
C SER RA 44 -73.46 19.69 -68.91
N LEU RA 45 -74.03 20.02 -67.75
CA LEU RA 45 -73.25 20.13 -66.53
C LEU RA 45 -73.08 18.75 -65.90
N LYS RA 46 -71.83 18.30 -65.75
CA LYS RA 46 -71.53 17.01 -65.15
C LYS RA 46 -70.43 17.18 -64.11
N ASP RA 47 -70.38 16.25 -63.16
CA ASP RA 47 -69.60 16.40 -61.94
C ASP RA 47 -68.76 15.16 -61.66
N GLU RA 48 -67.77 15.35 -60.79
CA GLU RA 48 -66.93 14.24 -60.35
C GLU RA 48 -66.43 14.54 -58.95
N VAL RA 49 -66.43 13.52 -58.09
CA VAL RA 49 -65.96 13.65 -56.71
C VAL RA 49 -64.50 13.23 -56.71
N LEU RA 50 -63.59 14.20 -56.60
CA LEU RA 50 -62.16 13.93 -56.71
C LEU RA 50 -61.62 13.16 -55.51
N LYS RA 51 -62.05 13.54 -54.30
CA LYS RA 51 -61.52 12.92 -53.10
C LYS RA 51 -62.54 13.19 -51.99
N ILE RA 52 -62.81 12.15 -51.20
CA ILE RA 52 -63.48 12.28 -49.91
C ILE RA 52 -62.41 12.20 -48.84
N MET RA 53 -62.19 13.30 -48.13
CA MET RA 53 -61.16 13.33 -47.10
C MET RA 53 -61.83 13.36 -45.73
N PRO RA 54 -61.58 12.39 -44.85
CA PRO RA 54 -62.10 12.44 -43.47
C PRO RA 54 -61.20 13.27 -42.58
N VAL RA 55 -61.74 14.32 -41.99
CA VAL RA 55 -61.01 15.15 -41.04
C VAL RA 55 -61.67 15.02 -39.67
N GLN RA 56 -60.86 15.15 -38.63
CA GLN RA 56 -61.29 14.92 -37.25
C GLN RA 56 -60.84 16.05 -36.34
N LYS RA 57 -61.69 16.43 -35.40
CA LYS RA 57 -61.25 17.11 -34.20
C LYS RA 57 -61.39 16.13 -33.04
N GLN RA 58 -60.52 16.25 -32.06
CA GLN RA 58 -60.56 15.34 -30.94
C GLN RA 58 -61.27 16.00 -29.78
N THR RA 59 -62.14 15.23 -29.13
CA THR RA 59 -62.92 15.70 -28.00
C THR RA 59 -62.51 14.93 -26.77
N ARG RA 60 -63.16 15.23 -25.65
CA ARG RA 60 -62.92 14.47 -24.43
C ARG RA 60 -63.40 13.03 -24.58
N ALA RA 61 -64.53 12.84 -25.23
CA ALA RA 61 -65.07 11.50 -25.47
C ALA RA 61 -64.70 10.99 -26.86
N GLY RA 62 -63.41 10.98 -27.14
CA GLY RA 62 -62.93 10.41 -28.39
C GLY RA 62 -63.00 11.36 -29.58
N GLN RA 63 -62.98 10.75 -30.75
CA GLN RA 63 -62.69 11.41 -32.02
C GLN RA 63 -63.88 11.31 -32.95
N ARG RA 64 -64.50 12.45 -33.26
CA ARG RA 64 -65.59 12.48 -34.24
C ARG RA 64 -65.01 12.78 -35.61
N THR RA 65 -65.62 12.19 -36.64
CA THR RA 65 -65.11 12.27 -38.00
C THR RA 65 -66.08 13.05 -38.89
N ARG RA 66 -65.55 14.06 -39.58
CA ARG RA 66 -66.28 14.78 -40.61
C ARG RA 66 -65.56 14.61 -41.95
N PHE RA 67 -66.34 14.44 -43.00
CA PHE RA 67 -65.81 14.12 -44.32
C PHE RA 67 -65.86 15.35 -45.21
N LYS RA 68 -64.77 15.61 -45.92
CA LYS RA 68 -64.68 16.70 -46.88
C LYS RA 68 -64.82 16.16 -48.29
N ALA RA 69 -65.83 16.65 -49.00
CA ALA RA 69 -66.08 16.30 -50.39
C ALA RA 69 -65.52 17.40 -51.28
N PHE RA 70 -64.77 16.99 -52.29
CA PHE RA 70 -64.21 17.89 -53.29
C PHE RA 70 -64.89 17.54 -54.62
N VAL RA 71 -65.67 18.46 -55.16
CA VAL RA 71 -66.45 18.20 -56.36
C VAL RA 71 -66.01 19.13 -57.46
N ALA RA 72 -65.64 18.57 -58.60
CA ALA RA 72 -65.34 19.34 -59.81
C ALA RA 72 -66.50 19.18 -60.77
N ILE RA 73 -67.10 20.30 -61.19
CA ILE RA 73 -68.28 20.25 -62.03
C ILE RA 73 -68.02 21.16 -63.23
N GLY RA 74 -68.68 20.85 -64.34
CA GLY RA 74 -68.61 21.72 -65.49
C GLY RA 74 -68.88 21.04 -66.81
N ASP RA 75 -69.48 21.77 -67.75
CA ASP RA 75 -69.59 21.28 -69.11
C ASP RA 75 -68.23 21.35 -69.78
N TYR RA 76 -68.06 20.57 -70.85
CA TYR RA 76 -66.75 20.42 -71.44
C TYR RA 76 -66.44 21.52 -72.46
N ASN RA 77 -67.06 22.69 -72.30
CA ASN RA 77 -66.78 23.85 -73.14
C ASN RA 77 -67.08 25.12 -72.34
N GLY RA 78 -66.05 25.69 -71.72
CA GLY RA 78 -66.07 27.08 -71.32
C GLY RA 78 -66.39 27.35 -69.85
N HIS RA 79 -66.81 26.36 -69.07
CA HIS RA 79 -67.21 26.61 -67.69
C HIS RA 79 -66.76 25.47 -66.79
N VAL RA 80 -66.19 25.81 -65.63
CA VAL RA 80 -65.79 24.81 -64.65
C VAL RA 80 -65.89 25.44 -63.27
N GLY RA 81 -66.16 24.60 -62.27
CA GLY RA 81 -66.27 25.06 -60.90
C GLY RA 81 -65.82 23.99 -59.93
N LEU RA 82 -65.29 24.45 -58.80
CA LEU RA 82 -64.76 23.56 -57.77
C LEU RA 82 -65.41 23.87 -56.43
N GLY RA 83 -65.80 22.81 -55.72
CA GLY RA 83 -66.51 22.97 -54.46
C GLY RA 83 -66.00 22.09 -53.35
N VAL RA 84 -65.88 22.64 -52.15
CA VAL RA 84 -65.37 21.94 -50.97
C VAL RA 84 -66.45 21.98 -49.89
N LYS RA 85 -66.72 20.84 -49.26
CA LYS RA 85 -67.78 20.82 -48.25
C LYS RA 85 -67.54 19.73 -47.22
N CYS RA 86 -67.62 20.10 -45.95
CA CYS RA 86 -67.38 19.18 -44.85
C CYS RA 86 -68.67 18.89 -44.09
N SER RA 87 -69.01 17.62 -43.95
CA SER RA 87 -70.25 17.25 -43.28
C SER RA 87 -70.05 15.95 -42.52
N LYS RA 88 -71.01 15.65 -41.64
CA LYS RA 88 -70.95 14.43 -40.83
C LYS RA 88 -71.09 13.17 -41.69
N GLU RA 89 -71.84 13.25 -42.78
CA GLU RA 89 -72.10 12.12 -43.65
C GLU RA 89 -71.56 12.40 -45.03
N VAL RA 90 -71.14 11.31 -45.69
CA VAL RA 90 -70.46 11.41 -46.98
C VAL RA 90 -71.42 11.90 -48.05
N ALA RA 91 -72.65 11.38 -48.06
CA ALA RA 91 -73.65 11.79 -49.05
C ALA RA 91 -74.04 13.25 -48.91
N THR RA 92 -74.25 13.72 -47.68
CA THR RA 92 -74.55 15.13 -47.43
C THR RA 92 -73.38 16.03 -47.79
N ALA RA 93 -72.14 15.58 -47.52
CA ALA RA 93 -70.97 16.33 -47.92
C ALA RA 93 -70.86 16.44 -49.44
N ILE RA 94 -71.15 15.36 -50.16
CA ILE RA 94 -71.09 15.39 -51.62
C ILE RA 94 -72.19 16.29 -52.17
N ARG RA 95 -73.38 16.21 -51.58
CA ARG RA 95 -74.51 17.04 -52.03
C ARG RA 95 -74.24 18.52 -51.83
N GLY RA 96 -73.64 18.88 -50.69
CA GLY RA 96 -73.26 20.27 -50.45
C GLY RA 96 -72.13 20.72 -51.35
N ALA RA 97 -71.15 19.86 -51.59
CA ALA RA 97 -70.04 20.21 -52.46
C ALA RA 97 -70.46 20.35 -53.92
N ILE RA 98 -71.48 19.62 -54.36
CA ILE RA 98 -72.00 19.78 -55.71
C ILE RA 98 -72.60 21.17 -55.90
N ILE RA 99 -73.42 21.63 -54.94
CA ILE RA 99 -74.02 22.95 -55.11
C ILE RA 99 -73.00 24.05 -54.84
N LEU RA 100 -71.95 23.81 -54.07
CA LEU RA 100 -70.90 24.81 -53.94
C LEU RA 100 -70.05 24.89 -55.21
N ALA RA 101 -69.79 23.75 -55.84
CA ALA RA 101 -69.06 23.75 -57.09
C ALA RA 101 -69.87 24.38 -58.21
N LYS RA 102 -71.20 24.22 -58.16
CA LYS RA 102 -72.07 24.99 -59.05
C LYS RA 102 -72.01 26.48 -58.75
N LEU RA 103 -72.03 26.85 -57.46
CA LEU RA 103 -72.00 28.24 -57.04
C LEU RA 103 -70.69 28.94 -57.38
N SER RA 104 -69.62 28.20 -57.56
CA SER RA 104 -68.33 28.77 -57.94
C SER RA 104 -67.91 28.36 -59.35
N ILE RA 105 -68.85 28.34 -60.30
CA ILE RA 105 -68.50 28.13 -61.70
C ILE RA 105 -67.87 29.41 -62.24
N VAL RA 106 -66.66 29.29 -62.80
CA VAL RA 106 -66.02 30.43 -63.44
C VAL RA 106 -65.96 30.18 -64.95
N PRO RA 107 -65.89 31.20 -65.78
CA PRO RA 107 -65.60 30.96 -67.21
C PRO RA 107 -64.11 30.77 -67.44
N VAL RA 108 -63.79 29.84 -68.31
CA VAL RA 108 -62.41 29.65 -68.73
C VAL RA 108 -62.24 30.28 -70.10
N ARG RA 109 -61.11 30.97 -70.28
CA ARG RA 109 -60.73 31.54 -71.56
C ARG RA 109 -59.85 30.55 -72.30
N ARG RA 110 -60.13 30.34 -73.58
CA ARG RA 110 -59.31 29.50 -74.40
C ARG RA 110 -58.65 30.31 -75.51
N GLY RA 111 -57.41 29.97 -75.81
CA GLY RA 111 -56.65 30.67 -76.82
C GLY RA 111 -56.01 29.74 -77.83
N TYR RA 112 -54.97 30.22 -78.51
CA TYR RA 112 -54.34 29.47 -79.57
C TYR RA 112 -52.84 29.35 -79.29
N TRP RA 113 -52.24 28.33 -79.87
CA TRP RA 113 -50.78 28.20 -79.92
C TRP RA 113 -50.40 28.39 -81.38
N GLY RA 114 -49.50 29.34 -81.63
CA GLY RA 114 -49.07 29.64 -82.99
C GLY RA 114 -50.17 30.26 -83.83
N ASN RA 115 -50.57 29.56 -84.89
CA ASN RA 115 -51.62 30.06 -85.76
C ASN RA 115 -52.99 29.89 -85.12
N LYS RA 116 -53.98 30.55 -85.71
CA LYS RA 116 -55.29 30.64 -85.09
C LYS RA 116 -56.37 30.01 -85.96
N ILE RA 117 -56.14 28.82 -86.46
CA ILE RA 117 -57.12 28.10 -87.28
C ILE RA 117 -58.20 27.53 -86.37
N GLY RA 118 -59.46 27.83 -86.68
CA GLY RA 118 -60.56 27.12 -86.06
C GLY RA 118 -60.83 27.56 -84.63
N LYS RA 119 -61.24 26.59 -83.81
CA LYS RA 119 -61.68 26.84 -82.45
C LYS RA 119 -60.53 26.74 -81.47
N PRO RA 120 -60.54 27.58 -80.43
CA PRO RA 120 -59.43 27.59 -79.46
C PRO RA 120 -59.39 26.33 -78.63
N HIS RA 121 -58.18 25.96 -78.20
CA HIS RA 121 -57.95 24.65 -77.64
C HIS RA 121 -57.09 24.70 -76.39
N THR RA 122 -56.42 25.82 -76.14
CA THR RA 122 -55.39 25.91 -75.11
C THR RA 122 -55.59 27.19 -74.32
N VAL RA 123 -54.83 27.33 -73.24
CA VAL RA 123 -54.82 28.54 -72.43
C VAL RA 123 -54.23 29.68 -73.25
N PRO RA 124 -54.76 30.91 -73.16
CA PRO RA 124 -54.27 31.98 -74.03
C PRO RA 124 -52.88 32.45 -73.70
N CYS RA 125 -52.43 32.22 -72.47
CA CYS RA 125 -51.10 32.58 -72.02
C CYS RA 125 -50.75 31.67 -70.85
N LYS RA 126 -49.51 31.76 -70.40
CA LYS RA 126 -49.04 30.98 -69.25
C LYS RA 126 -49.73 31.52 -68.01
N VAL RA 127 -50.66 30.73 -67.46
CA VAL RA 127 -51.47 31.17 -66.32
C VAL RA 127 -51.15 30.30 -65.11
N THR RA 128 -51.04 30.92 -63.95
CA THR RA 128 -50.61 30.20 -62.75
C THR RA 128 -51.67 30.24 -61.67
N GLY RA 129 -51.55 29.32 -60.74
CA GLY RA 129 -52.47 29.24 -59.63
C GLY RA 129 -51.79 28.80 -58.36
N ARG RA 130 -52.07 29.49 -57.28
CA ARG RA 130 -51.47 29.20 -55.99
C ARG RA 130 -52.55 28.95 -54.95
N CYS RA 131 -52.41 27.84 -54.23
CA CYS RA 131 -53.18 27.61 -53.02
C CYS RA 131 -52.28 26.89 -52.04
N GLY RA 132 -51.91 27.57 -50.95
CA GLY RA 132 -50.95 26.98 -50.04
C GLY RA 132 -49.58 26.98 -50.68
N SER RA 133 -48.83 25.90 -50.48
CA SER RA 133 -47.53 25.74 -51.11
C SER RA 133 -47.63 25.26 -52.54
N VAL RA 134 -48.80 24.88 -52.99
CA VAL RA 134 -48.97 24.28 -54.30
C VAL RA 134 -49.02 25.37 -55.36
N LEU RA 135 -48.22 25.19 -56.41
CA LEU RA 135 -48.18 26.08 -57.55
C LEU RA 135 -48.45 25.25 -58.79
N VAL RA 136 -49.41 25.68 -59.60
CA VAL RA 136 -49.74 25.04 -60.86
C VAL RA 136 -49.59 26.04 -61.99
N ARG RA 137 -48.74 25.71 -62.97
CA ARG RA 137 -48.50 26.55 -64.13
C ARG RA 137 -49.09 25.88 -65.36
N LEU RA 138 -49.89 26.63 -66.10
CA LEU RA 138 -50.51 26.15 -67.33
C LEU RA 138 -49.88 26.86 -68.52
N ILE RA 139 -49.20 26.06 -69.34
CA ILE RA 139 -48.48 26.50 -70.52
C ILE RA 139 -49.37 26.23 -71.71
N PRO RA 140 -49.49 27.16 -72.66
CA PRO RA 140 -50.16 26.84 -73.93
C PRO RA 140 -49.43 25.73 -74.69
N ALA RA 141 -50.21 24.81 -75.25
CA ALA RA 141 -49.75 23.62 -75.91
C ALA RA 141 -50.26 23.61 -77.35
N PRO RA 142 -49.56 22.96 -78.28
CA PRO RA 142 -50.06 22.87 -79.66
C PRO RA 142 -51.29 21.97 -79.76
N ARG RA 143 -51.89 21.98 -80.96
CA ARG RA 143 -53.07 21.18 -81.26
C ARG RA 143 -52.79 19.69 -81.08
N GLY RA 144 -53.71 19.00 -80.43
CA GLY RA 144 -53.60 17.55 -80.31
C GLY RA 144 -52.58 17.06 -79.29
N THR RA 145 -52.09 17.94 -78.42
CA THR RA 145 -51.16 17.59 -77.36
C THR RA 145 -51.80 16.70 -76.30
N GLY RA 146 -52.99 17.04 -75.86
CA GLY RA 146 -53.54 16.49 -74.64
C GLY RA 146 -53.34 17.43 -73.49
N ILE RA 147 -53.73 16.96 -72.32
CA ILE RA 147 -53.42 17.65 -71.08
C ILE RA 147 -52.25 16.91 -70.45
N VAL RA 148 -51.06 17.51 -70.54
CA VAL RA 148 -49.86 16.94 -69.94
C VAL RA 148 -49.85 17.45 -68.51
N SER RA 149 -50.37 16.63 -67.60
CA SER RA 149 -50.56 17.04 -66.21
C SER RA 149 -50.76 15.80 -65.36
N ALA RA 150 -50.91 16.04 -64.06
CA ALA RA 150 -51.26 15.00 -63.12
C ALA RA 150 -52.74 14.65 -63.29
N PRO RA 151 -53.16 13.46 -62.82
CA PRO RA 151 -54.58 13.10 -62.94
C PRO RA 151 -55.55 14.00 -62.19
N VAL RA 152 -55.12 14.67 -61.12
CA VAL RA 152 -56.01 15.56 -60.39
C VAL RA 152 -56.29 16.84 -61.19
N PRO RA 153 -55.31 17.64 -61.68
CA PRO RA 153 -55.70 18.81 -62.48
C PRO RA 153 -56.11 18.45 -63.88
N LYS RA 154 -55.80 17.23 -64.35
CA LYS RA 154 -56.28 16.79 -65.65
C LYS RA 154 -57.79 16.78 -65.70
N LYS RA 155 -58.43 16.34 -64.60
CA LYS RA 155 -59.89 16.35 -64.50
C LYS RA 155 -60.47 17.75 -64.64
N LEU RA 156 -59.93 18.71 -63.88
CA LEU RA 156 -60.44 20.08 -63.94
C LEU RA 156 -60.17 20.74 -65.29
N LEU RA 157 -59.09 20.35 -65.97
CA LEU RA 157 -58.86 20.92 -67.30
C LEU RA 157 -59.79 20.31 -68.35
N MET RA 158 -60.12 19.01 -68.25
CA MET RA 158 -61.17 18.46 -69.14
C MET RA 158 -62.52 19.12 -68.89
N MET RA 159 -62.90 19.31 -67.62
CA MET RA 159 -64.19 19.94 -67.36
C MET RA 159 -64.16 21.45 -67.58
N ALA RA 160 -62.98 22.05 -67.72
CA ALA RA 160 -62.91 23.36 -68.34
C ALA RA 160 -63.07 23.27 -69.84
N GLY RA 161 -62.72 22.15 -70.45
CA GLY RA 161 -62.81 22.02 -71.87
C GLY RA 161 -61.57 22.45 -72.61
N ILE RA 162 -60.50 22.73 -71.90
CA ILE RA 162 -59.20 22.99 -72.52
C ILE RA 162 -58.68 21.68 -73.07
N ASP RA 163 -58.59 21.59 -74.39
CA ASP RA 163 -58.19 20.37 -75.07
C ASP RA 163 -56.69 20.10 -74.86
N ASP RA 164 -55.86 21.14 -74.85
CA ASP RA 164 -54.43 20.96 -74.87
C ASP RA 164 -53.78 21.92 -73.89
N CYS RA 165 -52.91 21.41 -73.02
CA CYS RA 165 -52.30 22.24 -71.98
C CYS RA 165 -51.11 21.52 -71.38
N TYR RA 166 -49.95 22.17 -71.36
CA TYR RA 166 -48.83 21.66 -70.57
C TYR RA 166 -48.98 22.19 -69.15
N THR RA 167 -48.59 21.41 -68.15
CA THR RA 167 -48.78 21.84 -66.78
C THR RA 167 -47.59 21.47 -65.92
N SER RA 168 -47.00 22.46 -65.27
CA SER RA 168 -45.98 22.24 -64.26
C SER RA 168 -46.60 22.40 -62.89
N ALA RA 169 -46.00 21.80 -61.87
CA ALA RA 169 -46.53 21.87 -60.52
C ALA RA 169 -45.41 21.75 -59.51
N ARG RA 170 -45.40 22.65 -58.52
CA ARG RA 170 -44.36 22.66 -57.51
C ARG RA 170 -45.02 22.74 -56.13
N GLY RA 171 -44.60 21.87 -55.21
CA GLY RA 171 -45.03 21.94 -53.84
C GLY RA 171 -45.57 20.61 -53.35
N CYS RA 172 -46.30 20.67 -52.23
CA CYS RA 172 -46.92 19.48 -51.66
C CYS RA 172 -48.19 19.19 -52.46
N THR RA 173 -47.99 18.62 -53.65
CA THR RA 173 -49.09 18.27 -54.53
C THR RA 173 -49.91 17.09 -54.04
N ALA RA 174 -49.40 16.34 -53.05
CA ALA RA 174 -50.18 15.29 -52.42
C ALA RA 174 -51.37 15.85 -51.63
N THR RA 175 -51.30 17.11 -51.23
CA THR RA 175 -52.45 17.83 -50.70
C THR RA 175 -53.40 18.08 -51.88
N LEU RA 176 -54.39 17.22 -52.03
CA LEU RA 176 -55.27 17.27 -53.19
C LEU RA 176 -56.19 18.48 -53.13
N GLY RA 177 -56.54 18.96 -51.94
CA GLY RA 177 -57.40 20.12 -51.85
C GLY RA 177 -56.73 21.38 -52.36
N ASN RA 178 -55.52 21.66 -51.87
CA ASN RA 178 -54.75 22.80 -52.36
C ASN RA 178 -54.34 22.61 -53.80
N PHE RA 179 -54.09 21.38 -54.21
CA PHE RA 179 -53.65 21.08 -55.57
C PHE RA 179 -54.78 21.19 -56.59
N ALA RA 180 -56.03 20.97 -56.17
CA ALA RA 180 -57.20 21.24 -57.01
C ALA RA 180 -57.58 22.72 -57.00
N LYS RA 181 -57.46 23.38 -55.85
CA LYS RA 181 -57.76 24.81 -55.76
C LYS RA 181 -56.76 25.65 -56.53
N ALA RA 182 -55.50 25.22 -56.60
CA ALA RA 182 -54.49 25.92 -57.41
C ALA RA 182 -54.79 25.83 -58.90
N THR RA 183 -55.25 24.67 -59.37
CA THR RA 183 -55.69 24.53 -60.75
C THR RA 183 -56.92 25.38 -61.03
N PHE RA 184 -57.84 25.44 -60.07
CA PHE RA 184 -59.01 26.30 -60.19
C PHE RA 184 -58.61 27.77 -60.29
N ASP RA 185 -57.62 28.19 -59.49
CA ASP RA 185 -57.08 29.56 -59.55
C ASP RA 185 -56.40 29.85 -60.88
N ALA RA 186 -55.65 28.88 -61.42
CA ALA RA 186 -55.00 29.05 -62.70
C ALA RA 186 -56.01 29.17 -63.85
N ILE RA 187 -57.07 28.36 -63.79
CA ILE RA 187 -58.16 28.48 -64.75
C ILE RA 187 -58.84 29.83 -64.64
N SER RA 188 -59.10 30.29 -63.42
CA SER RA 188 -59.79 31.54 -63.18
C SER RA 188 -58.97 32.77 -63.61
N LYS RA 189 -57.64 32.69 -63.57
CA LYS RA 189 -56.83 33.84 -63.96
C LYS RA 189 -56.72 34.03 -65.47
N THR RA 190 -57.26 33.09 -66.27
CA THR RA 190 -57.23 33.23 -67.72
C THR RA 190 -58.00 34.46 -68.21
N TYR RA 191 -59.18 34.72 -67.65
CA TYR RA 191 -59.88 35.95 -67.98
C TYR RA 191 -59.34 37.15 -67.23
N SER RA 192 -58.59 36.94 -66.16
CA SER RA 192 -57.96 38.02 -65.43
C SER RA 192 -56.73 38.58 -66.16
N TYR RA 193 -56.07 37.78 -66.98
CA TYR RA 193 -54.85 38.20 -67.66
C TYR RA 193 -55.19 39.15 -68.80
N LEU RA 194 -54.36 40.16 -68.99
CA LEU RA 194 -54.62 41.18 -70.01
C LEU RA 194 -53.77 40.92 -71.25
N THR RA 195 -54.43 40.84 -72.39
CA THR RA 195 -53.87 40.53 -73.68
C THR RA 195 -53.93 41.79 -74.54
N PRO RA 196 -53.01 41.95 -75.52
CA PRO RA 196 -53.17 43.00 -76.52
C PRO RA 196 -54.42 42.90 -77.37
N ASP RA 197 -55.03 41.72 -77.42
CA ASP RA 197 -56.33 41.53 -78.06
C ASP RA 197 -57.41 42.37 -77.42
N LEU RA 198 -57.33 42.61 -76.11
CA LEU RA 198 -58.37 43.30 -75.38
C LEU RA 198 -58.06 44.76 -75.14
N TRP RA 199 -57.12 45.35 -75.88
CA TRP RA 199 -56.63 46.68 -75.57
C TRP RA 199 -57.64 47.78 -75.87
N LYS RA 200 -58.57 47.54 -76.78
CA LYS RA 200 -59.53 48.57 -77.14
C LYS RA 200 -60.49 48.84 -75.98
N GLU RA 201 -60.99 50.06 -75.91
CA GLU RA 201 -61.73 50.51 -74.75
C GLU RA 201 -63.09 49.83 -74.67
N THR RA 202 -63.41 49.34 -73.47
CA THR RA 202 -64.69 48.69 -73.26
C THR RA 202 -65.81 49.72 -73.27
N VAL RA 203 -66.87 49.42 -74.01
CA VAL RA 203 -68.09 50.20 -73.97
C VAL RA 203 -69.08 49.45 -73.09
N PHE RA 204 -69.64 50.17 -72.12
CA PHE RA 204 -70.40 49.54 -71.06
C PHE RA 204 -71.87 49.45 -71.44
N THR RA 205 -72.45 48.30 -71.21
CA THR RA 205 -73.88 48.09 -71.39
C THR RA 205 -74.59 48.27 -70.06
N LYS RA 206 -75.91 48.43 -70.13
CA LYS RA 206 -76.73 48.57 -68.93
C LYS RA 206 -76.72 47.27 -68.15
N SER RA 207 -76.63 47.38 -66.82
CA SER RA 207 -76.70 46.23 -65.94
C SER RA 207 -78.11 45.65 -66.00
N PRO RA 208 -78.27 44.33 -65.75
CA PRO RA 208 -79.64 43.79 -65.58
C PRO RA 208 -80.44 44.43 -64.46
N TYR RA 209 -79.78 44.76 -63.35
CA TYR RA 209 -80.40 45.45 -62.23
C TYR RA 209 -80.92 46.83 -62.60
N GLN RA 210 -80.34 47.46 -63.62
CA GLN RA 210 -80.75 48.75 -64.15
C GLN RA 210 -81.80 48.65 -65.23
N GLU RA 211 -81.61 47.75 -66.18
CA GLU RA 211 -82.59 47.71 -67.26
C GLU RA 211 -83.92 46.99 -66.90
N PHE RA 212 -84.01 45.92 -66.09
CA PHE RA 212 -85.35 45.41 -65.75
C PHE RA 212 -85.90 45.98 -64.42
N THR RA 213 -85.62 47.26 -64.17
CA THR RA 213 -86.06 47.93 -62.94
C THR RA 213 -87.58 48.02 -62.87
N ASP RA 214 -88.24 48.07 -64.04
CA ASP RA 214 -89.70 47.99 -64.10
C ASP RA 214 -90.21 46.65 -63.57
N HIS RA 215 -89.46 45.56 -63.79
CA HIS RA 215 -89.82 44.24 -63.28
C HIS RA 215 -89.55 44.09 -61.79
N LEU RA 216 -88.43 44.62 -61.30
CA LEU RA 216 -88.05 44.39 -59.90
C LEU RA 216 -88.91 45.18 -58.93
N VAL RA 217 -89.41 46.35 -59.35
CA VAL RA 217 -90.29 47.11 -58.47
C VAL RA 217 -91.69 46.50 -58.43
N LYS RA 218 -92.07 45.72 -59.44
CA LYS RA 218 -93.46 45.34 -59.66
C LYS RA 218 -93.75 43.90 -59.21
N THR RA 219 -92.84 42.97 -59.49
CA THR RA 219 -93.17 41.57 -59.24
C THR RA 219 -93.06 41.22 -57.76
N HIS RA 220 -91.93 41.52 -57.12
CA HIS RA 220 -91.75 41.24 -55.71
C HIS RA 220 -91.16 42.45 -55.00
N THR RA 221 -91.12 42.36 -53.67
CA THR RA 221 -90.74 43.49 -52.83
C THR RA 221 -89.22 43.64 -52.68
N MET SA 1 -121.27 -16.78 -11.00
CA MET SA 1 -119.86 -16.79 -11.37
C MET SA 1 -119.16 -18.07 -10.92
N ALA SA 2 -118.13 -18.47 -11.66
CA ALA SA 2 -117.39 -19.68 -11.34
C ALA SA 2 -115.88 -19.54 -11.44
N VAL SA 3 -115.36 -18.40 -11.94
CA VAL SA 3 -113.91 -18.20 -11.99
C VAL SA 3 -113.36 -17.96 -10.58
N GLN SA 4 -114.11 -17.24 -9.74
CA GLN SA 4 -113.84 -16.89 -8.33
C GLN SA 4 -112.38 -16.51 -8.05
N ILE SA 5 -111.83 -15.66 -8.91
CA ILE SA 5 -110.50 -15.10 -8.73
C ILE SA 5 -110.61 -13.65 -8.27
N SER SA 6 -109.49 -13.12 -7.79
CA SER SA 6 -109.49 -11.80 -7.15
C SER SA 6 -109.45 -10.68 -8.18
N LYS SA 7 -109.69 -9.46 -7.70
CA LYS SA 7 -109.69 -8.30 -8.59
C LYS SA 7 -108.29 -7.90 -9.04
N LYS SA 8 -107.33 -7.84 -8.11
CA LYS SA 8 -105.97 -7.48 -8.51
C LYS SA 8 -105.38 -8.52 -9.44
N ARG SA 9 -105.56 -9.80 -9.14
CA ARG SA 9 -105.09 -10.85 -10.03
C ARG SA 9 -105.85 -10.90 -11.33
N LYS SA 10 -107.13 -10.51 -11.33
CA LYS SA 10 -107.88 -10.34 -12.57
C LYS SA 10 -107.29 -9.24 -13.45
N PHE SA 11 -106.98 -8.09 -12.86
CA PHE SA 11 -106.33 -6.99 -13.59
C PHE SA 11 -104.94 -7.37 -14.09
N VAL SA 12 -104.15 -8.06 -13.27
CA VAL SA 12 -102.83 -8.55 -13.68
C VAL SA 12 -102.95 -9.56 -14.82
N ALA SA 13 -103.92 -10.46 -14.75
CA ALA SA 13 -104.15 -11.41 -15.84
C ALA SA 13 -104.63 -10.72 -17.10
N ASP SA 14 -105.46 -9.69 -16.99
CA ASP SA 14 -105.88 -8.97 -18.18
C ASP SA 14 -104.71 -8.23 -18.81
N GLY SA 15 -103.89 -7.55 -18.01
CA GLY SA 15 -102.69 -6.91 -18.53
C GLY SA 15 -101.68 -7.87 -19.15
N ILE SA 16 -101.54 -9.06 -18.57
CA ILE SA 16 -100.66 -10.08 -19.15
C ILE SA 16 -101.28 -10.66 -20.43
N PHE SA 17 -102.61 -10.71 -20.51
CA PHE SA 17 -103.32 -11.01 -21.76
C PHE SA 17 -102.96 -10.03 -22.87
N LYS SA 18 -103.04 -8.74 -22.57
CA LYS SA 18 -102.66 -7.72 -23.54
C LYS SA 18 -101.19 -7.84 -23.92
N ALA SA 19 -100.31 -8.09 -22.94
CA ALA SA 19 -98.87 -8.14 -23.22
C ALA SA 19 -98.48 -9.35 -24.06
N GLU SA 20 -99.00 -10.54 -23.70
CA GLU SA 20 -98.70 -11.74 -24.48
C GLU SA 20 -99.37 -11.72 -25.84
N LEU SA 21 -100.56 -11.12 -25.94
CA LEU SA 21 -101.21 -10.93 -27.22
C LEU SA 21 -100.39 -9.99 -28.11
N ASN SA 22 -99.88 -8.91 -27.54
CA ASN SA 22 -99.02 -7.98 -28.26
C ASN SA 22 -97.74 -8.64 -28.74
N GLU SA 23 -97.11 -9.45 -27.90
CA GLU SA 23 -95.88 -10.14 -28.29
C GLU SA 23 -96.14 -11.18 -29.38
N PHE SA 24 -97.23 -11.93 -29.26
CA PHE SA 24 -97.61 -12.92 -30.27
C PHE SA 24 -97.94 -12.27 -31.61
N LEU SA 25 -98.69 -11.18 -31.59
CA LEU SA 25 -99.05 -10.48 -32.82
C LEU SA 25 -97.85 -9.77 -33.45
N THR SA 26 -96.94 -9.27 -32.61
CA THR SA 26 -95.68 -8.71 -33.09
C THR SA 26 -94.84 -9.75 -33.78
N ARG SA 27 -94.76 -10.96 -33.22
CA ARG SA 27 -94.02 -12.04 -33.84
C ARG SA 27 -94.64 -12.50 -35.15
N GLU SA 28 -95.96 -12.73 -35.15
CA GLU SA 28 -96.58 -13.37 -36.29
C GLU SA 28 -96.72 -12.40 -37.46
N LEU SA 29 -97.17 -11.17 -37.19
CA LEU SA 29 -97.44 -10.19 -38.22
C LEU SA 29 -96.30 -9.18 -38.40
N ALA SA 30 -95.05 -9.65 -38.28
CA ALA SA 30 -93.89 -8.78 -38.39
C ALA SA 30 -93.68 -8.30 -39.83
N GLU SA 31 -93.75 -9.22 -40.79
CA GLU SA 31 -93.76 -8.88 -42.21
C GLU SA 31 -94.95 -8.00 -42.59
N ASP SA 32 -96.08 -8.18 -41.91
CA ASP SA 32 -97.38 -7.64 -42.30
C ASP SA 32 -97.46 -6.14 -42.02
N GLY SA 33 -96.77 -5.65 -40.99
CA GLY SA 33 -96.81 -4.24 -40.66
C GLY SA 33 -97.77 -3.96 -39.53
N TYR SA 34 -97.81 -4.87 -38.56
CA TYR SA 34 -98.65 -4.78 -37.37
C TYR SA 34 -98.25 -3.59 -36.50
N SER SA 35 -99.16 -2.62 -36.37
CA SER SA 35 -98.83 -1.36 -35.70
C SER SA 35 -99.47 -1.21 -34.32
N GLY SA 36 -100.33 -2.13 -33.90
CA GLY SA 36 -100.80 -2.08 -32.54
C GLY SA 36 -102.05 -2.91 -32.34
N VAL SA 37 -102.46 -3.06 -31.09
CA VAL SA 37 -103.64 -3.84 -30.73
C VAL SA 37 -104.44 -3.02 -29.71
N GLU SA 38 -105.76 -3.14 -29.79
CA GLU SA 38 -106.63 -2.52 -28.80
C GLU SA 38 -107.67 -3.55 -28.39
N VAL SA 39 -107.75 -3.86 -27.12
CA VAL SA 39 -108.74 -4.85 -26.68
C VAL SA 39 -109.88 -4.04 -26.08
N ARG SA 40 -111.10 -4.57 -26.18
CA ARG SA 40 -112.24 -3.95 -25.50
C ARG SA 40 -112.89 -5.01 -24.63
N VAL SA 41 -112.41 -5.11 -23.40
CA VAL SA 41 -112.98 -6.08 -22.47
C VAL SA 41 -114.31 -5.53 -21.95
N THR SA 42 -115.37 -6.23 -22.29
CA THR SA 42 -116.72 -6.02 -21.80
C THR SA 42 -117.26 -7.36 -21.28
N PRO SA 43 -118.35 -7.34 -20.50
CA PRO SA 43 -119.00 -8.62 -20.18
C PRO SA 43 -119.55 -9.30 -21.43
N THR SA 44 -119.20 -10.59 -21.56
CA THR SA 44 -119.58 -11.54 -22.61
C THR SA 44 -119.12 -11.12 -24.02
N ARG SA 45 -118.20 -10.18 -24.14
CA ARG SA 45 -117.72 -9.72 -25.45
C ARG SA 45 -116.33 -9.14 -25.31
N THR SA 46 -115.33 -9.77 -25.96
CA THR SA 46 -113.97 -9.24 -26.03
C THR SA 46 -113.60 -9.11 -27.50
N GLU SA 47 -113.60 -7.88 -28.00
CA GLU SA 47 -113.19 -7.61 -29.36
C GLU SA 47 -111.77 -7.07 -29.40
N ILE SA 48 -110.99 -7.64 -30.31
CA ILE SA 48 -109.55 -7.43 -30.40
C ILE SA 48 -109.28 -6.73 -31.73
N ILE SA 49 -108.84 -5.49 -31.66
CA ILE SA 49 -108.72 -4.62 -32.83
C ILE SA 49 -107.25 -4.57 -33.20
N ILE SA 50 -106.89 -5.23 -34.30
CA ILE SA 50 -105.52 -5.11 -34.82
C ILE SA 50 -105.44 -3.87 -35.72
N LEU SA 51 -104.39 -3.07 -35.54
CA LEU SA 51 -104.05 -1.97 -36.42
C LEU SA 51 -102.77 -2.35 -37.14
N ALA SA 52 -102.88 -2.58 -38.45
CA ALA SA 52 -101.73 -2.96 -39.27
C ALA SA 52 -101.66 -2.04 -40.48
N THR SA 53 -100.77 -2.37 -41.41
CA THR SA 53 -100.66 -1.65 -42.67
C THR SA 53 -101.15 -2.45 -43.88
N ARG SA 54 -100.89 -3.75 -43.92
CA ARG SA 54 -101.36 -4.60 -45.00
C ARG SA 54 -102.55 -5.42 -44.51
N THR SA 55 -103.72 -4.79 -44.55
CA THR SA 55 -104.92 -5.33 -43.93
C THR SA 55 -105.48 -6.50 -44.75
N GLN SA 56 -105.37 -6.45 -46.08
CA GLN SA 56 -105.75 -7.61 -46.88
C GLN SA 56 -104.81 -8.79 -46.63
N ASN SA 57 -103.55 -8.50 -46.30
CA ASN SA 57 -102.59 -9.53 -45.92
C ASN SA 57 -102.86 -10.12 -44.54
N VAL SA 58 -103.41 -9.35 -43.59
CA VAL SA 58 -103.78 -9.96 -42.31
C VAL SA 58 -105.16 -10.63 -42.41
N LEU SA 59 -106.00 -10.24 -43.36
CA LEU SA 59 -107.24 -10.97 -43.58
C LEU SA 59 -106.97 -12.32 -44.23
N GLY SA 60 -106.34 -12.33 -45.40
CA GLY SA 60 -106.07 -13.57 -46.09
C GLY SA 60 -107.25 -14.08 -46.91
N GLU SA 61 -107.14 -15.33 -47.33
CA GLU SA 61 -108.08 -15.90 -48.28
C GLU SA 61 -109.40 -16.23 -47.57
N LYS SA 62 -110.41 -15.37 -47.79
CA LYS SA 62 -111.77 -15.41 -47.24
C LYS SA 62 -111.74 -15.19 -45.71
N GLY SA 63 -110.63 -14.69 -45.20
CA GLY SA 63 -110.49 -14.55 -43.76
C GLY SA 63 -109.87 -15.75 -43.10
N ARG SA 64 -109.00 -16.47 -43.82
CA ARG SA 64 -108.41 -17.67 -43.25
C ARG SA 64 -107.44 -17.31 -42.14
N ARG SA 65 -106.65 -16.25 -42.34
CA ARG SA 65 -105.69 -15.84 -41.32
C ARG SA 65 -106.38 -15.32 -40.07
N ILE SA 66 -107.45 -14.54 -40.21
CA ILE SA 66 -108.16 -14.10 -39.00
C ILE SA 66 -108.95 -15.21 -38.33
N ARG SA 67 -109.41 -16.21 -39.10
CA ARG SA 67 -110.07 -17.37 -38.50
C ARG SA 67 -109.08 -18.18 -37.65
N GLU SA 68 -107.90 -18.48 -38.18
CA GLU SA 68 -106.90 -19.23 -37.43
C GLU SA 68 -106.31 -18.39 -36.29
N LEU SA 69 -106.32 -17.06 -36.43
CA LEU SA 69 -105.89 -16.19 -35.33
C LEU SA 69 -106.87 -16.16 -34.17
N THR SA 70 -108.16 -15.99 -34.44
CA THR SA 70 -109.09 -16.04 -33.32
C THR SA 70 -109.19 -17.46 -32.75
N ALA SA 71 -108.89 -18.48 -33.57
CA ALA SA 71 -108.82 -19.85 -33.07
C ALA SA 71 -107.68 -20.04 -32.09
N VAL SA 72 -106.46 -19.57 -32.42
CA VAL SA 72 -105.38 -19.72 -31.44
C VAL SA 72 -105.60 -18.85 -30.22
N VAL SA 73 -106.23 -17.67 -30.38
CA VAL SA 73 -106.52 -16.84 -29.22
C VAL SA 73 -107.46 -17.54 -28.25
N GLN SA 74 -108.55 -18.14 -28.75
CA GLN SA 74 -109.50 -18.77 -27.83
C GLN SA 74 -108.93 -20.07 -27.26
N LYS SA 75 -108.21 -20.86 -28.06
CA LYS SA 75 -107.70 -22.12 -27.55
C LYS SA 75 -106.52 -21.91 -26.62
N ARG SA 76 -105.80 -20.78 -26.73
CA ARG SA 76 -104.73 -20.59 -25.76
C ARG SA 76 -105.26 -19.96 -24.49
N PHE SA 77 -106.08 -18.89 -24.61
CA PHE SA 77 -106.43 -18.28 -23.34
C PHE SA 77 -107.67 -18.89 -22.72
N GLY SA 78 -108.19 -19.96 -23.32
CA GLY SA 78 -109.28 -20.68 -22.70
C GLY SA 78 -110.59 -19.97 -22.79
N PHE SA 79 -110.76 -19.10 -23.81
CA PHE SA 79 -111.98 -18.34 -23.97
C PHE SA 79 -113.14 -19.26 -24.37
N PRO SA 80 -114.36 -18.94 -23.93
CA PRO SA 80 -115.54 -19.58 -24.52
C PRO SA 80 -115.67 -19.19 -25.98
N GLU SA 81 -116.20 -20.11 -26.78
CA GLU SA 81 -116.34 -19.88 -28.21
C GLU SA 81 -117.43 -18.85 -28.48
N GLY SA 82 -117.13 -17.91 -29.38
CA GLY SA 82 -118.06 -16.85 -29.68
C GLY SA 82 -117.93 -15.62 -28.81
N SER SA 83 -117.15 -15.67 -27.73
CA SER SA 83 -116.96 -14.53 -26.85
C SER SA 83 -115.83 -13.61 -27.30
N VAL SA 84 -114.80 -14.15 -27.94
CA VAL SA 84 -113.69 -13.36 -28.47
C VAL SA 84 -113.91 -13.15 -29.96
N GLU SA 85 -113.52 -11.97 -30.44
CA GLU SA 85 -113.67 -11.62 -31.84
C GLU SA 85 -112.45 -10.83 -32.28
N LEU SA 86 -112.08 -10.95 -33.55
CA LEU SA 86 -110.85 -10.34 -34.06
C LEU SA 86 -111.16 -9.44 -35.24
N TYR SA 87 -111.04 -8.13 -35.03
CA TYR SA 87 -111.18 -7.13 -36.08
C TYR SA 87 -109.81 -6.75 -36.62
N ALA SA 88 -109.75 -6.44 -37.91
CA ALA SA 88 -108.51 -6.05 -38.58
C ALA SA 88 -108.72 -4.72 -39.31
N GLU SA 89 -107.88 -3.74 -38.97
CA GLU SA 89 -107.94 -2.41 -39.57
C GLU SA 89 -106.54 -1.93 -39.93
N LYS SA 90 -106.50 -0.77 -40.57
CA LYS SA 90 -105.26 -0.17 -41.05
C LYS SA 90 -105.04 1.14 -40.32
N VAL SA 91 -103.77 1.41 -39.95
CA VAL SA 91 -103.42 2.69 -39.37
C VAL SA 91 -103.36 3.74 -40.47
N ALA SA 92 -103.89 4.93 -40.19
CA ALA SA 92 -103.94 5.99 -41.19
C ALA SA 92 -102.77 6.96 -40.99
N THR SA 93 -102.20 7.40 -42.11
CA THR SA 93 -100.89 8.04 -42.17
C THR SA 93 -99.85 7.18 -41.43
N ARG SA 94 -99.57 6.03 -42.04
CA ARG SA 94 -98.72 4.99 -41.46
C ARG SA 94 -97.28 5.43 -41.22
N GLY SA 95 -96.85 6.53 -41.86
CA GLY SA 95 -95.53 7.11 -41.66
C GLY SA 95 -95.32 7.81 -40.33
N LEU SA 96 -96.13 7.56 -39.32
CA LEU SA 96 -96.00 8.18 -38.02
C LEU SA 96 -95.90 7.16 -36.89
N CYS SA 97 -96.44 5.96 -37.06
CA CYS SA 97 -96.38 4.94 -36.04
C CYS SA 97 -94.99 4.31 -36.06
N ALA SA 98 -94.28 4.38 -34.93
CA ALA SA 98 -92.85 4.07 -34.92
C ALA SA 98 -92.56 2.59 -35.13
N ILE SA 99 -93.43 1.69 -34.64
CA ILE SA 99 -93.15 0.27 -34.77
C ILE SA 99 -93.42 -0.19 -36.21
N ALA SA 100 -94.30 0.51 -36.93
CA ALA SA 100 -94.48 0.25 -38.34
C ALA SA 100 -93.22 0.59 -39.12
N GLN SA 101 -92.60 1.72 -38.83
CA GLN SA 101 -91.36 2.09 -39.51
C GLN SA 101 -90.19 1.27 -39.01
N ALA SA 102 -90.24 0.83 -37.75
CA ALA SA 102 -89.23 -0.09 -37.24
C ALA SA 102 -89.27 -1.40 -38.02
N GLU SA 103 -90.45 -1.96 -38.25
CA GLU SA 103 -90.48 -3.21 -38.98
C GLU SA 103 -90.33 -3.03 -40.50
N SER SA 104 -90.66 -1.87 -41.05
CA SER SA 104 -90.34 -1.59 -42.45
C SER SA 104 -88.84 -1.48 -42.65
N LEU SA 105 -88.14 -0.82 -41.71
CA LEU SA 105 -86.70 -0.78 -41.71
C LEU SA 105 -86.10 -2.16 -41.48
N ARG SA 106 -86.75 -2.98 -40.63
CA ARG SA 106 -86.39 -4.38 -40.43
C ARG SA 106 -86.41 -5.17 -41.73
N TYR SA 107 -87.49 -5.06 -42.51
CA TYR SA 107 -87.55 -5.78 -43.77
C TYR SA 107 -86.61 -5.20 -44.81
N LYS SA 108 -86.32 -3.89 -44.77
CA LYS SA 108 -85.32 -3.33 -45.67
C LYS SA 108 -83.92 -3.86 -45.40
N LEU SA 109 -83.50 -3.94 -44.12
CA LEU SA 109 -82.22 -4.61 -43.84
C LEU SA 109 -82.27 -6.11 -44.10
N LEU SA 110 -83.41 -6.76 -43.90
CA LEU SA 110 -83.50 -8.18 -44.23
C LEU SA 110 -83.48 -8.45 -45.73
N GLY SA 111 -83.79 -7.46 -46.55
CA GLY SA 111 -83.69 -7.59 -47.99
C GLY SA 111 -82.34 -7.21 -48.56
N GLY SA 112 -81.32 -7.16 -47.71
CA GLY SA 112 -79.96 -6.96 -48.17
C GLY SA 112 -79.58 -5.53 -48.47
N LEU SA 113 -80.39 -4.57 -48.06
CA LEU SA 113 -80.15 -3.18 -48.40
C LEU SA 113 -79.08 -2.58 -47.49
N ALA SA 114 -78.35 -1.61 -48.03
CA ALA SA 114 -77.38 -0.87 -47.25
C ALA SA 114 -78.09 0.02 -46.22
N VAL SA 115 -77.49 0.10 -45.03
CA VAL SA 115 -78.14 0.73 -43.89
C VAL SA 115 -78.32 2.23 -44.10
N ARG SA 116 -77.38 2.89 -44.78
CA ARG SA 116 -77.47 4.32 -45.00
C ARG SA 116 -78.63 4.68 -45.93
N ARG SA 117 -78.72 3.98 -47.07
CA ARG SA 117 -79.81 4.22 -48.01
C ARG SA 117 -81.16 3.82 -47.42
N ALA SA 118 -81.20 2.71 -46.68
CA ALA SA 118 -82.44 2.26 -46.04
C ALA SA 118 -82.95 3.26 -45.01
N CYS SA 119 -82.08 3.69 -44.10
CA CYS SA 119 -82.47 4.65 -43.07
C CYS SA 119 -82.76 6.03 -43.62
N TYR SA 120 -82.07 6.44 -44.68
CA TYR SA 120 -82.40 7.71 -45.33
C TYR SA 120 -83.78 7.66 -45.96
N GLY SA 121 -84.13 6.52 -46.58
CA GLY SA 121 -85.47 6.36 -47.12
C GLY SA 121 -86.54 6.35 -46.04
N VAL SA 122 -86.25 5.69 -44.92
CA VAL SA 122 -87.20 5.65 -43.81
C VAL SA 122 -87.41 7.05 -43.21
N LEU SA 123 -86.31 7.80 -43.00
CA LEU SA 123 -86.41 9.17 -42.47
C LEU SA 123 -87.16 10.08 -43.43
N ARG SA 124 -86.91 9.93 -44.73
CA ARG SA 124 -87.64 10.70 -45.74
C ARG SA 124 -89.13 10.38 -45.70
N PHE SA 125 -89.48 9.12 -45.46
CA PHE SA 125 -90.88 8.73 -45.34
C PHE SA 125 -91.49 9.40 -44.09
N ILE SA 126 -90.82 9.33 -42.94
CA ILE SA 126 -91.39 9.88 -41.71
C ILE SA 126 -91.54 11.39 -41.81
N MET SA 127 -90.62 12.05 -42.51
CA MET SA 127 -90.72 13.51 -42.68
C MET SA 127 -91.77 13.91 -43.70
N GLU SA 128 -91.96 13.12 -44.77
CA GLU SA 128 -93.00 13.51 -45.70
C GLU SA 128 -94.38 13.17 -45.16
N SER SA 129 -94.46 12.26 -44.19
CA SER SA 129 -95.75 11.93 -43.58
C SER SA 129 -96.11 12.85 -42.42
N GLY SA 130 -95.42 13.97 -42.26
CA GLY SA 130 -95.88 15.03 -41.39
C GLY SA 130 -95.37 15.01 -39.97
N ALA SA 131 -94.44 14.13 -39.64
CA ALA SA 131 -93.91 14.08 -38.28
C ALA SA 131 -93.03 15.29 -37.99
N LYS SA 132 -93.10 15.76 -36.75
CA LYS SA 132 -92.35 16.93 -36.35
C LYS SA 132 -90.85 16.67 -36.28
N GLY SA 133 -90.45 15.44 -35.96
CA GLY SA 133 -89.07 15.04 -36.01
C GLY SA 133 -88.95 13.54 -35.83
N CYS SA 134 -87.81 12.97 -36.22
CA CYS SA 134 -87.60 11.54 -36.06
C CYS SA 134 -86.12 11.25 -35.90
N GLU SA 135 -85.84 10.12 -35.26
CA GLU SA 135 -84.49 9.64 -35.02
C GLU SA 135 -84.45 8.15 -35.27
N VAL SA 136 -83.48 7.71 -36.07
CA VAL SA 136 -83.25 6.29 -36.34
C VAL SA 136 -81.82 5.98 -35.90
N VAL SA 137 -81.69 4.99 -35.03
CA VAL SA 137 -80.39 4.54 -34.53
C VAL SA 137 -80.23 3.08 -34.91
N VAL SA 138 -79.14 2.77 -35.61
CA VAL SA 138 -78.82 1.38 -35.94
C VAL SA 138 -77.51 1.03 -35.28
N SER SA 139 -77.50 -0.03 -34.48
CA SER SA 139 -76.33 -0.47 -33.74
C SER SA 139 -76.05 -1.93 -34.01
N GLY SA 140 -74.78 -2.26 -34.09
CA GLY SA 140 -74.36 -3.61 -34.37
C GLY SA 140 -73.27 -3.63 -35.42
N LYS SA 141 -73.11 -4.79 -36.03
CA LYS SA 141 -72.00 -5.04 -36.96
C LYS SA 141 -72.27 -4.31 -38.26
N LEU SA 142 -71.87 -3.05 -38.29
CA LEU SA 142 -71.84 -2.25 -39.50
C LEU SA 142 -70.40 -1.88 -39.83
N ARG SA 143 -69.96 -2.25 -41.04
CA ARG SA 143 -68.64 -1.91 -41.59
C ARG SA 143 -67.49 -2.42 -40.70
N GLY SA 144 -67.39 -3.73 -40.61
CA GLY SA 144 -66.27 -4.38 -39.97
C GLY SA 144 -66.66 -5.07 -38.67
N GLN SA 145 -65.68 -5.78 -38.12
CA GLN SA 145 -65.88 -6.66 -36.96
C GLN SA 145 -66.02 -5.92 -35.65
N ARG SA 146 -66.06 -4.59 -35.66
CA ARG SA 146 -66.38 -3.80 -34.49
C ARG SA 146 -67.79 -3.23 -34.67
N ALA SA 147 -68.59 -3.32 -33.62
CA ALA SA 147 -69.97 -2.84 -33.69
C ALA SA 147 -69.98 -1.33 -33.48
N LYS SA 148 -70.32 -0.60 -34.53
CA LYS SA 148 -70.48 0.85 -34.48
C LYS SA 148 -71.95 1.19 -34.18
N SER SA 149 -72.32 2.45 -34.33
CA SER SA 149 -73.68 2.88 -34.07
C SER SA 149 -74.06 4.08 -34.93
N MET SA 150 -74.80 3.85 -36.00
CA MET SA 150 -75.17 4.89 -36.94
C MET SA 150 -76.47 5.55 -36.54
N LYS SA 151 -76.41 6.86 -36.34
CA LYS SA 151 -77.52 7.66 -35.82
C LYS SA 151 -77.97 8.61 -36.93
N PHE SA 152 -79.28 8.70 -37.15
CA PHE SA 152 -79.85 9.44 -38.26
C PHE SA 152 -80.94 10.35 -37.74
N VAL SA 153 -80.68 11.66 -37.75
CA VAL SA 153 -81.50 12.65 -37.08
C VAL SA 153 -81.91 13.74 -38.06
N ASP SA 154 -83.19 14.10 -38.01
CA ASP SA 154 -83.68 15.38 -38.52
C ASP SA 154 -84.89 15.84 -37.72
N GLY SA 155 -85.16 17.14 -37.78
CA GLY SA 155 -86.34 17.66 -37.13
C GLY SA 155 -86.11 17.93 -35.65
N LEU SA 156 -87.17 17.70 -34.87
CA LEU SA 156 -87.20 18.00 -33.44
C LEU SA 156 -87.37 16.72 -32.63
N MET SA 157 -86.60 16.62 -31.56
CA MET SA 157 -86.61 15.41 -30.76
C MET SA 157 -86.44 15.75 -29.28
N ILE SA 158 -87.49 15.57 -28.49
CA ILE SA 158 -87.42 15.83 -27.06
C ILE SA 158 -87.04 14.54 -26.36
N HIS SA 159 -86.34 14.67 -25.24
CA HIS SA 159 -85.84 13.52 -24.50
C HIS SA 159 -86.17 13.54 -23.03
N SER SA 160 -86.36 14.72 -22.44
CA SER SA 160 -86.61 14.84 -21.02
C SER SA 160 -88.04 15.27 -20.79
N GLY SA 161 -88.56 14.95 -19.62
CA GLY SA 161 -89.89 15.36 -19.26
C GLY SA 161 -90.94 14.33 -19.63
N ASP SA 162 -92.08 14.47 -18.98
CA ASP SA 162 -93.27 13.72 -19.31
C ASP SA 162 -93.91 13.97 -20.69
N PRO SA 163 -93.62 15.07 -21.43
CA PRO SA 163 -93.91 15.03 -22.87
C PRO SA 163 -93.35 13.90 -23.73
N VAL SA 164 -92.39 13.10 -23.27
CA VAL SA 164 -91.90 12.02 -24.12
C VAL SA 164 -92.84 10.83 -24.01
N ASN SA 165 -93.80 10.90 -23.10
CA ASN SA 165 -94.80 9.84 -22.96
C ASN SA 165 -95.85 9.88 -24.07
N TYR SA 166 -96.35 11.06 -24.41
CA TYR SA 166 -97.41 11.17 -25.39
C TYR SA 166 -96.99 11.98 -26.62
N TYR SA 167 -95.76 12.56 -26.65
CA TYR SA 167 -95.27 13.14 -27.90
C TYR SA 167 -94.28 12.28 -28.66
N VAL SA 168 -93.61 11.33 -28.00
CA VAL SA 168 -92.58 10.52 -28.64
C VAL SA 168 -93.08 9.09 -28.74
N ASP SA 169 -93.22 8.59 -29.96
CA ASP SA 169 -93.49 7.18 -30.19
C ASP SA 169 -92.14 6.51 -30.36
N THR SA 170 -91.88 5.48 -29.57
CA THR SA 170 -90.60 4.78 -29.61
C THR SA 170 -90.81 3.35 -30.11
N ALA SA 171 -89.74 2.81 -30.68
CA ALA SA 171 -89.78 1.44 -31.21
C ALA SA 171 -88.38 0.86 -31.19
N VAL SA 172 -88.24 -0.30 -30.54
CA VAL SA 172 -87.00 -1.06 -30.51
C VAL SA 172 -87.24 -2.37 -31.23
N ARG SA 173 -86.39 -2.69 -32.22
CA ARG SA 173 -86.49 -3.98 -32.88
C ARG SA 173 -85.11 -4.56 -33.08
N HIS SA 174 -85.07 -5.89 -33.17
CA HIS SA 174 -83.86 -6.64 -33.51
C HIS SA 174 -83.97 -7.14 -34.94
N VAL SA 175 -82.83 -7.22 -35.62
CA VAL SA 175 -82.77 -7.89 -36.92
C VAL SA 175 -81.62 -8.90 -36.86
N LEU SA 176 -81.85 -10.08 -37.44
CA LEU SA 176 -80.82 -11.11 -37.55
C LEU SA 176 -80.26 -11.12 -38.95
N LEU SA 177 -78.95 -10.97 -39.07
CA LEU SA 177 -78.21 -11.07 -40.30
C LEU SA 177 -77.21 -12.21 -40.18
N ARG SA 178 -76.57 -12.53 -41.31
CA ARG SA 178 -75.56 -13.58 -41.36
C ARG SA 178 -74.34 -13.28 -40.49
N GLN SA 179 -74.13 -12.02 -40.12
CA GLN SA 179 -73.05 -11.65 -39.22
C GLN SA 179 -73.50 -11.42 -37.79
N GLY SA 180 -74.81 -11.43 -37.51
CA GLY SA 180 -75.20 -11.27 -36.12
C GLY SA 180 -76.54 -10.61 -35.88
N VAL SA 181 -76.62 -9.77 -34.85
CA VAL SA 181 -77.85 -9.09 -34.48
C VAL SA 181 -77.60 -7.59 -34.47
N LEU SA 182 -78.44 -6.86 -35.20
CA LEU SA 182 -78.43 -5.40 -35.15
C LEU SA 182 -79.70 -4.94 -34.43
N GLY SA 183 -79.57 -3.86 -33.68
CA GLY SA 183 -80.69 -3.26 -33.00
C GLY SA 183 -81.03 -1.92 -33.61
N ILE SA 184 -82.32 -1.72 -33.90
CA ILE SA 184 -82.79 -0.52 -34.55
C ILE SA 184 -83.77 0.18 -33.62
N LYS SA 185 -83.59 1.49 -33.48
CA LYS SA 185 -84.39 2.34 -32.62
C LYS SA 185 -85.01 3.42 -33.49
N VAL SA 186 -86.33 3.60 -33.37
CA VAL SA 186 -87.02 4.66 -34.09
C VAL SA 186 -87.81 5.45 -33.06
N LYS SA 187 -87.50 6.74 -32.95
CA LYS SA 187 -88.27 7.66 -32.12
C LYS SA 187 -88.86 8.75 -32.99
N ILE SA 188 -90.17 8.92 -32.95
CA ILE SA 188 -90.88 9.86 -33.79
C ILE SA 188 -91.63 10.84 -32.89
N MET SA 189 -91.34 12.13 -33.03
CA MET SA 189 -91.99 13.14 -32.21
C MET SA 189 -93.27 13.58 -32.89
N LEU SA 190 -94.39 13.35 -32.22
CA LEU SA 190 -95.70 13.47 -32.82
C LEU SA 190 -96.11 14.93 -33.00
N PRO SA 191 -96.62 15.29 -34.19
CA PRO SA 191 -97.16 16.64 -34.37
C PRO SA 191 -98.49 16.80 -33.65
N TRP SA 192 -98.79 18.03 -33.23
CA TRP SA 192 -100.00 18.28 -32.46
C TRP SA 192 -101.16 18.49 -33.42
N ASP SA 193 -102.26 17.76 -33.18
CA ASP SA 193 -103.51 18.12 -33.82
C ASP SA 193 -104.60 18.23 -32.76
N PRO SA 194 -105.50 19.20 -32.89
CA PRO SA 194 -106.67 19.24 -31.98
C PRO SA 194 -107.64 18.09 -32.18
N SER SA 195 -107.60 17.39 -33.32
CA SER SA 195 -108.54 16.30 -33.58
C SER SA 195 -108.19 15.07 -32.75
N GLY SA 196 -106.90 14.76 -32.65
CA GLY SA 196 -106.46 13.64 -31.84
C GLY SA 196 -106.28 12.33 -32.57
N LYS SA 197 -106.24 12.33 -33.89
CA LYS SA 197 -106.09 11.09 -34.65
C LYS SA 197 -104.69 10.86 -35.18
N ILE SA 198 -103.94 11.91 -35.52
CA ILE SA 198 -102.53 11.75 -35.89
C ILE SA 198 -101.58 12.04 -34.73
N GLY SA 199 -102.03 12.73 -33.68
CA GLY SA 199 -101.18 13.07 -32.58
C GLY SA 199 -101.96 13.47 -31.33
N PRO SA 200 -101.23 13.84 -30.28
CA PRO SA 200 -101.90 14.26 -29.05
C PRO SA 200 -102.56 15.62 -29.17
N LYS SA 201 -103.60 15.81 -28.36
CA LYS SA 201 -104.32 17.07 -28.36
C LYS SA 201 -103.62 18.13 -27.54
N LYS SA 202 -102.84 17.74 -26.55
CA LYS SA 202 -102.20 18.69 -25.64
C LYS SA 202 -101.04 19.39 -26.34
N PRO SA 203 -100.93 20.71 -26.22
CA PRO SA 203 -99.79 21.43 -26.79
C PRO SA 203 -98.54 21.25 -25.93
N LEU SA 204 -97.40 21.59 -26.52
CA LEU SA 204 -96.13 21.46 -25.80
C LEU SA 204 -96.13 22.42 -24.60
N PRO SA 205 -95.63 21.99 -23.44
CA PRO SA 205 -95.80 22.78 -22.21
C PRO SA 205 -95.07 24.12 -22.20
N ASP SA 206 -94.13 24.36 -23.11
CA ASP SA 206 -93.56 25.67 -23.29
C ASP SA 206 -93.95 26.30 -24.61
N HIS SA 207 -94.93 25.73 -25.31
CA HIS SA 207 -95.49 26.32 -26.52
C HIS SA 207 -96.77 27.04 -26.14
N VAL SA 208 -96.72 28.36 -26.13
CA VAL SA 208 -97.90 29.19 -25.95
C VAL SA 208 -98.34 29.65 -27.34
N SER SA 209 -99.64 29.52 -27.63
CA SER SA 209 -100.19 29.97 -28.90
C SER SA 209 -101.13 31.13 -28.65
N ILE SA 210 -100.76 32.31 -29.16
CA ILE SA 210 -101.45 33.55 -28.86
C ILE SA 210 -102.22 34.00 -30.09
N VAL SA 211 -103.52 34.24 -29.90
CA VAL SA 211 -104.41 34.66 -30.98
C VAL SA 211 -104.14 36.13 -31.29
N GLU SA 212 -104.36 36.51 -32.55
CA GLU SA 212 -104.24 37.90 -32.93
C GLU SA 212 -105.61 38.57 -32.87
N PRO SA 213 -105.69 39.84 -32.49
CA PRO SA 213 -106.99 40.50 -32.38
C PRO SA 213 -107.59 40.84 -33.73
N LYS SA 214 -108.92 40.74 -33.79
CA LYS SA 214 -109.68 41.13 -34.96
C LYS SA 214 -110.00 42.61 -34.89
N ASP SA 215 -110.02 43.28 -36.04
CA ASP SA 215 -110.16 44.73 -36.08
C ASP SA 215 -111.60 45.13 -35.80
N GLU SA 216 -111.77 46.09 -34.89
CA GLU SA 216 -113.07 46.61 -34.51
C GLU SA 216 -113.16 48.08 -34.86
N ILE SA 217 -114.35 48.53 -35.26
CA ILE SA 217 -114.55 49.94 -35.58
C ILE SA 217 -114.57 50.73 -34.28
N LEU SA 218 -113.59 51.61 -34.10
CA LEU SA 218 -113.47 52.41 -32.89
C LEU SA 218 -114.31 53.68 -33.01
N PRO SA 219 -114.92 54.15 -31.93
CA PRO SA 219 -115.77 55.34 -32.01
C PRO SA 219 -114.98 56.64 -32.15
N THR SA 220 -115.63 57.62 -32.78
CA THR SA 220 -115.26 59.03 -32.71
C THR SA 220 -116.33 59.86 -32.01
N THR SA 221 -117.61 59.52 -32.23
CA THR SA 221 -118.84 60.00 -31.60
C THR SA 221 -119.64 58.79 -31.15
N PRO SA 222 -120.48 58.89 -30.10
CA PRO SA 222 -121.47 57.84 -29.83
C PRO SA 222 -122.42 57.58 -30.99
N ILE SA 223 -122.81 56.31 -31.14
CA ILE SA 223 -123.88 55.89 -32.04
C ILE SA 223 -124.82 54.99 -31.26
N SER SA 224 -126.11 55.30 -31.32
CA SER SA 224 -127.13 54.48 -30.67
C SER SA 224 -127.95 53.74 -31.72
N GLU SA 225 -128.27 52.48 -31.41
CA GLU SA 225 -128.83 51.53 -32.37
C GLU SA 225 -130.01 50.80 -31.74
N GLN SA 226 -131.07 51.55 -31.43
CA GLN SA 226 -132.31 50.96 -30.93
C GLN SA 226 -132.90 49.97 -31.91
N LYS SA 227 -132.94 48.70 -31.51
CA LYS SA 227 -133.58 47.67 -32.31
C LYS SA 227 -134.63 46.94 -31.48
N GLY SA 228 -135.36 46.02 -32.12
CA GLY SA 228 -136.40 45.26 -31.46
C GLY SA 228 -137.81 45.74 -31.76
N ALA TA 1 0.79 2.42 -86.39
CA ALA TA 1 1.23 1.58 -87.49
C ALA TA 1 2.73 1.72 -87.70
N ARG TA 2 3.39 0.61 -88.04
CA ARG TA 2 4.81 0.62 -88.33
C ARG TA 2 5.12 0.87 -89.78
N GLY TA 3 4.12 1.22 -90.60
CA GLY TA 3 4.36 1.50 -91.98
C GLY TA 3 3.13 2.01 -92.69
N PRO TA 4 3.11 1.89 -94.02
CA PRO TA 4 1.94 2.37 -94.77
C PRO TA 4 0.77 1.41 -94.66
N LYS TA 5 -0.43 1.96 -94.84
CA LYS TA 5 -1.63 1.16 -94.86
C LYS TA 5 -1.89 0.62 -96.26
N LYS TA 6 -2.24 -0.66 -96.32
CA LYS TA 6 -2.59 -1.28 -97.58
C LYS TA 6 -4.07 -1.60 -97.69
N HIS TA 7 -4.82 -1.52 -96.60
CA HIS TA 7 -6.24 -1.82 -96.60
C HIS TA 7 -7.04 -0.54 -96.53
N LEU TA 8 -8.33 -0.64 -96.87
CA LEU TA 8 -9.24 0.48 -96.78
C LEU TA 8 -10.62 -0.05 -96.44
N LYS TA 9 -11.17 0.39 -95.31
CA LYS TA 9 -12.49 -0.05 -94.89
C LYS TA 9 -13.57 0.59 -95.76
N ARG TA 10 -14.65 -0.16 -95.97
CA ARG TA 10 -15.71 0.29 -96.86
C ARG TA 10 -16.48 1.47 -96.28
N VAL TA 11 -16.68 1.49 -94.97
CA VAL TA 11 -17.27 2.66 -94.35
C VAL TA 11 -16.26 3.79 -94.15
N ALA TA 12 -14.97 3.50 -94.29
CA ALA TA 12 -13.96 4.56 -94.27
C ALA TA 12 -13.63 5.08 -95.66
N ALA TA 13 -14.30 4.56 -96.69
CA ALA TA 13 -14.03 4.95 -98.07
C ALA TA 13 -14.54 6.37 -98.33
N PRO TA 14 -14.05 7.01 -99.40
CA PRO TA 14 -14.68 8.27 -99.84
C PRO TA 14 -16.15 8.09 -100.19
N LYS TA 15 -16.94 9.10 -99.82
CA LYS TA 15 -18.38 9.00 -99.94
C LYS TA 15 -18.84 9.17 -101.39
N HIS TA 16 -18.01 9.77 -102.23
CA HIS TA 16 -18.37 9.95 -103.63
C HIS TA 16 -18.09 8.72 -104.49
N TRP TA 17 -17.68 7.61 -103.89
CA TRP TA 17 -17.59 6.36 -104.65
C TRP TA 17 -18.92 5.65 -104.69
N MET TA 18 -19.87 6.06 -103.85
CA MET TA 18 -21.17 5.41 -103.65
C MET TA 18 -21.02 3.94 -103.28
N LEU TA 19 -20.02 3.64 -102.47
CA LEU TA 19 -19.87 2.29 -101.95
C LEU TA 19 -20.90 2.02 -100.86
N ASP TA 20 -21.58 0.89 -100.99
CA ASP TA 20 -22.64 0.52 -100.06
C ASP TA 20 -22.02 -0.01 -98.77
N LYS TA 21 -22.86 -0.53 -97.88
CA LYS TA 21 -22.42 -0.91 -96.55
C LYS TA 21 -22.30 -2.40 -96.34
N LEU TA 22 -23.05 -3.22 -97.10
CA LEU TA 22 -23.12 -4.65 -96.85
C LEU TA 22 -22.55 -5.49 -97.99
N THR TA 23 -21.82 -4.87 -98.93
CA THR TA 23 -21.09 -5.67 -99.91
C THR TA 23 -19.89 -6.32 -99.26
N GLY TA 24 -19.12 -5.58 -98.48
CA GLY TA 24 -17.97 -6.13 -97.81
C GLY TA 24 -17.51 -5.23 -96.69
N VAL TA 25 -16.56 -5.77 -95.93
CA VAL TA 25 -15.89 -4.97 -94.91
C VAL TA 25 -14.96 -3.94 -95.53
N PHE TA 26 -14.25 -4.31 -96.59
CA PHE TA 26 -13.19 -3.50 -97.16
C PHE TA 26 -13.68 -2.77 -98.40
N ALA TA 27 -12.96 -1.70 -98.73
CA ALA TA 27 -13.14 -0.91 -99.94
C ALA TA 27 -11.92 -1.14 -100.83
N PRO TA 28 -12.00 -0.77 -102.11
CA PRO TA 28 -10.77 -0.79 -102.91
C PRO TA 28 -9.78 0.24 -102.42
N ARG TA 29 -8.68 -0.20 -101.86
CA ARG TA 29 -7.62 0.72 -101.51
C ARG TA 29 -6.95 1.13 -102.81
N PRO TA 30 -6.96 2.41 -103.18
CA PRO TA 30 -6.31 2.82 -104.42
C PRO TA 30 -4.81 2.69 -104.29
N SER TA 31 -4.18 2.08 -105.29
CA SER TA 31 -2.74 2.11 -105.37
C SER TA 31 -2.29 3.53 -105.65
N THR TA 32 -1.04 3.80 -105.31
CA THR TA 32 -0.50 5.15 -105.48
C THR TA 32 -0.41 5.48 -106.96
N GLY TA 33 -0.54 6.76 -107.28
CA GLY TA 33 -0.64 7.16 -108.67
C GLY TA 33 -0.62 8.66 -108.85
N PRO TA 34 -1.28 9.11 -109.92
CA PRO TA 34 -1.29 10.55 -110.22
C PRO TA 34 -2.24 11.35 -109.35
N HIS TA 35 -3.19 10.72 -108.68
CA HIS TA 35 -4.22 11.43 -107.95
C HIS TA 35 -4.21 11.05 -106.47
N LYS TA 36 -4.78 11.95 -105.67
CA LYS TA 36 -4.98 11.73 -104.26
C LYS TA 36 -5.92 10.55 -104.03
N LEU TA 37 -5.76 9.91 -102.87
CA LEU TA 37 -6.66 8.82 -102.49
C LEU TA 37 -8.09 9.30 -102.24
N ARG TA 38 -8.26 10.55 -101.82
CA ARG TA 38 -9.58 11.12 -101.54
C ARG TA 38 -10.16 11.85 -102.76
N GLU TA 39 -9.46 11.85 -103.87
CA GLU TA 39 -9.98 12.57 -105.03
C GLU TA 39 -10.03 11.74 -106.30
N CYS TA 40 -9.85 10.44 -106.21
CA CYS TA 40 -9.75 9.60 -107.38
C CYS TA 40 -10.94 8.67 -107.48
N LEU TA 41 -10.92 7.84 -108.51
CA LEU TA 41 -11.90 6.79 -108.73
C LEU TA 41 -11.17 5.57 -109.24
N PRO TA 42 -11.13 4.49 -108.46
CA PRO TA 42 -10.45 3.27 -108.92
C PRO TA 42 -11.15 2.60 -110.08
N LEU TA 43 -10.37 1.83 -110.84
CA LEU TA 43 -10.90 1.16 -112.02
C LEU TA 43 -11.94 0.10 -111.68
N ILE TA 44 -11.77 -0.59 -110.55
CA ILE TA 44 -12.72 -1.62 -110.13
C ILE TA 44 -14.08 -1.02 -109.85
N ILE TA 45 -14.13 0.19 -109.30
CA ILE TA 45 -15.40 0.84 -109.04
C ILE TA 45 -15.95 1.47 -110.31
N PHE TA 46 -15.07 2.01 -111.16
CA PHE TA 46 -15.54 2.62 -112.40
C PHE TA 46 -16.09 1.59 -113.39
N LEU TA 47 -15.60 0.35 -113.34
CA LEU TA 47 -16.09 -0.69 -114.24
C LEU TA 47 -17.20 -1.54 -113.63
N ARG TA 48 -17.11 -1.84 -112.33
CA ARG TA 48 -18.08 -2.74 -111.72
C ARG TA 48 -19.33 -1.99 -111.26
N ASN TA 49 -19.16 -0.91 -110.52
CA ASN TA 49 -20.30 -0.24 -109.90
C ASN TA 49 -20.84 0.91 -110.73
N ARG TA 50 -20.11 1.37 -111.75
CA ARG TA 50 -20.61 2.45 -112.59
C ARG TA 50 -21.14 1.95 -113.93
N LEU TA 51 -20.30 1.28 -114.70
CA LEU TA 51 -20.66 0.85 -116.04
C LEU TA 51 -21.21 -0.58 -116.08
N LYS TA 52 -21.14 -1.30 -114.95
CA LYS TA 52 -21.69 -2.64 -114.74
C LYS TA 52 -21.13 -3.67 -115.71
N TYR TA 53 -19.92 -3.47 -116.24
CA TYR TA 53 -19.30 -4.49 -117.09
C TYR TA 53 -18.87 -5.70 -116.28
N ALA TA 54 -18.66 -5.53 -114.98
CA ALA TA 54 -18.22 -6.59 -114.12
C ALA TA 54 -19.14 -6.71 -112.91
N LEU TA 55 -19.49 -7.94 -112.57
CA LEU TA 55 -20.31 -8.22 -111.40
C LEU TA 55 -19.49 -8.54 -110.17
N THR TA 56 -18.16 -8.58 -110.29
CA THR TA 56 -17.26 -9.12 -109.28
C THR TA 56 -15.88 -8.49 -109.48
N GLY TA 57 -15.14 -8.30 -108.39
CA GLY TA 57 -13.77 -7.84 -108.46
C GLY TA 57 -12.82 -8.75 -109.20
N ASP TA 58 -13.12 -10.06 -109.22
CA ASP TA 58 -12.34 -10.98 -110.03
C ASP TA 58 -12.80 -11.02 -111.49
N GLU TA 59 -13.83 -10.27 -111.84
CA GLU TA 59 -14.18 -10.02 -113.23
C GLU TA 59 -13.50 -8.78 -113.80
N VAL TA 60 -13.15 -7.81 -112.94
CA VAL TA 60 -12.48 -6.60 -113.39
C VAL TA 60 -11.07 -6.93 -113.84
N LYS TA 61 -10.42 -7.86 -113.15
CA LYS TA 61 -9.09 -8.30 -113.55
C LYS TA 61 -9.12 -8.96 -114.92
N LYS TA 62 -10.17 -9.75 -115.21
CA LYS TA 62 -10.31 -10.35 -116.53
C LYS TA 62 -10.53 -9.31 -117.63
N ILE TA 63 -11.08 -8.15 -117.28
CA ILE TA 63 -11.11 -7.05 -118.25
C ILE TA 63 -9.72 -6.47 -118.43
N CYS TA 64 -9.09 -6.06 -117.33
CA CYS TA 64 -7.89 -5.24 -117.36
C CYS TA 64 -6.68 -6.01 -117.88
N MET TA 65 -6.65 -7.33 -117.76
CA MET TA 65 -5.43 -7.99 -118.21
C MET TA 65 -5.49 -8.30 -119.68
N GLN TA 66 -6.63 -8.07 -120.32
CA GLN TA 66 -6.73 -8.18 -121.76
C GLN TA 66 -6.50 -6.82 -122.45
N ARG TA 67 -6.04 -5.84 -121.66
CA ARG TA 67 -5.51 -4.55 -122.14
C ARG TA 67 -6.56 -3.76 -122.93
N PHE TA 68 -7.75 -3.63 -122.35
CA PHE TA 68 -8.84 -2.88 -122.97
C PHE TA 68 -8.98 -1.47 -122.41
N ILE TA 69 -8.56 -1.25 -121.17
CA ILE TA 69 -8.76 0.02 -120.50
C ILE TA 69 -7.52 0.89 -120.64
N LYS TA 70 -7.66 2.03 -121.28
CA LYS TA 70 -6.55 2.94 -121.55
C LYS TA 70 -6.81 4.26 -120.82
N ILE TA 71 -6.07 4.50 -119.75
CA ILE TA 71 -6.23 5.68 -118.90
C ILE TA 71 -5.09 6.63 -119.22
N ASP TA 72 -5.44 7.89 -119.55
CA ASP TA 72 -4.51 8.93 -120.01
C ASP TA 72 -3.75 8.50 -121.26
N GLY TA 73 -4.35 7.63 -122.08
CA GLY TA 73 -3.73 7.12 -123.28
C GLY TA 73 -2.85 5.90 -123.07
N LYS TA 74 -2.55 5.57 -121.82
CA LYS TA 74 -1.71 4.43 -121.51
C LYS TA 74 -2.58 3.28 -120.99
N VAL TA 75 -2.21 2.07 -121.35
CA VAL TA 75 -2.90 0.87 -120.89
C VAL TA 75 -2.48 0.62 -119.45
N ARG TA 76 -3.45 0.57 -118.54
CA ARG TA 76 -3.19 0.22 -117.14
C ARG TA 76 -3.89 -1.09 -116.84
N THR TA 77 -3.15 -2.04 -116.25
CA THR TA 77 -3.66 -3.36 -115.95
C THR TA 77 -3.83 -3.60 -114.46
N ASP TA 78 -3.65 -2.55 -113.64
CA ASP TA 78 -3.87 -2.63 -112.20
C ASP TA 78 -5.32 -2.22 -111.94
N ILE TA 79 -6.06 -3.10 -111.25
CA ILE TA 79 -7.50 -2.93 -111.11
C ILE TA 79 -7.89 -1.83 -110.14
N THR TA 80 -6.95 -1.35 -109.32
CA THR TA 80 -7.24 -0.27 -108.37
C THR TA 80 -6.49 1.01 -108.72
N TYR TA 81 -6.26 1.25 -110.00
CA TYR TA 81 -5.47 2.41 -110.41
C TYR TA 81 -6.28 3.68 -110.21
N PRO TA 82 -5.70 4.72 -109.64
CA PRO TA 82 -6.48 5.94 -109.37
C PRO TA 82 -6.72 6.78 -110.61
N ALA TA 83 -7.93 6.70 -111.14
CA ALA TA 83 -8.36 7.58 -112.20
C ALA TA 83 -9.15 8.73 -111.59
N GLY TA 84 -8.55 9.92 -111.62
CA GLY TA 84 -9.15 11.06 -110.96
C GLY TA 84 -9.86 12.01 -111.91
N PHE TA 85 -9.91 13.28 -111.52
CA PHE TA 85 -10.53 14.33 -112.32
C PHE TA 85 -9.79 14.52 -113.63
N MET TA 86 -10.55 14.74 -114.71
CA MET TA 86 -10.14 14.96 -116.10
C MET TA 86 -9.49 13.76 -116.76
N ASP TA 87 -9.43 12.60 -116.12
CA ASP TA 87 -8.79 11.45 -116.71
C ASP TA 87 -9.63 10.84 -117.81
N VAL TA 88 -8.97 10.39 -118.86
CA VAL TA 88 -9.61 9.91 -120.09
C VAL TA 88 -9.51 8.39 -120.09
N ILE TA 89 -10.64 7.71 -120.02
CA ILE TA 89 -10.68 6.26 -120.06
C ILE TA 89 -11.24 5.83 -121.41
N SER TA 90 -10.40 5.21 -122.23
CA SER TA 90 -10.77 4.79 -123.57
C SER TA 90 -10.87 3.28 -123.61
N ILE TA 91 -12.06 2.77 -123.92
CA ILE TA 91 -12.22 1.34 -124.19
C ILE TA 91 -12.51 1.18 -125.67
N ASP TA 92 -11.50 0.74 -126.43
CA ASP TA 92 -11.59 0.77 -127.88
C ASP TA 92 -12.21 -0.50 -128.46
N LYS TA 93 -12.42 -1.53 -127.64
CA LYS TA 93 -13.10 -2.72 -128.13
C LYS TA 93 -14.58 -2.48 -128.36
N THR TA 94 -15.21 -1.64 -127.54
CA THR TA 94 -16.57 -1.17 -127.78
C THR TA 94 -16.58 0.10 -128.62
N GLY TA 95 -15.55 0.95 -128.48
CA GLY TA 95 -15.56 2.25 -129.12
C GLY TA 95 -15.98 3.38 -128.21
N GLU TA 96 -15.90 3.18 -126.90
CA GLU TA 96 -16.38 4.17 -125.95
C GLU TA 96 -15.21 4.92 -125.34
N ASN TA 97 -15.44 6.20 -125.05
CA ASN TA 97 -14.44 7.05 -124.40
C ASN TA 97 -15.14 7.88 -123.34
N PHE TA 98 -14.61 7.88 -122.12
CA PHE TA 98 -15.18 8.61 -121.00
C PHE TA 98 -14.17 9.63 -120.51
N ARG TA 99 -14.67 10.77 -120.05
CA ARG TA 99 -13.84 11.71 -119.30
C ARG TA 99 -14.41 11.79 -117.88
N LEU TA 100 -13.57 11.51 -116.89
CA LEU TA 100 -14.03 11.50 -115.51
C LEU TA 100 -14.20 12.94 -115.03
N ILE TA 101 -15.45 13.40 -115.02
CA ILE TA 101 -15.80 14.77 -114.70
C ILE TA 101 -16.78 14.73 -113.53
N TYR TA 102 -16.62 15.65 -112.58
CA TYR TA 102 -17.54 15.75 -111.46
C TYR TA 102 -18.94 16.13 -111.91
N ASP TA 103 -19.94 15.62 -111.20
CA ASP TA 103 -21.34 15.91 -111.46
C ASP TA 103 -21.66 17.29 -110.89
N THR TA 104 -22.91 17.74 -110.99
CA THR TA 104 -23.28 18.97 -110.31
C THR TA 104 -23.51 18.75 -108.82
N LYS TA 105 -23.60 17.50 -108.38
CA LYS TA 105 -23.38 17.14 -106.99
C LYS TA 105 -21.91 16.78 -106.83
N GLY TA 106 -21.54 16.19 -105.70
CA GLY TA 106 -20.13 16.00 -105.40
C GLY TA 106 -19.49 14.74 -105.95
N ARG TA 107 -20.18 14.05 -106.86
CA ARG TA 107 -19.81 12.72 -107.29
C ARG TA 107 -19.27 12.76 -108.71
N PHE TA 108 -18.62 11.66 -109.11
CA PHE TA 108 -18.13 11.51 -110.47
C PHE TA 108 -19.26 11.06 -111.37
N ALA TA 109 -19.43 11.74 -112.50
CA ALA TA 109 -20.47 11.40 -113.46
C ALA TA 109 -19.85 10.67 -114.63
N VAL TA 110 -20.50 9.60 -115.08
CA VAL TA 110 -20.05 8.90 -116.28
C VAL TA 110 -20.35 9.79 -117.49
N HIS TA 111 -19.29 10.25 -118.14
CA HIS TA 111 -19.38 11.29 -119.17
C HIS TA 111 -18.77 10.77 -120.46
N ARG TA 112 -19.62 10.31 -121.37
CA ARG TA 112 -19.18 9.83 -122.67
C ARG TA 112 -18.80 11.01 -123.56
N ILE TA 113 -17.62 10.94 -124.17
CA ILE TA 113 -17.10 12.01 -125.00
C ILE TA 113 -16.78 11.47 -126.38
N THR TA 114 -16.68 12.36 -127.35
CA THR TA 114 -16.28 12.00 -128.70
C THR TA 114 -14.81 11.58 -128.73
N PRO TA 115 -14.44 10.69 -129.65
CA PRO TA 115 -13.01 10.33 -129.81
C PRO TA 115 -12.12 11.51 -130.18
N GLU TA 116 -12.65 12.52 -130.86
CA GLU TA 116 -11.85 13.70 -131.16
C GLU TA 116 -11.62 14.55 -129.92
N GLU TA 117 -12.48 14.42 -128.91
CA GLU TA 117 -12.25 15.07 -127.63
C GLU TA 117 -11.39 14.21 -126.69
N ALA TA 118 -11.39 12.89 -126.88
CA ALA TA 118 -10.56 12.01 -126.06
C ALA TA 118 -9.07 12.15 -126.34
N LYS TA 119 -8.69 12.82 -127.42
CA LYS TA 119 -7.29 12.97 -127.82
C LYS TA 119 -6.57 14.07 -127.04
N TYR TA 120 -7.30 14.93 -126.34
CA TYR TA 120 -6.67 15.95 -125.52
C TYR TA 120 -7.30 15.89 -124.13
N LYS TA 121 -6.57 16.43 -123.16
CA LYS TA 121 -7.12 16.59 -121.82
C LYS TA 121 -6.60 17.89 -121.22
N LEU TA 122 -7.32 18.40 -120.23
CA LEU TA 122 -7.00 19.65 -119.57
C LEU TA 122 -6.33 19.35 -118.23
N CYS TA 123 -5.29 20.11 -117.91
CA CYS TA 123 -4.48 19.88 -116.72
C CYS TA 123 -4.23 21.19 -116.00
N LYS TA 124 -4.52 21.22 -114.70
CA LYS TA 124 -4.23 22.40 -113.88
C LYS TA 124 -2.79 22.35 -113.41
N VAL TA 125 -2.07 23.45 -113.58
CA VAL TA 125 -0.67 23.53 -113.20
C VAL TA 125 -0.57 23.59 -111.68
N ARG TA 126 0.34 22.80 -111.10
CA ARG TA 126 0.63 22.89 -109.67
C ARG TA 126 1.88 23.69 -109.34
N LYS TA 127 3.00 23.44 -110.00
CA LYS TA 127 4.22 24.18 -109.65
C LYS TA 127 5.17 24.23 -110.84
N ILE TA 128 6.11 25.18 -110.76
CA ILE TA 128 7.11 25.47 -111.79
C ILE TA 128 8.50 25.42 -111.16
N PHE TA 129 9.43 24.75 -111.85
CA PHE TA 129 10.83 24.74 -111.46
C PHE TA 129 11.70 25.32 -112.56
N VAL TA 130 12.93 25.62 -112.18
CA VAL TA 130 14.04 25.81 -113.10
C VAL TA 130 15.02 24.70 -112.78
N GLY TA 131 15.08 23.68 -113.63
CA GLY TA 131 15.82 22.47 -113.33
C GLY TA 131 17.31 22.62 -113.60
N THR TA 132 17.96 21.45 -113.69
CA THR TA 132 19.39 21.26 -113.50
C THR TA 132 20.27 22.07 -114.45
N LYS TA 133 19.78 22.42 -115.63
CA LYS TA 133 20.56 23.28 -116.53
C LYS TA 133 19.70 24.41 -117.08
N GLY TA 134 18.96 25.08 -116.20
CA GLY TA 134 18.20 26.25 -116.61
C GLY TA 134 16.92 25.94 -117.37
N ILE TA 135 16.42 24.72 -117.27
CA ILE TA 135 15.32 24.26 -118.10
C ILE TA 135 14.03 24.49 -117.32
N PRO TA 136 13.08 25.28 -117.82
CA PRO TA 136 11.81 25.43 -117.11
C PRO TA 136 11.01 24.14 -117.10
N HIS TA 137 10.36 23.89 -115.97
CA HIS TA 137 9.69 22.62 -115.68
C HIS TA 137 8.31 22.90 -115.10
N LEU TA 138 7.35 22.10 -115.51
CA LEU TA 138 5.97 22.20 -115.04
C LEU TA 138 5.56 20.89 -114.40
N VAL TA 139 4.92 20.96 -113.23
CA VAL TA 139 4.25 19.81 -112.65
C VAL TA 139 2.79 20.17 -112.47
N THR TA 140 1.91 19.34 -113.03
CA THR TA 140 0.49 19.62 -113.03
C THR TA 140 -0.23 18.81 -111.96
N HIS TA 141 -1.57 18.87 -112.00
CA HIS TA 141 -2.44 18.32 -110.98
C HIS TA 141 -2.35 16.80 -110.86
N ASP TA 142 -1.95 16.09 -111.91
CA ASP TA 142 -1.84 14.64 -111.86
C ASP TA 142 -0.39 14.17 -112.04
N ALA TA 143 0.54 14.85 -111.36
CA ALA TA 143 1.94 14.44 -111.16
C ALA TA 143 2.77 14.45 -112.44
N ARG TA 144 2.24 14.94 -113.55
CA ARG TA 144 3.02 14.95 -114.77
C ARG TA 144 3.96 16.13 -114.77
N THR TA 145 5.22 15.87 -115.16
CA THR TA 145 6.23 16.89 -115.35
C THR TA 145 6.44 17.09 -116.85
N ILE TA 146 6.42 18.36 -117.27
CA ILE TA 146 6.60 18.76 -118.65
C ILE TA 146 7.80 19.70 -118.70
N ARG TA 147 8.80 19.32 -119.49
CA ARG TA 147 9.97 20.14 -119.67
C ARG TA 147 9.72 21.19 -120.74
N TYR TA 148 10.27 22.33 -120.50
CA TYR TA 148 10.26 23.53 -121.31
C TYR TA 148 8.84 23.98 -121.67
N PRO TA 149 8.03 24.48 -120.74
CA PRO TA 149 6.71 25.01 -121.11
C PRO TA 149 6.81 26.41 -121.68
N ASP TA 150 5.65 26.99 -121.97
CA ASP TA 150 5.61 28.38 -122.41
C ASP TA 150 6.00 29.29 -121.24
N PRO TA 151 6.72 30.39 -121.47
CA PRO TA 151 7.12 31.26 -120.36
C PRO TA 151 5.99 32.08 -119.75
N LEU TA 152 4.77 31.95 -120.27
CA LEU TA 152 3.60 32.60 -119.69
C LEU TA 152 2.77 31.67 -118.82
N ILE TA 153 2.91 30.36 -118.96
CA ILE TA 153 2.13 29.43 -118.15
C ILE TA 153 2.62 29.47 -116.71
N LYS TA 154 1.72 29.79 -115.79
CA LYS TA 154 2.09 30.05 -114.41
C LYS TA 154 1.45 29.03 -113.48
N VAL TA 155 1.56 29.30 -112.18
CA VAL TA 155 1.35 28.34 -111.11
C VAL TA 155 -0.13 28.00 -110.94
N ASN TA 156 -1.02 28.84 -111.45
CA ASN TA 156 -2.45 28.58 -111.33
C ASN TA 156 -3.16 28.45 -112.66
N ASP TA 157 -2.43 28.45 -113.77
CA ASP TA 157 -3.03 28.33 -115.08
C ASP TA 157 -3.43 26.88 -115.37
N THR TA 158 -4.03 26.66 -116.53
CA THR TA 158 -4.28 25.30 -117.00
C THR TA 158 -3.81 25.16 -118.44
N ILE TA 159 -3.57 23.92 -118.84
CA ILE TA 159 -2.96 23.59 -120.12
C ILE TA 159 -3.77 22.50 -120.81
N GLN TA 160 -3.62 22.42 -122.12
CA GLN TA 160 -4.32 21.45 -122.95
C GLN TA 160 -3.28 20.53 -123.57
N ILE TA 161 -3.05 19.37 -122.95
CA ILE TA 161 -1.99 18.49 -123.37
C ILE TA 161 -2.53 17.43 -124.32
N ASP TA 162 -1.63 16.86 -125.12
CA ASP TA 162 -1.95 15.77 -126.02
C ASP TA 162 -1.50 14.46 -125.37
N LEU TA 163 -2.38 13.46 -125.36
CA LEU TA 163 -2.18 12.27 -124.55
C LEU TA 163 -1.12 11.33 -125.11
N GLU TA 164 -0.91 11.32 -126.42
CA GLU TA 164 0.15 10.50 -127.00
C GLU TA 164 1.49 11.22 -127.05
N THR TA 165 1.48 12.54 -127.17
CA THR TA 165 2.70 13.35 -127.30
C THR TA 165 3.22 13.84 -125.96
N GLY TA 166 2.34 14.33 -125.10
CA GLY TA 166 2.76 14.82 -123.80
C GLY TA 166 3.20 16.27 -123.77
N LYS TA 167 2.87 17.04 -124.81
CA LYS TA 167 3.26 18.44 -124.88
C LYS TA 167 2.04 19.35 -124.77
N ILE TA 168 2.29 20.59 -124.37
CA ILE TA 168 1.21 21.56 -124.22
C ILE TA 168 0.85 22.12 -125.59
N THR TA 169 -0.44 22.04 -125.94
CA THR TA 169 -0.96 22.67 -127.14
C THR TA 169 -1.34 24.14 -126.91
N ASP TA 170 -2.12 24.43 -125.87
CA ASP TA 170 -2.49 25.80 -125.54
C ASP TA 170 -2.72 25.89 -124.04
N PHE TA 171 -2.89 27.10 -123.54
CA PHE TA 171 -3.07 27.31 -122.10
C PHE TA 171 -4.13 28.37 -121.86
N ILE TA 172 -4.74 28.31 -120.67
CA ILE TA 172 -5.67 29.31 -120.19
C ILE TA 172 -5.09 29.90 -118.91
N LYS TA 173 -5.01 31.23 -118.87
CA LYS TA 173 -4.54 31.95 -117.69
C LYS TA 173 -5.53 31.81 -116.54
N PHE TA 174 -5.07 32.17 -115.35
CA PHE TA 174 -5.96 32.36 -114.21
C PHE TA 174 -6.33 33.84 -114.14
N ASP TA 175 -7.51 34.16 -114.66
CA ASP TA 175 -7.99 35.54 -114.66
C ASP TA 175 -9.49 35.53 -114.46
N THR TA 176 -10.04 36.68 -114.11
CA THR TA 176 -11.47 36.80 -113.88
C THR TA 176 -12.24 36.74 -115.20
N GLY TA 177 -13.46 36.22 -115.11
CA GLY TA 177 -14.29 36.04 -116.29
C GLY TA 177 -14.10 34.71 -116.98
N ASN TA 178 -13.17 33.89 -116.50
CA ASN TA 178 -12.87 32.59 -117.07
C ASN TA 178 -13.77 31.55 -116.45
N LEU TA 179 -14.27 30.64 -117.27
CA LEU TA 179 -15.05 29.52 -116.76
C LEU TA 179 -14.17 28.60 -115.95
N CYS TA 180 -14.74 27.98 -114.92
CA CYS TA 180 -13.97 27.09 -114.08
C CYS TA 180 -14.87 26.03 -113.49
N MET TA 181 -14.27 24.94 -113.02
CA MET TA 181 -14.95 23.93 -112.23
C MET TA 181 -14.37 23.95 -110.82
N VAL TA 182 -15.21 23.69 -109.84
CA VAL TA 182 -14.79 23.63 -108.45
C VAL TA 182 -14.58 22.17 -108.07
N THR TA 183 -13.35 21.81 -107.71
CA THR TA 183 -12.91 20.44 -107.57
C THR TA 183 -12.54 20.10 -106.12
N GLY TA 184 -13.38 20.51 -105.18
CA GLY TA 184 -13.15 20.17 -103.79
C GLY TA 184 -13.93 21.03 -102.82
N GLY TA 185 -14.48 20.40 -101.79
CA GLY TA 185 -15.24 21.10 -100.77
C GLY TA 185 -16.73 20.91 -100.92
N ALA TA 186 -17.47 21.81 -100.28
CA ALA TA 186 -18.93 21.75 -100.32
C ALA TA 186 -19.48 22.14 -101.70
N ASN TA 187 -18.72 22.92 -102.46
CA ASN TA 187 -19.11 23.32 -103.81
C ASN TA 187 -18.54 22.38 -104.87
N LEU TA 188 -18.34 21.11 -104.55
CA LEU TA 188 -17.64 20.19 -105.43
C LEU TA 188 -18.48 19.88 -106.67
N GLY TA 189 -18.10 20.47 -107.80
CA GLY TA 189 -18.71 20.16 -109.08
C GLY TA 189 -19.46 21.30 -109.73
N ARG TA 190 -19.47 22.49 -109.14
CA ARG TA 190 -20.12 23.62 -109.79
C ARG TA 190 -19.28 24.11 -110.97
N ILE TA 191 -19.93 24.85 -111.86
CA ILE TA 191 -19.29 25.47 -113.01
C ILE TA 191 -19.68 26.94 -113.02
N GLY TA 192 -18.68 27.82 -113.04
CA GLY TA 192 -18.99 29.23 -113.08
C GLY TA 192 -17.79 30.04 -113.52
N VAL TA 193 -18.00 31.35 -113.56
CA VAL TA 193 -16.93 32.28 -113.95
C VAL TA 193 -16.31 32.86 -112.70
N ILE TA 194 -15.00 33.11 -112.77
CA ILE TA 194 -14.26 33.70 -111.65
C ILE TA 194 -14.73 35.14 -111.49
N THR TA 195 -15.44 35.43 -110.41
CA THR TA 195 -15.76 36.82 -110.14
C THR TA 195 -14.53 37.57 -109.65
N ASN TA 196 -13.94 37.13 -108.53
CA ASN TA 196 -12.67 37.73 -108.12
C ASN TA 196 -11.89 36.76 -107.26
N ARG TA 197 -10.61 37.08 -107.07
CA ARG TA 197 -9.70 36.31 -106.24
C ARG TA 197 -9.13 37.22 -105.16
N GLU TA 198 -9.53 37.00 -103.91
CA GLU TA 198 -8.99 37.74 -102.79
C GLU TA 198 -7.78 37.00 -102.22
N ARG TA 199 -6.65 37.71 -102.17
CA ARG TA 199 -5.37 37.15 -101.79
C ARG TA 199 -5.12 37.36 -100.31
N HIS TA 200 -4.78 36.29 -99.61
CA HIS TA 200 -4.45 36.33 -98.19
C HIS TA 200 -3.02 35.88 -97.99
N PRO TA 201 -2.10 36.77 -97.61
CA PRO TA 201 -0.74 36.34 -97.26
C PRO TA 201 -0.75 35.43 -96.04
N GLY TA 202 0.11 34.41 -96.05
CA GLY TA 202 -0.01 33.40 -95.03
C GLY TA 202 -0.96 32.30 -95.45
N SER TA 203 -2.22 32.45 -95.09
CA SER TA 203 -3.25 31.43 -95.28
C SER TA 203 -3.71 31.38 -96.74
N PHE TA 204 -4.82 30.69 -96.99
CA PHE TA 204 -5.25 30.37 -98.34
C PHE TA 204 -6.01 31.54 -98.98
N ASP TA 205 -5.81 31.70 -100.29
CA ASP TA 205 -6.49 32.73 -101.06
C ASP TA 205 -7.85 32.23 -101.51
N VAL TA 206 -8.87 33.08 -101.34
CA VAL TA 206 -10.26 32.71 -101.56
C VAL TA 206 -10.67 33.26 -102.92
N VAL TA 207 -11.51 32.51 -103.64
CA VAL TA 207 -12.04 32.91 -104.93
C VAL TA 207 -13.55 32.93 -104.83
N HIS TA 208 -14.15 34.04 -105.25
CA HIS TA 208 -15.59 34.11 -105.47
C HIS TA 208 -15.90 33.83 -106.93
N VAL TA 209 -16.82 32.89 -107.14
CA VAL TA 209 -17.20 32.33 -108.42
C VAL TA 209 -18.71 32.50 -108.60
N LYS TA 210 -19.12 32.96 -109.78
CA LYS TA 210 -20.53 33.13 -110.11
C LYS TA 210 -20.89 32.20 -111.25
N ASP TA 211 -21.97 31.44 -111.10
CA ASP TA 211 -22.34 30.50 -112.15
C ASP TA 211 -23.20 31.20 -113.21
N ALA TA 212 -23.70 30.42 -114.16
CA ALA TA 212 -24.50 30.98 -115.25
C ALA TA 212 -25.88 31.42 -114.77
N ASN TA 213 -26.42 30.79 -113.73
CA ASN TA 213 -27.74 31.09 -113.22
C ASN TA 213 -27.77 32.32 -112.32
N GLY TA 214 -26.60 32.86 -111.98
CA GLY TA 214 -26.53 34.03 -111.12
C GLY TA 214 -26.12 33.76 -109.68
N ASN TA 215 -26.11 32.50 -109.26
CA ASN TA 215 -25.68 32.16 -107.90
C ASN TA 215 -24.19 32.40 -107.76
N SER TA 216 -23.80 33.03 -106.65
CA SER TA 216 -22.41 33.38 -106.40
C SER TA 216 -21.96 32.74 -105.09
N PHE TA 217 -20.76 32.18 -105.11
CA PHE TA 217 -20.24 31.39 -104.00
C PHE TA 217 -18.74 31.58 -103.91
N ALA TA 218 -18.07 30.80 -103.04
CA ALA TA 218 -16.65 30.97 -102.87
C ALA TA 218 -16.02 29.67 -102.42
N THR TA 219 -14.74 29.51 -102.77
CA THR TA 219 -13.91 28.41 -102.27
C THR TA 219 -12.46 28.86 -102.30
N ARG TA 220 -11.52 27.93 -102.15
CA ARG TA 220 -10.11 28.28 -102.06
C ARG TA 220 -9.41 28.10 -103.41
N LEU TA 221 -8.13 28.45 -103.44
CA LEU TA 221 -7.36 28.32 -104.68
C LEU TA 221 -7.10 26.87 -105.04
N SER TA 222 -7.04 25.99 -104.03
CA SER TA 222 -6.68 24.60 -104.25
C SER TA 222 -7.75 23.81 -104.98
N ASN TA 223 -8.99 24.30 -105.02
CA ASN TA 223 -10.11 23.50 -105.48
C ASN TA 223 -10.75 24.01 -106.77
N ILE TA 224 -10.08 24.86 -107.53
CA ILE TA 224 -10.67 25.41 -108.74
C ILE TA 224 -9.83 25.03 -109.95
N PHE TA 225 -10.49 24.38 -110.91
CA PHE TA 225 -9.90 23.97 -112.18
C PHE TA 225 -10.53 24.85 -113.25
N VAL TA 226 -9.72 25.69 -113.90
CA VAL TA 226 -10.21 26.50 -115.00
C VAL TA 226 -10.48 25.60 -116.20
N ILE TA 227 -11.67 25.73 -116.79
CA ILE TA 227 -12.07 24.80 -117.83
C ILE TA 227 -12.39 25.52 -119.13
N GLY TA 228 -12.23 26.83 -119.16
CA GLY TA 228 -12.54 27.57 -120.37
C GLY TA 228 -12.07 29.00 -120.27
N LYS TA 229 -12.21 29.69 -121.39
CA LYS TA 229 -11.89 31.12 -121.50
C LYS TA 229 -13.18 31.85 -121.85
N GLY TA 230 -13.77 32.51 -120.87
CA GLY TA 230 -15.06 33.14 -121.05
C GLY TA 230 -16.18 32.28 -120.50
N ASN TA 231 -17.30 32.28 -121.21
CA ASN TA 231 -18.37 31.36 -120.88
C ASN TA 231 -18.30 30.06 -121.66
N LYS TA 232 -17.18 29.81 -122.35
CA LYS TA 232 -17.09 28.73 -123.33
C LYS TA 232 -16.09 27.70 -122.83
N PRO TA 233 -16.53 26.51 -122.43
CA PRO TA 233 -15.61 25.51 -121.91
C PRO TA 233 -14.79 24.86 -123.01
N TRP TA 234 -13.60 24.40 -122.62
CA TRP TA 234 -12.71 23.69 -123.55
C TRP TA 234 -12.93 22.19 -123.53
N ILE TA 235 -13.86 21.71 -122.71
CA ILE TA 235 -14.26 20.31 -122.68
C ILE TA 235 -15.77 20.25 -122.79
N SER TA 236 -16.30 19.03 -122.87
CA SER TA 236 -17.73 18.82 -122.90
C SER TA 236 -18.26 18.66 -121.49
N LEU TA 237 -19.17 19.54 -121.10
CA LEU TA 237 -19.76 19.50 -119.78
C LEU TA 237 -20.77 18.37 -119.68
N PRO TA 238 -20.85 17.70 -118.53
CA PRO TA 238 -21.86 16.67 -118.33
C PRO TA 238 -23.22 17.29 -118.08
N ARG TA 239 -24.24 16.45 -117.99
CA ARG TA 239 -25.59 16.94 -117.75
C ARG TA 239 -25.70 17.52 -116.35
N GLY TA 240 -26.27 18.70 -116.27
CA GLY TA 240 -26.33 19.45 -115.03
C GLY TA 240 -25.61 20.76 -115.18
N LYS TA 241 -24.51 20.74 -115.94
CA LYS TA 241 -23.72 21.91 -116.35
C LYS TA 241 -23.17 22.71 -115.18
N GLY TA 242 -22.96 22.06 -114.03
CA GLY TA 242 -22.45 22.69 -112.84
C GLY TA 242 -23.32 23.80 -112.28
N ILE TA 243 -24.63 23.59 -112.29
CA ILE TA 243 -25.56 24.62 -111.85
C ILE TA 243 -25.96 24.41 -110.40
N ARG TA 244 -26.18 23.14 -110.02
CA ARG TA 244 -26.65 22.73 -108.69
C ARG TA 244 -27.99 23.40 -108.35
N LEU TA 245 -29.00 22.94 -109.06
CA LEU TA 245 -30.39 23.27 -108.73
C LEU TA 245 -30.67 22.87 -107.28
N THR TA 246 -31.35 23.75 -106.56
CA THR TA 246 -31.70 23.48 -105.18
C THR TA 246 -32.73 22.36 -105.11
N ILE TA 247 -32.93 21.83 -103.89
CA ILE TA 247 -33.68 20.59 -103.70
C ILE TA 247 -35.14 20.73 -104.13
N ALA TA 248 -35.73 21.92 -103.95
CA ALA TA 248 -37.07 22.19 -104.45
C ALA TA 248 -37.11 22.17 -105.98
N GLU TA 249 -36.10 22.76 -106.62
CA GLU TA 249 -36.01 22.76 -108.08
C GLU TA 249 -35.79 21.37 -108.65
N GLU TA 250 -34.94 20.55 -108.04
CA GLU TA 250 -34.78 19.17 -108.46
C GLU TA 250 -36.03 18.33 -108.24
N ARG TA 251 -36.73 18.54 -107.11
CA ARG TA 251 -37.95 17.77 -106.84
C ARG TA 251 -39.05 18.09 -107.85
N ASP TA 252 -39.20 19.38 -108.21
CA ASP TA 252 -40.25 19.75 -109.15
C ASP TA 252 -39.98 19.21 -110.54
N LYS TA 253 -38.74 19.30 -111.01
CA LYS TA 253 -38.43 18.74 -112.32
C LYS TA 253 -38.44 17.21 -112.31
N ARG TA 254 -38.14 16.59 -111.16
CA ARG TA 254 -38.22 15.14 -111.04
C ARG TA 254 -39.66 14.65 -111.13
N LEU TA 255 -40.59 15.34 -110.46
CA LEU TA 255 -41.99 14.93 -110.57
C LEU TA 255 -42.56 15.24 -111.95
N ALA TA 256 -42.16 16.37 -112.55
CA ALA TA 256 -42.68 16.72 -113.88
C ALA TA 256 -42.08 15.82 -114.96
N ALA TA 257 -40.95 15.18 -114.68
CA ALA TA 257 -40.43 14.16 -115.58
C ALA TA 257 -41.00 12.78 -115.28
N LYS TA 258 -41.38 12.52 -114.03
CA LYS TA 258 -41.96 11.22 -113.68
C LYS TA 258 -43.38 11.10 -114.21
N GLN TA 259 -44.11 12.22 -114.25
CA GLN TA 259 -45.48 12.19 -114.76
C GLN TA 259 -45.54 12.01 -116.27
N SER TA 260 -44.41 12.18 -116.98
CA SER TA 260 -44.38 12.01 -118.42
C SER TA 260 -44.18 10.57 -118.84
N SER TA 261 -43.61 9.73 -117.97
CA SER TA 261 -43.28 8.36 -118.35
C SER TA 261 -44.53 7.48 -118.46
N GLY TA 262 -45.33 7.44 -117.41
CA GLY TA 262 -46.57 6.67 -117.42
C GLY TA 262 -47.27 6.65 -116.07
N THR UA 1 -100.95 33.74 36.44
CA THR UA 1 -100.73 35.14 36.12
C THR UA 1 -100.61 35.34 34.60
N PRO UA 2 -101.41 36.27 34.06
CA PRO UA 2 -101.37 36.52 32.61
C PRO UA 2 -100.16 37.32 32.16
N ASP UA 3 -99.71 38.26 32.98
CA ASP UA 3 -98.58 39.12 32.60
C ASP UA 3 -97.27 38.36 32.67
N ILE UA 4 -96.89 37.92 33.87
CA ILE UA 4 -95.64 37.20 34.06
C ILE UA 4 -95.91 35.70 33.86
N LYS UA 5 -94.94 35.02 33.25
CA LYS UA 5 -95.08 33.61 32.90
C LYS UA 5 -94.06 32.79 33.66
N LEU UA 6 -94.53 31.97 34.60
CA LEU UA 6 -93.63 31.11 35.34
C LEU UA 6 -93.17 29.94 34.47
N PHE UA 7 -91.87 29.68 34.49
CA PHE UA 7 -91.26 28.55 33.81
C PHE UA 7 -91.51 27.27 34.59
N GLY UA 8 -92.77 26.83 34.64
CA GLY UA 8 -93.15 25.78 35.54
C GLY UA 8 -93.31 26.32 36.95
N LYS UA 9 -92.19 26.60 37.61
CA LYS UA 9 -92.20 27.18 38.95
C LYS UA 9 -91.11 28.23 39.13
N TRP UA 10 -90.47 28.68 38.05
CA TRP UA 10 -89.43 29.69 38.11
C TRP UA 10 -89.90 30.92 37.35
N SER UA 11 -89.77 32.09 37.96
CA SER UA 11 -90.05 33.33 37.25
C SER UA 11 -88.98 33.57 36.20
N THR UA 12 -89.40 34.05 35.03
CA THR UA 12 -88.47 34.43 33.98
C THR UA 12 -87.92 35.83 34.16
N ASP UA 13 -88.49 36.61 35.07
CA ASP UA 13 -87.89 37.87 35.46
C ASP UA 13 -86.99 37.57 36.66
N ASP UA 14 -86.42 38.62 37.28
CA ASP UA 14 -85.33 38.57 38.25
C ASP UA 14 -84.09 37.87 37.70
N VAL UA 15 -83.94 37.84 36.37
CA VAL UA 15 -82.75 37.31 35.70
C VAL UA 15 -82.14 38.44 34.89
N GLN UA 16 -80.96 38.87 35.29
CA GLN UA 16 -80.30 39.99 34.63
C GLN UA 16 -79.11 39.45 33.86
N ILE UA 17 -79.03 39.79 32.58
CA ILE UA 17 -77.90 39.40 31.74
C ILE UA 17 -76.81 40.45 31.95
N ASN UA 18 -75.74 40.07 32.65
CA ASN UA 18 -74.73 41.04 33.06
C ASN UA 18 -73.89 41.52 31.89
N ASP UA 19 -73.84 40.73 30.81
CA ASP UA 19 -73.15 41.15 29.61
C ASP UA 19 -74.12 41.83 28.65
N ILE UA 20 -73.56 42.68 27.78
CA ILE UA 20 -74.33 43.23 26.68
C ILE UA 20 -73.94 42.57 25.36
N SER UA 21 -72.83 41.84 25.30
CA SER UA 21 -72.47 41.10 24.11
C SER UA 21 -73.37 39.89 23.91
N LEU UA 22 -73.95 39.38 24.98
CA LEU UA 22 -74.88 38.25 24.90
C LEU UA 22 -76.31 38.63 25.29
N GLN UA 23 -76.59 39.91 25.52
CA GLN UA 23 -77.91 40.35 25.95
C GLN UA 23 -78.96 40.17 24.87
N ASP UA 24 -78.59 40.36 23.60
CA ASP UA 24 -79.49 40.11 22.48
C ASP UA 24 -79.28 38.74 21.87
N TYR UA 25 -78.55 37.85 22.54
CA TYR UA 25 -78.46 36.46 22.13
C TYR UA 25 -78.87 35.46 23.19
N ILE UA 26 -79.23 35.91 24.39
CA ILE UA 26 -79.81 35.02 25.40
C ILE UA 26 -81.29 35.37 25.51
N ALA UA 27 -82.16 34.47 25.05
CA ALA UA 27 -83.60 34.73 25.00
C ALA UA 27 -84.25 34.20 26.27
N VAL UA 28 -84.46 35.08 27.26
CA VAL UA 28 -85.12 34.68 28.49
C VAL UA 28 -86.33 35.57 28.74
N LYS UA 29 -86.28 36.82 28.29
CA LYS UA 29 -87.06 37.87 28.94
C LYS UA 29 -88.13 38.46 28.03
N GLU UA 30 -89.32 38.62 28.61
CA GLU UA 30 -90.35 39.61 28.27
C GLU UA 30 -91.12 39.35 26.98
N LYS UA 31 -90.66 38.42 26.13
CA LYS UA 31 -91.53 37.87 25.09
C LYS UA 31 -91.22 36.38 24.95
N TYR UA 32 -90.07 35.98 25.47
CA TYR UA 32 -89.56 34.63 25.31
C TYR UA 32 -89.80 33.79 26.55
N ALA UA 33 -90.57 34.31 27.50
CA ALA UA 33 -91.04 33.52 28.62
C ALA UA 33 -92.03 32.48 28.13
N LYS UA 34 -91.73 31.21 28.37
CA LYS UA 34 -92.60 30.13 28.00
C LYS UA 34 -92.69 29.17 29.18
N TYR UA 35 -93.76 28.38 29.21
CA TYR UA 35 -93.95 27.40 30.27
C TYR UA 35 -92.96 26.25 30.22
N LEU UA 36 -92.57 25.81 29.02
CA LEU UA 36 -91.77 24.62 28.83
C LEU UA 36 -90.56 24.93 27.98
N PRO UA 37 -89.48 24.14 28.12
CA PRO UA 37 -88.39 24.20 27.16
C PRO UA 37 -88.64 23.34 25.91
N HIS UA 38 -89.90 23.01 25.64
CA HIS UA 38 -90.31 22.21 24.49
C HIS UA 38 -91.23 23.07 23.64
N SER UA 39 -90.72 23.54 22.50
CA SER UA 39 -91.56 24.17 21.50
C SER UA 39 -91.59 23.31 20.25
N ALA UA 40 -92.37 23.74 19.26
CA ALA UA 40 -92.44 23.01 18.00
C ALA UA 40 -91.12 23.11 17.24
N GLY UA 41 -90.62 24.33 17.07
CA GLY UA 41 -89.35 24.51 16.40
C GLY UA 41 -89.38 25.46 15.23
N ARG UA 42 -88.90 24.99 14.07
CA ARG UA 42 -88.54 25.81 12.90
C ARG UA 42 -87.57 26.92 13.29
N TYR UA 43 -86.58 26.56 14.11
CA TYR UA 43 -85.55 27.49 14.55
C TYR UA 43 -84.27 27.40 13.73
N ALA UA 44 -84.19 26.47 12.78
CA ALA UA 44 -83.01 26.33 11.92
C ALA UA 44 -83.38 26.61 10.47
N ALA UA 45 -84.54 27.20 10.24
CA ALA UA 45 -85.00 27.62 8.92
C ALA UA 45 -84.11 28.69 8.31
N LYS UA 46 -83.70 29.68 9.09
CA LYS UA 46 -82.79 30.70 8.63
C LYS UA 46 -81.58 30.74 9.56
N ARG UA 47 -80.69 31.69 9.30
CA ARG UA 47 -79.33 31.60 9.85
C ARG UA 47 -79.29 31.99 11.33
N PHE UA 48 -80.04 33.01 11.72
CA PHE UA 48 -79.92 33.59 13.06
C PHE UA 48 -81.18 33.39 13.89
N ARG UA 49 -82.03 32.44 13.50
CA ARG UA 49 -83.26 32.18 14.24
C ARG UA 49 -83.02 31.45 15.55
N LYS UA 50 -81.87 30.80 15.71
CA LYS UA 50 -81.54 30.14 16.97
C LYS UA 50 -81.21 31.14 18.07
N ALA UA 51 -80.98 32.40 17.72
CA ALA UA 51 -80.97 33.46 18.72
C ALA UA 51 -82.34 33.70 19.33
N GLN UA 52 -83.41 33.60 18.54
CA GLN UA 52 -84.77 33.70 19.06
C GLN UA 52 -85.19 32.49 19.89
N CYS UA 53 -84.47 31.38 19.78
CA CYS UA 53 -84.78 30.20 20.58
C CYS UA 53 -84.44 30.46 22.04
N PRO UA 54 -85.37 30.26 22.98
CA PRO UA 54 -85.06 30.47 24.40
C PRO UA 54 -84.00 29.51 24.89
N ILE UA 55 -83.22 29.98 25.86
CA ILE UA 55 -81.94 29.34 26.17
C ILE UA 55 -82.11 27.99 26.87
N VAL UA 56 -83.27 27.74 27.46
CA VAL UA 56 -83.50 26.42 28.06
C VAL UA 56 -84.00 25.44 27.01
N GLU UA 57 -84.70 25.92 25.97
CA GLU UA 57 -85.00 25.08 24.81
C GLU UA 57 -83.71 24.62 24.15
N ARG UA 58 -82.75 25.53 24.01
CA ARG UA 58 -81.45 25.17 23.49
C ARG UA 58 -80.68 24.28 24.45
N LEU UA 59 -80.84 24.46 25.76
CA LEU UA 59 -80.20 23.57 26.72
C LEU UA 59 -80.74 22.15 26.65
N THR UA 60 -82.04 21.98 26.49
CA THR UA 60 -82.59 20.65 26.27
C THR UA 60 -82.26 20.12 24.89
N ASN UA 61 -82.12 20.99 23.90
CA ASN UA 61 -81.80 20.56 22.54
C ASN UA 61 -80.37 20.06 22.44
N SER UA 62 -79.45 20.66 23.19
CA SER UA 62 -78.06 20.23 23.13
C SER UA 62 -77.73 19.14 24.13
N MET UA 63 -78.70 18.70 24.94
CA MET UA 63 -78.47 17.66 25.94
C MET UA 63 -78.75 16.24 25.45
N MET UA 64 -79.43 16.11 24.32
CA MET UA 64 -79.83 14.85 23.70
C MET UA 64 -78.79 14.32 22.70
N MET UA 65 -77.65 13.90 23.24
CA MET UA 65 -76.52 13.58 22.38
C MET UA 65 -76.05 12.15 22.68
N HIS UA 66 -75.01 11.75 21.94
CA HIS UA 66 -74.35 10.43 22.02
C HIS UA 66 -75.30 9.30 21.62
N GLY UA 67 -76.04 9.52 20.54
CA GLY UA 67 -76.66 8.45 19.80
C GLY UA 67 -77.86 7.79 20.43
N ARG UA 68 -77.69 7.25 21.63
CA ARG UA 68 -78.79 6.53 22.29
C ARG UA 68 -79.87 7.48 22.78
N ASN UA 69 -79.56 8.77 22.89
CA ASN UA 69 -80.46 9.76 23.47
C ASN UA 69 -81.07 10.67 22.42
N ASN UA 70 -80.88 10.38 21.13
CA ASN UA 70 -81.43 11.20 20.07
C ASN UA 70 -82.93 10.94 19.96
N GLY UA 71 -83.68 12.02 19.76
CA GLY UA 71 -85.14 12.02 19.81
C GLY UA 71 -85.78 11.99 21.17
N LYS UA 72 -85.07 12.38 22.23
CA LYS UA 72 -85.64 12.20 23.56
C LYS UA 72 -85.75 13.53 24.29
N LYS UA 73 -86.35 14.51 23.61
CA LYS UA 73 -86.50 15.85 24.16
C LYS UA 73 -87.37 15.86 25.41
N LEU UA 74 -88.38 14.97 25.50
CA LEU UA 74 -89.19 14.92 26.72
C LEU UA 74 -88.36 14.50 27.92
N MET UA 75 -87.47 13.52 27.73
CA MET UA 75 -86.53 13.11 28.76
C MET UA 75 -85.55 14.23 29.10
N THR UA 76 -85.01 14.94 28.10
CA THR UA 76 -84.09 16.03 28.43
C THR UA 76 -84.77 17.23 29.07
N VAL UA 77 -86.03 17.51 28.73
CA VAL UA 77 -86.84 18.49 29.43
C VAL UA 77 -86.98 18.10 30.90
N ARG UA 78 -87.19 16.81 31.15
CA ARG UA 78 -87.31 16.34 32.53
C ARG UA 78 -85.97 16.40 33.29
N ILE UA 79 -84.86 16.11 32.62
CA ILE UA 79 -83.53 16.23 33.24
C ILE UA 79 -83.24 17.67 33.61
N VAL UA 80 -83.51 18.60 32.70
CA VAL UA 80 -83.31 20.02 32.99
C VAL UA 80 -84.28 20.51 34.08
N LYS UA 81 -85.50 19.96 34.10
CA LYS UA 81 -86.46 20.31 35.15
C LYS UA 81 -85.99 19.87 36.53
N HIS UA 82 -85.49 18.64 36.65
CA HIS UA 82 -84.94 18.19 37.93
C HIS UA 82 -83.65 18.93 38.28
N ALA UA 83 -82.81 19.23 37.28
CA ALA UA 83 -81.56 19.93 37.52
C ALA UA 83 -81.79 21.35 38.02
N PHE UA 84 -82.81 22.04 37.50
CA PHE UA 84 -83.16 23.35 38.03
C PHE UA 84 -83.66 23.31 39.47
N GLU UA 85 -84.41 22.29 39.86
CA GLU UA 85 -84.79 22.17 41.26
C GLU UA 85 -83.59 21.89 42.16
N ILE UA 86 -82.66 21.06 41.69
CA ILE UA 86 -81.42 20.83 42.43
C ILE UA 86 -80.58 22.11 42.53
N ILE UA 87 -80.54 22.91 41.47
CA ILE UA 87 -79.81 24.18 41.47
C ILE UA 87 -80.43 25.17 42.45
N HIS UA 88 -81.75 25.35 42.39
CA HIS UA 88 -82.45 26.25 43.29
C HIS UA 88 -82.31 25.83 44.74
N LEU UA 89 -82.33 24.53 45.01
CA LEU UA 89 -82.08 24.04 46.35
C LEU UA 89 -80.65 24.26 46.80
N LEU UA 90 -79.65 24.07 45.91
CA LEU UA 90 -78.26 24.22 46.31
C LEU UA 90 -77.84 25.68 46.50
N THR UA 91 -78.40 26.60 45.72
CA THR UA 91 -77.96 27.99 45.80
C THR UA 91 -78.95 28.94 46.46
N GLY UA 92 -80.21 28.57 46.61
CA GLY UA 92 -81.21 29.49 47.11
C GLY UA 92 -81.56 30.63 46.18
N GLU UA 93 -81.20 30.53 44.91
CA GLU UA 93 -81.35 31.64 43.99
C GLU UA 93 -81.84 31.03 42.66
N ASN UA 94 -82.20 31.90 41.71
CA ASN UA 94 -82.89 31.53 40.49
C ASN UA 94 -82.03 30.66 39.56
N PRO UA 95 -82.49 29.45 39.23
CA PRO UA 95 -81.77 28.59 38.26
C PRO UA 95 -81.63 29.20 36.89
N LEU UA 96 -82.60 30.01 36.44
CA LEU UA 96 -82.48 30.70 35.18
C LEU UA 96 -81.34 31.72 35.22
N GLN UA 97 -81.19 32.42 36.35
CA GLN UA 97 -80.12 33.41 36.47
C GLN UA 97 -78.75 32.75 36.51
N VAL UA 98 -78.57 31.67 37.28
CA VAL UA 98 -77.25 31.03 37.23
C VAL UA 98 -77.03 30.24 35.96
N LEU UA 99 -78.09 29.88 35.23
CA LEU UA 99 -77.87 29.35 33.90
C LEU UA 99 -77.32 30.43 32.96
N VAL UA 100 -77.89 31.64 33.03
CA VAL UA 100 -77.37 32.74 32.23
C VAL UA 100 -75.95 33.10 32.64
N ASN UA 101 -75.66 33.06 33.94
CA ASN UA 101 -74.31 33.28 34.43
C ASN UA 101 -73.35 32.19 33.99
N ALA UA 102 -73.80 30.94 33.94
CA ALA UA 102 -72.98 29.84 33.44
C ALA UA 102 -72.67 30.02 31.95
N ILE UA 103 -73.67 30.49 31.17
CA ILE UA 103 -73.47 30.78 29.76
C ILE UA 103 -72.41 31.87 29.57
N ILE UA 104 -72.58 32.98 30.29
CA ILE UA 104 -71.69 34.14 30.15
C ILE UA 104 -70.28 33.80 30.63
N ASN UA 105 -70.16 33.07 31.75
CA ASN UA 105 -68.87 32.70 32.27
C ASN UA 105 -68.17 31.61 31.46
N SER UA 106 -68.92 30.74 30.79
CA SER UA 106 -68.29 29.65 30.07
C SER UA 106 -67.99 29.96 28.61
N GLY UA 107 -68.69 30.92 28.00
CA GLY UA 107 -68.49 31.22 26.59
C GLY UA 107 -67.12 31.78 26.28
N PRO UA 108 -66.33 31.02 25.49
CA PRO UA 108 -64.93 31.41 25.26
C PRO UA 108 -64.82 32.61 24.33
N ARG UA 109 -64.23 33.69 24.82
CA ARG UA 109 -64.25 34.99 24.15
C ARG UA 109 -63.33 35.07 22.94
N GLU UA 110 -62.26 34.28 22.87
CA GLU UA 110 -61.43 34.23 21.69
C GLU UA 110 -60.97 32.81 21.43
N ASP UA 111 -60.78 32.49 20.16
CA ASP UA 111 -60.47 31.15 19.68
C ASP UA 111 -59.25 31.21 18.77
N SER UA 112 -58.79 30.04 18.33
CA SER UA 112 -57.67 29.95 17.40
C SER UA 112 -58.12 29.10 16.21
N THR UA 113 -57.79 29.57 15.01
CA THR UA 113 -58.11 28.93 13.75
C THR UA 113 -56.85 28.87 12.88
N ARG UA 114 -57.02 28.50 11.62
CA ARG UA 114 -55.94 28.45 10.63
C ARG UA 114 -56.34 29.34 9.46
N ILE UA 115 -55.72 30.51 9.37
CA ILE UA 115 -55.99 31.46 8.29
C ILE UA 115 -55.06 31.18 7.12
N ARG UA 122 -49.12 25.55 13.38
CA ARG UA 122 -49.15 27.01 13.25
C ARG UA 122 -50.59 27.50 13.09
N ARG UA 123 -51.03 28.36 14.00
CA ARG UA 123 -52.42 28.80 14.06
C ARG UA 123 -52.44 30.32 14.14
N GLN UA 124 -53.65 30.88 14.20
CA GLN UA 124 -53.84 32.32 14.29
C GLN UA 124 -55.08 32.58 15.14
N ALA UA 125 -55.01 33.59 16.00
CA ALA UA 125 -56.10 33.85 16.92
C ALA UA 125 -57.15 34.78 16.32
N VAL UA 126 -58.41 34.49 16.62
CA VAL UA 126 -59.55 35.30 16.25
C VAL UA 126 -60.42 35.46 17.48
N ASP UA 127 -61.33 36.42 17.44
CA ASP UA 127 -62.38 36.43 18.44
C ASP UA 127 -63.64 35.75 17.89
N VAL UA 128 -64.65 35.63 18.76
CA VAL UA 128 -65.77 34.74 18.50
C VAL UA 128 -67.01 35.56 18.22
N SER UA 129 -67.98 34.93 17.56
CA SER UA 129 -69.32 35.48 17.43
C SER UA 129 -69.99 35.48 18.81
N PRO UA 130 -70.93 36.40 19.04
CA PRO UA 130 -71.85 36.21 20.17
C PRO UA 130 -72.65 34.93 20.06
N LEU UA 131 -73.12 34.60 18.86
CA LEU UA 131 -73.88 33.38 18.66
C LEU UA 131 -73.03 32.14 18.86
N ARG UA 132 -71.81 32.12 18.30
CA ARG UA 132 -70.91 30.99 18.51
C ARG UA 132 -70.44 30.91 19.96
N ARG UA 133 -70.33 32.05 20.64
CA ARG UA 133 -70.00 32.06 22.06
C ARG UA 133 -71.09 31.39 22.88
N VAL UA 134 -72.36 31.70 22.58
CA VAL UA 134 -73.47 31.03 23.25
C VAL UA 134 -73.54 29.54 22.86
N ASN UA 135 -73.28 29.22 21.59
CA ASN UA 135 -73.27 27.83 21.13
C ASN UA 135 -72.22 27.00 21.85
N GLN UA 136 -71.00 27.52 21.92
CA GLN UA 136 -69.90 26.84 22.59
C GLN UA 136 -70.15 26.74 24.08
N ALA UA 137 -70.78 27.76 24.67
CA ALA UA 137 -71.13 27.72 26.09
C ALA UA 137 -72.09 26.57 26.38
N ILE UA 138 -73.19 26.49 25.62
CA ILE UA 138 -74.19 25.44 25.83
C ILE UA 138 -73.59 24.06 25.56
N TRP UA 139 -72.75 23.95 24.52
CA TRP UA 139 -72.14 22.68 24.17
C TRP UA 139 -71.18 22.19 25.24
N LEU UA 140 -70.32 23.08 25.75
CA LEU UA 140 -69.40 22.71 26.83
C LEU UA 140 -70.12 22.34 28.10
N LEU UA 141 -71.21 23.06 28.43
CA LEU UA 141 -71.99 22.72 29.62
C LEU UA 141 -72.63 21.35 29.50
N CYS UA 142 -73.25 21.06 28.36
CA CYS UA 142 -73.91 19.77 28.14
C CYS UA 142 -72.94 18.60 28.15
N THR UA 143 -71.79 18.71 27.48
CA THR UA 143 -70.89 17.56 27.53
C THR UA 143 -70.07 17.52 28.81
N GLY UA 144 -69.95 18.63 29.55
CA GLY UA 144 -69.42 18.55 30.91
C GLY UA 144 -70.33 17.74 31.81
N ALA UA 145 -71.64 17.96 31.68
CA ALA UA 145 -72.61 17.08 32.35
C ALA UA 145 -72.51 15.64 31.87
N ARG UA 146 -72.29 15.44 30.57
CA ARG UA 146 -72.28 14.09 30.00
C ARG UA 146 -71.09 13.26 30.48
N GLU UA 147 -69.87 13.81 30.41
CA GLU UA 147 -68.72 13.07 30.94
C GLU UA 147 -68.61 13.18 32.46
N ALA UA 148 -69.42 14.02 33.11
CA ALA UA 148 -69.56 13.86 34.55
C ALA UA 148 -70.46 12.68 34.91
N ALA UA 149 -71.50 12.42 34.12
CA ALA UA 149 -72.47 11.39 34.45
C ALA UA 149 -72.18 10.03 33.84
N PHE UA 150 -71.22 9.92 32.92
CA PHE UA 150 -70.91 8.61 32.32
C PHE UA 150 -70.18 7.71 33.29
N ARG UA 151 -70.58 6.43 33.33
CA ARG UA 151 -69.97 5.37 34.14
C ARG UA 151 -69.94 5.73 35.63
N ASN UA 152 -70.99 6.39 36.09
CA ASN UA 152 -71.00 6.94 37.43
C ASN UA 152 -72.39 6.73 38.03
N ILE UA 153 -72.43 6.63 39.37
CA ILE UA 153 -73.68 6.37 40.06
C ILE UA 153 -74.63 7.57 40.00
N LYS UA 154 -74.11 8.79 39.99
CA LYS UA 154 -74.98 9.94 40.15
C LYS UA 154 -75.61 10.34 38.82
N THR UA 155 -76.78 10.97 38.90
CA THR UA 155 -77.63 11.17 37.75
C THR UA 155 -77.14 12.34 36.90
N ILE UA 156 -77.58 12.32 35.65
CA ILE UA 156 -77.27 13.39 34.71
C ILE UA 156 -77.89 14.71 35.15
N ALA UA 157 -79.03 14.66 35.84
CA ALA UA 157 -79.64 15.85 36.40
C ALA UA 157 -78.76 16.49 37.47
N GLU UA 158 -78.20 15.68 38.38
CA GLU UA 158 -77.25 16.19 39.37
C GLU UA 158 -75.98 16.73 38.72
N CYS UA 159 -75.43 16.02 37.74
CA CYS UA 159 -74.20 16.48 37.10
C CYS UA 159 -74.41 17.78 36.33
N LEU UA 160 -75.54 17.90 35.62
CA LEU UA 160 -75.88 19.15 34.97
C LEU UA 160 -76.10 20.26 35.99
N ALA UA 161 -76.72 19.96 37.13
CA ALA UA 161 -76.98 20.98 38.14
C ALA UA 161 -75.70 21.51 38.76
N ASP UA 162 -74.83 20.61 39.23
CA ASP UA 162 -73.59 21.08 39.85
C ASP UA 162 -72.63 21.65 38.82
N GLU UA 163 -72.73 21.21 37.56
CA GLU UA 163 -71.87 21.75 36.53
C GLU UA 163 -72.30 23.17 36.17
N LEU UA 164 -73.62 23.42 36.14
CA LEU UA 164 -74.09 24.78 35.94
C LEU UA 164 -73.72 25.69 37.10
N ILE UA 165 -73.79 25.18 38.33
CA ILE UA 165 -73.42 25.98 39.49
C ILE UA 165 -71.92 26.26 39.51
N ASN UA 166 -71.10 25.25 39.17
CA ASN UA 166 -69.65 25.44 39.13
C ASN UA 166 -69.23 26.38 38.01
N ALA UA 167 -69.95 26.37 36.89
CA ALA UA 167 -69.69 27.34 35.84
C ALA UA 167 -70.18 28.74 36.20
N ALA UA 168 -71.25 28.85 36.99
CA ALA UA 168 -71.74 30.15 37.43
C ALA UA 168 -70.79 30.84 38.39
N LYS UA 169 -69.84 30.12 38.99
CA LYS UA 169 -68.81 30.70 39.82
C LYS UA 169 -67.42 30.59 39.22
N GLY UA 170 -67.24 29.83 38.14
CA GLY UA 170 -65.93 29.67 37.53
C GLY UA 170 -64.97 28.86 38.37
N SER UA 171 -65.42 27.72 38.90
CA SER UA 171 -64.71 27.05 39.97
C SER UA 171 -63.52 26.22 39.52
N SER UA 172 -63.30 26.08 38.20
CA SER UA 172 -62.31 25.21 37.56
C SER UA 172 -62.51 23.72 37.85
N ASN UA 173 -63.59 23.35 38.54
CA ASN UA 173 -64.03 21.97 38.59
C ASN UA 173 -65.04 21.65 37.50
N SER UA 174 -65.60 22.67 36.87
CA SER UA 174 -66.47 22.46 35.73
C SER UA 174 -65.65 22.34 34.45
N TYR UA 175 -66.06 21.38 33.61
CA TYR UA 175 -65.40 21.12 32.35
C TYR UA 175 -65.47 22.31 31.41
N ALA UA 176 -66.56 23.07 31.46
CA ALA UA 176 -66.74 24.24 30.62
C ALA UA 176 -65.70 25.31 30.92
N ILE UA 177 -65.46 25.59 32.19
CA ILE UA 177 -64.45 26.57 32.57
C ILE UA 177 -63.05 26.05 32.29
N LYS UA 178 -62.78 24.78 32.64
CA LYS UA 178 -61.41 24.31 32.48
C LYS UA 178 -61.09 23.90 31.04
N LYS UA 179 -62.05 23.95 30.12
CA LYS UA 179 -61.73 23.92 28.70
C LYS UA 179 -61.78 25.30 28.05
N LYS UA 180 -62.62 26.22 28.57
CA LYS UA 180 -62.61 27.61 28.11
C LYS UA 180 -61.27 28.27 28.35
N ASP UA 181 -60.70 28.09 29.55
CA ASP UA 181 -59.46 28.78 29.89
C ASP UA 181 -58.28 28.27 29.07
N GLU UA 182 -58.24 26.96 28.82
CA GLU UA 182 -57.21 26.41 27.94
C GLU UA 182 -57.42 26.82 26.48
N LEU UA 183 -58.68 26.95 26.05
CA LEU UA 183 -58.95 27.39 24.68
C LEU UA 183 -58.54 28.84 24.48
N GLU UA 184 -58.86 29.70 25.43
CA GLU UA 184 -58.39 31.08 25.41
C GLU UA 184 -56.89 31.19 25.62
N ARG UA 185 -56.27 30.26 26.34
CA ARG UA 185 -54.83 30.17 26.50
C ARG UA 185 -54.11 29.84 25.21
N VAL UA 186 -54.63 28.88 24.44
CA VAL UA 186 -53.99 28.59 23.17
C VAL UA 186 -54.33 29.64 22.12
N ALA UA 187 -55.43 30.38 22.31
CA ALA UA 187 -55.63 31.56 21.46
C ALA UA 187 -54.67 32.68 21.83
N LYS UA 188 -54.38 32.83 23.13
CA LYS UA 188 -53.34 33.72 23.62
C LYS UA 188 -51.98 33.36 23.07
N SER UA 189 -51.68 32.08 22.93
CA SER UA 189 -50.37 31.62 22.48
C SER UA 189 -50.07 31.92 21.02
N ASN UA 190 -51.07 32.12 20.17
CA ASN UA 190 -50.82 32.29 18.74
C ASN UA 190 -51.57 33.47 18.16
N ARG UA 191 -51.48 34.63 18.81
CA ARG UA 191 -52.01 35.85 18.20
C ARG UA 191 -50.90 36.69 17.60
N MET VA 1 36.26 -42.41 -81.58
CA MET VA 1 36.22 -41.33 -82.57
C MET VA 1 36.17 -41.86 -83.99
N LYS VA 2 35.04 -41.65 -84.66
CA LYS VA 2 34.92 -42.04 -86.06
C LYS VA 2 35.59 -40.98 -86.94
N LEU VA 3 36.11 -41.42 -88.09
CA LEU VA 3 36.81 -40.53 -89.00
C LEU VA 3 36.13 -40.61 -90.35
N ASN VA 4 35.58 -39.48 -90.80
CA ASN VA 4 34.92 -39.38 -92.10
C ASN VA 4 35.92 -38.78 -93.07
N ILE VA 5 36.39 -39.60 -94.02
CA ILE VA 5 37.54 -39.29 -94.84
C ILE VA 5 37.09 -39.05 -96.28
N SER VA 6 37.67 -38.01 -96.89
CA SER VA 6 37.38 -37.65 -98.28
C SER VA 6 38.67 -37.52 -99.07
N PHE VA 7 38.63 -37.98 -100.32
CA PHE VA 7 39.72 -37.82 -101.26
C PHE VA 7 39.24 -36.91 -102.38
N PRO VA 8 39.58 -35.63 -102.35
CA PRO VA 8 38.99 -34.68 -103.32
C PRO VA 8 39.57 -34.78 -104.71
N ALA VA 9 40.62 -35.57 -104.92
CA ALA VA 9 41.12 -35.74 -106.27
C ALA VA 9 40.21 -36.67 -107.07
N THR VA 10 39.77 -37.78 -106.47
CA THR VA 10 38.88 -38.71 -107.13
C THR VA 10 37.42 -38.56 -106.71
N GLY VA 11 37.16 -38.03 -105.52
CA GLY VA 11 35.81 -37.70 -105.13
C GLY VA 11 35.11 -38.72 -104.25
N CYS VA 12 35.87 -39.63 -103.65
CA CYS VA 12 35.29 -40.69 -102.84
C CYS VA 12 35.51 -40.44 -101.37
N GLN VA 13 34.52 -40.88 -100.60
CA GLN VA 13 34.49 -40.71 -99.16
C GLN VA 13 34.20 -42.07 -98.54
N LYS VA 14 34.68 -42.25 -97.32
CA LYS VA 14 34.17 -43.34 -96.49
C LYS VA 14 34.34 -42.99 -95.02
N LEU VA 15 34.02 -43.97 -94.19
CA LEU VA 15 34.05 -43.84 -92.74
C LEU VA 15 34.97 -44.92 -92.18
N ILE VA 16 35.76 -44.57 -91.17
CA ILE VA 16 36.48 -45.60 -90.42
C ILE VA 16 36.15 -45.44 -88.94
N GLU VA 17 35.86 -46.57 -88.29
CA GLU VA 17 35.74 -46.67 -86.84
C GLU VA 17 37.11 -47.04 -86.29
N VAL VA 18 37.71 -46.16 -85.50
CA VAL VA 18 38.94 -46.47 -84.81
C VAL VA 18 38.67 -46.42 -83.31
N ASP VA 19 39.54 -47.08 -82.54
CA ASP VA 19 39.49 -46.99 -81.09
C ASP VA 19 40.86 -47.00 -80.44
N ASP VA 20 41.95 -46.96 -81.21
CA ASP VA 20 43.30 -47.04 -80.65
C ASP VA 20 43.83 -45.64 -80.34
N GLU VA 21 44.20 -45.43 -79.08
CA GLU VA 21 44.49 -44.08 -78.62
C GLU VA 21 45.85 -43.59 -79.11
N ARG VA 22 46.82 -44.50 -79.30
CA ARG VA 22 48.09 -44.08 -79.88
C ARG VA 22 47.93 -43.79 -81.37
N LYS VA 23 47.04 -44.51 -82.04
CA LYS VA 23 46.62 -44.21 -83.40
C LYS VA 23 45.91 -42.87 -83.50
N LEU VA 24 45.24 -42.43 -82.44
CA LEU VA 24 44.42 -41.24 -82.45
C LEU VA 24 45.11 -40.00 -81.86
N ARG VA 25 46.15 -40.18 -81.05
CA ARG VA 25 46.75 -39.07 -80.31
C ARG VA 25 47.71 -38.26 -81.15
N THR VA 26 48.00 -38.72 -82.37
CA THR VA 26 48.78 -37.92 -83.30
C THR VA 26 47.99 -36.73 -83.85
N PHE VA 27 46.67 -36.69 -83.63
CA PHE VA 27 45.81 -35.63 -84.13
C PHE VA 27 45.35 -34.67 -83.04
N TYR VA 28 45.73 -34.89 -81.78
CA TYR VA 28 45.26 -34.03 -80.72
C TYR VA 28 46.04 -32.71 -80.73
N GLU VA 29 45.37 -31.65 -80.25
CA GLU VA 29 45.93 -30.30 -80.08
C GLU VA 29 46.38 -29.76 -81.45
N LYS VA 30 45.54 -30.02 -82.46
CA LYS VA 30 45.72 -29.46 -83.78
C LYS VA 30 44.39 -28.84 -84.20
N ARG VA 31 44.39 -27.52 -84.40
CA ARG VA 31 43.16 -26.84 -84.77
C ARG VA 31 42.81 -27.13 -86.22
N MET VA 32 41.66 -26.61 -86.66
CA MET VA 32 41.15 -26.93 -87.98
C MET VA 32 42.01 -26.29 -89.07
N ALA VA 33 41.83 -26.81 -90.29
CA ALA VA 33 42.58 -26.47 -91.49
C ALA VA 33 44.09 -26.67 -91.33
N THR VA 34 44.53 -27.61 -90.51
CA THR VA 34 45.93 -27.97 -90.47
C THR VA 34 46.14 -29.29 -91.21
N GLU VA 35 47.39 -29.56 -91.54
CA GLU VA 35 47.78 -30.81 -92.18
C GLU VA 35 48.64 -31.65 -91.25
N VAL VA 36 48.09 -32.79 -90.82
CA VAL VA 36 48.76 -33.72 -89.93
C VAL VA 36 49.06 -34.99 -90.72
N ALA VA 37 50.26 -35.52 -90.54
CA ALA VA 37 50.62 -36.78 -91.18
C ALA VA 37 49.87 -37.92 -90.52
N ALA VA 38 49.18 -38.71 -91.34
CA ALA VA 38 48.38 -39.83 -90.85
C ALA VA 38 49.18 -41.12 -90.82
N ASP VA 39 50.49 -41.04 -90.60
CA ASP VA 39 51.36 -42.21 -90.66
C ASP VA 39 51.05 -43.20 -89.54
N ALA VA 40 50.56 -42.72 -88.41
CA ALA VA 40 50.17 -43.58 -87.31
C ALA VA 40 48.70 -43.97 -87.34
N LEU VA 41 47.98 -43.66 -88.42
CA LEU VA 41 46.60 -44.11 -88.58
C LEU VA 41 46.49 -45.51 -89.15
N GLY VA 42 47.38 -45.90 -90.06
CA GLY VA 42 47.30 -47.23 -90.64
C GLY VA 42 48.59 -47.57 -91.34
N GLU VA 43 48.76 -48.88 -91.59
CA GLU VA 43 49.92 -49.33 -92.36
C GLU VA 43 49.82 -48.86 -93.80
N GLU VA 44 48.62 -48.87 -94.38
CA GLU VA 44 48.43 -48.33 -95.71
C GLU VA 44 48.39 -46.81 -95.71
N TRP VA 45 48.16 -46.21 -94.54
CA TRP VA 45 48.11 -44.75 -94.41
C TRP VA 45 49.51 -44.19 -94.20
N LYS VA 46 50.36 -44.37 -95.19
CA LYS VA 46 51.70 -43.81 -95.16
C LYS VA 46 51.91 -43.04 -96.46
N GLY VA 47 52.67 -41.95 -96.36
CA GLY VA 47 52.71 -40.96 -97.41
C GLY VA 47 51.48 -40.08 -97.47
N TYR VA 48 50.59 -40.20 -96.49
CA TYR VA 48 49.29 -39.56 -96.49
C TYR VA 48 49.28 -38.52 -95.38
N VAL VA 49 49.48 -37.26 -95.73
CA VAL VA 49 49.21 -36.14 -94.84
C VAL VA 49 47.82 -35.60 -95.18
N VAL VA 50 47.02 -35.34 -94.15
CA VAL VA 50 45.62 -35.01 -94.34
C VAL VA 50 45.29 -33.73 -93.59
N ARG VA 51 44.38 -32.94 -94.17
CA ARG VA 51 43.88 -31.72 -93.54
C ARG VA 51 42.67 -32.05 -92.70
N ILE VA 52 42.67 -31.55 -91.47
CA ILE VA 52 41.53 -31.68 -90.57
C ILE VA 52 40.50 -30.61 -90.92
N SER VA 53 39.32 -31.04 -91.33
CA SER VA 53 38.26 -30.12 -91.74
C SER VA 53 37.18 -29.96 -90.67
N GLY VA 54 37.31 -30.67 -89.55
CA GLY VA 54 36.41 -30.49 -88.43
C GLY VA 54 35.09 -31.23 -88.55
N GLY VA 55 34.63 -31.81 -87.43
CA GLY VA 55 33.38 -32.55 -87.41
C GLY VA 55 32.66 -32.38 -86.09
N ASN VA 56 31.56 -33.11 -85.95
CA ASN VA 56 30.68 -32.89 -84.81
C ASN VA 56 31.29 -33.47 -83.54
N ASP VA 57 30.78 -33.00 -82.41
CA ASP VA 57 31.19 -33.47 -81.08
C ASP VA 57 30.29 -34.61 -80.62
N LYS VA 58 30.38 -34.95 -79.32
CA LYS VA 58 29.57 -36.01 -78.74
C LYS VA 58 28.07 -35.71 -78.69
N GLN VA 59 27.66 -34.48 -78.96
CA GLN VA 59 26.25 -34.14 -79.04
C GLN VA 59 25.83 -33.74 -80.44
N GLY VA 60 26.75 -33.74 -81.41
CA GLY VA 60 26.45 -33.39 -82.78
C GLY VA 60 26.65 -31.93 -83.14
N PHE VA 61 27.15 -31.11 -82.22
CA PHE VA 61 27.41 -29.71 -82.51
C PHE VA 61 28.70 -29.56 -83.29
N PRO VA 62 28.76 -28.69 -84.29
CA PRO VA 62 29.91 -28.69 -85.20
C PRO VA 62 31.06 -27.87 -84.66
N MET VA 63 32.19 -27.98 -85.35
CA MET VA 63 33.38 -27.20 -85.07
C MET VA 63 33.41 -25.95 -85.94
N LYS VA 64 33.71 -24.81 -85.32
CA LYS VA 64 33.79 -23.53 -86.02
C LYS VA 64 35.26 -23.11 -86.09
N GLN VA 65 35.69 -22.66 -87.26
CA GLN VA 65 37.08 -22.28 -87.46
C GLN VA 65 37.39 -20.96 -86.76
N GLY VA 66 38.22 -21.01 -85.73
CA GLY VA 66 38.77 -19.81 -85.14
C GLY VA 66 38.32 -19.48 -83.74
N VAL VA 67 37.57 -20.36 -83.08
CA VAL VA 67 37.11 -20.06 -81.74
C VAL VA 67 38.14 -20.42 -80.69
N LEU VA 68 39.15 -21.22 -81.06
CA LEU VA 68 40.40 -21.43 -80.30
C LEU VA 68 40.18 -22.06 -78.93
N THR VA 69 39.19 -22.93 -78.82
CA THR VA 69 38.94 -23.66 -77.58
C THR VA 69 38.89 -25.15 -77.89
N HIS VA 70 38.96 -25.97 -76.84
CA HIS VA 70 38.72 -27.40 -76.95
C HIS VA 70 37.46 -27.79 -76.17
N GLY VA 71 36.44 -26.94 -76.24
CA GLY VA 71 35.17 -27.19 -75.59
C GLY VA 71 34.00 -26.70 -76.42
N ARG VA 72 32.94 -26.25 -75.76
CA ARG VA 72 31.77 -25.69 -76.42
C ARG VA 72 31.50 -24.29 -75.92
N VAL VA 73 31.00 -23.43 -76.81
CA VAL VA 73 30.70 -22.05 -76.49
C VAL VA 73 29.50 -21.60 -77.31
N ARG VA 74 28.63 -20.81 -76.68
CA ARG VA 74 27.50 -20.19 -77.36
C ARG VA 74 27.99 -18.97 -78.13
N LEU VA 75 27.54 -18.85 -79.37
CA LEU VA 75 27.97 -17.77 -80.23
C LEU VA 75 26.77 -17.17 -80.95
N LEU VA 76 26.78 -15.84 -81.07
CA LEU VA 76 25.80 -15.13 -81.90
C LEU VA 76 26.22 -15.30 -83.35
N LEU VA 77 25.36 -15.91 -84.16
CA LEU VA 77 25.71 -16.29 -85.52
C LEU VA 77 24.78 -15.61 -86.51
N SER VA 78 25.33 -15.11 -87.60
CA SER VA 78 24.60 -14.49 -88.68
C SER VA 78 24.91 -15.21 -89.99
N LYS VA 79 24.42 -14.63 -91.10
CA LYS VA 79 24.78 -15.15 -92.41
C LYS VA 79 26.24 -14.81 -92.72
N GLY VA 80 26.83 -15.57 -93.62
CA GLY VA 80 28.25 -15.48 -93.86
C GLY VA 80 29.08 -16.23 -92.84
N HIS VA 81 28.46 -16.93 -91.91
CA HIS VA 81 29.13 -17.72 -90.89
C HIS VA 81 28.80 -19.19 -91.12
N SER VA 82 29.68 -20.05 -90.61
CA SER VA 82 29.40 -21.46 -90.55
C SER VA 82 28.45 -21.75 -89.38
N CYS VA 83 27.96 -22.99 -89.34
CA CYS VA 83 27.14 -23.59 -88.28
C CYS VA 83 25.77 -22.93 -88.14
N TYR VA 84 25.36 -22.11 -89.10
CA TYR VA 84 24.07 -21.42 -89.04
C TYR VA 84 23.69 -21.00 -90.46
N ARG VA 85 22.39 -21.07 -90.76
CA ARG VA 85 21.81 -20.36 -91.89
C ARG VA 85 20.58 -19.60 -91.40
N PRO VA 86 20.24 -18.47 -92.01
CA PRO VA 86 19.08 -17.72 -91.55
C PRO VA 86 17.78 -18.27 -92.12
N ARG VA 87 16.69 -18.02 -91.41
CA ARG VA 87 15.36 -18.37 -91.88
C ARG VA 87 14.59 -17.16 -92.39
N ARG VA 88 14.97 -15.96 -91.94
CA ARG VA 88 14.51 -14.72 -92.54
C ARG VA 88 15.74 -13.84 -92.75
N THR VA 89 15.63 -12.88 -93.65
CA THR VA 89 16.74 -11.96 -93.89
C THR VA 89 16.96 -11.07 -92.67
N GLY VA 90 18.15 -11.15 -92.10
CA GLY VA 90 18.51 -10.38 -90.93
C GLY VA 90 18.39 -11.12 -89.62
N GLU VA 91 18.05 -12.40 -89.64
CA GLU VA 91 17.96 -13.16 -88.40
C GLU VA 91 19.35 -13.47 -87.88
N ARG VA 92 19.44 -13.68 -86.56
CA ARG VA 92 20.73 -13.87 -85.90
C ARG VA 92 20.50 -14.72 -84.66
N LYS VA 93 20.74 -16.02 -84.77
CA LYS VA 93 20.66 -16.95 -83.65
C LYS VA 93 21.93 -16.92 -82.81
N ARG VA 94 21.78 -17.27 -81.54
CA ARG VA 94 22.90 -17.69 -80.72
C ARG VA 94 22.81 -19.21 -80.60
N LYS VA 95 23.80 -19.91 -81.14
CA LYS VA 95 23.83 -21.36 -81.15
C LYS VA 95 25.11 -21.84 -80.49
N SER VA 96 25.06 -23.05 -79.97
CA SER VA 96 26.19 -23.65 -79.27
C SER VA 96 27.06 -24.35 -80.32
N VAL VA 97 28.30 -23.88 -80.47
CA VAL VA 97 29.26 -24.51 -81.36
C VAL VA 97 30.39 -25.10 -80.51
N ARG VA 98 31.17 -25.97 -81.14
CA ARG VA 98 32.25 -26.68 -80.49
C ARG VA 98 33.58 -26.12 -80.98
N GLY VA 99 34.58 -26.15 -80.11
CA GLY VA 99 35.84 -25.48 -80.37
C GLY VA 99 36.64 -26.10 -81.50
N CYS VA 100 37.50 -25.26 -82.09
CA CYS VA 100 38.29 -25.68 -83.24
C CYS VA 100 39.49 -26.53 -82.89
N ILE VA 101 39.92 -26.56 -81.64
CA ILE VA 101 41.05 -27.39 -81.25
C ILE VA 101 40.55 -28.83 -81.10
N VAL VA 102 41.15 -29.74 -81.84
CA VAL VA 102 40.84 -31.16 -81.74
C VAL VA 102 41.37 -31.69 -80.41
N ASP VA 103 40.52 -32.39 -79.67
CA ASP VA 103 40.95 -33.15 -78.51
C ASP VA 103 40.07 -34.41 -78.43
N ALA VA 104 40.03 -35.02 -77.24
CA ALA VA 104 39.54 -36.39 -77.11
C ALA VA 104 38.04 -36.48 -77.34
N ASN VA 105 37.29 -35.48 -76.89
CA ASN VA 105 35.84 -35.58 -76.88
C ASN VA 105 35.28 -35.11 -78.22
N LEU VA 106 35.24 -36.02 -79.19
CA LEU VA 106 34.55 -35.82 -80.45
C LEU VA 106 33.75 -37.08 -80.74
N SER VA 107 32.84 -36.98 -81.71
CA SER VA 107 32.17 -38.17 -82.23
C SER VA 107 32.69 -38.51 -83.62
N VAL VA 108 32.62 -37.56 -84.54
CA VAL VA 108 33.17 -37.72 -85.88
C VAL VA 108 34.13 -36.56 -86.15
N LEU VA 109 35.31 -36.90 -86.64
CA LEU VA 109 36.26 -35.92 -87.15
C LEU VA 109 36.28 -36.06 -88.67
N ASN VA 110 36.33 -34.94 -89.37
CA ASN VA 110 36.34 -34.96 -90.83
C ASN VA 110 37.74 -34.70 -91.36
N LEU VA 111 38.15 -35.51 -92.34
CA LEU VA 111 39.47 -35.38 -92.95
C LEU VA 111 39.37 -35.27 -94.46
N VAL VA 112 40.29 -34.52 -95.04
CA VAL VA 112 40.41 -34.39 -96.49
C VAL VA 112 41.86 -34.62 -96.87
N ILE VA 113 42.10 -35.44 -97.88
CA ILE VA 113 43.48 -35.85 -98.17
C ILE VA 113 44.06 -34.86 -99.18
N VAL VA 114 45.24 -34.32 -98.87
CA VAL VA 114 45.84 -33.33 -99.75
C VAL VA 114 47.04 -33.87 -100.54
N LYS VA 115 47.65 -34.96 -100.10
CA LYS VA 115 48.83 -35.51 -100.76
C LYS VA 115 48.73 -37.02 -100.89
N LYS VA 116 48.92 -37.53 -102.11
CA LYS VA 116 48.94 -38.97 -102.36
C LYS VA 116 50.18 -39.60 -101.74
N GLY VA 117 50.08 -40.87 -101.37
CA GLY VA 117 51.17 -41.58 -100.75
C GLY VA 117 51.88 -42.52 -101.70
N GLU VA 118 51.92 -43.80 -101.37
CA GLU VA 118 52.48 -44.82 -102.23
C GLU VA 118 51.50 -45.93 -102.59
N LYS VA 119 50.49 -46.18 -101.76
CA LYS VA 119 49.50 -47.23 -102.00
C LYS VA 119 48.18 -46.60 -102.43
N ASP VA 120 47.14 -47.43 -102.51
CA ASP VA 120 45.76 -46.96 -102.64
C ASP VA 120 44.95 -47.50 -101.48
N ILE VA 121 44.14 -46.66 -100.87
CA ILE VA 121 43.22 -47.10 -99.82
C ILE VA 121 42.11 -47.95 -100.44
N PRO VA 122 41.77 -49.11 -99.87
CA PRO VA 122 40.82 -50.02 -100.54
C PRO VA 122 39.34 -49.61 -100.46
N GLY VA 123 39.04 -48.37 -100.09
CA GLY VA 123 37.67 -47.90 -100.13
C GLY VA 123 37.52 -46.56 -100.84
N LEU VA 124 38.63 -45.91 -101.15
CA LEU VA 124 38.63 -44.58 -101.75
C LEU VA 124 39.02 -44.58 -103.22
N THR VA 125 40.20 -45.11 -103.54
CA THR VA 125 40.85 -44.90 -104.83
C THR VA 125 40.55 -46.04 -105.81
N ASP VA 126 39.76 -47.04 -105.40
CA ASP VA 126 39.38 -48.13 -106.29
C ASP VA 126 38.56 -47.65 -107.48
N THR VA 127 37.62 -46.75 -107.24
CA THR VA 127 36.82 -46.15 -108.30
C THR VA 127 36.89 -44.63 -108.16
N THR VA 128 37.07 -43.95 -109.27
CA THR VA 128 37.06 -42.49 -109.29
C THR VA 128 35.70 -42.03 -109.81
N VAL VA 129 34.86 -41.53 -108.91
CA VAL VA 129 33.56 -41.01 -109.33
C VAL VA 129 33.76 -39.67 -110.04
N PRO VA 130 32.89 -39.29 -111.00
CA PRO VA 130 33.13 -38.05 -111.74
C PRO VA 130 32.45 -36.83 -111.13
N ARG VA 131 32.60 -35.70 -111.80
CA ARG VA 131 31.78 -34.54 -111.51
C ARG VA 131 30.35 -34.80 -111.93
N ARG VA 132 29.41 -34.27 -111.16
CA ARG VA 132 28.01 -34.50 -111.47
C ARG VA 132 27.58 -33.69 -112.69
N LEU VA 133 27.96 -32.41 -112.77
CA LEU VA 133 27.58 -31.54 -113.90
C LEU VA 133 28.81 -30.88 -114.50
N GLY VA 134 28.68 -30.52 -115.78
CA GLY VA 134 29.73 -29.85 -116.51
C GLY VA 134 29.61 -28.34 -116.50
N PRO VA 135 30.63 -27.64 -116.99
CA PRO VA 135 30.61 -26.17 -117.02
C PRO VA 135 29.51 -25.61 -117.91
N LYS VA 136 29.02 -24.43 -117.54
CA LYS VA 136 27.78 -23.87 -118.08
C LYS VA 136 27.99 -22.47 -118.62
N ARG VA 137 28.87 -21.71 -117.98
CA ARG VA 137 29.17 -20.35 -118.44
C ARG VA 137 30.23 -20.41 -119.53
N ALA VA 138 30.00 -19.63 -120.60
CA ALA VA 138 30.77 -19.75 -121.85
C ALA VA 138 32.24 -19.43 -121.65
N SER VA 139 32.54 -18.45 -120.81
CA SER VA 139 33.93 -18.14 -120.53
C SER VA 139 34.59 -19.17 -119.62
N ARG VA 140 33.82 -19.96 -118.88
CA ARG VA 140 34.36 -21.13 -118.20
C ARG VA 140 34.62 -22.29 -119.14
N ILE VA 141 33.74 -22.48 -120.14
CA ILE VA 141 33.97 -23.52 -121.15
C ILE VA 141 35.21 -23.23 -122.00
N ARG VA 142 35.44 -21.94 -122.31
CA ARG VA 142 36.65 -21.58 -123.06
C ARG VA 142 37.92 -21.87 -122.26
N LYS VA 143 37.87 -21.71 -120.94
CA LYS VA 143 38.97 -22.14 -120.08
C LYS VA 143 39.11 -23.66 -120.02
N LEU VA 144 37.98 -24.37 -119.94
CA LEU VA 144 37.98 -25.83 -119.85
C LEU VA 144 38.59 -26.49 -121.08
N PHE VA 145 38.28 -25.99 -122.27
CA PHE VA 145 38.84 -26.58 -123.48
C PHE VA 145 39.86 -25.69 -124.18
N ASN VA 146 40.41 -24.69 -123.48
CA ASN VA 146 41.51 -23.82 -123.94
C ASN VA 146 41.20 -23.11 -125.25
N LEU VA 147 39.96 -22.67 -125.42
CA LEU VA 147 39.53 -22.08 -126.68
C LEU VA 147 39.98 -20.63 -126.77
N SER VA 148 40.07 -20.15 -128.01
CA SER VA 148 40.01 -18.73 -128.31
C SER VA 148 38.55 -18.33 -128.49
N LYS VA 149 38.30 -17.02 -128.47
CA LYS VA 149 36.94 -16.51 -128.65
C LYS VA 149 36.39 -16.83 -130.04
N GLU VA 150 37.23 -16.85 -131.06
CA GLU VA 150 36.81 -17.19 -132.41
C GLU VA 150 36.47 -18.67 -132.57
N ASP VA 151 36.91 -19.52 -131.65
CA ASP VA 151 36.54 -20.93 -131.64
C ASP VA 151 35.09 -21.05 -131.18
N ASP VA 152 34.35 -21.95 -131.82
CA ASP VA 152 32.93 -22.11 -131.51
C ASP VA 152 32.76 -22.80 -130.16
N VAL VA 153 32.07 -22.14 -129.23
CA VAL VA 153 31.87 -22.67 -127.90
C VAL VA 153 30.56 -23.43 -127.78
N ARG VA 154 29.66 -23.29 -128.76
CA ARG VA 154 28.40 -24.03 -128.73
C ARG VA 154 28.62 -25.51 -129.00
N GLN VA 155 29.59 -25.84 -129.85
CA GLN VA 155 29.88 -27.22 -130.21
C GLN VA 155 30.52 -28.01 -129.08
N TYR VA 156 31.05 -27.33 -128.07
CA TYR VA 156 31.91 -27.95 -127.06
C TYR VA 156 31.25 -27.95 -125.69
N VAL VA 157 29.98 -28.33 -125.62
CA VAL VA 157 29.26 -28.46 -124.37
C VAL VA 157 29.39 -29.88 -123.86
N VAL VA 158 29.32 -30.05 -122.55
CA VAL VA 158 29.32 -31.39 -121.97
C VAL VA 158 27.91 -31.94 -122.01
N ARG VA 159 27.75 -33.09 -122.65
CA ARG VA 159 26.45 -33.73 -122.78
C ARG VA 159 26.24 -34.69 -121.62
N LYS VA 160 24.97 -34.95 -121.31
CA LYS VA 160 24.63 -35.88 -120.25
C LYS VA 160 23.90 -37.07 -120.86
N PRO VA 161 24.59 -38.17 -121.16
CA PRO VA 161 23.89 -39.39 -121.58
C PRO VA 161 23.03 -39.94 -120.46
N LEU VA 162 21.73 -39.98 -120.69
CA LEU VA 162 20.75 -40.34 -119.68
C LEU VA 162 19.83 -41.43 -120.21
N ASN VA 163 19.78 -42.55 -119.48
CA ASN VA 163 18.95 -43.68 -119.88
C ASN VA 163 18.63 -44.53 -118.67
N LYS VA 164 17.41 -44.41 -118.15
CA LYS VA 164 16.78 -45.46 -117.37
C LYS VA 164 15.74 -46.11 -118.26
N GLU VA 165 15.47 -47.38 -118.03
CA GLU VA 165 14.70 -48.19 -118.97
C GLU VA 165 13.23 -47.76 -119.03
N GLY VA 166 12.71 -47.69 -120.25
CA GLY VA 166 11.32 -47.31 -120.46
C GLY VA 166 11.13 -46.10 -121.34
N LYS VA 167 12.24 -45.46 -121.74
CA LYS VA 167 12.16 -44.22 -122.52
C LYS VA 167 13.32 -44.21 -123.52
N LYS VA 168 13.18 -43.36 -124.54
CA LYS VA 168 14.10 -43.35 -125.67
C LYS VA 168 15.48 -42.86 -125.24
N PRO VA 169 16.54 -43.39 -125.86
CA PRO VA 169 17.90 -42.90 -125.55
C PRO VA 169 18.09 -41.47 -126.01
N ARG VA 170 18.29 -40.59 -125.04
CA ARG VA 170 18.36 -39.16 -125.27
C ARG VA 170 19.50 -38.61 -124.42
N THR VA 171 20.12 -37.54 -124.91
CA THR VA 171 21.13 -36.83 -124.15
C THR VA 171 20.70 -35.37 -124.01
N LYS VA 172 21.00 -34.78 -122.84
CA LYS VA 172 20.55 -33.45 -122.49
C LYS VA 172 21.75 -32.53 -122.31
N ALA VA 173 21.61 -31.28 -122.73
CA ALA VA 173 22.64 -30.26 -122.69
C ALA VA 173 22.13 -29.01 -121.97
N PRO VA 174 22.97 -28.28 -121.25
CA PRO VA 174 22.51 -27.12 -120.48
C PRO VA 174 22.36 -25.87 -121.34
N LYS VA 175 21.67 -24.89 -120.76
CA LYS VA 175 21.76 -23.51 -121.22
C LYS VA 175 23.19 -23.01 -121.10
N ILE VA 176 23.73 -22.52 -122.18
CA ILE VA 176 24.92 -21.68 -122.07
C ILE VA 176 24.44 -20.29 -121.67
N GLN VA 177 25.06 -19.72 -120.65
CA GLN VA 177 24.78 -18.34 -120.30
C GLN VA 177 26.03 -17.51 -120.57
N ARG VA 178 25.82 -16.20 -120.74
CA ARG VA 178 26.84 -15.21 -121.10
C ARG VA 178 27.47 -15.52 -122.45
N LEU VA 179 26.70 -16.15 -123.32
CA LEU VA 179 27.09 -16.37 -124.72
C LEU VA 179 26.52 -15.24 -125.55
N VAL VA 180 27.38 -14.60 -126.34
CA VAL VA 180 26.92 -13.52 -127.21
C VAL VA 180 26.08 -14.11 -128.34
N THR VA 181 24.93 -13.48 -128.57
CA THR VA 181 23.76 -13.96 -129.29
C THR VA 181 23.20 -12.75 -130.00
N PRO VA 182 22.63 -12.93 -131.19
CA PRO VA 182 22.00 -11.80 -131.90
C PRO VA 182 20.87 -11.10 -131.14
N ARG VA 183 20.23 -11.79 -130.19
CA ARG VA 183 19.26 -11.11 -129.32
C ARG VA 183 19.97 -10.31 -128.21
N VAL VA 184 21.07 -10.81 -127.65
CA VAL VA 184 21.67 -10.12 -126.51
C VAL VA 184 22.33 -8.82 -126.98
N LEU VA 185 22.87 -8.84 -128.21
CA LEU VA 185 23.40 -7.63 -128.82
C LEU VA 185 22.31 -6.77 -129.46
N GLN VA 186 21.14 -7.35 -129.77
CA GLN VA 186 19.98 -6.53 -130.12
C GLN VA 186 19.54 -5.69 -128.92
N HIS VA 187 19.70 -6.24 -127.71
CA HIS VA 187 19.41 -5.46 -126.51
C HIS VA 187 20.37 -4.28 -126.37
N LYS VA 188 21.64 -4.46 -126.73
CA LYS VA 188 22.57 -3.33 -126.72
C LYS VA 188 22.25 -2.33 -127.84
N ARG VA 189 21.77 -2.82 -128.99
CA ARG VA 189 21.45 -1.91 -130.09
C ARG VA 189 20.22 -1.07 -129.80
N ARG VA 190 19.18 -1.68 -129.21
CA ARG VA 190 18.04 -0.89 -128.78
C ARG VA 190 18.46 0.04 -127.64
N ARG VA 191 19.39 -0.41 -126.79
CA ARG VA 191 19.85 0.40 -125.67
C ARG VA 191 20.55 1.67 -126.16
N ILE VA 192 21.35 1.58 -127.22
CA ILE VA 192 22.04 2.75 -127.78
C ILE VA 192 21.09 3.60 -128.63
N ALA VA 193 20.14 2.98 -129.33
CA ALA VA 193 19.15 3.74 -130.08
C ALA VA 193 18.24 4.54 -129.14
N LEU VA 194 18.00 4.04 -127.93
CA LEU VA 194 17.32 4.85 -126.91
C LEU VA 194 18.14 6.06 -126.50
N LYS VA 195 19.47 5.92 -126.40
CA LYS VA 195 20.33 7.05 -126.07
C LYS VA 195 20.24 8.12 -127.16
N LYS VA 196 20.24 7.68 -128.43
CA LYS VA 196 20.07 8.57 -129.57
C LYS VA 196 18.72 9.27 -129.55
N GLN VA 197 17.65 8.54 -129.20
CA GLN VA 197 16.32 9.13 -129.11
C GLN VA 197 16.26 10.20 -128.04
N ARG VA 198 16.89 9.95 -126.89
CA ARG VA 198 16.93 10.93 -125.82
C ARG VA 198 17.70 12.18 -126.22
N THR VA 199 18.85 12.01 -126.87
CA THR VA 199 19.66 13.17 -127.27
C THR VA 199 18.99 14.00 -128.35
N LYS VA 200 18.42 13.35 -129.37
CA LYS VA 200 17.71 14.08 -130.42
C LYS VA 200 16.48 14.79 -129.87
N LYS VA 201 15.75 14.14 -128.95
CA LYS VA 201 14.62 14.77 -128.27
C LYS VA 201 15.05 16.01 -127.49
N ASN VA 202 16.17 15.91 -126.78
CA ASN VA 202 16.68 17.03 -125.98
C ASN VA 202 17.01 18.23 -126.86
N LYS VA 203 17.75 17.99 -127.95
CA LYS VA 203 18.14 19.11 -128.81
C LYS VA 203 16.95 19.71 -129.56
N GLU VA 204 15.97 18.87 -129.95
CA GLU VA 204 14.81 19.40 -130.67
C GLU VA 204 13.92 20.23 -129.75
N GLU VA 205 13.66 19.76 -128.53
CA GLU VA 205 12.84 20.56 -127.62
C GLU VA 205 13.59 21.79 -127.14
N ALA VA 206 14.93 21.71 -127.07
CA ALA VA 206 15.74 22.89 -126.79
C ALA VA 206 15.62 23.96 -127.87
N ALA VA 207 15.69 23.57 -129.16
CA ALA VA 207 15.51 24.55 -130.23
C ALA VA 207 14.09 25.10 -130.30
N GLU VA 208 13.09 24.25 -130.06
CA GLU VA 208 11.70 24.70 -130.04
C GLU VA 208 11.43 25.73 -128.95
N TYR VA 209 11.90 25.49 -127.74
CA TYR VA 209 11.73 26.52 -126.71
C TYR VA 209 12.63 27.71 -126.99
N ALA VA 210 13.78 27.50 -127.63
CA ALA VA 210 14.63 28.62 -127.96
C ALA VA 210 13.92 29.63 -128.83
N LYS VA 211 13.25 29.18 -129.89
CA LYS VA 211 12.47 30.13 -130.68
C LYS VA 211 11.22 30.64 -129.96
N LEU VA 212 10.55 29.79 -129.16
CA LEU VA 212 9.38 30.26 -128.42
C LEU VA 212 9.73 31.31 -127.37
N LEU VA 213 10.79 31.06 -126.60
CA LEU VA 213 11.29 32.00 -125.61
C LEU VA 213 11.81 33.28 -126.26
N ALA VA 214 12.48 33.16 -127.41
CA ALA VA 214 12.98 34.34 -128.11
C ALA VA 214 11.82 35.23 -128.58
N LYS VA 215 10.78 34.62 -129.16
CA LYS VA 215 9.61 35.38 -129.58
C LYS VA 215 8.84 35.98 -128.42
N ARG VA 216 8.73 35.29 -127.29
CA ARG VA 216 8.02 35.86 -126.15
C ARG VA 216 8.79 36.95 -125.42
N MET VA 217 10.13 36.86 -125.33
CA MET VA 217 10.88 37.98 -124.80
C MET VA 217 10.88 39.16 -125.76
N LYS VA 218 10.79 38.90 -127.07
CA LYS VA 218 10.63 39.99 -128.03
C LYS VA 218 9.28 40.67 -127.84
N GLU VA 219 8.23 39.90 -127.60
CA GLU VA 219 6.90 40.45 -127.33
C GLU VA 219 6.90 41.27 -126.03
N ALA VA 220 7.56 40.76 -124.98
CA ALA VA 220 7.62 41.49 -123.72
C ALA VA 220 8.47 42.74 -123.83
N LYS VA 221 9.48 42.73 -124.69
CA LYS VA 221 10.21 43.94 -125.04
C LYS VA 221 9.34 44.95 -125.78
N GLU VA 222 8.47 44.47 -126.67
CA GLU VA 222 7.67 45.33 -127.53
C GLU VA 222 6.65 46.16 -126.75
N LYS VA 223 6.13 45.63 -125.64
CA LYS VA 223 5.11 46.36 -124.89
C LYS VA 223 5.69 47.52 -124.09
N ARG VA 224 6.96 47.43 -123.68
CA ARG VA 224 7.60 48.59 -123.07
C ARG VA 224 7.87 49.68 -124.10
N GLN VA 225 8.20 49.30 -125.34
CA GLN VA 225 8.29 50.27 -126.42
C GLN VA 225 6.93 50.88 -126.74
N GLU VA 226 5.85 50.10 -126.60
CA GLU VA 226 4.52 50.67 -126.81
C GLU VA 226 4.06 51.56 -125.66
N GLN VA 227 4.45 51.28 -124.41
CA GLN VA 227 4.14 52.24 -123.35
C GLN VA 227 5.01 53.48 -123.46
N ILE VA 228 6.19 53.37 -124.07
CA ILE VA 228 6.95 54.55 -124.48
C ILE VA 228 6.18 55.35 -125.53
N ALA VA 229 5.61 54.65 -126.52
CA ALA VA 229 4.80 55.30 -127.55
C ALA VA 229 3.53 55.95 -126.99
N LYS VA 230 2.96 55.41 -125.90
CA LYS VA 230 1.85 56.06 -125.23
C LYS VA 230 2.27 57.20 -124.30
N ARG VA 231 3.45 57.11 -123.68
CA ARG VA 231 3.96 58.24 -122.91
C ARG VA 231 4.29 59.42 -123.81
N ARG VA 232 4.62 59.16 -125.08
CA ARG VA 232 4.69 60.25 -126.06
C ARG VA 232 3.32 60.85 -126.37
N ARG VA 233 2.24 60.08 -126.23
CA ARG VA 233 0.90 60.62 -126.39
C ARG VA 233 0.35 61.21 -125.08
N LEU VA 234 1.07 61.03 -123.98
CA LEU VA 234 0.71 61.62 -122.70
C LEU VA 234 1.45 62.92 -122.42
N SER VA 235 2.79 62.90 -122.45
CA SER VA 235 3.60 64.05 -122.07
C SER VA 235 3.78 65.09 -123.16
N SER VA 236 3.65 64.72 -124.44
CA SER VA 236 4.07 65.58 -125.54
C SER VA 236 2.92 65.95 -126.48
N LEU VA 237 1.79 66.40 -125.93
CA LEU VA 237 0.70 66.90 -126.76
C LEU VA 237 0.79 68.41 -126.93
N ALA WA 1 -15.18 94.11 -97.67
CA ALA WA 1 -16.13 94.80 -96.80
C ALA WA 1 -15.87 94.43 -95.34
N LYS WA 2 -16.63 93.45 -94.84
CA LYS WA 2 -16.50 92.95 -93.48
C LYS WA 2 -16.58 91.42 -93.43
N ILE WA 3 -17.08 90.80 -94.49
CA ILE WA 3 -17.32 89.36 -94.51
C ILE WA 3 -16.04 88.63 -94.93
N VAL WA 4 -15.59 87.68 -94.10
CA VAL WA 4 -14.36 86.93 -94.33
C VAL WA 4 -14.72 85.46 -94.17
N LYS WA 5 -14.96 84.78 -95.28
CA LYS WA 5 -15.43 83.41 -95.24
C LYS WA 5 -14.26 82.44 -94.95
N PRO WA 6 -14.53 81.32 -94.27
CA PRO WA 6 -13.44 80.40 -93.88
C PRO WA 6 -12.73 79.75 -95.07
N ASN WA 7 -13.40 79.61 -96.20
CA ASN WA 7 -12.72 79.27 -97.43
C ASN WA 7 -12.62 80.50 -98.32
N GLY WA 8 -11.68 80.47 -99.26
CA GLY WA 8 -11.50 81.57 -100.17
C GLY WA 8 -12.57 81.60 -101.24
N GLU WA 9 -13.77 81.99 -100.84
CA GLU WA 9 -14.94 81.96 -101.71
C GLU WA 9 -15.47 83.39 -101.90
N LYS WA 10 -16.59 83.49 -102.61
CA LYS WA 10 -17.18 84.77 -102.93
C LYS WA 10 -18.45 84.95 -102.10
N PRO WA 11 -18.49 85.94 -101.21
CA PRO WA 11 -19.76 86.27 -100.55
C PRO WA 11 -20.78 86.86 -101.51
N ASP WA 12 -21.98 86.30 -101.53
CA ASP WA 12 -23.01 86.75 -102.47
C ASP WA 12 -23.77 87.90 -101.82
N GLU WA 13 -24.88 88.32 -102.45
CA GLU WA 13 -25.49 89.63 -102.27
C GLU WA 13 -26.02 89.89 -100.86
N PHE WA 14 -26.61 88.88 -100.21
CA PHE WA 14 -27.26 89.15 -98.92
C PHE WA 14 -26.25 89.27 -97.78
N GLU WA 15 -25.29 88.33 -97.71
CA GLU WA 15 -24.27 88.45 -96.68
C GLU WA 15 -23.32 89.60 -96.96
N SER WA 16 -23.09 89.93 -98.23
CA SER WA 16 -22.38 91.17 -98.57
C SER WA 16 -23.17 92.39 -98.12
N GLY WA 17 -24.50 92.36 -98.27
CA GLY WA 17 -25.31 93.47 -97.79
C GLY WA 17 -25.30 93.62 -96.29
N ILE WA 18 -25.35 92.49 -95.55
CA ILE WA 18 -25.25 92.52 -94.09
C ILE WA 18 -23.89 93.07 -93.66
N SER WA 19 -22.81 92.56 -94.27
CA SER WA 19 -21.47 92.98 -93.86
C SER WA 19 -21.17 94.41 -94.28
N GLN WA 20 -21.77 94.89 -95.38
CA GLN WA 20 -21.59 96.29 -95.70
C GLN WA 20 -22.44 97.18 -94.81
N ALA WA 21 -23.59 96.68 -94.35
CA ALA WA 21 -24.40 97.42 -93.39
C ALA WA 21 -23.72 97.56 -92.03
N LEU WA 22 -22.94 96.56 -91.61
CA LEU WA 22 -22.10 96.71 -90.41
C LEU WA 22 -21.12 97.88 -90.47
N LEU WA 23 -20.31 98.00 -91.52
CA LEU WA 23 -19.42 99.16 -91.51
C LEU WA 23 -20.12 100.43 -91.97
N GLU WA 24 -21.28 100.36 -92.63
CA GLU WA 24 -22.12 101.54 -92.80
C GLU WA 24 -22.60 102.08 -91.45
N LEU WA 25 -22.94 101.20 -90.53
CA LEU WA 25 -23.17 101.59 -89.13
C LEU WA 25 -21.90 102.14 -88.49
N GLU WA 26 -20.77 101.47 -88.73
CA GLU WA 26 -19.53 101.79 -88.04
C GLU WA 26 -18.92 103.11 -88.50
N MET WA 27 -19.30 103.60 -89.69
CA MET WA 27 -18.75 104.88 -90.15
C MET WA 27 -19.29 106.06 -89.35
N ASN WA 28 -20.44 105.90 -88.71
CA ASN WA 28 -21.04 106.98 -87.95
C ASN WA 28 -21.65 106.47 -86.64
N SER WA 29 -21.15 105.35 -86.13
CA SER WA 29 -21.76 104.70 -84.99
C SER WA 29 -21.16 105.19 -83.68
N ASP WA 30 -21.78 104.75 -82.58
CA ASP WA 30 -21.23 105.01 -81.25
C ASP WA 30 -20.20 103.98 -80.85
N LEU WA 31 -20.40 102.71 -81.24
CA LEU WA 31 -19.57 101.60 -80.78
C LEU WA 31 -18.48 101.24 -81.80
N LYS WA 32 -17.55 102.19 -81.96
CA LYS WA 32 -16.42 101.96 -82.85
C LYS WA 32 -15.40 101.01 -82.24
N ALA WA 33 -15.11 101.18 -80.95
CA ALA WA 33 -14.04 100.43 -80.30
C ALA WA 33 -14.41 98.97 -80.15
N GLN WA 34 -15.69 98.69 -79.95
CA GLN WA 34 -16.14 97.30 -79.85
C GLN WA 34 -16.11 96.58 -81.19
N LEU WA 35 -16.53 97.22 -82.28
CA LEU WA 35 -16.66 96.59 -83.58
C LEU WA 35 -15.42 96.76 -84.45
N ARG WA 36 -14.36 97.38 -83.92
CA ARG WA 36 -13.14 97.59 -84.70
C ARG WA 36 -12.46 96.30 -85.16
N GLU WA 37 -12.33 95.31 -84.28
CA GLU WA 37 -11.51 94.14 -84.56
C GLU WA 37 -12.31 92.88 -84.88
N LEU WA 38 -13.62 92.98 -85.08
CA LEU WA 38 -14.45 91.78 -85.08
C LEU WA 38 -14.53 91.16 -86.47
N ASN WA 39 -15.27 90.05 -86.58
CA ASN WA 39 -15.36 89.33 -87.84
C ASN WA 39 -16.68 88.55 -87.86
N ILE WA 40 -17.16 88.29 -89.08
CA ILE WA 40 -18.36 87.50 -89.34
C ILE WA 40 -18.06 86.56 -90.50
N THR WA 41 -18.45 85.29 -90.36
CA THR WA 41 -18.16 84.29 -91.39
C THR WA 41 -19.28 84.06 -92.39
N ALA WA 42 -20.55 84.12 -91.98
CA ALA WA 42 -21.64 83.87 -92.91
C ALA WA 42 -22.89 84.59 -92.43
N ALA WA 43 -23.87 84.73 -93.34
CA ALA WA 43 -25.15 85.33 -93.01
C ALA WA 43 -26.18 84.83 -94.01
N LYS WA 44 -27.02 83.89 -93.58
CA LYS WA 44 -28.04 83.30 -94.43
C LYS WA 44 -29.40 83.89 -94.08
N GLU WA 45 -30.34 83.82 -95.03
CA GLU WA 45 -31.66 84.43 -94.89
C GLU WA 45 -32.70 83.35 -95.14
N ILE WA 46 -33.40 82.95 -94.09
CA ILE WA 46 -34.31 81.81 -94.16
C ILE WA 46 -35.74 82.25 -93.87
N GLU WA 47 -36.69 81.40 -94.27
CA GLU WA 47 -38.13 81.66 -94.20
C GLU WA 47 -38.67 81.04 -92.93
N VAL WA 48 -38.82 81.86 -91.89
CA VAL WA 48 -39.61 81.47 -90.73
C VAL WA 48 -41.06 81.30 -91.17
N GLY WA 49 -41.74 80.29 -90.60
CA GLY WA 49 -43.10 79.92 -90.98
C GLY WA 49 -44.12 81.05 -90.94
N GLY WA 50 -44.88 81.17 -92.03
CA GLY WA 50 -45.66 82.36 -92.29
C GLY WA 50 -44.86 83.35 -93.11
N GLY WA 51 -45.29 84.61 -93.05
CA GLY WA 51 -44.60 85.67 -93.75
C GLY WA 51 -43.57 86.37 -92.88
N ARG WA 52 -42.63 85.61 -92.34
CA ARG WA 52 -41.57 86.15 -91.51
C ARG WA 52 -40.23 85.64 -91.98
N LYS WA 53 -39.20 86.45 -91.72
CA LYS WA 53 -37.88 86.22 -92.29
C LYS WA 53 -36.84 86.30 -91.18
N ALA WA 54 -35.81 85.46 -91.29
CA ALA WA 54 -34.74 85.47 -90.32
C ALA WA 54 -33.40 85.60 -91.03
N ILE WA 55 -32.48 86.29 -90.35
CA ILE WA 55 -31.09 86.40 -90.76
C ILE WA 55 -30.26 85.68 -89.71
N ILE WA 56 -29.75 84.52 -90.08
CA ILE WA 56 -28.89 83.73 -89.20
C ILE WA 56 -27.44 84.06 -89.55
N ILE WA 57 -26.69 84.57 -88.58
CA ILE WA 57 -25.36 85.09 -88.84
C ILE WA 57 -24.34 84.27 -88.08
N PHE WA 58 -23.46 83.64 -88.85
CA PHE WA 58 -22.58 82.59 -88.41
C PHE WA 58 -21.22 83.24 -88.16
N VAL WA 59 -20.85 83.33 -86.89
CA VAL WA 59 -19.77 84.22 -86.46
C VAL WA 59 -18.65 83.34 -85.92
N PRO WA 60 -17.41 83.82 -85.82
CA PRO WA 60 -16.35 82.96 -85.27
C PRO WA 60 -16.58 82.66 -83.80
N VAL WA 61 -16.12 81.46 -83.39
CA VAL WA 61 -16.24 81.04 -82.00
C VAL WA 61 -15.44 81.91 -81.03
N PRO WA 62 -14.18 82.32 -81.28
CA PRO WA 62 -13.57 83.31 -80.35
C PRO WA 62 -14.22 84.69 -80.40
N GLN WA 63 -14.90 85.04 -81.49
CA GLN WA 63 -15.62 86.30 -81.55
C GLN WA 63 -17.00 86.23 -80.93
N LEU WA 64 -17.45 85.04 -80.49
CA LEU WA 64 -18.75 84.94 -79.85
C LEU WA 64 -18.75 85.61 -78.48
N LYS WA 65 -17.65 85.48 -77.74
CA LYS WA 65 -17.54 86.18 -76.46
C LYS WA 65 -17.48 87.69 -76.66
N SER WA 66 -16.90 88.12 -77.78
CA SER WA 66 -16.95 89.53 -78.15
C SER WA 66 -18.37 89.98 -78.47
N PHE WA 67 -19.14 89.15 -79.17
CA PHE WA 67 -20.50 89.54 -79.53
C PHE WA 67 -21.44 89.43 -78.34
N GLN WA 68 -21.01 88.72 -77.29
CA GLN WA 68 -21.80 88.55 -76.06
C GLN WA 68 -22.09 89.88 -75.39
N LYS WA 69 -21.10 90.78 -75.35
CA LYS WA 69 -21.31 92.08 -74.75
C LYS WA 69 -22.23 92.95 -75.59
N ILE WA 70 -22.15 92.87 -76.92
CA ILE WA 70 -22.71 93.91 -77.75
C ILE WA 70 -23.86 93.45 -78.64
N GLN WA 71 -24.40 92.24 -78.45
CA GLN WA 71 -25.56 91.81 -79.24
C GLN WA 71 -26.80 92.61 -78.92
N VAL WA 72 -26.84 93.25 -77.74
CA VAL WA 72 -27.94 94.09 -77.30
C VAL WA 72 -28.15 95.30 -78.22
N ARG WA 73 -27.06 95.93 -78.66
CA ARG WA 73 -27.16 97.11 -79.51
C ARG WA 73 -27.29 96.74 -80.98
N LEU WA 74 -26.54 95.70 -81.41
CA LEU WA 74 -26.52 95.27 -82.80
C LEU WA 74 -27.86 94.75 -83.34
N VAL WA 75 -28.62 94.00 -82.54
CA VAL WA 75 -29.92 93.55 -83.07
C VAL WA 75 -30.90 94.73 -83.17
N ARG WA 76 -30.78 95.71 -82.27
CA ARG WA 76 -31.62 96.90 -82.31
C ARG WA 76 -31.31 97.72 -83.55
N GLU WA 77 -30.03 97.84 -83.90
CA GLU WA 77 -29.69 98.61 -85.09
C GLU WA 77 -29.96 97.82 -86.38
N LEU WA 78 -29.79 96.51 -86.38
CA LEU WA 78 -30.10 95.70 -87.56
C LEU WA 78 -31.58 95.51 -87.81
N GLU WA 79 -32.43 95.62 -86.80
CA GLU WA 79 -33.86 95.58 -87.04
C GLU WA 79 -34.40 96.90 -87.58
N LYS WA 80 -33.60 97.96 -87.56
CA LYS WA 80 -33.89 99.17 -88.31
C LYS WA 80 -33.21 99.19 -89.67
N LYS WA 81 -32.07 98.50 -89.80
CA LYS WA 81 -31.45 98.34 -91.11
C LYS WA 81 -32.29 97.44 -92.02
N PHE WA 82 -32.79 96.32 -91.49
CA PHE WA 82 -33.74 95.44 -92.16
C PHE WA 82 -34.99 95.44 -91.29
N SER WA 83 -36.10 95.90 -91.86
CA SER WA 83 -37.26 96.38 -91.11
C SER WA 83 -37.94 95.33 -90.24
N GLY WA 84 -38.55 94.32 -90.84
CA GLY WA 84 -39.36 93.39 -90.09
C GLY WA 84 -38.83 91.99 -90.06
N LYS WA 85 -37.51 91.85 -90.04
CA LYS WA 85 -36.84 90.56 -90.13
C LYS WA 85 -35.95 90.36 -88.92
N HIS WA 86 -36.02 89.16 -88.32
CA HIS WA 86 -35.33 88.91 -87.07
C HIS WA 86 -33.89 88.49 -87.32
N VAL WA 87 -32.95 89.15 -86.64
CA VAL WA 87 -31.53 88.84 -86.76
C VAL WA 87 -31.10 88.04 -85.53
N VAL WA 88 -30.34 86.97 -85.76
CA VAL WA 88 -29.68 86.24 -84.69
C VAL WA 88 -28.22 86.05 -85.06
N PHE WA 89 -27.33 86.13 -84.06
CA PHE WA 89 -25.93 85.75 -84.24
C PHE WA 89 -25.74 84.42 -83.51
N ILE WA 90 -25.28 83.40 -84.23
CA ILE WA 90 -24.81 82.17 -83.61
C ILE WA 90 -23.38 81.93 -84.07
N ALA WA 91 -22.64 81.18 -83.27
CA ALA WA 91 -21.29 80.82 -83.69
C ALA WA 91 -21.35 79.71 -84.74
N GLN WA 92 -20.37 79.74 -85.64
CA GLN WA 92 -20.15 78.70 -86.64
C GLN WA 92 -19.24 77.66 -85.98
N ARG WA 93 -19.85 76.56 -85.54
CA ARG WA 93 -19.13 75.51 -84.84
C ARG WA 93 -19.00 74.28 -85.73
N ARG WA 94 -17.77 73.83 -85.92
CA ARG WA 94 -17.50 72.68 -86.75
C ARG WA 94 -17.91 71.42 -86.03
N ILE WA 95 -18.69 70.58 -86.70
CA ILE WA 95 -19.03 69.25 -86.22
C ILE WA 95 -18.07 68.26 -86.85
N LEU WA 96 -17.30 67.62 -86.05
CA LEU WA 96 -16.57 66.48 -86.55
C LEU WA 96 -17.40 65.21 -86.40
N PRO WA 97 -17.52 64.42 -87.46
CA PRO WA 97 -18.34 63.20 -87.39
C PRO WA 97 -17.77 62.17 -86.43
N LYS WA 98 -18.67 61.33 -85.91
CA LYS WA 98 -18.29 60.30 -84.97
C LYS WA 98 -17.40 59.27 -85.67
N PRO WA 99 -16.28 58.87 -85.06
CA PRO WA 99 -15.37 57.94 -85.75
C PRO WA 99 -15.96 56.54 -85.84
N THR WA 100 -15.96 56.01 -87.06
CA THR WA 100 -16.29 54.62 -87.31
C THR WA 100 -14.97 53.85 -87.41
N ARG WA 101 -15.05 52.57 -87.79
CA ARG WA 101 -13.83 51.78 -87.85
C ARG WA 101 -13.06 51.96 -89.15
N LYS WA 102 -13.75 52.31 -90.24
CA LYS WA 102 -13.05 52.52 -91.50
C LYS WA 102 -12.22 53.80 -91.46
N SER WA 103 -12.75 54.85 -90.84
CA SER WA 103 -12.03 56.10 -90.69
C SER WA 103 -10.97 55.99 -89.62
N LYS WA 108 -5.29 60.82 -87.57
CA LYS WA 108 -6.40 61.56 -87.00
C LYS WA 108 -6.22 61.64 -85.48
N GLN WA 109 -6.76 62.69 -84.87
CA GLN WA 109 -6.59 62.95 -83.46
C GLN WA 109 -7.81 62.46 -82.68
N LYS WA 110 -7.77 62.68 -81.37
CA LYS WA 110 -8.95 62.49 -80.54
C LYS WA 110 -9.96 63.58 -80.83
N ARG WA 111 -11.21 63.17 -81.06
CA ARG WA 111 -12.27 64.11 -81.36
C ARG WA 111 -12.77 64.72 -80.06
N PRO WA 112 -12.65 66.04 -79.87
CA PRO WA 112 -13.05 66.62 -78.59
C PRO WA 112 -14.56 66.69 -78.45
N ARG WA 113 -15.01 66.92 -77.21
CA ARG WA 113 -16.44 66.96 -76.94
C ARG WA 113 -17.09 68.21 -77.50
N SER WA 114 -16.30 69.28 -77.67
CA SER WA 114 -16.82 70.53 -78.21
C SER WA 114 -17.12 70.44 -79.71
N ARG WA 115 -16.70 69.36 -80.37
CA ARG WA 115 -16.97 69.16 -81.79
C ARG WA 115 -18.02 68.09 -82.04
N THR WA 116 -18.52 67.43 -81.00
CA THR WA 116 -19.58 66.44 -81.19
C THR WA 116 -20.89 67.15 -81.47
N LEU WA 117 -21.78 66.44 -82.17
CA LEU WA 117 -23.02 67.04 -82.65
C LEU WA 117 -23.98 67.35 -81.51
N THR WA 118 -23.85 66.67 -80.37
CA THR WA 118 -24.74 66.95 -79.24
C THR WA 118 -24.39 68.28 -78.57
N ALA WA 119 -23.13 68.46 -78.18
CA ALA WA 119 -22.72 69.71 -77.54
C ALA WA 119 -22.80 70.89 -78.48
N VAL WA 120 -22.52 70.67 -79.77
CA VAL WA 120 -22.65 71.76 -80.74
C VAL WA 120 -24.09 72.21 -80.85
N HIS WA 121 -25.05 71.29 -81.00
CA HIS WA 121 -26.46 71.65 -81.10
C HIS WA 121 -27.00 72.28 -79.82
N ASP WA 122 -26.54 71.82 -78.65
CA ASP WA 122 -26.85 72.53 -77.42
C ASP WA 122 -26.23 73.93 -77.37
N ALA WA 123 -25.13 74.17 -78.09
CA ALA WA 123 -24.61 75.53 -78.20
C ALA WA 123 -25.38 76.40 -79.20
N ILE WA 124 -25.87 75.85 -80.33
CA ILE WA 124 -26.82 76.59 -81.18
C ILE WA 124 -28.05 77.02 -80.40
N LEU WA 125 -28.57 76.14 -79.53
CA LEU WA 125 -29.73 76.50 -78.72
C LEU WA 125 -29.45 77.69 -77.78
N GLU WA 126 -28.31 77.65 -77.09
CA GLU WA 126 -27.95 78.71 -76.15
C GLU WA 126 -27.55 80.01 -76.83
N ASP WA 127 -26.95 79.94 -78.02
CA ASP WA 127 -26.70 81.15 -78.79
C ASP WA 127 -27.98 81.74 -79.36
N LEU WA 128 -28.95 80.87 -79.68
CA LEU WA 128 -30.21 81.32 -80.23
C LEU WA 128 -31.02 82.11 -79.22
N VAL WA 129 -31.19 81.57 -78.01
CA VAL WA 129 -31.78 82.36 -76.93
C VAL WA 129 -30.62 83.04 -76.19
N PHE WA 130 -30.17 84.17 -76.73
CA PHE WA 130 -29.11 84.87 -76.01
C PHE WA 130 -29.55 85.73 -74.83
N PRO WA 131 -30.50 86.70 -74.96
CA PRO WA 131 -30.75 87.59 -73.81
C PRO WA 131 -31.35 86.85 -72.63
N SER WA 132 -32.33 85.99 -72.88
CA SER WA 132 -32.72 85.02 -71.88
C SER WA 132 -31.67 83.91 -71.78
N GLU WA 133 -31.72 83.18 -70.68
CA GLU WA 133 -30.84 82.04 -70.47
C GLU WA 133 -31.72 80.80 -70.32
N ILE WA 134 -31.22 79.65 -70.77
CA ILE WA 134 -32.00 78.42 -70.69
C ILE WA 134 -32.13 78.00 -69.24
N VAL WA 135 -33.36 77.76 -68.80
CA VAL WA 135 -33.64 77.36 -67.44
C VAL WA 135 -33.88 75.85 -67.44
N GLY WA 136 -34.42 75.32 -68.54
CA GLY WA 136 -34.54 73.88 -68.61
C GLY WA 136 -34.86 73.26 -69.96
N LYS WA 137 -34.31 72.09 -70.23
CA LYS WA 137 -34.68 71.32 -71.42
C LYS WA 137 -35.53 70.13 -71.01
N ARG WA 138 -36.67 69.95 -71.69
CA ARG WA 138 -37.52 68.79 -71.46
C ARG WA 138 -37.90 68.21 -72.81
N ILE WA 139 -37.50 66.98 -73.08
CA ILE WA 139 -37.68 66.36 -74.38
C ILE WA 139 -38.89 65.44 -74.32
N ARG WA 140 -39.93 65.78 -75.08
CA ARG WA 140 -41.11 64.94 -75.22
C ARG WA 140 -40.85 63.94 -76.34
N VAL WA 141 -41.25 62.68 -76.13
CA VAL WA 141 -41.31 61.70 -77.20
C VAL WA 141 -42.76 61.30 -77.42
N LYS WA 142 -43.32 61.70 -78.57
CA LYS WA 142 -44.69 61.35 -78.91
C LYS WA 142 -44.79 59.90 -79.36
N LEU WA 143 -46.03 59.42 -79.47
CA LEU WA 143 -46.37 58.02 -79.72
C LEU WA 143 -45.82 57.49 -81.04
N ASP WA 144 -45.59 58.35 -82.02
CA ASP WA 144 -44.97 57.95 -83.27
C ASP WA 144 -43.45 58.04 -83.20
N GLY WA 145 -42.88 58.32 -82.02
CA GLY WA 145 -41.46 58.36 -81.76
C GLY WA 145 -40.76 59.64 -82.07
N SER WA 146 -41.47 60.62 -82.59
CA SER WA 146 -40.91 61.92 -82.86
C SER WA 146 -40.69 62.63 -81.54
N ARG WA 147 -39.60 63.39 -81.45
CA ARG WA 147 -39.27 64.11 -80.23
C ARG WA 147 -39.45 65.60 -80.44
N LEU WA 148 -40.03 66.24 -79.43
CA LEU WA 148 -40.18 67.69 -79.39
C LEU WA 148 -39.42 68.18 -78.18
N ILE WA 149 -38.36 68.95 -78.39
CA ILE WA 149 -37.68 69.58 -77.27
C ILE WA 149 -38.52 70.77 -76.82
N LYS WA 150 -38.58 71.01 -75.51
CA LYS WA 150 -39.20 72.20 -74.95
C LYS WA 150 -38.16 72.90 -74.10
N VAL WA 151 -37.89 74.17 -74.41
CA VAL WA 151 -36.89 74.96 -73.73
C VAL WA 151 -37.58 75.97 -72.83
N HIS WA 152 -37.35 75.85 -71.53
CA HIS WA 152 -37.83 76.80 -70.54
C HIS WA 152 -36.78 77.88 -70.35
N LEU WA 153 -37.24 79.13 -70.50
CA LEU WA 153 -36.42 80.34 -70.43
C LEU WA 153 -36.86 81.18 -69.24
N ASP WA 154 -35.94 81.97 -68.69
CA ASP WA 154 -36.23 82.71 -67.46
C ASP WA 154 -37.25 83.82 -67.71
N LYS WA 155 -37.92 84.24 -66.63
CA LYS WA 155 -38.91 85.31 -66.73
C LYS WA 155 -38.27 86.66 -67.03
N ALA WA 156 -37.01 86.85 -66.68
CA ALA WA 156 -36.29 88.04 -67.09
C ALA WA 156 -36.06 88.02 -68.60
N GLN WA 157 -36.02 89.21 -69.19
CA GLN WA 157 -35.89 89.45 -70.63
C GLN WA 157 -37.00 88.76 -71.45
N GLN WA 158 -38.17 88.54 -70.83
CA GLN WA 158 -39.28 87.93 -71.55
C GLN WA 158 -39.87 88.90 -72.57
N ASN WA 159 -39.79 90.20 -72.30
CA ASN WA 159 -40.23 91.19 -73.28
C ASN WA 159 -39.27 91.29 -74.44
N ASN WA 160 -38.01 90.91 -74.24
CA ASN WA 160 -36.98 90.93 -75.29
C ASN WA 160 -36.94 89.65 -76.11
N VAL WA 161 -37.39 88.52 -75.54
CA VAL WA 161 -37.23 87.24 -76.22
C VAL WA 161 -38.57 86.70 -76.70
N GLU WA 162 -39.66 87.10 -76.04
CA GLU WA 162 -40.98 86.48 -76.18
C GLU WA 162 -41.56 86.60 -77.59
N HIS WA 163 -41.27 87.68 -78.31
CA HIS WA 163 -41.81 87.83 -79.66
C HIS WA 163 -40.99 87.09 -80.71
N LYS WA 164 -39.84 86.53 -80.36
CA LYS WA 164 -38.99 85.82 -81.31
C LYS WA 164 -39.02 84.31 -81.16
N VAL WA 165 -39.97 83.76 -80.40
CA VAL WA 165 -39.88 82.36 -79.98
C VAL WA 165 -40.10 81.39 -81.15
N GLU WA 166 -41.12 81.65 -81.98
CA GLU WA 166 -41.34 80.77 -83.13
C GLU WA 166 -40.30 81.00 -84.22
N THR WA 167 -39.73 82.21 -84.27
CA THR WA 167 -38.56 82.45 -85.12
C THR WA 167 -37.38 81.59 -84.68
N PHE WA 168 -37.15 81.49 -83.37
CA PHE WA 168 -36.11 80.61 -82.84
C PHE WA 168 -36.39 79.16 -83.17
N SER WA 169 -37.66 78.75 -83.05
CA SER WA 169 -38.04 77.37 -83.37
C SER WA 169 -37.83 77.04 -84.85
N GLY WA 170 -38.21 77.94 -85.75
CA GLY WA 170 -37.99 77.74 -87.16
C GLY WA 170 -36.53 77.73 -87.57
N VAL WA 171 -35.74 78.63 -86.97
CA VAL WA 171 -34.31 78.68 -87.19
C VAL WA 171 -33.64 77.40 -86.71
N TYR WA 172 -34.02 76.92 -85.52
CA TYR WA 172 -33.46 75.67 -84.99
C TYR WA 172 -33.88 74.47 -85.83
N LYS WA 173 -35.11 74.50 -86.36
CA LYS WA 173 -35.56 73.45 -87.28
C LYS WA 173 -34.77 73.44 -88.57
N LYS WA 174 -34.41 74.63 -89.08
CA LYS WA 174 -33.56 74.69 -90.28
C LYS WA 174 -32.14 74.23 -89.99
N LEU WA 175 -31.58 74.64 -88.86
CA LEU WA 175 -30.17 74.39 -88.58
C LEU WA 175 -29.88 72.97 -88.14
N THR WA 176 -30.75 72.36 -87.34
CA THR WA 176 -30.50 71.05 -86.77
C THR WA 176 -31.51 69.98 -87.18
N GLY WA 177 -32.69 70.37 -87.63
CA GLY WA 177 -33.71 69.39 -87.96
C GLY WA 177 -34.45 68.86 -86.75
N LYS WA 178 -34.52 69.66 -85.69
CA LYS WA 178 -35.15 69.25 -84.45
C LYS WA 178 -36.32 70.17 -84.13
N ASP WA 179 -37.47 69.57 -83.87
CA ASP WA 179 -38.65 70.31 -83.43
C ASP WA 179 -38.44 70.79 -82.00
N VAL WA 180 -38.69 72.08 -81.76
CA VAL WA 180 -38.52 72.67 -80.44
C VAL WA 180 -39.63 73.70 -80.21
N ASN WA 181 -40.07 73.81 -78.96
CA ASN WA 181 -40.95 74.87 -78.49
C ASN WA 181 -40.24 75.63 -77.38
N PHE WA 182 -40.63 76.90 -77.20
CA PHE WA 182 -40.02 77.77 -76.21
C PHE WA 182 -41.09 78.28 -75.26
N GLU WA 183 -40.82 78.18 -73.96
CA GLU WA 183 -41.81 78.49 -72.95
C GLU WA 183 -41.14 79.21 -71.79
N PHE WA 184 -41.94 79.93 -71.02
CA PHE WA 184 -41.46 80.62 -69.83
C PHE WA 184 -42.17 80.09 -68.60
N PRO WA 185 -41.48 79.36 -67.72
CA PRO WA 185 -42.13 78.89 -66.49
C PRO WA 185 -42.35 79.99 -65.47
N GLU WA 186 -43.38 79.79 -64.65
CA GLU WA 186 -43.57 80.55 -63.42
C GLU WA 186 -42.96 79.83 -62.22
N PHE WA 187 -41.88 79.09 -62.45
CA PHE WA 187 -41.33 78.15 -61.49
C PHE WA 187 -40.47 78.84 -60.43
N GLN WA 188 -39.39 79.50 -60.84
CA GLN WA 188 -38.43 80.04 -59.88
C GLN WA 188 -38.42 81.56 -59.84
N LEU WA 189 -38.09 82.21 -60.95
CA LEU WA 189 -38.07 83.67 -61.09
C LEU WA 189 -38.15 84.06 -62.56
N GLY XA 1 18.16 2.59 -77.76
CA GLY XA 1 19.36 2.76 -76.95
C GLY XA 1 19.49 4.17 -76.44
N ILE XA 2 20.47 4.90 -76.98
CA ILE XA 2 20.51 6.34 -76.78
C ILE XA 2 19.33 6.96 -77.50
N SER XA 3 18.60 7.82 -76.81
CA SER XA 3 17.37 8.37 -77.35
C SER XA 3 17.46 9.87 -77.49
N ARG XA 4 16.79 10.40 -78.50
CA ARG XA 4 16.59 11.85 -78.66
C ARG XA 4 15.08 12.08 -78.57
N ASP XA 5 14.59 12.23 -77.36
CA ASP XA 5 13.16 12.36 -77.13
C ASP XA 5 12.84 13.50 -76.18
N ASN XA 6 11.66 14.09 -76.38
CA ASN XA 6 11.20 15.14 -75.50
C ASN XA 6 10.45 14.63 -74.30
N TRP XA 7 9.96 13.40 -74.36
CA TRP XA 7 9.09 12.88 -73.31
C TRP XA 7 9.84 12.21 -72.17
N HIS XA 8 11.16 12.08 -72.25
CA HIS XA 8 11.93 11.60 -71.13
C HIS XA 8 12.22 12.68 -70.11
N LYS XA 9 11.87 13.93 -70.41
CA LYS XA 9 12.23 15.04 -69.56
C LYS XA 9 10.98 15.84 -69.21
N ARG XA 10 11.16 16.78 -68.27
CA ARG XA 10 10.04 17.44 -67.62
C ARG XA 10 9.35 18.41 -68.56
N ARG XA 11 8.17 18.85 -68.15
CA ARG XA 11 7.34 19.75 -68.92
C ARG XA 11 7.82 21.19 -68.74
N LYS XA 12 7.12 22.14 -69.37
CA LYS XA 12 7.47 23.55 -69.22
C LYS XA 12 7.12 24.06 -67.82
N THR XA 13 6.21 23.37 -67.13
CA THR XA 13 5.83 23.77 -65.78
C THR XA 13 6.65 23.04 -64.73
N GLY XA 14 7.60 22.21 -65.15
CA GLY XA 14 8.46 21.50 -64.23
C GLY XA 14 7.92 20.17 -63.77
N GLY XA 15 6.70 19.80 -64.16
CA GLY XA 15 6.17 18.51 -63.80
C GLY XA 15 6.76 17.38 -64.62
N LYS XA 16 6.61 16.16 -64.14
CA LYS XA 16 7.19 15.00 -64.79
C LYS XA 16 6.21 14.34 -65.75
N ARG XA 17 6.66 14.12 -66.97
CA ARG XA 17 5.91 13.36 -67.96
C ARG XA 17 5.93 11.87 -67.66
N LYS XA 18 4.80 11.22 -67.91
CA LYS XA 18 4.73 9.76 -67.90
C LYS XA 18 4.72 9.29 -69.34
N PRO XA 19 5.63 8.40 -69.73
CA PRO XA 19 5.71 7.99 -71.15
C PRO XA 19 4.55 7.08 -71.53
N TYR XA 20 4.06 7.27 -72.75
CA TYR XA 20 2.96 6.47 -73.25
C TYR XA 20 3.40 5.39 -74.24
N HIS XA 21 4.63 5.45 -74.72
CA HIS XA 21 5.21 4.38 -75.52
C HIS XA 21 6.65 4.16 -75.09
N LYS XA 22 7.19 3.02 -75.49
CA LYS XA 22 8.60 2.73 -75.22
C LYS XA 22 9.47 3.44 -76.25
N LYS XA 23 10.76 3.12 -76.27
CA LYS XA 23 11.68 3.79 -77.18
C LYS XA 23 11.42 3.37 -78.62
N ARG XA 24 11.22 4.35 -79.48
CA ARG XA 24 11.00 4.13 -80.90
C ARG XA 24 12.33 4.23 -81.64
N LYS XA 25 12.39 3.64 -82.82
CA LYS XA 25 13.64 3.67 -83.57
C LYS XA 25 13.88 5.04 -84.20
N TYR XA 26 12.82 5.75 -84.59
CA TYR XA 26 13.03 7.04 -85.26
C TYR XA 26 13.53 8.14 -84.32
N GLU XA 27 13.48 7.92 -83.00
CA GLU XA 27 14.02 8.87 -82.03
C GLU XA 27 15.40 8.44 -81.53
N LEU XA 28 16.15 7.70 -82.34
CA LEU XA 28 17.36 7.08 -81.81
C LEU XA 28 18.48 8.09 -81.70
N GLY XA 29 19.47 7.75 -80.89
CA GLY XA 29 20.72 8.45 -80.90
C GLY XA 29 21.85 7.48 -81.19
N ARG XA 30 22.96 8.02 -81.65
CA ARG XA 30 24.13 7.22 -81.98
C ARG XA 30 25.35 7.84 -81.33
N PRO XA 31 26.36 7.03 -81.00
CA PRO XA 31 27.57 7.56 -80.35
C PRO XA 31 28.34 8.52 -81.25
N ALA XA 32 29.05 9.45 -80.61
CA ALA XA 32 29.76 10.51 -81.33
C ALA XA 32 30.94 9.95 -82.11
N ALA XA 33 31.26 10.61 -83.21
CA ALA XA 33 32.42 10.22 -84.03
C ALA XA 33 33.72 10.48 -83.29
N ASN XA 34 33.87 11.69 -82.74
CA ASN XA 34 35.08 12.19 -82.11
C ASN XA 34 36.27 12.10 -83.07
N THR XA 35 36.16 12.85 -84.16
CA THR XA 35 37.10 12.79 -85.27
C THR XA 35 38.47 13.32 -84.85
N LYS XA 36 39.49 12.47 -84.96
CA LYS XA 36 40.84 12.81 -84.56
C LYS XA 36 41.67 13.17 -85.79
N ILE XA 37 42.88 13.64 -85.54
CA ILE XA 37 43.83 13.94 -86.60
C ILE XA 37 44.78 12.76 -86.75
N GLY XA 38 44.82 12.19 -87.94
CA GLY XA 38 45.67 11.06 -88.22
C GLY XA 38 45.33 10.47 -89.57
N PRO XA 39 45.86 9.29 -89.88
CA PRO XA 39 45.55 8.63 -91.15
C PRO XA 39 44.07 8.30 -91.28
N ARG XA 40 43.57 8.36 -92.52
CA ARG XA 40 42.14 8.46 -92.76
C ARG XA 40 41.43 7.16 -92.45
N ARG XA 41 40.50 7.21 -91.49
CA ARG XA 41 39.57 6.12 -91.21
C ARG XA 41 38.18 6.72 -91.13
N ILE XA 42 37.29 6.26 -92.00
CA ILE XA 42 35.92 6.75 -92.06
C ILE XA 42 35.01 5.54 -92.18
N HIS XA 43 34.23 5.27 -91.14
CA HIS XA 43 33.23 4.22 -91.16
C HIS XA 43 31.93 4.80 -91.71
N THR XA 44 31.06 3.95 -92.23
CA THR XA 44 29.80 4.40 -92.81
C THR XA 44 28.61 3.82 -92.05
N VAL XA 45 27.67 4.69 -91.73
CA VAL XA 45 26.48 4.33 -90.95
C VAL XA 45 25.27 4.38 -91.87
N ARG XA 46 24.46 3.32 -91.83
CA ARG XA 46 23.19 3.32 -92.53
C ARG XA 46 22.16 4.05 -91.68
N VAL XA 47 21.58 5.11 -92.23
CA VAL XA 47 20.67 5.97 -91.47
C VAL XA 47 19.26 5.87 -92.05
N ARG XA 48 18.33 6.62 -91.45
CA ARG XA 48 16.93 6.58 -91.84
C ARG XA 48 16.73 7.01 -93.30
N GLY XA 49 15.92 6.24 -94.02
CA GLY XA 49 15.69 6.47 -95.43
C GLY XA 49 16.61 5.69 -96.34
N GLY XA 50 17.44 4.80 -95.80
CA GLY XA 50 18.37 4.04 -96.59
C GLY XA 50 19.64 4.77 -96.94
N ASN XA 51 19.82 5.99 -96.46
CA ASN XA 51 21.00 6.78 -96.79
C ASN XA 51 22.18 6.33 -95.96
N LYS XA 52 23.35 6.91 -96.23
CA LYS XA 52 24.55 6.59 -95.49
C LYS XA 52 25.27 7.87 -95.05
N LYS XA 53 25.66 7.88 -93.79
CA LYS XA 53 26.49 8.93 -93.20
C LYS XA 53 27.93 8.43 -93.11
N TYR XA 54 28.87 9.36 -93.08
CA TYR XA 54 30.30 9.05 -93.05
C TYR XA 54 30.86 9.50 -91.71
N ARG XA 55 30.95 8.56 -90.77
CA ARG XA 55 31.62 8.78 -89.50
C ARG XA 55 33.12 8.85 -89.70
N ALA XA 56 33.68 10.05 -89.77
CA ALA XA 56 35.13 10.21 -89.79
C ALA XA 56 35.63 10.01 -88.38
N LEU XA 57 36.52 9.02 -88.19
CA LEU XA 57 37.05 8.74 -86.87
C LEU XA 57 38.49 9.24 -86.75
N ARG XA 58 39.16 9.39 -87.88
CA ARG XA 58 40.49 9.96 -87.97
C ARG XA 58 40.67 10.53 -89.36
N LEU XA 59 41.19 11.75 -89.44
CA LEU XA 59 41.09 12.50 -90.69
C LEU XA 59 42.17 13.56 -90.74
N ASP XA 60 42.95 13.59 -91.83
CA ASP XA 60 44.17 14.39 -91.92
C ASP XA 60 44.11 15.55 -92.90
N VAL XA 61 43.44 15.40 -94.03
CA VAL XA 61 43.35 16.45 -95.04
C VAL XA 61 41.96 17.07 -94.97
N GLY XA 62 41.80 18.16 -95.71
CA GLY XA 62 40.50 18.79 -95.84
C GLY XA 62 40.56 19.88 -96.88
N ASN XA 63 39.39 20.25 -97.39
CA ASN XA 63 39.25 21.27 -98.42
C ASN XA 63 39.07 22.62 -97.71
N PHE XA 64 40.10 23.45 -97.74
CA PHE XA 64 40.06 24.72 -97.04
C PHE XA 64 40.13 25.88 -98.02
N SER XA 65 39.32 26.90 -97.76
CA SER XA 65 39.11 28.00 -98.69
C SER XA 65 39.75 29.27 -98.19
N TRP XA 66 40.63 29.84 -99.02
CA TRP XA 66 41.13 31.19 -98.87
C TRP XA 66 40.12 32.07 -99.58
N GLY XA 67 39.21 32.68 -98.80
CA GLY XA 67 38.05 33.32 -99.38
C GLY XA 67 38.36 34.62 -100.09
N SER XA 68 39.37 35.36 -99.60
CA SER XA 68 39.71 36.65 -100.17
C SER XA 68 40.33 36.54 -101.55
N GLU XA 69 40.81 35.36 -101.92
CA GLU XA 69 41.32 35.11 -103.26
C GLU XA 69 40.53 34.04 -104.00
N CYS XA 70 39.56 33.42 -103.34
CA CYS XA 70 38.78 32.27 -103.83
C CYS XA 70 39.71 31.15 -104.28
N CYS XA 71 40.47 30.64 -103.32
CA CYS XA 71 41.43 29.56 -103.56
C CYS XA 71 41.24 28.51 -102.48
N THR XA 72 40.50 27.46 -102.79
CA THR XA 72 40.36 26.33 -101.86
C THR XA 72 41.24 25.20 -102.34
N ARG XA 73 41.93 24.57 -101.40
CA ARG XA 73 42.87 23.51 -101.71
C ARG XA 73 42.68 22.36 -100.74
N LYS XA 74 43.08 21.17 -101.17
CA LYS XA 74 43.20 20.05 -100.26
C LYS XA 74 44.48 20.21 -99.46
N THR XA 75 44.33 20.26 -98.14
CA THR XA 75 45.35 20.80 -97.25
C THR XA 75 45.46 19.89 -96.04
N ARG XA 76 46.67 19.68 -95.55
CA ARG XA 76 46.92 18.78 -94.42
C ARG XA 76 46.63 19.52 -93.12
N ILE XA 77 45.68 19.00 -92.36
CA ILE XA 77 45.36 19.56 -91.06
C ILE XA 77 46.39 19.09 -90.04
N ILE XA 78 47.05 20.04 -89.39
CA ILE XA 78 48.13 19.75 -88.48
C ILE XA 78 47.66 19.71 -87.04
N ASP XA 79 46.95 20.74 -86.60
CA ASP XA 79 46.69 20.88 -85.17
C ASP XA 79 45.28 21.39 -84.93
N VAL XA 80 44.80 21.24 -83.70
CA VAL XA 80 43.56 21.86 -83.25
C VAL XA 80 43.90 22.79 -82.10
N VAL XA 81 43.66 24.08 -82.27
CA VAL XA 81 44.19 25.09 -81.36
C VAL XA 81 43.11 25.83 -80.58
N TYR XA 82 41.84 25.68 -80.94
CA TYR XA 82 40.76 26.32 -80.21
C TYR XA 82 39.48 25.55 -80.49
N ASN XA 83 38.60 25.49 -79.49
CA ASN XA 83 37.25 25.01 -79.70
C ASN XA 83 36.31 25.90 -78.90
N ALA XA 84 35.24 26.36 -79.54
CA ALA XA 84 34.28 27.24 -78.90
C ALA XA 84 33.39 26.54 -77.88
N SER XA 85 33.35 25.21 -77.89
CA SER XA 85 32.50 24.48 -76.97
C SER XA 85 33.26 24.05 -75.72
N ASN XA 86 34.37 23.32 -75.91
CA ASN XA 86 35.05 22.66 -74.82
C ASN XA 86 36.54 22.93 -74.93
N ASN XA 87 37.24 22.89 -73.81
CA ASN XA 87 38.70 22.93 -73.87
C ASN XA 87 39.30 21.54 -73.85
N GLU XA 88 38.47 20.52 -73.58
CA GLU XA 88 38.86 19.14 -73.74
C GLU XA 88 39.06 18.77 -75.20
N LEU XA 89 38.31 19.43 -76.10
CA LEU XA 89 38.39 19.17 -77.52
C LEU XA 89 39.54 19.90 -78.18
N VAL XA 90 40.35 20.62 -77.41
CA VAL XA 90 41.63 21.12 -77.84
C VAL XA 90 42.77 20.24 -77.32
N ARG XA 91 42.61 19.69 -76.11
CA ARG XA 91 43.57 18.74 -75.57
C ARG XA 91 43.56 17.45 -76.39
N THR XA 92 42.41 16.77 -76.43
CA THR XA 92 42.21 15.71 -77.41
C THR XA 92 41.89 16.40 -78.73
N LYS XA 93 42.73 16.23 -79.74
CA LYS XA 93 42.65 17.02 -80.96
C LYS XA 93 41.45 16.54 -81.78
N THR XA 94 40.27 17.00 -81.37
CA THR XA 94 39.02 16.56 -81.96
C THR XA 94 38.61 17.51 -83.07
N LEU XA 95 38.34 16.96 -84.25
CA LEU XA 95 37.82 17.73 -85.37
C LEU XA 95 36.31 17.73 -85.27
N VAL XA 96 35.74 18.90 -85.01
CA VAL XA 96 34.30 19.12 -85.00
C VAL XA 96 34.01 20.34 -85.86
N LYS XA 97 32.73 20.67 -86.00
CA LYS XA 97 32.36 21.88 -86.71
C LYS XA 97 32.71 23.10 -85.85
N ASN XA 98 33.12 24.18 -86.53
CA ASN XA 98 33.49 25.46 -85.92
C ASN XA 98 34.60 25.32 -84.87
N CYS XA 99 35.55 24.43 -85.11
CA CYS XA 99 36.76 24.40 -84.31
C CYS XA 99 37.89 24.99 -85.14
N ILE XA 100 38.85 25.59 -84.45
CA ILE XA 100 39.97 26.25 -85.10
C ILE XA 100 41.13 25.27 -85.22
N VAL XA 101 41.58 25.07 -86.45
CA VAL XA 101 42.66 24.15 -86.77
C VAL XA 101 43.83 24.96 -87.29
N LEU XA 102 45.00 24.32 -87.27
CA LEU XA 102 46.20 24.81 -87.92
C LEU XA 102 46.51 23.90 -89.09
N ILE XA 103 46.64 24.50 -90.28
CA ILE XA 103 46.85 23.80 -91.53
C ILE XA 103 48.15 24.29 -92.15
N ASP XA 104 48.72 23.50 -93.06
CA ASP XA 104 49.94 23.96 -93.71
C ASP XA 104 49.65 24.88 -94.89
N SER XA 105 50.45 25.92 -95.02
CA SER XA 105 50.21 26.98 -95.99
C SER XA 105 50.86 26.71 -97.33
N THR XA 106 51.31 25.48 -97.57
CA THR XA 106 52.06 25.16 -98.78
C THR XA 106 51.26 25.32 -100.08
N PRO XA 107 50.02 24.80 -100.24
CA PRO XA 107 49.32 25.05 -101.51
C PRO XA 107 48.92 26.50 -101.71
N TYR XA 108 48.65 27.24 -100.64
CA TYR XA 108 48.27 28.64 -100.79
C TYR XA 108 49.46 29.51 -101.14
N ARG XA 109 50.63 29.23 -100.56
CA ARG XA 109 51.86 29.89 -101.01
C ARG XA 109 52.17 29.53 -102.46
N GLN XA 110 51.95 28.27 -102.83
CA GLN XA 110 52.19 27.81 -104.21
C GLN XA 110 51.30 28.53 -105.21
N TRP XA 111 50.00 28.63 -104.92
CA TRP XA 111 49.06 29.37 -105.76
C TRP XA 111 49.36 30.86 -105.78
N TYR XA 112 49.75 31.44 -104.64
CA TYR XA 112 50.07 32.86 -104.58
C TYR XA 112 51.29 33.19 -105.44
N GLU XA 113 52.33 32.38 -105.38
CA GLU XA 113 53.51 32.64 -106.20
C GLU XA 113 53.27 32.26 -107.65
N SER XA 114 52.28 31.39 -107.92
CA SER XA 114 51.99 31.11 -109.32
C SER XA 114 50.97 32.07 -109.91
N HIS XA 115 50.33 32.91 -109.10
CA HIS XA 115 49.29 33.79 -109.62
C HIS XA 115 49.65 35.26 -109.56
N TYR XA 116 50.25 35.73 -108.47
CA TYR XA 116 50.67 37.13 -108.39
C TYR XA 116 52.14 37.32 -108.68
N ALA XA 117 52.91 36.22 -108.77
CA ALA XA 117 54.35 36.22 -109.07
C ALA XA 117 55.15 37.08 -108.09
N LEU XA 118 54.83 36.97 -106.80
CA LEU XA 118 55.53 37.62 -105.71
C LEU XA 118 55.74 36.62 -104.58
N PRO XA 119 56.81 36.77 -103.81
CA PRO XA 119 57.08 35.77 -102.75
C PRO XA 119 56.25 35.99 -101.50
N LEU XA 120 55.82 34.89 -100.91
CA LEU XA 120 55.02 34.89 -99.68
C LEU XA 120 55.73 34.01 -98.64
N GLY XA 121 55.85 34.53 -97.42
CA GLY XA 121 56.71 33.87 -96.45
C GLY XA 121 58.15 34.18 -96.82
N ARG XA 122 59.01 33.15 -96.79
CA ARG XA 122 60.29 33.14 -97.47
C ARG XA 122 61.27 34.23 -97.03
N LYS XA 123 61.84 34.07 -95.83
CA LYS XA 123 62.89 34.93 -95.26
C LYS XA 123 63.95 35.30 -96.29
N LYS XA 124 64.32 36.58 -96.30
CA LYS XA 124 65.05 37.15 -97.41
C LYS XA 124 66.50 36.67 -97.45
N GLY XA 125 66.86 35.97 -98.53
CA GLY XA 125 68.20 35.50 -98.77
C GLY XA 125 68.29 34.03 -99.17
N ALA XA 126 67.32 33.22 -98.75
CA ALA XA 126 67.36 31.79 -98.98
C ALA XA 126 66.37 31.42 -100.08
N LYS XA 127 66.80 30.50 -100.95
CA LYS XA 127 66.02 30.14 -102.13
C LYS XA 127 66.29 28.68 -102.47
N LEU XA 128 65.37 28.10 -103.24
CA LEU XA 128 65.38 26.69 -103.60
C LEU XA 128 66.38 26.46 -104.73
N THR XA 129 67.44 25.71 -104.44
CA THR XA 129 68.55 25.55 -105.37
C THR XA 129 68.30 24.73 -106.66
N PRO XA 130 67.20 23.99 -106.86
CA PRO XA 130 66.89 23.61 -108.25
C PRO XA 130 66.16 24.70 -109.04
N GLU XA 131 66.04 25.92 -108.50
CA GLU XA 131 65.61 27.18 -109.13
C GLU XA 131 64.26 27.19 -109.85
N GLU XA 132 63.43 26.13 -109.79
CA GLU XA 132 62.13 26.22 -110.46
C GLU XA 132 61.18 27.17 -109.75
N GLU XA 133 61.48 27.51 -108.48
CA GLU XA 133 60.90 28.68 -107.83
C GLU XA 133 61.17 29.95 -108.62
N GLU XA 134 62.37 30.11 -109.18
CA GLU XA 134 62.70 31.29 -109.97
C GLU XA 134 62.20 31.18 -111.42
N ILE XA 135 62.00 29.96 -111.94
CA ILE XA 135 61.18 29.85 -113.16
C ILE XA 135 59.71 30.27 -112.94
N LEU XA 136 59.08 29.88 -111.82
CA LEU XA 136 57.68 30.22 -111.56
C LEU XA 136 57.42 31.71 -111.37
N ASN XA 137 58.44 32.51 -111.09
CA ASN XA 137 58.22 33.92 -110.88
C ASN XA 137 58.65 34.77 -112.08
N LYS XA 138 59.62 34.33 -112.89
CA LYS XA 138 60.28 35.18 -113.87
C LYS XA 138 60.16 34.61 -115.29
N LYS XA 139 60.67 35.40 -116.24
CA LYS XA 139 60.61 35.13 -117.68
C LYS XA 139 59.16 34.97 -118.16
N ARG XA 140 58.45 36.08 -118.16
CA ARG XA 140 57.20 36.20 -118.89
C ARG XA 140 57.49 36.87 -120.24
N SER XA 141 56.45 37.17 -120.99
CA SER XA 141 56.58 38.02 -122.18
C SER XA 141 56.41 39.47 -121.74
N LYS XA 142 56.21 40.38 -122.69
CA LYS XA 142 55.90 41.75 -122.29
C LYS XA 142 54.43 41.89 -121.90
N LYS XA 143 53.52 41.38 -122.74
CA LYS XA 143 52.09 41.53 -122.51
C LYS XA 143 51.62 40.73 -121.30
N ILE XA 144 52.15 39.53 -121.09
CA ILE XA 144 51.73 38.73 -119.95
C ILE XA 144 52.31 39.24 -118.63
N GLN XA 145 53.57 39.70 -118.63
CA GLN XA 145 54.10 40.40 -117.46
C GLN XA 145 53.33 41.70 -117.18
N LYS XA 146 52.75 42.32 -118.21
CA LYS XA 146 51.84 43.43 -117.96
C LYS XA 146 50.59 42.99 -117.20
N LYS XA 147 50.06 41.80 -117.50
CA LYS XA 147 48.92 41.25 -116.75
C LYS XA 147 49.30 40.99 -115.29
N TYR XA 148 50.49 40.42 -115.08
CA TYR XA 148 50.94 40.20 -113.70
C TYR XA 148 51.22 41.50 -112.97
N ASP XA 149 51.75 42.52 -113.67
CA ASP XA 149 51.90 43.85 -113.10
C ASP XA 149 50.57 44.49 -112.76
N GLU XA 150 49.53 44.24 -113.55
CA GLU XA 150 48.17 44.63 -113.17
C GLU XA 150 47.73 43.93 -111.89
N ARG XA 151 48.07 42.65 -111.74
CA ARG XA 151 47.68 41.92 -110.55
C ARG XA 151 48.49 42.32 -109.32
N LYS XA 152 49.67 42.91 -109.52
CA LYS XA 152 50.59 43.19 -108.41
C LYS XA 152 50.19 44.39 -107.54
N LYS XA 153 49.18 45.15 -107.95
CA LYS XA 153 48.63 46.17 -107.07
C LYS XA 153 47.77 45.58 -105.96
N ASN XA 154 46.98 44.54 -106.27
CA ASN XA 154 46.08 43.90 -105.33
C ASN XA 154 46.76 42.73 -104.64
N ALA XA 155 48.07 42.79 -104.49
CA ALA XA 155 48.84 41.69 -103.95
C ALA XA 155 49.24 41.85 -102.49
N LYS XA 156 48.94 43.00 -101.88
CA LYS XA 156 49.24 43.17 -100.46
C LYS XA 156 48.15 42.47 -99.66
N ILE XA 157 48.46 41.27 -99.18
CA ILE XA 157 47.58 40.55 -98.26
C ILE XA 157 47.81 41.10 -96.86
N SER XA 158 46.96 40.72 -95.92
CA SER XA 158 47.02 41.30 -94.59
C SER XA 158 48.25 40.83 -93.82
N SER XA 159 48.70 41.70 -92.91
CA SER XA 159 49.89 41.46 -92.09
C SER XA 159 49.74 40.29 -91.15
N LEU XA 160 48.52 39.95 -90.74
CA LEU XA 160 48.35 38.73 -89.97
C LEU XA 160 48.41 37.50 -90.85
N LEU XA 161 47.97 37.61 -92.10
CA LEU XA 161 48.06 36.48 -93.01
C LEU XA 161 49.51 36.18 -93.37
N GLU XA 162 50.31 37.21 -93.65
CA GLU XA 162 51.68 36.97 -94.08
C GLU XA 162 52.57 36.52 -92.93
N GLU XA 163 52.22 36.88 -91.69
CA GLU XA 163 52.99 36.33 -90.58
C GLU XA 163 52.65 34.87 -90.34
N GLN XA 164 51.49 34.38 -90.76
CA GLN XA 164 51.27 32.94 -90.66
C GLN XA 164 51.83 32.20 -91.85
N PHE XA 165 51.92 32.88 -92.99
CA PHE XA 165 52.60 32.30 -94.14
C PHE XA 165 54.09 32.17 -93.91
N GLN XA 166 54.68 33.04 -93.08
CA GLN XA 166 56.11 32.93 -92.78
C GLN XA 166 56.41 31.73 -91.86
N GLN XA 167 55.63 31.50 -90.81
CA GLN XA 167 55.71 30.28 -90.00
C GLN XA 167 55.07 29.06 -90.64
N GLY XA 168 54.39 29.21 -91.77
CA GLY XA 168 53.97 28.07 -92.56
C GLY XA 168 52.69 27.40 -92.12
N LYS XA 169 52.04 27.88 -91.06
CA LYS XA 169 50.79 27.32 -90.59
C LYS XA 169 49.72 28.41 -90.57
N LEU XA 170 48.65 28.18 -91.33
CA LEU XA 170 47.49 29.07 -91.34
C LEU XA 170 46.43 28.60 -90.35
N LEU XA 171 45.79 29.56 -89.72
CA LEU XA 171 44.63 29.30 -88.87
C LEU XA 171 43.41 29.15 -89.76
N ALA XA 172 42.62 28.11 -89.52
CA ALA XA 172 41.39 27.90 -90.27
C ALA XA 172 40.29 27.46 -89.32
N CYS XA 173 39.05 27.60 -89.79
CA CYS XA 173 37.89 27.15 -89.06
C CYS XA 173 37.20 26.05 -89.85
N ILE XA 174 36.81 24.98 -89.16
CA ILE XA 174 36.06 23.91 -89.82
C ILE XA 174 34.62 24.36 -90.04
N ALA XA 175 34.14 24.23 -91.27
CA ALA XA 175 32.77 24.63 -91.59
C ALA XA 175 31.84 23.44 -91.80
N SER XA 176 32.37 22.31 -92.25
CA SER XA 176 31.55 21.11 -92.39
C SER XA 176 31.48 20.38 -91.04
N ARG XA 177 30.63 19.36 -90.99
CA ARG XA 177 30.53 18.49 -89.83
C ARG XA 177 31.22 17.18 -90.14
N PRO XA 178 32.42 16.93 -89.62
CA PRO XA 178 33.15 15.71 -89.98
C PRO XA 178 32.52 14.43 -89.48
N GLY XA 179 31.69 14.50 -88.45
CA GLY XA 179 30.98 13.30 -88.02
C GLY XA 179 29.75 12.97 -88.84
N GLN XA 180 29.39 13.83 -89.79
CA GLN XA 180 28.19 13.62 -90.60
C GLN XA 180 28.46 13.56 -92.09
N CYS XA 181 29.45 14.31 -92.59
CA CYS XA 181 29.78 14.29 -94.00
C CYS XA 181 31.07 13.55 -94.28
N GLY XA 182 31.88 13.27 -93.27
CA GLY XA 182 33.15 12.62 -93.51
C GLY XA 182 34.23 13.51 -94.09
N ARG XA 183 34.01 14.82 -94.11
CA ARG XA 183 34.97 15.79 -94.60
C ARG XA 183 35.21 16.84 -93.52
N ALA XA 184 36.42 17.38 -93.53
CA ALA XA 184 36.81 18.43 -92.60
C ALA XA 184 37.08 19.72 -93.35
N ASP XA 185 36.18 20.04 -94.26
CA ASP XA 185 36.32 21.25 -95.06
C ASP XA 185 36.09 22.49 -94.21
N GLY XA 186 36.66 23.60 -94.65
CA GLY XA 186 36.54 24.83 -93.89
C GLY XA 186 37.12 26.01 -94.63
N TYR XA 187 37.39 27.07 -93.86
CA TYR XA 187 37.86 28.32 -94.45
C TYR XA 187 38.95 28.92 -93.59
N VAL XA 188 39.88 29.62 -94.24
CA VAL XA 188 41.01 30.22 -93.56
C VAL XA 188 40.53 31.46 -92.81
N LEU XA 189 40.97 31.61 -91.56
CA LEU XA 189 40.62 32.77 -90.75
C LEU XA 189 41.23 34.04 -91.33
N GLU XA 190 40.41 35.09 -91.39
CA GLU XA 190 40.82 36.36 -91.99
C GLU XA 190 40.07 37.48 -91.30
N GLY XA 191 40.75 38.62 -91.18
CA GLY XA 191 40.09 39.81 -90.69
C GLY XA 191 39.90 39.80 -89.19
N LYS XA 192 38.81 40.43 -88.74
CA LYS XA 192 38.51 40.57 -87.32
C LYS XA 192 38.17 39.24 -86.67
N GLU XA 193 37.68 38.27 -87.45
CA GLU XA 193 37.53 36.91 -86.94
C GLU XA 193 38.88 36.31 -86.58
N LEU XA 194 39.88 36.53 -87.42
CA LEU XA 194 41.22 36.06 -87.15
C LEU XA 194 41.84 36.79 -85.96
N GLU XA 195 41.56 38.10 -85.84
CA GLU XA 195 41.98 38.85 -84.64
C GLU XA 195 41.36 38.30 -83.37
N PHE XA 196 40.05 38.02 -83.41
CA PHE XA 196 39.32 37.52 -82.25
C PHE XA 196 39.83 36.16 -81.81
N TYR XA 197 40.08 35.27 -82.77
CA TYR XA 197 40.58 33.95 -82.39
C TYR XA 197 42.05 33.98 -82.00
N LEU XA 198 42.86 34.86 -82.58
CA LEU XA 198 44.24 35.01 -82.11
C LEU XA 198 44.29 35.54 -80.68
N ARG XA 199 43.40 36.49 -80.34
CA ARG XA 199 43.29 36.97 -78.98
C ARG XA 199 42.84 35.86 -78.03
N LYS XA 200 41.87 35.03 -78.46
CA LYS XA 200 41.38 33.95 -77.62
C LYS XA 200 42.47 32.90 -77.35
N ILE XA 201 43.24 32.53 -78.38
CA ILE XA 201 44.34 31.57 -78.21
C ILE XA 201 45.44 32.17 -77.33
N LYS XA 202 45.78 33.45 -77.55
CA LYS XA 202 46.82 34.11 -76.77
C LYS XA 202 46.42 34.25 -75.30
N ALA XA 203 45.17 34.59 -75.02
CA ALA XA 203 44.68 34.67 -73.65
C ALA XA 203 44.58 33.30 -72.99
N ARG XA 204 44.19 32.27 -73.75
CA ARG XA 204 44.06 30.93 -73.18
C ARG XA 204 45.42 30.33 -72.84
N LYS XA 205 46.44 30.55 -73.66
CA LYS XA 205 47.75 30.01 -73.30
C LYS XA 205 48.41 30.82 -72.20
N GLY XA 206 47.96 32.06 -71.99
CA GLY XA 206 48.41 32.88 -70.88
C GLY XA 206 49.84 33.35 -70.96
N PRO YA 1 -14.32 -6.70 -87.34
CA PRO YA 1 -14.85 -5.98 -88.50
C PRO YA 1 -15.72 -6.87 -89.36
N VAL YA 2 -17.03 -6.78 -89.23
CA VAL YA 2 -17.95 -7.61 -90.01
C VAL YA 2 -18.85 -6.72 -90.83
N ALA YA 3 -19.32 -7.27 -91.96
CA ALA YA 3 -20.07 -6.49 -92.95
C ALA YA 3 -21.57 -6.57 -92.66
N ARG YA 4 -21.93 -6.11 -91.47
CA ARG YA 4 -23.32 -6.14 -91.01
C ARG YA 4 -23.79 -4.71 -90.75
N SER YA 5 -25.08 -4.56 -90.54
CA SER YA 5 -25.71 -3.25 -90.46
C SER YA 5 -25.85 -2.70 -89.05
N TRP YA 6 -26.39 -3.51 -88.12
CA TRP YA 6 -26.71 -3.18 -86.72
C TRP YA 6 -27.71 -2.05 -86.53
N VAL YA 7 -28.25 -1.47 -87.60
CA VAL YA 7 -29.16 -0.34 -87.48
C VAL YA 7 -30.56 -0.92 -87.24
N CYS YA 8 -31.03 -0.81 -86.00
CA CYS YA 8 -32.36 -1.23 -85.62
C CYS YA 8 -32.97 -0.13 -84.76
N ARG YA 9 -34.29 -0.18 -84.62
CA ARG YA 9 -35.02 0.88 -83.95
C ARG YA 9 -36.30 0.30 -83.36
N LYS YA 10 -36.54 0.58 -82.09
CA LYS YA 10 -37.77 0.12 -81.46
C LYS YA 10 -38.93 0.95 -81.96
N THR YA 11 -39.99 0.29 -82.42
CA THR YA 11 -41.08 0.93 -83.15
C THR YA 11 -42.29 1.22 -82.26
N TYR YA 12 -42.12 1.27 -80.95
CA TYR YA 12 -43.22 1.55 -80.05
C TYR YA 12 -42.65 2.13 -78.76
N VAL YA 13 -43.55 2.51 -77.85
CA VAL YA 13 -43.15 2.99 -76.54
C VAL YA 13 -44.22 2.58 -75.53
N THR YA 14 -43.81 2.28 -74.31
CA THR YA 14 -44.72 1.96 -73.24
C THR YA 14 -45.12 3.24 -72.50
N PRO YA 15 -46.38 3.34 -72.07
CA PRO YA 15 -46.80 4.54 -71.34
C PRO YA 15 -46.20 4.60 -69.95
N ARG YA 16 -46.01 5.84 -69.47
CA ARG YA 16 -45.37 6.09 -68.18
C ARG YA 16 -46.19 5.58 -67.01
N ARG YA 17 -47.51 5.62 -67.08
CA ARG YA 17 -48.34 5.09 -66.01
C ARG YA 17 -48.84 3.72 -66.40
N PRO YA 18 -48.55 2.67 -65.63
CA PRO YA 18 -48.85 1.32 -66.09
C PRO YA 18 -50.32 0.93 -65.94
N PHE YA 19 -51.07 1.54 -65.03
CA PHE YA 19 -52.39 1.05 -64.64
C PHE YA 19 -53.40 2.19 -64.53
N GLU YA 20 -53.49 3.02 -65.55
CA GLU YA 20 -54.48 4.11 -65.57
C GLU YA 20 -55.72 3.62 -66.33
N LYS YA 21 -56.87 3.61 -65.65
CA LYS YA 21 -58.12 3.17 -66.28
C LYS YA 21 -58.54 4.08 -67.43
N SER YA 22 -58.27 5.38 -67.30
CA SER YA 22 -58.65 6.33 -68.36
C SER YA 22 -57.82 6.15 -69.61
N ARG YA 23 -56.71 5.43 -69.53
CA ARG YA 23 -55.91 5.04 -70.68
C ARG YA 23 -56.24 3.64 -71.18
N LEU YA 24 -56.45 2.69 -70.25
CA LEU YA 24 -56.74 1.31 -70.61
C LEU YA 24 -58.10 1.16 -71.27
N ASP YA 25 -59.10 1.90 -70.78
CA ASP YA 25 -60.44 1.99 -71.33
C ASP YA 25 -60.46 2.55 -72.76
N GLN YA 26 -59.52 3.39 -73.14
CA GLN YA 26 -59.49 3.85 -74.52
C GLN YA 26 -58.55 3.05 -75.42
N GLU YA 27 -57.56 2.36 -74.87
CA GLU YA 27 -56.79 1.44 -75.71
C GLU YA 27 -57.57 0.17 -76.05
N LEU YA 28 -58.34 -0.36 -75.09
CA LEU YA 28 -59.11 -1.57 -75.38
C LEU YA 28 -60.22 -1.30 -76.39
N LYS YA 29 -60.76 -0.07 -76.39
CA LYS YA 29 -61.74 0.34 -77.41
C LYS YA 29 -61.14 0.28 -78.80
N LEU YA 30 -59.93 0.81 -78.97
CA LEU YA 30 -59.29 0.82 -80.28
C LEU YA 30 -58.90 -0.59 -80.71
N ILE YA 31 -58.45 -1.41 -79.76
CA ILE YA 31 -58.14 -2.81 -80.05
C ILE YA 31 -59.38 -3.55 -80.55
N GLY YA 32 -60.51 -3.38 -79.86
CA GLY YA 32 -61.73 -4.02 -80.29
C GLY YA 32 -62.32 -3.49 -81.58
N GLU YA 33 -62.21 -2.18 -81.81
CA GLU YA 33 -62.77 -1.60 -83.01
C GLU YA 33 -61.89 -1.80 -84.22
N TYR YA 34 -60.64 -2.24 -84.04
CA TYR YA 34 -59.79 -2.46 -85.20
C TYR YA 34 -59.19 -3.86 -85.25
N GLY YA 35 -59.59 -4.75 -84.36
CA GLY YA 35 -59.11 -6.12 -84.36
C GLY YA 35 -57.63 -6.29 -84.11
N LEU YA 36 -57.04 -5.39 -83.32
CA LEU YA 36 -55.61 -5.45 -83.06
C LEU YA 36 -55.30 -6.59 -82.10
N ARG YA 37 -54.04 -7.03 -82.12
CA ARG YA 37 -53.67 -8.22 -81.38
C ARG YA 37 -53.29 -7.94 -79.93
N ASN YA 38 -52.76 -6.76 -79.62
CA ASN YA 38 -52.32 -6.41 -78.28
C ASN YA 38 -52.18 -4.90 -78.18
N LYS YA 39 -51.70 -4.45 -77.01
CA LYS YA 39 -51.54 -3.02 -76.77
C LYS YA 39 -50.35 -2.45 -77.55
N ARG YA 40 -49.39 -3.31 -77.90
CA ARG YA 40 -48.20 -2.86 -78.62
C ARG YA 40 -48.55 -2.35 -80.02
N GLU YA 41 -49.59 -2.91 -80.62
CA GLU YA 41 -50.02 -2.43 -81.93
C GLU YA 41 -50.77 -1.11 -81.84
N VAL YA 42 -51.34 -0.79 -80.68
CA VAL YA 42 -51.82 0.57 -80.44
C VAL YA 42 -50.65 1.52 -80.28
N TRP YA 43 -49.65 1.11 -79.49
CA TRP YA 43 -48.53 1.97 -79.16
C TRP YA 43 -47.63 2.23 -80.37
N ARG YA 44 -47.55 1.29 -81.31
CA ARG YA 44 -46.78 1.50 -82.53
C ARG YA 44 -47.36 2.63 -83.38
N VAL YA 45 -48.68 2.65 -83.51
CA VAL YA 45 -49.34 3.72 -84.24
C VAL YA 45 -49.25 5.04 -83.49
N LYS YA 46 -49.37 5.01 -82.16
CA LYS YA 46 -49.19 6.21 -81.35
C LYS YA 46 -47.78 6.77 -81.47
N PHE YA 47 -46.80 5.88 -81.50
CA PHE YA 47 -45.40 6.18 -81.73
C PHE YA 47 -45.21 6.89 -83.06
N THR YA 48 -45.75 6.32 -84.14
CA THR YA 48 -45.67 6.91 -85.48
C THR YA 48 -46.33 8.28 -85.54
N LEU YA 49 -47.50 8.41 -84.92
CA LEU YA 49 -48.18 9.70 -84.85
C LEU YA 49 -47.41 10.73 -84.05
N ALA YA 50 -46.73 10.31 -82.98
CA ALA YA 50 -45.90 11.21 -82.22
C ALA YA 50 -44.74 11.75 -83.04
N LYS YA 51 -44.14 10.90 -83.89
CA LYS YA 51 -43.12 11.38 -84.83
C LYS YA 51 -43.64 12.37 -85.85
N ILE YA 52 -44.82 12.10 -86.41
CA ILE YA 52 -45.38 13.03 -87.38
C ILE YA 52 -45.73 14.37 -86.73
N ARG YA 53 -46.33 14.33 -85.54
CA ARG YA 53 -46.63 15.56 -84.79
C ARG YA 53 -45.38 16.29 -84.35
N LYS YA 54 -44.34 15.56 -83.94
CA LYS YA 54 -43.11 16.21 -83.50
C LYS YA 54 -42.42 16.91 -84.66
N ALA YA 55 -42.29 16.23 -85.81
CA ALA YA 55 -41.65 16.82 -86.97
C ALA YA 55 -42.44 18.02 -87.49
N ALA YA 56 -43.78 17.94 -87.42
CA ALA YA 56 -44.59 19.11 -87.73
C ALA YA 56 -44.37 20.24 -86.74
N ARG YA 57 -44.16 19.95 -85.46
CA ARG YA 57 -43.85 21.00 -84.49
C ARG YA 57 -42.50 21.65 -84.76
N GLU YA 58 -41.47 20.87 -85.09
CA GLU YA 58 -40.17 21.49 -85.40
C GLU YA 58 -40.20 22.25 -86.72
N LEU YA 59 -41.07 21.88 -87.65
CA LEU YA 59 -41.22 22.72 -88.84
C LEU YA 59 -42.04 23.97 -88.57
N LEU YA 60 -42.97 23.92 -87.61
CA LEU YA 60 -43.85 25.06 -87.38
C LEU YA 60 -43.18 26.19 -86.59
N THR YA 61 -42.07 25.91 -85.90
CA THR YA 61 -41.37 26.97 -85.18
C THR YA 61 -40.55 27.84 -86.13
N LEU YA 62 -40.05 27.26 -87.22
CA LEU YA 62 -39.29 28.01 -88.20
C LEU YA 62 -40.22 28.93 -88.97
N ASP YA 63 -39.68 30.03 -89.49
CA ASP YA 63 -40.50 30.96 -90.25
C ASP YA 63 -40.77 30.43 -91.65
N GLU YA 64 -41.78 31.00 -92.29
CA GLU YA 64 -42.09 30.68 -93.67
C GLU YA 64 -41.01 31.26 -94.59
N LYS YA 65 -41.06 30.85 -95.87
CA LYS YA 65 -40.16 31.18 -96.99
C LYS YA 65 -38.75 30.63 -96.80
N ASP YA 66 -38.49 29.79 -95.77
CA ASP YA 66 -37.20 29.16 -95.58
C ASP YA 66 -37.24 27.75 -96.18
N PRO YA 67 -36.35 27.45 -97.14
CA PRO YA 67 -36.51 26.22 -97.94
C PRO YA 67 -36.43 24.91 -97.18
N ARG YA 68 -35.81 24.87 -95.99
CA ARG YA 68 -35.90 23.65 -95.18
C ARG YA 68 -37.34 23.41 -94.71
N ARG YA 69 -38.00 24.46 -94.20
CA ARG YA 69 -39.40 24.34 -93.80
C ARG YA 69 -40.29 24.01 -94.99
N LEU YA 70 -40.09 24.72 -96.12
CA LEU YA 70 -40.91 24.50 -97.30
C LEU YA 70 -40.75 23.08 -97.85
N PHE YA 71 -39.51 22.62 -97.99
CA PHE YA 71 -39.22 21.31 -98.55
C PHE YA 71 -39.71 20.19 -97.63
N GLU YA 72 -39.34 20.24 -96.35
CA GLU YA 72 -39.68 19.13 -95.47
C GLU YA 72 -41.16 19.10 -95.11
N GLY YA 73 -41.79 20.26 -94.92
CA GLY YA 73 -43.22 20.29 -94.69
C GLY YA 73 -44.01 19.85 -95.91
N ASN YA 74 -43.56 20.25 -97.12
CA ASN YA 74 -44.21 19.80 -98.33
C ASN YA 74 -44.11 18.29 -98.49
N ALA YA 75 -42.93 17.71 -98.22
CA ALA YA 75 -42.76 16.26 -98.32
C ALA YA 75 -43.61 15.51 -97.30
N LEU YA 76 -43.68 16.03 -96.07
CA LEU YA 76 -44.49 15.39 -95.04
C LEU YA 76 -45.99 15.44 -95.40
N LEU YA 77 -46.48 16.58 -95.90
CA LEU YA 77 -47.88 16.66 -96.30
C LEU YA 77 -48.17 15.78 -97.52
N ARG YA 78 -47.23 15.67 -98.47
CA ARG YA 78 -47.44 14.78 -99.61
C ARG YA 78 -47.52 13.32 -99.17
N ARG YA 79 -46.66 12.89 -98.24
CA ARG YA 79 -46.79 11.50 -97.83
C ARG YA 79 -47.99 11.24 -96.92
N LEU YA 80 -48.44 12.24 -96.15
CA LEU YA 80 -49.68 12.06 -95.39
C LEU YA 80 -50.89 11.97 -96.30
N VAL YA 81 -50.95 12.81 -97.33
CA VAL YA 81 -52.02 12.68 -98.31
C VAL YA 81 -51.90 11.34 -99.03
N ARG YA 82 -50.69 10.94 -99.43
CA ARG YA 82 -50.42 9.69 -100.14
C ARG YA 82 -50.85 8.46 -99.34
N ILE YA 83 -50.64 8.47 -98.03
CA ILE YA 83 -51.24 7.46 -97.16
C ILE YA 83 -52.76 7.55 -97.11
N GLY YA 84 -53.32 8.75 -96.93
CA GLY YA 84 -54.75 8.89 -96.84
C GLY YA 84 -55.27 9.28 -95.48
N VAL YA 85 -54.38 9.58 -94.53
CA VAL YA 85 -54.81 10.04 -93.21
C VAL YA 85 -55.15 11.52 -93.22
N LEU YA 86 -54.68 12.28 -94.20
CA LEU YA 86 -54.93 13.71 -94.28
C LEU YA 86 -55.53 13.99 -95.66
N ASP YA 87 -56.67 14.67 -95.68
CA ASP YA 87 -57.34 14.92 -96.95
C ASP YA 87 -56.63 16.04 -97.71
N GLU YA 88 -56.87 16.07 -99.02
CA GLU YA 88 -56.23 17.06 -99.90
C GLU YA 88 -56.76 18.46 -99.67
N GLY YA 89 -57.96 18.61 -99.12
CA GLY YA 89 -58.50 19.94 -98.87
C GLY YA 89 -57.84 20.67 -97.72
N LYS YA 90 -57.09 19.95 -96.89
CA LYS YA 90 -56.39 20.55 -95.77
C LYS YA 90 -54.90 20.24 -95.83
N MET YA 91 -54.29 20.48 -96.99
CA MET YA 91 -52.83 20.37 -97.18
C MET YA 91 -52.09 21.59 -96.62
N LYS YA 92 -52.18 21.77 -95.30
CA LYS YA 92 -51.43 22.82 -94.62
C LYS YA 92 -50.76 22.24 -93.38
N LEU YA 93 -49.66 22.89 -92.98
CA LEU YA 93 -48.79 22.38 -91.93
C LEU YA 93 -49.44 22.40 -90.55
N ASP YA 94 -50.48 23.21 -90.35
CA ASP YA 94 -51.17 23.26 -89.06
C ASP YA 94 -52.17 22.14 -88.87
N TYR YA 95 -52.68 21.56 -89.96
CA TYR YA 95 -53.66 20.49 -89.89
C TYR YA 95 -53.03 19.14 -89.60
N ILE YA 96 -51.70 19.05 -89.59
CA ILE YA 96 -51.04 17.81 -89.19
C ILE YA 96 -51.29 17.54 -87.71
N LEU YA 97 -51.33 18.60 -86.90
CA LEU YA 97 -51.52 18.48 -85.46
C LEU YA 97 -52.96 18.13 -85.09
N GLY YA 98 -53.88 18.10 -86.05
CA GLY YA 98 -55.22 17.61 -85.83
C GLY YA 98 -55.44 16.14 -86.12
N LEU YA 99 -54.38 15.40 -86.44
CA LEU YA 99 -54.52 13.98 -86.74
C LEU YA 99 -54.75 13.17 -85.47
N LYS YA 100 -55.39 12.01 -85.64
CA LYS YA 100 -55.69 11.10 -84.55
C LYS YA 100 -55.27 9.69 -84.93
N ILE YA 101 -55.25 8.81 -83.93
CA ILE YA 101 -54.76 7.45 -84.13
C ILE YA 101 -55.73 6.63 -84.96
N GLU YA 102 -57.04 6.91 -84.86
CA GLU YA 102 -58.05 6.19 -85.62
C GLU YA 102 -57.95 6.43 -87.12
N ASP YA 103 -57.50 7.62 -87.53
CA ASP YA 103 -57.29 7.90 -88.95
C ASP YA 103 -56.19 7.03 -89.55
N PHE YA 104 -55.13 6.76 -88.80
CA PHE YA 104 -54.08 5.83 -89.21
C PHE YA 104 -54.50 4.38 -89.06
N LEU YA 105 -55.28 4.05 -88.04
CA LEU YA 105 -55.76 2.68 -87.88
C LEU YA 105 -56.81 2.32 -88.91
N GLU YA 106 -57.44 3.30 -89.55
CA GLU YA 106 -58.36 3.05 -90.65
C GLU YA 106 -57.65 2.93 -91.99
N ARG YA 107 -56.32 3.01 -92.03
CA ARG YA 107 -55.55 2.78 -93.23
C ARG YA 107 -54.83 1.45 -93.21
N ARG YA 108 -55.01 0.65 -92.16
CA ARG YA 108 -54.47 -0.70 -92.15
C ARG YA 108 -55.18 -1.58 -93.18
N LEU YA 109 -54.45 -2.58 -93.66
CA LEU YA 109 -55.02 -3.52 -94.62
C LEU YA 109 -56.09 -4.38 -93.99
N GLN YA 110 -55.99 -4.62 -92.68
CA GLN YA 110 -57.05 -5.31 -91.95
C GLN YA 110 -58.33 -4.48 -91.96
N THR YA 111 -58.21 -3.17 -91.79
CA THR YA 111 -59.38 -2.31 -91.86
C THR YA 111 -59.91 -2.20 -93.29
N GLN YA 112 -59.00 -2.12 -94.26
CA GLN YA 112 -59.45 -1.92 -95.63
C GLN YA 112 -60.12 -3.16 -96.20
N VAL YA 113 -59.64 -4.36 -95.83
CA VAL YA 113 -60.28 -5.59 -96.27
C VAL YA 113 -61.69 -5.70 -95.72
N PHE YA 114 -61.86 -5.30 -94.45
CA PHE YA 114 -63.19 -5.28 -93.85
C PHE YA 114 -64.10 -4.21 -94.44
N LYS YA 115 -63.53 -3.07 -94.83
CA LYS YA 115 -64.35 -2.00 -95.40
C LYS YA 115 -64.77 -2.32 -96.83
N LEU YA 116 -63.88 -2.91 -97.63
CA LEU YA 116 -64.13 -3.15 -99.05
C LEU YA 116 -65.07 -4.33 -99.33
N GLY YA 117 -65.65 -4.95 -98.31
CA GLY YA 117 -66.61 -6.01 -98.51
C GLY YA 117 -65.99 -7.37 -98.76
N LEU YA 118 -64.67 -7.49 -98.63
CA LEU YA 118 -64.01 -8.78 -98.79
C LEU YA 118 -64.19 -9.68 -97.58
N ALA YA 119 -64.58 -9.12 -96.43
CA ALA YA 119 -64.67 -9.87 -95.19
C ALA YA 119 -65.91 -9.44 -94.44
N LYS YA 120 -66.28 -10.25 -93.46
CA LYS YA 120 -67.47 -9.97 -92.66
C LYS YA 120 -67.13 -9.10 -91.45
N SER YA 121 -66.11 -9.48 -90.69
CA SER YA 121 -65.74 -8.80 -89.46
C SER YA 121 -64.29 -8.31 -89.55
N ILE YA 122 -63.89 -7.53 -88.55
CA ILE YA 122 -62.51 -7.03 -88.52
C ILE YA 122 -61.54 -8.12 -88.08
N HIS YA 123 -62.04 -9.19 -87.48
CA HIS YA 123 -61.22 -10.36 -87.17
C HIS YA 123 -61.27 -11.39 -88.26
N HIS YA 124 -62.42 -11.45 -88.96
CA HIS YA 124 -62.47 -12.16 -90.23
C HIS YA 124 -61.41 -11.61 -91.17
N ALA YA 125 -61.33 -10.27 -91.30
CA ALA YA 125 -60.35 -9.58 -92.16
C ALA YA 125 -58.91 -9.93 -91.78
N ARG YA 126 -58.62 -10.03 -90.49
CA ARG YA 126 -57.26 -10.39 -90.07
C ARG YA 126 -56.90 -11.84 -90.39
N VAL YA 127 -57.82 -12.79 -90.13
CA VAL YA 127 -57.49 -14.18 -90.44
C VAL YA 127 -57.48 -14.45 -91.95
N LEU YA 128 -58.34 -13.78 -92.74
CA LEU YA 128 -58.20 -13.77 -94.21
C LEU YA 128 -56.89 -13.21 -94.70
N ILE YA 129 -56.37 -12.13 -94.12
CA ILE YA 129 -55.07 -11.64 -94.59
C ILE YA 129 -53.95 -12.59 -94.18
N ARG YA 130 -54.00 -13.09 -92.95
CA ARG YA 130 -53.00 -14.03 -92.45
C ARG YA 130 -53.00 -15.36 -93.20
N GLN YA 131 -54.15 -15.79 -93.75
CA GLN YA 131 -54.23 -17.06 -94.47
C GLN YA 131 -53.99 -16.90 -95.97
N ARG YA 132 -53.29 -15.84 -96.38
CA ARG YA 132 -52.82 -15.61 -97.75
C ARG YA 132 -53.95 -15.58 -98.77
N HIS YA 133 -55.04 -14.90 -98.43
CA HIS YA 133 -56.18 -14.77 -99.34
C HIS YA 133 -56.18 -13.48 -100.16
N ILE YA 134 -55.54 -12.42 -99.68
CA ILE YA 134 -55.69 -11.08 -100.25
C ILE YA 134 -54.36 -10.62 -100.83
N ARG YA 135 -54.41 -10.13 -102.06
CA ARG YA 135 -53.30 -9.47 -102.72
C ARG YA 135 -53.60 -7.99 -102.91
N VAL YA 136 -52.55 -7.20 -103.02
CA VAL YA 136 -52.63 -5.77 -103.33
C VAL YA 136 -51.69 -5.52 -104.50
N ARG YA 137 -52.26 -5.24 -105.69
CA ARG YA 137 -51.54 -5.03 -106.96
C ARG YA 137 -50.60 -6.19 -107.29
N LYS YA 138 -51.21 -7.37 -107.48
CA LYS YA 138 -50.59 -8.63 -107.87
C LYS YA 138 -49.55 -9.12 -106.87
N GLN YA 139 -49.57 -8.65 -105.63
CA GLN YA 139 -48.62 -9.08 -104.62
C GLN YA 139 -49.39 -9.63 -103.44
N VAL YA 140 -49.29 -10.94 -103.22
CA VAL YA 140 -50.00 -11.59 -102.13
C VAL YA 140 -49.38 -11.16 -100.80
N VAL YA 141 -50.19 -10.56 -99.95
CA VAL YA 141 -49.71 -9.92 -98.73
C VAL YA 141 -50.41 -10.53 -97.52
N ASN YA 142 -49.64 -10.77 -96.47
CA ASN YA 142 -50.16 -11.34 -95.23
C ASN YA 142 -49.78 -10.50 -94.01
N ILE YA 143 -49.66 -9.19 -94.18
CA ILE YA 143 -49.42 -8.28 -93.05
C ILE YA 143 -50.67 -7.43 -92.83
N PRO YA 144 -51.36 -7.57 -91.71
CA PRO YA 144 -52.54 -6.75 -91.47
C PRO YA 144 -52.24 -5.28 -91.22
N SER YA 145 -51.02 -4.92 -90.86
CA SER YA 145 -50.66 -3.53 -90.64
C SER YA 145 -50.08 -2.87 -91.89
N PHE YA 146 -50.19 -3.53 -93.04
CA PHE YA 146 -49.88 -2.96 -94.34
C PHE YA 146 -50.71 -1.70 -94.57
N ILE YA 147 -50.03 -0.56 -94.62
CA ILE YA 147 -50.71 0.72 -94.73
C ILE YA 147 -51.07 0.95 -96.20
N VAL YA 148 -52.36 0.98 -96.49
CA VAL YA 148 -52.84 1.03 -97.86
C VAL YA 148 -52.90 2.48 -98.30
N ARG YA 149 -52.26 2.76 -99.44
CA ARG YA 149 -52.27 4.09 -100.00
C ARG YA 149 -53.60 4.36 -100.71
N LEU YA 150 -53.83 5.65 -100.99
CA LEU YA 150 -55.10 6.09 -101.57
C LEU YA 150 -55.27 5.58 -102.98
N ASP YA 151 -54.18 5.56 -103.74
CA ASP YA 151 -54.23 5.08 -105.11
C ASP YA 151 -54.25 3.57 -105.13
N SER YA 152 -53.56 2.96 -104.18
CA SER YA 152 -53.42 1.53 -104.09
C SER YA 152 -54.63 0.84 -103.47
N GLN YA 153 -55.58 1.61 -102.92
CA GLN YA 153 -56.78 1.01 -102.34
C GLN YA 153 -57.73 0.43 -103.38
N LYS YA 154 -57.71 0.94 -104.61
CA LYS YA 154 -58.58 0.48 -105.68
C LYS YA 154 -58.29 -0.94 -106.14
N HIS YA 155 -57.11 -1.47 -105.87
CA HIS YA 155 -56.71 -2.80 -106.36
C HIS YA 155 -56.55 -3.80 -105.23
N ILE YA 156 -57.34 -3.67 -104.17
CA ILE YA 156 -57.41 -4.71 -103.15
C ILE YA 156 -58.39 -5.76 -103.63
N ASP YA 157 -57.91 -6.98 -103.83
CA ASP YA 157 -58.72 -8.06 -104.35
C ASP YA 157 -58.30 -9.33 -103.64
N PHE YA 158 -59.09 -10.41 -103.75
CA PHE YA 158 -58.67 -11.73 -103.30
C PHE YA 158 -57.55 -12.23 -104.21
N SER YA 159 -56.63 -13.00 -103.64
CA SER YA 159 -55.52 -13.53 -104.43
C SER YA 159 -56.03 -14.61 -105.38
N LEU YA 160 -55.29 -14.82 -106.46
CA LEU YA 160 -55.66 -15.84 -107.45
C LEU YA 160 -55.59 -17.23 -106.84
N ARG YA 161 -54.51 -17.54 -106.12
CA ARG YA 161 -54.36 -18.85 -105.51
C ARG YA 161 -54.98 -18.82 -104.11
N SER YA 162 -56.31 -18.81 -104.10
CA SER YA 162 -57.13 -18.84 -102.90
C SER YA 162 -58.52 -19.28 -103.31
N PRO YA 163 -59.19 -20.14 -102.52
CA PRO YA 163 -60.52 -20.63 -102.93
C PRO YA 163 -61.58 -19.55 -102.89
N TYR YA 164 -61.36 -18.48 -102.14
CA TYR YA 164 -62.27 -17.34 -102.18
C TYR YA 164 -62.16 -16.56 -103.48
N GLY YA 165 -61.02 -16.66 -104.16
CA GLY YA 165 -60.88 -16.16 -105.50
C GLY YA 165 -60.84 -17.30 -106.51
N GLY YA 166 -60.29 -17.04 -107.68
CA GLY YA 166 -60.24 -18.06 -108.72
C GLY YA 166 -59.09 -19.03 -108.53
N GLY YA 167 -59.22 -19.94 -107.56
CA GLY YA 167 -58.15 -20.86 -107.25
C GLY YA 167 -58.67 -22.25 -106.88
N ARG YA 168 -57.74 -23.16 -106.65
CA ARG YA 168 -58.08 -24.52 -106.28
C ARG YA 168 -58.64 -24.55 -104.86
N PRO YA 169 -59.69 -25.33 -104.60
CA PRO YA 169 -60.25 -25.41 -103.24
C PRO YA 169 -59.28 -26.02 -102.24
N GLY YA 170 -59.40 -25.59 -100.99
CA GLY YA 170 -58.42 -25.88 -99.98
C GLY YA 170 -58.48 -27.31 -99.47
N ARG YA 171 -57.66 -27.55 -98.43
CA ARG YA 171 -57.37 -28.92 -98.03
C ARG YA 171 -58.52 -29.59 -97.31
N VAL YA 172 -59.32 -28.83 -96.54
CA VAL YA 172 -60.44 -29.43 -95.83
C VAL YA 172 -61.55 -29.82 -96.79
N LYS YA 173 -61.87 -28.92 -97.73
CA LYS YA 173 -62.88 -29.21 -98.75
C LYS YA 173 -62.44 -30.34 -99.66
N ARG YA 174 -61.19 -30.34 -100.10
CA ARG YA 174 -60.72 -31.41 -100.96
C ARG YA 174 -60.51 -32.72 -100.21
N LYS YA 175 -60.27 -32.67 -98.90
CA LYS YA 175 -60.20 -33.90 -98.11
C LYS YA 175 -61.58 -34.52 -97.94
N ASN YA 176 -62.61 -33.69 -97.71
CA ASN YA 176 -63.97 -34.22 -97.65
C ASN YA 176 -64.39 -34.77 -99.01
N ALA YA 177 -64.10 -34.03 -100.09
CA ALA YA 177 -64.54 -34.44 -101.42
C ALA YA 177 -63.78 -35.64 -101.94
N LYS YA 178 -62.56 -35.88 -101.45
CA LYS YA 178 -61.84 -37.11 -101.79
C LYS YA 178 -62.17 -38.26 -100.86
N LYS YA 179 -62.38 -38.02 -99.57
CA LYS YA 179 -62.73 -39.07 -98.62
C LYS YA 179 -64.09 -39.67 -98.90
N GLY YA 180 -65.10 -38.84 -99.18
CA GLY YA 180 -66.42 -39.33 -99.51
C GLY YA 180 -66.49 -40.16 -100.78
N GLN YA 181 -65.87 -39.68 -101.85
CA GLN YA 181 -65.88 -40.45 -103.09
C GLN YA 181 -64.78 -41.50 -103.17
N GLY YA 182 -63.85 -41.53 -102.21
CA GLY YA 182 -62.95 -42.66 -102.11
C GLY YA 182 -63.53 -43.77 -101.27
N GLY YA 183 -64.45 -43.44 -100.36
CA GLY YA 183 -65.28 -44.46 -99.75
C GLY YA 183 -66.33 -44.94 -100.73
N ALA YA 184 -66.78 -44.04 -101.60
CA ALA YA 184 -67.73 -44.40 -102.64
C ALA YA 184 -67.05 -44.95 -103.89
N GLY YA 185 -65.72 -45.03 -103.89
CA GLY YA 185 -64.99 -45.56 -105.02
C GLY YA 185 -63.55 -45.08 -105.06
N MET ZA 1 -90.25 -40.54 -31.85
CA MET ZA 1 -91.21 -40.60 -30.73
C MET ZA 1 -92.10 -41.86 -30.71
N LEU ZA 2 -92.15 -42.55 -29.58
CA LEU ZA 2 -93.16 -43.61 -29.33
C LEU ZA 2 -94.45 -43.04 -28.69
N MET ZA 3 -95.66 -43.48 -29.18
CA MET ZA 3 -96.98 -43.05 -28.68
C MET ZA 3 -98.00 -44.05 -29.31
N PRO ZA 4 -99.06 -44.56 -28.63
CA PRO ZA 4 -100.21 -45.14 -29.46
C PRO ZA 4 -100.61 -44.35 -30.66
N LYS ZA 5 -101.00 -45.09 -31.70
CA LYS ZA 5 -101.63 -44.37 -32.78
C LYS ZA 5 -102.98 -43.77 -32.39
N LYS ZA 6 -103.60 -44.28 -31.32
CA LYS ZA 6 -104.86 -43.70 -30.86
C LYS ZA 6 -104.66 -42.30 -30.28
N ASN ZA 7 -103.59 -42.11 -29.51
CA ASN ZA 7 -103.21 -40.78 -29.07
C ASN ZA 7 -102.81 -39.92 -30.26
N ARG ZA 8 -102.14 -40.51 -31.26
CA ARG ZA 8 -101.73 -39.73 -32.42
C ARG ZA 8 -102.92 -39.23 -33.25
N ILE ZA 9 -103.93 -40.08 -33.47
CA ILE ZA 9 -105.09 -39.65 -34.24
C ILE ZA 9 -106.00 -38.75 -33.41
N ALA ZA 10 -105.92 -38.82 -32.08
CA ALA ZA 10 -106.63 -37.82 -31.27
C ALA ZA 10 -106.00 -36.44 -31.44
N ILE ZA 11 -104.67 -36.39 -31.50
CA ILE ZA 11 -103.97 -35.11 -31.73
C ILE ZA 11 -104.32 -34.54 -33.11
N TYR ZA 12 -104.20 -35.35 -34.17
CA TYR ZA 12 -104.60 -34.87 -35.49
C TYR ZA 12 -106.09 -34.63 -35.63
N GLU ZA 13 -106.89 -35.34 -34.84
CA GLU ZA 13 -108.32 -35.08 -34.82
C GLU ZA 13 -108.61 -33.70 -34.26
N LEU ZA 14 -107.96 -33.29 -33.18
CA LEU ZA 14 -108.13 -31.92 -32.70
C LEU ZA 14 -107.57 -30.90 -33.69
N LEU ZA 15 -106.42 -31.21 -34.31
CA LEU ZA 15 -105.84 -30.35 -35.33
C LEU ZA 15 -106.73 -30.19 -36.56
N PHE ZA 16 -107.57 -31.18 -36.85
CA PHE ZA 16 -108.61 -31.04 -37.87
C PHE ZA 16 -109.80 -30.21 -37.39
N LYS ZA 17 -110.40 -30.59 -36.25
CA LYS ZA 17 -111.65 -30.02 -35.77
C LYS ZA 17 -111.52 -28.52 -35.48
N GLU ZA 18 -110.33 -28.08 -35.08
CA GLU ZA 18 -109.95 -26.68 -35.20
C GLU ZA 18 -108.58 -26.65 -35.86
N GLY ZA 19 -108.46 -25.91 -36.97
CA GLY ZA 19 -107.30 -25.98 -37.85
C GLY ZA 19 -105.99 -25.40 -37.33
N VAL ZA 20 -105.93 -25.20 -36.01
CA VAL ZA 20 -104.77 -24.65 -35.31
C VAL ZA 20 -104.44 -25.62 -34.17
N MET ZA 21 -103.36 -25.32 -33.45
CA MET ZA 21 -103.02 -26.11 -32.28
C MET ZA 21 -102.10 -25.32 -31.37
N VAL ZA 22 -102.45 -25.25 -30.08
CA VAL ZA 22 -101.71 -24.48 -29.10
C VAL ZA 22 -101.22 -25.40 -27.99
N ALA ZA 23 -99.95 -25.25 -27.58
CA ALA ZA 23 -99.43 -26.08 -26.50
C ALA ZA 23 -98.50 -25.25 -25.62
N LYS ZA 24 -98.67 -25.33 -24.31
CA LYS ZA 24 -97.70 -24.70 -23.40
C LYS ZA 24 -96.36 -25.40 -23.47
N LYS ZA 25 -95.27 -24.63 -23.38
CA LYS ZA 25 -93.94 -25.21 -23.40
C LYS ZA 25 -93.72 -25.98 -22.10
N ASP ZA 26 -94.02 -27.27 -22.15
CA ASP ZA 26 -93.96 -28.11 -20.96
C ASP ZA 26 -93.90 -29.57 -21.45
N VAL ZA 27 -92.77 -30.22 -21.22
CA VAL ZA 27 -92.64 -31.62 -21.57
C VAL ZA 27 -92.77 -32.46 -20.31
N HIS ZA 28 -93.37 -31.87 -19.27
CA HIS ZA 28 -93.52 -32.53 -17.99
C HIS ZA 28 -94.96 -32.55 -17.48
N MET ZA 29 -95.85 -31.67 -18.00
CA MET ZA 29 -97.20 -31.56 -17.45
C MET ZA 29 -98.07 -32.76 -17.89
N PRO ZA 30 -98.86 -33.34 -16.94
CA PRO ZA 30 -99.59 -34.57 -17.18
C PRO ZA 30 -100.49 -34.72 -18.40
N LYS ZA 31 -101.27 -33.69 -18.80
CA LYS ZA 31 -102.19 -33.87 -19.92
C LYS ZA 31 -102.60 -32.53 -20.52
N HIS ZA 32 -102.92 -32.54 -21.80
CA HIS ZA 32 -103.44 -31.36 -22.48
C HIS ZA 32 -104.84 -31.04 -21.94
N PRO ZA 33 -105.17 -29.77 -21.69
CA PRO ZA 33 -106.49 -29.47 -21.11
C PRO ZA 33 -107.64 -29.66 -22.08
N GLU ZA 34 -107.49 -29.24 -23.33
CA GLU ZA 34 -108.54 -29.48 -24.33
C GLU ZA 34 -108.67 -30.97 -24.63
N LEU ZA 35 -107.55 -31.67 -24.72
CA LEU ZA 35 -107.55 -33.10 -24.96
C LEU ZA 35 -107.53 -33.90 -23.66
N ALA ZA 36 -108.45 -33.59 -22.75
CA ALA ZA 36 -108.62 -34.40 -21.55
C ALA ZA 36 -109.50 -35.61 -21.79
N ASP ZA 37 -110.15 -35.70 -22.96
CA ASP ZA 37 -110.90 -36.88 -23.34
C ASP ZA 37 -109.98 -38.07 -23.58
N LYS ZA 38 -108.72 -37.83 -23.90
CA LYS ZA 38 -107.74 -38.88 -24.15
C LYS ZA 38 -106.59 -38.77 -23.17
N ASN ZA 39 -105.86 -39.87 -23.03
CA ASN ZA 39 -104.70 -39.96 -22.14
C ASN ZA 39 -103.44 -39.45 -22.81
N VAL ZA 40 -103.47 -38.22 -23.30
CA VAL ZA 40 -102.39 -37.66 -24.10
C VAL ZA 40 -101.73 -36.50 -23.34
N PRO ZA 41 -100.52 -36.69 -22.83
CA PRO ZA 41 -99.77 -35.58 -22.24
C PRO ZA 41 -99.27 -34.58 -23.29
N ASN ZA 42 -98.97 -33.37 -22.79
CA ASN ZA 42 -98.14 -32.45 -23.56
C ASN ZA 42 -96.75 -33.02 -23.81
N LEU ZA 43 -96.25 -33.87 -22.89
CA LEU ZA 43 -95.11 -34.72 -23.20
C LEU ZA 43 -95.41 -35.60 -24.41
N HIS ZA 44 -96.61 -36.16 -24.46
CA HIS ZA 44 -97.00 -36.94 -25.61
C HIS ZA 44 -97.63 -36.15 -26.75
N VAL ZA 45 -97.42 -34.84 -26.87
CA VAL ZA 45 -96.36 -34.39 -27.78
C VAL ZA 45 -96.56 -32.91 -28.09
N MET ZA 46 -95.69 -32.39 -28.97
CA MET ZA 46 -95.49 -31.01 -29.43
C MET ZA 46 -94.38 -31.18 -30.46
N LYS ZA 47 -93.59 -32.23 -30.27
CA LYS ZA 47 -92.50 -32.63 -31.17
C LYS ZA 47 -92.99 -33.37 -32.40
N ALA ZA 48 -94.11 -34.07 -32.32
CA ALA ZA 48 -94.72 -34.57 -33.54
C ALA ZA 48 -95.40 -33.44 -34.28
N MET ZA 49 -95.85 -32.41 -33.58
CA MET ZA 49 -96.38 -31.35 -34.40
C MET ZA 49 -95.25 -30.55 -35.01
N GLN ZA 50 -94.10 -30.53 -34.33
CA GLN ZA 50 -92.84 -30.13 -34.97
C GLN ZA 50 -92.47 -31.04 -36.12
N SER ZA 51 -92.81 -32.33 -36.06
CA SER ZA 51 -92.60 -33.22 -37.20
C SER ZA 51 -93.44 -32.80 -38.38
N LEU ZA 52 -94.67 -32.36 -38.13
CA LEU ZA 52 -95.47 -31.85 -39.25
C LEU ZA 52 -94.92 -30.56 -39.77
N LYS ZA 53 -94.35 -29.77 -38.87
CA LYS ZA 53 -93.68 -28.54 -39.28
C LYS ZA 53 -92.46 -28.84 -40.15
N SER ZA 54 -91.66 -29.84 -39.75
CA SER ZA 54 -90.42 -30.17 -40.43
C SER ZA 54 -90.65 -30.96 -41.72
N ARG ZA 55 -91.82 -31.58 -41.87
CA ARG ZA 55 -92.25 -32.09 -43.16
C ARG ZA 55 -92.95 -31.01 -43.98
N GLY ZA 56 -93.54 -30.01 -43.33
CA GLY ZA 56 -94.13 -28.89 -44.02
C GLY ZA 56 -95.63 -28.74 -43.85
N TYR ZA 57 -96.23 -29.55 -42.98
CA TYR ZA 57 -97.67 -29.59 -42.85
C TYR ZA 57 -98.24 -28.51 -41.94
N VAL ZA 58 -97.48 -28.04 -40.97
CA VAL ZA 58 -97.91 -26.91 -40.15
C VAL ZA 58 -96.79 -25.87 -40.13
N LYS ZA 59 -97.15 -24.63 -39.84
CA LYS ZA 59 -96.19 -23.56 -39.63
C LYS ZA 59 -96.30 -23.10 -38.17
N GLU ZA 60 -95.16 -22.88 -37.54
CA GLU ZA 60 -95.11 -22.69 -36.10
C GLU ZA 60 -94.71 -21.27 -35.73
N GLN ZA 61 -95.37 -20.75 -34.69
CA GLN ZA 61 -94.99 -19.53 -33.99
C GLN ZA 61 -94.87 -19.90 -32.52
N PHE ZA 62 -94.04 -19.18 -31.78
CA PHE ZA 62 -93.82 -19.51 -30.37
C PHE ZA 62 -93.87 -18.23 -29.56
N ALA ZA 63 -95.03 -17.91 -28.99
CA ALA ZA 63 -95.08 -16.77 -28.08
C ALA ZA 63 -94.62 -17.24 -26.70
N TRP ZA 64 -94.87 -16.40 -25.68
CA TRP ZA 64 -94.15 -16.28 -24.41
C TRP ZA 64 -93.63 -17.59 -23.84
N ARG ZA 65 -94.56 -18.52 -23.57
CA ARG ZA 65 -94.19 -19.91 -23.33
C ARG ZA 65 -95.15 -20.87 -24.04
N HIS ZA 66 -95.74 -20.46 -25.16
CA HIS ZA 66 -96.79 -21.22 -25.84
C HIS ZA 66 -96.51 -21.36 -27.32
N PHE ZA 67 -96.41 -22.61 -27.77
CA PHE ZA 67 -96.40 -22.99 -29.17
C PHE ZA 67 -97.76 -22.71 -29.78
N TYR ZA 68 -97.75 -22.24 -31.01
CA TYR ZA 68 -98.94 -22.17 -31.86
C TYR ZA 68 -98.55 -22.77 -33.20
N TRP ZA 69 -99.45 -23.55 -33.77
CA TRP ZA 69 -99.23 -24.19 -35.06
C TRP ZA 69 -100.44 -23.98 -35.95
N TYR ZA 70 -100.17 -23.80 -37.24
CA TYR ZA 70 -101.18 -23.49 -38.25
C TYR ZA 70 -101.13 -24.55 -39.35
N LEU ZA 71 -102.30 -25.08 -39.71
CA LEU ZA 71 -102.40 -26.05 -40.79
C LEU ZA 71 -102.15 -25.38 -42.14
N THR ZA 72 -101.56 -26.12 -43.05
CA THR ZA 72 -101.36 -25.64 -44.41
C THR ZA 72 -102.23 -26.43 -45.39
N ASN ZA 73 -102.36 -25.89 -46.61
CA ASN ZA 73 -103.02 -26.63 -47.67
C ASN ZA 73 -102.22 -27.87 -48.07
N GLU ZA 74 -100.90 -27.81 -47.95
CA GLU ZA 74 -100.06 -29.00 -48.08
C GLU ZA 74 -100.34 -30.01 -46.98
N GLY ZA 75 -100.67 -29.55 -45.78
CA GLY ZA 75 -100.90 -30.43 -44.65
C GLY ZA 75 -102.27 -31.08 -44.58
N ILE ZA 76 -103.32 -30.35 -44.96
CA ILE ZA 76 -104.68 -30.90 -44.92
C ILE ZA 76 -104.82 -32.07 -45.88
N GLN ZA 77 -104.26 -31.95 -47.09
CA GLN ZA 77 -104.29 -32.99 -48.10
C GLN ZA 77 -103.62 -34.28 -47.64
N TYR ZA 78 -102.54 -34.15 -46.87
CA TYR ZA 78 -101.88 -35.33 -46.32
C TYR ZA 78 -102.68 -35.90 -45.16
N LEU ZA 79 -103.22 -35.03 -44.30
CA LEU ZA 79 -103.77 -35.53 -43.05
C LEU ZA 79 -105.10 -36.21 -43.25
N ARG ZA 80 -105.88 -35.74 -44.24
CA ARG ZA 80 -107.17 -36.36 -44.48
C ARG ZA 80 -107.01 -37.78 -45.01
N ASP ZA 81 -105.99 -38.05 -45.82
CA ASP ZA 81 -105.72 -39.38 -46.32
C ASP ZA 81 -104.78 -40.17 -45.42
N TYR ZA 82 -104.27 -39.55 -44.36
CA TYR ZA 82 -103.69 -40.29 -43.25
C TYR ZA 82 -104.75 -40.79 -42.28
N LEU ZA 83 -105.72 -39.95 -41.92
CA LEU ZA 83 -106.86 -40.39 -41.13
C LEU ZA 83 -108.02 -40.92 -41.96
N HIS ZA 84 -107.76 -41.28 -43.23
CA HIS ZA 84 -108.66 -41.95 -44.18
C HIS ZA 84 -110.02 -41.25 -44.26
N LEU ZA 85 -109.93 -39.93 -44.35
CA LEU ZA 85 -111.13 -39.13 -44.52
C LEU ZA 85 -111.35 -38.85 -45.99
N PRO ZA 86 -112.60 -38.86 -46.44
CA PRO ZA 86 -112.91 -38.46 -47.82
C PRO ZA 86 -112.78 -36.96 -47.99
N PRO ZA 87 -112.97 -36.43 -49.21
CA PRO ZA 87 -113.15 -34.97 -49.36
C PRO ZA 87 -114.43 -34.44 -48.72
N GLU ZA 88 -115.36 -35.29 -48.31
CA GLU ZA 88 -116.54 -34.82 -47.58
C GLU ZA 88 -116.24 -34.46 -46.14
N ILE ZA 89 -115.19 -35.03 -45.54
CA ILE ZA 89 -114.83 -34.75 -44.15
C ILE ZA 89 -113.78 -33.65 -44.12
N VAL ZA 90 -114.20 -32.47 -43.68
CA VAL ZA 90 -113.44 -31.23 -43.85
C VAL ZA 90 -113.44 -30.44 -42.54
N PRO ZA 91 -112.40 -29.63 -42.31
CA PRO ZA 91 -112.37 -28.77 -41.12
C PRO ZA 91 -113.33 -27.59 -41.23
N ALA ZA 92 -113.22 -26.70 -40.26
CA ALA ZA 92 -113.89 -25.41 -40.35
C ALA ZA 92 -113.26 -24.51 -41.40
N THR ZA 93 -112.02 -24.81 -41.83
CA THR ZA 93 -111.36 -24.06 -42.89
C THR ZA 93 -112.08 -24.19 -44.23
N LEU ZA 94 -112.58 -25.37 -44.56
CA LEU ZA 94 -113.29 -25.58 -45.82
C LEU ZA 94 -114.77 -25.22 -45.75
N ARG ZA 95 -115.33 -24.98 -44.56
CA ARG ZA 95 -116.76 -24.76 -44.42
C ARG ZA 95 -117.07 -23.35 -43.95
N ARG ZA 96 -118.22 -22.86 -44.39
CA ARG ZA 96 -118.82 -21.64 -43.84
C ARG ZA 96 -120.04 -22.01 -43.00
N ASP AB 1 30.50 46.19 -77.64
CA ASP AB 1 29.14 45.96 -78.10
C ASP AB 1 28.86 44.47 -78.30
N ILE AB 2 29.48 43.88 -79.31
CA ILE AB 2 29.28 42.49 -79.66
C ILE AB 2 30.59 41.72 -79.48
N GLN AB 3 30.58 40.44 -79.83
CA GLN AB 3 31.63 39.45 -79.55
C GLN AB 3 31.91 39.32 -78.06
N THR AB 4 30.94 38.76 -77.32
CA THR AB 4 31.13 38.45 -75.91
C THR AB 4 31.12 36.95 -75.64
N GLU AB 5 30.94 36.12 -76.66
CA GLU AB 5 30.90 34.68 -76.49
C GLU AB 5 32.27 34.07 -76.81
N ARG AB 6 32.38 32.75 -76.66
CA ARG AB 6 33.61 32.04 -76.96
C ARG AB 6 33.79 31.77 -78.45
N ALA AB 7 32.77 32.04 -79.26
CA ALA AB 7 32.88 31.97 -80.70
C ALA AB 7 32.65 33.33 -81.31
N TYR AB 8 33.15 33.51 -82.53
CA TYR AB 8 32.94 34.76 -83.23
C TYR AB 8 31.51 34.82 -83.74
N GLN AB 9 30.74 35.76 -83.23
CA GLN AB 9 29.34 35.92 -83.63
C GLN AB 9 29.26 36.73 -84.92
N LYS AB 10 28.65 36.14 -85.95
CA LYS AB 10 28.59 36.76 -87.26
C LYS AB 10 27.33 36.31 -88.00
N GLN AB 11 27.00 37.07 -89.02
CA GLN AB 11 25.94 36.65 -89.92
C GLN AB 11 26.49 35.65 -90.93
N PRO AB 12 25.91 34.45 -91.05
CA PRO AB 12 26.48 33.42 -91.91
C PRO AB 12 26.31 33.62 -93.41
N THR AB 13 25.83 34.79 -93.82
CA THR AB 13 25.69 35.11 -95.24
C THR AB 13 26.43 36.40 -95.59
N ILE AB 14 27.31 36.87 -94.71
CA ILE AB 14 28.01 38.13 -94.88
C ILE AB 14 29.52 37.86 -94.87
N PHE AB 15 30.19 38.31 -95.93
CA PHE AB 15 31.63 38.10 -96.08
C PHE AB 15 32.36 39.33 -95.55
N GLN AB 16 33.17 39.13 -94.52
CA GLN AB 16 33.85 40.22 -93.80
C GLN AB 16 35.26 40.46 -94.31
N ASN AB 17 35.71 39.71 -95.31
CA ASN AB 17 37.12 39.70 -95.67
C ASN AB 17 37.34 40.05 -97.13
N LYS AB 18 36.60 41.01 -97.66
CA LYS AB 18 36.75 41.36 -99.07
C LYS AB 18 37.96 42.27 -99.24
N LYS AB 19 38.66 42.11 -100.38
CA LYS AB 19 39.84 42.92 -100.63
C LYS AB 19 39.47 44.19 -101.38
N ARG AB 20 39.70 45.33 -100.74
CA ARG AB 20 39.31 46.64 -101.25
C ARG AB 20 40.25 47.08 -102.37
N VAL AB 21 39.69 47.81 -103.34
CA VAL AB 21 40.28 48.33 -104.59
C VAL AB 21 41.24 47.36 -105.29
N LYS AB 30 32.79 50.05 -92.26
CA LYS AB 30 31.36 49.75 -92.29
C LYS AB 30 31.14 48.32 -92.76
N LEU AB 31 30.09 47.68 -92.23
CA LEU AB 31 29.82 46.28 -92.50
C LEU AB 31 28.60 46.12 -93.40
N PRO AB 32 28.66 45.26 -94.41
CA PRO AB 32 27.44 44.93 -95.16
C PRO AB 32 26.52 44.09 -94.29
N ARG AB 33 25.24 44.46 -94.28
CA ARG AB 33 24.29 43.86 -93.35
C ARG AB 33 23.28 43.01 -94.09
N TYR AB 34 22.97 41.85 -93.51
CA TYR AB 34 21.85 41.03 -93.96
C TYR AB 34 20.61 41.40 -93.15
N TYR AB 35 19.59 41.89 -93.85
CA TYR AB 35 18.25 41.97 -93.29
C TYR AB 35 17.29 41.41 -94.32
N LYS AB 36 16.16 40.90 -93.86
CA LYS AB 36 15.13 40.44 -94.77
C LYS AB 36 13.79 41.02 -94.35
N ASN AB 37 12.94 41.21 -95.35
CA ASN AB 37 11.52 41.47 -95.11
C ASN AB 37 10.90 40.15 -94.70
N ILE AB 38 10.16 40.14 -93.58
CA ILE AB 38 9.58 38.90 -93.10
C ILE AB 38 8.17 38.66 -93.62
N GLY AB 39 7.66 39.56 -94.44
CA GLY AB 39 6.33 39.38 -94.99
C GLY AB 39 5.24 39.79 -94.04
N LEU AB 40 4.01 39.56 -94.51
CA LEU AB 40 2.75 39.77 -93.78
C LEU AB 40 2.50 41.23 -93.39
N GLY AB 41 3.20 42.18 -94.00
CA GLY AB 41 2.99 43.59 -93.71
C GLY AB 41 3.86 44.17 -92.62
N PHE AB 42 4.68 43.37 -91.94
CA PHE AB 42 5.57 43.89 -90.91
C PHE AB 42 6.76 44.58 -91.54
N LYS AB 43 7.17 45.71 -90.96
CA LYS AB 43 8.30 46.44 -91.51
C LYS AB 43 9.54 46.23 -90.66
N THR AB 44 10.66 45.96 -91.33
CA THR AB 44 11.93 45.72 -90.65
C THR AB 44 12.41 46.99 -89.97
N PRO AB 45 12.74 46.95 -88.67
CA PRO AB 45 13.13 48.17 -87.97
C PRO AB 45 14.49 48.69 -88.40
N LYS AB 46 14.67 50.00 -88.21
CA LYS AB 46 15.96 50.61 -88.51
C LYS AB 46 17.02 50.21 -87.50
N GLU AB 47 16.61 49.82 -86.29
CA GLU AB 47 17.51 49.18 -85.35
C GLU AB 47 18.08 47.88 -85.92
N ALA AB 48 17.27 47.07 -86.59
CA ALA AB 48 17.74 45.87 -87.26
C ALA AB 48 18.58 46.17 -88.49
N ILE AB 49 18.17 47.14 -89.31
CA ILE AB 49 18.89 47.43 -90.55
C ILE AB 49 20.24 48.10 -90.31
N GLU AB 50 20.35 49.04 -89.37
CA GLU AB 50 21.61 49.70 -89.11
C GLU AB 50 22.28 49.24 -87.82
N GLY AB 51 21.72 48.25 -87.13
CA GLY AB 51 22.31 47.77 -85.90
C GLY AB 51 23.48 46.84 -86.14
N THR AB 52 24.14 46.47 -85.06
CA THR AB 52 25.32 45.62 -85.14
C THR AB 52 25.19 44.32 -84.36
N TYR AB 53 24.00 44.00 -83.85
CA TYR AB 53 23.84 42.77 -83.08
C TYR AB 53 23.91 41.55 -83.99
N ILE AB 54 24.21 40.40 -83.39
CA ILE AB 54 24.21 39.12 -84.08
C ILE AB 54 23.16 38.25 -83.40
N ASP AB 55 22.17 37.82 -84.17
CA ASP AB 55 21.04 37.09 -83.60
C ASP AB 55 20.59 36.09 -84.66
N LYS AB 56 20.92 34.81 -84.44
CA LYS AB 56 20.54 33.80 -85.41
C LYS AB 56 19.07 33.42 -85.29
N LYS AB 57 18.39 33.85 -84.24
CA LYS AB 57 16.97 33.59 -84.07
C LYS AB 57 16.11 34.83 -84.29
N CYS AB 58 16.72 35.94 -84.68
CA CYS AB 58 15.94 37.12 -85.04
C CYS AB 58 15.23 36.87 -86.37
N PRO AB 59 13.95 37.20 -86.49
CA PRO AB 59 13.27 37.06 -87.78
C PRO AB 59 13.82 37.95 -88.87
N PHE AB 60 14.34 39.12 -88.53
CA PHE AB 60 14.82 40.07 -89.53
C PHE AB 60 16.26 39.85 -89.95
N THR AB 61 17.13 39.41 -89.04
CA THR AB 61 18.56 39.30 -89.31
C THR AB 61 19.11 37.91 -89.04
N GLY AB 62 18.27 36.89 -88.98
CA GLY AB 62 18.71 35.54 -88.66
C GLY AB 62 18.09 34.50 -89.57
N ASN AB 63 18.40 33.25 -89.25
CA ASN AB 63 17.98 32.11 -90.07
C ASN AB 63 16.75 31.45 -89.48
N VAL AB 64 15.66 32.21 -89.42
CA VAL AB 64 14.39 31.68 -88.92
C VAL AB 64 13.27 32.24 -89.80
N SER AB 65 12.29 31.39 -90.13
CA SER AB 65 11.24 31.74 -91.06
C SER AB 65 9.90 31.82 -90.34
N ILE AB 66 9.18 32.92 -90.56
CA ILE AB 66 7.90 33.19 -89.91
C ILE AB 66 6.78 32.71 -90.82
N ARG AB 67 5.90 31.88 -90.28
CA ARG AB 67 4.78 31.33 -91.02
C ARG AB 67 3.75 30.85 -90.01
N GLY AB 68 2.52 30.69 -90.47
CA GLY AB 68 1.51 30.06 -89.65
C GLY AB 68 0.63 31.01 -88.86
N ARG AB 69 0.86 31.10 -87.56
CA ARG AB 69 -0.03 31.80 -86.64
C ARG AB 69 0.62 33.08 -86.13
N ILE AB 70 -0.05 34.21 -86.36
CA ILE AB 70 0.32 35.48 -85.75
C ILE AB 70 -0.65 35.73 -84.59
N LEU AB 71 -0.11 36.04 -83.42
CA LEU AB 71 -0.89 36.23 -82.21
C LEU AB 71 -0.43 37.50 -81.52
N SER AB 72 -1.05 37.80 -80.38
CA SER AB 72 -0.70 38.95 -79.55
C SER AB 72 -0.51 38.50 -78.11
N GLY AB 73 0.08 39.39 -77.33
CA GLY AB 73 0.34 39.08 -75.93
C GLY AB 73 0.69 40.33 -75.15
N VAL AB 74 0.64 40.20 -73.83
CA VAL AB 74 1.06 41.23 -72.90
C VAL AB 74 2.31 40.75 -72.19
N VAL AB 75 3.36 41.57 -72.19
CA VAL AB 75 4.66 41.15 -71.67
C VAL AB 75 4.59 41.00 -70.16
N THR AB 76 4.99 39.82 -69.67
CA THR AB 76 4.92 39.48 -68.25
C THR AB 76 6.28 39.54 -67.56
N LYS AB 77 7.28 38.83 -68.07
CA LYS AB 77 8.60 38.84 -67.48
C LYS AB 77 9.65 38.81 -68.58
N MET AB 78 10.74 39.55 -68.35
CA MET AB 78 11.79 39.72 -69.36
C MET AB 78 13.13 39.31 -68.77
N LYS AB 79 13.14 38.31 -67.91
CA LYS AB 79 14.31 38.01 -67.09
C LYS AB 79 15.23 36.97 -67.71
N MET AB 80 15.01 36.57 -68.94
CA MET AB 80 15.83 35.61 -69.64
C MET AB 80 16.92 36.32 -70.43
N GLN AB 81 17.60 35.57 -71.30
CA GLN AB 81 18.54 36.13 -72.26
C GLN AB 81 17.89 36.08 -73.63
N ARG AB 82 17.50 37.25 -74.16
CA ARG AB 82 16.86 37.45 -75.46
C ARG AB 82 15.55 36.69 -75.62
N THR AB 83 14.83 36.43 -74.53
CA THR AB 83 13.57 35.72 -74.55
C THR AB 83 12.67 36.36 -73.50
N ILE AB 84 11.39 36.53 -73.80
CA ILE AB 84 10.46 37.14 -72.87
C ILE AB 84 9.26 36.21 -72.71
N VAL AB 85 8.53 36.43 -71.62
CA VAL AB 85 7.30 35.69 -71.34
C VAL AB 85 6.13 36.64 -71.54
N ILE AB 86 5.21 36.26 -72.43
CA ILE AB 86 4.04 37.07 -72.72
C ILE AB 86 2.79 36.32 -72.27
N ARG AB 87 1.77 37.07 -71.89
CA ARG AB 87 0.53 36.50 -71.36
C ARG AB 87 -0.61 36.75 -72.34
N ARG AB 88 -1.29 35.68 -72.73
CA ARG AB 88 -2.45 35.76 -73.59
C ARG AB 88 -3.69 35.52 -72.75
N ASP AB 89 -4.47 36.57 -72.51
CA ASP AB 89 -5.68 36.48 -71.72
C ASP AB 89 -6.86 36.19 -72.64
N TYR AB 90 -7.56 35.10 -72.38
CA TYR AB 90 -8.72 34.72 -73.19
C TYR AB 90 -9.82 34.21 -72.27
N LEU AB 91 -11.00 34.04 -72.84
CA LEU AB 91 -12.18 33.58 -72.12
C LEU AB 91 -12.68 32.31 -72.78
N HIS AB 92 -12.78 31.24 -72.01
CA HIS AB 92 -13.31 29.99 -72.52
C HIS AB 92 -14.76 29.84 -72.11
N TYR AB 93 -15.55 29.26 -73.00
CA TYR AB 93 -16.99 29.22 -72.85
C TYR AB 93 -17.42 27.86 -72.34
N ILE AB 94 -18.10 27.84 -71.20
CA ILE AB 94 -18.81 26.66 -70.74
C ILE AB 94 -20.21 26.69 -71.34
N ARG AB 95 -20.79 25.53 -71.61
CA ARG AB 95 -22.11 25.45 -72.20
C ARG AB 95 -23.22 25.27 -71.17
N LYS AB 96 -22.95 24.54 -70.08
CA LYS AB 96 -23.98 24.31 -69.07
C LYS AB 96 -24.41 25.62 -68.41
N TYR AB 97 -23.46 26.32 -67.83
CA TYR AB 97 -23.63 27.72 -67.44
C TYR AB 97 -23.34 28.51 -68.71
N ASN AB 98 -24.23 29.42 -69.08
CA ASN AB 98 -24.00 30.15 -70.33
C ASN AB 98 -23.07 31.34 -70.12
N ARG AB 99 -21.96 31.13 -69.44
CA ARG AB 99 -21.02 32.17 -69.04
C ARG AB 99 -19.64 31.76 -69.49
N PHE AB 100 -18.66 32.59 -69.15
CA PHE AB 100 -17.28 32.39 -69.56
C PHE AB 100 -16.40 32.26 -68.33
N GLU AB 101 -15.16 31.86 -68.54
CA GLU AB 101 -14.20 31.83 -67.45
C GLU AB 101 -12.87 32.37 -67.96
N LYS AB 102 -12.20 33.16 -67.14
CA LYS AB 102 -10.96 33.81 -67.53
C LYS AB 102 -9.83 32.80 -67.48
N ARG AB 103 -9.13 32.64 -68.60
CA ARG AB 103 -7.98 31.77 -68.66
C ARG AB 103 -6.80 32.50 -69.29
N HIS AB 104 -5.61 31.99 -69.02
CA HIS AB 104 -4.40 32.53 -69.61
C HIS AB 104 -3.45 31.38 -69.92
N LYS AB 105 -2.57 31.63 -70.88
CA LYS AB 105 -1.45 30.74 -71.14
C LYS AB 105 -0.25 31.62 -71.42
N ASN AB 106 0.77 31.53 -70.57
CA ASN AB 106 1.98 32.30 -70.79
C ASN AB 106 2.99 31.47 -71.59
N MET AB 107 3.58 32.10 -72.59
CA MET AB 107 4.49 31.40 -73.50
C MET AB 107 5.77 32.21 -73.68
N SER AB 108 6.87 31.50 -73.81
CA SER AB 108 8.18 32.12 -73.93
C SER AB 108 8.46 32.42 -75.40
N VAL AB 109 8.60 33.70 -75.74
CA VAL AB 109 8.82 34.12 -77.11
C VAL AB 109 10.15 34.85 -77.19
N HIS AB 110 10.80 34.72 -78.35
CA HIS AB 110 12.13 35.28 -78.57
C HIS AB 110 12.02 36.77 -78.82
N LEU AB 111 12.78 37.56 -78.06
CA LEU AB 111 12.80 39.01 -78.23
C LEU AB 111 14.12 39.40 -78.88
N SER AB 112 14.06 39.78 -80.15
CA SER AB 112 15.24 40.25 -80.85
C SER AB 112 15.66 41.61 -80.30
N PRO AB 113 16.97 41.92 -80.27
CA PRO AB 113 17.40 43.23 -79.74
C PRO AB 113 17.21 44.39 -80.71
N CYS AB 114 16.52 44.17 -81.83
CA CYS AB 114 16.02 45.27 -82.63
C CYS AB 114 14.81 45.94 -81.99
N PHE AB 115 14.24 45.34 -80.96
CA PHE AB 115 13.22 45.95 -80.12
C PHE AB 115 13.90 46.33 -78.81
N ARG AB 116 14.01 47.63 -78.55
CA ARG AB 116 14.82 48.15 -77.46
C ARG AB 116 14.00 48.83 -76.38
N ASP AB 117 12.83 49.37 -76.72
CA ASP AB 117 11.94 50.00 -75.75
C ASP AB 117 10.79 49.04 -75.40
N VAL AB 118 11.14 47.92 -74.77
CA VAL AB 118 10.17 46.91 -74.37
C VAL AB 118 10.13 46.84 -72.86
N GLN AB 119 8.95 47.08 -72.28
CA GLN AB 119 8.77 46.99 -70.84
C GLN AB 119 7.60 46.09 -70.52
N ILE AB 120 7.38 45.88 -69.22
CA ILE AB 120 6.29 45.02 -68.77
C ILE AB 120 4.96 45.70 -69.03
N GLY AB 121 4.05 44.98 -69.68
CA GLY AB 121 2.74 45.50 -70.00
C GLY AB 121 2.57 45.89 -71.45
N ASP AB 122 3.65 45.96 -72.22
CA ASP AB 122 3.55 46.29 -73.63
C ASP AB 122 2.85 45.18 -74.39
N ILE AB 123 2.16 45.55 -75.45
CA ILE AB 123 1.50 44.59 -76.31
C ILE AB 123 2.52 44.09 -77.31
N VAL AB 124 2.41 42.84 -77.71
CA VAL AB 124 3.35 42.25 -78.66
C VAL AB 124 2.57 41.47 -79.71
N THR AB 125 2.97 41.62 -80.97
CA THR AB 125 2.52 40.77 -82.06
C THR AB 125 3.64 39.79 -82.35
N VAL AB 126 3.33 38.50 -82.25
CA VAL AB 126 4.30 37.42 -82.37
C VAL AB 126 3.92 36.53 -83.54
N GLY AB 127 4.95 35.98 -84.18
CA GLY AB 127 4.78 35.08 -85.30
C GLY AB 127 5.31 33.70 -84.99
N GLU AB 128 4.55 32.68 -85.38
CA GLU AB 128 4.94 31.30 -85.20
C GLU AB 128 6.17 30.99 -86.05
N CYS AB 129 7.09 30.23 -85.49
CA CYS AB 129 8.27 29.83 -86.24
C CYS AB 129 8.60 28.39 -85.93
N ARG AB 130 9.80 27.96 -86.33
CA ARG AB 130 10.28 26.64 -86.01
C ARG AB 130 10.62 26.59 -84.52
N PRO AB 131 10.67 25.41 -83.91
CA PRO AB 131 11.02 25.33 -82.48
C PRO AB 131 12.42 25.83 -82.21
N LEU AB 132 12.51 26.98 -81.56
CA LEU AB 132 13.80 27.59 -81.27
C LEU AB 132 14.45 27.07 -80.01
N SER AB 133 13.67 26.50 -79.10
CA SER AB 133 14.18 25.89 -77.87
C SER AB 133 13.13 24.89 -77.41
N LYS AB 134 13.22 24.50 -76.13
CA LYS AB 134 12.27 23.54 -75.60
C LYS AB 134 10.85 24.11 -75.53
N THR AB 135 10.72 25.40 -75.25
CA THR AB 135 9.42 26.02 -75.10
C THR AB 135 9.18 27.18 -76.07
N VAL AB 136 10.22 27.69 -76.72
CA VAL AB 136 10.08 28.83 -77.62
C VAL AB 136 9.68 28.33 -79.00
N ARG AB 137 8.58 28.87 -79.52
CA ARG AB 137 8.18 28.59 -80.89
C ARG AB 137 7.72 29.86 -81.59
N PHE AB 138 7.90 31.03 -80.99
CA PHE AB 138 7.40 32.27 -81.54
C PHE AB 138 8.48 33.34 -81.50
N ASN AB 139 8.37 34.31 -82.40
CA ASN AB 139 9.25 35.45 -82.44
C ASN AB 139 8.44 36.73 -82.25
N VAL AB 140 9.04 37.70 -81.58
CA VAL AB 140 8.46 39.03 -81.52
C VAL AB 140 8.63 39.70 -82.88
N LEU AB 141 7.52 40.05 -83.51
CA LEU AB 141 7.54 40.72 -84.80
C LEU AB 141 7.17 42.18 -84.72
N LYS AB 142 6.33 42.58 -83.77
CA LYS AB 142 6.02 44.00 -83.64
C LYS AB 142 5.72 44.31 -82.18
N VAL AB 143 6.34 45.37 -81.66
CA VAL AB 143 6.11 45.81 -80.29
C VAL AB 143 5.17 47.01 -80.31
N THR AB 144 4.17 47.00 -79.44
CA THR AB 144 3.24 48.11 -79.25
C THR AB 144 3.38 48.60 -77.82
N LYS AB 145 3.59 49.90 -77.67
CA LYS AB 145 3.63 50.50 -76.34
C LYS AB 145 2.23 50.43 -75.71
N ALA AB 146 2.20 50.32 -74.40
CA ALA AB 146 0.95 50.11 -73.68
C ALA AB 146 0.18 51.43 -73.55
N ALA AB 147 -0.85 51.43 -72.71
CA ALA AB 147 -1.67 52.61 -72.49
C ALA AB 147 -0.87 53.72 -71.80
N GLY AB 148 -0.96 54.93 -72.34
CA GLY AB 148 -0.16 56.03 -71.86
C GLY AB 148 1.30 55.83 -72.23
N THR AB 149 2.16 55.77 -71.21
CA THR AB 149 3.56 55.31 -71.18
C THR AB 149 4.48 55.89 -72.27
N LYS AB 150 4.10 56.99 -72.90
CA LYS AB 150 5.01 57.72 -73.77
C LYS AB 150 5.87 58.72 -73.00
N LYS AB 151 5.54 58.96 -71.73
CA LYS AB 151 6.28 59.89 -70.89
C LYS AB 151 7.38 59.17 -70.13
N VAL BB 1 -114.55 -64.40 -54.44
CA VAL BB 1 -113.79 -63.99 -55.62
C VAL BB 1 -112.50 -63.29 -55.15
N ASN BB 2 -111.40 -63.59 -55.87
CA ASN BB 2 -110.09 -63.08 -55.48
C ASN BB 2 -110.01 -61.56 -55.63
N THR BB 3 -110.81 -60.99 -56.53
CA THR BB 3 -110.89 -59.54 -56.69
C THR BB 3 -111.99 -58.92 -55.82
N ALA BB 4 -112.92 -59.72 -55.31
CA ALA BB 4 -113.80 -59.28 -54.23
C ALA BB 4 -113.08 -59.22 -52.89
N LEU BB 5 -112.01 -60.02 -52.76
CA LEU BB 5 -111.14 -59.94 -51.59
C LEU BB 5 -110.50 -58.57 -51.47
N GLN BB 6 -110.08 -57.98 -52.60
CA GLN BB 6 -109.52 -56.62 -52.57
C GLN BB 6 -110.54 -55.60 -52.11
N GLU BB 7 -111.79 -55.73 -52.57
CA GLU BB 7 -112.86 -54.81 -52.20
C GLU BB 7 -113.17 -54.88 -50.71
N VAL BB 8 -113.24 -56.11 -50.16
CA VAL BB 8 -113.53 -56.24 -48.74
C VAL BB 8 -112.33 -55.80 -47.89
N LEU BB 9 -111.10 -55.96 -48.40
CA LEU BB 9 -109.94 -55.45 -47.67
C LEU BB 9 -109.91 -53.92 -47.63
N LYS BB 10 -110.30 -53.27 -48.74
CA LYS BB 10 -110.34 -51.80 -48.73
C LYS BB 10 -111.45 -51.26 -47.83
N THR BB 11 -112.63 -51.86 -47.89
CA THR BB 11 -113.73 -51.44 -47.02
C THR BB 11 -113.47 -51.80 -45.55
N ALA BB 12 -112.64 -52.79 -45.27
CA ALA BB 12 -112.16 -53.01 -43.92
C ALA BB 12 -111.12 -51.98 -43.49
N LEU BB 13 -110.19 -51.63 -44.38
CA LEU BB 13 -109.10 -50.72 -44.06
C LEU BB 13 -109.59 -49.30 -43.83
N ILE BB 14 -110.75 -48.94 -44.39
CA ILE BB 14 -111.26 -47.60 -44.08
C ILE BB 14 -111.85 -47.48 -42.67
N HIS BB 15 -111.81 -48.56 -41.86
CA HIS BB 15 -112.09 -48.47 -40.42
C HIS BB 15 -111.08 -49.25 -39.57
N ASP BB 16 -110.10 -49.91 -40.20
CA ASP BB 16 -109.07 -50.73 -39.52
C ASP BB 16 -109.69 -51.82 -38.66
N GLY BB 17 -110.48 -52.69 -39.29
CA GLY BB 17 -110.92 -53.88 -38.61
C GLY BB 17 -110.02 -55.07 -38.88
N LEU BB 18 -109.06 -54.91 -39.78
CA LEU BB 18 -108.23 -56.03 -40.17
C LEU BB 18 -106.96 -56.06 -39.30
N ALA BB 19 -106.83 -57.13 -38.52
CA ALA BB 19 -105.71 -57.30 -37.60
C ALA BB 19 -104.74 -58.26 -38.26
N ARG BB 20 -103.78 -57.72 -39.00
CA ARG BB 20 -102.90 -58.53 -39.84
C ARG BB 20 -101.90 -59.33 -39.00
N GLY BB 21 -101.68 -60.57 -39.39
CA GLY BB 21 -100.75 -61.42 -38.67
C GLY BB 21 -101.45 -62.49 -37.85
N ILE BB 22 -100.85 -63.68 -37.81
CA ILE BB 22 -101.53 -64.81 -37.19
C ILE BB 22 -101.35 -64.77 -35.67
N ARG BB 23 -100.41 -63.97 -35.17
CA ARG BB 23 -100.21 -63.94 -33.73
C ARG BB 23 -101.12 -62.91 -33.07
N GLU BB 24 -101.49 -61.85 -33.80
CA GLU BB 24 -102.64 -61.04 -33.40
C GLU BB 24 -103.93 -61.78 -33.71
N ALA BB 25 -103.91 -62.65 -34.72
CA ALA BB 25 -105.10 -63.39 -35.06
C ALA BB 25 -105.36 -64.55 -34.10
N ALA BB 26 -104.35 -64.95 -33.33
CA ALA BB 26 -104.59 -65.94 -32.28
C ALA BB 26 -105.56 -65.42 -31.26
N LYS BB 27 -105.30 -64.24 -30.72
CA LYS BB 27 -106.28 -63.63 -29.85
C LYS BB 27 -107.54 -63.20 -30.60
N ALA BB 28 -107.44 -62.74 -31.86
CA ALA BB 28 -108.63 -62.34 -32.62
C ALA BB 28 -109.58 -63.49 -32.91
N LEU BB 29 -109.05 -64.70 -33.16
CA LEU BB 29 -109.88 -65.88 -33.33
C LEU BB 29 -110.35 -66.42 -32.00
N ASP BB 30 -109.57 -66.22 -30.94
CA ASP BB 30 -110.05 -66.59 -29.61
C ASP BB 30 -111.08 -65.61 -29.06
N LYS BB 31 -111.24 -64.42 -29.67
CA LYS BB 31 -112.43 -63.57 -29.44
C LYS BB 31 -113.71 -64.14 -30.02
N ARG BB 32 -113.63 -65.24 -30.78
CA ARG BB 32 -114.80 -66.01 -31.27
C ARG BB 32 -115.72 -65.19 -32.16
N GLN BB 33 -115.16 -64.25 -32.93
CA GLN BB 33 -116.00 -63.36 -33.72
C GLN BB 33 -115.41 -63.03 -35.08
N ALA BB 34 -114.33 -63.71 -35.49
CA ALA BB 34 -113.56 -63.29 -36.66
C ALA BB 34 -114.33 -63.51 -37.95
N HIS BB 35 -114.15 -62.58 -38.90
CA HIS BB 35 -114.98 -62.56 -40.09
C HIS BB 35 -114.26 -63.11 -41.32
N LEU BB 36 -112.94 -62.91 -41.44
CA LEU BB 36 -112.26 -63.36 -42.64
C LEU BB 36 -110.83 -63.77 -42.30
N CYS BB 37 -110.28 -64.67 -43.12
CA CYS BB 37 -108.89 -65.13 -42.96
C CYS BB 37 -108.35 -65.49 -44.32
N VAL BB 38 -107.10 -65.08 -44.62
CA VAL BB 38 -106.43 -65.42 -45.87
C VAL BB 38 -104.99 -65.86 -45.54
N LEU BB 39 -104.60 -67.01 -46.08
CA LEU BB 39 -103.24 -67.53 -45.96
C LEU BB 39 -102.78 -67.88 -47.37
N ALA BB 40 -101.47 -68.16 -47.53
CA ALA BB 40 -100.87 -68.67 -48.76
C ALA BB 40 -100.27 -70.06 -48.56
N SER BB 41 -99.96 -70.70 -49.68
CA SER BB 41 -99.40 -72.06 -49.73
C SER BB 41 -98.13 -72.11 -50.58
N ASN BB 42 -97.73 -73.35 -50.93
CA ASN BB 42 -96.62 -73.82 -51.76
C ASN BB 42 -95.27 -73.74 -51.05
N CYS BB 43 -95.21 -73.14 -49.87
CA CYS BB 43 -93.99 -73.10 -49.07
C CYS BB 43 -93.95 -74.28 -48.10
N ASP BB 44 -92.82 -74.42 -47.43
CA ASP BB 44 -92.54 -75.60 -46.62
C ASP BB 44 -93.14 -75.54 -45.22
N GLU BB 45 -94.44 -75.25 -45.09
CA GLU BB 45 -94.80 -74.79 -43.75
C GLU BB 45 -96.07 -75.50 -43.25
N PRO BB 46 -96.01 -76.82 -43.06
CA PRO BB 46 -97.25 -77.61 -42.94
C PRO BB 46 -97.86 -77.64 -41.54
N MET BB 47 -97.02 -77.58 -40.48
CA MET BB 47 -97.53 -77.47 -39.13
C MET BB 47 -98.27 -76.15 -38.95
N TYR BB 48 -97.81 -75.12 -39.64
CA TYR BB 48 -98.47 -73.82 -39.61
C TYR BB 48 -99.77 -73.81 -40.40
N VAL BB 49 -99.81 -74.48 -41.56
CA VAL BB 49 -101.08 -74.49 -42.29
C VAL BB 49 -102.12 -75.36 -41.57
N LYS BB 50 -101.70 -76.41 -40.86
CA LYS BB 50 -102.67 -77.15 -40.05
C LYS BB 50 -103.02 -76.40 -38.76
N LEU BB 51 -102.07 -75.58 -38.28
CA LEU BB 51 -102.30 -74.71 -37.13
C LEU BB 51 -103.42 -73.71 -37.40
N VAL BB 52 -103.41 -73.12 -38.58
CA VAL BB 52 -104.50 -72.22 -38.95
C VAL BB 52 -105.69 -73.02 -39.48
N GLU BB 53 -105.49 -74.28 -39.86
CA GLU BB 53 -106.62 -75.05 -40.35
C GLU BB 53 -107.46 -75.63 -39.22
N ALA BB 54 -106.93 -75.60 -37.99
CA ALA BB 54 -107.79 -75.81 -36.83
C ALA BB 54 -108.61 -74.55 -36.52
N LEU BB 55 -107.94 -73.40 -36.44
CA LEU BB 55 -108.59 -72.16 -36.06
C LEU BB 55 -109.23 -71.43 -37.23
N CYS BB 56 -109.25 -72.04 -38.42
CA CYS BB 56 -109.89 -71.43 -39.58
C CYS BB 56 -111.38 -71.65 -39.53
N ALA BB 57 -111.79 -72.73 -38.88
CA ALA BB 57 -113.19 -72.96 -38.52
C ALA BB 57 -113.29 -73.63 -37.16
N GLU BB 58 -112.48 -73.17 -36.19
CA GLU BB 58 -112.64 -73.66 -34.82
C GLU BB 58 -114.03 -73.36 -34.25
N HIS BB 59 -114.57 -72.16 -34.49
CA HIS BB 59 -116.01 -71.92 -34.34
C HIS BB 59 -116.52 -71.05 -35.50
N GLN BB 60 -116.79 -71.70 -36.64
CA GLN BB 60 -117.49 -71.13 -37.80
C GLN BB 60 -116.84 -69.84 -38.33
N ILE BB 61 -115.65 -69.97 -38.88
CA ILE BB 61 -114.96 -68.82 -39.48
C ILE BB 61 -114.67 -69.21 -40.94
N ASN BB 62 -114.45 -68.21 -41.80
CA ASN BB 62 -114.20 -68.41 -43.22
C ASN BB 62 -112.68 -68.40 -43.48
N LEU BB 63 -112.28 -68.85 -44.69
CA LEU BB 63 -110.89 -68.76 -45.12
C LEU BB 63 -110.80 -68.73 -46.65
N ILE BB 64 -109.89 -67.89 -47.17
CA ILE BB 64 -109.51 -67.86 -48.58
C ILE BB 64 -108.06 -68.31 -48.68
N LYS BB 65 -107.78 -69.16 -49.67
CA LYS BB 65 -106.42 -69.61 -49.94
C LYS BB 65 -105.95 -69.06 -51.29
N VAL BB 66 -105.05 -68.07 -51.25
CA VAL BB 66 -104.35 -67.57 -52.43
C VAL BB 66 -102.88 -67.81 -52.21
N ASP BB 67 -102.29 -68.72 -52.99
CA ASP BB 67 -101.03 -69.35 -52.59
C ASP BB 67 -99.80 -68.48 -52.82
N ASP BB 68 -99.91 -67.36 -53.52
CA ASP BB 68 -98.71 -66.55 -53.74
C ASP BB 68 -98.56 -65.50 -52.66
N ASN BB 69 -97.62 -65.71 -51.73
CA ASN BB 69 -97.51 -64.83 -50.57
C ASN BB 69 -96.75 -63.54 -50.88
N LYS BB 70 -96.06 -63.49 -52.03
CA LYS BB 70 -95.22 -62.34 -52.33
C LYS BB 70 -96.03 -61.14 -52.80
N LYS BB 71 -97.34 -61.29 -53.01
CA LYS BB 71 -98.21 -60.18 -53.35
C LYS BB 71 -99.44 -60.13 -52.45
N LEU BB 72 -99.55 -61.03 -51.46
CA LEU BB 72 -100.54 -60.86 -50.42
C LEU BB 72 -100.26 -59.61 -49.59
N GLY BB 73 -98.98 -59.34 -49.33
CA GLY BB 73 -98.61 -58.09 -48.68
C GLY BB 73 -98.91 -56.88 -49.53
N GLU BB 74 -98.80 -57.01 -50.86
CA GLU BB 74 -99.24 -55.96 -51.76
C GLU BB 74 -100.74 -55.74 -51.68
N TRP BB 75 -101.51 -56.83 -51.54
CA TRP BB 75 -102.96 -56.73 -51.48
C TRP BB 75 -103.43 -56.12 -50.16
N VAL BB 76 -102.76 -56.44 -49.05
CA VAL BB 76 -103.23 -55.94 -47.78
C VAL BB 76 -102.69 -54.54 -47.50
N GLY BB 77 -101.44 -54.26 -47.89
CA GLY BB 77 -100.85 -53.00 -47.51
C GLY BB 77 -99.56 -53.10 -46.70
N LEU BB 78 -98.79 -54.18 -46.92
CA LEU BB 78 -97.40 -54.16 -46.47
C LEU BB 78 -96.66 -53.13 -47.31
N CYS BB 79 -96.79 -53.23 -48.62
CA CYS BB 79 -96.13 -52.32 -49.55
C CYS BB 79 -97.17 -51.37 -50.11
N LYS BB 80 -97.43 -50.30 -49.38
CA LYS BB 80 -98.11 -49.12 -49.92
C LYS BB 80 -97.09 -48.02 -50.22
N ILE BB 81 -95.83 -48.44 -50.29
CA ILE BB 81 -94.72 -47.57 -50.66
C ILE BB 81 -94.83 -47.23 -52.13
N ASP BB 82 -94.93 -45.94 -52.44
CA ASP BB 82 -94.97 -45.38 -53.80
C ASP BB 82 -96.13 -45.95 -54.62
N ARG BB 83 -97.35 -45.60 -54.19
CA ARG BB 83 -98.56 -46.12 -54.81
C ARG BB 83 -98.96 -45.37 -56.07
N GLU BB 84 -98.12 -44.44 -56.55
CA GLU BB 84 -98.39 -43.73 -57.80
C GLU BB 84 -97.92 -44.49 -59.03
N GLY BB 85 -97.59 -45.77 -58.88
CA GLY BB 85 -96.92 -46.52 -59.93
C GLY BB 85 -96.19 -47.72 -59.38
N LYS BB 86 -94.90 -47.80 -59.68
CA LYS BB 86 -94.10 -48.96 -59.33
C LYS BB 86 -93.93 -49.09 -57.82
N PRO BB 87 -93.91 -50.33 -57.30
CA PRO BB 87 -93.49 -50.52 -55.90
C PRO BB 87 -91.98 -50.52 -55.81
N ARG BB 88 -91.43 -49.93 -54.75
CA ARG BB 88 -89.97 -49.87 -54.60
C ARG BB 88 -89.40 -51.24 -54.29
N LYS BB 89 -89.83 -51.84 -53.19
CA LYS BB 89 -89.49 -53.22 -52.88
C LYS BB 89 -90.62 -53.81 -52.05
N VAL BB 90 -90.73 -55.13 -52.04
CA VAL BB 90 -91.82 -55.79 -51.36
C VAL BB 90 -91.27 -56.92 -50.48
N VAL BB 91 -91.85 -57.03 -49.28
CA VAL BB 91 -91.59 -58.13 -48.36
C VAL BB 91 -92.85 -58.96 -48.28
N GLY BB 92 -92.70 -60.29 -48.31
CA GLY BB 92 -93.86 -61.16 -48.31
C GLY BB 92 -94.60 -61.15 -46.98
N CYS BB 93 -95.93 -61.21 -47.08
CA CYS BB 93 -96.80 -61.37 -45.94
C CYS BB 93 -97.67 -62.59 -46.18
N SER BB 94 -97.83 -63.42 -45.15
CA SER BB 94 -98.44 -64.73 -45.33
C SER BB 94 -99.85 -64.83 -44.77
N CYS BB 95 -100.19 -64.10 -43.72
CA CYS BB 95 -101.48 -64.30 -43.07
C CYS BB 95 -102.13 -62.96 -42.78
N VAL BB 96 -103.41 -62.83 -43.17
CA VAL BB 96 -104.22 -61.69 -42.74
C VAL BB 96 -105.57 -62.19 -42.21
N VAL BB 97 -106.05 -61.58 -41.13
CA VAL BB 97 -107.35 -61.89 -40.56
C VAL BB 97 -108.12 -60.60 -40.31
N VAL BB 98 -109.36 -60.56 -40.79
CA VAL BB 98 -110.12 -59.33 -41.00
C VAL BB 98 -111.40 -59.41 -40.18
N LYS BB 99 -111.49 -58.60 -39.12
CA LYS BB 99 -112.73 -58.19 -38.50
C LYS BB 99 -113.29 -57.02 -39.32
N ASP BB 100 -114.57 -56.73 -39.21
CA ASP BB 100 -115.15 -55.71 -40.08
C ASP BB 100 -116.18 -54.91 -39.28
N TYR BB 101 -116.60 -53.78 -39.85
CA TYR BB 101 -117.72 -52.99 -39.35
C TYR BB 101 -118.73 -52.68 -40.44
N GLY BB 102 -118.37 -52.84 -41.72
CA GLY BB 102 -119.23 -52.51 -42.84
C GLY BB 102 -120.24 -53.59 -43.17
N LYS BB 103 -121.35 -53.60 -42.42
CA LYS BB 103 -122.36 -54.67 -42.48
C LYS BB 103 -122.94 -54.89 -43.87
N GLU BB 104 -123.18 -53.82 -44.61
CA GLU BB 104 -123.73 -53.92 -45.97
C GLU BB 104 -122.80 -53.18 -46.94
N SER BB 105 -122.45 -53.85 -48.04
CA SER BB 105 -121.58 -53.29 -49.06
C SER BB 105 -121.59 -54.16 -50.32
N GLN BB 106 -121.42 -53.49 -51.47
CA GLN BB 106 -121.09 -54.15 -52.73
C GLN BB 106 -119.69 -54.76 -52.71
N ALA BB 107 -118.83 -54.37 -51.76
CA ALA BB 107 -117.65 -55.12 -51.41
C ALA BB 107 -117.98 -56.41 -50.67
N LYS BB 108 -118.97 -56.35 -49.76
CA LYS BB 108 -119.28 -57.51 -48.93
C LYS BB 108 -120.04 -58.59 -49.68
N ASP BB 109 -120.92 -58.22 -50.62
CA ASP BB 109 -121.96 -59.17 -51.03
C ASP BB 109 -121.43 -60.30 -51.92
N VAL BB 110 -120.18 -60.20 -52.38
CA VAL BB 110 -119.62 -61.16 -53.31
C VAL BB 110 -118.69 -62.07 -52.49
N ILE BB 111 -118.78 -61.99 -51.16
CA ILE BB 111 -117.94 -62.89 -50.37
C ILE BB 111 -118.84 -64.00 -49.84
N GLU BB 112 -120.15 -63.74 -49.76
CA GLU BB 112 -121.07 -64.75 -49.25
C GLU BB 112 -121.43 -65.78 -50.31
N GLU BB 113 -121.13 -65.49 -51.58
CA GLU BB 113 -121.29 -66.50 -52.62
C GLU BB 113 -120.29 -67.64 -52.44
N TYR BB 114 -119.14 -67.34 -51.87
CA TYR BB 114 -118.13 -68.33 -51.55
C TYR BB 114 -118.19 -68.79 -50.10
N PHE BB 115 -118.87 -68.02 -49.24
CA PHE BB 115 -118.91 -68.38 -47.82
C PHE BB 115 -120.32 -68.60 -47.27
N LYS BB 116 -121.30 -68.91 -48.11
CA LYS BB 116 -122.52 -69.56 -47.67
C LYS BB 116 -122.64 -70.99 -48.20
N CYS BB 117 -121.87 -71.33 -49.23
CA CYS BB 117 -121.77 -72.70 -49.70
C CYS BB 117 -120.38 -73.26 -49.41
N GLY CB 1 -23.80 54.20 -49.56
CA GLY CB 1 -23.28 54.34 -48.21
C GLY CB 1 -21.81 54.71 -48.18
N ARG CB 2 -21.30 55.02 -47.00
CA ARG CB 2 -19.90 55.39 -46.86
C ARG CB 2 -19.02 54.16 -47.01
N MET CB 3 -17.73 54.40 -47.28
CA MET CB 3 -16.83 53.29 -47.56
C MET CB 3 -16.50 52.51 -46.29
N HIS CB 4 -16.13 53.20 -45.23
CA HIS CB 4 -15.65 52.58 -44.01
C HIS CB 4 -16.55 52.87 -42.83
N ALA CB 5 -17.82 53.14 -43.11
CA ALA CB 5 -18.79 53.45 -42.07
C ALA CB 5 -20.15 53.03 -42.59
N PRO CB 6 -21.08 52.64 -41.70
CA PRO CB 6 -22.42 52.25 -42.14
C PRO CB 6 -23.37 53.43 -42.39
N GLY CB 7 -22.88 54.66 -42.51
CA GLY CB 7 -23.79 55.77 -42.73
C GLY CB 7 -24.28 55.82 -44.16
N LYS CB 8 -25.52 56.28 -44.34
CA LYS CB 8 -26.16 56.42 -45.65
C LYS CB 8 -26.62 57.88 -45.82
N GLY CB 9 -25.77 58.84 -45.47
CA GLY CB 9 -26.18 60.22 -45.55
C GLY CB 9 -26.31 60.72 -46.97
N LEU CB 10 -27.29 61.60 -47.19
CA LEU CB 10 -27.51 62.26 -48.48
C LEU CB 10 -27.28 63.74 -48.26
N SER CB 11 -26.01 64.16 -48.35
CA SER CB 11 -25.62 65.53 -48.07
C SER CB 11 -24.36 65.86 -48.83
N GLN CB 12 -24.47 66.76 -49.81
CA GLN CB 12 -23.37 67.15 -50.68
C GLN CB 12 -23.72 68.51 -51.26
N SER CB 13 -22.97 68.90 -52.30
CA SER CB 13 -23.27 70.12 -53.02
C SER CB 13 -24.43 69.89 -53.99
N ALA CB 14 -25.01 71.00 -54.45
CA ALA CB 14 -26.06 70.96 -55.46
C ALA CB 14 -25.85 72.11 -56.42
N LEU CB 15 -25.08 71.86 -57.48
CA LEU CB 15 -24.85 72.89 -58.49
C LEU CB 15 -26.15 73.22 -59.21
N PRO CB 16 -26.37 74.49 -59.56
CA PRO CB 16 -27.58 74.84 -60.30
C PRO CB 16 -27.50 74.36 -61.74
N TYR CB 17 -28.63 74.47 -62.43
CA TYR CB 17 -28.65 74.12 -63.84
C TYR CB 17 -27.88 75.12 -64.69
N ARG CB 18 -27.78 76.36 -64.22
CA ARG CB 18 -27.10 77.41 -64.99
C ARG CB 18 -25.60 77.22 -64.89
N ARG CB 19 -24.95 77.04 -66.05
CA ARG CB 19 -23.52 76.82 -66.11
C ARG CB 19 -22.75 78.10 -66.47
N SER CB 20 -23.47 79.21 -66.62
CA SER CB 20 -22.85 80.46 -67.02
C SER CB 20 -22.54 81.30 -65.80
N VAL CB 21 -21.74 82.34 -66.03
CA VAL CB 21 -21.43 83.30 -64.96
C VAL CB 21 -22.69 84.12 -64.65
N PRO CB 22 -22.95 84.45 -63.40
CA PRO CB 22 -24.00 85.44 -63.13
C PRO CB 22 -23.60 86.81 -63.66
N THR CB 23 -24.61 87.61 -64.01
CA THR CB 23 -24.35 88.94 -64.53
C THR CB 23 -23.86 89.91 -63.46
N TRP CB 24 -24.00 89.58 -62.17
CA TRP CB 24 -23.53 90.46 -61.11
C TRP CB 24 -22.08 90.22 -60.72
N LEU CB 25 -21.45 89.19 -61.27
CA LEU CB 25 -20.03 88.95 -61.01
C LEU CB 25 -19.21 89.92 -61.83
N LYS CB 26 -18.50 90.83 -61.16
CA LYS CB 26 -17.70 91.85 -61.80
C LYS CB 26 -16.23 91.44 -61.90
N LEU CB 27 -15.94 90.14 -61.92
CA LEU CB 27 -14.58 89.63 -61.89
C LEU CB 27 -14.26 88.93 -63.20
N THR CB 28 -12.99 89.02 -63.59
CA THR CB 28 -12.53 88.42 -64.83
C THR CB 28 -11.64 87.21 -64.53
N SER CB 29 -11.35 86.47 -65.60
CA SER CB 29 -10.62 85.21 -65.50
C SER CB 29 -9.21 85.42 -64.96
N ASP CB 30 -8.54 86.48 -65.44
CA ASP CB 30 -7.19 86.79 -64.95
C ASP CB 30 -7.19 87.21 -63.50
N ASP CB 31 -8.19 87.98 -63.06
CA ASP CB 31 -8.27 88.38 -61.66
C ASP CB 31 -8.55 87.21 -60.73
N VAL CB 32 -9.48 86.33 -61.12
CA VAL CB 32 -9.77 85.17 -60.25
C VAL CB 32 -8.61 84.18 -60.28
N LYS CB 33 -7.89 84.07 -61.40
CA LYS CB 33 -6.70 83.23 -61.44
C LYS CB 33 -5.56 83.82 -60.63
N GLU CB 34 -5.45 85.15 -60.61
CA GLU CB 34 -4.47 85.82 -59.76
C GLU CB 34 -4.78 85.58 -58.29
N GLN CB 35 -6.06 85.63 -57.92
CA GLN CB 35 -6.44 85.36 -56.54
C GLN CB 35 -6.17 83.90 -56.18
N ILE CB 36 -6.37 82.99 -57.13
CA ILE CB 36 -6.00 81.58 -56.95
C ILE CB 36 -4.50 81.45 -56.69
N TYR CB 37 -3.69 82.19 -57.46
CA TYR CB 37 -2.23 82.14 -57.28
C TYR CB 37 -1.82 82.71 -55.92
N LYS CB 38 -2.46 83.79 -55.51
CA LYS CB 38 -2.18 84.40 -54.21
C LYS CB 38 -2.51 83.45 -53.06
N LEU CB 39 -3.67 82.80 -53.13
CA LEU CB 39 -4.07 81.85 -52.10
C LEU CB 39 -3.21 80.59 -52.13
N ALA CB 40 -2.81 80.13 -53.31
CA ALA CB 40 -2.08 78.88 -53.42
C ALA CB 40 -0.64 79.03 -52.99
N LYS CB 41 -0.03 80.18 -53.25
CA LYS CB 41 1.33 80.39 -52.76
C LYS CB 41 1.38 80.60 -51.26
N LYS CB 42 0.25 80.90 -50.62
CA LYS CB 42 0.11 80.98 -49.17
C LYS CB 42 -0.03 79.59 -48.53
N GLY CB 43 0.23 78.51 -49.26
CA GLY CB 43 0.10 77.17 -48.72
C GLY CB 43 -1.31 76.71 -48.46
N LEU CB 44 -2.23 76.98 -49.39
CA LEU CB 44 -3.63 76.58 -49.24
C LEU CB 44 -3.96 75.51 -50.26
N THR CB 45 -4.81 74.56 -49.85
CA THR CB 45 -5.28 73.52 -50.74
C THR CB 45 -6.28 74.12 -51.75
N PRO CB 46 -6.45 73.48 -52.92
CA PRO CB 46 -7.45 73.95 -53.90
C PRO CB 46 -8.88 74.00 -53.38
N SER CB 47 -9.25 73.08 -52.49
CA SER CB 47 -10.57 73.13 -51.87
C SER CB 47 -10.75 74.36 -51.01
N GLN CB 48 -9.75 74.72 -50.20
CA GLN CB 48 -9.81 75.94 -49.40
C GLN CB 48 -9.80 77.19 -50.26
N ILE CB 49 -9.07 77.16 -51.38
CA ILE CB 49 -9.08 78.27 -52.33
C ILE CB 49 -10.49 78.49 -52.88
N GLY CB 50 -11.14 77.39 -53.30
CA GLY CB 50 -12.49 77.49 -53.81
C GLY CB 50 -13.50 77.92 -52.77
N VAL CB 51 -13.31 77.50 -51.51
CA VAL CB 51 -14.15 77.95 -50.41
C VAL CB 51 -14.05 79.45 -50.25
N ILE CB 52 -12.83 80.00 -50.14
CA ILE CB 52 -12.71 81.41 -49.79
C ILE CB 52 -13.02 82.29 -51.01
N LEU CB 53 -12.86 81.75 -52.22
CA LEU CB 53 -13.32 82.45 -53.41
C LEU CB 53 -14.84 82.51 -53.47
N ARG CB 54 -15.52 81.42 -53.10
CA ARG CB 54 -16.97 81.45 -53.02
C ARG CB 54 -17.45 82.32 -51.86
N ASP CB 55 -16.58 82.53 -50.88
CA ASP CB 55 -16.94 83.19 -49.63
C ASP CB 55 -16.88 84.70 -49.72
N SER CB 56 -15.74 85.25 -50.16
CA SER CB 56 -15.56 86.69 -50.14
C SER CB 56 -15.44 87.32 -51.52
N HIS CB 57 -15.56 86.53 -52.59
CA HIS CB 57 -15.40 87.06 -53.93
C HIS CB 57 -16.50 86.62 -54.89
N GLY CB 58 -17.50 85.86 -54.42
CA GLY CB 58 -18.63 85.49 -55.23
C GLY CB 58 -18.35 84.52 -56.35
N VAL CB 59 -17.24 83.79 -56.27
CA VAL CB 59 -16.85 82.87 -57.35
C VAL CB 59 -17.35 81.49 -56.95
N ALA CB 60 -18.55 81.15 -57.43
CA ALA CB 60 -19.17 79.89 -57.05
C ALA CB 60 -18.45 78.70 -57.67
N GLN CB 61 -18.20 78.76 -58.97
CA GLN CB 61 -17.44 77.70 -59.64
C GLN CB 61 -16.36 78.37 -60.46
N VAL CB 62 -15.11 78.04 -60.12
CA VAL CB 62 -13.95 78.51 -60.88
C VAL CB 62 -13.99 77.93 -62.30
N ARG CB 63 -14.50 76.71 -62.45
CA ARG CB 63 -14.66 76.12 -63.78
C ARG CB 63 -15.69 76.89 -64.61
N PHE CB 64 -16.64 77.58 -63.98
CA PHE CB 64 -17.59 78.38 -64.74
C PHE CB 64 -17.09 79.79 -65.00
N VAL CB 65 -16.32 80.36 -64.07
CA VAL CB 65 -15.78 81.71 -64.29
C VAL CB 65 -14.61 81.67 -65.28
N THR CB 66 -13.62 80.82 -65.00
CA THR CB 66 -12.56 80.48 -65.95
C THR CB 66 -13.03 79.37 -66.88
N GLY CB 67 -12.09 78.72 -67.56
CA GLY CB 67 -12.43 77.54 -68.30
C GLY CB 67 -11.96 76.26 -67.64
N ASN CB 68 -11.22 76.40 -66.54
CA ASN CB 68 -10.49 75.31 -65.92
C ASN CB 68 -10.80 75.23 -64.43
N LYS CB 69 -10.53 74.07 -63.85
CA LYS CB 69 -10.65 73.86 -62.41
C LYS CB 69 -9.40 74.35 -61.69
N ILE CB 70 -9.48 74.41 -60.37
CA ILE CB 70 -8.46 75.08 -59.56
C ILE CB 70 -7.14 74.32 -59.59
N LEU CB 71 -7.20 72.99 -59.40
CA LEU CB 71 -5.98 72.19 -59.50
C LEU CB 71 -5.43 72.19 -60.93
N ARG CB 72 -6.28 72.43 -61.92
CA ARG CB 72 -5.80 72.48 -63.29
C ARG CB 72 -5.03 73.76 -63.56
N ILE CB 73 -5.53 74.90 -63.04
CA ILE CB 73 -4.79 76.16 -63.10
C ILE CB 73 -3.50 76.06 -62.30
N LEU CB 74 -3.55 75.34 -61.18
CA LEU CB 74 -2.36 75.18 -60.35
C LEU CB 74 -1.31 74.29 -61.01
N LYS CB 75 -1.74 73.31 -61.79
CA LYS CB 75 -0.79 72.53 -62.58
C LYS CB 75 -0.28 73.33 -63.78
N SER CB 76 -1.08 74.26 -64.28
CA SER CB 76 -0.60 75.11 -65.37
C SER CB 76 0.51 76.04 -64.90
N LYS CB 77 0.32 76.68 -63.76
CA LYS CB 77 1.33 77.63 -63.30
C LYS CB 77 2.47 76.96 -62.53
N GLY CB 78 2.23 75.81 -61.92
CA GLY CB 78 3.29 75.13 -61.19
C GLY CB 78 3.10 75.20 -59.70
N LEU CB 79 1.85 75.38 -59.27
CA LEU CB 79 1.54 75.57 -57.86
C LEU CB 79 0.72 74.43 -57.28
N ALA CB 80 0.54 73.35 -58.04
CA ALA CB 80 -0.06 72.15 -57.49
C ALA CB 80 0.92 71.48 -56.51
N PRO CB 81 0.41 70.86 -55.45
CA PRO CB 81 1.31 70.21 -54.49
C PRO CB 81 1.95 68.97 -55.07
N ASP CB 82 2.99 68.50 -54.37
CA ASP CB 82 3.72 67.30 -54.78
C ASP CB 82 2.87 66.03 -54.72
N LEU CB 83 2.03 65.92 -53.71
CA LEU CB 83 1.04 64.85 -53.51
C LEU CB 83 -0.38 65.40 -53.75
N PRO CB 84 -1.31 64.70 -54.28
CA PRO CB 84 -2.77 65.16 -54.11
C PRO CB 84 -3.30 65.37 -52.73
N GLU CB 85 -4.36 66.19 -52.68
CA GLU CB 85 -4.80 66.81 -51.43
C GLU CB 85 -5.45 65.79 -50.51
N ASP CB 86 -6.31 64.94 -51.08
CA ASP CB 86 -6.99 63.93 -50.28
C ASP CB 86 -6.01 62.92 -49.71
N LEU CB 87 -5.03 62.51 -50.50
CA LEU CB 87 -3.97 61.61 -50.04
C LEU CB 87 -3.11 62.24 -48.96
N TYR CB 88 -2.76 63.53 -49.13
CA TYR CB 88 -2.00 64.23 -48.10
C TYR CB 88 -2.78 64.33 -46.80
N HIS CB 89 -4.07 64.66 -46.86
CA HIS CB 89 -4.87 64.74 -45.66
C HIS CB 89 -5.05 63.40 -44.96
N LEU CB 90 -5.24 62.32 -45.72
CA LEU CB 90 -5.35 61.01 -45.09
C LEU CB 90 -4.03 60.55 -44.49
N ILE CB 91 -2.91 60.86 -45.14
CA ILE CB 91 -1.60 60.54 -44.58
C ILE CB 91 -1.36 61.32 -43.28
N LYS CB 92 -1.74 62.61 -43.27
CA LYS CB 92 -1.61 63.43 -42.08
C LYS CB 92 -2.47 62.90 -40.93
N LYS CB 93 -3.69 62.46 -41.26
CA LYS CB 93 -4.55 61.87 -40.23
C LYS CB 93 -4.01 60.54 -39.71
N ALA CB 94 -3.41 59.73 -40.59
CA ALA CB 94 -2.79 58.48 -40.14
C ALA CB 94 -1.59 58.73 -39.24
N VAL CB 95 -0.79 59.77 -39.55
CA VAL CB 95 0.31 60.17 -38.67
C VAL CB 95 -0.22 60.63 -37.31
N ALA CB 96 -1.33 61.38 -37.30
CA ALA CB 96 -1.95 61.79 -36.05
C ALA CB 96 -2.44 60.60 -35.23
N VAL CB 97 -3.09 59.63 -35.88
CA VAL CB 97 -3.61 58.45 -35.17
C VAL CB 97 -2.46 57.59 -34.65
N ARG CB 98 -1.39 57.43 -35.44
CA ARG CB 98 -0.26 56.61 -35.00
C ARG CB 98 0.55 57.29 -33.90
N LYS CB 99 0.66 58.62 -33.91
CA LYS CB 99 1.36 59.28 -32.81
C LYS CB 99 0.49 59.32 -31.56
N HIS CB 100 -0.84 59.24 -31.73
CA HIS CB 100 -1.69 59.03 -30.58
C HIS CB 100 -1.52 57.63 -30.00
N LEU CB 101 -1.49 56.61 -30.86
CA LEU CB 101 -1.52 55.26 -30.31
C LEU CB 101 -0.14 54.69 -30.02
N GLU CB 102 0.94 55.42 -30.29
CA GLU CB 102 2.20 55.00 -29.70
C GLU CB 102 2.26 55.33 -28.22
N ARG CB 103 1.44 56.27 -27.75
CA ARG CB 103 1.30 56.60 -26.34
C ARG CB 103 0.09 55.96 -25.70
N ASN CB 104 -0.97 55.68 -26.47
CA ASN CB 104 -2.15 55.01 -25.96
C ASN CB 104 -2.29 53.65 -26.66
N ARG CB 105 -1.57 52.66 -26.12
CA ARG CB 105 -1.52 51.33 -26.73
C ARG CB 105 -2.77 50.51 -26.45
N LYS CB 106 -3.44 50.75 -25.32
CA LYS CB 106 -4.70 50.08 -25.00
C LYS CB 106 -5.88 50.69 -25.73
N ASP CB 107 -5.68 51.80 -26.43
CA ASP CB 107 -6.72 52.40 -27.27
C ASP CB 107 -6.82 51.55 -28.52
N LYS CB 108 -7.85 50.71 -28.58
CA LYS CB 108 -7.99 49.76 -29.68
C LYS CB 108 -8.95 50.23 -30.76
N ASP CB 109 -9.90 51.12 -30.43
CA ASP CB 109 -10.69 51.75 -31.49
C ASP CB 109 -9.82 52.65 -32.35
N ALA CB 110 -8.84 53.32 -31.76
CA ALA CB 110 -7.90 54.11 -32.56
C ALA CB 110 -7.06 53.22 -33.46
N LYS CB 111 -6.69 52.03 -32.99
CA LYS CB 111 -6.01 51.08 -33.86
C LYS CB 111 -6.89 50.66 -35.03
N PHE CB 112 -8.16 50.35 -34.76
CA PHE CB 112 -9.11 49.97 -35.81
C PHE CB 112 -9.29 51.10 -36.83
N ARG CB 113 -9.37 52.34 -36.36
CA ARG CB 113 -9.39 53.47 -37.27
C ARG CB 113 -8.08 53.63 -38.02
N LEU CB 114 -6.95 53.19 -37.46
CA LEU CB 114 -5.71 53.26 -38.20
C LEU CB 114 -5.70 52.27 -39.37
N ILE CB 115 -6.22 51.04 -39.16
CA ILE CB 115 -6.44 50.14 -40.30
C ILE CB 115 -7.39 50.75 -41.33
N LEU CB 116 -8.46 51.43 -40.90
CA LEU CB 116 -9.37 52.05 -41.86
C LEU CB 116 -8.70 53.16 -42.67
N ILE CB 117 -7.97 54.05 -41.98
CA ILE CB 117 -7.30 55.16 -42.64
C ILE CB 117 -6.22 54.67 -43.59
N GLU CB 118 -5.44 53.67 -43.18
CA GLU CB 118 -4.37 53.16 -44.03
C GLU CB 118 -4.91 52.39 -45.23
N SER CB 119 -6.06 51.73 -45.09
CA SER CB 119 -6.70 51.12 -46.25
C SER CB 119 -7.15 52.18 -47.25
N ARG CB 120 -7.67 53.31 -46.75
CA ARG CB 120 -8.00 54.42 -47.63
C ARG CB 120 -6.76 54.98 -48.33
N ILE CB 121 -5.65 55.08 -47.60
CA ILE CB 121 -4.40 55.61 -48.18
C ILE CB 121 -3.89 54.70 -49.28
N HIS CB 122 -3.86 53.39 -49.03
CA HIS CB 122 -3.44 52.43 -50.04
C HIS CB 122 -4.34 52.40 -51.26
N ARG CB 123 -5.66 52.52 -51.07
CA ARG CB 123 -6.57 52.57 -52.22
C ARG CB 123 -6.39 53.84 -53.05
N LEU CB 124 -6.22 55.00 -52.41
CA LEU CB 124 -5.97 56.20 -53.19
C LEU CB 124 -4.61 56.20 -53.86
N ALA CB 125 -3.59 55.61 -53.22
CA ALA CB 125 -2.29 55.48 -53.86
C ALA CB 125 -2.37 54.57 -55.07
N ARG CB 126 -3.11 53.46 -54.96
CA ARG CB 126 -3.34 52.56 -56.08
C ARG CB 126 -4.08 53.25 -57.22
N TYR CB 127 -5.02 54.14 -56.90
CA TYR CB 127 -5.71 54.90 -57.95
C TYR CB 127 -4.80 55.92 -58.62
N TYR CB 128 -4.06 56.69 -57.84
CA TYR CB 128 -3.21 57.73 -58.40
C TYR CB 128 -2.04 57.17 -59.18
N LYS CB 129 -1.58 55.96 -58.86
CA LYS CB 129 -0.57 55.33 -59.70
C LYS CB 129 -1.14 54.76 -60.99
N THR CB 130 -2.45 54.49 -61.06
CA THR CB 130 -3.07 54.19 -62.35
C THR CB 130 -3.30 55.43 -63.19
N LYS CB 131 -3.57 56.57 -62.56
CA LYS CB 131 -3.66 57.82 -63.31
C LYS CB 131 -2.31 58.51 -63.49
N ARG CB 132 -1.23 57.91 -62.99
CA ARG CB 132 0.15 58.40 -63.10
C ARG CB 132 0.34 59.76 -62.45
N VAL CB 133 -0.50 60.08 -61.46
CA VAL CB 133 -0.21 61.26 -60.64
C VAL CB 133 1.00 61.01 -59.78
N LEU CB 134 1.12 59.80 -59.23
CA LEU CB 134 2.20 59.40 -58.35
C LEU CB 134 3.24 58.57 -59.12
N PRO CB 135 4.49 58.55 -58.65
CA PRO CB 135 5.50 57.72 -59.28
C PRO CB 135 5.18 56.25 -59.13
N PRO CB 136 5.67 55.40 -60.06
CA PRO CB 136 5.26 53.99 -60.06
C PRO CB 136 5.82 53.15 -58.92
N ASN CB 137 6.72 53.69 -58.10
CA ASN CB 137 7.22 52.98 -56.93
C ASN CB 137 6.80 53.64 -55.63
N TRP CB 138 5.72 54.44 -55.65
CA TRP CB 138 5.34 55.22 -54.49
C TRP CB 138 4.75 54.33 -53.41
N LYS CB 139 5.29 54.44 -52.20
CA LYS CB 139 4.78 53.66 -51.10
C LYS CB 139 4.37 54.63 -50.01
N TYR CB 140 3.27 54.31 -49.33
CA TYR CB 140 2.99 54.86 -48.01
C TYR CB 140 3.83 54.09 -47.01
N GLU CB 141 4.68 54.76 -46.28
CA GLU CB 141 5.48 54.06 -45.31
C GLU CB 141 5.17 54.66 -43.95
N SER CB 142 4.87 53.77 -43.01
CA SER CB 142 4.41 54.13 -41.68
C SER CB 142 5.55 54.72 -40.89
N SER CB 143 6.76 54.28 -41.22
CA SER CB 143 7.96 54.88 -40.67
C SER CB 143 8.14 56.32 -41.06
N THR CB 144 8.04 56.68 -42.37
CA THR CB 144 8.55 58.00 -42.67
C THR CB 144 7.48 58.88 -43.30
N ALA CB 145 6.20 58.66 -42.97
CA ALA CB 145 5.18 59.63 -43.37
C ALA CB 145 5.18 60.90 -42.51
N SER CB 146 5.83 60.86 -41.34
CA SER CB 146 5.90 62.02 -40.46
C SER CB 146 6.69 63.16 -41.11
N ALA CB 147 7.76 62.83 -41.84
CA ALA CB 147 8.50 63.85 -42.57
C ALA CB 147 7.75 64.31 -43.81
N LEU CB 148 6.81 63.52 -44.31
CA LEU CB 148 5.91 63.94 -45.36
C LEU CB 148 4.83 64.89 -44.87
N VAL CB 149 4.48 64.80 -43.58
CA VAL CB 149 3.50 65.65 -42.89
C VAL CB 149 2.13 65.58 -43.53
N SER DB 1 -32.89 57.86 37.77
CA SER DB 1 -33.98 57.38 36.93
C SER DB 1 -35.26 58.13 37.22
N LEU DB 2 -35.48 59.20 36.45
CA LEU DB 2 -36.55 60.17 36.67
C LEU DB 2 -36.64 61.06 35.45
N GLY DB 3 -37.61 61.98 35.47
CA GLY DB 3 -37.76 62.97 34.42
C GLY DB 3 -36.89 64.18 34.67
N PRO DB 4 -35.98 64.49 33.73
CA PRO DB 4 -34.97 65.54 33.97
C PRO DB 4 -35.47 66.97 34.00
N GLN DB 5 -36.70 67.23 33.57
CA GLN DB 5 -37.10 68.59 33.24
C GLN DB 5 -38.29 68.98 34.12
N VAL DB 6 -38.85 70.16 33.87
CA VAL DB 6 -40.10 70.59 34.48
C VAL DB 6 -41.21 69.64 34.03
N ALA DB 7 -42.18 69.39 34.92
CA ALA DB 7 -43.18 68.35 34.72
C ALA DB 7 -44.09 68.64 33.52
N GLU DB 8 -44.51 69.89 33.35
CA GLU DB 8 -45.43 70.25 32.28
C GLU DB 8 -44.88 71.29 31.31
N GLY DB 9 -43.60 71.65 31.40
CA GLY DB 9 -43.04 72.68 30.56
C GLY DB 9 -42.90 72.33 29.08
N GLU DB 10 -42.01 71.39 28.75
CA GLU DB 10 -41.70 71.10 27.37
C GLU DB 10 -41.48 69.59 27.22
N ASN DB 11 -41.67 69.04 26.02
CA ASN DB 11 -41.63 67.60 25.77
C ASN DB 11 -40.19 67.13 25.64
N VAL DB 12 -39.82 66.08 26.36
CA VAL DB 12 -38.48 65.52 26.24
C VAL DB 12 -38.39 64.71 24.94
N PHE DB 13 -37.40 65.04 24.10
CA PHE DB 13 -37.28 64.46 22.76
C PHE DB 13 -36.18 63.40 22.73
N GLY DB 14 -36.58 62.14 22.50
CA GLY DB 14 -35.65 61.08 22.18
C GLY DB 14 -35.80 60.72 20.71
N VAL DB 15 -34.89 59.87 20.24
CA VAL DB 15 -34.91 59.42 18.85
C VAL DB 15 -35.07 57.91 18.83
N CYS DB 16 -36.14 57.43 18.21
CA CYS DB 16 -36.41 56.01 18.13
C CYS DB 16 -36.02 55.51 16.74
N HIS DB 17 -34.88 54.84 16.67
CA HIS DB 17 -34.47 54.09 15.49
C HIS DB 17 -35.26 52.79 15.45
N ILE DB 18 -36.05 52.59 14.40
CA ILE DB 18 -36.81 51.37 14.21
C ILE DB 18 -36.26 50.66 12.99
N PHE DB 19 -35.70 49.47 13.21
CA PHE DB 19 -35.03 48.69 12.18
C PHE DB 19 -35.92 47.50 11.86
N ALA DB 20 -36.58 47.54 10.71
CA ALA DB 20 -37.58 46.52 10.38
C ALA DB 20 -37.05 45.60 9.30
N SER DB 21 -36.35 44.55 9.71
CA SER DB 21 -35.96 43.50 8.81
C SER DB 21 -37.09 42.48 8.67
N PHE DB 22 -36.90 41.50 7.80
CA PHE DB 22 -37.86 40.42 7.65
C PHE DB 22 -37.58 39.24 8.56
N ASN DB 23 -36.58 39.33 9.42
CA ASN DB 23 -36.34 38.34 10.45
C ASN DB 23 -36.49 38.90 11.86
N ASP DB 24 -36.56 40.22 12.01
CA ASP DB 24 -36.61 40.86 13.32
C ASP DB 24 -37.09 42.29 13.15
N THR DB 25 -37.51 42.88 14.27
CA THR DB 25 -37.78 44.30 14.38
C THR DB 25 -37.07 44.84 15.61
N PHE DB 26 -36.24 45.87 15.40
CA PHE DB 26 -35.52 46.55 16.47
C PHE DB 26 -36.26 47.84 16.78
N VAL DB 27 -36.60 48.05 18.04
CA VAL DB 27 -37.11 49.32 18.53
C VAL DB 27 -36.09 49.86 19.52
N HIS DB 28 -35.42 50.95 19.15
CA HIS DB 28 -34.30 51.50 19.91
C HIS DB 28 -34.58 52.98 20.14
N VAL DB 29 -34.40 53.44 21.37
CA VAL DB 29 -34.51 54.87 21.66
C VAL DB 29 -33.16 55.36 22.19
N THR DB 30 -32.62 56.39 21.55
CA THR DB 30 -31.41 57.08 21.96
C THR DB 30 -31.76 58.53 22.28
N ASP DB 31 -30.73 59.31 22.62
CA ASP DB 31 -30.86 60.75 22.77
C ASP DB 31 -30.86 61.42 21.40
N LEU DB 32 -30.87 62.76 21.38
CA LEU DB 32 -30.96 63.47 20.11
C LEU DB 32 -29.70 63.39 19.27
N SER DB 33 -28.59 62.96 19.85
CA SER DB 33 -27.39 62.71 19.06
C SER DB 33 -27.29 61.27 18.59
N GLY DB 34 -27.89 60.33 19.31
CA GLY DB 34 -27.73 58.93 19.02
C GLY DB 34 -26.64 58.23 19.77
N LYS DB 35 -25.70 58.97 20.36
CA LYS DB 35 -24.59 58.35 21.06
C LYS DB 35 -25.04 57.66 22.35
N GLU DB 36 -25.81 58.36 23.16
CA GLU DB 36 -26.31 57.77 24.40
C GLU DB 36 -27.67 57.15 24.18
N THR DB 37 -27.84 55.92 24.64
CA THR DB 37 -29.00 55.11 24.34
C THR DB 37 -29.86 54.93 25.59
N ILE DB 38 -31.17 54.82 25.37
CA ILE DB 38 -32.13 54.72 26.46
C ILE DB 38 -32.66 53.31 26.63
N CYS DB 39 -33.13 52.70 25.55
CA CYS DB 39 -33.73 51.37 25.60
C CYS DB 39 -33.77 50.79 24.21
N ARG DB 40 -33.41 49.50 24.09
CA ARG DB 40 -33.45 48.81 22.81
C ARG DB 40 -34.03 47.41 23.05
N VAL DB 41 -35.27 47.20 22.66
CA VAL DB 41 -35.94 45.90 22.77
C VAL DB 41 -36.36 45.45 21.38
N THR DB 42 -36.06 44.20 21.07
CA THR DB 42 -36.39 43.61 19.78
C THR DB 42 -37.58 42.66 19.91
N GLY DB 43 -38.03 42.15 18.76
CA GLY DB 43 -39.15 41.22 18.79
C GLY DB 43 -38.75 39.82 19.25
N GLY DB 44 -37.46 39.51 19.13
CA GLY DB 44 -36.94 38.28 19.66
C GLY DB 44 -36.75 38.27 21.15
N MET DB 45 -36.77 39.45 21.76
CA MET DB 45 -36.90 39.61 23.20
C MET DB 45 -38.30 39.34 23.72
N LYS DB 46 -39.29 39.32 22.83
CA LYS DB 46 -40.69 39.26 23.25
C LYS DB 46 -41.42 38.00 22.80
N VAL DB 47 -41.03 37.37 21.70
CA VAL DB 47 -41.58 36.05 21.39
C VAL DB 47 -40.55 34.98 21.67
N LYS DB 48 -41.00 33.73 21.72
CA LYS DB 48 -40.12 32.61 22.08
C LYS DB 48 -39.79 31.72 20.90
N ALA DB 49 -40.38 31.96 19.73
CA ALA DB 49 -40.08 31.22 18.51
C ALA DB 49 -39.35 32.15 17.54
N ASP DB 50 -38.56 31.56 16.65
CA ASP DB 50 -37.80 32.38 15.72
C ASP DB 50 -38.65 32.91 14.57
N ARG DB 51 -39.72 32.22 14.19
CA ARG DB 51 -40.47 32.56 12.99
C ARG DB 51 -41.29 33.84 13.16
N ASP DB 52 -41.71 34.14 14.38
CA ASP DB 52 -42.55 35.30 14.65
C ASP DB 52 -41.78 36.41 15.36
N GLU DB 53 -40.46 36.45 15.21
CA GLU DB 53 -39.70 37.61 15.67
C GLU DB 53 -40.03 38.84 14.84
N SER DB 54 -40.29 38.65 13.55
CA SER DB 54 -40.71 39.73 12.67
C SER DB 54 -42.23 39.85 12.57
N SER DB 55 -42.97 39.24 13.49
CA SER DB 55 -44.41 39.40 13.49
C SER DB 55 -44.78 40.81 13.95
N PRO DB 56 -45.91 41.34 13.47
CA PRO DB 56 -46.41 42.62 13.99
C PRO DB 56 -46.80 42.59 15.47
N TYR DB 57 -47.12 41.42 16.03
CA TYR DB 57 -47.40 41.32 17.46
C TYR DB 57 -46.14 41.49 18.29
N ALA DB 58 -45.01 40.93 17.83
CA ALA DB 58 -43.74 41.02 18.52
C ALA DB 58 -43.19 42.44 18.59
N ALA DB 59 -43.20 43.15 17.47
CA ALA DB 59 -42.78 44.54 17.44
C ALA DB 59 -43.72 45.44 18.22
N MET DB 60 -45.01 45.11 18.27
CA MET DB 60 -45.95 45.79 19.15
C MET DB 60 -45.59 45.60 20.63
N LEU DB 61 -45.23 44.38 21.03
CA LEU DB 61 -44.79 44.15 22.41
C LEU DB 61 -43.49 44.89 22.74
N ALA DB 62 -42.53 44.86 21.82
CA ALA DB 62 -41.27 45.57 21.98
C ALA DB 62 -41.46 47.08 22.06
N ALA DB 63 -42.35 47.63 21.23
CA ALA DB 63 -42.68 49.05 21.27
C ALA DB 63 -43.38 49.45 22.55
N GLN DB 64 -44.25 48.59 23.09
CA GLN DB 64 -44.86 48.86 24.39
C GLN DB 64 -43.81 48.88 25.51
N ASP DB 65 -42.84 47.95 25.47
CA ASP DB 65 -41.78 47.91 26.48
C ASP DB 65 -40.90 49.16 26.41
N VAL DB 66 -40.52 49.56 25.19
CA VAL DB 66 -39.67 50.73 25.02
C VAL DB 66 -40.41 52.01 25.38
N ALA DB 67 -41.71 52.10 25.08
CA ALA DB 67 -42.50 53.26 25.50
C ALA DB 67 -42.64 53.33 27.01
N GLN DB 68 -42.77 52.17 27.68
CA GLN DB 68 -42.80 52.14 29.14
C GLN DB 68 -41.49 52.65 29.73
N ARG DB 69 -40.35 52.22 29.15
CA ARG DB 69 -39.06 52.68 29.64
C ARG DB 69 -38.86 54.17 29.39
N CYS DB 70 -39.31 54.68 28.25
CA CYS DB 70 -39.22 56.10 27.98
C CYS DB 70 -40.09 56.94 28.92
N LYS DB 71 -41.30 56.46 29.23
CA LYS DB 71 -42.10 57.08 30.28
C LYS DB 71 -41.42 57.04 31.65
N GLU DB 72 -40.73 55.96 31.98
CA GLU DB 72 -39.99 55.88 33.24
C GLU DB 72 -38.81 56.85 33.30
N LEU DB 73 -38.04 56.97 32.23
CA LEU DB 73 -36.89 57.87 32.22
C LEU DB 73 -37.25 59.25 31.69
N GLY DB 74 -38.54 59.57 31.59
CA GLY DB 74 -38.96 60.93 31.38
C GLY DB 74 -39.05 61.38 29.94
N ILE DB 75 -38.69 60.54 28.98
CA ILE DB 75 -38.88 60.89 27.58
C ILE DB 75 -40.35 60.81 27.22
N THR DB 76 -40.86 61.88 26.63
CA THR DB 76 -42.26 61.96 26.24
C THR DB 76 -42.50 61.88 24.74
N ALA DB 77 -41.61 62.42 23.91
CA ALA DB 77 -41.80 62.45 22.47
C ALA DB 77 -40.58 61.86 21.79
N LEU DB 78 -40.80 61.37 20.56
CA LEU DB 78 -39.79 60.62 19.84
C LEU DB 78 -39.76 61.03 18.37
N HIS DB 79 -38.59 61.41 17.88
CA HIS DB 79 -38.36 61.47 16.44
C HIS DB 79 -38.07 60.07 15.95
N ILE DB 80 -38.82 59.60 14.97
CA ILE DB 80 -38.72 58.22 14.51
C ILE DB 80 -37.85 58.16 13.27
N LYS DB 81 -36.89 57.25 13.27
CA LYS DB 81 -35.99 57.00 12.14
C LYS DB 81 -36.22 55.57 11.68
N LEU DB 82 -36.97 55.42 10.60
CA LEU DB 82 -37.31 54.10 10.10
C LEU DB 82 -36.26 53.59 9.13
N ARG DB 83 -35.87 52.34 9.29
CA ARG DB 83 -34.76 51.77 8.54
C ARG DB 83 -35.14 50.38 8.06
N ALA DB 84 -34.91 50.09 6.78
CA ALA DB 84 -35.00 48.75 6.23
C ALA DB 84 -33.64 48.09 6.34
N THR DB 85 -33.50 46.88 5.79
CA THR DB 85 -32.21 46.19 5.94
C THR DB 85 -31.12 46.80 5.07
N GLY DB 86 -31.51 47.47 3.97
CA GLY DB 86 -30.64 48.32 3.20
C GLY DB 86 -29.48 47.63 2.50
N GLY DB 87 -28.59 48.47 1.96
CA GLY DB 87 -27.44 47.96 1.23
C GLY DB 87 -27.86 47.36 -0.09
N ASN DB 88 -27.20 46.26 -0.45
CA ASN DB 88 -27.59 45.49 -1.63
C ASN DB 88 -28.91 44.76 -1.44
N ARG DB 89 -29.35 44.56 -0.20
CA ARG DB 89 -30.55 43.79 0.09
C ARG DB 89 -31.77 44.69 -0.03
N THR DB 90 -32.93 44.22 0.43
CA THR DB 90 -34.19 44.85 0.11
C THR DB 90 -34.38 46.16 0.86
N LYS DB 91 -35.10 47.09 0.23
CA LYS DB 91 -35.22 48.45 0.74
C LYS DB 91 -36.64 48.79 1.15
N THR DB 92 -37.52 47.80 1.23
CA THR DB 92 -38.79 47.94 1.89
C THR DB 92 -38.66 47.55 3.36
N PRO DB 93 -39.30 48.26 4.27
CA PRO DB 93 -39.28 47.86 5.68
C PRO DB 93 -40.04 46.56 5.90
N GLY DB 94 -39.62 45.85 6.95
CA GLY DB 94 -40.27 44.63 7.34
C GLY DB 94 -41.63 44.89 7.96
N PRO DB 95 -42.34 43.79 8.26
CA PRO DB 95 -43.74 43.95 8.72
C PRO DB 95 -43.89 44.49 10.13
N GLY DB 96 -42.82 44.59 10.90
CA GLY DB 96 -42.92 45.11 12.25
C GLY DB 96 -42.89 46.61 12.40
N ALA DB 97 -42.58 47.34 11.31
CA ALA DB 97 -42.43 48.79 11.37
C ALA DB 97 -43.76 49.48 11.70
N GLN DB 98 -44.83 49.06 11.00
CA GLN DB 98 -46.12 49.71 11.15
C GLN DB 98 -46.71 49.47 12.53
N SER DB 99 -46.66 48.22 13.00
CA SER DB 99 -47.22 47.92 14.31
C SER DB 99 -46.35 48.46 15.44
N ALA DB 100 -45.04 48.55 15.21
CA ALA DB 100 -44.16 49.17 16.21
C ALA DB 100 -44.46 50.65 16.35
N LEU DB 101 -44.61 51.36 15.22
CA LEU DB 101 -44.91 52.79 15.26
C LEU DB 101 -46.29 53.04 15.86
N ARG DB 102 -47.28 52.24 15.48
CA ARG DB 102 -48.62 52.37 16.03
C ARG DB 102 -48.65 52.06 17.53
N ALA DB 103 -47.91 51.05 17.96
CA ALA DB 103 -47.91 50.64 19.36
C ALA DB 103 -47.24 51.67 20.24
N LEU DB 104 -46.10 52.21 19.80
CA LEU DB 104 -45.48 53.24 20.63
C LEU DB 104 -46.24 54.55 20.58
N ALA DB 105 -46.96 54.85 19.49
CA ALA DB 105 -47.80 56.04 19.48
C ALA DB 105 -49.01 55.88 20.39
N ARG DB 106 -49.61 54.70 20.42
CA ARG DB 106 -50.76 54.45 21.28
C ARG DB 106 -50.37 54.09 22.71
N SER DB 107 -49.08 53.92 23.01
CA SER DB 107 -48.61 53.72 24.36
C SER DB 107 -48.11 55.01 25.01
N GLY DB 108 -48.58 56.16 24.54
CA GLY DB 108 -48.37 57.41 25.21
C GLY DB 108 -47.26 58.27 24.64
N MET DB 109 -46.35 57.70 23.87
CA MET DB 109 -45.29 58.48 23.23
C MET DB 109 -45.85 59.42 22.18
N LYS DB 110 -45.40 60.67 22.24
CA LYS DB 110 -45.74 61.63 21.21
C LYS DB 110 -44.74 61.50 20.07
N ILE DB 111 -45.14 61.93 18.88
CA ILE DB 111 -44.37 61.69 17.67
C ILE DB 111 -43.87 63.01 17.10
N GLY DB 112 -42.57 63.09 16.83
CA GLY DB 112 -42.01 64.21 16.13
C GLY DB 112 -41.89 63.94 14.65
N ARG DB 113 -40.66 63.77 14.15
CA ARG DB 113 -40.46 63.58 12.73
C ARG DB 113 -40.32 62.10 12.38
N ILE DB 114 -40.79 61.75 11.19
CA ILE DB 114 -40.66 60.39 10.67
C ILE DB 114 -39.64 60.46 9.54
N GLU DB 115 -38.72 59.50 9.50
CA GLU DB 115 -37.76 59.57 8.40
C GLU DB 115 -37.21 58.19 8.04
N ASP DB 116 -37.09 57.96 6.74
CA ASP DB 116 -36.44 56.79 6.17
C ASP DB 116 -34.93 56.96 6.30
N VAL DB 117 -34.28 56.04 7.02
CA VAL DB 117 -32.83 56.00 7.11
C VAL DB 117 -32.28 54.67 6.62
N THR DB 118 -32.96 54.08 5.64
CA THR DB 118 -32.48 52.85 5.01
C THR DB 118 -31.12 53.11 4.35
N PRO DB 119 -30.09 52.36 4.68
CA PRO DB 119 -28.76 52.65 4.15
C PRO DB 119 -28.64 52.38 2.66
N ILE DB 120 -29.26 53.23 1.85
CA ILE DB 120 -29.40 52.98 0.42
C ILE DB 120 -28.07 53.34 -0.24
N PRO DB 121 -27.40 52.39 -0.88
CA PRO DB 121 -26.17 52.69 -1.60
C PRO DB 121 -26.41 53.52 -2.84
N SER DB 122 -25.38 54.26 -3.22
CA SER DB 122 -25.35 54.88 -4.53
C SER DB 122 -24.94 53.86 -5.59
N ASP DB 123 -24.55 52.66 -5.16
CA ASP DB 123 -24.45 51.37 -5.82
C ASP DB 123 -23.91 50.35 -4.85
N SER DB 124 -24.17 49.10 -5.12
CA SER DB 124 -23.89 48.07 -4.15
C SER DB 124 -22.63 47.30 -4.55
N THR DB 125 -22.20 46.44 -3.64
CA THR DB 125 -21.36 45.32 -4.02
C THR DB 125 -22.24 44.22 -4.57
N ARG DB 126 -21.65 43.07 -4.90
CA ARG DB 126 -22.47 42.01 -5.45
C ARG DB 126 -23.34 41.40 -4.36
N ARG DB 127 -24.62 41.30 -4.65
CA ARG DB 127 -25.60 40.80 -3.69
C ARG DB 127 -25.37 39.32 -3.45
N LYS DB 128 -25.71 38.88 -2.24
CA LYS DB 128 -25.64 37.47 -1.90
C LYS DB 128 -26.65 36.70 -2.75
N GLY DB 129 -26.27 35.49 -3.14
CA GLY DB 129 -27.00 34.77 -4.14
C GLY DB 129 -26.23 34.72 -5.45
N GLY DB 130 -26.67 33.85 -6.33
CA GLY DB 130 -25.99 33.65 -7.59
C GLY DB 130 -26.45 34.60 -8.66
N ARG DB 131 -25.95 34.37 -9.88
CA ARG DB 131 -26.51 35.02 -11.05
C ARG DB 131 -27.96 34.60 -11.28
N ARG DB 132 -28.30 33.35 -10.97
CA ARG DB 132 -29.65 32.85 -11.15
C ARG DB 132 -30.55 33.12 -9.96
N GLY DB 133 -30.00 33.61 -8.85
CA GLY DB 133 -30.82 33.99 -7.74
C GLY DB 133 -31.20 32.85 -6.82
N ARG DB 134 -31.88 33.21 -5.74
CA ARG DB 134 -32.32 32.25 -4.73
C ARG DB 134 -33.61 31.60 -5.26
N ARG DB 135 -33.47 30.39 -5.77
CA ARG DB 135 -34.54 29.75 -6.52
C ARG DB 135 -35.15 28.61 -5.73
N LEU DB 136 -36.48 28.63 -5.63
CA LEU DB 136 -37.22 27.60 -4.90
C LEU DB 136 -38.54 27.33 -5.61
N PHE EB 1 -68.32 -51.00 31.49
CA PHE EB 1 -68.74 -52.34 31.87
C PHE EB 1 -70.25 -52.35 32.14
N ARG EB 2 -70.82 -51.16 32.32
CA ARG EB 2 -72.25 -51.03 32.54
C ARG EB 2 -73.00 -51.33 31.26
N LYS EB 3 -74.11 -52.05 31.39
CA LYS EB 3 -74.98 -52.34 30.25
C LYS EB 3 -75.61 -51.05 29.73
N PHE EB 4 -75.64 -50.92 28.41
CA PHE EB 4 -76.28 -49.79 27.75
C PHE EB 4 -77.77 -49.79 28.01
N THR EB 5 -78.31 -48.61 28.23
CA THR EB 5 -79.74 -48.37 28.33
C THR EB 5 -80.09 -47.02 27.71
N TYR EB 6 -81.07 -47.03 26.81
CA TYR EB 6 -81.57 -45.79 26.24
C TYR EB 6 -82.80 -45.32 27.00
N ARG EB 7 -82.90 -44.00 27.18
CA ARG EB 7 -83.67 -43.30 28.21
C ARG EB 7 -83.68 -44.10 29.50
N GLY EB 8 -84.72 -44.90 29.72
CA GLY EB 8 -84.77 -45.71 30.91
C GLY EB 8 -85.05 -47.18 30.70
N VAL EB 9 -84.88 -47.68 29.47
CA VAL EB 9 -85.20 -49.06 29.14
C VAL EB 9 -83.95 -49.73 28.57
N ASP EB 10 -83.85 -51.05 28.76
CA ASP EB 10 -82.68 -51.77 28.30
C ASP EB 10 -82.79 -52.08 26.81
N LEU EB 11 -81.74 -52.69 26.26
CA LEU EB 11 -81.73 -52.97 24.82
C LEU EB 11 -82.60 -54.17 24.47
N ASP EB 12 -82.64 -55.19 25.34
CA ASP EB 12 -83.43 -56.38 25.02
C ASP EB 12 -84.92 -56.08 25.05
N GLN EB 13 -85.34 -55.22 25.97
CA GLN EB 13 -86.71 -54.71 25.95
C GLN EB 13 -86.90 -53.65 24.87
N LEU EB 14 -85.84 -52.92 24.53
CA LEU EB 14 -85.92 -51.87 23.51
C LEU EB 14 -86.14 -52.45 22.13
N LEU EB 15 -85.64 -53.66 21.89
CA LEU EB 15 -86.01 -54.40 20.69
C LEU EB 15 -87.49 -54.76 20.68
N ASP EB 16 -88.06 -55.06 21.84
CA ASP EB 16 -89.47 -55.40 21.96
C ASP EB 16 -90.31 -54.13 22.19
N MET EB 17 -90.13 -53.17 21.31
CA MET EB 17 -90.81 -51.88 21.38
C MET EB 17 -91.44 -51.54 20.04
N SER EB 18 -92.71 -51.16 20.08
CA SER EB 18 -93.38 -50.64 18.90
C SER EB 18 -92.82 -49.25 18.58
N TYR EB 19 -92.92 -48.88 17.30
CA TYR EB 19 -92.47 -47.56 16.89
C TYR EB 19 -93.31 -46.45 17.50
N GLU EB 20 -94.63 -46.62 17.60
CA GLU EB 20 -95.53 -45.62 18.15
C GLU EB 20 -95.24 -45.30 19.62
N GLN EB 21 -94.72 -46.25 20.38
CA GLN EB 21 -94.30 -45.98 21.75
C GLN EB 21 -92.80 -45.70 21.85
N LEU EB 22 -92.06 -45.92 20.77
CA LEU EB 22 -90.66 -45.55 20.74
C LEU EB 22 -90.47 -44.05 20.49
N MET EB 23 -91.39 -43.45 19.71
CA MET EB 23 -91.42 -41.99 19.54
C MET EB 23 -91.52 -41.27 20.89
N GLN EB 24 -92.26 -41.85 21.83
CA GLN EB 24 -92.32 -41.36 23.19
C GLN EB 24 -90.97 -41.41 23.90
N LEU EB 25 -90.09 -42.35 23.52
CA LEU EB 25 -88.79 -42.49 24.17
C LEU EB 25 -87.79 -41.45 23.65
N TYR EB 26 -87.51 -41.47 22.36
CA TYR EB 26 -86.50 -40.54 21.85
C TYR EB 26 -87.05 -39.13 21.59
N SER EB 27 -86.21 -38.32 20.93
CA SER EB 27 -86.35 -36.88 20.92
C SER EB 27 -87.31 -36.40 19.83
N ALA EB 28 -87.49 -35.08 19.76
CA ALA EB 28 -88.67 -34.48 19.13
C ALA EB 28 -88.64 -34.57 17.61
N ARG EB 29 -87.50 -34.26 16.99
CA ARG EB 29 -87.43 -34.24 15.52
C ARG EB 29 -87.58 -35.63 14.94
N GLN EB 30 -86.92 -36.61 15.56
CA GLN EB 30 -87.01 -37.98 15.11
C GLN EB 30 -88.42 -38.54 15.31
N ARG EB 31 -89.04 -38.21 16.45
CA ARG EB 31 -90.45 -38.53 16.69
C ARG EB 31 -91.35 -37.94 15.61
N ARG EB 32 -91.07 -36.71 15.21
CA ARG EB 32 -91.87 -36.06 14.18
C ARG EB 32 -91.73 -36.75 12.83
N ARG EB 33 -90.51 -37.19 12.49
CA ARG EB 33 -90.31 -37.88 11.21
C ARG EB 33 -91.03 -39.22 11.18
N LEU EB 34 -90.93 -39.98 12.28
CA LEU EB 34 -91.71 -41.23 12.37
C LEU EB 34 -93.21 -41.00 12.36
N SER EB 35 -93.71 -39.95 13.03
CA SER EB 35 -95.13 -39.66 12.99
C SER EB 35 -95.59 -39.16 11.63
N ARG EB 36 -94.69 -38.66 10.79
CA ARG EB 36 -95.06 -38.28 9.43
C ARG EB 36 -94.92 -39.45 8.45
N GLY EB 37 -94.11 -40.45 8.76
CA GLY EB 37 -94.17 -41.70 8.03
C GLY EB 37 -92.80 -42.15 7.57
N LEU EB 38 -92.80 -43.25 6.83
CA LEU EB 38 -91.58 -43.86 6.32
C LEU EB 38 -91.77 -44.12 4.84
N ARG EB 39 -90.82 -43.70 4.02
CA ARG EB 39 -90.98 -43.95 2.60
C ARG EB 39 -90.40 -45.32 2.23
N ARG EB 40 -90.57 -45.66 0.95
CA ARG EB 40 -90.31 -47.01 0.48
C ARG EB 40 -88.82 -47.34 0.52
N LYS EB 41 -87.96 -46.36 0.24
CA LYS EB 41 -86.52 -46.50 0.35
C LYS EB 41 -86.08 -46.78 1.79
N GLN EB 42 -86.71 -46.07 2.74
CA GLN EB 42 -86.44 -46.26 4.16
C GLN EB 42 -86.82 -47.68 4.58
N HIS EB 43 -88.01 -48.13 4.14
CA HIS EB 43 -88.51 -49.46 4.46
C HIS EB 43 -87.65 -50.53 3.81
N SER EB 44 -87.14 -50.28 2.60
CA SER EB 44 -86.27 -51.22 1.93
C SER EB 44 -84.93 -51.37 2.62
N LEU EB 45 -84.37 -50.27 3.14
CA LEU EB 45 -83.16 -50.37 3.96
C LEU EB 45 -83.43 -51.17 5.23
N LEU EB 46 -84.60 -50.96 5.86
CA LEU EB 46 -84.95 -51.71 7.06
C LEU EB 46 -85.10 -53.19 6.75
N LYS EB 47 -85.73 -53.54 5.62
CA LYS EB 47 -85.91 -54.94 5.25
C LYS EB 47 -84.58 -55.60 4.89
N ARG EB 48 -83.71 -54.86 4.19
CA ARG EB 48 -82.39 -55.38 3.85
C ARG EB 48 -81.53 -55.64 5.07
N LEU EB 49 -81.57 -54.77 6.06
CA LEU EB 49 -80.87 -55.04 7.32
C LEU EB 49 -81.52 -56.16 8.10
N ARG EB 50 -82.86 -56.29 8.04
CA ARG EB 50 -83.55 -57.40 8.69
C ARG EB 50 -83.17 -58.73 8.06
N LYS EB 51 -82.86 -58.75 6.77
CA LYS EB 51 -82.37 -59.98 6.16
C LYS EB 51 -80.90 -60.22 6.50
N ALA EB 52 -80.09 -59.16 6.52
CA ALA EB 52 -78.67 -59.28 6.83
C ALA EB 52 -78.42 -59.72 8.27
N LYS EB 53 -79.37 -59.48 9.17
CA LYS EB 53 -79.27 -60.09 10.50
C LYS EB 53 -79.51 -61.59 10.48
N LYS EB 54 -80.28 -62.10 9.50
CA LYS EB 54 -80.57 -63.53 9.47
C LYS EB 54 -79.52 -64.30 8.68
N GLU EB 55 -78.95 -63.72 7.62
CA GLU EB 55 -77.86 -64.39 6.93
C GLU EB 55 -76.49 -64.18 7.61
N ALA EB 56 -76.47 -63.85 8.90
CA ALA EB 56 -75.25 -63.93 9.69
C ALA EB 56 -75.34 -65.12 10.64
N PRO EB 57 -74.57 -66.18 10.43
CA PRO EB 57 -74.43 -67.23 11.46
C PRO EB 57 -73.84 -66.68 12.75
N PRO EB 58 -74.10 -67.33 13.90
CA PRO EB 58 -73.80 -66.69 15.20
C PRO EB 58 -72.33 -66.49 15.54
N MET EB 59 -71.41 -67.06 14.76
CA MET EB 59 -69.99 -66.93 15.07
C MET EB 59 -69.33 -65.76 14.37
N GLU EB 60 -70.06 -64.98 13.59
CA GLU EB 60 -69.46 -63.87 12.87
C GLU EB 60 -70.48 -62.76 12.70
N LYS EB 61 -69.99 -61.61 12.30
CA LYS EB 61 -70.66 -60.35 11.99
C LYS EB 61 -71.45 -60.45 10.70
N PRO EB 62 -72.44 -59.58 10.48
CA PRO EB 62 -73.12 -59.54 9.17
C PRO EB 62 -72.27 -58.88 8.10
N GLU EB 63 -72.91 -58.57 6.97
CA GLU EB 63 -72.18 -58.00 5.85
C GLU EB 63 -72.49 -56.52 5.67
N VAL EB 64 -71.84 -55.94 4.66
CA VAL EB 64 -72.02 -54.53 4.34
C VAL EB 64 -73.36 -54.29 3.67
N VAL EB 65 -74.10 -53.29 4.15
CA VAL EB 65 -75.31 -52.84 3.48
C VAL EB 65 -75.09 -51.39 3.05
N LYS EB 66 -74.86 -51.18 1.75
CA LYS EB 66 -74.64 -49.84 1.24
C LYS EB 66 -75.96 -49.10 1.06
N THR EB 67 -75.97 -47.81 1.42
CA THR EB 67 -77.17 -47.00 1.26
C THR EB 67 -76.79 -45.53 1.10
N HIS EB 68 -77.55 -44.85 0.24
CA HIS EB 68 -77.50 -43.41 0.06
C HIS EB 68 -78.27 -42.66 1.14
N LEU EB 69 -79.04 -43.38 1.94
CA LEU EB 69 -80.06 -42.77 2.80
C LEU EB 69 -79.43 -42.25 4.09
N ARG EB 70 -78.85 -41.05 3.97
CA ARG EB 70 -78.25 -40.39 5.12
C ARG EB 70 -79.28 -39.88 6.12
N ASP EB 71 -80.53 -39.69 5.71
CA ASP EB 71 -81.61 -39.28 6.61
C ASP EB 71 -82.41 -40.50 7.09
N MET EB 72 -81.71 -41.36 7.81
CA MET EB 72 -82.28 -42.54 8.49
C MET EB 72 -82.04 -42.43 9.98
N ILE EB 73 -83.12 -42.44 10.76
CA ILE EB 73 -82.98 -42.56 12.20
C ILE EB 73 -82.46 -43.94 12.55
N ILE EB 74 -81.36 -43.99 13.30
CA ILE EB 74 -80.84 -45.26 13.76
C ILE EB 74 -81.76 -45.78 14.85
N LEU EB 75 -82.48 -46.83 14.53
CA LEU EB 75 -83.50 -47.56 15.27
C LEU EB 75 -82.86 -48.68 16.09
N PRO EB 76 -83.55 -49.17 17.12
CA PRO EB 76 -82.99 -50.28 17.93
C PRO EB 76 -82.72 -51.57 17.17
N GLU EB 77 -83.48 -51.87 16.13
CA GLU EB 77 -83.32 -53.16 15.46
C GLU EB 77 -82.14 -53.22 14.51
N MET EB 78 -81.45 -52.08 14.28
CA MET EB 78 -80.24 -52.08 13.49
C MET EB 78 -78.96 -52.19 14.30
N VAL EB 79 -79.05 -52.35 15.63
CA VAL EB 79 -77.87 -52.36 16.46
C VAL EB 79 -77.08 -53.64 16.22
N GLY EB 80 -75.85 -53.49 15.74
CA GLY EB 80 -75.04 -54.62 15.33
C GLY EB 80 -75.10 -54.83 13.83
N SER EB 81 -75.00 -53.73 13.08
CA SER EB 81 -75.00 -53.77 11.63
C SER EB 81 -73.70 -53.18 11.13
N MET EB 82 -73.37 -53.46 9.88
CA MET EB 82 -72.38 -52.68 9.15
C MET EB 82 -73.05 -52.07 7.92
N VAL EB 83 -73.18 -50.77 7.96
CA VAL EB 83 -73.88 -50.01 6.93
C VAL EB 83 -72.90 -49.04 6.30
N GLY EB 84 -72.96 -48.95 4.98
CA GLY EB 84 -72.16 -48.00 4.23
C GLY EB 84 -72.96 -46.77 3.89
N VAL EB 85 -72.78 -45.71 4.66
CA VAL EB 85 -73.48 -44.47 4.39
C VAL EB 85 -72.77 -43.74 3.27
N TYR EB 86 -73.52 -43.30 2.26
CA TYR EB 86 -72.90 -42.60 1.13
C TYR EB 86 -72.37 -41.25 1.57
N ASN EB 87 -71.08 -41.05 1.34
CA ASN EB 87 -70.39 -39.80 1.67
C ASN EB 87 -70.73 -38.67 0.71
N GLY EB 88 -71.07 -38.99 -0.53
CA GLY EB 88 -71.05 -38.06 -1.63
C GLY EB 88 -70.22 -38.56 -2.79
N LYS EB 89 -69.16 -39.32 -2.50
CA LYS EB 89 -68.37 -39.97 -3.54
C LYS EB 89 -68.13 -41.44 -3.20
N THR EB 90 -68.21 -41.80 -1.94
CA THR EB 90 -67.93 -43.16 -1.50
C THR EB 90 -68.93 -43.59 -0.42
N PHE EB 91 -68.91 -44.89 -0.12
CA PHE EB 91 -69.73 -45.45 0.94
C PHE EB 91 -68.84 -45.69 2.15
N ASN EB 92 -68.93 -44.81 3.15
CA ASN EB 92 -68.16 -44.94 4.37
C ASN EB 92 -68.74 -46.08 5.20
N GLN EB 93 -67.87 -46.89 5.78
CA GLN EB 93 -68.30 -48.08 6.49
C GLN EB 93 -68.40 -47.79 7.99
N VAL EB 94 -69.61 -47.90 8.54
CA VAL EB 94 -69.79 -47.74 9.98
C VAL EB 94 -70.51 -48.97 10.53
N GLU EB 95 -70.01 -49.47 11.66
CA GLU EB 95 -70.70 -50.46 12.47
C GLU EB 95 -71.64 -49.74 13.42
N ILE EB 96 -72.90 -50.18 13.47
CA ILE EB 96 -73.92 -49.51 14.27
C ILE EB 96 -73.75 -49.89 15.73
N LYS EB 97 -73.27 -48.93 16.52
CA LYS EB 97 -73.11 -49.07 17.96
C LYS EB 97 -74.48 -48.83 18.59
N PRO EB 98 -74.74 -49.39 19.78
CA PRO EB 98 -76.03 -49.11 20.45
C PRO EB 98 -76.29 -47.65 20.80
N GLU EB 99 -75.24 -46.85 21.05
CA GLU EB 99 -75.43 -45.44 21.42
C GLU EB 99 -75.72 -44.55 20.23
N MET EB 100 -75.77 -45.10 19.01
CA MET EB 100 -76.07 -44.33 17.82
C MET EB 100 -77.56 -44.14 17.59
N ILE EB 101 -78.40 -44.69 18.47
CA ILE EB 101 -79.85 -44.53 18.43
C ILE EB 101 -80.23 -43.06 18.56
N GLY EB 102 -81.29 -42.66 17.85
CA GLY EB 102 -81.74 -41.29 17.83
C GLY EB 102 -80.96 -40.37 16.93
N HIS EB 103 -79.85 -40.86 16.37
CA HIS EB 103 -78.96 -40.10 15.53
C HIS EB 103 -79.16 -40.52 14.08
N TYR EB 104 -78.84 -39.62 13.16
CA TYR EB 104 -79.05 -39.93 11.75
C TYR EB 104 -77.82 -40.65 11.22
N LEU EB 105 -78.03 -41.45 10.15
CA LEU EB 105 -76.92 -42.17 9.55
C LEU EB 105 -75.96 -41.24 8.84
N GLY EB 106 -76.40 -40.04 8.48
CA GLY EB 106 -75.52 -39.09 7.81
C GLY EB 106 -74.69 -38.26 8.77
N GLU EB 107 -74.78 -38.53 10.06
CA GLU EB 107 -73.94 -37.87 11.05
C GLU EB 107 -72.62 -38.60 11.25
N PHE EB 108 -72.46 -39.76 10.61
CA PHE EB 108 -71.28 -40.56 10.82
C PHE EB 108 -70.45 -40.79 9.56
N SER EB 109 -70.90 -40.29 8.42
CA SER EB 109 -70.08 -40.21 7.21
C SER EB 109 -69.83 -38.74 6.95
N ILE EB 110 -68.68 -38.24 7.41
CA ILE EB 110 -68.39 -36.80 7.33
C ILE EB 110 -68.10 -36.41 5.89
N THR EB 111 -68.82 -35.41 5.39
CA THR EB 111 -68.93 -35.11 3.97
C THR EB 111 -67.75 -34.31 3.43
N TYR EB 112 -66.65 -34.22 4.17
CA TYR EB 112 -65.50 -33.44 3.79
C TYR EB 112 -64.31 -34.00 4.56
N LYS EB 113 -63.14 -33.94 3.93
CA LYS EB 113 -61.96 -34.14 4.77
C LYS EB 113 -61.70 -32.92 5.64
N PRO EB 114 -61.15 -33.13 6.84
CA PRO EB 114 -60.75 -31.99 7.68
C PRO EB 114 -59.72 -31.13 6.99
N VAL EB 115 -59.84 -29.83 7.18
CA VAL EB 115 -58.98 -28.86 6.48
C VAL EB 115 -57.67 -28.78 7.24
N LYS EB 116 -56.59 -29.13 6.56
CA LYS EB 116 -55.23 -28.99 7.11
C LYS EB 116 -54.57 -27.88 6.30
N HIS EB 117 -54.52 -26.68 6.89
CA HIS EB 117 -54.18 -25.47 6.15
C HIS EB 117 -52.71 -25.46 5.72
N GLY EB 118 -52.50 -25.14 4.45
CA GLY EB 118 -51.17 -24.88 3.93
C GLY EB 118 -50.83 -23.41 4.05
N ARG EB 119 -49.81 -22.95 3.32
CA ARG EB 119 -49.43 -21.55 3.41
C ARG EB 119 -50.48 -20.68 2.70
N PRO EB 120 -50.68 -19.43 3.17
CA PRO EB 120 -51.71 -18.57 2.56
C PRO EB 120 -51.43 -18.21 1.11
N GLY EB 121 -50.21 -17.77 0.83
CA GLY EB 121 -49.83 -17.48 -0.54
C GLY EB 121 -50.32 -16.14 -1.04
N ILE EB 122 -50.23 -15.93 -2.36
CA ILE EB 122 -50.61 -14.67 -2.96
C ILE EB 122 -52.13 -14.51 -2.91
N GLY EB 123 -52.57 -13.26 -2.93
CA GLY EB 123 -53.98 -12.93 -2.87
C GLY EB 123 -54.60 -13.01 -1.49
N ALA EB 124 -53.87 -13.52 -0.49
CA ALA EB 124 -54.42 -13.66 0.85
C ALA EB 124 -54.52 -12.31 1.56
N THR EB 125 -53.50 -11.49 1.44
CA THR EB 125 -53.45 -10.16 2.02
C THR EB 125 -53.48 -9.13 0.90
N HIS EB 126 -53.71 -7.87 1.28
CA HIS EB 126 -53.74 -6.79 0.30
C HIS EB 126 -52.37 -6.42 -0.25
N SER EB 127 -51.29 -6.90 0.36
CA SER EB 127 -49.96 -6.73 -0.21
C SER EB 127 -49.53 -7.91 -1.05
N SER EB 128 -50.41 -8.89 -1.26
CA SER EB 128 -50.07 -10.10 -2.01
C SER EB 128 -50.71 -10.12 -3.40
N ARG EB 129 -51.04 -8.95 -3.94
CA ARG EB 129 -51.40 -8.73 -5.36
C ARG EB 129 -52.64 -9.51 -5.82
N GLY FB 1 -133.94 28.47 21.87
CA GLY FB 1 -132.52 28.35 22.15
C GLY FB 1 -131.67 28.10 20.92
N PRO FB 2 -130.73 29.00 20.63
CA PRO FB 2 -129.83 28.79 19.50
C PRO FB 2 -128.76 27.76 19.84
N LEU FB 3 -128.65 26.73 19.00
CA LEU FB 3 -127.55 25.77 19.13
C LEU FB 3 -126.31 26.37 18.51
N GLN FB 4 -125.25 26.52 19.31
CA GLN FB 4 -124.12 27.32 18.88
C GLN FB 4 -122.83 26.53 18.87
N SER FB 5 -122.83 25.36 18.24
CA SER FB 5 -121.63 24.55 18.12
C SER FB 5 -120.70 25.09 17.05
N VAL FB 6 -119.40 24.89 17.27
CA VAL FB 6 -118.39 25.06 16.24
C VAL FB 6 -117.44 23.87 16.36
N GLN FB 7 -116.94 23.39 15.23
CA GLN FB 7 -116.17 22.15 15.17
C GLN FB 7 -114.94 22.43 14.31
N VAL FB 8 -113.76 22.45 14.93
CA VAL FB 8 -112.55 22.77 14.18
C VAL FB 8 -111.56 21.62 14.28
N PHE FB 9 -110.56 21.65 13.42
CA PHE FB 9 -109.48 20.68 13.43
C PHE FB 9 -108.15 21.42 13.56
N GLY FB 10 -107.13 20.66 13.95
CA GLY FB 10 -105.79 21.18 14.10
C GLY FB 10 -104.77 20.08 13.92
N ARG FB 11 -103.60 20.42 13.38
CA ARG FB 11 -102.62 19.41 12.99
C ARG FB 11 -101.23 19.81 13.46
N LYS FB 12 -100.39 18.80 13.60
CA LYS FB 12 -98.94 18.95 13.70
C LYS FB 12 -98.22 18.12 12.65
N LYS FB 13 -98.69 16.90 12.44
CA LYS FB 13 -98.16 15.89 11.52
C LYS FB 13 -99.38 15.11 11.07
N THR FB 14 -99.22 13.82 10.76
CA THR FB 14 -100.36 12.97 10.40
C THR FB 14 -101.43 12.88 11.50
N ALA FB 15 -101.09 13.19 12.75
CA ALA FB 15 -102.08 13.37 13.81
C ALA FB 15 -102.96 14.58 13.54
N THR FB 16 -104.27 14.40 13.64
CA THR FB 16 -105.23 15.49 13.55
C THR FB 16 -106.21 15.43 14.71
N ALA FB 17 -106.58 16.61 15.21
CA ALA FB 17 -107.47 16.71 16.36
C ALA FB 17 -108.66 17.58 16.00
N VAL FB 18 -109.85 17.15 16.40
CA VAL FB 18 -111.07 17.91 16.19
C VAL FB 18 -111.60 18.34 17.56
N ALA FB 19 -111.69 19.65 17.75
CA ALA FB 19 -112.27 20.23 18.95
C ALA FB 19 -113.69 20.70 18.65
N HIS FB 20 -114.60 20.31 19.54
CA HIS FB 20 -116.01 20.61 19.42
C HIS FB 20 -116.35 21.59 20.54
N CYS FB 21 -116.46 22.86 20.19
CA CYS FB 21 -116.68 23.94 21.14
C CYS FB 21 -118.13 24.41 21.02
N LYS FB 22 -118.94 24.15 22.03
CA LYS FB 22 -120.31 24.60 22.01
C LYS FB 22 -120.64 25.38 23.28
N ARG FB 23 -121.83 25.97 23.29
CA ARG FB 23 -122.26 26.77 24.42
C ARG FB 23 -122.56 25.88 25.62
N GLY FB 24 -122.05 26.27 26.78
CA GLY FB 24 -122.22 25.53 28.01
C GLY FB 24 -121.52 26.17 29.19
N ASN FB 25 -120.92 25.36 30.05
CA ASN FB 25 -120.16 25.82 31.20
C ASN FB 25 -118.69 25.46 31.01
N GLY FB 26 -117.86 25.78 32.00
CA GLY FB 26 -116.43 25.69 31.85
C GLY FB 26 -115.85 24.29 31.84
N LEU FB 27 -116.10 23.55 30.77
CA LEU FB 27 -115.58 22.19 30.62
C LEU FB 27 -114.66 22.14 29.41
N ILE FB 28 -113.47 21.58 29.61
CA ILE FB 28 -112.54 21.31 28.52
C ILE FB 28 -111.97 19.91 28.71
N LYS FB 29 -112.21 19.02 27.74
CA LYS FB 29 -111.76 17.64 27.91
C LYS FB 29 -111.53 16.96 26.56
N VAL FB 30 -110.49 16.12 26.53
CA VAL FB 30 -109.95 15.56 25.29
C VAL FB 30 -110.03 14.04 25.37
N ASN FB 31 -110.62 13.42 24.34
CA ASN FB 31 -110.91 11.99 24.22
C ASN FB 31 -111.81 11.48 25.33
N GLY FB 32 -112.57 12.33 26.00
CA GLY FB 32 -113.35 11.96 27.16
C GLY FB 32 -112.63 12.18 28.47
N ARG FB 33 -111.32 12.36 28.44
CA ARG FB 33 -110.57 12.64 29.66
C ARG FB 33 -110.33 14.14 29.77
N PRO FB 34 -110.32 14.68 30.98
CA PRO FB 34 -110.02 16.11 31.16
C PRO FB 34 -108.57 16.40 30.79
N LEU FB 35 -108.32 17.67 30.52
CA LEU FB 35 -107.06 18.10 29.89
C LEU FB 35 -105.88 17.96 30.85
N GLU FB 36 -106.14 17.77 32.14
CA GLU FB 36 -105.10 17.65 33.15
C GLU FB 36 -104.57 16.22 33.30
N MET FB 37 -105.04 15.27 32.48
CA MET FB 37 -104.52 13.91 32.59
C MET FB 37 -104.08 13.29 31.27
N ILE FB 38 -103.92 14.07 30.21
CA ILE FB 38 -103.53 13.50 28.91
C ILE FB 38 -102.02 13.29 28.88
N GLU FB 39 -101.62 12.05 28.60
CA GLU FB 39 -100.27 11.51 28.60
C GLU FB 39 -99.51 11.96 27.35
N PRO FB 40 -98.20 12.24 27.46
CA PRO FB 40 -97.37 12.32 28.68
C PRO FB 40 -97.63 13.61 29.43
N ARG FB 41 -97.42 13.62 30.74
CA ARG FB 41 -97.79 14.75 31.56
C ARG FB 41 -96.68 15.78 31.71
N THR FB 42 -95.54 15.60 31.03
CA THR FB 42 -94.51 16.63 31.08
C THR FB 42 -94.89 17.82 30.20
N LEU FB 43 -95.83 17.62 29.29
CA LEU FB 43 -96.39 18.69 28.48
C LEU FB 43 -97.77 19.09 28.97
N GLN FB 44 -97.95 19.01 30.29
CA GLN FB 44 -99.18 19.44 30.92
C GLN FB 44 -99.43 20.93 30.72
N TYR FB 45 -98.40 21.75 30.92
CA TYR FB 45 -98.58 23.18 30.68
C TYR FB 45 -98.61 23.49 29.20
N LYS FB 46 -98.05 22.63 28.35
CA LYS FB 46 -98.24 22.76 26.91
C LYS FB 46 -99.70 22.57 26.53
N LEU FB 47 -100.36 21.56 27.11
CA LEU FB 47 -101.81 21.41 26.97
C LEU FB 47 -102.56 22.60 27.56
N LEU FB 48 -102.05 23.17 28.65
CA LEU FB 48 -102.74 24.27 29.33
C LEU FB 48 -102.39 25.66 28.78
N GLU FB 49 -101.51 25.76 27.78
CA GLU FB 49 -101.16 27.06 27.20
C GLU FB 49 -102.34 27.88 26.67
N PRO FB 50 -103.31 27.33 25.90
CA PRO FB 50 -104.48 28.17 25.56
C PRO FB 50 -105.29 28.59 26.78
N VAL FB 51 -105.45 27.69 27.74
CA VAL FB 51 -106.19 28.00 28.97
C VAL FB 51 -105.45 29.06 29.79
N LEU FB 52 -104.14 28.91 29.95
CA LEU FB 52 -103.43 29.81 30.85
C LEU FB 52 -103.12 31.15 30.19
N LEU FB 53 -103.02 31.19 28.87
CA LEU FB 53 -102.89 32.47 28.19
C LEU FB 53 -104.21 33.23 28.13
N LEU FB 54 -105.31 32.52 27.88
CA LEU FB 54 -106.58 33.21 27.73
C LEU FB 54 -107.36 33.29 29.03
N GLY FB 55 -106.85 32.76 30.13
CA GLY FB 55 -107.58 32.80 31.39
C GLY FB 55 -108.71 31.77 31.39
N LYS FB 56 -109.60 31.93 32.36
CA LYS FB 56 -110.69 30.99 32.51
C LYS FB 56 -112.06 31.59 32.20
N GLU FB 57 -112.22 32.91 32.33
CA GLU FB 57 -113.50 33.53 32.07
C GLU FB 57 -113.87 33.50 30.59
N ARG FB 58 -112.89 33.44 29.69
CA ARG FB 58 -113.21 33.22 28.27
C ARG FB 58 -113.73 31.81 28.05
N PHE FB 59 -113.19 30.84 28.78
CA PHE FB 59 -113.61 29.45 28.76
C PHE FB 59 -114.89 29.22 29.54
N ALA FB 60 -115.37 30.21 30.30
CA ALA FB 60 -116.51 30.03 31.18
C ALA FB 60 -117.81 29.76 30.43
N GLY FB 61 -118.06 30.45 29.33
CA GLY FB 61 -119.30 30.31 28.60
C GLY FB 61 -119.33 29.19 27.58
N VAL FB 62 -118.26 28.43 27.42
CA VAL FB 62 -118.16 27.41 26.38
C VAL FB 62 -117.62 26.12 26.99
N ASP FB 63 -118.02 24.99 26.42
CA ASP FB 63 -117.39 23.70 26.71
C ASP FB 63 -116.88 23.04 25.44
N ILE FB 64 -115.71 22.39 25.57
CA ILE FB 64 -114.95 21.90 24.43
C ILE FB 64 -114.64 20.42 24.64
N ARG FB 65 -115.00 19.60 23.65
CA ARG FB 65 -114.84 18.16 23.69
C ARG FB 65 -114.02 17.74 22.49
N VAL FB 66 -112.78 17.31 22.72
CA VAL FB 66 -111.82 17.08 21.66
C VAL FB 66 -111.58 15.60 21.44
N ARG FB 67 -111.63 15.18 20.19
CA ARG FB 67 -111.15 13.86 19.80
C ARG FB 67 -109.88 14.05 18.98
N VAL FB 68 -108.99 13.08 19.02
CA VAL FB 68 -107.75 13.16 18.26
C VAL FB 68 -107.39 11.78 17.73
N LYS FB 69 -106.99 11.74 16.47
CA LYS FB 69 -106.65 10.49 15.81
C LYS FB 69 -105.35 10.67 15.06
N GLY FB 70 -104.52 9.63 15.06
CA GLY FB 70 -103.32 9.62 14.26
C GLY FB 70 -102.09 10.03 15.03
N GLY FB 71 -100.95 9.90 14.35
CA GLY FB 71 -99.65 10.33 14.85
C GLY FB 71 -99.17 9.68 16.14
N GLY FB 72 -98.53 10.49 16.97
CA GLY FB 72 -98.03 10.00 18.23
C GLY FB 72 -98.16 11.10 19.27
N HIS FB 73 -97.61 10.83 20.46
CA HIS FB 73 -98.02 11.52 21.69
C HIS FB 73 -97.75 13.01 21.64
N VAL FB 74 -96.57 13.41 21.19
CA VAL FB 74 -96.25 14.83 21.10
C VAL FB 74 -97.01 15.50 19.97
N ALA FB 75 -97.13 14.84 18.81
CA ALA FB 75 -97.94 15.37 17.72
C ALA FB 75 -99.41 15.40 18.09
N GLN FB 76 -99.86 14.41 18.87
CA GLN FB 76 -101.20 14.41 19.44
C GLN FB 76 -101.43 15.65 20.30
N ILE FB 77 -100.49 15.96 21.20
CA ILE FB 77 -100.63 17.10 22.10
C ILE FB 77 -100.63 18.42 21.34
N TYR FB 78 -99.75 18.53 20.33
CA TYR FB 78 -99.72 19.74 19.52
C TYR FB 78 -100.98 19.93 18.68
N ALA FB 79 -101.53 18.85 18.11
CA ALA FB 79 -102.81 18.94 17.40
C ALA FB 79 -103.95 19.33 18.33
N ILE FB 80 -103.96 18.78 19.55
CA ILE FB 80 -104.96 19.14 20.55
C ILE FB 80 -104.90 20.61 20.92
N ARG FB 81 -103.69 21.12 21.19
CA ARG FB 81 -103.50 22.52 21.57
C ARG FB 81 -103.87 23.46 20.43
N GLN FB 82 -103.50 23.10 19.19
CA GLN FB 82 -103.96 23.75 17.97
C GLN FB 82 -105.48 23.84 17.92
N SER FB 83 -106.14 22.70 18.17
CA SER FB 83 -107.59 22.59 18.04
C SER FB 83 -108.30 23.45 19.07
N ILE FB 84 -107.78 23.50 20.30
CA ILE FB 84 -108.36 24.36 21.34
C ILE FB 84 -108.24 25.83 20.94
N SER FB 85 -107.04 26.21 20.53
CA SER FB 85 -106.76 27.62 20.33
C SER FB 85 -107.48 28.15 19.12
N LYS FB 86 -107.73 27.31 18.12
CA LYS FB 86 -108.56 27.79 17.03
C LYS FB 86 -110.04 27.44 17.19
N ALA FB 87 -110.41 26.64 18.19
CA ALA FB 87 -111.81 26.44 18.51
C ALA FB 87 -112.44 27.64 19.18
N LEU FB 88 -111.72 28.23 20.16
CA LEU FB 88 -112.21 29.50 20.72
C LEU FB 88 -112.24 30.61 19.68
N VAL FB 89 -111.21 30.62 18.83
CA VAL FB 89 -111.09 31.43 17.63
C VAL FB 89 -112.32 31.32 16.71
N ALA FB 90 -112.76 30.10 16.35
CA ALA FB 90 -113.90 30.01 15.43
C ALA FB 90 -115.24 30.16 16.13
N TYR FB 91 -115.31 29.98 17.46
CA TYR FB 91 -116.52 30.33 18.19
C TYR FB 91 -116.67 31.85 18.25
N TYR FB 92 -115.55 32.57 18.40
CA TYR FB 92 -115.66 33.99 18.72
C TYR FB 92 -115.69 34.86 17.47
N GLN FB 93 -115.29 34.33 16.29
CA GLN FB 93 -115.82 34.93 15.05
C GLN FB 93 -117.33 34.83 14.97
N LYS FB 94 -117.88 33.67 15.33
CA LYS FB 94 -119.20 33.26 14.86
C LYS FB 94 -120.34 33.72 15.76
N TYR FB 95 -120.11 33.80 17.08
CA TYR FB 95 -121.25 33.94 17.97
C TYR FB 95 -121.18 35.20 18.83
N VAL FB 96 -119.97 35.68 19.12
CA VAL FB 96 -119.81 36.89 19.93
C VAL FB 96 -119.15 37.97 19.08
N ASP FB 97 -118.88 39.13 19.69
CA ASP FB 97 -118.25 40.27 19.02
C ASP FB 97 -116.88 39.92 18.45
N GLU FB 98 -116.56 40.55 17.32
CA GLU FB 98 -115.32 40.27 16.60
C GLU FB 98 -114.10 40.84 17.31
N ALA FB 99 -114.27 41.92 18.08
CA ALA FB 99 -113.15 42.55 18.75
C ALA FB 99 -112.61 41.71 19.90
N SER FB 100 -113.40 40.78 20.46
CA SER FB 100 -112.87 39.85 21.46
C SER FB 100 -112.01 38.78 20.83
N LYS FB 101 -112.47 38.29 19.72
CA LYS FB 101 -111.66 37.53 18.81
C LYS FB 101 -110.34 38.20 18.41
N LYS FB 102 -110.36 39.48 18.07
CA LYS FB 102 -109.11 40.12 17.66
C LYS FB 102 -108.11 40.21 18.81
N GLU FB 103 -108.58 40.51 20.03
CA GLU FB 103 -107.64 40.57 21.15
C GLU FB 103 -107.21 39.19 21.63
N ILE FB 104 -107.98 38.15 21.34
CA ILE FB 104 -107.49 36.78 21.59
C ILE FB 104 -106.39 36.41 20.61
N LYS FB 105 -106.53 36.81 19.33
CA LYS FB 105 -105.44 36.65 18.37
C LYS FB 105 -104.19 37.41 18.80
N ASP FB 106 -104.41 38.62 19.35
CA ASP FB 106 -103.34 39.43 19.94
C ASP FB 106 -102.66 38.76 21.12
N ILE FB 107 -103.29 37.78 21.77
CA ILE FB 107 -102.64 37.00 22.80
C ILE FB 107 -101.93 35.78 22.21
N LEU FB 108 -102.58 35.07 21.30
CA LEU FB 108 -102.09 33.75 20.89
C LEU FB 108 -100.91 33.83 19.93
N ILE FB 109 -101.01 34.65 18.87
CA ILE FB 109 -99.98 34.64 17.83
C ILE FB 109 -98.66 35.20 18.37
N GLN FB 110 -98.73 36.32 19.07
CA GLN FB 110 -97.56 37.01 19.59
C GLN FB 110 -96.95 36.31 20.80
N TYR FB 111 -97.58 35.27 21.32
CA TYR FB 111 -96.89 34.29 22.15
C TYR FB 111 -96.22 33.23 21.28
N ASP FB 112 -96.97 32.54 20.43
CA ASP FB 112 -96.38 31.49 19.59
C ASP FB 112 -97.28 31.34 18.37
N ARG FB 113 -96.67 31.32 17.19
CA ARG FB 113 -97.43 31.32 15.95
C ARG FB 113 -98.05 29.97 15.65
N THR FB 114 -97.57 28.91 16.28
CA THR FB 114 -98.11 27.57 16.08
C THR FB 114 -99.24 27.23 17.04
N LEU FB 115 -100.01 28.22 17.50
CA LEU FB 115 -101.28 27.92 18.15
C LEU FB 115 -102.43 27.95 17.17
N LEU FB 116 -102.28 28.69 16.06
CA LEU FB 116 -103.37 28.96 15.14
C LEU FB 116 -103.07 28.63 13.69
N VAL FB 117 -101.79 28.49 13.32
CA VAL FB 117 -101.38 28.05 12.00
C VAL FB 117 -100.37 26.93 12.18
N ALA FB 118 -100.66 25.76 11.60
CA ALA FB 118 -99.82 24.59 11.77
C ALA FB 118 -98.53 24.71 10.96
N ASP FB 119 -97.47 24.10 11.47
CA ASP FB 119 -96.27 23.98 10.66
C ASP FB 119 -96.49 22.97 9.54
N PRO FB 120 -96.02 23.25 8.33
CA PRO FB 120 -96.22 22.32 7.21
C PRO FB 120 -95.18 21.21 7.10
N ARG FB 121 -94.38 20.99 8.15
CA ARG FB 121 -93.30 20.02 8.10
C ARG FB 121 -93.88 18.61 8.20
N ARG FB 122 -93.69 17.81 7.15
CA ARG FB 122 -94.11 16.41 7.13
C ARG FB 122 -92.89 15.56 6.83
N CYS FB 123 -93.04 14.24 7.01
CA CYS FB 123 -91.91 13.34 6.86
C CYS FB 123 -91.47 13.22 5.41
N GLU FB 124 -90.19 13.45 5.15
CA GLU FB 124 -89.66 13.39 3.80
C GLU FB 124 -89.33 11.94 3.44
N SER FB 125 -89.64 11.58 2.20
CA SER FB 125 -89.58 10.20 1.76
C SER FB 125 -88.15 9.68 1.73
N LYS FB 126 -87.98 8.46 2.24
CA LYS FB 126 -86.74 7.74 2.06
C LYS FB 126 -86.55 7.40 0.59
N LYS FB 127 -85.33 7.60 0.10
CA LYS FB 127 -85.00 7.22 -1.26
C LYS FB 127 -84.05 6.02 -1.22
N PHE FB 128 -83.84 5.43 -2.39
CA PHE FB 128 -82.96 4.27 -2.50
C PHE FB 128 -81.51 4.68 -2.27
N GLY FB 129 -80.69 3.68 -1.95
CA GLY FB 129 -79.28 3.87 -1.73
C GLY FB 129 -78.93 4.37 -0.35
N GLY FB 130 -79.91 4.53 0.53
CA GLY FB 130 -79.66 5.03 1.86
C GLY FB 130 -80.63 4.49 2.88
N PRO FB 131 -80.29 4.62 4.17
CA PRO FB 131 -81.18 4.12 5.23
C PRO FB 131 -82.36 5.02 5.48
N GLY FB 132 -82.39 6.21 4.90
CA GLY FB 132 -83.45 7.14 5.19
C GLY FB 132 -83.57 8.22 4.14
N ALA FB 133 -84.18 9.31 4.56
CA ALA FB 133 -84.66 10.39 3.70
C ALA FB 133 -83.55 11.16 3.00
N ARG FB 134 -82.46 11.44 3.70
CA ARG FB 134 -81.34 12.17 3.14
C ARG FB 134 -80.02 11.40 3.24
N ALA FB 135 -79.84 10.64 4.30
CA ALA FB 135 -78.58 9.95 4.53
C ALA FB 135 -78.41 8.80 3.55
N ARG FB 136 -77.16 8.42 3.33
CA ARG FB 136 -76.84 7.33 2.43
C ARG FB 136 -75.96 6.30 3.14
N TYR FB 137 -75.76 5.16 2.47
CA TYR FB 137 -74.95 4.09 3.02
C TYR FB 137 -73.46 4.44 2.98
N GLN FB 138 -72.70 3.63 3.68
CA GLN FB 138 -71.25 3.78 3.72
C GLN FB 138 -70.63 3.41 2.39
N LYS FB 139 -69.77 4.29 1.88
CA LYS FB 139 -69.04 4.04 0.66
C LYS FB 139 -67.69 3.43 1.00
N SER FB 140 -67.37 2.31 0.35
CA SER FB 140 -66.16 1.57 0.68
C SER FB 140 -65.26 1.50 -0.53
N TYR FB 141 -63.97 1.62 -0.29
CA TYR FB 141 -62.93 1.61 -1.32
C TYR FB 141 -62.01 0.41 -1.12
N ARG FB 142 -61.08 0.24 -2.05
CA ARG FB 142 -59.92 -0.67 -1.94
C ARG FB 142 -60.28 -2.16 -1.79
N GLY GB 1 -82.79 30.96 -7.25
CA GLY GB 1 -82.74 32.22 -7.96
C GLY GB 1 -83.62 32.22 -9.19
N ARG GB 2 -84.76 32.89 -9.10
CA ARG GB 2 -85.78 32.81 -10.13
C ARG GB 2 -85.54 33.87 -11.21
N VAL GB 3 -84.89 33.43 -12.28
CA VAL GB 3 -84.70 34.22 -13.49
C VAL GB 3 -85.66 33.67 -14.55
N ARG GB 4 -86.49 34.54 -15.13
CA ARG GB 4 -87.47 34.12 -16.11
C ARG GB 4 -86.81 33.75 -17.43
N THR GB 5 -87.22 32.62 -18.00
CA THR GB 5 -86.59 32.13 -19.21
C THR GB 5 -87.16 32.83 -20.44
N LYS GB 6 -86.60 32.49 -21.60
CA LYS GB 6 -86.88 33.20 -22.84
C LYS GB 6 -88.29 33.00 -23.35
N THR GB 7 -88.94 31.85 -23.10
CA THR GB 7 -90.31 31.70 -23.57
C THR GB 7 -91.29 32.55 -22.76
N VAL GB 8 -91.07 32.67 -21.44
CA VAL GB 8 -91.89 33.55 -20.62
C VAL GB 8 -91.63 35.00 -20.99
N LYS GB 9 -90.37 35.36 -21.22
CA LYS GB 9 -90.02 36.73 -21.58
C LYS GB 9 -90.58 37.12 -22.93
N LYS GB 10 -90.51 36.22 -23.92
CA LYS GB 10 -91.02 36.55 -25.26
C LYS GB 10 -92.54 36.56 -25.30
N ALA GB 11 -93.19 35.64 -24.57
CA ALA GB 11 -94.65 35.67 -24.48
C ALA GB 11 -95.14 36.94 -23.79
N ALA GB 12 -94.47 37.34 -22.70
CA ALA GB 12 -94.85 38.56 -22.00
C ALA GB 12 -94.60 39.81 -22.85
N ARG GB 13 -93.48 39.85 -23.58
CA ARG GB 13 -93.18 40.97 -24.47
C ARG GB 13 -94.18 41.10 -25.62
N VAL GB 14 -94.55 40.00 -26.28
CA VAL GB 14 -95.53 40.10 -27.34
C VAL GB 14 -96.93 40.41 -26.79
N ILE GB 15 -97.22 40.00 -25.55
CA ILE GB 15 -98.49 40.33 -24.91
C ILE GB 15 -98.58 41.83 -24.63
N ILE GB 16 -97.50 42.44 -24.12
CA ILE GB 16 -97.47 43.89 -23.97
C ILE GB 16 -97.50 44.59 -25.33
N GLU GB 17 -96.89 43.98 -26.35
CA GLU GB 17 -96.81 44.60 -27.67
C GLU GB 17 -98.18 44.71 -28.31
N LYS GB 18 -99.01 43.66 -28.21
CA LYS GB 18 -100.26 43.71 -28.97
C LYS GB 18 -101.49 43.99 -28.10
N TYR GB 19 -101.47 43.67 -26.81
CA TYR GB 19 -102.63 43.94 -25.95
C TYR GB 19 -102.29 44.87 -24.79
N TYR GB 20 -101.65 46.01 -25.07
CA TYR GB 20 -101.45 47.05 -24.07
C TYR GB 20 -102.75 47.58 -23.48
N THR GB 21 -103.85 47.55 -24.25
CA THR GB 21 -105.14 48.03 -23.77
C THR GB 21 -105.67 47.18 -22.63
N ARG GB 22 -105.49 45.86 -22.72
CA ARG GB 22 -106.20 44.98 -21.79
C ARG GB 22 -105.41 44.71 -20.52
N LEU GB 23 -104.10 44.94 -20.52
CA LEU GB 23 -103.29 44.69 -19.34
C LEU GB 23 -103.46 45.80 -18.32
N GLY GB 24 -103.06 45.49 -17.09
CA GLY GB 24 -103.15 46.42 -15.97
C GLY GB 24 -101.97 46.27 -15.04
N ASN GB 25 -101.78 47.22 -14.13
CA ASN GB 25 -100.62 47.21 -13.23
C ASN GB 25 -100.85 46.33 -12.00
N ASP GB 26 -101.68 45.31 -12.16
CA ASP GB 26 -102.03 44.35 -11.13
C ASP GB 26 -101.81 42.95 -11.68
N PHE GB 27 -101.06 42.17 -10.91
CA PHE GB 27 -100.79 40.77 -11.29
C PHE GB 27 -102.09 39.99 -11.38
N HIS GB 28 -103.00 40.21 -10.44
CA HIS GB 28 -104.21 39.41 -10.37
C HIS GB 28 -105.22 39.80 -11.42
N THR GB 29 -105.09 40.99 -12.01
CA THR GB 29 -105.86 41.33 -13.19
C THR GB 29 -105.24 40.73 -14.43
N ASN GB 30 -103.93 40.92 -14.63
CA ASN GB 30 -103.46 40.47 -15.92
C ASN GB 30 -103.23 38.97 -16.00
N LYS GB 31 -103.32 38.18 -14.92
CA LYS GB 31 -103.26 36.72 -15.12
C LYS GB 31 -104.53 36.25 -15.81
N ARG GB 32 -105.68 36.80 -15.42
CA ARG GB 32 -106.90 36.48 -16.12
C ARG GB 32 -106.89 37.06 -17.53
N VAL GB 33 -106.27 38.24 -17.70
CA VAL GB 33 -106.13 38.81 -19.04
C VAL GB 33 -105.31 37.89 -19.94
N CYS GB 34 -104.17 37.37 -19.45
CA CYS GB 34 -103.40 36.36 -20.18
C CYS GB 34 -104.16 35.06 -20.39
N GLU GB 35 -105.06 34.67 -19.47
CA GLU GB 35 -105.94 33.54 -19.73
C GLU GB 35 -106.83 33.77 -20.94
N GLU GB 36 -107.41 34.96 -21.06
CA GLU GB 36 -108.24 35.29 -22.20
C GLU GB 36 -107.45 35.36 -23.50
N ILE GB 37 -106.29 36.01 -23.49
CA ILE GB 37 -105.60 36.35 -24.73
C ILE GB 37 -104.62 35.27 -25.17
N ALA GB 38 -104.33 34.28 -24.35
CA ALA GB 38 -103.39 33.23 -24.73
C ALA GB 38 -103.87 31.90 -24.18
N ILE GB 39 -103.52 30.84 -24.87
CA ILE GB 39 -103.69 29.47 -24.35
C ILE GB 39 -102.33 29.03 -23.81
N ILE GB 40 -102.19 29.12 -22.50
CA ILE GB 40 -100.96 28.77 -21.79
C ILE GB 40 -101.15 27.38 -21.22
N PRO GB 41 -100.35 26.39 -21.64
CA PRO GB 41 -100.63 24.99 -21.29
C PRO GB 41 -100.26 24.60 -19.87
N SER GB 42 -100.03 25.54 -18.97
CA SER GB 42 -99.85 25.24 -17.56
C SER GB 42 -100.54 26.34 -16.76
N LYS GB 43 -100.35 26.31 -15.45
CA LYS GB 43 -100.84 27.38 -14.56
C LYS GB 43 -99.71 28.15 -13.92
N LYS GB 44 -98.64 27.44 -13.54
CA LYS GB 44 -97.40 28.07 -13.11
C LYS GB 44 -96.80 28.94 -14.22
N LEU GB 45 -96.83 28.45 -15.46
CA LEU GB 45 -96.34 29.24 -16.59
C LEU GB 45 -97.20 30.47 -16.82
N ARG GB 46 -98.52 30.33 -16.64
CA ARG GB 46 -99.47 31.44 -16.72
C ARG GB 46 -99.14 32.52 -15.70
N ASN GB 47 -98.91 32.12 -14.45
CA ASN GB 47 -98.62 33.08 -13.39
C ASN GB 47 -97.24 33.71 -13.55
N LYS GB 48 -96.24 32.96 -14.02
CA LYS GB 48 -94.94 33.53 -14.31
C LYS GB 48 -95.01 34.57 -15.43
N ILE GB 49 -95.76 34.25 -16.50
CA ILE GB 49 -95.94 35.19 -17.60
C ILE GB 49 -96.65 36.45 -17.11
N ALA GB 50 -97.69 36.29 -16.28
CA ALA GB 50 -98.42 37.43 -15.72
C ALA GB 50 -97.55 38.30 -14.82
N GLY GB 51 -96.71 37.69 -13.99
CA GLY GB 51 -95.80 38.46 -13.16
C GLY GB 51 -94.77 39.23 -13.95
N TYR GB 52 -94.23 38.64 -15.01
CA TYR GB 52 -93.30 39.40 -15.84
C TYR GB 52 -94.01 40.49 -16.65
N VAL GB 53 -95.27 40.26 -17.04
CA VAL GB 53 -96.10 41.32 -17.63
C VAL GB 53 -96.26 42.49 -16.68
N THR GB 54 -96.55 42.21 -15.41
CA THR GB 54 -96.71 43.26 -14.41
C THR GB 54 -95.42 44.05 -14.19
N HIS GB 55 -94.30 43.33 -14.07
CA HIS GB 55 -93.00 43.97 -13.83
C HIS GB 55 -92.55 44.80 -15.03
N LEU GB 56 -92.79 44.32 -16.26
CA LEU GB 56 -92.39 45.12 -17.42
C LEU GB 56 -93.37 46.25 -17.68
N MET GB 57 -94.65 46.09 -17.34
CA MET GB 57 -95.56 47.15 -17.72
C MET GB 57 -95.44 48.29 -16.74
N LYS GB 58 -94.99 48.00 -15.50
CA LYS GB 58 -94.64 49.11 -14.63
C LYS GB 58 -93.37 49.81 -15.11
N ARG GB 59 -92.48 49.11 -15.84
CA ARG GB 59 -91.35 49.75 -16.48
C ARG GB 59 -91.75 50.61 -17.66
N ILE GB 60 -92.84 50.24 -18.34
CA ILE GB 60 -93.37 51.04 -19.45
C ILE GB 60 -93.73 52.45 -19.01
N GLN GB 61 -94.40 52.62 -17.87
CA GLN GB 61 -94.73 53.96 -17.41
C GLN GB 61 -93.51 54.69 -16.88
N ARG GB 62 -92.51 53.96 -16.37
CA ARG GB 62 -91.28 54.60 -15.94
C ARG GB 62 -90.40 55.01 -17.10
N GLY GB 63 -90.63 54.47 -18.30
CA GLY GB 63 -89.89 54.87 -19.48
C GLY GB 63 -90.08 53.93 -20.64
N PRO GB 64 -89.62 54.32 -21.83
CA PRO GB 64 -89.68 53.42 -22.99
C PRO GB 64 -88.77 52.21 -22.82
N VAL GB 65 -89.19 51.11 -23.44
CA VAL GB 65 -88.49 49.83 -23.39
C VAL GB 65 -88.02 49.52 -24.81
N ARG GB 66 -86.82 48.94 -24.92
CA ARG GB 66 -86.20 48.69 -26.22
C ARG GB 66 -86.96 47.64 -27.02
N GLY GB 67 -87.33 46.52 -26.39
CA GLY GB 67 -87.92 45.42 -27.10
C GLY GB 67 -89.41 45.53 -27.36
N ILE GB 68 -90.05 46.54 -26.77
CA ILE GB 68 -91.50 46.65 -26.78
C ILE GB 68 -91.90 47.95 -27.46
N SER GB 69 -92.77 47.84 -28.48
CA SER GB 69 -93.29 48.98 -29.22
C SER GB 69 -94.77 49.14 -28.89
N ILE GB 70 -95.12 50.21 -28.21
CA ILE GB 70 -96.52 50.53 -27.92
C ILE GB 70 -96.90 51.82 -28.64
N LYS GB 71 -98.19 51.96 -28.94
CA LYS GB 71 -98.71 52.96 -29.86
C LYS GB 71 -98.57 54.39 -29.39
N LEU GB 72 -98.98 54.69 -28.15
CA LEU GB 72 -98.85 56.04 -27.60
C LEU GB 72 -97.40 56.50 -27.53
N GLN GB 73 -96.51 55.62 -27.09
CA GLN GB 73 -95.10 55.97 -27.04
C GLN GB 73 -94.49 56.14 -28.43
N GLU GB 74 -94.79 55.27 -29.40
CA GLU GB 74 -94.20 55.46 -30.72
C GLU GB 74 -94.75 56.70 -31.42
N GLU GB 75 -96.01 57.06 -31.14
CA GLU GB 75 -96.53 58.30 -31.70
C GLU GB 75 -95.87 59.52 -31.08
N GLU GB 76 -95.59 59.50 -29.76
CA GLU GB 76 -94.91 60.67 -29.20
C GLU GB 76 -93.43 60.73 -29.57
N ARG GB 77 -92.80 59.61 -29.93
CA ARG GB 77 -91.44 59.74 -30.47
C ARG GB 77 -91.44 60.20 -31.92
N GLU GB 78 -92.44 59.77 -32.71
CA GLU GB 78 -92.55 60.26 -34.08
C GLU GB 78 -92.95 61.72 -34.16
N ARG GB 79 -93.63 62.25 -33.15
CA ARG GB 79 -93.82 63.70 -33.06
C ARG GB 79 -92.48 64.43 -32.91
N ARG GB 80 -91.54 63.89 -32.15
CA ARG GB 80 -90.23 64.52 -32.05
C ARG GB 80 -89.47 64.44 -33.36
N ASP GB 81 -89.55 63.29 -34.02
CA ASP GB 81 -88.90 63.16 -35.31
C ASP GB 81 -89.50 64.08 -36.37
N ASN GB 82 -90.80 64.33 -36.31
CA ASN GB 82 -91.48 65.24 -37.23
C ASN GB 82 -91.56 66.67 -36.72
N TYR GB 83 -90.96 66.95 -35.55
CA TYR GB 83 -91.07 68.26 -34.91
C TYR GB 83 -90.31 69.30 -35.72
N VAL GB 84 -90.88 70.50 -35.81
CA VAL GB 84 -90.28 71.61 -36.55
C VAL GB 84 -90.24 72.81 -35.61
N PRO GB 85 -89.08 73.44 -35.41
CA PRO GB 85 -89.06 74.70 -34.64
C PRO GB 85 -89.61 75.85 -35.47
N GLU GB 86 -89.96 76.97 -34.85
CA GLU GB 86 -90.65 78.01 -35.61
C GLU GB 86 -89.73 78.80 -36.52
N VAL GB 87 -88.41 78.70 -36.33
CA VAL GB 87 -87.45 79.33 -37.23
C VAL GB 87 -86.34 78.32 -37.50
N SER GB 88 -85.71 78.45 -38.67
CA SER GB 88 -84.52 77.68 -38.99
C SER GB 88 -83.37 78.09 -38.05
N ALA GB 89 -82.61 77.09 -37.61
CA ALA GB 89 -81.49 77.32 -36.71
C ALA GB 89 -80.20 77.66 -37.44
N LEU GB 90 -80.24 77.81 -38.76
CA LEU GB 90 -79.08 78.16 -39.54
C LEU GB 90 -79.20 79.49 -40.26
N ASP GB 91 -80.38 80.10 -40.27
CA ASP GB 91 -80.55 81.42 -40.86
C ASP GB 91 -80.40 82.50 -39.79
N GLN GB 92 -79.20 82.63 -39.24
CA GLN GB 92 -78.90 83.67 -38.26
C GLN GB 92 -78.62 84.98 -38.99
N GLU GB 93 -78.42 86.05 -38.21
CA GLU GB 93 -78.11 87.36 -38.77
C GLU GB 93 -76.62 87.60 -38.97
N ILE GB 94 -75.76 87.05 -38.10
CA ILE GB 94 -74.32 87.20 -38.24
C ILE GB 94 -73.67 85.85 -37.96
N ILE GB 95 -72.69 85.47 -38.77
CA ILE GB 95 -71.98 84.21 -38.58
C ILE GB 95 -70.53 84.51 -38.22
N GLU GB 96 -70.11 84.02 -37.05
CA GLU GB 96 -68.77 84.28 -36.54
C GLU GB 96 -67.79 83.36 -37.25
N VAL GB 97 -67.04 83.92 -38.20
CA VAL GB 97 -66.13 83.16 -39.05
C VAL GB 97 -64.70 83.42 -38.63
N ASP GB 98 -63.84 82.47 -38.92
CA ASP GB 98 -62.41 82.67 -38.75
C ASP GB 98 -61.84 83.41 -39.96
N PRO GB 99 -60.75 84.16 -39.77
CA PRO GB 99 -60.07 84.78 -40.91
C PRO GB 99 -59.48 83.76 -41.87
N ASP GB 100 -59.18 82.57 -41.35
CA ASP GB 100 -58.75 81.47 -42.19
C ASP GB 100 -59.86 80.97 -43.11
N THR GB 101 -61.12 81.12 -42.70
CA THR GB 101 -62.25 80.83 -43.57
C THR GB 101 -62.61 82.03 -44.43
N LYS GB 102 -62.21 83.22 -43.98
CA LYS GB 102 -62.51 84.45 -44.73
C LYS GB 102 -61.81 84.46 -46.07
N GLU GB 103 -60.54 84.06 -46.12
CA GLU GB 103 -59.84 83.97 -47.39
C GLU GB 103 -60.30 82.78 -48.22
N MET GB 104 -60.85 81.74 -47.57
CA MET GB 104 -61.47 80.66 -48.32
C MET GB 104 -62.72 81.15 -49.06
N LEU GB 105 -63.49 82.04 -48.42
CA LEU GB 105 -64.59 82.67 -49.13
C LEU GB 105 -64.12 83.73 -50.12
N LYS GB 106 -62.94 84.32 -49.90
CA LYS GB 106 -62.36 85.24 -50.88
C LYS GB 106 -61.85 84.55 -52.14
N LEU GB 107 -61.33 83.33 -52.02
CA LEU GB 107 -61.02 82.55 -53.22
C LEU GB 107 -62.26 81.97 -53.88
N LEU GB 108 -63.41 82.01 -53.21
CA LEU GB 108 -64.69 81.87 -53.86
C LEU GB 108 -65.11 83.23 -54.41
N ASP GB 109 -66.37 83.35 -54.83
CA ASP GB 109 -66.93 84.63 -55.25
C ASP GB 109 -67.83 85.23 -54.19
N PHE GB 110 -67.76 84.69 -52.97
CA PHE GB 110 -68.57 85.13 -51.85
C PHE GB 110 -67.79 86.07 -50.94
N GLY GB 111 -67.46 87.26 -51.45
CA GLY GB 111 -66.59 88.16 -50.72
C GLY GB 111 -67.26 89.25 -49.92
N SER GB 112 -68.41 89.76 -50.36
CA SER GB 112 -69.06 90.91 -49.73
C SER GB 112 -70.29 90.40 -48.99
N LEU GB 113 -70.12 90.08 -47.71
CA LEU GB 113 -71.20 89.52 -46.90
C LEU GB 113 -71.50 90.42 -45.72
N SER GB 114 -72.77 90.69 -45.50
CA SER GB 114 -73.24 91.46 -44.36
C SER GB 114 -73.66 90.58 -43.19
N ASN GB 115 -73.62 89.26 -43.37
CA ASN GB 115 -74.05 88.29 -42.37
C ASN GB 115 -72.84 87.68 -41.69
N LEU GB 116 -71.75 88.42 -41.63
CA LEU GB 116 -70.42 87.84 -41.43
C LEU GB 116 -69.67 88.69 -40.40
N GLN GB 117 -69.38 88.10 -39.25
CA GLN GB 117 -68.63 88.77 -38.17
C GLN GB 117 -67.29 88.07 -38.03
N VAL GB 118 -66.23 88.73 -38.53
CA VAL GB 118 -64.91 88.10 -38.52
C VAL GB 118 -64.33 88.14 -37.12
N THR GB 119 -63.81 86.99 -36.67
CA THR GB 119 -63.25 86.87 -35.34
C THR GB 119 -61.75 87.14 -35.36
N GLN GB 120 -61.08 86.85 -34.26
CA GLN GB 120 -59.63 87.01 -34.13
C GLN GB 120 -58.98 85.63 -34.02
N PRO GB 121 -57.96 85.35 -34.82
CA PRO GB 121 -57.31 84.03 -34.73
C PRO GB 121 -56.56 83.87 -33.42
N THR GB 122 -56.55 82.64 -32.92
CA THR GB 122 -55.97 82.37 -31.61
C THR GB 122 -54.45 82.38 -31.69
N VAL GB 123 -53.81 82.67 -30.57
CA VAL GB 123 -52.37 82.94 -30.54
C VAL GB 123 -51.75 81.94 -29.57
N GLY GB 124 -50.55 81.42 -29.88
CA GLY GB 124 -50.01 80.36 -29.07
C GLY GB 124 -50.61 79.00 -29.35
N MET GB 125 -50.19 78.38 -30.46
CA MET GB 125 -50.86 77.23 -31.07
C MET GB 125 -50.78 75.98 -30.21
N ASN GB 126 -51.58 75.93 -29.16
CA ASN GB 126 -51.57 74.82 -28.20
C ASN GB 126 -52.89 74.08 -28.30
N PHE GB 127 -52.91 73.05 -29.12
CA PHE GB 127 -54.12 72.28 -29.37
C PHE GB 127 -53.97 70.79 -29.13
N LYS GB 128 -52.77 70.22 -29.29
CA LYS GB 128 -52.56 68.81 -28.95
C LYS GB 128 -52.39 68.64 -27.46
N THR GB 129 -52.70 67.45 -26.97
CA THR GB 129 -52.53 67.14 -25.56
C THR GB 129 -51.12 66.59 -25.31
N PRO GB 130 -50.54 66.88 -24.13
CA PRO GB 130 -49.20 66.36 -23.82
C PRO GB 130 -49.20 64.84 -23.69
N ARG GB 131 -48.03 64.25 -23.95
CA ARG GB 131 -47.92 62.81 -24.13
C ARG GB 131 -47.41 62.13 -22.87
N GLY GB 132 -47.90 60.92 -22.63
CA GLY GB 132 -47.52 60.17 -21.45
C GLY GB 132 -48.46 60.39 -20.29
N SER HB 1 -85.56 -3.84 59.04
CA SER HB 1 -84.53 -4.86 58.93
C SER HB 1 -83.28 -4.30 58.25
N LEU HB 2 -83.17 -2.98 58.20
CA LEU HB 2 -82.00 -2.39 57.56
C LEU HB 2 -80.79 -2.34 58.50
N VAL HB 3 -81.01 -2.53 59.80
CA VAL HB 3 -79.89 -2.75 60.71
C VAL HB 3 -79.24 -4.09 60.35
N ILE HB 4 -77.94 -4.19 60.59
CA ILE HB 4 -77.27 -5.46 60.33
C ILE HB 4 -77.29 -6.29 61.60
N PRO HB 5 -78.07 -7.36 61.63
CA PRO HB 5 -78.19 -8.16 62.85
C PRO HB 5 -77.09 -9.19 62.96
N GLU HB 6 -77.24 -10.09 63.93
CA GLU HB 6 -76.44 -11.30 63.94
C GLU HB 6 -76.83 -12.22 62.77
N LYS HB 7 -76.05 -13.28 62.60
CA LYS HB 7 -76.12 -14.24 61.50
C LYS HB 7 -75.98 -13.58 60.13
N PHE HB 8 -75.12 -12.58 59.99
CA PHE HB 8 -74.75 -12.14 58.64
C PHE HB 8 -73.45 -12.81 58.23
N GLN HB 9 -73.46 -13.39 57.05
CA GLN HB 9 -72.35 -14.15 56.51
C GLN HB 9 -71.96 -13.56 55.16
N HIS HB 10 -70.68 -13.20 55.00
CA HIS HB 10 -70.27 -12.54 53.77
C HIS HB 10 -70.21 -13.53 52.61
N ILE HB 11 -69.65 -14.71 52.84
CA ILE HB 11 -69.63 -15.74 51.80
C ILE HB 11 -70.33 -16.98 52.31
N LEU HB 12 -71.35 -17.42 51.58
CA LEU HB 12 -72.05 -18.66 51.84
C LEU HB 12 -71.35 -19.80 51.13
N ARG HB 13 -71.67 -21.01 51.55
CA ARG HB 13 -71.12 -22.22 50.94
C ARG HB 13 -72.23 -23.23 50.71
N VAL HB 14 -72.85 -23.18 49.54
CA VAL HB 14 -73.81 -24.18 49.13
C VAL HB 14 -73.33 -24.81 47.83
N LEU HB 15 -73.52 -26.13 47.73
CA LEU HB 15 -73.12 -26.96 46.57
C LEU HB 15 -71.62 -26.83 46.28
N ASN HB 16 -70.85 -26.66 47.36
CA ASN HB 16 -69.41 -26.42 47.35
C ASN HB 16 -69.00 -25.23 46.49
N THR HB 17 -69.84 -24.18 46.45
CA THR HB 17 -69.56 -22.95 45.73
C THR HB 17 -69.72 -21.76 46.67
N ASN HB 18 -69.18 -20.61 46.29
CA ASN HB 18 -69.34 -19.42 47.10
C ASN HB 18 -70.59 -18.65 46.70
N ILE HB 19 -71.03 -17.77 47.60
CA ILE HB 19 -72.08 -16.80 47.32
C ILE HB 19 -71.66 -15.44 47.84
N ASP HB 20 -71.71 -14.41 46.98
CA ASP HB 20 -71.60 -13.03 47.41
C ASP HB 20 -72.77 -12.71 48.35
N GLY HB 21 -72.46 -12.34 49.59
CA GLY HB 21 -73.50 -11.95 50.52
C GLY HB 21 -74.12 -10.61 50.25
N ARG HB 22 -73.46 -9.77 49.46
CA ARG HB 22 -73.99 -8.45 49.13
C ARG HB 22 -75.22 -8.51 48.24
N ARG HB 23 -75.41 -9.58 47.47
CA ARG HB 23 -76.47 -9.65 46.47
C ARG HB 23 -77.81 -10.00 47.10
N LYS HB 24 -78.89 -9.51 46.45
CA LYS HB 24 -80.21 -10.11 46.63
C LYS HB 24 -80.15 -11.59 46.29
N ILE HB 25 -80.87 -12.38 47.08
CA ILE HB 25 -80.76 -13.83 47.01
C ILE HB 25 -81.18 -14.39 45.65
N ALA HB 26 -82.11 -13.71 44.97
CA ALA HB 26 -82.60 -14.14 43.67
C ALA HB 26 -81.54 -14.03 42.59
N PHE HB 27 -80.46 -13.31 42.85
CA PHE HB 27 -79.32 -13.26 41.95
C PHE HB 27 -78.06 -13.79 42.62
N ALA HB 28 -78.10 -13.98 43.94
CA ALA HB 28 -76.97 -14.53 44.68
C ALA HB 28 -76.84 -16.03 44.47
N ILE HB 29 -77.98 -16.74 44.42
CA ILE HB 29 -77.89 -18.18 44.16
C ILE HB 29 -77.76 -18.51 42.68
N THR HB 30 -77.63 -17.50 41.82
CA THR HB 30 -77.23 -17.73 40.43
C THR HB 30 -75.74 -17.99 40.29
N ALA HB 31 -74.96 -17.82 41.37
CA ALA HB 31 -73.52 -18.10 41.31
C ALA HB 31 -73.22 -19.58 41.17
N ILE HB 32 -74.15 -20.46 41.55
CA ILE HB 32 -74.02 -21.89 41.29
C ILE HB 32 -74.20 -22.12 39.80
N LYS HB 33 -73.18 -22.67 39.15
CA LYS HB 33 -73.24 -22.93 37.72
C LYS HB 33 -74.15 -24.12 37.51
N GLY HB 34 -75.36 -23.85 37.03
CA GLY HB 34 -76.43 -24.84 37.02
C GLY HB 34 -77.73 -24.19 37.46
N VAL HB 35 -77.62 -23.10 38.20
CA VAL HB 35 -78.77 -22.31 38.63
C VAL HB 35 -78.61 -20.93 38.01
N GLY HB 36 -79.63 -20.51 37.27
CA GLY HB 36 -79.55 -19.27 36.56
C GLY HB 36 -80.48 -18.22 37.14
N ARG HB 37 -80.62 -17.14 36.36
CA ARG HB 37 -81.37 -15.98 36.83
C ARG HB 37 -82.82 -16.29 37.12
N ARG HB 38 -83.42 -17.30 36.48
CA ARG HB 38 -84.84 -17.60 36.58
C ARG HB 38 -85.13 -18.86 37.39
N TYR HB 39 -84.25 -19.87 37.29
CA TYR HB 39 -84.33 -21.01 38.19
C TYR HB 39 -84.07 -20.60 39.63
N ALA HB 40 -83.29 -19.54 39.83
CA ALA HB 40 -83.20 -18.93 41.15
C ALA HB 40 -84.53 -18.39 41.64
N HIS HB 41 -85.29 -17.69 40.78
CA HIS HB 41 -86.59 -17.17 41.20
C HIS HB 41 -87.61 -18.26 41.45
N VAL HB 42 -87.64 -19.34 40.67
CA VAL HB 42 -88.66 -20.36 40.91
C VAL HB 42 -88.37 -21.14 42.21
N VAL HB 43 -87.10 -21.41 42.51
CA VAL HB 43 -86.72 -22.02 43.78
C VAL HB 43 -87.00 -21.11 44.96
N LEU HB 44 -86.75 -19.81 44.83
CA LEU HB 44 -87.03 -18.88 45.91
C LEU HB 44 -88.49 -18.48 46.01
N ARG HB 45 -89.36 -18.98 45.13
CA ARG HB 45 -90.78 -18.81 45.29
C ARG HB 45 -91.47 -20.07 45.76
N LYS HB 46 -90.91 -21.25 45.45
CA LYS HB 46 -91.45 -22.48 46.03
C LYS HB 46 -91.23 -22.54 47.54
N ALA HB 47 -90.17 -21.90 48.04
CA ALA HB 47 -90.00 -21.66 49.46
C ALA HB 47 -90.36 -20.20 49.73
N ASP HB 48 -91.12 -19.96 50.80
CA ASP HB 48 -91.60 -18.62 51.11
C ASP HB 48 -90.46 -17.76 51.64
N ILE HB 49 -89.69 -17.17 50.73
CA ILE HB 49 -88.54 -16.34 51.08
C ILE HB 49 -88.70 -15.02 50.36
N ASP HB 50 -88.67 -13.94 51.11
CA ASP HB 50 -88.84 -12.64 50.48
C ASP HB 50 -87.60 -12.27 49.68
N LEU HB 51 -87.81 -11.86 48.43
CA LEU HB 51 -86.71 -11.63 47.51
C LEU HB 51 -85.96 -10.32 47.76
N THR HB 52 -86.46 -9.44 48.65
CA THR HB 52 -85.68 -8.25 48.99
C THR HB 52 -84.71 -8.55 50.16
N LYS HB 53 -84.63 -9.80 50.58
CA LYS HB 53 -83.69 -10.23 51.59
C LYS HB 53 -82.37 -10.68 50.95
N ARG HB 54 -81.27 -10.44 51.66
CA ARG HB 54 -79.97 -10.68 51.06
C ARG HB 54 -79.47 -12.05 51.52
N ALA HB 55 -78.46 -12.57 50.80
CA ALA HB 55 -77.93 -13.90 51.08
C ALA HB 55 -77.27 -13.99 52.45
N GLY HB 56 -76.52 -12.96 52.84
CA GLY HB 56 -76.03 -12.90 54.20
C GLY HB 56 -77.11 -12.64 55.22
N GLU HB 57 -78.16 -11.93 54.82
CA GLU HB 57 -79.27 -11.68 55.71
C GLU HB 57 -80.11 -12.90 56.00
N LEU HB 58 -80.07 -13.93 55.17
CA LEU HB 58 -80.83 -15.14 55.44
C LEU HB 58 -80.22 -15.90 56.61
N THR HB 59 -81.04 -16.70 57.26
CA THR HB 59 -80.58 -17.59 58.31
C THR HB 59 -80.44 -19.02 57.77
N GLU HB 60 -79.79 -19.87 58.56
CA GLU HB 60 -79.47 -21.22 58.14
C GLU HB 60 -80.71 -22.09 57.94
N ASP HB 61 -81.82 -21.77 58.59
CA ASP HB 61 -83.02 -22.61 58.48
C ASP HB 61 -83.63 -22.57 57.07
N GLU HB 62 -83.35 -21.53 56.29
CA GLU HB 62 -83.93 -21.41 54.97
C GLU HB 62 -82.96 -21.65 53.82
N VAL HB 63 -81.65 -21.57 54.05
CA VAL HB 63 -80.70 -21.86 52.97
C VAL HB 63 -80.70 -23.37 52.63
N GLU HB 64 -80.89 -24.23 53.63
CA GLU HB 64 -81.07 -25.66 53.36
C GLU HB 64 -82.36 -25.95 52.63
N ARG HB 65 -83.42 -25.19 52.94
CA ARG HB 65 -84.67 -25.24 52.20
C ARG HB 65 -84.48 -24.80 50.75
N VAL HB 66 -83.63 -23.81 50.49
CA VAL HB 66 -83.31 -23.42 49.12
C VAL HB 66 -82.60 -24.55 48.38
N ILE HB 67 -81.57 -25.14 48.98
CA ILE HB 67 -80.76 -26.06 48.19
C ILE HB 67 -81.38 -27.46 48.12
N THR HB 68 -82.31 -27.79 49.00
CA THR HB 68 -83.04 -29.05 48.81
C THR HB 68 -84.02 -28.93 47.65
N ILE HB 69 -84.59 -27.74 47.43
CA ILE HB 69 -85.42 -27.51 46.25
C ILE HB 69 -84.55 -27.47 45.00
N MET HB 70 -83.31 -26.98 45.13
CA MET HB 70 -82.34 -27.11 44.04
C MET HB 70 -82.06 -28.57 43.68
N GLN HB 71 -81.78 -29.39 44.69
CA GLN HB 71 -81.39 -30.77 44.49
C GLN HB 71 -82.53 -31.61 43.91
N ASN HB 72 -83.75 -31.42 44.41
CA ASN HB 72 -84.91 -32.18 43.93
C ASN HB 72 -86.08 -31.22 43.70
N PRO HB 73 -86.18 -30.67 42.48
CA PRO HB 73 -87.27 -29.73 42.19
C PRO HB 73 -88.61 -30.39 41.91
N ARG HB 74 -88.62 -31.63 41.42
CA ARG HB 74 -89.87 -32.30 41.09
C ARG HB 74 -90.65 -32.72 42.33
N GLN HB 75 -90.00 -32.84 43.47
CA GLN HB 75 -90.65 -33.08 44.75
C GLN HB 75 -91.26 -31.80 45.30
N TYR HB 76 -90.89 -30.64 44.74
CA TYR HB 76 -91.38 -29.36 45.24
C TYR HB 76 -92.21 -28.59 44.21
N LYS HB 77 -92.98 -29.29 43.37
CA LYS HB 77 -93.97 -28.78 42.42
C LYS HB 77 -93.38 -27.90 41.30
N ILE HB 78 -92.07 -27.88 41.11
CA ILE HB 78 -91.50 -27.26 39.92
C ILE HB 78 -91.81 -28.13 38.72
N PRO HB 79 -92.39 -27.57 37.66
CA PRO HB 79 -92.71 -28.38 36.49
C PRO HB 79 -91.46 -28.71 35.67
N ASP HB 80 -91.65 -29.64 34.73
CA ASP HB 80 -90.55 -30.37 34.11
C ASP HB 80 -89.74 -29.53 33.13
N TRP HB 81 -90.25 -28.38 32.69
CA TRP HB 81 -89.66 -27.60 31.61
C TRP HB 81 -88.69 -26.53 32.09
N PHE HB 82 -88.53 -26.35 33.39
CA PHE HB 82 -87.44 -25.58 33.96
C PHE HB 82 -86.12 -26.30 33.92
N LEU HB 83 -86.14 -27.62 33.78
CA LEU HB 83 -84.97 -28.42 34.07
C LEU HB 83 -84.01 -28.38 32.88
N ASN HB 84 -82.72 -28.36 33.17
CA ASN HB 84 -81.74 -28.33 32.10
C ASN HB 84 -81.36 -29.73 31.63
N ARG HB 85 -81.93 -30.77 32.26
CA ARG HB 85 -81.65 -32.16 31.91
C ARG HB 85 -82.90 -32.97 32.17
N GLN HB 86 -83.72 -33.11 31.14
CA GLN HB 86 -84.89 -33.99 31.17
C GLN HB 86 -84.73 -34.96 30.01
N LYS HB 87 -85.27 -36.17 30.19
CA LYS HB 87 -85.10 -37.31 29.28
C LYS HB 87 -83.62 -37.57 29.01
N ASP HB 88 -82.89 -37.94 30.05
CA ASP HB 88 -81.45 -38.17 29.93
C ASP HB 88 -81.17 -39.38 29.05
N VAL HB 89 -79.96 -39.43 28.51
CA VAL HB 89 -79.59 -40.46 27.54
C VAL HB 89 -79.21 -41.76 28.24
N LYS HB 90 -79.08 -41.73 29.57
CA LYS HB 90 -78.72 -42.91 30.33
C LYS HB 90 -79.78 -43.37 31.32
N ASP HB 91 -80.29 -42.51 32.19
CA ASP HB 91 -81.30 -42.98 33.12
C ASP HB 91 -82.69 -42.42 32.83
N GLY HB 92 -82.82 -41.55 31.83
CA GLY HB 92 -84.11 -41.02 31.41
C GLY HB 92 -84.75 -40.13 32.45
N LYS HB 93 -83.92 -39.63 33.37
CA LYS HB 93 -84.40 -39.03 34.60
C LYS HB 93 -84.52 -37.52 34.41
N TYR HB 94 -85.63 -36.96 34.86
CA TYR HB 94 -85.82 -35.53 34.86
C TYR HB 94 -85.18 -34.98 36.13
N SER HB 95 -84.18 -34.11 35.98
CA SER HB 95 -83.50 -33.52 37.11
C SER HB 95 -83.00 -32.14 36.74
N GLN HB 96 -82.62 -31.38 37.75
CA GLN HB 96 -81.85 -30.15 37.54
C GLN HB 96 -80.41 -30.48 37.92
N VAL HB 97 -79.48 -30.15 37.03
CA VAL HB 97 -78.11 -30.61 37.18
C VAL HB 97 -77.23 -29.43 37.59
N LEU HB 98 -76.38 -29.67 38.58
CA LEU HB 98 -75.81 -28.61 39.42
C LEU HB 98 -74.28 -28.62 39.41
N ALA HB 99 -73.68 -27.93 40.39
CA ALA HB 99 -72.33 -27.35 40.43
C ALA HB 99 -71.19 -28.13 39.79
N ASN HB 100 -70.92 -29.35 40.24
CA ASN HB 100 -69.92 -30.17 39.55
C ASN HB 100 -70.57 -31.24 38.70
N GLY HB 101 -71.83 -31.57 39.01
CA GLY HB 101 -72.61 -32.43 38.14
C GLY HB 101 -72.83 -31.86 36.76
N LEU HB 102 -72.90 -30.53 36.64
CA LEU HB 102 -73.04 -29.91 35.32
C LEU HB 102 -71.83 -30.17 34.42
N ASP HB 103 -70.62 -30.02 34.96
CA ASP HB 103 -69.43 -30.37 34.21
C ASP HB 103 -69.37 -31.86 33.91
N ASN HB 104 -69.80 -32.70 34.87
CA ASN HB 104 -69.82 -34.15 34.65
C ASN HB 104 -70.78 -34.54 33.52
N LYS HB 105 -71.99 -33.96 33.53
CA LYS HB 105 -72.98 -34.34 32.52
C LYS HB 105 -72.64 -33.73 31.18
N LEU HB 106 -72.06 -32.53 31.16
CA LEU HB 106 -71.61 -31.94 29.91
C LEU HB 106 -70.50 -32.79 29.31
N ARG HB 107 -69.52 -33.20 30.13
CA ARG HB 107 -68.42 -34.03 29.66
C ARG HB 107 -68.91 -35.40 29.20
N GLU HB 108 -69.90 -35.99 29.88
CA GLU HB 108 -70.35 -37.31 29.44
C GLU HB 108 -71.17 -37.22 28.16
N ASP HB 109 -71.93 -36.12 27.96
CA ASP HB 109 -72.56 -35.88 26.67
C ASP HB 109 -71.51 -35.74 25.58
N LEU HB 110 -70.44 -34.98 25.86
CA LEU HB 110 -69.34 -34.79 24.93
C LEU HB 110 -68.70 -36.11 24.54
N GLU HB 111 -68.29 -36.91 25.51
CA GLU HB 111 -67.58 -38.16 25.20
C GLU HB 111 -68.52 -39.24 24.67
N ARG HB 112 -69.80 -39.21 25.05
CA ARG HB 112 -70.77 -40.13 24.49
C ARG HB 112 -71.05 -39.80 23.03
N LEU HB 113 -70.89 -38.52 22.66
CA LEU HB 113 -70.92 -38.12 21.28
C LEU HB 113 -69.61 -38.44 20.56
N LYS HB 114 -68.48 -38.41 21.28
CA LYS HB 114 -67.17 -38.80 20.74
C LYS HB 114 -67.09 -40.28 20.37
N LYS HB 115 -67.64 -41.16 21.21
CA LYS HB 115 -67.44 -42.59 21.06
C LYS HB 115 -68.12 -43.14 19.82
N ILE HB 116 -69.23 -42.54 19.39
CA ILE HB 116 -69.96 -43.01 18.22
C ILE HB 116 -69.41 -42.38 16.95
N ARG HB 117 -68.40 -41.52 17.12
CA ARG HB 117 -67.78 -40.73 16.03
C ARG HB 117 -68.80 -39.90 15.28
N ALA HB 118 -69.65 -39.20 16.04
CA ALA HB 118 -70.62 -38.31 15.43
C ALA HB 118 -69.94 -37.04 14.94
N HIS HB 119 -70.59 -36.37 13.99
CA HIS HB 119 -70.02 -35.16 13.39
C HIS HB 119 -69.89 -34.04 14.41
N ARG HB 120 -70.90 -33.87 15.26
CA ARG HB 120 -70.85 -32.86 16.32
C ARG HB 120 -69.76 -33.17 17.33
N GLY HB 121 -69.56 -34.45 17.64
CA GLY HB 121 -68.48 -34.84 18.52
C GLY HB 121 -67.10 -34.60 17.93
N LEU HB 122 -66.94 -34.86 16.63
CA LEU HB 122 -65.66 -34.60 15.97
C LEU HB 122 -65.37 -33.11 15.87
N ARG HB 123 -66.40 -32.29 15.62
CA ARG HB 123 -66.17 -30.85 15.62
C ARG HB 123 -65.95 -30.29 17.01
N HIS HB 124 -66.53 -30.90 18.05
CA HIS HB 124 -66.17 -30.52 19.41
C HIS HB 124 -64.74 -30.92 19.74
N PHE HB 125 -64.28 -32.05 19.21
CA PHE HB 125 -62.91 -32.48 19.41
C PHE HB 125 -61.92 -31.54 18.74
N TRP HB 126 -62.19 -31.20 17.48
CA TRP HB 126 -61.28 -30.32 16.75
C TRP HB 126 -61.41 -28.87 17.21
N GLY HB 127 -62.51 -28.51 17.85
CA GLY HB 127 -62.69 -27.19 18.40
C GLY HB 127 -63.46 -26.22 17.53
N LEU HB 128 -64.10 -26.71 16.48
CA LEU HB 128 -64.82 -25.82 15.56
C LEU HB 128 -66.24 -25.59 16.05
N ARG HB 129 -66.99 -24.82 15.26
CA ARG HB 129 -68.38 -24.57 15.57
C ARG HB 129 -69.23 -25.78 15.21
N VAL HB 130 -70.08 -26.18 16.15
CA VAL HB 130 -70.78 -27.46 16.04
C VAL HB 130 -72.23 -27.23 15.66
N ARG HB 131 -72.69 -25.98 15.72
CA ARG HB 131 -74.08 -25.69 15.43
C ARG HB 131 -74.25 -25.15 14.02
N GLY HB 132 -73.33 -25.52 13.12
CA GLY HB 132 -73.46 -25.18 11.72
C GLY HB 132 -73.02 -23.78 11.34
N GLN HB 133 -72.14 -23.15 12.12
CA GLN HB 133 -71.83 -21.76 11.88
C GLN HB 133 -70.83 -21.60 10.73
N HIS HB 134 -70.85 -20.41 10.14
CA HIS HB 134 -69.85 -20.02 9.16
C HIS HB 134 -68.55 -19.69 9.86
N THR HB 135 -67.58 -20.59 9.76
CA THR HB 135 -66.31 -20.43 10.46
C THR HB 135 -65.26 -19.73 9.60
N LYS HB 136 -65.60 -19.35 8.37
CA LYS HB 136 -64.67 -18.70 7.46
C LYS HB 136 -64.20 -17.35 7.97
N THR HB 137 -65.10 -16.55 8.54
CA THR HB 137 -64.84 -15.16 8.81
C THR HB 137 -64.80 -14.80 10.28
N THR HB 138 -65.59 -15.45 11.12
CA THR HB 138 -65.67 -15.12 12.53
C THR HB 138 -65.02 -16.23 13.35
N GLY HB 139 -65.09 -16.08 14.67
CA GLY HB 139 -64.48 -17.03 15.58
C GLY HB 139 -62.97 -17.04 15.53
N ARG HB 140 -62.36 -15.84 15.49
CA ARG HB 140 -60.93 -15.66 15.31
C ARG HB 140 -60.13 -15.85 16.59
N ARG HB 141 -60.74 -16.28 17.70
CA ARG HB 141 -60.02 -16.56 18.93
C ARG HB 141 -60.08 -18.02 19.38
N GLY HB 142 -61.12 -18.76 19.00
CA GLY HB 142 -61.08 -20.20 19.18
C GLY HB 142 -60.03 -20.84 18.30
N ARG HB 143 -59.76 -20.23 17.14
CA ARG HB 143 -58.62 -20.51 16.30
C ARG HB 143 -57.58 -19.40 16.45
N THR HB 144 -56.31 -19.77 16.26
CA THR HB 144 -55.05 -19.08 16.66
C THR HB 144 -55.20 -18.34 17.98
N GLY IB 1 -120.70 12.39 38.39
CA GLY IB 1 -119.64 13.05 39.12
C GLY IB 1 -118.25 12.59 38.70
N VAL IB 2 -117.99 11.30 38.84
CA VAL IB 2 -116.72 10.70 38.46
C VAL IB 2 -117.00 9.43 37.67
N THR IB 3 -116.25 9.22 36.60
CA THR IB 3 -116.22 7.98 35.84
C THR IB 3 -114.83 7.37 35.95
N VAL IB 4 -114.66 6.22 35.28
CA VAL IB 4 -113.33 5.64 35.14
C VAL IB 4 -112.45 6.53 34.26
N LYS IB 5 -113.06 7.23 33.30
CA LYS IB 5 -112.30 8.05 32.36
C LYS IB 5 -111.68 9.28 33.02
N ASP IB 6 -112.45 10.02 33.83
CA ASP IB 6 -111.99 11.33 34.30
C ASP IB 6 -111.12 11.24 35.56
N VAL IB 7 -110.50 10.09 35.82
CA VAL IB 7 -109.57 9.94 36.92
C VAL IB 7 -108.28 9.32 36.36
N ASN IB 8 -107.17 9.60 37.04
CA ASN IB 8 -105.85 9.12 36.62
C ASN IB 8 -105.80 7.60 36.73
N GLN IB 9 -105.31 6.95 35.68
CA GLN IB 9 -105.50 5.52 35.63
C GLN IB 9 -104.42 4.78 36.39
N GLN IB 10 -103.32 5.47 36.70
CA GLN IB 10 -102.11 4.85 37.25
C GLN IB 10 -102.38 4.22 38.61
N GLU IB 11 -102.85 5.02 39.57
CA GLU IB 11 -103.25 4.49 40.86
C GLU IB 11 -104.60 3.79 40.80
N PHE IB 12 -105.37 4.01 39.74
CA PHE IB 12 -106.68 3.38 39.61
C PHE IB 12 -106.53 1.87 39.44
N VAL IB 13 -105.58 1.44 38.61
CA VAL IB 13 -105.27 0.02 38.48
C VAL IB 13 -104.76 -0.54 39.81
N ARG IB 14 -103.87 0.21 40.48
CA ARG IB 14 -103.22 -0.25 41.71
C ARG IB 14 -104.21 -0.36 42.87
N ALA IB 15 -105.29 0.41 42.83
CA ALA IB 15 -106.33 0.26 43.85
C ALA IB 15 -107.41 -0.74 43.47
N LEU IB 16 -107.68 -0.93 42.17
CA LEU IB 16 -108.66 -1.92 41.75
C LEU IB 16 -108.18 -3.34 41.95
N ALA IB 17 -106.87 -3.57 41.84
CA ALA IB 17 -106.32 -4.86 42.22
C ALA IB 17 -106.57 -5.17 43.70
N ALA IB 18 -106.52 -4.15 44.56
CA ALA IB 18 -106.82 -4.35 45.98
C ALA IB 18 -108.30 -4.66 46.21
N PHE IB 19 -109.19 -4.08 45.38
CA PHE IB 19 -110.60 -4.44 45.43
C PHE IB 19 -110.82 -5.89 45.03
N LEU IB 20 -110.12 -6.34 43.98
CA LEU IB 20 -110.19 -7.73 43.57
C LEU IB 20 -109.56 -8.68 44.60
N LYS IB 21 -108.59 -8.20 45.37
CA LYS IB 21 -108.10 -8.93 46.54
C LYS IB 21 -109.13 -9.05 47.65
N LYS IB 22 -109.82 -7.95 47.97
CA LYS IB 22 -110.84 -7.97 49.00
C LYS IB 22 -112.04 -8.83 48.60
N SER IB 23 -112.27 -8.98 47.29
CA SER IB 23 -113.30 -9.92 46.83
C SER IB 23 -112.95 -11.37 47.22
N GLY IB 24 -111.69 -11.75 47.04
CA GLY IB 24 -111.23 -13.04 47.50
C GLY IB 24 -111.69 -14.24 46.70
N LYS IB 25 -112.02 -14.06 45.43
CA LYS IB 25 -112.50 -15.16 44.57
C LYS IB 25 -111.94 -15.04 43.15
N LEU IB 26 -110.81 -14.34 43.02
CA LEU IB 26 -110.30 -13.98 41.70
C LEU IB 26 -109.64 -15.17 40.97
N LYS IB 27 -109.51 -16.34 41.62
CA LYS IB 27 -109.16 -17.61 40.96
C LYS IB 27 -107.78 -17.56 40.28
N VAL IB 28 -106.75 -17.44 41.10
CA VAL IB 28 -105.39 -17.46 40.57
C VAL IB 28 -105.04 -18.89 40.17
N PRO IB 29 -104.27 -19.10 39.10
CA PRO IB 29 -103.93 -20.47 38.70
C PRO IB 29 -102.84 -21.08 39.56
N GLU IB 30 -102.52 -22.34 39.31
CA GLU IB 30 -101.51 -23.07 40.07
C GLU IB 30 -100.09 -22.69 39.67
N TRP IB 31 -99.87 -22.24 38.43
CA TRP IB 31 -98.53 -21.93 37.95
C TRP IB 31 -98.19 -20.45 38.03
N VAL IB 32 -99.03 -19.67 38.73
CA VAL IB 32 -98.90 -18.21 38.75
C VAL IB 32 -97.60 -17.74 39.41
N ASP IB 33 -96.97 -18.58 40.23
CA ASP IB 33 -95.72 -18.27 40.88
C ASP IB 33 -94.50 -18.76 40.10
N THR IB 34 -94.70 -19.37 38.92
CA THR IB 34 -93.59 -19.96 38.20
C THR IB 34 -93.36 -19.36 36.81
N VAL IB 35 -94.31 -18.59 36.26
CA VAL IB 35 -94.30 -18.39 34.82
C VAL IB 35 -93.74 -17.05 34.42
N LYS IB 36 -93.56 -16.89 33.11
CA LYS IB 36 -93.28 -15.61 32.47
C LYS IB 36 -94.46 -15.32 31.55
N LEU IB 37 -94.99 -14.11 31.64
CA LEU IB 37 -96.25 -13.83 30.95
C LEU IB 37 -96.08 -13.36 29.53
N ALA IB 38 -94.86 -13.38 28.98
CA ALA IB 38 -94.66 -13.02 27.59
C ALA IB 38 -93.39 -13.67 27.08
N LYS IB 39 -93.29 -13.75 25.75
CA LYS IB 39 -92.10 -14.20 25.08
C LYS IB 39 -90.92 -13.27 25.24
N HIS IB 40 -91.17 -11.96 25.24
CA HIS IB 40 -90.11 -10.97 25.25
C HIS IB 40 -89.54 -10.70 26.62
N LYS IB 41 -89.76 -11.60 27.58
CA LYS IB 41 -89.24 -11.42 28.90
C LYS IB 41 -88.14 -12.46 29.15
N GLU IB 42 -87.44 -12.31 30.26
CA GLU IB 42 -86.53 -13.35 30.70
C GLU IB 42 -86.61 -13.61 32.18
N LEU IB 43 -87.30 -12.75 32.93
CA LEU IB 43 -87.46 -12.92 34.36
C LEU IB 43 -88.95 -12.93 34.70
N ALA IB 44 -89.27 -13.67 35.76
CA ALA IB 44 -90.62 -13.78 36.28
C ALA IB 44 -91.09 -12.43 36.80
N PRO IB 45 -92.41 -12.17 36.77
CA PRO IB 45 -92.92 -10.93 37.38
C PRO IB 45 -92.65 -10.89 38.87
N TYR IB 46 -91.98 -9.82 39.29
CA TYR IB 46 -91.47 -9.73 40.67
C TYR IB 46 -92.60 -9.61 41.68
N ASP IB 47 -93.69 -8.94 41.30
CA ASP IB 47 -94.83 -8.78 42.18
C ASP IB 47 -95.47 -10.13 42.47
N GLU IB 48 -95.71 -10.38 43.76
CA GLU IB 48 -96.37 -11.61 44.17
C GLU IB 48 -97.82 -11.61 43.70
N ASN IB 49 -98.42 -10.43 43.58
CA ASN IB 49 -99.82 -10.31 43.24
C ASN IB 49 -99.98 -9.62 41.89
N TRP IB 50 -99.19 -10.04 40.90
CA TRP IB 50 -99.28 -9.46 39.57
C TRP IB 50 -100.55 -9.86 38.84
N PHE IB 51 -101.14 -11.01 39.21
CA PHE IB 51 -102.38 -11.45 38.60
C PHE IB 51 -103.53 -10.50 38.88
N TYR IB 52 -103.59 -9.95 40.10
CA TYR IB 52 -104.67 -9.01 40.45
C TYR IB 52 -104.55 -7.70 39.70
N THR IB 53 -103.33 -7.18 39.56
CA THR IB 53 -103.09 -5.98 38.77
C THR IB 53 -103.35 -6.22 37.29
N ARG IB 54 -103.01 -7.41 36.79
CA ARG IB 54 -103.31 -7.77 35.40
C ARG IB 54 -104.81 -7.87 35.16
N ALA IB 55 -105.55 -8.41 36.12
CA ALA IB 55 -107.00 -8.45 36.02
C ALA IB 55 -107.61 -7.06 36.10
N ALA IB 56 -107.03 -6.18 36.92
CA ALA IB 56 -107.45 -4.79 36.97
C ALA IB 56 -107.21 -4.07 35.65
N SER IB 57 -106.03 -4.28 35.05
CA SER IB 57 -105.70 -3.74 33.73
C SER IB 57 -106.64 -4.26 32.66
N THR IB 58 -106.96 -5.56 32.70
CA THR IB 58 -107.86 -6.16 31.73
C THR IB 58 -109.28 -5.64 31.88
N ALA IB 59 -109.76 -5.47 33.12
CA ALA IB 59 -111.09 -4.90 33.34
C ALA IB 59 -111.16 -3.46 32.85
N ARG IB 60 -110.10 -2.69 33.10
CA ARG IB 60 -110.06 -1.30 32.66
C ARG IB 60 -110.02 -1.19 31.14
N HIS IB 61 -109.23 -2.05 30.50
CA HIS IB 61 -109.14 -2.07 29.05
C HIS IB 61 -110.43 -2.57 28.42
N LEU IB 62 -111.13 -3.49 29.07
CA LEU IB 62 -112.45 -3.90 28.59
C LEU IB 62 -113.48 -2.81 28.75
N TYR IB 63 -113.39 -2.01 29.81
CA TYR IB 63 -114.23 -0.83 29.92
C TYR IB 63 -113.96 0.14 28.78
N LEU IB 64 -112.69 0.49 28.58
CA LEU IB 64 -112.33 1.56 27.65
C LEU IB 64 -112.51 1.11 26.19
N ARG IB 65 -112.37 -0.18 25.92
CA ARG IB 65 -112.56 -0.71 24.57
C ARG IB 65 -113.07 -2.14 24.68
N GLY IB 66 -114.37 -2.31 24.54
CA GLY IB 66 -114.97 -3.62 24.63
C GLY IB 66 -114.78 -4.43 23.36
N GLY IB 67 -115.41 -5.60 23.36
CA GLY IB 67 -115.27 -6.53 22.26
C GLY IB 67 -113.90 -7.14 22.12
N ALA IB 68 -113.15 -7.24 23.21
CA ALA IB 68 -111.75 -7.64 23.15
C ALA IB 68 -111.58 -9.07 23.60
N GLY IB 69 -110.78 -9.82 22.83
CA GLY IB 69 -110.51 -11.21 23.15
C GLY IB 69 -109.06 -11.47 23.49
N VAL IB 70 -108.64 -12.74 23.40
CA VAL IB 70 -107.31 -13.14 23.87
C VAL IB 70 -106.22 -12.59 22.95
N GLY IB 71 -106.47 -12.61 21.64
CA GLY IB 71 -105.54 -12.00 20.70
C GLY IB 71 -105.40 -10.51 20.90
N SER IB 72 -106.50 -9.83 21.24
CA SER IB 72 -106.45 -8.41 21.56
C SER IB 72 -105.67 -8.14 22.85
N MET IB 73 -105.86 -8.96 23.90
CA MET IB 73 -105.05 -8.79 25.11
C MET IB 73 -103.57 -9.03 24.88
N THR IB 74 -103.22 -10.02 24.05
CA THR IB 74 -101.82 -10.23 23.74
C THR IB 74 -101.27 -9.11 22.87
N LYS IB 75 -102.13 -8.45 22.08
CA LYS IB 75 -101.70 -7.25 21.38
C LYS IB 75 -101.47 -6.09 22.33
N ILE IB 76 -102.32 -5.97 23.37
CA ILE IB 76 -102.19 -4.87 24.33
C ILE IB 76 -100.95 -5.04 25.18
N TYR IB 77 -100.74 -6.23 25.73
CA TYR IB 77 -99.56 -6.50 26.55
C TYR IB 77 -98.45 -7.11 25.69
N GLY IB 78 -98.01 -6.33 24.72
CA GLY IB 78 -96.89 -6.68 23.89
C GLY IB 78 -95.72 -5.75 24.14
N GLY IB 79 -94.55 -6.14 23.69
CA GLY IB 79 -93.36 -5.34 23.91
C GLY IB 79 -92.28 -5.64 22.90
N ARG IB 80 -91.06 -5.14 23.14
CA ARG IB 80 -89.98 -5.37 22.21
C ARG IB 80 -89.24 -6.65 22.57
N GLN IB 81 -89.29 -7.62 21.67
CA GLN IB 81 -88.56 -8.87 21.78
C GLN IB 81 -87.12 -8.60 21.43
N ARG IB 82 -86.28 -8.53 22.46
CA ARG IB 82 -84.84 -8.43 22.29
C ARG IB 82 -84.32 -9.79 21.85
N ASN IB 83 -84.02 -9.92 20.56
CA ASN IB 83 -83.55 -11.16 19.97
C ASN IB 83 -82.04 -11.35 20.15
N GLY IB 84 -81.44 -10.66 21.12
CA GLY IB 84 -80.04 -10.81 21.41
C GLY IB 84 -79.16 -10.17 20.37
N VAL IB 85 -78.48 -11.00 19.59
CA VAL IB 85 -77.56 -10.52 18.57
C VAL IB 85 -78.31 -9.93 17.37
N MET IB 86 -79.55 -10.37 17.13
CA MET IB 86 -80.48 -9.82 16.16
C MET IB 86 -81.20 -8.61 16.74
N PRO IB 87 -81.72 -7.69 15.90
CA PRO IB 87 -82.45 -6.54 16.44
C PRO IB 87 -83.80 -6.92 17.03
N SER IB 88 -84.36 -5.99 17.80
CA SER IB 88 -85.58 -6.24 18.54
C SER IB 88 -86.81 -6.10 17.65
N HIS IB 89 -87.87 -6.80 18.03
CA HIS IB 89 -89.11 -6.81 17.25
C HIS IB 89 -90.30 -6.68 18.18
N PHE IB 90 -91.49 -6.93 17.66
CA PHE IB 90 -92.69 -6.87 18.48
C PHE IB 90 -93.15 -8.27 18.83
N SER IB 91 -93.37 -8.51 20.12
CA SER IB 91 -93.90 -9.79 20.56
C SER IB 91 -95.07 -9.56 21.51
N ARG IB 92 -95.90 -10.58 21.64
CA ARG IB 92 -97.18 -10.49 22.33
C ARG IB 92 -97.08 -11.06 23.74
N GLY IB 93 -98.18 -10.97 24.47
CA GLY IB 93 -98.30 -11.56 25.79
C GLY IB 93 -98.63 -13.03 25.73
N SER IB 94 -98.96 -13.60 26.89
CA SER IB 94 -99.27 -15.01 26.98
C SER IB 94 -100.79 -15.23 26.88
N LYS IB 95 -101.18 -16.06 25.91
CA LYS IB 95 -102.58 -16.34 25.64
C LYS IB 95 -103.26 -17.03 26.82
N SER IB 96 -102.52 -17.89 27.53
CA SER IB 96 -103.11 -18.62 28.65
C SER IB 96 -103.38 -17.70 29.84
N VAL IB 97 -102.46 -16.79 30.17
CA VAL IB 97 -102.75 -15.88 31.28
C VAL IB 97 -103.82 -14.88 30.86
N ALA IB 98 -103.87 -14.53 29.57
CA ALA IB 98 -104.95 -13.67 29.09
C ALA IB 98 -106.32 -14.34 29.23
N ARG IB 99 -106.45 -15.57 28.73
CA ARG IB 99 -107.74 -16.26 28.78
C ARG IB 99 -108.11 -16.65 30.20
N ARG IB 100 -107.14 -16.84 31.09
CA ARG IB 100 -107.52 -17.19 32.45
C ARG IB 100 -107.83 -15.96 33.29
N VAL IB 101 -107.28 -14.79 32.96
CA VAL IB 101 -107.82 -13.55 33.51
C VAL IB 101 -109.26 -13.32 33.07
N LEU IB 102 -109.55 -13.54 31.78
CA LEU IB 102 -110.95 -13.43 31.32
C LEU IB 102 -111.88 -14.47 31.95
N GLN IB 103 -111.42 -15.73 32.05
CA GLN IB 103 -112.25 -16.77 32.65
C GLN IB 103 -112.44 -16.58 34.13
N ALA IB 104 -111.46 -16.03 34.83
CA ALA IB 104 -111.65 -15.63 36.21
C ALA IB 104 -112.64 -14.49 36.33
N LEU IB 105 -112.53 -13.50 35.44
CA LEU IB 105 -113.36 -12.30 35.57
C LEU IB 105 -114.76 -12.53 35.04
N GLU IB 106 -115.03 -13.69 34.45
CA GLU IB 106 -116.40 -14.15 34.26
C GLU IB 106 -116.79 -15.26 35.24
N GLY IB 107 -115.83 -15.83 35.97
CA GLY IB 107 -116.14 -16.68 37.09
C GLY IB 107 -116.79 -15.90 38.21
N LEU IB 108 -116.24 -14.74 38.53
CA LEU IB 108 -117.02 -13.75 39.28
C LEU IB 108 -117.60 -12.80 38.24
N LYS IB 109 -118.89 -12.53 38.33
CA LYS IB 109 -119.64 -11.96 37.21
C LYS IB 109 -119.29 -10.51 36.93
N MET IB 110 -118.15 -10.26 36.30
CA MET IB 110 -117.77 -8.89 36.02
C MET IB 110 -117.52 -8.67 34.53
N VAL IB 111 -117.10 -9.69 33.80
CA VAL IB 111 -117.10 -9.61 32.35
C VAL IB 111 -118.08 -10.64 31.82
N GLU IB 112 -118.47 -10.49 30.57
CA GLU IB 112 -119.48 -11.33 29.94
C GLU IB 112 -119.00 -11.76 28.57
N LYS IB 113 -119.43 -12.95 28.16
CA LYS IB 113 -119.09 -13.46 26.84
C LYS IB 113 -120.07 -12.90 25.81
N ASP IB 114 -119.55 -12.11 24.87
CA ASP IB 114 -120.36 -11.63 23.76
C ASP IB 114 -120.75 -12.79 22.85
N GLN IB 115 -121.93 -12.67 22.22
CA GLN IB 115 -122.32 -13.58 21.17
C GLN IB 115 -121.32 -13.52 20.02
N ASP IB 116 -120.93 -14.70 19.52
CA ASP IB 116 -119.86 -15.07 18.58
C ASP IB 116 -118.49 -14.96 19.25
N GLY IB 117 -118.39 -14.42 20.46
CA GLY IB 117 -117.13 -14.34 21.17
C GLY IB 117 -116.67 -12.92 21.40
N GLY IB 118 -115.56 -12.82 22.13
CA GLY IB 118 -115.12 -11.57 22.69
C GLY IB 118 -115.68 -11.34 24.08
N ARG IB 119 -115.03 -10.48 24.84
CA ARG IB 119 -115.44 -10.17 26.20
C ARG IB 119 -115.90 -8.73 26.30
N LYS IB 120 -117.01 -8.55 27.00
CA LYS IB 120 -117.59 -7.23 27.24
C LYS IB 120 -117.68 -7.09 28.76
N LEU IB 121 -117.83 -5.87 29.24
CA LEU IB 121 -117.95 -5.61 30.67
C LEU IB 121 -119.41 -5.68 31.05
N THR IB 122 -119.70 -6.30 32.20
CA THR IB 122 -121.06 -6.36 32.70
C THR IB 122 -121.46 -4.99 33.26
N PRO IB 123 -122.77 -4.71 33.34
CA PRO IB 123 -123.21 -3.46 33.99
C PRO IB 123 -122.80 -3.33 35.45
N GLN IB 124 -122.88 -4.38 36.25
CA GLN IB 124 -122.40 -4.28 37.62
C GLN IB 124 -120.88 -4.26 37.68
N GLY IB 125 -120.21 -4.80 36.66
CA GLY IB 125 -118.77 -4.62 36.58
C GLY IB 125 -118.38 -3.18 36.31
N GLN IB 126 -119.14 -2.51 35.44
CA GLN IB 126 -118.99 -1.08 35.22
C GLN IB 126 -119.26 -0.29 36.50
N ARG IB 127 -120.24 -0.72 37.27
CA ARG IB 127 -120.52 -0.12 38.58
C ARG IB 127 -119.35 -0.32 39.55
N ASP IB 128 -118.74 -1.52 39.54
CA ASP IB 128 -117.60 -1.80 40.41
C ASP IB 128 -116.39 -0.95 40.04
N LEU IB 129 -116.07 -0.87 38.74
CA LEU IB 129 -114.91 -0.08 38.30
C LEU IB 129 -115.16 1.40 38.52
N ASP IB 130 -116.42 1.84 38.39
CA ASP IB 130 -116.76 3.24 38.57
C ASP IB 130 -116.73 3.61 40.05
N ARG IB 131 -117.09 2.69 40.94
CA ARG IB 131 -116.90 3.00 42.36
C ARG IB 131 -115.43 3.00 42.75
N ILE IB 132 -114.60 2.12 42.16
CA ILE IB 132 -113.16 2.19 42.40
C ILE IB 132 -112.59 3.51 41.90
N ALA IB 133 -113.12 4.00 40.77
CA ALA IB 133 -112.83 5.37 40.32
C ALA IB 133 -113.29 6.41 41.32
N GLY IB 134 -114.43 6.20 41.97
CA GLY IB 134 -114.88 7.11 43.00
C GLY IB 134 -113.98 7.11 44.22
N GLN IB 135 -113.47 5.94 44.60
CA GLN IB 135 -112.55 5.89 45.74
C GLN IB 135 -111.24 6.58 45.42
N VAL IB 136 -110.68 6.37 44.22
CA VAL IB 136 -109.43 7.03 43.91
C VAL IB 136 -109.63 8.50 43.58
N ALA IB 137 -110.87 8.89 43.26
CA ALA IB 137 -111.20 10.32 43.13
C ALA IB 137 -111.34 10.99 44.49
N ALA IB 138 -111.92 10.32 45.47
CA ALA IB 138 -111.94 10.84 46.83
C ALA IB 138 -110.55 10.84 47.45
N ALA IB 139 -109.65 10.01 46.93
CA ALA IB 139 -108.24 10.06 47.29
C ALA IB 139 -107.53 11.32 46.80
N LYS IB 140 -108.12 12.09 45.89
CA LYS IB 140 -107.58 13.37 45.45
C LYS IB 140 -107.97 14.52 46.37
N LYS IB 141 -108.74 14.25 47.41
CA LYS IB 141 -109.16 15.29 48.36
C LYS IB 141 -108.61 15.00 49.76
N HIS JB 1 -134.72 -3.15 -6.57
CA HIS JB 1 -135.17 -1.78 -6.79
C HIS JB 1 -134.06 -0.83 -6.40
N ARG JB 2 -133.06 -1.37 -5.72
CA ARG JB 2 -131.84 -0.65 -5.31
C ARG JB 2 -130.66 -1.41 -5.90
N ILE JB 3 -130.07 -0.87 -6.96
CA ILE JB 3 -128.89 -1.50 -7.54
C ILE JB 3 -127.70 -0.59 -7.31
N ARG JB 4 -126.50 -1.15 -7.45
CA ARG JB 4 -125.26 -0.46 -7.18
C ARG JB 4 -124.21 -0.93 -8.19
N ILE JB 5 -123.64 0.01 -8.92
CA ILE JB 5 -122.56 -0.31 -9.84
C ILE JB 5 -121.25 0.18 -9.26
N THR JB 6 -120.19 -0.59 -9.50
CA THR JB 6 -118.83 -0.30 -9.07
C THR JB 6 -117.98 -0.09 -10.32
N LEU JB 7 -117.50 1.13 -10.51
CA LEU JB 7 -116.65 1.46 -11.65
C LEU JB 7 -115.19 1.38 -11.25
N THR JB 8 -114.44 0.51 -11.92
CA THR JB 8 -113.04 0.32 -11.57
C THR JB 8 -112.18 0.46 -12.82
N SER JB 9 -111.16 1.31 -12.75
CA SER JB 9 -110.21 1.39 -13.86
C SER JB 9 -108.87 1.90 -13.34
N ARG JB 10 -108.01 2.28 -14.28
CA ARG JB 10 -106.72 2.89 -13.96
C ARG JB 10 -106.64 4.35 -14.33
N ASN JB 11 -107.34 4.78 -15.39
CA ASN JB 11 -107.27 6.17 -15.83
C ASN JB 11 -108.48 6.97 -15.36
N VAL JB 12 -108.20 8.05 -14.64
CA VAL JB 12 -109.22 8.69 -13.83
C VAL JB 12 -110.16 9.53 -14.68
N LYS JB 13 -109.66 10.11 -15.78
CA LYS JB 13 -110.54 10.96 -16.57
C LYS JB 13 -111.54 10.16 -17.40
N SER JB 14 -111.13 9.02 -17.96
CA SER JB 14 -112.13 8.22 -18.66
C SER JB 14 -112.91 7.33 -17.71
N LEU JB 15 -112.49 7.18 -16.45
CA LEU JB 15 -113.44 6.69 -15.45
C LEU JB 15 -114.50 7.73 -15.09
N GLU JB 16 -114.11 8.97 -14.84
CA GLU JB 16 -115.05 9.97 -14.35
C GLU JB 16 -115.80 10.69 -15.46
N LYS JB 17 -115.48 10.45 -16.73
CA LYS JB 17 -116.41 10.88 -17.76
C LYS JB 17 -117.58 9.90 -17.90
N VAL JB 18 -117.34 8.60 -17.72
CA VAL JB 18 -118.42 7.63 -17.65
C VAL JB 18 -119.25 7.86 -16.39
N CYS JB 19 -118.57 8.09 -15.27
CA CYS JB 19 -119.17 8.35 -13.97
C CYS JB 19 -119.98 9.65 -13.94
N ALA JB 20 -119.79 10.54 -14.92
CA ALA JB 20 -120.57 11.76 -15.04
C ALA JB 20 -121.68 11.67 -16.07
N ASP JB 21 -121.42 11.11 -17.25
CA ASP JB 21 -122.47 10.99 -18.25
C ASP JB 21 -123.48 9.90 -17.93
N LEU JB 22 -123.19 9.00 -16.99
CA LEU JB 22 -124.24 8.14 -16.45
C LEU JB 22 -125.14 8.88 -15.46
N ILE JB 23 -124.56 9.75 -14.63
CA ILE JB 23 -125.34 10.47 -13.61
C ILE JB 23 -126.20 11.54 -14.27
N ARG JB 24 -125.69 12.16 -15.34
CA ARG JB 24 -126.48 13.14 -16.09
C ARG JB 24 -127.69 12.48 -16.74
N GLY JB 25 -127.53 11.26 -17.25
CA GLY JB 25 -128.68 10.50 -17.73
C GLY JB 25 -129.61 10.07 -16.62
N ALA JB 26 -129.05 9.70 -15.47
CA ALA JB 26 -129.87 9.23 -14.35
C ALA JB 26 -130.72 10.33 -13.74
N LYS JB 27 -130.24 11.57 -13.72
CA LYS JB 27 -131.04 12.69 -13.23
C LYS JB 27 -132.15 13.10 -14.19
N GLU JB 28 -131.98 12.88 -15.50
CA GLU JB 28 -133.05 13.14 -16.44
C GLU JB 28 -133.96 11.94 -16.65
N LYS JB 29 -133.61 10.77 -16.13
CA LYS JB 29 -134.53 9.63 -16.07
C LYS JB 29 -135.35 9.65 -14.76
N ASN JB 30 -135.40 10.82 -14.09
CA ASN JB 30 -136.37 11.15 -13.03
C ASN JB 30 -136.23 10.24 -11.82
N LEU JB 31 -135.00 9.89 -11.48
CA LEU JB 31 -134.71 8.96 -10.41
C LEU JB 31 -134.35 9.72 -9.14
N LYS JB 32 -134.00 8.95 -8.12
CA LYS JB 32 -133.33 9.47 -6.93
C LYS JB 32 -132.01 8.73 -6.81
N VAL JB 33 -130.94 9.38 -7.25
CA VAL JB 33 -129.64 8.71 -7.34
C VAL JB 33 -128.70 9.33 -6.31
N LYS JB 34 -127.83 8.48 -5.76
CA LYS JB 34 -126.69 8.96 -5.01
C LYS JB 34 -125.51 9.05 -5.95
N GLY JB 35 -124.77 10.16 -5.84
CA GLY JB 35 -123.70 10.44 -6.77
C GLY JB 35 -122.48 9.58 -6.58
N PRO JB 36 -121.36 10.01 -7.15
CA PRO JB 36 -120.12 9.24 -7.01
C PRO JB 36 -119.60 9.23 -5.58
N VAL JB 37 -119.54 8.07 -4.95
CA VAL JB 37 -118.76 7.98 -3.72
C VAL JB 37 -117.46 7.25 -4.05
N ARG JB 38 -116.35 7.85 -3.65
CA ARG JB 38 -115.03 7.53 -4.18
C ARG JB 38 -114.27 6.69 -3.16
N MET JB 39 -113.94 5.45 -3.51
CA MET JB 39 -113.16 4.68 -2.55
C MET JB 39 -111.70 5.13 -2.62
N PRO JB 40 -110.93 4.93 -1.53
CA PRO JB 40 -109.49 5.25 -1.57
C PRO JB 40 -108.74 4.51 -2.67
N THR JB 41 -107.89 5.25 -3.38
CA THR JB 41 -107.32 4.74 -4.61
C THR JB 41 -106.13 3.83 -4.32
N LYS JB 42 -106.13 2.66 -4.94
CA LYS JB 42 -105.17 1.62 -4.64
C LYS JB 42 -103.94 1.83 -5.52
N THR JB 43 -102.84 2.26 -4.92
CA THR JB 43 -101.58 2.39 -5.63
C THR JB 43 -100.76 1.15 -5.42
N LEU JB 44 -100.34 0.53 -6.52
CA LEU JB 44 -99.57 -0.71 -6.51
C LEU JB 44 -98.14 -0.34 -6.87
N ARG JB 45 -97.23 -0.58 -5.94
CA ARG JB 45 -95.85 -0.13 -6.04
C ARG JB 45 -94.92 -1.32 -6.16
N ILE JB 46 -94.05 -1.29 -7.16
CA ILE JB 46 -93.01 -2.32 -7.29
C ILE JB 46 -91.68 -1.61 -7.48
N THR JB 47 -90.76 -1.84 -6.56
CA THR JB 47 -89.42 -1.26 -6.64
C THR JB 47 -88.46 -2.36 -7.07
N THR JB 48 -87.77 -2.12 -8.17
CA THR JB 48 -86.97 -3.15 -8.83
C THR JB 48 -85.62 -2.56 -9.23
N ARG JB 49 -84.57 -3.37 -9.04
CA ARG JB 49 -83.25 -3.00 -9.56
C ARG JB 49 -83.28 -2.87 -11.08
N LYS JB 50 -82.81 -1.74 -11.58
CA LYS JB 50 -82.87 -1.44 -13.01
C LYS JB 50 -81.98 -2.34 -13.83
N THR JB 51 -80.83 -2.74 -13.30
CA THR JB 51 -79.78 -3.49 -13.96
C THR JB 51 -80.18 -4.95 -14.10
N PRO JB 52 -80.04 -5.51 -15.31
CA PRO JB 52 -80.23 -6.96 -15.47
C PRO JB 52 -79.23 -7.80 -14.70
N CYS JB 53 -77.98 -7.36 -14.62
CA CYS JB 53 -76.95 -8.03 -13.85
C CYS JB 53 -76.81 -7.33 -12.49
N GLY JB 54 -75.75 -7.66 -11.76
CA GLY JB 54 -75.50 -7.01 -10.49
C GLY JB 54 -74.38 -6.00 -10.53
N GLU JB 55 -74.35 -5.17 -11.57
CA GLU JB 55 -73.27 -4.22 -11.77
C GLU JB 55 -73.81 -2.79 -11.77
N GLY JB 56 -72.97 -1.86 -11.37
CA GLY JB 56 -73.31 -0.44 -11.42
C GLY JB 56 -73.75 0.06 -10.06
N SER JB 57 -74.19 1.33 -10.07
CA SER JB 57 -74.79 1.91 -8.88
C SER JB 57 -76.14 1.25 -8.63
N LYS JB 58 -76.46 1.10 -7.34
CA LYS JB 58 -77.65 0.34 -6.95
C LYS JB 58 -78.89 1.17 -7.20
N THR JB 59 -79.34 1.24 -8.44
CA THR JB 59 -80.46 2.08 -8.83
C THR JB 59 -81.74 1.26 -8.93
N TRP JB 60 -82.85 1.90 -8.60
CA TRP JB 60 -84.14 1.24 -8.49
C TRP JB 60 -85.22 2.06 -9.17
N ASP JB 61 -86.02 1.42 -10.02
CA ASP JB 61 -87.31 1.97 -10.41
C ASP JB 61 -88.34 1.75 -9.33
N ARG JB 62 -89.18 2.76 -9.14
CA ARG JB 62 -90.36 2.65 -8.31
C ARG JB 62 -91.55 2.75 -9.26
N PHE JB 63 -91.92 1.61 -9.85
CA PHE JB 63 -93.08 1.52 -10.71
C PHE JB 63 -94.35 1.63 -9.89
N GLN JB 64 -95.34 2.35 -10.44
CA GLN JB 64 -96.62 2.50 -9.77
C GLN JB 64 -97.76 2.19 -10.73
N MET JB 65 -98.88 1.79 -10.14
CA MET JB 65 -100.10 1.51 -10.88
C MET JB 65 -101.25 1.96 -10.00
N ARG JB 66 -101.88 3.08 -10.34
CA ARG JB 66 -102.98 3.56 -9.53
C ARG JB 66 -104.31 3.09 -10.10
N ILE JB 67 -105.13 2.51 -9.24
CA ILE JB 67 -106.43 1.96 -9.60
C ILE JB 67 -107.49 2.76 -8.84
N HIS JB 68 -108.45 3.29 -9.56
CA HIS JB 68 -109.49 4.16 -9.06
C HIS JB 68 -110.83 3.44 -9.14
N LYS JB 69 -111.70 3.72 -8.16
CA LYS JB 69 -112.97 3.01 -8.08
C LYS JB 69 -114.07 3.85 -7.44
N ARG JB 70 -115.24 3.80 -8.09
CA ARG JB 70 -116.42 4.57 -7.74
C ARG JB 70 -117.56 3.63 -7.41
N LEU JB 71 -118.45 4.11 -6.53
CA LEU JB 71 -119.77 3.48 -6.38
C LEU JB 71 -120.84 4.48 -6.79
N ILE JB 72 -121.81 3.96 -7.56
CA ILE JB 72 -123.02 4.68 -7.96
C ILE JB 72 -124.22 3.83 -7.54
N ASP JB 73 -125.15 4.45 -6.82
CA ASP JB 73 -126.39 3.79 -6.41
C ASP JB 73 -127.56 4.28 -7.25
N LEU JB 74 -128.49 3.36 -7.53
CA LEU JB 74 -129.68 3.67 -8.31
C LEU JB 74 -130.88 3.15 -7.53
N HIS JB 75 -131.77 4.06 -7.12
CA HIS JB 75 -133.07 3.69 -6.55
C HIS JB 75 -134.09 3.63 -7.69
N SER JB 76 -133.95 2.59 -8.50
CA SER JB 76 -134.65 2.53 -9.77
C SER JB 76 -135.03 1.09 -10.07
N PRO JB 77 -136.09 0.87 -10.85
CA PRO JB 77 -136.32 -0.44 -11.45
C PRO JB 77 -135.22 -0.78 -12.45
N SER JB 78 -135.13 -2.07 -12.79
CA SER JB 78 -133.94 -2.60 -13.44
C SER JB 78 -133.82 -2.13 -14.89
N GLU JB 79 -134.78 -2.47 -15.74
CA GLU JB 79 -134.76 -2.14 -17.16
C GLU JB 79 -134.85 -0.63 -17.43
N ILE JB 80 -135.29 0.15 -16.43
CA ILE JB 80 -135.21 1.61 -16.46
C ILE JB 80 -133.77 2.10 -16.48
N VAL JB 81 -132.83 1.34 -15.92
CA VAL JB 81 -131.43 1.77 -15.87
C VAL JB 81 -130.49 0.70 -16.44
N LYS JB 82 -131.04 -0.26 -17.19
CA LYS JB 82 -130.16 -1.19 -17.89
C LYS JB 82 -129.63 -0.66 -19.22
N GLN JB 83 -130.02 0.55 -19.63
CA GLN JB 83 -129.36 1.17 -20.78
C GLN JB 83 -127.95 1.58 -20.44
N ILE JB 84 -127.77 2.24 -19.31
CA ILE JB 84 -126.52 2.91 -18.99
C ILE JB 84 -125.45 1.93 -18.50
N THR JB 85 -125.84 0.67 -18.29
CA THR JB 85 -124.84 -0.36 -18.04
C THR JB 85 -124.07 -0.72 -19.30
N SER JB 86 -124.77 -0.82 -20.44
CA SER JB 86 -124.16 -1.24 -21.70
C SER JB 86 -124.00 -0.11 -22.70
N ILE JB 87 -124.40 1.11 -22.35
CA ILE JB 87 -124.12 2.31 -23.14
C ILE JB 87 -123.33 3.27 -22.24
N SER JB 88 -122.53 4.12 -22.88
CA SER JB 88 -121.45 4.91 -22.27
C SER JB 88 -120.44 3.99 -21.57
N ILE JB 89 -119.86 3.11 -22.37
CA ILE JB 89 -118.74 2.26 -21.96
C ILE JB 89 -117.57 2.56 -22.88
N GLU JB 90 -116.41 2.84 -22.27
CA GLU JB 90 -115.14 3.05 -22.93
C GLU JB 90 -114.21 1.90 -22.59
N PRO JB 91 -113.20 1.59 -23.44
CA PRO JB 91 -112.40 0.37 -23.25
C PRO JB 91 -111.52 0.26 -22.01
N GLY JB 92 -111.60 1.21 -21.07
CA GLY JB 92 -110.75 1.13 -19.91
C GLY JB 92 -111.40 0.74 -18.60
N VAL JB 93 -112.74 0.78 -18.51
CA VAL JB 93 -113.45 0.70 -17.24
C VAL JB 93 -114.16 -0.64 -17.13
N GLU JB 94 -113.98 -1.33 -16.00
CA GLU JB 94 -114.71 -2.54 -15.66
C GLU JB 94 -115.86 -2.17 -14.72
N VAL JB 95 -117.01 -2.82 -14.92
CA VAL JB 95 -118.22 -2.55 -14.16
C VAL JB 95 -118.55 -3.79 -13.33
N GLU JB 96 -118.90 -3.58 -12.06
CA GLU JB 96 -119.29 -4.66 -11.16
C GLU JB 96 -120.63 -4.28 -10.54
N VAL JB 97 -121.71 -4.90 -11.00
CA VAL JB 97 -123.06 -4.51 -10.62
C VAL JB 97 -123.65 -5.52 -9.63
N THR JB 98 -124.26 -5.02 -8.57
CA THR JB 98 -124.98 -5.85 -7.62
C THR JB 98 -126.34 -5.24 -7.32
N ILE JB 99 -127.24 -6.08 -6.80
CA ILE JB 99 -128.58 -5.66 -6.44
C ILE JB 99 -128.86 -5.86 -4.95
N ALA JB 100 -128.68 -7.08 -4.45
CA ALA JB 100 -128.98 -7.39 -3.06
C ALA JB 100 -127.95 -6.80 -2.10
N MET KB 1 -58.41 36.90 -79.35
CA MET KB 1 -59.86 36.96 -79.17
C MET KB 1 -60.53 36.82 -80.53
N GLN KB 2 -59.71 36.76 -81.57
CA GLN KB 2 -60.16 36.51 -82.93
C GLN KB 2 -59.33 35.40 -83.52
N ASN KB 3 -59.97 34.49 -84.25
CA ASN KB 3 -59.21 33.54 -85.03
C ASN KB 3 -58.72 34.24 -86.31
N ASP KB 4 -57.82 33.57 -87.03
CA ASP KB 4 -57.23 34.20 -88.23
C ASP KB 4 -58.22 34.34 -89.38
N ALA KB 5 -59.38 33.68 -89.30
CA ALA KB 5 -60.46 33.89 -90.25
C ALA KB 5 -61.31 35.09 -89.91
N GLY KB 6 -61.02 35.78 -88.80
CA GLY KB 6 -61.73 36.98 -88.42
C GLY KB 6 -62.94 36.78 -87.55
N GLU KB 7 -63.30 35.54 -87.22
CA GLU KB 7 -64.47 35.28 -86.40
C GLU KB 7 -64.12 35.40 -84.92
N PHE KB 8 -65.00 36.04 -84.16
CA PHE KB 8 -64.80 36.20 -82.73
C PHE KB 8 -64.93 34.86 -82.03
N VAL KB 9 -63.98 34.55 -81.16
CA VAL KB 9 -63.88 33.23 -80.54
C VAL KB 9 -64.03 33.25 -79.03
N ASP KB 10 -64.08 34.41 -78.41
CA ASP KB 10 -64.20 34.49 -76.96
C ASP KB 10 -65.60 34.16 -76.49
N LEU KB 11 -65.69 33.70 -75.25
CA LEU KB 11 -66.97 33.44 -74.61
C LEU KB 11 -67.69 34.75 -74.32
N TYR KB 12 -66.97 35.71 -73.75
CA TYR KB 12 -67.48 37.05 -73.53
C TYR KB 12 -66.29 37.99 -73.40
N VAL KB 13 -66.54 39.28 -73.63
CA VAL KB 13 -65.52 40.30 -73.49
C VAL KB 13 -65.70 40.93 -72.10
N PRO KB 14 -64.77 40.73 -71.18
CA PRO KB 14 -64.90 41.35 -69.85
C PRO KB 14 -64.69 42.86 -69.88
N ARG KB 15 -65.34 43.52 -68.92
CA ARG KB 15 -65.18 44.94 -68.70
C ARG KB 15 -63.80 45.24 -68.14
N LYS KB 16 -63.41 46.51 -68.22
CA LYS KB 16 -62.17 46.97 -67.63
C LYS KB 16 -62.46 48.17 -66.74
N CYS KB 17 -61.64 48.31 -65.70
CA CYS KB 17 -61.68 49.48 -64.84
C CYS KB 17 -61.37 50.74 -65.64
N SER KB 18 -62.15 51.78 -65.41
CA SER KB 18 -62.02 53.01 -66.17
C SER KB 18 -60.88 53.89 -65.69
N ALA KB 19 -60.24 53.52 -64.58
CA ALA KB 19 -59.12 54.26 -64.01
C ALA KB 19 -57.77 53.61 -64.29
N SER KB 20 -57.66 52.30 -64.09
CA SER KB 20 -56.39 51.62 -64.22
C SER KB 20 -56.28 50.76 -65.48
N ASN KB 21 -57.35 50.68 -66.28
CA ASN KB 21 -57.43 49.85 -67.50
C ASN KB 21 -57.12 48.38 -67.22
N ARG KB 22 -57.53 47.89 -66.06
CA ARG KB 22 -57.30 46.52 -65.64
C ARG KB 22 -58.59 45.74 -65.80
N ILE KB 23 -58.48 44.46 -66.17
CA ILE KB 23 -59.66 43.68 -66.50
C ILE KB 23 -60.42 43.30 -65.24
N ILE KB 24 -61.69 43.67 -65.19
CA ILE KB 24 -62.60 43.29 -64.11
C ILE KB 24 -62.78 41.79 -64.22
N GLY KB 25 -62.48 41.07 -63.16
CA GLY KB 25 -62.66 39.64 -63.14
C GLY KB 25 -64.13 39.26 -63.07
N ALA KB 26 -64.37 37.97 -63.29
CA ALA KB 26 -65.73 37.46 -63.11
C ALA KB 26 -66.12 37.41 -61.64
N LYS KB 27 -65.14 37.27 -60.75
CA LYS KB 27 -65.40 37.11 -59.31
C LYS KB 27 -64.89 38.29 -58.50
N ASP KB 28 -64.52 39.39 -59.14
CA ASP KB 28 -64.15 40.60 -58.40
C ASP KB 28 -65.43 41.32 -58.01
N HIS KB 29 -66.00 40.90 -56.88
CA HIS KB 29 -67.31 41.38 -56.46
C HIS KB 29 -67.25 42.77 -55.85
N ALA KB 30 -66.08 43.31 -55.57
CA ALA KB 30 -65.98 44.68 -55.07
C ALA KB 30 -65.90 45.72 -56.18
N SER KB 31 -65.93 45.30 -57.44
CA SER KB 31 -65.90 46.24 -58.54
C SER KB 31 -67.25 46.93 -58.70
N ILE KB 32 -67.20 48.13 -59.26
CA ILE KB 32 -68.37 49.01 -59.36
C ILE KB 32 -68.58 49.44 -60.80
N GLN KB 33 -69.80 49.24 -61.29
CA GLN KB 33 -70.29 49.81 -62.55
C GLN KB 33 -71.38 50.80 -62.15
N MET KB 34 -70.99 52.05 -61.92
CA MET KB 34 -71.90 53.08 -61.44
C MET KB 34 -72.28 54.03 -62.56
N ASN KB 35 -73.42 54.69 -62.40
CA ASN KB 35 -73.95 55.64 -63.37
C ASN KB 35 -73.94 57.04 -62.76
N VAL KB 36 -73.35 57.97 -63.49
CA VAL KB 36 -73.38 59.39 -63.14
C VAL KB 36 -74.25 60.09 -64.18
N ALA KB 37 -75.31 60.73 -63.69
CA ALA KB 37 -76.41 61.22 -64.49
C ALA KB 37 -76.01 62.49 -65.27
N GLU KB 38 -76.29 62.52 -66.56
CA GLU KB 38 -76.12 63.77 -67.30
C GLU KB 38 -77.28 64.73 -67.00
N VAL KB 39 -77.13 65.97 -67.44
CA VAL KB 39 -77.93 67.08 -66.96
C VAL KB 39 -78.40 67.93 -68.13
N ASP KB 40 -79.59 68.52 -67.99
CA ASP KB 40 -80.04 69.56 -68.92
C ASP KB 40 -79.22 70.81 -68.70
N LYS KB 41 -78.94 71.54 -69.79
CA LYS KB 41 -78.00 72.65 -69.70
C LYS KB 41 -78.65 73.89 -69.07
N VAL KB 42 -79.94 74.08 -69.26
CA VAL KB 42 -80.61 75.33 -68.89
C VAL KB 42 -81.48 75.17 -67.65
N THR KB 43 -82.13 74.02 -67.48
CA THR KB 43 -82.93 73.79 -66.29
C THR KB 43 -82.16 73.09 -65.19
N GLY KB 44 -81.07 72.43 -65.52
CA GLY KB 44 -80.35 71.66 -64.54
C GLY KB 44 -80.99 70.36 -64.17
N ARG KB 45 -82.01 69.92 -64.91
CA ARG KB 45 -82.74 68.72 -64.58
C ARG KB 45 -82.06 67.52 -65.24
N PHE KB 46 -82.45 66.33 -64.77
CA PHE KB 46 -81.95 65.06 -65.26
C PHE KB 46 -82.41 64.79 -66.69
N ASN KB 47 -81.46 64.78 -67.63
CA ASN KB 47 -81.80 64.58 -69.04
C ASN KB 47 -82.23 63.15 -69.30
N GLY KB 48 -81.46 62.17 -68.84
CA GLY KB 48 -81.79 60.79 -69.08
C GLY KB 48 -80.64 59.93 -69.59
N GLN KB 49 -79.50 60.55 -69.89
CA GLN KB 49 -78.30 59.84 -70.33
C GLN KB 49 -77.33 59.74 -69.17
N PHE KB 50 -76.40 58.80 -69.25
CA PHE KB 50 -75.50 58.42 -68.17
C PHE KB 50 -74.04 58.49 -68.60
N LYS KB 51 -73.16 58.46 -67.60
CA LYS KB 51 -71.75 58.15 -67.76
C LYS KB 51 -71.46 56.95 -66.86
N THR KB 52 -70.87 55.91 -67.40
CA THR KB 52 -70.72 54.65 -66.69
C THR KB 52 -69.26 54.40 -66.31
N TYR KB 53 -69.01 54.17 -65.02
CA TYR KB 53 -67.67 54.02 -64.50
C TYR KB 53 -67.49 52.69 -63.79
N ALA KB 54 -66.41 51.99 -64.11
CA ALA KB 54 -66.05 50.75 -63.45
C ALA KB 54 -64.77 50.96 -62.65
N ILE KB 55 -64.81 50.59 -61.37
CA ILE KB 55 -63.65 50.62 -60.50
C ILE KB 55 -63.47 49.24 -59.87
N CYS KB 56 -62.30 48.65 -60.07
CA CYS KB 56 -62.07 47.31 -59.56
C CYS KB 56 -61.83 47.32 -58.05
N GLY KB 57 -61.93 46.12 -57.47
CA GLY KB 57 -61.83 46.00 -56.02
C GLY KB 57 -60.42 46.25 -55.51
N ALA KB 58 -59.43 46.14 -56.39
CA ALA KB 58 -58.06 46.47 -55.99
C ALA KB 58 -57.94 47.95 -55.69
N ILE KB 59 -58.44 48.81 -56.57
CA ILE KB 59 -58.41 50.26 -56.32
C ILE KB 59 -59.37 50.63 -55.21
N ARG KB 60 -60.49 49.89 -55.09
CA ARG KB 60 -61.43 50.18 -54.01
C ARG KB 60 -60.87 49.81 -52.65
N ARG KB 61 -60.00 48.80 -52.58
CA ARG KB 61 -59.39 48.41 -51.32
C ARG KB 61 -58.13 49.19 -51.03
N MET KB 62 -57.45 49.72 -52.05
CA MET KB 62 -56.45 50.76 -51.84
C MET KB 62 -57.10 52.03 -51.28
N GLY KB 63 -58.29 52.36 -51.74
CA GLY KB 63 -58.99 53.56 -51.31
C GLY KB 63 -58.85 54.75 -52.25
N GLU KB 64 -58.33 54.53 -53.45
CA GLU KB 64 -58.15 55.59 -54.42
C GLU KB 64 -59.28 55.65 -55.42
N SER KB 65 -60.37 54.94 -55.14
CA SER KB 65 -61.55 54.96 -55.99
C SER KB 65 -62.21 56.33 -56.00
N ASP KB 66 -62.19 57.03 -54.87
CA ASP KB 66 -62.81 58.34 -54.78
C ASP KB 66 -62.09 59.36 -55.65
N ASP KB 67 -60.75 59.39 -55.55
CA ASP KB 67 -59.95 60.23 -56.44
C ASP KB 67 -60.08 59.82 -57.89
N SER KB 68 -60.16 58.52 -58.16
CA SER KB 68 -60.30 58.09 -59.55
C SER KB 68 -61.60 58.55 -60.17
N ILE KB 69 -62.74 58.28 -59.50
CA ILE KB 69 -64.06 58.72 -59.95
C ILE KB 69 -64.13 60.24 -60.03
N LEU KB 70 -63.41 60.93 -59.13
CA LEU KB 70 -63.32 62.38 -59.19
C LEU KB 70 -62.60 62.89 -60.43
N ARG KB 71 -61.43 62.32 -60.75
CA ARG KB 71 -60.71 62.76 -61.95
C ARG KB 71 -61.46 62.42 -63.23
N LEU KB 72 -62.15 61.28 -63.28
CA LEU KB 72 -62.99 60.98 -64.45
C LEU KB 72 -64.20 61.90 -64.58
N ALA KB 73 -64.85 62.24 -63.46
CA ALA KB 73 -65.93 63.21 -63.49
C ALA KB 73 -65.43 64.61 -63.85
N LYS KB 74 -64.18 64.92 -63.52
CA LYS KB 74 -63.52 66.11 -64.04
C LYS KB 74 -63.27 66.02 -65.54
N ALA KB 75 -62.86 64.85 -66.01
CA ALA KB 75 -62.47 64.64 -67.40
C ALA KB 75 -63.62 64.71 -68.38
N ASP KB 76 -64.82 64.26 -68.00
CA ASP KB 76 -65.92 64.26 -68.95
C ASP KB 76 -66.82 65.50 -68.80
N GLY KB 77 -66.36 66.50 -68.04
CA GLY KB 77 -67.11 67.73 -67.91
C GLY KB 77 -68.23 67.72 -66.88
N ILE KB 78 -68.38 66.61 -66.14
CA ILE KB 78 -69.35 66.58 -65.05
C ILE KB 78 -68.92 67.50 -63.92
N VAL KB 79 -67.67 67.37 -63.48
CA VAL KB 79 -67.12 68.16 -62.39
C VAL KB 79 -66.22 69.23 -62.98
N SER KB 80 -66.46 70.48 -62.58
CA SER KB 80 -65.80 71.63 -63.21
C SER KB 80 -64.31 71.69 -62.86
N LYS KB 81 -63.54 72.32 -63.73
CA LYS KB 81 -62.12 72.53 -63.50
C LYS KB 81 -61.85 73.60 -62.44
N ASN KB 82 -62.81 74.51 -62.24
CA ASN KB 82 -62.71 75.51 -61.18
C ASN KB 82 -62.72 74.81 -59.83
N PHE KB 83 -63.70 73.92 -59.62
CA PHE KB 83 -63.68 72.88 -58.60
C PHE KB 83 -63.55 73.39 -57.17
N VAL LB 1 -23.60 48.66 -55.46
CA VAL LB 1 -24.12 49.96 -55.89
C VAL LB 1 -25.06 49.76 -57.06
N ARG LB 2 -25.48 50.85 -57.69
CA ARG LB 2 -26.33 50.74 -58.87
C ARG LB 2 -25.46 50.39 -60.07
N MET LB 3 -25.48 49.11 -60.47
CA MET LB 3 -24.64 48.63 -61.54
C MET LB 3 -25.40 48.35 -62.83
N ASN LB 4 -26.72 48.15 -62.74
CA ASN LB 4 -27.55 47.94 -63.91
C ASN LB 4 -28.63 49.01 -63.89
N VAL LB 5 -28.53 49.96 -64.79
CA VAL LB 5 -29.45 51.08 -64.80
C VAL LB 5 -30.76 50.73 -65.48
N LEU LB 6 -30.71 49.85 -66.49
CA LEU LB 6 -31.91 49.31 -67.12
C LEU LB 6 -32.75 48.54 -66.12
N ALA LB 7 -32.11 47.76 -65.25
CA ALA LB 7 -32.82 46.98 -64.24
C ALA LB 7 -33.60 47.85 -63.28
N ASP LB 8 -33.00 48.93 -62.79
CA ASP LB 8 -33.69 49.83 -61.87
C ASP LB 8 -34.67 50.75 -62.57
N ALA LB 9 -34.53 50.99 -63.87
CA ALA LB 9 -35.59 51.66 -64.60
C ALA LB 9 -36.82 50.78 -64.77
N LEU LB 10 -36.60 49.53 -65.18
CA LEU LB 10 -37.72 48.65 -65.49
C LEU LB 10 -38.40 48.14 -64.23
N LYS LB 11 -37.66 48.04 -63.11
CA LYS LB 11 -38.29 47.71 -61.84
C LYS LB 11 -39.18 48.84 -61.35
N SER LB 12 -38.76 50.08 -61.54
CA SER LB 12 -39.60 51.23 -61.19
C SER LB 12 -40.85 51.28 -62.04
N ILE LB 13 -40.72 51.00 -63.35
CA ILE LB 13 -41.89 50.94 -64.24
C ILE LB 13 -42.83 49.82 -63.81
N ASN LB 14 -42.26 48.65 -63.50
CA ASN LB 14 -43.05 47.50 -63.09
C ASN LB 14 -43.79 47.74 -61.78
N ASN LB 15 -43.14 48.32 -60.79
CA ASN LB 15 -43.78 48.58 -59.51
C ASN LB 15 -44.80 49.70 -59.58
N ALA LB 16 -44.55 50.75 -60.39
CA ALA LB 16 -45.57 51.75 -60.60
C ALA LB 16 -46.80 51.20 -61.32
N GLU LB 17 -46.60 50.29 -62.26
CA GLU LB 17 -47.73 49.59 -62.85
C GLU LB 17 -48.46 48.66 -61.91
N LYS LB 18 -47.73 47.94 -61.06
CA LYS LB 18 -48.37 47.08 -60.09
C LYS LB 18 -49.15 47.87 -59.06
N ARG LB 19 -48.72 49.10 -58.74
CA ARG LB 19 -49.56 50.00 -57.96
C ARG LB 19 -50.61 50.72 -58.79
N GLY LB 20 -50.52 50.64 -60.12
CA GLY LB 20 -51.49 51.32 -60.95
C GLY LB 20 -51.23 52.79 -61.11
N LYS LB 21 -49.97 53.23 -60.99
CA LYS LB 21 -49.64 54.63 -61.18
C LYS LB 21 -49.76 55.02 -62.64
N ARG LB 22 -50.14 56.28 -62.87
CA ARG LB 22 -50.29 56.77 -64.23
C ARG LB 22 -49.03 57.43 -64.77
N GLN LB 23 -48.10 57.83 -63.89
CA GLN LB 23 -46.79 58.31 -64.30
C GLN LB 23 -45.74 57.72 -63.38
N VAL LB 24 -44.51 57.61 -63.89
CA VAL LB 24 -43.39 57.16 -63.06
C VAL LB 24 -42.20 58.08 -63.33
N LEU LB 25 -41.39 58.31 -62.29
CA LEU LB 25 -40.14 59.04 -62.41
C LEU LB 25 -38.98 58.03 -62.37
N ILE LB 26 -38.25 57.94 -63.46
CA ILE LB 26 -37.03 57.14 -63.55
C ILE LB 26 -35.85 58.08 -63.35
N ARG LB 27 -35.05 57.82 -62.31
CA ARG LB 27 -34.09 58.82 -61.86
C ARG LB 27 -32.83 58.87 -62.72
N PRO LB 28 -32.20 57.74 -63.14
CA PRO LB 28 -31.19 57.90 -64.19
C PRO LB 28 -31.72 57.62 -65.59
N CYS LB 29 -31.24 58.37 -66.57
CA CYS LB 29 -31.55 58.12 -67.96
C CYS LB 29 -30.32 57.55 -68.66
N SER LB 30 -30.57 56.87 -69.78
CA SER LB 30 -29.50 56.46 -70.67
C SER LB 30 -30.08 56.27 -72.05
N LYS LB 31 -29.20 56.07 -73.03
CA LYS LB 31 -29.67 55.79 -74.39
C LYS LB 31 -30.33 54.41 -74.45
N VAL LB 32 -29.82 53.45 -73.68
CA VAL LB 32 -30.45 52.13 -73.61
C VAL LB 32 -31.83 52.22 -72.97
N ILE LB 33 -31.98 53.11 -71.98
CA ILE LB 33 -33.27 53.30 -71.33
C ILE LB 33 -34.27 53.94 -72.29
N VAL LB 34 -33.86 55.00 -73.00
CA VAL LB 34 -34.80 55.69 -73.87
C VAL LB 34 -35.14 54.83 -75.08
N ARG LB 35 -34.23 53.95 -75.51
CA ARG LB 35 -34.55 53.07 -76.62
C ARG LB 35 -35.44 51.90 -76.19
N PHE LB 36 -35.25 51.37 -74.98
CA PHE LB 36 -36.18 50.38 -74.44
C PHE LB 36 -37.58 50.96 -74.30
N LEU LB 37 -37.66 52.20 -73.78
CA LEU LB 37 -38.92 52.91 -73.66
C LEU LB 37 -39.55 53.16 -75.03
N THR LB 38 -38.73 53.47 -76.03
CA THR LB 38 -39.24 53.68 -77.38
C THR LB 38 -39.82 52.39 -77.97
N VAL LB 39 -39.18 51.24 -77.72
CA VAL LB 39 -39.72 49.96 -78.19
C VAL LB 39 -41.07 49.67 -77.55
N MET LB 40 -41.17 49.84 -76.23
CA MET LB 40 -42.46 49.72 -75.54
C MET LB 40 -43.51 50.72 -76.00
N MET LB 41 -43.13 51.95 -76.30
CA MET LB 41 -44.11 52.93 -76.74
C MET LB 41 -44.59 52.66 -78.17
N LYS LB 42 -43.69 52.28 -79.07
CA LYS LB 42 -44.09 51.89 -80.43
C LYS LB 42 -44.94 50.64 -80.46
N HIS LB 43 -44.76 49.74 -79.50
CA HIS LB 43 -45.70 48.64 -79.39
C HIS LB 43 -46.95 48.98 -78.59
N GLY LB 44 -46.97 50.11 -77.90
CA GLY LB 44 -48.18 50.61 -77.29
C GLY LB 44 -48.42 50.20 -75.86
N TYR LB 45 -47.41 49.67 -75.17
CA TYR LB 45 -47.58 49.30 -73.78
C TYR LB 45 -47.47 50.47 -72.83
N ILE LB 46 -46.87 51.59 -73.28
CA ILE LB 46 -46.81 52.83 -72.51
C ILE LB 46 -47.19 53.98 -73.44
N GLY LB 47 -47.37 55.15 -72.84
CA GLY LB 47 -47.70 56.34 -73.59
C GLY LB 47 -46.49 57.19 -73.91
N GLU LB 48 -46.74 58.48 -74.13
CA GLU LB 48 -45.66 59.42 -74.44
C GLU LB 48 -44.86 59.74 -73.19
N PHE LB 49 -43.55 59.53 -73.28
CA PHE LB 49 -42.64 59.75 -72.16
C PHE LB 49 -41.80 60.98 -72.42
N GLU LB 50 -41.18 61.47 -71.34
CA GLU LB 50 -40.74 62.85 -71.18
C GLU LB 50 -39.35 62.86 -70.57
N ILE LB 51 -38.36 63.34 -71.32
CA ILE LB 51 -36.96 63.30 -70.90
C ILE LB 51 -36.62 64.61 -70.21
N ILE LB 52 -36.40 64.58 -68.91
CA ILE LB 52 -36.04 65.78 -68.18
C ILE LB 52 -34.53 65.90 -68.14
N ASP LB 53 -34.02 67.00 -68.70
CA ASP LB 53 -32.59 67.26 -68.78
C ASP LB 53 -32.17 68.10 -67.59
N ASP LB 54 -31.61 67.42 -66.60
CA ASP LB 54 -30.62 68.08 -65.75
C ASP LB 54 -29.28 68.02 -66.45
N HIS LB 55 -28.30 68.77 -65.94
CA HIS LB 55 -26.96 68.65 -66.50
C HIS LB 55 -26.18 67.48 -65.89
N ARG LB 56 -26.80 66.31 -65.84
CA ARG LB 56 -26.32 65.08 -65.20
C ARG LB 56 -26.88 63.92 -66.02
N ALA LB 57 -26.91 62.74 -65.43
CA ALA LB 57 -27.76 61.68 -65.95
C ALA LB 57 -29.22 62.11 -65.83
N GLY LB 58 -29.94 62.07 -66.95
CA GLY LB 58 -31.25 62.68 -66.99
C GLY LB 58 -32.30 61.87 -66.24
N LYS LB 59 -33.48 62.46 -66.10
CA LYS LB 59 -34.61 61.76 -65.52
C LYS LB 59 -35.66 61.54 -66.60
N ILE LB 60 -36.62 60.66 -66.34
CA ILE LB 60 -37.70 60.42 -67.29
C ILE LB 60 -38.99 60.42 -66.49
N VAL LB 61 -40.00 61.10 -67.00
CA VAL LB 61 -41.37 60.87 -66.55
C VAL LB 61 -42.07 60.08 -67.64
N VAL LB 62 -42.50 58.86 -67.30
CA VAL LB 62 -43.18 57.99 -68.26
C VAL LB 62 -44.67 58.01 -67.94
N ASN LB 63 -45.48 58.16 -68.98
CA ASN LB 63 -46.93 58.11 -68.86
C ASN LB 63 -47.38 56.66 -69.04
N LEU LB 64 -47.55 55.97 -67.93
CA LEU LB 64 -47.94 54.57 -67.97
C LEU LB 64 -49.45 54.49 -68.19
N THR LB 65 -49.85 53.73 -69.20
CA THR LB 65 -51.26 53.38 -69.40
C THR LB 65 -51.57 52.15 -68.53
N GLY LB 66 -52.61 51.40 -68.85
CA GLY LB 66 -52.89 50.22 -68.04
C GLY LB 66 -52.70 48.90 -68.75
N ARG LB 67 -51.74 48.84 -69.68
CA ARG LB 67 -51.61 47.71 -70.58
C ARG LB 67 -50.41 46.81 -70.26
N LEU LB 68 -49.55 47.20 -69.32
CA LEU LB 68 -48.32 46.48 -69.07
C LEU LB 68 -48.52 45.44 -67.97
N ASN LB 69 -48.19 44.20 -68.27
CA ASN LB 69 -48.23 43.15 -67.26
C ASN LB 69 -46.87 42.94 -66.61
N LYS LB 70 -45.80 42.99 -67.39
CA LYS LB 70 -44.48 42.81 -66.84
C LYS LB 70 -43.47 43.51 -67.73
N CYS LB 71 -42.54 44.21 -67.07
CA CYS LB 71 -41.36 44.82 -67.66
C CYS LB 71 -40.13 44.28 -66.95
N GLY LB 72 -39.31 43.50 -67.65
CA GLY LB 72 -38.21 42.82 -67.02
C GLY LB 72 -36.90 43.04 -67.77
N VAL LB 73 -35.82 42.98 -67.01
CA VAL LB 73 -34.47 42.99 -67.52
C VAL LB 73 -33.98 41.55 -67.54
N ILE LB 74 -32.99 41.27 -68.37
CA ILE LB 74 -32.26 40.00 -68.32
C ILE LB 74 -30.83 40.35 -67.96
N SER LB 75 -30.37 39.81 -66.83
CA SER LB 75 -29.11 40.21 -66.23
C SER LB 75 -28.31 38.94 -65.95
N PRO LB 76 -27.13 38.75 -66.54
CA PRO LB 76 -26.37 39.66 -67.41
C PRO LB 76 -26.90 39.67 -68.83
N ARG LB 77 -26.39 40.55 -69.67
CA ARG LB 77 -26.80 40.63 -71.06
C ARG LB 77 -26.21 39.43 -71.77
N PHE LB 78 -27.00 38.36 -71.84
CA PHE LB 78 -26.59 37.16 -72.54
C PHE LB 78 -26.55 37.40 -74.03
N ASP LB 79 -25.75 36.61 -74.70
CA ASP LB 79 -25.69 36.63 -76.16
C ASP LB 79 -26.72 35.65 -76.73
N VAL LB 80 -27.64 36.16 -77.53
CA VAL LB 80 -28.66 35.37 -78.18
C VAL LB 80 -28.38 35.40 -79.68
N GLN LB 81 -28.26 34.22 -80.26
CA GLN LB 81 -28.25 34.05 -81.71
C GLN LB 81 -29.66 33.72 -82.18
N LEU LB 82 -29.86 33.73 -83.50
CA LEU LB 82 -31.16 33.40 -84.06
C LEU LB 82 -31.50 31.93 -83.85
N LYS LB 83 -30.49 31.08 -83.70
CA LYS LB 83 -30.71 29.67 -83.41
C LYS LB 83 -31.26 29.46 -82.00
N ASP LB 84 -30.93 30.35 -81.06
CA ASP LB 84 -31.37 30.22 -79.68
C ASP LB 84 -32.48 31.18 -79.30
N LEU LB 85 -32.86 32.10 -80.19
CA LEU LB 85 -33.91 33.06 -79.87
C LEU LB 85 -35.27 32.41 -79.70
N GLU LB 86 -35.53 31.31 -80.42
CA GLU LB 86 -36.76 30.54 -80.22
C GLU LB 86 -36.82 29.92 -78.83
N LYS LB 87 -35.71 29.31 -78.40
CA LYS LB 87 -35.68 28.69 -77.09
C LYS LB 87 -35.65 29.74 -75.98
N TRP LB 88 -35.16 30.94 -76.28
CA TRP LB 88 -35.25 32.04 -75.33
C TRP LB 88 -36.69 32.51 -75.16
N GLN LB 89 -37.39 32.75 -76.27
CA GLN LB 89 -38.75 33.25 -76.17
C GLN LB 89 -39.73 32.18 -75.69
N ASN LB 90 -39.37 30.90 -75.80
CA ASN LB 90 -40.18 29.83 -75.22
C ASN LB 90 -40.26 29.94 -73.70
N ASN LB 91 -39.13 30.03 -72.99
CA ASN LB 91 -39.17 30.12 -71.54
C ASN LB 91 -39.21 31.54 -71.04
N LEU LB 92 -39.23 32.54 -71.91
CA LEU LB 92 -39.27 33.92 -71.45
C LEU LB 92 -40.52 34.69 -71.86
N LEU LB 93 -41.34 34.16 -72.79
CA LEU LB 93 -42.57 34.86 -73.13
C LEU LB 93 -43.78 34.01 -72.77
N PRO LB 94 -44.87 34.62 -72.28
CA PRO LB 94 -46.02 33.83 -71.82
C PRO LB 94 -46.85 33.24 -72.94
N SER LB 95 -46.65 33.66 -74.18
CA SER LB 95 -47.47 33.21 -75.29
C SER LB 95 -46.68 33.44 -76.57
N ARG LB 96 -47.09 32.75 -77.63
CA ARG LB 96 -46.57 33.02 -78.95
C ARG LB 96 -47.38 34.08 -79.68
N GLN LB 97 -48.49 34.53 -79.08
CA GLN LB 97 -49.33 35.54 -79.69
C GLN LB 97 -48.90 36.96 -79.30
N PHE LB 98 -48.24 37.11 -78.16
CA PHE LB 98 -47.83 38.42 -77.68
C PHE LB 98 -46.60 38.29 -76.80
N GLY LB 99 -46.10 39.43 -76.34
CA GLY LB 99 -44.90 39.46 -75.56
C GLY LB 99 -43.70 39.73 -76.42
N PHE LB 100 -42.75 40.52 -75.94
CA PHE LB 100 -41.61 40.89 -76.77
C PHE LB 100 -40.33 40.75 -75.96
N ILE LB 101 -39.28 40.30 -76.63
CA ILE LB 101 -37.93 40.25 -76.07
C ILE LB 101 -37.13 41.33 -76.77
N VAL LB 102 -36.61 42.28 -76.00
CA VAL LB 102 -35.81 43.36 -76.55
C VAL LB 102 -34.35 42.96 -76.56
N LEU LB 103 -33.75 43.03 -77.74
CA LEU LB 103 -32.34 42.74 -77.96
C LEU LB 103 -31.61 44.00 -78.37
N THR LB 104 -30.31 44.05 -78.09
CA THR LB 104 -29.43 45.03 -78.71
C THR LB 104 -28.57 44.31 -79.74
N THR LB 105 -28.80 44.62 -81.01
CA THR LB 105 -28.06 43.99 -82.07
C THR LB 105 -27.32 45.10 -82.81
N SER LB 106 -26.60 44.73 -83.86
CA SER LB 106 -25.80 45.70 -84.59
C SER LB 106 -26.63 46.73 -85.33
N ALA LB 107 -27.90 46.44 -85.59
CA ALA LB 107 -28.79 47.36 -86.28
C ALA LB 107 -29.58 48.24 -85.33
N GLY LB 108 -29.22 48.27 -84.06
CA GLY LB 108 -29.86 49.12 -83.08
C GLY LB 108 -30.47 48.30 -81.96
N ILE LB 109 -31.44 48.91 -81.29
CA ILE LB 109 -32.21 48.22 -80.27
C ILE LB 109 -33.61 47.99 -80.81
N MET LB 110 -34.04 46.73 -80.83
CA MET LB 110 -35.35 46.37 -81.33
C MET LB 110 -35.81 45.11 -80.60
N ASP LB 111 -37.09 44.76 -80.80
CA ASP LB 111 -37.63 43.53 -80.26
C ASP LB 111 -37.25 42.32 -81.10
N HIS LB 112 -37.63 41.14 -80.60
CA HIS LB 112 -37.14 39.90 -81.19
C HIS LB 112 -37.69 39.63 -82.58
N GLU LB 113 -38.94 40.02 -82.86
CA GLU LB 113 -39.49 39.78 -84.19
C GLU LB 113 -38.82 40.66 -85.26
N GLU LB 114 -38.48 41.90 -84.93
CA GLU LB 114 -37.76 42.73 -85.88
C GLU LB 114 -36.31 42.28 -86.00
N ALA LB 115 -35.73 41.74 -84.92
CA ALA LB 115 -34.44 41.09 -85.02
C ALA LB 115 -34.47 39.89 -85.95
N ARG LB 116 -35.56 39.12 -85.92
CA ARG LB 116 -35.72 38.00 -86.84
C ARG LB 116 -35.94 38.46 -88.28
N ARG LB 117 -36.66 39.56 -88.51
CA ARG LB 117 -36.89 39.96 -89.90
C ARG LB 117 -35.62 40.55 -90.50
N LYS LB 118 -34.77 41.17 -89.66
CA LYS LB 118 -33.50 41.68 -90.18
C LYS LB 118 -32.35 40.70 -90.01
N HIS LB 119 -32.61 39.51 -89.46
CA HIS LB 119 -31.69 38.37 -89.44
C HIS LB 119 -30.39 38.68 -88.70
N THR LB 120 -30.52 39.43 -87.60
CA THR LB 120 -29.37 39.75 -86.76
C THR LB 120 -29.68 39.39 -85.32
N GLY LB 121 -28.81 38.56 -84.74
CA GLY LB 121 -28.81 38.31 -83.31
C GLY LB 121 -27.99 39.35 -82.57
N GLY LB 122 -27.97 39.22 -81.25
CA GLY LB 122 -27.31 40.23 -80.44
C GLY LB 122 -27.44 39.89 -78.97
N LYS LB 123 -27.26 40.90 -78.13
CA LYS LB 123 -27.34 40.71 -76.69
C LYS LB 123 -28.74 41.02 -76.20
N ILE LB 124 -29.22 40.24 -75.24
CA ILE LB 124 -30.59 40.38 -74.77
C ILE LB 124 -30.66 41.45 -73.69
N LEU LB 125 -31.46 42.48 -73.95
CA LEU LB 125 -31.71 43.52 -72.96
C LEU LB 125 -32.78 43.12 -71.97
N GLY LB 126 -33.92 42.66 -72.47
CA GLY LB 126 -34.98 42.30 -71.54
C GLY LB 126 -36.22 41.85 -72.25
N PHE LB 127 -37.35 42.09 -71.62
CA PHE LB 127 -38.61 41.61 -72.15
C PHE LB 127 -39.73 42.46 -71.58
N PHE LB 128 -40.87 42.39 -72.25
CA PHE LB 128 -42.10 42.95 -71.71
C PHE LB 128 -43.32 42.32 -72.34
N PHE LB 129 -44.37 42.22 -71.54
CA PHE LB 129 -45.65 41.78 -72.03
C PHE LB 129 -46.81 42.32 -71.22
N GLY MB 1 -28.86 29.74 -58.43
CA GLY MB 1 -27.66 30.55 -58.59
C GLY MB 1 -27.82 31.95 -58.03
N LYS MB 2 -26.74 32.47 -57.44
CA LYS MB 2 -26.77 33.78 -56.81
C LYS MB 2 -25.81 34.77 -57.43
N CYS MB 3 -24.59 34.37 -57.77
CA CYS MB 3 -23.75 35.15 -58.68
C CYS MB 3 -24.18 34.87 -60.12
N ARG MB 4 -24.27 35.92 -60.92
CA ARG MB 4 -24.88 35.80 -62.23
C ARG MB 4 -23.99 36.20 -63.40
N GLY MB 5 -22.86 36.85 -63.15
CA GLY MB 5 -22.13 37.56 -64.20
C GLY MB 5 -21.55 36.74 -65.33
N LEU MB 6 -21.20 37.40 -66.43
CA LEU MB 6 -20.74 36.73 -67.65
C LEU MB 6 -19.45 35.95 -67.46
N ARG MB 7 -18.63 36.31 -66.49
CA ARG MB 7 -17.37 35.61 -66.26
C ARG MB 7 -17.43 34.71 -65.04
N THR MB 8 -18.63 34.32 -64.60
CA THR MB 8 -18.81 33.53 -63.40
C THR MB 8 -19.06 32.05 -63.68
N ALA MB 9 -18.70 31.56 -64.87
CA ALA MB 9 -18.84 30.14 -65.15
C ALA MB 9 -17.91 29.29 -64.29
N ARG MB 10 -16.70 29.80 -64.03
CA ARG MB 10 -15.77 29.09 -63.16
C ARG MB 10 -16.30 28.98 -61.74
N LYS MB 11 -16.85 30.09 -61.22
CA LYS MB 11 -17.38 30.09 -59.86
C LYS MB 11 -18.59 29.18 -59.74
N LEU MB 12 -19.48 29.23 -60.74
CA LEU MB 12 -20.65 28.36 -60.76
C LEU MB 12 -20.27 26.88 -60.84
N ARG MB 13 -19.34 26.54 -61.72
CA ARG MB 13 -18.89 25.16 -61.88
C ARG MB 13 -18.18 24.63 -60.65
N SER MB 14 -17.27 25.42 -60.07
CA SER MB 14 -16.54 24.98 -58.90
C SER MB 14 -17.43 24.87 -57.68
N HIS MB 15 -18.38 25.79 -57.51
CA HIS MB 15 -19.32 25.72 -56.41
C HIS MB 15 -20.24 24.51 -56.54
N ARG MB 16 -20.75 24.25 -57.74
CA ARG MB 16 -21.62 23.09 -57.96
C ARG MB 16 -20.86 21.79 -57.75
N ARG MB 17 -19.60 21.75 -58.19
CA ARG MB 17 -18.77 20.57 -58.00
C ARG MB 17 -18.48 20.32 -56.52
N ASP MB 18 -18.21 21.37 -55.76
CA ASP MB 18 -17.99 21.25 -54.33
C ASP MB 18 -19.26 20.91 -53.56
N GLN MB 19 -20.42 21.36 -54.04
CA GLN MB 19 -21.69 21.06 -53.40
C GLN MB 19 -22.26 19.72 -53.82
N LYS MB 20 -21.67 19.07 -54.83
CA LYS MB 20 -22.02 17.69 -55.09
C LYS MB 20 -21.66 16.76 -53.97
N TRP MB 21 -20.59 17.04 -53.25
CA TRP MB 21 -20.13 16.11 -52.24
C TRP MB 21 -20.97 16.14 -50.98
N HIS MB 22 -21.89 17.09 -50.86
CA HIS MB 22 -22.86 17.07 -49.78
C HIS MB 22 -24.12 16.32 -50.18
N ASP MB 23 -24.17 15.83 -51.40
CA ASP MB 23 -25.29 14.98 -51.80
C ASP MB 23 -24.99 13.55 -51.36
N LYS MB 24 -25.95 12.91 -50.68
CA LYS MB 24 -25.73 11.55 -50.19
C LYS MB 24 -25.68 10.56 -51.35
N GLN MB 25 -26.54 10.73 -52.35
CA GLN MB 25 -26.58 9.77 -53.45
C GLN MB 25 -25.41 9.94 -54.41
N TYR MB 26 -24.75 11.10 -54.39
CA TYR MB 26 -23.55 11.31 -55.20
C TYR MB 26 -22.29 10.86 -54.47
N LYS MB 27 -22.17 11.15 -53.17
CA LYS MB 27 -20.98 10.81 -52.41
C LYS MB 27 -20.79 9.32 -52.26
N LYS MB 28 -21.89 8.58 -52.03
CA LYS MB 28 -21.84 7.14 -51.96
C LYS MB 28 -21.42 6.52 -53.29
N ALA MB 29 -21.92 7.06 -54.40
CA ALA MB 29 -21.61 6.53 -55.72
C ALA MB 29 -20.22 6.91 -56.21
N HIS MB 30 -19.68 8.04 -55.76
CA HIS MB 30 -18.45 8.57 -56.34
C HIS MB 30 -17.27 8.56 -55.38
N LEU MB 31 -17.45 8.14 -54.13
CA LEU MB 31 -16.33 7.76 -53.28
C LEU MB 31 -16.20 6.25 -53.25
N GLY MB 32 -14.96 5.77 -53.15
CA GLY MB 32 -14.71 4.35 -53.25
C GLY MB 32 -15.08 3.55 -52.03
N THR MB 33 -15.15 4.19 -50.86
CA THR MB 33 -15.26 3.46 -49.60
C THR MB 33 -16.61 2.77 -49.46
N ALA MB 34 -17.65 3.31 -50.09
CA ALA MB 34 -18.93 2.61 -50.16
C ALA MB 34 -18.82 1.31 -50.96
N LEU MB 35 -18.12 1.35 -52.09
CA LEU MB 35 -17.91 0.15 -52.89
C LEU MB 35 -16.97 -0.84 -52.19
N LYS MB 36 -16.03 -0.35 -51.39
CA LYS MB 36 -15.18 -1.24 -50.61
C LYS MB 36 -15.95 -1.93 -49.50
N ALA MB 37 -16.84 -1.21 -48.82
CA ALA MB 37 -17.65 -1.82 -47.78
C ALA MB 37 -18.81 -2.64 -48.33
N ASN MB 38 -19.14 -2.45 -49.60
CA ASN MB 38 -20.15 -3.26 -50.27
C ASN MB 38 -19.64 -4.69 -50.37
N PRO MB 39 -20.36 -5.68 -49.84
CA PRO MB 39 -19.89 -7.07 -49.96
C PRO MB 39 -19.94 -7.61 -51.37
N PHE MB 40 -20.67 -6.98 -52.29
CA PHE MB 40 -20.72 -7.44 -53.66
C PHE MB 40 -19.71 -6.74 -54.55
N GLY MB 41 -19.26 -5.55 -54.16
CA GLY MB 41 -18.28 -4.81 -54.95
C GLY MB 41 -18.78 -4.32 -56.28
N GLY MB 42 -20.03 -3.88 -56.36
CA GLY MB 42 -20.60 -3.47 -57.63
C GLY MB 42 -21.24 -4.57 -58.42
N ALA MB 43 -21.19 -5.81 -57.93
CA ALA MB 43 -21.80 -6.95 -58.59
C ALA MB 43 -23.27 -7.03 -58.20
N SER MB 44 -24.09 -7.48 -59.15
CA SER MB 44 -25.50 -7.69 -58.83
C SER MB 44 -25.72 -8.97 -58.03
N HIS MB 45 -24.97 -10.02 -58.34
CA HIS MB 45 -25.12 -11.31 -57.68
C HIS MB 45 -23.76 -11.79 -57.22
N ALA MB 46 -23.77 -12.78 -56.33
CA ALA MB 46 -22.53 -13.40 -55.90
C ALA MB 46 -22.82 -14.83 -55.48
N LYS MB 47 -21.88 -15.71 -55.74
CA LYS MB 47 -21.96 -17.09 -55.30
C LYS MB 47 -21.25 -17.22 -53.96
N GLY MB 48 -21.86 -17.95 -53.04
CA GLY MB 48 -21.29 -18.16 -51.73
C GLY MB 48 -21.50 -19.58 -51.27
N ILE MB 49 -20.89 -19.90 -50.14
CA ILE MB 49 -21.00 -21.21 -49.51
C ILE MB 49 -21.80 -21.05 -48.22
N VAL MB 50 -22.81 -21.88 -48.04
CA VAL MB 50 -23.63 -21.81 -46.84
C VAL MB 50 -22.82 -22.30 -45.65
N LEU MB 51 -22.59 -21.40 -44.70
CA LEU MB 51 -21.97 -21.78 -43.45
C LEU MB 51 -22.97 -22.19 -42.39
N GLU MB 52 -24.13 -21.55 -42.33
CA GLU MB 52 -25.06 -21.87 -41.26
C GLU MB 52 -26.48 -21.50 -41.69
N LYS MB 53 -27.45 -22.20 -41.14
CA LYS MB 53 -28.87 -21.89 -41.30
C LYS MB 53 -29.31 -21.24 -39.99
N VAL MB 54 -29.59 -19.94 -40.03
CA VAL MB 54 -29.77 -19.18 -38.81
C VAL MB 54 -31.19 -18.65 -38.73
N GLY MB 55 -31.61 -18.33 -37.51
CA GLY MB 55 -32.91 -17.74 -37.29
C GLY MB 55 -32.82 -16.35 -36.71
N VAL MB 56 -33.18 -15.34 -37.50
CA VAL MB 56 -33.10 -13.95 -37.08
C VAL MB 56 -34.48 -13.53 -36.58
N GLU MB 57 -34.54 -13.03 -35.35
CA GLU MB 57 -35.77 -12.48 -34.83
C GLU MB 57 -36.14 -11.20 -35.58
N ALA MB 58 -37.42 -11.03 -35.88
CA ALA MB 58 -37.87 -9.82 -36.54
C ALA MB 58 -37.91 -8.65 -35.57
N LYS MB 59 -38.21 -7.47 -36.10
CA LYS MB 59 -38.27 -6.21 -35.35
C LYS MB 59 -39.55 -6.09 -34.53
N GLN MB 60 -39.87 -4.85 -34.16
CA GLN MB 60 -41.11 -4.47 -33.48
C GLN MB 60 -42.26 -4.53 -34.49
N PRO MB 61 -43.47 -4.06 -34.18
CA PRO MB 61 -44.62 -4.95 -33.96
C PRO MB 61 -44.61 -6.31 -34.63
N ASN MB 62 -44.22 -6.44 -35.90
CA ASN MB 62 -44.19 -7.72 -36.57
C ASN MB 62 -43.23 -8.71 -35.90
N SER MB 63 -43.81 -9.79 -35.35
CA SER MB 63 -43.07 -10.76 -34.55
C SER MB 63 -43.03 -12.08 -35.31
N ALA MB 64 -41.83 -12.46 -35.76
CA ALA MB 64 -41.62 -13.71 -36.46
C ALA MB 64 -40.15 -14.09 -36.34
N ILE MB 65 -39.86 -15.34 -36.65
CA ILE MB 65 -38.49 -15.84 -36.73
C ILE MB 65 -38.18 -15.99 -38.22
N ARG MB 66 -37.52 -14.98 -38.80
CA ARG MB 66 -37.12 -15.07 -40.19
C ARG MB 66 -36.02 -16.11 -40.34
N LYS MB 67 -36.07 -16.86 -41.42
CA LYS MB 67 -35.15 -17.97 -41.64
C LYS MB 67 -34.07 -17.52 -42.60
N CYS MB 68 -32.93 -17.12 -42.05
CA CYS MB 68 -31.86 -16.57 -42.86
C CYS MB 68 -30.71 -17.58 -42.96
N VAL MB 69 -29.69 -17.21 -43.72
CA VAL MB 69 -28.55 -18.08 -43.96
C VAL MB 69 -27.26 -17.28 -43.82
N ARG MB 70 -26.32 -17.84 -43.06
CA ARG MB 70 -24.97 -17.30 -42.91
C ARG MB 70 -24.14 -17.86 -44.06
N VAL MB 71 -23.76 -16.97 -44.99
CA VAL MB 71 -23.10 -17.32 -46.25
C VAL MB 71 -21.70 -16.72 -46.22
N GLN MB 72 -20.74 -17.40 -46.83
CA GLN MB 72 -19.41 -16.85 -47.05
C GLN MB 72 -19.19 -16.71 -48.55
N LEU MB 73 -19.02 -15.49 -49.02
CA LEU MB 73 -18.86 -15.24 -50.45
C LEU MB 73 -17.52 -15.76 -50.94
N ILE MB 74 -17.45 -15.99 -52.25
CA ILE MB 74 -16.29 -16.62 -52.86
C ILE MB 74 -15.32 -15.60 -53.44
N LYS MB 75 -15.86 -14.55 -54.08
CA LYS MB 75 -15.03 -13.50 -54.66
C LYS MB 75 -14.28 -12.69 -53.60
N ASN MB 76 -14.76 -12.68 -52.37
CA ASN MB 76 -14.17 -11.88 -51.31
C ASN MB 76 -13.70 -12.70 -50.12
N GLY MB 77 -14.33 -13.84 -49.84
CA GLY MB 77 -14.15 -14.51 -48.57
C GLY MB 77 -14.93 -13.91 -47.43
N LYS MB 78 -15.81 -12.95 -47.72
CA LYS MB 78 -16.46 -12.16 -46.70
C LYS MB 78 -17.84 -12.72 -46.38
N LYS MB 79 -18.11 -12.83 -45.09
CA LYS MB 79 -19.30 -13.52 -44.57
C LYS MB 79 -20.45 -12.53 -44.47
N ILE MB 80 -21.57 -12.86 -45.11
CA ILE MB 80 -22.79 -12.06 -45.07
C ILE MB 80 -23.91 -12.92 -44.51
N THR MB 81 -25.06 -12.28 -44.33
CA THR MB 81 -26.30 -12.97 -43.96
C THR MB 81 -27.33 -12.66 -45.03
N ALA MB 82 -27.83 -13.70 -45.69
CA ALA MB 82 -28.82 -13.56 -46.74
C ALA MB 82 -30.16 -14.10 -46.25
N PHE MB 83 -31.24 -13.72 -46.93
CA PHE MB 83 -32.56 -14.16 -46.55
C PHE MB 83 -33.06 -15.23 -47.51
N VAL MB 84 -33.51 -16.35 -46.94
CA VAL MB 84 -34.15 -17.41 -47.70
C VAL MB 84 -35.64 -17.08 -47.79
N PRO MB 85 -36.15 -16.60 -48.94
CA PRO MB 85 -37.42 -15.86 -48.97
C PRO MB 85 -38.68 -16.60 -48.54
N ASN MB 86 -39.08 -17.67 -49.25
CA ASN MB 86 -40.45 -18.14 -49.19
C ASN MB 86 -40.66 -19.14 -48.06
N ASP MB 87 -41.79 -19.86 -48.14
CA ASP MB 87 -42.23 -20.76 -47.09
C ASP MB 87 -41.60 -22.14 -47.25
N GLY MB 88 -40.86 -22.58 -46.24
CA GLY MB 88 -40.27 -23.91 -46.27
C GLY MB 88 -39.01 -24.03 -47.09
N CYS MB 89 -38.48 -22.94 -47.63
CA CYS MB 89 -37.36 -23.01 -48.54
C CYS MB 89 -36.03 -23.26 -47.85
N LEU MB 90 -35.97 -23.22 -46.52
CA LEU MB 90 -34.72 -23.54 -45.83
C LEU MB 90 -34.42 -25.03 -45.85
N ASN MB 91 -35.42 -25.86 -46.14
CA ASN MB 91 -35.17 -27.29 -46.29
C ASN MB 91 -34.40 -27.59 -47.58
N PHE MB 92 -34.60 -26.78 -48.60
CA PHE MB 92 -33.93 -26.97 -49.89
C PHE MB 92 -32.53 -26.39 -49.91
N ILE MB 93 -32.09 -25.76 -48.82
CA ILE MB 93 -30.74 -25.25 -48.65
C ILE MB 93 -30.07 -26.02 -47.53
N GLU MB 94 -28.91 -26.60 -47.83
CA GLU MB 94 -28.17 -27.36 -46.83
C GLU MB 94 -26.91 -26.62 -46.42
N GLU MB 95 -26.41 -26.97 -45.23
CA GLU MB 95 -25.13 -26.48 -44.79
C GLU MB 95 -24.02 -27.05 -45.65
N ASN MB 96 -23.00 -26.23 -45.92
CA ASN MB 96 -21.94 -26.46 -46.90
C ASN MB 96 -22.56 -26.71 -48.29
N ASP MB 97 -23.21 -25.66 -48.81
CA ASP MB 97 -23.72 -25.68 -50.16
C ASP MB 97 -23.55 -24.31 -50.80
N GLU MB 98 -23.48 -24.30 -52.12
CA GLU MB 98 -23.17 -23.09 -52.88
C GLU MB 98 -24.46 -22.47 -53.40
N VAL MB 99 -24.71 -21.25 -52.97
CA VAL MB 99 -25.91 -20.51 -53.33
C VAL MB 99 -25.54 -19.33 -54.21
N LEU MB 100 -26.52 -18.84 -54.95
CA LEU MB 100 -26.43 -17.55 -55.61
C LEU MB 100 -27.28 -16.55 -54.83
N VAL MB 101 -26.68 -15.42 -54.50
CA VAL MB 101 -27.25 -14.44 -53.59
C VAL MB 101 -27.32 -13.11 -54.33
N ALA MB 102 -28.50 -12.51 -54.34
CA ALA MB 102 -28.70 -11.17 -54.85
C ALA MB 102 -28.99 -10.22 -53.70
N GLY MB 103 -29.18 -8.95 -54.03
CA GLY MB 103 -29.69 -8.01 -53.04
C GLY MB 103 -31.17 -8.21 -52.82
N PHE MB 104 -31.75 -7.44 -51.90
CA PHE MB 104 -33.18 -7.62 -51.75
C PHE MB 104 -33.96 -6.50 -52.44
N GLY MB 105 -33.35 -5.35 -52.67
CA GLY MB 105 -33.99 -4.34 -53.49
C GLY MB 105 -33.75 -2.90 -53.12
N ARG MB 106 -33.33 -2.62 -51.88
CA ARG MB 106 -33.11 -1.25 -51.44
C ARG MB 106 -31.63 -0.86 -51.42
N LYS MB 107 -30.80 -1.60 -52.16
CA LYS MB 107 -29.44 -1.21 -52.54
C LYS MB 107 -28.52 -1.07 -51.32
N GLY MB 108 -28.40 -2.15 -50.56
CA GLY MB 108 -27.59 -2.12 -49.35
C GLY MB 108 -28.28 -1.50 -48.17
N HIS MB 109 -29.59 -1.72 -48.03
CA HIS MB 109 -30.38 -1.22 -46.92
C HIS MB 109 -31.15 -2.41 -46.39
N ALA MB 110 -31.24 -2.53 -45.07
CA ALA MB 110 -32.11 -3.51 -44.42
C ALA MB 110 -33.57 -3.25 -44.79
N VAL MB 111 -34.27 -4.33 -45.13
CA VAL MB 111 -35.61 -4.21 -45.70
C VAL MB 111 -36.62 -4.81 -44.73
N GLY MB 112 -37.72 -4.08 -44.48
CA GLY MB 112 -38.92 -4.56 -43.84
C GLY MB 112 -38.73 -4.95 -42.39
N ASP MB 113 -39.08 -6.21 -42.09
CA ASP MB 113 -39.08 -6.67 -40.71
C ASP MB 113 -37.68 -6.98 -40.20
N ILE MB 114 -36.73 -7.17 -41.10
CA ILE MB 114 -35.52 -7.95 -40.78
C ILE MB 114 -34.34 -7.04 -40.39
N PRO MB 115 -33.72 -7.24 -39.22
CA PRO MB 115 -32.49 -6.51 -38.89
C PRO MB 115 -31.37 -6.84 -39.85
N GLY MB 116 -30.87 -5.81 -40.54
CA GLY MB 116 -29.54 -5.82 -41.11
C GLY MB 116 -29.37 -6.60 -42.39
N VAL MB 117 -30.28 -7.51 -42.70
CA VAL MB 117 -30.13 -8.37 -43.86
C VAL MB 117 -30.49 -7.58 -45.11
N ARG MB 118 -29.56 -7.50 -46.04
CA ARG MB 118 -29.77 -6.79 -47.30
C ARG MB 118 -29.53 -7.72 -48.49
N PHE MB 119 -29.58 -9.02 -48.26
CA PHE MB 119 -29.31 -10.01 -49.29
C PHE MB 119 -30.36 -11.11 -49.24
N LYS MB 120 -30.61 -11.73 -50.39
CA LYS MB 120 -31.53 -12.84 -50.48
C LYS MB 120 -30.99 -13.90 -51.43
N VAL MB 121 -31.58 -15.08 -51.38
CA VAL MB 121 -31.09 -16.24 -52.10
C VAL MB 121 -31.99 -16.53 -53.30
N VAL MB 122 -31.40 -16.65 -54.47
CA VAL MB 122 -32.15 -16.91 -55.70
C VAL MB 122 -31.93 -18.34 -56.22
N LYS MB 123 -30.72 -18.88 -56.03
CA LYS MB 123 -30.40 -20.23 -56.48
C LYS MB 123 -29.68 -20.96 -55.36
N VAL MB 124 -29.75 -22.28 -55.39
CA VAL MB 124 -29.00 -23.14 -54.48
C VAL MB 124 -28.62 -24.42 -55.21
N ALA MB 125 -27.32 -24.74 -55.22
CA ALA MB 125 -26.72 -25.87 -55.96
C ALA MB 125 -27.09 -25.86 -57.45
N ASN MB 126 -27.03 -24.67 -58.07
CA ASN MB 126 -27.28 -24.41 -59.49
C ASN MB 126 -28.71 -24.78 -59.91
N VAL MB 127 -29.66 -24.79 -58.98
CA VAL MB 127 -31.07 -24.86 -59.30
C VAL MB 127 -31.78 -23.81 -58.46
N SER MB 128 -32.71 -23.07 -59.08
CA SER MB 128 -33.28 -21.91 -58.43
C SER MB 128 -34.29 -22.30 -57.36
N LEU MB 129 -34.29 -21.51 -56.28
CA LEU MB 129 -35.21 -21.68 -55.18
C LEU MB 129 -36.66 -21.44 -55.57
N LEU MB 130 -36.92 -20.61 -56.58
CA LEU MB 130 -38.29 -20.46 -57.08
C LEU MB 130 -38.79 -21.73 -57.75
N ALA MB 131 -37.96 -22.40 -58.55
CA ALA MB 131 -38.30 -23.69 -59.11
C ALA MB 131 -38.46 -24.76 -58.04
N LEU MB 132 -37.59 -24.75 -57.03
CA LEU MB 132 -37.73 -25.72 -55.94
C LEU MB 132 -38.97 -25.46 -55.09
N TYR MB 133 -39.40 -24.20 -55.00
CA TYR MB 133 -40.64 -23.87 -54.30
C TYR MB 133 -41.85 -24.32 -55.09
N LYS MB 134 -41.87 -24.05 -56.39
CA LYS MB 134 -43.02 -24.36 -57.23
C LYS MB 134 -43.05 -25.83 -57.65
N GLY MB 135 -42.00 -26.58 -57.38
CA GLY MB 135 -41.99 -27.99 -57.75
C GLY MB 135 -41.64 -28.24 -59.19
N LYS MB 136 -41.08 -27.24 -59.88
CA LYS MB 136 -40.69 -27.43 -61.27
C LYS MB 136 -39.44 -28.29 -61.40
N LYS MB 137 -38.45 -28.05 -60.55
CA LYS MB 137 -37.25 -28.88 -60.52
C LYS MB 137 -36.99 -29.30 -59.08
N GLU MB 138 -36.55 -30.54 -58.92
CA GLU MB 138 -36.26 -31.13 -57.62
C GLU MB 138 -34.82 -30.85 -57.25
N ARG MB 139 -34.51 -31.03 -55.97
CA ARG MB 139 -33.15 -30.83 -55.50
C ARG MB 139 -32.29 -32.00 -55.93
N PRO MB 140 -31.23 -31.79 -56.72
CA PRO MB 140 -30.35 -32.90 -57.10
C PRO MB 140 -29.56 -33.40 -55.90
N ARG MB 141 -29.30 -34.71 -55.90
CA ARG MB 141 -28.67 -35.34 -54.75
C ARG MB 141 -27.85 -36.56 -55.16
N THR NB 1 -47.47 -22.19 -119.39
CA THR NB 1 -47.71 -21.25 -118.30
C THR NB 1 -46.42 -20.49 -117.96
N VAL NB 2 -45.29 -21.20 -118.00
CA VAL NB 2 -44.00 -20.60 -117.70
C VAL NB 2 -43.61 -19.65 -118.82
N THR NB 3 -43.42 -18.37 -118.48
CA THR NB 3 -43.03 -17.31 -119.40
C THR NB 3 -41.71 -16.72 -118.90
N ILE NB 4 -40.87 -16.27 -119.82
CA ILE NB 4 -39.63 -15.60 -119.47
C ILE NB 4 -39.60 -14.24 -120.17
N ARG NB 5 -39.19 -13.21 -119.43
CA ARG NB 5 -38.91 -11.90 -119.99
C ARG NB 5 -37.48 -11.52 -119.63
N THR NB 6 -36.89 -10.62 -120.41
CA THR NB 6 -35.57 -10.09 -120.10
C THR NB 6 -35.63 -8.59 -119.86
N ARG NB 7 -34.78 -8.14 -118.95
CA ARG NB 7 -34.74 -6.75 -118.50
C ARG NB 7 -33.29 -6.35 -118.33
N LYS NB 8 -33.00 -5.06 -118.55
CA LYS NB 8 -31.66 -4.47 -118.46
C LYS NB 8 -30.64 -5.24 -119.32
N PHE NB 9 -31.05 -5.53 -120.55
CA PHE NB 9 -30.18 -6.22 -121.47
C PHE NB 9 -29.02 -5.32 -121.87
N MET NB 10 -27.82 -5.88 -121.88
CA MET NB 10 -26.66 -5.08 -122.16
C MET NB 10 -25.55 -5.98 -122.68
N THR NB 11 -25.11 -5.69 -123.91
CA THR NB 11 -24.02 -6.46 -124.51
C THR NB 11 -22.71 -6.05 -123.86
N ASN NB 12 -21.71 -6.91 -123.97
CA ASN NB 12 -20.45 -6.72 -123.27
C ASN NB 12 -19.34 -7.18 -124.21
N ARG NB 13 -18.72 -6.23 -124.89
CA ARG NB 13 -17.60 -6.57 -125.77
C ARG NB 13 -16.30 -6.74 -124.99
N LEU NB 14 -16.36 -6.76 -123.66
CA LEU NB 14 -15.20 -6.79 -122.78
C LEU NB 14 -14.91 -8.21 -122.30
N LEU NB 15 -15.94 -8.92 -121.87
CA LEU NB 15 -15.85 -10.34 -121.55
C LEU NB 15 -16.50 -11.20 -122.62
N GLN NB 16 -16.95 -10.58 -123.72
CA GLN NB 16 -17.69 -11.23 -124.82
C GLN NB 16 -18.96 -11.90 -124.30
N ARG NB 17 -19.87 -11.06 -123.83
CA ARG NB 17 -21.06 -11.49 -123.10
C ARG NB 17 -22.27 -10.73 -123.63
N LYS NB 18 -23.45 -11.21 -123.25
CA LYS NB 18 -24.66 -10.41 -123.23
C LYS NB 18 -25.32 -10.68 -121.88
N GLN NB 19 -25.40 -9.66 -121.03
CA GLN NB 19 -25.89 -9.84 -119.68
C GLN NB 19 -27.28 -9.23 -119.53
N MET NB 20 -28.19 -9.98 -118.91
CA MET NB 20 -29.55 -9.50 -118.72
C MET NB 20 -30.14 -10.12 -117.46
N VAL NB 21 -31.16 -9.45 -116.94
CA VAL NB 21 -31.95 -9.88 -115.79
C VAL NB 21 -33.12 -10.70 -116.33
N ILE NB 22 -33.32 -11.88 -115.76
CA ILE NB 22 -34.35 -12.80 -116.21
C ILE NB 22 -35.53 -12.68 -115.27
N ASP NB 23 -36.71 -12.46 -115.84
CA ASP NB 23 -37.95 -12.35 -115.10
C ASP NB 23 -38.81 -13.56 -115.45
N VAL NB 24 -38.94 -14.50 -114.53
CA VAL NB 24 -39.56 -15.79 -114.82
C VAL NB 24 -40.97 -15.77 -114.23
N LEU NB 25 -41.96 -15.66 -115.10
CA LEU NB 25 -43.37 -15.65 -114.72
C LEU NB 25 -43.86 -17.09 -114.71
N HIS NB 26 -44.02 -17.67 -113.52
CA HIS NB 26 -44.51 -19.05 -113.39
C HIS NB 26 -45.63 -19.14 -112.35
N PRO NB 27 -46.83 -18.66 -112.69
CA PRO NB 27 -47.92 -18.70 -111.71
C PRO NB 27 -48.44 -20.11 -111.48
N GLY NB 28 -48.69 -20.45 -110.22
CA GLY NB 28 -49.23 -21.73 -109.87
C GLY NB 28 -48.24 -22.87 -109.86
N LYS NB 29 -46.96 -22.59 -110.09
CA LYS NB 29 -45.93 -23.60 -110.27
C LYS NB 29 -44.79 -23.36 -109.30
N ALA NB 30 -44.02 -24.40 -109.04
CA ALA NB 30 -42.77 -24.22 -108.33
C ALA NB 30 -41.78 -23.49 -109.24
N THR NB 31 -40.71 -22.97 -108.63
CA THR NB 31 -39.79 -22.14 -109.38
C THR NB 31 -38.97 -22.97 -110.35
N VAL NB 32 -38.61 -22.33 -111.44
CA VAL NB 32 -38.31 -23.11 -112.64
C VAL NB 32 -36.83 -23.52 -112.59
N PRO NB 33 -36.46 -24.75 -112.98
CA PRO NB 33 -35.03 -25.10 -113.04
C PRO NB 33 -34.24 -24.28 -114.07
N LYS NB 34 -32.95 -24.16 -113.74
CA LYS NB 34 -32.03 -23.30 -114.48
C LYS NB 34 -31.81 -23.79 -115.90
N THR NB 35 -31.80 -25.11 -116.12
CA THR NB 35 -31.62 -25.67 -117.46
C THR NB 35 -32.79 -25.32 -118.37
N GLU NB 36 -34.01 -25.39 -117.83
CA GLU NB 36 -35.19 -25.01 -118.60
C GLU NB 36 -35.13 -23.52 -118.91
N ILE NB 37 -34.69 -22.72 -117.93
CA ILE NB 37 -34.58 -21.27 -118.15
C ILE NB 37 -33.57 -20.98 -119.24
N ARG NB 38 -32.46 -21.72 -119.27
CA ARG NB 38 -31.46 -21.58 -120.33
C ARG NB 38 -32.04 -21.90 -121.70
N GLU NB 39 -32.79 -23.00 -121.84
CA GLU NB 39 -33.28 -23.35 -123.16
C GLU NB 39 -34.43 -22.44 -123.61
N LYS NB 40 -35.24 -21.96 -122.68
CA LYS NB 40 -36.28 -21.00 -123.04
C LYS NB 40 -35.70 -19.65 -123.42
N LEU NB 41 -34.60 -19.24 -122.79
CA LEU NB 41 -33.89 -18.05 -123.23
C LEU NB 41 -33.20 -18.27 -124.57
N ALA NB 42 -32.73 -19.49 -124.80
CA ALA NB 42 -32.03 -19.84 -126.04
C ALA NB 42 -32.94 -19.73 -127.25
N LYS NB 43 -34.17 -20.24 -127.12
CA LYS NB 43 -35.16 -20.09 -128.18
C LYS NB 43 -35.51 -18.62 -128.42
N MET NB 44 -35.56 -17.83 -127.34
CA MET NB 44 -35.85 -16.40 -127.41
C MET NB 44 -34.77 -15.61 -128.14
N TYR NB 45 -33.50 -15.90 -127.88
CA TYR NB 45 -32.40 -15.11 -128.41
C TYR NB 45 -31.69 -15.75 -129.60
N LYS NB 46 -32.16 -16.93 -130.04
CA LYS NB 46 -31.64 -17.67 -131.21
C LYS NB 46 -30.15 -17.99 -131.03
N THR NB 47 -29.87 -18.74 -129.96
CA THR NB 47 -28.51 -19.10 -129.58
C THR NB 47 -28.57 -20.53 -129.05
N THR NB 48 -27.48 -21.28 -129.20
CA THR NB 48 -27.40 -22.63 -128.66
C THR NB 48 -27.39 -22.59 -127.14
N PRO NB 49 -28.16 -23.47 -126.48
CA PRO NB 49 -28.27 -23.40 -125.01
C PRO NB 49 -27.11 -23.98 -124.21
N ASP NB 50 -25.93 -24.15 -124.82
CA ASP NB 50 -24.76 -24.59 -124.07
C ASP NB 50 -23.83 -23.44 -123.68
N VAL NB 51 -24.16 -22.20 -124.03
CA VAL NB 51 -23.31 -21.06 -123.72
C VAL NB 51 -24.04 -20.05 -122.83
N ILE NB 52 -25.06 -20.50 -122.10
CA ILE NB 52 -25.94 -19.63 -121.33
C ILE NB 52 -25.83 -20.02 -119.87
N PHE NB 53 -25.43 -19.07 -119.02
CA PHE NB 53 -25.21 -19.32 -117.61
C PHE NB 53 -26.16 -18.43 -116.83
N VAL NB 54 -27.17 -19.03 -116.21
CA VAL NB 54 -28.18 -18.31 -115.44
C VAL NB 54 -28.00 -18.66 -113.98
N PHE NB 55 -28.27 -17.70 -113.10
CA PHE NB 55 -28.03 -17.88 -111.67
C PHE NB 55 -28.82 -16.82 -110.90
N GLY NB 56 -28.70 -16.89 -109.58
CA GLY NB 56 -29.21 -15.85 -108.70
C GLY NB 56 -30.70 -15.67 -108.69
N PHE NB 57 -31.47 -16.75 -108.71
CA PHE NB 57 -32.91 -16.65 -108.86
C PHE NB 57 -33.58 -16.55 -107.50
N ARG NB 58 -34.37 -15.50 -107.30
CA ARG NB 58 -35.21 -15.34 -106.11
C ARG NB 58 -36.65 -15.16 -106.56
N THR NB 59 -37.55 -15.97 -106.02
CA THR NB 59 -38.96 -15.85 -106.36
C THR NB 59 -39.68 -15.01 -105.32
N HIS NB 60 -40.57 -14.14 -105.77
CA HIS NB 60 -41.20 -13.19 -104.87
C HIS NB 60 -42.31 -13.86 -104.07
N PHE NB 61 -42.69 -13.22 -102.97
CA PHE NB 61 -43.73 -13.74 -102.11
C PHE NB 61 -45.08 -13.68 -102.82
N GLY NB 62 -45.86 -14.73 -102.67
CA GLY NB 62 -47.02 -14.95 -103.52
C GLY NB 62 -46.71 -15.90 -104.65
N GLY NB 63 -45.55 -15.75 -105.27
CA GLY NB 63 -45.04 -16.75 -106.18
C GLY NB 63 -45.56 -16.70 -107.60
N GLY NB 64 -45.66 -15.49 -108.15
CA GLY NB 64 -46.00 -15.36 -109.55
C GLY NB 64 -44.84 -14.89 -110.38
N LYS NB 65 -43.68 -14.68 -109.75
CA LYS NB 65 -42.58 -14.01 -110.43
C LYS NB 65 -41.26 -14.39 -109.77
N THR NB 66 -40.21 -14.44 -110.58
CA THR NB 66 -38.86 -14.79 -110.14
C THR NB 66 -37.86 -13.93 -110.88
N THR NB 67 -36.89 -13.38 -110.16
CA THR NB 67 -35.88 -12.51 -110.73
C THR NB 67 -34.50 -13.14 -110.55
N GLY NB 68 -33.73 -13.20 -111.64
CA GLY NB 68 -32.38 -13.72 -111.61
C GLY NB 68 -31.48 -12.97 -112.58
N PHE NB 69 -30.26 -13.46 -112.72
CA PHE NB 69 -29.29 -12.89 -113.65
C PHE NB 69 -28.87 -13.95 -114.66
N GLY NB 70 -28.61 -13.53 -115.90
CA GLY NB 70 -28.14 -14.43 -116.92
C GLY NB 70 -27.07 -13.87 -117.82
N MET NB 71 -26.18 -14.72 -118.30
CA MET NB 71 -25.00 -14.26 -118.98
C MET NB 71 -24.76 -15.24 -120.12
N ILE NB 72 -24.90 -14.77 -121.36
CA ILE NB 72 -24.79 -15.68 -122.50
C ILE NB 72 -23.51 -15.32 -123.21
N TYR NB 73 -22.95 -16.28 -123.91
CA TYR NB 73 -21.59 -16.11 -124.39
C TYR NB 73 -21.54 -16.22 -125.91
N ASP NB 74 -20.57 -15.52 -126.50
CA ASP NB 74 -20.35 -15.56 -127.94
C ASP NB 74 -19.82 -16.90 -128.42
N SER NB 75 -19.03 -17.59 -127.62
CA SER NB 75 -18.52 -18.90 -127.96
C SER NB 75 -18.21 -19.67 -126.68
N LEU NB 76 -18.16 -20.99 -126.82
CA LEU NB 76 -17.98 -21.85 -125.65
C LEU NB 76 -16.56 -21.81 -125.12
N ASP NB 77 -15.58 -21.46 -125.97
CA ASP NB 77 -14.22 -21.26 -125.47
C ASP NB 77 -14.13 -20.04 -124.56
N TYR NB 78 -14.81 -18.95 -124.94
CA TYR NB 78 -14.84 -17.77 -124.08
C TYR NB 78 -15.66 -18.04 -122.82
N ALA NB 79 -16.71 -18.86 -122.96
CA ALA NB 79 -17.50 -19.30 -121.81
C ALA NB 79 -16.69 -20.16 -120.86
N LYS NB 80 -15.70 -20.90 -121.38
CA LYS NB 80 -14.77 -21.60 -120.52
C LYS NB 80 -13.73 -20.68 -119.92
N LYS NB 81 -13.32 -19.64 -120.64
CA LYS NB 81 -12.22 -18.77 -120.21
C LYS NB 81 -12.63 -17.83 -119.08
N ASN NB 82 -13.64 -17.00 -119.29
CA ASN NB 82 -13.83 -15.91 -118.34
C ASN NB 82 -15.11 -16.06 -117.51
N GLU NB 83 -15.32 -17.26 -116.96
CA GLU NB 83 -16.48 -17.60 -116.15
C GLU NB 83 -16.02 -18.11 -114.80
N PRO NB 84 -16.82 -17.89 -113.74
CA PRO NB 84 -16.54 -18.55 -112.45
C PRO NB 84 -16.55 -20.06 -112.54
N LYS NB 85 -15.61 -20.65 -111.78
CA LYS NB 85 -15.41 -22.09 -111.78
C LYS NB 85 -16.62 -22.83 -111.22
N HIS NB 86 -17.32 -22.20 -110.27
CA HIS NB 86 -18.48 -22.85 -109.69
C HIS NB 86 -19.67 -22.87 -110.65
N ARG NB 87 -19.82 -21.86 -111.50
CA ARG NB 87 -20.83 -21.91 -112.53
C ARG NB 87 -20.48 -22.91 -113.62
N LEU NB 88 -19.18 -23.03 -113.95
CA LEU NB 88 -18.77 -24.09 -114.87
C LEU NB 88 -19.02 -25.47 -114.28
N ALA NB 89 -18.79 -25.65 -112.97
CA ALA NB 89 -19.05 -26.93 -112.32
C ALA NB 89 -20.55 -27.21 -112.16
N ARG NB 90 -21.37 -26.17 -112.04
CA ARG NB 90 -22.81 -26.38 -112.09
C ARG NB 90 -23.26 -26.80 -113.48
N HIS NB 91 -22.61 -26.29 -114.52
CA HIS NB 91 -22.83 -26.83 -115.86
C HIS NB 91 -22.24 -28.23 -116.03
N GLY NB 92 -21.28 -28.61 -115.19
CA GLY NB 92 -20.66 -29.91 -115.27
C GLY NB 92 -19.43 -29.99 -116.13
N LEU NB 93 -19.08 -28.91 -116.84
CA LEU NB 93 -17.89 -28.88 -117.70
C LEU NB 93 -16.62 -28.58 -116.93
N TYR NB 94 -16.64 -28.70 -115.61
CA TYR NB 94 -15.45 -28.47 -114.79
C TYR NB 94 -15.62 -29.31 -113.53
N GLU NB 95 -14.53 -29.96 -113.11
CA GLU NB 95 -14.50 -30.70 -111.86
C GLU NB 95 -13.32 -30.22 -111.03
N LYS NB 96 -13.61 -29.71 -109.84
CA LYS NB 96 -12.56 -29.38 -108.90
C LYS NB 96 -12.23 -30.60 -108.05
N LYS NB 97 -11.05 -30.56 -107.42
CA LYS NB 97 -10.64 -31.64 -106.54
C LYS NB 97 -11.49 -31.63 -105.27
N LYS NB 98 -11.50 -32.78 -104.61
CA LYS NB 98 -12.22 -32.93 -103.36
C LYS NB 98 -11.47 -32.36 -102.16
N THR NB 99 -10.23 -31.90 -102.38
CA THR NB 99 -9.26 -31.76 -101.29
C THR NB 99 -9.68 -30.69 -100.30
N SER NB 100 -9.44 -30.98 -99.02
CA SER NB 100 -9.89 -30.12 -97.94
C SER NB 100 -9.00 -28.89 -97.84
N ARG NB 101 -9.35 -27.99 -96.93
CA ARG NB 101 -8.53 -26.85 -96.59
C ARG NB 101 -7.66 -27.13 -95.37
N LYS NB 102 -8.24 -27.83 -94.40
CA LYS NB 102 -7.55 -28.19 -93.16
C LYS NB 102 -6.34 -29.10 -93.44
N GLN NB 103 -6.56 -30.18 -94.17
CA GLN NB 103 -5.47 -31.13 -94.43
C GLN NB 103 -4.46 -30.56 -95.42
N ARG NB 104 -4.90 -29.68 -96.32
CA ARG NB 104 -3.98 -29.05 -97.25
C ARG NB 104 -3.06 -28.06 -96.54
N LYS NB 105 -3.61 -27.28 -95.60
CA LYS NB 105 -2.81 -26.43 -94.74
C LYS NB 105 -1.88 -27.23 -93.84
N GLU NB 106 -2.34 -28.37 -93.32
CA GLU NB 106 -1.47 -29.20 -92.49
C GLU NB 106 -0.35 -29.84 -93.30
N ARG NB 107 -0.62 -30.21 -94.54
CA ARG NB 107 0.45 -30.72 -95.41
C ARG NB 107 1.43 -29.62 -95.78
N LYS NB 108 0.95 -28.39 -95.96
CA LYS NB 108 1.84 -27.26 -96.20
C LYS NB 108 2.74 -27.00 -94.99
N ASN NB 109 2.17 -27.03 -93.78
CA ASN NB 109 3.00 -26.84 -92.60
C ASN NB 109 3.84 -28.06 -92.26
N ARG NB 110 3.58 -29.21 -92.89
CA ARG NB 110 4.46 -30.35 -92.72
C ARG NB 110 5.59 -30.36 -93.74
N MET NB 111 5.37 -29.81 -94.93
CA MET NB 111 6.48 -29.66 -95.86
C MET NB 111 7.30 -28.41 -95.56
N LYS NB 112 6.81 -27.54 -94.68
CA LYS NB 112 7.65 -26.45 -94.19
C LYS NB 112 8.82 -26.92 -93.34
N LYS NB 113 8.71 -28.07 -92.68
CA LYS NB 113 9.78 -28.56 -91.81
C LYS NB 113 10.92 -29.21 -92.56
N VAL NB 114 10.80 -29.43 -93.87
CA VAL NB 114 11.79 -30.17 -94.64
C VAL NB 114 12.33 -29.26 -95.74
N ARG NB 115 13.57 -29.50 -96.14
CA ARG NB 115 14.26 -28.69 -97.12
C ARG NB 115 14.68 -29.54 -98.31
N GLY NB 116 14.83 -28.91 -99.46
CA GLY NB 116 15.20 -29.61 -100.67
C GLY NB 116 14.07 -30.40 -101.28
N THR NB 117 14.39 -31.57 -101.85
CA THR NB 117 13.43 -32.36 -102.61
C THR NB 117 12.60 -33.30 -101.74
N ALA NB 118 12.71 -33.21 -100.42
CA ALA NB 118 11.90 -34.05 -99.52
C ALA NB 118 10.44 -33.59 -99.43
N LYS NB 119 10.11 -32.45 -100.02
CA LYS NB 119 8.75 -31.92 -100.00
C LYS NB 119 7.77 -32.79 -100.77
N ALA NB 120 8.21 -33.47 -101.84
CA ALA NB 120 7.37 -34.45 -102.51
C ALA NB 120 7.37 -35.80 -101.83
N ASN NB 121 8.38 -36.09 -101.00
CA ASN NB 121 8.42 -37.35 -100.28
C ASN NB 121 7.67 -37.29 -98.96
N VAL NB 122 7.27 -36.10 -98.53
CA VAL NB 122 6.36 -35.99 -97.38
C VAL NB 122 5.03 -36.66 -97.67
N GLY NB 123 4.43 -36.37 -98.82
CA GLY NB 123 3.13 -36.93 -99.17
C GLY NB 123 3.09 -38.41 -99.44
N ALA NB 124 2.18 -39.11 -98.76
CA ALA NB 124 1.95 -40.56 -98.85
C ALA NB 124 3.20 -41.41 -98.64
N ARG OB 1 -59.01 -3.39 37.18
CA ARG OB 1 -58.12 -2.44 37.83
C ARG OB 1 -58.77 -1.83 39.08
N ASP OB 2 -59.79 -1.00 38.88
CA ASP OB 2 -60.37 -0.22 39.96
C ASP OB 2 -61.68 -0.86 40.44
N LYS OB 3 -61.98 -0.65 41.72
CA LYS OB 3 -63.10 -1.29 42.38
C LYS OB 3 -63.44 -0.52 43.66
N LEU OB 4 -64.74 -0.32 43.89
CA LEU OB 4 -65.23 0.23 45.15
C LEU OB 4 -65.89 -0.85 45.99
N ASN OB 5 -65.73 -0.73 47.31
CA ASN OB 5 -66.42 -1.58 48.28
C ASN OB 5 -67.50 -0.72 48.95
N ASN OB 6 -68.67 -0.69 48.36
CA ASN OB 6 -69.78 0.09 48.88
C ASN OB 6 -70.57 -0.73 49.89
N LEU OB 7 -70.92 -0.10 51.01
CA LEU OB 7 -71.63 -0.79 52.07
C LEU OB 7 -73.03 -1.15 51.63
N VAL OB 8 -73.43 -2.38 51.92
CA VAL OB 8 -74.68 -2.87 51.41
C VAL OB 8 -75.76 -2.80 52.49
N LEU OB 9 -75.35 -2.85 53.76
CA LEU OB 9 -76.18 -2.48 54.89
C LEU OB 9 -75.37 -1.50 55.73
N PHE OB 10 -76.04 -0.60 56.43
CA PHE OB 10 -75.34 0.21 57.41
C PHE OB 10 -74.93 -0.62 58.61
N ASP OB 11 -73.67 -0.51 58.98
CA ASP OB 11 -73.21 -0.87 60.31
C ASP OB 11 -73.42 0.30 61.25
N LYS OB 12 -73.16 0.07 62.54
CA LYS OB 12 -73.42 1.08 63.55
C LYS OB 12 -72.46 2.27 63.46
N ALA OB 13 -71.30 2.10 62.82
CA ALA OB 13 -70.38 3.22 62.64
C ALA OB 13 -70.81 4.15 61.52
N THR OB 14 -71.77 3.73 60.69
CA THR OB 14 -72.28 4.54 59.59
C THR OB 14 -73.71 4.99 59.84
N TYR OB 15 -74.48 4.24 60.63
CA TYR OB 15 -75.87 4.61 60.93
C TYR OB 15 -75.95 5.91 61.71
N ASP OB 16 -75.04 6.12 62.67
CA ASP OB 16 -75.00 7.39 63.39
C ASP OB 16 -74.54 8.52 62.50
N LYS OB 17 -73.61 8.22 61.57
CA LYS OB 17 -73.17 9.20 60.61
C LYS OB 17 -74.34 9.67 59.76
N LEU OB 18 -75.13 8.71 59.23
CA LEU OB 18 -76.32 9.00 58.45
C LEU OB 18 -77.32 9.83 59.24
N CYS OB 19 -77.84 9.28 60.34
CA CYS OB 19 -78.90 9.93 61.10
C CYS OB 19 -78.45 11.19 61.83
N LYS OB 20 -77.15 11.47 61.90
CA LYS OB 20 -76.64 12.71 62.45
C LYS OB 20 -76.40 13.79 61.40
N GLU OB 21 -75.73 13.51 60.28
CA GLU OB 21 -75.34 14.57 59.37
C GLU OB 21 -76.26 14.66 58.17
N VAL OB 22 -76.77 13.53 57.67
CA VAL OB 22 -77.49 13.45 56.40
C VAL OB 22 -78.76 14.28 56.41
N PRO OB 23 -79.60 14.30 57.48
CA PRO OB 23 -80.70 15.29 57.51
C PRO OB 23 -80.28 16.76 57.52
N ASN OB 24 -79.01 17.08 57.70
CA ASN OB 24 -78.51 18.44 57.66
C ASN OB 24 -77.86 18.78 56.31
N TYR OB 25 -78.08 17.94 55.29
CA TYR OB 25 -77.53 18.14 53.96
C TYR OB 25 -78.52 18.98 53.15
N LYS OB 26 -78.04 20.04 52.50
CA LYS OB 26 -78.92 20.84 51.63
C LYS OB 26 -79.43 20.03 50.44
N LEU OB 27 -78.56 19.25 49.80
CA LEU OB 27 -78.97 18.36 48.72
C LEU OB 27 -79.00 16.97 49.32
N ILE OB 28 -80.14 16.29 49.22
CA ILE OB 28 -80.23 14.90 49.65
C ILE OB 28 -80.80 14.09 48.49
N THR OB 29 -79.98 13.18 47.98
CA THR OB 29 -80.28 12.26 46.90
C THR OB 29 -79.59 10.96 47.25
N PRO OB 30 -80.18 9.79 46.91
CA PRO OB 30 -79.46 8.53 47.16
C PRO OB 30 -78.10 8.41 46.48
N ALA OB 31 -77.91 9.08 45.35
CA ALA OB 31 -76.62 9.15 44.70
C ALA OB 31 -75.55 9.85 45.55
N VAL OB 32 -75.84 11.05 46.07
CA VAL OB 32 -74.85 11.76 46.85
C VAL OB 32 -74.70 11.13 48.24
N VAL OB 33 -75.76 10.48 48.73
CA VAL OB 33 -75.68 9.77 49.99
C VAL OB 33 -74.76 8.55 49.83
N SER OB 34 -74.85 7.87 48.69
CA SER OB 34 -73.90 6.81 48.37
C SER OB 34 -72.48 7.34 48.26
N GLU OB 35 -72.29 8.49 47.62
CA GLU OB 35 -70.95 9.06 47.48
C GLU OB 35 -70.32 9.47 48.79
N ARG OB 36 -71.05 10.12 49.70
CA ARG OB 36 -70.46 10.42 51.00
C ARG OB 36 -70.25 9.20 51.87
N LEU OB 37 -71.28 8.38 52.08
CA LEU OB 37 -71.21 7.32 53.07
C LEU OB 37 -70.66 6.00 52.54
N LYS OB 38 -70.19 5.96 51.29
CA LYS OB 38 -69.59 4.78 50.66
C LYS OB 38 -70.55 3.59 50.69
N ILE OB 39 -71.82 3.85 50.43
CA ILE OB 39 -72.84 2.81 50.44
C ILE OB 39 -73.35 2.63 49.02
N ARG OB 40 -74.29 1.69 48.87
CA ARG OB 40 -74.90 1.48 47.57
C ARG OB 40 -76.09 2.42 47.40
N GLY OB 41 -76.49 2.60 46.14
CA GLY OB 41 -77.63 3.45 45.84
C GLY OB 41 -78.94 2.89 46.35
N SER OB 42 -79.11 1.57 46.28
CA SER OB 42 -80.31 0.91 46.79
C SER OB 42 -80.42 1.02 48.31
N LEU OB 43 -79.31 0.83 49.01
CA LEU OB 43 -79.28 1.04 50.45
C LEU OB 43 -79.56 2.49 50.79
N ALA OB 44 -79.06 3.42 49.98
CA ALA OB 44 -79.34 4.83 50.21
C ALA OB 44 -80.81 5.16 50.03
N ARG OB 45 -81.46 4.57 49.01
CA ARG OB 45 -82.90 4.77 48.84
C ARG OB 45 -83.69 4.20 50.00
N ALA OB 46 -83.30 3.01 50.48
CA ALA OB 46 -83.96 2.41 51.63
C ALA OB 46 -83.73 3.22 52.90
N ALA OB 47 -82.59 3.90 52.99
CA ALA OB 47 -82.33 4.80 54.12
C ALA OB 47 -83.22 6.02 54.05
N LEU OB 48 -83.27 6.68 52.89
CA LEU OB 48 -84.01 7.92 52.80
C LEU OB 48 -85.52 7.70 52.86
N GLN OB 49 -85.99 6.46 52.60
CA GLN OB 49 -87.40 6.16 52.86
C GLN OB 49 -87.76 6.22 54.34
N GLU OB 50 -86.96 5.61 55.22
CA GLU OB 50 -87.29 5.70 56.65
C GLU OB 50 -86.97 7.08 57.20
N LEU OB 51 -85.97 7.76 56.62
CA LEU OB 51 -85.71 9.14 57.02
C LEU OB 51 -86.86 10.07 56.64
N LEU OB 52 -87.52 9.82 55.51
CA LEU OB 52 -88.70 10.59 55.16
C LEU OB 52 -89.90 10.21 56.01
N SER OB 53 -90.03 8.93 56.37
CA SER OB 53 -91.15 8.52 57.21
C SER OB 53 -91.01 9.06 58.63
N LYS OB 54 -89.79 9.18 59.14
CA LYS OB 54 -89.57 9.84 60.41
C LYS OB 54 -89.46 11.35 60.29
N GLY OB 55 -89.44 11.87 59.07
CA GLY OB 55 -89.55 13.30 58.88
C GLY OB 55 -88.29 14.08 59.13
N LEU OB 56 -87.13 13.41 59.21
CA LEU OB 56 -85.88 14.13 59.40
C LEU OB 56 -85.39 14.77 58.11
N ILE OB 57 -85.89 14.31 56.97
CA ILE OB 57 -85.63 14.92 55.67
C ILE OB 57 -86.96 15.34 55.08
N LYS OB 58 -86.92 16.12 54.00
CA LYS OB 58 -88.14 16.55 53.33
C LYS OB 58 -88.05 16.26 51.83
N LEU OB 59 -89.06 15.59 51.30
CA LEU OB 59 -89.15 15.30 49.88
C LEU OB 59 -89.49 16.58 49.13
N VAL OB 60 -88.80 16.84 48.03
CA VAL OB 60 -89.29 17.92 47.16
C VAL OB 60 -89.97 17.36 45.91
N SER OB 61 -89.25 16.54 45.13
CA SER OB 61 -89.82 15.90 43.96
C SER OB 61 -89.37 14.45 43.91
N LYS OB 62 -90.18 13.62 43.27
CA LYS OB 62 -89.83 12.23 43.02
C LYS OB 62 -89.89 11.99 41.53
N HIS OB 63 -88.99 11.13 41.06
CA HIS OB 63 -89.10 10.54 39.74
C HIS OB 63 -88.52 9.14 39.82
N ARG OB 64 -88.77 8.34 38.78
CA ARG OB 64 -88.21 6.99 38.71
C ARG OB 64 -86.71 6.99 38.42
N ALA OB 65 -86.16 8.15 38.04
CA ALA OB 65 -84.73 8.29 37.85
C ALA OB 65 -84.09 9.32 38.78
N GLN OB 66 -84.87 10.23 39.36
CA GLN OB 66 -84.29 11.31 40.16
C GLN OB 66 -85.26 11.67 41.28
N VAL OB 67 -84.94 11.28 42.50
CA VAL OB 67 -85.66 11.74 43.69
C VAL OB 67 -84.72 12.63 44.49
N ILE OB 68 -85.24 13.75 44.96
CA ILE OB 68 -84.47 14.76 45.69
C ILE OB 68 -85.19 15.12 47.00
N TYR OB 69 -84.40 15.20 48.07
CA TYR OB 69 -84.81 15.60 49.40
C TYR OB 69 -83.92 16.74 49.88
N THR OB 70 -84.33 17.37 50.98
CA THR OB 70 -83.58 18.46 51.58
C THR OB 70 -83.77 18.39 53.10
N ARG OB 71 -83.29 19.42 53.79
CA ARG OB 71 -83.43 19.51 55.24
C ARG OB 71 -84.88 19.84 55.59
N ASN OB 72 -85.17 19.86 56.88
CA ASN OB 72 -86.48 20.22 57.40
C ASN OB 72 -86.74 21.71 57.19
N THR OB 73 -87.98 22.01 56.82
CA THR OB 73 -88.45 23.38 56.70
C THR OB 73 -88.47 23.99 58.10
N LYS OB 74 -88.15 25.28 58.20
CA LYS OB 74 -88.00 25.90 59.50
C LYS OB 74 -89.33 26.11 60.23
N GLY OB 75 -90.27 26.84 59.65
CA GLY OB 75 -91.55 27.12 60.28
C GLY OB 75 -91.47 27.92 61.57
N THR PB 1 -41.25 29.31 -31.80
CA THR PB 1 -42.13 30.37 -32.27
C THR PB 1 -41.76 31.68 -31.59
N LYS PB 2 -41.51 32.72 -32.40
CA LYS PB 2 -41.14 34.01 -31.85
C LYS PB 2 -42.35 34.65 -31.20
N LYS PB 3 -42.38 34.58 -29.88
CA LYS PB 3 -43.56 34.98 -29.11
C LYS PB 3 -43.80 36.47 -29.14
N ARG PB 4 -42.73 37.28 -29.09
CA ARG PB 4 -42.84 38.71 -28.97
C ARG PB 4 -41.93 39.38 -29.99
N ARG PB 5 -42.39 40.52 -30.53
CA ARG PB 5 -41.62 41.24 -31.54
C ARG PB 5 -40.38 41.87 -30.94
N ASN PB 6 -40.54 42.62 -29.86
CA ASN PB 6 -39.39 42.95 -29.02
C ASN PB 6 -39.23 41.77 -28.07
N ASN PB 7 -38.04 41.18 -28.04
CA ASN PB 7 -37.90 39.84 -27.49
C ASN PB 7 -37.94 39.83 -25.95
N GLY PB 8 -39.08 40.29 -25.42
CA GLY PB 8 -39.28 40.37 -23.99
C GLY PB 8 -38.62 41.54 -23.31
N ARG PB 9 -38.02 42.45 -24.07
CA ARG PB 9 -37.23 43.53 -23.50
C ARG PB 9 -37.41 44.77 -24.36
N ALA PB 10 -36.65 45.82 -24.05
CA ALA PB 10 -36.72 47.07 -24.78
C ALA PB 10 -35.47 47.35 -25.58
N LYS PB 11 -34.51 46.43 -25.62
CA LYS PB 11 -33.26 46.60 -26.36
C LYS PB 11 -33.53 46.56 -27.85
N LYS PB 12 -33.32 47.70 -28.53
CA LYS PB 12 -33.56 47.78 -29.96
C LYS PB 12 -32.30 48.06 -30.75
N GLY PB 13 -31.54 49.08 -30.38
CA GLY PB 13 -30.33 49.40 -31.12
C GLY PB 13 -29.11 49.40 -30.23
N ARG PB 14 -29.02 48.45 -29.32
CA ARG PB 14 -27.94 48.40 -28.33
C ARG PB 14 -27.06 47.18 -28.48
N GLY PB 15 -27.61 45.98 -28.38
CA GLY PB 15 -26.73 44.84 -28.24
C GLY PB 15 -26.51 44.41 -26.80
N HIS PB 16 -26.02 45.30 -25.94
CA HIS PB 16 -25.79 44.95 -24.55
C HIS PB 16 -26.41 45.98 -23.62
N VAL PB 17 -27.17 45.50 -22.65
CA VAL PB 17 -27.77 46.31 -21.59
C VAL PB 17 -27.20 45.80 -20.27
N GLN PB 18 -26.86 46.72 -19.37
CA GLN PB 18 -26.22 46.37 -18.11
C GLN PB 18 -27.15 45.55 -17.22
N PRO PB 19 -26.63 44.61 -16.44
CA PRO PB 19 -27.49 43.82 -15.56
C PRO PB 19 -27.82 44.54 -14.26
N ILE PB 20 -28.94 44.15 -13.69
CA ILE PB 20 -29.40 44.53 -12.35
C ILE PB 20 -29.91 43.28 -11.67
N ARG PB 21 -30.26 43.40 -10.40
CA ARG PB 21 -30.68 42.25 -9.62
C ARG PB 21 -32.16 42.32 -9.30
N CYS PB 22 -32.80 41.16 -9.30
CA CYS PB 22 -34.20 41.06 -8.90
C CYS PB 22 -34.32 41.35 -7.41
N THR PB 23 -35.49 41.85 -7.00
CA THR PB 23 -35.65 42.22 -5.60
C THR PB 23 -36.08 41.06 -4.71
N ASN PB 24 -36.84 40.09 -5.23
CA ASN PB 24 -37.18 38.92 -4.42
C ASN PB 24 -36.08 37.86 -4.50
N CYS PB 25 -35.69 37.49 -5.71
CA CYS PB 25 -34.55 36.61 -5.91
C CYS PB 25 -33.27 37.44 -5.87
N ALA PB 26 -32.17 36.85 -6.27
CA ALA PB 26 -30.95 37.60 -6.54
C ALA PB 26 -30.57 37.47 -8.00
N ARG PB 27 -31.55 37.20 -8.84
CA ARG PB 27 -31.30 36.86 -10.24
C ARG PB 27 -30.82 38.07 -11.01
N CYS PB 28 -29.77 37.89 -11.80
CA CYS PB 28 -29.33 38.93 -12.72
C CYS PB 28 -30.31 39.02 -13.87
N VAL PB 29 -30.78 40.22 -14.17
CA VAL PB 29 -31.73 40.44 -15.25
C VAL PB 29 -31.24 41.67 -16.00
N PRO PB 30 -31.39 41.75 -17.33
CA PRO PB 30 -31.17 43.03 -18.01
C PRO PB 30 -32.12 44.09 -17.50
N LYS PB 31 -31.63 45.33 -17.46
CA LYS PB 31 -32.38 46.43 -16.88
C LYS PB 31 -33.67 46.70 -17.65
N ASP PB 32 -33.61 46.71 -18.97
CA ASP PB 32 -34.81 46.93 -19.77
C ASP PB 32 -35.69 45.69 -19.85
N LYS PB 33 -35.17 44.53 -19.51
CA LYS PB 33 -36.01 43.35 -19.39
C LYS PB 33 -36.77 43.31 -18.08
N ALA PB 34 -36.17 43.86 -17.01
CA ALA PB 34 -36.73 43.75 -15.67
C ALA PB 34 -38.06 44.49 -15.54
N ILE PB 35 -38.98 43.90 -14.81
CA ILE PB 35 -40.29 44.49 -14.56
C ILE PB 35 -40.12 45.46 -13.40
N LYS PB 36 -40.31 46.74 -13.67
CA LYS PB 36 -40.07 47.77 -12.68
C LYS PB 36 -41.37 48.22 -12.06
N LYS PB 37 -41.35 48.41 -10.74
CA LYS PB 37 -42.47 48.97 -10.01
C LYS PB 37 -41.93 50.03 -9.07
N PHE PB 38 -42.31 51.28 -9.29
CA PHE PB 38 -41.87 52.37 -8.43
C PHE PB 38 -42.98 52.61 -7.42
N VAL PB 39 -42.72 52.24 -6.17
CA VAL PB 39 -43.72 52.30 -5.12
C VAL PB 39 -43.55 53.60 -4.35
N ILE PB 40 -44.62 54.40 -4.33
CA ILE PB 40 -44.73 55.60 -3.51
C ILE PB 40 -45.82 55.29 -2.49
N ARG PB 41 -45.44 55.08 -1.23
CA ARG PB 41 -46.44 54.78 -0.21
C ARG PB 41 -46.14 55.57 1.05
N ASN PB 42 -47.19 55.86 1.81
CA ASN PB 42 -46.98 56.48 3.10
C ASN PB 42 -46.28 55.51 4.05
N ILE PB 43 -45.51 56.07 4.97
CA ILE PB 43 -44.83 55.26 5.97
C ILE PB 43 -45.83 54.63 6.93
N VAL PB 44 -46.84 55.39 7.34
CA VAL PB 44 -47.93 54.83 8.12
C VAL PB 44 -49.10 54.56 7.18
N GLU PB 45 -49.77 53.41 7.33
CA GLU PB 45 -50.47 52.93 6.16
C GLU PB 45 -51.84 53.55 5.91
N ALA PB 46 -52.88 53.10 6.63
CA ALA PB 46 -54.19 53.72 6.52
C ALA PB 46 -54.94 53.63 7.83
N ALA PB 47 -54.49 52.72 8.69
CA ALA PB 47 -55.13 52.48 9.97
C ALA PB 47 -54.31 52.97 11.14
N ALA PB 48 -53.04 53.27 10.91
CA ALA PB 48 -52.18 53.88 11.92
C ALA PB 48 -52.07 55.39 11.75
N VAL PB 49 -52.56 55.93 10.62
CA VAL PB 49 -52.34 57.34 10.31
C VAL PB 49 -53.14 58.24 11.25
N ARG PB 50 -54.36 57.83 11.62
CA ARG PB 50 -55.15 58.64 12.55
C ARG PB 50 -54.56 58.64 13.95
N ASP PB 51 -54.15 57.48 14.44
CA ASP PB 51 -53.53 57.38 15.77
C ASP PB 51 -52.22 58.15 15.84
N ILE PB 52 -51.38 58.02 14.82
CA ILE PB 52 -50.07 58.68 14.84
C ILE PB 52 -50.22 60.18 14.63
N SER PB 53 -51.11 60.60 13.74
CA SER PB 53 -51.30 62.03 13.50
C SER PB 53 -52.05 62.72 14.62
N GLU PB 54 -52.79 61.98 15.45
CA GLU PB 54 -53.28 62.55 16.69
C GLU PB 54 -52.25 62.45 17.81
N ALA PB 55 -51.25 61.57 17.67
CA ALA PB 55 -50.16 61.48 18.61
C ALA PB 55 -49.01 62.43 18.31
N SER PB 56 -49.08 63.17 17.22
CA SER PB 56 -47.97 64.04 16.83
C SER PB 56 -47.83 65.22 17.78
N VAL PB 57 -46.68 65.89 17.68
CA VAL PB 57 -46.43 67.10 18.46
C VAL PB 57 -46.72 68.36 17.67
N PHE PB 58 -46.84 68.28 16.35
CA PHE PB 58 -47.22 69.40 15.52
C PHE PB 58 -48.70 69.28 15.18
N ASP PB 59 -49.17 70.17 14.32
CA ASP PB 59 -50.56 70.16 13.86
C ASP PB 59 -50.56 70.04 12.35
N ALA PB 60 -51.21 68.98 11.83
CA ALA PB 60 -51.31 68.66 10.41
C ALA PB 60 -49.94 68.55 9.74
N TYR PB 61 -48.99 67.98 10.49
CA TYR PB 61 -47.66 67.66 9.97
C TYR PB 61 -47.84 66.50 8.99
N VAL PB 62 -47.59 66.76 7.71
CA VAL PB 62 -47.86 65.78 6.68
C VAL PB 62 -46.86 64.63 6.81
N LEU PB 63 -47.37 63.41 6.74
CA LEU PB 63 -46.52 62.26 6.95
C LEU PB 63 -45.64 62.04 5.72
N PRO PB 64 -44.34 61.81 5.90
CA PRO PB 64 -43.46 61.62 4.77
C PRO PB 64 -43.72 60.28 4.09
N LYS PB 65 -43.23 60.18 2.86
CA LYS PB 65 -43.52 59.04 2.02
C LYS PB 65 -42.30 58.14 1.90
N LEU PB 66 -42.48 57.09 1.12
CA LEU PB 66 -41.50 56.04 0.92
C LEU PB 66 -41.46 55.78 -0.58
N TYR PB 67 -40.33 56.06 -1.19
CA TYR PB 67 -40.15 55.98 -2.63
C TYR PB 67 -39.12 54.89 -2.91
N VAL PB 68 -39.59 53.68 -3.18
CA VAL PB 68 -38.70 52.54 -3.39
C VAL PB 68 -38.90 52.02 -4.81
N LYS PB 69 -37.80 51.77 -5.51
CA LYS PB 69 -37.84 51.28 -6.88
C LYS PB 69 -37.56 49.79 -6.84
N LEU PB 70 -38.51 48.98 -7.30
CA LEU PB 70 -38.38 47.54 -7.27
C LEU PB 70 -38.17 46.99 -8.68
N HIS PB 71 -37.23 46.06 -8.79
CA HIS PB 71 -36.91 45.38 -10.03
C HIS PB 71 -37.24 43.91 -9.85
N TYR PB 72 -38.10 43.37 -10.71
CA TYR PB 72 -38.47 41.97 -10.65
C TYR PB 72 -37.99 41.25 -11.90
N CYS PB 73 -37.51 40.03 -11.71
CA CYS PB 73 -37.36 39.10 -12.82
C CYS PB 73 -38.73 38.62 -13.25
N VAL PB 74 -38.78 37.94 -14.41
CA VAL PB 74 -40.07 37.53 -14.97
C VAL PB 74 -40.74 36.48 -14.10
N SER PB 75 -39.98 35.51 -13.59
CA SER PB 75 -40.51 34.50 -12.68
C SER PB 75 -41.00 35.13 -11.38
N CYS PB 76 -40.22 36.08 -10.84
CA CYS PB 76 -40.62 36.77 -9.61
C CYS PB 76 -41.86 37.61 -9.80
N ALA PB 77 -41.96 38.30 -10.94
CA ALA PB 77 -43.11 39.15 -11.22
C ALA PB 77 -44.38 38.34 -11.40
N ILE PB 78 -44.31 37.22 -12.11
CA ILE PB 78 -45.49 36.40 -12.31
C ILE PB 78 -45.89 35.65 -11.05
N HIS PB 79 -44.92 35.18 -10.25
CA HIS PB 79 -45.31 34.54 -8.99
C HIS PB 79 -45.83 35.54 -7.97
N SER PB 80 -45.31 36.77 -7.98
CA SER PB 80 -45.80 37.82 -7.11
C SER PB 80 -47.04 38.50 -7.65
N LYS PB 81 -47.48 38.10 -8.85
CA LYS PB 81 -48.76 38.50 -9.45
C LYS PB 81 -48.82 40.00 -9.71
N VAL PB 82 -47.69 40.60 -10.08
CA VAL PB 82 -47.72 41.97 -10.55
C VAL PB 82 -47.90 42.04 -12.06
N VAL PB 83 -47.52 40.99 -12.79
CA VAL PB 83 -47.90 40.79 -14.18
C VAL PB 83 -48.44 39.38 -14.30
N ARG PB 84 -49.31 39.18 -15.28
CA ARG PB 84 -50.02 37.92 -15.44
C ARG PB 84 -49.72 37.38 -16.84
N ASN PB 85 -50.33 36.25 -17.18
CA ASN PB 85 -50.34 35.84 -18.56
C ASN PB 85 -51.51 36.52 -19.27
N ARG PB 86 -51.32 36.78 -20.57
CA ARG PB 86 -52.32 37.47 -21.36
C ARG PB 86 -52.58 36.69 -22.65
N SER PB 87 -53.70 37.01 -23.29
CA SER PB 87 -54.06 36.35 -24.55
C SER PB 87 -53.18 36.85 -25.68
N ARG PB 88 -53.34 36.25 -26.85
CA ARG PB 88 -52.44 36.56 -27.96
C ARG PB 88 -52.76 37.91 -28.57
N GLU PB 89 -53.95 38.45 -28.34
CA GLU PB 89 -54.30 39.76 -28.88
C GLU PB 89 -54.28 40.86 -27.83
N ALA PB 90 -54.65 40.53 -26.59
CA ALA PB 90 -54.53 41.46 -25.47
C ALA PB 90 -53.13 41.44 -24.88
N ARG PB 91 -52.25 40.62 -25.40
CA ARG PB 91 -50.86 40.61 -24.99
C ARG PB 91 -50.11 41.80 -25.55
N LYS PB 92 -50.55 42.32 -26.70
CA LYS PB 92 -49.79 43.30 -27.46
C LYS PB 92 -49.83 44.71 -26.85
N ASP PB 93 -50.94 45.10 -26.23
CA ASP PB 93 -51.09 46.50 -25.81
C ASP PB 93 -50.19 46.83 -24.63
N ARG PB 94 -49.63 48.04 -24.66
CA ARG PB 94 -48.61 48.47 -23.71
C ARG PB 94 -49.11 49.56 -22.78
N THR PB 95 -50.41 49.79 -22.74
CA THR PB 95 -50.88 50.79 -21.80
C THR PB 95 -50.84 50.25 -20.38
N PRO PB 96 -50.48 51.09 -19.41
CA PRO PB 96 -50.53 50.66 -18.01
C PRO PB 96 -51.98 50.47 -17.58
N PRO PB 97 -52.23 49.52 -16.68
CA PRO PB 97 -53.62 49.19 -16.32
C PRO PB 97 -54.29 50.31 -15.55
N PRO PB 98 -55.62 50.42 -15.64
CA PRO PB 98 -56.32 51.55 -15.00
C PRO PB 98 -56.24 51.50 -13.48
N ARG PB 99 -56.38 52.68 -12.87
CA ARG PB 99 -56.03 52.91 -11.48
C ARG PB 99 -57.18 53.59 -10.74
N PHE PB 100 -58.39 53.07 -10.96
CA PHE PB 100 -59.58 53.63 -10.34
C PHE PB 100 -59.67 53.33 -8.84
N ARG PB 101 -59.17 52.17 -8.41
CA ARG PB 101 -59.16 51.82 -6.99
C ARG PB 101 -58.03 50.82 -6.69
N PRO QB 1 -51.36 59.18 -54.17
CA PRO QB 1 -52.43 58.96 -55.16
C PRO QB 1 -51.94 58.30 -56.44
N LEU QB 2 -52.86 58.00 -57.36
CA LEU QB 2 -52.48 57.37 -58.62
C LEU QB 2 -51.96 58.42 -59.61
N ALA QB 3 -52.79 59.41 -59.94
CA ALA QB 3 -52.42 60.43 -60.90
C ALA QB 3 -51.90 61.66 -60.17
N LYS QB 4 -50.57 61.80 -60.12
CA LYS QB 4 -49.94 63.00 -59.58
C LYS QB 4 -49.08 63.53 -60.72
N ASP QB 5 -49.19 64.81 -61.03
CA ASP QB 5 -48.49 65.33 -62.21
C ASP QB 5 -47.02 65.53 -61.91
N LEU QB 6 -46.19 64.57 -62.30
CA LEU QB 6 -44.76 64.62 -62.00
C LEU QB 6 -44.01 65.69 -62.79
N LEU QB 7 -44.37 65.92 -64.06
CA LEU QB 7 -43.60 66.85 -64.88
C LEU QB 7 -43.84 68.31 -64.49
N HIS QB 8 -45.01 68.62 -63.95
CA HIS QB 8 -45.37 70.00 -63.58
C HIS QB 8 -45.68 70.05 -62.09
N PRO QB 9 -44.67 70.21 -61.25
CA PRO QB 9 -44.91 70.26 -59.80
C PRO QB 9 -45.11 71.68 -59.30
N SER QB 10 -45.65 71.78 -58.09
CA SER QB 10 -45.92 73.08 -57.50
C SER QB 10 -44.63 73.71 -56.98
N PRO QB 11 -44.52 75.04 -57.01
CA PRO QB 11 -43.39 75.70 -56.32
C PRO QB 11 -43.34 75.44 -54.84
N GLU QB 12 -44.50 75.28 -54.17
CA GLU QB 12 -44.52 74.90 -52.77
C GLU QB 12 -43.93 73.53 -52.55
N GLU QB 13 -44.30 72.55 -53.39
CA GLU QB 13 -43.78 71.19 -53.23
C GLU QB 13 -42.29 71.13 -53.56
N GLU QB 14 -41.87 71.85 -54.61
CA GLU QB 14 -40.46 71.84 -54.98
C GLU QB 14 -39.59 72.54 -53.95
N LYS QB 15 -40.08 73.60 -53.31
CA LYS QB 15 -39.33 74.21 -52.23
C LYS QB 15 -39.36 73.35 -50.97
N ARG QB 16 -40.44 72.62 -50.74
CA ARG QB 16 -40.51 71.72 -49.61
C ARG QB 16 -39.56 70.55 -49.73
N LYS QB 17 -39.34 70.04 -50.94
CA LYS QB 17 -38.53 68.86 -51.18
C LYS QB 17 -37.06 69.10 -50.86
N HIS QB 18 -36.33 67.99 -50.71
CA HIS QB 18 -34.88 68.02 -50.59
C HIS QB 18 -34.26 68.59 -51.86
N LYS QB 19 -33.10 69.25 -51.71
CA LYS QB 19 -32.47 69.96 -52.81
C LYS QB 19 -31.98 69.03 -53.91
N LYS QB 20 -31.75 67.74 -53.61
CA LYS QB 20 -31.39 66.75 -54.62
C LYS QB 20 -32.58 66.00 -55.15
N LYS QB 21 -33.64 65.84 -54.37
CA LYS QB 21 -34.85 65.12 -54.79
C LYS QB 21 -35.86 66.02 -55.49
N ARG QB 22 -35.41 67.14 -56.06
CA ARG QB 22 -36.28 67.95 -56.89
C ARG QB 22 -36.37 67.35 -58.30
N LEU QB 23 -37.08 68.05 -59.17
CA LEU QB 23 -37.21 67.56 -60.54
C LEU QB 23 -35.90 67.79 -61.29
N VAL QB 24 -35.40 69.02 -61.24
CA VAL QB 24 -33.99 69.32 -61.52
C VAL QB 24 -33.41 69.88 -60.23
N GLN QB 25 -32.22 69.43 -59.86
CA GLN QB 25 -31.67 69.79 -58.57
C GLN QB 25 -31.15 71.22 -58.58
N SER QB 26 -31.25 71.89 -57.43
CA SER QB 26 -31.01 73.31 -57.30
C SER QB 26 -30.69 73.65 -55.85
N PRO QB 27 -29.74 74.54 -55.61
CA PRO QB 27 -29.31 74.80 -54.24
C PRO QB 27 -30.30 75.67 -53.46
N ASN QB 28 -30.28 75.49 -52.15
CA ASN QB 28 -30.99 76.36 -51.22
C ASN QB 28 -30.18 77.58 -50.83
N SER QB 29 -28.96 77.70 -51.34
CA SER QB 29 -28.07 78.78 -50.98
C SER QB 29 -28.04 79.87 -52.05
N TYR QB 30 -27.38 80.97 -51.72
CA TYR QB 30 -27.38 82.16 -52.54
C TYR QB 30 -26.23 83.04 -52.09
N PHE QB 31 -26.05 84.15 -52.81
CA PHE QB 31 -25.10 85.18 -52.43
C PHE QB 31 -25.87 86.43 -52.05
N MET QB 32 -25.22 87.32 -51.31
CA MET QB 32 -25.89 88.51 -50.85
C MET QB 32 -24.96 89.70 -50.79
N ASP QB 33 -25.52 90.86 -51.16
CA ASP QB 33 -25.03 92.16 -50.73
C ASP QB 33 -24.96 92.17 -49.22
N VAL QB 34 -23.76 92.34 -48.67
CA VAL QB 34 -23.60 92.72 -47.28
C VAL QB 34 -23.00 94.11 -47.26
N LYS QB 35 -23.72 95.03 -46.64
CA LYS QB 35 -23.23 96.37 -46.35
C LYS QB 35 -22.97 96.46 -44.86
N CYS QB 36 -21.72 96.76 -44.52
CA CYS QB 36 -21.35 97.12 -43.17
C CYS QB 36 -22.03 98.43 -42.77
N PRO QB 37 -22.44 98.58 -41.52
CA PRO QB 37 -22.91 99.90 -41.06
C PRO QB 37 -21.84 100.98 -41.09
N GLY QB 38 -20.58 100.63 -40.83
CA GLY QB 38 -19.51 101.61 -40.80
C GLY QB 38 -18.99 101.98 -42.17
N CYS QB 39 -18.63 100.98 -42.96
CA CYS QB 39 -18.10 101.22 -44.29
C CYS QB 39 -19.24 101.36 -45.29
N TYR QB 40 -18.88 101.62 -46.54
CA TYR QB 40 -19.83 101.74 -47.63
C TYR QB 40 -19.59 100.73 -48.75
N LYS QB 41 -18.46 100.01 -48.73
CA LYS QB 41 -18.14 99.07 -49.78
C LYS QB 41 -18.96 97.79 -49.65
N ILE QB 42 -19.69 97.45 -50.72
CA ILE QB 42 -20.64 96.35 -50.71
C ILE QB 42 -19.86 95.07 -50.96
N THR QB 43 -20.07 94.06 -50.10
CA THR QB 43 -19.31 92.82 -50.17
C THR QB 43 -20.23 91.69 -50.60
N THR QB 44 -19.70 90.76 -51.40
CA THR QB 44 -20.47 89.61 -51.82
C THR QB 44 -20.24 88.46 -50.86
N VAL QB 45 -21.31 87.97 -50.24
CA VAL QB 45 -21.20 87.04 -49.12
C VAL QB 45 -22.05 85.82 -49.40
N PHE QB 46 -21.48 84.64 -49.25
CA PHE QB 46 -22.24 83.40 -49.41
C PHE QB 46 -23.19 83.19 -48.24
N SER QB 47 -24.27 82.45 -48.49
CA SER QB 47 -25.23 82.16 -47.43
C SER QB 47 -24.64 81.22 -46.40
N HIS QB 48 -24.21 80.03 -46.83
CA HIS QB 48 -23.62 79.05 -45.93
C HIS QB 48 -22.11 79.22 -46.00
N ALA QB 49 -21.67 80.36 -45.46
CA ALA QB 49 -20.38 80.92 -45.83
C ALA QB 49 -19.21 80.16 -45.22
N GLN QB 50 -19.41 79.53 -44.06
CA GLN QB 50 -18.53 78.55 -43.39
C GLN QB 50 -17.11 79.05 -43.10
N THR QB 51 -16.78 80.31 -43.40
CA THR QB 51 -15.59 81.00 -42.91
C THR QB 51 -15.97 82.42 -42.52
N VAL QB 52 -15.01 83.14 -41.96
CA VAL QB 52 -15.22 84.50 -41.49
C VAL QB 52 -14.85 85.46 -42.63
N VAL QB 53 -15.86 86.14 -43.16
CA VAL QB 53 -15.64 87.14 -44.20
C VAL QB 53 -15.37 88.48 -43.53
N LEU QB 54 -14.25 89.11 -43.89
CA LEU QB 54 -13.89 90.42 -43.39
C LEU QB 54 -14.39 91.50 -44.36
N CYS QB 55 -14.64 92.70 -43.84
CA CYS QB 55 -14.86 93.84 -44.70
C CYS QB 55 -13.55 94.24 -45.37
N VAL QB 56 -13.65 94.72 -46.61
CA VAL QB 56 -12.46 95.02 -47.40
C VAL QB 56 -11.80 96.29 -46.86
N GLY QB 57 -10.55 96.15 -46.43
CA GLY QB 57 -9.83 97.24 -45.81
C GLY QB 57 -9.48 97.03 -44.36
N CYS QB 58 -9.52 95.79 -43.87
CA CYS QB 58 -9.27 95.41 -42.46
C CYS QB 58 -10.17 96.18 -41.49
N SER QB 59 -11.43 96.35 -41.87
CA SER QB 59 -12.33 97.24 -41.14
C SER QB 59 -13.19 96.49 -40.12
N THR QB 60 -14.01 95.54 -40.57
CA THR QB 60 -15.06 94.94 -39.74
C THR QB 60 -15.25 93.49 -40.17
N VAL QB 61 -15.67 92.63 -39.24
CA VAL QB 61 -16.10 91.27 -39.57
C VAL QB 61 -17.57 91.33 -39.95
N LEU QB 62 -18.00 90.42 -40.83
CA LEU QB 62 -19.34 90.54 -41.38
C LEU QB 62 -20.20 89.32 -41.04
N CYS QB 63 -19.69 88.12 -41.29
CA CYS QB 63 -20.44 86.90 -41.01
C CYS QB 63 -19.56 85.94 -40.23
N GLN QB 64 -20.19 85.19 -39.34
CA GLN QB 64 -19.51 84.16 -38.58
C GLN QB 64 -20.19 82.84 -38.92
N PRO QB 65 -19.42 81.77 -39.12
CA PRO QB 65 -20.00 80.50 -39.55
C PRO QB 65 -20.83 79.84 -38.45
N THR QB 66 -21.90 79.17 -38.88
CA THR QB 66 -22.74 78.35 -38.02
C THR QB 66 -22.92 77.03 -38.80
N GLY QB 67 -23.69 76.08 -38.27
CA GLY QB 67 -23.79 74.78 -38.91
C GLY QB 67 -24.58 74.81 -40.20
N GLY QB 68 -25.44 75.80 -40.36
CA GLY QB 68 -26.14 76.00 -41.61
C GLY QB 68 -25.76 77.31 -42.26
N LYS QB 69 -26.70 78.27 -42.25
CA LYS QB 69 -26.43 79.58 -42.80
C LYS QB 69 -25.44 80.33 -41.93
N ALA QB 70 -24.72 81.26 -42.54
CA ALA QB 70 -23.84 82.13 -41.79
C ALA QB 70 -24.64 83.14 -40.99
N ARG QB 71 -24.22 83.35 -39.74
CA ARG QB 71 -24.80 84.37 -38.89
C ARG QB 71 -24.08 85.69 -39.17
N LEU QB 72 -24.82 86.68 -39.67
CA LEU QB 72 -24.23 87.98 -39.93
C LEU QB 72 -24.02 88.75 -38.62
N THR QB 73 -23.05 89.67 -38.68
CA THR QB 73 -22.77 90.55 -37.56
C THR QB 73 -23.96 91.48 -37.32
N GLU QB 74 -24.22 91.75 -36.03
CA GLU QB 74 -25.43 92.42 -35.57
C GLU QB 74 -25.60 93.81 -36.16
N GLY QB 75 -26.57 93.96 -37.07
CA GLY QB 75 -26.82 95.22 -37.72
C GLY QB 75 -26.01 95.44 -38.98
N CYS QB 76 -25.98 94.45 -39.86
CA CYS QB 76 -25.39 94.60 -41.19
C CYS QB 76 -26.49 94.38 -42.21
N SER QB 77 -26.61 95.27 -43.19
CA SER QB 77 -27.74 95.16 -44.11
C SER QB 77 -27.39 94.20 -45.24
N PHE QB 78 -28.40 93.53 -45.79
CA PHE QB 78 -28.15 92.44 -46.72
C PHE QB 78 -29.28 92.35 -47.74
N ARG QB 79 -28.91 92.01 -48.98
CA ARG QB 79 -29.89 91.81 -50.04
C ARG QB 79 -29.52 90.58 -50.86
N ARG QB 80 -30.54 89.78 -51.20
CA ARG QB 80 -30.34 88.52 -51.92
C ARG QB 80 -29.93 88.82 -53.36
N LYS QB 81 -28.65 88.65 -53.66
CA LYS QB 81 -28.14 88.99 -54.97
C LYS QB 81 -28.50 87.91 -55.97
N GLN QB 82 -29.26 88.31 -57.01
CA GLN QB 82 -29.71 87.36 -58.02
C GLN QB 82 -29.46 87.99 -59.39
N HIS QB 83 -29.34 87.13 -60.40
CA HIS QB 83 -29.04 87.57 -61.76
C HIS QB 83 -30.27 87.54 -62.64
N GLN RB 1 -54.38 45.74 31.74
CA GLN RB 1 -54.91 45.63 30.38
C GLN RB 1 -56.42 45.38 30.40
N PRO RB 2 -57.22 46.42 30.23
CA PRO RB 2 -58.66 46.25 30.20
C PRO RB 2 -59.11 45.56 28.92
N ILE RB 3 -60.12 44.71 29.05
CA ILE RB 3 -60.80 44.12 27.91
C ILE RB 3 -61.81 45.12 27.38
N LYS RB 4 -62.05 45.11 26.08
CA LYS RB 4 -62.90 46.13 25.49
C LYS RB 4 -64.10 45.51 24.80
N LEU RB 5 -65.11 46.32 24.53
CA LEU RB 5 -66.32 45.91 23.85
C LEU RB 5 -66.50 46.72 22.57
N ALA RB 6 -66.94 46.05 21.50
CA ALA RB 6 -67.00 46.71 20.20
C ALA RB 6 -68.18 46.21 19.38
N ARG RB 7 -68.86 47.13 18.70
CA ARG RB 7 -70.02 46.81 17.86
C ARG RB 7 -69.60 46.70 16.40
N VAL RB 8 -70.11 45.69 15.71
CA VAL RB 8 -69.87 45.54 14.28
C VAL RB 8 -70.64 46.62 13.53
N THR RB 9 -69.92 47.40 12.72
CA THR RB 9 -70.58 48.28 11.78
C THR RB 9 -70.65 47.71 10.38
N LYS RB 10 -69.80 46.75 10.04
CA LYS RB 10 -69.76 46.23 8.68
C LYS RB 10 -69.19 44.81 8.67
N VAL RB 11 -69.73 43.95 7.82
CA VAL RB 11 -69.09 42.66 7.50
C VAL RB 11 -68.44 42.80 6.13
N LEU RB 12 -67.16 42.43 6.03
CA LEU RB 12 -66.42 42.68 4.79
C LEU RB 12 -66.40 41.45 3.90
N GLY RB 13 -66.10 40.29 4.48
CA GLY RB 13 -66.14 39.05 3.72
C GLY RB 13 -65.69 37.89 4.57
N ARG RB 14 -65.88 36.70 4.03
CA ARG RB 14 -65.39 35.50 4.69
C ARG RB 14 -63.92 35.29 4.37
N THR RB 15 -63.15 35.01 5.41
CA THR RB 15 -61.72 34.71 5.28
C THR RB 15 -61.43 33.42 6.01
N GLY RB 16 -60.16 33.04 5.99
CA GLY RB 16 -59.73 31.73 6.44
C GLY RB 16 -59.40 30.85 5.26
N SER RB 17 -58.77 29.71 5.55
CA SER RB 17 -58.51 28.73 4.50
C SER RB 17 -59.82 28.17 3.95
N GLN RB 18 -60.67 27.66 4.83
CA GLN RB 18 -61.97 27.12 4.45
C GLN RB 18 -63.06 28.18 4.45
N GLY RB 19 -62.71 29.45 4.55
CA GLY RB 19 -63.69 30.51 4.62
C GLY RB 19 -64.50 30.49 5.89
N GLN RB 20 -63.87 30.10 7.01
CA GLN RB 20 -64.58 29.83 8.25
C GLN RB 20 -64.73 31.04 9.15
N CYS RB 21 -64.07 32.15 8.86
CA CYS RB 21 -64.20 33.34 9.69
C CYS RB 21 -64.83 34.46 8.88
N THR RB 22 -65.38 35.44 9.60
CA THR RB 22 -65.88 36.66 9.00
C THR RB 22 -64.88 37.75 9.32
N GLN RB 23 -64.76 38.76 8.46
CA GLN RB 23 -63.86 39.88 8.71
C GLN RB 23 -64.72 41.13 8.87
N VAL RB 24 -64.73 41.68 10.08
CA VAL RB 24 -65.67 42.74 10.42
C VAL RB 24 -64.91 44.00 10.80
N ARG RB 25 -65.57 45.14 10.58
CA ARG RB 25 -65.13 46.42 11.10
C ARG RB 25 -65.87 46.66 12.42
N VAL RB 26 -65.11 46.81 13.48
CA VAL RB 26 -65.68 47.03 14.80
C VAL RB 26 -65.42 48.48 15.22
N GLU RB 27 -66.46 49.10 15.75
CA GLU RB 27 -66.39 50.42 16.37
C GLU RB 27 -66.45 50.20 17.87
N PHE RB 28 -65.49 50.76 18.60
CA PHE RB 28 -65.41 50.53 20.04
C PHE RB 28 -66.57 51.21 20.75
N MET RB 29 -66.95 50.66 21.90
CA MET RB 29 -68.08 51.20 22.65
C MET RB 29 -67.66 52.23 23.68
N ASP RB 30 -66.36 52.51 23.81
CA ASP RB 30 -65.89 53.69 24.53
C ASP RB 30 -65.74 54.87 23.58
N ASP RB 31 -65.07 54.66 22.45
CA ASP RB 31 -64.90 55.68 21.42
C ASP RB 31 -65.64 55.21 20.17
N THR RB 32 -66.66 55.97 19.78
CA THR RB 32 -67.50 55.59 18.66
C THR RB 32 -66.91 56.01 17.32
N SER RB 33 -65.73 56.63 17.35
CA SER RB 33 -64.98 56.95 16.15
C SER RB 33 -63.86 55.96 15.86
N ARG RB 34 -63.50 55.11 16.83
CA ARG RB 34 -62.41 54.17 16.66
C ARG RB 34 -62.95 52.85 16.10
N SER RB 35 -62.74 52.64 14.81
CA SER RB 35 -63.19 51.43 14.13
C SER RB 35 -61.99 50.76 13.47
N ILE RB 36 -61.69 49.53 13.88
CA ILE RB 36 -60.61 48.76 13.28
C ILE RB 36 -61.19 47.49 12.70
N ILE RB 37 -60.34 46.62 12.18
CA ILE RB 37 -60.77 45.38 11.53
C ILE RB 37 -60.32 44.20 12.38
N ARG RB 38 -61.24 43.26 12.62
CA ARG RB 38 -60.90 41.99 13.25
C ARG RB 38 -61.53 40.83 12.48
N ASN RB 39 -60.80 39.72 12.43
CA ASN RB 39 -61.34 38.47 11.92
C ASN RB 39 -62.07 37.77 13.05
N VAL RB 40 -63.32 37.36 12.80
CA VAL RB 40 -64.19 36.85 13.85
C VAL RB 40 -64.69 35.46 13.46
N LYS RB 41 -64.70 34.55 14.43
CA LYS RB 41 -65.06 33.15 14.20
C LYS RB 41 -66.53 32.96 14.59
N GLY RB 42 -67.31 32.39 13.67
CA GLY RB 42 -68.70 32.13 13.92
C GLY RB 42 -69.62 33.02 13.11
N PRO RB 43 -70.93 32.75 13.17
CA PRO RB 43 -71.89 33.58 12.42
C PRO RB 43 -72.04 34.96 13.07
N VAL RB 44 -71.51 35.97 12.40
CA VAL RB 44 -71.59 37.35 12.87
C VAL RB 44 -72.39 38.16 11.86
N ARG RB 45 -73.46 38.78 12.33
CA ARG RB 45 -74.20 39.77 11.58
C ARG RB 45 -73.80 41.14 12.10
N GLU RB 46 -74.36 42.20 11.51
CA GLU RB 46 -73.88 43.53 11.82
C GLU RB 46 -74.72 44.15 12.93
N GLY RB 47 -74.06 44.80 13.88
CA GLY RB 47 -74.75 45.46 14.99
C GLY RB 47 -74.50 44.78 16.32
N ASP RB 48 -73.47 43.95 16.38
CA ASP RB 48 -73.31 43.06 17.52
C ASP RB 48 -72.03 43.36 18.29
N VAL RB 49 -72.07 43.04 19.58
CA VAL RB 49 -71.07 43.48 20.54
C VAL RB 49 -70.11 42.32 20.81
N LEU RB 50 -68.81 42.62 20.78
CA LEU RB 50 -67.76 41.63 20.93
C LEU RB 50 -66.81 42.05 22.05
N THR RB 51 -66.33 41.04 22.78
CA THR RB 51 -65.38 41.24 23.87
C THR RB 51 -63.99 40.95 23.32
N LEU RB 52 -63.21 42.00 23.14
CA LEU RB 52 -61.84 41.89 22.66
C LEU RB 52 -60.92 41.79 23.88
N LEU RB 53 -60.20 40.68 23.97
CA LEU RB 53 -59.19 40.47 24.99
C LEU RB 53 -57.86 41.11 24.62
N GLU RB 54 -57.59 41.26 23.33
CA GLU RB 54 -56.60 42.21 22.84
C GLU RB 54 -57.29 43.12 21.85
N SER RB 55 -57.09 44.43 22.01
CA SER RB 55 -57.92 45.39 21.29
C SER RB 55 -57.16 46.23 20.28
N GLU RB 56 -55.83 46.26 20.35
CA GLU RB 56 -55.10 47.08 19.41
C GLU RB 56 -54.49 46.27 18.28
N ARG RB 57 -54.83 44.98 18.19
CA ARG RB 57 -54.30 44.10 17.16
C ARG RB 57 -55.19 44.20 15.93
N GLU RB 58 -54.72 44.92 14.92
CA GLU RB 58 -55.46 45.08 13.67
C GLU RB 58 -55.27 43.87 12.76
N ALA RB 59 -56.35 43.49 12.08
CA ALA RB 59 -56.36 42.29 11.23
C ALA RB 59 -56.04 42.66 9.79
N ARG RB 60 -55.33 41.75 9.11
CA ARG RB 60 -54.94 41.94 7.72
C ARG RB 60 -56.18 41.96 6.82
N ARG RB 61 -56.08 42.72 5.73
CA ARG RB 61 -57.22 42.96 4.83
C ARG RB 61 -57.51 41.76 3.94
N LEU RB 62 -58.35 41.96 2.92
CA LEU RB 62 -58.72 40.87 2.03
C LEU RB 62 -58.65 41.28 0.57
N GLY SB 1 -89.17 -48.56 -13.52
CA GLY SB 1 -89.58 -48.06 -14.81
C GLY SB 1 -89.49 -46.55 -14.93
N HIS SB 2 -88.97 -46.08 -16.05
CA HIS SB 2 -88.72 -44.66 -16.25
C HIS SB 2 -90.00 -43.84 -16.38
N GLN SB 3 -91.06 -44.43 -16.94
CA GLN SB 3 -92.30 -43.69 -17.17
C GLN SB 3 -93.01 -43.34 -15.87
N GLN SB 4 -92.89 -44.18 -14.85
CA GLN SB 4 -93.50 -43.91 -13.55
C GLN SB 4 -92.51 -43.24 -12.59
N LEU SB 5 -91.33 -42.86 -13.07
CA LEU SB 5 -90.28 -42.31 -12.22
C LEU SB 5 -89.76 -40.95 -12.69
N TYR SB 6 -89.99 -40.58 -13.96
CA TYR SB 6 -89.40 -39.36 -14.50
C TYR SB 6 -90.03 -38.11 -13.90
N TRP SB 7 -91.28 -38.21 -13.44
CA TRP SB 7 -91.97 -37.08 -12.85
C TRP SB 7 -92.60 -37.44 -11.51
N SER SB 8 -91.88 -38.22 -10.71
CA SER SB 8 -92.36 -38.54 -9.36
C SER SB 8 -91.73 -37.67 -8.28
N HIS SB 9 -90.75 -36.85 -8.63
CA HIS SB 9 -90.09 -36.00 -7.65
C HIS SB 9 -91.00 -34.83 -7.28
N PRO SB 10 -91.28 -34.59 -5.99
CA PRO SB 10 -92.17 -33.49 -5.64
C PRO SB 10 -91.50 -32.12 -5.67
N ARG SB 11 -91.93 -31.31 -6.64
CA ARG SB 11 -91.58 -29.90 -6.71
C ARG SB 11 -92.84 -29.08 -6.49
N LYS SB 12 -93.63 -29.48 -5.50
CA LYS SB 12 -94.83 -28.77 -5.10
C LYS SB 12 -94.54 -27.44 -4.40
N PHE SB 13 -93.29 -27.20 -4.06
CA PHE SB 13 -92.82 -25.96 -3.43
C PHE SB 13 -91.41 -25.67 -3.92
N GLY SB 14 -90.80 -24.63 -3.36
CA GLY SB 14 -89.46 -24.24 -3.74
C GLY SB 14 -89.45 -23.34 -4.96
N GLN SB 15 -88.27 -22.78 -5.24
CA GLN SB 15 -88.13 -21.95 -6.43
C GLN SB 15 -88.00 -22.81 -7.69
N GLY SB 16 -87.77 -24.12 -7.53
CA GLY SB 16 -87.91 -25.01 -8.66
C GLY SB 16 -89.33 -25.22 -9.14
N SER SB 17 -90.31 -24.92 -8.30
CA SER SB 17 -91.71 -24.98 -8.65
C SER SB 17 -92.14 -23.85 -9.58
N ARG SB 18 -91.36 -22.80 -9.70
CA ARG SB 18 -91.79 -21.57 -10.33
C ARG SB 18 -90.82 -21.16 -11.42
N SER SB 19 -91.32 -20.43 -12.40
CA SER SB 19 -90.51 -19.96 -13.50
C SER SB 19 -91.11 -18.67 -14.02
N CYS SB 20 -90.30 -17.94 -14.80
CA CYS SB 20 -90.77 -16.70 -15.39
C CYS SB 20 -91.79 -17.00 -16.48
N ARG SB 21 -92.88 -16.25 -16.50
CA ARG SB 21 -93.95 -16.53 -17.46
C ARG SB 21 -93.67 -15.95 -18.84
N VAL SB 22 -92.48 -15.40 -19.06
CA VAL SB 22 -92.03 -14.98 -20.38
C VAL SB 22 -90.79 -15.79 -20.73
N CYS SB 23 -89.93 -15.97 -19.73
CA CYS SB 23 -88.58 -16.50 -19.93
C CYS SB 23 -88.44 -18.00 -19.70
N SER SB 24 -89.32 -18.61 -18.90
CA SER SB 24 -89.11 -19.88 -18.22
C SER SB 24 -87.83 -19.88 -17.37
N ASN SB 25 -87.54 -18.75 -16.73
CA ASN SB 25 -86.35 -18.59 -15.90
C ASN SB 25 -86.73 -18.52 -14.43
N ARG SB 26 -85.83 -18.98 -13.58
CA ARG SB 26 -86.14 -19.33 -12.20
C ARG SB 26 -85.65 -18.31 -11.18
N HIS SB 27 -85.15 -17.16 -11.62
CA HIS SB 27 -84.54 -16.20 -10.71
C HIS SB 27 -85.11 -14.81 -10.93
N GLY SB 28 -85.20 -14.05 -9.85
CA GLY SB 28 -85.72 -12.69 -9.93
C GLY SB 28 -87.22 -12.60 -10.07
N LEU SB 29 -87.94 -13.64 -9.66
CA LEU SB 29 -89.38 -13.69 -9.83
C LEU SB 29 -90.10 -12.70 -8.94
N ILE SB 30 -91.14 -12.08 -9.50
CA ILE SB 30 -92.00 -11.18 -8.76
C ILE SB 30 -93.35 -11.82 -8.59
N ARG SB 31 -93.62 -12.39 -7.43
CA ARG SB 31 -94.91 -13.01 -7.16
C ARG SB 31 -95.95 -12.01 -6.68
N LYS SB 32 -95.59 -10.74 -6.58
CA LYS SB 32 -96.52 -9.73 -6.08
C LYS SB 32 -97.63 -9.50 -7.08
N TYR SB 33 -98.87 -9.65 -6.61
CA TYR SB 33 -100.11 -9.59 -7.39
C TYR SB 33 -100.16 -10.62 -8.50
N GLY SB 34 -99.45 -11.74 -8.36
CA GLY SB 34 -99.49 -12.81 -9.35
C GLY SB 34 -98.93 -12.46 -10.71
N LEU SB 35 -97.89 -11.63 -10.76
CA LEU SB 35 -97.27 -11.33 -12.04
C LEU SB 35 -96.50 -12.54 -12.56
N ASN SB 36 -95.72 -13.18 -11.68
CA ASN SB 36 -95.00 -14.44 -11.94
C ASN SB 36 -94.06 -14.32 -13.13
N MET SB 37 -93.41 -13.17 -13.23
CA MET SB 37 -92.44 -12.88 -14.27
C MET SB 37 -91.21 -12.28 -13.63
N CYS SB 38 -90.04 -12.55 -14.24
CA CYS SB 38 -88.76 -12.16 -13.66
C CYS SB 38 -88.61 -10.65 -13.69
N ARG SB 39 -87.59 -10.17 -12.97
CA ARG SB 39 -87.43 -8.73 -12.79
C ARG SB 39 -87.07 -8.02 -14.09
N GLN SB 40 -86.27 -8.66 -14.95
CA GLN SB 40 -85.91 -8.04 -16.21
C GLN SB 40 -87.03 -8.11 -17.24
N CYS SB 41 -87.79 -9.20 -17.28
CA CYS SB 41 -88.98 -9.25 -18.12
C CYS SB 41 -90.05 -8.27 -17.66
N PHE SB 42 -90.18 -8.08 -16.35
CA PHE SB 42 -91.10 -7.07 -15.85
C PHE SB 42 -90.62 -5.68 -16.20
N ARG SB 43 -89.30 -5.48 -16.22
CA ARG SB 43 -88.73 -4.23 -16.71
C ARG SB 43 -89.05 -4.00 -18.18
N GLN SB 44 -89.00 -5.07 -18.97
CA GLN SB 44 -89.40 -5.01 -20.37
C GLN SB 44 -90.88 -4.69 -20.56
N TYR SB 45 -91.75 -5.30 -19.77
CA TYR SB 45 -93.19 -5.28 -20.01
C TYR SB 45 -93.99 -4.44 -19.03
N ALA SB 46 -93.34 -3.61 -18.19
CA ALA SB 46 -94.06 -2.90 -17.15
C ALA SB 46 -94.98 -1.83 -17.72
N LYS SB 47 -94.51 -1.08 -18.72
CA LYS SB 47 -95.36 -0.11 -19.40
C LYS SB 47 -96.49 -0.77 -20.18
N ASP SB 48 -96.22 -1.93 -20.79
CA ASP SB 48 -97.22 -2.66 -21.54
C ASP SB 48 -98.33 -3.22 -20.65
N ILE SB 49 -97.97 -3.76 -19.49
CA ILE SB 49 -98.97 -4.22 -18.55
C ILE SB 49 -99.71 -3.04 -17.93
N GLY SB 50 -99.00 -1.96 -17.63
CA GLY SB 50 -99.66 -0.76 -17.15
C GLY SB 50 -99.09 -0.19 -15.87
N PHE SB 51 -97.86 -0.58 -15.54
CA PHE SB 51 -97.15 0.00 -14.41
C PHE SB 51 -96.31 1.17 -14.94
N ILE SB 52 -96.78 2.39 -14.68
CA ILE SB 52 -96.12 3.59 -15.15
C ILE SB 52 -95.20 4.10 -14.05
N LYS SB 53 -93.93 4.33 -14.39
CA LYS SB 53 -93.04 4.99 -13.45
C LYS SB 53 -93.30 6.49 -13.51
N LEU SB 54 -93.88 7.02 -12.44
CA LEU SB 54 -94.12 8.45 -12.31
C LEU SB 54 -93.62 8.95 -10.98
N ASP SB 55 -92.98 8.09 -10.19
CA ASP SB 55 -92.33 8.46 -8.94
C ASP SB 55 -91.04 7.66 -8.83
N HIS TB 1 -35.22 -18.96 -27.08
CA HIS TB 1 -36.17 -19.24 -28.15
C HIS TB 1 -35.50 -18.97 -29.49
N GLY TB 2 -36.28 -18.98 -30.57
CA GLY TB 2 -35.73 -18.84 -31.90
C GLY TB 2 -35.58 -20.19 -32.58
N SER TB 3 -36.63 -21.00 -32.53
CA SER TB 3 -36.59 -22.34 -33.09
C SER TB 3 -36.61 -22.30 -34.61
N LEU TB 4 -35.59 -22.87 -35.23
CA LEU TB 4 -35.53 -23.02 -36.67
C LEU TB 4 -36.02 -24.37 -37.13
N ALA TB 5 -36.59 -25.17 -36.23
CA ALA TB 5 -37.09 -26.49 -36.58
C ALA TB 5 -38.56 -26.46 -37.00
N ARG TB 6 -39.17 -25.29 -37.12
CA ARG TB 6 -40.56 -25.15 -37.53
C ARG TB 6 -40.70 -24.50 -38.89
N VAL TB 7 -39.80 -24.82 -39.83
CA VAL TB 7 -39.88 -24.23 -41.15
C VAL TB 7 -40.97 -24.91 -41.99
N GLY TB 8 -41.67 -24.08 -42.76
CA GLY TB 8 -42.68 -24.56 -43.69
C GLY TB 8 -43.85 -25.26 -43.04
N LYS TB 9 -44.25 -24.82 -41.85
CA LYS TB 9 -45.30 -25.53 -41.13
C LYS TB 9 -46.63 -25.40 -41.86
N VAL TB 10 -47.00 -24.19 -42.27
CA VAL TB 10 -48.29 -23.94 -42.88
C VAL TB 10 -48.36 -24.58 -44.27
N ARG TB 11 -47.29 -24.48 -45.05
CA ARG TB 11 -47.25 -25.16 -46.35
C ARG TB 11 -47.24 -26.66 -46.22
N GLY TB 12 -46.61 -27.19 -45.17
CA GLY TB 12 -46.65 -28.62 -44.94
C GLY TB 12 -47.95 -29.17 -44.40
N GLN TB 13 -48.70 -28.41 -43.59
CA GLN TB 13 -49.90 -28.96 -42.97
C GLN TB 13 -51.17 -28.43 -43.60
N THR TB 14 -51.07 -27.56 -44.61
CA THR TB 14 -52.27 -27.13 -45.32
C THR TB 14 -52.83 -28.29 -46.12
N LEU TB 15 -54.15 -28.25 -46.31
CA LEU TB 15 -54.85 -29.36 -46.93
C LEU TB 15 -54.79 -29.22 -48.45
N LYS TB 16 -54.34 -30.28 -49.11
CA LYS TB 16 -54.07 -30.24 -50.54
C LYS TB 16 -55.37 -30.34 -51.33
N VAL TB 17 -55.75 -29.24 -51.98
CA VAL TB 17 -56.86 -29.22 -52.92
C VAL TB 17 -56.28 -29.34 -54.32
N ALA TB 18 -56.62 -30.42 -55.01
CA ALA TB 18 -56.17 -30.61 -56.38
C ALA TB 18 -56.81 -29.56 -57.28
N LYS TB 19 -56.06 -29.12 -58.28
CA LYS TB 19 -56.58 -28.17 -59.25
C LYS TB 19 -57.61 -28.85 -60.14
N GLN TB 20 -58.68 -28.12 -60.46
CA GLN TB 20 -59.72 -28.69 -61.31
C GLN TB 20 -59.42 -28.42 -62.78
N GLU TB 21 -59.69 -29.42 -63.61
CA GLU TB 21 -59.57 -29.26 -65.05
C GLU TB 21 -60.67 -28.33 -65.55
N LYS TB 22 -60.26 -27.29 -66.26
CA LYS TB 22 -61.19 -26.28 -66.75
C LYS TB 22 -60.95 -26.11 -68.25
N LYS TB 23 -61.76 -25.25 -68.86
CA LYS TB 23 -61.71 -25.04 -70.30
C LYS TB 23 -60.46 -24.25 -70.68
N LYS TB 24 -60.10 -24.35 -71.96
CA LYS TB 24 -58.98 -23.59 -72.48
C LYS TB 24 -59.33 -22.11 -72.53
N LYS TB 25 -58.32 -21.28 -72.31
CA LYS TB 25 -58.45 -19.84 -72.45
C LYS TB 25 -57.91 -19.43 -73.81
N ARG TB 26 -58.74 -18.75 -74.58
CA ARG TB 26 -58.30 -18.20 -75.85
C ARG TB 26 -57.35 -17.03 -75.61
N THR TB 27 -56.41 -16.85 -76.55
CA THR TB 27 -55.24 -16.01 -76.34
C THR TB 27 -55.09 -15.02 -77.47
N GLY TB 28 -54.39 -13.92 -77.17
CA GLY TB 28 -54.06 -12.96 -78.20
C GLY TB 28 -55.21 -12.05 -78.54
N ARG TB 29 -55.43 -11.89 -79.86
CA ARG TB 29 -56.49 -11.03 -80.35
C ARG TB 29 -57.87 -11.56 -79.98
N ALA TB 30 -58.00 -12.89 -79.84
CA ALA TB 30 -59.26 -13.47 -79.38
C ALA TB 30 -59.56 -13.07 -77.93
N LYS TB 31 -58.55 -13.10 -77.06
CA LYS TB 31 -58.74 -12.69 -75.67
C LYS TB 31 -59.02 -11.19 -75.59
N ARG TB 32 -58.34 -10.40 -76.40
CA ARG TB 32 -58.63 -8.97 -76.48
C ARG TB 32 -60.03 -8.69 -77.02
N ARG TB 33 -60.51 -9.53 -77.94
CA ARG TB 33 -61.84 -9.36 -78.51
C ARG TB 33 -62.93 -9.70 -77.51
N MET TB 34 -62.75 -10.80 -76.76
CA MET TB 34 -63.76 -11.12 -75.75
C MET TB 34 -63.70 -10.14 -74.59
N GLN TB 35 -62.53 -9.60 -74.26
CA GLN TB 35 -62.47 -8.57 -73.24
C GLN TB 35 -63.03 -7.23 -73.73
N TYR TB 36 -63.02 -6.97 -75.03
CA TYR TB 36 -63.73 -5.82 -75.55
C TYR TB 36 -65.24 -6.04 -75.57
N ASN TB 37 -65.69 -7.24 -75.91
CA ASN TB 37 -67.12 -7.53 -75.95
C ASN TB 37 -67.71 -7.60 -74.55
N ARG TB 38 -66.92 -8.00 -73.55
CA ARG TB 38 -67.42 -8.10 -72.19
C ARG TB 38 -67.57 -6.74 -71.51
N ARG TB 39 -66.88 -5.72 -72.01
CA ARG TB 39 -66.87 -4.42 -71.35
C ARG TB 39 -67.53 -3.32 -72.14
N PHE TB 40 -67.52 -3.38 -73.47
CA PHE TB 40 -68.01 -2.28 -74.28
C PHE TB 40 -69.19 -2.63 -75.16
N VAL TB 41 -69.70 -3.84 -75.07
CA VAL TB 41 -70.74 -4.29 -75.98
C VAL TB 41 -71.99 -4.71 -75.21
N ASN TB 42 -71.84 -5.72 -74.34
CA ASN TB 42 -73.03 -6.38 -73.82
C ASN TB 42 -73.49 -5.76 -72.50
N VAL TB 43 -72.59 -5.11 -71.77
CA VAL TB 43 -72.91 -4.70 -70.42
C VAL TB 43 -73.70 -3.38 -70.48
N VAL TB 44 -74.58 -3.20 -69.51
CA VAL TB 44 -75.50 -2.06 -69.47
C VAL TB 44 -75.17 -1.27 -68.20
N PRO TB 45 -75.27 0.06 -68.24
CA PRO TB 45 -74.93 0.88 -67.06
C PRO TB 45 -75.79 0.60 -65.84
N THR TB 46 -75.16 0.80 -64.69
CA THR TB 46 -75.70 0.41 -63.38
C THR TB 46 -76.05 1.66 -62.59
N PHE TB 47 -77.10 1.57 -61.77
CA PHE TB 47 -77.52 2.67 -60.91
C PHE TB 47 -76.43 3.05 -59.92
N GLY TB 48 -76.16 4.33 -59.83
CA GLY TB 48 -75.06 4.82 -58.99
C GLY TB 48 -73.71 4.48 -59.63
N LYS TB 49 -72.84 3.85 -58.87
CA LYS TB 49 -71.53 3.44 -59.35
C LYS TB 49 -71.67 2.17 -60.19
N LYS TB 50 -70.58 1.71 -60.79
CA LYS TB 50 -70.59 0.48 -61.57
C LYS TB 50 -70.31 -0.71 -60.67
N LYS TB 51 -70.17 -1.88 -61.27
CA LYS TB 51 -69.91 -3.11 -60.54
C LYS TB 51 -68.54 -3.67 -60.90
N GLY TB 52 -67.82 -4.14 -59.88
CA GLY TB 52 -66.50 -4.69 -60.07
C GLY TB 52 -66.53 -5.98 -60.87
N PRO TB 53 -65.44 -6.24 -61.60
CA PRO TB 53 -65.38 -7.47 -62.41
C PRO TB 53 -65.38 -8.75 -61.59
N ASN TB 54 -64.83 -8.73 -60.37
CA ASN TB 54 -64.70 -9.94 -59.56
C ASN TB 54 -65.55 -9.88 -58.30
N ALA TB 55 -66.53 -8.98 -58.24
CA ALA TB 55 -67.34 -8.80 -57.04
C ALA TB 55 -68.26 -10.00 -56.84
N ASN TB 56 -67.97 -10.77 -55.81
CA ASN TB 56 -68.82 -11.83 -55.31
C ASN TB 56 -69.27 -11.61 -53.87
N SER TB 57 -70.33 -10.83 -53.71
CA SER TB 57 -70.78 -10.49 -52.38
C SER TB 57 -71.93 -11.40 -51.99
N LYS UB 1 -65.50 -37.10 -20.18
CA LYS UB 1 -65.40 -37.71 -18.86
C LYS UB 1 -64.72 -39.07 -18.95
N SER UB 2 -64.05 -39.46 -17.87
CA SER UB 2 -63.53 -40.82 -17.76
C SER UB 2 -64.64 -41.76 -17.30
N TYR UB 3 -64.38 -43.06 -17.39
CA TYR UB 3 -65.37 -44.06 -17.03
C TYR UB 3 -64.72 -45.20 -16.23
N THR UB 4 -65.52 -46.19 -15.82
CA THR UB 4 -65.07 -47.23 -14.92
C THR UB 4 -64.95 -48.60 -15.57
N THR UB 5 -66.02 -49.11 -16.13
CA THR UB 5 -66.06 -50.40 -16.80
C THR UB 5 -66.46 -50.15 -18.26
N PRO UB 6 -66.48 -51.16 -19.13
CA PRO UB 6 -67.25 -51.02 -20.36
C PRO UB 6 -68.74 -50.85 -20.06
N LYS UB 7 -69.46 -50.31 -21.05
CA LYS UB 7 -70.84 -49.88 -20.90
C LYS UB 7 -71.76 -51.04 -20.51
N LYS UB 8 -72.82 -50.69 -19.78
CA LYS UB 8 -73.81 -51.69 -19.40
C LYS UB 8 -74.59 -52.13 -20.64
N ASN UB 9 -74.51 -53.42 -20.95
CA ASN UB 9 -75.07 -53.95 -22.19
C ASN UB 9 -76.58 -53.90 -22.20
N LYS UB 10 -77.14 -53.45 -23.32
CA LYS UB 10 -78.57 -53.37 -23.49
C LYS UB 10 -79.16 -54.78 -23.59
N HIS UB 11 -80.37 -54.95 -23.05
CA HIS UB 11 -81.13 -56.17 -23.20
C HIS UB 11 -81.40 -56.42 -24.68
N LYS UB 12 -81.12 -57.64 -25.13
CA LYS UB 12 -81.29 -58.02 -26.53
C LYS UB 12 -82.48 -58.96 -26.65
N ARG UB 13 -83.26 -58.77 -27.71
CA ARG UB 13 -84.35 -59.68 -28.02
C ARG UB 13 -83.79 -60.94 -28.67
N LYS UB 14 -84.03 -62.08 -28.05
CA LYS UB 14 -83.56 -63.35 -28.57
C LYS UB 14 -84.48 -63.80 -29.70
N LYS UB 15 -83.95 -63.82 -30.92
CA LYS UB 15 -84.77 -64.01 -32.11
C LYS UB 15 -85.18 -65.47 -32.23
N VAL UB 16 -86.47 -65.73 -32.05
CA VAL UB 16 -87.04 -67.07 -32.20
C VAL UB 16 -88.03 -67.07 -33.36
N LYS UB 17 -87.89 -68.05 -34.24
CA LYS UB 17 -88.74 -68.16 -35.41
C LYS UB 17 -90.00 -68.92 -35.04
N LEU UB 18 -91.15 -68.38 -35.46
CA LEU UB 18 -92.49 -68.91 -35.15
C LEU UB 18 -92.70 -69.02 -33.64
N ALA UB 19 -92.77 -67.85 -33.00
CA ALA UB 19 -92.92 -67.78 -31.54
C ALA UB 19 -94.31 -68.19 -31.04
N VAL UB 20 -95.17 -68.71 -31.90
CA VAL UB 20 -96.48 -69.23 -31.48
C VAL UB 20 -96.43 -70.77 -31.34
N LEU UB 21 -95.32 -71.41 -31.71
CA LEU UB 21 -95.25 -72.87 -31.71
C LEU UB 21 -95.21 -73.48 -30.31
N LYS UB 22 -95.02 -72.69 -29.26
CA LYS UB 22 -94.97 -73.22 -27.91
C LYS UB 22 -96.35 -73.34 -27.28
N TYR UB 23 -97.42 -73.20 -28.07
CA TYR UB 23 -98.73 -72.81 -27.55
C TYR UB 23 -99.87 -73.75 -27.90
N TYR UB 24 -99.92 -74.30 -29.11
CA TYR UB 24 -101.11 -74.99 -29.60
C TYR UB 24 -100.81 -76.45 -29.94
N LYS UB 25 -101.87 -77.25 -29.92
CA LYS UB 25 -101.79 -78.69 -30.15
C LYS UB 25 -102.14 -78.99 -31.60
N VAL UB 26 -101.11 -79.26 -32.39
CA VAL UB 26 -101.30 -79.56 -33.80
C VAL UB 26 -101.04 -81.06 -34.02
N ASP UB 27 -102.10 -81.77 -34.39
CA ASP UB 27 -102.03 -83.23 -34.60
C ASP UB 27 -103.03 -83.60 -35.69
N GLU UB 28 -102.86 -84.80 -36.25
CA GLU UB 28 -103.72 -85.27 -37.33
C GLU UB 28 -105.15 -85.53 -36.87
N ASN UB 29 -105.36 -85.88 -35.60
CA ASN UB 29 -106.69 -85.87 -35.04
C ASN UB 29 -107.21 -84.44 -34.99
N GLY UB 30 -108.50 -84.27 -35.32
CA GLY UB 30 -109.06 -82.95 -35.50
C GLY UB 30 -109.28 -82.18 -34.21
N LYS UB 31 -108.19 -81.82 -33.54
CA LYS UB 31 -108.24 -81.19 -32.22
C LYS UB 31 -107.44 -79.89 -32.22
N ILE UB 32 -107.79 -78.99 -31.32
CA ILE UB 32 -107.02 -77.78 -31.04
C ILE UB 32 -107.10 -77.52 -29.54
N SER UB 33 -105.97 -77.18 -28.93
CA SER UB 33 -105.88 -77.02 -27.49
C SER UB 33 -104.77 -76.02 -27.18
N ARG UB 34 -104.64 -75.66 -25.90
CA ARG UB 34 -103.66 -74.68 -25.46
C ARG UB 34 -102.70 -75.32 -24.48
N LEU UB 35 -101.40 -75.20 -24.77
CA LEU UB 35 -100.35 -75.73 -23.89
C LEU UB 35 -100.23 -74.96 -22.58
N ARG UB 36 -100.16 -73.63 -22.65
CA ARG UB 36 -100.00 -72.81 -21.47
C ARG UB 36 -101.37 -72.44 -20.90
N ARG UB 37 -101.35 -71.67 -19.82
CA ARG UB 37 -102.58 -71.28 -19.15
C ARG UB 37 -103.17 -70.03 -19.78
N GLU UB 38 -104.50 -70.03 -19.95
CA GLU UB 38 -105.24 -68.84 -20.38
C GLU UB 38 -105.27 -67.81 -19.27
N CYS UB 39 -105.37 -66.53 -19.66
CA CYS UB 39 -105.34 -65.46 -18.68
C CYS UB 39 -106.69 -65.29 -18.01
N PRO UB 40 -106.73 -65.10 -16.68
CA PRO UB 40 -108.00 -64.75 -16.01
C PRO UB 40 -108.25 -63.24 -15.99
N SER UB 41 -107.57 -62.50 -16.87
CA SER UB 41 -107.65 -61.04 -16.94
C SER UB 41 -109.06 -60.57 -17.23
N ASP UB 42 -109.47 -59.49 -16.54
CA ASP UB 42 -110.81 -58.97 -16.78
C ASP UB 42 -110.91 -58.24 -18.11
N GLU UB 43 -109.89 -57.46 -18.45
CA GLU UB 43 -109.93 -56.67 -19.68
C GLU UB 43 -109.65 -57.55 -20.90
N CYS UB 44 -108.77 -58.55 -20.77
CA CYS UB 44 -108.49 -59.53 -21.82
C CYS UB 44 -109.10 -60.85 -21.39
N GLY UB 45 -110.31 -61.12 -21.87
CA GLY UB 45 -111.07 -62.28 -21.42
C GLY UB 45 -110.47 -63.62 -21.78
N ALA UB 46 -110.47 -63.97 -23.07
CA ALA UB 46 -109.90 -65.23 -23.51
C ALA UB 46 -109.02 -65.06 -24.74
N GLY UB 47 -108.39 -63.90 -24.91
CA GLY UB 47 -107.56 -63.66 -26.07
C GLY UB 47 -106.14 -64.18 -25.96
N VAL UB 48 -105.42 -63.76 -24.92
CA VAL UB 48 -104.00 -64.05 -24.78
C VAL UB 48 -103.77 -64.92 -23.55
N PHE UB 49 -102.50 -65.18 -23.26
CA PHE UB 49 -102.06 -66.25 -22.38
C PHE UB 49 -101.07 -65.72 -21.33
N MET UB 50 -100.66 -66.62 -20.43
CA MET UB 50 -99.65 -66.34 -19.42
C MET UB 50 -98.24 -66.58 -19.96
N ALA UB 51 -97.27 -66.27 -19.09
CA ALA UB 51 -95.91 -66.76 -19.22
C ALA UB 51 -95.73 -67.88 -18.22
N SER UB 52 -96.07 -69.10 -18.62
CA SER UB 52 -95.92 -70.26 -17.75
C SER UB 52 -94.43 -70.62 -17.64
N HIS UB 53 -93.87 -70.31 -16.48
CA HIS UB 53 -92.57 -70.84 -16.12
C HIS UB 53 -92.72 -72.12 -15.30
N PHE UB 54 -91.63 -72.55 -14.69
CA PHE UB 54 -91.69 -73.62 -13.71
C PHE UB 54 -92.12 -73.08 -12.35
N ASP UB 55 -92.19 -71.76 -12.23
CA ASP UB 55 -92.44 -71.10 -10.95
C ASP UB 55 -93.75 -70.34 -10.87
N ARG UB 56 -94.13 -69.58 -11.90
CA ARG UB 56 -95.23 -68.64 -11.80
C ARG UB 56 -95.68 -68.24 -13.20
N HIS UB 57 -96.92 -67.79 -13.27
CA HIS UB 57 -97.58 -67.37 -14.49
C HIS UB 57 -97.65 -65.85 -14.58
N TYR UB 58 -97.42 -65.37 -15.80
CA TYR UB 58 -97.43 -63.94 -16.11
C TYR UB 58 -98.10 -63.60 -17.42
N CYS UB 59 -99.09 -62.73 -17.34
CA CYS UB 59 -99.72 -62.15 -18.52
C CYS UB 59 -99.32 -60.69 -18.68
N GLY UB 60 -99.09 -60.27 -19.93
CA GLY UB 60 -98.43 -59.02 -20.23
C GLY UB 60 -99.20 -57.72 -20.18
N LYS UB 61 -100.34 -57.63 -20.88
CA LYS UB 61 -101.10 -56.38 -20.97
C LYS UB 61 -101.70 -56.01 -19.62
N CYS UB 62 -102.04 -57.03 -18.83
CA CYS UB 62 -102.56 -56.77 -17.48
C CYS UB 62 -101.52 -56.92 -16.39
N CYS UB 63 -100.29 -57.35 -16.72
CA CYS UB 63 -99.21 -57.62 -15.76
C CYS UB 63 -99.63 -58.59 -14.65
N LEU UB 64 -100.33 -59.64 -15.03
CA LEU UB 64 -100.95 -60.52 -14.06
C LEU UB 64 -100.02 -61.67 -13.68
N THR UB 65 -100.08 -62.08 -12.41
CA THR UB 65 -99.14 -63.05 -11.85
C THR UB 65 -99.86 -64.02 -10.94
N TYR UB 66 -99.67 -65.31 -11.20
CA TYR UB 66 -100.19 -66.35 -10.31
C TYR UB 66 -99.09 -67.40 -10.11
N CYS UB 67 -98.63 -67.54 -8.89
CA CYS UB 67 -97.47 -68.36 -8.60
C CYS UB 67 -97.90 -69.75 -8.16
N PHE UB 68 -96.91 -70.52 -7.71
CA PHE UB 68 -97.14 -71.78 -7.00
C PHE UB 68 -96.21 -71.88 -5.81
N THR VB 1 -118.65 75.03 -3.78
CA THR VB 1 -119.21 75.78 -2.66
C THR VB 1 -118.88 75.13 -1.33
N GLU VB 2 -118.03 74.10 -1.35
CA GLU VB 2 -117.67 73.36 -0.15
C GLU VB 2 -116.35 72.61 -0.35
N GLN VB 3 -115.80 72.10 0.76
CA GLN VB 3 -114.58 71.29 0.76
C GLN VB 3 -114.79 70.14 1.75
N MET VB 4 -114.89 68.92 1.22
CA MET VB 4 -115.00 67.72 2.04
C MET VB 4 -113.69 67.43 2.77
N THR VB 5 -113.80 67.02 4.03
CA THR VB 5 -112.64 66.88 4.90
C THR VB 5 -112.59 65.46 5.44
N LEU VB 6 -111.37 64.90 5.52
CA LEU VB 6 -111.16 63.58 6.07
C LEU VB 6 -111.50 63.57 7.55
N ARG VB 7 -112.01 62.43 8.03
CA ARG VB 7 -112.45 62.29 9.40
C ARG VB 7 -111.84 61.09 10.10
N GLY VB 8 -111.54 60.03 9.38
CA GLY VB 8 -110.95 58.88 10.04
C GLY VB 8 -110.79 57.64 9.19
N THR VB 9 -110.06 56.68 9.73
CA THR VB 9 -109.72 55.40 9.13
C THR VB 9 -110.64 54.30 9.63
N LEU VB 10 -110.75 53.22 8.86
CA LEU VB 10 -111.39 52.00 9.31
C LEU VB 10 -110.42 50.84 9.03
N LYS VB 11 -109.62 50.49 10.05
CA LYS VB 11 -108.49 49.56 9.88
C LYS VB 11 -108.89 48.18 10.38
N GLY VB 12 -109.36 47.35 9.46
CA GLY VB 12 -109.62 45.95 9.79
C GLY VB 12 -109.36 44.98 8.66
N HIS VB 13 -108.96 45.49 7.50
CA HIS VB 13 -108.90 44.72 6.27
C HIS VB 13 -107.51 44.18 5.99
N ASN VB 14 -107.47 43.04 5.30
CA ASN VB 14 -106.21 42.38 4.97
C ASN VB 14 -105.92 42.29 3.47
N GLY VB 15 -106.92 42.14 2.62
CA GLY VB 15 -106.76 42.26 1.20
C GLY VB 15 -107.26 43.61 0.71
N TRP VB 16 -106.98 43.88 -0.56
CA TRP VB 16 -107.40 45.12 -1.19
C TRP VB 16 -108.92 45.27 -1.16
N VAL VB 17 -109.41 46.25 -0.39
CA VAL VB 17 -110.85 46.49 -0.25
C VAL VB 17 -111.45 46.93 -1.58
N THR VB 18 -112.45 46.19 -2.04
CA THR VB 18 -112.96 46.32 -3.40
C THR VB 18 -114.33 46.97 -3.49
N GLN VB 19 -115.12 46.96 -2.41
CA GLN VB 19 -116.45 47.55 -2.54
C GLN VB 19 -116.92 48.04 -1.17
N ILE VB 20 -117.59 49.19 -1.17
CA ILE VB 20 -118.28 49.67 0.03
C ILE VB 20 -119.76 49.76 -0.28
N ALA VB 21 -120.58 49.20 0.61
CA ALA VB 21 -122.02 49.21 0.46
C ALA VB 21 -122.65 49.79 1.73
N THR VB 22 -123.65 50.65 1.54
CA THR VB 22 -124.42 51.25 2.62
C THR VB 22 -125.89 50.92 2.42
N THR VB 23 -126.72 51.27 3.41
CA THR VB 23 -128.16 51.08 3.30
C THR VB 23 -128.91 52.30 3.81
N PRO VB 24 -130.08 52.60 3.22
CA PRO VB 24 -130.90 53.71 3.75
C PRO VB 24 -131.48 53.44 5.12
N GLN VB 25 -131.83 52.20 5.45
CA GLN VB 25 -132.50 51.91 6.71
C GLN VB 25 -131.60 52.05 7.93
N PHE VB 26 -130.40 51.47 7.89
CA PHE VB 26 -129.49 51.45 9.04
C PHE VB 26 -128.28 52.31 8.71
N PRO VB 27 -128.24 53.53 9.26
CA PRO VB 27 -127.19 54.48 8.84
C PRO VB 27 -125.81 54.17 9.40
N ASP VB 28 -125.70 53.70 10.63
CA ASP VB 28 -124.41 53.58 11.30
C ASP VB 28 -123.84 52.17 11.17
N MET VB 29 -123.81 51.68 9.93
CA MET VB 29 -123.22 50.40 9.55
C MET VB 29 -123.00 50.31 8.05
N ILE VB 30 -121.84 49.80 7.64
CA ILE VB 30 -121.53 49.61 6.22
C ILE VB 30 -120.98 48.20 6.02
N LEU VB 31 -120.87 47.76 4.76
CA LEU VB 31 -120.27 46.47 4.45
C LEU VB 31 -119.15 46.69 3.44
N SER VB 32 -117.96 46.20 3.75
CA SER VB 32 -116.82 46.39 2.87
C SER VB 32 -116.23 45.05 2.41
N ALA VB 33 -116.06 44.93 1.10
CA ALA VB 33 -115.58 43.74 0.42
C ALA VB 33 -114.14 43.94 -0.03
N SER VB 34 -113.33 42.89 0.10
CA SER VB 34 -111.89 42.98 -0.08
C SER VB 34 -111.34 41.86 -0.96
N ARG VB 35 -110.03 41.89 -1.16
CA ARG VB 35 -109.33 40.79 -1.84
C ARG VB 35 -108.90 39.71 -0.83
N ASP VB 36 -109.52 39.71 0.34
CA ASP VB 36 -109.60 38.49 1.10
C ASP VB 36 -110.74 37.61 0.55
N LYS VB 37 -111.08 36.60 1.33
CA LYS VB 37 -112.31 35.84 1.10
C LYS VB 37 -113.41 36.25 2.06
N THR VB 38 -113.24 37.40 2.72
CA THR VB 38 -114.08 37.84 3.81
C THR VB 38 -114.64 39.23 3.53
N ILE VB 39 -115.86 39.46 4.01
CA ILE VB 39 -116.51 40.76 3.94
C ILE VB 39 -116.66 41.28 5.36
N ILE VB 40 -116.26 42.52 5.62
CA ILE VB 40 -116.29 43.07 6.97
C ILE VB 40 -117.52 43.95 7.15
N MET VB 41 -118.29 43.69 8.20
CA MET VB 41 -119.37 44.53 8.66
C MET VB 41 -118.84 45.61 9.61
N TRP VB 42 -118.85 46.86 9.16
CA TRP VB 42 -118.43 47.95 10.02
C TRP VB 42 -119.63 48.54 10.77
N LYS VB 43 -119.56 48.48 12.08
CA LYS VB 43 -120.45 49.22 12.95
C LYS VB 43 -119.78 50.57 13.21
N LEU VB 44 -120.48 51.66 12.90
CA LEU VB 44 -119.91 52.99 12.99
C LEU VB 44 -120.19 53.62 14.34
N THR VB 45 -119.11 54.07 14.99
CA THR VB 45 -119.22 54.64 16.33
C THR VB 45 -118.76 56.08 16.33
N ARG VB 46 -117.76 56.37 15.48
CA ARG VB 46 -117.11 57.68 15.35
C ARG VB 46 -116.57 58.18 16.69
N ASP VB 47 -116.09 57.26 17.53
CA ASP VB 47 -115.63 57.58 18.87
C ASP VB 47 -114.12 57.82 18.85
N GLU VB 48 -113.51 57.85 20.05
CA GLU VB 48 -112.10 58.20 20.15
C GLU VB 48 -111.21 57.07 19.65
N THR VB 49 -111.70 55.83 19.66
CA THR VB 49 -110.89 54.70 19.19
C THR VB 49 -110.77 54.73 17.67
N ASN VB 50 -111.92 54.65 16.99
CA ASN VB 50 -111.96 54.63 15.54
C ASN VB 50 -113.23 55.29 15.01
N TYR VB 51 -113.46 55.17 13.71
CA TYR VB 51 -114.72 55.58 13.11
C TYR VB 51 -115.65 54.39 12.92
N GLY VB 52 -115.12 53.28 12.44
CA GLY VB 52 -115.88 52.06 12.32
C GLY VB 52 -115.08 50.88 12.81
N ILE VB 53 -115.80 49.86 13.27
CA ILE VB 53 -115.17 48.68 13.88
C ILE VB 53 -115.77 47.44 13.20
N PRO VB 54 -114.99 46.36 13.02
CA PRO VB 54 -115.61 45.11 12.55
C PRO VB 54 -116.54 44.54 13.60
N GLN VB 55 -117.69 44.07 13.14
CA GLN VB 55 -118.66 43.45 14.02
C GLN VB 55 -118.81 41.99 13.62
N ARG VB 56 -119.01 41.73 12.32
CA ARG VB 56 -119.17 40.38 11.79
C ARG VB 56 -118.27 40.23 10.55
N ALA VB 57 -117.56 39.11 10.47
CA ALA VB 57 -116.63 38.82 9.38
C ALA VB 57 -117.20 37.68 8.54
N LEU VB 58 -117.83 38.03 7.42
CA LEU VB 58 -118.49 37.05 6.58
C LEU VB 58 -117.47 36.25 5.77
N ARG VB 59 -117.46 34.94 5.98
CA ARG VB 59 -116.61 34.02 5.24
C ARG VB 59 -117.52 33.01 4.54
N GLY VB 60 -117.03 32.46 3.43
CA GLY VB 60 -117.80 31.53 2.63
C GLY VB 60 -117.45 31.60 1.15
N HIS VB 61 -116.74 32.66 0.77
CA HIS VB 61 -116.14 32.72 -0.55
C HIS VB 61 -114.82 31.96 -0.52
N SER VB 62 -114.35 31.53 -1.70
CA SER VB 62 -113.04 30.92 -1.80
C SER VB 62 -112.06 31.73 -2.66
N HIS VB 63 -112.43 32.94 -3.03
CA HIS VB 63 -111.52 33.86 -3.72
C HIS VB 63 -111.95 35.29 -3.39
N PHE VB 64 -111.55 36.21 -4.23
CA PHE VB 64 -111.58 37.63 -3.93
C PHE VB 64 -112.98 38.17 -4.08
N VAL VB 65 -113.49 38.81 -3.02
CA VAL VB 65 -114.88 39.24 -2.98
C VAL VB 65 -114.96 40.52 -3.81
N SER VB 66 -115.63 40.44 -4.96
CA SER VB 66 -115.56 41.53 -5.92
C SER VB 66 -116.63 42.59 -5.67
N ASP VB 67 -117.85 42.19 -5.32
CA ASP VB 67 -118.92 43.17 -5.17
C ASP VB 67 -119.84 42.74 -4.04
N VAL VB 68 -120.44 43.71 -3.37
CA VAL VB 68 -121.46 43.43 -2.35
C VAL VB 68 -122.51 44.53 -2.40
N VAL VB 69 -123.78 44.12 -2.41
CA VAL VB 69 -124.91 45.05 -2.37
C VAL VB 69 -125.85 44.61 -1.26
N ILE VB 70 -126.24 45.58 -0.42
CA ILE VB 70 -127.25 45.38 0.61
C ILE VB 70 -128.62 45.58 -0.02
N SER VB 71 -129.57 44.76 0.40
CA SER VB 71 -130.95 44.89 -0.05
C SER VB 71 -131.59 46.11 0.60
N SER VB 72 -132.76 46.50 0.08
CA SER VB 72 -133.41 47.72 0.53
C SER VB 72 -134.00 47.58 1.94
N ASP VB 73 -134.09 46.37 2.48
CA ASP VB 73 -134.49 46.22 3.87
C ASP VB 73 -133.35 46.51 4.84
N GLY VB 74 -132.11 46.54 4.36
CA GLY VB 74 -130.98 46.83 5.21
C GLY VB 74 -130.58 45.69 6.12
N GLN VB 75 -131.09 44.49 5.86
CA GLN VB 75 -130.77 43.34 6.69
C GLN VB 75 -130.43 42.10 5.87
N PHE VB 76 -129.95 42.28 4.65
CA PHE VB 76 -129.54 41.19 3.78
C PHE VB 76 -128.46 41.67 2.83
N ALA VB 77 -127.45 40.84 2.60
CA ALA VB 77 -126.39 41.17 1.66
C ALA VB 77 -126.39 40.23 0.47
N LEU VB 78 -125.70 40.64 -0.59
CA LEU VB 78 -125.53 39.82 -1.78
C LEU VB 78 -124.17 40.12 -2.37
N SER VB 79 -123.31 39.12 -2.44
CA SER VB 79 -121.93 39.34 -2.83
C SER VB 79 -121.53 38.45 -4.00
N GLY VB 80 -120.82 39.06 -4.93
CA GLY VB 80 -120.18 38.34 -6.02
C GLY VB 80 -118.69 38.30 -5.80
N SER VB 81 -118.08 37.16 -6.13
CA SER VB 81 -116.66 36.97 -5.94
C SER VB 81 -116.08 36.16 -7.10
N TRP VB 82 -114.80 35.90 -7.00
CA TRP VB 82 -114.05 35.25 -8.07
C TRP VB 82 -113.99 33.74 -7.91
N ASP VB 83 -114.94 33.14 -7.22
CA ASP VB 83 -115.08 31.70 -7.22
C ASP VB 83 -116.11 31.22 -8.23
N GLY VB 84 -116.77 32.15 -8.91
CA GLY VB 84 -117.86 31.80 -9.79
C GLY VB 84 -119.19 31.70 -9.09
N THR VB 85 -119.31 32.21 -7.87
CA THR VB 85 -120.54 32.10 -7.09
C THR VB 85 -121.08 33.48 -6.78
N LEU VB 86 -122.36 33.51 -6.42
CA LEU VB 86 -122.93 34.63 -5.69
C LEU VB 86 -123.48 34.10 -4.38
N ARG VB 87 -123.27 34.84 -3.30
CA ARG VB 87 -123.74 34.39 -1.99
C ARG VB 87 -124.66 35.44 -1.40
N LEU VB 88 -125.85 35.01 -0.98
CA LEU VB 88 -126.81 35.87 -0.32
C LEU VB 88 -126.65 35.65 1.18
N TRP VB 89 -126.34 36.72 1.91
CA TRP VB 89 -125.92 36.65 3.30
C TRP VB 89 -127.02 37.16 4.22
N ASP VB 90 -127.28 36.41 5.29
CA ASP VB 90 -128.12 36.86 6.39
C ASP VB 90 -127.22 37.58 7.38
N LEU VB 91 -127.60 38.79 7.76
CA LEU VB 91 -126.64 39.68 8.41
C LEU VB 91 -126.55 39.46 9.91
N THR VB 92 -127.60 38.93 10.53
CA THR VB 92 -127.56 38.72 11.98
C THR VB 92 -126.86 37.41 12.31
N THR VB 93 -127.23 36.34 11.62
CA THR VB 93 -126.64 35.02 11.83
C THR VB 93 -125.27 34.86 11.19
N GLY VB 94 -124.87 35.78 10.31
CA GLY VB 94 -123.52 35.78 9.77
C GLY VB 94 -123.23 34.72 8.72
N THR VB 95 -124.24 34.00 8.28
CA THR VB 95 -124.04 32.92 7.30
C THR VB 95 -124.63 33.30 5.95
N THR VB 96 -124.45 32.39 5.01
CA THR VB 96 -125.20 32.43 3.77
C THR VB 96 -126.56 31.79 4.00
N THR VB 97 -127.50 32.11 3.12
CA THR VB 97 -128.74 31.37 3.01
C THR VB 97 -128.88 30.70 1.66
N ARG VB 98 -128.63 31.45 0.59
CA ARG VB 98 -128.74 30.94 -0.76
C ARG VB 98 -127.44 31.24 -1.52
N ARG VB 99 -127.06 30.31 -2.39
CA ARG VB 99 -125.92 30.48 -3.25
C ARG VB 99 -126.34 30.30 -4.70
N PHE VB 100 -125.81 31.15 -5.57
CA PHE VB 100 -126.16 31.21 -6.98
C PHE VB 100 -124.95 30.77 -7.77
N VAL VB 101 -125.02 29.60 -8.40
CA VAL VB 101 -123.90 29.03 -9.13
C VAL VB 101 -124.33 28.67 -10.54
N GLY VB 102 -123.36 28.70 -11.45
CA GLY VB 102 -123.64 28.47 -12.85
C GLY VB 102 -122.74 29.30 -13.74
N HIS VB 103 -122.03 30.26 -13.15
CA HIS VB 103 -120.99 30.98 -13.86
C HIS VB 103 -119.76 30.09 -14.01
N THR VB 104 -118.99 30.32 -15.07
CA THR VB 104 -117.77 29.58 -15.29
C THR VB 104 -116.51 30.36 -14.90
N LYS VB 105 -116.56 31.68 -14.96
CA LYS VB 105 -115.40 32.51 -14.66
C LYS VB 105 -115.79 33.49 -13.55
N ASP VB 106 -114.91 34.44 -13.27
CA ASP VB 106 -115.02 35.20 -12.03
C ASP VB 106 -116.14 36.23 -12.17
N VAL VB 107 -116.89 36.45 -11.09
CA VAL VB 107 -118.02 37.37 -11.10
C VAL VB 107 -117.57 38.71 -10.52
N LEU VB 108 -117.74 39.77 -11.29
CA LEU VB 108 -117.17 41.05 -10.89
C LEU VB 108 -118.15 42.01 -10.27
N SER VB 109 -119.42 41.87 -10.60
CA SER VB 109 -120.39 42.82 -10.12
C SER VB 109 -121.72 42.12 -9.92
N VAL VB 110 -122.47 42.63 -8.95
CA VAL VB 110 -123.79 42.11 -8.62
C VAL VB 110 -124.64 43.29 -8.17
N ALA VB 111 -125.96 43.16 -8.33
CA ALA VB 111 -126.86 44.25 -7.94
C ALA VB 111 -128.26 43.72 -7.65
N PHE VB 112 -128.92 44.38 -6.69
CA PHE VB 112 -130.30 44.11 -6.30
C PHE VB 112 -131.29 44.86 -7.17
N SER VB 113 -132.54 44.41 -7.11
CA SER VB 113 -133.66 45.22 -7.60
C SER VB 113 -134.11 46.21 -6.53
N SER VB 114 -135.00 47.11 -6.95
CA SER VB 114 -135.67 47.99 -5.99
C SER VB 114 -136.76 47.24 -5.22
N ASP VB 115 -137.46 46.32 -5.87
CA ASP VB 115 -138.36 45.42 -5.17
C ASP VB 115 -137.66 44.16 -4.67
N ASN VB 116 -136.36 44.02 -4.99
CA ASN VB 116 -135.45 43.01 -4.41
C ASN VB 116 -135.90 41.59 -4.71
N ARG VB 117 -136.40 41.39 -5.92
CA ARG VB 117 -136.81 40.08 -6.39
C ARG VB 117 -135.96 39.58 -7.55
N GLN VB 118 -135.47 40.49 -8.40
CA GLN VB 118 -134.52 40.18 -9.45
C GLN VB 118 -133.17 40.77 -9.07
N ILE VB 119 -132.10 39.99 -9.29
CA ILE VB 119 -130.74 40.42 -9.04
C ILE VB 119 -129.89 40.07 -10.25
N VAL VB 120 -128.77 40.78 -10.41
CA VAL VB 120 -127.98 40.68 -11.64
C VAL VB 120 -126.50 40.50 -11.32
N SER VB 121 -125.87 39.56 -12.04
CA SER VB 121 -124.43 39.35 -11.95
C SER VB 121 -123.80 39.59 -13.30
N GLY VB 122 -122.73 40.40 -13.30
CA GLY VB 122 -121.85 40.54 -14.45
C GLY VB 122 -120.48 39.98 -14.10
N SER VB 123 -119.89 39.27 -15.05
CA SER VB 123 -118.80 38.34 -14.74
C SER VB 123 -117.73 38.38 -15.82
N ARG VB 124 -116.66 37.58 -15.61
CA ARG VB 124 -115.55 37.60 -16.56
C ARG VB 124 -115.91 36.89 -17.85
N ASP VB 125 -116.68 35.80 -17.77
CA ASP VB 125 -117.19 35.28 -19.04
C ASP VB 125 -118.21 36.27 -19.58
N LYS VB 126 -118.39 36.23 -20.90
CA LYS VB 126 -119.10 37.30 -21.59
C LYS VB 126 -120.61 37.16 -21.43
N THR VB 127 -121.09 37.08 -20.19
CA THR VB 127 -122.46 36.75 -19.86
C THR VB 127 -122.94 37.63 -18.72
N ILE VB 128 -124.20 38.05 -18.83
CA ILE VB 128 -124.90 38.73 -17.77
C ILE VB 128 -126.02 37.80 -17.33
N LYS VB 129 -126.04 37.45 -16.06
CA LYS VB 129 -127.00 36.50 -15.53
C LYS VB 129 -127.96 37.19 -14.58
N LEU VB 130 -129.25 37.03 -14.83
CA LEU VB 130 -130.29 37.56 -13.96
C LEU VB 130 -130.95 36.42 -13.22
N TRP VB 131 -130.92 36.54 -11.88
CA TRP VB 131 -131.16 35.53 -10.87
C TRP VB 131 -132.36 35.94 -10.04
N ASN VB 132 -133.00 34.95 -9.44
CA ASN VB 132 -133.95 35.19 -8.36
C ASN VB 132 -133.20 35.49 -7.07
N THR VB 133 -133.96 35.63 -5.98
CA THR VB 133 -133.42 35.52 -4.64
C THR VB 133 -133.54 34.11 -4.09
N LEU VB 134 -134.08 33.19 -4.88
CA LEU VB 134 -134.30 31.81 -4.47
C LEU VB 134 -133.33 30.84 -5.12
N GLY VB 135 -132.52 31.30 -6.08
CA GLY VB 135 -131.43 30.51 -6.59
C GLY VB 135 -131.53 29.94 -8.00
N VAL VB 136 -132.48 30.41 -8.81
CA VAL VB 136 -132.72 29.86 -10.15
C VAL VB 136 -132.47 30.93 -11.19
N CYS VB 137 -131.67 30.60 -12.21
CA CYS VB 137 -131.30 31.52 -13.29
C CYS VB 137 -132.50 31.68 -14.20
N LYS VB 138 -133.12 32.85 -14.12
CA LYS VB 138 -134.22 33.08 -15.03
C LYS VB 138 -133.77 33.69 -16.34
N TYR VB 139 -132.60 34.33 -16.38
CA TYR VB 139 -132.12 34.79 -17.68
C TYR VB 139 -130.60 34.78 -17.69
N THR VB 140 -130.03 34.51 -18.85
CA THR VB 140 -128.63 34.81 -19.11
C THR VB 140 -128.53 35.28 -20.55
N VAL VB 141 -127.62 36.23 -20.81
CA VAL VB 141 -127.45 36.68 -22.18
C VAL VB 141 -126.35 35.87 -22.86
N GLN VB 142 -126.55 35.55 -24.14
CA GLN VB 142 -125.67 34.56 -24.73
C GLN VB 142 -124.59 35.13 -25.64
N ASP VB 143 -124.95 35.80 -26.73
CA ASP VB 143 -123.94 36.23 -27.69
C ASP VB 143 -124.11 37.63 -28.26
N GLU VB 144 -125.30 38.24 -28.19
CA GLU VB 144 -125.45 39.62 -28.65
C GLU VB 144 -125.19 40.56 -27.48
N SER VB 145 -124.00 40.46 -26.90
CA SER VB 145 -123.73 40.99 -25.59
C SER VB 145 -122.37 41.69 -25.65
N HIS VB 146 -121.79 41.95 -24.49
CA HIS VB 146 -120.44 42.47 -24.44
C HIS VB 146 -119.49 41.37 -24.89
N SER VB 147 -118.64 41.68 -25.88
CA SER VB 147 -117.66 40.72 -26.39
C SER VB 147 -116.41 40.63 -25.52
N GLU VB 148 -116.40 41.30 -24.37
CA GLU VB 148 -115.31 41.29 -23.40
C GLU VB 148 -115.94 41.26 -22.00
N TRP VB 149 -115.17 41.62 -20.97
CA TRP VB 149 -115.54 41.19 -19.62
C TRP VB 149 -116.48 42.23 -19.04
N VAL VB 150 -117.67 41.80 -18.63
CA VAL VB 150 -118.69 42.67 -18.04
C VAL VB 150 -118.20 43.09 -16.66
N SER VB 151 -118.01 44.41 -16.45
CA SER VB 151 -117.40 44.89 -15.21
C SER VB 151 -118.42 45.46 -14.22
N CYS VB 152 -119.52 46.05 -14.68
CA CYS VB 152 -120.50 46.59 -13.74
C CYS VB 152 -121.90 46.42 -14.31
N VAL VB 153 -122.81 45.89 -13.49
CA VAL VB 153 -124.21 45.72 -13.84
C VAL VB 153 -125.07 46.43 -12.78
N ARG VB 154 -125.99 47.28 -13.24
CA ARG VB 154 -126.86 48.01 -12.34
C ARG VB 154 -128.31 47.86 -12.77
N PHE VB 155 -129.20 47.84 -11.78
CA PHE VB 155 -130.62 48.07 -11.96
C PHE VB 155 -130.94 49.53 -11.69
N SER VB 156 -132.23 49.87 -11.84
CA SER VB 156 -132.73 51.24 -11.86
C SER VB 156 -133.73 51.49 -10.74
N PRO VB 157 -133.77 52.71 -10.20
CA PRO VB 157 -134.78 53.06 -9.18
C PRO VB 157 -136.21 53.06 -9.69
N ASN VB 158 -136.45 53.17 -11.00
CA ASN VB 158 -137.81 53.11 -11.53
C ASN VB 158 -138.24 51.66 -11.70
N SER VB 159 -139.47 51.37 -11.32
CA SER VB 159 -140.00 50.02 -11.46
C SER VB 159 -140.81 49.87 -12.76
N SER VB 160 -141.30 50.98 -13.31
CA SER VB 160 -142.10 50.93 -14.53
C SER VB 160 -141.27 50.74 -15.79
N ASN VB 161 -139.95 50.93 -15.72
CA ASN VB 161 -139.05 50.77 -16.86
C ASN VB 161 -137.98 49.79 -16.44
N PRO VB 162 -138.26 48.48 -16.53
CA PRO VB 162 -137.32 47.47 -16.00
C PRO VB 162 -136.08 47.27 -16.86
N ILE VB 163 -135.05 48.06 -16.63
CA ILE VB 163 -133.87 48.06 -17.48
C ILE VB 163 -132.61 47.78 -16.67
N ILE VB 164 -131.65 47.10 -17.30
CA ILE VB 164 -130.36 46.85 -16.68
C ILE VB 164 -129.34 47.62 -17.51
N VAL VB 165 -128.30 48.11 -16.87
CA VAL VB 165 -127.25 48.83 -17.57
C VAL VB 165 -125.91 48.19 -17.22
N SER VB 166 -125.11 47.92 -18.24
CA SER VB 166 -123.93 47.09 -18.05
C SER VB 166 -122.74 47.61 -18.84
N CYS VB 167 -121.56 47.41 -18.27
CA CYS VB 167 -120.31 47.72 -18.95
C CYS VB 167 -119.75 46.47 -19.63
N GLY VB 168 -118.60 46.62 -20.27
CA GLY VB 168 -117.83 45.51 -20.77
C GLY VB 168 -116.44 45.99 -21.10
N TRP VB 169 -115.47 45.09 -21.24
CA TRP VB 169 -114.18 45.69 -21.54
C TRP VB 169 -113.96 45.88 -23.04
N ASP VB 170 -115.00 45.67 -23.84
CA ASP VB 170 -114.98 45.99 -25.26
C ASP VB 170 -115.52 47.38 -25.55
N LYS VB 171 -115.33 48.32 -24.63
CA LYS VB 171 -115.58 49.76 -24.75
C LYS VB 171 -117.05 50.07 -24.94
N LEU VB 172 -117.96 49.23 -24.45
CA LEU VB 172 -119.39 49.39 -24.66
C LEU VB 172 -120.08 49.74 -23.35
N VAL VB 173 -121.25 50.37 -23.47
CA VAL VB 173 -122.20 50.50 -22.37
C VAL VB 173 -123.54 50.03 -22.93
N LYS VB 174 -124.03 48.88 -22.48
CA LYS VB 174 -125.31 48.39 -22.97
C LYS VB 174 -126.41 48.72 -21.99
N VAL VB 175 -127.65 48.83 -22.49
CA VAL VB 175 -128.83 48.80 -21.64
C VAL VB 175 -129.83 47.80 -22.23
N TRP VB 176 -130.26 46.86 -21.39
CA TRP VB 176 -131.20 45.81 -21.72
C TRP VB 176 -132.48 46.06 -20.93
N ASN VB 177 -133.49 45.21 -21.12
CA ASN VB 177 -134.70 45.29 -20.33
C ASN VB 177 -135.24 43.92 -19.95
N LEU VB 178 -135.92 43.86 -18.80
CA LEU VB 178 -136.54 42.64 -18.31
C LEU VB 178 -137.77 42.27 -19.13
N ALA VB 179 -138.53 43.28 -19.56
CA ALA VB 179 -139.87 43.05 -20.11
C ALA VB 179 -139.83 42.35 -21.45
N ASN VB 180 -139.04 42.86 -22.40
CA ASN VB 180 -138.93 42.19 -23.69
C ASN VB 180 -137.89 41.08 -23.65
N CYS VB 181 -137.12 41.00 -22.54
CA CYS VB 181 -136.05 40.02 -22.31
C CYS VB 181 -134.98 40.07 -23.40
N LYS VB 182 -134.64 41.26 -23.89
CA LYS VB 182 -133.68 41.40 -24.97
C LYS VB 182 -133.00 42.76 -24.87
N LEU VB 183 -132.25 43.11 -25.92
CA LEU VB 183 -131.39 44.29 -25.93
C LEU VB 183 -132.18 45.54 -26.27
N LYS VB 184 -131.82 46.63 -25.62
CA LYS VB 184 -132.41 47.90 -26.03
C LYS VB 184 -131.43 48.80 -26.74
N THR VB 185 -130.32 49.15 -26.10
CA THR VB 185 -129.51 50.18 -26.74
C THR VB 185 -128.04 49.95 -26.43
N ASN VB 186 -127.25 49.92 -27.50
CA ASN VB 186 -125.80 49.95 -27.41
C ASN VB 186 -125.28 51.36 -27.26
N HIS VB 187 -124.18 51.48 -26.51
CA HIS VB 187 -123.59 52.79 -26.21
C HIS VB 187 -122.09 52.70 -26.52
N ILE VB 188 -121.61 53.52 -27.45
CA ILE VB 188 -120.21 53.45 -27.86
C ILE VB 188 -119.57 54.82 -27.59
N GLY VB 189 -118.24 54.87 -27.45
CA GLY VB 189 -117.62 56.16 -27.13
C GLY VB 189 -116.46 56.19 -26.15
N HIS VB 190 -115.94 55.05 -25.74
CA HIS VB 190 -114.82 54.99 -24.80
C HIS VB 190 -113.61 54.43 -25.54
N THR VB 191 -112.45 55.06 -25.39
CA THR VB 191 -111.21 54.53 -25.93
C THR VB 191 -110.49 53.78 -24.80
N GLY VB 192 -111.03 52.64 -24.41
CA GLY VB 192 -110.47 51.87 -23.31
C GLY VB 192 -111.56 51.12 -22.58
N TYR VB 193 -111.15 50.21 -21.69
CA TYR VB 193 -112.12 49.36 -21.02
C TYR VB 193 -112.82 50.09 -19.89
N LEU VB 194 -114.08 49.73 -19.67
CA LEU VB 194 -114.94 50.35 -18.67
C LEU VB 194 -114.78 49.66 -17.32
N ASN VB 195 -115.05 50.41 -16.25
CA ASN VB 195 -115.03 49.85 -14.91
C ASN VB 195 -116.37 49.96 -14.19
N THR VB 196 -116.95 51.16 -14.10
CA THR VB 196 -118.10 51.39 -13.24
C THR VB 196 -119.17 52.19 -13.96
N VAL VB 197 -120.41 51.73 -13.84
CA VAL VB 197 -121.59 52.44 -14.32
C VAL VB 197 -122.48 52.77 -13.12
N THR VB 198 -123.15 53.92 -13.19
CA THR VB 198 -124.01 54.38 -12.12
C THR VB 198 -125.26 54.98 -12.73
N VAL VB 199 -126.41 54.70 -12.11
CA VAL VB 199 -127.66 55.37 -12.44
C VAL VB 199 -127.91 56.47 -11.42
N SER VB 200 -128.75 57.43 -11.81
CA SER VB 200 -129.10 58.55 -10.95
C SER VB 200 -130.12 58.11 -9.90
N PRO VB 201 -130.18 58.79 -8.75
CA PRO VB 201 -131.20 58.44 -7.75
C PRO VB 201 -132.64 58.63 -8.19
N ASP VB 202 -132.91 59.50 -9.16
CA ASP VB 202 -134.23 59.49 -9.78
C ASP VB 202 -134.31 58.47 -10.91
N GLY VB 203 -133.16 57.99 -11.39
CA GLY VB 203 -133.10 57.04 -12.47
C GLY VB 203 -132.97 57.64 -13.86
N SER VB 204 -133.00 58.96 -13.96
CA SER VB 204 -133.04 59.60 -15.27
C SER VB 204 -131.71 59.54 -16.01
N LEU VB 205 -130.60 59.88 -15.36
CA LEU VB 205 -129.33 60.10 -16.05
C LEU VB 205 -128.29 59.12 -15.53
N CYS VB 206 -127.33 58.78 -16.38
CA CYS VB 206 -126.37 57.72 -16.15
C CYS VB 206 -124.94 58.24 -16.28
N ALA VB 207 -124.02 57.57 -15.59
CA ALA VB 207 -122.60 57.86 -15.65
C ALA VB 207 -121.83 56.59 -15.93
N SER VB 208 -120.82 56.67 -16.78
CA SER VB 208 -119.96 55.51 -17.01
C SER VB 208 -118.51 55.95 -17.11
N GLY VB 209 -117.62 55.20 -16.44
CA GLY VB 209 -116.21 55.53 -16.43
C GLY VB 209 -115.35 54.27 -16.53
N GLY VB 210 -114.11 54.48 -16.97
CA GLY VB 210 -113.21 53.36 -17.17
C GLY VB 210 -111.73 53.69 -17.24
N LYS VB 211 -111.03 53.04 -18.18
CA LYS VB 211 -109.57 53.14 -18.27
C LYS VB 211 -109.11 54.50 -18.79
N ASP VB 212 -109.80 55.04 -19.80
CA ASP VB 212 -109.32 56.26 -20.47
C ASP VB 212 -109.48 57.48 -19.57
N GLY VB 213 -110.37 57.41 -18.59
CA GLY VB 213 -110.58 58.55 -17.72
C GLY VB 213 -111.77 59.39 -18.09
N GLN VB 214 -112.55 58.96 -19.09
CA GLN VB 214 -113.46 59.92 -19.73
C GLN VB 214 -114.78 59.52 -19.08
N ALA VB 215 -115.21 60.23 -18.03
CA ALA VB 215 -116.49 59.93 -17.40
C ALA VB 215 -117.67 60.40 -18.27
N MET VB 216 -118.34 59.49 -18.95
CA MET VB 216 -119.38 59.84 -19.89
C MET VB 216 -120.74 59.95 -19.22
N LEU VB 217 -121.47 61.01 -19.58
CA LEU VB 217 -122.78 61.22 -19.02
C LEU VB 217 -123.84 60.96 -20.04
N TRP VB 218 -124.86 60.22 -19.63
CA TRP VB 218 -125.88 59.72 -20.52
C TRP VB 218 -127.22 60.05 -19.84
N ASP VB 219 -128.33 59.83 -20.56
CA ASP VB 219 -129.64 59.71 -19.96
C ASP VB 219 -130.31 58.37 -20.25
N LEU VB 220 -131.44 58.16 -19.58
CA LEU VB 220 -132.17 56.92 -19.81
C LEU VB 220 -133.48 57.16 -20.53
N ASN VB 221 -134.06 58.36 -20.42
CA ASN VB 221 -135.25 58.68 -21.21
C ASN VB 221 -134.90 58.80 -22.69
N GLU VB 222 -133.75 59.39 -22.98
CA GLU VB 222 -133.19 59.39 -24.33
C GLU VB 222 -131.93 58.52 -24.31
N GLY VB 223 -131.71 57.78 -25.38
CA GLY VB 223 -130.49 56.99 -25.45
C GLY VB 223 -129.35 57.70 -26.15
N LYS VB 224 -128.90 58.85 -25.64
CA LYS VB 224 -127.86 59.60 -26.32
C LYS VB 224 -127.06 60.42 -25.32
N HIS VB 225 -125.77 60.55 -25.61
CA HIS VB 225 -124.77 61.15 -24.75
C HIS VB 225 -125.06 62.64 -24.46
N LEU VB 226 -124.58 63.12 -23.32
CA LEU VB 226 -124.76 64.52 -22.92
C LEU VB 226 -123.47 65.30 -22.97
N TYR VB 227 -122.50 64.93 -22.15
CA TYR VB 227 -121.18 65.56 -22.12
C TYR VB 227 -120.28 64.74 -21.24
N THR VB 228 -119.03 65.13 -21.19
CA THR VB 228 -118.10 64.12 -20.76
C THR VB 228 -116.99 64.72 -19.91
N LEU VB 229 -116.53 64.00 -18.87
CA LEU VB 229 -115.65 64.55 -17.85
C LEU VB 229 -114.25 64.02 -18.01
N ASP VB 230 -113.23 64.87 -17.83
CA ASP VB 230 -111.85 64.42 -17.89
C ASP VB 230 -111.37 63.99 -16.51
N GLY VB 231 -111.05 62.71 -16.35
CA GLY VB 231 -110.50 62.22 -15.11
C GLY VB 231 -108.98 62.20 -15.11
N GLY VB 232 -108.40 61.71 -16.20
CA GLY VB 232 -106.97 61.64 -16.33
C GLY VB 232 -106.33 60.36 -15.86
N ASP VB 233 -106.86 59.73 -14.82
CA ASP VB 233 -106.44 58.41 -14.39
C ASP VB 233 -107.53 57.41 -14.75
N ILE VB 234 -107.34 56.16 -14.37
CA ILE VB 234 -108.36 55.16 -14.59
C ILE VB 234 -109.53 55.41 -13.63
N ILE VB 235 -110.74 55.45 -14.17
CA ILE VB 235 -111.93 55.71 -13.37
C ILE VB 235 -112.25 54.42 -12.63
N ASN VB 236 -111.81 54.31 -11.38
CA ASN VB 236 -112.00 53.10 -10.61
C ASN VB 236 -113.45 52.93 -10.14
N ALA VB 237 -114.10 54.00 -9.69
CA ALA VB 237 -115.45 53.87 -9.16
C ALA VB 237 -116.21 55.17 -9.39
N LEU VB 238 -117.51 55.01 -9.70
CA LEU VB 238 -118.42 56.12 -9.90
C LEU VB 238 -119.64 55.94 -9.01
N CYS VB 239 -120.08 57.05 -8.39
CA CYS VB 239 -121.40 57.07 -7.76
C CYS VB 239 -121.89 58.51 -7.67
N PHE VB 240 -123.21 58.68 -7.70
CA PHE VB 240 -123.81 59.99 -7.50
C PHE VB 240 -123.95 60.27 -6.01
N SER VB 241 -124.10 61.54 -5.66
CA SER VB 241 -124.52 61.79 -4.29
C SER VB 241 -125.99 61.40 -4.13
N PRO VB 242 -126.37 60.76 -3.01
CA PRO VB 242 -127.67 60.07 -2.98
C PRO VB 242 -128.87 61.00 -2.87
N ASN VB 243 -128.68 62.19 -2.30
CA ASN VB 243 -129.72 63.22 -2.33
C ASN VB 243 -129.21 64.51 -2.95
N ARG VB 244 -127.93 64.82 -2.78
CA ARG VB 244 -127.37 66.00 -3.41
C ARG VB 244 -127.06 65.70 -4.86
N TYR VB 245 -126.88 66.77 -5.63
CA TYR VB 245 -126.78 66.64 -7.08
C TYR VB 245 -125.31 66.78 -7.49
N TRP VB 246 -124.52 65.82 -7.01
CA TRP VB 246 -123.07 65.76 -7.22
C TRP VB 246 -122.69 64.42 -7.84
N LEU VB 247 -121.44 64.32 -8.30
CA LEU VB 247 -120.95 63.06 -8.86
C LEU VB 247 -119.53 62.83 -8.40
N CYS VB 248 -119.24 61.62 -7.93
CA CYS VB 248 -117.97 61.27 -7.30
C CYS VB 248 -117.30 60.11 -8.03
N ALA VB 249 -115.99 60.26 -8.26
CA ALA VB 249 -115.17 59.30 -8.98
C ALA VB 249 -113.88 59.05 -8.22
N ALA VB 250 -113.44 57.79 -8.21
CA ALA VB 250 -112.16 57.40 -7.62
C ALA VB 250 -111.09 57.48 -8.71
N THR VB 251 -110.40 58.62 -8.78
CA THR VB 251 -109.47 58.88 -9.86
C THR VB 251 -108.04 58.68 -9.34
N GLY VB 252 -107.65 57.42 -9.26
CA GLY VB 252 -106.35 57.04 -8.73
C GLY VB 252 -106.23 57.35 -7.26
N PRO VB 253 -105.17 58.08 -6.89
CA PRO VB 253 -105.04 58.50 -5.49
C PRO VB 253 -105.96 59.65 -5.11
N SER VB 254 -106.50 60.37 -6.08
CA SER VB 254 -107.35 61.52 -5.80
C SER VB 254 -108.81 61.18 -6.07
N ILE VB 255 -109.70 61.90 -5.42
CA ILE VB 255 -111.14 61.73 -5.62
C ILE VB 255 -111.69 62.99 -6.27
N LYS VB 256 -112.41 62.80 -7.38
CA LYS VB 256 -112.92 63.87 -8.23
C LYS VB 256 -114.43 63.93 -8.07
N ILE VB 257 -114.94 65.06 -7.59
CA ILE VB 257 -116.37 65.26 -7.40
C ILE VB 257 -116.79 66.52 -8.14
N TRP VB 258 -117.78 66.41 -9.01
CA TRP VB 258 -118.22 67.53 -9.82
C TRP VB 258 -119.67 67.85 -9.48
N ASP VB 259 -120.09 69.06 -9.84
CA ASP VB 259 -121.50 69.43 -9.89
C ASP VB 259 -121.94 69.45 -11.36
N LEU VB 260 -123.22 69.28 -11.60
CA LEU VB 260 -123.60 68.71 -12.89
C LEU VB 260 -124.18 69.75 -13.86
N GLU VB 261 -124.70 70.89 -13.37
CA GLU VB 261 -125.00 72.01 -14.26
C GLU VB 261 -123.83 72.95 -14.41
N GLY VB 262 -123.23 73.38 -13.32
CA GLY VB 262 -121.99 74.11 -13.43
C GLY VB 262 -120.91 73.08 -13.65
N LYS VB 263 -120.41 72.98 -14.88
CA LYS VB 263 -119.54 71.88 -15.27
C LYS VB 263 -118.17 72.03 -14.63
N ILE VB 264 -118.09 71.75 -13.32
CA ILE VB 264 -116.88 72.05 -12.56
C ILE VB 264 -116.82 71.16 -11.32
N ILE VB 265 -115.59 70.78 -10.98
CA ILE VB 265 -115.23 70.10 -9.74
C ILE VB 265 -115.52 71.02 -8.57
N VAL VB 266 -116.08 70.45 -7.50
CA VAL VB 266 -116.23 71.22 -6.27
C VAL VB 266 -115.02 71.06 -5.36
N ASP VB 267 -114.34 69.90 -5.37
CA ASP VB 267 -113.15 69.72 -4.54
C ASP VB 267 -112.33 68.52 -5.01
N GLU VB 268 -111.06 68.52 -4.59
CA GLU VB 268 -110.12 67.45 -4.83
C GLU VB 268 -109.82 66.74 -3.53
N LEU VB 269 -110.10 65.45 -3.44
CA LEU VB 269 -109.79 64.71 -2.21
C LEU VB 269 -108.52 63.88 -2.42
N LYS VB 270 -107.41 64.54 -2.18
CA LYS VB 270 -106.08 64.00 -2.44
C LYS VB 270 -105.20 64.36 -1.25
N GLN VB 271 -104.85 63.36 -0.44
CA GLN VB 271 -103.89 63.58 0.62
C GLN VB 271 -102.49 63.77 0.04
N GLU VB 272 -101.76 64.74 0.60
CA GLU VB 272 -100.42 65.08 0.10
C GLU VB 272 -99.34 64.79 1.14
N VAL VB 273 -99.55 63.76 1.96
CA VAL VB 273 -98.70 63.48 3.12
C VAL VB 273 -97.72 62.37 2.75
N ILE VB 274 -97.48 62.21 1.45
CA ILE VB 274 -96.64 61.14 0.94
C ILE VB 274 -95.19 61.42 1.30
N SER VB 275 -94.61 60.54 2.14
CA SER VB 275 -93.21 60.64 2.53
C SER VB 275 -92.32 59.63 1.81
N THR VB 276 -92.89 58.78 0.96
CA THR VB 276 -92.14 57.73 0.27
C THR VB 276 -92.33 57.94 -1.24
N SER VB 277 -91.25 58.29 -1.93
CA SER VB 277 -91.34 58.63 -3.34
C SER VB 277 -90.39 57.86 -4.25
N SER VB 278 -89.60 56.93 -3.71
CA SER VB 278 -88.64 56.19 -4.53
C SER VB 278 -89.27 54.94 -5.12
N LYS VB 279 -89.68 55.03 -6.40
CA LYS VB 279 -90.47 54.02 -7.12
C LYS VB 279 -91.72 53.61 -6.33
N ALA VB 280 -92.39 54.58 -5.71
CA ALA VB 280 -93.52 54.31 -4.84
C ALA VB 280 -94.77 54.95 -5.43
N GLU VB 281 -95.91 54.31 -5.23
CA GLU VB 281 -97.17 54.88 -5.69
C GLU VB 281 -98.07 55.11 -4.50
N PRO VB 282 -98.56 56.34 -4.31
CA PRO VB 282 -99.68 56.55 -3.40
C PRO VB 282 -100.89 55.76 -3.87
N PRO VB 283 -101.72 55.27 -2.93
CA PRO VB 283 -102.63 54.16 -3.23
C PRO VB 283 -103.73 54.52 -4.21
N GLN VB 284 -103.98 53.61 -5.15
CA GLN VB 284 -105.18 53.70 -5.96
C GLN VB 284 -106.40 53.49 -5.08
N CYS VB 285 -107.37 54.39 -5.20
CA CYS VB 285 -108.63 54.26 -4.50
C CYS VB 285 -109.48 53.29 -5.31
N THR VB 286 -109.71 52.09 -4.76
CA THR VB 286 -110.45 51.08 -5.49
C THR VB 286 -111.93 51.41 -5.58
N SER VB 287 -112.58 51.70 -4.46
CA SER VB 287 -114.02 51.92 -4.52
C SER VB 287 -114.39 53.12 -3.67
N LEU VB 288 -115.60 53.63 -3.89
CA LEU VB 288 -116.18 54.63 -3.00
C LEU VB 288 -117.70 54.54 -3.09
N ALA VB 289 -118.34 55.03 -2.05
CA ALA VB 289 -119.80 55.09 -1.99
C ALA VB 289 -120.18 56.20 -1.02
N TRP VB 290 -121.47 56.51 -0.99
CA TRP VB 290 -122.02 57.45 -0.02
C TRP VB 290 -122.84 56.70 1.03
N SER VB 291 -122.99 57.32 2.19
CA SER VB 291 -124.02 56.87 3.11
C SER VB 291 -125.35 57.53 2.75
N ALA VB 292 -126.39 57.17 3.50
CA ALA VB 292 -127.75 57.61 3.17
C ALA VB 292 -127.96 59.08 3.50
N ASP VB 293 -127.18 59.64 4.43
CA ASP VB 293 -127.34 61.03 4.82
C ASP VB 293 -126.88 61.99 3.73
N GLY VB 294 -126.00 61.53 2.85
CA GLY VB 294 -125.42 62.38 1.84
C GLY VB 294 -124.22 63.16 2.31
N GLN VB 295 -123.69 62.89 3.51
CA GLN VB 295 -122.55 63.65 4.02
C GLN VB 295 -121.27 62.87 4.16
N THR VB 296 -121.34 61.55 4.29
CA THR VB 296 -120.14 60.78 4.55
C THR VB 296 -119.83 59.86 3.36
N LEU VB 297 -118.67 60.10 2.76
CA LEU VB 297 -118.16 59.34 1.63
C LEU VB 297 -117.18 58.31 2.16
N PHE VB 298 -117.39 57.05 1.77
CA PHE VB 298 -116.50 55.96 2.14
C PHE VB 298 -115.62 55.64 0.94
N ALA VB 299 -114.31 55.73 1.12
CA ALA VB 299 -113.37 55.51 0.01
C ALA VB 299 -112.36 54.44 0.41
N GLY VB 300 -112.34 53.34 -0.32
CA GLY VB 300 -111.46 52.23 -0.03
C GLY VB 300 -110.33 52.15 -1.05
N TYR VB 301 -109.12 51.91 -0.54
CA TYR VB 301 -107.87 52.01 -1.28
C TYR VB 301 -107.17 50.67 -1.32
N THR VB 302 -105.92 50.70 -1.78
CA THR VB 302 -105.12 49.49 -1.95
C THR VB 302 -104.26 49.15 -0.75
N ASP VB 303 -104.08 50.07 0.20
CA ASP VB 303 -103.30 49.81 1.39
C ASP VB 303 -104.15 49.29 2.55
N ASN VB 304 -105.20 48.51 2.24
CA ASN VB 304 -106.02 47.78 3.20
C ASN VB 304 -106.83 48.72 4.09
N LEU VB 305 -107.11 49.93 3.62
CA LEU VB 305 -107.80 50.94 4.40
C LEU VB 305 -109.00 51.46 3.63
N VAL VB 306 -110.01 51.88 4.39
CA VAL VB 306 -111.11 52.70 3.90
C VAL VB 306 -111.25 53.94 4.80
N ARG VB 307 -111.25 55.10 4.16
CA ARG VB 307 -111.30 56.39 4.84
C ARG VB 307 -112.69 56.99 4.73
N VAL VB 308 -113.02 57.87 5.68
CA VAL VB 308 -114.29 58.59 5.65
C VAL VB 308 -114.03 60.07 5.42
N TRP VB 309 -114.83 60.65 4.54
CA TRP VB 309 -114.70 62.06 4.16
C TRP VB 309 -116.08 62.71 4.28
N GLN VB 310 -116.20 63.68 5.17
CA GLN VB 310 -117.49 64.30 5.40
C GLN VB 310 -117.55 65.68 4.76
N VAL VB 311 -118.72 65.99 4.20
CA VAL VB 311 -118.90 67.23 3.44
C VAL VB 311 -118.92 68.41 4.40
N THR VB 312 -118.45 69.56 3.91
CA THR VB 312 -118.54 70.81 4.66
C THR VB 312 -120.00 71.21 4.92
N ILE VB 313 -120.82 71.21 3.88
CA ILE VB 313 -122.22 71.57 4.04
C ILE VB 313 -123.04 70.39 4.57
N GLY WB 1 25.36 17.05 17.98
CA GLY WB 1 26.49 17.32 18.85
C GLY WB 1 27.44 18.35 18.28
N ARG WB 2 27.20 18.74 17.04
CA ARG WB 2 28.05 19.67 16.33
C ARG WB 2 27.29 20.96 16.09
N VAL WB 3 28.02 22.09 16.16
CA VAL WB 3 27.43 23.40 15.93
C VAL WB 3 26.95 23.51 14.48
N ILE WB 4 25.70 23.94 14.31
CA ILE WB 4 25.05 23.99 13.00
C ILE WB 4 25.45 25.24 12.22
N ARG WB 5 25.10 25.25 10.93
CA ARG WB 5 25.56 26.29 10.00
C ARG WB 5 25.01 27.66 10.35
N GLY WB 6 23.73 27.72 10.72
CA GLY WB 6 23.15 28.99 11.11
C GLY WB 6 23.72 29.54 12.39
N GLN WB 7 24.21 28.67 13.26
CA GLN WB 7 24.94 29.12 14.43
C GLN WB 7 26.33 29.64 14.06
N ARG WB 8 27.03 28.93 13.18
CA ARG WB 8 28.36 29.36 12.74
C ARG WB 8 28.34 30.66 11.97
N LYS WB 9 27.20 31.04 11.40
CA LYS WB 9 27.15 32.29 10.63
C LYS WB 9 27.34 33.53 11.49
N GLY WB 10 27.07 33.45 12.79
CA GLY WB 10 27.26 34.61 13.63
C GLY WB 10 28.67 34.82 14.10
N ALA WB 11 29.50 33.79 14.08
CA ALA WB 11 30.91 33.94 14.37
C ALA WB 11 31.63 34.71 13.26
N GLY WB 12 31.18 34.58 12.03
CA GLY WB 12 31.79 35.30 10.94
C GLY WB 12 32.82 34.45 10.24
N SER WB 13 33.88 35.11 9.79
CA SER WB 13 35.16 34.59 9.31
C SER WB 13 35.15 33.88 7.96
N VAL WB 14 33.99 33.43 7.49
CA VAL WB 14 33.81 33.10 6.07
C VAL WB 14 32.48 33.70 5.66
N PHE WB 15 31.65 34.03 6.65
CA PHE WB 15 30.32 34.55 6.41
C PHE WB 15 30.27 36.06 6.53
N ARG WB 16 31.42 36.70 6.57
CA ARG WB 16 31.45 38.16 6.56
C ARG WB 16 31.13 38.67 5.16
N ALA WB 17 30.71 39.92 5.10
CA ALA WB 17 30.29 40.49 3.84
C ALA WB 17 31.50 40.77 2.95
N HIS WB 18 31.32 40.56 1.65
CA HIS WB 18 32.36 40.81 0.66
C HIS WB 18 32.29 42.28 0.29
N VAL WB 19 33.15 43.08 0.91
CA VAL WB 19 33.07 44.53 0.85
C VAL WB 19 34.26 45.16 0.14
N LYS WB 20 35.09 44.35 -0.53
CA LYS WB 20 36.34 44.85 -1.09
C LYS WB 20 36.10 45.82 -2.24
N HIS WB 21 35.16 45.51 -3.11
CA HIS WB 21 34.90 46.33 -4.28
C HIS WB 21 33.66 47.19 -4.13
N ARG WB 22 33.04 47.18 -2.96
CA ARG WB 22 31.97 48.10 -2.67
C ARG WB 22 32.51 49.52 -2.58
N LYS WB 23 31.66 50.48 -2.90
CA LYS WB 23 32.14 51.84 -3.08
C LYS WB 23 31.99 52.69 -1.84
N GLY WB 24 31.55 52.13 -0.73
CA GLY WB 24 31.31 52.84 0.50
C GLY WB 24 29.89 52.64 0.97
N ALA WB 25 29.64 53.05 2.21
CA ALA WB 25 28.30 52.95 2.78
C ALA WB 25 27.39 53.98 2.13
N ALA WB 26 26.34 53.51 1.49
CA ALA WB 26 25.36 54.38 0.84
C ALA WB 26 24.52 55.07 1.90
N ARG WB 27 24.79 56.35 2.15
CA ARG WB 27 24.13 57.08 3.21
C ARG WB 27 23.71 58.43 2.70
N LEU WB 28 22.73 59.02 3.35
CA LEU WB 28 22.39 60.41 3.16
C LEU WB 28 23.48 61.29 3.76
N ARG WB 29 23.35 62.59 3.53
CA ARG WB 29 24.29 63.51 4.15
C ARG WB 29 23.98 63.67 5.63
N ALA WB 30 24.96 64.18 6.36
CA ALA WB 30 24.70 64.55 7.74
C ALA WB 30 23.82 65.77 7.78
N VAL WB 31 22.91 65.80 8.77
CA VAL WB 31 22.03 66.94 8.90
C VAL WB 31 22.80 68.10 9.49
N ASP WB 32 22.58 69.29 8.95
CA ASP WB 32 23.29 70.50 9.37
C ASP WB 32 22.31 71.67 9.32
N PHE WB 33 22.85 72.89 9.43
CA PHE WB 33 22.02 74.09 9.44
C PHE WB 33 21.30 74.29 8.12
N ALA WB 34 22.00 74.07 7.01
CA ALA WB 34 21.41 74.25 5.68
C ALA WB 34 20.26 73.30 5.44
N GLU WB 35 20.36 72.09 5.95
CA GLU WB 35 19.34 71.08 5.75
C GLU WB 35 18.23 71.15 6.78
N ARG WB 36 18.51 71.65 7.98
CA ARG WB 36 17.46 71.93 8.96
C ARG WB 36 16.66 73.18 8.65
N HIS WB 37 17.23 74.17 7.96
CA HIS WB 37 16.50 75.39 7.70
C HIS WB 37 16.20 75.61 6.23
N GLY WB 38 17.21 75.63 5.36
CA GLY WB 38 16.94 75.95 3.97
C GLY WB 38 17.12 74.77 3.05
N TYR WB 39 18.09 74.85 2.13
CA TYR WB 39 18.48 73.73 1.30
C TYR WB 39 19.91 73.93 0.84
N ILE WB 40 20.57 72.82 0.56
CA ILE WB 40 21.90 72.83 -0.04
C ILE WB 40 21.79 72.13 -1.39
N LYS WB 41 22.38 72.74 -2.42
CA LYS WB 41 22.41 72.17 -3.75
C LYS WB 41 23.59 71.23 -3.88
N GLY WB 42 23.34 70.04 -4.40
CA GLY WB 42 24.40 69.18 -4.86
C GLY WB 42 24.17 68.86 -6.31
N ILE WB 43 25.20 68.37 -6.97
CA ILE WB 43 25.11 68.03 -8.38
C ILE WB 43 25.51 66.57 -8.53
N VAL WB 44 24.71 65.79 -9.26
CA VAL WB 44 25.02 64.38 -9.46
C VAL WB 44 26.14 64.29 -10.48
N LYS WB 45 27.34 63.96 -10.02
CA LYS WB 45 28.47 63.71 -10.89
C LYS WB 45 28.46 62.32 -11.50
N ASP WB 46 28.07 61.30 -10.74
CA ASP WB 46 28.27 59.96 -11.25
C ASP WB 46 27.14 59.07 -10.77
N ILE WB 47 26.87 58.01 -11.51
CA ILE WB 47 25.91 56.99 -11.09
C ILE WB 47 26.59 55.65 -11.28
N ILE WB 48 26.79 54.92 -10.18
CA ILE WB 48 27.73 53.81 -10.13
C ILE WB 48 27.04 52.55 -9.66
N HIS WB 49 27.75 51.44 -9.82
CA HIS WB 49 27.26 50.12 -9.46
C HIS WB 49 27.96 49.63 -8.20
N ASP WB 50 27.18 49.31 -7.18
CA ASP WB 50 27.74 48.78 -5.95
C ASP WB 50 27.69 47.27 -5.99
N PRO WB 51 28.83 46.58 -5.96
CA PRO WB 51 28.80 45.11 -5.89
C PRO WB 51 28.16 44.63 -4.59
N GLY WB 52 27.29 43.63 -4.72
CA GLY WB 52 26.49 43.23 -3.59
C GLY WB 52 25.28 44.07 -3.36
N ARG WB 53 24.83 44.82 -4.35
CA ARG WB 53 23.66 45.67 -4.22
C ARG WB 53 23.01 45.83 -5.58
N GLY WB 54 21.71 45.56 -5.65
CA GLY WB 54 21.00 45.68 -6.91
C GLY WB 54 20.67 47.12 -7.27
N ALA WB 55 20.71 47.98 -6.29
CA ALA WB 55 20.41 49.38 -6.58
C ALA WB 55 21.67 50.10 -7.05
N PRO WB 56 21.52 51.09 -7.94
CA PRO WB 56 22.66 51.97 -8.24
C PRO WB 56 22.82 53.02 -7.16
N LEU WB 57 24.02 53.57 -7.11
CA LEU WB 57 24.32 54.68 -6.21
C LEU WB 57 24.58 55.93 -7.03
N ALA WB 58 24.46 57.09 -6.40
CA ALA WB 58 24.79 58.34 -7.04
C ALA WB 58 25.90 59.03 -6.27
N LYS WB 59 26.98 59.34 -6.96
CA LYS WB 59 28.02 60.22 -6.43
C LYS WB 59 27.53 61.63 -6.70
N VAL WB 60 27.17 62.32 -5.61
CA VAL WB 60 26.66 63.68 -5.65
C VAL WB 60 27.61 64.59 -4.90
N VAL WB 61 28.00 65.69 -5.52
CA VAL WB 61 28.96 66.61 -4.94
C VAL WB 61 28.21 67.84 -4.44
N PHE WB 62 28.34 68.11 -3.15
CA PHE WB 62 27.93 69.33 -2.48
C PHE WB 62 29.17 70.15 -2.18
N ARG WB 63 28.96 71.41 -1.79
CA ARG WB 63 30.04 72.24 -1.30
C ARG WB 63 29.87 72.43 0.21
N ASP WB 64 30.98 72.43 0.91
CA ASP WB 64 30.96 72.64 2.35
C ASP WB 64 30.66 74.12 2.63
N PRO WB 65 29.68 74.43 3.48
CA PRO WB 65 29.36 75.83 3.76
C PRO WB 65 30.23 76.49 4.83
N TYR WB 66 31.06 75.74 5.54
CA TYR WB 66 31.87 76.30 6.60
C TYR WB 66 33.34 76.37 6.27
N ARG WB 67 33.79 75.71 5.21
CA ARG WB 67 35.13 75.90 4.70
C ARG WB 67 35.09 75.63 3.22
N PHE WB 68 36.10 76.13 2.52
CA PHE WB 68 36.25 75.91 1.09
C PHE WB 68 36.61 74.46 0.89
N LYS WB 69 35.66 73.67 0.42
CA LYS WB 69 35.83 72.24 0.16
C LYS WB 69 34.61 71.75 -0.59
N LYS WB 70 34.78 70.65 -1.32
CA LYS WB 70 33.68 69.95 -1.95
C LYS WB 70 33.52 68.60 -1.25
N ARG WB 71 32.30 68.30 -0.84
CA ARG WB 71 31.99 67.03 -0.19
C ARG WB 71 31.27 66.12 -1.17
N THR WB 72 31.57 64.83 -1.09
CA THR WB 72 31.01 63.85 -2.02
C THR WB 72 30.21 62.82 -1.24
N GLU WB 73 28.96 62.60 -1.65
CA GLU WB 73 28.03 61.72 -0.97
C GLU WB 73 27.61 60.59 -1.90
N LEU WB 74 27.41 59.41 -1.30
CA LEU WB 74 26.92 58.23 -1.99
C LEU WB 74 25.44 58.06 -1.66
N PHE WB 75 24.58 58.64 -2.48
CA PHE WB 75 23.15 58.50 -2.32
C PHE WB 75 22.71 57.15 -2.87
N ILE WB 76 21.61 56.63 -2.32
CA ILE WB 76 20.84 55.64 -3.05
C ILE WB 76 20.21 56.39 -4.23
N ALA WB 77 20.50 55.94 -5.44
CA ALA WB 77 20.05 56.67 -6.62
C ALA WB 77 18.56 56.46 -6.83
N ALA WB 78 17.80 57.54 -6.85
CA ALA WB 78 16.39 57.47 -7.17
C ALA WB 78 16.22 57.18 -8.66
N GLU WB 79 15.12 56.53 -8.99
CA GLU WB 79 14.87 56.23 -10.40
C GLU WB 79 14.41 57.47 -11.14
N GLY WB 80 15.12 57.80 -12.20
CA GLY WB 80 14.84 58.99 -12.99
C GLY WB 80 15.93 60.05 -12.92
N ILE WB 81 16.85 59.93 -11.96
CA ILE WB 81 17.91 60.93 -11.85
C ILE WB 81 19.01 60.62 -12.86
N HIS WB 82 19.71 61.67 -13.29
CA HIS WB 82 20.79 61.54 -14.23
C HIS WB 82 22.02 62.29 -13.73
N THR WB 83 23.12 62.16 -14.47
CA THR WB 83 24.31 62.94 -14.16
C THR WB 83 24.22 64.32 -14.82
N GLY WB 84 24.72 65.33 -14.11
CA GLY WB 84 24.42 66.68 -14.49
C GLY WB 84 23.07 67.16 -14.03
N GLN WB 85 22.52 66.55 -12.98
CA GLN WB 85 21.23 66.93 -12.41
C GLN WB 85 21.42 67.48 -11.01
N PHE WB 86 20.79 68.61 -10.73
CA PHE WB 86 20.82 69.24 -9.42
C PHE WB 86 19.87 68.53 -8.48
N VAL WB 87 20.34 68.19 -7.29
CA VAL WB 87 19.46 67.72 -6.22
C VAL WB 87 19.58 68.71 -5.08
N TYR WB 88 18.54 68.76 -4.25
CA TYR WB 88 18.40 69.80 -3.25
C TYR WB 88 18.01 69.16 -1.93
N CYS WB 89 18.81 69.38 -0.90
CA CYS WB 89 18.62 68.74 0.40
C CYS WB 89 18.29 69.77 1.44
N GLY WB 90 17.14 69.62 2.08
CA GLY WB 90 16.77 70.52 3.15
C GLY WB 90 15.27 70.56 3.34
N LYS WB 91 14.87 71.30 4.38
CA LYS WB 91 13.46 71.48 4.68
C LYS WB 91 12.75 72.26 3.58
N LYS WB 92 13.41 73.28 3.04
CA LYS WB 92 12.83 74.11 1.99
C LYS WB 92 13.17 73.63 0.60
N ALA WB 93 13.60 72.38 0.45
CA ALA WB 93 13.79 71.79 -0.86
C ALA WB 93 12.44 71.45 -1.48
N GLN WB 94 12.38 71.51 -2.81
CA GLN WB 94 11.14 71.23 -3.49
C GLN WB 94 10.95 69.73 -3.71
N LEU WB 95 9.73 69.36 -4.08
CA LEU WB 95 9.30 67.97 -4.15
C LEU WB 95 9.54 67.46 -5.57
N ASN WB 96 10.77 67.01 -5.82
CA ASN WB 96 11.16 66.47 -7.11
C ASN WB 96 12.03 65.24 -6.88
N ILE WB 97 12.15 64.41 -7.91
CA ILE WB 97 12.81 63.11 -7.78
C ILE WB 97 14.31 63.31 -7.58
N GLY WB 98 14.84 62.72 -6.52
CA GLY WB 98 16.22 62.92 -6.12
C GLY WB 98 16.41 63.91 -4.99
N ASN WB 99 15.40 64.73 -4.69
CA ASN WB 99 15.52 65.67 -3.59
C ASN WB 99 15.38 64.97 -2.26
N VAL WB 100 16.01 65.53 -1.24
CA VAL WB 100 15.96 65.03 0.12
C VAL WB 100 15.29 66.08 0.98
N LEU WB 101 14.17 65.73 1.60
CA LEU WB 101 13.49 66.65 2.49
C LEU WB 101 12.78 65.86 3.57
N PRO WB 102 12.55 66.45 4.75
CA PRO WB 102 11.89 65.72 5.84
C PRO WB 102 10.43 65.41 5.53
N VAL WB 103 9.93 64.35 6.16
CA VAL WB 103 8.65 63.76 5.76
C VAL WB 103 7.45 64.64 6.05
N GLY WB 104 7.53 65.51 7.07
CA GLY WB 104 6.43 66.40 7.35
C GLY WB 104 6.26 67.51 6.33
N THR WB 105 7.32 67.78 5.56
CA THR WB 105 7.27 68.76 4.50
C THR WB 105 6.81 68.15 3.18
N MET WB 106 6.34 66.90 3.21
CA MET WB 106 5.83 66.23 2.04
C MET WB 106 4.35 65.88 2.23
N PRO WB 107 3.53 66.13 1.21
CA PRO WB 107 2.09 65.86 1.34
C PRO WB 107 1.82 64.37 1.34
N GLU WB 108 0.63 64.02 1.85
CA GLU WB 108 0.24 62.62 2.03
C GLU WB 108 0.16 61.91 0.69
N GLY WB 109 0.74 60.71 0.63
CA GLY WB 109 0.85 59.96 -0.60
C GLY WB 109 2.15 60.12 -1.35
N THR WB 110 3.11 60.82 -0.77
CA THR WB 110 4.41 60.99 -1.41
C THR WB 110 5.21 59.69 -1.34
N ILE WB 111 5.75 59.30 -2.48
CA ILE WB 111 6.53 58.08 -2.64
C ILE WB 111 7.99 58.40 -2.42
N VAL WB 112 8.54 57.93 -1.31
CA VAL WB 112 9.88 58.30 -0.87
C VAL WB 112 10.75 57.05 -0.83
N CYS WB 113 12.05 57.27 -0.68
CA CYS WB 113 13.00 56.18 -0.58
C CYS WB 113 14.17 56.63 0.26
N CYS WB 114 14.97 55.65 0.71
CA CYS WB 114 16.07 55.82 1.65
C CYS WB 114 15.60 56.57 2.90
N LEU WB 115 14.44 56.13 3.41
CA LEU WB 115 13.79 56.73 4.57
C LEU WB 115 14.62 56.60 5.83
N GLU WB 116 14.47 57.58 6.72
CA GLU WB 116 15.16 57.55 8.00
C GLU WB 116 14.26 56.98 9.08
N GLU WB 117 14.78 55.98 9.80
CA GLU WB 117 14.05 55.42 10.93
C GLU WB 117 13.98 56.42 12.07
N LYS WB 118 15.13 56.82 12.60
CA LYS WB 118 15.28 57.88 13.57
C LYS WB 118 15.79 59.14 12.88
N PRO WB 119 15.46 60.32 13.38
CA PRO WB 119 15.91 61.55 12.72
C PRO WB 119 17.41 61.74 12.82
N GLY WB 120 18.07 61.73 11.67
CA GLY WB 120 19.50 61.92 11.58
C GLY WB 120 20.29 60.67 11.31
N ASP WB 121 19.66 59.49 11.21
CA ASP WB 121 20.42 58.26 11.02
C ASP WB 121 20.81 57.99 9.56
N ARG WB 122 20.67 58.99 8.68
CA ARG WB 122 21.18 58.99 7.32
C ARG WB 122 20.58 57.88 6.45
N GLY WB 123 19.36 57.45 6.76
CA GLY WB 123 18.57 56.64 5.86
C GLY WB 123 18.69 55.14 6.09
N LYS WB 124 17.65 54.54 6.65
CA LYS WB 124 17.69 53.10 6.92
C LYS WB 124 16.60 52.31 6.21
N LEU WB 125 15.51 52.93 5.77
CA LEU WB 125 14.36 52.20 5.28
C LEU WB 125 14.12 52.48 3.80
N ALA WB 126 13.60 51.46 3.10
CA ALA WB 126 13.29 51.49 1.67
C ALA WB 126 14.52 51.79 0.82
N ARG WB 127 15.50 50.90 0.92
CA ARG WB 127 16.78 51.08 0.26
C ARG WB 127 17.04 50.10 -0.87
N ALA WB 128 16.43 48.92 -0.85
CA ALA WB 128 16.68 47.93 -1.87
C ALA WB 128 15.98 48.34 -3.17
N SER WB 129 16.40 47.70 -4.27
CA SER WB 129 16.09 48.15 -5.62
C SER WB 129 14.60 48.07 -5.90
N GLY WB 130 14.06 49.16 -6.43
CA GLY WB 130 12.65 49.23 -6.75
C GLY WB 130 11.72 49.50 -5.60
N ASN WB 131 12.24 49.63 -4.40
CA ASN WB 131 11.39 49.73 -3.22
C ASN WB 131 11.16 51.17 -2.82
N TYR WB 132 10.12 51.36 -2.05
CA TYR WB 132 9.70 52.71 -1.69
C TYR WB 132 8.83 52.62 -0.45
N ALA WB 133 8.74 53.73 0.24
CA ALA WB 133 7.79 53.94 1.30
C ALA WB 133 6.84 55.02 0.83
N THR WB 134 5.67 55.11 1.45
CA THR WB 134 4.80 56.23 1.13
C THR WB 134 4.41 56.92 2.42
N VAL WB 135 4.25 58.23 2.38
CA VAL WB 135 3.74 58.89 3.58
C VAL WB 135 2.22 58.81 3.55
N ILE WB 136 1.62 58.67 4.72
CA ILE WB 136 0.19 58.44 4.87
C ILE WB 136 -0.43 59.51 5.74
N SER WB 137 0.14 59.75 6.91
CA SER WB 137 -0.49 60.61 7.90
C SER WB 137 0.51 61.61 8.45
N HIS WB 138 0.02 62.80 8.76
CA HIS WB 138 0.80 63.80 9.47
C HIS WB 138 0.07 64.17 10.75
N ASN WB 139 0.82 64.26 11.84
CA ASN WB 139 0.30 64.70 13.14
C ASN WB 139 1.16 65.89 13.52
N PRO WB 140 0.69 67.12 13.24
CA PRO WB 140 1.44 68.32 13.63
C PRO WB 140 1.62 68.47 15.12
N GLU WB 141 0.67 68.00 15.91
CA GLU WB 141 0.85 67.86 17.34
C GLU WB 141 1.63 66.58 17.60
N THR WB 142 2.65 66.69 18.45
CA THR WB 142 3.72 65.73 18.79
C THR WB 142 4.70 65.49 17.64
N LYS WB 143 4.49 66.07 16.45
CA LYS WB 143 5.38 66.02 15.29
C LYS WB 143 5.65 64.58 14.84
N LYS WB 144 4.58 63.88 14.45
CA LYS WB 144 4.73 62.47 14.09
C LYS WB 144 4.07 62.18 12.74
N THR WB 145 4.78 61.50 11.86
CA THR WB 145 4.28 61.14 10.54
C THR WB 145 4.20 59.62 10.41
N ARG WB 146 3.10 59.13 9.84
CA ARG WB 146 2.88 57.71 9.64
C ARG WB 146 3.13 57.37 8.17
N VAL WB 147 3.89 56.30 7.93
CA VAL WB 147 4.34 55.89 6.60
C VAL WB 147 4.06 54.40 6.40
N LYS WB 148 4.07 53.98 5.13
CA LYS WB 148 3.91 52.59 4.75
C LYS WB 148 5.21 52.09 4.16
N LEU WB 149 5.71 50.99 4.72
CA LEU WB 149 6.98 50.38 4.37
C LEU WB 149 6.77 49.41 3.20
N PRO WB 150 7.86 48.96 2.55
CA PRO WB 150 7.70 47.96 1.48
C PRO WB 150 7.18 46.60 1.95
N SER WB 151 7.25 46.28 3.24
CA SER WB 151 6.54 45.10 3.73
C SER WB 151 5.09 45.41 4.08
N GLY WB 152 4.63 46.64 3.86
CA GLY WB 152 3.25 47.00 4.02
C GLY WB 152 2.88 47.48 5.41
N SER WB 153 3.80 47.38 6.36
CA SER WB 153 3.52 47.83 7.71
C SER WB 153 3.53 49.35 7.76
N LYS WB 154 2.68 49.90 8.61
CA LYS WB 154 2.58 51.33 8.80
C LYS WB 154 3.30 51.69 10.10
N LYS WB 155 4.24 52.62 10.01
CA LYS WB 155 5.06 53.03 11.13
C LYS WB 155 4.92 54.51 11.39
N VAL WB 156 4.85 54.85 12.68
CA VAL WB 156 4.95 56.23 13.13
C VAL WB 156 6.44 56.56 13.28
N ILE WB 157 6.89 57.57 12.56
CA ILE WB 157 8.25 58.08 12.65
C ILE WB 157 8.15 59.56 12.97
N SER WB 158 9.30 60.15 13.32
CA SER WB 158 9.34 61.57 13.64
C SER WB 158 9.07 62.38 12.38
N SER WB 159 8.39 63.51 12.51
CA SER WB 159 7.95 64.26 11.34
C SER WB 159 9.09 64.94 10.58
N ALA WB 160 10.27 65.03 11.16
CA ALA WB 160 11.39 65.71 10.50
C ALA WB 160 12.56 64.77 10.27
N ASN WB 161 12.35 63.56 9.77
CA ASN WB 161 13.47 62.72 9.40
C ASN WB 161 13.45 62.56 7.90
N ARG WB 162 14.63 62.41 7.31
CA ARG WB 162 14.80 62.66 5.89
C ARG WB 162 14.46 61.43 5.05
N ALA WB 163 14.25 61.68 3.76
CA ALA WB 163 14.02 60.67 2.74
C ALA WB 163 14.20 61.28 1.37
N VAL WB 164 14.62 60.44 0.46
CA VAL WB 164 14.77 60.84 -0.94
C VAL WB 164 13.44 60.61 -1.66
N VAL WB 165 13.02 61.61 -2.43
CA VAL WB 165 11.77 61.55 -3.18
C VAL WB 165 11.94 60.62 -4.38
N GLY WB 166 10.99 59.71 -4.56
CA GLY WB 166 10.92 58.86 -5.73
C GLY WB 166 10.92 57.40 -5.34
N VAL WB 167 11.49 56.58 -6.21
CA VAL WB 167 11.65 55.17 -5.96
C VAL WB 167 13.09 54.78 -6.27
N VAL WB 168 13.59 53.80 -5.53
CA VAL WB 168 14.94 53.27 -5.75
C VAL WB 168 15.03 52.68 -7.15
N ALA WB 169 16.09 53.03 -7.87
CA ALA WB 169 16.26 52.54 -9.23
C ALA WB 169 16.74 51.11 -9.23
N GLY WB 170 16.68 50.49 -10.41
CA GLY WB 170 17.00 49.08 -10.52
C GLY WB 170 15.86 48.15 -10.22
N GLY WB 171 14.62 48.62 -10.33
CA GLY WB 171 13.49 47.78 -9.98
C GLY WB 171 13.18 46.75 -11.05
N GLY WB 172 12.54 45.67 -10.62
CA GLY WB 172 12.28 44.57 -11.50
C GLY WB 172 13.41 43.59 -11.63
N ARG WB 173 14.45 43.72 -10.80
CA ARG WB 173 15.59 42.81 -10.83
C ARG WB 173 15.20 41.37 -10.50
N ILE WB 174 14.15 41.17 -9.73
CA ILE WB 174 13.69 39.83 -9.39
C ILE WB 174 12.73 39.32 -10.44
N ASP WB 175 12.35 40.19 -11.39
CA ASP WB 175 11.50 39.78 -12.51
C ASP WB 175 12.18 38.78 -13.42
N LYS WB 176 13.43 39.00 -13.76
CA LYS WB 176 14.13 38.08 -14.66
C LYS WB 176 14.47 36.79 -13.94
N PRO WB 177 14.09 35.64 -14.49
CA PRO WB 177 14.55 34.36 -13.94
C PRO WB 177 16.06 34.25 -14.06
N ILE WB 178 16.72 33.97 -12.93
CA ILE WB 178 18.06 33.45 -12.95
C ILE WB 178 17.95 32.14 -13.70
N LEU WB 179 18.76 31.91 -14.71
CA LEU WB 179 18.52 30.67 -15.42
C LEU WB 179 19.38 29.60 -14.81
N LYS WB 180 20.53 30.02 -14.28
CA LYS WB 180 21.70 29.18 -14.09
C LYS WB 180 22.20 29.27 -12.66
N ALA WB 181 22.63 28.12 -12.16
CA ALA WB 181 23.36 28.05 -10.90
C ALA WB 181 24.62 28.89 -10.93
N GLY WB 182 25.28 29.01 -12.09
CA GLY WB 182 26.41 29.90 -12.23
C GLY WB 182 26.08 31.37 -12.06
N ARG WB 183 24.97 31.84 -12.62
CA ARG WB 183 24.52 33.19 -12.40
C ARG WB 183 24.14 33.47 -10.96
N ALA WB 184 23.52 32.50 -10.28
CA ALA WB 184 23.28 32.69 -8.85
C ALA WB 184 24.55 32.68 -8.03
N TYR WB 185 25.53 31.84 -8.40
CA TYR WB 185 26.86 31.84 -7.79
C TYR WB 185 27.52 33.19 -7.91
N HIS WB 186 27.49 33.77 -9.09
CA HIS WB 186 28.11 35.06 -9.29
C HIS WB 186 27.35 36.17 -8.62
N LYS WB 187 26.03 36.03 -8.46
CA LYS WB 187 25.26 36.98 -7.68
C LYS WB 187 25.69 37.01 -6.22
N TYR WB 188 25.84 35.86 -5.60
CA TYR WB 188 26.18 35.84 -4.19
C TYR WB 188 27.67 35.87 -3.90
N LYS WB 189 28.51 35.67 -4.90
CA LYS WB 189 29.94 35.85 -4.71
C LYS WB 189 30.31 37.32 -4.56
N ALA WB 190 29.45 38.22 -5.02
CA ALA WB 190 29.60 39.62 -4.72
C ALA WB 190 28.92 40.02 -3.42
N LYS WB 191 28.24 39.10 -2.74
CA LYS WB 191 27.49 39.46 -1.54
C LYS WB 191 28.08 38.85 -0.27
N ARG WB 192 28.11 37.52 -0.14
CA ARG WB 192 28.57 36.82 1.06
C ARG WB 192 28.48 35.32 0.80
N ASN WB 193 29.13 34.55 1.66
CA ASN WB 193 29.16 33.10 1.51
C ASN WB 193 27.88 32.54 2.08
N CYS WB 194 26.84 32.50 1.26
CA CYS WB 194 25.58 31.93 1.73
C CYS WB 194 24.92 31.02 0.70
N TRP WB 195 25.39 30.99 -0.55
CA TRP WB 195 24.51 30.61 -1.64
C TRP WB 195 24.22 29.12 -1.78
N PRO WB 196 25.20 28.19 -1.97
CA PRO WB 196 24.76 26.81 -2.19
C PRO WB 196 24.28 26.24 -0.87
N ARG WB 197 22.97 26.19 -0.74
CA ARG WB 197 22.30 25.96 0.53
C ARG WB 197 21.90 24.49 0.61
N VAL WB 198 22.41 23.81 1.60
CA VAL WB 198 22.10 22.40 1.79
C VAL WB 198 20.88 22.28 2.69
N ARG WB 199 19.94 21.45 2.28
CA ARG WB 199 18.75 21.15 3.07
C ARG WB 199 19.16 20.39 4.32
N GLY WB 200 18.50 20.69 5.42
CA GLY WB 200 18.83 20.03 6.68
C GLY WB 200 18.47 18.57 6.70
N VAL WB 201 17.44 18.18 5.94
CA VAL WB 201 17.04 16.79 5.86
C VAL WB 201 18.04 15.95 5.08
N ALA WB 202 18.91 16.58 4.31
CA ALA WB 202 20.01 15.89 3.62
C ALA WB 202 21.26 15.80 4.46
N MET WB 203 21.25 16.31 5.69
CA MET WB 203 22.40 16.22 6.57
C MET WB 203 22.26 14.99 7.47
N ASN WB 204 23.18 14.84 8.35
CA ASN WB 204 23.30 13.88 9.44
C ASN WB 204 22.79 14.51 10.72
N PRO WB 205 22.25 13.74 11.68
CA PRO WB 205 21.60 14.37 12.84
C PRO WB 205 22.54 15.08 13.79
N VAL WB 206 23.85 14.83 13.73
CA VAL WB 206 24.80 15.63 14.49
C VAL WB 206 24.91 17.04 13.92
N GLU WB 207 24.53 17.24 12.67
CA GLU WB 207 24.74 18.48 11.95
C GLU WB 207 23.53 19.39 11.93
N HIS WB 208 22.32 18.85 12.16
CA HIS WB 208 21.07 19.57 12.03
C HIS WB 208 20.02 18.86 12.86
N PRO WB 209 18.98 19.54 13.34
CA PRO WB 209 17.85 18.82 13.92
C PRO WB 209 17.08 17.98 12.94
N PHE WB 210 17.12 18.31 11.66
CA PHE WB 210 16.32 17.63 10.66
C PHE WB 210 17.06 16.49 10.00
N GLY WB 211 18.35 16.33 10.26
CA GLY WB 211 19.11 15.29 9.59
C GLY WB 211 18.82 13.91 10.11
N GLY WB 212 19.18 12.92 9.31
CA GLY WB 212 19.10 11.53 9.71
C GLY WB 212 17.80 10.88 9.30
N GLY WB 213 17.78 9.56 9.44
CA GLY WB 213 16.65 8.74 9.07
C GLY WB 213 16.93 7.91 7.83
N ASN WB 214 16.15 6.84 7.69
CA ASN WB 214 16.25 6.02 6.50
C ASN WB 214 15.41 6.56 5.36
N HIS WB 215 14.68 7.63 5.60
CA HIS WB 215 14.01 8.42 4.58
C HIS WB 215 14.30 9.88 4.84
N GLN WB 216 14.34 10.68 3.77
CA GLN WB 216 14.56 12.11 3.93
C GLN WB 216 13.24 12.73 4.34
N HIS WB 217 12.99 12.74 5.65
CA HIS WB 217 11.79 13.31 6.22
C HIS WB 217 12.17 14.16 7.41
N ILE WB 218 11.34 15.15 7.70
CA ILE WB 218 11.64 16.05 8.81
C ILE WB 218 11.46 15.33 10.14
N GLY WB 219 10.36 14.59 10.30
CA GLY WB 219 10.14 13.75 11.45
C GLY WB 219 9.50 14.43 12.63
N LYS WB 220 9.79 15.69 12.84
CA LYS WB 220 9.25 16.52 13.90
C LYS WB 220 8.58 17.70 13.22
N PRO WB 221 7.64 18.37 13.88
CA PRO WB 221 6.98 19.52 13.24
C PRO WB 221 7.95 20.66 12.97
N SER WB 222 7.90 21.18 11.75
CA SER WB 222 8.89 22.15 11.31
C SER WB 222 8.64 23.55 11.86
N THR WB 223 7.44 23.81 12.38
CA THR WB 223 7.22 25.02 13.16
C THR WB 223 7.89 24.87 14.51
N ILE WB 224 8.62 25.91 14.93
CA ILE WB 224 9.37 25.87 16.17
C ILE WB 224 9.01 27.11 16.96
N ARG WB 225 9.06 27.00 18.29
CA ARG WB 225 8.73 28.09 19.18
C ARG WB 225 9.77 29.20 19.06
N ARG WB 226 9.31 30.43 19.33
CA ARG WB 226 10.18 31.60 19.25
C ARG WB 226 11.31 31.53 20.27
N ASP WB 227 11.04 30.99 21.45
CA ASP WB 227 12.00 30.93 22.54
C ASP WB 227 12.86 29.67 22.49
N ALA WB 228 12.98 29.04 21.33
CA ALA WB 228 13.84 27.87 21.23
C ALA WB 228 15.30 28.29 21.26
N PRO WB 229 16.20 27.48 21.82
CA PRO WB 229 17.62 27.84 21.81
C PRO WB 229 18.21 27.73 20.42
N ALA WB 230 19.34 28.41 20.23
CA ALA WB 230 20.09 28.31 19.00
C ALA WB 230 20.66 26.91 18.83
N GLY WB 231 20.58 26.38 17.62
CA GLY WB 231 20.88 25.00 17.35
C GLY WB 231 19.64 24.14 17.23
N ARG WB 232 18.51 24.62 17.71
CA ARG WB 232 17.22 23.99 17.53
C ARG WB 232 16.26 24.86 16.76
N LYS WB 233 16.44 26.17 16.79
CA LYS WB 233 15.56 27.09 16.08
C LYS WB 233 15.81 27.04 14.57
N VAL WB 234 15.45 25.91 13.94
CA VAL WB 234 15.52 25.73 12.51
C VAL WB 234 14.11 25.43 12.03
N GLY WB 235 13.95 25.37 10.70
CA GLY WB 235 12.64 25.17 10.15
C GLY WB 235 11.91 26.47 10.02
N LEU WB 236 10.63 26.47 10.38
CA LEU WB 236 9.82 27.68 10.30
C LEU WB 236 9.75 28.27 11.70
N ILE WB 237 10.26 29.46 11.86
CA ILE WB 237 10.44 30.06 13.18
C ILE WB 237 9.13 30.73 13.57
N ALA WB 238 8.52 30.30 14.67
CA ALA WB 238 7.42 31.02 15.37
C ALA WB 238 6.24 31.34 14.46
N ALA WB 239 5.87 30.38 13.62
CA ALA WB 239 4.98 30.64 12.51
C ALA WB 239 3.54 30.87 12.96
N ARG WB 240 2.93 31.96 12.50
CA ARG WB 240 1.52 32.12 12.83
C ARG WB 240 0.61 31.19 12.03
N ARG WB 241 1.08 30.62 10.93
CA ARG WB 241 0.32 29.69 10.12
C ARG WB 241 1.31 28.98 9.20
N THR WB 242 0.81 28.00 8.45
CA THR WB 242 1.62 27.30 7.46
C THR WB 242 0.78 26.97 6.25
N GLY WB 243 1.43 26.43 5.24
CA GLY WB 243 0.75 26.03 4.02
C GLY WB 243 0.68 27.17 3.03
N ARG WB 244 0.05 26.88 1.91
CA ARG WB 244 -0.19 27.88 0.88
C ARG WB 244 -1.10 28.97 1.41
N LEU WB 245 -0.77 30.21 1.12
CA LEU WB 245 -1.53 31.34 1.60
C LEU WB 245 -2.74 31.56 0.71
N ARG WB 246 -3.92 31.51 1.30
CA ARG WB 246 -5.19 31.63 0.59
C ARG WB 246 -5.79 33.00 0.88
N GLY WB 247 -6.04 33.77 -0.17
CA GLY WB 247 -6.49 35.13 0.03
C GLY WB 247 -5.37 35.98 0.59
N THR WB 248 -5.72 37.01 1.35
CA THR WB 248 -4.70 37.85 1.98
C THR WB 248 -4.84 37.82 3.50
N SER XB 1 30.83 -33.04 -3.08
CA SER XB 1 29.63 -33.18 -3.89
C SER XB 1 29.97 -33.63 -5.30
N HIS XB 2 28.99 -34.24 -5.97
CA HIS XB 2 29.22 -34.77 -7.30
C HIS XB 2 29.33 -33.67 -8.33
N ARG XB 3 30.04 -33.96 -9.41
CA ARG XB 3 30.02 -33.09 -10.57
C ARG XB 3 28.72 -33.30 -11.33
N LYS XB 4 28.13 -32.21 -11.85
CA LYS XB 4 26.80 -32.31 -12.42
C LYS XB 4 26.82 -33.04 -13.76
N PHE XB 5 27.40 -32.41 -14.77
CA PHE XB 5 27.42 -33.02 -16.09
C PHE XB 5 28.65 -33.88 -16.21
N SER XB 6 28.43 -35.13 -16.59
CA SER XB 6 29.52 -36.07 -16.72
C SER XB 6 30.40 -35.71 -17.90
N ALA XB 7 31.69 -35.94 -17.75
CA ALA XB 7 32.63 -35.66 -18.78
C ALA XB 7 33.73 -36.70 -18.63
N PRO XB 8 34.11 -37.37 -19.72
CA PRO XB 8 35.21 -38.32 -19.65
C PRO XB 8 36.53 -37.65 -19.31
N ARG XB 9 37.40 -38.42 -18.66
CA ARG XB 9 38.69 -37.89 -18.22
C ARG XB 9 39.59 -37.60 -19.42
N HIS XB 10 40.46 -36.62 -19.25
CA HIS XB 10 41.39 -36.24 -20.31
C HIS XB 10 42.64 -37.10 -20.24
N GLY XB 11 42.92 -37.81 -21.31
CA GLY XB 11 44.14 -38.58 -21.38
C GLY XB 11 43.97 -40.00 -20.87
N SER XB 12 44.79 -40.90 -21.42
CA SER XB 12 44.82 -42.27 -20.96
C SER XB 12 45.75 -42.41 -19.77
N LEU XB 13 45.33 -43.18 -18.78
CA LEU XB 13 46.24 -43.57 -17.70
C LEU XB 13 47.01 -44.83 -18.03
N GLY XB 14 46.84 -45.40 -19.21
CA GLY XB 14 47.58 -46.57 -19.60
C GLY XB 14 48.92 -46.30 -20.24
N PHE XB 15 49.29 -45.03 -20.34
CA PHE XB 15 50.60 -44.58 -20.79
C PHE XB 15 51.19 -43.66 -19.75
N LEU XB 16 50.77 -43.88 -18.49
CA LEU XB 16 50.90 -42.99 -17.35
C LEU XB 16 52.29 -42.44 -17.03
N PRO XB 17 53.42 -43.23 -17.03
CA PRO XB 17 54.70 -42.59 -16.75
C PRO XB 17 55.14 -41.73 -17.92
N ARG XB 18 54.58 -40.52 -17.98
CA ARG XB 18 54.72 -39.64 -19.12
C ARG XB 18 56.08 -38.96 -19.09
N LYS XB 19 57.14 -39.74 -19.18
CA LYS XB 19 58.50 -39.30 -18.99
C LYS XB 19 59.27 -39.45 -20.29
N ARG XB 20 60.43 -38.82 -20.32
CA ARG XB 20 61.32 -38.93 -21.46
C ARG XB 20 61.78 -40.36 -21.60
N SER XB 21 61.87 -40.85 -22.83
CA SER XB 21 62.12 -42.26 -23.07
C SER XB 21 63.54 -42.63 -22.66
N SER XB 22 63.65 -43.69 -21.87
CA SER XB 22 64.96 -44.17 -21.45
C SER XB 22 65.70 -44.91 -22.55
N ARG XB 23 65.04 -45.21 -23.66
CA ARG XB 23 65.68 -45.74 -24.84
C ARG XB 23 65.41 -44.79 -26.00
N HIS XB 24 66.36 -44.68 -26.91
CA HIS XB 24 66.10 -43.94 -28.14
C HIS XB 24 65.61 -44.84 -29.26
N ARG XB 25 66.10 -46.06 -29.32
CA ARG XB 25 65.60 -47.02 -30.29
C ARG XB 25 64.45 -47.78 -29.65
N GLY XB 26 63.34 -47.89 -30.38
CA GLY XB 26 62.15 -48.53 -29.83
C GLY XB 26 62.34 -50.01 -29.64
N LYS XB 27 62.07 -50.48 -28.42
CA LYS XB 27 62.28 -51.86 -28.03
C LYS XB 27 61.03 -52.66 -28.31
N VAL XB 28 61.20 -53.86 -28.87
CA VAL XB 28 60.12 -54.82 -28.96
C VAL XB 28 59.83 -55.35 -27.57
N LYS XB 29 58.74 -54.89 -26.97
CA LYS XB 29 58.42 -55.34 -25.62
C LYS XB 29 57.92 -56.79 -25.62
N SER XB 30 57.27 -57.21 -26.69
CA SER XB 30 56.81 -58.59 -26.83
C SER XB 30 56.83 -58.97 -28.30
N PHE XB 31 57.55 -59.99 -28.62
CA PHE XB 31 57.64 -60.56 -29.95
C PHE XB 31 56.44 -61.43 -30.23
N PRO XB 32 56.16 -61.76 -31.49
CA PRO XB 32 55.08 -62.71 -31.79
C PRO XB 32 55.33 -64.08 -31.17
N LYS XB 33 54.25 -64.74 -30.78
CA LYS XB 33 54.33 -66.07 -30.20
C LYS XB 33 54.83 -67.06 -31.25
N ASP XB 34 55.79 -67.89 -30.85
CA ASP XB 34 56.44 -68.81 -31.77
C ASP XB 34 55.51 -69.98 -32.07
N ASP XB 35 55.47 -70.37 -33.34
CA ASP XB 35 54.82 -71.60 -33.77
C ASP XB 35 55.86 -72.50 -34.40
N PRO XB 36 56.14 -73.68 -33.83
CA PRO XB 36 57.15 -74.57 -34.42
C PRO XB 36 56.77 -75.15 -35.77
N SER XB 37 55.50 -75.10 -36.16
CA SER XB 37 55.09 -75.58 -37.47
C SER XB 37 55.44 -74.62 -38.60
N LYS XB 38 55.67 -73.35 -38.30
CA LYS XB 38 55.99 -72.35 -39.29
C LYS XB 38 57.43 -72.48 -39.78
N PRO XB 39 57.72 -72.03 -41.00
CA PRO XB 39 59.12 -71.92 -41.43
C PRO XB 39 59.86 -70.87 -40.62
N VAL XB 40 61.19 -71.03 -40.57
CA VAL XB 40 62.02 -70.17 -39.74
C VAL XB 40 62.15 -68.80 -40.38
N HIS XB 41 61.75 -67.77 -39.65
CA HIS XB 41 61.72 -66.41 -40.15
C HIS XB 41 62.12 -65.44 -39.05
N LEU XB 42 62.38 -64.20 -39.46
CA LEU XB 42 62.57 -63.09 -38.54
C LEU XB 42 61.23 -62.39 -38.31
N THR XB 43 61.10 -61.80 -37.13
CA THR XB 43 59.84 -61.20 -36.70
C THR XB 43 59.90 -59.68 -36.60
N ALA XB 44 61.08 -59.09 -36.76
CA ALA XB 44 61.22 -57.66 -36.58
C ALA XB 44 62.37 -57.16 -37.43
N PHE XB 45 62.47 -55.84 -37.53
CA PHE XB 45 63.42 -55.18 -38.41
C PHE XB 45 63.54 -53.74 -37.93
N LEU XB 46 64.53 -53.02 -38.45
CA LEU XB 46 64.87 -51.70 -37.95
C LEU XB 46 65.05 -50.75 -39.13
N GLY XB 47 64.21 -49.71 -39.19
CA GLY XB 47 64.24 -48.72 -40.25
C GLY XB 47 64.37 -47.30 -39.72
N TYR XB 48 64.23 -46.33 -40.63
CA TYR XB 48 64.43 -44.92 -40.34
C TYR XB 48 63.39 -44.08 -41.06
N LYS XB 49 62.70 -43.22 -40.31
CA LYS XB 49 61.60 -42.43 -40.83
C LYS XB 49 62.13 -41.36 -41.78
N ALA XB 50 61.97 -41.59 -43.08
CA ALA XB 50 62.45 -40.64 -44.08
C ALA XB 50 61.51 -39.45 -44.23
N GLY XB 51 60.25 -39.72 -44.49
CA GLY XB 51 59.29 -38.65 -44.66
C GLY XB 51 57.94 -39.20 -45.01
N MET XB 52 57.08 -38.33 -45.51
CA MET XB 52 55.75 -38.76 -45.91
C MET XB 52 55.46 -38.29 -47.33
N THR XB 53 54.53 -38.97 -47.98
CA THR XB 53 53.96 -38.57 -49.25
C THR XB 53 52.51 -39.05 -49.29
N HIS XB 54 51.84 -38.88 -50.43
CA HIS XB 54 50.49 -39.39 -50.54
C HIS XB 54 50.34 -40.15 -51.85
N ILE XB 55 49.46 -41.14 -51.84
CA ILE XB 55 49.29 -42.04 -52.97
C ILE XB 55 47.85 -41.94 -53.47
N VAL XB 56 47.67 -42.39 -54.72
CA VAL XB 56 46.35 -42.61 -55.29
C VAL XB 56 46.22 -44.10 -55.55
N ARG XB 57 45.11 -44.68 -55.13
CA ARG XB 57 44.83 -46.10 -55.36
C ARG XB 57 43.33 -46.33 -55.48
N GLU XB 58 42.94 -47.30 -56.29
CA GLU XB 58 41.54 -47.70 -56.34
C GLU XB 58 41.28 -48.67 -55.20
N VAL XB 59 40.09 -48.64 -54.66
CA VAL XB 59 39.74 -49.46 -53.51
C VAL XB 59 38.74 -50.52 -53.94
N ASP XB 60 39.04 -51.78 -53.62
CA ASP XB 60 38.08 -52.87 -53.79
C ASP XB 60 37.52 -53.22 -52.42
N ARG XB 61 36.49 -52.49 -52.01
CA ARG XB 61 35.79 -52.72 -50.75
C ARG XB 61 34.30 -52.84 -51.05
N PRO XB 62 33.79 -54.04 -51.35
CA PRO XB 62 32.35 -54.20 -51.56
C PRO XB 62 31.54 -53.86 -50.32
N GLY XB 63 30.45 -53.12 -50.52
CA GLY XB 63 29.66 -52.60 -49.43
C GLY XB 63 29.97 -51.16 -49.08
N SER XB 64 31.06 -50.60 -49.57
CA SER XB 64 31.45 -49.22 -49.31
C SER XB 64 30.96 -48.33 -50.44
N LYS XB 65 30.92 -47.02 -50.22
CA LYS XB 65 30.66 -46.24 -51.43
C LYS XB 65 31.94 -45.88 -52.15
N VAL XB 66 33.10 -46.33 -51.66
CA VAL XB 66 34.37 -46.05 -52.30
C VAL XB 66 34.87 -47.29 -53.05
N ASN XB 67 34.01 -48.28 -53.25
CA ASN XB 67 34.34 -49.44 -54.09
C ASN XB 67 34.56 -49.03 -55.53
N LYS XB 68 35.67 -49.51 -56.09
CA LYS XB 68 36.21 -49.18 -57.41
C LYS XB 68 36.46 -47.69 -57.58
N LYS XB 69 36.70 -46.96 -56.50
CA LYS XB 69 36.98 -45.54 -56.53
C LYS XB 69 38.40 -45.29 -56.04
N GLU XB 70 39.02 -44.25 -56.59
CA GLU XB 70 40.40 -43.93 -56.29
C GLU XB 70 40.46 -42.94 -55.13
N VAL XB 71 41.28 -43.28 -54.13
CA VAL XB 71 41.51 -42.48 -52.95
C VAL XB 71 42.92 -41.92 -53.01
N VAL XB 72 43.12 -40.83 -52.28
CA VAL XB 72 44.44 -40.35 -51.92
C VAL XB 72 44.65 -40.66 -50.45
N GLU XB 73 45.65 -41.47 -50.16
CA GLU XB 73 45.97 -41.88 -48.80
C GLU XB 73 47.35 -41.39 -48.42
N ALA XB 74 47.47 -40.86 -47.22
CA ALA XB 74 48.76 -40.46 -46.68
C ALA XB 74 49.58 -41.70 -46.36
N VAL XB 75 50.87 -41.66 -46.72
CA VAL XB 75 51.78 -42.76 -46.47
C VAL XB 75 53.09 -42.20 -45.92
N THR XB 76 53.78 -43.03 -45.14
CA THR XB 76 55.08 -42.70 -44.57
C THR XB 76 56.13 -43.62 -45.17
N ILE XB 77 57.29 -43.05 -45.51
CA ILE XB 77 58.41 -43.80 -46.05
C ILE XB 77 59.38 -44.10 -44.92
N VAL XB 78 59.79 -45.35 -44.81
CA VAL XB 78 60.77 -45.80 -43.84
C VAL XB 78 61.93 -46.40 -44.61
N GLU XB 79 63.06 -45.72 -44.62
CA GLU XB 79 64.22 -46.25 -45.33
C GLU XB 79 64.86 -47.35 -44.50
N THR XB 80 64.86 -48.55 -45.05
CA THR XB 80 65.31 -49.75 -44.35
C THR XB 80 66.40 -50.41 -45.17
N PRO XB 81 67.67 -50.04 -44.95
CA PRO XB 81 68.77 -50.82 -45.52
C PRO XB 81 68.84 -52.19 -44.88
N PRO XB 82 69.49 -53.16 -45.53
CA PRO XB 82 69.60 -54.50 -44.95
C PRO XB 82 70.38 -54.51 -43.63
N MET XB 83 69.88 -55.31 -42.69
CA MET XB 83 70.55 -55.53 -41.42
C MET XB 83 71.66 -56.57 -41.53
N VAL XB 84 72.77 -56.32 -40.85
CA VAL XB 84 73.87 -57.27 -40.78
C VAL XB 84 73.74 -58.02 -39.46
N VAL XB 85 73.68 -59.34 -39.53
CA VAL XB 85 73.58 -60.17 -38.34
C VAL XB 85 74.98 -60.42 -37.78
N VAL XB 86 75.16 -60.10 -36.50
CA VAL XB 86 76.47 -60.24 -35.86
C VAL XB 86 76.42 -61.12 -34.62
N GLY XB 87 75.25 -61.39 -34.05
CA GLY XB 87 75.23 -62.18 -32.84
C GLY XB 87 74.06 -63.12 -32.77
N ILE XB 88 74.18 -64.12 -31.91
CA ILE XB 88 73.12 -65.06 -31.59
C ILE XB 88 72.97 -65.09 -30.08
N VAL XB 89 71.77 -64.84 -29.57
CA VAL XB 89 71.54 -64.82 -28.14
C VAL XB 89 70.41 -65.80 -27.83
N GLY XB 90 70.61 -66.61 -26.79
CA GLY XB 90 69.64 -67.62 -26.41
C GLY XB 90 69.01 -67.29 -25.07
N TYR XB 91 67.78 -67.74 -24.88
CA TYR XB 91 67.00 -67.42 -23.70
C TYR XB 91 66.36 -68.69 -23.15
N VAL XB 92 66.55 -68.91 -21.85
CA VAL XB 92 65.99 -70.06 -21.16
C VAL XB 92 64.81 -69.62 -20.29
N GLU XB 93 63.80 -70.48 -20.22
CA GLU XB 93 62.65 -70.19 -19.37
C GLU XB 93 62.92 -70.65 -17.94
N THR XB 94 62.42 -69.86 -17.00
CA THR XB 94 62.77 -69.90 -15.59
C THR XB 94 61.52 -69.45 -14.85
N PRO XB 95 61.26 -69.96 -13.65
CA PRO XB 95 60.12 -69.44 -12.88
C PRO XB 95 60.27 -68.00 -12.40
N ARG XB 96 61.45 -67.40 -12.55
CA ARG XB 96 61.65 -65.97 -12.35
C ARG XB 96 61.56 -65.19 -13.66
N GLY XB 97 61.36 -65.87 -14.79
CA GLY XB 97 61.23 -65.17 -16.05
C GLY XB 97 61.96 -65.79 -17.21
N LEU XB 98 62.55 -64.94 -18.05
CA LEU XB 98 63.25 -65.40 -19.24
C LEU XB 98 64.70 -64.95 -19.13
N ARG XB 99 65.60 -65.88 -18.88
CA ARG XB 99 66.98 -65.52 -18.59
C ARG XB 99 67.82 -65.60 -19.85
N THR XB 100 68.70 -64.60 -20.01
CA THR XB 100 69.70 -64.66 -21.08
C THR XB 100 70.73 -65.72 -20.76
N PHE XB 101 70.78 -66.75 -21.60
CA PHE XB 101 71.59 -67.93 -21.34
C PHE XB 101 73.01 -67.79 -21.88
N LYS XB 102 73.15 -67.42 -23.14
CA LYS XB 102 74.45 -67.37 -23.78
C LYS XB 102 74.35 -66.43 -24.98
N THR XB 103 75.44 -65.71 -25.23
CA THR XB 103 75.56 -64.84 -26.39
C THR XB 103 76.83 -65.21 -27.15
N VAL XB 104 76.69 -65.42 -28.45
CA VAL XB 104 77.82 -65.70 -29.32
C VAL XB 104 77.86 -64.64 -30.41
N PHE XB 105 78.96 -63.92 -30.51
CA PHE XB 105 79.14 -62.93 -31.56
C PHE XB 105 79.92 -63.53 -32.70
N ALA XB 106 79.76 -62.94 -33.89
CA ALA XB 106 80.40 -63.43 -35.09
C ALA XB 106 81.91 -63.18 -35.06
N GLU XB 107 82.60 -63.77 -36.02
CA GLU XB 107 84.04 -63.61 -36.12
C GLU XB 107 84.41 -62.17 -36.47
N HIS XB 108 83.72 -61.58 -37.44
CA HIS XB 108 83.99 -60.23 -37.90
C HIS XB 108 82.82 -59.34 -37.55
N ILE XB 109 83.11 -58.25 -36.84
CA ILE XB 109 82.12 -57.25 -36.48
C ILE XB 109 82.56 -55.94 -37.11
N SER XB 110 81.64 -55.29 -37.81
CA SER XB 110 81.98 -54.07 -38.54
C SER XB 110 82.24 -52.92 -37.56
N ASP XB 111 82.89 -51.89 -38.08
CA ASP XB 111 83.17 -50.71 -37.27
C ASP XB 111 81.90 -49.95 -36.90
N GLU XB 112 80.85 -50.03 -37.73
CA GLU XB 112 79.57 -49.41 -37.42
C GLU XB 112 78.96 -50.02 -36.15
N CYS XB 113 78.93 -51.34 -36.08
CA CYS XB 113 78.45 -52.03 -34.89
C CYS XB 113 79.41 -51.85 -33.72
N LYS XB 114 80.71 -51.76 -34.00
CA LYS XB 114 81.69 -51.53 -32.96
C LYS XB 114 81.51 -50.18 -32.30
N ARG XB 115 81.07 -49.18 -33.06
CA ARG XB 115 80.80 -47.85 -32.51
C ARG XB 115 79.70 -47.85 -31.47
N ARG XB 116 78.80 -48.82 -31.51
CA ARG XB 116 77.75 -48.90 -30.49
C ARG XB 116 78.34 -49.24 -29.13
N PHE XB 117 79.44 -49.98 -29.08
CA PHE XB 117 80.04 -50.38 -27.81
C PHE XB 117 80.85 -49.28 -27.14
N TYR XB 118 80.89 -48.07 -27.69
CA TYR XB 118 81.71 -46.99 -27.18
C TYR XB 118 80.86 -45.75 -26.99
N LYS XB 119 81.22 -44.95 -25.99
CA LYS XB 119 80.63 -43.63 -25.87
C LYS XB 119 81.45 -42.57 -26.58
N ASN XB 120 82.70 -42.86 -26.93
CA ASN XB 120 83.53 -41.92 -27.65
C ASN XB 120 84.49 -42.73 -28.51
N TRP XB 121 84.14 -42.89 -29.79
CA TRP XB 121 84.94 -43.65 -30.73
C TRP XB 121 86.27 -42.99 -31.05
N HIS XB 122 86.34 -41.66 -30.92
CA HIS XB 122 87.51 -40.92 -31.38
C HIS XB 122 88.71 -41.12 -30.47
N LYS XB 123 88.51 -41.09 -29.16
CA LYS XB 123 89.59 -41.24 -28.19
C LYS XB 123 89.82 -42.69 -27.80
N SER XB 124 89.04 -43.61 -28.35
CA SER XB 124 89.24 -45.02 -28.10
C SER XB 124 90.26 -45.60 -29.06
N LYS XB 125 90.97 -46.60 -28.58
CA LYS XB 125 91.85 -47.37 -29.44
C LYS XB 125 91.15 -48.59 -30.00
N LYS XB 126 89.82 -48.64 -29.83
CA LYS XB 126 88.89 -49.33 -30.72
C LYS XB 126 89.07 -50.84 -30.60
N LYS XB 127 89.06 -51.32 -29.36
CA LYS XB 127 89.59 -52.63 -29.03
C LYS XB 127 88.53 -53.67 -28.70
N ALA XB 128 87.25 -53.40 -28.94
CA ALA XB 128 86.21 -54.37 -28.61
C ALA XB 128 86.28 -55.58 -29.51
N PHE XB 129 86.11 -56.76 -28.91
CA PHE XB 129 86.13 -58.08 -29.57
C PHE XB 129 87.47 -58.41 -30.22
N THR XB 130 88.54 -57.71 -29.86
CA THR XB 130 89.86 -58.02 -30.38
C THR XB 130 90.49 -59.21 -29.69
N LYS XB 131 90.02 -59.58 -28.50
CA LYS XB 131 90.37 -60.87 -27.91
C LYS XB 131 89.29 -61.92 -28.09
N TYR XB 132 88.03 -61.50 -28.26
CA TYR XB 132 86.96 -62.45 -28.55
C TYR XB 132 87.12 -63.03 -29.95
N CYS XB 133 87.64 -62.24 -30.89
CA CYS XB 133 87.78 -62.69 -32.27
C CYS XB 133 88.83 -63.78 -32.44
N LYS XB 134 89.66 -64.02 -31.42
CA LYS XB 134 90.63 -65.09 -31.47
C LYS XB 134 89.97 -66.44 -31.25
N LYS XB 135 88.72 -66.47 -30.79
CA LYS XB 135 88.00 -67.73 -30.63
C LYS XB 135 87.71 -68.40 -31.97
N TRP XB 136 87.46 -67.63 -33.02
CA TRP XB 136 87.06 -68.20 -34.30
C TRP XB 136 88.23 -68.60 -35.16
N GLN XB 137 89.46 -68.31 -34.74
CA GLN XB 137 90.66 -68.71 -35.45
C GLN XB 137 91.46 -69.75 -34.68
N ASP XB 138 90.93 -70.19 -33.55
CA ASP XB 138 91.61 -71.15 -32.68
C ASP XB 138 90.81 -72.43 -32.79
N ASP XB 139 91.49 -73.58 -32.92
CA ASP XB 139 90.79 -74.85 -33.01
C ASP XB 139 90.06 -75.20 -31.72
N ALA XB 140 90.67 -74.91 -30.56
CA ALA XB 140 89.97 -75.10 -29.29
C ALA XB 140 88.89 -74.06 -29.10
N GLY XB 141 89.05 -72.88 -29.72
CA GLY XB 141 88.01 -71.86 -29.66
C GLY XB 141 86.75 -72.24 -30.39
N LYS XB 142 86.87 -72.83 -31.59
CA LYS XB 142 85.70 -73.39 -32.25
C LYS XB 142 85.15 -74.57 -31.49
N ARG XB 143 86.03 -75.33 -30.82
CA ARG XB 143 85.61 -76.42 -29.96
C ARG XB 143 84.95 -75.94 -28.67
N GLN XB 144 85.03 -74.66 -28.33
CA GLN XB 144 84.19 -74.12 -27.27
C GLN XB 144 82.92 -73.50 -27.82
N LEU XB 145 83.01 -72.89 -29.00
CA LEU XB 145 81.87 -72.23 -29.62
C LEU XB 145 80.78 -73.24 -30.00
N ASP XB 146 81.16 -74.36 -30.60
CA ASP XB 146 80.16 -75.35 -31.00
C ASP XB 146 79.52 -76.04 -29.80
N LYS XB 147 80.23 -76.19 -28.69
CA LYS XB 147 79.58 -76.64 -27.47
C LYS XB 147 78.70 -75.57 -26.84
N ASP XB 148 79.00 -74.28 -27.05
CA ASP XB 148 78.04 -73.24 -26.64
C ASP XB 148 76.76 -73.31 -27.47
N PHE XB 149 76.88 -73.60 -28.75
CA PHE XB 149 75.69 -73.81 -29.58
C PHE XB 149 74.95 -75.08 -29.18
N SER XB 150 75.67 -76.13 -28.80
CA SER XB 150 75.03 -77.34 -28.29
C SER XB 150 74.30 -77.07 -26.98
N SER XB 151 74.87 -76.22 -26.12
CA SER XB 151 74.20 -75.82 -24.90
C SER XB 151 72.96 -74.99 -25.19
N MET XB 152 73.01 -74.10 -26.20
CA MET XB 152 71.82 -73.35 -26.56
C MET XB 152 70.72 -74.23 -27.13
N LYS XB 153 71.06 -75.22 -27.96
CA LYS XB 153 70.01 -76.10 -28.48
C LYS XB 153 69.47 -77.01 -27.39
N LYS XB 154 70.29 -77.36 -26.41
CA LYS XB 154 69.84 -78.24 -25.35
C LYS XB 154 68.99 -77.51 -24.32
N TYR XB 155 69.28 -76.24 -24.05
CA TYR XB 155 68.67 -75.56 -22.92
C TYR XB 155 67.80 -74.37 -23.29
N CYS XB 156 68.10 -73.65 -24.36
CA CYS XB 156 67.34 -72.46 -24.69
C CYS XB 156 65.98 -72.80 -25.28
N GLN XB 157 65.00 -71.98 -24.94
CA GLN XB 157 63.67 -72.07 -25.52
C GLN XB 157 63.41 -70.96 -26.50
N VAL XB 158 64.04 -69.80 -26.33
CA VAL XB 158 63.85 -68.66 -27.22
C VAL XB 158 65.21 -68.36 -27.85
N ILE XB 159 65.23 -68.14 -29.16
CA ILE XB 159 66.44 -67.73 -29.84
C ILE XB 159 66.18 -66.37 -30.47
N ARG XB 160 66.99 -65.39 -30.10
CA ARG XB 160 66.98 -64.11 -30.76
C ARG XB 160 68.31 -63.91 -31.47
N VAL XB 161 68.33 -62.99 -32.41
CA VAL XB 161 69.50 -62.74 -33.23
C VAL XB 161 69.85 -61.26 -33.09
N LEU XB 162 71.13 -60.98 -32.87
CA LEU XB 162 71.62 -59.63 -32.77
C LEU XB 162 72.02 -59.15 -34.16
N ALA XB 163 71.34 -58.11 -34.63
CA ALA XB 163 71.61 -57.53 -35.93
C ALA XB 163 71.76 -56.02 -35.75
N HIS XB 164 72.60 -55.42 -36.60
CA HIS XB 164 72.84 -54.00 -36.58
C HIS XB 164 72.53 -53.41 -37.93
N THR XB 165 72.12 -52.15 -37.91
CA THR XB 165 71.83 -51.40 -39.12
C THR XB 165 73.10 -51.05 -39.88
N GLN XB 166 72.94 -50.80 -41.18
CA GLN XB 166 74.07 -50.36 -42.00
C GLN XB 166 74.00 -48.85 -42.16
N MET XB 167 74.71 -48.12 -41.30
CA MET XB 167 74.68 -46.66 -41.31
C MET XB 167 75.38 -46.02 -42.49
N ARG XB 168 76.26 -46.74 -43.18
CA ARG XB 168 77.01 -46.10 -44.25
C ARG XB 168 76.14 -45.79 -45.45
N LEU XB 169 74.98 -46.43 -45.60
CA LEU XB 169 74.16 -46.29 -46.78
C LEU XB 169 73.06 -45.25 -46.61
N LEU XB 170 72.97 -44.65 -45.48
CA LEU XB 170 72.02 -43.64 -45.02
C LEU XB 170 72.63 -42.25 -45.10
N PRO XB 171 71.84 -41.23 -45.42
CA PRO XB 171 72.37 -39.87 -45.47
C PRO XB 171 72.47 -39.17 -44.12
N LEU XB 172 72.28 -39.90 -43.03
CA LEU XB 172 72.32 -39.37 -41.69
C LEU XB 172 73.76 -38.98 -41.35
N ARG XB 173 73.90 -38.02 -40.43
CA ARG XB 173 75.23 -37.70 -39.92
C ARG XB 173 75.75 -38.81 -39.02
N GLN XB 174 74.86 -39.56 -38.38
CA GLN XB 174 75.23 -40.69 -37.55
C GLN XB 174 75.85 -41.81 -38.39
N LYS XB 175 76.98 -42.33 -37.91
CA LYS XB 175 77.58 -43.53 -38.47
C LYS XB 175 77.68 -44.65 -37.46
N LYS XB 176 77.32 -44.41 -36.21
CA LYS XB 176 77.22 -45.47 -35.21
C LYS XB 176 75.97 -46.29 -35.44
N ALA XB 177 76.14 -47.60 -35.63
CA ALA XB 177 75.01 -48.48 -35.97
C ALA XB 177 74.10 -48.71 -34.78
N HIS XB 178 72.87 -49.12 -35.07
CA HIS XB 178 71.93 -49.54 -34.05
C HIS XB 178 71.93 -51.07 -34.01
N LEU XB 179 72.25 -51.63 -32.85
CA LEU XB 179 72.05 -53.05 -32.60
C LEU XB 179 70.65 -53.31 -32.07
N MET XB 180 70.19 -54.53 -32.31
CA MET XB 180 68.86 -54.94 -31.91
C MET XB 180 68.81 -56.46 -31.84
N GLU XB 181 68.13 -56.97 -30.81
CA GLU XB 181 67.72 -58.37 -30.73
C GLU XB 181 66.42 -58.52 -31.52
N ILE XB 182 66.40 -59.51 -32.41
CA ILE XB 182 65.23 -59.84 -33.21
C ILE XB 182 64.92 -61.32 -32.98
N GLN XB 183 63.73 -61.62 -32.47
CA GLN XB 183 63.43 -63.00 -32.12
C GLN XB 183 63.18 -63.84 -33.36
N VAL XB 184 63.96 -64.89 -33.52
CA VAL XB 184 63.84 -65.80 -34.65
C VAL XB 184 62.68 -66.72 -34.30
N ASN XB 185 61.59 -66.61 -35.04
CA ASN XB 185 60.50 -67.57 -34.89
C ASN XB 185 60.61 -68.62 -35.96
N GLY XB 186 59.84 -69.68 -35.81
CA GLY XB 186 59.94 -70.77 -36.75
C GLY XB 186 59.97 -72.10 -36.04
N GLY XB 187 60.75 -73.05 -36.54
CA GLY XB 187 60.66 -74.44 -36.11
C GLY XB 187 61.31 -74.76 -34.78
N THR XB 188 62.06 -75.84 -34.71
CA THR XB 188 62.67 -76.24 -33.45
C THR XB 188 63.83 -75.31 -33.08
N VAL XB 189 64.30 -75.46 -31.85
CA VAL XB 189 65.41 -74.65 -31.36
C VAL XB 189 66.70 -75.02 -32.10
N ALA XB 190 66.85 -76.30 -32.47
CA ALA XB 190 68.03 -76.75 -33.20
C ALA XB 190 68.11 -76.14 -34.59
N GLU XB 191 67.03 -76.25 -35.38
CA GLU XB 191 67.04 -75.69 -36.73
C GLU XB 191 66.97 -74.17 -36.73
N LYS XB 192 66.31 -73.59 -35.73
CA LYS XB 192 66.27 -72.16 -35.51
C LYS XB 192 67.65 -71.59 -35.19
N LEU XB 193 68.47 -72.34 -34.46
CA LEU XB 193 69.86 -71.99 -34.19
C LEU XB 193 70.77 -72.17 -35.40
N ASP XB 194 70.59 -73.27 -36.15
CA ASP XB 194 71.35 -73.47 -37.39
C ASP XB 194 71.08 -72.38 -38.42
N TRP XB 195 69.83 -71.91 -38.50
CA TRP XB 195 69.48 -70.81 -39.39
C TRP XB 195 70.29 -69.56 -39.08
N ALA XB 196 70.27 -69.13 -37.81
CA ALA XB 196 71.03 -67.95 -37.40
C ALA XB 196 72.53 -68.15 -37.48
N ARG XB 197 73.03 -69.38 -37.30
CA ARG XB 197 74.44 -69.65 -37.48
C ARG XB 197 74.86 -69.49 -38.94
N GLU XB 198 74.01 -69.89 -39.88
CA GLU XB 198 74.34 -69.66 -41.28
C GLU XB 198 74.17 -68.19 -41.69
N ARG XB 199 73.15 -67.50 -41.19
CA ARG XB 199 72.97 -66.08 -41.51
C ARG XB 199 73.87 -65.17 -40.68
N LEU XB 200 74.68 -65.71 -39.79
CA LEU XB 200 75.73 -64.96 -39.11
C LEU XB 200 76.69 -64.40 -40.14
N GLU XB 201 77.17 -63.16 -39.89
CA GLU XB 201 77.93 -62.17 -40.66
C GLU XB 201 77.21 -61.74 -41.95
N GLN XB 202 75.99 -62.19 -42.22
CA GLN XB 202 75.34 -61.95 -43.49
C GLN XB 202 74.31 -60.83 -43.36
N GLN XB 203 73.80 -60.40 -44.51
CA GLN XB 203 72.85 -59.31 -44.59
C GLN XB 203 71.45 -59.84 -44.86
N VAL XB 204 70.47 -59.19 -44.25
CA VAL XB 204 69.05 -59.51 -44.34
C VAL XB 204 68.32 -58.31 -44.91
N PRO XB 205 67.75 -58.41 -46.10
CA PRO XB 205 66.92 -57.31 -46.60
C PRO XB 205 65.57 -57.29 -45.90
N VAL XB 206 64.79 -56.25 -46.19
CA VAL XB 206 63.46 -56.15 -45.61
C VAL XB 206 62.48 -57.05 -46.35
N SER XB 207 62.83 -57.50 -47.55
CA SER XB 207 62.00 -58.43 -48.31
C SER XB 207 61.86 -59.78 -47.62
N GLN XB 208 62.91 -60.27 -46.99
CA GLN XB 208 62.86 -61.57 -46.32
C GLN XB 208 62.04 -61.54 -45.04
N VAL XB 209 61.93 -60.38 -44.39
CA VAL XB 209 61.23 -60.27 -43.12
C VAL XB 209 59.78 -59.84 -43.31
N PHE XB 210 59.52 -58.90 -44.22
CA PHE XB 210 58.19 -58.38 -44.41
C PHE XB 210 57.77 -58.50 -45.87
N GLY XB 211 56.48 -58.38 -46.11
CA GLY XB 211 55.96 -58.46 -47.46
C GLY XB 211 54.97 -57.36 -47.78
N GLN XB 212 54.57 -57.27 -49.03
CA GLN XB 212 53.52 -56.36 -49.47
C GLN XB 212 52.20 -56.75 -48.82
N ASP XB 213 51.32 -55.73 -48.66
CA ASP XB 213 50.01 -55.66 -48.01
C ASP XB 213 49.89 -56.57 -46.78
N GLU XB 214 50.78 -56.33 -45.81
CA GLU XB 214 50.78 -56.94 -44.50
C GLU XB 214 50.71 -55.84 -43.45
N MET XB 215 49.91 -56.05 -42.41
CA MET XB 215 49.83 -55.11 -41.30
C MET XB 215 50.94 -55.44 -40.31
N ILE XB 216 51.78 -54.45 -40.02
CA ILE XB 216 52.88 -54.60 -39.09
C ILE XB 216 52.64 -53.67 -37.91
N ASP XB 217 53.58 -53.68 -36.97
CA ASP XB 217 53.53 -52.80 -35.82
C ASP XB 217 54.72 -51.87 -35.92
N VAL XB 218 54.50 -50.59 -35.63
CA VAL XB 218 55.57 -49.59 -35.63
C VAL XB 218 55.84 -49.19 -34.19
N ILE XB 219 57.07 -49.41 -33.76
CA ILE XB 219 57.51 -49.13 -32.41
C ILE XB 219 58.52 -48.00 -32.52
N GLY XB 220 58.42 -47.02 -31.65
CA GLY XB 220 59.35 -45.94 -31.74
C GLY XB 220 59.24 -45.01 -30.57
N VAL XB 221 59.85 -43.85 -30.72
CA VAL XB 221 59.77 -42.78 -29.73
C VAL XB 221 59.12 -41.58 -30.40
N THR XB 222 58.20 -40.93 -29.70
CA THR XB 222 57.49 -39.75 -30.16
C THR XB 222 58.48 -38.60 -30.36
N LYS XB 223 58.09 -37.62 -31.18
CA LYS XB 223 58.86 -36.38 -31.32
C LYS XB 223 58.99 -35.69 -29.99
N GLY XB 224 60.20 -35.24 -29.66
CA GLY XB 224 60.38 -34.48 -28.44
C GLY XB 224 59.74 -33.11 -28.55
N LYS XB 225 59.00 -32.75 -27.52
CA LYS XB 225 58.37 -31.44 -27.46
C LYS XB 225 58.65 -30.70 -26.17
N GLY XB 226 59.51 -31.23 -25.30
CA GLY XB 226 59.96 -30.51 -24.15
C GLY XB 226 58.91 -30.42 -23.06
N TYR XB 227 59.21 -29.55 -22.12
CA TYR XB 227 58.33 -29.37 -20.98
C TYR XB 227 57.09 -28.61 -21.46
N LYS XB 228 55.93 -29.24 -21.33
CA LYS XB 228 54.68 -28.65 -21.78
C LYS XB 228 53.69 -28.64 -20.64
N GLY XB 229 52.75 -27.70 -20.71
CA GLY XB 229 51.73 -27.55 -19.70
C GLY XB 229 50.61 -28.56 -19.89
N VAL XB 230 49.58 -28.40 -19.05
CA VAL XB 230 48.47 -29.34 -19.09
C VAL XB 230 47.62 -29.15 -20.34
N THR XB 231 47.60 -27.92 -20.90
CA THR XB 231 46.72 -27.64 -22.02
C THR XB 231 47.22 -28.31 -23.30
N SER XB 232 48.53 -28.41 -23.47
CA SER XB 232 49.03 -29.09 -24.64
C SER XB 232 49.39 -30.55 -24.34
N ARG XB 233 49.71 -30.85 -23.08
CA ARG XB 233 50.11 -32.19 -22.72
C ARG XB 233 48.91 -33.12 -22.53
N TRP XB 234 47.92 -32.69 -21.74
CA TRP XB 234 46.75 -33.52 -21.46
C TRP XB 234 45.47 -32.97 -22.05
N HIS XB 235 45.52 -31.85 -22.78
CA HIS XB 235 44.41 -31.31 -23.58
C HIS XB 235 43.19 -30.96 -22.73
N THR XB 236 43.45 -30.36 -21.58
CA THR XB 236 42.36 -29.90 -20.74
C THR XB 236 41.76 -28.61 -21.31
N LYS XB 237 40.60 -28.25 -20.78
CA LYS XB 237 39.93 -27.03 -21.20
C LYS XB 237 40.70 -25.81 -20.69
N LYS XB 238 40.88 -24.82 -21.56
CA LYS XB 238 41.45 -23.56 -21.12
C LYS XB 238 40.47 -22.83 -20.21
N LEU XB 239 40.98 -22.23 -19.17
CA LEU XB 239 40.17 -21.40 -18.29
C LEU XB 239 39.78 -20.11 -19.02
N PRO XB 240 38.68 -19.45 -18.59
CA PRO XB 240 38.25 -18.22 -19.28
C PRO XB 240 39.24 -17.06 -19.20
N ARG XB 241 38.96 -16.01 -19.99
CA ARG XB 241 39.90 -14.91 -20.17
C ARG XB 241 40.13 -14.12 -18.89
N LYS XB 242 39.18 -14.15 -17.97
CA LYS XB 242 39.21 -13.37 -16.75
C LYS XB 242 40.07 -13.98 -15.65
N THR XB 243 40.72 -15.12 -15.92
CA THR XB 243 41.41 -15.88 -14.87
C THR XB 243 42.66 -15.16 -14.41
N HIS XB 244 42.86 -15.09 -13.08
CA HIS XB 244 43.88 -14.22 -12.52
C HIS XB 244 45.27 -14.79 -12.74
N ARG XB 245 45.58 -15.94 -12.16
CA ARG XB 245 46.95 -16.44 -12.14
C ARG XB 245 47.24 -17.37 -13.30
N GLY XB 246 46.59 -17.17 -14.42
CA GLY XB 246 46.89 -17.98 -15.59
C GLY XB 246 45.73 -18.86 -15.99
N LEU XB 247 45.52 -18.98 -17.30
CA LEU XB 247 44.36 -19.67 -17.84
C LEU XB 247 44.69 -20.99 -18.51
N ARG XB 248 45.96 -21.36 -18.61
CA ARG XB 248 46.37 -22.61 -19.24
C ARG XB 248 46.71 -23.67 -18.20
N LYS XB 249 45.91 -23.73 -17.16
CA LYS XB 249 46.12 -24.62 -16.03
C LYS XB 249 44.95 -25.59 -15.90
N VAL XB 250 45.00 -26.39 -14.85
CA VAL XB 250 43.87 -27.19 -14.37
C VAL XB 250 43.43 -26.56 -13.06
N ALA XB 251 42.13 -26.28 -12.95
CA ALA XB 251 41.65 -25.46 -11.85
C ALA XB 251 41.67 -26.19 -10.52
N CYS XB 252 41.18 -27.42 -10.48
CA CYS XB 252 41.18 -28.19 -9.25
C CYS XB 252 42.02 -29.44 -9.46
N ILE XB 253 43.03 -29.64 -8.61
CA ILE XB 253 43.89 -30.81 -8.71
C ILE XB 253 43.52 -31.86 -7.67
N GLY XB 254 42.43 -31.69 -6.96
CA GLY XB 254 41.96 -32.73 -6.07
C GLY XB 254 41.09 -32.17 -4.98
N ALA XB 255 40.36 -33.07 -4.34
CA ALA XB 255 39.52 -32.70 -3.22
C ALA XB 255 40.36 -32.58 -1.97
N TRP XB 256 39.72 -32.20 -0.87
CA TRP XB 256 40.43 -32.05 0.39
C TRP XB 256 40.84 -33.41 0.96
N HIS XB 257 40.00 -34.43 0.84
CA HIS XB 257 40.33 -35.68 1.52
C HIS XB 257 40.36 -37.02 0.83
N PRO XB 258 41.04 -37.15 -0.24
CA PRO XB 258 42.33 -37.84 -0.14
C PRO XB 258 43.33 -36.72 0.04
N ALA XB 259 44.02 -36.60 1.18
CA ALA XB 259 44.76 -35.35 1.42
C ALA XB 259 46.13 -35.34 0.77
N ARG XB 260 46.18 -35.71 -0.50
CA ARG XB 260 47.36 -35.73 -1.32
C ARG XB 260 46.92 -35.24 -2.68
N VAL XB 261 47.82 -35.31 -3.65
CA VAL XB 261 47.46 -35.17 -5.05
C VAL XB 261 47.50 -36.56 -5.65
N ALA XB 262 46.42 -36.94 -6.33
CA ALA XB 262 46.36 -38.24 -6.95
C ALA XB 262 47.28 -38.30 -8.16
N PHE XB 263 47.66 -39.51 -8.54
CA PHE XB 263 48.45 -39.75 -9.74
C PHE XB 263 47.65 -39.56 -11.02
N SER XB 264 46.33 -39.42 -10.92
CA SER XB 264 45.46 -39.32 -12.08
C SER XB 264 45.21 -37.90 -12.55
N VAL XB 265 45.72 -36.90 -11.84
CA VAL XB 265 45.49 -35.51 -12.21
C VAL XB 265 46.53 -35.07 -13.23
N ALA XB 266 46.12 -34.26 -14.19
CA ALA XB 266 47.03 -33.73 -15.20
C ALA XB 266 47.96 -32.71 -14.60
N ARG XB 267 49.27 -32.93 -14.75
CA ARG XB 267 50.27 -31.96 -14.32
C ARG XB 267 51.18 -31.63 -15.50
N ALA XB 268 51.81 -30.47 -15.42
CA ALA XB 268 52.74 -30.06 -16.45
C ALA XB 268 54.03 -30.86 -16.36
N GLY XB 269 54.60 -31.18 -17.51
CA GLY XB 269 55.80 -32.00 -17.53
C GLY XB 269 56.27 -32.21 -18.95
N GLN XB 270 57.03 -33.29 -19.13
CA GLN XB 270 57.51 -33.66 -20.44
C GLN XB 270 56.36 -34.10 -21.32
N LYS XB 271 56.31 -33.57 -22.54
CA LYS XB 271 55.40 -34.03 -23.57
C LYS XB 271 56.23 -34.45 -24.76
N GLY XB 272 55.91 -35.59 -25.33
CA GLY XB 272 56.69 -36.14 -26.41
C GLY XB 272 57.94 -36.83 -25.91
N TYR XB 273 58.70 -37.36 -26.86
CA TYR XB 273 59.75 -38.35 -26.63
C TYR XB 273 59.24 -39.49 -25.75
N HIS XB 274 58.12 -40.05 -26.15
CA HIS XB 274 57.50 -41.17 -25.44
C HIS XB 274 57.55 -42.40 -26.34
N HIS XB 275 57.92 -43.52 -25.74
CA HIS XB 275 57.98 -44.78 -26.47
C HIS XB 275 56.57 -45.29 -26.73
N ARG XB 276 56.28 -45.63 -27.99
CA ARG XB 276 54.95 -46.03 -28.41
C ARG XB 276 55.02 -47.23 -29.34
N THR XB 277 53.95 -48.03 -29.30
CA THR XB 277 53.77 -49.20 -30.16
C THR XB 277 52.42 -49.03 -30.85
N GLU XB 278 52.43 -48.54 -32.08
CA GLU XB 278 51.22 -48.46 -32.88
C GLU XB 278 51.07 -49.74 -33.68
N ILE XB 279 49.84 -50.26 -33.74
CA ILE XB 279 49.59 -51.53 -34.38
C ILE XB 279 48.86 -51.34 -35.70
N ASN XB 280 48.98 -52.36 -36.56
CA ASN XB 280 48.20 -52.53 -37.78
C ASN XB 280 48.45 -51.40 -38.79
N LYS XB 281 49.71 -51.15 -39.09
CA LYS XB 281 50.10 -50.22 -40.15
C LYS XB 281 50.31 -51.07 -41.40
N LYS XB 282 49.54 -50.79 -42.44
CA LYS XB 282 49.62 -51.60 -43.63
C LYS XB 282 50.85 -51.24 -44.45
N ILE XB 283 51.59 -52.24 -44.90
CA ILE XB 283 52.68 -52.02 -45.84
C ILE XB 283 52.03 -51.76 -47.20
N TYR XB 284 52.07 -50.52 -47.66
CA TYR XB 284 51.57 -50.24 -48.99
C TYR XB 284 52.60 -50.47 -50.08
N LYS XB 285 53.90 -50.45 -49.77
CA LYS XB 285 54.90 -50.82 -50.77
C LYS XB 285 56.18 -51.25 -50.08
N ILE XB 286 56.89 -52.19 -50.69
CA ILE XB 286 58.30 -52.40 -50.37
C ILE XB 286 59.05 -52.10 -51.66
N GLY XB 287 59.74 -50.97 -51.67
CA GLY XB 287 60.45 -50.53 -52.85
C GLY XB 287 61.93 -50.82 -52.74
N GLN XB 288 62.51 -51.28 -53.84
CA GLN XB 288 63.91 -51.68 -53.85
C GLN XB 288 64.81 -50.45 -53.94
N GLY XB 289 66.10 -50.68 -53.70
CA GLY XB 289 67.05 -49.61 -53.60
C GLY XB 289 67.50 -49.08 -54.95
N TYR XB 290 68.57 -48.29 -54.90
CA TYR XB 290 69.17 -47.74 -56.09
C TYR XB 290 70.15 -48.75 -56.69
N LEU XB 291 69.83 -49.27 -57.87
CA LEU XB 291 70.61 -50.35 -58.46
C LEU XB 291 71.57 -49.81 -59.51
N ILE XB 292 72.69 -50.50 -59.68
CA ILE XB 292 73.66 -50.20 -60.72
C ILE XB 292 73.72 -51.42 -61.64
N LYS XB 293 72.97 -51.38 -62.75
CA LYS XB 293 72.94 -52.47 -63.70
C LYS XB 293 73.19 -51.94 -65.10
N ASP XB 294 74.06 -52.63 -65.85
CA ASP XB 294 74.55 -52.24 -67.17
C ASP XB 294 75.23 -50.88 -67.18
N GLY XB 295 75.78 -50.45 -66.03
CA GLY XB 295 76.26 -49.10 -65.87
C GLY XB 295 75.20 -48.07 -65.59
N LYS XB 296 73.94 -48.35 -65.91
CA LYS XB 296 72.85 -47.45 -65.59
C LYS XB 296 72.56 -47.49 -64.10
N LEU XB 297 72.15 -46.33 -63.57
CA LEU XB 297 71.64 -46.25 -62.20
C LEU XB 297 70.13 -46.33 -62.30
N ILE XB 298 69.60 -47.52 -62.05
CA ILE XB 298 68.16 -47.73 -61.99
C ILE XB 298 67.65 -47.21 -60.66
N LYS XB 299 66.73 -46.24 -60.73
CA LYS XB 299 66.18 -45.59 -59.55
C LYS XB 299 64.69 -45.35 -59.69
N ASN XB 300 63.99 -46.14 -60.50
CA ASN XB 300 62.55 -45.93 -60.68
C ASN XB 300 61.76 -46.63 -59.57
N ASN XB 301 61.90 -46.09 -58.35
CA ASN XB 301 61.21 -46.67 -57.20
C ASN XB 301 59.73 -46.35 -57.23
N ALA XB 302 59.38 -45.11 -57.58
CA ALA XB 302 58.00 -44.66 -57.56
C ALA XB 302 57.27 -44.91 -58.88
N SER XB 303 57.94 -45.52 -59.85
CA SER XB 303 57.31 -45.84 -61.12
C SER XB 303 56.40 -47.05 -60.95
N THR XB 304 55.10 -46.80 -60.92
CA THR XB 304 54.11 -47.85 -60.74
C THR XB 304 53.72 -48.44 -62.09
N ASP XB 305 52.80 -49.39 -62.06
CA ASP XB 305 52.27 -49.94 -63.30
C ASP XB 305 51.32 -48.97 -63.99
N TYR XB 306 50.86 -47.95 -63.28
CA TYR XB 306 49.96 -46.94 -63.84
C TYR XB 306 50.68 -45.63 -64.12
N ASP XB 307 51.99 -45.58 -63.94
CA ASP XB 307 52.76 -44.35 -64.11
C ASP XB 307 53.62 -44.39 -65.37
N LEU XB 308 54.39 -45.46 -65.56
CA LEU XB 308 55.37 -45.64 -66.62
C LEU XB 308 56.42 -44.53 -66.64
N SER XB 309 56.72 -43.95 -65.49
CA SER XB 309 57.74 -42.94 -65.35
C SER XB 309 59.06 -43.60 -64.95
N ASP XB 310 60.02 -42.80 -64.53
CA ASP XB 310 61.33 -43.28 -64.12
C ASP XB 310 61.72 -42.68 -62.77
N LYS XB 311 60.74 -42.12 -62.06
CA LYS XB 311 61.01 -41.32 -60.87
C LYS XB 311 61.25 -42.19 -59.64
N SER XB 312 61.98 -41.63 -58.69
CA SER XB 312 62.29 -42.28 -57.44
C SER XB 312 61.28 -41.89 -56.38
N ILE XB 313 61.38 -42.57 -55.23
CA ILE XB 313 60.56 -42.21 -54.08
C ILE XB 313 60.96 -40.86 -53.49
N ASN XB 314 62.15 -40.39 -53.78
CA ASN XB 314 62.61 -39.11 -53.27
C ASN XB 314 61.93 -37.96 -54.00
N PRO XB 315 61.27 -37.05 -53.28
CA PRO XB 315 60.63 -35.91 -53.93
C PRO XB 315 61.64 -34.88 -54.39
N LEU XB 316 61.10 -33.79 -54.95
CA LEU XB 316 61.94 -32.74 -55.50
C LEU XB 316 62.69 -32.02 -54.40
N GLY XB 317 64.01 -31.93 -54.55
CA GLY XB 317 64.84 -31.42 -53.48
C GLY XB 317 65.08 -32.40 -52.36
N GLY XB 318 64.73 -33.67 -52.55
CA GLY XB 318 64.91 -34.68 -51.53
C GLY XB 318 63.89 -34.56 -50.41
N PHE XB 319 64.00 -35.42 -49.41
CA PHE XB 319 63.11 -35.31 -48.27
C PHE XB 319 63.53 -34.16 -47.39
N VAL XB 320 62.55 -33.40 -46.89
CA VAL XB 320 62.84 -32.26 -46.03
C VAL XB 320 63.34 -32.80 -44.69
N HIS XB 321 64.51 -32.29 -44.28
CA HIS XB 321 65.23 -32.62 -43.04
C HIS XB 321 65.73 -34.06 -42.99
N TYR XB 322 65.69 -34.82 -44.08
CA TYR XB 322 66.19 -36.19 -44.04
C TYR XB 322 67.38 -36.43 -44.94
N GLY XB 323 67.25 -36.24 -46.23
CA GLY XB 323 68.24 -36.73 -47.15
C GLY XB 323 67.58 -37.42 -48.30
N GLU XB 324 68.27 -38.42 -48.85
CA GLU XB 324 67.71 -39.23 -49.91
C GLU XB 324 67.37 -40.63 -49.41
N VAL XB 325 66.54 -41.32 -50.18
CA VAL XB 325 66.26 -42.74 -49.97
C VAL XB 325 66.83 -43.51 -51.14
N THR XB 326 68.05 -43.99 -51.00
CA THR XB 326 68.73 -44.76 -52.02
C THR XB 326 68.77 -46.24 -51.69
N ASN XB 327 68.19 -46.63 -50.56
CA ASN XB 327 68.06 -48.02 -50.16
C ASN XB 327 66.63 -48.47 -50.33
N ASP XB 328 66.41 -49.77 -50.12
CA ASP XB 328 65.06 -50.29 -50.07
C ASP XB 328 64.30 -49.71 -48.88
N PHE XB 329 63.00 -49.54 -49.07
CA PHE XB 329 62.16 -48.78 -48.16
C PHE XB 329 60.82 -49.45 -48.04
N VAL XB 330 60.14 -49.13 -46.93
CA VAL XB 330 58.78 -49.56 -46.68
C VAL XB 330 57.88 -48.34 -46.71
N MET XB 331 56.92 -48.34 -47.63
CA MET XB 331 55.81 -47.40 -47.65
C MET XB 331 54.71 -47.98 -46.78
N LEU XB 332 54.44 -47.32 -45.67
CA LEU XB 332 53.39 -47.70 -44.73
C LEU XB 332 52.24 -46.72 -44.85
N LYS XB 333 51.02 -47.19 -44.61
CA LYS XB 333 49.86 -46.31 -44.62
C LYS XB 333 49.90 -45.36 -43.43
N GLY XB 334 49.69 -44.08 -43.68
CA GLY XB 334 49.41 -43.14 -42.62
C GLY XB 334 50.63 -42.60 -41.91
N CYS XB 335 50.49 -42.35 -40.62
CA CYS XB 335 51.53 -41.69 -39.86
C CYS XB 335 52.10 -42.63 -38.80
N VAL XB 336 53.42 -42.69 -38.76
CA VAL XB 336 54.16 -43.41 -37.73
C VAL XB 336 54.80 -42.36 -36.84
N VAL XB 337 55.28 -42.80 -35.68
CA VAL XB 337 55.76 -41.89 -34.67
C VAL XB 337 57.13 -41.33 -35.08
N GLY XB 338 57.56 -40.30 -34.36
CA GLY XB 338 58.93 -39.85 -34.39
C GLY XB 338 59.17 -38.68 -35.30
N THR XB 339 60.41 -38.21 -35.28
CA THR XB 339 60.87 -37.20 -36.21
C THR XB 339 61.26 -37.86 -37.52
N LYS XB 340 61.66 -37.03 -38.47
CA LYS XB 340 62.49 -37.52 -39.56
C LYS XB 340 63.83 -37.94 -38.99
N LYS XB 341 64.46 -38.92 -39.64
CA LYS XB 341 65.71 -39.58 -39.28
C LYS XB 341 65.62 -40.42 -38.01
N ARG XB 342 64.42 -40.61 -37.45
CA ARG XB 342 64.27 -41.39 -36.24
C ARG XB 342 64.25 -42.86 -36.57
N VAL XB 343 64.93 -43.66 -35.75
CA VAL XB 343 64.89 -45.10 -35.90
C VAL XB 343 63.52 -45.63 -35.49
N LEU XB 344 63.01 -46.57 -36.28
CA LEU XB 344 61.70 -47.16 -36.12
C LEU XB 344 61.87 -48.67 -36.07
N THR XB 345 61.10 -49.32 -35.23
CA THR XB 345 61.13 -50.77 -35.12
C THR XB 345 59.89 -51.31 -35.81
N LEU XB 346 60.09 -52.20 -36.77
CA LEU XB 346 59.01 -52.82 -37.51
C LEU XB 346 58.84 -54.23 -36.99
N ARG XB 347 57.68 -54.52 -36.40
CA ARG XB 347 57.43 -55.83 -35.81
C ARG XB 347 56.33 -56.54 -36.59
N LYS XB 348 56.46 -57.84 -36.74
CA LYS XB 348 55.34 -58.63 -37.26
C LYS XB 348 54.19 -58.62 -36.27
N SER XB 349 52.98 -58.79 -36.78
CA SER XB 349 51.78 -58.54 -36.01
C SER XB 349 51.55 -59.60 -34.93
N LEU XB 350 51.07 -59.14 -33.77
CA LEU XB 350 50.75 -60.04 -32.67
C LEU XB 350 49.36 -60.63 -32.80
N LEU XB 351 48.59 -60.16 -33.78
CA LEU XB 351 47.21 -60.57 -33.92
C LEU XB 351 47.03 -61.51 -35.12
N VAL XB 352 45.86 -62.12 -35.20
CA VAL XB 352 45.45 -62.89 -36.35
C VAL XB 352 44.63 -61.98 -37.25
N GLN XB 353 44.92 -62.00 -38.54
CA GLN XB 353 44.35 -61.01 -39.46
C GLN XB 353 43.33 -61.70 -40.35
N THR XB 354 42.07 -61.71 -39.90
CA THR XB 354 40.94 -62.04 -40.74
C THR XB 354 39.96 -60.86 -40.71
N LYS XB 355 40.31 -59.80 -41.44
CA LYS XB 355 39.45 -58.65 -41.67
C LYS XB 355 39.69 -58.23 -43.11
N ARG XB 356 38.73 -57.51 -43.68
CA ARG XB 356 38.89 -57.09 -45.06
C ARG XB 356 39.88 -55.94 -45.20
N ARG XB 357 39.93 -55.03 -44.22
CA ARG XB 357 40.93 -53.97 -44.23
C ARG XB 357 42.34 -54.51 -43.96
N ALA XB 358 42.44 -55.67 -43.32
CA ALA XB 358 43.75 -56.31 -43.13
C ALA XB 358 44.18 -57.15 -44.32
N LEU XB 359 43.23 -57.79 -45.01
CA LEU XB 359 43.53 -58.67 -46.13
C LEU XB 359 43.36 -57.96 -47.46
N GLU XB 360 43.15 -56.65 -47.47
CA GLU XB 360 43.00 -55.88 -48.69
C GLU XB 360 44.27 -55.89 -49.54
N LYS XB 361 44.10 -56.09 -50.84
CA LYS XB 361 45.21 -56.09 -51.78
C LYS XB 361 45.36 -54.71 -52.39
N ILE XB 362 46.59 -54.21 -52.42
CA ILE XB 362 46.87 -52.80 -52.68
C ILE XB 362 47.59 -52.73 -54.02
N ASP XB 363 47.12 -51.89 -54.93
CA ASP XB 363 47.82 -51.60 -56.19
C ASP XB 363 47.94 -50.08 -56.31
N LEU XB 364 49.17 -49.57 -56.15
CA LEU XB 364 49.40 -48.14 -56.21
C LEU XB 364 49.29 -47.66 -57.65
N LYS XB 365 48.56 -46.57 -57.85
CA LYS XB 365 48.49 -45.93 -59.16
C LYS XB 365 49.48 -44.79 -59.29
N PHE XB 366 49.52 -43.91 -58.31
CA PHE XB 366 50.32 -42.70 -58.36
C PHE XB 366 51.00 -42.48 -57.04
N ILE XB 367 52.28 -42.12 -57.07
CA ILE XB 367 53.02 -41.73 -55.88
C ILE XB 367 53.41 -40.27 -56.07
N ASP XB 368 53.04 -39.45 -55.10
CA ASP XB 368 53.31 -38.02 -55.19
C ASP XB 368 54.78 -37.78 -54.90
N THR XB 369 55.49 -37.16 -55.84
CA THR XB 369 56.88 -36.79 -55.68
C THR XB 369 57.10 -35.31 -55.88
N THR XB 370 56.08 -34.51 -55.56
CA THR XB 370 56.25 -33.08 -55.50
C THR XB 370 57.11 -32.71 -54.30
N SER XB 371 57.77 -31.55 -54.38
CA SER XB 371 58.58 -31.07 -53.29
C SER XB 371 57.72 -30.76 -52.08
N LYS XB 372 58.17 -31.21 -50.91
CA LYS XB 372 57.49 -30.90 -49.67
C LYS XB 372 58.09 -29.67 -49.00
N PHE XB 373 59.09 -29.06 -49.63
CA PHE XB 373 59.79 -27.89 -49.13
C PHE XB 373 59.12 -26.62 -49.66
N GLY XB 374 57.81 -26.57 -49.53
CA GLY XB 374 56.99 -25.60 -50.19
C GLY XB 374 55.84 -26.26 -50.93
N HIS XB 375 55.12 -25.44 -51.70
CA HIS XB 375 54.01 -25.94 -52.53
C HIS XB 375 54.53 -26.31 -53.91
N GLY XB 376 55.43 -27.29 -53.93
CA GLY XB 376 55.93 -27.85 -55.17
C GLY XB 376 54.81 -28.47 -55.98
N ARG XB 377 54.84 -28.27 -57.30
CA ARG XB 377 53.70 -28.62 -58.13
C ARG XB 377 54.09 -29.52 -59.31
N PHE XB 378 55.30 -30.04 -59.32
CA PHE XB 378 55.74 -30.95 -60.36
C PHE XB 378 56.25 -32.24 -59.73
N GLN XB 379 55.93 -33.36 -60.36
CA GLN XB 379 56.40 -34.66 -59.89
C GLN XB 379 57.86 -34.93 -60.24
N THR XB 380 58.31 -34.49 -61.42
CA THR XB 380 59.68 -34.69 -61.87
C THR XB 380 60.25 -33.38 -62.41
N VAL XB 381 61.58 -33.27 -62.34
CA VAL XB 381 62.27 -32.11 -62.92
C VAL XB 381 62.18 -32.07 -64.44
N GLU XB 382 62.04 -33.22 -65.11
CA GLU XB 382 61.80 -33.20 -66.54
C GLU XB 382 60.44 -32.62 -66.88
N GLU XB 383 59.43 -32.91 -66.05
CA GLU XB 383 58.12 -32.27 -66.16
C GLU XB 383 58.18 -30.78 -65.90
N LYS XB 384 58.96 -30.36 -64.89
CA LYS XB 384 59.12 -28.94 -64.58
C LYS XB 384 59.81 -28.20 -65.73
N LYS XB 385 60.88 -28.77 -66.28
CA LYS XB 385 61.56 -28.16 -67.41
C LYS XB 385 60.75 -28.21 -68.69
N ALA XB 386 59.90 -29.22 -68.85
CA ALA XB 386 59.02 -29.27 -70.00
C ALA XB 386 57.92 -28.21 -69.91
N PHE XB 387 57.40 -27.96 -68.70
CA PHE XB 387 56.35 -26.96 -68.55
C PHE XB 387 56.92 -25.55 -68.71
N MET XB 388 58.11 -25.30 -68.16
CA MET XB 388 58.62 -23.93 -68.16
C MET XB 388 59.39 -23.60 -69.43
N GLY XB 389 60.09 -24.57 -70.00
CA GLY XB 389 60.95 -24.31 -71.13
C GLY XB 389 62.32 -23.88 -70.67
N PRO XB 390 63.10 -23.28 -71.56
CA PRO XB 390 64.41 -22.76 -71.15
C PRO XB 390 64.27 -21.53 -70.26
N LEU XB 391 65.13 -21.45 -69.24
CA LEU XB 391 65.15 -20.33 -68.34
C LEU XB 391 66.35 -19.45 -68.69
N LYS XB 392 66.66 -18.46 -67.84
CA LYS XB 392 67.87 -17.67 -67.99
C LYS XB 392 69.12 -18.46 -67.65
N LYS XB 393 68.99 -19.57 -66.93
CA LYS XB 393 70.10 -20.33 -66.38
C LYS XB 393 70.82 -21.20 -67.41
N ASP XB 394 70.61 -20.99 -68.71
CA ASP XB 394 71.37 -21.70 -69.73
C ASP XB 394 72.34 -20.77 -70.47
N ALA YB 1 73.77 -17.17 90.68
CA ALA YB 1 74.37 -17.72 91.88
C ALA YB 1 74.59 -16.66 92.94
N CYS YB 2 75.30 -17.01 94.01
CA CYS YB 2 75.51 -16.10 95.12
C CYS YB 2 76.96 -16.02 95.60
N ALA YB 3 77.84 -16.89 95.14
CA ALA YB 3 79.24 -16.83 95.57
C ALA YB 3 80.02 -15.85 94.70
N ARG YB 4 80.62 -14.85 95.33
CA ARG YB 4 81.35 -13.80 94.63
C ARG YB 4 82.80 -13.79 95.11
N PRO YB 5 83.74 -14.17 94.24
CA PRO YB 5 85.15 -14.24 94.66
C PRO YB 5 85.84 -12.89 94.64
N LEU YB 6 87.12 -12.92 95.00
CA LEU YB 6 87.97 -11.73 95.13
C LEU YB 6 88.87 -11.61 93.91
N ILE YB 7 88.52 -10.73 92.99
CA ILE YB 7 89.28 -10.47 91.79
C ILE YB 7 90.52 -9.69 92.20
N SER YB 8 91.69 -10.12 91.73
CA SER YB 8 92.92 -9.37 91.92
C SER YB 8 93.03 -8.27 90.87
N VAL YB 9 93.39 -7.07 91.34
CA VAL YB 9 93.58 -5.91 90.47
C VAL YB 9 95.05 -5.83 90.13
N TYR YB 10 95.36 -5.75 88.84
CA TYR YB 10 96.73 -5.83 88.38
C TYR YB 10 97.28 -4.43 88.15
N SER YB 11 98.58 -4.36 87.87
CA SER YB 11 99.27 -3.10 87.81
C SER YB 11 99.76 -2.81 86.40
N GLU YB 12 100.54 -1.74 86.29
CA GLU YB 12 101.18 -1.33 85.04
C GLU YB 12 102.11 -2.39 84.49
N LYS YB 13 102.90 -3.03 85.34
CA LYS YB 13 103.89 -4.00 84.92
C LYS YB 13 103.34 -5.41 84.88
N GLY YB 14 102.04 -5.59 85.13
CA GLY YB 14 101.37 -6.84 84.88
C GLY YB 14 101.30 -7.80 86.05
N GLU YB 15 102.15 -7.64 87.05
CA GLU YB 15 102.13 -8.51 88.23
C GLU YB 15 100.97 -8.09 89.12
N SER YB 16 100.56 -9.01 89.98
CA SER YB 16 99.37 -8.80 90.80
C SER YB 16 99.68 -7.81 91.92
N SER YB 17 98.87 -6.77 92.03
CA SER YB 17 98.98 -5.88 93.17
C SER YB 17 98.37 -6.54 94.40
N GLY YB 18 98.57 -5.90 95.54
CA GLY YB 18 97.92 -6.38 96.76
C GLY YB 18 96.45 -6.06 96.85
N LYS YB 19 95.93 -5.25 95.93
CA LYS YB 19 94.54 -4.83 95.95
C LYS YB 19 93.63 -5.99 95.57
N ASN YB 20 92.38 -5.91 96.02
CA ASN YB 20 91.38 -6.92 95.73
C ASN YB 20 90.02 -6.24 95.64
N VAL YB 21 89.29 -6.50 94.56
CA VAL YB 21 87.90 -6.09 94.45
C VAL YB 21 87.05 -7.34 94.44
N THR YB 22 86.06 -7.40 95.34
CA THR YB 22 85.08 -8.46 95.29
C THR YB 22 84.30 -8.40 93.98
N LEU YB 23 83.97 -9.57 93.45
CA LEU YB 23 83.40 -9.67 92.11
C LEU YB 23 82.02 -9.03 92.09
N PRO YB 24 81.73 -8.16 91.12
CA PRO YB 24 80.38 -7.61 91.00
C PRO YB 24 79.38 -8.70 90.67
N ALA YB 25 78.15 -8.49 91.12
CA ALA YB 25 77.14 -9.51 90.96
C ALA YB 25 76.58 -9.56 89.54
N VAL YB 26 76.92 -8.58 88.69
CA VAL YB 26 76.48 -8.58 87.30
C VAL YB 26 77.19 -9.68 86.50
N PHE YB 27 78.32 -10.18 87.00
CA PHE YB 27 79.04 -11.28 86.38
C PHE YB 27 78.47 -12.64 86.74
N LYS YB 28 77.50 -12.69 87.65
CA LYS YB 28 76.76 -13.89 87.98
C LYS YB 28 75.35 -13.87 87.41
N ALA YB 29 75.08 -13.00 86.45
CA ALA YB 29 73.78 -12.88 85.83
C ALA YB 29 73.49 -14.09 84.94
N PRO YB 30 72.21 -14.35 84.61
CA PRO YB 30 71.91 -15.37 83.60
C PRO YB 30 72.47 -14.99 82.23
N ILE YB 31 73.25 -15.91 81.67
CA ILE YB 31 73.86 -15.75 80.36
C ILE YB 31 72.87 -16.26 79.34
N ARG YB 32 72.27 -15.36 78.56
CA ARG YB 32 71.17 -15.72 77.67
C ARG YB 32 71.51 -15.33 76.23
N PRO YB 33 72.18 -16.22 75.50
CA PRO YB 33 72.64 -15.88 74.15
C PRO YB 33 71.53 -15.61 73.16
N ASP YB 34 70.36 -16.22 73.32
CA ASP YB 34 69.21 -15.89 72.50
C ASP YB 34 68.74 -14.45 72.71
N ILE YB 35 68.72 -13.98 73.96
CA ILE YB 35 68.33 -12.60 74.24
C ILE YB 35 69.40 -11.63 73.76
N VAL YB 36 70.67 -11.99 73.94
CA VAL YB 36 71.75 -11.14 73.46
C VAL YB 36 71.70 -11.02 71.95
N ASN YB 37 71.40 -12.13 71.26
CA ASN YB 37 71.31 -12.08 69.81
C ASN YB 37 70.08 -11.32 69.34
N PHE YB 38 68.97 -11.39 70.09
CA PHE YB 38 67.78 -10.59 69.81
C PHE YB 38 68.05 -9.09 69.97
N VAL YB 39 68.73 -8.73 71.05
CA VAL YB 39 69.06 -7.33 71.30
C VAL YB 39 70.04 -6.84 70.25
N HIS YB 40 70.98 -7.69 69.85
CA HIS YB 40 71.94 -7.34 68.81
C HIS YB 40 71.25 -7.16 67.46
N THR YB 41 70.40 -8.11 67.05
CA THR YB 41 69.73 -7.99 65.76
C THR YB 41 68.73 -6.86 65.71
N ASN YB 42 68.27 -6.35 66.85
CA ASN YB 42 67.39 -5.21 66.72
C ASN YB 42 68.08 -3.88 66.94
N LEU YB 43 69.09 -3.79 67.81
CA LEU YB 43 69.81 -2.53 67.97
C LEU YB 43 70.76 -2.24 66.82
N ARG YB 44 71.28 -3.27 66.14
CA ARG YB 44 72.22 -3.01 65.07
C ARG YB 44 71.56 -2.42 63.84
N LYS YB 45 70.24 -2.46 63.75
CA LYS YB 45 69.52 -1.82 62.66
C LYS YB 45 69.34 -0.33 62.87
N ASN YB 46 69.71 0.20 64.03
CA ASN YB 46 69.37 1.57 64.39
C ASN YB 46 70.36 2.60 63.86
N ASN YB 47 71.52 2.19 63.39
CA ASN YB 47 72.47 3.13 62.79
C ASN YB 47 72.38 3.17 61.28
N ARG YB 48 71.43 2.43 60.71
CA ARG YB 48 71.37 2.27 59.27
C ARG YB 48 70.89 3.54 58.60
N GLN YB 49 71.73 4.12 57.76
CA GLN YB 49 71.25 5.21 56.94
C GLN YB 49 70.35 4.65 55.84
N PRO YB 50 69.29 5.35 55.47
CA PRO YB 50 68.35 4.80 54.50
C PRO YB 50 68.92 4.73 53.10
N TYR YB 51 68.36 3.84 52.30
CA TYR YB 51 68.62 3.79 50.88
C TYR YB 51 67.31 3.58 50.15
N ALA YB 52 67.22 4.19 48.98
CA ALA YB 52 66.03 4.06 48.15
C ALA YB 52 66.40 4.45 46.73
N VAL YB 53 65.70 3.85 45.78
CA VAL YB 53 65.78 4.34 44.42
C VAL YB 53 64.96 5.61 44.30
N SER YB 54 65.21 6.36 43.24
CA SER YB 54 64.41 7.55 42.99
C SER YB 54 63.03 7.15 42.53
N GLU YB 55 62.03 7.92 42.94
CA GLU YB 55 60.66 7.61 42.56
C GLU YB 55 60.33 8.07 41.15
N LEU YB 56 61.23 8.79 40.50
CA LEU YB 56 61.07 9.13 39.09
C LEU YB 56 61.71 8.13 38.15
N ALA YB 57 62.45 7.15 38.67
CA ALA YB 57 63.25 6.28 37.84
C ALA YB 57 62.38 5.36 36.99
N GLY YB 58 62.55 5.46 35.68
CA GLY YB 58 61.81 4.63 34.76
C GLY YB 58 60.45 5.16 34.40
N HIS YB 59 59.97 6.20 35.08
CA HIS YB 59 58.68 6.79 34.78
C HIS YB 59 58.83 8.11 34.04
N GLN YB 60 60.04 8.46 33.63
CA GLN YB 60 60.33 9.70 32.94
C GLN YB 60 60.20 9.57 31.43
N THR YB 61 59.33 8.68 30.96
CA THR YB 61 59.01 8.58 29.57
C THR YB 61 57.52 8.81 29.41
N SER YB 62 57.14 9.26 28.22
CA SER YB 62 55.78 9.11 27.77
C SER YB 62 55.73 7.82 26.98
N ALA YB 63 54.81 6.94 27.34
CA ALA YB 63 54.78 5.63 26.71
C ALA YB 63 53.38 5.08 26.79
N GLU YB 64 52.85 4.70 25.64
CA GLU YB 64 51.56 4.05 25.53
C GLU YB 64 51.79 2.66 24.97
N SER YB 65 50.94 1.73 25.36
CA SER YB 65 50.94 0.44 24.70
C SER YB 65 50.38 0.60 23.30
N TRP YB 66 50.86 -0.24 22.39
CA TRP YB 66 50.33 -0.21 21.03
C TRP YB 66 48.98 -0.90 20.93
N GLY YB 67 48.53 -1.54 22.00
CA GLY YB 67 47.30 -2.28 21.96
C GLY YB 67 47.51 -3.61 21.27
N THR YB 68 46.40 -4.27 20.97
CA THR YB 68 46.47 -5.49 20.20
C THR YB 68 46.52 -5.15 18.72
N GLY YB 69 46.59 -6.18 17.90
CA GLY YB 69 47.12 -6.01 16.57
C GLY YB 69 48.63 -5.93 16.68
N ARG YB 70 49.26 -5.59 15.57
CA ARG YB 70 50.68 -5.19 15.48
C ARG YB 70 51.69 -6.29 15.83
N ALA YB 71 51.21 -7.47 16.27
CA ALA YB 71 52.01 -8.67 16.56
C ALA YB 71 53.13 -8.43 17.57
N VAL YB 72 52.87 -7.58 18.55
CA VAL YB 72 53.82 -7.28 19.61
C VAL YB 72 53.12 -7.43 20.96
N ALA YB 73 53.92 -7.46 22.03
CA ALA YB 73 53.49 -8.04 23.29
C ALA YB 73 52.93 -7.05 24.29
N ARG YB 74 52.23 -6.01 23.86
CA ARG YB 74 51.21 -5.31 24.64
C ARG YB 74 51.76 -4.52 25.85
N ILE YB 75 53.07 -4.45 26.02
CA ILE YB 75 53.78 -3.66 27.02
C ILE YB 75 53.76 -2.21 26.55
N PRO YB 76 53.83 -1.20 27.43
CA PRO YB 76 54.03 0.18 26.96
C PRO YB 76 55.33 0.36 26.22
N ARG YB 77 55.29 1.21 25.19
CA ARG YB 77 56.42 1.43 24.31
C ARG YB 77 56.62 2.92 24.08
N VAL YB 78 57.87 3.31 23.82
CA VAL YB 78 58.25 4.72 23.70
C VAL YB 78 57.71 5.31 22.40
N ARG YB 79 57.35 6.59 22.44
CA ARG YB 79 56.67 7.25 21.33
C ARG YB 79 57.66 7.83 20.32
N GLY YB 80 57.38 7.57 19.04
CA GLY YB 80 57.89 8.33 17.92
C GLY YB 80 59.39 8.34 17.73
N GLY YB 81 59.88 9.29 16.95
CA GLY YB 81 61.30 9.58 16.86
C GLY YB 81 62.05 8.58 16.01
N GLY YB 82 63.15 9.05 15.45
CA GLY YB 82 64.12 8.16 14.87
C GLY YB 82 65.33 8.03 15.75
N THR YB 83 65.34 6.98 16.56
CA THR YB 83 66.43 6.63 17.46
C THR YB 83 66.21 5.20 17.89
N HIS YB 84 67.16 4.65 18.64
CA HIS YB 84 66.99 3.31 19.19
C HIS YB 84 65.82 3.27 20.15
N ARG YB 85 65.72 4.28 21.01
CA ARG YB 85 64.65 4.35 22.00
C ARG YB 85 63.36 4.81 21.32
N SER YB 86 62.70 3.85 20.67
CA SER YB 86 61.48 4.13 19.92
C SER YB 86 60.70 2.83 19.79
N GLY YB 87 59.57 2.76 20.46
CA GLY YB 87 58.84 1.52 20.54
C GLY YB 87 59.61 0.47 21.30
N GLN YB 88 60.22 0.84 22.43
CA GLN YB 88 61.25 -0.02 23.01
C GLN YB 88 60.98 -0.28 24.48
N GLY YB 89 59.76 -0.67 24.86
CA GLY YB 89 59.53 -1.31 26.14
C GLY YB 89 59.76 -0.51 27.40
N ALA YB 90 58.88 0.41 27.78
CA ALA YB 90 59.30 1.41 28.76
C ALA YB 90 58.99 1.06 30.21
N PHE YB 91 57.73 0.90 30.56
CA PHE YB 91 57.38 0.74 31.98
C PHE YB 91 57.37 -0.74 32.35
N GLY YB 92 57.65 -1.01 33.61
CA GLY YB 92 57.54 -2.38 34.09
C GLY YB 92 58.83 -2.95 34.59
N ASN YB 93 58.76 -3.94 35.48
CA ASN YB 93 59.96 -4.51 36.05
C ASN YB 93 60.72 -5.41 35.08
N MET YB 94 60.08 -5.86 34.01
CA MET YB 94 60.70 -6.83 33.12
C MET YB 94 61.42 -6.19 31.94
N CYS YB 95 61.40 -4.86 31.82
CA CYS YB 95 61.96 -4.16 30.68
C CYS YB 95 63.36 -3.66 30.99
N ARG YB 96 64.11 -3.37 29.92
CA ARG YB 96 65.37 -2.64 30.05
C ARG YB 96 65.04 -1.16 30.17
N GLY YB 97 65.48 -0.54 31.26
CA GLY YB 97 64.87 0.69 31.70
C GLY YB 97 63.58 0.38 32.42
N GLY YB 98 62.98 1.40 32.98
CA GLY YB 98 61.78 1.14 33.74
C GLY YB 98 62.08 0.82 35.18
N ARG YB 99 61.13 1.06 36.05
CA ARG YB 99 61.35 0.91 37.49
C ARG YB 99 61.31 -0.56 37.88
N MET YB 100 61.95 -0.85 39.00
CA MET YB 100 61.99 -2.17 39.58
C MET YB 100 60.61 -2.53 40.14
N PHE YB 101 60.44 -3.82 40.45
CA PHE YB 101 59.26 -4.23 41.18
C PHE YB 101 59.37 -3.69 42.60
N ALA YB 102 58.30 -3.04 43.06
CA ALA YB 102 58.11 -2.51 44.40
C ALA YB 102 59.30 -1.65 44.78
N PRO YB 103 59.42 -0.44 44.22
CA PRO YB 103 60.62 0.37 44.46
C PRO YB 103 60.79 0.67 45.93
N THR YB 104 62.04 0.57 46.37
CA THR YB 104 62.33 0.73 47.78
C THR YB 104 62.07 2.16 48.20
N LYS YB 105 61.37 2.33 49.30
CA LYS YB 105 61.06 3.63 49.84
C LYS YB 105 61.99 3.91 50.99
N THR YB 106 62.17 5.20 51.28
CA THR YB 106 62.93 5.60 52.44
C THR YB 106 62.24 5.24 53.73
N TRP YB 107 60.91 5.22 53.73
CA TRP YB 107 60.14 5.04 54.97
C TRP YB 107 59.90 3.57 55.30
N ARG YB 108 60.75 2.68 54.84
CA ARG YB 108 60.92 1.38 55.49
C ARG YB 108 61.30 1.60 56.95
N ARG YB 109 60.78 0.75 57.83
CA ARG YB 109 61.11 0.84 59.24
C ARG YB 109 62.55 0.34 59.41
N TRP YB 110 63.50 1.28 59.37
CA TRP YB 110 64.90 0.90 59.57
C TRP YB 110 65.21 0.63 61.03
N HIS YB 111 64.50 1.29 61.93
CA HIS YB 111 64.90 1.32 63.32
C HIS YB 111 64.03 0.42 64.17
N ARG YB 112 64.65 -0.26 65.11
CA ARG YB 112 63.97 -1.18 66.00
C ARG YB 112 64.20 -0.74 67.44
N ARG YB 113 63.12 -0.52 68.17
CA ARG YB 113 63.22 -0.20 69.58
C ARG YB 113 63.16 -1.50 70.36
N VAL YB 114 64.09 -1.67 71.28
CA VAL YB 114 64.14 -2.79 72.21
C VAL YB 114 63.76 -2.26 73.58
N ASN YB 115 63.07 -3.09 74.35
CA ASN YB 115 62.70 -2.72 75.70
C ASN YB 115 63.93 -2.49 76.54
N THR YB 116 63.83 -1.50 77.41
CA THR YB 116 64.96 -1.06 78.21
C THR YB 116 65.39 -2.15 79.18
N THR YB 117 64.44 -2.92 79.69
CA THR YB 117 64.77 -4.01 80.60
C THR YB 117 65.53 -5.11 79.85
N GLN YB 118 65.17 -5.36 78.59
CA GLN YB 118 65.90 -6.31 77.77
C GLN YB 118 67.27 -5.81 77.35
N LYS YB 119 67.42 -4.50 77.10
CA LYS YB 119 68.74 -3.98 76.76
C LYS YB 119 69.70 -4.05 77.93
N ARG YB 120 69.23 -3.71 79.13
CA ARG YB 120 70.02 -3.98 80.32
C ARG YB 120 70.21 -5.46 80.59
N TYR YB 121 69.24 -6.30 80.22
CA TYR YB 121 69.38 -7.75 80.37
C TYR YB 121 70.53 -8.26 79.52
N ALA YB 122 70.60 -7.82 78.26
CA ALA YB 122 71.64 -8.26 77.35
C ALA YB 122 73.00 -7.75 77.78
N ILE YB 123 73.07 -6.52 78.29
CA ILE YB 123 74.34 -6.03 78.83
C ILE YB 123 74.77 -6.88 80.02
N CYS YB 124 73.82 -7.26 80.89
CA CYS YB 124 74.13 -8.12 82.04
C CYS YB 124 74.62 -9.48 81.59
N SER YB 125 73.97 -10.07 80.59
CA SER YB 125 74.34 -11.39 80.12
C SER YB 125 75.68 -11.41 79.39
N ALA YB 126 75.95 -10.40 78.56
CA ALA YB 126 77.23 -10.30 77.89
C ALA YB 126 78.38 -10.04 78.86
N LEU YB 127 78.17 -9.19 79.87
CA LEU YB 127 79.19 -9.02 80.91
C LEU YB 127 79.43 -10.31 81.66
N ALA YB 128 78.35 -11.01 82.03
CA ALA YB 128 78.47 -12.27 82.76
C ALA YB 128 79.20 -13.33 81.96
N ALA YB 129 78.99 -13.34 80.65
CA ALA YB 129 79.70 -14.28 79.79
C ALA YB 129 81.14 -13.88 79.55
N SER YB 130 81.46 -12.59 79.65
CA SER YB 130 82.84 -12.15 79.47
C SER YB 130 83.74 -12.41 80.66
N ALA YB 131 83.29 -13.21 81.63
CA ALA YB 131 84.11 -13.60 82.77
C ALA YB 131 84.34 -15.10 82.85
N LEU YB 132 83.81 -15.87 81.90
CA LEU YB 132 84.02 -17.31 81.87
C LEU YB 132 85.04 -17.65 80.79
N PRO YB 133 86.13 -18.33 81.12
CA PRO YB 133 87.23 -18.51 80.14
C PRO YB 133 86.88 -19.31 78.92
N ALA YB 134 85.95 -20.26 79.02
CA ALA YB 134 85.57 -21.05 77.86
C ALA YB 134 84.87 -20.21 76.80
N LEU YB 135 84.02 -19.27 77.21
CA LEU YB 135 83.21 -18.51 76.26
C LEU YB 135 84.04 -17.49 75.50
N VAL YB 136 85.00 -16.85 76.15
CA VAL YB 136 85.86 -15.89 75.46
C VAL YB 136 86.88 -16.59 74.56
N MET YB 137 87.36 -17.78 74.95
CA MET YB 137 88.22 -18.54 74.05
C MET YB 137 87.43 -19.09 72.87
N SER YB 138 86.15 -19.42 73.09
CA SER YB 138 85.29 -19.80 71.98
C SER YB 138 84.90 -18.61 71.12
N LYS YB 139 84.99 -17.40 71.65
CA LYS YB 139 84.98 -16.21 70.83
C LYS YB 139 86.31 -16.01 70.11
N GLY YB 140 87.38 -16.63 70.59
CA GLY YB 140 88.63 -16.64 69.85
C GLY YB 140 89.65 -15.65 70.32
N HIS YB 141 89.44 -15.00 71.44
CA HIS YB 141 90.43 -14.12 72.02
C HIS YB 141 91.56 -14.95 72.60
N ARG YB 142 92.79 -14.55 72.33
CA ARG YB 142 93.96 -15.28 72.80
C ARG YB 142 94.28 -14.85 74.24
N ILE YB 143 93.77 -15.63 75.18
CA ILE YB 143 93.87 -15.31 76.59
C ILE YB 143 94.54 -16.45 77.38
N GLU YB 144 95.30 -17.31 76.72
CA GLU YB 144 95.84 -18.49 77.40
C GLU YB 144 97.00 -18.19 78.34
N GLU YB 145 97.32 -16.92 78.58
CA GLU YB 145 98.38 -16.54 79.50
C GLU YB 145 97.97 -15.32 80.33
N VAL YB 146 96.74 -14.84 80.18
CA VAL YB 146 96.31 -13.73 81.04
C VAL YB 146 96.13 -14.24 82.47
N PRO YB 147 96.43 -13.45 83.49
CA PRO YB 147 96.53 -14.03 84.83
C PRO YB 147 95.19 -14.16 85.53
N GLU YB 148 94.16 -13.47 85.06
CA GLU YB 148 92.80 -13.63 85.57
C GLU YB 148 91.87 -13.07 84.51
N LEU YB 149 90.74 -13.73 84.30
CA LEU YB 149 89.94 -13.34 83.14
C LEU YB 149 89.15 -12.05 83.36
N PRO YB 150 88.47 -11.79 84.51
CA PRO YB 150 88.00 -10.40 84.70
C PRO YB 150 89.22 -9.55 85.02
N LEU YB 151 89.90 -9.15 83.94
CA LEU YB 151 91.27 -8.65 83.99
C LEU YB 151 91.23 -7.18 84.33
N VAL YB 152 91.43 -6.88 85.61
CA VAL YB 152 91.34 -5.51 86.10
C VAL YB 152 92.75 -5.02 86.34
N VAL YB 153 93.14 -4.02 85.58
CA VAL YB 153 94.40 -3.32 85.78
C VAL YB 153 94.09 -2.08 86.61
N GLU YB 154 95.06 -1.64 87.41
CA GLU YB 154 94.76 -0.57 88.35
C GLU YB 154 94.67 0.77 87.63
N ASP YB 155 94.11 1.75 88.34
CA ASP YB 155 93.55 2.98 87.79
C ASP YB 155 94.60 3.97 87.29
N LYS YB 156 95.90 3.64 87.37
CA LYS YB 156 96.93 4.53 86.86
C LYS YB 156 96.88 4.64 85.34
N VAL YB 157 96.46 3.56 84.66
CA VAL YB 157 96.53 3.47 83.22
C VAL YB 157 95.47 4.30 82.52
N GLU YB 158 94.49 4.85 83.24
CA GLU YB 158 93.56 5.78 82.63
C GLU YB 158 94.20 7.12 82.35
N GLY YB 159 95.30 7.45 83.02
CA GLY YB 159 96.03 8.68 82.77
C GLY YB 159 97.09 8.57 81.70
N TYR YB 160 97.06 7.52 80.87
CA TYR YB 160 98.05 7.37 79.82
C TYR YB 160 97.90 8.46 78.77
N LYS YB 161 98.99 8.78 78.12
CA LYS YB 161 98.98 9.74 77.02
C LYS YB 161 99.47 9.18 75.70
N LYS YB 162 100.58 8.45 75.70
CA LYS YB 162 101.18 7.95 74.47
C LYS YB 162 100.76 6.51 74.21
N THR YB 163 100.89 6.11 72.95
CA THR YB 163 100.51 4.76 72.53
C THR YB 163 101.52 3.70 72.96
N LYS YB 164 102.78 4.10 73.19
CA LYS YB 164 103.79 3.12 73.56
C LYS YB 164 103.57 2.59 74.97
N GLU YB 165 103.08 3.43 75.87
CA GLU YB 165 102.72 2.98 77.22
C GLU YB 165 101.55 1.99 77.16
N ALA YB 166 100.59 2.23 76.27
CA ALA YB 166 99.48 1.31 76.06
C ALA YB 166 99.94 -0.04 75.53
N VAL YB 167 100.84 -0.03 74.54
CA VAL YB 167 101.36 -1.27 73.98
C VAL YB 167 102.16 -2.05 75.02
N LEU YB 168 103.00 -1.35 75.79
CA LEU YB 168 103.76 -2.01 76.85
C LEU YB 168 102.86 -2.56 77.94
N LEU YB 169 101.75 -1.86 78.23
CA LEU YB 169 100.78 -2.35 79.20
C LEU YB 169 100.12 -3.64 78.72
N LEU YB 170 99.72 -3.68 77.45
CA LEU YB 170 99.12 -4.91 76.92
C LEU YB 170 100.12 -6.05 76.86
N LYS YB 171 101.38 -5.76 76.52
CA LYS YB 171 102.41 -6.80 76.47
C LYS YB 171 102.71 -7.35 77.86
N LYS YB 172 102.68 -6.51 78.89
CA LYS YB 172 102.93 -7.01 80.23
C LYS YB 172 101.68 -7.62 80.88
N LEU YB 173 100.50 -7.30 80.38
CA LEU YB 173 99.28 -7.99 80.78
C LEU YB 173 98.97 -9.18 79.88
N LYS YB 174 99.89 -9.52 78.98
CA LYS YB 174 99.86 -10.71 78.13
C LYS YB 174 98.69 -10.71 77.16
N ALA YB 175 98.10 -9.56 76.93
CA ALA YB 175 96.98 -9.44 76.01
C ALA YB 175 97.42 -9.00 74.62
N TRP YB 176 98.72 -8.86 74.40
CA TRP YB 176 99.23 -8.39 73.12
C TRP YB 176 99.08 -9.42 72.02
N ASN YB 177 98.98 -10.70 72.40
CA ASN YB 177 98.79 -11.76 71.42
C ASN YB 177 97.44 -11.63 70.72
N ASP YB 178 96.46 -11.04 71.40
CA ASP YB 178 95.18 -10.75 70.75
C ASP YB 178 95.33 -9.68 69.67
N ILE YB 179 96.10 -8.62 69.93
CA ILE YB 179 96.35 -7.60 68.92
C ILE YB 179 97.18 -8.18 67.77
N LYS YB 180 98.10 -9.10 68.07
CA LYS YB 180 98.83 -9.79 67.02
C LYS YB 180 97.92 -10.67 66.17
N LYS YB 181 96.94 -11.33 66.77
CA LYS YB 181 95.92 -12.04 66.00
C LYS YB 181 95.08 -11.08 65.15
N VAL YB 182 94.77 -9.89 65.67
CA VAL YB 182 94.06 -8.88 64.88
C VAL YB 182 94.88 -8.42 63.68
N TYR YB 183 96.18 -8.20 63.89
CA TYR YB 183 97.13 -7.90 62.82
C TYR YB 183 97.13 -9.00 61.76
N ALA YB 184 97.16 -10.26 62.22
CA ALA YB 184 97.13 -11.38 61.29
C ALA YB 184 95.78 -11.50 60.57
N SER YB 185 94.72 -10.94 61.14
CA SER YB 185 93.43 -11.00 60.50
C SER YB 185 93.14 -9.79 59.63
N GLN YB 186 94.03 -8.82 59.57
CA GLN YB 186 93.88 -7.72 58.62
C GLN YB 186 93.97 -8.24 57.19
N ARG YB 187 92.91 -8.03 56.41
CA ARG YB 187 92.90 -8.37 54.98
C ARG YB 187 91.81 -7.55 54.29
N MET YB 188 91.75 -7.67 52.98
CA MET YB 188 90.70 -7.01 52.22
C MET YB 188 89.41 -7.82 52.27
N ARG YB 189 88.29 -7.11 52.34
CA ARG YB 189 86.97 -7.71 52.33
C ARG YB 189 86.63 -8.23 50.94
N ALA YB 190 85.99 -9.38 50.89
CA ALA YB 190 85.44 -9.89 49.64
C ALA YB 190 84.18 -9.13 49.27
N GLY YB 191 84.15 -8.58 48.06
CA GLY YB 191 82.91 -8.11 47.48
C GLY YB 191 82.86 -6.61 47.30
N LYS YB 192 81.64 -6.13 47.05
CA LYS YB 192 81.38 -4.73 46.71
C LYS YB 192 81.54 -3.79 47.88
N GLY YB 193 81.79 -4.29 49.09
CA GLY YB 193 82.13 -3.42 50.20
C GLY YB 193 83.41 -2.64 49.97
N LYS YB 194 84.33 -3.19 49.18
CA LYS YB 194 85.54 -2.47 48.81
C LYS YB 194 85.22 -1.23 47.99
N MET YB 195 84.28 -1.33 47.08
CA MET YB 195 83.80 -0.18 46.33
C MET YB 195 82.81 0.68 47.12
N ARG YB 196 82.39 0.20 48.29
CA ARG YB 196 81.50 0.95 49.18
C ARG YB 196 82.18 1.30 50.50
N ASN YB 197 83.43 1.78 50.43
CA ASN YB 197 84.15 2.43 51.54
C ASN YB 197 84.46 1.47 52.69
N ARG YB 198 84.42 0.17 52.44
CA ARG YB 198 84.64 -0.85 53.45
C ARG YB 198 85.66 -1.85 52.94
N ARG YB 199 86.81 -1.34 52.50
CA ARG YB 199 87.81 -2.16 51.83
C ARG YB 199 88.44 -3.17 52.78
N ARG YB 200 88.78 -2.75 53.99
CA ARG YB 200 89.58 -3.58 54.89
C ARG YB 200 88.73 -4.07 56.05
N ILE YB 201 88.84 -5.37 56.35
CA ILE YB 201 88.21 -5.96 57.52
C ILE YB 201 89.29 -6.67 58.34
N GLN YB 202 89.01 -6.83 59.62
CA GLN YB 202 89.98 -7.23 60.64
C GLN YB 202 89.21 -7.68 61.87
N ARG YB 203 89.81 -8.55 62.69
CA ARG YB 203 89.03 -9.07 63.79
C ARG YB 203 89.19 -8.15 64.99
N ARG YB 204 88.44 -8.45 66.04
CA ARG YB 204 88.43 -7.67 67.27
C ARG YB 204 89.32 -8.15 68.39
N GLY YB 205 90.11 -7.21 68.87
CA GLY YB 205 90.92 -7.40 70.04
C GLY YB 205 90.10 -7.06 71.26
N PRO YB 206 90.77 -6.70 72.35
CA PRO YB 206 90.06 -6.47 73.59
C PRO YB 206 89.24 -5.18 73.61
N CYS YB 207 88.41 -5.10 74.65
CA CYS YB 207 87.64 -3.90 74.96
C CYS YB 207 88.19 -3.38 76.29
N VAL YB 208 88.82 -2.21 76.24
CA VAL YB 208 89.29 -1.56 77.46
C VAL YB 208 88.15 -0.72 78.02
N ILE YB 209 87.72 -1.05 79.23
CA ILE YB 209 86.58 -0.41 79.85
C ILE YB 209 87.10 0.43 81.01
N TYR YB 210 86.76 1.71 80.99
CA TYR YB 210 87.31 2.71 81.88
C TYR YB 210 86.19 3.52 82.54
N ASN YB 211 86.58 4.26 83.58
CA ASN YB 211 85.66 5.08 84.36
C ASN YB 211 85.77 6.56 83.98
N GLU YB 212 86.96 7.14 84.10
CA GLU YB 212 87.19 8.50 83.66
C GLU YB 212 88.31 8.52 82.63
N ASP YB 213 88.16 9.38 81.64
CA ASP YB 213 89.07 9.47 80.51
C ASP YB 213 90.09 10.56 80.80
N ASN YB 214 91.30 10.15 81.15
CA ASN YB 214 92.42 11.07 81.32
C ASN YB 214 93.46 10.86 80.22
N GLY YB 215 92.99 10.59 79.01
CA GLY YB 215 93.86 10.36 77.86
C GLY YB 215 93.99 8.91 77.45
N ILE YB 216 93.29 7.98 78.11
CA ILE YB 216 93.44 6.57 77.77
C ILE YB 216 92.83 6.27 76.40
N VAL YB 217 91.81 7.03 76.00
CA VAL YB 217 91.18 6.81 74.70
C VAL YB 217 92.14 7.18 73.58
N LYS YB 218 92.84 8.31 73.70
CA LYS YB 218 93.82 8.68 72.70
C LYS YB 218 95.07 7.82 72.79
N ALA YB 219 95.41 7.34 73.97
CA ALA YB 219 96.59 6.49 74.10
C ALA YB 219 96.34 5.08 73.57
N PHE YB 220 95.10 4.65 73.50
CA PHE YB 220 94.80 3.30 73.04
C PHE YB 220 94.18 3.24 71.65
N ARG YB 221 93.69 4.35 71.11
CA ARG YB 221 92.80 4.28 69.96
C ARG YB 221 93.51 3.98 68.64
N ASN YB 222 94.84 4.05 68.58
CA ASN YB 222 95.56 3.70 67.36
C ASN YB 222 95.96 2.25 67.31
N ILE YB 223 95.68 1.48 68.35
CA ILE YB 223 95.98 0.05 68.34
C ILE YB 223 94.77 -0.67 67.74
N PRO YB 224 94.94 -1.47 66.70
CA PRO YB 224 93.78 -2.03 66.01
C PRO YB 224 93.10 -3.13 66.81
N GLY YB 225 91.78 -3.14 66.76
CA GLY YB 225 90.97 -4.12 67.44
C GLY YB 225 90.50 -3.70 68.81
N ILE YB 226 91.13 -2.70 69.41
CA ILE YB 226 90.78 -2.28 70.75
C ILE YB 226 89.58 -1.34 70.70
N THR YB 227 88.55 -1.67 71.46
CA THR YB 227 87.41 -0.77 71.62
C THR YB 227 87.43 -0.21 73.04
N LEU YB 228 87.28 1.10 73.16
CA LEU YB 228 87.26 1.77 74.45
C LEU YB 228 85.81 1.99 74.84
N LEU YB 229 85.47 1.69 76.09
CA LEU YB 229 84.12 1.95 76.56
C LEU YB 229 84.13 2.48 77.99
N ASN YB 230 83.28 3.46 78.23
CA ASN YB 230 83.01 3.99 79.56
C ASN YB 230 82.00 3.07 80.23
N VAL YB 231 82.17 2.80 81.53
CA VAL YB 231 81.20 1.96 82.24
C VAL YB 231 79.81 2.56 82.29
N THR YB 232 79.71 3.87 82.29
CA THR YB 232 78.39 4.49 82.32
C THR YB 232 77.68 4.36 80.98
N LYS YB 233 78.40 3.98 79.92
CA LYS YB 233 77.87 3.94 78.57
C LYS YB 233 78.25 2.62 77.89
N LEU YB 234 78.01 1.51 78.59
CA LEU YB 234 78.35 0.20 78.04
C LEU YB 234 77.44 -0.15 76.87
N ASN YB 235 78.06 -0.54 75.76
CA ASN YB 235 77.38 -0.82 74.52
C ASN YB 235 77.31 -2.32 74.31
N ILE YB 236 76.10 -2.83 74.08
CA ILE YB 236 75.95 -4.25 73.80
C ILE YB 236 76.52 -4.60 72.44
N LEU YB 237 76.46 -3.68 71.48
CA LEU YB 237 77.05 -3.86 70.17
C LEU YB 237 78.57 -3.99 70.22
N LYS YB 238 79.21 -3.48 71.25
CA LYS YB 238 80.65 -3.59 71.42
C LYS YB 238 81.06 -4.53 72.54
N LEU YB 239 80.11 -5.05 73.32
CA LEU YB 239 80.40 -6.01 74.36
C LEU YB 239 80.00 -7.43 74.01
N ALA YB 240 79.19 -7.60 72.96
CA ALA YB 240 78.94 -8.89 72.33
C ALA YB 240 78.93 -8.65 70.83
N PRO YB 241 80.11 -8.61 70.21
CA PRO YB 241 80.16 -8.30 68.78
C PRO YB 241 79.68 -9.47 67.96
N GLY YB 242 78.85 -9.17 66.96
CA GLY YB 242 78.21 -10.18 66.15
C GLY YB 242 77.03 -10.85 66.78
N GLY YB 243 76.61 -10.41 67.97
CA GLY YB 243 75.61 -11.12 68.72
C GLY YB 243 76.14 -12.30 69.50
N HIS YB 244 77.45 -12.49 69.53
CA HIS YB 244 78.08 -13.59 70.23
C HIS YB 244 78.67 -13.06 71.52
N VAL YB 245 78.32 -13.69 72.62
CA VAL YB 245 78.87 -13.31 73.89
C VAL YB 245 80.31 -13.83 73.99
N GLY YB 246 81.10 -13.17 74.84
CA GLY YB 246 82.47 -13.60 75.05
C GLY YB 246 83.52 -12.62 74.60
N ARG YB 247 83.21 -11.34 74.63
CA ARG YB 247 84.20 -10.33 74.30
C ARG YB 247 85.22 -10.20 75.42
N PHE YB 248 86.50 -10.18 75.05
CA PHE YB 248 87.55 -9.97 76.03
C PHE YB 248 87.51 -8.54 76.52
N CYS YB 249 87.48 -8.35 77.83
CA CYS YB 249 87.40 -7.05 78.46
C CYS YB 249 88.56 -6.87 79.42
N ILE YB 250 89.22 -5.72 79.32
CA ILE YB 250 90.23 -5.29 80.26
C ILE YB 250 89.65 -4.11 81.02
N TRP YB 251 89.36 -4.32 82.30
CA TRP YB 251 88.77 -3.29 83.14
C TRP YB 251 89.84 -2.48 83.84
N THR YB 252 89.51 -1.23 84.14
CA THR YB 252 90.26 -0.48 85.13
C THR YB 252 89.52 -0.58 86.47
N GLU YB 253 90.20 -0.16 87.54
CA GLU YB 253 89.74 -0.53 88.88
C GLU YB 253 88.46 0.18 89.29
N SER YB 254 88.38 1.49 89.08
CA SER YB 254 87.17 2.22 89.49
C SER YB 254 86.02 1.88 88.57
N ALA YB 255 86.34 1.59 87.31
CA ALA YB 255 85.38 1.06 86.35
C ALA YB 255 84.79 -0.26 86.83
N PHE YB 256 85.64 -1.12 87.40
CA PHE YB 256 85.22 -2.41 87.93
C PHE YB 256 84.37 -2.26 89.19
N ARG YB 257 84.72 -1.31 90.06
CA ARG YB 257 83.98 -1.10 91.30
C ARG YB 257 82.64 -0.41 91.09
N LYS YB 258 82.49 0.39 90.03
CA LYS YB 258 81.22 1.07 89.77
C LYS YB 258 80.17 0.13 89.20
N LEU YB 259 80.53 -1.10 88.83
CA LEU YB 259 79.59 -2.06 88.27
C LEU YB 259 78.51 -2.47 89.26
N ASP YB 260 78.86 -2.58 90.54
CA ASP YB 260 77.87 -2.93 91.54
C ASP YB 260 76.91 -1.81 91.87
N ASP YB 261 77.19 -0.58 91.45
CA ASP YB 261 76.25 0.51 91.58
C ASP YB 261 75.53 0.81 90.28
N LEU YB 262 76.11 0.44 89.14
CA LEU YB 262 75.46 0.64 87.85
C LEU YB 262 74.34 -0.35 87.62
N TYR YB 263 74.54 -1.61 88.00
CA TYR YB 263 73.56 -2.67 87.78
C TYR YB 263 73.04 -3.29 89.06
N GLY YB 264 73.72 -3.11 90.19
CA GLY YB 264 73.24 -3.60 91.46
C GLY YB 264 73.72 -5.00 91.76
N THR YB 265 73.54 -5.41 93.02
CA THR YB 265 73.59 -6.80 93.43
C THR YB 265 72.16 -7.34 93.36
N TRP YB 266 71.87 -8.47 93.99
CA TRP YB 266 70.46 -8.82 94.14
C TRP YB 266 69.84 -8.22 95.38
N ARG YB 267 70.63 -8.03 96.44
CA ARG YB 267 70.11 -7.44 97.66
C ARG YB 267 69.86 -5.95 97.52
N LYS YB 268 70.56 -5.28 96.62
CA LYS YB 268 70.52 -3.82 96.48
C LYS YB 268 70.25 -3.53 95.02
N ALA YB 269 69.41 -2.52 94.76
CA ALA YB 269 69.11 -2.14 93.39
C ALA YB 269 70.23 -1.30 92.80
N ALA YB 270 70.02 -0.86 91.57
CA ALA YB 270 71.03 -0.07 90.88
C ALA YB 270 71.02 1.37 91.38
N SER YB 271 72.16 1.80 91.93
CA SER YB 271 72.28 3.16 92.42
C SER YB 271 72.33 4.19 91.30
N LEU YB 272 72.83 3.81 90.13
CA LEU YB 272 72.94 4.75 89.03
C LEU YB 272 71.89 4.53 87.96
N LYS YB 273 70.91 3.67 88.20
CA LYS YB 273 69.73 3.58 87.35
C LYS YB 273 68.49 3.86 88.20
N SER YB 274 67.39 4.17 87.52
CA SER YB 274 66.18 4.59 88.20
C SER YB 274 65.55 3.44 88.96
N ASN YB 275 65.11 2.41 88.23
CA ASN YB 275 64.52 1.24 88.86
C ASN YB 275 65.01 0.03 88.06
N TYR YB 276 66.12 -0.55 88.50
CA TYR YB 276 66.65 -1.74 87.85
C TYR YB 276 67.35 -2.60 88.89
N ASN YB 277 67.07 -3.90 88.83
CA ASN YB 277 67.76 -4.89 89.65
C ASN YB 277 68.24 -5.98 88.71
N LEU YB 278 69.17 -6.79 89.20
CA LEU YB 278 69.73 -7.87 88.42
C LEU YB 278 68.67 -8.93 88.12
N PRO YB 279 68.68 -9.48 86.91
CA PRO YB 279 67.67 -10.46 86.54
C PRO YB 279 67.84 -11.76 87.29
N MET YB 280 66.76 -12.51 87.34
CA MET YB 280 66.66 -13.65 88.21
C MET YB 280 66.87 -14.95 87.43
N HIS YB 281 67.60 -15.87 88.06
CA HIS YB 281 67.95 -17.13 87.45
C HIS YB 281 66.75 -18.07 87.49
N LYS YB 282 66.36 -18.59 86.32
CA LYS YB 282 65.28 -19.57 86.24
C LYS YB 282 65.67 -20.90 86.85
N MET YB 283 66.95 -21.24 86.84
CA MET YB 283 67.48 -22.31 87.68
C MET YB 283 68.76 -21.81 88.32
N LEU YB 284 69.04 -22.28 89.53
CA LEU YB 284 70.16 -21.70 90.26
C LEU YB 284 71.40 -22.57 90.18
N ASN YB 285 71.26 -23.88 90.28
CA ASN YB 285 72.36 -24.80 90.06
C ASN YB 285 72.23 -25.33 88.63
N THR YB 286 73.14 -24.91 87.77
CA THR YB 286 73.11 -25.34 86.38
C THR YB 286 74.01 -26.53 86.12
N ASP YB 287 74.71 -27.02 87.14
CA ASP YB 287 75.56 -28.19 86.99
C ASP YB 287 74.64 -29.41 86.95
N LEU YB 288 74.20 -29.73 85.73
CA LEU YB 288 73.26 -30.82 85.52
C LEU YB 288 73.87 -32.16 85.90
N SER YB 289 75.17 -32.34 85.64
CA SER YB 289 75.85 -33.58 86.03
C SER YB 289 75.90 -33.74 87.55
N ARG YB 290 76.19 -32.65 88.25
CA ARG YB 290 76.20 -32.67 89.71
C ARG YB 290 74.81 -32.89 90.28
N ILE YB 291 73.78 -32.36 89.60
CA ILE YB 291 72.41 -32.60 90.02
C ILE YB 291 72.03 -34.06 89.83
N LEU YB 292 72.37 -34.63 88.68
CA LEU YB 292 71.89 -35.96 88.33
C LEU YB 292 72.60 -37.04 89.12
N LYS YB 293 73.89 -36.90 89.36
CA LYS YB 293 74.56 -37.99 90.08
C LYS YB 293 74.60 -37.76 91.57
N SER YB 294 73.92 -36.72 92.04
CA SER YB 294 73.69 -36.56 93.47
C SER YB 294 72.78 -37.68 93.99
N PRO YB 295 73.01 -38.11 95.23
CA PRO YB 295 72.29 -39.28 95.77
C PRO YB 295 70.78 -39.18 95.86
N GLU YB 296 70.23 -37.96 96.00
CA GLU YB 296 68.79 -37.79 96.22
C GLU YB 296 67.98 -38.27 95.01
N ILE YB 297 68.41 -37.91 93.82
CA ILE YB 297 67.75 -38.33 92.59
C ILE YB 297 67.97 -39.82 92.32
N GLN YB 298 69.20 -40.29 92.58
CA GLN YB 298 69.59 -41.66 92.26
C GLN YB 298 68.87 -42.69 93.12
N ARG YB 299 68.48 -42.33 94.36
CA ARG YB 299 67.67 -43.27 95.12
C ARG YB 299 66.25 -43.38 94.61
N ALA YB 300 65.75 -42.38 93.90
CA ALA YB 300 64.41 -42.37 93.38
C ALA YB 300 64.32 -42.87 91.95
N LEU YB 301 65.45 -42.97 91.26
CA LEU YB 301 65.47 -43.52 89.91
C LEU YB 301 65.13 -45.00 89.93
N ARG YB 302 64.55 -45.46 88.84
CA ARG YB 302 64.39 -46.89 88.64
C ARG YB 302 65.68 -47.46 88.04
N ALA YB 303 65.71 -48.78 87.92
CA ALA YB 303 66.86 -49.43 87.33
C ALA YB 303 66.92 -49.12 85.83
N PRO YB 304 68.10 -48.84 85.29
CA PRO YB 304 68.20 -48.52 83.86
C PRO YB 304 68.08 -49.74 82.98
N ARG YB 305 67.47 -49.56 81.82
CA ARG YB 305 67.30 -50.62 80.84
C ARG YB 305 68.28 -50.36 79.70
N LYS YB 306 69.45 -50.98 79.82
CA LYS YB 306 70.58 -50.69 78.96
C LYS YB 306 70.81 -51.73 77.88
N LYS YB 307 69.85 -52.63 77.66
CA LYS YB 307 70.08 -53.84 76.90
C LYS YB 307 69.36 -53.77 75.56
N ILE YB 308 70.07 -54.11 74.51
CA ILE YB 308 69.59 -53.91 73.15
C ILE YB 308 68.82 -55.14 72.71
N HIS YB 309 67.52 -54.98 72.51
CA HIS YB 309 66.66 -56.05 72.01
C HIS YB 309 66.39 -55.75 70.54
N ARG YB 310 67.26 -56.27 69.68
CA ARG YB 310 67.11 -56.10 68.26
C ARG YB 310 66.05 -57.07 67.73
N ARG YB 311 65.83 -57.02 66.42
CA ARG YB 311 64.84 -57.89 65.79
C ARG YB 311 65.32 -59.34 65.82
N VAL YB 312 64.47 -60.21 66.36
CA VAL YB 312 64.71 -61.65 66.31
C VAL YB 312 64.18 -62.15 64.97
N LEU YB 313 64.97 -62.98 64.29
CA LEU YB 313 64.53 -63.53 63.02
C LEU YB 313 63.51 -64.63 63.28
N LYS YB 314 62.37 -64.54 62.61
CA LYS YB 314 61.31 -65.51 62.78
C LYS YB 314 61.67 -66.77 62.02
N LYS YB 315 61.78 -67.88 62.73
CA LYS YB 315 61.98 -69.17 62.10
C LYS YB 315 60.66 -69.94 62.12
N ASN YB 316 60.42 -70.74 61.09
CA ASN YB 316 59.18 -71.50 61.01
C ASN YB 316 59.27 -72.74 61.88
N PRO YB 317 58.40 -72.87 62.88
CA PRO YB 317 58.39 -74.09 63.69
C PRO YB 317 57.94 -75.32 62.90
N LEU YB 318 57.21 -75.11 61.82
CA LEU YB 318 56.87 -76.17 60.90
C LEU YB 318 58.05 -76.65 60.08
N LYS YB 319 59.15 -75.90 60.07
CA LYS YB 319 60.37 -76.34 59.41
C LYS YB 319 61.59 -76.38 60.32
N ASN YB 320 61.58 -75.68 61.45
CA ASN YB 320 62.69 -75.70 62.39
C ASN YB 320 62.27 -76.44 63.64
N LEU YB 321 62.90 -77.60 63.87
CA LEU YB 321 62.45 -78.52 64.91
C LEU YB 321 62.60 -77.92 66.29
N ARG YB 322 63.71 -77.25 66.54
CA ARG YB 322 63.91 -76.87 67.92
C ARG YB 322 63.36 -75.48 68.22
N ILE YB 323 63.05 -74.68 67.21
CA ILE YB 323 62.12 -73.57 67.40
C ILE YB 323 60.73 -74.10 67.76
N MET YB 324 60.29 -75.16 67.08
CA MET YB 324 59.03 -75.82 67.43
C MET YB 324 59.04 -76.39 68.85
N LEU YB 325 60.17 -76.94 69.29
CA LEU YB 325 60.27 -77.44 70.65
C LEU YB 325 60.37 -76.33 71.68
N LYS YB 326 60.95 -75.18 71.31
CA LYS YB 326 60.97 -74.02 72.18
C LYS YB 326 59.57 -73.48 72.41
N LEU YB 327 58.75 -73.43 71.37
CA LEU YB 327 57.37 -73.00 71.56
C LEU YB 327 56.48 -74.09 72.15
N ASN YB 328 56.78 -75.35 71.88
CA ASN YB 328 55.91 -76.49 72.19
C ASN YB 328 56.75 -77.68 72.61
N PRO YB 329 56.93 -77.91 73.91
CA PRO YB 329 57.69 -79.08 74.36
C PRO YB 329 57.05 -80.42 74.04
N TYR YB 330 55.76 -80.49 73.74
CA TYR YB 330 55.15 -81.80 73.51
C TYR YB 330 55.30 -82.26 72.06
N ALA YB 331 55.77 -81.39 71.17
CA ALA YB 331 55.97 -81.77 69.78
C ALA YB 331 57.10 -82.79 69.63
N LYS YB 332 58.05 -82.80 70.58
CA LYS YB 332 59.07 -83.83 70.65
C LYS YB 332 58.45 -85.21 70.86
N THR YB 333 57.48 -85.30 71.77
CA THR YB 333 56.80 -86.57 72.01
C THR YB 333 55.92 -86.94 70.82
N MET YB 334 55.23 -85.95 70.24
CA MET YB 334 54.36 -86.24 69.11
C MET YB 334 55.12 -86.59 67.83
N ARG YB 335 56.41 -86.25 67.74
CA ARG YB 335 57.17 -86.65 66.58
C ARG YB 335 58.07 -87.85 66.88
N ARG YB 336 58.32 -88.16 68.15
CA ARG YB 336 58.88 -89.46 68.49
C ARG YB 336 57.87 -90.58 68.22
N ASN YB 337 56.66 -90.43 68.75
CA ASN YB 337 55.52 -91.18 68.27
C ASN YB 337 55.19 -90.70 66.87
N THR YB 338 54.44 -91.50 66.10
CA THR YB 338 54.19 -91.40 64.65
C THR YB 338 55.46 -91.26 63.81
N ILE YB 339 56.63 -91.58 64.40
CA ILE YB 339 57.76 -92.15 63.69
C ILE YB 339 58.02 -93.58 64.15
N LEU YB 340 58.03 -93.80 65.48
CA LEU YB 340 58.03 -95.16 66.01
C LEU YB 340 56.77 -95.91 65.58
N ARG YB 341 55.62 -95.26 65.67
CA ARG YB 341 54.36 -95.89 65.28
C ARG YB 341 54.30 -96.15 63.78
N GLN YB 342 54.85 -95.24 62.98
CA GLN YB 342 54.87 -95.43 61.54
C GLN YB 342 55.80 -96.55 61.10
N ALA YB 343 56.97 -96.68 61.75
CA ALA YB 343 57.85 -97.82 61.47
C ALA YB 343 57.24 -99.14 61.92
N ARG YB 344 56.54 -99.12 63.05
CA ARG YB 344 55.78 -100.28 63.51
C ARG YB 344 54.71 -100.70 62.51
N ASN YB 345 53.93 -99.75 62.01
CA ASN YB 345 52.88 -100.02 61.03
C ASN YB 345 53.46 -100.48 59.71
N HIS YB 346 54.60 -99.94 59.30
CA HIS YB 346 55.22 -100.38 58.05
C HIS YB 346 55.79 -101.80 58.15
N LYS YB 347 56.36 -102.18 59.30
CA LYS YB 347 56.81 -103.57 59.39
C LYS YB 347 55.64 -104.54 59.57
N LEU YB 348 54.54 -104.12 60.18
CA LEU YB 348 53.34 -104.97 60.17
C LEU YB 348 52.77 -105.11 58.76
N ARG YB 349 52.81 -104.02 57.98
CA ARG YB 349 52.37 -104.05 56.59
C ARG YB 349 53.22 -104.99 55.75
N VAL YB 350 54.54 -104.98 55.92
CA VAL YB 350 55.36 -105.90 55.14
C VAL YB 350 55.28 -107.33 55.67
N GLU YB 351 55.00 -107.52 56.97
CA GLU YB 351 54.76 -108.86 57.50
C GLU YB 351 53.47 -109.45 56.96
N ARG YB 352 52.46 -108.63 56.72
CA ARG YB 352 51.21 -109.05 56.11
C ARG YB 352 51.35 -109.27 54.60
N ALA YB 353 52.14 -108.43 53.94
CA ALA YB 353 52.42 -108.61 52.52
C ALA YB 353 53.22 -109.89 52.26
N ALA YB 354 54.14 -110.23 53.17
CA ALA YB 354 54.82 -111.50 53.10
C ALA YB 354 53.91 -112.67 53.42
N ALA YB 355 52.96 -112.50 54.35
CA ALA YB 355 52.05 -113.58 54.71
C ALA YB 355 51.09 -113.91 53.58
N ALA YB 356 50.73 -112.91 52.76
CA ALA YB 356 49.90 -113.20 51.58
C ALA YB 356 50.64 -114.04 50.54
N LEU YB 357 51.88 -113.67 50.22
CA LEU YB 357 52.64 -114.43 49.22
C LEU YB 357 53.14 -115.75 49.79
N ALA YB 358 53.18 -115.87 51.11
CA ALA YB 358 53.43 -117.16 51.74
C ALA YB 358 52.21 -118.06 51.71
N ALA YB 359 51.02 -117.48 51.89
CA ALA YB 359 49.78 -118.26 51.83
C ALA YB 359 49.46 -118.70 50.41
N LYS YB 360 49.95 -117.97 49.40
CA LYS YB 360 49.86 -118.48 48.04
C LYS YB 360 50.75 -119.70 47.80
N SER YB 361 51.78 -119.90 48.63
CA SER YB 361 52.71 -121.01 48.48
C SER YB 361 52.26 -122.26 49.24
N ASP YB 362 51.10 -122.24 49.89
CA ASP YB 362 50.61 -123.42 50.59
C ASP YB 362 49.92 -124.40 49.65
N PHE ZB 1 -35.06 -48.98 39.73
CA PHE ZB 1 -35.60 -48.73 41.06
C PHE ZB 1 -34.61 -47.76 41.73
N VAL ZB 2 -34.01 -48.13 42.85
CA VAL ZB 2 -33.11 -47.26 43.60
C VAL ZB 2 -31.79 -47.99 43.77
N LYS ZB 3 -30.70 -47.24 43.71
CA LYS ZB 3 -29.40 -47.78 44.11
C LYS ZB 3 -29.43 -48.00 45.61
N VAL ZB 4 -29.20 -49.24 46.05
CA VAL ZB 4 -29.28 -49.52 47.48
C VAL ZB 4 -28.05 -48.95 48.17
N VAL ZB 5 -28.28 -48.25 49.28
CA VAL ZB 5 -27.21 -47.51 49.94
C VAL ZB 5 -26.42 -48.40 50.90
N LYS ZB 6 -27.08 -49.34 51.58
CA LYS ZB 6 -26.39 -50.17 52.56
C LYS ZB 6 -25.91 -51.45 51.90
N ASN ZB 7 -25.05 -51.28 50.91
CA ASN ZB 7 -24.50 -52.40 50.17
C ASN ZB 7 -23.28 -52.94 50.88
N LYS ZB 8 -22.53 -53.79 50.19
CA LYS ZB 8 -21.33 -54.41 50.76
C LYS ZB 8 -20.24 -53.36 50.98
N ALA ZB 9 -20.06 -52.47 50.01
CA ALA ZB 9 -19.04 -51.44 50.10
C ALA ZB 9 -19.30 -50.43 51.19
N TYR ZB 10 -20.58 -50.16 51.49
CA TYR ZB 10 -20.95 -49.27 52.59
C TYR ZB 10 -20.48 -49.80 53.93
N PHE ZB 11 -20.67 -51.09 54.18
CA PHE ZB 11 -20.19 -51.67 55.42
C PHE ZB 11 -18.70 -51.92 55.41
N LYS ZB 12 -18.09 -52.01 54.23
CA LYS ZB 12 -16.63 -52.04 54.18
C LYS ZB 12 -16.04 -50.70 54.59
N ARG ZB 13 -16.64 -49.60 54.15
CA ARG ZB 13 -16.14 -48.27 54.47
C ARG ZB 13 -16.74 -47.67 55.73
N TYR ZB 14 -17.64 -48.39 56.40
CA TYR ZB 14 -18.28 -47.85 57.59
C TYR ZB 14 -17.33 -47.86 58.77
N GLN ZB 15 -17.18 -46.71 59.41
CA GLN ZB 15 -16.42 -46.59 60.66
C GLN ZB 15 -17.42 -46.38 61.78
N VAL ZB 16 -17.57 -47.38 62.64
CA VAL ZB 16 -18.51 -47.24 63.75
C VAL ZB 16 -17.93 -46.29 64.77
N LYS ZB 17 -18.81 -45.61 65.50
CA LYS ZB 17 -18.38 -44.66 66.51
C LYS ZB 17 -18.02 -45.39 67.79
N PHE ZB 18 -17.77 -44.61 68.84
CA PHE ZB 18 -17.46 -45.20 70.14
C PHE ZB 18 -18.73 -45.85 70.68
N ARG ZB 19 -18.55 -46.88 71.52
CA ARG ZB 19 -19.71 -47.65 71.99
C ARG ZB 19 -20.62 -46.79 72.86
N ARG ZB 20 -20.03 -45.98 73.73
CA ARG ZB 20 -20.82 -45.08 74.56
C ARG ZB 20 -21.53 -43.99 73.76
N ARG ZB 21 -20.95 -43.54 72.64
CA ARG ZB 21 -21.63 -42.58 71.78
C ARG ZB 21 -22.76 -43.23 70.99
N ARG ZB 22 -22.52 -44.44 70.48
CA ARG ZB 22 -23.53 -45.20 69.76
C ARG ZB 22 -24.71 -45.52 70.67
N GLU ZB 23 -24.44 -45.88 71.92
CA GLU ZB 23 -25.51 -46.05 72.89
C GLU ZB 23 -26.14 -44.71 73.22
N GLY ZB 24 -25.36 -43.64 73.18
CA GLY ZB 24 -25.86 -42.33 73.49
C GLY ZB 24 -25.54 -41.83 74.89
N LYS ZB 25 -24.82 -42.61 75.68
CA LYS ZB 25 -24.66 -42.28 77.09
C LYS ZB 25 -23.56 -41.27 77.39
N THR ZB 26 -22.70 -40.94 76.43
CA THR ZB 26 -21.52 -40.12 76.67
C THR ZB 26 -21.39 -39.04 75.62
N ASP ZB 27 -21.12 -37.81 76.08
CA ASP ZB 27 -20.65 -36.71 75.24
C ASP ZB 27 -19.13 -36.73 75.37
N TYR ZB 28 -18.46 -37.20 74.33
CA TYR ZB 28 -17.00 -37.28 74.35
C TYR ZB 28 -16.34 -35.91 74.19
N TYR ZB 29 -17.01 -34.97 73.50
CA TYR ZB 29 -16.54 -33.59 73.45
C TYR ZB 29 -16.50 -32.97 74.84
N ALA ZB 30 -17.56 -33.18 75.63
CA ALA ZB 30 -17.58 -32.72 77.01
C ALA ZB 30 -16.61 -33.49 77.89
N ARG ZB 31 -16.48 -34.80 77.68
CA ARG ZB 31 -15.64 -35.64 78.53
C ARG ZB 31 -14.16 -35.31 78.35
N LYS ZB 32 -13.74 -35.00 77.13
CA LYS ZB 32 -12.35 -34.60 76.88
C LYS ZB 32 -12.00 -33.33 77.64
N ARG ZB 33 -12.89 -32.34 77.61
CA ARG ZB 33 -12.61 -31.11 78.30
C ARG ZB 33 -12.84 -31.23 79.80
N LEU ZB 34 -13.51 -32.28 80.26
CA LEU ZB 34 -13.93 -32.37 81.64
C LEU ZB 34 -13.09 -33.30 82.51
N VAL ZB 35 -12.63 -34.44 81.99
CA VAL ZB 35 -11.95 -35.42 82.84
C VAL ZB 35 -10.43 -35.33 82.77
N ILE ZB 36 -9.87 -34.69 81.76
CA ILE ZB 36 -8.44 -34.70 81.53
C ILE ZB 36 -7.76 -33.65 82.38
N GLN ZB 37 -6.72 -34.06 83.08
CA GLN ZB 37 -5.87 -33.19 83.89
C GLN ZB 37 -4.78 -32.57 83.03
N ASP ZB 38 -4.30 -31.40 83.44
CA ASP ZB 38 -3.12 -30.81 82.83
C ASP ZB 38 -1.92 -31.72 83.08
N LYS ZB 39 -1.00 -31.76 82.11
CA LYS ZB 39 0.00 -32.81 82.17
C LYS ZB 39 1.16 -32.45 83.09
N ASN ZB 40 1.25 -31.21 83.54
CA ASN ZB 40 2.19 -30.85 84.59
C ASN ZB 40 1.60 -31.01 85.99
N LYS ZB 41 0.58 -31.85 86.14
CA LYS ZB 41 0.02 -32.15 87.44
C LYS ZB 41 0.21 -33.60 87.86
N TYR ZB 42 0.54 -34.51 86.93
CA TYR ZB 42 1.24 -35.77 87.22
C TYR ZB 42 0.54 -36.72 88.18
N ASN ZB 43 -0.57 -37.32 87.74
CA ASN ZB 43 -1.43 -38.27 88.46
C ASN ZB 43 -2.17 -37.59 89.59
N THR ZB 44 -2.25 -36.26 89.61
CA THR ZB 44 -3.15 -35.57 90.51
C THR ZB 44 -4.57 -35.84 90.04
N PRO ZB 45 -5.43 -36.45 90.87
CA PRO ZB 45 -6.77 -36.81 90.40
C PRO ZB 45 -7.64 -35.60 90.12
N LYS ZB 46 -8.39 -35.68 89.03
CA LYS ZB 46 -9.36 -34.68 88.65
C LYS ZB 46 -10.73 -35.26 88.94
N TYR ZB 47 -11.47 -34.64 89.83
CA TYR ZB 47 -12.67 -35.25 90.37
C TYR ZB 47 -13.93 -34.69 89.73
N ARG ZB 48 -14.91 -35.58 89.56
CA ARG ZB 48 -16.17 -35.29 88.91
C ARG ZB 48 -17.32 -35.68 89.82
N MET ZB 49 -18.35 -34.85 89.79
CA MET ZB 49 -19.65 -35.17 90.39
C MET ZB 49 -20.56 -35.49 89.21
N ILE ZB 50 -20.59 -36.77 88.84
CA ILE ZB 50 -21.52 -37.26 87.82
C ILE ZB 50 -22.92 -37.22 88.40
N VAL ZB 51 -23.82 -36.50 87.75
CA VAL ZB 51 -25.22 -36.43 88.20
C VAL ZB 51 -26.12 -36.86 87.06
N ARG ZB 52 -26.88 -37.94 87.29
CA ARG ZB 52 -27.66 -38.58 86.24
C ARG ZB 52 -29.09 -38.81 86.70
N VAL ZB 53 -30.05 -38.21 85.99
CA VAL ZB 53 -31.48 -38.33 86.28
C VAL ZB 53 -32.02 -39.47 85.44
N THR ZB 54 -32.44 -40.56 86.07
CA THR ZB 54 -33.20 -41.58 85.36
C THR ZB 54 -34.70 -41.31 85.56
N ASN ZB 55 -35.54 -42.26 85.16
CA ASN ZB 55 -36.98 -42.05 85.31
C ASN ZB 55 -37.42 -42.15 86.77
N ARG ZB 56 -36.77 -43.01 87.56
CA ARG ZB 56 -37.15 -43.19 88.95
C ARG ZB 56 -36.03 -42.97 89.94
N ASP ZB 57 -34.88 -42.46 89.50
CA ASP ZB 57 -33.71 -42.40 90.36
C ASP ZB 57 -32.74 -41.34 89.87
N ILE ZB 58 -32.22 -40.58 90.83
CA ILE ZB 58 -31.05 -39.72 90.67
C ILE ZB 58 -29.80 -40.39 91.21
N ILE ZB 59 -28.75 -40.38 90.40
CA ILE ZB 59 -27.46 -40.96 90.75
C ILE ZB 59 -26.45 -39.84 90.86
N CYS ZB 60 -25.74 -39.80 91.98
CA CYS ZB 60 -24.65 -38.84 92.18
C CYS ZB 60 -23.40 -39.61 92.52
N GLN ZB 61 -22.37 -39.49 91.69
CA GLN ZB 61 -21.14 -40.23 91.85
C GLN ZB 61 -19.97 -39.27 91.86
N ILE ZB 62 -18.93 -39.59 92.62
CA ILE ZB 62 -17.67 -38.88 92.54
C ILE ZB 62 -16.65 -39.82 91.89
N ALA ZB 63 -16.04 -39.35 90.82
CA ALA ZB 63 -15.18 -40.20 90.01
C ALA ZB 63 -13.91 -39.45 89.60
N TYR ZB 64 -12.88 -40.21 89.28
CA TYR ZB 64 -11.73 -39.68 88.56
C TYR ZB 64 -11.35 -40.67 87.47
N ALA ZB 65 -10.88 -40.13 86.35
CA ALA ZB 65 -10.61 -40.92 85.16
C ALA ZB 65 -9.21 -41.49 85.20
N ARG ZB 66 -9.09 -42.78 84.92
CA ARG ZB 66 -7.82 -43.44 84.72
C ARG ZB 66 -7.79 -44.05 83.32
N ILE ZB 67 -6.62 -44.52 82.91
CA ILE ZB 67 -6.45 -45.15 81.60
C ILE ZB 67 -7.27 -46.42 81.51
N GLU ZB 68 -7.29 -47.22 82.57
CA GLU ZB 68 -8.03 -48.47 82.61
C GLU ZB 68 -9.51 -48.29 82.93
N GLY ZB 69 -9.94 -47.06 83.22
CA GLY ZB 69 -11.35 -46.80 83.38
C GLY ZB 69 -11.62 -45.74 84.43
N ASP ZB 70 -12.86 -45.27 84.52
CA ASP ZB 70 -13.20 -44.29 85.54
C ASP ZB 70 -13.25 -44.95 86.91
N MET ZB 71 -12.73 -44.26 87.91
CA MET ZB 71 -12.65 -44.79 89.25
C MET ZB 71 -13.61 -44.04 90.15
N ILE ZB 72 -14.67 -44.71 90.58
CA ILE ZB 72 -15.69 -44.10 91.43
C ILE ZB 72 -15.16 -44.03 92.86
N VAL ZB 73 -15.18 -42.83 93.45
CA VAL ZB 73 -14.71 -42.66 94.82
C VAL ZB 73 -15.88 -42.73 95.79
N CYS ZB 74 -16.99 -42.08 95.44
CA CYS ZB 74 -18.20 -42.10 96.24
C CYS ZB 74 -19.40 -42.17 95.32
N ALA ZB 75 -20.51 -42.70 95.85
CA ALA ZB 75 -21.73 -42.84 95.08
C ALA ZB 75 -22.92 -42.76 96.03
N ALA ZB 76 -23.97 -42.10 95.56
CA ALA ZB 76 -25.20 -41.98 96.35
C ALA ZB 76 -26.38 -42.02 95.41
N TYR ZB 77 -27.39 -42.80 95.75
CA TYR ZB 77 -28.59 -42.98 94.95
C TYR ZB 77 -29.79 -42.45 95.71
N ALA ZB 78 -30.93 -42.36 95.02
CA ALA ZB 78 -32.11 -41.87 95.70
C ALA ZB 78 -32.96 -42.99 96.29
N HIS ZB 79 -32.71 -44.24 95.92
CA HIS ZB 79 -33.53 -45.33 96.45
C HIS ZB 79 -33.26 -45.63 97.92
N GLU ZB 80 -32.19 -45.06 98.47
CA GLU ZB 80 -31.88 -45.18 99.88
C GLU ZB 80 -32.41 -44.03 100.72
N LEU ZB 81 -33.02 -43.04 100.10
CA LEU ZB 81 -33.78 -42.01 100.82
C LEU ZB 81 -34.99 -42.51 101.62
N PRO ZB 82 -35.61 -43.66 101.31
CA PRO ZB 82 -36.51 -44.27 102.31
C PRO ZB 82 -35.87 -44.60 103.66
N LYS ZB 83 -34.56 -44.86 103.72
CA LYS ZB 83 -33.91 -45.05 105.01
C LYS ZB 83 -33.89 -43.76 105.82
N TYR ZB 84 -33.64 -42.63 105.18
CA TYR ZB 84 -33.60 -41.36 105.89
C TYR ZB 84 -34.95 -40.69 106.00
N GLY ZB 85 -35.98 -41.21 105.33
CA GLY ZB 85 -37.33 -40.73 105.51
C GLY ZB 85 -38.05 -40.28 104.26
N VAL ZB 86 -37.36 -40.02 103.16
CA VAL ZB 86 -38.02 -39.56 101.95
C VAL ZB 86 -38.58 -40.79 101.24
N LYS ZB 87 -39.79 -41.20 101.62
CA LYS ZB 87 -40.42 -42.37 101.02
C LYS ZB 87 -40.91 -42.12 99.61
N VAL ZB 88 -41.48 -40.93 99.38
CA VAL ZB 88 -42.09 -40.61 98.11
C VAL ZB 88 -41.24 -39.59 97.38
N GLY ZB 89 -41.40 -39.55 96.05
CA GLY ZB 89 -40.74 -38.57 95.23
C GLY ZB 89 -39.24 -38.74 95.15
N LEU ZB 90 -38.79 -39.88 94.66
CA LEU ZB 90 -37.36 -40.18 94.61
C LEU ZB 90 -36.68 -39.63 93.38
N THR ZB 91 -37.34 -38.75 92.61
CA THR ZB 91 -36.68 -38.13 91.48
C THR ZB 91 -37.08 -36.67 91.32
N ASN ZB 92 -37.47 -36.00 92.40
CA ASN ZB 92 -37.75 -34.57 92.35
C ASN ZB 92 -36.50 -33.78 92.71
N TYR ZB 93 -36.62 -32.45 92.68
CA TYR ZB 93 -35.52 -31.56 93.00
C TYR ZB 93 -35.09 -31.69 94.44
N ALA ZB 94 -36.02 -31.90 95.36
CA ALA ZB 94 -35.70 -32.11 96.76
C ALA ZB 94 -34.93 -33.42 96.98
N ALA ZB 95 -35.29 -34.48 96.28
CA ALA ZB 95 -34.52 -35.71 96.35
C ALA ZB 95 -33.16 -35.57 95.70
N ALA ZB 96 -33.05 -34.73 94.67
CA ALA ZB 96 -31.76 -34.40 94.08
C ALA ZB 96 -30.86 -33.71 95.09
N TYR ZB 97 -31.41 -32.74 95.83
CA TYR ZB 97 -30.66 -32.10 96.90
C TYR ZB 97 -30.27 -33.10 97.99
N CYS ZB 98 -31.19 -34.00 98.35
CA CYS ZB 98 -30.93 -34.95 99.42
C CYS ZB 98 -29.80 -35.92 99.05
N THR ZB 99 -29.79 -36.40 97.81
CA THR ZB 99 -28.72 -37.32 97.44
C THR ZB 99 -27.40 -36.60 97.15
N GLY ZB 100 -27.44 -35.32 96.75
CA GLY ZB 100 -26.20 -34.57 96.62
C GLY ZB 100 -25.58 -34.33 97.98
N LEU ZB 101 -26.41 -33.98 98.96
CA LEU ZB 101 -25.96 -33.82 100.33
C LEU ZB 101 -25.48 -35.15 100.91
N LEU ZB 102 -26.14 -36.26 100.59
CA LEU ZB 102 -25.71 -37.56 101.08
C LEU ZB 102 -24.39 -37.99 100.47
N LEU ZB 103 -24.19 -37.72 99.17
CA LEU ZB 103 -22.90 -37.97 98.53
C LEU ZB 103 -21.79 -37.14 99.16
N ALA ZB 104 -22.08 -35.87 99.45
CA ALA ZB 104 -21.09 -35.00 100.08
C ALA ZB 104 -20.72 -35.47 101.48
N ARG ZB 105 -21.71 -35.83 102.29
CA ARG ZB 105 -21.43 -36.23 103.67
C ARG ZB 105 -20.76 -37.60 103.73
N ARG ZB 106 -21.15 -38.52 102.84
CA ARG ZB 106 -20.50 -39.82 102.76
C ARG ZB 106 -19.03 -39.70 102.36
N LEU ZB 107 -18.73 -38.86 101.35
CA LEU ZB 107 -17.35 -38.67 100.92
C LEU ZB 107 -16.51 -37.99 101.98
N LEU ZB 108 -17.06 -36.96 102.63
CA LEU ZB 108 -16.29 -36.26 103.66
C LEU ZB 108 -16.07 -37.15 104.88
N ASN ZB 109 -17.02 -38.03 105.21
CA ASN ZB 109 -16.82 -38.95 106.32
C ASN ZB 109 -15.78 -40.01 105.97
N ARG ZB 110 -15.74 -40.44 104.70
CA ARG ZB 110 -14.71 -41.37 104.27
C ARG ZB 110 -13.32 -40.75 104.30
N PHE ZB 111 -13.17 -39.50 103.88
CA PHE ZB 111 -11.88 -38.84 103.95
C PHE ZB 111 -11.56 -38.27 105.33
N GLY ZB 112 -12.49 -38.35 106.28
CA GLY ZB 112 -12.24 -37.83 107.60
C GLY ZB 112 -12.56 -36.38 107.79
N MET ZB 113 -13.28 -35.78 106.86
CA MET ZB 113 -13.54 -34.34 106.88
C MET ZB 113 -14.98 -34.07 107.20
N ASP ZB 114 -15.54 -34.81 108.13
CA ASP ZB 114 -16.95 -34.70 108.45
C ASP ZB 114 -17.26 -33.56 109.40
N LYS ZB 115 -16.50 -33.44 110.49
CA LYS ZB 115 -16.77 -32.39 111.47
C LYS ZB 115 -16.29 -31.02 110.99
N ILE ZB 116 -15.20 -30.99 110.21
CA ILE ZB 116 -14.82 -29.83 109.42
C ILE ZB 116 -15.74 -29.84 108.21
N TYR ZB 117 -15.90 -28.70 107.55
CA TYR ZB 117 -16.55 -28.57 106.23
C TYR ZB 117 -18.00 -29.07 106.27
N GLU ZB 118 -18.77 -28.50 107.18
CA GLU ZB 118 -20.13 -28.97 107.39
C GLU ZB 118 -21.14 -28.33 106.45
N GLY ZB 119 -20.74 -27.30 105.70
CA GLY ZB 119 -21.65 -26.66 104.79
C GLY ZB 119 -22.69 -25.80 105.51
N GLN ZB 120 -23.78 -25.56 104.80
CA GLN ZB 120 -24.91 -24.83 105.36
C GLN ZB 120 -25.77 -25.81 106.14
N VAL ZB 121 -25.67 -25.76 107.47
CA VAL ZB 121 -26.48 -26.63 108.32
C VAL ZB 121 -27.96 -26.24 108.28
N GLU ZB 122 -28.27 -24.95 108.26
CA GLU ZB 122 -29.61 -24.47 107.97
C GLU ZB 122 -29.64 -24.12 106.49
N VAL ZB 123 -30.61 -24.70 105.77
CA VAL ZB 123 -30.72 -24.44 104.34
C VAL ZB 123 -31.51 -23.15 104.12
N THR ZB 124 -30.82 -22.14 103.60
CA THR ZB 124 -31.47 -20.92 103.17
C THR ZB 124 -31.42 -20.69 101.68
N GLY ZB 125 -30.66 -21.48 100.94
CA GLY ZB 125 -30.78 -21.54 99.50
C GLY ZB 125 -30.03 -20.49 98.70
N ASP ZB 126 -29.17 -19.70 99.32
CA ASP ZB 126 -28.46 -18.64 98.60
C ASP ZB 126 -27.15 -19.18 98.06
N GLU ZB 127 -26.31 -18.27 97.57
CA GLU ZB 127 -24.98 -18.65 97.14
C GLU ZB 127 -24.12 -19.00 98.36
N TYR ZB 128 -23.50 -20.17 98.32
CA TYR ZB 128 -22.58 -20.62 99.36
C TYR ZB 128 -21.44 -21.38 98.71
N ASN ZB 129 -20.23 -21.17 99.20
CA ASN ZB 129 -19.06 -21.92 98.75
C ASN ZB 129 -18.14 -22.13 99.94
N VAL ZB 130 -17.68 -23.36 100.13
CA VAL ZB 130 -16.78 -23.65 101.24
C VAL ZB 130 -15.40 -23.08 100.95
N GLU ZB 131 -14.63 -22.88 102.02
CA GLU ZB 131 -13.31 -22.30 101.92
C GLU ZB 131 -12.34 -23.14 102.72
N SER ZB 132 -11.09 -23.16 102.28
CA SER ZB 132 -10.08 -23.97 102.94
C SER ZB 132 -9.62 -23.30 104.22
N ILE ZB 133 -9.71 -24.03 105.32
CA ILE ZB 133 -9.18 -23.57 106.60
C ILE ZB 133 -7.71 -23.98 106.65
N ASP ZB 134 -6.84 -23.01 106.98
CA ASP ZB 134 -5.42 -23.26 107.05
C ASP ZB 134 -5.08 -24.20 108.19
N GLY ZB 135 -4.05 -25.02 108.00
CA GLY ZB 135 -3.69 -26.05 108.95
C GLY ZB 135 -4.47 -27.35 108.80
N GLN ZB 136 -5.75 -27.27 108.52
CA GLN ZB 136 -6.60 -28.41 108.20
C GLN ZB 136 -6.41 -28.79 106.74
N PRO ZB 137 -6.80 -30.01 106.34
CA PRO ZB 137 -6.78 -30.37 104.92
C PRO ZB 137 -7.69 -29.48 104.09
N GLY ZB 138 -7.24 -29.19 102.87
CA GLY ZB 138 -8.01 -28.36 101.98
C GLY ZB 138 -9.27 -29.07 101.50
N ALA ZB 139 -10.26 -28.27 101.13
CA ALA ZB 139 -11.59 -28.79 100.82
C ALA ZB 139 -11.58 -29.61 99.54
N PHE ZB 140 -12.51 -30.57 99.48
CA PHE ZB 140 -12.60 -31.46 98.32
C PHE ZB 140 -13.19 -30.69 97.15
N THR ZB 141 -12.51 -30.75 96.02
CA THR ZB 141 -12.89 -29.97 94.85
C THR ZB 141 -13.16 -30.90 93.68
N CYS ZB 142 -14.37 -30.81 93.13
CA CYS ZB 142 -14.76 -31.58 91.96
C CYS ZB 142 -15.52 -30.66 91.01
N TYR ZB 143 -15.83 -31.18 89.83
CA TYR ZB 143 -16.59 -30.44 88.83
C TYR ZB 143 -17.78 -31.25 88.39
N LEU ZB 144 -18.87 -30.55 88.07
CA LEU ZB 144 -20.12 -31.21 87.76
C LEU ZB 144 -20.08 -31.85 86.38
N ASP ZB 145 -20.66 -33.05 86.27
CA ASP ZB 145 -20.82 -33.79 85.02
C ASP ZB 145 -22.33 -33.96 84.84
N ALA ZB 146 -22.92 -33.08 84.05
CA ALA ZB 146 -24.32 -33.16 83.68
C ALA ZB 146 -24.56 -34.11 82.51
N GLY ZB 147 -23.53 -34.52 81.80
CA GLY ZB 147 -23.67 -35.46 80.70
C GLY ZB 147 -24.30 -34.83 79.49
N LEU ZB 148 -25.50 -35.29 79.12
CA LEU ZB 148 -26.28 -34.69 78.05
C LEU ZB 148 -27.45 -33.88 78.56
N ALA ZB 149 -27.57 -33.70 79.87
CA ALA ZB 149 -28.70 -32.98 80.43
C ALA ZB 149 -28.61 -31.50 80.06
N ARG ZB 150 -29.68 -30.99 79.47
CA ARG ZB 150 -29.70 -29.61 79.01
C ARG ZB 150 -29.77 -28.70 80.22
N THR ZB 151 -28.67 -28.01 80.49
CA THR ZB 151 -28.52 -27.22 81.72
C THR ZB 151 -29.32 -25.93 81.65
N THR ZB 152 -30.64 -26.03 81.70
CA THR ZB 152 -31.49 -24.87 81.85
C THR ZB 152 -31.78 -24.64 83.34
N THR ZB 153 -32.38 -23.50 83.64
CA THR ZB 153 -32.61 -23.09 85.02
C THR ZB 153 -33.71 -23.96 85.64
N GLY ZB 154 -33.40 -24.59 86.76
CA GLY ZB 154 -34.30 -25.51 87.40
C GLY ZB 154 -34.00 -26.96 87.15
N ASN ZB 155 -32.89 -27.26 86.47
CA ASN ZB 155 -32.48 -28.64 86.27
C ASN ZB 155 -32.07 -29.27 87.60
N LYS ZB 156 -32.39 -30.56 87.76
CA LYS ZB 156 -32.14 -31.23 89.04
C LYS ZB 156 -30.68 -31.60 89.24
N VAL ZB 157 -29.87 -31.51 88.18
CA VAL ZB 157 -28.43 -31.64 88.34
C VAL ZB 157 -27.88 -30.51 89.21
N PHE ZB 158 -28.50 -29.34 89.14
CA PHE ZB 158 -28.13 -28.25 90.02
C PHE ZB 158 -28.74 -28.35 91.40
N GLY ZB 159 -29.80 -29.14 91.58
CA GLY ZB 159 -30.23 -29.51 92.91
C GLY ZB 159 -29.26 -30.42 93.60
N ALA ZB 160 -28.75 -31.40 92.85
CA ALA ZB 160 -27.68 -32.25 93.36
C ALA ZB 160 -26.42 -31.45 93.65
N LEU ZB 161 -26.09 -30.50 92.77
CA LEU ZB 161 -25.00 -29.56 92.98
C LEU ZB 161 -25.17 -28.76 94.27
N LYS ZB 162 -26.37 -28.26 94.51
CA LYS ZB 162 -26.62 -27.47 95.72
C LYS ZB 162 -26.55 -28.35 96.96
N GLY ZB 163 -26.99 -29.60 96.85
CA GLY ZB 163 -26.83 -30.53 97.96
C GLY ZB 163 -25.38 -30.81 98.28
N ALA ZB 164 -24.54 -30.98 97.25
CA ALA ZB 164 -23.12 -31.20 97.46
C ALA ZB 164 -22.40 -29.98 98.05
N VAL ZB 165 -22.72 -28.78 97.57
CA VAL ZB 165 -22.02 -27.61 98.09
C VAL ZB 165 -22.59 -27.19 99.45
N ASP ZB 166 -23.81 -27.61 99.80
CA ASP ZB 166 -24.26 -27.45 101.17
C ASP ZB 166 -23.83 -28.60 102.06
N GLY ZB 167 -23.28 -29.67 101.48
CA GLY ZB 167 -22.64 -30.69 102.28
C GLY ZB 167 -21.19 -30.39 102.58
N GLY ZB 168 -20.53 -29.64 101.71
CA GLY ZB 168 -19.17 -29.22 102.00
C GLY ZB 168 -18.17 -29.49 100.90
N LEU ZB 169 -18.65 -29.78 99.70
CA LEU ZB 169 -17.78 -29.94 98.55
C LEU ZB 169 -17.64 -28.64 97.79
N SER ZB 170 -16.40 -28.35 97.40
CA SER ZB 170 -16.06 -27.12 96.68
C SER ZB 170 -16.26 -27.38 95.18
N ILE ZB 171 -17.39 -26.94 94.65
CA ILE ZB 171 -17.66 -27.12 93.23
C ILE ZB 171 -17.85 -25.73 92.63
N PRO ZB 172 -17.18 -25.39 91.54
CA PRO ZB 172 -17.40 -24.09 90.91
C PRO ZB 172 -18.77 -24.02 90.23
N HIS ZB 173 -19.54 -23.01 90.59
CA HIS ZB 173 -20.87 -22.83 90.03
C HIS ZB 173 -21.27 -21.37 90.15
N SER ZB 174 -22.28 -21.00 89.38
CA SER ZB 174 -22.98 -19.76 89.62
C SER ZB 174 -24.43 -20.09 89.97
N THR ZB 175 -25.17 -19.07 90.40
CA THR ZB 175 -26.55 -19.24 90.79
C THR ZB 175 -27.51 -18.97 89.65
N LYS ZB 176 -26.99 -18.89 88.42
CA LYS ZB 176 -27.81 -18.64 87.23
C LYS ZB 176 -28.72 -19.82 86.91
N ARG ZB 177 -28.37 -21.02 87.33
CA ARG ZB 177 -29.13 -22.20 86.97
C ARG ZB 177 -29.96 -22.76 88.12
N PHE ZB 178 -29.88 -22.17 89.30
CA PHE ZB 178 -30.77 -22.58 90.38
C PHE ZB 178 -32.17 -22.05 90.11
N PRO ZB 179 -33.21 -22.82 90.47
CA PRO ZB 179 -34.58 -22.33 90.29
C PRO ZB 179 -34.86 -21.17 91.24
N GLY ZB 180 -35.51 -20.14 90.71
CA GLY ZB 180 -35.66 -18.87 91.40
C GLY ZB 180 -34.89 -17.74 90.76
N TYR ZB 181 -33.85 -18.05 89.99
CA TYR ZB 181 -33.17 -17.03 89.22
C TYR ZB 181 -34.08 -16.53 88.12
N ASP ZB 182 -34.41 -15.24 88.15
CA ASP ZB 182 -35.25 -14.64 87.14
C ASP ZB 182 -34.40 -14.29 85.93
N SER ZB 183 -34.85 -14.69 84.74
CA SER ZB 183 -34.06 -14.49 83.54
C SER ZB 183 -34.14 -13.05 83.04
N GLU ZB 184 -35.27 -12.38 83.26
CA GLU ZB 184 -35.44 -11.03 82.74
C GLU ZB 184 -34.77 -9.98 83.61
N SER ZB 185 -34.83 -10.11 84.93
CA SER ZB 185 -34.16 -9.18 85.82
C SER ZB 185 -32.73 -9.58 86.16
N LYS ZB 186 -32.31 -10.78 85.76
CA LYS ZB 186 -30.96 -11.33 85.98
C LYS ZB 186 -30.57 -11.33 87.46
N GLU ZB 187 -31.53 -11.68 88.33
CA GLU ZB 187 -31.28 -11.77 89.75
C GLU ZB 187 -31.70 -13.14 90.25
N PHE ZB 188 -31.14 -13.55 91.39
CA PHE ZB 188 -31.35 -14.87 91.96
C PHE ZB 188 -32.13 -14.75 93.26
N ASN ZB 189 -33.19 -15.52 93.40
CA ASN ZB 189 -34.07 -15.43 94.57
C ASN ZB 189 -33.88 -16.66 95.44
N ALA ZB 190 -33.18 -16.46 96.56
CA ALA ZB 190 -32.83 -17.55 97.46
C ALA ZB 190 -34.05 -18.12 98.16
N GLU ZB 191 -35.09 -17.32 98.38
CA GLU ZB 191 -36.28 -17.83 99.02
C GLU ZB 191 -37.04 -18.80 98.11
N VAL ZB 192 -37.14 -18.46 96.82
CA VAL ZB 192 -37.76 -19.37 95.85
C VAL ZB 192 -36.94 -20.64 95.70
N HIS ZB 193 -35.60 -20.50 95.75
CA HIS ZB 193 -34.77 -21.69 95.72
C HIS ZB 193 -34.93 -22.53 96.99
N ARG ZB 194 -35.19 -21.89 98.12
CA ARG ZB 194 -35.45 -22.62 99.35
C ARG ZB 194 -36.78 -23.38 99.28
N LYS ZB 195 -37.81 -22.78 98.66
CA LYS ZB 195 -39.06 -23.50 98.42
C LYS ZB 195 -38.84 -24.71 97.52
N HIS ZB 196 -38.04 -24.56 96.46
CA HIS ZB 196 -37.77 -25.71 95.59
C HIS ZB 196 -36.93 -26.78 96.27
N ILE ZB 197 -36.00 -26.38 97.14
CA ILE ZB 197 -35.19 -27.35 97.87
C ILE ZB 197 -36.05 -28.12 98.86
N MET ZB 198 -36.95 -27.43 99.56
CA MET ZB 198 -37.77 -28.08 100.57
C MET ZB 198 -39.06 -28.65 99.99
N GLY ZB 199 -39.23 -28.60 98.68
CA GLY ZB 199 -40.37 -29.21 98.07
C GLY ZB 199 -41.65 -28.43 98.24
N GLN ZB 200 -41.56 -27.11 98.31
CA GLN ZB 200 -42.75 -26.29 98.43
C GLN ZB 200 -43.32 -25.89 97.08
N ASN ZB 201 -42.76 -26.42 96.00
CA ASN ZB 201 -43.40 -26.36 94.70
C ASN ZB 201 -44.36 -27.52 94.45
N VAL ZB 202 -44.16 -28.66 95.09
CA VAL ZB 202 -44.98 -29.84 94.83
C VAL ZB 202 -46.13 -29.96 95.84
N ALA ZB 203 -45.93 -29.51 97.09
CA ALA ZB 203 -47.02 -29.42 98.03
C ALA ZB 203 -48.05 -28.39 97.59
N ASP ZB 204 -47.58 -27.34 96.93
CA ASP ZB 204 -48.46 -26.38 96.27
C ASP ZB 204 -49.29 -27.02 95.17
N TYR ZB 205 -48.70 -27.99 94.44
CA TYR ZB 205 -49.46 -28.71 93.43
C TYR ZB 205 -50.50 -29.65 94.05
N MET ZB 206 -50.18 -30.28 95.19
CA MET ZB 206 -51.19 -31.10 95.85
C MET ZB 206 -52.34 -30.27 96.40
N ARG ZB 207 -52.03 -29.11 96.97
CA ARG ZB 207 -53.09 -28.19 97.37
C ARG ZB 207 -53.84 -27.65 96.15
N TYR ZB 208 -53.16 -27.54 95.01
CA TYR ZB 208 -53.81 -27.10 93.78
C TYR ZB 208 -54.76 -28.14 93.23
N LEU ZB 209 -54.41 -29.42 93.34
CA LEU ZB 209 -55.22 -30.49 92.78
C LEU ZB 209 -56.35 -30.91 93.69
N MET ZB 210 -56.16 -30.85 95.02
CA MET ZB 210 -57.21 -31.23 95.97
C MET ZB 210 -58.41 -30.29 95.96
N GLU ZB 211 -58.30 -29.13 95.33
CA GLU ZB 211 -59.42 -28.23 95.16
C GLU ZB 211 -59.98 -28.24 93.75
N GLU ZB 212 -59.16 -28.59 92.74
CA GLU ZB 212 -59.64 -28.59 91.36
C GLU ZB 212 -60.23 -29.94 90.98
N ASP ZB 213 -59.44 -31.00 91.00
CA ASP ZB 213 -59.92 -32.33 90.65
C ASP ZB 213 -59.36 -33.32 91.66
N GLU ZB 214 -60.23 -33.85 92.51
CA GLU ZB 214 -59.76 -34.80 93.53
C GLU ZB 214 -59.34 -36.13 92.90
N ASP ZB 215 -59.99 -36.51 91.80
CA ASP ZB 215 -59.62 -37.75 91.11
C ASP ZB 215 -58.31 -37.62 90.35
N ALA ZB 216 -58.03 -36.45 89.77
CA ALA ZB 216 -56.72 -36.23 89.18
C ALA ZB 216 -55.64 -36.11 90.26
N TYR ZB 217 -56.00 -35.60 91.44
CA TYR ZB 217 -55.07 -35.65 92.57
C TYR ZB 217 -54.79 -37.09 92.97
N LYS ZB 218 -55.83 -37.93 92.98
CA LYS ZB 218 -55.71 -39.34 93.27
C LYS ZB 218 -54.78 -40.05 92.30
N LYS ZB 219 -54.90 -39.75 91.01
CA LYS ZB 219 -54.04 -40.40 90.03
C LYS ZB 219 -52.68 -39.74 89.87
N GLN ZB 220 -52.49 -38.53 90.38
CA GLN ZB 220 -51.19 -37.87 90.22
C GLN ZB 220 -50.27 -38.16 91.39
N PHE ZB 221 -50.78 -38.11 92.62
CA PHE ZB 221 -50.00 -38.49 93.79
C PHE ZB 221 -50.70 -39.67 94.46
N SER ZB 222 -50.40 -40.87 93.98
CA SER ZB 222 -51.04 -42.07 94.49
C SER ZB 222 -50.26 -42.73 95.61
N GLN ZB 223 -48.93 -42.78 95.49
CA GLN ZB 223 -48.10 -43.32 96.57
C GLN ZB 223 -47.87 -42.31 97.69
N TYR ZB 224 -48.15 -41.03 97.44
CA TYR ZB 224 -48.15 -40.06 98.52
C TYR ZB 224 -49.28 -40.35 99.52
N ILE ZB 225 -50.46 -40.73 99.02
CA ILE ZB 225 -51.56 -41.11 99.89
C ILE ZB 225 -51.29 -42.44 100.58
N LYS ZB 226 -50.66 -43.38 99.87
CA LYS ZB 226 -50.36 -44.68 100.44
C LYS ZB 226 -49.30 -44.58 101.54
N ASN ZB 227 -48.31 -43.72 101.34
CA ASN ZB 227 -47.31 -43.47 102.38
C ASN ZB 227 -47.74 -42.43 103.37
N ASN ZB 228 -48.92 -41.82 103.16
CA ASN ZB 228 -49.51 -40.80 104.02
C ASN ZB 228 -48.58 -39.59 104.15
N VAL ZB 229 -48.22 -39.02 103.00
CA VAL ZB 229 -47.47 -37.79 102.92
C VAL ZB 229 -48.41 -36.71 102.39
N THR ZB 230 -48.54 -35.64 103.16
CA THR ZB 230 -49.48 -34.54 102.97
C THR ZB 230 -48.72 -33.28 102.55
N PRO ZB 231 -49.42 -32.23 102.07
CA PRO ZB 231 -48.71 -30.96 101.80
C PRO ZB 231 -48.10 -30.29 103.00
N ASP ZB 232 -48.61 -30.52 104.21
CA ASP ZB 232 -48.19 -29.72 105.35
C ASP ZB 232 -46.93 -30.25 106.04
N MET ZB 233 -46.53 -31.49 105.78
CA MET ZB 233 -45.39 -32.05 106.48
C MET ZB 233 -44.12 -32.07 105.63
N MET ZB 234 -44.16 -31.45 104.45
CA MET ZB 234 -43.09 -31.62 103.47
C MET ZB 234 -41.80 -30.95 103.90
N GLU ZB 235 -41.89 -29.72 104.43
CA GLU ZB 235 -40.69 -29.01 104.87
C GLU ZB 235 -40.01 -29.71 106.03
N GLU ZB 236 -40.74 -30.04 107.10
CA GLU ZB 236 -40.08 -30.70 108.21
C GLU ZB 236 -39.71 -32.14 107.90
N MET ZB 237 -40.37 -32.80 106.94
CA MET ZB 237 -39.93 -34.14 106.55
C MET ZB 237 -38.59 -34.08 105.83
N TYR ZB 238 -38.43 -33.12 104.92
CA TYR ZB 238 -37.12 -32.96 104.31
C TYR ZB 238 -36.06 -32.44 105.29
N LYS ZB 239 -36.45 -31.61 106.27
CA LYS ZB 239 -35.51 -31.18 107.31
C LYS ZB 239 -35.02 -32.36 108.15
N LYS ZB 240 -35.92 -33.25 108.54
CA LYS ZB 240 -35.53 -34.44 109.30
C LYS ZB 240 -34.69 -35.38 108.44
N ALA ZB 241 -34.97 -35.42 107.13
CA ALA ZB 241 -34.14 -36.19 106.21
C ALA ZB 241 -32.72 -35.66 106.13
N HIS ZB 242 -32.56 -34.33 106.04
CA HIS ZB 242 -31.23 -33.74 105.97
C HIS ZB 242 -30.47 -33.93 107.28
N ALA ZB 243 -31.18 -33.82 108.41
CA ALA ZB 243 -30.54 -34.05 109.71
C ALA ZB 243 -30.11 -35.51 109.87
N ALA ZB 244 -30.93 -36.45 109.39
CA ALA ZB 244 -30.54 -37.86 109.43
C ALA ZB 244 -29.39 -38.15 108.49
N ILE ZB 245 -29.33 -37.48 107.33
CA ILE ZB 245 -28.23 -37.64 106.40
C ILE ZB 245 -26.92 -37.18 107.03
N ARG ZB 246 -26.93 -36.02 107.70
CA ARG ZB 246 -25.69 -35.60 108.34
C ARG ZB 246 -25.45 -36.32 109.66
N GLU ZB 247 -26.46 -37.00 110.20
CA GLU ZB 247 -26.24 -37.85 111.36
C GLU ZB 247 -25.50 -39.13 111.00
N ASN ZB 248 -25.91 -39.79 109.93
CA ASN ZB 248 -25.33 -41.08 109.57
C ASN ZB 248 -25.33 -41.22 108.05
N PRO ZB 249 -24.28 -40.75 107.38
CA PRO ZB 249 -24.22 -40.87 105.92
C PRO ZB 249 -23.43 -42.05 105.39
N VAL ZB 250 -22.86 -42.88 106.26
CA VAL ZB 250 -22.07 -44.02 105.80
C VAL ZB 250 -23.01 -45.05 105.20
N TYR ZB 251 -22.56 -45.73 104.16
CA TYR ZB 251 -23.41 -46.69 103.46
C TYR ZB 251 -23.07 -48.11 103.87
N GLU ZB 252 -24.11 -48.89 104.16
CA GLU ZB 252 -23.98 -50.30 104.50
C GLU ZB 252 -24.27 -51.13 103.25
N LYS ZB 253 -23.41 -52.11 102.99
CA LYS ZB 253 -23.56 -52.94 101.80
C LYS ZB 253 -24.65 -53.96 102.02
N LYS ZB 254 -25.50 -54.15 101.01
CA LYS ZB 254 -26.50 -55.20 101.04
C LYS ZB 254 -25.80 -56.56 101.00
N PRO ZB 255 -26.05 -57.44 101.97
CA PRO ZB 255 -25.20 -58.63 102.14
C PRO ZB 255 -25.41 -59.66 101.02
N LYS ZB 256 -24.30 -60.26 100.60
CA LYS ZB 256 -24.34 -61.24 99.53
C LYS ZB 256 -24.82 -62.59 100.08
N ARG ZB 257 -25.63 -63.28 99.30
CA ARG ZB 257 -26.14 -64.60 99.65
C ARG ZB 257 -25.92 -65.54 98.48
N GLU ZB 258 -26.19 -66.83 98.71
CA GLU ZB 258 -26.01 -67.84 97.68
C GLU ZB 258 -27.30 -68.06 96.90
N VAL ZB 259 -27.15 -68.29 95.59
CA VAL ZB 259 -28.25 -68.67 94.71
C VAL ZB 259 -27.85 -69.97 94.02
N LYS ZB 260 -28.83 -70.59 93.35
CA LYS ZB 260 -28.67 -71.93 92.84
C LYS ZB 260 -28.03 -71.99 91.45
N LYS ZB 261 -27.43 -70.89 90.99
CA LYS ZB 261 -26.74 -70.77 89.69
C LYS ZB 261 -27.71 -71.09 88.55
N LYS ZB 262 -28.71 -70.23 88.43
CA LYS ZB 262 -29.71 -70.34 87.39
C LYS ZB 262 -29.35 -69.42 86.23
N ARG ZB 263 -29.37 -69.97 85.02
CA ARG ZB 263 -29.09 -69.21 83.82
C ARG ZB 263 -30.41 -68.80 83.18
N TRP ZB 264 -30.53 -67.52 82.82
CA TRP ZB 264 -31.76 -66.98 82.29
C TRP ZB 264 -31.67 -66.58 80.82
N ASN ZB 265 -30.56 -66.84 80.15
CA ASN ZB 265 -30.40 -66.53 78.74
C ASN ZB 265 -30.09 -67.79 77.96
N ARG ZB 266 -30.11 -67.65 76.65
CA ARG ZB 266 -29.69 -68.75 75.79
C ARG ZB 266 -28.17 -68.78 75.72
N PRO ZB 267 -27.54 -69.91 76.01
CA PRO ZB 267 -26.09 -70.01 75.80
C PRO ZB 267 -25.77 -69.98 74.31
N LYS ZB 268 -24.58 -69.49 74.00
CA LYS ZB 268 -24.20 -69.34 72.60
C LYS ZB 268 -24.02 -70.71 71.97
N MET ZB 269 -24.56 -70.87 70.76
CA MET ZB 269 -24.74 -72.18 70.16
C MET ZB 269 -23.45 -72.61 69.47
N SER ZB 270 -23.10 -73.89 69.62
CA SER ZB 270 -21.79 -74.39 69.23
C SER ZB 270 -21.69 -74.57 67.71
N LEU ZB 271 -20.44 -74.74 67.26
CA LEU ZB 271 -20.15 -74.96 65.85
C LEU ZB 271 -20.75 -76.27 65.37
N ALA ZB 272 -20.68 -77.32 66.19
CA ALA ZB 272 -21.28 -78.61 65.82
C ALA ZB 272 -22.80 -78.48 65.69
N GLN ZB 273 -23.42 -77.73 66.60
CA GLN ZB 273 -24.87 -77.53 66.55
C GLN ZB 273 -25.29 -76.71 65.33
N LYS ZB 274 -24.51 -75.69 64.95
CA LYS ZB 274 -24.93 -74.88 63.81
C LYS ZB 274 -24.61 -75.57 62.48
N LYS ZB 275 -23.67 -76.52 62.46
CA LYS ZB 275 -23.55 -77.35 61.26
C LYS ZB 275 -24.68 -78.37 61.15
N ASP ZB 276 -25.02 -79.00 62.29
CA ASP ZB 276 -26.09 -79.99 62.32
C ASP ZB 276 -27.43 -79.38 61.95
N ARG ZB 277 -27.69 -78.13 62.39
CA ARG ZB 277 -28.96 -77.48 62.11
C ARG ZB 277 -29.16 -77.22 60.63
N VAL ZB 278 -28.13 -76.78 59.92
CA VAL ZB 278 -28.31 -76.52 58.51
C VAL ZB 278 -28.30 -77.82 57.71
N ALA ZB 279 -27.61 -78.87 58.20
CA ALA ZB 279 -27.72 -80.18 57.55
C ALA ZB 279 -29.14 -80.74 57.70
N GLN ZB 280 -29.74 -80.56 58.88
CA GLN ZB 280 -31.12 -80.97 59.11
C GLN ZB 280 -32.10 -80.17 58.26
N LYS ZB 281 -31.84 -78.87 58.09
CA LYS ZB 281 -32.70 -78.05 57.22
C LYS ZB 281 -32.61 -78.47 55.76
N LYS ZB 282 -31.41 -78.80 55.28
CA LYS ZB 282 -31.24 -79.30 53.91
C LYS ZB 282 -31.96 -80.62 53.72
N ALA ZB 283 -31.82 -81.53 54.69
CA ALA ZB 283 -32.44 -82.85 54.58
C ALA ZB 283 -33.96 -82.75 54.61
N SER ZB 284 -34.49 -81.85 55.45
CA SER ZB 284 -35.93 -81.66 55.52
C SER ZB 284 -36.48 -81.02 54.25
N PHE ZB 285 -35.77 -80.03 53.69
CA PHE ZB 285 -36.22 -79.41 52.44
C PHE ZB 285 -36.18 -80.40 51.28
N LEU ZB 286 -35.17 -81.27 51.26
CA LEU ZB 286 -35.09 -82.26 50.18
C LEU ZB 286 -36.14 -83.36 50.34
N ARG ZB 287 -36.46 -83.74 51.59
CA ARG ZB 287 -37.48 -84.75 51.79
C ARG ZB 287 -38.87 -84.19 51.51
N ALA ZB 288 -39.05 -82.87 51.69
CA ALA ZB 288 -40.31 -82.21 51.31
C ALA ZB 288 -40.49 -82.08 49.79
N GLN ZB 289 -39.57 -82.58 48.98
CA GLN ZB 289 -39.73 -82.71 47.53
C GLN ZB 289 -39.72 -84.17 47.09
N GLU ZB 290 -38.86 -85.01 47.66
CA GLU ZB 290 -38.83 -86.40 47.24
C GLU ZB 290 -39.97 -87.19 47.87
N ARG ZB 291 -40.67 -86.61 48.84
CA ARG ZB 291 -41.90 -87.19 49.35
C ARG ZB 291 -43.12 -86.56 48.70
N ALA ZB 292 -43.00 -85.34 48.19
CA ALA ZB 292 -44.03 -84.71 47.38
C ALA ZB 292 -44.10 -85.26 45.96
N ALA ZB 293 -43.01 -85.88 45.48
CA ALA ZB 293 -43.01 -86.54 44.17
C ALA ZB 293 -42.38 -87.92 44.27
N LYS AC 1 86.27 -90.75 88.23
CA LYS AC 1 86.90 -91.32 87.04
C LYS AC 1 85.92 -92.14 86.20
N GLY AC 2 85.80 -91.78 84.92
CA GLY AC 2 84.89 -92.53 84.07
C GLY AC 2 85.34 -92.68 82.64
N LYS AC 3 85.44 -93.93 82.18
CA LYS AC 3 85.58 -94.13 80.76
C LYS AC 3 84.26 -93.81 80.06
N PRO AC 4 84.31 -93.08 78.95
CA PRO AC 4 83.07 -92.65 78.30
C PRO AC 4 82.33 -93.82 77.67
N HIS AC 5 81.03 -93.64 77.53
CA HIS AC 5 80.13 -94.62 76.94
C HIS AC 5 79.39 -93.95 75.80
N CYS AC 6 78.95 -94.76 74.84
CA CYS AC 6 78.11 -94.25 73.77
C CYS AC 6 76.75 -93.82 74.32
N SER AC 7 76.07 -92.96 73.56
CA SER AC 7 74.76 -92.47 73.96
C SER AC 7 73.75 -93.61 73.98
N ARG AC 8 72.98 -93.69 75.06
CA ARG AC 8 72.22 -94.91 75.35
C ARG AC 8 70.94 -95.01 74.54
N ASN AC 9 70.57 -93.98 73.79
CA ASN AC 9 69.51 -94.13 72.81
C ASN AC 9 70.07 -93.92 71.41
N PRO AC 10 69.63 -94.70 70.43
CA PRO AC 10 70.04 -94.44 69.05
C PRO AC 10 69.26 -93.25 68.50
N VAL AC 11 69.73 -92.79 67.35
CA VAL AC 11 69.11 -91.69 66.63
C VAL AC 11 67.91 -92.22 65.89
N LEU AC 12 66.73 -91.64 66.16
CA LEU AC 12 65.53 -92.04 65.43
C LEU AC 12 65.45 -91.27 64.12
N VAL AC 13 65.37 -89.94 64.21
CA VAL AC 13 65.72 -89.02 63.13
C VAL AC 13 66.65 -88.00 63.77
N ARG AC 14 67.12 -87.05 62.96
CA ARG AC 14 68.04 -86.04 63.45
C ARG AC 14 67.34 -85.14 64.46
N GLY AC 15 67.95 -85.01 65.63
CA GLY AC 15 67.45 -84.18 66.70
C GLY AC 15 66.59 -84.90 67.72
N ILE AC 16 66.13 -86.11 67.43
CA ILE AC 16 65.23 -86.87 68.30
C ILE AC 16 65.82 -88.26 68.53
N GLY AC 17 65.97 -88.64 69.79
CA GLY AC 17 66.32 -90.01 70.11
C GLY AC 17 65.11 -90.90 70.14
N ARG AC 18 65.35 -92.21 70.26
CA ARG AC 18 64.25 -93.17 70.25
C ARG AC 18 63.47 -93.17 71.56
N TYR AC 19 64.14 -93.12 72.70
CA TYR AC 19 63.50 -93.26 74.00
C TYR AC 19 63.27 -91.89 74.62
N SER AC 20 62.23 -91.79 75.45
CA SER AC 20 61.82 -90.52 76.03
C SER AC 20 62.63 -90.23 77.30
N ARG AC 21 62.16 -89.24 78.08
CA ARG AC 21 62.96 -88.71 79.19
C ARG AC 21 63.07 -89.69 80.35
N SER AC 22 61.95 -90.28 80.76
CA SER AC 22 61.99 -91.23 81.87
C SER AC 22 62.65 -92.54 81.46
N ALA AC 23 62.47 -92.94 80.20
CA ALA AC 23 63.14 -94.13 79.69
C ALA AC 23 64.65 -93.94 79.66
N MET AC 24 65.11 -92.78 79.20
CA MET AC 24 66.54 -92.48 79.22
C MET AC 24 67.06 -92.28 80.64
N TYR AC 25 66.20 -91.84 81.57
CA TYR AC 25 66.56 -91.80 82.98
C TYR AC 25 66.83 -93.19 83.52
N SER AC 26 65.97 -94.15 83.20
CA SER AC 26 66.20 -95.54 83.59
C SER AC 26 67.43 -96.13 82.91
N ARG AC 27 67.64 -95.83 81.63
CA ARG AC 27 68.78 -96.40 80.91
C ARG AC 27 70.10 -95.77 81.33
N LYS AC 28 70.10 -94.54 81.85
CA LYS AC 28 71.29 -93.99 82.47
C LYS AC 28 71.43 -94.36 83.93
N ALA AC 29 70.36 -94.91 84.53
CA ALA AC 29 70.31 -95.35 85.93
C ALA AC 29 70.62 -94.22 86.89
N LEU AC 30 69.97 -93.07 86.69
CA LEU AC 30 70.19 -91.92 87.54
C LEU AC 30 69.43 -92.00 88.86
N TYR AC 31 68.53 -92.98 88.99
CA TYR AC 31 67.79 -93.19 90.24
C TYR AC 31 68.67 -93.67 91.37
N LYS AC 32 69.85 -94.22 91.07
CA LYS AC 32 70.82 -94.63 92.06
C LYS AC 32 72.09 -93.77 92.00
N ARG AC 33 72.02 -92.60 91.37
CA ARG AC 33 73.19 -91.77 91.12
C ARG AC 33 72.94 -90.35 91.65
N LYS AC 34 72.45 -90.28 92.88
CA LYS AC 34 72.22 -89.02 93.55
C LYS AC 34 73.52 -88.48 94.13
N TYR AC 35 73.76 -87.18 93.89
CA TYR AC 35 75.03 -86.53 94.20
C TYR AC 35 74.78 -85.23 94.93
N ALA AC 36 75.73 -84.83 95.76
CA ALA AC 36 75.52 -83.73 96.69
C ALA AC 36 76.80 -82.94 96.86
N ALA AC 37 76.74 -81.92 97.72
CA ALA AC 37 77.87 -81.03 97.97
C ALA AC 37 78.32 -81.08 99.42
N LEU AC 52 99.60 -67.39 86.75
CA LEU AC 52 99.05 -67.49 85.39
C LEU AC 52 99.47 -66.31 84.54
N ALA AC 53 100.12 -65.32 85.15
CA ALA AC 53 100.49 -64.08 84.46
C ALA AC 53 101.94 -63.67 84.68
N THR AC 54 102.57 -64.12 85.76
CA THR AC 54 103.89 -63.67 86.14
C THR AC 54 104.86 -64.84 86.33
N VAL AC 55 106.08 -64.64 85.84
CA VAL AC 55 107.17 -65.60 85.97
C VAL AC 55 108.27 -64.91 86.77
N THR AC 56 108.75 -65.57 87.83
CA THR AC 56 109.76 -64.99 88.70
C THR AC 56 111.15 -65.42 88.24
N LYS AC 57 111.97 -64.45 87.84
CA LYS AC 57 113.22 -64.74 87.17
C LYS AC 57 114.39 -64.00 87.82
N PRO AC 58 115.56 -64.64 87.90
CA PRO AC 58 116.71 -63.97 88.52
C PRO AC 58 117.36 -62.96 87.59
N VAL AC 59 117.96 -61.92 88.19
CA VAL AC 59 118.82 -60.99 87.48
C VAL AC 59 120.12 -60.86 88.26
N GLY AC 60 121.01 -60.01 87.75
CA GLY AC 60 122.29 -59.76 88.40
C GLY AC 60 122.47 -58.31 88.85
N GLY AC 65 120.70 -55.84 92.35
CA GLY AC 65 119.47 -56.35 91.76
C GLY AC 65 118.80 -57.43 92.59
N GLY AC 66 118.83 -58.67 92.10
CA GLY AC 66 118.21 -59.76 92.82
C GLY AC 66 117.36 -60.66 91.93
N THR AC 67 116.06 -60.69 92.21
CA THR AC 67 115.14 -61.52 91.45
C THR AC 67 113.87 -60.72 91.18
N ARG AC 68 113.45 -60.71 89.91
CA ARG AC 68 112.39 -59.85 89.41
C ARG AC 68 111.12 -60.66 89.21
N VAL AC 69 109.99 -59.96 89.27
CA VAL AC 69 108.70 -60.55 88.86
C VAL AC 69 108.45 -60.05 87.44
N VAL AC 70 108.83 -60.88 86.47
CA VAL AC 70 108.61 -60.54 85.07
C VAL AC 70 107.18 -60.87 84.69
N LYS AC 71 106.49 -59.90 84.10
CA LYS AC 71 105.12 -60.10 83.66
C LYS AC 71 105.15 -60.54 82.20
N LEU AC 72 104.43 -61.61 81.90
CA LEU AC 72 104.10 -61.91 80.51
C LEU AC 72 102.78 -61.24 80.18
N ARG AC 73 102.38 -61.35 78.91
CA ARG AC 73 101.26 -60.61 78.32
C ARG AC 73 101.42 -59.11 78.57
N LYS AC 74 102.47 -58.55 78.00
CA LYS AC 74 102.80 -57.14 78.23
C LYS AC 74 101.84 -56.23 77.48
N MET AC 75 102.02 -54.93 77.71
CA MET AC 75 101.05 -53.96 77.25
C MET AC 75 101.21 -53.75 75.75
N PRO AC 76 100.16 -53.35 75.05
CA PRO AC 76 100.33 -52.96 73.65
C PRO AC 76 101.02 -51.60 73.56
N ARG AC 77 102.09 -51.55 72.78
CA ARG AC 77 102.80 -50.29 72.63
C ARG AC 77 102.03 -49.29 71.79
N TYR AC 78 101.11 -49.75 70.97
CA TYR AC 78 100.40 -48.88 70.06
C TYR AC 78 98.94 -49.26 70.04
N TYR AC 79 98.07 -48.27 70.10
CA TYR AC 79 96.65 -48.47 69.93
C TYR AC 79 96.21 -47.86 68.62
N PRO AC 80 95.43 -48.55 67.82
CA PRO AC 80 94.84 -47.93 66.64
C PRO AC 80 93.85 -46.84 67.05
N THR AC 81 93.76 -45.81 66.20
CA THR AC 81 92.91 -44.65 66.51
C THR AC 81 91.43 -45.03 66.54
N GLU AC 82 91.02 -45.97 65.70
CA GLU AC 82 89.68 -46.52 65.73
C GLU AC 82 89.78 -48.04 65.70
N ASP AC 83 88.81 -48.70 66.32
CA ASP AC 83 88.81 -50.16 66.35
C ASP AC 83 87.40 -50.66 66.09
N VAL AC 84 87.32 -51.81 65.43
CA VAL AC 84 86.05 -52.44 65.10
C VAL AC 84 85.48 -53.07 66.38
N PRO AC 85 84.18 -52.99 66.62
CA PRO AC 85 83.60 -53.71 67.75
C PRO AC 85 83.62 -55.21 67.52
N ARG AC 86 83.58 -55.95 68.63
CA ARG AC 86 83.44 -57.39 68.53
C ARG AC 86 82.05 -57.76 68.02
N LYS AC 87 82.00 -58.81 67.23
CA LYS AC 87 80.78 -59.23 66.56
C LYS AC 87 79.88 -60.00 67.51
N LEU AC 88 78.61 -60.13 67.12
CA LEU AC 88 77.72 -61.00 67.86
C LEU AC 88 78.09 -62.47 67.63
N LEU AC 89 77.58 -63.33 68.51
CA LEU AC 89 77.86 -64.75 68.45
C LEU AC 89 76.86 -65.45 67.53
N SER AC 90 77.35 -66.43 66.78
CA SER AC 90 76.56 -67.32 65.95
C SER AC 90 76.83 -68.76 66.36
N HIS AC 91 75.99 -69.67 65.91
CA HIS AC 91 76.04 -70.99 66.50
C HIS AC 91 76.21 -72.14 65.51
N GLY AC 92 75.63 -72.05 64.33
CA GLY AC 92 75.67 -73.18 63.42
C GLY AC 92 76.79 -73.11 62.43
N LYS AC 93 77.74 -72.21 62.66
CA LYS AC 93 78.71 -71.81 61.64
C LYS AC 93 80.05 -72.42 62.01
N LYS AC 94 80.40 -73.49 61.31
CA LYS AC 94 81.56 -74.33 61.57
C LYS AC 94 82.58 -74.15 60.46
N PRO AC 95 83.86 -74.40 60.73
CA PRO AC 95 84.86 -74.25 59.67
C PRO AC 95 84.79 -75.38 58.66
N PHE AC 96 85.57 -75.25 57.59
CA PHE AC 96 85.53 -76.22 56.51
C PHE AC 96 86.11 -77.56 56.91
N SER AC 97 87.03 -77.58 57.86
CA SER AC 97 87.57 -78.84 58.36
C SER AC 97 86.58 -79.62 59.21
N GLN AC 98 85.46 -79.01 59.61
CA GLN AC 98 84.46 -79.68 60.44
C GLN AC 98 83.14 -79.85 59.72
N HIS AC 99 83.07 -79.58 58.42
CA HIS AC 99 81.80 -79.69 57.74
C HIS AC 99 81.52 -81.16 57.45
N VAL AC 100 80.25 -81.48 57.20
CA VAL AC 100 79.86 -82.83 56.86
C VAL AC 100 80.05 -83.05 55.38
N ARG AC 101 80.35 -84.28 55.00
CA ARG AC 101 80.79 -84.62 53.65
C ARG AC 101 79.75 -85.47 52.97
N LYS AC 102 79.09 -84.92 51.96
CA LYS AC 102 78.04 -85.61 51.24
C LYS AC 102 78.58 -86.12 49.92
N LEU AC 103 78.31 -87.39 49.64
CA LEU AC 103 78.68 -88.06 48.41
C LEU AC 103 77.41 -88.54 47.71
N ARG AC 104 77.38 -88.40 46.40
CA ARG AC 104 76.22 -88.86 45.64
C ARG AC 104 76.16 -90.38 45.62
N ALA AC 105 74.94 -90.91 45.77
CA ALA AC 105 74.74 -92.34 45.91
C ALA AC 105 74.97 -93.11 44.61
N SER AC 106 75.13 -92.42 43.49
CA SER AC 106 75.55 -93.04 42.25
C SER AC 106 77.07 -93.15 42.16
N ILE AC 107 77.79 -92.66 43.16
CA ILE AC 107 79.25 -92.72 43.19
C ILE AC 107 79.62 -93.71 44.28
N THR AC 108 80.27 -94.79 43.88
CA THR AC 108 80.73 -95.89 44.71
C THR AC 108 82.16 -96.20 44.31
N PRO AC 109 82.96 -96.83 45.18
CA PRO AC 109 84.36 -97.13 44.81
C PRO AC 109 84.47 -98.10 43.64
N GLY AC 110 85.10 -97.63 42.56
CA GLY AC 110 85.27 -98.38 41.33
C GLY AC 110 84.40 -97.90 40.19
N THR AC 111 83.62 -96.85 40.41
CA THR AC 111 82.75 -96.29 39.39
C THR AC 111 83.59 -95.56 38.34
N ILE AC 112 83.01 -95.38 37.15
CA ILE AC 112 83.63 -94.61 36.09
C ILE AC 112 83.04 -93.20 36.10
N LEU AC 113 83.90 -92.21 36.14
CA LEU AC 113 83.52 -90.81 36.10
C LEU AC 113 83.92 -90.20 34.76
N ILE AC 114 83.26 -89.11 34.42
CA ILE AC 114 83.61 -88.28 33.27
C ILE AC 114 84.00 -86.92 33.82
N ILE AC 115 85.27 -86.54 33.64
CA ILE AC 115 85.70 -85.22 34.07
C ILE AC 115 85.17 -84.18 33.10
N LEU AC 116 84.55 -83.12 33.63
CA LEU AC 116 83.89 -82.12 32.82
C LEU AC 116 84.64 -80.81 32.65
N THR AC 117 85.61 -80.50 33.50
CA THR AC 117 86.07 -79.12 33.61
C THR AC 117 87.51 -78.89 33.17
N GLY AC 118 88.48 -79.57 33.78
CA GLY AC 118 89.86 -79.16 33.64
C GLY AC 118 90.48 -79.53 32.32
N ARG AC 119 91.82 -79.62 32.32
CA ARG AC 119 92.54 -79.96 31.11
C ARG AC 119 92.26 -81.38 30.65
N HIS AC 120 91.85 -82.25 31.56
CA HIS AC 120 91.35 -83.58 31.21
C HIS AC 120 89.84 -83.61 31.08
N ARG AC 121 89.23 -82.69 30.33
CA ARG AC 121 87.79 -82.65 30.25
C ARG AC 121 87.28 -83.66 29.22
N GLY AC 122 86.17 -84.31 29.55
CA GLY AC 122 85.61 -85.35 28.72
C GLY AC 122 86.21 -86.72 28.93
N LYS AC 123 87.34 -86.81 29.63
CA LYS AC 123 88.02 -88.08 29.82
C LYS AC 123 87.37 -88.88 30.93
N ARG AC 124 87.41 -90.20 30.79
CA ARG AC 124 86.74 -91.12 31.69
C ARG AC 124 87.76 -91.79 32.60
N VAL AC 125 87.47 -91.78 33.89
CA VAL AC 125 88.41 -92.12 34.96
C VAL AC 125 87.77 -93.06 35.97
N VAL AC 126 88.61 -93.75 36.74
CA VAL AC 126 88.13 -94.71 37.73
C VAL AC 126 88.17 -94.08 39.12
N PHE AC 127 87.00 -93.86 39.71
CA PHE AC 127 86.91 -93.35 41.07
C PHE AC 127 87.36 -94.42 42.05
N LEU AC 128 88.11 -94.01 43.07
CA LEU AC 128 88.60 -94.93 44.09
C LEU AC 128 88.02 -94.63 45.46
N LYS AC 129 88.24 -93.41 45.96
CA LYS AC 129 87.98 -93.10 47.35
C LYS AC 129 87.67 -91.61 47.46
N GLN AC 130 86.74 -91.26 48.34
CA GLN AC 130 86.49 -89.87 48.66
C GLN AC 130 87.50 -89.40 49.69
N LEU AC 131 88.05 -88.21 49.48
CA LEU AC 131 89.06 -87.68 50.39
C LEU AC 131 88.37 -86.97 51.56
N SER AC 132 89.20 -86.49 52.49
CA SER AC 132 88.66 -85.90 53.72
C SER AC 132 88.12 -84.50 53.52
N SER AC 133 88.41 -83.86 52.38
CA SER AC 133 87.82 -82.58 52.05
C SER AC 133 86.62 -82.73 51.11
N GLY AC 134 86.17 -83.96 50.87
CA GLY AC 134 85.08 -84.22 49.96
C GLY AC 134 85.47 -84.35 48.52
N LEU AC 135 86.71 -84.01 48.17
CA LEU AC 135 87.19 -84.17 46.80
C LEU AC 135 87.37 -85.65 46.48
N LEU AC 136 87.13 -85.99 45.22
CA LEU AC 136 87.15 -87.36 44.77
C LEU AC 136 88.55 -87.72 44.31
N LEU AC 137 89.25 -88.55 45.09
CA LEU AC 137 90.50 -89.14 44.64
C LEU AC 137 90.19 -90.06 43.48
N VAL AC 138 90.96 -89.95 42.39
CA VAL AC 138 90.61 -90.65 41.17
C VAL AC 138 91.88 -90.92 40.39
N THR AC 139 91.88 -92.02 39.65
CA THR AC 139 92.76 -92.20 38.52
C THR AC 139 92.08 -93.08 37.48
N GLY AC 140 91.87 -92.54 36.30
CA GLY AC 140 91.79 -93.37 35.13
C GLY AC 140 93.20 -93.46 34.66
N PRO AC 141 93.75 -94.69 34.58
CA PRO AC 141 95.20 -94.89 34.72
C PRO AC 141 96.05 -94.18 33.68
N LEU AC 142 97.24 -93.74 34.10
CA LEU AC 142 98.13 -92.97 33.25
C LEU AC 142 98.56 -93.74 32.02
N SER AC 143 98.54 -95.06 32.07
CA SER AC 143 98.75 -95.89 30.90
C SER AC 143 97.57 -95.87 29.95
N LEU AC 144 96.44 -95.30 30.34
CA LEU AC 144 95.28 -95.19 29.47
C LEU AC 144 94.90 -93.74 29.19
N ASN AC 145 94.72 -92.93 30.24
CA ASN AC 145 94.14 -91.61 30.10
C ASN AC 145 95.15 -90.48 29.97
N ARG AC 146 96.35 -90.64 30.54
CA ARG AC 146 97.19 -89.55 31.03
C ARG AC 146 96.46 -88.71 32.07
N VAL AC 147 95.79 -89.39 32.99
CA VAL AC 147 95.23 -88.77 34.18
C VAL AC 147 95.88 -89.44 35.38
N PRO AC 148 96.62 -88.72 36.19
CA PRO AC 148 97.36 -89.36 37.28
C PRO AC 148 96.47 -89.63 38.49
N LEU AC 149 97.08 -90.05 39.60
CA LEU AC 149 96.39 -89.94 40.87
C LEU AC 149 96.11 -88.47 41.11
N ARG AC 150 94.84 -88.11 41.22
CA ARG AC 150 94.46 -86.71 41.16
C ARG AC 150 93.14 -86.53 41.88
N ARG AC 151 92.91 -85.33 42.37
CA ARG AC 151 91.60 -84.99 42.90
C ARG AC 151 90.70 -84.49 41.78
N THR AC 152 89.41 -84.71 41.94
CA THR AC 152 88.37 -84.03 41.19
C THR AC 152 87.27 -83.62 42.14
N HIS AC 153 86.22 -83.04 41.59
CA HIS AC 153 85.08 -82.57 42.38
C HIS AC 153 83.82 -83.24 41.86
N GLN AC 154 82.99 -83.68 42.81
CA GLN AC 154 81.82 -84.49 42.47
C GLN AC 154 80.77 -83.69 41.71
N LYS AC 155 80.62 -82.39 41.97
CA LYS AC 155 79.69 -81.56 41.23
C LYS AC 155 80.21 -81.26 39.83
N PHE AC 156 81.48 -81.53 39.56
CA PHE AC 156 82.06 -81.31 38.24
C PHE AC 156 82.42 -82.62 37.55
N VAL AC 157 82.05 -83.78 38.11
CA VAL AC 157 82.17 -85.04 37.39
C VAL AC 157 80.79 -85.66 37.15
N ILE AC 158 80.68 -86.41 36.05
CA ILE AC 158 79.51 -87.21 35.70
C ILE AC 158 79.74 -88.65 36.10
N ALA AC 159 78.83 -89.21 36.88
CA ALA AC 159 78.98 -90.57 37.42
C ALA AC 159 78.18 -91.56 36.57
N THR AC 160 78.87 -92.26 35.67
CA THR AC 160 78.24 -93.28 34.84
C THR AC 160 78.06 -94.57 35.64
N SER AC 161 77.06 -95.35 35.26
CA SER AC 161 76.79 -96.60 35.99
C SER AC 161 77.50 -97.80 35.37
N THR AC 162 78.81 -97.67 35.16
CA THR AC 162 79.68 -98.79 34.86
C THR AC 162 80.76 -98.85 35.91
N LYS AC 163 81.03 -100.04 36.43
CA LYS AC 163 81.74 -100.18 37.70
C LYS AC 163 82.74 -101.31 37.63
N ILE AC 164 83.80 -101.17 38.43
CA ILE AC 164 84.81 -102.20 38.62
C ILE AC 164 84.92 -102.45 40.12
N ASP AC 165 85.00 -103.72 40.50
CA ASP AC 165 85.10 -104.07 41.92
C ASP AC 165 86.54 -103.83 42.36
N ILE AC 166 86.74 -102.86 43.24
CA ILE AC 166 88.08 -102.54 43.71
C ILE AC 166 88.17 -102.79 45.22
N SER AC 167 87.46 -103.83 45.67
CA SER AC 167 87.48 -104.21 47.08
C SER AC 167 88.87 -104.70 47.51
N GLY AC 168 89.60 -105.35 46.60
CA GLY AC 168 90.89 -105.90 46.95
C GLY AC 168 92.03 -104.93 46.67
N VAL AC 169 91.71 -103.67 46.44
CA VAL AC 169 92.70 -102.68 46.03
C VAL AC 169 93.18 -101.93 47.27
N LYS AC 170 94.48 -101.99 47.53
CA LYS AC 170 95.08 -101.29 48.66
C LYS AC 170 95.43 -99.89 48.16
N ILE AC 171 94.63 -98.90 48.58
CA ILE AC 171 95.00 -97.52 48.41
C ILE AC 171 95.99 -97.21 49.52
N PRO AC 172 97.12 -96.57 49.23
CA PRO AC 172 98.04 -96.13 50.30
C PRO AC 172 97.40 -95.14 51.26
N LYS AC 173 97.79 -95.22 52.53
CA LYS AC 173 97.16 -94.42 53.56
C LYS AC 173 97.59 -92.96 53.51
N HIS AC 174 98.70 -92.66 52.86
CA HIS AC 174 99.22 -91.30 52.86
C HIS AC 174 98.71 -90.47 51.69
N LEU AC 175 97.95 -91.07 50.77
CA LEU AC 175 97.38 -90.33 49.63
C LEU AC 175 96.20 -89.50 50.12
N THR AC 176 96.54 -88.35 50.71
CA THR AC 176 95.58 -87.49 51.37
C THR AC 176 95.52 -86.13 50.69
N ASP AC 177 94.71 -85.24 51.27
CA ASP AC 177 94.60 -83.90 50.72
C ASP AC 177 95.85 -83.07 51.00
N ALA AC 178 96.56 -83.38 52.08
CA ALA AC 178 97.86 -82.75 52.33
C ALA AC 178 98.88 -83.20 51.30
N TYR AC 179 98.81 -84.46 50.88
CA TYR AC 179 99.61 -84.96 49.77
C TYR AC 179 99.27 -84.24 48.47
N PHE AC 180 97.98 -84.06 48.18
CA PHE AC 180 97.56 -83.56 46.88
C PHE AC 180 97.51 -82.04 46.79
N LYS AC 181 97.73 -81.34 47.90
CA LYS AC 181 97.69 -79.89 47.91
C LYS AC 181 98.85 -79.33 47.07
N LYS AC 182 98.54 -78.30 46.28
CA LYS AC 182 99.53 -77.53 45.55
C LYS AC 182 100.52 -76.87 46.49
N LYS AC 183 101.78 -76.80 46.05
CA LYS AC 183 102.89 -76.44 46.93
C LYS AC 183 103.21 -74.95 46.87
N LYS AC 184 103.56 -74.43 45.70
CA LYS AC 184 103.96 -73.03 45.61
C LYS AC 184 103.65 -72.50 44.20
N LYS AC 202 107.06 -74.26 36.52
CA LYS AC 202 108.10 -74.90 37.32
C LYS AC 202 107.52 -76.00 38.19
N TYR AC 203 106.94 -77.02 37.55
CA TYR AC 203 106.39 -78.16 38.27
C TYR AC 203 106.96 -79.44 37.70
N GLU AC 204 107.44 -80.30 38.59
CA GLU AC 204 107.99 -81.59 38.23
C GLU AC 204 107.38 -82.65 39.13
N ILE AC 205 107.05 -83.80 38.54
CA ILE AC 205 106.58 -84.93 39.33
C ILE AC 205 107.73 -85.47 40.17
N THR AC 206 107.48 -85.63 41.46
CA THR AC 206 108.46 -86.19 42.36
C THR AC 206 108.56 -87.69 42.13
N GLU AC 207 109.64 -88.28 42.65
CA GLU AC 207 109.82 -89.72 42.53
C GLU AC 207 108.77 -90.48 43.32
N GLN AC 208 108.35 -89.93 44.46
CA GLN AC 208 107.27 -90.53 45.25
C GLN AC 208 105.96 -90.52 44.47
N ARG AC 209 105.64 -89.40 43.81
CA ARG AC 209 104.43 -89.34 42.99
C ARG AC 209 104.53 -90.23 41.76
N LYS AC 210 105.75 -90.44 41.25
CA LYS AC 210 105.95 -91.41 40.18
C LYS AC 210 105.66 -92.83 40.63
N VAL AC 211 106.14 -93.21 41.81
CA VAL AC 211 106.00 -94.60 42.23
C VAL AC 211 104.60 -94.89 42.82
N ASP AC 212 103.89 -93.86 43.32
CA ASP AC 212 102.54 -94.10 43.83
C ASP AC 212 101.54 -94.38 42.69
N GLN AC 213 101.71 -93.71 41.55
CA GLN AC 213 100.87 -93.97 40.40
C GLN AC 213 101.08 -95.38 39.87
N LYS AC 214 102.33 -95.86 39.89
CA LYS AC 214 102.60 -97.25 39.54
C LYS AC 214 102.01 -98.22 40.56
N ALA AC 215 102.11 -97.88 41.85
CA ALA AC 215 101.63 -98.78 42.90
C ALA AC 215 100.11 -98.90 42.90
N VAL AC 216 99.42 -97.90 42.35
CA VAL AC 216 97.96 -98.05 42.23
C VAL AC 216 97.58 -98.61 40.85
N ASP AC 217 98.39 -98.33 39.82
CA ASP AC 217 98.06 -98.77 38.48
C ASP AC 217 98.27 -100.27 38.32
N SER AC 218 99.35 -100.80 38.91
CA SER AC 218 99.66 -102.22 38.85
C SER AC 218 98.61 -103.07 39.54
N GLN AC 219 97.77 -102.48 40.38
CA GLN AC 219 96.66 -103.18 40.99
C GLN AC 219 95.34 -102.96 40.27
N ILE AC 220 95.03 -101.72 39.86
CA ILE AC 220 93.69 -101.48 39.32
C ILE AC 220 93.62 -101.87 37.84
N LEU AC 221 94.76 -101.90 37.15
CA LEU AC 221 94.76 -102.25 35.72
C LEU AC 221 94.36 -103.69 35.41
N PRO AC 222 94.79 -104.74 36.16
CA PRO AC 222 94.23 -106.08 35.88
C PRO AC 222 92.73 -106.19 36.13
N LYS AC 223 92.16 -105.34 36.98
CA LYS AC 223 90.71 -105.32 37.14
C LYS AC 223 90.02 -104.64 35.97
N ILE AC 224 90.67 -103.65 35.35
CA ILE AC 224 90.12 -103.04 34.14
C ILE AC 224 90.19 -104.01 32.96
N LYS AC 225 91.32 -104.70 32.82
CA LYS AC 225 91.49 -105.52 31.63
C LYS AC 225 90.79 -106.86 31.71
N ALA AC 226 90.20 -107.20 32.87
CA ALA AC 226 89.40 -108.41 33.02
C ALA AC 226 87.94 -108.23 32.59
N VAL AC 227 87.51 -107.00 32.34
CA VAL AC 227 86.22 -106.72 31.71
C VAL AC 227 86.49 -106.21 30.30
N PRO AC 228 85.85 -106.76 29.27
CA PRO AC 228 86.31 -106.48 27.90
C PRO AC 228 85.86 -105.11 27.43
N GLN AC 229 86.71 -104.47 26.62
CA GLN AC 229 86.56 -103.17 25.96
C GLN AC 229 86.55 -101.98 26.90
N LEU AC 230 86.73 -102.18 28.20
CA LEU AC 230 86.71 -101.05 29.10
C LEU AC 230 87.98 -100.22 29.00
N GLN AC 231 89.09 -100.86 28.66
CA GLN AC 231 90.34 -100.11 28.46
C GLN AC 231 90.22 -99.16 27.28
N GLY AC 232 89.62 -99.59 26.18
CA GLY AC 232 89.33 -98.69 25.09
C GLY AC 232 88.28 -97.66 25.42
N TYR AC 233 87.28 -98.04 26.23
CA TYR AC 233 86.26 -97.11 26.67
C TYR AC 233 86.86 -95.97 27.49
N LEU AC 234 87.77 -96.30 28.41
CA LEU AC 234 88.49 -95.28 29.14
C LEU AC 234 89.44 -94.48 28.26
N ARG AC 235 90.06 -95.12 27.26
CA ARG AC 235 90.87 -94.38 26.29
C ARG AC 235 90.06 -93.34 25.52
N SER AC 236 88.81 -93.64 25.21
CA SER AC 236 87.95 -92.67 24.54
C SER AC 236 87.57 -91.51 25.46
N VAL AC 237 87.15 -90.41 24.86
CA VAL AC 237 86.68 -89.25 25.59
C VAL AC 237 85.19 -89.08 25.34
N PHE AC 238 84.53 -88.36 26.22
CA PHE AC 238 83.11 -88.14 26.09
C PHE AC 238 82.84 -86.85 25.31
N ALA AC 239 81.95 -86.94 24.34
CA ALA AC 239 81.62 -85.79 23.50
C ALA AC 239 80.15 -85.82 23.15
N LEU AC 240 79.57 -84.63 23.00
CA LEU AC 240 78.18 -84.49 22.57
C LEU AC 240 78.13 -84.29 21.06
N THR AC 241 77.25 -85.05 20.41
CA THR AC 241 77.08 -84.95 18.96
C THR AC 241 75.63 -84.63 18.64
N ASN AC 242 75.29 -84.59 17.34
CA ASN AC 242 73.96 -84.16 16.91
C ASN AC 242 72.89 -85.14 17.35
N GLY AC 243 71.79 -84.61 17.90
CA GLY AC 243 70.67 -85.39 18.36
C GLY AC 243 70.86 -86.06 19.70
N VAL AC 244 72.06 -86.02 20.25
CA VAL AC 244 72.38 -86.72 21.50
C VAL AC 244 72.24 -85.73 22.63
N TYR AC 245 71.19 -85.86 23.40
CA TYR AC 245 70.88 -84.88 24.42
C TYR AC 245 71.10 -85.46 25.81
N PRO AC 246 71.65 -84.68 26.73
CA PRO AC 246 71.99 -85.23 28.05
C PRO AC 246 70.81 -85.58 28.92
N HIS AC 247 69.66 -84.94 28.73
CA HIS AC 247 68.49 -85.34 29.49
C HIS AC 247 67.88 -86.63 28.98
N LYS AC 248 68.25 -87.08 27.78
CA LYS AC 248 67.77 -88.34 27.23
C LYS AC 248 68.76 -89.47 27.40
N LEU AC 249 70.06 -89.20 27.36
CA LEU AC 249 71.05 -90.25 27.49
C LEU AC 249 71.15 -90.65 28.95
N VAL AC 250 71.05 -91.96 29.21
CA VAL AC 250 71.23 -92.48 30.55
C VAL AC 250 72.64 -93.04 30.68
N PHE AC 251 73.35 -92.56 31.69
CA PHE AC 251 74.65 -93.06 32.09
C PHE AC 251 74.55 -93.63 33.49
N ASN BC 1 83.25 -58.97 102.68
CA ASN BC 1 82.36 -60.12 102.86
C ASN BC 1 82.02 -60.76 101.51
N PHE BC 2 80.80 -60.52 101.02
CA PHE BC 2 80.33 -60.81 99.66
C PHE BC 2 80.14 -62.30 99.37
N ALA BC 3 80.60 -63.17 100.26
CA ALA BC 3 80.46 -64.60 100.10
C ALA BC 3 79.04 -65.08 100.35
N GLU BC 4 78.28 -64.37 101.19
CA GLU BC 4 76.86 -64.66 101.35
C GLU BC 4 75.99 -63.91 100.36
N LEU BC 5 76.39 -62.72 99.92
CA LEU BC 5 75.69 -62.04 98.84
C LEU BC 5 75.76 -62.81 97.53
N LYS BC 6 76.91 -63.41 97.23
CA LYS BC 6 77.05 -64.22 96.01
C LYS BC 6 76.10 -65.42 96.03
N ILE BC 7 76.02 -66.13 97.16
CA ILE BC 7 75.12 -67.27 97.21
C ILE BC 7 73.67 -66.80 97.31
N LYS BC 8 73.42 -65.59 97.81
CA LYS BC 8 72.08 -65.04 97.80
C LYS BC 8 71.58 -64.76 96.39
N ARG BC 9 72.45 -64.25 95.52
CA ARG BC 9 72.05 -64.02 94.13
C ARG BC 9 72.01 -65.33 93.32
N LEU BC 10 72.90 -66.28 93.61
CA LEU BC 10 72.80 -67.59 92.98
C LEU BC 10 71.57 -68.36 93.40
N ARG BC 11 71.08 -68.17 94.63
CA ARG BC 11 69.80 -68.75 95.02
C ARG BC 11 68.65 -68.17 94.23
N LYS BC 12 68.67 -66.87 93.93
CA LYS BC 12 67.66 -66.25 93.08
C LYS BC 12 67.70 -66.81 91.66
N LYS BC 13 68.91 -66.99 91.12
CA LYS BC 13 69.04 -67.59 89.80
C LYS BC 13 68.57 -69.04 89.77
N PHE BC 14 68.89 -69.82 90.81
CA PHE BC 14 68.45 -71.21 90.90
C PHE BC 14 66.94 -71.32 91.06
N ALA BC 15 66.34 -70.41 91.85
CA ALA BC 15 64.90 -70.38 92.03
C ALA BC 15 64.20 -70.03 90.72
N GLN BC 16 64.75 -69.09 89.95
CA GLN BC 16 64.16 -68.77 88.67
C GLN BC 16 64.35 -69.88 87.65
N LYS BC 17 65.46 -70.62 87.69
CA LYS BC 17 65.63 -71.80 86.83
C LYS BC 17 64.62 -72.89 87.16
N MET BC 18 64.37 -73.12 88.46
CA MET BC 18 63.37 -74.12 88.85
C MET BC 18 61.96 -73.66 88.48
N LEU BC 19 61.69 -72.35 88.55
CA LEU BC 19 60.41 -71.82 88.09
C LEU BC 19 60.24 -72.00 86.59
N ARG BC 20 61.31 -71.79 85.81
CA ARG BC 20 61.23 -72.00 84.37
C ARG BC 20 61.02 -73.47 84.01
N LYS BC 21 61.66 -74.39 84.73
CA LYS BC 21 61.42 -75.80 84.41
C LYS BC 21 60.04 -76.25 84.86
N ALA BC 22 59.50 -75.65 85.94
CA ALA BC 22 58.14 -75.95 86.35
C ALA BC 22 57.13 -75.46 85.31
N ARG BC 23 57.31 -74.25 84.80
CA ARG BC 23 56.46 -73.76 83.73
C ARG BC 23 56.63 -74.56 82.44
N ARG BC 24 57.84 -75.03 82.14
CA ARG BC 24 58.09 -75.88 80.98
C ARG BC 24 57.35 -77.20 81.06
N LYS BC 25 57.38 -77.86 82.22
CA LYS BC 25 56.62 -79.09 82.45
C LYS BC 25 55.12 -78.84 82.40
N LEU BC 26 54.67 -77.67 82.88
CA LEU BC 26 53.25 -77.32 82.78
C LEU BC 26 52.81 -77.17 81.32
N ILE BC 27 53.63 -76.51 80.50
CA ILE BC 27 53.29 -76.33 79.08
C ILE BC 27 53.28 -77.68 78.37
N TYR BC 28 54.23 -78.56 78.72
CA TYR BC 28 54.29 -79.90 78.16
C TYR BC 28 53.04 -80.71 78.48
N GLU BC 29 52.66 -80.77 79.76
CA GLU BC 29 51.53 -81.60 80.14
C GLU BC 29 50.19 -81.02 79.70
N LYS BC 30 50.12 -79.70 79.54
CA LYS BC 30 48.89 -79.10 79.06
C LYS BC 30 48.72 -79.29 77.56
N ALA BC 31 49.81 -79.24 76.78
CA ALA BC 31 49.71 -79.61 75.38
C ALA BC 31 49.41 -81.08 75.20
N LYS BC 32 49.95 -81.93 76.08
CA LYS BC 32 49.57 -83.34 76.15
C LYS BC 32 48.08 -83.51 76.36
N HIS BC 33 47.50 -82.68 77.21
CA HIS BC 33 46.10 -82.76 77.52
C HIS BC 33 45.25 -82.29 76.34
N TYR BC 34 45.70 -81.22 75.65
CA TYR BC 34 44.97 -80.70 74.50
C TYR BC 34 44.95 -81.69 73.34
N HIS BC 35 46.03 -82.44 73.15
CA HIS BC 35 46.06 -83.54 72.18
C HIS BC 35 44.94 -84.53 72.45
N LYS BC 36 44.77 -84.93 73.71
CA LYS BC 36 43.68 -85.84 74.06
C LYS BC 36 42.32 -85.17 73.87
N GLU BC 37 42.18 -83.89 74.20
CA GLU BC 37 40.91 -83.19 73.94
C GLU BC 37 40.50 -83.19 72.47
N TYR BC 38 41.45 -82.93 71.57
CA TYR BC 38 41.15 -82.95 70.15
C TYR BC 38 40.77 -84.36 69.69
N ARG BC 39 41.47 -85.39 70.21
CA ARG BC 39 41.12 -86.73 69.75
C ARG BC 39 39.78 -87.18 70.32
N GLN BC 40 39.41 -86.75 71.53
CA GLN BC 40 38.10 -87.09 72.05
C GLN BC 40 36.99 -86.40 71.30
N MET BC 41 37.18 -85.13 70.89
CA MET BC 41 36.17 -84.48 70.06
C MET BC 41 36.02 -85.14 68.69
N TYR BC 42 37.15 -85.50 68.06
CA TYR BC 42 37.11 -86.11 66.73
C TYR BC 42 36.45 -87.49 66.76
N ARG BC 43 36.88 -88.35 67.69
CA ARG BC 43 36.28 -89.67 67.78
C ARG BC 43 34.86 -89.63 68.31
N THR BC 44 34.51 -88.63 69.15
CA THR BC 44 33.14 -88.50 69.61
C THR BC 44 32.21 -88.07 68.48
N GLU BC 45 32.68 -87.19 67.58
CA GLU BC 45 31.86 -86.83 66.43
C GLU BC 45 31.65 -88.00 65.49
N ILE BC 46 32.70 -88.79 65.24
CA ILE BC 46 32.55 -89.99 64.40
C ILE BC 46 31.62 -91.01 65.05
N ARG BC 47 31.79 -91.24 66.35
CA ARG BC 47 30.97 -92.21 67.06
C ARG BC 47 29.52 -91.76 67.13
N MET BC 48 29.29 -90.44 67.22
CA MET BC 48 27.95 -89.86 67.26
C MET BC 48 27.25 -90.00 65.90
N ALA BC 49 27.99 -89.91 64.80
CA ALA BC 49 27.41 -90.26 63.52
C ALA BC 49 27.10 -91.76 63.43
N ARG BC 50 27.97 -92.60 63.96
CA ARG BC 50 27.82 -94.05 63.83
C ARG BC 50 26.62 -94.58 64.61
N MET BC 51 26.38 -94.06 65.81
CA MET BC 51 25.25 -94.59 66.57
C MET BC 51 23.91 -94.19 66.00
N ALA BC 52 23.83 -93.04 65.32
CA ALA BC 52 22.63 -92.68 64.56
C ALA BC 52 22.48 -93.50 63.29
N ARG BC 53 23.58 -93.82 62.62
CA ARG BC 53 23.48 -94.65 61.43
C ARG BC 53 23.09 -96.09 61.75
N LYS BC 54 23.46 -96.59 62.93
CA LYS BC 54 22.95 -97.90 63.35
C LYS BC 54 21.45 -97.87 63.57
N ALA BC 55 20.96 -96.83 64.23
CA ALA BC 55 19.53 -96.71 64.51
C ALA BC 55 18.71 -96.27 63.31
N GLY BC 56 19.34 -95.84 62.22
CA GLY BC 56 18.63 -95.41 61.05
C GLY BC 56 18.28 -93.95 61.05
N ASN BC 57 18.66 -93.22 62.09
CA ASN BC 57 18.38 -91.81 62.20
C ASN BC 57 19.52 -91.00 61.59
N PHE BC 58 19.40 -89.68 61.67
CA PHE BC 58 20.44 -88.76 61.22
C PHE BC 58 21.03 -88.05 62.43
N TYR BC 59 22.35 -87.98 62.48
CA TYR BC 59 23.02 -87.13 63.45
C TYR BC 59 23.47 -85.87 62.75
N VAL BC 60 22.84 -84.75 63.10
CA VAL BC 60 23.23 -83.44 62.58
C VAL BC 60 24.40 -82.96 63.42
N PRO BC 61 25.54 -82.62 62.83
CA PRO BC 61 26.63 -82.04 63.61
C PRO BC 61 26.26 -80.64 64.09
N ALA BC 62 26.97 -80.20 65.11
CA ALA BC 62 26.80 -78.85 65.61
C ALA BC 62 27.22 -77.85 64.54
N GLU BC 63 26.45 -76.77 64.42
CA GLU BC 63 26.80 -75.71 63.50
C GLU BC 63 28.13 -75.10 63.94
N PRO BC 64 29.05 -74.85 63.01
CA PRO BC 64 30.42 -74.48 63.38
C PRO BC 64 30.47 -73.09 64.02
N LYS BC 65 31.37 -72.98 64.99
CA LYS BC 65 31.51 -71.81 65.84
C LYS BC 65 32.74 -70.99 65.53
N LEU BC 66 33.62 -71.48 64.65
CA LEU BC 66 34.81 -70.78 64.24
C LEU BC 66 34.86 -70.71 62.73
N ALA BC 67 35.11 -69.51 62.21
CA ALA BC 67 35.27 -69.27 60.79
C ALA BC 67 36.58 -68.55 60.55
N PHE BC 68 37.26 -68.91 59.47
CA PHE BC 68 38.43 -68.15 59.04
C PHE BC 68 38.06 -67.38 57.79
N VAL BC 69 38.21 -66.08 57.86
CA VAL BC 69 37.75 -65.16 56.82
C VAL BC 69 38.96 -64.56 56.12
N ILE BC 70 38.99 -64.63 54.80
CA ILE BC 70 40.07 -64.08 53.99
C ILE BC 70 39.51 -63.00 53.09
N ARG BC 71 40.05 -61.80 53.18
CA ARG BC 71 39.62 -60.74 52.28
C ARG BC 71 40.24 -60.99 50.90
N ILE BC 72 39.40 -61.10 49.88
CA ILE BC 72 39.89 -61.48 48.56
C ILE BC 72 39.78 -60.37 47.53
N ARG BC 73 39.10 -59.27 47.83
CA ARG BC 73 39.12 -58.16 46.91
C ARG BC 73 40.04 -57.06 47.42
N GLY BC 74 40.23 -56.06 46.56
CA GLY BC 74 41.10 -54.94 46.88
C GLY BC 74 40.40 -53.83 47.61
N ILE BC 75 41.14 -52.75 47.85
CA ILE BC 75 40.65 -51.61 48.60
C ILE BC 75 40.08 -50.55 47.68
N ASN BC 76 39.90 -50.88 46.40
CA ASN BC 76 39.38 -49.94 45.41
C ASN BC 76 37.90 -50.19 45.22
N GLY BC 77 37.12 -49.12 45.20
CA GLY BC 77 35.72 -49.19 44.86
C GLY BC 77 34.83 -49.93 45.83
N VAL BC 78 35.11 -49.83 47.10
CA VAL BC 78 34.33 -50.54 48.11
C VAL BC 78 33.23 -49.60 48.62
N SER BC 79 32.00 -50.11 48.60
CA SER BC 79 30.87 -49.39 49.18
C SER BC 79 31.07 -49.27 50.70
N PRO BC 80 30.60 -48.18 51.32
CA PRO BC 80 31.09 -47.84 52.66
C PRO BC 80 30.59 -48.75 53.75
N LYS BC 81 29.45 -49.40 53.56
CA LYS BC 81 28.99 -50.40 54.51
C LYS BC 81 29.89 -51.62 54.51
N VAL BC 82 30.25 -52.08 53.31
CA VAL BC 82 31.15 -53.22 53.15
C VAL BC 82 32.54 -52.89 53.68
N ARG BC 83 33.03 -51.68 53.38
CA ARG BC 83 34.33 -51.22 53.87
C ARG BC 83 34.34 -51.11 55.39
N LYS BC 84 33.26 -50.61 55.99
CA LYS BC 84 33.16 -50.52 57.44
C LYS BC 84 33.16 -51.89 58.09
N VAL BC 85 32.40 -52.85 57.55
CA VAL BC 85 32.40 -54.19 58.12
C VAL BC 85 33.77 -54.83 57.95
N LEU BC 86 34.47 -54.54 56.86
CA LEU BC 86 35.79 -55.14 56.67
C LEU BC 86 36.82 -54.58 57.64
N GLN BC 87 36.79 -53.27 57.90
CA GLN BC 87 37.70 -52.78 58.94
C GLN BC 87 37.27 -53.17 60.34
N LEU BC 88 35.99 -53.49 60.55
CA LEU BC 88 35.60 -54.08 61.82
C LEU BC 88 36.02 -55.54 61.91
N LEU BC 89 36.26 -56.17 60.77
CA LEU BC 89 36.78 -57.52 60.72
C LEU BC 89 38.29 -57.55 60.65
N ARG BC 90 38.93 -56.38 60.64
CA ARG BC 90 40.39 -56.19 60.65
C ARG BC 90 41.02 -56.71 59.36
N LEU BC 91 40.26 -56.66 58.29
CA LEU BC 91 40.71 -57.07 56.97
C LEU BC 91 40.83 -55.81 56.13
N ARG BC 92 41.99 -55.16 56.22
CA ARG BC 92 42.20 -53.92 55.51
C ARG BC 92 43.13 -54.05 54.31
N GLN BC 93 43.62 -55.25 54.01
CA GLN BC 93 44.32 -55.55 52.77
C GLN BC 93 43.68 -56.74 52.11
N ILE BC 94 43.96 -56.87 50.81
CA ILE BC 94 43.66 -58.11 50.12
C ILE BC 94 44.54 -59.20 50.73
N PHE BC 95 43.95 -60.38 50.92
CA PHE BC 95 44.61 -61.58 51.39
C PHE BC 95 45.06 -61.46 52.84
N ASN BC 96 44.34 -60.64 53.59
CA ASN BC 96 44.42 -60.66 55.04
C ASN BC 96 43.41 -61.64 55.59
N GLY BC 97 43.80 -62.35 56.63
CA GLY BC 97 42.95 -63.38 57.22
C GLY BC 97 42.72 -63.14 58.69
N THR BC 98 41.49 -63.37 59.13
CA THR BC 98 41.15 -63.32 60.55
C THR BC 98 40.25 -64.49 60.92
N PHE BC 99 40.36 -64.91 62.18
CA PHE BC 99 39.43 -65.86 62.76
C PHE BC 99 38.24 -65.10 63.33
N VAL BC 100 37.04 -65.57 63.04
CA VAL BC 100 35.80 -64.97 63.52
C VAL BC 100 35.00 -66.05 64.23
N LYS BC 101 34.56 -65.78 65.45
CA LYS BC 101 33.64 -66.69 66.10
C LYS BC 101 32.23 -66.44 65.55
N LEU BC 102 31.46 -67.51 65.38
CA LEU BC 102 30.24 -67.44 64.61
C LEU BC 102 29.03 -67.37 65.53
N ASN BC 103 28.21 -66.34 65.31
CA ASN BC 103 26.90 -66.22 65.89
C ASN BC 103 26.04 -65.49 64.86
N LYS BC 104 24.83 -65.11 65.25
CA LYS BC 104 23.93 -64.45 64.31
C LYS BC 104 24.47 -63.08 63.90
N ALA BC 105 25.04 -62.35 64.86
CA ALA BC 105 25.54 -61.00 64.59
C ALA BC 105 26.75 -61.02 63.66
N SER BC 106 27.67 -61.98 63.87
CA SER BC 106 28.81 -62.13 62.99
C SER BC 106 28.44 -62.66 61.61
N ILE BC 107 27.56 -63.67 61.52
CA ILE BC 107 27.13 -64.21 60.23
C ILE BC 107 26.40 -63.15 59.40
N ASN BC 108 25.61 -62.28 60.02
CA ASN BC 108 25.00 -61.22 59.23
C ASN BC 108 25.99 -60.19 58.73
N MET BC 109 27.14 -60.03 59.40
CA MET BC 109 28.18 -59.15 58.90
C MET BC 109 28.93 -59.78 57.72
N LEU BC 110 29.27 -61.07 57.85
CA LEU BC 110 29.83 -61.81 56.72
C LEU BC 110 28.88 -61.86 55.53
N ARG BC 111 27.57 -61.88 55.78
CA ARG BC 111 26.57 -61.78 54.72
C ARG BC 111 26.62 -60.43 54.02
N ILE BC 112 26.96 -59.36 54.73
CA ILE BC 112 27.14 -58.06 54.08
C ILE BC 112 28.36 -58.10 53.17
N VAL BC 113 29.44 -58.73 53.63
CA VAL BC 113 30.70 -58.66 52.90
C VAL BC 113 30.96 -59.92 52.06
N GLU BC 114 29.91 -60.63 51.61
CA GLU BC 114 30.09 -61.83 50.79
C GLU BC 114 30.87 -61.65 49.49
N PRO BC 115 30.65 -60.61 48.66
CA PRO BC 115 31.49 -60.49 47.45
C PRO BC 115 32.95 -60.14 47.73
N TYR BC 116 33.29 -59.74 48.95
CA TYR BC 116 34.64 -59.27 49.27
C TYR BC 116 35.43 -60.26 50.11
N ILE BC 117 34.79 -61.25 50.71
CA ILE BC 117 35.50 -62.22 51.52
C ILE BC 117 35.28 -63.61 50.93
N ALA BC 118 36.17 -64.51 51.32
CA ALA BC 118 36.00 -65.94 51.11
C ALA BC 118 36.26 -66.57 52.47
N TRP BC 119 35.36 -67.43 52.91
CA TRP BC 119 35.51 -67.94 54.26
C TRP BC 119 34.97 -69.36 54.36
N GLY BC 120 35.15 -69.92 55.54
CA GLY BC 120 34.75 -71.28 55.79
C GLY BC 120 35.20 -71.67 57.17
N TYR BC 121 35.15 -72.95 57.44
CA TYR BC 121 35.33 -73.45 58.80
C TYR BC 121 36.68 -74.13 58.92
N PRO BC 122 37.62 -73.56 59.67
CA PRO BC 122 39.00 -74.05 59.62
C PRO BC 122 39.23 -75.32 60.41
N ASN BC 123 40.13 -76.15 59.89
CA ASN BC 123 40.61 -77.36 60.53
C ASN BC 123 41.52 -77.01 61.71
N LEU BC 124 41.76 -78.02 62.55
CA LEU BC 124 42.78 -77.92 63.58
C LEU BC 124 44.16 -77.71 62.97
N LYS BC 125 44.45 -78.40 61.86
CA LYS BC 125 45.70 -78.20 61.15
C LYS BC 125 45.82 -76.80 60.57
N SER BC 126 44.73 -76.25 60.04
CA SER BC 126 44.75 -74.89 59.52
C SER BC 126 45.02 -73.87 60.63
N VAL BC 127 44.38 -74.05 61.80
CA VAL BC 127 44.65 -73.19 62.94
C VAL BC 127 46.10 -73.34 63.40
N ASN BC 128 46.61 -74.58 63.44
CA ASN BC 128 47.98 -74.86 63.88
C ASN BC 128 49.01 -74.17 63.00
N GLU BC 129 48.93 -74.39 61.70
CA GLU BC 129 49.92 -73.81 60.81
C GLU BC 129 49.71 -72.33 60.58
N LEU BC 130 48.49 -71.81 60.78
CA LEU BC 130 48.30 -70.37 60.72
C LEU BC 130 48.99 -69.68 61.90
N ILE BC 131 48.85 -70.23 63.11
CA ILE BC 131 49.51 -69.64 64.27
C ILE BC 131 51.02 -69.84 64.20
N TYR BC 132 51.48 -71.00 63.74
CA TYR BC 132 52.91 -71.27 63.69
C TYR BC 132 53.63 -70.52 62.60
N LYS BC 133 53.00 -70.29 61.44
CA LYS BC 133 53.74 -69.65 60.38
C LYS BC 133 53.45 -68.17 60.24
N ARG BC 134 52.19 -67.75 60.35
CA ARG BC 134 51.84 -66.36 60.18
C ARG BC 134 51.33 -65.72 61.46
N GLY BC 135 51.55 -66.34 62.61
CA GLY BC 135 51.06 -65.80 63.87
C GLY BC 135 51.88 -64.65 64.39
N TYR BC 136 51.26 -63.47 64.44
CA TYR BC 136 51.89 -62.28 64.97
C TYR BC 136 50.99 -61.69 66.05
N GLY BC 137 51.60 -61.27 67.14
CA GLY BC 137 50.87 -60.67 68.24
C GLY BC 137 50.63 -59.18 68.03
N LYS BC 138 49.72 -58.63 68.82
CA LYS BC 138 49.55 -57.18 68.90
C LYS BC 138 49.88 -56.79 70.33
N ILE BC 139 51.15 -56.57 70.59
CA ILE BC 139 51.64 -56.19 71.91
C ILE BC 139 52.06 -54.74 71.84
N ASN BC 140 51.45 -53.92 72.70
CA ASN BC 140 51.74 -52.49 72.82
C ASN BC 140 51.57 -51.77 71.48
N LYS BC 141 50.52 -52.17 70.75
CA LYS BC 141 50.13 -51.71 69.41
C LYS BC 141 51.19 -51.98 68.34
N LYS BC 142 52.06 -52.96 68.53
CA LYS BC 142 53.04 -53.32 67.52
C LYS BC 142 52.90 -54.80 67.14
N ARG BC 143 53.34 -55.13 65.93
CA ARG BC 143 53.17 -56.45 65.36
C ARG BC 143 54.39 -57.30 65.69
N ILE BC 144 54.37 -57.97 66.84
CA ILE BC 144 55.48 -58.79 67.30
C ILE BC 144 55.20 -60.24 66.91
N ALA BC 145 56.19 -60.87 66.28
CA ALA BC 145 56.10 -62.28 65.94
C ALA BC 145 56.10 -63.13 67.20
N LEU BC 146 55.36 -64.24 67.15
CA LEU BC 146 55.18 -65.10 68.31
C LEU BC 146 56.34 -66.09 68.38
N THR BC 147 57.48 -65.59 68.85
CA THR BC 147 58.70 -66.36 68.91
C THR BC 147 58.91 -67.01 70.29
N ASP BC 148 58.36 -66.43 71.35
CA ASP BC 148 58.47 -66.99 72.68
C ASP BC 148 57.09 -67.27 73.23
N ASN BC 149 57.03 -68.15 74.22
CA ASN BC 149 55.79 -68.36 74.96
C ASN BC 149 55.51 -67.23 75.93
N THR BC 150 56.55 -66.60 76.49
CA THR BC 150 56.35 -65.43 77.31
C THR BC 150 55.81 -64.25 76.52
N LEU BC 151 56.04 -64.20 75.19
CA LEU BC 151 55.51 -63.13 74.37
C LEU BC 151 53.99 -63.21 74.27
N ILE BC 152 53.42 -64.40 74.38
CA ILE BC 152 51.97 -64.49 74.51
C ILE BC 152 51.54 -64.36 75.96
N ALA BC 153 52.30 -64.95 76.89
CA ALA BC 153 51.86 -65.08 78.27
C ALA BC 153 51.89 -63.75 79.02
N ARG BC 154 52.61 -62.75 78.51
CA ARG BC 154 52.55 -61.45 79.15
C ARG BC 154 51.25 -60.73 78.84
N SER BC 155 50.58 -61.08 77.76
CA SER BC 155 49.34 -60.41 77.35
C SER BC 155 48.10 -61.23 77.64
N LEU BC 156 48.12 -62.52 77.32
CA LEU BC 156 46.95 -63.37 77.49
C LEU BC 156 47.10 -64.35 78.65
N GLY BC 157 48.16 -64.21 79.46
CA GLY BC 157 48.37 -65.15 80.55
C GLY BC 157 47.40 -64.99 81.69
N LYS BC 158 46.77 -63.81 81.80
CA LYS BC 158 45.75 -63.58 82.81
C LYS BC 158 44.43 -64.23 82.45
N TYR BC 159 44.26 -64.65 81.21
CA TYR BC 159 43.14 -65.50 80.80
C TYR BC 159 43.55 -66.97 80.75
N ASN BC 160 44.65 -67.32 81.42
CA ASN BC 160 45.25 -68.67 81.43
C ASN BC 160 45.66 -69.15 80.04
N ILE BC 161 46.04 -68.23 79.17
CA ILE BC 161 46.58 -68.54 77.85
C ILE BC 161 48.05 -68.19 77.90
N ILE BC 162 48.91 -69.19 78.10
CA ILE BC 162 50.30 -68.93 78.42
C ILE BC 162 51.27 -69.46 77.39
N CYS BC 163 50.81 -70.26 76.42
CA CYS BC 163 51.70 -70.64 75.33
C CYS BC 163 50.93 -70.68 74.02
N MET BC 164 51.65 -71.08 72.97
CA MET BC 164 51.10 -71.17 71.63
C MET BC 164 49.99 -72.20 71.55
N GLU BC 165 50.05 -73.22 72.40
CA GLU BC 165 49.04 -74.28 72.37
C GLU BC 165 47.78 -73.89 73.12
N ASP BC 166 47.86 -73.09 74.21
CA ASP BC 166 46.63 -72.47 74.68
C ASP BC 166 46.07 -71.52 73.66
N LEU BC 167 46.92 -70.78 72.97
CA LEU BC 167 46.42 -69.84 71.96
C LEU BC 167 45.66 -70.57 70.86
N ILE BC 168 46.24 -71.66 70.35
CA ILE BC 168 45.60 -72.48 69.32
C ILE BC 168 44.34 -73.14 69.85
N HIS BC 169 44.39 -73.66 71.09
CA HIS BC 169 43.21 -74.29 71.69
C HIS BC 169 42.08 -73.31 71.92
N GLU BC 170 42.41 -72.11 72.39
CA GLU BC 170 41.41 -71.08 72.64
C GLU BC 170 40.78 -70.60 71.34
N ILE BC 171 41.55 -70.50 70.26
CA ILE BC 171 40.97 -70.14 68.98
C ILE BC 171 40.13 -71.28 68.43
N TYR BC 172 40.63 -72.52 68.49
CA TYR BC 172 39.98 -73.65 67.85
C TYR BC 172 38.70 -74.04 68.57
N THR BC 173 38.83 -74.50 69.82
CA THR BC 173 37.64 -74.67 70.64
C THR BC 173 37.33 -73.28 71.16
N VAL BC 174 36.29 -72.65 70.61
CA VAL BC 174 36.06 -71.22 70.77
C VAL BC 174 35.69 -70.95 72.22
N GLY BC 175 36.67 -70.43 72.96
CA GLY BC 175 36.63 -70.46 74.40
C GLY BC 175 36.05 -69.22 75.01
N LYS BC 176 36.21 -69.14 76.34
CA LYS BC 176 35.69 -68.04 77.13
C LYS BC 176 36.38 -66.72 76.80
N HIS BC 177 37.64 -66.75 76.39
CA HIS BC 177 38.42 -65.55 76.11
C HIS BC 177 38.84 -65.53 74.64
N PHE BC 178 37.92 -65.89 73.76
CA PHE BC 178 38.22 -65.90 72.33
C PHE BC 178 38.46 -64.49 71.80
N LYS BC 179 37.73 -63.50 72.31
CA LYS BC 179 37.86 -62.14 71.81
C LYS BC 179 39.25 -61.59 72.09
N GLU BC 180 39.76 -61.84 73.29
CA GLU BC 180 41.09 -61.39 73.63
C GLU BC 180 42.17 -62.19 72.91
N ALA BC 181 41.99 -63.52 72.82
CA ALA BC 181 42.99 -64.33 72.13
C ALA BC 181 42.98 -64.12 70.62
N ASN BC 182 41.92 -63.56 70.05
CA ASN BC 182 41.88 -63.31 68.62
C ASN BC 182 42.20 -61.86 68.29
N ASN BC 183 41.96 -60.95 69.23
CA ASN BC 183 42.35 -59.57 69.04
C ASN BC 183 43.82 -59.36 69.38
N PHE BC 184 44.40 -60.26 70.19
CA PHE BC 184 45.85 -60.28 70.38
C PHE BC 184 46.57 -60.59 69.10
N LEU BC 185 46.03 -61.52 68.32
CA LEU BC 185 46.61 -61.88 67.04
C LEU BC 185 46.50 -60.71 66.08
N TRP BC 186 47.60 -60.40 65.42
CA TRP BC 186 47.52 -59.56 64.24
C TRP BC 186 46.73 -60.31 63.18
N PRO BC 187 45.95 -59.61 62.37
CA PRO BC 187 45.38 -60.23 61.17
C PRO BC 187 46.46 -60.77 60.26
N PHE BC 188 46.31 -62.04 59.92
CA PHE BC 188 47.32 -62.80 59.20
C PHE BC 188 47.51 -62.22 57.81
N LYS BC 189 48.75 -61.99 57.45
CA LYS BC 189 49.06 -61.42 56.15
C LYS BC 189 49.51 -62.59 55.29
N LEU BC 190 48.59 -63.12 54.49
CA LEU BC 190 48.84 -64.33 53.73
C LEU BC 190 49.35 -63.97 52.33
N SER BC 191 50.05 -64.91 51.71
CA SER BC 191 50.60 -64.73 50.37
C SER BC 191 49.51 -64.75 49.33
N SER BC 192 49.90 -64.56 48.08
CA SER BC 192 48.96 -64.89 47.03
C SER BC 192 48.78 -66.39 47.00
N PRO BC 193 47.59 -66.84 46.68
CA PRO BC 193 47.33 -68.27 46.73
C PRO BC 193 47.95 -69.06 45.59
N ARG BC 194 48.68 -70.13 45.92
CA ARG BC 194 49.52 -70.80 44.95
C ARG BC 194 48.79 -71.91 44.20
N GLY BC 195 48.78 -71.79 42.87
CA GLY BC 195 47.98 -72.61 41.98
C GLY BC 195 46.88 -71.86 41.25
N GLY BC 196 46.81 -70.53 41.38
CA GLY BC 196 45.69 -69.72 40.91
C GLY BC 196 44.34 -69.92 41.61
N MET BC 197 43.41 -69.09 41.17
CA MET BC 197 42.00 -68.94 41.55
C MET BC 197 41.01 -69.45 40.49
N LYS BC 198 39.79 -69.78 40.94
CA LYS BC 198 38.75 -70.24 40.02
C LYS BC 198 38.04 -69.04 39.40
N LYS BC 199 37.40 -68.20 40.20
CA LYS BC 199 36.84 -66.94 39.74
C LYS BC 199 36.62 -66.05 40.95
N LYS BC 200 37.36 -64.95 41.03
CA LYS BC 200 37.32 -64.13 42.24
C LYS BC 200 36.05 -63.34 42.37
N THR BC 201 35.42 -62.98 41.26
CA THR BC 201 34.31 -62.04 41.28
C THR BC 201 32.95 -62.69 41.45
N THR BC 202 32.87 -64.02 41.49
CA THR BC 202 31.59 -64.68 41.71
C THR BC 202 31.67 -65.55 42.96
N HIS BC 203 30.49 -65.96 43.43
CA HIS BC 203 30.34 -66.78 44.61
C HIS BC 203 30.88 -68.18 44.39
N PHE BC 204 31.20 -68.85 45.49
CA PHE BC 204 31.81 -70.18 45.45
C PHE BC 204 30.85 -71.22 44.88
N VAL BC 205 29.56 -71.14 45.18
CA VAL BC 205 28.65 -72.18 44.71
C VAL BC 205 28.32 -72.00 43.23
N GLU BC 206 28.47 -70.79 42.71
CA GLU BC 206 28.42 -70.59 41.26
C GLU BC 206 29.82 -70.62 40.63
N GLY BC 207 30.60 -71.62 41.05
CA GLY BC 207 31.92 -71.89 40.51
C GLY BC 207 32.98 -70.82 40.65
N GLY BC 208 32.93 -70.04 41.73
CA GLY BC 208 33.90 -68.98 41.91
C GLY BC 208 34.61 -69.03 43.25
N ASP BC 209 35.01 -67.86 43.77
CA ASP BC 209 35.85 -67.84 44.96
C ASP BC 209 35.17 -67.30 46.20
N ALA BC 210 34.38 -66.24 46.04
CA ALA BC 210 33.79 -65.54 47.17
C ALA BC 210 32.76 -66.41 47.89
N GLY BC 211 32.57 -66.11 49.16
CA GLY BC 211 31.51 -66.74 49.89
C GLY BC 211 31.97 -67.80 50.86
N ASN BC 212 31.00 -68.57 51.32
CA ASN BC 212 31.19 -69.62 52.32
C ASN BC 212 31.54 -70.91 51.60
N ARG BC 213 32.83 -71.19 51.47
CA ARG BC 213 33.32 -72.51 51.08
C ARG BC 213 33.54 -73.27 52.39
N GLU BC 214 32.58 -74.13 52.73
CA GLU BC 214 32.30 -74.48 54.11
C GLU BC 214 33.45 -75.15 54.85
N ASP BC 215 33.82 -76.37 54.49
CA ASP BC 215 35.06 -76.95 54.97
C ASP BC 215 36.18 -76.83 53.95
N GLN BC 216 35.89 -76.20 52.81
CA GLN BC 216 36.84 -76.07 51.71
C GLN BC 216 37.74 -74.85 51.87
N ILE BC 217 37.69 -74.19 53.03
CA ILE BC 217 38.62 -73.12 53.29
C ILE BC 217 40.00 -73.65 53.63
N ASN BC 218 40.11 -74.93 54.04
CA ASN BC 218 41.39 -75.50 54.43
C ASN BC 218 42.29 -75.74 53.24
N ARG BC 219 41.70 -76.18 52.12
CA ARG BC 219 42.42 -76.27 50.86
C ARG BC 219 42.96 -74.92 50.43
N LEU BC 220 42.17 -73.86 50.61
CA LEU BC 220 42.63 -72.51 50.33
C LEU BC 220 43.72 -72.06 51.28
N ILE BC 221 43.64 -72.48 52.55
CA ILE BC 221 44.63 -72.08 53.55
C ILE BC 221 45.99 -72.72 53.25
N ARG BC 222 46.02 -73.96 52.75
CA ARG BC 222 47.29 -74.54 52.32
C ARG BC 222 47.97 -73.79 51.19
N ARG BC 223 47.19 -73.21 50.28
CA ARG BC 223 47.70 -72.48 49.13
C ARG BC 223 48.00 -71.00 49.38
N MET BC 224 47.36 -70.41 50.38
CA MET BC 224 47.59 -69.03 50.77
C MET BC 224 48.70 -68.90 51.79
N ASN BC 225 48.67 -69.78 52.79
CA ASN BC 225 49.67 -69.84 53.83
C ASN BC 225 50.96 -70.38 53.24
N VAL CC 1 38.67 113.18 -5.49
CA VAL CC 1 39.65 113.16 -4.43
C VAL CC 1 39.87 111.73 -3.93
N VAL CC 2 38.80 110.94 -3.91
CA VAL CC 2 38.84 109.56 -3.43
C VAL CC 2 39.17 108.68 -4.62
N ASN CC 3 39.84 107.56 -4.36
CA ASN CC 3 40.04 106.56 -5.39
C ASN CC 3 38.69 105.92 -5.70
N PRO CC 4 38.25 105.91 -6.96
CA PRO CC 4 37.02 105.19 -7.30
C PRO CC 4 37.22 103.70 -7.52
N LEU CC 5 38.44 103.18 -7.39
CA LEU CC 5 38.70 101.76 -7.49
C LEU CC 5 38.41 101.01 -6.20
N PHE CC 6 38.20 101.71 -5.09
CA PHE CC 6 37.93 101.08 -3.80
C PHE CC 6 36.44 100.82 -3.75
N GLU CC 7 36.04 99.57 -3.91
CA GLU CC 7 34.63 99.22 -3.93
C GLU CC 7 34.23 98.50 -2.65
N LYS CC 8 32.94 98.61 -2.33
CA LYS CC 8 32.35 97.89 -1.22
C LYS CC 8 31.94 96.52 -1.74
N ARG CC 9 32.61 95.47 -1.25
CA ARG CC 9 32.33 94.11 -1.69
C ARG CC 9 31.72 93.32 -0.54
N PRO CC 10 30.41 93.29 -0.39
CA PRO CC 10 29.81 92.55 0.72
C PRO CC 10 29.63 91.09 0.40
N LYS CC 11 29.59 90.29 1.46
CA LYS CC 11 29.36 88.85 1.35
C LYS CC 11 27.92 88.54 1.70
N ASN CC 12 27.39 87.48 1.12
CA ASN CC 12 26.06 86.99 1.44
C ASN CC 12 26.24 85.74 2.30
N PHE CC 13 25.94 85.87 3.60
CA PHE CC 13 26.01 84.73 4.49
C PHE CC 13 24.66 84.04 4.65
N GLY CC 14 23.84 84.05 3.60
CA GLY CC 14 22.67 83.20 3.55
C GLY CC 14 23.05 81.75 3.35
N ILE CC 15 22.04 80.88 3.42
CA ILE CC 15 22.26 79.44 3.32
C ILE CC 15 22.66 79.10 1.90
N GLY CC 16 23.79 78.42 1.74
CA GLY CC 16 24.26 78.04 0.44
C GLY CC 16 24.81 79.17 -0.41
N GLN CC 17 25.00 80.36 0.16
CA GLN CC 17 25.42 81.52 -0.61
C GLN CC 17 26.92 81.72 -0.60
N ASP CC 18 27.51 81.96 0.57
CA ASP CC 18 28.95 82.04 0.69
C ASP CC 18 29.39 81.22 1.88
N ILE CC 19 30.69 80.95 1.93
CA ILE CC 19 31.25 80.16 3.02
C ILE CC 19 31.13 80.96 4.31
N GLN CC 20 30.62 80.29 5.34
CA GLN CC 20 30.29 80.94 6.61
C GLN CC 20 31.54 81.48 7.29
N PRO CC 21 31.44 82.63 7.95
CA PRO CC 21 32.62 83.18 8.63
C PRO CC 21 32.95 82.39 9.88
N LYS CC 22 34.23 82.45 10.26
CA LYS CC 22 34.71 81.75 11.44
C LYS CC 22 34.19 82.48 12.66
N ARG CC 23 32.99 82.11 13.09
CA ARG CC 23 32.32 82.78 14.19
C ARG CC 23 32.61 82.06 15.49
N ASP CC 24 32.00 82.53 16.57
CA ASP CC 24 32.22 81.98 17.90
C ASP CC 24 31.57 80.62 18.00
N LEU CC 25 32.36 79.61 18.35
CA LEU CC 25 31.87 78.25 18.52
C LEU CC 25 32.15 77.71 19.92
N THR CC 26 32.33 78.61 20.90
CA THR CC 26 32.54 78.20 22.29
C THR CC 26 31.34 77.44 22.83
N ARG CC 27 30.15 77.76 22.35
CA ARG CC 27 28.94 77.05 22.71
C ARG CC 27 28.96 75.61 22.22
N PHE CC 28 29.66 75.33 21.11
CA PHE CC 28 29.58 74.05 20.43
C PHE CC 28 30.89 73.28 20.41
N VAL CC 29 31.87 73.62 21.25
CA VAL CC 29 33.12 72.87 21.28
C VAL CC 29 32.87 71.50 21.90
N LYS CC 30 33.43 70.45 21.30
CA LYS CC 30 33.52 69.16 21.96
C LYS CC 30 34.65 69.26 22.98
N TRP CC 31 34.30 69.60 24.20
CA TRP CC 31 35.25 69.78 25.29
C TRP CC 31 35.79 68.43 25.74
N PRO CC 32 36.98 68.43 26.38
CA PRO CC 32 37.46 67.20 27.01
C PRO CC 32 36.56 66.73 28.14
N ARG CC 33 36.74 65.46 28.50
CA ARG CC 33 35.85 64.79 29.44
C ARG CC 33 35.93 65.39 30.82
N TYR CC 34 37.09 65.94 31.21
CA TYR CC 34 37.16 66.57 32.52
C TYR CC 34 36.41 67.89 32.55
N ILE CC 35 36.40 68.62 31.43
CA ILE CC 35 35.64 69.86 31.36
C ILE CC 35 34.15 69.56 31.35
N ARG CC 36 33.74 68.56 30.57
CA ARG CC 36 32.35 68.13 30.56
C ARG CC 36 31.91 67.61 31.93
N LEU CC 37 32.79 66.91 32.64
CA LEU CC 37 32.49 66.40 33.96
C LEU CC 37 32.32 67.52 34.97
N GLN CC 38 33.24 68.51 34.99
CA GLN CC 38 33.14 69.57 35.97
C GLN CC 38 32.03 70.55 35.65
N ARG CC 39 31.55 70.57 34.40
CA ARG CC 39 30.39 71.39 34.09
C ARG CC 39 29.06 70.69 34.36
N GLN CC 40 28.95 69.41 34.00
CA GLN CC 40 27.75 68.65 34.35
C GLN CC 40 27.61 68.39 35.83
N ARG CC 41 28.70 68.39 36.61
CA ARG CC 41 28.54 68.35 38.07
C ARG CC 41 27.87 69.61 38.61
N ALA CC 42 28.25 70.78 38.10
CA ALA CC 42 27.59 72.02 38.48
C ALA CC 42 26.16 72.07 37.99
N ILE CC 43 25.88 71.44 36.86
CA ILE CC 43 24.50 71.35 36.38
C ILE CC 43 23.67 70.42 37.27
N LEU CC 44 24.23 69.31 37.73
CA LEU CC 44 23.49 68.44 38.65
C LEU CC 44 23.31 69.08 40.02
N TYR CC 45 24.22 69.96 40.42
CA TYR CC 45 24.00 70.69 41.66
C TYR CC 45 22.89 71.73 41.56
N LYS CC 46 22.39 72.01 40.37
CA LYS CC 46 21.20 72.81 40.17
C LYS CC 46 19.97 71.99 39.80
N ARG CC 47 20.17 70.77 39.29
CA ARG CC 47 19.05 69.88 38.97
C ARG CC 47 18.52 69.15 40.19
N LEU CC 48 19.40 68.49 40.92
CA LEU CC 48 18.98 67.63 42.00
C LEU CC 48 18.57 68.44 43.22
N LYS CC 49 17.67 67.87 44.01
CA LYS CC 49 17.25 68.47 45.28
C LYS CC 49 18.40 68.35 46.26
N VAL CC 50 19.16 69.42 46.42
CA VAL CC 50 20.25 69.45 47.39
C VAL CC 50 19.65 69.53 48.80
N PRO CC 51 20.15 68.76 49.76
CA PRO CC 51 19.66 68.88 51.12
C PRO CC 51 20.07 70.21 51.72
N PRO CC 52 19.33 70.71 52.72
CA PRO CC 52 19.63 72.05 53.27
C PRO CC 52 20.96 72.15 53.99
N ALA CC 53 21.48 71.03 54.51
CA ALA CC 53 22.78 71.05 55.19
C ALA CC 53 23.93 71.31 54.22
N ILE CC 54 23.75 70.94 52.95
CA ILE CC 54 24.69 71.34 51.91
C ILE CC 54 24.32 72.68 51.30
N ASN CC 55 23.02 72.96 51.16
CA ASN CC 55 22.56 74.18 50.52
C ASN CC 55 22.84 75.43 51.36
N GLN CC 56 23.06 75.27 52.66
CA GLN CC 56 23.40 76.40 53.50
C GLN CC 56 24.77 76.99 53.18
N PHE CC 57 25.62 76.25 52.47
CA PHE CC 57 26.92 76.77 52.03
C PHE CC 57 26.82 77.58 50.75
N THR CC 58 25.68 77.58 50.08
CA THR CC 58 25.49 78.43 48.91
C THR CC 58 25.11 79.85 49.30
N GLN CC 59 24.60 80.05 50.50
CA GLN CC 59 24.26 81.37 51.03
C GLN CC 59 25.43 81.85 51.89
N VAL CC 60 25.98 83.00 51.52
CA VAL CC 60 27.27 83.44 52.05
C VAL CC 60 27.19 84.88 52.51
N LEU CC 61 28.33 85.41 52.96
CA LEU CC 61 28.48 86.83 53.20
C LEU CC 61 28.64 87.56 51.86
N ASP CC 62 28.13 88.79 51.81
CA ASP CC 62 28.31 89.59 50.62
C ASP CC 62 29.66 90.31 50.63
N ARG CC 63 29.85 91.19 49.64
CA ARG CC 63 31.16 91.82 49.43
C ARG CC 63 31.56 92.74 50.59
N GLN CC 64 30.62 93.52 51.11
CA GLN CC 64 30.93 94.47 52.18
C GLN CC 64 31.29 93.73 53.46
N THR CC 65 30.48 92.73 53.84
CA THR CC 65 30.74 91.94 55.04
C THR CC 65 32.03 91.14 54.91
N ALA CC 66 32.28 90.59 53.72
CA ALA CC 66 33.50 89.84 53.47
C ALA CC 66 34.74 90.70 53.55
N THR CC 67 34.71 91.92 53.01
CA THR CC 67 35.88 92.80 53.10
C THR CC 67 36.09 93.31 54.53
N GLN CC 68 35.00 93.65 55.24
CA GLN CC 68 35.14 94.04 56.64
C GLN CC 68 35.66 92.90 57.52
N LEU CC 69 35.29 91.66 57.21
CA LEU CC 69 35.81 90.53 57.98
C LEU CC 69 37.26 90.27 57.63
N LEU CC 70 37.59 90.29 56.33
CA LEU CC 70 38.97 90.03 55.96
C LEU CC 70 39.91 91.07 56.53
N LYS CC 71 39.51 92.35 56.55
CA LYS CC 71 40.30 93.43 57.14
C LYS CC 71 40.61 93.16 58.61
N LEU CC 72 39.66 92.61 59.37
CA LEU CC 72 39.95 92.18 60.73
C LEU CC 72 40.88 90.97 60.75
N ALA CC 73 40.69 90.04 59.82
CA ALA CC 73 41.46 88.80 59.83
C ALA CC 73 42.90 89.03 59.40
N HIS CC 74 43.18 90.11 58.68
CA HIS CC 74 44.54 90.32 58.21
C HIS CC 74 45.47 90.74 59.33
N LYS CC 75 44.94 91.10 60.49
CA LYS CC 75 45.76 91.54 61.61
C LYS CC 75 46.04 90.43 62.63
N TYR CC 76 45.30 89.32 62.56
CA TYR CC 76 45.48 88.21 63.49
C TYR CC 76 46.03 86.98 62.78
N ARG CC 77 46.86 87.20 61.77
CA ARG CC 77 47.36 86.09 60.98
C ARG CC 77 48.45 85.37 61.75
N PRO CC 78 48.49 84.04 61.73
CA PRO CC 78 49.58 83.32 62.39
C PRO CC 78 50.88 83.56 61.65
N GLU CC 79 51.95 83.72 62.42
CA GLU CC 79 53.21 84.15 61.84
C GLU CC 79 53.82 83.03 61.01
N THR CC 80 54.47 83.42 59.93
CA THR CC 80 55.05 82.50 58.96
C THR CC 80 56.35 81.94 59.58
N LYS CC 81 57.01 81.01 58.87
CA LYS CC 81 58.23 80.40 59.39
C LYS CC 81 59.35 81.43 59.54
N GLN CC 82 59.39 82.43 58.66
CA GLN CC 82 60.36 83.51 58.79
C GLN CC 82 60.12 84.37 60.03
N GLU CC 83 58.89 84.88 60.18
CA GLU CC 83 58.55 85.69 61.36
C GLU CC 83 58.10 84.85 62.54
N LYS CC 84 58.46 83.58 62.55
CA LYS CC 84 58.56 82.78 63.75
C LYS CC 84 60.00 82.48 64.11
N LYS CC 85 60.86 82.25 63.12
CA LYS CC 85 62.30 82.11 63.38
C LYS CC 85 62.90 83.39 63.95
N GLN CC 86 62.59 84.54 63.34
CA GLN CC 86 63.06 85.81 63.91
C GLN CC 86 62.33 86.16 65.21
N ARG CC 87 61.13 85.63 65.43
CA ARG CC 87 60.47 85.79 66.72
C ARG CC 87 61.17 84.99 67.81
N LEU CC 88 61.63 83.78 67.51
CA LEU CC 88 62.51 83.01 68.37
C LEU CC 88 63.79 83.77 68.68
N LEU CC 89 64.39 84.40 67.67
CA LEU CC 89 65.61 85.19 67.88
C LEU CC 89 65.34 86.41 68.75
N ALA CC 90 64.19 87.06 68.56
CA ALA CC 90 63.84 88.23 69.37
C ALA CC 90 63.51 87.86 70.80
N ARG CC 91 62.89 86.71 71.04
CA ARG CC 91 62.70 86.19 72.39
C ARG CC 91 64.03 85.81 73.02
N ALA CC 92 64.94 85.22 72.25
CA ALA CC 92 66.22 84.78 72.77
C ALA CC 92 67.18 85.93 73.10
N GLU CC 93 67.15 87.01 72.33
CA GLU CC 93 68.06 88.13 72.61
C GLU CC 93 67.63 88.93 73.83
N LYS CC 94 66.43 88.69 74.35
CA LYS CC 94 65.97 89.33 75.57
C LYS CC 94 65.84 88.38 76.75
N LYS CC 95 65.73 87.07 76.51
CA LYS CC 95 65.61 86.12 77.60
C LYS CC 95 66.86 85.27 77.83
N ALA CC 96 67.83 85.31 76.92
CA ALA CC 96 69.05 84.53 77.04
C ALA CC 96 70.26 85.42 77.33
N ALA CC 97 70.07 86.72 77.44
CA ALA CC 97 71.15 87.67 77.63
C ALA CC 97 71.74 87.59 79.03
N LYS CC 105 53.43 87.99 76.44
CA LYS CC 105 52.40 86.99 76.16
C LYS CC 105 52.19 86.88 74.65
N ARG CC 106 51.78 85.69 74.21
CA ARG CC 106 51.41 85.47 72.81
C ARG CC 106 50.23 86.35 72.44
N PRO CC 107 50.34 87.17 71.39
CA PRO CC 107 49.18 87.92 70.91
C PRO CC 107 48.14 86.99 70.32
N PRO CC 108 46.87 87.41 70.29
CA PRO CC 108 45.82 86.55 69.73
C PRO CC 108 46.01 86.29 68.24
N VAL CC 109 45.65 85.07 67.83
CA VAL CC 109 45.84 84.60 66.46
C VAL CC 109 44.57 83.94 65.97
N LEU CC 110 44.55 83.62 64.68
CA LEU CC 110 43.48 82.85 64.08
C LEU CC 110 43.77 81.37 64.24
N ARG CC 111 42.77 80.62 64.68
CA ARG CC 111 42.89 79.18 64.77
C ARG CC 111 42.33 78.55 63.51
N ALA CC 112 43.12 77.72 62.85
CA ALA CC 112 42.80 77.20 61.54
C ALA CC 112 42.52 75.71 61.59
N GLY CC 113 41.75 75.23 60.62
CA GLY CC 113 41.54 73.80 60.46
C GLY CC 113 40.35 73.24 61.20
N VAL CC 114 39.72 72.20 60.63
CA VAL CC 114 38.46 71.68 61.17
C VAL CC 114 38.64 71.07 62.54
N ASN CC 115 39.77 70.42 62.81
CA ASN CC 115 39.94 69.77 64.11
C ASN CC 115 40.13 70.77 65.23
N THR CC 116 41.01 71.76 65.01
CA THR CC 116 41.23 72.81 66.00
C THR CC 116 39.97 73.64 66.21
N VAL CC 117 39.32 74.04 65.11
CA VAL CC 117 38.13 74.87 65.19
C VAL CC 117 36.96 74.11 65.81
N THR CC 118 36.80 72.84 65.45
CA THR CC 118 35.75 72.01 66.04
C THR CC 118 35.94 71.87 67.54
N THR CC 119 37.16 71.55 67.96
CA THR CC 119 37.50 71.38 69.37
C THR CC 119 37.31 72.66 70.19
N LEU CC 120 37.66 73.84 69.66
CA LEU CC 120 37.45 75.05 70.44
C LEU CC 120 36.11 75.71 70.16
N VAL CC 121 35.27 75.13 69.30
CA VAL CC 121 33.86 75.48 69.28
C VAL CC 121 33.07 74.69 70.32
N GLU CC 122 33.33 73.37 70.43
CA GLU CC 122 32.63 72.61 71.47
C GLU CC 122 33.13 72.94 72.87
N ASN CC 123 34.27 73.59 72.99
CA ASN CC 123 34.76 74.05 74.28
C ASN CC 123 34.23 75.43 74.64
N LYS CC 124 33.38 76.02 73.76
CA LYS CC 124 32.77 77.35 73.87
C LYS CC 124 33.78 78.48 73.61
N LYS CC 125 35.06 78.10 73.47
CA LYS CC 125 36.17 79.04 73.46
C LYS CC 125 36.27 79.89 72.20
N ALA CC 126 35.45 79.62 71.19
CA ALA CC 126 35.46 80.45 70.00
C ALA CC 126 34.57 81.68 70.18
N GLN CC 127 34.96 82.78 69.52
CA GLN CC 127 34.13 83.98 69.49
C GLN CC 127 33.63 84.31 68.10
N LEU CC 128 34.33 83.90 67.05
CA LEU CC 128 33.76 83.98 65.69
C LEU CC 128 34.36 82.84 64.88
N VAL CC 129 33.58 82.23 64.00
CA VAL CC 129 34.10 81.20 63.12
C VAL CC 129 33.64 81.43 61.68
N VAL CC 130 34.59 81.34 60.75
CA VAL CC 130 34.40 81.56 59.33
C VAL CC 130 34.67 80.23 58.63
N ILE CC 131 33.70 79.75 57.85
CA ILE CC 131 33.79 78.46 57.17
C ILE CC 131 33.73 78.69 55.67
N ALA CC 132 34.65 78.05 54.94
CA ALA CC 132 34.67 78.20 53.49
C ALA CC 132 33.48 77.49 52.85
N HIS CC 133 33.07 77.95 51.67
CA HIS CC 133 31.86 77.38 51.10
C HIS CC 133 32.13 76.14 50.25
N ASP CC 134 33.39 75.86 49.90
CA ASP CC 134 33.67 75.06 48.71
C ASP CC 134 34.72 73.99 48.99
N VAL CC 135 34.59 73.31 50.13
CA VAL CC 135 35.57 72.28 50.46
C VAL CC 135 35.29 71.01 49.66
N ASP CC 136 36.32 70.18 49.48
CA ASP CC 136 36.26 69.14 48.45
C ASP CC 136 35.34 67.99 48.84
N PRO CC 137 35.47 67.32 50.04
CA PRO CC 137 34.26 66.71 50.60
C PRO CC 137 33.60 67.70 51.54
N ILE CC 138 32.30 67.94 51.35
CA ILE CC 138 31.59 68.95 52.14
C ILE CC 138 31.33 68.41 53.55
N GLU CC 139 31.54 67.13 53.76
CA GLU CC 139 31.30 66.49 55.03
C GLU CC 139 32.34 66.85 56.08
N LEU CC 140 33.44 67.50 55.68
CA LEU CC 140 34.38 68.06 56.64
C LEU CC 140 33.76 69.15 57.48
N VAL CC 141 32.77 69.87 56.96
CA VAL CC 141 32.20 71.02 57.63
C VAL CC 141 30.68 71.05 57.63
N VAL CC 142 30.00 70.01 57.10
CA VAL CC 142 28.55 70.10 56.95
C VAL CC 142 27.87 70.06 58.32
N PHE CC 143 28.50 69.44 59.31
CA PHE CC 143 28.02 69.44 60.68
C PHE CC 143 28.30 70.76 61.38
N LEU CC 144 29.21 71.56 60.86
CA LEU CC 144 29.81 72.63 61.68
C LEU CC 144 28.89 73.82 61.91
N PRO CC 145 28.08 74.30 60.94
CA PRO CC 145 27.05 75.29 61.32
C PRO CC 145 26.05 74.83 62.37
N ALA CC 146 25.66 73.55 62.38
CA ALA CC 146 24.78 73.04 63.42
C ALA CC 146 25.45 73.07 64.79
N LEU CC 147 26.72 72.68 64.84
CA LEU CC 147 27.50 72.68 66.07
C LEU CC 147 27.67 74.10 66.60
N CYS CC 148 28.00 75.04 65.71
CA CYS CC 148 28.15 76.43 66.11
C CYS CC 148 26.82 77.03 66.56
N ARG CC 149 25.71 76.65 65.92
CA ARG CC 149 24.42 77.17 66.35
C ARG CC 149 24.03 76.63 67.73
N LYS CC 150 24.30 75.34 68.00
CA LYS CC 150 23.91 74.83 69.31
C LYS CC 150 24.79 75.41 70.41
N MET CC 151 26.08 75.59 70.15
CA MET CC 151 26.88 76.18 71.21
C MET CC 151 26.98 77.70 71.10
N GLY CC 152 26.16 78.33 70.26
CA GLY CC 152 25.98 79.75 70.30
C GLY CC 152 27.09 80.56 69.69
N VAL CC 153 28.06 79.89 69.05
CA VAL CC 153 29.19 80.56 68.42
C VAL CC 153 28.70 81.26 67.17
N PRO CC 154 29.04 82.52 66.96
CA PRO CC 154 28.73 83.18 65.67
C PRO CC 154 29.51 82.53 64.55
N TYR CC 155 28.77 82.06 63.53
CA TYR CC 155 29.39 81.45 62.37
C TYR CC 155 28.97 82.23 61.14
N CYS CC 156 29.90 82.34 60.19
CA CYS CC 156 29.61 82.85 58.86
C CYS CC 156 30.23 81.92 57.84
N ILE CC 157 29.62 81.91 56.66
CA ILE CC 157 30.10 81.11 55.53
C ILE CC 157 30.64 82.08 54.50
N LEU CC 158 31.91 81.90 54.16
CA LEU CC 158 32.64 82.82 53.30
C LEU CC 158 33.02 82.13 52.00
N LYS CC 159 33.02 82.89 50.93
CA LYS CC 159 33.42 82.36 49.66
C LYS CC 159 34.94 82.36 49.54
N GLY CC 160 35.50 81.17 49.33
CA GLY CC 160 36.91 81.01 49.06
C GLY CC 160 37.69 80.34 50.16
N LYS CC 161 37.92 79.03 50.04
CA LYS CC 161 38.96 78.40 50.83
C LYS CC 161 40.34 78.82 50.37
N ALA CC 162 40.49 79.24 49.12
CA ALA CC 162 41.73 79.83 48.65
C ALA CC 162 42.03 81.14 49.36
N ARG CC 163 41.02 82.00 49.51
CA ARG CC 163 41.19 83.23 50.30
C ARG CC 163 41.39 82.91 51.76
N LEU CC 164 40.68 81.91 52.25
CA LEU CC 164 40.73 81.58 53.67
C LEU CC 164 42.04 80.88 54.04
N GLY CC 165 42.72 80.28 53.08
CA GLY CC 165 44.06 79.77 53.23
C GLY CC 165 45.13 80.65 52.64
N ARG CC 166 44.76 81.81 52.13
CA ARG CC 166 45.68 82.93 51.97
C ARG CC 166 45.71 83.82 53.20
N LEU CC 167 44.71 83.72 54.07
CA LEU CC 167 44.82 84.34 55.38
C LEU CC 167 46.00 83.77 56.15
N VAL CC 168 45.92 82.49 56.51
CA VAL CC 168 47.12 81.78 56.92
C VAL CC 168 47.98 81.54 55.68
N HIS CC 169 49.25 81.23 55.89
CA HIS CC 169 50.19 81.27 54.77
C HIS CC 169 50.33 79.87 54.16
N ARG CC 170 49.27 79.45 53.48
CA ARG CC 170 49.12 78.11 52.94
C ARG CC 170 48.43 78.21 51.58
N LYS CC 171 47.89 77.08 51.12
CA LYS CC 171 47.12 77.02 49.88
C LYS CC 171 45.61 77.09 50.13
N THR CC 172 45.09 76.17 50.94
CA THR CC 172 43.68 76.18 51.30
C THR CC 172 43.51 75.94 52.79
N CYS CC 173 42.41 76.43 53.32
CA CYS CC 173 41.98 76.08 54.67
C CYS CC 173 40.47 76.03 54.69
N THR CC 174 39.93 75.08 55.45
CA THR CC 174 38.48 74.90 55.54
C THR CC 174 37.84 76.03 56.35
N THR CC 175 38.43 76.38 57.49
CA THR CC 175 37.77 77.28 58.41
C THR CC 175 38.81 77.98 59.26
N VAL CC 176 38.49 79.20 59.71
CA VAL CC 176 39.28 79.90 60.70
C VAL CC 176 38.37 80.34 61.82
N ALA CC 177 38.98 80.71 62.94
CA ALA CC 177 38.22 81.13 64.11
C ALA CC 177 38.99 82.19 64.87
N PHE CC 178 38.28 83.26 65.25
CA PHE CC 178 38.78 84.23 66.20
C PHE CC 178 38.39 83.78 67.60
N THR CC 179 39.41 83.50 68.42
CA THR CC 179 39.24 83.13 69.82
C THR CC 179 39.23 84.37 70.71
N GLN CC 180 40.25 85.21 70.59
CA GLN CC 180 40.28 86.52 71.22
C GLN CC 180 40.82 87.53 70.21
N VAL CC 181 40.64 88.80 70.53
CA VAL CC 181 41.18 89.91 69.76
C VAL CC 181 41.77 90.91 70.74
N ASN CC 182 42.56 91.85 70.21
CA ASN CC 182 43.06 92.92 71.04
C ASN CC 182 41.93 93.88 71.41
N SER CC 183 42.18 94.71 72.43
CA SER CC 183 41.18 95.64 72.92
C SER CC 183 40.83 96.72 71.90
N GLU CC 184 41.70 96.99 70.93
CA GLU CC 184 41.36 97.88 69.83
C GLU CC 184 40.30 97.27 68.93
N ASP CC 185 40.38 95.98 68.64
CA ASP CC 185 39.51 95.31 67.68
C ASP CC 185 38.32 94.61 68.33
N LYS CC 186 38.09 94.80 69.64
CA LYS CC 186 36.92 94.20 70.26
C LYS CC 186 35.63 94.81 69.76
N GLY CC 187 35.61 96.13 69.53
CA GLY CC 187 34.46 96.76 68.89
C GLY CC 187 34.28 96.34 67.45
N ALA CC 188 35.38 96.11 66.73
CA ALA CC 188 35.30 95.61 65.37
C ALA CC 188 34.70 94.21 65.33
N LEU CC 189 35.12 93.34 66.23
CA LEU CC 189 34.54 92.00 66.31
C LEU CC 189 33.09 92.06 66.77
N ALA CC 190 32.74 93.03 67.61
CA ALA CC 190 31.34 93.22 68.01
C ALA CC 190 30.47 93.59 66.81
N LYS CC 191 30.96 94.49 65.96
CA LYS CC 191 30.18 94.88 64.78
C LYS CC 191 30.12 93.77 63.75
N LEU CC 192 31.21 93.02 63.55
CA LEU CC 192 31.13 91.85 62.70
C LEU CC 192 30.14 90.83 63.23
N VAL CC 193 30.21 90.50 64.53
CA VAL CC 193 29.33 89.48 65.12
C VAL CC 193 27.87 89.92 65.07
N GLU CC 194 27.61 91.21 65.27
CA GLU CC 194 26.22 91.68 65.20
C GLU CC 194 25.71 91.70 63.75
N ALA CC 195 26.62 91.80 62.77
CA ALA CC 195 26.18 91.65 61.38
C ALA CC 195 25.99 90.19 61.00
N ILE CC 196 26.89 89.33 61.45
CA ILE CC 196 26.92 87.92 61.08
C ILE CC 196 25.80 87.11 61.74
N ARG CC 197 25.54 87.32 63.03
CA ARG CC 197 24.57 86.50 63.76
C ARG CC 197 23.13 86.72 63.27
N THR CC 198 22.82 87.89 62.71
CA THR CC 198 21.50 88.12 62.14
C THR CC 198 21.25 87.38 60.83
N ASN CC 199 22.29 86.81 60.22
CA ASN CC 199 22.12 86.05 58.98
C ASN CC 199 22.14 84.55 59.18
N TYR CC 200 22.89 84.05 60.16
CA TYR CC 200 23.12 82.62 60.31
C TYR CC 200 22.55 82.05 61.59
N ASN CC 201 22.95 82.58 62.75
CA ASN CC 201 22.61 81.97 64.03
C ASN CC 201 21.15 82.18 64.38
N ASP CC 202 20.58 83.34 64.01
CA ASP CC 202 19.16 83.61 64.25
C ASP CC 202 18.27 83.10 63.14
N ARG CC 203 18.84 82.75 61.98
CA ARG CC 203 18.07 82.29 60.83
C ARG CC 203 18.22 80.79 60.60
N TYR CC 204 18.77 80.07 61.58
CA TYR CC 204 19.18 78.69 61.35
C TYR CC 204 17.99 77.76 61.22
N ASP CC 205 16.91 78.03 61.94
CA ASP CC 205 15.73 77.17 61.84
C ASP CC 205 15.03 77.33 60.50
N GLU CC 206 15.25 78.46 59.83
CA GLU CC 206 14.77 78.63 58.46
C GLU CC 206 15.77 78.05 57.46
N ILE CC 207 17.06 78.11 57.80
CA ILE CC 207 18.13 77.63 56.92
C ILE CC 207 18.09 76.11 56.81
N ARG CC 208 17.84 75.43 57.91
CA ARG CC 208 17.79 73.99 58.10
C ARG CC 208 16.70 73.30 57.28
N ARG CC 209 15.72 74.03 56.75
CA ARG CC 209 14.65 73.44 55.96
C ARG CC 209 14.61 73.96 54.53
N HIS CC 210 15.61 74.70 54.09
CA HIS CC 210 15.61 75.34 52.78
C HIS CC 210 16.42 74.49 51.81
N TRP CC 211 15.72 73.84 50.89
CA TRP CC 211 16.36 72.89 50.00
C TRP CC 211 16.84 73.57 48.73
N GLY CC 212 17.96 73.06 48.20
CA GLY CC 212 18.57 73.63 47.03
C GLY CC 212 18.23 72.88 45.75
N GLY CC 213 18.79 73.40 44.66
CA GLY CC 213 18.60 72.81 43.35
C GLY CC 213 17.16 72.91 42.88
N ASN CC 214 16.73 71.83 42.22
CA ASN CC 214 15.38 71.65 41.68
C ASN CC 214 14.98 72.74 40.70
N VAL CC 215 15.93 73.26 39.93
CA VAL CC 215 15.64 74.23 38.87
C VAL CC 215 16.13 73.65 37.55
N LEU CC 216 15.26 73.69 36.56
CA LEU CC 216 15.45 72.95 35.32
C LEU CC 216 16.41 73.69 34.40
N GLY CC 217 16.56 73.16 33.19
CA GLY CC 217 17.28 73.84 32.15
C GLY CC 217 16.50 75.02 31.66
N PRO CC 218 17.19 76.04 31.13
CA PRO CC 218 16.49 77.18 30.53
C PRO CC 218 15.63 76.81 29.34
N LYS CC 219 16.03 75.79 28.57
CA LYS CC 219 15.22 75.35 27.44
C LYS CC 219 13.92 74.69 27.89
N SER CC 220 13.96 73.93 28.99
CA SER CC 220 12.74 73.34 29.51
C SER CC 220 11.88 74.34 30.26
N VAL CC 221 12.51 75.28 30.96
CA VAL CC 221 11.78 76.36 31.63
C VAL CC 221 11.08 77.25 30.60
N ALA CC 222 11.76 77.54 29.48
CA ALA CC 222 11.16 78.28 28.39
C ALA CC 222 10.01 77.53 27.74
N ARG CC 223 10.13 76.21 27.59
CA ARG CC 223 9.06 75.41 26.99
C ARG CC 223 7.83 75.38 27.88
N ILE CC 224 8.01 75.12 29.19
CA ILE CC 224 6.94 75.23 30.17
C ILE CC 224 6.32 76.61 30.21
N ALA CC 225 7.13 77.67 30.20
CA ALA CC 225 6.66 79.04 30.21
C ALA CC 225 5.81 79.37 28.99
N LYS CC 226 6.22 78.92 27.80
CA LYS CC 226 5.40 79.11 26.61
C LYS CC 226 4.10 78.31 26.70
N LEU CC 227 4.17 77.07 27.17
CA LEU CC 227 2.95 76.26 27.34
C LEU CC 227 2.02 76.84 28.40
N GLU CC 228 2.56 77.29 29.53
CA GLU CC 228 1.69 77.82 30.58
C GLU CC 228 1.18 79.21 30.24
N LYS CC 229 1.91 79.99 29.44
CA LYS CC 229 1.35 81.26 29.00
C LYS CC 229 0.32 81.06 27.91
N ALA CC 230 0.44 80.00 27.09
CA ALA CC 230 -0.62 79.65 26.17
C ALA CC 230 -1.88 79.24 26.93
N LYS CC 231 -1.71 78.46 28.00
CA LYS CC 231 -2.83 78.09 28.85
C LYS CC 231 -3.44 79.31 29.55
N ALA CC 232 -2.61 80.26 29.96
CA ALA CC 232 -3.09 81.47 30.63
C ALA CC 232 -3.86 82.37 29.67
N LYS CC 233 -3.33 82.57 28.45
CA LYS CC 233 -4.03 83.41 27.48
C LYS CC 233 -5.28 82.72 26.95
N GLU CC 234 -5.26 81.39 26.87
CA GLU CC 234 -6.48 80.68 26.52
C GLU CC 234 -7.50 80.77 27.65
N LEU CC 235 -7.03 80.80 28.91
CA LEU CC 235 -7.94 80.96 30.03
C LEU CC 235 -8.50 82.38 30.09
N ALA CC 236 -7.73 83.36 29.60
CA ALA CC 236 -8.28 84.69 29.39
C ALA CC 236 -9.31 84.72 28.26
N THR CC 237 -9.10 83.92 27.23
CA THR CC 237 -10.07 83.78 26.14
C THR CC 237 -11.33 83.01 26.57
N LYS CC 238 -11.27 82.23 27.66
CA LYS CC 238 -12.46 81.54 28.19
C LYS CC 238 -13.59 82.51 28.52
N LEU CC 239 -13.29 83.56 29.28
CA LEU CC 239 -14.28 84.59 29.58
C LEU CC 239 -14.30 85.68 28.52
N GLY CC 240 -13.37 85.65 27.56
CA GLY CC 240 -13.36 86.61 26.48
C GLY CC 240 -12.72 87.94 26.81
N MET DC 1 23.70 -86.99 14.49
CA MET DC 1 23.91 -88.41 14.72
C MET DC 1 24.90 -88.99 13.70
N LYS DC 2 25.94 -89.63 14.21
CA LYS DC 2 26.88 -90.36 13.39
C LYS DC 2 26.39 -91.80 13.30
N THR DC 3 25.77 -92.15 12.18
CA THR DC 3 25.39 -93.53 11.91
C THR DC 3 26.64 -94.38 11.81
N ILE DC 4 26.61 -95.54 12.47
CA ILE DC 4 27.80 -96.35 12.60
C ILE DC 4 28.19 -96.98 11.25
N LEU DC 5 27.20 -97.24 10.39
CA LEU DC 5 27.46 -97.93 9.13
C LEU DC 5 26.29 -97.70 8.18
N SER DC 6 26.58 -97.22 6.98
CA SER DC 6 25.62 -97.24 5.88
C SER DC 6 26.24 -98.02 4.73
N ASN DC 7 25.57 -99.08 4.29
CA ASN DC 7 26.09 -99.90 3.21
C ASN DC 7 25.04 -100.06 2.14
N GLN DC 8 25.51 -100.26 0.90
CA GLN DC 8 24.61 -100.69 -0.15
C GLN DC 8 25.41 -101.52 -1.13
N THR DC 9 24.83 -102.61 -1.59
CA THR DC 9 25.49 -103.51 -2.52
C THR DC 9 24.85 -103.42 -3.90
N VAL DC 10 25.69 -103.63 -4.91
CA VAL DC 10 25.29 -103.63 -6.31
C VAL DC 10 25.66 -104.98 -6.92
N ASP DC 11 24.67 -105.64 -7.51
CA ASP DC 11 24.85 -106.92 -8.19
C ASP DC 11 25.49 -106.68 -9.54
N ILE DC 12 26.52 -107.46 -9.88
CA ILE DC 12 27.29 -107.25 -11.09
C ILE DC 12 27.06 -108.43 -12.01
N PRO DC 13 26.70 -108.21 -13.28
CA PRO DC 13 26.33 -109.33 -14.15
C PRO DC 13 27.52 -110.18 -14.57
N GLU DC 14 27.21 -111.29 -15.24
CA GLU DC 14 28.24 -112.17 -15.79
C GLU DC 14 28.99 -111.52 -16.95
N ASN DC 15 28.36 -110.61 -17.66
CA ASN DC 15 28.92 -110.01 -18.87
C ASN DC 15 29.99 -108.99 -18.51
N VAL DC 16 30.09 -108.57 -17.26
CA VAL DC 16 30.88 -107.41 -16.88
C VAL DC 16 32.06 -107.83 -16.03
N ASP DC 17 33.27 -107.42 -16.44
CA ASP DC 17 34.46 -107.57 -15.63
C ASP DC 17 34.72 -106.24 -14.94
N ILE DC 18 34.63 -106.21 -13.62
CA ILE DC 18 34.80 -104.97 -12.87
C ILE DC 18 36.11 -105.06 -12.09
N SER DC 19 36.72 -103.90 -11.84
CA SER DC 19 37.95 -103.83 -11.08
C SER DC 19 37.98 -102.53 -10.28
N LEU DC 20 38.80 -102.50 -9.24
CA LEU DC 20 38.93 -101.31 -8.42
C LEU DC 20 40.37 -101.16 -7.95
N LYS DC 21 40.90 -99.95 -8.11
CA LYS DC 21 42.18 -99.56 -7.56
C LYS DC 21 41.86 -98.49 -6.52
N GLY DC 22 41.53 -98.92 -5.31
CA GLY DC 22 41.08 -97.99 -4.29
C GLY DC 22 39.67 -97.49 -4.52
N ARG DC 23 39.53 -96.21 -4.85
CA ARG DC 23 38.23 -95.61 -5.10
C ARG DC 23 38.06 -95.18 -6.55
N THR DC 24 38.73 -95.84 -7.48
CA THR DC 24 38.37 -95.76 -8.88
C THR DC 24 37.72 -97.07 -9.29
N VAL DC 25 36.73 -96.99 -10.17
CA VAL DC 25 35.96 -98.14 -10.62
C VAL DC 25 36.20 -98.29 -12.11
N ILE DC 26 36.61 -99.49 -12.52
CA ILE DC 26 36.97 -99.81 -13.90
C ILE DC 26 35.97 -100.89 -14.33
N VAL DC 27 34.95 -100.48 -15.08
CA VAL DC 27 33.90 -101.39 -15.53
C VAL DC 27 34.19 -101.77 -16.98
N LYS DC 28 34.18 -103.07 -17.28
CA LYS DC 28 34.47 -103.61 -18.60
C LYS DC 28 33.28 -104.41 -19.11
N GLY DC 29 32.83 -104.08 -20.31
CA GLY DC 29 31.71 -104.76 -20.91
C GLY DC 29 31.92 -105.00 -22.39
N PRO DC 30 30.84 -105.36 -23.10
CA PRO DC 30 30.95 -105.52 -24.56
C PRO DC 30 31.26 -104.25 -25.31
N ARG DC 31 30.81 -103.09 -24.82
CA ARG DC 31 30.95 -101.85 -25.56
C ARG DC 31 32.23 -101.09 -25.25
N GLY DC 32 33.03 -101.52 -24.27
CA GLY DC 32 34.26 -100.84 -23.95
C GLY DC 32 34.50 -100.80 -22.45
N THR DC 33 35.29 -99.80 -22.01
CA THR DC 33 35.67 -99.73 -20.62
C THR DC 33 35.40 -98.33 -20.11
N LEU DC 34 34.92 -98.23 -18.86
CA LEU DC 34 34.65 -96.97 -18.21
C LEU DC 34 35.43 -96.90 -16.91
N ARG DC 35 36.21 -95.84 -16.74
CA ARG DC 35 36.84 -95.53 -15.47
C ARG DC 35 36.10 -94.35 -14.88
N ARG DC 36 35.75 -94.44 -13.60
CA ARG DC 36 35.36 -93.25 -12.85
C ARG DC 36 36.02 -93.27 -11.49
N ASP DC 37 36.54 -92.12 -11.09
CA ASP DC 37 37.27 -91.93 -9.86
C ASP DC 37 36.32 -91.42 -8.78
N PHE DC 38 36.53 -91.86 -7.54
CA PHE DC 38 35.74 -91.42 -6.39
C PHE DC 38 36.61 -91.13 -5.18
N ASN DC 39 37.70 -90.40 -5.32
CA ASN DC 39 38.48 -90.05 -4.13
C ASN DC 39 37.95 -88.82 -3.42
N HIS DC 40 36.87 -88.23 -3.95
CA HIS DC 40 36.27 -87.05 -3.33
C HIS DC 40 35.24 -87.42 -2.28
N ILE DC 41 35.05 -88.70 -1.98
CA ILE DC 41 33.92 -89.14 -1.16
C ILE DC 41 34.34 -89.86 0.12
N ASN DC 42 35.48 -90.56 0.14
CA ASN DC 42 36.01 -91.32 1.28
C ASN DC 42 35.08 -92.42 1.77
N VAL DC 43 34.85 -93.44 0.95
CA VAL DC 43 34.07 -94.61 1.31
C VAL DC 43 34.95 -95.85 1.27
N GLU DC 44 34.35 -96.97 1.62
CA GLU DC 44 34.94 -98.29 1.45
C GLU DC 44 34.28 -98.98 0.28
N LEU DC 45 35.09 -99.34 -0.71
CA LEU DC 45 34.60 -100.08 -1.85
C LEU DC 45 35.14 -101.50 -1.78
N SER DC 46 34.24 -102.45 -1.52
CA SER DC 46 34.62 -103.84 -1.37
C SER DC 46 34.11 -104.60 -2.57
N LEU DC 47 34.85 -105.63 -2.96
CA LEU DC 47 34.54 -106.38 -4.16
C LEU DC 47 34.41 -107.84 -3.74
N LEU DC 48 33.21 -108.21 -3.31
CA LEU DC 48 33.01 -109.43 -2.56
C LEU DC 48 32.37 -110.52 -3.41
N GLY DC 49 32.58 -111.76 -2.99
CA GLY DC 49 32.26 -112.93 -3.78
C GLY DC 49 33.43 -113.24 -4.70
N LYS DC 50 33.94 -114.46 -4.68
CA LYS DC 50 34.83 -114.82 -5.76
C LYS DC 50 34.00 -115.01 -7.02
N LYS DC 51 34.63 -114.72 -8.17
CA LYS DC 51 34.18 -114.34 -9.51
C LYS DC 51 33.67 -112.89 -9.51
N LYS DC 52 33.77 -112.17 -8.38
CA LYS DC 52 33.48 -110.73 -8.24
C LYS DC 52 32.02 -110.41 -8.59
N LYS DC 53 31.14 -110.96 -7.77
CA LYS DC 53 29.70 -110.82 -7.97
C LYS DC 53 29.10 -109.56 -7.39
N ARG DC 54 29.53 -109.10 -6.20
CA ARG DC 54 28.87 -107.94 -5.63
C ARG DC 54 29.89 -106.87 -5.32
N LEU DC 55 29.53 -105.63 -5.66
CA LEU DC 55 30.32 -104.47 -5.26
C LEU DC 55 29.59 -103.80 -4.12
N ARG DC 56 30.25 -103.69 -2.98
CA ARG DC 56 29.62 -103.19 -1.79
C ARG DC 56 30.24 -101.84 -1.41
N VAL DC 57 29.41 -100.91 -0.98
CA VAL DC 57 29.85 -99.57 -0.59
C VAL DC 57 29.51 -99.36 0.88
N ASP DC 58 30.52 -99.04 1.67
CA ASP DC 58 30.43 -98.73 3.10
C ASP DC 58 30.76 -97.28 3.37
N LYS DC 59 29.99 -96.66 4.25
CA LYS DC 59 30.38 -95.42 4.90
C LYS DC 59 30.28 -95.64 6.39
N TRP DC 60 31.43 -95.61 7.07
CA TRP DC 60 31.49 -95.74 8.52
C TRP DC 60 31.56 -94.37 9.14
N TRP DC 61 30.73 -94.14 10.16
CA TRP DC 61 30.70 -92.90 10.97
C TRP DC 61 30.45 -91.66 10.11
N GLY DC 62 29.27 -91.60 9.51
CA GLY DC 62 28.90 -90.50 8.66
C GLY DC 62 27.64 -89.80 9.12
N ASN DC 63 27.64 -88.47 8.99
CA ASN DC 63 26.44 -87.67 9.14
C ASN DC 63 25.65 -87.73 7.84
N ARG DC 64 24.56 -86.96 7.76
CA ARG DC 64 23.59 -87.11 6.67
C ARG DC 64 24.19 -86.74 5.31
N LYS DC 65 25.02 -85.69 5.28
CA LYS DC 65 25.67 -85.28 4.05
C LYS DC 65 26.76 -86.26 3.59
N GLU DC 66 27.22 -87.14 4.49
CA GLU DC 66 28.14 -88.19 4.07
C GLU DC 66 27.41 -89.50 3.79
N LEU DC 67 26.23 -89.69 4.39
CA LEU DC 67 25.45 -90.87 4.13
C LEU DC 67 24.78 -90.80 2.77
N ALA DC 68 24.52 -89.58 2.30
CA ALA DC 68 23.89 -89.39 0.99
C ALA DC 68 24.80 -89.73 -0.18
N THR DC 69 26.08 -89.98 0.05
CA THR DC 69 27.02 -90.24 -1.02
C THR DC 69 27.30 -91.73 -1.22
N VAL DC 70 26.56 -92.61 -0.56
CA VAL DC 70 26.72 -94.05 -0.76
C VAL DC 70 25.91 -94.53 -1.95
N ARG DC 71 24.62 -94.19 -1.95
CA ARG DC 71 23.75 -94.56 -3.05
C ARG DC 71 24.09 -93.79 -4.31
N THR DC 72 24.69 -92.62 -4.19
CA THR DC 72 25.19 -91.90 -5.36
C THR DC 72 26.29 -92.69 -6.05
N ILE DC 73 27.21 -93.28 -5.29
CA ILE DC 73 28.26 -94.12 -5.87
C ILE DC 73 27.66 -95.37 -6.49
N CYS DC 74 26.66 -95.95 -5.83
CA CYS DC 74 26.03 -97.14 -6.37
C CYS DC 74 25.28 -96.86 -7.65
N SER DC 75 24.61 -95.72 -7.73
CA SER DC 75 23.92 -95.33 -8.96
C SER DC 75 24.89 -94.94 -10.05
N HIS DC 76 26.04 -94.36 -9.71
CA HIS DC 76 27.04 -94.07 -10.73
C HIS DC 76 27.65 -95.33 -11.31
N VAL DC 77 27.98 -96.30 -10.45
CA VAL DC 77 28.52 -97.57 -10.91
C VAL DC 77 27.47 -98.34 -11.69
N GLN DC 78 26.20 -98.25 -11.28
CA GLN DC 78 25.16 -98.86 -12.08
C GLN DC 78 25.04 -98.20 -13.45
N ASN DC 79 25.13 -96.88 -13.53
CA ASN DC 79 25.11 -96.21 -14.83
C ASN DC 79 26.31 -96.58 -15.68
N MET DC 80 27.46 -96.88 -15.06
CA MET DC 80 28.61 -97.35 -15.82
C MET DC 80 28.39 -98.78 -16.33
N ILE DC 81 27.71 -99.59 -15.52
CA ILE DC 81 27.40 -100.97 -15.90
C ILE DC 81 26.43 -100.99 -17.09
N LYS DC 82 25.36 -100.19 -17.01
CA LYS DC 82 24.48 -100.09 -18.18
C LYS DC 82 25.13 -99.35 -19.34
N GLY DC 83 26.15 -98.55 -19.09
CA GLY DC 83 26.89 -97.95 -20.18
C GLY DC 83 27.70 -98.97 -20.97
N VAL DC 84 28.35 -99.89 -20.27
CA VAL DC 84 29.16 -100.88 -20.98
C VAL DC 84 28.35 -102.08 -21.47
N THR DC 85 27.18 -102.34 -20.89
CA THR DC 85 26.35 -103.40 -21.43
C THR DC 85 25.41 -102.91 -22.52
N LEU DC 86 24.62 -101.89 -22.22
CA LEU DC 86 23.52 -101.51 -23.09
C LEU DC 86 23.72 -100.14 -23.73
N GLY DC 87 24.69 -99.36 -23.26
CA GLY DC 87 24.93 -98.04 -23.81
C GLY DC 87 23.88 -97.03 -23.34
N PHE DC 88 24.01 -95.83 -23.88
CA PHE DC 88 23.06 -94.77 -23.63
C PHE DC 88 22.72 -94.09 -24.93
N ARG DC 89 21.41 -93.95 -25.17
CA ARG DC 89 20.87 -93.38 -26.40
C ARG DC 89 19.90 -92.27 -25.99
N TYR DC 90 20.31 -91.04 -26.26
CA TYR DC 90 19.47 -89.88 -26.00
C TYR DC 90 18.91 -89.40 -27.33
N LYS DC 91 17.59 -89.47 -27.48
CA LYS DC 91 16.92 -89.13 -28.72
C LYS DC 91 16.29 -87.76 -28.57
N MET DC 92 16.83 -86.79 -29.30
CA MET DC 92 16.38 -85.41 -29.27
C MET DC 92 15.51 -85.14 -30.48
N ARG DC 93 14.50 -84.30 -30.32
CA ARG DC 93 13.61 -83.93 -31.41
C ARG DC 93 13.68 -82.44 -31.62
N SER DC 94 13.62 -82.02 -32.88
CA SER DC 94 13.85 -80.62 -33.24
C SER DC 94 12.51 -79.93 -33.53
N VAL DC 95 11.98 -79.24 -32.54
CA VAL DC 95 10.66 -78.61 -32.62
C VAL DC 95 10.81 -77.28 -33.33
N TYR DC 96 10.05 -77.07 -34.40
CA TYR DC 96 10.07 -75.80 -35.08
C TYR DC 96 8.64 -75.35 -35.38
N ALA DC 97 8.47 -74.03 -35.52
CA ALA DC 97 7.18 -73.45 -35.85
C ALA DC 97 7.06 -73.07 -37.32
N HIS DC 98 8.01 -72.29 -37.83
CA HIS DC 98 8.00 -71.87 -39.23
C HIS DC 98 9.30 -72.16 -39.95
N PHE DC 99 10.44 -72.02 -39.29
CA PHE DC 99 11.74 -72.22 -39.91
C PHE DC 99 12.23 -73.62 -39.59
N PRO DC 100 12.35 -74.52 -40.56
CA PRO DC 100 12.88 -75.85 -40.28
C PRO DC 100 14.34 -75.83 -39.85
N ILE DC 101 14.62 -76.58 -38.79
CA ILE DC 101 15.94 -76.61 -38.17
C ILE DC 101 16.76 -77.65 -38.91
N ASN DC 102 17.79 -77.20 -39.62
CA ASN DC 102 18.58 -78.08 -40.47
C ASN DC 102 19.84 -78.51 -39.74
N VAL DC 103 19.98 -79.80 -39.49
CA VAL DC 103 21.06 -80.36 -38.68
C VAL DC 103 21.96 -81.19 -39.58
N VAL DC 104 23.25 -80.84 -39.61
CA VAL DC 104 24.25 -81.57 -40.38
C VAL DC 104 25.31 -82.10 -39.42
N ILE DC 105 25.56 -83.38 -39.47
CA ILE DC 105 26.49 -84.04 -38.56
C ILE DC 105 27.84 -84.20 -39.26
N GLN DC 106 28.91 -83.79 -38.58
CA GLN DC 106 30.25 -83.84 -39.17
C GLN DC 106 31.19 -84.59 -38.23
N GLU DC 107 32.27 -85.09 -38.83
CA GLU DC 107 33.40 -85.74 -38.16
C GLU DC 107 32.96 -86.96 -37.34
N ASN DC 108 32.48 -87.97 -38.05
CA ASN DC 108 32.07 -89.29 -37.57
C ASN DC 108 30.91 -89.25 -36.58
N GLY DC 109 30.28 -88.11 -36.37
CA GLY DC 109 29.33 -87.99 -35.30
C GLY DC 109 29.87 -87.26 -34.10
N SER DC 110 30.73 -86.27 -34.33
CA SER DC 110 31.33 -85.53 -33.22
C SER DC 110 31.13 -84.03 -33.33
N LEU DC 111 30.47 -83.55 -34.38
CA LEU DC 111 30.19 -82.12 -34.47
C LEU DC 111 28.78 -81.98 -35.03
N VAL DC 112 28.01 -81.05 -34.48
CA VAL DC 112 26.69 -80.72 -34.97
C VAL DC 112 26.74 -79.33 -35.60
N GLU DC 113 26.16 -79.20 -36.78
CA GLU DC 113 26.01 -77.95 -37.49
C GLU DC 113 24.52 -77.65 -37.54
N ILE DC 114 24.08 -76.66 -36.77
CA ILE DC 114 22.67 -76.31 -36.72
C ILE DC 114 22.47 -75.04 -37.52
N ARG DC 115 21.54 -75.07 -38.47
CA ARG DC 115 21.26 -73.95 -39.33
C ARG DC 115 19.75 -73.70 -39.36
N ASN DC 116 19.40 -72.43 -39.63
CA ASN DC 116 18.02 -71.96 -39.82
C ASN DC 116 17.15 -72.20 -38.58
N PHE DC 117 17.79 -72.18 -37.41
CA PHE DC 117 17.07 -72.16 -36.14
C PHE DC 117 16.46 -70.77 -36.03
N LEU DC 118 15.14 -70.68 -36.24
CA LEU DC 118 14.40 -69.41 -36.24
C LEU DC 118 14.91 -68.42 -37.28
N GLY DC 119 15.29 -68.91 -38.45
CA GLY DC 119 15.58 -68.03 -39.56
C GLY DC 119 16.83 -67.20 -39.39
N GLU DC 120 17.77 -67.65 -38.57
CA GLU DC 120 19.02 -66.95 -38.36
C GLU DC 120 20.05 -67.39 -39.37
N LYS DC 121 20.90 -66.45 -39.79
CA LYS DC 121 22.03 -66.78 -40.63
C LYS DC 121 23.21 -67.33 -39.84
N TYR DC 122 23.20 -67.18 -38.52
CA TYR DC 122 24.28 -67.71 -37.69
C TYR DC 122 24.17 -69.22 -37.64
N ILE DC 123 25.28 -69.90 -37.84
CA ILE DC 123 25.33 -71.35 -37.82
C ILE DC 123 25.94 -71.79 -36.50
N ARG DC 124 25.23 -72.63 -35.76
CA ARG DC 124 25.71 -73.12 -34.47
C ARG DC 124 26.56 -74.35 -34.67
N ARG DC 125 27.77 -74.34 -34.10
CA ARG DC 125 28.70 -75.45 -34.17
C ARG DC 125 28.87 -76.01 -32.76
N VAL DC 126 28.38 -77.22 -32.56
CA VAL DC 126 28.40 -77.84 -31.24
C VAL DC 126 29.34 -79.03 -31.30
N ARG DC 127 30.47 -78.94 -30.60
CA ARG DC 127 31.42 -80.03 -30.53
C ARG DC 127 31.00 -81.01 -29.45
N MET DC 128 30.96 -82.29 -29.81
CA MET DC 128 30.61 -83.34 -28.88
C MET DC 128 31.70 -83.62 -27.87
N ARG DC 129 31.30 -84.17 -26.74
CA ARG DC 129 32.25 -84.65 -25.76
C ARG DC 129 32.91 -85.92 -26.28
N PRO DC 130 34.18 -86.16 -25.93
CA PRO DC 130 34.94 -87.30 -26.48
C PRO DC 130 34.31 -88.66 -26.18
N GLY DC 131 34.01 -89.38 -27.25
CA GLY DC 131 33.43 -90.71 -27.16
C GLY DC 131 31.93 -90.76 -27.34
N VAL DC 132 31.30 -89.67 -27.77
CA VAL DC 132 29.86 -89.64 -27.94
C VAL DC 132 29.55 -89.53 -29.42
N ALA DC 133 28.85 -90.53 -29.95
CA ALA DC 133 28.47 -90.58 -31.36
C ALA DC 133 27.16 -89.82 -31.53
N CYS DC 134 27.07 -89.04 -32.59
CA CYS DC 134 25.93 -88.19 -32.86
C CYS DC 134 25.37 -88.52 -34.25
N SER DC 135 24.06 -88.71 -34.33
CA SER DC 135 23.53 -89.25 -35.57
C SER DC 135 22.09 -88.82 -35.77
N VAL DC 136 21.72 -88.52 -37.01
CA VAL DC 136 20.34 -88.22 -37.37
C VAL DC 136 19.61 -89.55 -37.58
N SER DC 137 18.48 -89.73 -36.89
CA SER DC 137 17.79 -91.01 -36.92
C SER DC 137 16.95 -91.16 -38.18
N GLN DC 138 17.03 -92.34 -38.79
CA GLN DC 138 16.19 -92.66 -39.93
C GLN DC 138 14.77 -92.97 -39.47
N ALA DC 139 13.85 -92.96 -40.44
CA ALA DC 139 12.41 -93.17 -40.26
C ALA DC 139 11.79 -92.18 -39.28
N GLN DC 140 12.36 -90.98 -39.17
CA GLN DC 140 11.79 -89.90 -38.35
C GLN DC 140 12.32 -88.59 -38.90
N LYS DC 141 11.42 -87.61 -39.06
CA LYS DC 141 11.72 -86.40 -39.80
C LYS DC 141 12.75 -85.54 -39.06
N ASP DC 142 12.40 -85.06 -37.86
CA ASP DC 142 13.27 -84.13 -37.14
C ASP DC 142 13.70 -84.73 -35.80
N GLU DC 143 14.70 -85.61 -35.87
CA GLU DC 143 15.22 -86.32 -34.71
C GLU DC 143 16.72 -86.47 -34.84
N LEU DC 144 17.38 -86.60 -33.71
CA LEU DC 144 18.82 -86.73 -33.61
C LEU DC 144 19.12 -87.69 -32.48
N VAL DC 145 20.14 -88.53 -32.66
CA VAL DC 145 20.40 -89.63 -31.74
C VAL DC 145 21.82 -89.51 -31.22
N LEU DC 146 21.97 -89.50 -29.90
CA LEU DC 146 23.27 -89.48 -29.26
C LEU DC 146 23.52 -90.83 -28.61
N GLU DC 147 24.67 -91.43 -28.88
CA GLU DC 147 24.97 -92.76 -28.39
C GLU DC 147 26.34 -92.78 -27.73
N GLY DC 148 26.42 -93.41 -26.57
CA GLY DC 148 27.71 -93.51 -25.90
C GLY DC 148 27.67 -94.44 -24.72
N ASN DC 149 28.73 -94.38 -23.91
CA ASN DC 149 28.84 -95.22 -22.73
C ASN DC 149 28.81 -94.42 -21.43
N ASP DC 150 29.41 -93.24 -21.40
CA ASP DC 150 29.25 -92.29 -20.30
C ASP DC 150 27.95 -91.53 -20.45
N ILE DC 151 27.07 -91.72 -19.47
CA ILE DC 151 25.82 -90.97 -19.40
C ILE DC 151 26.12 -89.49 -19.17
N GLU DC 152 27.17 -89.17 -18.41
CA GLU DC 152 27.49 -87.78 -18.12
C GLU DC 152 28.13 -87.07 -19.30
N LEU DC 153 28.59 -87.79 -20.32
CA LEU DC 153 28.97 -87.10 -21.55
C LEU DC 153 27.85 -87.08 -22.58
N VAL DC 154 27.06 -88.16 -22.67
CA VAL DC 154 25.93 -88.20 -23.60
C VAL DC 154 24.91 -87.12 -23.24
N SER DC 155 24.55 -87.04 -21.96
CA SER DC 155 23.53 -86.10 -21.53
C SER DC 155 24.06 -84.67 -21.50
N ASN DC 156 25.35 -84.49 -21.24
CA ASN DC 156 25.94 -83.15 -21.35
C ASN DC 156 25.98 -82.68 -22.79
N SER DC 157 26.25 -83.57 -23.75
CA SER DC 157 26.23 -83.21 -25.15
C SER DC 157 24.82 -82.86 -25.62
N ALA DC 158 23.82 -83.60 -25.13
CA ALA DC 158 22.44 -83.27 -25.39
C ALA DC 158 22.07 -81.91 -24.81
N ALA DC 159 22.55 -81.62 -23.60
CA ALA DC 159 22.36 -80.30 -23.01
C ALA DC 159 23.06 -79.21 -23.80
N LEU DC 160 24.21 -79.50 -24.38
CA LEU DC 160 24.91 -78.53 -25.21
C LEU DC 160 24.12 -78.19 -26.46
N ILE DC 161 23.54 -79.20 -27.12
CA ILE DC 161 22.68 -78.95 -28.28
C ILE DC 161 21.44 -78.15 -27.87
N GLN DC 162 20.84 -78.54 -26.73
CA GLN DC 162 19.61 -77.91 -26.26
C GLN DC 162 19.83 -76.45 -25.89
N GLN DC 163 20.92 -76.13 -25.20
CA GLN DC 163 21.21 -74.76 -24.84
C GLN DC 163 21.85 -73.98 -25.96
N ALA DC 164 22.32 -74.64 -27.02
CA ALA DC 164 22.72 -73.93 -28.22
C ALA DC 164 21.51 -73.49 -29.04
N THR DC 165 20.45 -74.30 -29.10
CA THR DC 165 19.24 -73.89 -29.79
C THR DC 165 18.24 -73.26 -28.81
N THR DC 166 18.59 -72.07 -28.34
CA THR DC 166 17.79 -71.33 -27.37
C THR DC 166 17.26 -70.05 -28.00
N VAL DC 167 16.02 -69.71 -27.67
CA VAL DC 167 15.40 -68.49 -28.18
C VAL DC 167 15.71 -67.34 -27.24
N LYS DC 168 16.09 -66.20 -27.80
CA LYS DC 168 16.51 -65.05 -27.03
C LYS DC 168 15.67 -63.84 -27.38
N ASN DC 169 15.37 -63.02 -26.36
CA ASN DC 169 14.69 -61.73 -26.45
C ASN DC 169 13.25 -61.84 -26.91
N LYS DC 170 12.65 -63.03 -26.87
CA LYS DC 170 11.22 -63.20 -27.12
C LYS DC 170 10.59 -63.92 -25.93
N ASP DC 171 9.30 -64.22 -26.05
CA ASP DC 171 8.58 -65.04 -25.09
C ASP DC 171 8.83 -66.49 -25.44
N ILE DC 172 9.43 -67.24 -24.53
CA ILE DC 172 9.86 -68.60 -24.86
C ILE DC 172 8.70 -69.58 -24.72
N ARG DC 173 7.61 -69.14 -24.09
CA ARG DC 173 6.44 -69.99 -24.02
C ARG DC 173 5.63 -69.98 -25.31
N LYS DC 174 5.82 -68.96 -26.15
CA LYS DC 174 5.28 -68.91 -27.49
C LYS DC 174 6.30 -69.34 -28.54
N PHE DC 175 7.54 -68.89 -28.40
CA PHE DC 175 8.62 -69.26 -29.30
C PHE DC 175 9.27 -70.53 -28.76
N LEU DC 176 8.64 -71.66 -29.08
CA LEU DC 176 8.98 -72.94 -28.49
C LEU DC 176 10.01 -73.72 -29.30
N ASP DC 177 10.59 -73.11 -30.31
CA ASP DC 177 11.50 -73.80 -31.21
C ASP DC 177 12.84 -74.12 -30.54
N GLY DC 178 13.34 -75.31 -30.85
CA GLY DC 178 14.62 -75.76 -30.35
C GLY DC 178 14.69 -77.27 -30.40
N ILE DC 179 15.85 -77.79 -30.04
CA ILE DC 179 16.12 -79.23 -30.09
C ILE DC 179 16.18 -79.75 -28.67
N TYR DC 180 15.27 -80.67 -28.33
CA TYR DC 180 15.00 -81.04 -26.96
C TYR DC 180 15.13 -82.55 -26.78
N VAL DC 181 15.63 -82.96 -25.62
CA VAL DC 181 15.78 -84.38 -25.31
C VAL DC 181 14.40 -84.99 -25.13
N SER DC 182 14.07 -85.98 -25.97
CA SER DC 182 12.73 -86.52 -25.97
C SER DC 182 12.68 -87.92 -25.38
N GLU DC 183 13.66 -88.74 -25.68
CA GLU DC 183 13.69 -90.08 -25.14
C GLU DC 183 15.05 -90.33 -24.54
N LYS DC 184 15.06 -91.02 -23.40
CA LYS DC 184 16.28 -91.45 -22.73
C LYS DC 184 16.23 -92.95 -22.60
N GLY DC 185 17.01 -93.65 -23.41
CA GLY DC 185 17.06 -95.09 -23.31
C GLY DC 185 18.47 -95.59 -23.47
N THR DC 186 18.62 -96.86 -23.83
CA THR DC 186 19.92 -97.44 -24.07
C THR DC 186 20.15 -97.61 -25.57
N VAL DC 187 21.41 -97.86 -25.94
CA VAL DC 187 21.72 -98.17 -27.33
C VAL DC 187 21.19 -99.55 -27.69
N GLN DC 188 21.47 -100.53 -26.85
CA GLN DC 188 21.06 -101.90 -27.05
C GLN DC 188 19.99 -102.22 -26.01
N GLN DC 189 18.79 -102.55 -26.47
CA GLN DC 189 17.72 -102.81 -25.52
C GLN DC 189 17.88 -104.18 -24.89
N ALA DC 190 17.11 -104.42 -23.84
CA ALA DC 190 17.12 -105.72 -23.16
C ALA DC 190 15.77 -105.97 -22.51
N GLY EC 1 1.51 -38.25 9.57
CA GLY EC 1 0.42 -38.26 10.52
C GLY EC 1 0.87 -38.68 11.90
N ARG EC 2 0.89 -39.98 12.15
CA ARG EC 2 1.42 -40.50 13.40
C ARG EC 2 2.70 -41.26 13.15
N ARG EC 3 3.53 -41.31 14.19
CA ARG EC 3 4.84 -41.92 14.13
C ARG EC 3 4.72 -43.44 14.03
N PRO EC 4 5.76 -44.11 13.52
CA PRO EC 4 5.78 -45.57 13.60
C PRO EC 4 5.87 -46.05 15.04
N ALA EC 5 5.37 -47.27 15.27
CA ALA EC 5 5.22 -47.83 16.61
C ALA EC 5 6.55 -48.08 17.32
N ARG EC 6 7.67 -48.06 16.61
CA ARG EC 6 8.96 -48.21 17.26
C ARG EC 6 9.33 -47.01 18.10
N CYS EC 7 8.67 -45.87 17.90
CA CYS EC 7 8.85 -44.74 18.77
C CYS EC 7 8.22 -44.94 20.15
N TYR EC 8 7.19 -45.78 20.24
CA TYR EC 8 6.46 -45.98 21.49
C TYR EC 8 6.29 -47.45 21.78
N ARG EC 9 7.28 -48.26 21.43
CA ARG EC 9 7.20 -49.68 21.73
C ARG EC 9 7.45 -50.00 23.20
N TYR EC 10 8.35 -49.28 23.87
CA TYR EC 10 8.81 -49.66 25.20
C TYR EC 10 8.13 -48.84 26.28
N CYS EC 11 7.89 -49.47 27.44
CA CYS EC 11 7.15 -48.85 28.54
C CYS EC 11 8.10 -47.98 29.37
N LYS EC 12 8.62 -46.94 28.72
CA LYS EC 12 9.64 -46.11 29.34
C LYS EC 12 9.08 -45.14 30.37
N ASN EC 13 7.95 -44.51 30.10
CA ASN EC 13 7.35 -43.54 31.00
C ASN EC 13 6.51 -44.23 32.06
N LYS EC 14 6.10 -43.44 33.07
CA LYS EC 14 5.09 -43.85 34.01
C LYS EC 14 3.73 -43.90 33.33
N PRO EC 15 2.78 -44.70 33.84
CA PRO EC 15 1.43 -44.72 33.26
C PRO EC 15 0.74 -43.38 33.29
N TYR EC 16 0.07 -43.02 32.18
CA TYR EC 16 -0.46 -41.67 31.96
C TYR EC 16 -1.88 -41.76 31.41
N PRO EC 17 -2.85 -42.16 32.23
CA PRO EC 17 -4.23 -42.26 31.72
C PRO EC 17 -4.86 -40.90 31.48
N LYS EC 18 -5.92 -40.90 30.67
CA LYS EC 18 -6.72 -39.69 30.54
C LYS EC 18 -7.53 -39.53 31.82
N SER EC 19 -7.54 -38.31 32.34
CA SER EC 19 -8.15 -37.98 33.61
C SER EC 19 -8.39 -36.50 33.62
N ARG EC 20 -8.65 -35.93 34.80
CA ARG EC 20 -8.79 -34.49 34.89
C ARG EC 20 -7.47 -33.74 34.72
N PHE EC 21 -6.33 -34.43 34.71
CA PHE EC 21 -5.03 -33.82 34.46
C PHE EC 21 -4.54 -33.98 33.03
N CYS EC 22 -5.12 -34.90 32.26
CA CYS EC 22 -4.77 -35.05 30.85
C CYS EC 22 -6.05 -34.85 30.05
N ARG EC 23 -6.13 -33.70 29.39
CA ARG EC 23 -7.29 -33.34 28.59
C ARG EC 23 -6.87 -33.05 27.16
N GLY EC 24 -7.83 -33.13 26.25
CA GLY EC 24 -7.53 -33.01 24.84
C GLY EC 24 -6.90 -34.28 24.29
N VAL EC 25 -7.38 -35.42 24.75
CA VAL EC 25 -6.92 -36.73 24.30
C VAL EC 25 -7.88 -37.23 23.24
N PRO EC 26 -7.41 -37.53 22.03
CA PRO EC 26 -8.29 -38.09 21.01
C PRO EC 26 -8.70 -39.51 21.37
N ASP EC 27 -9.86 -39.92 20.87
CA ASP EC 27 -10.39 -41.23 21.18
C ASP EC 27 -9.52 -42.28 20.51
N ALA EC 28 -9.51 -43.47 21.11
CA ALA EC 28 -8.74 -44.59 20.58
C ALA EC 28 -9.30 -45.04 19.25
N LYS EC 29 -8.40 -45.55 18.39
CA LYS EC 29 -8.83 -46.11 17.13
C LYS EC 29 -9.69 -47.36 17.35
N ILE EC 30 -9.26 -48.24 18.24
CA ILE EC 30 -10.10 -49.36 18.66
C ILE EC 30 -11.21 -48.84 19.56
N ARG EC 31 -12.44 -49.26 19.27
CA ARG EC 31 -13.59 -48.96 20.09
C ARG EC 31 -14.31 -50.21 20.54
N ILE EC 32 -14.48 -51.19 19.67
CA ILE EC 32 -15.21 -52.41 19.96
C ILE EC 32 -14.20 -53.44 20.43
N PHE EC 33 -14.45 -54.04 21.59
CA PHE EC 33 -13.55 -55.02 22.15
C PHE EC 33 -14.07 -56.44 22.06
N ASP EC 34 -15.30 -56.63 21.58
CA ASP EC 34 -15.91 -57.95 21.46
C ASP EC 34 -16.57 -58.11 20.11
N LEU EC 35 -16.26 -59.22 19.45
CA LEU EC 35 -16.73 -59.52 18.10
C LEU EC 35 -17.26 -60.94 18.07
N GLY EC 36 -18.02 -61.24 17.03
CA GLY EC 36 -18.62 -62.55 16.94
C GLY EC 36 -19.89 -62.61 17.76
N ARG EC 37 -20.24 -63.81 18.19
CA ARG EC 37 -21.42 -63.99 19.02
C ARG EC 37 -21.06 -63.63 20.46
N LYS EC 38 -21.39 -62.39 20.81
CA LYS EC 38 -21.26 -61.98 22.20
C LYS EC 38 -22.34 -62.64 23.05
N LYS EC 39 -23.48 -62.94 22.44
CA LYS EC 39 -24.67 -63.44 23.13
C LYS EC 39 -24.66 -64.96 23.25
N ALA EC 40 -23.57 -65.60 22.85
CA ALA EC 40 -23.44 -67.05 22.93
C ALA EC 40 -23.28 -67.49 24.38
N LYS EC 41 -23.86 -68.64 24.71
CA LYS EC 41 -23.82 -69.11 26.08
C LYS EC 41 -22.46 -69.71 26.40
N VAL EC 42 -22.27 -70.07 27.67
CA VAL EC 42 -20.97 -70.55 28.11
C VAL EC 42 -20.70 -71.98 27.65
N ASP EC 43 -21.75 -72.76 27.37
CA ASP EC 43 -21.56 -74.13 26.92
C ASP EC 43 -21.52 -74.26 25.41
N GLU EC 44 -21.71 -73.17 24.68
CA GLU EC 44 -21.69 -73.21 23.23
C GLU EC 44 -20.30 -73.05 22.66
N PHE EC 45 -19.42 -72.30 23.33
CA PHE EC 45 -18.07 -72.01 22.84
C PHE EC 45 -17.05 -72.46 23.89
N PRO EC 46 -16.75 -73.76 23.97
CA PRO EC 46 -15.89 -74.24 25.06
C PRO EC 46 -14.42 -73.99 24.88
N LEU EC 47 -13.93 -73.98 23.65
CA LEU EC 47 -12.50 -73.93 23.38
C LEU EC 47 -12.01 -72.50 23.28
N CYS EC 48 -11.04 -72.16 24.12
CA CYS EC 48 -10.52 -70.80 24.17
C CYS EC 48 -9.04 -70.78 23.85
N GLY EC 49 -8.65 -69.90 22.94
CA GLY EC 49 -7.26 -69.70 22.61
C GLY EC 49 -6.83 -68.28 22.85
N HIS EC 50 -5.66 -68.09 23.44
CA HIS EC 50 -5.13 -66.77 23.78
C HIS EC 50 -3.95 -66.44 22.89
N MET EC 51 -3.83 -65.17 22.56
CA MET EC 51 -2.59 -64.59 22.07
C MET EC 51 -1.92 -63.92 23.26
N VAL EC 52 -0.86 -64.53 23.75
CA VAL EC 52 -0.21 -64.12 24.99
C VAL EC 52 1.08 -63.40 24.64
N SER EC 53 1.26 -62.21 25.20
CA SER EC 53 2.49 -61.44 24.98
C SER EC 53 3.66 -62.11 25.66
N ASP EC 54 4.86 -61.85 25.15
CA ASP EC 54 6.06 -62.33 25.79
C ASP EC 54 7.03 -61.21 26.13
N GLU EC 55 6.60 -59.97 26.01
CA GLU EC 55 7.48 -58.84 26.26
C GLU EC 55 6.73 -57.76 27.04
N TYR EC 56 7.50 -57.02 27.82
CA TYR EC 56 7.01 -55.84 28.53
C TYR EC 56 7.07 -54.67 27.56
N GLU EC 57 6.05 -54.54 26.73
CA GLU EC 57 6.06 -53.57 25.65
C GLU EC 57 4.72 -52.86 25.63
N GLN EC 58 4.55 -51.99 24.64
CA GLN EC 58 3.38 -51.13 24.51
C GLN EC 58 2.75 -51.37 23.15
N LEU EC 59 1.48 -51.76 23.15
CA LEU EC 59 0.74 -52.00 21.91
C LEU EC 59 -0.16 -50.82 21.60
N SER EC 60 -0.04 -50.28 20.41
CA SER EC 60 -0.85 -49.13 20.01
C SER EC 60 -2.30 -49.53 19.79
N SER EC 61 -3.18 -48.54 19.92
CA SER EC 61 -4.61 -48.76 19.67
C SER EC 61 -4.88 -49.04 18.21
N GLU EC 62 -4.07 -48.43 17.32
CA GLU EC 62 -4.15 -48.71 15.90
C GLU EC 62 -3.82 -50.16 15.60
N ALA EC 63 -2.77 -50.69 16.24
CA ALA EC 63 -2.43 -52.11 16.11
C ALA EC 63 -3.49 -53.00 16.74
N LEU EC 64 -4.06 -52.58 17.86
CA LEU EC 64 -5.09 -53.38 18.50
C LEU EC 64 -6.36 -53.42 17.67
N GLU EC 65 -6.60 -52.40 16.85
CA GLU EC 65 -7.72 -52.50 15.92
C GLU EC 65 -7.36 -53.29 14.67
N ALA EC 66 -6.12 -53.15 14.16
CA ALA EC 66 -5.71 -53.89 12.98
C ALA EC 66 -5.70 -55.40 13.22
N ALA EC 67 -5.23 -55.82 14.40
CA ALA EC 67 -5.23 -57.24 14.73
C ALA EC 67 -6.63 -57.79 14.94
N ARG EC 68 -7.54 -56.99 15.51
CA ARG EC 68 -8.90 -57.51 15.69
C ARG EC 68 -9.65 -57.54 14.36
N ILE EC 69 -9.32 -56.64 13.42
CA ILE EC 69 -9.87 -56.74 12.07
C ILE EC 69 -9.31 -57.97 11.34
N CYS EC 70 -8.01 -58.24 11.49
CA CYS EC 70 -7.41 -59.41 10.83
C CYS EC 70 -7.96 -60.72 11.39
N ALA EC 71 -8.03 -60.82 12.72
CA ALA EC 71 -8.58 -62.01 13.36
C ALA EC 71 -10.07 -62.14 13.10
N ASN EC 72 -10.80 -61.03 13.09
CA ASN EC 72 -12.22 -61.08 12.80
C ASN EC 72 -12.50 -61.55 11.39
N LYS EC 73 -11.70 -61.06 10.42
CA LYS EC 73 -11.90 -61.46 9.04
C LYS EC 73 -11.59 -62.92 8.83
N TYR EC 74 -10.52 -63.43 9.45
CA TYR EC 74 -10.25 -64.85 9.27
C TYR EC 74 -11.28 -65.71 10.00
N MET EC 75 -11.80 -65.26 11.14
CA MET EC 75 -12.76 -66.11 11.84
C MET EC 75 -14.14 -66.06 11.17
N VAL EC 76 -14.50 -64.95 10.54
CA VAL EC 76 -15.75 -64.95 9.78
C VAL EC 76 -15.57 -65.70 8.47
N LYS EC 77 -14.34 -65.79 7.97
CA LYS EC 77 -14.14 -66.58 6.77
C LYS EC 77 -14.12 -68.07 7.07
N SER EC 78 -13.51 -68.48 8.19
CA SER EC 78 -13.21 -69.87 8.46
C SER EC 78 -14.25 -70.54 9.34
N CYS EC 79 -14.70 -69.88 10.40
CA CYS EC 79 -15.73 -70.41 11.27
C CYS EC 79 -17.12 -69.95 10.85
N GLY EC 80 -17.20 -69.16 9.80
CA GLY EC 80 -18.45 -68.54 9.41
C GLY EC 80 -18.71 -67.27 10.20
N LYS EC 81 -19.80 -66.60 9.84
CA LYS EC 81 -20.08 -65.24 10.28
C LYS EC 81 -20.27 -65.14 11.80
N ASP EC 82 -20.91 -66.13 12.39
CA ASP EC 82 -21.05 -66.19 13.86
C ASP EC 82 -20.83 -67.63 14.34
N GLY EC 83 -19.57 -67.92 14.65
CA GLY EC 83 -19.18 -69.22 15.14
C GLY EC 83 -18.05 -69.09 16.12
N PHE EC 84 -17.89 -67.88 16.64
CA PHE EC 84 -16.74 -67.53 17.46
C PHE EC 84 -17.11 -66.36 18.33
N HIS EC 85 -16.23 -66.04 19.27
CA HIS EC 85 -16.36 -64.85 20.08
C HIS EC 85 -14.96 -64.35 20.39
N ILE EC 86 -14.64 -63.16 19.90
CA ILE EC 86 -13.34 -62.53 20.10
C ILE EC 86 -13.45 -61.48 21.19
N ARG EC 87 -12.60 -61.56 22.20
CA ARG EC 87 -12.47 -60.52 23.23
C ARG EC 87 -11.05 -60.00 23.20
N VAL EC 88 -10.89 -58.73 22.88
CA VAL EC 88 -9.59 -58.06 23.02
C VAL EC 88 -9.44 -57.71 24.50
N ARG EC 89 -8.40 -58.24 25.13
CA ARG EC 89 -8.21 -58.11 26.57
C ARG EC 89 -7.16 -57.05 26.90
N LEU EC 90 -6.96 -56.08 26.02
CA LEU EC 90 -6.28 -54.83 26.35
C LEU EC 90 -7.10 -53.66 25.87
N HIS EC 91 -7.23 -52.66 26.72
CA HIS EC 91 -7.88 -51.41 26.41
C HIS EC 91 -6.83 -50.30 26.49
N PRO EC 92 -6.64 -49.52 25.44
CA PRO EC 92 -5.54 -48.54 25.45
C PRO EC 92 -5.75 -47.36 26.38
N PHE EC 93 -5.06 -47.37 27.51
CA PHE EC 93 -5.24 -46.34 28.52
C PHE EC 93 -4.03 -45.43 28.64
N HIS EC 94 -2.85 -45.88 28.28
CA HIS EC 94 -1.65 -45.08 28.46
C HIS EC 94 -1.55 -44.09 27.31
N VAL EC 95 -1.60 -42.81 27.61
CA VAL EC 95 -1.51 -41.80 26.58
C VAL EC 95 -0.05 -41.57 26.22
N ILE EC 96 0.25 -41.59 24.92
CA ILE EC 96 1.56 -41.21 24.41
C ILE EC 96 1.49 -39.78 23.90
N ARG EC 97 2.61 -39.08 24.02
CA ARG EC 97 2.72 -37.66 23.78
C ARG EC 97 3.49 -37.38 22.49
N ILE EC 98 3.49 -36.12 22.06
CA ILE EC 98 4.34 -35.70 20.95
C ILE EC 98 4.75 -34.24 21.17
N ASN EC 99 6.02 -33.94 20.97
CA ASN EC 99 6.50 -32.57 20.98
C ASN EC 99 6.77 -32.18 19.52
N LYS EC 100 5.73 -31.67 18.85
CA LYS EC 100 5.79 -31.40 17.42
C LYS EC 100 6.67 -30.19 17.16
N MET EC 101 7.59 -30.30 16.21
CA MET EC 101 8.53 -29.22 15.94
C MET EC 101 8.45 -28.85 14.46
N LEU EC 102 7.46 -28.02 14.14
CA LEU EC 102 7.19 -27.47 12.80
C LEU EC 102 7.11 -28.51 11.70
N GLN EC 111 12.60 -21.18 16.43
CA GLN EC 111 12.22 -22.50 16.90
C GLN EC 111 12.70 -22.70 18.33
N THR EC 112 11.81 -23.20 19.18
CA THR EC 112 12.06 -23.27 20.62
C THR EC 112 13.09 -24.33 21.00
N GLY EC 113 13.16 -25.43 20.28
CA GLY EC 113 14.04 -26.51 20.69
C GLY EC 113 13.39 -27.33 21.78
N MET EC 114 14.17 -27.69 22.81
CA MET EC 114 13.63 -28.48 23.91
C MET EC 114 13.08 -27.61 25.02
N ARG EC 115 12.96 -26.30 24.81
CA ARG EC 115 12.29 -25.42 25.76
C ARG EC 115 10.81 -25.74 25.82
N GLY EC 116 10.33 -26.06 27.02
CA GLY EC 116 8.94 -26.37 27.24
C GLY EC 116 8.50 -27.61 26.51
N ALA EC 117 9.40 -28.58 26.40
CA ALA EC 117 9.16 -29.78 25.61
C ALA EC 117 8.43 -30.81 26.45
N PHE EC 118 7.16 -30.54 26.70
CA PHE EC 118 6.24 -31.51 27.27
C PHE EC 118 5.15 -31.72 26.24
N GLY EC 119 4.86 -32.96 25.92
CA GLY EC 119 4.05 -33.26 24.77
C GLY EC 119 2.57 -33.01 24.98
N LYS EC 120 1.94 -32.75 23.93
CA LYS EC 120 0.50 -32.83 23.81
C LYS EC 120 0.11 -34.28 23.60
N PRO EC 121 -1.10 -34.70 23.99
CA PRO EC 121 -1.48 -36.12 23.85
C PRO EC 121 -1.59 -36.58 22.41
N GLN EC 122 -0.66 -37.42 21.97
CA GLN EC 122 -0.70 -37.89 20.60
C GLN EC 122 -1.65 -39.06 20.40
N GLY EC 123 -1.62 -40.04 21.28
CA GLY EC 123 -2.44 -41.20 21.05
C GLY EC 123 -2.61 -42.04 22.29
N THR EC 124 -3.33 -43.14 22.12
CA THR EC 124 -3.61 -44.08 23.21
C THR EC 124 -2.97 -45.42 22.90
N VAL EC 125 -2.30 -45.98 23.90
CA VAL EC 125 -1.48 -47.17 23.76
C VAL EC 125 -1.65 -48.00 25.03
N ALA EC 126 -1.90 -49.29 24.86
CA ALA EC 126 -2.09 -50.20 25.98
C ALA EC 126 -0.76 -50.80 26.43
N ARG EC 127 -0.68 -51.16 27.70
CA ARG EC 127 0.52 -51.77 28.27
C ARG EC 127 0.27 -53.24 28.54
N VAL EC 128 1.17 -54.10 28.05
CA VAL EC 128 1.04 -55.53 28.23
C VAL EC 128 2.30 -56.07 28.86
N HIS EC 129 2.13 -57.05 29.75
CA HIS EC 129 3.22 -57.68 30.47
C HIS EC 129 3.60 -58.99 29.81
N ILE EC 130 4.68 -59.58 30.32
CA ILE EC 130 5.08 -60.92 29.89
C ILE EC 130 4.10 -61.92 30.48
N GLY EC 131 3.33 -62.56 29.61
CA GLY EC 131 2.35 -63.52 30.05
C GLY EC 131 0.93 -63.03 30.11
N GLN EC 132 0.67 -61.78 29.71
CA GLN EC 132 -0.68 -61.24 29.75
C GLN EC 132 -1.37 -61.46 28.41
N VAL EC 133 -2.63 -61.87 28.47
CA VAL EC 133 -3.40 -62.20 27.27
C VAL EC 133 -3.77 -60.94 26.50
N ILE EC 134 -3.50 -60.94 25.19
CA ILE EC 134 -3.80 -59.80 24.34
C ILE EC 134 -5.16 -59.97 23.69
N MET EC 135 -5.40 -61.12 23.10
CA MET EC 135 -6.63 -61.44 22.43
C MET EC 135 -7.06 -62.83 22.87
N SER EC 136 -8.36 -63.04 23.02
CA SER EC 136 -8.87 -64.35 23.34
C SER EC 136 -10.00 -64.65 22.39
N ILE EC 137 -10.07 -65.90 21.92
CA ILE EC 137 -11.21 -66.33 21.12
C ILE EC 137 -11.77 -67.61 21.74
N ARG EC 138 -13.08 -67.63 21.97
CA ARG EC 138 -13.76 -68.86 22.35
C ARG EC 138 -14.67 -69.30 21.21
N THR EC 139 -14.75 -70.60 21.02
CA THR EC 139 -15.41 -71.21 19.86
C THR EC 139 -15.63 -72.69 20.16
N LYS EC 140 -16.19 -73.42 19.21
CA LYS EC 140 -16.33 -74.86 19.32
C LYS EC 140 -14.98 -75.55 19.17
N LEU EC 141 -14.90 -76.80 19.66
CA LEU EC 141 -13.65 -77.55 19.70
C LEU EC 141 -13.06 -77.84 18.33
N GLN EC 142 -13.90 -77.98 17.31
CA GLN EC 142 -13.41 -78.34 15.99
C GLN EC 142 -12.79 -77.17 15.24
N ASN EC 143 -12.89 -75.94 15.78
CA ASN EC 143 -12.34 -74.76 15.13
C ASN EC 143 -10.95 -74.39 15.64
N LYS EC 144 -10.19 -75.36 16.14
CA LYS EC 144 -8.93 -75.09 16.83
C LYS EC 144 -7.85 -74.57 15.88
N GLU EC 145 -7.69 -75.21 14.72
CA GLU EC 145 -6.72 -74.75 13.75
C GLU EC 145 -7.12 -73.40 13.15
N HIS EC 146 -8.41 -73.10 13.10
CA HIS EC 146 -8.88 -71.80 12.66
C HIS EC 146 -8.56 -70.71 13.69
N VAL EC 147 -8.68 -71.04 14.99
CA VAL EC 147 -8.24 -70.13 16.04
C VAL EC 147 -6.75 -69.87 15.95
N VAL EC 148 -5.96 -70.94 15.80
CA VAL EC 148 -4.50 -70.81 15.77
C VAL EC 148 -4.05 -70.00 14.57
N GLU EC 149 -4.65 -70.22 13.40
CA GLU EC 149 -4.30 -69.42 12.23
C GLU EC 149 -4.81 -67.98 12.33
N ALA EC 150 -5.93 -67.76 13.02
CA ALA EC 150 -6.44 -66.40 13.20
C ALA EC 150 -5.50 -65.58 14.09
N LEU EC 151 -5.07 -66.15 15.22
CA LEU EC 151 -4.09 -65.45 16.06
C LEU EC 151 -2.72 -65.38 15.40
N ARG EC 152 -2.36 -66.37 14.59
CA ARG EC 152 -1.07 -66.31 13.91
C ARG EC 152 -1.06 -65.24 12.83
N ARG EC 153 -2.21 -65.00 12.20
CA ARG EC 153 -2.28 -63.89 11.25
C ARG EC 153 -2.33 -62.55 11.99
N ALA EC 154 -3.09 -62.47 13.08
CA ALA EC 154 -3.18 -61.25 13.86
C ALA EC 154 -1.89 -60.90 14.59
N LYS EC 155 -1.00 -61.87 14.75
CA LYS EC 155 0.35 -61.68 15.29
C LYS EC 155 1.13 -60.63 14.51
N PHE EC 156 1.03 -60.62 13.19
CA PHE EC 156 1.85 -59.74 12.36
C PHE EC 156 1.50 -58.27 12.49
N LYS EC 157 0.31 -57.94 13.00
CA LYS EC 157 -0.05 -56.57 13.30
C LYS EC 157 0.65 -56.02 14.54
N PHE EC 158 1.18 -56.89 15.39
CA PHE EC 158 1.73 -56.55 16.68
C PHE EC 158 3.25 -56.54 16.65
N PRO EC 159 3.88 -55.60 17.33
CA PRO EC 159 5.32 -55.68 17.54
C PRO EC 159 5.65 -56.76 18.55
N GLY EC 160 6.91 -57.18 18.53
CA GLY EC 160 7.38 -58.12 19.51
C GLY EC 160 6.89 -59.54 19.34
N ARG EC 161 7.12 -60.39 20.33
CA ARG EC 161 6.84 -61.82 20.21
C ARG EC 161 5.61 -62.18 21.01
N GLN EC 162 4.67 -62.81 20.33
CA GLN EC 162 3.45 -63.32 20.93
C GLN EC 162 3.41 -64.83 20.74
N LYS EC 163 2.95 -65.53 21.77
CA LYS EC 163 2.67 -66.95 21.66
C LYS EC 163 1.18 -67.16 21.47
N ILE EC 164 0.83 -68.28 20.87
CA ILE EC 164 -0.55 -68.75 20.80
C ILE EC 164 -0.67 -69.90 21.77
N HIS EC 165 -1.59 -69.80 22.71
CA HIS EC 165 -1.75 -70.82 23.74
C HIS EC 165 -3.21 -71.21 23.85
N ILE EC 166 -3.50 -72.48 23.58
CA ILE EC 166 -4.83 -73.00 23.87
C ILE EC 166 -4.98 -73.14 25.38
N SER EC 167 -5.95 -72.43 25.95
CA SER EC 167 -6.06 -72.38 27.40
C SER EC 167 -6.66 -73.65 27.97
N LYS EC 168 -6.36 -73.90 29.23
CA LYS EC 168 -6.95 -75.00 29.97
C LYS EC 168 -8.39 -74.72 30.38
N LYS EC 169 -8.81 -73.45 30.34
CA LYS EC 169 -10.10 -73.04 30.87
C LYS EC 169 -11.21 -73.28 29.84
N TRP EC 170 -12.44 -73.00 30.25
CA TRP EC 170 -13.63 -73.24 29.44
C TRP EC 170 -14.14 -71.90 28.93
N GLY EC 171 -13.70 -71.50 27.75
CA GLY EC 171 -14.15 -70.23 27.22
C GLY EC 171 -13.56 -69.06 27.98
N PHE EC 172 -14.39 -68.04 28.22
CA PHE EC 172 -13.91 -66.84 28.90
C PHE EC 172 -14.17 -66.92 30.41
N THR EC 173 -13.80 -68.03 31.02
CA THR EC 173 -14.05 -68.26 32.44
C THR EC 173 -12.75 -68.56 33.17
N LYS EC 174 -12.79 -68.49 34.49
CA LYS EC 174 -11.66 -68.73 35.36
C LYS EC 174 -11.58 -70.18 35.81
N PHE EC 175 -12.44 -71.03 35.27
CA PHE EC 175 -12.55 -72.42 35.70
C PHE EC 175 -12.06 -73.36 34.61
N ASN EC 176 -11.53 -74.49 35.03
CA ASN EC 176 -10.93 -75.42 34.08
C ASN EC 176 -12.00 -76.16 33.28
N ALA EC 177 -11.68 -76.42 32.01
CA ALA EC 177 -12.63 -77.01 31.08
C ALA EC 177 -12.98 -78.45 31.42
N ASP EC 178 -12.07 -79.17 32.09
CA ASP EC 178 -12.38 -80.53 32.50
C ASP EC 178 -13.33 -80.61 33.69
N GLU EC 179 -13.16 -79.74 34.69
CA GLU EC 179 -13.96 -79.75 35.91
C GLU EC 179 -15.27 -79.00 35.69
N PHE EC 180 -15.34 -78.24 34.60
CA PHE EC 180 -16.41 -77.28 34.34
C PHE EC 180 -17.78 -77.93 34.28
N GLU EC 181 -17.92 -79.01 33.50
CA GLU EC 181 -19.26 -79.52 33.22
C GLU EC 181 -19.87 -80.25 34.40
N ASP EC 182 -19.12 -81.05 35.12
CA ASP EC 182 -19.71 -81.67 36.30
C ASP EC 182 -19.88 -80.68 37.45
N MET EC 183 -19.10 -79.58 37.48
CA MET EC 183 -19.40 -78.60 38.52
C MET EC 183 -20.54 -77.67 38.11
N VAL EC 184 -20.89 -77.64 36.82
CA VAL EC 184 -22.20 -77.11 36.45
C VAL EC 184 -23.29 -78.09 36.90
N ALA EC 185 -23.05 -79.39 36.73
CA ALA EC 185 -24.02 -80.41 37.08
C ALA EC 185 -24.32 -80.43 38.57
N GLU EC 186 -23.30 -80.21 39.41
CA GLU EC 186 -23.46 -80.16 40.86
C GLU EC 186 -24.03 -78.82 41.35
N LYS EC 187 -24.40 -77.94 40.42
CA LYS EC 187 -24.92 -76.59 40.68
C LYS EC 187 -23.92 -75.77 41.50
N ARG EC 188 -22.66 -75.81 41.08
CA ARG EC 188 -21.64 -74.90 41.57
C ARG EC 188 -21.42 -73.73 40.62
N LEU EC 189 -21.68 -73.90 39.33
CA LEU EC 189 -21.66 -72.79 38.38
C LEU EC 189 -23.02 -72.71 37.71
N ILE EC 190 -23.67 -71.57 37.83
CA ILE EC 190 -24.89 -71.29 37.06
C ILE EC 190 -24.50 -70.48 35.84
N PRO EC 191 -24.84 -70.92 34.63
CA PRO EC 191 -24.46 -70.18 33.44
C PRO EC 191 -25.23 -68.89 33.34
N ASP EC 192 -24.51 -67.81 33.13
CA ASP EC 192 -25.12 -66.48 33.17
C ASP EC 192 -24.54 -65.63 32.04
N GLY EC 193 -25.20 -65.75 30.89
CA GLY EC 193 -24.74 -65.07 29.69
C GLY EC 193 -23.47 -65.68 29.15
N CYS EC 194 -22.46 -64.83 28.99
CA CYS EC 194 -21.18 -65.22 28.42
C CYS EC 194 -20.43 -66.21 29.30
N GLY EC 195 -20.43 -66.01 30.61
CA GLY EC 195 -19.71 -66.88 31.50
C GLY EC 195 -20.61 -67.54 32.53
N VAL EC 196 -20.07 -67.75 33.72
CA VAL EC 196 -20.78 -68.42 34.78
C VAL EC 196 -20.73 -67.58 36.04
N LYS EC 197 -21.63 -67.91 36.98
CA LYS EC 197 -21.58 -67.42 38.35
C LYS EC 197 -21.32 -68.57 39.30
N TYR EC 198 -20.30 -68.41 40.13
CA TYR EC 198 -19.93 -69.38 41.14
C TYR EC 198 -20.92 -69.28 42.29
N ILE EC 199 -21.40 -70.43 42.75
CA ILE EC 199 -22.27 -70.51 43.92
C ILE EC 199 -21.47 -71.17 45.04
N PRO EC 200 -21.01 -70.42 46.03
CA PRO EC 200 -20.36 -71.05 47.19
C PRO EC 200 -21.37 -71.56 48.19
N ASN EC 201 -20.86 -72.30 49.16
CA ASN EC 201 -21.67 -72.81 50.27
C ASN EC 201 -21.63 -71.84 51.45
N ARG EC 202 -21.95 -70.58 51.20
CA ARG EC 202 -21.78 -69.55 52.21
C ARG EC 202 -22.91 -68.56 52.34
N GLY EC 203 -23.89 -68.53 51.44
CA GLY EC 203 -24.93 -67.53 51.51
C GLY EC 203 -26.03 -67.89 52.48
N PRO EC 204 -27.12 -67.13 52.48
CA PRO EC 204 -28.32 -67.57 53.18
C PRO EC 204 -28.92 -68.79 52.49
N LEU EC 205 -29.60 -69.63 53.28
CA LEU EC 205 -30.12 -70.90 52.78
C LEU EC 205 -31.27 -70.73 51.80
N ASP EC 206 -31.89 -69.56 51.73
CA ASP EC 206 -32.94 -69.33 50.76
C ASP EC 206 -32.42 -69.30 49.33
N LYS EC 207 -31.14 -68.98 49.13
CA LYS EC 207 -30.55 -69.10 47.81
C LYS EC 207 -30.31 -70.56 47.47
N TRP EC 208 -29.89 -71.37 48.45
CA TRP EC 208 -29.71 -72.79 48.22
C TRP EC 208 -31.03 -73.49 47.91
N ARG EC 209 -32.11 -73.10 48.60
CA ARG EC 209 -33.41 -73.67 48.30
C ARG EC 209 -33.91 -73.27 46.92
N ALA EC 210 -33.64 -72.02 46.52
CA ALA EC 210 -34.04 -71.56 45.20
C ALA EC 210 -33.23 -72.24 44.10
N LEU EC 211 -31.98 -72.60 44.40
CA LEU EC 211 -31.15 -73.29 43.44
C LEU EC 211 -31.44 -74.79 43.39
N HIS EC 212 -31.88 -75.38 44.50
CA HIS EC 212 -32.10 -76.82 44.62
C HIS EC 212 -33.58 -77.19 44.70
N SER EC 213 -34.46 -76.28 44.30
CA SER EC 213 -35.89 -76.53 44.33
C SER EC 213 -36.30 -77.57 43.30
N LYS FC 1 -54.26 -61.32 72.38
CA LYS FC 1 -54.53 -59.90 72.52
C LYS FC 1 -53.28 -59.10 72.21
N GLU FC 2 -53.45 -58.05 71.41
CA GLU FC 2 -52.36 -57.10 71.23
C GLU FC 2 -52.17 -56.28 72.48
N ASN FC 3 -50.98 -55.78 72.66
CA ASN FC 3 -50.67 -54.87 73.74
C ASN FC 3 -51.38 -53.52 73.55
N PRO FC 4 -51.59 -52.76 74.65
CA PRO FC 4 -52.13 -51.40 74.50
C PRO FC 4 -51.20 -50.41 73.81
N MET FC 5 -49.92 -50.72 73.71
CA MET FC 5 -48.90 -49.85 73.14
C MET FC 5 -48.64 -50.11 71.67
N ARG FC 6 -49.28 -51.12 71.10
CA ARG FC 6 -49.30 -51.31 69.66
C ARG FC 6 -50.46 -50.55 69.03
N GLU FC 7 -51.26 -49.85 69.85
CA GLU FC 7 -52.38 -49.07 69.35
C GLU FC 7 -51.86 -47.82 68.65
N LEU FC 8 -52.35 -47.60 67.44
CA LEU FC 8 -51.91 -46.45 66.67
C LEU FC 8 -52.56 -45.17 67.20
N ARG FC 9 -51.79 -44.10 67.19
CA ARG FC 9 -52.26 -42.80 67.65
C ARG FC 9 -51.73 -41.76 66.69
N ILE FC 10 -52.47 -40.65 66.55
CA ILE FC 10 -52.02 -39.55 65.71
C ILE FC 10 -50.91 -38.81 66.44
N ARG FC 11 -49.69 -38.87 65.89
CA ARG FC 11 -48.60 -38.10 66.46
C ARG FC 11 -48.82 -36.61 66.23
N LYS FC 12 -49.04 -36.22 64.98
CA LYS FC 12 -49.23 -34.80 64.72
C LYS FC 12 -50.03 -34.60 63.44
N LEU FC 13 -50.71 -33.47 63.37
CA LEU FC 13 -51.34 -33.00 62.16
C LEU FC 13 -50.59 -31.74 61.74
N CYS FC 14 -50.02 -31.77 60.54
CA CYS FC 14 -49.17 -30.71 60.03
C CYS FC 14 -49.89 -30.00 58.89
N LEU FC 15 -50.22 -28.73 59.10
CA LEU FC 15 -50.98 -27.95 58.14
C LEU FC 15 -50.08 -26.88 57.55
N ASN FC 16 -50.03 -26.81 56.21
CA ASN FC 16 -49.36 -25.66 55.62
C ASN FC 16 -50.19 -25.03 54.52
N ILE FC 17 -50.08 -23.71 54.44
CA ILE FC 17 -50.58 -22.91 53.33
C ILE FC 17 -49.35 -22.36 52.64
N CYS FC 18 -49.05 -22.87 51.44
CA CYS FC 18 -47.91 -22.38 50.66
C CYS FC 18 -48.43 -21.35 49.68
N VAL FC 19 -48.29 -20.07 50.04
CA VAL FC 19 -48.81 -19.01 49.19
C VAL FC 19 -47.91 -18.84 47.97
N GLY FC 20 -46.61 -18.79 48.18
CA GLY FC 20 -45.65 -18.62 47.11
C GLY FC 20 -45.07 -17.23 46.99
N GLU FC 21 -45.64 -16.23 47.67
CA GLU FC 21 -45.08 -14.89 47.70
C GLU FC 21 -45.35 -14.27 49.07
N SER FC 22 -44.52 -13.29 49.41
CA SER FC 22 -44.49 -12.74 50.76
C SER FC 22 -45.47 -11.58 50.91
N GLY FC 23 -45.71 -11.19 52.16
CA GLY FC 23 -46.44 -9.98 52.47
C GLY FC 23 -47.77 -10.25 53.13
N ASP FC 24 -48.73 -9.37 52.79
CA ASP FC 24 -50.07 -9.41 53.35
C ASP FC 24 -50.80 -10.68 52.97
N ARG FC 25 -50.54 -11.21 51.78
CA ARG FC 25 -51.19 -12.42 51.32
C ARG FC 25 -50.72 -13.64 52.12
N LEU FC 26 -49.53 -13.56 52.70
CA LEU FC 26 -49.06 -14.61 53.60
C LEU FC 26 -49.48 -14.38 55.06
N THR FC 27 -49.57 -13.12 55.50
CA THR FC 27 -50.06 -12.85 56.85
C THR FC 27 -51.51 -13.23 57.02
N ARG FC 28 -52.32 -13.09 55.97
CA ARG FC 28 -53.70 -13.54 56.08
C ARG FC 28 -53.81 -15.06 56.13
N ALA FC 29 -52.88 -15.78 55.47
CA ALA FC 29 -52.81 -17.23 55.63
C ALA FC 29 -52.37 -17.61 57.04
N ALA FC 30 -51.48 -16.83 57.64
CA ALA FC 30 -51.14 -17.02 59.04
C ALA FC 30 -52.35 -16.82 59.95
N LYS FC 31 -53.19 -15.84 59.64
CA LYS FC 31 -54.43 -15.66 60.39
C LYS FC 31 -55.41 -16.82 60.19
N VAL FC 32 -55.45 -17.40 58.98
CA VAL FC 32 -56.22 -18.62 58.73
C VAL FC 32 -55.76 -19.75 59.63
N LEU FC 33 -54.44 -20.00 59.66
CA LEU FC 33 -53.91 -21.08 60.51
C LEU FC 33 -54.11 -20.79 61.99
N GLU FC 34 -54.06 -19.51 62.39
CA GLU FC 34 -54.36 -19.15 63.78
C GLU FC 34 -55.80 -19.44 64.15
N GLN FC 35 -56.76 -19.02 63.33
CA GLN FC 35 -58.17 -19.30 63.63
C GLN FC 35 -58.53 -20.76 63.46
N LEU FC 36 -57.72 -21.53 62.76
CA LEU FC 36 -57.96 -22.96 62.65
C LEU FC 36 -57.37 -23.75 63.80
N THR FC 37 -56.18 -23.39 64.27
CA THR FC 37 -55.44 -24.22 65.20
C THR FC 37 -55.44 -23.72 66.63
N GLY FC 38 -55.80 -22.45 66.87
CA GLY FC 38 -55.68 -21.90 68.20
C GLY FC 38 -54.30 -21.41 68.57
N GLN FC 39 -53.34 -21.47 67.65
CA GLN FC 39 -51.97 -21.07 67.94
C GLN FC 39 -51.37 -20.34 66.76
N THR FC 40 -50.37 -19.53 67.05
CA THR FC 40 -49.64 -18.78 66.03
C THR FC 40 -48.78 -19.75 65.21
N PRO FC 41 -48.91 -19.74 63.89
CA PRO FC 41 -48.07 -20.59 63.06
C PRO FC 41 -46.73 -19.93 62.74
N VAL FC 42 -45.86 -20.67 62.06
CA VAL FC 42 -44.56 -20.14 61.69
C VAL FC 42 -44.38 -20.19 60.18
N PHE FC 43 -43.73 -19.17 59.67
CA PHE FC 43 -43.50 -19.00 58.25
C PHE FC 43 -42.27 -19.78 57.82
N SER FC 44 -42.30 -20.28 56.61
CA SER FC 44 -41.15 -20.98 56.03
C SER FC 44 -40.70 -20.26 54.77
N LYS FC 45 -39.39 -20.12 54.68
CA LYS FC 45 -38.66 -19.34 53.69
C LYS FC 45 -38.38 -20.19 52.47
N ALA FC 46 -38.26 -19.53 51.32
CA ALA FC 46 -37.86 -20.23 50.12
C ALA FC 46 -36.38 -20.57 50.18
N ARG FC 47 -36.06 -21.81 49.79
CA ARG FC 47 -34.70 -22.31 49.90
C ARG FC 47 -33.77 -21.71 48.85
N TYR FC 48 -34.28 -21.39 47.67
CA TYR FC 48 -33.48 -20.76 46.62
C TYR FC 48 -34.42 -19.99 45.71
N THR FC 49 -33.85 -19.44 44.64
CA THR FC 49 -34.59 -18.58 43.72
C THR FC 49 -34.96 -19.36 42.47
N VAL FC 50 -36.26 -19.43 42.18
CA VAL FC 50 -36.77 -19.93 40.91
C VAL FC 50 -37.61 -18.82 40.30
N ARG FC 51 -37.19 -18.33 39.14
CA ARG FC 51 -37.91 -17.23 38.49
C ARG FC 51 -39.25 -17.69 37.93
N SER FC 52 -39.38 -18.99 37.64
CA SER FC 52 -40.62 -19.52 37.08
C SER FC 52 -41.72 -19.54 38.12
N PHE FC 53 -41.36 -19.50 39.40
CA PHE FC 53 -42.32 -19.43 40.49
C PHE FC 53 -42.47 -18.03 41.07
N GLY FC 54 -41.51 -17.14 40.80
CA GLY FC 54 -41.50 -15.87 41.49
C GLY FC 54 -41.13 -15.95 42.95
N ILE FC 55 -40.10 -16.72 43.29
CA ILE FC 55 -39.60 -16.78 44.66
C ILE FC 55 -38.14 -16.36 44.68
N ARG FC 56 -37.72 -15.80 45.80
CA ARG FC 56 -36.33 -15.44 46.05
C ARG FC 56 -35.90 -16.17 47.32
N ARG FC 57 -34.59 -16.41 47.47
CA ARG FC 57 -34.07 -17.07 48.67
C ARG FC 57 -34.42 -16.30 49.95
N ASN FC 58 -34.87 -17.03 51.00
CA ASN FC 58 -35.08 -16.54 52.36
C ASN FC 58 -36.25 -15.60 52.36
N GLU FC 59 -37.12 -15.74 51.38
CA GLU FC 59 -38.35 -14.99 51.34
C GLU FC 59 -39.45 -15.90 51.88
N LYS FC 60 -40.22 -15.38 52.82
CA LYS FC 60 -41.29 -16.14 53.45
C LYS FC 60 -42.38 -16.42 52.41
N ILE FC 61 -42.49 -17.66 51.97
CA ILE FC 61 -43.48 -18.03 50.97
C ILE FC 61 -44.50 -19.03 51.47
N ALA FC 62 -44.27 -19.67 52.61
CA ALA FC 62 -45.31 -20.55 53.13
C ALA FC 62 -45.51 -20.28 54.61
N VAL FC 63 -46.59 -20.80 55.15
CA VAL FC 63 -46.80 -20.80 56.60
C VAL FC 63 -47.27 -22.19 56.99
N HIS FC 64 -46.85 -22.66 58.17
CA HIS FC 64 -47.20 -24.00 58.60
C HIS FC 64 -47.34 -24.06 60.12
N CYS FC 65 -47.97 -25.14 60.56
CA CYS FC 65 -48.30 -25.35 61.95
C CYS FC 65 -48.38 -26.85 62.21
N THR FC 66 -48.08 -27.25 63.44
CA THR FC 66 -48.25 -28.63 63.87
C THR FC 66 -49.16 -28.65 65.10
N VAL FC 67 -50.16 -29.51 65.08
CA VAL FC 67 -51.09 -29.63 66.21
C VAL FC 67 -51.07 -31.08 66.69
N ARG FC 68 -51.12 -31.24 68.01
CA ARG FC 68 -51.14 -32.53 68.68
C ARG FC 68 -52.25 -32.51 69.71
N GLY FC 69 -52.32 -33.57 70.51
CA GLY FC 69 -53.37 -33.68 71.50
C GLY FC 69 -54.71 -33.98 70.84
N ALA FC 70 -55.79 -33.61 71.54
CA ALA FC 70 -57.12 -33.82 71.00
C ALA FC 70 -57.46 -32.81 69.92
N LYS FC 71 -56.70 -31.71 69.85
CA LYS FC 71 -56.91 -30.69 68.83
C LYS FC 71 -56.57 -31.21 67.44
N ALA FC 72 -55.53 -32.04 67.31
CA ALA FC 72 -55.23 -32.69 66.03
C ALA FC 72 -56.36 -33.61 65.59
N GLU FC 73 -56.93 -34.36 66.55
CA GLU FC 73 -58.09 -35.21 66.30
C GLU FC 73 -59.29 -34.40 65.79
N GLU FC 74 -59.57 -33.28 66.45
CA GLU FC 74 -60.74 -32.48 66.09
C GLU FC 74 -60.58 -31.84 64.70
N ILE FC 75 -59.39 -31.30 64.41
CA ILE FC 75 -59.17 -30.71 63.08
C ILE FC 75 -59.10 -31.79 62.02
N LEU FC 76 -58.68 -33.01 62.37
CA LEU FC 76 -58.68 -34.08 61.37
C LEU FC 76 -60.09 -34.55 61.06
N GLU FC 77 -60.96 -34.62 62.07
CA GLU FC 77 -62.37 -34.91 61.82
C GLU FC 77 -63.03 -33.80 61.00
N LYS FC 78 -62.61 -32.55 61.22
CA LYS FC 78 -63.02 -31.44 60.37
C LYS FC 78 -62.59 -31.66 58.91
N GLY FC 79 -61.34 -32.05 58.70
CA GLY FC 79 -60.80 -32.28 57.38
C GLY FC 79 -61.48 -33.40 56.63
N LEU FC 80 -61.77 -34.50 57.34
CA LEU FC 80 -62.48 -35.60 56.70
C LEU FC 80 -63.96 -35.32 56.51
N LYS FC 81 -64.56 -34.45 57.33
CA LYS FC 81 -65.93 -34.04 57.04
C LYS FC 81 -65.98 -33.14 55.80
N VAL FC 82 -64.89 -32.40 55.53
CA VAL FC 82 -64.79 -31.71 54.25
C VAL FC 82 -64.61 -32.72 53.10
N ARG FC 83 -63.72 -33.69 53.28
CA ARG FC 83 -63.40 -34.64 52.22
C ARG FC 83 -64.41 -35.77 52.10
N GLU FC 84 -65.50 -35.74 52.89
CA GLU FC 84 -66.59 -36.73 52.89
C GLU FC 84 -66.09 -38.15 53.21
N TYR FC 85 -65.04 -38.22 54.02
CA TYR FC 85 -64.41 -39.46 54.51
C TYR FC 85 -63.90 -40.36 53.41
N GLU FC 86 -63.55 -39.81 52.25
CA GLU FC 86 -62.97 -40.55 51.15
C GLU FC 86 -61.52 -40.16 50.95
N LEU FC 87 -60.63 -41.16 50.87
CA LEU FC 87 -59.24 -40.96 50.54
C LEU FC 87 -58.89 -41.93 49.42
N ARG FC 88 -57.89 -41.59 48.64
CA ARG FC 88 -57.40 -42.53 47.64
C ARG FC 88 -56.30 -43.35 48.27
N LYS FC 89 -56.12 -44.56 47.74
CA LYS FC 89 -55.12 -45.51 48.22
C LYS FC 89 -53.70 -44.96 48.12
N ASN FC 90 -53.42 -44.16 47.11
CA ASN FC 90 -52.13 -43.52 46.95
C ASN FC 90 -51.91 -42.35 47.91
N ASN FC 91 -52.93 -41.91 48.66
CA ASN FC 91 -52.69 -40.84 49.62
C ASN FC 91 -51.93 -41.28 50.84
N PHE FC 92 -51.76 -42.58 51.05
CA PHE FC 92 -51.03 -43.11 52.18
C PHE FC 92 -49.58 -43.33 51.79
N SER FC 93 -48.66 -42.85 52.62
CA SER FC 93 -47.24 -42.97 52.33
C SER FC 93 -46.75 -44.37 52.69
N ASP FC 94 -45.48 -44.63 52.35
CA ASP FC 94 -44.90 -45.94 52.59
C ASP FC 94 -44.59 -46.22 54.05
N THR FC 95 -44.54 -45.19 54.90
CA THR FC 95 -44.09 -45.33 56.27
C THR FC 95 -45.28 -45.22 57.24
N GLY FC 96 -46.50 -45.08 56.72
CA GLY FC 96 -47.67 -45.15 57.57
C GLY FC 96 -48.20 -43.80 57.97
N ASN FC 97 -48.04 -42.83 57.08
CA ASN FC 97 -48.59 -41.49 57.24
C ASN FC 97 -49.55 -41.24 56.08
N PHE FC 98 -50.47 -40.31 56.25
CA PHE FC 98 -51.34 -40.00 55.12
C PHE FC 98 -51.62 -38.51 55.09
N GLY FC 99 -52.43 -38.10 54.13
CA GLY FC 99 -52.71 -36.68 54.03
C GLY FC 99 -53.60 -36.36 52.85
N PHE FC 100 -53.94 -35.08 52.76
CA PHE FC 100 -54.86 -34.58 51.75
C PHE FC 100 -54.74 -33.07 51.70
N GLY FC 101 -55.64 -32.44 50.96
CA GLY FC 101 -55.62 -31.01 50.81
C GLY FC 101 -57.02 -30.44 50.70
N ILE FC 102 -57.18 -29.25 51.27
CA ILE FC 102 -58.45 -28.54 51.27
C ILE FC 102 -58.31 -27.36 50.32
N GLN FC 103 -59.30 -27.17 49.44
CA GLN FC 103 -59.25 -26.09 48.47
C GLN FC 103 -59.72 -24.77 49.06
N GLU FC 104 -60.46 -24.85 50.15
CA GLU FC 104 -61.05 -23.68 50.79
C GLU FC 104 -61.21 -23.85 52.28
N HIS FC 105 -60.55 -22.95 53.02
CA HIS FC 105 -60.52 -23.11 54.46
C HIS FC 105 -61.85 -22.81 55.11
N ILE FC 106 -62.72 -22.01 54.47
CA ILE FC 106 -64.00 -21.73 55.13
C ILE FC 106 -64.98 -22.89 54.95
N ASP FC 107 -64.63 -23.91 54.15
CA ASP FC 107 -65.38 -25.17 54.13
C ASP FC 107 -65.21 -25.97 55.41
N LEU FC 108 -64.16 -25.72 56.18
CA LEU FC 108 -63.96 -26.38 57.46
C LEU FC 108 -64.91 -25.87 58.54
N GLY FC 109 -65.48 -24.69 58.37
CA GLY FC 109 -66.29 -24.10 59.40
C GLY FC 109 -65.68 -22.89 60.08
N ILE FC 110 -64.66 -22.30 59.48
CA ILE FC 110 -64.16 -21.00 59.92
C ILE FC 110 -64.95 -19.95 59.17
N LYS FC 111 -65.53 -19.01 59.93
CA LYS FC 111 -66.40 -17.99 59.34
C LYS FC 111 -65.59 -17.05 58.46
N TYR FC 112 -66.15 -16.68 57.31
CA TYR FC 112 -65.44 -15.81 56.40
C TYR FC 112 -65.43 -14.38 56.92
N ASP FC 113 -64.29 -13.73 56.75
CA ASP FC 113 -64.21 -12.29 57.01
C ASP FC 113 -63.59 -11.60 55.79
N PRO FC 114 -63.96 -10.34 55.50
CA PRO FC 114 -63.36 -9.66 54.34
C PRO FC 114 -61.89 -9.34 54.53
N SER FC 115 -61.39 -9.33 55.77
CA SER FC 115 -60.02 -8.92 56.05
C SER FC 115 -58.99 -9.98 55.70
N ILE FC 116 -59.40 -11.18 55.32
CA ILE FC 116 -58.46 -12.26 55.08
C ILE FC 116 -58.58 -12.79 53.66
N GLY FC 117 -59.78 -13.26 53.30
CA GLY FC 117 -59.99 -13.93 52.05
C GLY FC 117 -60.15 -15.42 52.24
N ILE FC 118 -59.94 -16.16 51.16
CA ILE FC 118 -60.09 -17.60 51.14
C ILE FC 118 -58.76 -18.24 50.77
N TYR FC 119 -58.30 -19.17 51.61
CA TYR FC 119 -57.05 -19.89 51.36
C TYR FC 119 -57.30 -21.39 51.38
N GLY FC 120 -56.79 -22.09 50.38
CA GLY FC 120 -56.68 -23.53 50.49
C GLY FC 120 -55.49 -23.88 51.34
N LEU FC 121 -55.48 -25.10 51.86
CA LEU FC 121 -54.35 -25.55 52.67
C LEU FC 121 -54.10 -27.04 52.51
N ASP FC 122 -53.15 -27.54 53.28
CA ASP FC 122 -52.59 -28.87 53.08
C ASP FC 122 -52.45 -29.57 54.42
N PHE FC 123 -53.08 -30.75 54.52
CA PHE FC 123 -53.19 -31.56 55.73
C PHE FC 123 -52.25 -32.75 55.61
N TYR FC 124 -51.40 -32.96 56.62
CA TYR FC 124 -50.65 -34.20 56.70
C TYR FC 124 -50.82 -34.80 58.08
N VAL FC 125 -51.10 -36.09 58.15
CA VAL FC 125 -51.33 -36.82 59.38
C VAL FC 125 -50.18 -37.79 59.58
N VAL FC 126 -49.43 -37.59 60.67
CA VAL FC 126 -48.36 -38.47 61.08
C VAL FC 126 -48.89 -39.30 62.23
N LEU FC 127 -48.92 -40.61 62.06
CA LEU FC 127 -49.42 -41.56 63.03
C LEU FC 127 -48.25 -42.17 63.80
N GLY FC 128 -48.55 -42.78 64.93
CA GLY FC 128 -47.52 -43.43 65.70
C GLY FC 128 -48.09 -44.39 66.72
N ARG FC 129 -47.22 -45.23 67.24
CA ARG FC 129 -47.53 -46.01 68.42
C ARG FC 129 -46.86 -45.32 69.60
N PRO FC 130 -47.21 -45.65 70.84
CA PRO FC 130 -46.36 -45.26 71.97
C PRO FC 130 -44.97 -45.83 71.83
N GLY FC 131 -43.97 -45.01 72.14
CA GLY FC 131 -42.59 -45.38 71.94
C GLY FC 131 -41.91 -44.76 70.74
N PHE FC 132 -42.66 -44.03 69.91
CA PHE FC 132 -42.10 -43.37 68.74
C PHE FC 132 -41.25 -42.16 69.08
N SER FC 133 -41.27 -41.71 70.33
CA SER FC 133 -40.48 -40.57 70.76
C SER FC 133 -39.05 -40.94 71.14
N ILE FC 134 -38.69 -42.22 71.12
CA ILE FC 134 -37.31 -42.58 71.44
C ILE FC 134 -36.36 -42.26 70.29
N ALA FC 135 -36.88 -42.09 69.08
CA ALA FC 135 -36.06 -41.58 67.98
C ALA FC 135 -35.88 -40.07 68.05
N ASP FC 136 -36.61 -39.41 68.94
CA ASP FC 136 -36.53 -37.97 69.09
C ASP FC 136 -35.99 -37.55 70.45
N LYS FC 137 -35.81 -38.46 71.39
CA LYS FC 137 -35.21 -38.14 72.67
C LYS FC 137 -33.71 -37.91 72.50
N LYS FC 138 -33.10 -37.32 73.52
CA LYS FC 138 -31.69 -36.93 73.44
C LYS FC 138 -30.76 -37.97 74.07
N ARG FC 139 -31.15 -38.54 75.21
CA ARG FC 139 -30.21 -39.32 76.00
C ARG FC 139 -29.89 -40.67 75.37
N ARG FC 140 -30.89 -41.49 75.10
CA ARG FC 140 -30.63 -42.80 74.50
C ARG FC 140 -31.54 -42.94 73.29
N THR FC 141 -31.08 -42.38 72.18
CA THR FC 141 -31.84 -42.39 70.95
C THR FC 141 -31.62 -43.72 70.24
N GLY FC 142 -32.70 -44.28 69.68
CA GLY FC 142 -32.60 -45.49 68.89
C GLY FC 142 -33.56 -45.46 67.73
N CYS FC 143 -33.52 -46.52 66.93
CA CYS FC 143 -34.53 -46.78 65.92
C CYS FC 143 -35.68 -47.53 66.58
N ILE FC 144 -36.86 -47.45 65.98
CA ILE FC 144 -38.07 -47.88 66.66
C ILE FC 144 -38.31 -49.38 66.53
N GLY FC 145 -37.57 -50.04 65.66
CA GLY FC 145 -37.77 -51.49 65.53
C GLY FC 145 -38.74 -51.84 64.42
N ALA FC 146 -38.51 -52.99 63.80
CA ALA FC 146 -39.21 -53.35 62.57
C ALA FC 146 -40.65 -53.74 62.82
N LYS FC 147 -40.90 -54.46 63.91
CA LYS FC 147 -42.25 -54.93 64.22
C LYS FC 147 -43.11 -53.87 64.85
N HIS FC 148 -42.56 -52.68 65.06
CA HIS FC 148 -43.22 -51.58 65.73
C HIS FC 148 -43.58 -50.48 64.73
N ARG FC 149 -43.09 -50.58 63.51
CA ARG FC 149 -43.31 -49.58 62.47
C ARG FC 149 -44.74 -49.66 61.96
N ILE FC 150 -45.16 -48.59 61.32
CA ILE FC 150 -46.48 -48.54 60.70
C ILE FC 150 -46.32 -48.81 59.22
N SER FC 151 -47.02 -49.83 58.73
CA SER FC 151 -47.08 -50.05 57.30
C SER FC 151 -48.21 -49.22 56.71
N LYS FC 152 -48.15 -49.03 55.39
CA LYS FC 152 -49.21 -48.37 54.65
C LYS FC 152 -50.51 -49.14 54.79
N GLU FC 153 -50.44 -50.46 54.69
CA GLU FC 153 -51.58 -51.36 54.79
C GLU FC 153 -52.11 -51.47 56.22
N GLU FC 154 -51.39 -50.97 57.20
CA GLU FC 154 -51.89 -50.86 58.56
C GLU FC 154 -52.49 -49.50 58.85
N ALA FC 155 -51.91 -48.44 58.28
CA ALA FC 155 -52.49 -47.10 58.44
C ALA FC 155 -53.83 -46.98 57.71
N MET FC 156 -53.97 -47.62 56.55
CA MET FC 156 -55.25 -47.71 55.87
C MET FC 156 -56.31 -48.44 56.70
N ARG FC 157 -55.91 -49.53 57.35
CA ARG FC 157 -56.82 -50.23 58.25
C ARG FC 157 -57.20 -49.39 59.46
N TRP FC 158 -56.25 -48.66 60.04
CA TRP FC 158 -56.57 -47.75 61.13
C TRP FC 158 -57.53 -46.65 60.70
N PHE FC 159 -57.34 -46.10 59.50
CA PHE FC 159 -58.23 -45.06 59.01
C PHE FC 159 -59.65 -45.59 58.80
N GLN FC 160 -59.78 -46.78 58.21
CA GLN FC 160 -61.12 -47.28 57.93
C GLN FC 160 -61.83 -47.76 59.20
N GLN FC 161 -61.10 -48.23 60.21
CA GLN FC 161 -61.72 -48.64 61.47
C GLN FC 161 -61.79 -47.49 62.48
N LYS FC 162 -61.23 -46.33 62.15
CA LYS FC 162 -61.31 -45.19 63.06
C LYS FC 162 -62.18 -44.05 62.57
N TYR FC 163 -62.43 -43.92 61.27
CA TYR FC 163 -63.32 -42.87 60.79
C TYR FC 163 -64.43 -43.39 59.90
N ASP FC 164 -64.57 -44.71 59.78
CA ASP FC 164 -65.43 -45.38 58.79
C ASP FC 164 -65.15 -44.87 57.38
N GLY FC 165 -63.87 -44.67 57.07
CA GLY FC 165 -63.50 -44.06 55.81
C GLY FC 165 -63.55 -45.06 54.67
N ILE FC 166 -63.81 -44.52 53.48
CA ILE FC 166 -63.84 -45.32 52.26
C ILE FC 166 -62.61 -44.99 51.45
N ILE FC 167 -61.78 -45.99 51.22
CA ILE FC 167 -60.53 -45.79 50.51
C ILE FC 167 -60.82 -46.01 49.04
N LEU FC 168 -60.77 -44.93 48.29
CA LEU FC 168 -61.09 -44.99 46.88
C LEU FC 168 -59.94 -45.63 46.11
N PRO FC 169 -60.22 -46.59 45.23
CA PRO FC 169 -59.17 -47.14 44.37
C PRO FC 169 -58.71 -46.13 43.33
N GLY FC 170 -57.58 -46.45 42.72
CA GLY FC 170 -57.02 -45.58 41.70
C GLY FC 170 -56.24 -44.42 42.29
N ALA GC 1 37.19 -7.94 50.47
CA ALA GC 1 36.23 -8.84 51.10
C ALA GC 1 36.67 -9.20 52.50
N PRO GC 2 35.73 -9.30 53.43
CA PRO GC 2 36.07 -9.77 54.77
C PRO GC 2 36.12 -11.29 54.85
N SER GC 3 36.98 -11.79 55.72
CA SER GC 3 37.06 -13.19 56.09
C SER GC 3 36.18 -13.38 57.31
N ARG GC 4 36.48 -14.37 58.15
CA ARG GC 4 35.73 -14.63 59.37
C ARG GC 4 35.97 -13.57 60.44
N ASN GC 5 35.67 -13.88 61.71
CA ASN GC 5 35.64 -12.94 62.82
C ASN GC 5 36.86 -12.03 62.92
N GLY GC 6 36.64 -10.74 62.70
CA GLY GC 6 37.71 -9.77 62.67
C GLY GC 6 37.15 -8.37 62.79
N MET GC 7 38.05 -7.40 62.91
CA MET GC 7 37.64 -6.02 63.13
C MET GC 7 37.31 -5.33 61.81
N ILE GC 8 36.34 -4.43 61.85
CA ILE GC 8 36.07 -3.56 60.71
C ILE GC 8 37.02 -2.38 60.81
N LEU GC 9 37.85 -2.21 59.80
CA LEU GC 9 38.90 -1.22 59.82
C LEU GC 9 38.62 -0.14 58.79
N LYS GC 10 38.99 1.10 59.13
CA LYS GC 10 38.86 2.22 58.22
C LYS GC 10 40.23 2.90 58.13
N PRO GC 11 41.13 2.39 57.28
CA PRO GC 11 42.42 3.07 57.11
C PRO GC 11 42.23 4.33 56.27
N HIS GC 12 42.85 5.42 56.72
CA HIS GC 12 42.74 6.69 56.01
C HIS GC 12 43.89 6.84 55.03
N PHE GC 13 43.88 5.95 54.04
CA PHE GC 13 44.90 5.88 53.00
C PHE GC 13 44.27 5.96 51.63
N HIS GC 14 43.13 6.65 51.53
CA HIS GC 14 42.46 6.85 50.26
C HIS GC 14 42.89 8.10 49.55
N LYS GC 15 43.75 8.90 50.17
CA LYS GC 15 44.33 10.07 49.52
C LYS GC 15 45.71 9.72 49.02
N ASP GC 16 46.35 10.70 48.42
CA ASP GC 16 47.70 10.48 47.94
C ASP GC 16 48.68 10.84 49.06
N TRP GC 17 48.70 9.95 50.05
CA TRP GC 17 49.40 10.20 51.30
C TRP GC 17 50.91 10.14 51.13
N GLN GC 18 51.40 9.47 50.09
CA GLN GC 18 52.84 9.23 49.94
C GLN GC 18 53.65 10.44 49.47
N ARG GC 19 53.04 11.46 48.86
CA ARG GC 19 53.71 12.76 48.75
C ARG GC 19 53.94 13.41 50.11
N ARG GC 20 52.92 13.48 50.93
CA ARG GC 20 53.06 14.15 52.22
C ARG GC 20 53.30 13.12 53.32
N VAL GC 21 54.42 12.41 53.23
CA VAL GC 21 54.93 11.56 54.30
C VAL GC 21 56.15 12.24 54.87
N ALA GC 22 56.19 12.36 56.19
CA ALA GC 22 57.26 13.09 56.86
C ALA GC 22 58.10 12.11 57.65
N THR GC 23 59.17 11.62 57.04
CA THR GC 23 60.10 10.76 57.76
C THR GC 23 60.89 11.58 58.76
N TRP GC 24 61.46 10.88 59.72
CA TRP GC 24 62.15 11.51 60.84
C TRP GC 24 63.61 11.13 60.84
N PHE GC 25 64.23 11.04 59.67
CA PHE GC 25 65.65 10.71 59.62
C PHE GC 25 66.52 11.85 60.07
N ASN GC 26 65.98 13.07 60.09
CA ASN GC 26 66.64 14.21 60.67
C ASN GC 26 66.30 14.41 62.12
N GLN GC 27 65.79 13.38 62.80
CA GLN GC 27 65.49 13.53 64.24
C GLN GC 27 66.72 13.73 65.11
N PRO GC 28 67.80 12.93 65.04
CA PRO GC 28 68.95 13.26 65.89
C PRO GC 28 69.69 14.49 65.44
N ALA GC 29 69.57 14.85 64.15
CA ALA GC 29 70.11 16.11 63.67
C ALA GC 29 69.34 17.31 64.21
N ARG GC 30 68.00 17.22 64.27
CA ARG GC 30 67.21 18.27 64.89
C ARG GC 30 67.48 18.35 66.38
N LYS GC 31 67.64 17.20 67.05
CA LYS GC 31 67.96 17.19 68.48
C LYS GC 31 69.33 17.79 68.74
N ILE GC 32 70.30 17.47 67.90
CA ILE GC 32 71.66 17.94 68.11
C ILE GC 32 71.74 19.44 67.77
N ARG GC 33 70.95 19.91 66.80
CA ARG GC 33 70.92 21.32 66.45
C ARG GC 33 70.20 22.15 67.50
N ARG GC 34 69.09 21.61 68.04
CA ARG GC 34 68.37 22.26 69.13
C ARG GC 34 69.23 22.33 70.38
N ARG GC 35 70.01 21.27 70.64
CA ARG GC 35 70.93 21.30 71.76
C ARG GC 35 71.98 22.38 71.58
N LYS GC 36 72.57 22.51 70.37
CA LYS GC 36 73.61 23.53 70.19
C LYS GC 36 73.03 24.94 70.21
N ALA GC 37 71.80 25.11 69.75
CA ALA GC 37 71.16 26.41 69.90
C ALA GC 37 70.87 26.72 71.37
N ARG GC 38 70.54 25.70 72.17
CA ARG GC 38 70.32 25.90 73.60
C ARG GC 38 71.60 26.30 74.33
N GLN GC 39 72.72 25.62 74.04
CA GLN GC 39 73.98 26.02 74.64
C GLN GC 39 74.51 27.34 74.09
N ALA GC 40 74.20 27.69 72.85
CA ALA GC 40 74.56 29.00 72.34
C ALA GC 40 73.76 30.10 73.05
N ARG GC 41 72.47 29.87 73.28
CA ARG GC 41 71.67 30.81 74.06
C ARG GC 41 72.19 30.94 75.49
N ALA GC 42 72.50 29.80 76.13
CA ALA GC 42 72.98 29.80 77.51
C ALA GC 42 74.33 30.48 77.64
N ARG GC 43 75.19 30.32 76.64
CA ARG GC 43 76.45 31.04 76.61
C ARG GC 43 76.27 32.53 76.33
N ARG GC 44 75.24 32.90 75.56
CA ARG GC 44 75.02 34.32 75.28
C ARG GC 44 74.47 35.06 76.51
N ILE GC 45 73.44 34.51 77.15
CA ILE GC 45 72.96 35.14 78.39
C ILE GC 45 73.70 34.48 79.55
N ALA GC 46 74.89 34.99 79.84
CA ALA GC 46 75.86 34.20 80.57
C ALA GC 46 75.57 34.06 82.07
N PRO GC 47 75.21 35.09 82.84
CA PRO GC 47 74.75 34.81 84.21
C PRO GC 47 73.24 34.64 84.36
N ARG GC 48 72.44 35.04 83.39
CA ARG GC 48 71.01 34.80 83.44
C ARG GC 48 70.72 33.33 83.21
N PRO GC 49 69.69 32.78 83.87
CA PRO GC 49 69.43 31.34 83.78
C PRO GC 49 69.02 30.89 82.38
N ALA GC 50 69.35 29.64 82.07
CA ALA GC 50 69.33 29.18 80.68
C ALA GC 50 67.92 28.91 80.18
N ALA GC 51 67.04 28.42 81.06
CA ALA GC 51 65.70 28.04 80.61
C ALA GC 51 64.88 29.28 80.27
N GLY GC 52 65.04 30.35 81.03
CA GLY GC 52 64.40 31.59 80.73
C GLY GC 52 63.96 32.34 81.97
N PRO GC 53 62.92 33.15 81.82
CA PRO GC 53 62.38 33.88 82.97
C PRO GC 53 61.57 32.97 83.88
N ILE GC 54 61.29 33.48 85.07
CA ILE GC 54 60.46 32.78 86.04
C ILE GC 54 58.99 32.82 85.60
N ARG GC 55 58.33 31.67 85.68
CA ARG GC 55 56.95 31.46 85.31
C ARG GC 55 56.09 31.20 86.54
N PRO GC 56 54.86 31.70 86.59
CA PRO GC 56 54.04 31.58 87.80
C PRO GC 56 53.42 30.21 87.97
N ILE GC 57 52.77 30.02 89.11
CA ILE GC 57 52.02 28.80 89.40
C ILE GC 57 50.58 28.99 88.94
N VAL GC 58 50.14 28.13 88.02
CA VAL GC 58 48.77 28.18 87.53
C VAL GC 58 48.09 26.83 87.77
N ARG GC 59 46.81 26.89 88.10
CA ARG GC 59 45.98 25.70 88.18
C ARG GC 59 45.43 25.38 86.81
N CYS GC 60 45.59 24.14 86.39
CA CYS GC 60 45.04 23.71 85.11
C CYS GC 60 43.51 23.70 85.18
N PRO GC 61 42.82 24.01 84.08
CA PRO GC 61 41.35 24.00 84.11
C PRO GC 61 40.79 22.61 83.85
N THR GC 62 39.47 22.51 83.71
CA THR GC 62 38.81 21.42 82.97
C THR GC 62 39.03 20.05 83.61
N VAL GC 63 38.15 19.68 84.55
CA VAL GC 63 38.34 18.91 85.78
C VAL GC 63 39.36 17.78 85.83
N ARG GC 64 39.77 17.23 84.68
CA ARG GC 64 40.78 16.16 84.69
C ARG GC 64 42.09 16.59 85.32
N TYR GC 65 42.44 17.88 85.24
CA TYR GC 65 43.76 18.33 85.67
C TYR GC 65 43.72 19.41 86.75
N HIS GC 66 42.59 19.62 87.42
CA HIS GC 66 42.46 20.82 88.23
C HIS GC 66 43.03 20.62 89.62
N THR GC 67 43.54 19.43 89.91
CA THR GC 67 44.31 19.16 91.12
C THR GC 67 45.80 19.47 90.90
N LYS GC 68 46.23 19.58 89.65
CA LYS GC 68 47.63 19.75 89.30
C LYS GC 68 47.95 21.21 89.01
N VAL GC 69 49.10 21.66 89.51
CA VAL GC 69 49.60 23.00 89.22
C VAL GC 69 50.74 22.88 88.22
N ARG GC 70 50.98 23.95 87.48
CA ARG GC 70 51.98 23.95 86.44
C ARG GC 70 52.44 25.38 86.20
N ALA GC 71 53.36 25.55 85.25
CA ALA GC 71 53.94 26.86 84.97
C ALA GC 71 53.10 27.58 83.94
N GLY GC 72 52.68 28.80 84.25
CA GLY GC 72 51.92 29.61 83.33
C GLY GC 72 52.80 30.45 82.45
N ARG GC 73 52.14 31.26 81.62
CA ARG GC 73 52.84 32.13 80.69
C ARG GC 73 53.56 33.28 81.40
N GLY GC 74 52.86 33.98 82.29
CA GLY GC 74 53.50 35.07 82.98
C GLY GC 74 52.76 35.45 84.23
N PHE GC 75 53.48 36.17 85.09
CA PHE GC 75 52.83 36.74 86.26
C PHE GC 75 51.90 37.85 85.82
N SER GC 76 50.76 37.86 86.46
CA SER GC 76 49.75 38.81 86.05
C SER GC 76 49.98 40.16 86.72
N LEU GC 77 49.36 41.19 86.15
CA LEU GC 77 49.67 42.58 86.53
C LEU GC 77 49.28 42.93 87.94
N GLU GC 78 48.20 42.40 88.42
CA GLU GC 78 47.89 42.52 89.83
C GLU GC 78 48.84 41.73 90.73
N GLU GC 79 49.42 40.61 90.27
CA GLU GC 79 50.43 39.93 91.08
C GLU GC 79 51.70 40.77 91.17
N LEU GC 80 52.10 41.39 90.07
CA LEU GC 80 53.22 42.32 90.09
C LEU GC 80 52.90 43.58 90.88
N ARG GC 81 51.64 44.03 90.86
CA ARG GC 81 51.23 45.22 91.60
C ARG GC 81 51.28 44.97 93.11
N VAL GC 82 50.78 43.83 93.56
CA VAL GC 82 50.87 43.46 94.97
C VAL GC 82 52.32 43.18 95.37
N ALA GC 83 53.12 42.62 94.48
CA ALA GC 83 54.54 42.45 94.78
C ALA GC 83 55.34 43.75 94.68
N GLY GC 84 54.75 44.82 94.16
CA GLY GC 84 55.42 46.11 94.10
C GLY GC 84 56.50 46.18 93.06
N ILE GC 85 56.27 45.54 91.92
CA ILE GC 85 57.21 45.52 90.81
C ILE GC 85 56.53 46.17 89.61
N HIS GC 86 57.22 47.12 88.98
CA HIS GC 86 56.72 47.74 87.77
C HIS GC 86 56.64 46.73 86.64
N LYS GC 87 55.55 46.81 85.89
CA LYS GC 87 55.25 45.81 84.86
C LYS GC 87 56.15 45.92 83.65
N LYS GC 88 56.96 46.98 83.54
CA LYS GC 88 57.97 47.08 82.51
C LYS GC 88 59.37 46.74 83.00
N VAL GC 89 59.66 46.89 84.30
CA VAL GC 89 60.95 46.46 84.82
C VAL GC 89 60.96 44.97 85.16
N ALA GC 90 59.78 44.34 85.21
CA ALA GC 90 59.70 42.91 85.51
C ALA GC 90 60.38 42.08 84.43
N ARG GC 91 60.09 42.38 83.16
CA ARG GC 91 60.72 41.65 82.07
C ARG GC 91 62.19 41.99 81.91
N THR GC 92 62.65 43.09 82.48
CA THR GC 92 64.08 43.41 82.45
C THR GC 92 64.86 42.71 83.55
N ILE GC 93 64.26 42.48 84.72
CA ILE GC 93 64.94 41.69 85.74
C ILE GC 93 64.52 40.23 85.70
N GLY GC 94 63.77 39.81 84.69
CA GLY GC 94 63.61 38.40 84.43
C GLY GC 94 62.31 37.78 84.87
N ILE GC 95 61.23 38.55 84.90
CA ILE GC 95 59.92 38.08 85.35
C ILE GC 95 58.99 38.04 84.14
N SER GC 96 58.37 36.89 83.92
CA SER GC 96 57.39 36.75 82.86
C SER GC 96 56.11 37.49 83.25
N VAL GC 97 55.54 38.20 82.29
CA VAL GC 97 54.37 39.04 82.52
C VAL GC 97 53.25 38.59 81.59
N ASP GC 98 52.08 38.32 82.17
CA ASP GC 98 50.87 38.02 81.40
C ASP GC 98 49.86 39.12 81.72
N PRO GC 99 49.70 40.09 80.83
CA PRO GC 99 48.60 41.06 81.00
C PRO GC 99 47.22 40.45 80.92
N ARG GC 100 47.06 39.38 80.14
CA ARG GC 100 45.74 38.84 79.84
C ARG GC 100 45.11 38.12 81.02
N ARG GC 101 45.89 37.72 82.03
CA ARG GC 101 45.37 36.81 83.03
C ARG GC 101 44.67 37.56 84.17
N ARG GC 102 43.44 37.17 84.46
CA ARG GC 102 42.65 37.65 85.58
C ARG GC 102 43.08 36.94 86.86
N ASN GC 103 42.69 37.47 88.02
CA ASN GC 103 42.57 36.58 89.19
C ASN GC 103 41.15 36.50 89.63
N LYS GC 104 40.80 35.31 90.06
CA LYS GC 104 39.50 35.02 90.60
C LYS GC 104 39.55 34.61 92.06
N SER GC 105 40.70 34.23 92.59
CA SER GC 105 40.80 33.83 93.99
C SER GC 105 42.01 34.49 94.65
N THR GC 106 41.96 34.61 95.97
CA THR GC 106 43.03 35.23 96.74
C THR GC 106 44.27 34.35 96.86
N GLU GC 107 44.09 33.04 96.95
CA GLU GC 107 45.19 32.16 97.35
C GLU GC 107 46.22 31.97 96.24
N SER GC 108 45.77 31.83 94.99
CA SER GC 108 46.71 31.73 93.87
C SER GC 108 47.42 33.05 93.63
N LEU GC 109 46.69 34.17 93.79
CA LEU GC 109 47.27 35.51 93.81
C LEU GC 109 48.39 35.62 94.84
N GLN GC 110 48.12 35.23 96.08
CA GLN GC 110 49.12 35.34 97.14
C GLN GC 110 50.27 34.35 96.98
N ALA GC 111 50.01 33.16 96.43
CA ALA GC 111 51.08 32.20 96.19
C ALA GC 111 52.03 32.70 95.12
N ASN GC 112 51.52 33.31 94.06
CA ASN GC 112 52.43 33.86 93.07
C ASN GC 112 53.07 35.16 93.52
N VAL GC 113 52.42 35.92 94.41
CA VAL GC 113 53.07 37.07 95.02
C VAL GC 113 54.23 36.65 95.89
N GLN GC 114 54.04 35.59 96.68
CA GLN GC 114 55.13 35.08 97.50
C GLN GC 114 56.22 34.43 96.67
N ARG GC 115 55.86 33.88 95.51
CA ARG GC 115 56.85 33.42 94.55
C ARG GC 115 57.69 34.57 94.01
N LEU GC 116 57.06 35.71 93.69
CA LEU GC 116 57.79 36.89 93.25
C LEU GC 116 58.72 37.42 94.35
N LYS GC 117 58.25 37.43 95.60
CA LYS GC 117 59.07 37.91 96.69
C LYS GC 117 60.14 36.91 97.10
N GLU GC 118 59.97 35.64 96.73
CA GLU GC 118 60.98 34.62 96.92
C GLU GC 118 62.01 34.64 95.80
N TYR GC 119 61.64 35.12 94.62
CA TYR GC 119 62.53 35.27 93.48
C TYR GC 119 63.38 36.54 93.55
N ARG GC 120 62.80 37.65 94.01
CA ARG GC 120 63.58 38.86 94.19
C ARG GC 120 64.56 38.72 95.34
N SER GC 121 64.29 37.81 96.27
CA SER GC 121 65.24 37.47 97.33
C SER GC 121 66.42 36.69 96.79
N LYS GC 122 66.24 35.94 95.70
CA LYS GC 122 67.31 35.18 95.08
C LYS GC 122 68.00 35.91 93.95
N LEU GC 123 67.42 37.00 93.48
CA LEU GC 123 67.91 37.72 92.29
C LEU GC 123 69.20 38.45 92.65
N VAL GC 124 70.27 38.11 91.94
CA VAL GC 124 71.54 38.82 92.03
C VAL GC 124 71.65 39.70 90.79
N LEU GC 125 71.57 41.01 90.97
CA LEU GC 125 71.42 41.96 89.88
C LEU GC 125 72.77 42.65 89.67
N PHE GC 126 73.33 42.49 88.48
CA PHE GC 126 74.60 43.13 88.17
C PHE GC 126 74.39 44.61 87.90
N PRO GC 127 75.33 45.46 88.30
CA PRO GC 127 75.23 46.89 88.03
C PRO GC 127 75.30 47.19 86.55
N ARG GC 128 74.64 48.27 86.16
CA ARG GC 128 74.48 48.55 84.74
C ARG GC 128 75.76 49.08 84.09
N LYS GC 129 76.50 49.91 84.79
CA LYS GC 129 77.83 50.32 84.40
C LYS GC 129 78.83 49.53 85.23
N PRO GC 130 79.70 48.72 84.60
CA PRO GC 130 80.47 47.65 85.40
C PRO GC 130 81.45 48.22 86.50
N SER GC 131 82.00 49.46 86.39
CA SER GC 131 82.94 50.02 87.34
C SER GC 131 82.27 50.99 88.30
N ALA GC 132 80.94 50.98 88.38
CA ALA GC 132 80.20 51.90 89.24
C ALA GC 132 78.88 51.26 89.66
N PRO GC 133 78.81 50.76 90.89
CA PRO GC 133 77.55 50.20 91.40
C PRO GC 133 76.56 51.29 91.79
N LYS GC 134 75.29 50.92 91.78
CA LYS GC 134 74.21 51.87 92.02
C LYS GC 134 73.36 51.35 93.18
N LYS GC 135 72.19 51.97 93.35
CA LYS GC 135 71.44 51.98 94.60
C LYS GC 135 70.83 50.61 94.94
N GLY GC 136 70.15 49.99 93.98
CA GLY GC 136 69.50 48.72 94.21
C GLY GC 136 70.23 47.51 93.71
N ASP GC 137 71.39 47.69 93.09
CA ASP GC 137 72.13 46.59 92.49
C ASP GC 137 72.77 45.72 93.57
N SER GC 138 73.04 44.47 93.22
CA SER GC 138 73.57 43.52 94.17
C SER GC 138 75.03 43.84 94.50
N SER GC 139 75.48 43.29 95.62
CA SER GC 139 76.82 43.59 96.12
C SER GC 139 77.85 42.70 95.46
N ALA GC 140 79.13 43.09 95.59
CA ALA GC 140 80.21 42.48 94.85
C ALA GC 140 80.52 41.05 95.29
N GLU GC 141 80.05 40.66 96.47
CA GLU GC 141 80.14 39.26 96.90
C GLU GC 141 79.20 38.35 96.14
N GLU GC 142 77.94 38.73 96.00
CA GLU GC 142 77.04 37.89 95.22
C GLU GC 142 77.27 38.05 93.72
N LEU GC 143 77.86 39.16 93.29
CA LEU GC 143 78.34 39.24 91.91
C LEU GC 143 79.45 38.24 91.64
N LYS GC 144 80.38 38.06 92.58
CA LYS GC 144 81.45 37.10 92.35
C LYS GC 144 80.98 35.67 92.58
N LEU GC 145 79.86 35.49 93.29
CA LEU GC 145 79.30 34.16 93.49
C LEU GC 145 78.04 33.92 92.65
N ALA GC 146 77.86 34.71 91.61
CA ALA GC 146 76.79 34.50 90.64
C ALA GC 146 77.10 33.27 89.79
N THR GC 147 76.08 32.46 89.52
CA THR GC 147 76.18 31.34 88.60
C THR GC 147 74.99 31.34 87.66
N GLN GC 148 75.12 30.58 86.57
CA GLN GC 148 74.01 30.40 85.63
C GLN GC 148 73.19 29.21 86.08
N LEU GC 149 71.90 29.44 86.30
CA LEU GC 149 71.00 28.40 86.78
C LEU GC 149 70.51 27.52 85.64
N THR GC 150 70.44 26.22 85.89
CA THR GC 150 69.93 25.26 84.93
C THR GC 150 68.54 24.80 85.33
N GLY GC 151 67.74 24.42 84.33
CA GLY GC 151 66.38 24.01 84.57
C GLY GC 151 65.49 25.20 84.79
N PRO GC 152 64.21 24.95 85.08
CA PRO GC 152 63.28 26.05 85.37
C PRO GC 152 63.66 26.78 86.65
N VAL GC 153 63.43 28.09 86.64
CA VAL GC 153 63.80 28.92 87.78
C VAL GC 153 62.82 28.66 88.91
N MET GC 154 63.32 28.03 89.98
CA MET GC 154 62.55 27.57 91.14
C MET GC 154 61.40 26.69 90.69
N PRO GC 155 61.67 25.42 90.34
CA PRO GC 155 60.68 24.61 89.61
C PRO GC 155 59.45 24.29 90.43
N ILE GC 156 58.31 24.18 89.74
CA ILE GC 156 57.01 24.08 90.38
C ILE GC 156 56.72 22.62 90.72
N ARG GC 157 56.38 22.39 91.98
CA ARG GC 157 56.12 21.05 92.50
C ARG GC 157 54.69 20.97 93.00
N ASN GC 158 54.10 19.77 92.94
CA ASN GC 158 52.81 19.53 93.58
C ASN GC 158 53.04 19.21 95.04
N VAL GC 159 52.47 20.03 95.91
CA VAL GC 159 52.55 19.81 97.34
C VAL GC 159 51.25 19.16 97.79
N PHE GC 160 51.36 18.18 98.68
CA PHE GC 160 50.20 17.46 99.17
C PHE GC 160 50.06 17.68 100.66
N LYS GC 161 48.93 18.23 101.08
CA LYS GC 161 48.66 18.37 102.49
C LYS GC 161 48.39 17.00 103.09
N LYS GC 162 49.42 16.35 103.61
CA LYS GC 162 49.27 15.03 104.19
C LYS GC 162 48.56 15.15 105.53
N GLU GC 163 47.58 14.28 105.74
CA GLU GC 163 46.73 14.31 106.92
C GLU GC 163 47.12 13.17 107.86
N LYS GC 164 47.31 13.50 109.13
CA LYS GC 164 47.60 12.47 110.10
C LYS GC 164 46.36 11.63 110.39
N ALA GC 165 46.58 10.45 110.95
CA ALA GC 165 45.48 9.56 111.30
C ALA GC 165 44.67 10.14 112.45
N ARG GC 166 43.39 10.38 112.19
CA ARG GC 166 42.49 10.95 113.17
C ARG GC 166 41.56 9.88 113.72
N VAL GC 167 41.01 10.16 114.90
CA VAL GC 167 39.94 9.36 115.48
C VAL GC 167 38.67 9.76 114.74
N ILE GC 168 37.89 8.78 114.29
CA ILE GC 168 36.69 9.09 113.51
C ILE GC 168 35.56 9.46 114.47
N THR GC 169 34.88 10.56 114.17
CA THR GC 169 33.79 11.05 114.98
C THR GC 169 32.46 10.45 114.55
N GLU GC 170 31.46 10.59 115.41
CA GLU GC 170 30.14 10.05 115.13
C GLU GC 170 29.44 10.83 114.03
N GLU GC 171 29.78 12.11 113.85
CA GLU GC 171 29.17 12.91 112.79
C GLU GC 171 29.63 12.42 111.42
N GLU GC 172 30.92 12.14 111.29
CA GLU GC 172 31.43 11.57 110.04
C GLU GC 172 31.01 10.13 109.87
N LYS GC 173 30.80 9.40 110.97
CA LYS GC 173 30.29 8.04 110.84
C LYS GC 173 28.81 8.01 110.49
N ASN GC 174 28.08 9.11 110.73
CA ASN GC 174 26.66 9.19 110.40
C ASN GC 174 26.40 9.92 109.09
N PHE GC 175 27.40 10.59 108.52
CA PHE GC 175 27.23 11.27 107.24
C PHE GC 175 27.05 10.27 106.10
N LYS GC 176 26.02 10.49 105.29
CA LYS GC 176 25.66 9.58 104.20
C LYS GC 176 26.07 10.21 102.88
N ALA GC 177 27.22 9.76 102.37
CA ALA GC 177 27.84 10.40 101.21
C ALA GC 177 27.04 10.16 99.94
N PHE GC 178 26.64 8.91 99.69
CA PHE GC 178 25.88 8.57 98.48
C PHE GC 178 24.52 9.25 98.47
N ALA GC 179 23.86 9.28 99.63
CA ALA GC 179 22.56 9.94 99.73
C ALA GC 179 22.69 11.44 99.49
N SER GC 180 23.75 12.06 100.02
CA SER GC 180 23.95 13.48 99.81
C SER GC 180 24.26 13.79 98.35
N LEU GC 181 25.01 12.92 97.68
CA LEU GC 181 25.26 13.11 96.24
C LEU GC 181 23.97 12.98 95.42
N ARG GC 182 23.15 11.98 95.73
CA ARG GC 182 21.90 11.78 94.98
C ARG GC 182 20.93 12.94 95.21
N MET GC 183 20.83 13.41 96.46
CA MET GC 183 19.96 14.55 96.74
C MET GC 183 20.51 15.84 96.14
N ALA GC 184 21.84 15.98 96.07
CA ALA GC 184 22.45 17.13 95.41
C ALA GC 184 22.14 17.16 93.92
N ARG GC 185 22.23 16.01 93.25
CA ARG GC 185 21.88 15.93 91.84
C ARG GC 185 20.40 16.22 91.62
N ALA GC 186 19.53 15.70 92.50
CA ALA GC 186 18.10 15.99 92.39
C ALA GC 186 17.78 17.46 92.61
N ASN GC 187 18.40 18.11 93.60
CA ASN GC 187 18.12 19.51 93.86
C ASN GC 187 18.64 20.42 92.76
N ALA GC 188 19.84 20.13 92.24
CA ALA GC 188 20.35 20.86 91.08
C ALA GC 188 19.51 20.66 89.83
N ARG GC 189 19.00 19.45 89.61
CA ARG GC 189 18.14 19.20 88.47
C ARG GC 189 16.77 19.84 88.62
N LEU GC 190 16.23 19.94 89.83
CA LEU GC 190 14.86 20.37 90.05
C LEU GC 190 14.73 21.74 90.67
N PHE GC 191 15.80 22.55 90.72
CA PHE GC 191 15.71 23.85 91.37
C PHE GC 191 14.80 24.81 90.61
N GLY GC 192 14.95 24.89 89.29
CA GLY GC 192 14.20 25.87 88.52
C GLY GC 192 12.73 25.52 88.38
N ILE GC 193 12.42 24.24 88.18
CA ILE GC 193 11.04 23.81 88.00
C ILE GC 193 10.26 23.85 89.33
N ARG GC 194 10.91 23.55 90.46
CA ARG GC 194 10.26 23.70 91.75
C ARG GC 194 10.00 25.15 92.09
N ALA GC 195 10.93 26.03 91.74
CA ALA GC 195 10.73 27.46 91.94
C ALA GC 195 9.60 27.99 91.08
N LYS GC 196 9.50 27.52 89.83
CA LYS GC 196 8.39 27.91 88.96
C LYS GC 196 7.06 27.41 89.50
N ARG GC 197 7.04 26.17 90.00
CA ARG GC 197 5.82 25.60 90.55
C ARG GC 197 5.37 26.34 91.81
N ALA GC 198 6.33 26.67 92.68
CA ALA GC 198 6.02 27.41 93.90
C ALA GC 198 5.51 28.81 93.58
N LYS GC 199 6.15 29.48 92.63
CA LYS GC 199 5.73 30.83 92.25
C LYS GC 199 4.36 30.82 91.58
N GLU GC 200 4.09 29.83 90.72
CA GLU GC 200 2.79 29.73 90.06
C GLU GC 200 1.68 29.42 91.05
N ALA GC 201 1.86 28.40 91.89
CA ALA GC 201 0.87 28.03 92.88
C ALA GC 201 0.75 29.03 94.01
N ALA GC 202 1.71 29.93 94.19
CA ALA GC 202 1.60 31.01 95.16
C ALA GC 202 0.82 32.20 94.59
N GLU GC 203 1.16 32.63 93.37
CA GLU GC 203 0.49 33.78 92.77
C GLU GC 203 -0.92 33.47 92.28
N GLN GC 204 -1.16 32.27 91.75
CA GLN GC 204 -2.47 31.91 91.25
C GLN GC 204 -3.46 31.60 92.37
N ASP GC 205 -3.00 31.26 93.57
CA ASP GC 205 -3.89 31.01 94.69
C ASP GC 205 -4.44 32.28 95.31
N VAL GC 206 -3.92 33.45 94.92
CA VAL GC 206 -4.41 34.72 95.46
C VAL GC 206 -5.74 35.09 94.79
N GLU GC 207 -6.09 34.37 93.70
CA GLU GC 207 -7.40 34.47 93.06
C GLU GC 207 -8.54 34.09 94.02
N LYS GC 208 -8.24 33.31 95.07
CA LYS GC 208 -9.20 33.01 96.13
C LYS GC 208 -9.69 34.26 96.85
N LYS GC 209 -8.86 35.31 96.91
CA LYS GC 209 -9.20 36.52 97.63
C LYS GC 209 -9.21 37.78 96.78
N LYS GC 210 -8.74 37.72 95.53
CA LYS GC 210 -8.61 38.93 94.72
C LYS GC 210 -9.52 38.89 93.49
N VAL HC 1 40.31 -101.13 2.44
CA VAL HC 1 39.89 -102.35 3.12
C VAL HC 1 40.39 -102.37 4.55
N PHE HC 2 39.47 -102.24 5.49
CA PHE HC 2 39.81 -102.29 6.91
C PHE HC 2 39.96 -103.72 7.38
N ARG HC 3 40.97 -103.95 8.21
CA ARG HC 3 41.22 -105.22 8.86
C ARG HC 3 41.00 -105.16 10.36
N ARG HC 4 41.42 -104.08 11.01
CA ARG HC 4 41.23 -103.91 12.44
C ARG HC 4 39.91 -103.20 12.71
N PHE HC 5 38.99 -103.91 13.37
CA PHE HC 5 37.69 -103.39 13.72
C PHE HC 5 37.54 -103.41 15.23
N VAL HC 6 36.97 -102.35 15.80
CA VAL HC 6 36.57 -102.40 17.19
C VAL HC 6 35.42 -103.38 17.35
N GLU HC 7 35.66 -104.43 18.11
CA GLU HC 7 34.63 -105.43 18.35
C GLU HC 7 34.88 -106.03 19.72
N VAL HC 8 33.87 -106.76 20.20
CA VAL HC 8 33.98 -107.43 21.49
C VAL HC 8 35.03 -108.52 21.42
N GLY HC 9 36.15 -108.30 22.09
CA GLY HC 9 37.20 -109.28 22.16
C GLY HC 9 38.47 -108.90 21.44
N ARG HC 10 38.52 -107.77 20.76
CA ARG HC 10 39.77 -107.39 20.12
C ARG HC 10 40.75 -106.91 21.19
N VAL HC 11 41.96 -107.45 21.15
CA VAL HC 11 43.04 -106.90 21.93
C VAL HC 11 43.49 -105.58 21.34
N ALA HC 12 43.54 -104.55 22.17
CA ALA HC 12 44.04 -103.25 21.76
C ALA HC 12 45.28 -102.94 22.57
N TYR HC 13 46.19 -102.18 21.97
CA TYR HC 13 47.40 -101.73 22.62
C TYR HC 13 47.20 -100.30 23.08
N VAL HC 14 47.40 -100.05 24.37
CA VAL HC 14 47.15 -98.73 24.93
C VAL HC 14 48.37 -97.85 24.65
N SER HC 15 48.16 -96.78 23.90
CA SER HC 15 49.25 -95.90 23.49
C SER HC 15 49.63 -94.90 24.56
N PHE HC 16 48.66 -94.15 25.10
CA PHE HC 16 48.97 -93.19 26.13
C PHE HC 16 47.94 -93.31 27.23
N GLY HC 17 48.07 -92.42 28.21
CA GLY HC 17 47.28 -92.50 29.41
C GLY HC 17 48.06 -93.17 30.51
N PRO HC 18 47.38 -93.55 31.59
CA PRO HC 18 48.09 -94.15 32.73
C PRO HC 18 48.43 -95.61 32.52
N HIS HC 19 47.79 -96.28 31.57
CA HIS HC 19 48.01 -97.69 31.32
C HIS HC 19 48.70 -97.93 30.00
N ALA HC 20 49.58 -97.00 29.61
CA ALA HC 20 50.29 -97.10 28.35
C ALA HC 20 51.28 -98.26 28.38
N GLY HC 21 51.59 -98.78 27.20
CA GLY HC 21 52.47 -99.92 27.07
C GLY HC 21 51.83 -101.24 27.41
N LYS HC 22 50.51 -101.30 27.52
CA LYS HC 22 49.81 -102.48 27.98
C LYS HC 22 48.76 -102.91 26.96
N LEU HC 23 48.21 -104.09 27.20
CA LEU HC 23 47.24 -104.70 26.32
C LEU HC 23 45.90 -104.84 27.04
N VAL HC 24 44.82 -104.43 26.38
CA VAL HC 24 43.48 -104.58 26.94
C VAL HC 24 42.63 -105.38 25.97
N ALA HC 25 41.55 -105.94 26.49
CA ALA HC 25 40.54 -106.56 25.65
C ALA HC 25 39.33 -105.65 25.62
N ILE HC 26 38.82 -105.36 24.43
CA ILE HC 26 37.66 -104.50 24.31
C ILE HC 26 36.44 -105.34 24.68
N VAL HC 27 35.80 -104.98 25.79
CA VAL HC 27 34.69 -105.76 26.31
C VAL HC 27 33.37 -105.23 25.77
N ASP HC 28 33.20 -103.91 25.72
CA ASP HC 28 31.97 -103.36 25.16
C ASP HC 28 32.28 -101.96 24.66
N VAL HC 29 31.45 -101.43 23.78
CA VAL HC 29 31.55 -100.05 23.34
C VAL HC 29 30.43 -99.26 24.01
N ILE HC 30 30.74 -98.05 24.46
CA ILE HC 30 29.76 -97.24 25.17
C ILE HC 30 29.11 -96.26 24.21
N ASP HC 31 29.92 -95.48 23.52
CA ASP HC 31 29.46 -94.49 22.56
C ASP HC 31 30.51 -94.37 21.46
N GLN HC 32 30.47 -93.26 20.72
CA GLN HC 32 31.30 -93.06 19.52
C GLN HC 32 32.79 -93.18 19.81
N ASN HC 33 33.21 -92.81 21.02
CA ASN HC 33 34.63 -92.59 21.28
C ASN HC 33 35.06 -93.14 22.63
N ARG HC 34 34.45 -94.23 23.09
CA ARG HC 34 34.76 -94.78 24.41
C ARG HC 34 34.31 -96.23 24.48
N ALA HC 35 35.14 -97.07 25.08
CA ALA HC 35 34.84 -98.49 25.20
C ALA HC 35 35.21 -98.97 26.58
N LEU HC 36 34.38 -99.86 27.12
CA LEU HC 36 34.71 -100.60 28.32
C LEU HC 36 35.74 -101.66 27.96
N VAL HC 37 36.92 -101.54 28.54
CA VAL HC 37 38.02 -102.46 28.29
C VAL HC 37 38.36 -103.16 29.59
N ASP HC 38 39.21 -104.19 29.46
CA ASP HC 38 39.58 -104.98 30.61
C ASP HC 38 40.86 -105.75 30.28
N GLY HC 39 41.95 -105.48 31.02
CA GLY HC 39 43.11 -106.33 30.96
C GLY HC 39 43.37 -107.15 32.21
N PRO HC 40 42.96 -108.41 32.19
CA PRO HC 40 43.03 -109.23 33.41
C PRO HC 40 44.35 -109.95 33.56
N CYS HC 41 45.20 -109.87 32.55
CA CYS HC 41 46.52 -110.50 32.58
C CYS HC 41 47.64 -109.49 32.40
N THR HC 42 47.32 -108.24 32.03
CA THR HC 42 48.33 -107.21 31.83
C THR HC 42 48.16 -106.10 32.87
N ARG HC 43 47.39 -106.38 33.92
CA ARG HC 43 47.18 -105.50 35.09
C ARG HC 43 46.54 -104.17 34.69
N VAL HC 44 45.37 -104.26 34.08
CA VAL HC 44 44.55 -103.09 33.77
C VAL HC 44 43.15 -103.40 34.28
N ARG HC 45 42.62 -102.55 35.16
CA ARG HC 45 41.29 -102.75 35.68
C ARG HC 45 40.25 -102.49 34.60
N ARG HC 46 39.08 -103.10 34.75
CA ARG HC 46 37.99 -102.92 33.80
C ARG HC 46 37.46 -101.51 33.90
N GLN HC 47 37.55 -100.75 32.81
CA GLN HC 47 37.23 -99.34 32.87
C GLN HC 47 36.89 -98.83 31.48
N ALA HC 48 36.27 -97.64 31.44
CA ALA HC 48 36.07 -96.94 30.19
C ALA HC 48 37.41 -96.37 29.72
N MET HC 49 37.70 -96.55 28.44
CA MET HC 49 38.94 -96.15 27.87
C MET HC 49 38.59 -95.57 26.51
N PRO HC 50 39.08 -94.38 26.18
CA PRO HC 50 38.73 -93.79 24.89
C PRO HC 50 39.43 -94.49 23.75
N PHE HC 51 38.84 -94.39 22.55
CA PHE HC 51 39.39 -95.08 21.40
C PHE HC 51 40.69 -94.46 20.90
N LYS HC 52 40.92 -93.19 21.19
CA LYS HC 52 42.07 -92.50 20.61
C LYS HC 52 43.37 -92.94 21.27
N CYS HC 53 43.31 -93.57 22.44
CA CYS HC 53 44.52 -93.97 23.15
C CYS HC 53 44.79 -95.46 23.04
N MET HC 54 43.87 -96.24 22.50
CA MET HC 54 44.11 -97.64 22.24
C MET HC 54 44.42 -97.82 20.77
N GLN HC 55 45.34 -98.73 20.47
CA GLN HC 55 45.72 -99.07 19.11
C GLN HC 55 45.37 -100.53 18.88
N LEU HC 56 44.63 -100.80 17.81
CA LEU HC 56 44.03 -102.12 17.64
C LEU HC 56 45.10 -103.09 17.17
N THR HC 57 45.04 -104.31 17.68
CA THR HC 57 45.96 -105.36 17.31
C THR HC 57 45.23 -106.44 16.53
N ASP HC 58 45.99 -107.36 15.96
CA ASP HC 58 45.41 -108.45 15.18
C ASP HC 58 45.10 -109.66 16.04
N PHE HC 59 44.46 -109.44 17.18
CA PHE HC 59 44.11 -110.51 18.10
C PHE HC 59 42.68 -110.29 18.58
N ILE HC 60 41.84 -111.29 18.38
CA ILE HC 60 40.43 -111.20 18.70
C ILE HC 60 40.10 -112.35 19.65
N LEU HC 61 39.68 -112.01 20.87
CA LEU HC 61 39.14 -112.99 21.79
C LEU HC 61 37.67 -113.23 21.50
N LYS HC 62 37.18 -114.37 21.97
CA LYS HC 62 35.76 -114.66 21.92
C LYS HC 62 35.24 -114.74 23.36
N PHE HC 63 34.51 -113.70 23.76
CA PHE HC 63 33.73 -113.68 24.98
C PHE HC 63 32.49 -112.85 24.69
N PRO HC 64 31.41 -113.02 25.47
CA PRO HC 64 30.21 -112.20 25.26
C PRO HC 64 30.45 -110.74 25.61
N HIS HC 65 29.50 -109.90 25.19
CA HIS HC 65 29.64 -108.46 25.35
C HIS HC 65 29.31 -107.98 26.75
N SER HC 66 29.00 -108.87 27.69
CA SER HC 66 28.82 -108.46 29.08
C SER HC 66 29.46 -109.44 30.05
N ALA HC 67 30.28 -110.36 29.56
CA ALA HC 67 30.91 -111.35 30.42
C ALA HC 67 31.97 -110.72 31.30
N ARG HC 68 32.16 -111.28 32.48
CA ARG HC 68 32.99 -110.62 33.48
C ARG HC 68 34.47 -110.92 33.28
N GLN HC 69 35.26 -110.32 34.17
CA GLN HC 69 36.73 -110.32 34.09
C GLN HC 69 37.32 -111.72 34.06
N LYS HC 70 36.70 -112.68 34.74
CA LYS HC 70 37.28 -114.01 34.82
C LYS HC 70 37.07 -114.78 33.52
N TYR HC 71 35.94 -114.60 32.86
CA TYR HC 71 35.81 -115.14 31.52
C TYR HC 71 36.71 -114.45 30.51
N VAL HC 72 36.96 -113.14 30.67
CA VAL HC 72 37.96 -112.46 29.86
C VAL HC 72 39.36 -113.06 30.10
N ARG HC 73 39.71 -113.34 31.35
CA ARG HC 73 40.99 -113.95 31.66
C ARG HC 73 41.07 -115.40 31.18
N LYS HC 74 39.93 -116.10 31.19
CA LYS HC 74 39.86 -117.44 30.64
C LYS HC 74 40.18 -117.44 29.16
N ALA HC 75 39.57 -116.52 28.40
CA ALA HC 75 39.85 -116.40 26.98
C ALA HC 75 41.30 -115.96 26.72
N TRP HC 76 41.81 -115.03 27.54
CA TRP HC 76 43.18 -114.53 27.37
C TRP HC 76 44.21 -115.61 27.63
N GLU HC 77 44.08 -116.37 28.72
CA GLU HC 77 45.05 -117.40 29.01
C GLU HC 77 44.79 -118.69 28.23
N LYS HC 78 43.64 -118.80 27.57
CA LYS HC 78 43.49 -119.90 26.63
C LYS HC 78 44.11 -119.56 25.28
N ALA HC 79 44.03 -118.29 24.87
CA ALA HC 79 44.65 -117.90 23.61
C ALA HC 79 46.14 -117.59 23.76
N ASP HC 80 46.63 -117.47 25.00
CA ASP HC 80 48.04 -117.19 25.32
C ASP HC 80 48.56 -115.92 24.64
N ILE HC 81 47.85 -114.82 24.86
CA ILE HC 81 48.19 -113.55 24.22
C ILE HC 81 49.47 -112.96 24.81
N ASN HC 82 49.84 -113.36 26.03
CA ASN HC 82 51.08 -112.89 26.62
C ASN HC 82 52.32 -113.39 25.87
N THR HC 83 52.24 -114.53 25.19
CA THR HC 83 53.33 -115.01 24.35
C THR HC 83 53.13 -114.72 22.87
N LYS HC 84 51.89 -114.73 22.39
CA LYS HC 84 51.66 -114.41 21.00
C LYS HC 84 51.86 -112.94 20.71
N TRP HC 85 51.58 -112.07 21.69
CA TRP HC 85 51.91 -110.66 21.56
C TRP HC 85 53.41 -110.45 21.53
N ALA HC 86 54.14 -111.21 22.35
CA ALA HC 86 55.59 -111.09 22.38
C ALA HC 86 56.24 -111.64 21.12
N ALA HC 87 55.62 -112.62 20.47
CA ALA HC 87 56.16 -113.20 19.25
C ALA HC 87 56.03 -112.28 18.05
N THR HC 88 55.20 -111.25 18.11
CA THR HC 88 55.02 -110.35 16.98
C THR HC 88 56.20 -109.39 16.89
N ARG HC 89 56.38 -108.85 15.69
CA ARG HC 89 57.38 -107.84 15.42
C ARG HC 89 57.05 -106.53 16.12
N TRP HC 90 55.77 -106.30 16.44
CA TRP HC 90 55.36 -105.09 17.14
C TRP HC 90 56.00 -105.00 18.51
N ALA HC 91 55.88 -106.04 19.34
CA ALA HC 91 56.50 -106.03 20.66
C ALA HC 91 58.02 -106.09 20.60
N LYS HC 92 58.59 -106.71 19.58
CA LYS HC 92 60.03 -106.71 19.43
C LYS HC 92 60.57 -105.33 19.07
N LYS HC 93 59.87 -104.57 18.25
CA LYS HC 93 60.34 -103.21 17.99
C LYS HC 93 59.88 -102.21 19.05
N ILE HC 94 59.01 -102.60 19.96
CA ILE HC 94 58.85 -101.87 21.23
C ILE HC 94 60.03 -102.12 22.17
N GLU HC 95 60.44 -103.37 22.35
CA GLU HC 95 61.51 -103.64 23.31
C GLU HC 95 62.87 -103.24 22.76
N ALA HC 96 63.04 -103.17 21.44
CA ALA HC 96 64.27 -102.62 20.90
C ALA HC 96 64.40 -101.13 21.19
N ARG HC 97 63.28 -100.39 21.08
CA ARG HC 97 63.23 -98.99 21.50
C ARG HC 97 63.53 -98.84 22.98
N GLU HC 98 63.00 -99.76 23.81
CA GLU HC 98 63.32 -99.77 25.24
C GLU HC 98 64.81 -100.02 25.50
N ARG HC 99 65.43 -100.94 24.75
CA ARG HC 99 66.85 -101.23 24.98
C ARG HC 99 67.74 -100.06 24.54
N LYS HC 100 67.40 -99.40 23.43
CA LYS HC 100 68.15 -98.21 23.04
C LYS HC 100 67.91 -97.07 24.02
N ALA HC 101 66.75 -97.03 24.68
CA ALA HC 101 66.55 -96.09 25.76
C ALA HC 101 67.40 -96.42 26.99
N LYS HC 102 67.59 -97.70 27.30
CA LYS HC 102 68.32 -98.09 28.50
C LYS HC 102 69.83 -98.22 28.29
N MET HC 103 70.32 -97.95 27.08
CA MET HC 103 71.76 -97.92 26.80
C MET HC 103 72.55 -97.03 27.73
N THR HC 104 73.64 -97.57 28.27
CA THR HC 104 74.55 -96.83 29.15
C THR HC 104 75.69 -96.30 28.26
N ASP HC 105 76.64 -95.54 28.84
CA ASP HC 105 77.73 -94.98 28.04
C ASP HC 105 78.69 -96.05 27.55
N PHE HC 106 79.00 -97.04 28.39
CA PHE HC 106 79.78 -98.20 27.96
C PHE HC 106 79.04 -99.00 26.90
N ASP HC 107 77.72 -99.10 27.03
CA ASP HC 107 76.90 -99.73 26.00
C ASP HC 107 77.01 -98.97 24.68
N ARG HC 108 76.93 -97.64 24.71
CA ARG HC 108 77.04 -96.84 23.50
C ARG HC 108 78.42 -96.95 22.88
N TYR HC 109 79.47 -97.07 23.69
CA TYR HC 109 80.81 -97.26 23.16
C TYR HC 109 80.95 -98.60 22.44
N LYS HC 110 80.47 -99.68 23.07
CA LYS HC 110 80.52 -101.00 22.46
C LYS HC 110 79.67 -101.08 21.19
N VAL HC 111 78.49 -100.44 21.20
CA VAL HC 111 77.66 -100.32 20.01
C VAL HC 111 78.39 -99.56 18.90
N MET HC 112 79.07 -98.47 19.24
CA MET HC 112 79.80 -97.68 18.26
C MET HC 112 80.92 -98.49 17.61
N LYS HC 113 81.67 -99.26 18.40
CA LYS HC 113 82.75 -100.07 17.82
C LYS HC 113 82.22 -101.24 16.98
N ALA HC 114 81.17 -101.92 17.46
CA ALA HC 114 80.62 -103.05 16.71
C ALA HC 114 79.98 -102.61 15.40
N LYS HC 115 79.23 -101.50 15.44
CA LYS HC 115 78.66 -100.93 14.22
C LYS HC 115 79.73 -100.40 13.29
N LYS HC 116 80.81 -99.84 13.87
CA LYS HC 116 81.96 -99.38 13.09
C LYS HC 116 82.56 -100.52 12.29
N MET HC 117 82.52 -101.72 12.85
CA MET HC 117 83.04 -102.81 12.05
C MET HC 117 82.04 -103.32 11.03
N ARG HC 118 80.78 -103.50 11.47
CA ARG HC 118 79.79 -104.15 10.62
C ARG HC 118 79.52 -103.34 9.37
N ASN HC 119 79.52 -102.01 9.48
CA ASN HC 119 79.34 -101.16 8.32
C ASN HC 119 80.49 -101.25 7.32
N ARG HC 120 81.74 -101.36 7.78
CA ARG HC 120 82.85 -101.49 6.84
C ARG HC 120 82.91 -102.88 6.20
N ILE HC 121 82.60 -103.94 6.95
CA ILE HC 121 82.60 -105.27 6.37
C ILE HC 121 81.48 -105.42 5.34
N ILE HC 122 80.34 -104.78 5.57
CA ILE HC 122 79.31 -104.81 4.55
C ILE HC 122 79.70 -103.93 3.38
N LYS HC 123 80.27 -102.76 3.66
CA LYS HC 123 80.62 -101.75 2.67
C LYS HC 123 81.71 -102.21 1.70
N ASN HC 124 82.63 -103.07 2.13
CA ASN HC 124 83.57 -103.60 1.15
C ASN HC 124 82.90 -104.59 0.20
N GLU HC 125 82.02 -105.44 0.72
CA GLU HC 125 81.38 -106.44 -0.13
C GLU HC 125 80.30 -105.81 -1.02
N VAL HC 126 79.76 -104.65 -0.64
CA VAL HC 126 78.82 -103.94 -1.50
C VAL HC 126 79.52 -103.49 -2.78
N LYS HC 127 80.69 -102.86 -2.64
CA LYS HC 127 81.48 -102.49 -3.80
C LYS HC 127 82.04 -103.69 -4.55
N LYS HC 128 82.35 -104.78 -3.83
CA LYS HC 128 82.76 -106.02 -4.49
C LYS HC 128 81.65 -106.57 -5.38
N LEU HC 129 80.40 -106.57 -4.91
CA LEU HC 129 79.27 -106.93 -5.76
C LEU HC 129 79.03 -105.94 -6.88
N GLN HC 130 79.32 -104.66 -6.66
CA GLN HC 130 79.13 -103.65 -7.71
C GLN HC 130 80.10 -103.89 -8.87
N ARG HC 131 81.37 -104.13 -8.58
CA ARG HC 131 82.29 -104.38 -9.68
C ARG HC 131 82.17 -105.82 -10.19
N ALA HC 132 81.63 -106.73 -9.38
CA ALA HC 132 81.25 -108.03 -9.90
C ALA HC 132 80.03 -107.96 -10.79
N ALA HC 133 79.25 -106.88 -10.73
CA ALA HC 133 78.23 -106.60 -11.72
C ALA HC 133 78.78 -105.94 -12.97
N LEU HC 134 79.72 -105.00 -12.84
CA LEU HC 134 80.24 -104.36 -14.06
C LEU HC 134 81.16 -105.28 -14.85
N LEU HC 135 81.94 -106.14 -14.19
CA LEU HC 135 82.80 -107.07 -14.91
C LEU HC 135 82.02 -108.20 -15.56
N LYS HC 136 80.79 -108.47 -15.12
CA LYS HC 136 79.95 -109.48 -15.73
C LYS HC 136 78.80 -108.90 -16.55
N ALA HC 137 78.73 -107.58 -16.68
CA ALA HC 137 77.79 -106.98 -17.61
C ALA HC 137 78.38 -106.79 -19.00
N SER HC 138 79.66 -107.12 -19.19
CA SER HC 138 80.31 -107.00 -20.49
C SER HC 138 81.04 -108.28 -20.86
MG MG IC . 63.15 -2.03 -3.33
MG MG JC . 29.09 -25.60 -20.89
MG MG KC . 44.90 -9.56 47.47
ZN ZN LC . 35.62 67.46 -21.36
MG MG MC . 51.97 70.32 -24.26
ZN ZN NC . 60.88 31.31 21.16
ZN ZN OC . 13.98 -68.10 -5.05
ZN ZN PC . -7.67 4.31 79.57
ZN ZN QC . 22.29 61.04 -25.04
MG MG RC . 46.51 -33.85 59.17
MG MG SC . 47.53 -19.50 49.86
MG MG TC . 49.13 -30.35 27.52
MG MG UC . 49.64 29.02 7.11
MG MG VC . 54.54 32.52 34.65
MG MG WC . 66.55 1.83 35.74
MG MG XC . 34.08 -2.29 39.95
MG MG YC . 32.28 2.30 40.53
MG MG ZC . 37.38 16.47 53.21
MG MG AD . 49.69 23.30 41.01
MG MG BD . 57.38 38.27 40.03
MG MG CD . 56.10 38.28 57.81
MG MG DD . 51.38 39.26 59.74
MG MG ED . 42.78 5.78 71.18
MG MG FD . 46.50 27.99 71.65
MG MG GD . 64.62 25.90 76.39
MG MG HD . 53.60 58.91 68.02
MG MG ID . 48.06 65.29 66.08
MG MG JD . 105.24 10.55 55.65
MG MG KD . 98.35 2.70 52.36
MG MG LD . 97.75 0.64 47.18
MG MG MD . 32.83 38.99 58.76
MG MG ND . 19.10 26.34 43.91
MG MG OD . 32.35 19.25 50.77
MG MG PD . 36.03 18.39 48.31
MG MG QD . 22.68 25.71 72.80
MG MG RD . 44.00 43.66 66.38
MG MG SD . 70.17 -5.45 46.95
MG MG TD . 72.38 3.25 31.86
MG MG UD . 95.27 -4.65 35.91
MG MG VD . 97.44 -13.52 29.79
MG MG WD . 94.30 -10.85 27.73
MG MG XD . 89.79 -10.31 24.35
MG MG YD . 83.15 -28.10 16.44
MG MG ZD . 84.87 -38.44 9.76
MG MG AE . 53.69 -38.79 49.44
MG MG BE . 51.67 -28.34 44.88
MG MG CE . 62.62 0.12 -11.64
MG MG DE . 65.91 -1.63 -22.12
MG MG EE . 58.65 7.61 -29.68
MG MG FE . 72.24 23.44 -16.24
MG MG GE . 80.34 18.11 -9.43
MG MG HE . 78.47 -1.82 -5.38
MG MG IE . 55.99 47.31 5.09
MG MG JE . 56.33 43.85 -8.44
MG MG KE . 34.74 65.47 -42.30
MG MG LE . 72.86 32.07 -10.85
MG MG ME . 67.35 7.10 -11.35
MG MG NE . 65.92 14.77 0.26
MG MG OE . 57.72 6.13 0.87
MG MG PE . 37.05 -16.95 -36.95
MG MG QE . 33.64 -2.48 -24.47
MG MG RE . 18.54 9.27 -31.58
MG MG SE . 4.40 3.90 -17.43
MG MG TE . 22.60 14.24 -12.90
MG MG UE . 36.96 6.43 -2.89
MG MG VE . -3.65 20.75 16.02
MG MG WE . 7.52 21.82 3.51
MG MG XE . 5.82 8.27 9.71
MG MG YE . -8.45 5.07 -6.85
MG MG ZE . 4.69 -3.58 -17.00
MG MG AF . -1.74 18.54 -0.12
MG MG BF . 63.86 -20.00 -9.18
MG MG CF . 41.25 -33.49 16.46
MG MG DF . 26.87 -9.83 36.74
MG MG EF . 20.93 -12.67 30.46
MG MG FF . 31.58 3.32 35.29
MG MG GF . 28.03 6.21 28.52
MG MG HF . 22.34 13.21 25.94
MG MG IF . 20.05 17.35 17.71
MG MG JF . 32.35 9.37 32.89
MG MG KF . 4.73 -40.26 48.49
MG MG LF . 13.50 -42.96 50.37
MG MG MF . -13.05 -20.75 63.20
MG MG NF . -21.61 -29.55 77.09
MG MG OF . -21.04 -27.48 70.40
MG MG PF . -2.52 -15.71 79.45
MG MG QF . 22.73 3.26 7.18
MG MG RF . 25.46 7.38 7.01
MG MG SF . 23.67 11.50 3.91
MG MG TF . 24.95 -0.96 1.93
MG MG UF . 43.10 -18.00 24.30
MG MG VF . 31.14 -26.37 23.64
MG MG WF . 35.36 -27.19 26.51
MG MG XF . -11.22 -59.95 -6.10
MG MG YF . 26.01 -30.71 29.30
MG MG ZF . 42.72 -23.60 4.83
MG MG AG . 44.14 -19.02 8.01
MG MG BG . 10.14 -57.79 -27.14
MG MG CG . 25.36 -21.36 -20.67
MG MG DG . 23.54 -17.15 -23.52
MG MG EG . 18.13 -12.91 -23.06
MG MG FG . 40.96 -15.93 -2.87
MG MG GG . 31.99 -26.56 0.11
MG MG HG . 26.99 -38.33 -12.25
MG MG IG . 22.80 -54.38 -6.50
MG MG JG . 41.93 -24.44 -1.19
MG MG KG . 40.66 -10.89 -12.30
MG MG LG . 27.57 -7.92 -5.80
MG MG MG . 5.49 8.47 -0.20
MG MG NG . 42.57 -5.03 -10.38
MG MG OG . 52.48 -11.04 -8.11
MG MG PG . 35.41 -69.31 -21.15
MG MG QG . 33.70 -73.88 -17.70
MG MG RG . 25.53 -73.91 -9.96
MG MG SG . 64.27 5.94 -54.26
MG MG TG . 37.44 -52.78 40.61
MG MG UG . 38.08 -18.74 32.55
MG MG VG . 34.93 -20.36 38.82
MG MG WG . 47.67 -18.61 36.62
MG MG XG . 22.67 31.28 76.76
MG MG YG . 85.64 -5.33 25.91
MG MG ZG . 69.05 -15.34 34.58
MG MG AH . 53.97 -18.94 17.28
MG MG BH . 49.63 -31.85 12.53
MG MG CH . 48.42 -26.08 -0.45
MG MG DH . 68.26 -17.02 -9.16
MG MG EH . 40.34 -28.96 37.39
MG MG FH . 41.84 -13.42 59.95
MG MG GH . 1.62 6.93 2.28
MG MG HH . 39.42 -12.76 21.49
MG MG IH . 65.43 22.78 -16.23
MG MG JH . 72.95 0.34 -19.22
MG MG KH . 76.71 -0.34 28.54
MG MG LH . 32.12 -11.88 36.19
MG MG MH . 27.01 -24.62 39.89
MG MG NH . 2.06 -50.96 40.66
MG MG OH . 10.53 -42.34 8.33
MG MG PH . 50.81 -55.99 -14.40
MG MG QH . 39.06 -17.10 44.77
MG MG RH . 48.98 -5.99 48.89
MG MG SH . 51.10 -12.75 71.44
MG MG TH . 50.25 -2.96 37.99
MG MG UH . 47.73 0.81 32.00
MG MG VH . 45.10 -33.57 34.15
MG MG WH . 35.57 5.09 -8.21
MG MG XH . 39.48 -7.52 18.91
MG MG YH . 48.10 -39.42 51.72
MG MG ZH . 65.64 -17.23 29.33
MG MG AI . 54.06 -72.59 39.71
MG MG BI . 51.89 -49.25 50.45
MG MG CI . 64.32 62.64 33.71
MG MG DI . 45.47 -21.19 28.80
MG MG EI . 63.99 -24.51 -3.43
MG MG FI . 42.98 -45.32 39.70
MG MG GI . 40.95 -39.19 46.39
MG MG HI . 39.56 -16.28 51.59
MG MG II . 77.36 8.37 60.43
MG MG JI . 95.34 18.49 60.52
MG MG KI . 102.63 13.37 56.49
MG MG LI . 104.70 -3.08 58.48
MG MG MI . 107.50 -6.88 55.28
MG MG NI . 30.18 32.31 -40.98
MG MG OI . 33.92 20.84 -2.32
MG MG PI . 47.33 27.51 2.58
MG MG QI . 48.29 82.47 -12.20
MG MG RI . 38.22 28.43 46.25
MG MG SI . 44.38 44.71 73.20
MG MG TI . 42.06 46.99 67.84
MG MG UI . 46.59 22.71 73.89
MG MG VI . 20.60 2.88 53.74
MG MG WI . 22.90 -35.53 31.80
MG MG XI . 43.57 -21.45 15.34
MG MG YI . 19.79 -6.46 46.56
MG MG ZI . 38.90 -53.79 21.58
MG MG AJ . 47.08 -61.72 23.84
MG MG BJ . 58.84 -50.75 21.22
MG MG CJ . 57.95 -43.62 17.75
MG MG DJ . 58.56 -56.41 54.76
MG MG EJ . 58.77 -59.44 41.93
MG MG FJ . 68.46 46.46 -33.40
MG MG GJ . 84.82 44.52 -37.61
MG MG HJ . 78.16 50.51 -13.29
MG MG IJ . 56.79 43.54 -3.95
MG MG JJ . 59.11 43.59 5.58
MG MG KJ . 44.54 42.04 20.02
MG MG LJ . 17.77 19.47 26.46
MG MG MJ . 36.92 -15.53 -42.04
MG MG NJ . 49.48 -14.75 -43.86
MG MG OJ . 73.86 -15.37 -10.57
MG MG PJ . 32.54 19.21 -24.79
MG MG QJ . 31.10 23.26 -22.52
MG MG RJ . 50.18 -21.33 -45.01
MG MG SJ . 52.80 -23.19 -42.76
MG MG TJ . 50.97 -26.24 -44.01
MG MG UJ . -0.06 -64.44 -42.37
MG MG VJ . 65.75 35.80 47.33
MG MG WJ . 79.52 -5.52 32.26
MG MG XJ . 56.23 -28.70 -46.51
MG MG YJ . -18.66 -54.21 85.26
MG MG ZJ . -45.46 -36.45 77.16
MG MG AK . -40.55 -58.42 72.61
MG MG BK . -38.79 -53.95 75.64
MG MG CK . -20.43 -64.18 57.74
MG MG DK . 32.62 -55.20 39.70
MG MG EK . 81.74 -6.90 28.87
MG MG FK . 98.49 38.84 34.72
MG MG GK . 101.82 34.58 38.02
MG MG HK . 81.62 -12.40 43.51
MG MG IK . -51.61 7.75 -37.51
MG MG JK . -35.60 22.69 -51.05
MG MG KK . -36.48 6.29 -56.67
MG MG LK . -24.13 -14.16 -70.50
MG MG MK . -1.77 -13.85 -71.48
MG MG NK . 0.90 -15.23 -81.44
MG MG OK . -1.95 -3.02 -86.59
MG MG PK . -8.64 -0.05 -83.74
MG MG QK . -12.62 -13.97 -87.66
MG MG RK . 4.57 -2.68 -81.24
MG MG SK . 9.43 -6.34 -78.20
MG MG TK . -49.80 -22.88 -78.01
MG MG UK . -52.27 -2.54 -54.59
MG MG VK . -31.39 11.97 -61.16
MG MG WK . -38.60 18.90 -64.87
MG MG XK . -35.07 32.78 -58.24
MG MG YK . -32.49 25.94 -38.31
MG MG ZK . -35.16 24.46 -32.81
MG MG AL . -27.98 15.37 -43.62
MG MG BL . -23.70 37.93 -36.91
MG MG CL . -19.97 29.58 -33.72
MG MG DL . -16.60 47.85 -48.47
MG MG EL . -21.20 52.60 -68.23
MG MG FL . -11.48 34.27 -44.55
MG MG GL . -12.57 38.56 -20.65
MG MG HL . -10.62 37.10 -16.55
MG MG IL . -2.76 36.81 -10.96
MG MG JL . 2.15 -9.05 -85.54
MG MG KL . -14.34 3.27 -77.42
MG MG LL . -7.47 1.43 -67.23
MG MG ML . -11.06 -2.02 -68.45
MG MG NL . -9.77 -11.39 -69.72
MG MG OL . -44.13 15.10 -35.94
MG MG PL . -11.55 -14.42 -102.22
MG MG QL . -43.35 -21.93 -91.75
MG MG RL . -39.50 -22.58 -91.14
MG MG SL . -58.75 -0.54 -57.29
MG MG TL . -55.22 -15.52 -53.23
MG MG UL . -26.15 33.27 -36.11
MG MG VL . -87.14 21.27 -23.76
MG MG WL . -86.76 18.89 -16.50
MG MG XL . -24.42 13.51 -90.63
MG MG YL . -73.98 24.06 -0.01
MG MG ZL . -64.56 11.10 1.02
MG MG AM . -64.96 17.10 8.95
MG MG BM . -66.33 -3.58 13.65
MG MG CM . -79.97 -9.67 -0.21
MG MG DM . -82.01 -20.45 4.23
MG MG EM . -78.35 -28.58 -3.96
MG MG FM . -80.34 -20.12 -22.55
MG MG GM . -69.77 -4.09 -22.72
MG MG HM . -63.76 -5.74 -20.91
MG MG IM . -71.89 -18.77 -1.43
MG MG JM . -79.01 -8.68 29.85
MG MG KM . -72.34 -11.10 34.01
MG MG LM . -42.74 27.88 -26.45
MG MG MM . -38.21 16.61 -13.35
MG MG NM . -36.90 22.11 -14.41
MG MG OM . -36.53 18.44 -7.56
MG MG PM . -40.87 27.87 -8.77
MG MG QM . -50.83 -7.36 -50.98
MG MG RM . -80.83 -33.40 -7.20
MG MG SM . -25.89 17.79 2.87
MG MG TM . -19.97 20.97 -4.47
MG MG UM . -20.38 35.30 1.44
MG MG VM . -38.90 25.28 -19.81
MG MG WM . -43.03 26.61 -20.75
MG MG XM . -40.75 -0.92 -41.57
MG MG YM . -25.17 40.54 -26.87
MG MG ZM . -27.20 26.74 -70.70
ZN ZN AN . -36.06 37.12 -8.94
ZN ZN BN . -88.17 -13.26 -17.69
MG MG CN . 29.70 28.52 -0.33
MG MG DN . 10.24 -40.76 30.57
#